data_5W3N
#
_entry.id   5W3N
#
_entity_poly.entity_id   1
_entity_poly.type   'polypeptide(L)'
_entity_poly.pdbx_seq_one_letter_code
;MSYYHHHHHHDYDIPTTENLYFQGAMDPASNDYTQQATQSYGAYPTQPGQGYSQQSSQPYGQQSYSGYSQSTDTSGYGQS
SYSSYGQSQNTGYGTQSTPQGYGSTGGYGSSQSSQSSYGQQSSYPGYGQQPAPSSTSGSYGSSSQSSSYGQPQSGSYSQQ
PSYGGQQQSYGQQQSYNPPQGYGQQNQYNSSSGGGGGGGGGGNYGQDQSSMSSGGGSGGGYGNQDQSGGGGSGGYGQQDR
G
;
_entity_poly.pdbx_strand_id   A,B,C,D,E,F,G,H,I
#
# COMPACT_ATOMS: atom_id res chain seq x y z
N SER A 64 -5.25 -21.55 -17.14
CA SER A 64 -5.11 -23.01 -17.36
C SER A 64 -4.59 -23.25 -18.78
N TYR A 65 -4.92 -22.34 -19.69
CA TYR A 65 -4.47 -22.46 -21.07
C TYR A 65 -3.40 -21.43 -21.39
N SER A 66 -2.35 -21.87 -22.09
CA SER A 66 -1.25 -20.97 -22.45
C SER A 66 -0.70 -20.27 -21.22
N GLY A 67 0.37 -20.82 -20.65
CA GLY A 67 1.00 -20.23 -19.48
C GLY A 67 2.48 -19.97 -19.72
N TYR A 68 2.92 -18.75 -19.43
CA TYR A 68 4.31 -18.39 -19.62
C TYR A 68 4.85 -17.62 -18.42
N SER A 69 6.13 -17.80 -18.12
CA SER A 69 6.75 -17.11 -17.00
C SER A 69 5.91 -17.28 -15.73
N GLN A 70 5.43 -18.50 -15.51
CA GLN A 70 4.61 -18.79 -14.34
C GLN A 70 5.50 -19.19 -13.16
N SER A 71 5.63 -18.31 -12.19
CA SER A 71 6.45 -18.58 -11.02
C SER A 71 5.80 -18.04 -9.75
N THR A 72 5.41 -18.93 -8.84
CA THR A 72 4.78 -18.53 -7.60
C THR A 72 5.61 -18.96 -6.40
N ASP A 73 5.91 -18.01 -5.52
CA ASP A 73 6.71 -18.31 -4.34
C ASP A 73 6.29 -17.41 -3.18
N THR A 74 5.91 -18.02 -2.05
CA THR A 74 5.48 -17.24 -0.90
C THR A 74 6.66 -16.54 -0.22
N SER A 75 7.67 -17.33 0.14
CA SER A 75 8.84 -16.77 0.81
C SER A 75 10.12 -17.28 0.16
N GLY A 76 11.25 -16.99 0.79
CA GLY A 76 12.55 -17.42 0.29
C GLY A 76 12.88 -16.76 -1.04
N TYR A 77 13.12 -15.45 -1.00
CA TYR A 77 13.47 -14.66 -2.19
C TYR A 77 12.85 -15.24 -3.46
N GLY A 78 11.56 -14.99 -3.66
CA GLY A 78 10.86 -15.51 -4.83
C GLY A 78 11.66 -15.25 -6.10
N GLN A 79 11.86 -13.97 -6.41
CA GLN A 79 12.61 -13.60 -7.59
C GLN A 79 13.52 -12.42 -7.29
N SER A 80 14.66 -12.70 -6.67
CA SER A 80 15.61 -11.65 -6.32
C SER A 80 17.04 -12.10 -6.60
N SER A 81 17.77 -11.27 -7.34
CA SER A 81 19.16 -11.59 -7.67
C SER A 81 20.06 -10.38 -7.39
N TYR A 82 21.37 -10.62 -7.38
CA TYR A 82 22.32 -9.56 -7.14
C TYR A 82 22.07 -8.89 -5.79
N SER A 83 21.93 -9.71 -4.75
CA SER A 83 21.67 -9.20 -3.41
C SER A 83 22.84 -8.30 -2.96
N SER A 84 24.05 -8.72 -3.29
CA SER A 84 25.24 -7.96 -2.92
C SER A 84 26.36 -8.17 -3.93
N TYR A 85 27.31 -7.24 -3.96
CA TYR A 85 28.43 -7.34 -4.89
C TYR A 85 29.72 -6.87 -4.23
N GLY A 86 30.76 -7.69 -4.29
CA GLY A 86 32.05 -7.33 -3.70
C GLY A 86 31.93 -7.21 -2.20
N GLN A 87 32.78 -6.38 -1.60
CA GLN A 87 32.76 -6.18 -0.16
C GLN A 87 31.34 -5.87 0.31
N SER A 88 30.78 -6.77 1.11
CA SER A 88 29.43 -6.57 1.63
C SER A 88 28.98 -7.78 2.44
N GLN A 89 28.07 -7.54 3.38
CA GLN A 89 27.55 -8.63 4.22
C GLN A 89 26.19 -9.09 3.70
N ASN A 90 26.16 -10.28 3.10
CA ASN A 90 24.92 -10.82 2.56
C ASN A 90 24.23 -11.70 3.60
N THR A 91 23.17 -11.18 4.20
CA THR A 91 22.41 -11.92 5.20
C THR A 91 20.97 -12.11 4.76
N GLY A 92 20.51 -13.36 4.78
CA GLY A 92 19.15 -13.67 4.37
C GLY A 92 18.13 -12.99 5.29
N TYR A 93 16.89 -13.44 5.21
CA TYR A 93 15.82 -12.87 6.02
C TYR A 93 16.24 -12.78 7.49
N GLY A 94 16.67 -13.92 8.05
CA GLY A 94 17.09 -13.96 9.44
C GLY A 94 16.07 -14.67 10.31
N THR A 95 15.17 -13.90 10.91
CA THR A 95 14.13 -14.46 11.77
C THR A 95 12.75 -14.23 11.16
N GLN A 96 12.11 -15.32 10.76
CA GLN A 96 10.78 -15.22 10.16
C GLN A 96 10.12 -16.58 10.04
N SER A 97 8.81 -16.62 10.25
CA SER A 97 8.07 -17.87 10.16
C SER A 97 7.20 -17.88 8.91
N THR A 98 7.40 -18.91 8.07
CA THR A 98 6.65 -19.05 6.84
C THR A 98 5.29 -19.71 7.12
N PRO A 99 4.42 -19.81 6.14
CA PRO A 99 3.08 -20.43 6.31
C PRO A 99 3.11 -21.78 7.02
N GLN A 100 1.92 -22.34 7.21
CA GLN A 100 1.76 -23.62 7.88
C GLN A 100 0.53 -24.32 7.33
N GLY A 101 0.74 -25.41 6.60
CA GLY A 101 -0.37 -26.15 6.01
C GLY A 101 -0.34 -26.07 4.48
N TYR A 102 -0.93 -25.00 3.94
CA TYR A 102 -0.97 -24.83 2.49
C TYR A 102 -0.11 -23.64 2.07
N GLY A 103 1.13 -23.62 2.55
CA GLY A 103 2.05 -22.54 2.21
C GLY A 103 2.21 -22.43 0.70
N SER A 104 2.01 -21.23 0.17
CA SER A 104 2.14 -21.00 -1.26
C SER A 104 1.31 -22.02 -2.04
N THR A 105 0.06 -21.68 -2.33
CA THR A 105 -0.82 -22.58 -3.06
C THR A 105 -0.53 -22.50 -4.56
N GLY A 106 0.18 -23.50 -5.06
CA GLY A 106 0.52 -23.55 -6.48
C GLY A 106 -0.31 -24.61 -7.19
N GLY A 107 0.28 -25.24 -8.21
CA GLY A 107 -0.41 -26.27 -8.96
C GLY A 107 -1.81 -25.80 -9.38
N TYR A 108 -1.85 -24.88 -10.33
CA TYR A 108 -3.12 -24.35 -10.81
C TYR A 108 -4.06 -25.48 -11.21
N GLY A 109 -5.35 -25.31 -10.90
CA GLY A 109 -6.34 -26.33 -11.23
C GLY A 109 -7.45 -26.36 -10.19
N SER A 110 -7.07 -26.36 -8.92
CA SER A 110 -8.03 -26.39 -7.82
C SER A 110 -7.31 -26.61 -6.49
N SER A 111 -7.61 -25.76 -5.51
CA SER A 111 -6.99 -25.88 -4.20
C SER A 111 -8.04 -25.78 -3.09
N GLN A 112 -8.53 -26.92 -2.65
CA GLN A 112 -9.55 -26.94 -1.59
C GLN A 112 -8.99 -27.63 -0.34
N SER A 113 -8.54 -26.82 0.63
CA SER A 113 -7.99 -27.37 1.86
C SER A 113 -8.29 -26.48 3.06
N SER A 114 -7.78 -26.88 4.22
CA SER A 114 -7.99 -26.11 5.45
C SER A 114 -6.87 -26.42 6.44
N GLN A 115 -6.33 -25.37 7.07
CA GLN A 115 -5.24 -25.57 8.03
C GLN A 115 -5.14 -24.39 9.00
N SER A 116 -4.16 -24.44 9.89
CA SER A 116 -3.97 -23.36 10.86
C SER A 116 -2.66 -23.54 11.62
N SER A 117 -2.24 -22.48 12.32
CA SER A 117 -1.01 -22.52 13.10
C SER A 117 -0.95 -21.37 14.10
N TYR A 118 -0.69 -21.69 15.36
CA TYR A 118 -0.63 -20.67 16.40
C TYR A 118 0.49 -20.96 17.39
N GLY A 119 1.70 -20.51 17.07
CA GLY A 119 2.85 -20.75 17.94
C GLY A 119 4.15 -20.79 17.13
N GLN A 120 4.34 -19.82 16.27
CA GLN A 120 5.53 -19.76 15.44
C GLN A 120 6.57 -18.82 16.05
N GLN A 121 7.81 -19.27 16.11
CA GLN A 121 8.88 -18.46 16.68
C GLN A 121 10.18 -18.63 15.88
N SER A 122 10.88 -17.53 15.68
CA SER A 122 12.14 -17.56 14.94
C SER A 122 13.24 -16.84 15.71
N SER A 123 14.25 -17.59 16.14
CA SER A 123 15.35 -17.00 16.89
C SER A 123 14.87 -16.47 18.24
N TYR A 124 14.82 -17.35 19.23
CA TYR A 124 14.37 -16.96 20.57
C TYR A 124 12.90 -16.57 20.54
N SER B 64 -7.12 -17.04 -17.12
CA SER B 64 -6.98 -18.52 -17.35
C SER B 64 -6.45 -18.76 -18.76
N TYR B 65 -6.77 -17.84 -19.68
CA TYR B 65 -6.32 -17.98 -21.06
C TYR B 65 -5.24 -16.94 -21.37
N SER B 66 -4.19 -17.39 -22.05
CA SER B 66 -3.09 -16.50 -22.41
C SER B 66 -2.53 -15.79 -21.18
N GLY B 67 -1.47 -16.35 -20.61
CA GLY B 67 -0.85 -15.76 -19.43
C GLY B 67 0.64 -15.51 -19.66
N TYR B 68 1.08 -14.29 -19.38
CA TYR B 68 2.49 -13.94 -19.56
C TYR B 68 3.01 -13.16 -18.35
N SER B 69 4.29 -13.34 -18.05
CA SER B 69 4.90 -12.65 -16.92
C SER B 69 4.06 -12.82 -15.66
N GLN B 70 3.56 -14.04 -15.45
CA GLN B 70 2.74 -14.31 -14.27
C GLN B 70 3.61 -14.73 -13.09
N SER B 71 3.75 -13.83 -12.11
CA SER B 71 4.56 -14.12 -10.94
C SER B 71 3.91 -13.57 -9.67
N THR B 72 3.51 -14.46 -8.77
CA THR B 72 2.86 -14.04 -7.54
C THR B 72 3.69 -14.48 -6.33
N ASP B 73 3.99 -13.53 -5.45
CA ASP B 73 4.78 -13.82 -4.26
C ASP B 73 4.34 -12.93 -3.10
N THR B 74 3.98 -13.53 -1.98
CA THR B 74 3.53 -12.75 -0.82
C THR B 74 4.71 -12.06 -0.14
N SER B 75 5.71 -12.83 0.23
CA SER B 75 6.88 -12.28 0.90
C SER B 75 8.17 -12.80 0.26
N GLY B 76 9.29 -12.50 0.90
CA GLY B 76 10.59 -12.95 0.41
C GLY B 76 10.92 -12.29 -0.92
N TYR B 77 11.19 -10.98 -0.88
CA TYR B 77 11.54 -10.20 -2.08
C TYR B 77 10.92 -10.78 -3.34
N GLY B 78 9.64 -10.52 -3.55
CA GLY B 78 8.95 -11.04 -4.73
C GLY B 78 9.76 -10.79 -5.99
N GLN B 79 9.95 -9.51 -6.31
CA GLN B 79 10.71 -9.14 -7.48
C GLN B 79 11.63 -7.96 -7.17
N SER B 80 12.77 -8.25 -6.55
CA SER B 80 13.71 -7.20 -6.20
C SER B 80 15.14 -7.64 -6.46
N SER B 81 15.88 -6.83 -7.20
CA SER B 81 17.27 -7.15 -7.52
C SER B 81 18.18 -5.96 -7.24
N TYR B 82 19.48 -6.20 -7.23
CA TYR B 82 20.44 -5.13 -6.98
C TYR B 82 20.18 -4.47 -5.64
N SER B 83 20.03 -5.28 -4.59
CA SER B 83 19.77 -4.75 -3.25
C SER B 83 20.93 -3.88 -2.81
N SER B 84 22.15 -4.30 -3.13
CA SER B 84 23.34 -3.54 -2.74
C SER B 84 24.46 -3.76 -3.75
N TYR B 85 25.42 -2.84 -3.78
CA TYR B 85 26.55 -2.94 -4.70
C TYR B 85 27.83 -2.47 -4.03
N GLY B 86 28.87 -3.30 -4.09
CA GLY B 86 30.15 -2.94 -3.49
C GLY B 86 30.03 -2.81 -1.97
N GLN B 87 30.88 -1.98 -1.39
CA GLN B 87 30.84 -1.77 0.06
C GLN B 87 29.43 -1.46 0.53
N SER B 88 28.86 -2.36 1.32
CA SER B 88 27.50 -2.15 1.83
C SER B 88 27.03 -3.36 2.64
N GLN B 89 26.13 -3.12 3.58
CA GLN B 89 25.60 -4.20 4.40
C GLN B 89 24.24 -4.66 3.88
N ASN B 90 24.22 -5.85 3.29
CA ASN B 90 22.97 -6.39 2.75
C ASN B 90 22.27 -7.26 3.77
N THR B 91 21.20 -6.73 4.36
CA THR B 91 20.44 -7.47 5.36
C THR B 91 19.01 -7.67 4.91
N GLY B 92 18.54 -8.91 4.93
CA GLY B 92 17.18 -9.22 4.52
C GLY B 92 16.16 -8.53 5.42
N TYR B 93 14.92 -8.97 5.34
CA TYR B 93 13.85 -8.39 6.15
C TYR B 93 14.26 -8.31 7.62
N GLY B 94 14.68 -9.45 8.18
CA GLY B 94 15.10 -9.49 9.58
C GLY B 94 14.06 -10.19 10.44
N THR B 95 13.16 -9.41 11.04
CA THR B 95 12.12 -9.98 11.89
C THR B 95 10.74 -9.75 11.27
N GLN B 96 10.09 -10.83 10.86
CA GLN B 96 8.77 -10.72 10.25
C GLN B 96 8.10 -12.07 10.13
N SER B 97 6.79 -12.11 10.34
CA SER B 97 6.05 -13.35 10.25
C SER B 97 5.20 -13.37 8.98
N THR B 98 5.39 -14.38 8.16
CA THR B 98 4.63 -14.52 6.91
C THR B 98 3.28 -15.19 7.20
N PRO B 99 2.42 -15.29 6.21
CA PRO B 99 1.07 -15.90 6.38
C PRO B 99 1.09 -17.23 7.11
N GLN B 100 -0.10 -17.81 7.27
CA GLN B 100 -0.27 -19.09 7.94
C GLN B 100 -1.50 -19.78 7.39
N GLY B 101 -1.29 -20.87 6.65
CA GLY B 101 -2.40 -21.61 6.07
C GLY B 101 -2.36 -21.54 4.54
N TYR B 102 -2.94 -20.48 3.98
CA TYR B 102 -2.96 -20.31 2.53
C TYR B 102 -2.08 -19.13 2.11
N GLY B 103 -0.85 -19.10 2.62
CA GLY B 103 0.07 -18.02 2.27
C GLY B 103 0.23 -17.93 0.76
N SER B 104 0.05 -16.72 0.23
CA SER B 104 0.17 -16.49 -1.20
C SER B 104 -0.65 -17.52 -1.98
N THR B 105 -1.89 -17.17 -2.28
CA THR B 105 -2.77 -18.06 -3.02
C THR B 105 -2.47 -18.00 -4.50
N GLY B 106 -1.77 -19.01 -5.01
CA GLY B 106 -1.42 -19.04 -6.43
C GLY B 106 -2.24 -20.10 -7.14
N GLY B 107 -1.65 -20.74 -8.15
CA GLY B 107 -2.34 -21.77 -8.90
C GLY B 107 -3.73 -21.30 -9.33
N TYR B 108 -3.76 -20.38 -10.28
CA TYR B 108 -5.03 -19.85 -10.78
C TYR B 108 -5.98 -20.98 -11.19
N GLY B 109 -7.26 -20.81 -10.88
CA GLY B 109 -8.26 -21.81 -11.21
C GLY B 109 -9.38 -21.84 -10.17
N SER B 110 -9.00 -21.84 -8.90
CA SER B 110 -9.96 -21.86 -7.81
C SER B 110 -9.26 -22.08 -6.48
N SER B 111 -9.56 -21.23 -5.50
CA SER B 111 -8.95 -21.35 -4.18
C SER B 111 -10.00 -21.23 -3.09
N GLN B 112 -10.51 -22.37 -2.63
CA GLN B 112 -11.53 -22.39 -1.59
C GLN B 112 -10.98 -23.06 -0.33
N SER B 113 -10.54 -22.26 0.63
CA SER B 113 -9.99 -22.81 1.86
C SER B 113 -10.30 -21.92 3.06
N SER B 114 -9.79 -22.31 4.23
CA SER B 114 -10.01 -21.55 5.46
C SER B 114 -8.90 -21.85 6.45
N GLN B 115 -8.37 -20.81 7.08
CA GLN B 115 -7.28 -21.00 8.06
C GLN B 115 -7.17 -19.82 9.02
N SER B 116 -6.20 -19.88 9.91
CA SER B 116 -6.01 -18.80 10.88
C SER B 116 -4.71 -18.98 11.66
N SER B 117 -4.29 -17.93 12.34
CA SER B 117 -3.06 -17.97 13.13
C SER B 117 -3.01 -16.83 14.13
N TYR B 118 -2.75 -17.14 15.39
CA TYR B 118 -2.68 -16.13 16.43
C TYR B 118 -1.57 -16.44 17.43
N GLY B 119 -0.36 -15.97 17.13
CA GLY B 119 0.78 -16.21 18.01
C GLY B 119 2.08 -16.26 17.20
N GLN B 120 2.27 -15.28 16.33
CA GLN B 120 3.48 -15.22 15.51
C GLN B 120 4.50 -14.29 16.13
N GLN B 121 5.76 -14.74 16.20
CA GLN B 121 6.83 -13.94 16.77
C GLN B 121 8.12 -14.11 15.99
N SER B 122 8.83 -13.01 15.78
CA SER B 122 10.10 -13.05 15.05
C SER B 122 11.19 -12.33 15.83
N SER B 123 12.19 -13.08 16.27
CA SER B 123 13.29 -12.50 17.03
C SER B 123 12.80 -11.97 18.37
N TYR B 124 12.75 -12.85 19.36
CA TYR B 124 12.30 -12.45 20.69
C TYR B 124 10.82 -12.05 20.65
N SER C 64 -8.96 -12.54 -17.13
CA SER C 64 -8.83 -14.01 -17.35
C SER C 64 -8.30 -14.26 -18.75
N TYR C 65 -8.60 -13.35 -19.67
CA TYR C 65 -8.15 -13.48 -21.05
C TYR C 65 -7.06 -12.46 -21.36
N SER C 66 -6.00 -12.91 -22.04
CA SER C 66 -4.90 -12.03 -22.40
C SER C 66 -4.35 -11.32 -21.16
N GLY C 67 -3.30 -11.88 -20.58
CA GLY C 67 -2.68 -11.29 -19.40
C GLY C 67 -1.19 -11.04 -19.62
N TYR C 68 -0.75 -9.83 -19.34
CA TYR C 68 0.66 -9.47 -19.51
C TYR C 68 1.17 -8.70 -18.30
N SER C 69 2.46 -8.88 -17.99
CA SER C 69 3.07 -8.20 -16.86
C SER C 69 2.21 -8.36 -15.61
N GLN C 70 1.71 -9.57 -15.38
CA GLN C 70 0.89 -9.84 -14.22
C GLN C 70 1.74 -10.25 -13.03
N SER C 71 1.88 -9.36 -12.06
CA SER C 71 2.69 -9.64 -10.88
C SER C 71 2.02 -9.09 -9.62
N THR C 72 1.62 -9.98 -8.72
CA THR C 72 0.97 -9.56 -7.48
C THR C 72 1.79 -10.00 -6.28
N ASP C 73 2.08 -9.04 -5.39
CA ASP C 73 2.86 -9.33 -4.19
C ASP C 73 2.42 -8.43 -3.05
N THR C 74 2.04 -9.03 -1.93
CA THR C 74 1.60 -8.25 -0.78
C THR C 74 2.77 -7.56 -0.09
N SER C 75 3.78 -8.34 0.29
CA SER C 75 4.94 -7.79 0.96
C SER C 75 6.23 -8.31 0.34
N GLY C 76 7.34 -8.02 0.99
CA GLY C 76 8.64 -8.46 0.50
C GLY C 76 8.99 -7.82 -0.83
N TYR C 77 9.27 -6.51 -0.79
CA TYR C 77 9.63 -5.72 -1.99
C TYR C 77 9.02 -6.31 -3.25
N GLY C 78 7.73 -6.05 -3.48
CA GLY C 78 7.04 -6.57 -4.65
C GLY C 78 7.86 -6.32 -5.91
N GLN C 79 8.07 -5.05 -6.22
CA GLN C 79 8.84 -4.68 -7.40
C GLN C 79 9.76 -3.51 -7.08
N SER C 80 10.89 -3.79 -6.45
CA SER C 80 11.84 -2.75 -6.10
C SER C 80 13.27 -3.20 -6.35
N SER C 81 14.01 -2.39 -7.09
CA SER C 81 15.40 -2.72 -7.40
C SER C 81 16.31 -1.53 -7.12
N TYR C 82 17.61 -1.77 -7.10
CA TYR C 82 18.58 -0.71 -6.84
C TYR C 82 18.31 -0.04 -5.50
N SER C 83 18.15 -0.86 -4.46
CA SER C 83 17.88 -0.32 -3.13
C SER C 83 19.04 0.56 -2.67
N SER C 84 20.26 0.12 -2.98
CA SER C 84 21.45 0.88 -2.60
C SER C 84 22.58 0.65 -3.60
N TYR C 85 23.54 1.58 -3.61
CA TYR C 85 24.67 1.47 -4.53
C TYR C 85 25.95 1.94 -3.85
N GLY C 86 26.99 1.11 -3.91
CA GLY C 86 28.27 1.45 -3.30
C GLY C 86 28.14 1.59 -1.79
N GLN C 87 29.00 2.41 -1.19
CA GLN C 87 28.95 2.63 0.25
C GLN C 87 27.53 2.95 0.70
N SER C 88 26.95 2.06 1.50
CA SER C 88 25.59 2.27 2.00
C SER C 88 25.12 1.07 2.80
N GLN C 89 24.20 1.31 3.74
CA GLN C 89 23.67 0.23 4.57
C GLN C 89 22.31 -0.22 4.04
N ASN C 90 22.28 -1.41 3.44
CA ASN C 90 21.04 -1.95 2.90
C ASN C 90 20.34 -2.82 3.93
N THR C 91 19.26 -2.28 4.51
CA THR C 91 18.50 -3.03 5.50
C THR C 91 17.06 -3.21 5.04
N GLY C 92 16.58 -4.45 5.06
CA GLY C 92 15.23 -4.75 4.64
C GLY C 92 14.21 -4.06 5.54
N TYR C 93 12.96 -4.50 5.45
CA TYR C 93 11.89 -3.92 6.25
C TYR C 93 12.29 -3.84 7.73
N GLY C 94 12.70 -4.97 8.28
CA GLY C 94 13.11 -5.01 9.69
C GLY C 94 12.07 -5.71 10.55
N THR C 95 11.17 -4.92 11.14
CA THR C 95 10.12 -5.48 11.98
C THR C 95 8.75 -5.25 11.35
N GLN C 96 8.09 -6.32 10.94
CA GLN C 96 6.78 -6.21 10.33
C GLN C 96 6.11 -7.56 10.21
N SER C 97 4.79 -7.59 10.42
CA SER C 97 4.04 -8.84 10.32
C SER C 97 3.20 -8.85 9.04
N THR C 98 3.40 -9.88 8.22
CA THR C 98 2.65 -10.01 6.97
C THR C 98 1.29 -10.67 7.26
N PRO C 99 0.43 -10.76 6.26
CA PRO C 99 -0.92 -11.38 6.42
C PRO C 99 -0.91 -12.71 7.16
N GLN C 100 -2.10 -13.27 7.31
CA GLN C 100 -2.28 -14.55 7.97
C GLN C 100 -3.51 -15.25 7.42
N GLY C 101 -3.30 -16.33 6.69
CA GLY C 101 -4.41 -17.07 6.10
C GLY C 101 -4.36 -17.01 4.58
N TYR C 102 -4.92 -15.95 4.00
CA TYR C 102 -4.94 -15.79 2.55
C TYR C 102 -4.05 -14.60 2.14
N GLY C 103 -2.83 -14.58 2.65
CA GLY C 103 -1.90 -13.51 2.32
C GLY C 103 -1.73 -13.41 0.80
N SER C 104 -1.90 -12.20 0.27
CA SER C 104 -1.77 -11.99 -1.17
C SER C 104 -2.59 -13.00 -1.95
N THR C 105 -3.84 -12.65 -2.26
CA THR C 105 -4.71 -13.55 -3.00
C THR C 105 -4.39 -13.49 -4.48
N GLY C 106 -3.69 -14.50 -4.98
CA GLY C 106 -3.33 -14.54 -6.39
C GLY C 106 -4.16 -15.59 -7.11
N GLY C 107 -3.57 -16.23 -8.11
CA GLY C 107 -4.26 -17.27 -8.87
C GLY C 107 -5.64 -16.79 -9.31
N TYR C 108 -5.67 -15.88 -10.27
CA TYR C 108 -6.93 -15.34 -10.77
C TYR C 108 -7.87 -16.47 -11.17
N GLY C 109 -9.16 -16.29 -10.87
CA GLY C 109 -10.15 -17.29 -11.21
C GLY C 109 -11.28 -17.31 -10.18
N SER C 110 -10.91 -17.32 -8.91
CA SER C 110 -11.89 -17.33 -7.82
C SER C 110 -11.19 -17.54 -6.49
N SER C 111 -11.50 -16.69 -5.51
CA SER C 111 -10.89 -16.81 -4.19
C SER C 111 -11.95 -16.68 -3.10
N GLN C 112 -12.46 -17.83 -2.64
CA GLN C 112 -13.48 -17.83 -1.60
C GLN C 112 -12.96 -18.51 -0.35
N SER C 113 -12.52 -17.71 0.61
CA SER C 113 -11.97 -18.26 1.85
C SER C 113 -12.29 -17.35 3.04
N SER C 114 -11.79 -17.76 4.21
CA SER C 114 -12.01 -16.98 5.44
C SER C 114 -10.91 -17.29 6.45
N GLN C 115 -10.38 -16.24 7.08
CA GLN C 115 -9.29 -16.44 8.05
C GLN C 115 -9.20 -15.27 9.01
N SER C 116 -8.23 -15.32 9.92
CA SER C 116 -8.04 -14.24 10.89
C SER C 116 -6.74 -14.42 11.67
N SER C 117 -6.32 -13.37 12.36
CA SER C 117 -5.10 -13.42 13.15
C SER C 117 -5.05 -12.26 14.15
N TYR C 118 -4.80 -12.58 15.42
CA TYR C 118 -4.73 -11.57 16.45
C TYR C 118 -3.63 -11.88 17.45
N GLY C 119 -2.41 -11.42 17.15
CA GLY C 119 -1.28 -11.65 18.04
C GLY C 119 0.02 -11.71 17.25
N GLN C 120 0.23 -10.74 16.38
CA GLN C 120 1.44 -10.68 15.56
C GLN C 120 2.46 -9.75 16.19
N GLN C 121 3.71 -10.22 16.26
CA GLN C 121 4.78 -9.40 16.85
C GLN C 121 6.08 -9.58 16.06
N SER C 122 6.80 -8.49 15.87
CA SER C 122 8.06 -8.53 15.13
C SER C 122 9.16 -7.81 15.92
N SER C 123 10.15 -8.57 16.37
CA SER C 123 11.25 -7.99 17.14
C SER C 123 10.75 -7.46 18.47
N TYR C 124 10.69 -8.33 19.47
CA TYR C 124 10.24 -7.94 20.79
C TYR C 124 8.76 -7.52 20.75
N SER D 64 -10.80 -8.03 -17.15
CA SER D 64 -10.67 -9.51 -17.37
C SER D 64 -10.13 -9.76 -18.77
N TYR D 65 -10.42 -8.84 -19.70
CA TYR D 65 -9.96 -8.98 -21.07
C TYR D 65 -8.86 -7.96 -21.37
N SER D 66 -7.81 -8.43 -22.05
CA SER D 66 -6.70 -7.54 -22.40
C SER D 66 -6.15 -6.83 -21.16
N GLY D 67 -5.10 -7.40 -20.57
CA GLY D 67 -4.49 -6.81 -19.39
C GLY D 67 -3.00 -6.57 -19.61
N TYR D 68 -2.55 -5.36 -19.32
CA TYR D 68 -1.14 -5.01 -19.49
C TYR D 68 -0.64 -4.24 -18.28
N SER D 69 0.64 -4.42 -17.96
CA SER D 69 1.25 -3.73 -16.82
C SER D 69 0.39 -3.89 -15.58
N GLN D 70 -0.12 -5.10 -15.36
CA GLN D 70 -0.95 -5.36 -14.19
C GLN D 70 -0.10 -5.77 -13.00
N SER D 71 0.03 -4.87 -12.02
CA SER D 71 0.82 -5.16 -10.84
C SER D 71 0.16 -4.60 -9.58
N THR D 72 -0.25 -5.49 -8.69
CA THR D 72 -0.92 -5.07 -7.46
C THR D 72 -0.10 -5.50 -6.24
N ASP D 73 0.19 -4.55 -5.36
CA ASP D 73 0.96 -4.85 -4.16
C ASP D 73 0.52 -3.93 -3.01
N THR D 74 0.13 -4.52 -1.89
CA THR D 74 -0.32 -3.73 -0.74
C THR D 74 0.85 -3.06 -0.05
N SER D 75 1.85 -3.84 0.33
CA SER D 75 3.01 -3.29 1.02
C SER D 75 4.30 -3.82 0.40
N GLY D 76 5.42 -3.53 1.05
CA GLY D 76 6.72 -3.98 0.57
C GLY D 76 7.08 -3.33 -0.75
N TYR D 77 7.35 -2.02 -0.72
CA TYR D 77 7.73 -1.25 -1.91
C TYR D 77 7.12 -1.84 -3.19
N GLY D 78 5.84 -1.57 -3.41
CA GLY D 78 5.16 -2.10 -4.59
C GLY D 78 5.98 -1.85 -5.85
N GLN D 79 6.19 -0.58 -6.17
CA GLN D 79 6.98 -0.22 -7.34
C GLN D 79 7.90 0.95 -7.02
N SER D 80 9.02 0.66 -6.38
CA SER D 80 9.98 1.71 -6.02
C SER D 80 11.40 1.26 -6.26
N SER D 81 12.16 2.06 -7.00
CA SER D 81 13.55 1.72 -7.30
C SER D 81 14.45 2.92 -7.02
N TYR D 82 15.75 2.66 -6.98
CA TYR D 82 16.73 3.71 -6.73
C TYR D 82 16.46 4.39 -5.39
N SER D 83 16.28 3.58 -4.35
CA SER D 83 16.01 4.12 -3.02
C SER D 83 17.17 5.00 -2.55
N SER D 84 18.39 4.56 -2.86
CA SER D 84 19.58 5.31 -2.47
C SER D 84 20.72 5.08 -3.46
N TYR D 85 21.68 5.99 -3.47
CA TYR D 85 22.82 5.87 -4.38
C TYR D 85 24.09 6.35 -3.70
N GLY D 86 25.13 5.51 -3.75
CA GLY D 86 26.41 5.86 -3.13
C GLY D 86 26.26 6.00 -1.62
N GLN D 87 27.12 6.82 -1.03
CA GLN D 87 27.07 7.03 0.42
C GLN D 87 25.65 7.36 0.86
N SER D 88 25.06 6.47 1.66
CA SER D 88 23.69 6.68 2.15
C SER D 88 23.21 5.50 2.96
N GLN D 89 22.29 5.74 3.88
CA GLN D 89 21.75 4.67 4.71
C GLN D 89 20.40 4.21 4.17
N ASN D 90 20.37 3.03 3.59
CA ASN D 90 19.13 2.50 3.03
C ASN D 90 18.41 1.63 4.05
N THR D 91 17.34 2.17 4.63
CA THR D 91 16.57 1.43 5.63
C THR D 91 15.13 1.26 5.15
N GLY D 92 14.65 0.01 5.17
CA GLY D 92 13.29 -0.29 4.75
C GLY D 92 12.27 0.41 5.63
N TYR D 93 11.02 -0.02 5.54
CA TYR D 93 9.94 0.56 6.33
C TYR D 93 10.34 0.64 7.81
N GLY D 94 10.74 -0.48 8.38
CA GLY D 94 11.14 -0.52 9.78
C GLY D 94 10.09 -1.21 10.64
N THR D 95 9.19 -0.42 11.21
CA THR D 95 8.14 -0.97 12.05
C THR D 95 6.77 -0.74 11.41
N GLN D 96 6.11 -1.82 11.01
CA GLN D 96 4.80 -1.69 10.39
C GLN D 96 4.12 -3.05 10.26
N SER D 97 2.81 -3.06 10.45
CA SER D 97 2.06 -4.31 10.36
C SER D 97 1.22 -4.32 9.08
N THR D 98 1.42 -5.35 8.26
CA THR D 98 0.69 -5.49 7.02
C THR D 98 -0.68 -6.13 7.28
N PRO D 99 -1.53 -6.23 6.29
CA PRO D 99 -2.89 -6.84 6.44
C PRO D 99 -2.89 -8.17 7.17
N GLN D 100 -4.09 -8.73 7.32
CA GLN D 100 -4.27 -10.01 8.00
C GLN D 100 -5.51 -10.70 7.43
N GLY D 101 -5.30 -11.78 6.71
CA GLY D 101 -6.40 -12.52 6.11
C GLY D 101 -6.34 -12.46 4.58
N TYR D 102 -6.90 -11.40 4.01
CA TYR D 102 -6.90 -11.24 2.57
C TYR D 102 -6.01 -10.06 2.15
N GLY D 103 -4.79 -10.05 2.67
CA GLY D 103 -3.86 -8.97 2.33
C GLY D 103 -3.68 -8.88 0.82
N SER D 104 -3.84 -7.67 0.28
CA SER D 104 -3.69 -7.46 -1.15
C SER D 104 -4.51 -8.47 -1.93
N THR D 105 -5.75 -8.11 -2.24
CA THR D 105 -6.63 -9.01 -3.00
C THR D 105 -6.31 -8.96 -4.49
N GLY D 106 -5.61 -9.97 -4.97
CA GLY D 106 -5.24 -10.03 -6.38
C GLY D 106 -6.06 -11.09 -7.10
N GLY D 107 -5.47 -11.72 -8.09
CA GLY D 107 -6.16 -12.75 -8.85
C GLY D 107 -7.54 -12.28 -9.30
N TYR D 108 -7.55 -11.37 -10.27
CA TYR D 108 -8.81 -10.82 -10.78
C TYR D 108 -9.76 -11.95 -11.18
N GLY D 109 -11.04 -11.77 -10.89
CA GLY D 109 -12.04 -12.77 -11.23
C GLY D 109 -13.18 -12.78 -10.22
N SER D 110 -12.82 -12.78 -8.94
CA SER D 110 -13.80 -12.78 -7.85
C SER D 110 -13.11 -12.99 -6.52
N SER D 111 -13.42 -12.14 -5.55
CA SER D 111 -12.82 -12.26 -4.22
C SER D 111 -13.88 -12.13 -3.14
N GLN D 112 -14.41 -13.27 -2.69
CA GLN D 112 -15.44 -13.27 -1.65
C GLN D 112 -14.91 -13.95 -0.39
N SER D 113 -14.47 -13.14 0.58
CA SER D 113 -13.95 -13.69 1.82
C SER D 113 -14.26 -12.78 3.01
N SER D 114 -13.77 -13.18 4.18
CA SER D 114 -14.00 -12.41 5.40
C SER D 114 -12.90 -12.71 6.42
N GLN D 115 -12.37 -11.67 7.05
CA GLN D 115 -11.29 -11.87 8.03
C GLN D 115 -11.20 -10.69 8.99
N SER D 116 -10.23 -10.75 9.90
CA SER D 116 -10.05 -9.67 10.87
C SER D 116 -8.76 -9.85 11.66
N SER D 117 -8.34 -8.80 12.35
CA SER D 117 -7.11 -8.84 13.15
C SER D 117 -7.07 -7.69 14.14
N TYR D 118 -6.83 -8.02 15.41
CA TYR D 118 -6.77 -6.99 16.45
C TYR D 118 -5.67 -7.32 17.46
N GLY D 119 -4.46 -6.86 17.17
CA GLY D 119 -3.33 -7.09 18.06
C GLY D 119 -2.02 -7.16 17.28
N GLN D 120 -1.81 -6.18 16.41
CA GLN D 120 -0.59 -6.13 15.60
C GLN D 120 0.44 -5.20 16.23
N GLN D 121 1.68 -5.67 16.32
CA GLN D 121 2.74 -4.87 16.89
C GLN D 121 4.06 -5.05 16.13
N SER D 122 4.78 -3.96 15.93
CA SER D 122 6.05 -4.01 15.21
C SER D 122 7.14 -3.30 15.99
N SER D 123 8.13 -4.05 16.45
CA SER D 123 9.23 -3.48 17.21
C SER D 123 8.73 -2.94 18.55
N TYR D 124 8.65 -3.81 19.55
CA TYR D 124 8.18 -3.41 20.88
C TYR D 124 6.72 -2.99 20.82
N SER E 64 -12.61 -3.52 -17.20
CA SER E 64 -12.49 -4.99 -17.42
C SER E 64 -11.94 -5.24 -18.82
N TYR E 65 -12.23 -4.34 -19.74
CA TYR E 65 -11.75 -4.49 -21.12
C TYR E 65 -10.66 -3.47 -21.42
N SER E 66 -9.61 -3.94 -22.09
CA SER E 66 -8.49 -3.06 -22.43
C SER E 66 -7.94 -2.34 -21.19
N GLY E 67 -6.89 -2.91 -20.59
CA GLY E 67 -6.29 -2.32 -19.41
C GLY E 67 -4.80 -2.08 -19.62
N TYR E 68 -4.35 -0.87 -19.33
CA TYR E 68 -2.94 -0.53 -19.49
C TYR E 68 -2.43 0.24 -18.28
N SER E 69 -1.15 0.05 -17.95
CA SER E 69 -0.56 0.74 -16.82
C SER E 69 -1.42 0.59 -15.58
N GLN E 70 -1.94 -0.62 -15.35
CA GLN E 70 -2.78 -0.88 -14.19
C GLN E 70 -1.94 -1.29 -12.99
N SER E 71 -1.81 -0.39 -12.03
CA SER E 71 -1.02 -0.67 -10.83
C SER E 71 -1.70 -0.11 -9.59
N THR E 72 -2.12 -1.00 -8.69
CA THR E 72 -2.78 -0.56 -7.46
C THR E 72 -1.97 -0.99 -6.24
N ASP E 73 -1.68 -0.05 -5.36
CA ASP E 73 -0.92 -0.35 -4.15
C ASP E 73 -1.36 0.56 -3.02
N THR E 74 -1.75 -0.04 -1.88
CA THR E 74 -2.21 0.80 -0.77
C THR E 74 -1.05 1.46 -0.03
N SER E 75 -0.06 0.67 0.36
CA SER E 75 1.12 1.20 1.03
C SER E 75 2.40 0.70 0.40
N GLY E 76 3.52 0.99 1.07
CA GLY E 76 4.81 0.52 0.59
C GLY E 76 5.17 1.16 -0.73
N TYR E 77 5.46 2.46 -0.69
CA TYR E 77 5.84 3.24 -1.88
C TYR E 77 5.24 2.63 -3.14
N GLY E 78 3.97 2.92 -3.39
CA GLY E 78 3.29 2.40 -4.57
C GLY E 78 4.13 2.64 -5.81
N GLN E 79 4.34 3.91 -6.14
CA GLN E 79 5.14 4.25 -7.30
C GLN E 79 6.05 5.43 -6.98
N SER E 80 7.18 5.13 -6.34
CA SER E 80 8.13 6.17 -5.98
C SER E 80 9.56 5.71 -6.20
N SER E 81 10.32 6.52 -6.94
CA SER E 81 11.71 6.17 -7.23
C SER E 81 12.61 7.36 -6.94
N TYR E 82 13.92 7.09 -6.91
CA TYR E 82 14.89 8.15 -6.65
C TYR E 82 14.61 8.83 -5.32
N SER E 83 14.44 8.03 -4.27
CA SER E 83 14.16 8.57 -2.95
C SER E 83 15.33 9.44 -2.48
N SER E 84 16.54 9.00 -2.77
CA SER E 84 17.72 9.76 -2.38
C SER E 84 18.87 9.51 -3.36
N TYR E 85 19.84 10.43 -3.37
CA TYR E 85 20.98 10.30 -4.27
C TYR E 85 22.25 10.77 -3.59
N GLY E 86 23.29 9.93 -3.63
CA GLY E 86 24.57 10.27 -3.01
C GLY E 86 24.41 10.41 -1.50
N GLN E 87 25.26 11.23 -0.89
CA GLN E 87 25.21 11.45 0.55
C GLN E 87 23.78 11.79 0.98
N SER E 88 23.18 10.91 1.78
CA SER E 88 21.83 11.13 2.26
C SER E 88 21.33 9.93 3.07
N GLN E 89 20.41 10.18 3.99
CA GLN E 89 19.86 9.12 4.81
C GLN E 89 18.51 8.67 4.27
N ASN E 90 18.47 7.48 3.69
CA ASN E 90 17.23 6.94 3.12
C ASN E 90 16.50 6.08 4.14
N THR E 91 15.43 6.62 4.71
CA THR E 91 14.65 5.90 5.71
C THR E 91 13.21 5.73 5.22
N GLY E 92 12.74 4.49 5.24
CA GLY E 92 11.38 4.20 4.81
C GLY E 92 10.36 4.90 5.69
N TYR E 93 9.10 4.47 5.59
CA TYR E 93 8.03 5.07 6.37
C TYR E 93 8.42 5.15 7.85
N GLY E 94 8.81 4.01 8.43
CA GLY E 94 9.19 3.98 9.84
C GLY E 94 8.13 3.29 10.68
N THR E 95 7.23 4.09 11.25
CA THR E 95 6.18 3.55 12.09
C THR E 95 4.82 3.79 11.45
N GLN E 96 4.16 2.71 11.03
CA GLN E 96 2.84 2.84 10.41
C GLN E 96 2.16 1.48 10.29
N SER E 97 0.85 1.47 10.47
CA SER E 97 0.10 0.22 10.36
C SER E 97 -0.73 0.21 9.09
N THR E 98 -0.55 -0.82 8.28
CA THR E 98 -1.27 -0.96 7.02
C THR E 98 -2.64 -1.60 7.28
N PRO E 99 -3.49 -1.70 6.28
CA PRO E 99 -4.85 -2.30 6.44
C PRO E 99 -4.86 -3.62 7.17
N GLN E 100 -6.05 -4.18 7.33
CA GLN E 100 -6.23 -5.46 7.98
C GLN E 100 -7.47 -6.12 7.40
N GLY E 101 -7.26 -7.24 6.71
CA GLY E 101 -8.37 -7.97 6.11
C GLY E 101 -8.29 -7.91 4.57
N TYR E 102 -8.86 -6.85 3.99
CA TYR E 102 -8.85 -6.68 2.54
C TYR E 102 -7.94 -5.52 2.13
N GLY E 103 -6.73 -5.50 2.66
CA GLY E 103 -5.78 -4.44 2.32
C GLY E 103 -5.59 -4.34 0.82
N SER E 104 -5.75 -3.15 0.27
CA SER E 104 -5.61 -2.92 -1.16
C SER E 104 -6.43 -3.95 -1.94
N THR E 105 -7.66 -3.58 -2.28
CA THR E 105 -8.53 -4.49 -3.03
C THR E 105 -8.20 -4.42 -4.50
N GLY E 106 -7.50 -5.44 -4.99
CA GLY E 106 -7.13 -5.50 -6.39
C GLY E 106 -7.96 -6.56 -7.11
N GLY E 107 -7.35 -7.20 -8.11
CA GLY E 107 -8.04 -8.23 -8.87
C GLY E 107 -9.42 -7.75 -9.32
N TYR E 108 -9.42 -6.85 -10.29
CA TYR E 108 -10.67 -6.30 -10.80
C TYR E 108 -11.62 -7.42 -11.22
N GLY E 109 -12.90 -7.24 -10.93
CA GLY E 109 -13.91 -8.23 -11.29
C GLY E 109 -15.06 -8.25 -10.28
N SER E 110 -14.69 -8.21 -8.99
CA SER E 110 -15.69 -8.21 -7.91
C SER E 110 -14.99 -8.45 -6.57
N SER E 111 -15.32 -7.60 -5.60
CA SER E 111 -14.72 -7.71 -4.27
C SER E 111 -15.79 -7.57 -3.19
N GLN E 112 -16.33 -8.70 -2.75
CA GLN E 112 -17.36 -8.71 -1.72
C GLN E 112 -16.86 -9.37 -0.44
N SER E 113 -16.42 -8.57 0.51
CA SER E 113 -15.88 -9.11 1.76
C SER E 113 -16.21 -8.21 2.95
N SER E 114 -15.74 -8.60 4.13
CA SER E 114 -15.97 -7.83 5.34
C SER E 114 -14.87 -8.13 6.36
N GLN E 115 -14.33 -7.09 7.00
CA GLN E 115 -13.28 -7.29 7.99
C GLN E 115 -13.18 -6.11 8.94
N SER E 116 -12.22 -6.16 9.86
CA SER E 116 -12.04 -5.08 10.82
C SER E 116 -10.73 -5.26 11.61
N SER E 117 -10.32 -4.21 12.30
CA SER E 117 -9.10 -4.26 13.11
C SER E 117 -9.06 -3.12 14.11
N TYR E 118 -8.83 -3.44 15.38
CA TYR E 118 -8.77 -2.41 16.42
C TYR E 118 -7.67 -2.73 17.43
N GLY E 119 -6.46 -2.28 17.15
CA GLY E 119 -5.34 -2.51 18.05
C GLY E 119 -4.03 -2.59 17.27
N GLN E 120 -3.81 -1.61 16.40
CA GLN E 120 -2.59 -1.57 15.60
C GLN E 120 -1.56 -0.65 16.24
N GLN E 121 -0.32 -1.12 16.33
CA GLN E 121 0.75 -0.32 16.91
C GLN E 121 2.06 -0.52 16.15
N SER E 122 2.79 0.58 15.94
CA SER E 122 4.07 0.52 15.23
C SER E 122 5.16 1.25 16.03
N SER E 123 6.14 0.49 16.49
CA SER E 123 7.23 1.05 17.27
C SER E 123 6.72 1.59 18.60
N TYR E 124 6.64 0.73 19.60
CA TYR E 124 6.16 1.14 20.92
C TYR E 124 4.70 1.55 20.85
N SER F 64 -14.41 1.00 -17.27
CA SER F 64 -14.29 -0.46 -17.49
C SER F 64 -13.74 -0.73 -18.89
N TYR F 65 -14.02 0.18 -19.81
CA TYR F 65 -13.53 0.03 -21.18
C TYR F 65 -12.43 1.04 -21.48
N SER F 66 -11.37 0.57 -22.14
CA SER F 66 -10.25 1.44 -22.47
C SER F 66 -9.71 2.15 -21.24
N GLY F 67 -8.67 1.58 -20.64
CA GLY F 67 -8.07 2.18 -19.44
C GLY F 67 -6.57 2.40 -19.64
N TYR F 68 -6.12 3.62 -19.35
CA TYR F 68 -4.72 3.95 -19.51
C TYR F 68 -4.21 4.73 -18.31
N SER F 69 -2.94 4.53 -17.97
CA SER F 69 -2.34 5.22 -16.83
C SER F 69 -3.21 5.08 -15.59
N GLN F 70 -3.73 3.88 -15.37
CA GLN F 70 -4.59 3.62 -14.21
C GLN F 70 -3.75 3.20 -13.01
N SER F 71 -3.63 4.11 -12.04
CA SER F 71 -2.85 3.83 -10.84
C SER F 71 -3.52 4.40 -9.60
N THR F 72 -3.95 3.52 -8.71
CA THR F 72 -4.62 3.95 -7.49
C THR F 72 -3.82 3.51 -6.26
N ASP F 73 -3.53 4.47 -5.38
CA ASP F 73 -2.78 4.18 -4.16
C ASP F 73 -3.24 5.09 -3.03
N THR F 74 -3.64 4.51 -1.91
CA THR F 74 -4.09 5.30 -0.78
C THR F 74 -2.92 5.99 -0.07
N SER F 75 -1.94 5.19 0.33
CA SER F 75 -0.78 5.74 1.02
C SER F 75 0.52 5.20 0.42
N GLY F 76 1.63 5.49 1.09
CA GLY F 76 2.93 5.01 0.63
C GLY F 76 3.30 5.66 -0.71
N TYR F 77 3.59 6.96 -0.66
CA TYR F 77 3.98 7.72 -1.86
C TYR F 77 3.39 7.13 -3.13
N GLY F 78 2.11 7.41 -3.38
CA GLY F 78 1.44 6.89 -4.56
C GLY F 78 2.28 7.13 -5.80
N GLN F 79 2.51 8.39 -6.13
CA GLN F 79 3.31 8.74 -7.30
C GLN F 79 4.23 9.91 -6.97
N SER F 80 5.34 9.61 -6.32
CA SER F 80 6.30 10.65 -5.95
C SER F 80 7.73 10.18 -6.18
N SER F 81 8.50 10.97 -6.91
CA SER F 81 9.89 10.63 -7.19
C SER F 81 10.80 11.82 -6.90
N TYR F 82 12.10 11.55 -6.86
CA TYR F 82 13.08 12.60 -6.59
C TYR F 82 12.80 13.29 -5.26
N SER F 83 12.60 12.48 -4.22
CA SER F 83 12.32 13.02 -2.90
C SER F 83 13.48 13.89 -2.42
N SER F 84 14.71 13.45 -2.70
CA SER F 84 15.89 14.20 -2.31
C SER F 84 17.04 13.95 -3.28
N TYR F 85 18.01 14.86 -3.29
CA TYR F 85 19.16 14.73 -4.19
C TYR F 85 20.43 15.19 -3.49
N GLY F 86 21.46 14.35 -3.52
CA GLY F 86 22.73 14.69 -2.89
C GLY F 86 22.56 14.84 -1.38
N GLN F 87 23.43 15.65 -0.78
CA GLN F 87 23.36 15.88 0.66
C GLN F 87 21.93 16.22 1.08
N SER F 88 21.32 15.34 1.88
CA SER F 88 19.97 15.57 2.36
C SER F 88 19.46 14.38 3.16
N GLN F 89 18.53 14.64 4.08
CA GLN F 89 17.97 13.57 4.90
C GLN F 89 16.62 13.13 4.35
N ASN F 90 16.59 11.94 3.77
CA ASN F 90 15.36 11.41 3.20
C ASN F 90 14.61 10.55 4.22
N THR F 91 13.54 11.10 4.78
CA THR F 91 12.75 10.37 5.77
C THR F 91 11.32 10.21 5.27
N GLY F 92 10.84 8.97 5.30
CA GLY F 92 9.48 8.68 4.86
C GLY F 92 8.46 9.40 5.73
N TYR F 93 7.21 8.96 5.62
CA TYR F 93 6.12 9.57 6.40
C TYR F 93 6.51 9.66 7.88
N GLY F 94 6.89 8.52 8.46
CA GLY F 94 7.27 8.50 9.87
C GLY F 94 6.20 7.82 10.72
N THR F 95 5.30 8.61 11.28
CA THR F 95 4.24 8.07 12.12
C THR F 95 2.88 8.32 11.46
N GLN F 96 2.21 7.24 11.05
CA GLN F 96 0.91 7.37 10.41
C GLN F 96 0.23 6.02 10.29
N SER F 97 -1.09 6.01 10.46
CA SER F 97 -1.86 4.77 10.36
C SER F 97 -2.68 4.76 9.08
N THR F 98 -2.47 3.72 8.27
CA THR F 98 -3.20 3.59 7.00
C THR F 98 -4.57 2.95 7.27
N PRO F 99 -5.40 2.85 6.26
CA PRO F 99 -6.77 2.25 6.40
C PRO F 99 -6.80 0.93 7.14
N GLN F 100 -7.99 0.38 7.28
CA GLN F 100 -8.20 -0.89 7.95
C GLN F 100 -9.43 -1.57 7.38
N GLY F 101 -9.22 -2.67 6.66
CA GLY F 101 -10.32 -3.40 6.06
C GLY F 101 -10.24 -3.35 4.53
N TYR F 102 -10.80 -2.29 3.95
CA TYR F 102 -10.78 -2.13 2.50
C TYR F 102 -9.87 -0.97 2.08
N GLY F 103 -8.65 -0.95 2.63
CA GLY F 103 -7.70 0.10 2.29
C GLY F 103 -7.51 0.19 0.78
N SER F 104 -7.65 1.40 0.24
CA SER F 104 -7.50 1.60 -1.20
C SER F 104 -8.31 0.58 -1.98
N THR F 105 -9.55 0.95 -2.32
CA THR F 105 -10.41 0.06 -3.07
C THR F 105 -10.08 0.10 -4.56
N GLY F 106 -9.38 -0.92 -5.03
CA GLY F 106 -8.99 -0.98 -6.43
C GLY F 106 -9.82 -2.03 -7.15
N GLY F 107 -9.21 -2.68 -8.14
CA GLY F 107 -9.90 -3.71 -8.90
C GLY F 107 -11.27 -3.22 -9.37
N TYR F 108 -11.27 -2.32 -10.33
CA TYR F 108 -12.51 -1.77 -10.87
C TYR F 108 -13.47 -2.89 -11.28
N GLY F 109 -14.76 -2.70 -11.01
CA GLY F 109 -15.76 -3.69 -11.35
C GLY F 109 -16.91 -3.69 -10.35
N SER F 110 -16.56 -3.68 -9.06
CA SER F 110 -17.56 -3.67 -7.99
C SER F 110 -16.88 -3.89 -6.64
N SER F 111 -17.20 -3.03 -5.68
CA SER F 111 -16.62 -3.14 -4.35
C SER F 111 -17.70 -3.00 -3.28
N GLN F 112 -18.23 -4.13 -2.82
CA GLN F 112 -19.27 -4.11 -1.80
C GLN F 112 -18.76 -4.79 -0.53
N SER F 113 -18.34 -3.99 0.44
CA SER F 113 -17.82 -4.53 1.69
C SER F 113 -18.14 -3.62 2.87
N SER F 114 -17.68 -4.01 4.05
CA SER F 114 -17.91 -3.23 5.26
C SER F 114 -16.83 -3.54 6.29
N GLN F 115 -16.29 -2.50 6.93
CA GLN F 115 -15.23 -2.70 7.91
C GLN F 115 -15.14 -1.52 8.87
N SER F 116 -14.18 -1.58 9.80
CA SER F 116 -14.01 -0.49 10.76
C SER F 116 -12.72 -0.68 11.57
N SER F 117 -12.30 0.38 12.25
CA SER F 117 -11.10 0.31 13.07
C SER F 117 -11.05 1.48 14.06
N TYR F 118 -10.82 1.16 15.33
CA TYR F 118 -10.76 2.18 16.36
C TYR F 118 -9.68 1.86 17.39
N GLY F 119 -8.45 2.32 17.11
CA GLY F 119 -7.33 2.07 18.02
C GLY F 119 -6.03 1.99 17.25
N GLN F 120 -5.80 2.96 16.37
CA GLN F 120 -4.57 2.99 15.58
C GLN F 120 -3.55 3.92 16.21
N GLN F 121 -2.30 3.44 16.32
CA GLN F 121 -1.24 4.25 16.91
C GLN F 121 0.08 4.04 16.16
N SER F 122 0.81 5.13 15.95
CA SER F 122 2.08 5.07 15.25
C SER F 122 3.17 5.78 16.05
N SER F 123 4.15 5.02 16.52
CA SER F 123 5.25 5.58 17.30
C SER F 123 4.73 6.14 18.62
N TYR F 124 4.64 5.26 19.63
CA TYR F 124 4.16 5.68 20.95
C TYR F 124 2.70 6.10 20.87
N SER G 64 -16.20 5.53 -17.37
CA SER G 64 -16.08 4.07 -17.58
C SER G 64 -15.51 3.80 -18.97
N TYR G 65 -15.79 4.70 -19.90
CA TYR G 65 -15.29 4.54 -21.26
C TYR G 65 -14.18 5.55 -21.55
N SER G 66 -13.12 5.08 -22.21
CA SER G 66 -12.00 5.94 -22.55
C SER G 66 -11.46 6.65 -21.31
N GLY G 67 -10.43 6.09 -20.69
CA GLY G 67 -9.84 6.67 -19.50
C GLY G 67 -8.33 6.89 -19.70
N TYR G 68 -7.87 8.12 -19.41
CA TYR G 68 -6.46 8.44 -19.56
C TYR G 68 -5.96 9.22 -18.34
N SER G 69 -4.70 9.02 -18.00
CA SER G 69 -4.10 9.71 -16.86
C SER G 69 -4.99 9.57 -15.63
N GLN G 70 -5.51 8.37 -15.41
CA GLN G 70 -6.38 8.12 -14.25
C GLN G 70 -5.54 7.71 -13.04
N SER G 71 -5.43 8.61 -12.08
CA SER G 71 -4.66 8.33 -10.87
C SER G 71 -5.34 8.90 -9.63
N THR G 72 -5.78 8.02 -8.75
CA THR G 72 -6.45 8.46 -7.52
C THR G 72 -5.66 8.03 -6.29
N ASP G 73 -5.37 8.98 -5.40
CA ASP G 73 -4.63 8.70 -4.19
C ASP G 73 -5.07 9.62 -3.06
N THR G 74 -5.50 9.04 -1.94
CA THR G 74 -5.95 9.84 -0.81
C THR G 74 -4.79 10.51 -0.10
N SER G 75 -3.81 9.71 0.31
CA SER G 75 -2.65 10.26 1.00
C SER G 75 -1.36 9.71 0.42
N GLY G 76 -0.25 10.00 1.09
CA GLY G 76 1.05 9.52 0.63
C GLY G 76 1.45 10.15 -0.70
N TYR G 77 1.73 11.46 -0.66
CA TYR G 77 2.13 12.22 -1.86
C TYR G 77 1.54 11.63 -3.13
N GLY G 78 0.27 11.91 -3.38
CA GLY G 78 -0.39 11.40 -4.57
C GLY G 78 0.46 11.62 -5.81
N GLN G 79 0.69 12.89 -6.13
CA GLN G 79 1.49 13.23 -7.29
C GLN G 79 2.41 14.40 -6.97
N SER G 80 3.53 14.09 -6.30
CA SER G 80 4.48 15.14 -5.94
C SER G 80 5.91 14.66 -6.15
N SER G 81 6.69 15.45 -6.88
CA SER G 81 8.08 15.10 -7.15
C SER G 81 8.99 16.28 -6.87
N TYR G 82 10.29 16.01 -6.81
CA TYR G 82 11.27 17.05 -6.54
C TYR G 82 10.98 17.75 -5.21
N SER G 83 10.78 16.95 -4.17
CA SER G 83 10.49 17.50 -2.84
C SER G 83 11.66 18.36 -2.36
N SER G 84 12.88 17.92 -2.65
CA SER G 84 14.07 18.66 -2.24
C SER G 84 15.22 18.40 -3.21
N TYR G 85 16.19 19.31 -3.22
CA TYR G 85 17.35 19.17 -4.10
C TYR G 85 18.62 19.63 -3.40
N GLY G 86 19.65 18.78 -3.43
CA GLY G 86 20.92 19.12 -2.79
C GLY G 86 20.74 19.27 -1.28
N GLN G 87 21.60 20.09 -0.67
CA GLN G 87 21.52 20.31 0.77
C GLN G 87 20.10 20.66 1.18
N SER G 88 19.48 19.79 1.97
CA SER G 88 18.12 20.03 2.44
C SER G 88 17.61 18.84 3.24
N GLN G 89 16.67 19.10 4.16
CA GLN G 89 16.11 18.05 4.98
C GLN G 89 14.75 17.60 4.42
N ASN G 90 14.72 16.40 3.84
CA ASN G 90 13.48 15.88 3.27
C ASN G 90 12.74 15.03 4.28
N THR G 91 11.66 15.59 4.84
CA THR G 91 10.87 14.87 5.82
C THR G 91 9.43 14.70 5.32
N GLY G 92 8.95 13.47 5.35
CA GLY G 92 7.59 13.18 4.89
C GLY G 92 6.56 13.90 5.76
N TYR G 93 5.31 13.46 5.65
CA TYR G 93 4.23 14.07 6.42
C TYR G 93 4.60 14.16 7.90
N GLY G 94 4.98 13.04 8.48
CA GLY G 94 5.36 13.00 9.89
C GLY G 94 4.28 12.33 10.73
N THR G 95 3.37 13.13 11.29
CA THR G 95 2.31 12.60 12.12
C THR G 95 0.95 12.85 11.45
N GLN G 96 0.28 11.77 11.04
CA GLN G 96 -1.01 11.91 10.40
C GLN G 96 -1.71 10.56 10.27
N SER G 97 -3.02 10.55 10.44
CA SER G 97 -3.78 9.31 10.34
C SER G 97 -4.60 9.30 9.05
N THR G 98 -4.40 8.27 8.24
CA THR G 98 -5.11 8.13 6.98
C THR G 98 -6.49 7.50 7.22
N PRO G 99 -7.33 7.40 6.21
CA PRO G 99 -8.69 6.81 6.35
C PRO G 99 -8.73 5.49 7.10
N GLN G 100 -9.93 4.94 7.23
CA GLN G 100 -10.14 3.67 7.91
C GLN G 100 -11.37 3.00 7.32
N GLY G 101 -11.15 1.89 6.61
CA GLY G 101 -12.26 1.17 6.00
C GLY G 101 -12.16 1.22 4.48
N TYR G 102 -12.71 2.28 3.89
CA TYR G 102 -12.68 2.43 2.44
C TYR G 102 -11.77 3.59 2.02
N GLY G 103 -10.56 3.61 2.57
CA GLY G 103 -9.61 4.65 2.24
C GLY G 103 -9.40 4.74 0.73
N SER G 104 -9.54 5.94 0.18
CA SER G 104 -9.37 6.15 -1.26
C SER G 104 -10.18 5.13 -2.03
N THR G 105 -11.42 5.50 -2.38
CA THR G 105 -12.29 4.61 -3.14
C THR G 105 -11.94 4.65 -4.62
N GLY G 106 -11.24 3.63 -5.08
CA GLY G 106 -10.84 3.56 -6.48
C GLY G 106 -11.68 2.51 -7.21
N GLY G 107 -11.07 1.86 -8.19
CA GLY G 107 -11.75 0.82 -8.95
C GLY G 107 -13.12 1.32 -9.43
N TYR G 108 -13.10 2.22 -10.40
CA TYR G 108 -14.34 2.77 -10.94
C TYR G 108 -15.30 1.66 -11.36
N GLY G 109 -16.58 1.85 -11.09
CA GLY G 109 -17.60 0.86 -11.44
C GLY G 109 -18.74 0.88 -10.45
N SER G 110 -18.41 0.88 -9.16
CA SER G 110 -19.41 0.89 -8.09
C SER G 110 -18.74 0.68 -6.74
N SER G 111 -19.07 1.54 -5.78
CA SER G 111 -18.49 1.42 -4.45
C SER G 111 -19.57 1.57 -3.38
N GLN G 112 -20.11 0.45 -2.93
CA GLN G 112 -21.16 0.46 -1.92
C GLN G 112 -20.67 -0.21 -0.63
N SER G 113 -20.23 0.59 0.33
CA SER G 113 -19.73 0.05 1.58
C SER G 113 -20.07 0.97 2.77
N SER G 114 -19.60 0.58 3.94
CA SER G 114 -19.84 1.36 5.15
C SER G 114 -18.76 1.05 6.19
N GLN G 115 -18.23 2.09 6.83
CA GLN G 115 -17.18 1.88 7.83
C GLN G 115 -17.08 3.07 8.79
N SER G 116 -16.14 3.01 9.71
CA SER G 116 -15.96 4.09 10.68
C SER G 116 -14.68 3.90 11.49
N SER G 117 -14.26 4.96 12.17
CA SER G 117 -13.06 4.90 13.00
C SER G 117 -13.01 6.06 13.99
N TYR G 118 -12.80 5.74 15.26
CA TYR G 118 -12.75 6.77 16.29
C TYR G 118 -11.66 6.45 17.32
N GLY G 119 -10.44 6.90 17.06
CA GLY G 119 -9.33 6.65 17.96
C GLY G 119 -8.01 6.56 17.20
N GLN G 120 -7.77 7.54 16.32
CA GLN G 120 -6.54 7.56 15.54
C GLN G 120 -5.51 8.48 16.18
N GLN G 121 -4.28 8.00 16.30
CA GLN G 121 -3.21 8.80 16.90
C GLN G 121 -1.90 8.59 16.15
N SER G 122 -1.15 9.68 15.95
CA SER G 122 0.13 9.61 15.25
C SER G 122 1.21 10.32 16.05
N SER G 123 2.18 9.56 16.53
CA SER G 123 3.28 10.12 17.32
C SER G 123 2.75 10.67 18.64
N TYR G 124 2.65 9.81 19.65
CA TYR G 124 2.17 10.22 20.95
C TYR G 124 0.70 10.66 20.87
N SER H 64 -17.96 10.07 -17.48
CA SER H 64 -17.84 8.60 -17.68
C SER H 64 -17.27 8.33 -19.07
N TYR H 65 -17.53 9.23 -20.01
CA TYR H 65 -17.03 9.07 -21.37
C TYR H 65 -15.92 10.07 -21.66
N SER H 66 -14.86 9.59 -22.29
CA SER H 66 -13.73 10.45 -22.63
C SER H 66 -13.20 11.17 -21.39
N GLY H 67 -12.17 10.59 -20.77
CA GLY H 67 -11.58 11.19 -19.58
C GLY H 67 -10.08 11.40 -19.77
N TYR H 68 -9.62 12.62 -19.48
CA TYR H 68 -8.21 12.94 -19.61
C TYR H 68 -7.71 13.71 -18.39
N SER H 69 -6.45 13.51 -18.05
CA SER H 69 -5.85 14.20 -16.91
C SER H 69 -6.75 14.07 -15.68
N GLN H 70 -7.28 12.87 -15.45
CA GLN H 70 -8.15 12.63 -14.31
C GLN H 70 -7.33 12.22 -13.10
N SER H 71 -7.21 13.13 -12.13
CA SER H 71 -6.45 12.84 -10.92
C SER H 71 -7.14 13.42 -9.69
N THR H 72 -7.59 12.55 -8.80
CA THR H 72 -8.26 12.99 -7.58
C THR H 72 -7.48 12.55 -6.34
N ASP H 73 -7.20 13.51 -5.47
CA ASP H 73 -6.47 13.22 -4.24
C ASP H 73 -6.91 14.14 -3.12
N THR H 74 -7.34 13.57 -2.00
CA THR H 74 -7.80 14.37 -0.87
C THR H 74 -6.64 15.05 -0.16
N SER H 75 -5.67 14.25 0.26
CA SER H 75 -4.51 14.78 0.96
C SER H 75 -3.21 14.23 0.39
N GLY H 76 -2.11 14.52 1.06
CA GLY H 76 -0.81 14.04 0.62
C GLY H 76 -0.41 14.67 -0.72
N TYR H 77 -0.11 15.98 -0.68
CA TYR H 77 0.31 16.73 -1.87
C TYR H 77 -0.28 16.14 -3.15
N GLY H 78 -1.56 16.42 -3.41
CA GLY H 78 -2.22 15.90 -4.60
C GLY H 78 -1.35 16.12 -5.84
N GLN H 79 -1.12 17.39 -6.16
CA GLN H 79 -0.31 17.72 -7.31
C GLN H 79 0.62 18.89 -6.99
N SER H 80 1.73 18.58 -6.32
CA SER H 80 2.68 19.62 -5.95
C SER H 80 4.11 19.14 -6.15
N SER H 81 4.90 19.92 -6.88
CA SER H 81 6.29 19.57 -7.14
C SER H 81 7.21 20.75 -6.84
N TYR H 82 8.50 20.48 -6.78
CA TYR H 82 9.49 21.52 -6.51
C TYR H 82 9.19 22.22 -5.18
N SER H 83 8.98 21.41 -4.14
CA SER H 83 8.69 21.97 -2.83
C SER H 83 9.85 22.83 -2.33
N SER H 84 11.07 22.38 -2.61
CA SER H 84 12.26 23.13 -2.20
C SER H 84 13.41 22.85 -3.16
N TYR H 85 14.39 23.76 -3.16
CA TYR H 85 15.55 23.62 -4.04
C TYR H 85 16.82 24.08 -3.33
N GLY H 86 17.84 23.22 -3.35
CA GLY H 86 19.10 23.56 -2.71
C GLY H 86 18.92 23.71 -1.20
N GLN H 87 19.78 24.53 -0.59
CA GLN H 87 19.70 24.76 0.86
C GLN H 87 18.28 25.12 1.26
N SER H 88 17.65 24.25 2.05
CA SER H 88 16.29 24.48 2.50
C SER H 88 15.76 23.30 3.31
N GLN H 89 14.83 23.56 4.20
CA GLN H 89 14.25 22.51 5.03
C GLN H 89 12.90 22.07 4.47
N ASN H 90 12.87 20.88 3.89
CA ASN H 90 11.64 20.36 3.31
C ASN H 90 10.88 19.51 4.32
N THR H 91 9.81 20.07 4.87
CA THR H 91 9.00 19.36 5.85
C THR H 91 7.57 19.19 5.35
N GLY H 92 7.08 17.96 5.37
CA GLY H 92 5.73 17.68 4.91
C GLY H 92 4.68 18.40 5.77
N TYR H 93 3.43 17.97 5.65
CA TYR H 93 2.35 18.59 6.41
C TYR H 93 2.72 18.68 7.89
N GLY H 94 3.09 17.55 8.48
CA GLY H 94 3.45 17.52 9.89
C GLY H 94 2.37 16.86 10.74
N THR H 95 1.46 17.66 11.28
CA THR H 95 0.39 17.14 12.10
C THR H 95 -0.96 17.38 11.43
N GLN H 96 -1.63 16.31 11.02
CA GLN H 96 -2.92 16.44 10.36
C GLN H 96 -3.62 15.10 10.24
N SER H 97 -4.94 15.10 10.40
CA SER H 97 -5.70 13.87 10.29
C SER H 97 -6.51 13.86 9.00
N THR H 98 -6.30 12.82 8.19
CA THR H 98 -7.01 12.68 6.92
C THR H 98 -8.40 12.06 7.17
N PRO H 99 -9.23 11.95 6.15
CA PRO H 99 -10.59 11.37 6.28
C PRO H 99 -10.63 10.05 7.03
N GLN H 100 -11.84 9.51 7.16
CA GLN H 100 -12.06 8.24 7.83
C GLN H 100 -13.29 7.56 7.24
N GLY H 101 -13.07 6.47 6.54
CA GLY H 101 -14.18 5.74 5.92
C GLY H 101 -14.08 5.79 4.40
N TYR H 102 -14.61 6.84 3.80
CA TYR H 102 -14.58 7.00 2.35
C TYR H 102 -13.66 8.15 1.94
N GLY H 103 -12.45 8.16 2.49
CA GLY H 103 -11.49 9.21 2.17
C GLY H 103 -11.27 9.29 0.67
N SER H 104 -11.41 10.49 0.11
CA SER H 104 -11.23 10.70 -1.32
C SER H 104 -12.05 9.68 -2.12
N THR H 105 -13.27 10.05 -2.47
CA THR H 105 -14.13 9.16 -3.22
C THR H 105 -13.78 9.20 -4.70
N GLY H 106 -13.08 8.17 -5.16
CA GLY H 106 -12.69 8.10 -6.55
C GLY H 106 -13.51 7.04 -7.30
N GLY H 107 -12.90 6.39 -8.27
CA GLY H 107 -13.59 5.36 -9.03
C GLY H 107 -14.94 5.85 -9.52
N TYR H 108 -14.92 6.76 -10.49
CA TYR H 108 -16.16 7.31 -11.04
C TYR H 108 -17.11 6.20 -11.46
N GLY H 109 -18.40 6.40 -11.19
CA GLY H 109 -19.41 5.41 -11.55
C GLY H 109 -20.57 5.43 -10.57
N SER H 110 -20.23 5.44 -9.27
CA SER H 110 -21.24 5.46 -8.21
C SER H 110 -20.58 5.25 -6.86
N SER H 111 -20.92 6.11 -5.90
CA SER H 111 -20.35 6.00 -4.56
C SER H 111 -21.43 6.16 -3.51
N GLN H 112 -21.99 5.03 -3.06
CA GLN H 112 -23.04 5.05 -2.04
C GLN H 112 -22.55 4.38 -0.76
N SER H 113 -22.13 5.19 0.21
CA SER H 113 -21.63 4.64 1.47
C SER H 113 -21.97 5.56 2.64
N SER H 114 -21.51 5.18 3.83
CA SER H 114 -21.76 5.96 5.03
C SER H 114 -20.68 5.65 6.07
N GLN H 115 -20.15 6.69 6.71
CA GLN H 115 -19.11 6.48 7.72
C GLN H 115 -19.02 7.67 8.67
N SER H 116 -18.07 7.61 9.61
CA SER H 116 -17.90 8.69 10.57
C SER H 116 -16.63 8.50 11.39
N SER H 117 -16.20 9.56 12.08
CA SER H 117 -15.01 9.49 12.90
C SER H 117 -14.97 10.65 13.89
N TYR H 118 -14.76 10.34 15.17
CA TYR H 118 -14.70 11.37 16.19
C TYR H 118 -13.63 11.04 17.24
N GLY H 119 -12.41 11.49 16.96
CA GLY H 119 -11.30 11.24 17.89
C GLY H 119 -9.98 11.14 17.13
N GLN H 120 -9.73 12.11 16.26
CA GLN H 120 -8.50 12.13 15.47
C GLN H 120 -7.47 13.05 16.13
N GLN H 121 -6.24 12.57 16.25
CA GLN H 121 -5.17 13.37 16.85
C GLN H 121 -3.86 13.15 16.11
N SER H 122 -3.10 14.23 15.91
CA SER H 122 -1.82 14.15 15.22
C SER H 122 -0.74 14.86 16.04
N SER H 123 0.23 14.10 16.52
CA SER H 123 1.32 14.66 17.31
C SER H 123 0.79 15.22 18.63
N TYR H 124 0.68 14.36 19.64
CA TYR H 124 0.19 14.78 20.94
C TYR H 124 -1.27 15.22 20.84
N SER I 64 -19.71 14.62 -17.62
CA SER I 64 -19.60 13.15 -17.81
C SER I 64 -19.01 12.86 -19.19
N TYR I 65 -19.26 13.77 -20.14
CA TYR I 65 -18.76 13.60 -21.50
C TYR I 65 -17.64 14.60 -21.77
N SER I 66 -16.57 14.12 -22.41
CA SER I 66 -15.44 14.97 -22.75
C SER I 66 -14.92 15.68 -21.50
N GLY I 67 -13.90 15.11 -20.87
CA GLY I 67 -13.31 15.71 -19.67
C GLY I 67 -11.81 15.91 -19.85
N TYR I 68 -11.35 17.13 -19.57
CA TYR I 68 -9.93 17.44 -19.69
C TYR I 68 -9.44 18.22 -18.48
N SER I 69 -8.17 18.01 -18.12
CA SER I 69 -7.60 18.70 -16.98
C SER I 69 -8.50 18.58 -15.75
N GLN I 70 -9.03 17.39 -15.53
CA GLN I 70 -9.91 17.15 -14.39
C GLN I 70 -9.10 16.74 -13.17
N SER I 71 -8.98 17.64 -12.21
CA SER I 71 -8.22 17.35 -10.99
C SER I 71 -8.92 17.94 -9.77
N THR I 72 -9.37 17.07 -8.87
CA THR I 72 -10.05 17.51 -7.67
C THR I 72 -9.29 17.08 -6.42
N ASP I 73 -9.00 18.04 -5.55
CA ASP I 73 -8.28 17.75 -4.32
C ASP I 73 -8.75 18.68 -3.20
N THR I 74 -9.16 18.11 -2.07
CA THR I 74 -9.64 18.91 -0.96
C THR I 74 -8.47 19.58 -0.23
N SER I 75 -7.51 18.78 0.19
CA SER I 75 -6.36 19.32 0.90
C SER I 75 -5.05 18.77 0.33
N GLY I 76 -3.95 19.04 1.02
CA GLY I 76 -2.65 18.56 0.58
C GLY I 76 -2.24 19.18 -0.75
N TYR I 77 -1.94 20.49 -0.71
CA TYR I 77 -1.52 21.24 -1.91
C TYR I 77 -2.09 20.64 -3.19
N GLY I 78 -3.36 20.94 -3.46
CA GLY I 78 -4.02 20.42 -4.64
C GLY I 78 -3.16 20.64 -5.89
N GLN I 79 -2.91 21.90 -6.21
CA GLN I 79 -2.09 22.23 -7.36
C GLN I 79 -1.16 23.40 -7.03
N SER I 80 -0.06 23.09 -6.35
CA SER I 80 0.90 24.12 -5.97
C SER I 80 2.33 23.63 -6.17
N SER I 81 3.12 24.42 -6.89
CA SER I 81 4.51 24.05 -7.15
C SER I 81 5.43 25.23 -6.85
N TYR I 82 6.72 24.95 -6.78
CA TYR I 82 7.71 26.00 -6.50
C TYR I 82 7.41 26.69 -5.18
N SER I 83 7.19 25.89 -4.14
CA SER I 83 6.89 26.44 -2.83
C SER I 83 8.06 27.31 -2.33
N SER I 84 9.28 26.85 -2.60
CA SER I 84 10.46 27.59 -2.18
C SER I 84 11.63 27.32 -3.14
N TYR I 85 12.61 28.22 -3.13
CA TYR I 85 13.77 28.07 -4.00
C TYR I 85 15.03 28.53 -3.29
N GLY I 86 16.05 27.67 -3.30
CA GLY I 86 17.31 28.01 -2.64
C GLY I 86 17.13 28.17 -1.14
N GLN I 87 17.98 28.98 -0.53
CA GLN I 87 17.89 29.21 0.92
C GLN I 87 16.47 29.58 1.31
N SER I 88 15.83 28.70 2.10
CA SER I 88 14.47 28.96 2.54
C SER I 88 13.94 27.77 3.35
N GLN I 89 12.99 28.05 4.24
CA GLN I 89 12.41 26.99 5.07
C GLN I 89 11.06 26.56 4.49
N ASN I 90 11.03 25.36 3.92
CA ASN I 90 9.80 24.84 3.33
C ASN I 90 9.03 24.00 4.34
N THR I 91 7.95 24.56 4.88
CA THR I 91 7.15 23.85 5.86
C THR I 91 5.72 23.69 5.34
N GLY I 92 5.22 22.46 5.37
CA GLY I 92 3.87 22.18 4.90
C GLY I 92 2.83 22.92 5.75
N TYR I 93 1.58 22.49 5.62
CA TYR I 93 0.49 23.11 6.38
C TYR I 93 0.85 23.19 7.87
N GLY I 94 1.21 22.07 8.46
CA GLY I 94 1.57 22.05 9.88
C GLY I 94 0.47 21.38 10.71
N THR I 95 -0.42 22.20 11.25
CA THR I 95 -1.51 21.67 12.07
C THR I 95 -2.85 21.92 11.38
N GLN I 96 -3.53 20.85 10.97
CA GLN I 96 -4.81 21.00 10.31
C GLN I 96 -5.51 19.66 10.18
N SER I 97 -6.83 19.67 10.33
CA SER I 97 -7.60 18.43 10.22
C SER I 97 -8.40 18.43 8.92
N THR I 98 -8.20 17.38 8.13
CA THR I 98 -8.90 17.24 6.85
C THR I 98 -10.29 16.63 7.09
N PRO I 99 -11.11 16.53 6.07
CA PRO I 99 -12.50 15.97 6.20
C PRO I 99 -12.54 14.64 6.95
N GLN I 100 -13.74 14.10 7.06
CA GLN I 100 -13.96 12.83 7.73
C GLN I 100 -15.20 12.15 7.15
N GLY I 101 -14.98 11.05 6.44
CA GLY I 101 -16.08 10.32 5.83
C GLY I 101 -15.96 10.36 4.30
N TYR I 102 -16.49 11.42 3.69
CA TYR I 102 -16.45 11.56 2.24
C TYR I 102 -15.51 12.70 1.83
N GLY I 103 -14.31 12.72 2.41
CA GLY I 103 -13.35 13.77 2.08
C GLY I 103 -13.13 13.85 0.57
N SER I 104 -13.26 15.05 0.01
CA SER I 104 -13.07 15.25 -1.42
C SER I 104 -13.89 14.23 -2.21
N THR I 105 -15.10 14.61 -2.57
CA THR I 105 -15.97 13.71 -3.33
C THR I 105 -15.60 13.74 -4.81
N GLY I 106 -14.91 12.72 -5.26
CA GLY I 106 -14.51 12.64 -6.66
C GLY I 106 -15.33 11.59 -7.39
N GLY I 107 -14.70 10.94 -8.36
CA GLY I 107 -15.40 9.91 -9.13
C GLY I 107 -16.75 10.41 -9.62
N TYR I 108 -16.72 11.30 -10.60
CA TYR I 108 -17.95 11.86 -11.15
C TYR I 108 -18.90 10.74 -11.57
N GLY I 109 -20.19 10.95 -11.33
CA GLY I 109 -21.21 9.97 -11.69
C GLY I 109 -22.37 10.00 -10.70
N SER I 110 -22.05 10.01 -9.41
CA SER I 110 -23.07 10.03 -8.36
C SER I 110 -22.42 9.82 -6.99
N SER I 111 -22.75 10.69 -6.04
CA SER I 111 -22.19 10.58 -4.71
C SER I 111 -23.29 10.75 -3.66
N GLN I 112 -23.83 9.62 -3.20
CA GLN I 112 -24.90 9.65 -2.20
C GLN I 112 -24.42 8.99 -0.92
N SER I 113 -24.00 9.78 0.05
CA SER I 113 -23.51 9.24 1.32
C SER I 113 -23.84 10.17 2.48
N SER I 114 -23.42 9.78 3.68
CA SER I 114 -23.66 10.56 4.89
C SER I 114 -22.59 10.26 5.93
N GLN I 115 -22.06 11.30 6.56
CA GLN I 115 -21.03 11.10 7.58
C GLN I 115 -20.93 12.29 8.52
N SER I 116 -20.00 12.22 9.47
CA SER I 116 -19.82 13.31 10.43
C SER I 116 -18.56 13.10 11.26
N SER I 117 -18.13 14.16 11.95
CA SER I 117 -16.94 14.09 12.79
C SER I 117 -16.91 15.25 13.77
N TYR I 118 -16.70 14.93 15.04
CA TYR I 118 -16.64 15.96 16.08
C TYR I 118 -15.57 15.61 17.12
N GLY I 119 -14.35 16.08 16.88
CA GLY I 119 -13.25 15.82 17.79
C GLY I 119 -11.93 15.73 17.05
N GLN I 120 -11.68 16.70 16.17
CA GLN I 120 -10.44 16.72 15.40
C GLN I 120 -9.41 17.63 16.05
N GLN I 121 -8.19 17.15 16.18
CA GLN I 121 -7.12 17.94 16.79
C GLN I 121 -5.80 17.72 16.06
N SER I 122 -5.04 18.80 15.86
CA SER I 122 -3.76 18.71 15.19
C SER I 122 -2.68 19.42 16.00
N SER I 123 -1.71 18.66 16.49
CA SER I 123 -0.62 19.22 17.28
C SER I 123 -1.16 19.78 18.60
N TYR I 124 -1.27 18.92 19.61
CA TYR I 124 -1.78 19.35 20.90
C TYR I 124 -3.23 19.79 20.81
N SER A 64 -9.60 -20.03 -16.24
CA SER A 64 -10.17 -21.30 -16.74
C SER A 64 -9.84 -21.46 -18.22
N TYR A 65 -9.89 -20.35 -18.95
CA TYR A 65 -9.60 -20.37 -20.38
C TYR A 65 -8.53 -19.33 -20.72
N SER A 66 -7.62 -19.70 -21.63
CA SER A 66 -6.55 -18.80 -22.05
C SER A 66 -5.74 -18.34 -20.84
N GLY A 67 -4.65 -19.03 -20.57
CA GLY A 67 -3.79 -18.69 -19.43
C GLY A 67 -2.31 -18.77 -19.81
N TYR A 68 -1.48 -18.03 -19.08
CA TYR A 68 -0.05 -18.03 -19.36
C TYR A 68 0.73 -18.51 -18.14
N SER A 69 2.05 -18.43 -18.21
CA SER A 69 2.91 -18.88 -17.11
C SER A 69 2.56 -18.13 -15.83
N GLN A 70 2.56 -18.85 -14.70
CA GLN A 70 2.24 -18.24 -13.42
C GLN A 70 3.28 -18.62 -12.37
N SER A 71 3.57 -17.69 -11.47
CA SER A 71 4.54 -17.92 -10.41
C SER A 71 4.04 -17.36 -9.08
N THR A 72 3.95 -18.21 -8.08
CA THR A 72 3.48 -17.77 -6.76
C THR A 72 4.43 -18.21 -5.66
N ASP A 73 4.83 -17.26 -4.81
CA ASP A 73 5.73 -17.57 -3.70
C ASP A 73 5.46 -16.63 -2.52
N THR A 74 5.34 -17.19 -1.33
CA THR A 74 5.08 -16.38 -0.15
C THR A 74 6.37 -15.77 0.39
N SER A 75 7.38 -16.61 0.56
CA SER A 75 8.67 -16.16 1.05
C SER A 75 9.78 -16.75 0.17
N GLY A 76 10.98 -16.91 0.72
CA GLY A 76 12.07 -17.48 -0.05
C GLY A 76 12.53 -16.53 -1.17
N TYR A 77 12.87 -15.30 -0.81
CA TYR A 77 13.31 -14.34 -1.80
C TYR A 77 12.31 -14.26 -2.94
N GLY A 78 12.66 -13.50 -3.98
CA GLY A 78 11.77 -13.34 -5.12
C GLY A 78 12.14 -14.31 -6.24
N GLN A 79 13.41 -14.26 -6.65
CA GLN A 79 13.89 -15.14 -7.71
C GLN A 79 15.41 -15.24 -7.68
N SER A 80 16.08 -14.21 -8.21
CA SER A 80 17.54 -14.22 -8.23
C SER A 80 18.10 -12.92 -7.67
N SER A 81 18.99 -13.03 -6.68
CA SER A 81 19.58 -11.85 -6.07
C SER A 81 20.98 -11.61 -6.64
N TYR A 82 21.21 -10.40 -7.13
CA TYR A 82 22.51 -10.05 -7.70
C TYR A 82 23.25 -9.07 -6.79
N SER A 83 24.55 -9.29 -6.62
CA SER A 83 25.35 -8.42 -5.78
C SER A 83 26.65 -8.04 -6.50
N SER A 84 26.71 -6.81 -7.01
CA SER A 84 27.89 -6.35 -7.72
C SER A 84 28.64 -5.31 -6.89
N TYR A 85 29.82 -5.68 -6.41
CA TYR A 85 30.63 -4.78 -5.60
C TYR A 85 29.85 -4.28 -4.39
N GLY A 86 30.52 -3.54 -3.51
CA GLY A 86 29.87 -3.00 -2.33
C GLY A 86 29.52 -4.11 -1.35
N GLN A 87 28.61 -3.81 -0.43
CA GLN A 87 28.18 -4.79 0.57
C GLN A 87 29.38 -5.39 1.29
N SER A 88 29.12 -6.34 2.18
CA SER A 88 30.18 -6.99 2.93
C SER A 88 29.62 -8.16 3.73
N GLN A 89 28.38 -8.03 4.19
CA GLN A 89 27.74 -9.08 4.97
C GLN A 89 26.44 -9.52 4.30
N ASN A 90 26.46 -10.69 3.67
CA ASN A 90 25.27 -11.20 2.99
C ASN A 90 24.50 -12.14 3.92
N THR A 91 23.40 -11.65 4.46
CA THR A 91 22.58 -12.46 5.37
C THR A 91 21.17 -12.61 4.82
N GLY A 92 20.67 -13.84 4.84
CA GLY A 92 19.32 -14.12 4.35
C GLY A 92 18.28 -13.35 5.15
N TYR A 93 17.02 -13.79 5.06
CA TYR A 93 15.94 -13.12 5.77
C TYR A 93 16.32 -12.86 7.22
N GLY A 94 16.73 -13.92 7.92
CA GLY A 94 17.13 -13.79 9.33
C GLY A 94 16.14 -14.49 10.25
N THR A 95 15.26 -13.70 10.86
CA THR A 95 14.26 -14.25 11.78
C THR A 95 12.85 -14.03 11.24
N GLN A 96 12.18 -15.13 10.89
CA GLN A 96 10.83 -15.02 10.36
C GLN A 96 10.15 -16.38 10.27
N SER A 97 8.83 -16.38 10.37
CA SER A 97 8.08 -17.63 10.29
C SER A 97 7.24 -17.66 9.02
N THR A 98 7.48 -18.68 8.19
CA THR A 98 6.74 -18.82 6.93
C THR A 98 5.41 -19.54 7.19
N PRO A 99 4.56 -19.65 6.19
CA PRO A 99 3.24 -20.32 6.33
C PRO A 99 3.31 -21.64 7.09
N GLN A 100 2.13 -22.16 7.41
CA GLN A 100 1.99 -23.42 8.11
C GLN A 100 0.75 -24.14 7.60
N GLY A 101 0.95 -25.24 6.89
CA GLY A 101 -0.15 -25.99 6.32
C GLY A 101 0.04 -26.16 4.82
N TYR A 102 -0.30 -25.12 4.06
CA TYR A 102 -0.14 -25.16 2.61
C TYR A 102 1.08 -24.35 2.16
N GLY A 103 1.08 -23.06 2.46
CA GLY A 103 2.20 -22.20 2.09
C GLY A 103 2.35 -22.15 0.58
N SER A 104 2.09 -20.96 0.00
CA SER A 104 2.19 -20.78 -1.44
C SER A 104 1.46 -21.89 -2.18
N THR A 105 0.18 -21.67 -2.48
CA THR A 105 -0.61 -22.67 -3.19
C THR A 105 -0.36 -22.61 -4.69
N GLY A 106 0.30 -23.64 -5.20
CA GLY A 106 0.59 -23.72 -6.62
C GLY A 106 -0.29 -24.78 -7.28
N GLY A 107 0.28 -25.50 -8.24
CA GLY A 107 -0.48 -26.55 -8.93
C GLY A 107 -1.84 -26.03 -9.38
N TYR A 108 -1.85 -25.21 -10.42
CA TYR A 108 -3.10 -24.65 -10.94
C TYR A 108 -4.08 -25.75 -11.31
N GLY A 109 -5.36 -25.54 -10.98
CA GLY A 109 -6.38 -26.53 -11.29
C GLY A 109 -7.50 -26.49 -10.26
N SER A 110 -7.12 -26.44 -8.99
CA SER A 110 -8.09 -26.39 -7.89
C SER A 110 -7.36 -26.54 -6.55
N SER A 111 -7.70 -25.68 -5.60
CA SER A 111 -7.09 -25.74 -4.29
C SER A 111 -8.16 -25.75 -3.20
N GLN A 112 -8.51 -26.95 -2.74
CA GLN A 112 -9.52 -27.09 -1.70
C GLN A 112 -8.90 -27.69 -0.45
N SER A 113 -8.44 -26.83 0.46
CA SER A 113 -7.81 -27.31 1.69
C SER A 113 -8.08 -26.35 2.86
N SER A 114 -7.49 -26.67 4.00
CA SER A 114 -7.66 -25.85 5.20
C SER A 114 -6.56 -26.17 6.20
N GLN A 115 -6.06 -25.14 6.89
CA GLN A 115 -4.98 -25.33 7.86
C GLN A 115 -4.90 -24.17 8.83
N SER A 116 -3.91 -24.21 9.72
CA SER A 116 -3.75 -23.14 10.71
C SER A 116 -2.41 -23.27 11.44
N SER A 117 -2.14 -22.33 12.33
CA SER A 117 -0.90 -22.34 13.10
C SER A 117 -1.06 -21.57 14.40
N TYR A 118 -0.26 -21.89 15.41
CA TYR A 118 -0.36 -21.22 16.70
C TYR A 118 0.61 -20.03 16.79
N GLY A 119 1.91 -20.31 16.80
CA GLY A 119 2.91 -19.26 16.90
C GLY A 119 4.34 -19.81 16.83
N GLN A 120 4.97 -19.63 15.67
CA GLN A 120 6.34 -20.11 15.48
C GLN A 120 7.33 -19.09 16.01
N GLN A 121 8.55 -19.54 16.31
CA GLN A 121 9.58 -18.65 16.83
C GLN A 121 10.88 -18.78 16.03
N SER A 122 11.54 -17.65 15.80
CA SER A 122 12.78 -17.65 15.05
C SER A 122 13.85 -16.85 15.79
N SER A 123 15.00 -17.48 16.05
CA SER A 123 16.08 -16.81 16.75
C SER A 123 15.62 -16.35 18.14
N TYR A 124 16.42 -15.50 18.77
CA TYR A 124 16.08 -14.98 20.09
C TYR A 124 17.14 -14.00 20.57
N SER B 64 -11.47 -15.50 -16.28
CA SER B 64 -12.04 -16.78 -16.78
C SER B 64 -11.71 -16.93 -18.27
N TYR B 65 -11.74 -15.83 -19.00
CA TYR B 65 -11.44 -15.85 -20.42
C TYR B 65 -10.36 -14.82 -20.76
N SER B 66 -9.46 -15.20 -21.66
CA SER B 66 -8.38 -14.29 -22.07
C SER B 66 -7.58 -13.83 -20.86
N GLY B 67 -6.49 -14.54 -20.57
CA GLY B 67 -5.64 -14.19 -19.43
C GLY B 67 -4.16 -14.27 -19.81
N TYR B 68 -3.33 -13.54 -19.08
CA TYR B 68 -1.89 -13.55 -19.34
C TYR B 68 -1.12 -14.04 -18.10
N SER B 69 0.20 -13.95 -18.18
CA SER B 69 1.04 -14.40 -17.07
C SER B 69 0.69 -13.64 -15.79
N GLN B 70 0.68 -14.36 -14.66
CA GLN B 70 0.35 -13.75 -13.39
C GLN B 70 1.39 -14.13 -12.32
N SER B 71 1.67 -13.20 -11.43
CA SER B 71 2.64 -13.43 -10.36
C SER B 71 2.13 -12.87 -9.04
N THR B 72 2.03 -13.73 -8.03
CA THR B 72 1.55 -13.29 -6.72
C THR B 72 2.49 -13.73 -5.60
N ASP B 73 2.88 -12.79 -4.76
CA ASP B 73 3.77 -13.08 -3.64
C ASP B 73 3.50 -12.14 -2.47
N THR B 74 3.37 -12.70 -1.27
CA THR B 74 3.11 -11.89 -0.09
C THR B 74 4.40 -11.28 0.45
N SER B 75 5.41 -12.13 0.63
CA SER B 75 6.70 -11.68 1.13
C SER B 75 7.81 -12.25 0.26
N GLY B 76 9.00 -12.43 0.82
CA GLY B 76 10.09 -13.00 0.05
C GLY B 76 10.54 -12.05 -1.06
N TYR B 77 10.91 -10.83 -0.70
CA TYR B 77 11.36 -9.87 -1.69
C TYR B 77 10.36 -9.78 -2.84
N GLY B 78 10.72 -9.03 -3.87
CA GLY B 78 9.84 -8.88 -5.02
C GLY B 78 10.22 -9.85 -6.13
N GLN B 79 11.48 -9.80 -6.55
CA GLN B 79 11.97 -10.68 -7.60
C GLN B 79 13.49 -10.77 -7.56
N SER B 80 14.17 -9.76 -8.08
CA SER B 80 15.63 -9.76 -8.09
C SER B 80 16.19 -8.46 -7.53
N SER B 81 17.06 -8.58 -6.54
CA SER B 81 17.66 -7.40 -5.93
C SER B 81 19.06 -7.17 -6.48
N TYR B 82 19.31 -5.96 -6.97
CA TYR B 82 20.60 -5.62 -7.53
C TYR B 82 21.34 -4.63 -6.63
N SER B 83 22.64 -4.86 -6.45
CA SER B 83 23.45 -3.99 -5.60
C SER B 83 24.74 -3.61 -6.31
N SER B 84 24.81 -2.39 -6.81
CA SER B 84 26.00 -1.93 -7.52
C SER B 84 26.74 -0.89 -6.68
N TYR B 85 27.92 -1.27 -6.19
CA TYR B 85 28.73 -0.37 -5.38
C TYR B 85 27.93 0.15 -4.18
N GLY B 86 28.61 0.89 -3.30
CA GLY B 86 27.96 1.42 -2.12
C GLY B 86 27.59 0.31 -1.14
N GLN B 87 26.68 0.62 -0.22
CA GLN B 87 26.24 -0.36 0.77
C GLN B 87 27.44 -0.96 1.50
N SER B 88 27.16 -1.91 2.39
CA SER B 88 28.21 -2.56 3.15
C SER B 88 27.64 -3.73 3.95
N GLN B 89 26.40 -3.59 4.40
CA GLN B 89 25.75 -4.65 5.16
C GLN B 89 24.45 -5.08 4.49
N ASN B 90 24.47 -6.25 3.86
CA ASN B 90 23.29 -6.77 3.18
C ASN B 90 22.52 -7.71 4.10
N THR B 91 21.41 -7.21 4.64
CA THR B 91 20.58 -8.01 5.54
C THR B 91 19.17 -8.17 4.98
N GLY B 92 18.67 -9.40 5.00
CA GLY B 92 17.33 -9.67 4.50
C GLY B 92 16.28 -8.88 5.28
N TYR B 93 15.03 -9.33 5.19
CA TYR B 93 13.94 -8.66 5.89
C TYR B 93 14.32 -8.40 7.36
N GLY B 94 14.71 -9.46 8.06
CA GLY B 94 15.10 -9.32 9.46
C GLY B 94 14.10 -10.02 10.38
N THR B 95 13.22 -9.23 10.99
CA THR B 95 12.22 -9.78 11.90
C THR B 95 10.81 -9.56 11.34
N GLN B 96 10.14 -10.65 10.99
CA GLN B 96 8.79 -10.53 10.46
C GLN B 96 8.11 -11.89 10.35
N SER B 97 6.78 -11.88 10.45
CA SER B 97 6.02 -13.13 10.36
C SER B 97 5.20 -13.16 9.09
N THR B 98 5.45 -14.17 8.26
CA THR B 98 4.72 -14.32 6.99
C THR B 98 3.38 -15.02 7.25
N PRO B 99 2.54 -15.14 6.24
CA PRO B 99 1.20 -15.81 6.38
C PRO B 99 1.26 -17.11 7.15
N GLN B 100 0.08 -17.64 7.43
CA GLN B 100 -0.06 -18.90 8.15
C GLN B 100 -1.31 -19.61 7.64
N GLY B 101 -1.09 -20.72 6.93
CA GLY B 101 -2.21 -21.48 6.35
C GLY B 101 -2.00 -21.65 4.85
N TYR B 102 -2.32 -20.60 4.09
CA TYR B 102 -2.15 -20.64 2.63
C TYR B 102 -0.91 -19.86 2.20
N GLY B 103 -0.92 -18.57 2.49
CA GLY B 103 0.20 -17.71 2.12
C GLY B 103 0.35 -17.65 0.61
N SER B 104 0.11 -16.46 0.04
CA SER B 104 0.21 -16.28 -1.41
C SER B 104 -0.51 -17.40 -2.15
N THR B 105 -1.79 -17.17 -2.46
CA THR B 105 -2.59 -18.17 -3.16
C THR B 105 -2.32 -18.12 -4.66
N GLY B 106 -1.66 -19.14 -5.18
CA GLY B 106 -1.35 -19.21 -6.59
C GLY B 106 -2.24 -20.27 -7.25
N GLY B 107 -1.67 -21.00 -8.21
CA GLY B 107 -2.41 -22.04 -8.90
C GLY B 107 -3.78 -21.53 -9.36
N TYR B 108 -3.78 -20.72 -10.41
CA TYR B 108 -5.02 -20.15 -10.94
C TYR B 108 -6.00 -21.25 -11.31
N GLY B 109 -7.27 -21.04 -10.99
CA GLY B 109 -8.30 -22.03 -11.31
C GLY B 109 -9.43 -21.98 -10.29
N SER B 110 -9.06 -21.92 -9.00
CA SER B 110 -10.03 -21.87 -7.92
C SER B 110 -9.33 -22.02 -6.57
N SER B 111 -9.67 -21.15 -5.63
CA SER B 111 -9.06 -21.21 -4.31
C SER B 111 -10.14 -21.22 -3.23
N GLN B 112 -10.50 -22.41 -2.78
CA GLN B 112 -11.52 -22.56 -1.74
C GLN B 112 -10.91 -23.16 -0.47
N SER B 113 -10.44 -22.30 0.43
CA SER B 113 -9.83 -22.77 1.66
C SER B 113 -10.10 -21.82 2.82
N SER B 114 -9.52 -22.13 3.98
CA SER B 114 -9.70 -21.31 5.17
C SER B 114 -8.60 -21.63 6.19
N GLN B 115 -8.10 -20.60 6.87
CA GLN B 115 -7.04 -20.80 7.85
C GLN B 115 -6.96 -19.63 8.83
N SER B 116 -5.98 -19.68 9.72
CA SER B 116 -5.82 -18.60 10.71
C SER B 116 -4.48 -18.74 11.44
N SER B 117 -4.21 -17.80 12.35
CA SER B 117 -2.98 -17.83 13.11
C SER B 117 -3.15 -17.04 14.42
N TYR B 118 -2.36 -17.38 15.42
CA TYR B 118 -2.45 -16.70 16.72
C TYR B 118 -1.48 -15.52 16.81
N GLY B 119 -0.18 -15.81 16.85
CA GLY B 119 0.82 -14.74 16.94
C GLY B 119 2.24 -15.30 16.88
N GLN B 120 2.88 -15.13 15.73
CA GLN B 120 4.24 -15.60 15.54
C GLN B 120 5.24 -14.59 16.09
N GLN B 121 6.46 -15.04 16.39
CA GLN B 121 7.49 -14.14 16.91
C GLN B 121 8.78 -14.28 16.12
N SER B 122 9.45 -13.16 15.89
CA SER B 122 10.71 -13.16 15.16
C SER B 122 11.77 -12.36 15.91
N SER B 123 12.91 -12.99 16.17
CA SER B 123 13.99 -12.33 16.88
C SER B 123 13.52 -11.87 18.26
N TYR B 124 14.31 -11.01 18.89
CA TYR B 124 13.97 -10.50 20.22
C TYR B 124 15.03 -9.51 20.70
N SER C 64 -13.33 -10.98 -16.34
CA SER C 64 -13.90 -12.26 -16.85
C SER C 64 -13.56 -12.42 -18.32
N TYR C 65 -13.58 -11.31 -19.06
CA TYR C 65 -13.27 -11.34 -20.49
C TYR C 65 -12.19 -10.31 -20.81
N SER C 66 -11.28 -10.69 -21.71
CA SER C 66 -10.20 -9.78 -22.11
C SER C 66 -9.39 -9.33 -20.89
N GLY C 67 -8.31 -10.03 -20.60
CA GLY C 67 -7.47 -9.68 -19.45
C GLY C 67 -5.99 -9.77 -19.81
N TYR C 68 -5.16 -9.04 -19.08
CA TYR C 68 -3.73 -9.05 -19.33
C TYR C 68 -2.97 -9.55 -18.10
N SER C 69 -1.64 -9.46 -18.16
CA SER C 69 -0.81 -9.91 -17.05
C SER C 69 -1.17 -9.16 -15.77
N GLN C 70 -1.19 -9.87 -14.65
CA GLN C 70 -1.52 -9.27 -13.37
C GLN C 70 -0.49 -9.64 -12.30
N SER C 71 -0.22 -8.70 -11.39
CA SER C 71 0.74 -8.95 -10.33
C SER C 71 0.23 -8.39 -9.01
N THR C 72 0.12 -9.23 -8.00
CA THR C 72 -0.37 -8.80 -6.69
C THR C 72 0.57 -9.24 -5.57
N ASP C 73 0.95 -8.29 -4.73
CA ASP C 73 1.84 -8.60 -3.60
C ASP C 73 1.56 -7.65 -2.44
N THR C 74 1.42 -8.21 -1.23
CA THR C 74 1.15 -7.39 -0.05
C THR C 74 2.44 -6.79 0.49
N SER C 75 3.44 -7.64 0.68
CA SER C 75 4.73 -7.19 1.19
C SER C 75 5.85 -7.77 0.33
N GLY C 76 7.03 -7.95 0.90
CA GLY C 76 8.12 -8.52 0.13
C GLY C 76 8.58 -7.58 -0.97
N TYR C 77 8.95 -6.36 -0.61
CA TYR C 77 9.42 -5.40 -1.61
C TYR C 77 8.43 -5.31 -2.75
N GLY C 78 8.79 -4.56 -3.79
CA GLY C 78 7.92 -4.41 -4.95
C GLY C 78 8.30 -5.38 -6.06
N GLN C 79 9.57 -5.33 -6.45
CA GLN C 79 10.06 -6.21 -7.51
C GLN C 79 11.58 -6.31 -7.45
N SER C 80 12.27 -5.30 -7.98
CA SER C 80 13.72 -5.31 -7.98
C SER C 80 14.29 -4.01 -7.42
N SER C 81 15.15 -4.13 -6.41
CA SER C 81 15.76 -2.95 -5.80
C SER C 81 17.16 -2.72 -6.34
N TYR C 82 17.41 -1.52 -6.83
CA TYR C 82 18.72 -1.18 -7.39
C TYR C 82 19.45 -0.20 -6.48
N SER C 83 20.74 -0.43 -6.29
CA SER C 83 21.55 0.44 -5.44
C SER C 83 22.85 0.81 -6.14
N SER C 84 22.92 2.04 -6.65
CA SER C 84 24.11 2.50 -7.34
C SER C 84 24.87 3.53 -6.50
N TYR C 85 26.03 3.15 -6.01
CA TYR C 85 26.84 4.05 -5.18
C TYR C 85 26.04 4.57 -3.99
N GLY C 86 26.71 5.30 -3.12
CA GLY C 86 26.06 5.85 -1.93
C GLY C 86 25.68 4.73 -0.96
N GLN C 87 24.76 5.05 -0.04
CA GLN C 87 24.31 4.07 0.95
C GLN C 87 25.50 3.46 1.68
N SER C 88 25.21 2.52 2.58
CA SER C 88 26.26 1.87 3.35
C SER C 88 25.69 0.70 4.14
N GLN C 89 24.44 0.85 4.58
CA GLN C 89 23.77 -0.21 5.34
C GLN C 89 22.48 -0.63 4.66
N ASN C 90 22.51 -1.80 4.04
CA ASN C 90 21.33 -2.32 3.35
C ASN C 90 20.54 -3.26 4.26
N THR C 91 19.43 -2.76 4.79
CA THR C 91 18.60 -3.56 5.69
C THR C 91 17.19 -3.71 5.12
N GLY C 92 16.68 -4.94 5.14
CA GLY C 92 15.35 -5.21 4.62
C GLY C 92 14.30 -4.42 5.40
N TYR C 93 13.04 -4.86 5.30
CA TYR C 93 11.95 -4.18 6.00
C TYR C 93 12.31 -3.93 7.46
N GLY C 94 12.70 -4.99 8.17
CA GLY C 94 13.08 -4.85 9.58
C GLY C 94 12.08 -5.54 10.49
N THR C 95 11.19 -4.76 11.08
CA THR C 95 10.18 -5.30 11.99
C THR C 95 8.79 -5.07 11.44
N GLN C 96 8.11 -6.16 11.07
CA GLN C 96 6.77 -6.03 10.53
C GLN C 96 6.07 -7.39 10.43
N SER C 97 4.75 -7.39 10.51
CA SER C 97 3.99 -8.62 10.42
C SER C 97 3.17 -8.65 9.13
N THR C 98 3.43 -9.67 8.30
CA THR C 98 2.71 -9.82 7.05
C THR C 98 1.36 -10.52 7.29
N PRO C 99 0.52 -10.63 6.28
CA PRO C 99 -0.81 -11.29 6.41
C PRO C 99 -0.76 -12.60 7.18
N GLN C 100 -1.94 -13.13 7.46
CA GLN C 100 -2.09 -14.38 8.17
C GLN C 100 -3.34 -15.10 7.65
N GLY C 101 -3.13 -16.20 6.94
CA GLY C 101 -4.23 -16.95 6.36
C GLY C 101 -4.02 -17.13 4.86
N TYR C 102 -4.33 -16.08 4.09
CA TYR C 102 -4.16 -16.13 2.65
C TYR C 102 -2.91 -15.35 2.22
N GLY C 103 -2.92 -14.05 2.51
CA GLY C 103 -1.79 -13.20 2.15
C GLY C 103 -1.63 -13.14 0.63
N SER C 104 -1.87 -11.96 0.06
CA SER C 104 -1.75 -11.77 -1.38
C SER C 104 -2.48 -12.89 -2.13
N THR C 105 -3.75 -12.66 -2.45
CA THR C 105 -4.53 -13.67 -3.16
C THR C 105 -4.26 -13.61 -4.66
N GLY C 106 -3.60 -14.64 -5.15
CA GLY C 106 -3.29 -14.72 -6.58
C GLY C 106 -4.16 -15.77 -7.25
N GLY C 107 -3.60 -16.50 -8.20
CA GLY C 107 -4.34 -17.54 -8.90
C GLY C 107 -5.70 -17.03 -9.36
N TYR C 108 -5.69 -16.21 -10.41
CA TYR C 108 -6.92 -15.64 -10.94
C TYR C 108 -7.91 -16.74 -11.32
N GLY C 109 -9.19 -16.52 -11.01
CA GLY C 109 -10.22 -17.50 -11.34
C GLY C 109 -11.35 -17.46 -10.32
N SER C 110 -10.98 -17.40 -9.04
CA SER C 110 -11.96 -17.34 -7.96
C SER C 110 -11.27 -17.50 -6.61
N SER C 111 -11.61 -16.63 -5.67
CA SER C 111 -11.02 -16.68 -4.34
C SER C 111 -12.10 -16.69 -3.27
N GLN C 112 -12.47 -17.89 -2.81
CA GLN C 112 -13.49 -18.02 -1.79
C GLN C 112 -12.90 -18.62 -0.52
N SER C 113 -12.44 -17.76 0.39
CA SER C 113 -11.84 -18.24 1.62
C SER C 113 -12.11 -17.28 2.78
N SER C 114 -11.54 -17.59 3.94
CA SER C 114 -11.72 -16.77 5.13
C SER C 114 -10.63 -17.08 6.15
N GLN C 115 -10.14 -16.05 6.84
CA GLN C 115 -9.08 -16.26 7.82
C GLN C 115 -9.01 -15.09 8.81
N SER C 116 -8.03 -15.14 9.71
CA SER C 116 -7.87 -14.07 10.69
C SER C 116 -6.54 -14.21 11.43
N SER C 117 -6.28 -13.27 12.33
CA SER C 117 -5.04 -13.29 13.12
C SER C 117 -5.22 -12.51 14.42
N TYR C 118 -4.44 -12.85 15.43
CA TYR C 118 -4.53 -12.17 16.72
C TYR C 118 -3.56 -11.00 16.82
N GLY C 119 -2.26 -11.28 16.86
CA GLY C 119 -1.27 -10.22 16.97
C GLY C 119 0.16 -10.78 16.91
N GLN C 120 0.80 -10.61 15.76
CA GLN C 120 2.17 -11.09 15.59
C GLN C 120 3.16 -10.07 16.14
N GLN C 121 4.38 -10.53 16.45
CA GLN C 121 5.41 -9.64 16.98
C GLN C 121 6.70 -9.78 16.20
N SER C 122 7.38 -8.66 15.97
CA SER C 122 8.64 -8.66 15.24
C SER C 122 9.70 -7.87 16.00
N SER C 123 10.83 -8.50 16.27
CA SER C 123 11.91 -7.84 17.00
C SER C 123 11.44 -7.38 18.37
N TYR C 124 12.23 -6.52 19.00
CA TYR C 124 11.88 -6.01 20.32
C TYR C 124 12.94 -5.03 20.81
N SER D 64 -15.17 -6.45 -16.41
CA SER D 64 -15.75 -7.73 -16.93
C SER D 64 -15.39 -7.89 -18.41
N TYR D 65 -15.41 -6.78 -19.14
CA TYR D 65 -15.09 -6.82 -20.56
C TYR D 65 -14.01 -5.79 -20.88
N SER D 66 -13.09 -6.18 -21.76
CA SER D 66 -12.01 -5.28 -22.16
C SER D 66 -11.21 -4.82 -20.94
N GLY D 67 -10.12 -5.52 -20.64
CA GLY D 67 -9.29 -5.18 -19.49
C GLY D 67 -7.81 -5.28 -19.85
N TYR D 68 -6.98 -4.55 -19.10
CA TYR D 68 -5.54 -4.55 -19.35
C TYR D 68 -4.80 -5.05 -18.11
N SER D 69 -3.47 -4.98 -18.16
CA SER D 69 -2.65 -5.42 -17.04
C SER D 69 -3.02 -4.67 -15.76
N GLN D 70 -3.04 -5.39 -14.64
CA GLN D 70 -3.39 -4.77 -13.37
C GLN D 70 -2.36 -5.14 -12.30
N SER D 71 -2.10 -4.21 -11.39
CA SER D 71 -1.14 -4.45 -10.31
C SER D 71 -1.66 -3.89 -8.99
N THR D 72 -1.78 -4.74 -7.98
CA THR D 72 -2.28 -4.30 -6.69
C THR D 72 -1.35 -4.74 -5.55
N ASP D 73 -0.97 -3.79 -4.70
CA ASP D 73 -0.09 -4.10 -3.58
C ASP D 73 -0.38 -3.15 -2.41
N THR D 74 -0.53 -3.71 -1.22
CA THR D 74 -0.80 -2.89 -0.04
C THR D 74 0.49 -2.29 0.52
N SER D 75 1.48 -3.14 0.71
CA SER D 75 2.77 -2.69 1.24
C SER D 75 3.89 -3.28 0.37
N GLY D 76 5.07 -3.46 0.95
CA GLY D 76 6.18 -4.04 0.20
C GLY D 76 6.64 -3.10 -0.90
N TYR D 77 7.01 -1.88 -0.53
CA TYR D 77 7.49 -0.92 -1.53
C TYR D 77 6.51 -0.83 -2.70
N GLY D 78 6.88 -0.08 -3.73
CA GLY D 78 6.01 0.07 -4.88
C GLY D 78 6.40 -0.90 -5.99
N GLN D 79 7.67 -0.86 -6.38
CA GLN D 79 8.17 -1.75 -7.43
C GLN D 79 9.69 -1.85 -7.37
N SER D 80 10.38 -0.83 -7.88
CA SER D 80 11.84 -0.85 -7.88
C SER D 80 12.40 0.45 -7.31
N SER D 81 13.26 0.33 -6.31
CA SER D 81 13.87 1.50 -5.69
C SER D 81 15.27 1.73 -6.22
N TYR D 82 15.52 2.92 -6.72
CA TYR D 82 16.84 3.27 -7.26
C TYR D 82 17.56 4.24 -6.35
N SER D 83 18.86 4.01 -6.15
CA SER D 83 19.66 4.87 -5.29
C SER D 83 20.97 5.24 -5.99
N SER D 84 21.04 6.47 -6.49
CA SER D 84 22.25 6.93 -7.18
C SER D 84 22.99 7.96 -6.34
N TYR D 85 24.16 7.57 -5.83
CA TYR D 85 24.96 8.47 -5.01
C TYR D 85 24.15 8.99 -3.82
N GLY D 86 24.82 9.73 -2.94
CA GLY D 86 24.16 10.28 -1.76
C GLY D 86 23.76 9.17 -0.78
N GLN D 87 22.84 9.49 0.12
CA GLN D 87 22.39 8.50 1.10
C GLN D 87 23.57 7.90 1.85
N SER D 88 23.28 6.96 2.73
CA SER D 88 24.32 6.29 3.52
C SER D 88 23.73 5.13 4.31
N GLN D 89 22.48 5.29 4.73
CA GLN D 89 21.81 4.24 5.50
C GLN D 89 20.52 3.81 4.82
N ASN D 90 20.55 2.64 4.18
CA ASN D 90 19.37 2.13 3.49
C ASN D 90 18.58 1.20 4.40
N THR D 91 17.47 1.70 4.93
CA THR D 91 16.63 0.90 5.81
C THR D 91 15.23 0.75 5.25
N GLY D 92 14.70 -0.47 5.26
CA GLY D 92 13.37 -0.74 4.74
C GLY D 92 12.32 0.05 5.52
N TYR D 93 11.07 -0.39 5.41
CA TYR D 93 9.97 0.30 6.09
C TYR D 93 10.32 0.55 7.56
N GLY D 94 10.71 -0.51 8.27
CA GLY D 94 11.08 -0.37 9.67
C GLY D 94 10.07 -1.06 10.58
N THR D 95 9.18 -0.25 11.17
CA THR D 95 8.17 -0.79 12.06
C THR D 95 6.77 -0.57 11.50
N GLN D 96 6.09 -1.66 11.13
CA GLN D 96 4.74 -1.54 10.57
C GLN D 96 4.06 -2.89 10.48
N SER D 97 2.73 -2.88 10.55
CA SER D 97 1.97 -4.11 10.45
C SER D 97 1.16 -4.14 9.16
N THR D 98 1.41 -5.16 8.35
CA THR D 98 0.71 -5.31 7.07
C THR D 98 -0.64 -6.01 7.31
N PRO D 99 -1.47 -6.11 6.29
CA PRO D 99 -2.81 -6.77 6.42
C PRO D 99 -2.77 -8.08 7.19
N GLN D 100 -3.96 -8.60 7.46
CA GLN D 100 -4.12 -9.86 8.18
C GLN D 100 -5.36 -10.57 7.65
N GLY D 101 -5.15 -11.68 6.94
CA GLY D 101 -6.25 -12.42 6.35
C GLY D 101 -6.03 -12.60 4.85
N TYR D 102 -6.33 -11.56 4.09
CA TYR D 102 -6.14 -11.61 2.63
C TYR D 102 -4.90 -10.83 2.23
N GLY D 103 -4.90 -9.53 2.50
CA GLY D 103 -3.78 -8.68 2.15
C GLY D 103 -3.60 -8.62 0.63
N SER D 104 -3.83 -7.45 0.07
CA SER D 104 -3.70 -7.26 -1.38
C SER D 104 -4.43 -8.38 -2.13
N THR D 105 -5.70 -8.14 -2.46
CA THR D 105 -6.48 -9.14 -3.18
C THR D 105 -6.20 -9.09 -4.67
N GLY D 106 -5.54 -10.13 -5.17
CA GLY D 106 -5.22 -10.20 -6.58
C GLY D 106 -6.09 -11.26 -7.25
N GLY D 107 -5.52 -11.99 -8.20
CA GLY D 107 -6.26 -13.04 -8.90
C GLY D 107 -7.61 -12.51 -9.37
N TYR D 108 -7.59 -11.70 -10.43
CA TYR D 108 -8.82 -11.13 -10.97
C TYR D 108 -9.81 -12.23 -11.36
N GLY D 109 -11.09 -12.00 -11.06
CA GLY D 109 -12.12 -12.98 -11.38
C GLY D 109 -13.26 -12.93 -10.38
N SER D 110 -12.90 -12.86 -9.10
CA SER D 110 -13.89 -12.81 -8.01
C SER D 110 -13.20 -12.96 -6.67
N SER D 111 -13.55 -12.09 -5.73
CA SER D 111 -12.96 -12.14 -4.40
C SER D 111 -14.06 -12.15 -3.33
N GLN D 112 -14.43 -13.34 -2.88
CA GLN D 112 -15.47 -13.48 -1.86
C GLN D 112 -14.88 -14.07 -0.58
N SER D 113 -14.42 -13.21 0.32
CA SER D 113 -13.82 -13.68 1.57
C SER D 113 -14.11 -12.73 2.72
N SER D 114 -13.54 -13.05 3.88
CA SER D 114 -13.72 -12.22 5.07
C SER D 114 -12.65 -12.53 6.11
N GLN D 115 -12.16 -11.50 6.78
CA GLN D 115 -11.11 -11.71 7.79
C GLN D 115 -11.04 -10.54 8.77
N SER D 116 -10.06 -10.59 9.67
CA SER D 116 -9.91 -9.52 10.66
C SER D 116 -8.59 -9.66 11.40
N SER D 117 -8.32 -8.72 12.31
CA SER D 117 -7.10 -8.75 13.09
C SER D 117 -7.28 -7.97 14.39
N TYR D 118 -6.50 -8.31 15.42
CA TYR D 118 -6.62 -7.62 16.70
C TYR D 118 -5.64 -6.46 16.81
N GLY D 119 -4.34 -6.74 16.86
CA GLY D 119 -3.34 -5.69 16.97
C GLY D 119 -1.91 -6.25 16.93
N GLN D 120 -1.26 -6.08 15.79
CA GLN D 120 0.11 -6.57 15.62
C GLN D 120 1.10 -5.55 16.17
N GLN D 121 2.31 -6.01 16.49
CA GLN D 121 3.34 -5.12 17.03
C GLN D 121 4.64 -5.28 16.26
N SER D 122 5.31 -4.15 16.03
CA SER D 122 6.59 -4.17 15.30
C SER D 122 7.64 -3.36 16.07
N SER D 123 8.77 -4.01 16.36
CA SER D 123 9.86 -3.34 17.08
C SER D 123 9.36 -2.88 18.45
N TYR D 124 10.15 -2.02 19.09
CA TYR D 124 9.79 -1.51 20.41
C TYR D 124 10.86 -0.53 20.91
N SER E 64 -17.02 -1.92 -16.52
CA SER E 64 -17.59 -3.20 -17.03
C SER E 64 -17.24 -3.36 -18.50
N TYR E 65 -17.24 -2.26 -19.23
CA TYR E 65 -16.91 -2.29 -20.65
C TYR E 65 -15.83 -1.28 -20.98
N SER E 66 -14.91 -1.66 -21.86
CA SER E 66 -13.82 -0.76 -22.24
C SER E 66 -13.02 -0.31 -21.02
N GLY E 67 -11.93 -1.02 -20.70
CA GLY E 67 -11.11 -0.67 -19.56
C GLY E 67 -9.63 -0.77 -19.90
N TYR E 68 -8.81 -0.04 -19.16
CA TYR E 68 -7.37 -0.06 -19.38
C TYR E 68 -6.63 -0.56 -18.15
N SER E 69 -5.30 -0.49 -18.19
CA SER E 69 -4.49 -0.93 -17.05
C SER E 69 -4.86 -0.17 -15.79
N GLN E 70 -4.89 -0.88 -14.67
CA GLN E 70 -5.24 -0.27 -13.39
C GLN E 70 -4.23 -0.64 -12.31
N SER E 71 -3.96 0.29 -11.41
CA SER E 71 -3.02 0.04 -10.33
C SER E 71 -3.54 0.62 -9.02
N THR E 72 -3.67 -0.24 -8.00
CA THR E 72 -4.17 0.21 -6.70
C THR E 72 -3.26 -0.23 -5.57
N ASP E 73 -2.88 0.71 -4.72
CA ASP E 73 -2.02 0.39 -3.60
C ASP E 73 -2.30 1.35 -2.43
N THR E 74 -2.45 0.79 -1.22
CA THR E 74 -2.73 1.64 -0.07
C THR E 74 -1.45 2.22 0.52
N SER E 75 -0.46 1.37 0.73
CA SER E 75 0.83 1.80 1.24
C SER E 75 1.95 1.25 0.39
N GLY E 76 3.14 1.06 0.99
CA GLY E 76 4.21 0.45 0.21
C GLY E 76 4.74 1.38 -0.88
N TYR E 77 5.06 2.63 -0.51
CA TYR E 77 5.56 3.57 -1.50
C TYR E 77 4.59 3.66 -2.66
N GLY E 78 4.98 4.40 -3.70
CA GLY E 78 4.11 4.55 -4.86
C GLY E 78 4.51 3.58 -5.96
N GLN E 79 5.78 3.61 -6.34
CA GLN E 79 6.28 2.75 -7.40
C GLN E 79 7.80 2.64 -7.29
N SER E 80 8.50 3.64 -7.83
CA SER E 80 9.96 3.61 -7.82
C SER E 80 10.51 4.91 -7.24
N SER E 81 11.37 4.79 -6.24
CA SER E 81 11.97 5.96 -5.62
C SER E 81 13.38 6.18 -6.14
N TYR E 82 13.65 7.38 -6.64
CA TYR E 82 14.96 7.72 -7.17
C TYR E 82 15.69 8.69 -6.26
N SER E 83 16.98 8.46 -6.05
CA SER E 83 17.77 9.33 -5.19
C SER E 83 19.09 9.68 -5.88
N SER E 84 19.17 10.91 -6.39
CA SER E 84 20.39 11.36 -7.06
C SER E 84 21.13 12.39 -6.22
N TYR E 85 22.29 12.00 -5.71
CA TYR E 85 23.09 12.90 -4.88
C TYR E 85 22.27 13.42 -3.69
N GLY E 86 22.94 14.16 -2.81
CA GLY E 86 22.27 14.71 -1.64
C GLY E 86 21.87 13.61 -0.66
N GLN E 87 20.94 13.92 0.23
CA GLN E 87 20.48 12.96 1.22
C GLN E 87 21.65 12.34 1.97
N SER E 88 21.35 11.41 2.86
CA SER E 88 22.38 10.74 3.64
C SER E 88 21.79 9.58 4.44
N GLN E 89 20.54 9.74 4.86
CA GLN E 89 19.86 8.69 5.62
C GLN E 89 18.57 8.27 4.93
N ASN E 90 18.60 7.10 4.29
CA ASN E 90 17.43 6.58 3.60
C ASN E 90 16.62 5.66 4.50
N THR E 91 15.51 6.16 5.02
CA THR E 91 14.66 5.37 5.91
C THR E 91 13.26 5.23 5.31
N GLY E 92 12.74 4.00 5.32
CA GLY E 92 11.42 3.73 4.81
C GLY E 92 10.36 4.53 5.57
N TYR E 93 9.10 4.10 5.45
CA TYR E 93 8.00 4.78 6.13
C TYR E 93 8.35 5.04 7.59
N GLY E 94 8.72 3.99 8.31
CA GLY E 94 9.09 4.12 9.73
C GLY E 94 8.06 3.44 10.62
N THR E 95 7.17 4.24 11.21
CA THR E 95 6.16 3.70 12.10
C THR E 95 4.76 3.93 11.52
N GLN E 96 4.09 2.85 11.15
CA GLN E 96 2.75 2.98 10.59
C GLN E 96 2.05 1.62 10.49
N SER E 97 0.73 1.64 10.56
CA SER E 97 -0.03 0.39 10.45
C SER E 97 -0.84 0.38 9.16
N THR E 98 -0.61 -0.65 8.35
CA THR E 98 -1.29 -0.79 7.07
C THR E 98 -2.64 -1.48 7.29
N PRO E 99 -3.46 -1.59 6.28
CA PRO E 99 -4.80 -2.24 6.40
C PRO E 99 -4.77 -3.54 7.17
N GLN E 100 -5.96 -4.07 7.45
CA GLN E 100 -6.13 -5.33 8.14
C GLN E 100 -7.36 -6.02 7.61
N GLY E 101 -7.15 -7.15 6.95
CA GLY E 101 -8.25 -7.88 6.33
C GLY E 101 -8.02 -8.06 4.82
N TYR E 102 -8.33 -7.02 4.03
CA TYR E 102 -8.12 -7.08 2.59
C TYR E 102 -6.88 -6.30 2.18
N GLY E 103 -6.88 -5.00 2.48
CA GLY E 103 -5.74 -4.16 2.13
C GLY E 103 -5.55 -4.11 0.61
N SER E 104 -5.78 -2.93 0.04
CA SER E 104 -5.65 -2.73 -1.41
C SER E 104 -6.37 -3.86 -2.15
N THR E 105 -7.63 -3.62 -2.50
CA THR E 105 -8.41 -4.62 -3.22
C THR E 105 -8.12 -4.57 -4.71
N GLY E 106 -7.45 -5.60 -5.20
CA GLY E 106 -7.14 -5.68 -6.61
C GLY E 106 -8.01 -6.74 -7.28
N GLY E 107 -7.43 -7.47 -8.23
CA GLY E 107 -8.17 -8.52 -8.93
C GLY E 107 -9.52 -7.99 -9.41
N TYR E 108 -9.49 -7.18 -10.46
CA TYR E 108 -10.71 -6.61 -11.01
C TYR E 108 -11.70 -7.71 -11.41
N GLY E 109 -12.98 -7.49 -11.11
CA GLY E 109 -14.01 -8.46 -11.45
C GLY E 109 -15.16 -8.41 -10.45
N SER E 110 -14.81 -8.32 -9.17
CA SER E 110 -15.81 -8.25 -8.10
C SER E 110 -15.13 -8.43 -6.74
N SER E 111 -15.47 -7.55 -5.81
CA SER E 111 -14.89 -7.60 -4.47
C SER E 111 -15.99 -7.60 -3.41
N GLN E 112 -16.38 -8.79 -2.96
CA GLN E 112 -17.42 -8.92 -1.95
C GLN E 112 -16.84 -9.52 -0.66
N SER E 113 -16.39 -8.66 0.24
CA SER E 113 -15.80 -9.13 1.48
C SER E 113 -16.09 -8.17 2.64
N SER E 114 -15.53 -8.49 3.80
CA SER E 114 -15.73 -7.66 4.99
C SER E 114 -14.65 -7.98 6.03
N GLN E 115 -14.16 -6.95 6.71
CA GLN E 115 -13.12 -7.16 7.72
C GLN E 115 -13.05 -5.98 8.69
N SER E 116 -12.09 -6.03 9.61
CA SER E 116 -11.93 -4.96 10.59
C SER E 116 -10.61 -5.11 11.35
N SER E 117 -10.35 -4.17 12.25
CA SER E 117 -9.13 -4.21 13.05
C SER E 117 -9.33 -3.43 14.35
N TYR E 118 -8.56 -3.77 15.37
CA TYR E 118 -8.67 -3.06 16.66
C TYR E 118 -7.69 -1.90 16.78
N GLY E 119 -6.38 -2.19 16.82
CA GLY E 119 -5.38 -1.14 16.95
C GLY E 119 -3.96 -1.69 16.92
N GLN E 120 -3.31 -1.55 15.77
CA GLN E 120 -1.95 -2.04 15.61
C GLN E 120 -0.94 -1.02 16.18
N GLN E 121 0.27 -1.49 16.49
CA GLN E 121 1.28 -0.60 17.04
C GLN E 121 2.60 -0.76 16.28
N SER E 122 3.28 0.37 16.05
CA SER E 122 4.56 0.35 15.34
C SER E 122 5.61 1.14 16.11
N SER E 123 6.73 0.51 16.40
CA SER E 123 7.81 1.16 17.13
C SER E 123 7.32 1.63 18.50
N TYR E 124 8.10 2.49 19.15
CA TYR E 124 7.73 3.00 20.46
C TYR E 124 8.79 3.99 20.96
N SER F 64 -18.85 2.62 -16.63
CA SER F 64 -19.42 1.34 -17.14
C SER F 64 -19.06 1.17 -18.62
N TYR F 65 -19.05 2.28 -19.36
CA TYR F 65 -18.71 2.25 -20.77
C TYR F 65 -17.62 3.26 -21.08
N SER F 66 -16.70 2.87 -21.96
CA SER F 66 -15.60 3.76 -22.34
C SER F 66 -14.82 4.22 -21.11
N GLY F 67 -13.74 3.51 -20.79
CA GLY F 67 -12.92 3.85 -19.63
C GLY F 67 -11.44 3.74 -19.97
N TYR F 68 -10.61 4.47 -19.22
CA TYR F 68 -9.18 4.45 -19.45
C TYR F 68 -8.44 3.95 -18.20
N SER F 69 -7.12 4.03 -18.23
CA SER F 69 -6.31 3.57 -17.10
C SER F 69 -6.69 4.34 -15.83
N GLN F 70 -6.73 3.62 -14.71
CA GLN F 70 -7.09 4.25 -13.44
C GLN F 70 -6.09 3.86 -12.35
N SER F 71 -5.82 4.80 -11.44
CA SER F 71 -4.88 4.55 -10.36
C SER F 71 -5.41 5.13 -9.05
N THR F 72 -5.55 4.28 -8.04
CA THR F 72 -6.06 4.73 -6.75
C THR F 72 -5.15 4.29 -5.60
N ASP F 73 -4.78 5.23 -4.75
CA ASP F 73 -3.92 4.92 -3.61
C ASP F 73 -4.21 5.87 -2.45
N THR F 74 -4.38 5.32 -1.26
CA THR F 74 -4.65 6.14 -0.09
C THR F 74 -3.38 6.74 0.48
N SER F 75 -2.38 5.88 0.70
CA SER F 75 -1.10 6.32 1.23
C SER F 75 0.02 5.72 0.39
N GLY F 76 1.19 5.54 0.99
CA GLY F 76 2.30 4.95 0.24
C GLY F 76 2.79 5.89 -0.86
N TYR F 77 3.16 7.11 -0.48
CA TYR F 77 3.66 8.06 -1.48
C TYR F 77 2.69 8.15 -2.66
N GLY F 78 3.08 8.90 -3.69
CA GLY F 78 2.23 9.06 -4.86
C GLY F 78 2.62 8.08 -5.95
N GLN F 79 3.91 8.10 -6.32
CA GLN F 79 4.41 7.22 -7.36
C GLN F 79 5.93 7.10 -7.28
N SER F 80 6.64 8.11 -7.79
CA SER F 80 8.08 8.09 -7.77
C SER F 80 8.65 9.39 -7.19
N SER F 81 9.50 9.25 -6.18
CA SER F 81 10.10 10.43 -5.56
C SER F 81 11.52 10.64 -6.08
N TYR F 82 11.78 11.84 -6.58
CA TYR F 82 13.10 12.17 -7.09
C TYR F 82 13.83 13.15 -6.17
N SER F 83 15.11 12.91 -5.95
CA SER F 83 15.91 13.78 -5.10
C SER F 83 17.23 14.14 -5.77
N SER F 84 17.31 15.35 -6.29
CA SER F 84 18.53 15.81 -6.96
C SER F 84 19.27 16.84 -6.11
N TYR F 85 20.42 16.44 -5.59
CA TYR F 85 21.23 17.34 -4.76
C TYR F 85 20.41 17.86 -3.58
N GLY F 86 21.07 18.60 -2.70
CA GLY F 86 20.40 19.15 -1.52
C GLY F 86 19.99 18.06 -0.56
N GLN F 87 19.06 18.38 0.34
CA GLN F 87 18.58 17.41 1.32
C GLN F 87 19.75 16.79 2.09
N SER F 88 19.44 15.85 2.98
CA SER F 88 20.46 15.19 3.77
C SER F 88 19.86 14.03 4.56
N GLN F 89 18.61 14.19 4.97
CA GLN F 89 17.93 13.15 5.73
C GLN F 89 16.64 12.73 5.02
N ASN F 90 16.67 11.56 4.40
CA ASN F 90 15.49 11.05 3.70
C ASN F 90 14.68 10.12 4.59
N THR F 91 13.56 10.62 5.10
CA THR F 91 12.71 9.84 5.98
C THR F 91 11.32 9.70 5.37
N GLY F 92 10.79 8.47 5.40
CA GLY F 92 9.47 8.22 4.86
C GLY F 92 8.41 9.01 5.61
N TYR F 93 7.15 8.60 5.50
CA TYR F 93 6.06 9.28 6.17
C TYR F 93 6.40 9.53 7.63
N GLY F 94 6.76 8.48 8.35
CA GLY F 94 7.11 8.62 9.76
C GLY F 94 6.08 7.94 10.66
N THR F 95 5.19 8.74 11.24
CA THR F 95 4.16 8.21 12.14
C THR F 95 2.77 8.44 11.53
N GLN F 96 2.10 7.36 11.17
CA GLN F 96 0.76 7.49 10.60
C GLN F 96 0.07 6.15 10.50
N SER F 97 -1.26 6.16 10.55
CA SER F 97 -2.03 4.93 10.45
C SER F 97 -2.82 4.90 9.15
N THR F 98 -2.57 3.88 8.33
CA THR F 98 -3.26 3.73 7.06
C THR F 98 -4.62 3.04 7.27
N PRO F 99 -5.43 2.93 6.25
CA PRO F 99 -6.77 2.29 6.36
C PRO F 99 -6.75 0.98 7.13
N GLN F 100 -7.94 0.47 7.39
CA GLN F 100 -8.13 -0.78 8.10
C GLN F 100 -9.36 -1.49 7.56
N GLY F 101 -9.15 -2.59 6.86
CA GLY F 101 -10.25 -3.34 6.27
C GLY F 101 -10.01 -3.52 4.77
N TYR F 102 -10.29 -2.48 3.99
CA TYR F 102 -10.10 -2.54 2.54
C TYR F 102 -8.84 -1.77 2.14
N GLY F 103 -8.83 -0.47 2.43
CA GLY F 103 -7.69 0.37 2.09
C GLY F 103 -7.50 0.42 0.57
N SER F 104 -7.72 1.60 -0.01
CA SER F 104 -7.58 1.78 -1.45
C SER F 104 -8.29 0.67 -2.21
N THR F 105 -9.55 0.91 -2.55
CA THR F 105 -10.33 -0.09 -3.27
C THR F 105 -10.03 -0.05 -4.76
N GLY F 106 -9.37 -1.09 -5.26
CA GLY F 106 -9.03 -1.17 -6.67
C GLY F 106 -9.91 -2.22 -7.34
N GLY F 107 -9.33 -2.95 -8.28
CA GLY F 107 -10.07 -3.99 -8.99
C GLY F 107 -11.41 -3.46 -9.49
N TYR F 108 -11.37 -2.65 -10.53
CA TYR F 108 -12.59 -2.08 -11.10
C TYR F 108 -13.58 -3.17 -11.49
N GLY F 109 -14.85 -2.94 -11.21
CA GLY F 109 -15.89 -3.91 -11.55
C GLY F 109 -17.04 -3.85 -10.55
N SER F 110 -16.70 -3.78 -9.26
CA SER F 110 -17.70 -3.72 -8.21
C SER F 110 -17.04 -3.88 -6.84
N SER F 111 -17.39 -2.99 -5.91
CA SER F 111 -16.82 -3.05 -4.57
C SER F 111 -17.92 -3.05 -3.52
N GLN F 112 -18.32 -4.23 -3.07
CA GLN F 112 -19.36 -4.36 -2.06
C GLN F 112 -18.79 -4.95 -0.78
N SER F 113 -18.35 -4.10 0.13
CA SER F 113 -17.76 -4.57 1.38
C SER F 113 -18.06 -3.62 2.54
N SER F 114 -17.51 -3.92 3.70
CA SER F 114 -17.71 -3.10 4.89
C SER F 114 -16.64 -3.42 5.93
N GLN F 115 -16.15 -2.39 6.62
CA GLN F 115 -15.12 -2.60 7.63
C GLN F 115 -15.05 -1.43 8.60
N SER F 116 -14.09 -1.48 9.53
CA SER F 116 -13.93 -0.41 10.51
C SER F 116 -12.63 -0.55 11.28
N SER F 117 -12.37 0.38 12.19
CA SER F 117 -11.15 0.35 12.99
C SER F 117 -11.35 1.14 14.28
N TYR F 118 -10.59 0.80 15.32
CA TYR F 118 -10.71 1.49 16.60
C TYR F 118 -9.72 2.65 16.71
N GLY F 119 -8.43 2.35 16.78
CA GLY F 119 -7.42 3.41 16.90
C GLY F 119 -6.00 2.83 16.87
N GLN F 120 -5.34 2.99 15.74
CA GLN F 120 -3.97 2.50 15.59
C GLN F 120 -2.98 3.51 16.15
N GLN F 121 -1.78 3.05 16.49
CA GLN F 121 -0.76 3.93 17.04
C GLN F 121 0.56 3.77 16.28
N SER F 122 1.24 4.89 16.06
CA SER F 122 2.52 4.86 15.36
C SER F 122 3.57 5.66 16.14
N SER F 123 4.70 5.01 16.43
CA SER F 123 5.77 5.67 17.17
C SER F 123 5.28 6.14 18.53
N TYR F 124 6.06 6.99 19.19
CA TYR F 124 5.69 7.51 20.50
C TYR F 124 6.74 8.49 21.00
N SER G 64 -20.65 7.17 -16.76
CA SER G 64 -21.24 5.89 -17.28
C SER G 64 -20.85 5.72 -18.75
N TYR G 65 -20.84 6.83 -19.49
CA TYR G 65 -20.50 6.80 -20.90
C TYR G 65 -19.40 7.80 -21.21
N SER G 66 -18.47 7.42 -22.07
CA SER G 66 -17.36 8.30 -22.45
C SER G 66 -16.59 8.75 -21.22
N GLY G 67 -15.52 8.03 -20.89
CA GLY G 67 -14.71 8.38 -19.73
C GLY G 67 -13.21 8.27 -20.05
N TYR G 68 -12.40 8.99 -19.29
CA TYR G 68 -10.95 8.97 -19.51
C TYR G 68 -10.23 8.47 -18.26
N SER G 69 -8.90 8.53 -18.28
CA SER G 69 -8.11 8.09 -17.14
C SER G 69 -8.50 8.85 -15.88
N GLN G 70 -8.55 8.14 -14.76
CA GLN G 70 -8.91 8.76 -13.49
C GLN G 70 -7.91 8.38 -12.40
N SER G 71 -7.66 9.31 -11.48
CA SER G 71 -6.72 9.07 -10.40
C SER G 71 -7.27 9.64 -9.09
N THR G 72 -7.41 8.79 -8.08
CA THR G 72 -7.92 9.25 -6.80
C THR G 72 -7.03 8.80 -5.64
N ASP G 73 -6.65 9.74 -4.79
CA ASP G 73 -5.80 9.44 -3.64
C ASP G 73 -6.10 10.39 -2.49
N THR G 74 -6.27 9.84 -1.29
CA THR G 74 -6.56 10.66 -0.12
C THR G 74 -5.28 11.26 0.45
N SER G 75 -4.30 10.39 0.67
CA SER G 75 -3.02 10.83 1.22
C SER G 75 -1.89 10.23 0.38
N GLY G 76 -0.72 10.05 0.98
CA GLY G 76 0.40 9.46 0.26
C GLY G 76 0.89 10.39 -0.85
N TYR G 77 1.27 11.61 -0.48
CA TYR G 77 1.76 12.55 -1.46
C TYR G 77 0.81 12.65 -2.64
N GLY G 78 1.21 13.39 -3.67
CA GLY G 78 0.36 13.55 -4.85
C GLY G 78 0.77 12.57 -5.94
N GLN G 79 2.05 12.60 -6.31
CA GLN G 79 2.55 11.71 -7.34
C GLN G 79 4.07 11.60 -7.25
N SER G 80 4.78 12.59 -7.76
CA SER G 80 6.24 12.57 -7.72
C SER G 80 6.80 13.86 -7.15
N SER G 81 7.64 13.74 -6.13
CA SER G 81 8.24 14.90 -5.51
C SER G 81 9.66 15.12 -6.01
N TYR G 82 9.93 16.32 -6.50
CA TYR G 82 11.26 16.64 -7.03
C TYR G 82 11.98 17.61 -6.10
N SER G 83 13.27 17.37 -5.87
CA SER G 83 14.05 18.23 -5.01
C SER G 83 15.39 18.58 -5.68
N SER G 84 15.47 19.81 -6.18
CA SER G 84 16.70 20.25 -6.85
C SER G 84 17.43 21.29 -6.00
N TYR G 85 18.58 20.89 -5.47
CA TYR G 85 19.38 21.79 -4.63
C TYR G 85 18.55 22.32 -3.46
N GLY G 86 19.21 23.05 -2.57
CA GLY G 86 18.53 23.60 -1.41
C GLY G 86 18.12 22.51 -0.44
N GLN G 87 17.18 22.83 0.45
CA GLN G 87 16.69 21.86 1.43
C GLN G 87 17.86 21.25 2.20
N SER G 88 17.53 20.31 3.09
CA SER G 88 18.56 19.64 3.89
C SER G 88 17.95 18.49 4.67
N GLN G 89 16.69 18.65 5.08
CA GLN G 89 16.00 17.61 5.83
C GLN G 89 14.72 17.19 5.12
N ASN G 90 14.75 16.02 4.50
CA ASN G 90 13.58 15.51 3.78
C ASN G 90 12.76 14.60 4.68
N THR G 91 11.64 15.10 5.18
CA THR G 91 10.77 14.33 6.05
C THR G 91 9.38 14.18 5.45
N GLY G 92 8.86 12.96 5.46
CA GLY G 92 7.53 12.70 4.92
C GLY G 92 6.47 13.51 5.67
N TYR G 93 5.22 13.08 5.53
CA TYR G 93 4.11 13.77 6.20
C TYR G 93 4.45 14.03 7.66
N GLY G 94 4.80 12.98 8.39
CA GLY G 94 5.14 13.11 9.80
C GLY G 94 4.11 12.44 10.69
N THR G 95 3.21 13.24 11.27
CA THR G 95 2.18 12.72 12.15
C THR G 95 0.80 12.94 11.55
N GLN G 96 0.12 11.86 11.17
CA GLN G 96 -1.21 12.01 10.59
C GLN G 96 -1.91 10.66 10.48
N SER G 97 -3.24 10.68 10.53
CA SER G 97 -4.01 9.45 10.43
C SER G 97 -4.80 9.42 9.12
N THR G 98 -4.54 8.40 8.31
CA THR G 98 -5.22 8.25 7.03
C THR G 98 -6.58 7.57 7.24
N PRO G 99 -7.39 7.46 6.20
CA PRO G 99 -8.73 6.83 6.31
C PRO G 99 -8.72 5.51 7.08
N GLN G 100 -9.92 5.00 7.33
CA GLN G 100 -10.11 3.75 8.05
C GLN G 100 -11.34 3.06 7.50
N GLY G 101 -11.13 1.94 6.81
CA GLY G 101 -12.22 1.20 6.19
C GLY G 101 -11.97 1.02 4.70
N TYR G 102 -12.25 2.06 3.92
CA TYR G 102 -12.04 1.99 2.48
C TYR G 102 -10.78 2.76 2.08
N GLY G 103 -10.78 4.06 2.36
CA GLY G 103 -9.62 4.90 2.03
C GLY G 103 -9.43 4.96 0.52
N SER G 104 -9.64 6.13 -0.06
CA SER G 104 -9.48 6.31 -1.51
C SER G 104 -10.20 5.20 -2.26
N THR G 105 -11.46 5.44 -2.63
CA THR G 105 -12.24 4.45 -3.34
C THR G 105 -11.93 4.49 -4.84
N GLY G 106 -11.26 3.44 -5.32
CA GLY G 106 -10.92 3.36 -6.73
C GLY G 106 -11.79 2.31 -7.41
N GLY G 107 -11.21 1.58 -8.35
CA GLY G 107 -11.94 0.54 -9.06
C GLY G 107 -13.28 1.07 -9.56
N TYR G 108 -13.23 1.87 -10.61
CA TYR G 108 -14.45 2.46 -11.19
C TYR G 108 -15.44 1.36 -11.58
N GLY G 109 -16.71 1.60 -11.31
CA GLY G 109 -17.75 0.63 -11.65
C GLY G 109 -18.91 0.70 -10.67
N SER G 110 -18.57 0.76 -9.38
CA SER G 110 -19.58 0.83 -8.32
C SER G 110 -18.93 0.67 -6.95
N SER G 111 -19.28 1.56 -6.03
CA SER G 111 -18.72 1.50 -4.68
C SER G 111 -19.84 1.51 -3.64
N GLN G 112 -20.23 0.32 -3.19
CA GLN G 112 -21.28 0.21 -2.19
C GLN G 112 -20.72 -0.39 -0.90
N SER G 113 -20.28 0.46 0.01
CA SER G 113 -19.71 -0.02 1.27
C SER G 113 -20.01 0.95 2.41
N SER G 114 -19.47 0.63 3.59
CA SER G 114 -19.67 1.47 4.77
C SER G 114 -18.61 1.14 5.83
N GLN G 115 -18.13 2.17 6.51
CA GLN G 115 -17.10 1.95 7.53
C GLN G 115 -17.04 3.12 8.50
N SER G 116 -16.08 3.08 9.43
CA SER G 116 -15.93 4.15 10.42
C SER G 116 -14.63 3.99 11.20
N SER G 117 -14.38 4.93 12.09
CA SER G 117 -13.16 4.90 12.91
C SER G 117 -13.37 5.69 14.20
N TYR G 118 -12.61 5.34 15.24
CA TYR G 118 -12.74 6.04 16.52
C TYR G 118 -11.76 7.19 16.64
N GLY G 119 -10.46 6.89 16.71
CA GLY G 119 -9.45 7.94 16.85
C GLY G 119 -8.04 7.38 16.83
N GLN G 120 -7.36 7.53 15.69
CA GLN G 120 -5.99 7.03 15.56
C GLN G 120 -5.00 8.04 16.13
N GLN G 121 -3.81 7.57 16.48
CA GLN G 121 -2.78 8.45 17.03
C GLN G 121 -1.46 8.28 16.28
N SER G 122 -0.77 9.40 16.07
CA SER G 122 0.52 9.37 15.37
C SER G 122 1.56 10.17 16.15
N SER G 123 2.68 9.52 16.46
CA SER G 123 3.75 10.17 17.21
C SER G 123 3.24 10.64 18.56
N TYR G 124 4.03 11.49 19.21
CA TYR G 124 3.65 12.01 20.52
C TYR G 124 4.70 12.99 21.03
N SER H 64 -22.45 11.71 -16.91
CA SER H 64 -23.02 10.44 -17.42
C SER H 64 -22.63 10.27 -18.89
N TYR H 65 -22.61 11.38 -19.63
CA TYR H 65 -22.26 11.34 -21.04
C TYR H 65 -21.16 12.34 -21.34
N SER H 66 -20.22 11.96 -22.21
CA SER H 66 -19.11 12.83 -22.57
C SER H 66 -18.34 13.29 -21.34
N GLY H 67 -17.28 12.57 -21.00
CA GLY H 67 -16.47 12.91 -19.83
C GLY H 67 -14.98 12.80 -20.15
N TYR H 68 -14.17 13.52 -19.39
CA TYR H 68 -12.72 13.49 -19.59
C TYR H 68 -12.01 12.99 -18.34
N SER H 69 -10.68 13.06 -18.35
CA SER H 69 -9.89 12.61 -17.21
C SER H 69 -10.29 13.37 -15.95
N GLN H 70 -10.36 12.65 -14.83
CA GLN H 70 -10.72 13.29 -13.55
C GLN H 70 -9.73 12.90 -12.46
N SER H 71 -9.48 13.83 -11.55
CA SER H 71 -8.56 13.58 -10.44
C SER H 71 -9.11 14.16 -9.15
N THR H 72 -9.25 13.31 -8.13
CA THR H 72 -9.78 13.77 -6.86
C THR H 72 -8.88 13.32 -5.70
N ASP H 73 -8.51 14.27 -4.84
CA ASP H 73 -7.68 13.96 -3.70
C ASP H 73 -7.98 14.92 -2.54
N THR H 74 -8.17 14.36 -1.34
CA THR H 74 -8.45 15.18 -0.18
C THR H 74 -7.18 15.78 0.41
N SER H 75 -6.20 14.92 0.63
CA SER H 75 -4.92 15.35 1.18
C SER H 75 -3.79 14.74 0.37
N GLY H 76 -2.62 14.56 0.97
CA GLY H 76 -1.50 13.97 0.25
C GLY H 76 -1.00 14.89 -0.85
N TYR H 77 -0.62 16.11 -0.48
CA TYR H 77 -0.11 17.06 -1.46
C TYR H 77 -1.06 17.16 -2.65
N GLY H 78 -0.65 17.89 -3.67
CA GLY H 78 -1.49 18.05 -4.86
C GLY H 78 -1.08 17.07 -5.95
N GLN H 79 0.20 17.10 -6.31
CA GLN H 79 0.71 16.20 -7.33
C GLN H 79 2.23 16.09 -7.23
N SER H 80 2.94 17.08 -7.74
CA SER H 80 4.41 17.05 -7.69
C SER H 80 4.96 18.34 -7.12
N SER H 81 5.79 18.22 -6.10
CA SER H 81 6.39 19.39 -5.46
C SER H 81 7.82 19.59 -5.96
N TYR H 82 8.10 20.79 -6.45
CA TYR H 82 9.42 21.11 -6.97
C TYR H 82 10.15 22.09 -6.04
N SER H 83 11.42 21.84 -5.80
CA SER H 83 12.22 22.71 -4.93
C SER H 83 13.54 23.04 -5.59
N SER H 84 13.65 24.27 -6.10
CA SER H 84 14.88 24.71 -6.76
C SER H 84 15.60 25.74 -5.90
N TYR H 85 16.75 25.35 -5.36
CA TYR H 85 17.55 26.24 -4.52
C TYR H 85 16.72 26.77 -3.36
N GLY H 86 17.37 27.50 -2.46
CA GLY H 86 16.69 28.06 -1.30
C GLY H 86 16.26 26.96 -0.33
N GLN H 87 15.31 27.29 0.54
CA GLN H 87 14.82 26.32 1.52
C GLN H 87 15.97 25.71 2.30
N SER H 88 15.65 24.78 3.19
CA SER H 88 16.66 24.10 4.00
C SER H 88 16.04 22.95 4.78
N GLN H 89 14.78 23.12 5.17
CA GLN H 89 14.09 22.08 5.92
C GLN H 89 12.80 21.67 5.20
N ASN H 90 12.83 20.49 4.58
CA ASN H 90 11.66 19.99 3.86
C ASN H 90 10.84 19.07 4.75
N THR H 91 9.72 19.59 5.25
CA THR H 91 8.85 18.80 6.11
C THR H 91 7.46 18.67 5.50
N GLY H 92 6.93 17.45 5.51
CA GLY H 92 5.61 17.20 4.95
C GLY H 92 4.55 18.00 5.69
N TYR H 93 3.29 17.59 5.55
CA TYR H 93 2.19 18.27 6.21
C TYR H 93 2.51 18.53 7.69
N GLY H 94 2.86 17.47 8.40
CA GLY H 94 3.19 17.61 9.82
C GLY H 94 2.15 16.94 10.71
N THR H 95 1.25 17.75 11.27
CA THR H 95 0.21 17.23 12.15
C THR H 95 -1.17 17.46 11.54
N GLN H 96 -1.84 16.38 11.16
CA GLN H 96 -3.17 16.53 10.58
C GLN H 96 -3.88 15.18 10.46
N SER H 97 -5.20 15.20 10.50
CA SER H 97 -5.98 13.98 10.40
C SER H 97 -6.75 13.95 9.08
N THR H 98 -6.49 12.93 8.27
CA THR H 98 -7.17 12.79 6.99
C THR H 98 -8.53 12.11 7.18
N PRO H 99 -9.33 12.00 6.15
CA PRO H 99 -10.68 11.36 6.24
C PRO H 99 -10.68 10.05 7.02
N GLN H 100 -11.88 9.54 7.26
CA GLN H 100 -12.07 8.29 7.98
C GLN H 100 -13.31 7.59 7.41
N GLY H 101 -13.09 6.49 6.73
CA GLY H 101 -14.18 5.75 6.11
C GLY H 101 -13.92 5.56 4.62
N TYR H 102 -14.19 6.61 3.83
CA TYR H 102 -13.97 6.55 2.39
C TYR H 102 -12.71 7.30 2.01
N GLY H 103 -12.71 8.59 2.29
CA GLY H 103 -11.55 9.43 1.96
C GLY H 103 -11.34 9.49 0.45
N SER H 104 -11.55 10.66 -0.14
CA SER H 104 -11.38 10.84 -1.58
C SER H 104 -12.10 9.73 -2.35
N THR H 105 -13.35 9.97 -2.70
CA THR H 105 -14.13 8.99 -3.43
C THR H 105 -13.81 9.02 -4.92
N GLY H 106 -13.14 7.98 -5.40
CA GLY H 106 -12.79 7.90 -6.81
C GLY H 106 -13.66 6.84 -7.49
N GLY H 107 -13.07 6.11 -8.43
CA GLY H 107 -13.80 5.07 -9.15
C GLY H 107 -15.14 5.60 -9.64
N TYR H 108 -15.08 6.41 -10.71
CA TYR H 108 -16.29 6.99 -11.28
C TYR H 108 -17.28 5.91 -11.68
N GLY H 109 -18.56 6.14 -11.43
CA GLY H 109 -19.59 5.17 -11.77
C GLY H 109 -20.75 5.25 -10.80
N SER H 110 -20.43 5.31 -9.51
CA SER H 110 -21.45 5.38 -8.45
C SER H 110 -20.80 5.22 -7.09
N SER H 111 -21.16 6.11 -6.16
CA SER H 111 -20.61 6.05 -4.82
C SER H 111 -21.73 6.07 -3.77
N GLN H 112 -22.13 4.88 -3.32
CA GLN H 112 -23.19 4.76 -2.33
C GLN H 112 -22.64 4.17 -1.04
N SER H 113 -22.20 5.02 -0.13
CA SER H 113 -21.64 4.55 1.13
C SER H 113 -21.95 5.51 2.28
N SER H 114 -21.41 5.19 3.46
CA SER H 114 -21.63 6.03 4.63
C SER H 114 -20.57 5.70 5.69
N GLN H 115 -20.08 6.73 6.39
CA GLN H 115 -19.07 6.52 7.41
C GLN H 115 -19.01 7.69 8.39
N SER H 116 -18.06 7.64 9.32
CA SER H 116 -17.91 8.70 10.30
C SER H 116 -16.62 8.55 11.09
N SER H 117 -16.37 9.49 11.99
CA SER H 117 -15.16 9.45 12.82
C SER H 117 -15.37 10.25 14.11
N TYR H 118 -14.62 9.90 15.15
CA TYR H 118 -14.76 10.58 16.43
C TYR H 118 -13.76 11.75 16.56
N GLY H 119 -12.47 11.43 16.64
CA GLY H 119 -11.47 12.49 16.77
C GLY H 119 -10.05 11.92 16.76
N GLN H 120 -9.36 12.07 15.64
CA GLN H 120 -8.00 11.56 15.52
C GLN H 120 -7.01 12.57 16.09
N GLN H 121 -5.82 12.10 16.44
CA GLN H 121 -4.79 12.98 17.00
C GLN H 121 -3.47 12.81 16.27
N SER H 122 -2.77 13.92 16.04
CA SER H 122 -1.49 13.90 15.36
C SER H 122 -0.45 14.68 16.15
N SER H 123 0.67 14.03 16.46
CA SER H 123 1.74 14.68 17.22
C SER H 123 1.22 15.16 18.57
N TYR H 124 2.00 16.01 19.23
CA TYR H 124 1.62 16.53 20.54
C TYR H 124 2.67 17.51 21.05
N SER I 64 -24.23 16.27 -17.06
CA SER I 64 -24.80 15.00 -17.58
C SER I 64 -24.40 14.83 -19.06
N TYR I 65 -24.37 15.93 -19.79
CA TYR I 65 -24.01 15.89 -21.21
C TYR I 65 -22.91 16.90 -21.49
N SER I 66 -21.96 16.50 -22.35
CA SER I 66 -20.86 17.37 -22.72
C SER I 66 -20.10 17.82 -21.47
N GLY I 67 -19.03 17.10 -21.13
CA GLY I 67 -18.23 17.45 -19.95
C GLY I 67 -16.74 17.32 -20.26
N TYR I 68 -15.92 18.05 -19.50
CA TYR I 68 -14.48 18.01 -19.70
C TYR I 68 -13.77 17.51 -18.43
N SER I 69 -12.45 17.57 -18.44
CA SER I 69 -11.67 17.12 -17.29
C SER I 69 -12.07 17.89 -16.03
N GLN I 70 -12.14 17.18 -14.91
CA GLN I 70 -12.52 17.81 -13.65
C GLN I 70 -11.54 17.42 -12.53
N SER I 71 -11.28 18.36 -11.62
CA SER I 71 -10.37 18.10 -10.52
C SER I 71 -10.93 18.69 -9.22
N THR I 72 -11.09 17.84 -8.22
CA THR I 72 -11.62 18.30 -6.93
C THR I 72 -10.73 17.84 -5.77
N ASP I 73 -10.38 18.79 -4.91
CA ASP I 73 -9.54 18.48 -3.75
C ASP I 73 -9.85 19.44 -2.62
N THR I 74 -10.03 18.89 -1.41
CA THR I 74 -10.33 19.71 -0.24
C THR I 74 -9.06 20.29 0.34
N SER I 75 -8.08 19.43 0.58
CA SER I 75 -6.81 19.86 1.14
C SER I 75 -5.67 19.26 0.32
N GLY I 76 -4.52 19.07 0.94
CA GLY I 76 -3.39 18.47 0.23
C GLY I 76 -2.88 19.40 -0.87
N TYR I 77 -2.50 20.62 -0.50
CA TYR I 77 -1.99 21.57 -1.48
C TYR I 77 -2.94 21.67 -2.67
N GLY I 78 -2.52 22.40 -3.69
CA GLY I 78 -3.34 22.56 -4.88
C GLY I 78 -2.92 21.58 -5.97
N GLN I 79 -1.64 21.61 -6.32
CA GLN I 79 -1.12 20.71 -7.35
C GLN I 79 0.39 20.58 -7.23
N SER I 80 1.11 21.58 -7.74
CA SER I 80 2.57 21.54 -7.68
C SER I 80 3.12 22.84 -7.09
N SER I 81 3.96 22.71 -6.08
CA SER I 81 4.56 23.88 -5.44
C SER I 81 5.98 24.08 -5.93
N TYR I 82 6.27 25.28 -6.42
CA TYR I 82 7.60 25.59 -6.92
C TYR I 82 8.32 26.56 -5.98
N SER I 83 9.59 26.31 -5.74
CA SER I 83 10.39 27.17 -4.87
C SER I 83 11.72 27.52 -5.52
N SER I 84 11.83 28.74 -6.03
CA SER I 84 13.06 29.18 -6.68
C SER I 84 13.79 30.20 -5.82
N TYR I 85 14.93 29.80 -5.28
CA TYR I 85 15.72 30.69 -4.43
C TYR I 85 14.89 31.22 -3.27
N GLY I 86 15.53 31.96 -2.37
CA GLY I 86 14.84 32.52 -1.22
C GLY I 86 14.41 31.43 -0.25
N GLN I 87 13.46 31.75 0.62
CA GLN I 87 12.95 30.80 1.60
C GLN I 87 14.11 30.17 2.39
N SER I 88 13.76 29.24 3.27
CA SER I 88 14.78 28.57 4.08
C SER I 88 14.14 27.42 4.85
N GLN I 89 12.89 27.59 5.25
CA GLN I 89 12.18 26.55 6.00
C GLN I 89 10.90 26.15 5.27
N ASN I 90 10.93 24.96 4.65
CA ASN I 90 9.77 24.47 3.92
C ASN I 90 8.94 23.55 4.80
N THR I 91 7.81 24.06 5.29
CA THR I 91 6.94 23.29 6.15
C THR I 91 5.55 23.15 5.53
N GLY I 92 5.02 21.93 5.53
CA GLY I 92 3.70 21.68 4.97
C GLY I 92 2.64 22.50 5.71
N TYR I 93 1.38 22.08 5.56
CA TYR I 93 0.27 22.78 6.21
C TYR I 93 0.59 23.03 7.69
N GLY I 94 0.93 21.98 8.41
CA GLY I 94 1.25 22.12 9.82
C GLY I 94 0.21 21.45 10.70
N THR I 95 -0.70 22.26 11.27
CA THR I 95 -1.74 21.74 12.14
C THR I 95 -3.11 21.98 11.52
N GLN I 96 -3.80 20.90 11.13
CA GLN I 96 -5.12 21.06 10.53
C GLN I 96 -5.83 19.71 10.42
N SER I 97 -7.15 19.74 10.44
CA SER I 97 -7.93 18.51 10.34
C SER I 97 -8.69 18.49 9.01
N THR I 98 -8.44 17.46 8.21
CA THR I 98 -9.10 17.32 6.92
C THR I 98 -10.47 16.65 7.11
N PRO I 99 -11.27 16.55 6.07
CA PRO I 99 -12.63 15.92 6.16
C PRO I 99 -12.64 14.62 6.94
N GLN I 100 -13.84 14.10 7.17
CA GLN I 100 -14.03 12.85 7.89
C GLN I 100 -15.26 12.15 7.32
N GLY I 101 -15.04 11.04 6.63
CA GLY I 101 -16.13 10.30 6.01
C GLY I 101 -15.87 10.11 4.52
N TYR I 102 -16.12 11.16 3.73
CA TYR I 102 -15.89 11.08 2.29
C TYR I 102 -14.62 11.83 1.91
N GLY I 103 -14.61 13.13 2.19
CA GLY I 103 -13.45 13.97 1.87
C GLY I 103 -13.24 14.02 0.36
N SER I 104 -13.44 15.20 -0.22
CA SER I 104 -13.26 15.38 -1.66
C SER I 104 -13.98 14.27 -2.43
N THR I 105 -15.23 14.52 -2.80
CA THR I 105 -16.00 13.53 -3.54
C THR I 105 -15.66 13.55 -5.02
N GLY I 106 -15.01 12.50 -5.49
CA GLY I 106 -14.64 12.42 -6.90
C GLY I 106 -15.51 11.38 -7.59
N GLY I 107 -14.91 10.64 -8.52
CA GLY I 107 -15.65 9.60 -9.24
C GLY I 107 -16.98 10.14 -9.76
N TYR I 108 -16.91 10.94 -10.81
CA TYR I 108 -18.12 11.53 -11.39
C TYR I 108 -19.11 10.44 -11.81
N GLY I 109 -20.39 10.68 -11.55
CA GLY I 109 -21.42 9.72 -11.91
C GLY I 109 -22.59 9.80 -10.94
N SER I 110 -22.28 9.86 -9.65
CA SER I 110 -23.30 9.95 -8.60
C SER I 110 -22.67 9.79 -7.23
N SER I 111 -23.02 10.67 -6.31
CA SER I 111 -22.49 10.62 -4.95
C SER I 111 -23.62 10.64 -3.92
N GLN I 112 -24.02 9.45 -3.48
CA GLN I 112 -25.09 9.34 -2.49
C GLN I 112 -24.55 8.74 -1.20
N SER I 113 -24.11 9.59 -0.28
CA SER I 113 -23.56 9.13 0.98
C SER I 113 -23.86 10.09 2.12
N SER I 114 -23.35 9.77 3.30
CA SER I 114 -23.56 10.60 4.48
C SER I 114 -22.51 10.28 5.55
N GLN I 115 -22.04 11.30 6.25
CA GLN I 115 -21.03 11.09 7.28
C GLN I 115 -20.97 12.27 8.24
N SER I 116 -20.04 12.21 9.18
CA SER I 116 -19.89 13.28 10.17
C SER I 116 -18.59 13.12 10.97
N SER I 117 -18.34 14.06 11.87
CA SER I 117 -17.14 14.01 12.70
C SER I 117 -17.36 14.81 13.99
N TYR I 118 -16.61 14.45 15.03
CA TYR I 118 -16.76 15.14 16.32
C TYR I 118 -15.76 16.28 16.45
N GLY I 119 -14.47 15.98 16.54
CA GLY I 119 -13.47 17.03 16.68
C GLY I 119 -12.05 16.46 16.68
N GLN I 120 -11.36 16.61 15.57
CA GLN I 120 -10.00 16.11 15.45
C GLN I 120 -9.00 17.12 16.03
N GLN I 121 -7.82 16.64 16.39
CA GLN I 121 -6.80 17.51 16.95
C GLN I 121 -5.46 17.35 16.23
N SER I 122 -4.77 18.46 16.02
CA SER I 122 -3.47 18.42 15.34
C SER I 122 -2.43 19.21 16.13
N SER I 123 -1.33 18.56 16.46
CA SER I 123 -0.26 19.20 17.21
C SER I 123 -0.78 19.68 18.56
N TYR I 124 -0.01 20.52 19.23
CA TYR I 124 -0.40 21.05 20.53
C TYR I 124 0.65 22.03 21.06
N SER A 64 -12.68 -24.24 -17.02
CA SER A 64 -11.89 -23.00 -16.77
C SER A 64 -10.95 -22.76 -17.94
N TYR A 65 -11.10 -21.60 -18.58
CA TYR A 65 -10.27 -21.25 -19.72
C TYR A 65 -9.17 -20.29 -19.30
N SER A 66 -8.02 -20.84 -18.90
CA SER A 66 -6.90 -20.00 -18.48
C SER A 66 -5.70 -20.23 -19.39
N GLY A 67 -4.87 -19.20 -19.53
CA GLY A 67 -3.69 -19.29 -20.38
C GLY A 67 -2.51 -19.89 -19.61
N TYR A 68 -1.61 -19.02 -19.16
CA TYR A 68 -0.43 -19.47 -18.42
C TYR A 68 -0.08 -18.49 -17.31
N SER A 69 0.76 -18.93 -16.38
CA SER A 69 1.18 -18.08 -15.27
C SER A 69 2.67 -18.22 -15.02
N GLN A 70 3.31 -17.12 -14.64
CA GLN A 70 4.74 -17.14 -14.38
C GLN A 70 5.04 -17.89 -13.08
N SER A 71 6.29 -17.81 -12.64
CA SER A 71 6.71 -18.49 -11.42
C SER A 71 5.95 -17.94 -10.21
N THR A 72 5.56 -18.83 -9.31
CA THR A 72 4.83 -18.44 -8.11
C THR A 72 5.55 -18.93 -6.85
N ASP A 73 5.77 -18.03 -5.91
CA ASP A 73 6.45 -18.39 -4.67
C ASP A 73 5.94 -17.54 -3.51
N THR A 74 5.51 -18.18 -2.43
CA THR A 74 4.99 -17.45 -1.28
C THR A 74 6.09 -16.66 -0.59
N SER A 75 7.12 -17.37 -0.13
CA SER A 75 8.24 -16.72 0.57
C SER A 75 9.56 -17.22 0.03
N GLY A 76 10.63 -16.98 0.78
CA GLY A 76 11.96 -17.40 0.39
C GLY A 76 12.38 -16.77 -0.94
N TYR A 77 12.60 -15.45 -0.91
CA TYR A 77 13.02 -14.70 -2.10
C TYR A 77 12.40 -15.27 -3.38
N GLY A 78 11.14 -14.94 -3.63
CA GLY A 78 10.45 -15.44 -4.82
C GLY A 78 11.31 -15.21 -6.05
N GLN A 79 11.58 -13.95 -6.34
CA GLN A 79 12.38 -13.60 -7.50
C GLN A 79 13.29 -12.42 -7.17
N SER A 80 14.38 -12.69 -6.47
CA SER A 80 15.32 -11.65 -6.09
C SER A 80 16.76 -12.06 -6.36
N SER A 81 17.49 -11.21 -7.05
CA SER A 81 18.89 -11.49 -7.37
C SER A 81 19.80 -10.43 -6.76
N TYR A 82 21.03 -10.84 -6.45
CA TYR A 82 21.99 -9.91 -5.86
C TYR A 82 23.08 -9.56 -6.87
N SER A 83 23.32 -8.26 -7.06
CA SER A 83 24.33 -7.80 -8.00
C SER A 83 25.11 -6.63 -7.41
N SER A 84 25.32 -6.65 -6.10
CA SER A 84 26.04 -5.58 -5.43
C SER A 84 27.53 -5.63 -5.80
N TYR A 85 28.21 -4.51 -5.57
CA TYR A 85 29.64 -4.43 -5.88
C TYR A 85 30.43 -4.00 -4.66
N GLY A 86 31.67 -4.48 -4.56
CA GLY A 86 32.52 -4.14 -3.43
C GLY A 86 32.06 -4.86 -2.17
N GLN A 87 32.39 -4.28 -1.01
CA GLN A 87 32.02 -4.88 0.26
C GLN A 87 30.50 -4.84 0.44
N SER A 88 29.91 -5.97 0.80
CA SER A 88 28.47 -6.04 1.00
C SER A 88 28.09 -7.38 1.62
N GLN A 89 27.64 -7.33 2.88
CA GLN A 89 27.24 -8.55 3.57
C GLN A 89 25.87 -9.02 3.08
N ASN A 90 25.81 -10.24 2.59
CA ASN A 90 24.55 -10.79 2.09
C ASN A 90 23.92 -11.72 3.13
N THR A 91 22.88 -11.23 3.79
CA THR A 91 22.19 -12.04 4.80
C THR A 91 20.72 -12.23 4.42
N GLY A 92 20.28 -13.49 4.45
CA GLY A 92 18.90 -13.80 4.11
C GLY A 92 17.92 -13.17 5.09
N TYR A 93 16.69 -13.66 5.09
CA TYR A 93 15.67 -13.12 5.97
C TYR A 93 16.17 -13.04 7.41
N GLY A 94 16.64 -14.17 7.94
CA GLY A 94 17.17 -14.21 9.30
C GLY A 94 16.24 -15.00 10.21
N THR A 95 15.43 -14.28 10.99
CA THR A 95 14.50 -14.91 11.91
C THR A 95 13.06 -14.69 11.45
N GLN A 96 12.42 -15.77 11.02
CA GLN A 96 11.04 -15.67 10.55
C GLN A 96 10.39 -17.04 10.41
N SER A 97 9.07 -17.04 10.25
CA SER A 97 8.34 -18.30 10.10
C SER A 97 7.48 -18.27 8.84
N THR A 98 7.67 -19.28 8.00
CA THR A 98 6.91 -19.39 6.76
C THR A 98 5.58 -20.11 7.01
N PRO A 99 4.71 -20.18 6.03
CA PRO A 99 3.39 -20.86 6.18
C PRO A 99 3.47 -22.19 6.90
N GLN A 100 2.31 -22.69 7.28
CA GLN A 100 2.20 -23.96 7.97
C GLN A 100 0.96 -24.70 7.45
N GLY A 101 1.19 -25.80 6.74
CA GLY A 101 0.09 -26.57 6.19
C GLY A 101 0.22 -26.68 4.67
N TYR A 102 -0.27 -25.66 3.97
CA TYR A 102 -0.21 -25.65 2.51
C TYR A 102 1.01 -24.85 2.03
N GLY A 103 1.07 -23.59 2.39
CA GLY A 103 2.20 -22.75 1.99
C GLY A 103 2.31 -22.69 0.47
N SER A 104 1.88 -21.57 -0.10
CA SER A 104 1.94 -21.40 -1.55
C SER A 104 1.03 -22.41 -2.25
N THR A 105 0.06 -21.90 -3.00
CA THR A 105 -0.87 -22.77 -3.71
C THR A 105 -0.63 -22.72 -5.21
N GLY A 106 0.08 -23.72 -5.72
CA GLY A 106 0.37 -23.78 -7.15
C GLY A 106 -0.51 -24.84 -7.81
N GLY A 107 0.02 -25.49 -8.84
CA GLY A 107 -0.73 -26.53 -9.54
C GLY A 107 -2.13 -26.06 -9.88
N TYR A 108 -2.23 -25.16 -10.86
CA TYR A 108 -3.53 -24.63 -11.28
C TYR A 108 -4.51 -25.76 -11.58
N GLY A 109 -5.77 -25.58 -11.22
CA GLY A 109 -6.78 -26.60 -11.47
C GLY A 109 -7.84 -26.60 -10.36
N SER A 110 -7.38 -26.57 -9.12
CA SER A 110 -8.29 -26.57 -7.96
C SER A 110 -7.51 -26.77 -6.67
N SER A 111 -7.77 -25.91 -5.68
CA SER A 111 -7.09 -26.01 -4.40
C SER A 111 -8.08 -25.92 -3.25
N GLN A 112 -8.54 -27.07 -2.78
CA GLN A 112 -9.50 -27.11 -1.68
C GLN A 112 -8.87 -27.76 -0.45
N SER A 113 -8.38 -26.93 0.47
CA SER A 113 -7.75 -27.44 1.68
C SER A 113 -8.01 -26.52 2.87
N SER A 114 -7.46 -26.89 4.02
CA SER A 114 -7.64 -26.10 5.24
C SER A 114 -6.57 -26.47 6.27
N GLN A 115 -5.85 -25.46 6.75
CA GLN A 115 -4.79 -25.69 7.74
C GLN A 115 -4.77 -24.58 8.77
N SER A 116 -3.83 -24.66 9.71
CA SER A 116 -3.72 -23.64 10.75
C SER A 116 -2.42 -23.82 11.55
N SER A 117 -2.01 -22.76 12.25
CA SER A 117 -0.79 -22.83 13.06
C SER A 117 -0.74 -21.67 14.05
N TYR A 118 -0.28 -21.95 15.27
CA TYR A 118 -0.20 -20.89 16.29
C TYR A 118 1.06 -21.06 17.15
N GLY A 119 2.21 -20.68 16.60
CA GLY A 119 3.47 -20.80 17.32
C GLY A 119 4.64 -20.31 16.49
N GLN A 120 4.52 -19.09 15.97
CA GLN A 120 5.57 -18.51 15.14
C GLN A 120 6.47 -17.59 15.97
N GLN A 121 7.72 -17.99 16.16
CA GLN A 121 8.66 -17.18 16.93
C GLN A 121 9.98 -17.01 16.18
N SER A 122 10.38 -15.75 16.00
CA SER A 122 11.63 -15.46 15.30
C SER A 122 12.50 -14.53 16.14
N SER A 123 13.55 -15.09 16.74
CA SER A 123 14.45 -14.31 17.58
C SER A 123 13.71 -13.78 18.81
N TYR A 124 14.46 -13.27 19.78
CA TYR A 124 13.88 -12.72 20.99
C TYR A 124 14.84 -11.78 21.69
N SER B 64 -14.54 -19.69 -17.02
CA SER B 64 -13.74 -18.46 -16.77
C SER B 64 -12.80 -18.21 -17.94
N TYR B 65 -12.93 -17.06 -18.58
CA TYR B 65 -12.08 -16.73 -19.72
C TYR B 65 -10.98 -15.76 -19.29
N SER B 66 -9.85 -16.32 -18.87
CA SER B 66 -8.71 -15.49 -18.44
C SER B 66 -7.50 -15.73 -19.35
N GLY B 67 -6.67 -14.70 -19.48
CA GLY B 67 -5.48 -14.81 -20.32
C GLY B 67 -4.31 -15.41 -19.54
N TYR B 68 -3.41 -14.54 -19.08
CA TYR B 68 -2.25 -15.00 -18.33
C TYR B 68 -1.89 -14.02 -17.22
N SER B 69 -1.07 -14.46 -16.28
CA SER B 69 -0.66 -13.60 -15.17
C SER B 69 0.84 -13.75 -14.91
N GLN B 70 1.48 -12.66 -14.52
CA GLN B 70 2.91 -12.67 -14.25
C GLN B 70 3.19 -13.43 -12.96
N SER B 71 4.45 -13.35 -12.50
CA SER B 71 4.84 -14.02 -11.27
C SER B 71 4.07 -13.48 -10.07
N THR B 72 3.67 -14.37 -9.17
CA THR B 72 2.93 -13.97 -7.98
C THR B 72 3.65 -14.46 -6.72
N ASP B 73 3.86 -13.56 -5.76
CA ASP B 73 4.53 -13.91 -4.53
C ASP B 73 4.01 -13.05 -3.38
N THR B 74 3.57 -13.69 -2.30
CA THR B 74 3.05 -12.95 -1.16
C THR B 74 4.16 -12.17 -0.46
N SER B 75 5.16 -12.88 0.02
CA SER B 75 6.27 -12.24 0.72
C SER B 75 7.61 -12.74 0.20
N GLY B 76 8.66 -12.50 0.96
CA GLY B 76 9.99 -12.94 0.58
C GLY B 76 10.42 -12.31 -0.74
N TYR B 77 10.65 -10.99 -0.72
CA TYR B 77 11.09 -10.25 -1.91
C TYR B 77 10.48 -10.83 -3.19
N GLY B 78 9.23 -10.48 -3.45
CA GLY B 78 8.55 -10.99 -4.64
C GLY B 78 9.42 -10.76 -5.87
N GLN B 79 9.69 -9.50 -6.17
CA GLN B 79 10.51 -9.16 -7.32
C GLN B 79 11.42 -7.99 -6.99
N SER B 80 12.51 -8.27 -6.27
CA SER B 80 13.44 -7.22 -5.89
C SER B 80 14.88 -7.64 -6.14
N SER B 81 15.63 -6.80 -6.84
CA SER B 81 17.02 -7.09 -7.14
C SER B 81 17.94 -6.04 -6.53
N TYR B 82 19.16 -6.44 -6.21
CA TYR B 82 20.13 -5.52 -5.61
C TYR B 82 21.22 -5.18 -6.62
N SER B 83 21.47 -3.88 -6.80
CA SER B 83 22.50 -3.44 -7.73
C SER B 83 23.28 -2.26 -7.15
N SER B 84 23.47 -2.29 -5.83
CA SER B 84 24.20 -1.22 -5.16
C SER B 84 25.68 -1.27 -5.52
N TYR B 85 26.37 -0.16 -5.28
CA TYR B 85 27.80 -0.09 -5.58
C TYR B 85 28.59 0.34 -4.35
N GLY B 86 29.82 -0.15 -4.25
CA GLY B 86 30.67 0.19 -3.11
C GLY B 86 30.20 -0.52 -1.85
N GLN B 87 30.52 0.05 -0.69
CA GLN B 87 30.12 -0.54 0.58
C GLN B 87 28.61 -0.47 0.74
N SER B 88 28.01 -1.61 1.11
CA SER B 88 26.57 -1.67 1.29
C SER B 88 26.16 -3.00 1.92
N GLN B 89 25.72 -2.95 3.17
CA GLN B 89 25.29 -4.17 3.86
C GLN B 89 23.93 -4.62 3.36
N ASN B 90 23.87 -5.84 2.87
CA ASN B 90 22.61 -6.39 2.36
C ASN B 90 21.96 -7.31 3.40
N THR B 91 20.92 -6.82 4.05
CA THR B 91 20.22 -7.62 5.06
C THR B 91 18.76 -7.81 4.66
N GLY B 92 18.31 -9.06 4.70
CA GLY B 92 16.92 -9.37 4.34
C GLY B 92 15.94 -8.72 5.31
N TYR B 93 14.71 -9.20 5.30
CA TYR B 93 13.68 -8.66 6.18
C TYR B 93 14.18 -8.58 7.62
N GLY B 94 14.63 -9.71 8.15
CA GLY B 94 15.15 -9.75 9.52
C GLY B 94 14.21 -10.53 10.43
N THR B 95 13.40 -9.79 11.19
CA THR B 95 12.46 -10.42 12.11
C THR B 95 11.03 -10.21 11.64
N GLN B 96 10.37 -11.28 11.20
CA GLN B 96 9.00 -11.16 10.72
C GLN B 96 8.34 -12.53 10.59
N SER B 97 7.02 -12.52 10.41
CA SER B 97 6.28 -13.77 10.26
C SER B 97 5.44 -13.75 9.00
N THR B 98 5.62 -14.76 8.15
CA THR B 98 4.88 -14.87 6.90
C THR B 98 3.54 -15.57 7.16
N PRO B 99 2.68 -15.65 6.17
CA PRO B 99 1.35 -16.30 6.32
C PRO B 99 1.42 -17.63 7.04
N GLN B 100 0.25 -18.14 7.39
CA GLN B 100 0.12 -19.40 8.10
C GLN B 100 -1.11 -20.14 7.58
N GLY B 101 -0.88 -21.23 6.86
CA GLY B 101 -1.98 -22.00 6.30
C GLY B 101 -1.84 -22.13 4.79
N TYR B 102 -2.32 -21.12 4.07
CA TYR B 102 -2.23 -21.12 2.62
C TYR B 102 -1.01 -20.34 2.14
N GLY B 103 -0.94 -19.06 2.51
CA GLY B 103 0.19 -18.23 2.11
C GLY B 103 0.32 -18.17 0.59
N SER B 104 -0.11 -17.05 0.01
CA SER B 104 -0.04 -16.88 -1.43
C SER B 104 -0.93 -17.89 -2.13
N THR B 105 -1.91 -17.39 -2.90
CA THR B 105 -2.83 -18.26 -3.61
C THR B 105 -2.57 -18.21 -5.11
N GLY B 106 -1.86 -19.21 -5.62
CA GLY B 106 -1.57 -19.27 -7.04
C GLY B 106 -2.45 -20.32 -7.71
N GLY B 107 -1.91 -20.98 -8.73
CA GLY B 107 -2.66 -22.02 -9.43
C GLY B 107 -4.06 -21.54 -9.79
N TYR B 108 -4.14 -20.66 -10.77
CA TYR B 108 -5.43 -20.12 -11.19
C TYR B 108 -6.40 -21.26 -11.51
N GLY B 109 -7.67 -21.05 -11.15
CA GLY B 109 -8.70 -22.07 -11.41
C GLY B 109 -9.76 -22.05 -10.31
N SER B 110 -9.32 -22.03 -9.06
CA SER B 110 -10.23 -22.02 -7.91
C SER B 110 -9.46 -22.22 -6.62
N SER B 111 -9.73 -21.35 -5.64
CA SER B 111 -9.05 -21.44 -4.35
C SER B 111 -10.06 -21.35 -3.21
N GLN B 112 -10.53 -22.50 -2.74
CA GLN B 112 -11.50 -22.53 -1.65
C GLN B 112 -10.89 -23.17 -0.41
N SER B 113 -10.40 -22.34 0.51
CA SER B 113 -9.78 -22.86 1.73
C SER B 113 -10.05 -21.93 2.92
N SER B 114 -9.52 -22.31 4.07
CA SER B 114 -9.69 -21.51 5.28
C SER B 114 -8.63 -21.87 6.32
N GLN B 115 -7.92 -20.86 6.81
CA GLN B 115 -6.86 -21.10 7.80
C GLN B 115 -6.85 -19.97 8.84
N SER B 116 -5.92 -20.06 9.79
CA SER B 116 -5.81 -19.03 10.82
C SER B 116 -4.53 -19.22 11.64
N SER B 117 -4.11 -18.17 12.34
CA SER B 117 -2.90 -18.25 13.15
C SER B 117 -2.85 -17.09 14.15
N TYR B 118 -2.40 -17.36 15.37
CA TYR B 118 -2.31 -16.32 16.38
C TYR B 118 -1.06 -16.51 17.25
N GLY B 119 0.09 -16.12 16.72
CA GLY B 119 1.35 -16.24 17.45
C GLY B 119 2.52 -15.75 16.61
N GLN B 120 2.41 -14.54 16.10
CA GLN B 120 3.47 -13.96 15.28
C GLN B 120 4.36 -13.04 16.11
N GLN B 121 5.61 -13.44 16.31
CA GLN B 121 6.55 -12.64 17.09
C GLN B 121 7.88 -12.48 16.35
N SER B 122 8.30 -11.22 16.16
CA SER B 122 9.55 -10.94 15.47
C SER B 122 10.41 -10.01 16.33
N SER B 123 11.45 -10.57 16.94
CA SER B 123 12.35 -9.80 17.78
C SER B 123 11.60 -9.25 19.00
N TYR B 124 12.35 -8.75 19.97
CA TYR B 124 11.76 -8.19 21.18
C TYR B 124 12.73 -7.26 21.88
N SER C 64 -16.36 -15.14 -17.05
CA SER C 64 -15.56 -13.90 -16.79
C SER C 64 -14.60 -13.68 -17.95
N TYR C 65 -14.73 -12.52 -18.60
CA TYR C 65 -13.86 -12.19 -19.73
C TYR C 65 -12.76 -11.24 -19.31
N SER C 66 -11.63 -11.79 -18.87
CA SER C 66 -10.50 -10.98 -18.44
C SER C 66 -9.28 -11.23 -19.32
N GLY C 67 -8.45 -10.21 -19.46
CA GLY C 67 -7.25 -10.32 -20.29
C GLY C 67 -6.09 -10.92 -19.50
N TYR C 68 -5.19 -10.06 -19.03
CA TYR C 68 -4.03 -10.52 -18.27
C TYR C 68 -3.68 -9.54 -17.16
N SER C 69 -2.88 -9.99 -16.21
CA SER C 69 -2.47 -9.13 -15.10
C SER C 69 -0.98 -9.28 -14.83
N GLN C 70 -0.33 -8.18 -14.44
CA GLN C 70 1.10 -8.21 -14.16
C GLN C 70 1.36 -8.96 -12.86
N SER C 71 2.61 -8.89 -12.39
CA SER C 71 2.99 -9.56 -11.15
C SER C 71 2.22 -9.00 -9.97
N THR C 72 1.81 -9.90 -9.06
CA THR C 72 1.06 -9.48 -7.87
C THR C 72 1.76 -9.98 -6.62
N ASP C 73 1.97 -9.07 -5.67
CA ASP C 73 2.62 -9.42 -4.42
C ASP C 73 2.11 -8.56 -3.27
N THR C 74 1.65 -9.19 -2.19
CA THR C 74 1.12 -8.45 -1.06
C THR C 74 2.22 -7.67 -0.35
N SER C 75 3.22 -8.38 0.14
CA SER C 75 4.33 -7.74 0.85
C SER C 75 5.67 -8.26 0.33
N GLY C 76 6.71 -8.01 1.11
CA GLY C 76 8.05 -8.47 0.73
C GLY C 76 8.50 -7.85 -0.58
N TYR C 77 8.74 -6.53 -0.57
CA TYR C 77 9.19 -5.80 -1.75
C TYR C 77 8.59 -6.37 -3.03
N GLY C 78 7.33 -6.02 -3.31
CA GLY C 78 6.67 -6.52 -4.50
C GLY C 78 7.54 -6.31 -5.73
N GLN C 79 7.83 -5.05 -6.03
CA GLN C 79 8.66 -4.71 -7.18
C GLN C 79 9.58 -3.55 -6.84
N SER C 80 10.65 -3.83 -6.11
CA SER C 80 11.59 -2.78 -5.72
C SER C 80 13.03 -3.21 -5.97
N SER C 81 13.78 -2.38 -6.66
CA SER C 81 15.18 -2.68 -6.94
C SER C 81 16.09 -1.63 -6.33
N TYR C 82 17.32 -2.05 -5.99
CA TYR C 82 18.28 -1.13 -5.40
C TYR C 82 19.40 -0.80 -6.39
N SER C 83 19.65 0.49 -6.58
CA SER C 83 20.68 0.92 -7.50
C SER C 83 21.47 2.10 -6.91
N SER C 84 21.64 2.09 -5.60
CA SER C 84 22.37 3.15 -4.92
C SER C 84 23.86 3.09 -5.27
N TYR C 85 24.56 4.19 -5.03
CA TYR C 85 25.99 4.26 -5.32
C TYR C 85 26.76 4.69 -4.08
N GLY C 86 27.99 4.20 -3.96
CA GLY C 86 28.84 4.54 -2.83
C GLY C 86 28.34 3.84 -1.56
N GLN C 87 28.67 4.41 -0.41
CA GLN C 87 28.26 3.82 0.86
C GLN C 87 26.74 3.90 1.02
N SER C 88 26.14 2.77 1.37
CA SER C 88 24.69 2.71 1.55
C SER C 88 24.27 1.38 2.17
N GLN C 89 23.81 1.45 3.42
CA GLN C 89 23.37 0.24 4.11
C GLN C 89 22.02 -0.22 3.61
N ASN C 90 21.94 -1.44 3.12
CA ASN C 90 20.70 -1.98 2.61
C ASN C 90 20.04 -2.90 3.63
N THR C 91 18.99 -2.40 4.28
CA THR C 91 18.27 -3.19 5.28
C THR C 91 16.82 -3.37 4.87
N GLY C 92 16.36 -4.62 4.91
CA GLY C 92 14.97 -4.92 4.54
C GLY C 92 13.99 -4.27 5.51
N TYR C 93 12.75 -4.74 5.48
CA TYR C 93 11.72 -4.19 6.35
C TYR C 93 12.21 -4.10 7.79
N GLY C 94 12.65 -5.24 8.33
CA GLY C 94 13.15 -5.27 9.71
C GLY C 94 12.20 -6.05 10.62
N THR C 95 11.38 -5.31 11.36
CA THR C 95 10.44 -5.92 12.28
C THR C 95 9.01 -5.71 11.79
N GLN C 96 8.35 -6.77 11.35
CA GLN C 96 6.98 -6.65 10.86
C GLN C 96 6.31 -8.01 10.73
N SER C 97 5.00 -8.00 10.54
CA SER C 97 4.25 -9.24 10.39
C SER C 97 3.42 -9.21 9.11
N THR C 98 3.61 -10.23 8.28
CA THR C 98 2.88 -10.33 7.03
C THR C 98 1.53 -11.03 7.27
N PRO C 99 0.67 -11.10 6.27
CA PRO C 99 -0.66 -11.75 6.41
C PRO C 99 -0.61 -13.08 7.14
N GLN C 100 -1.78 -13.58 7.49
CA GLN C 100 -1.92 -14.85 8.19
C GLN C 100 -3.15 -15.57 7.66
N GLY C 101 -2.93 -16.66 6.96
CA GLY C 101 -4.02 -17.44 6.39
C GLY C 101 -3.86 -17.56 4.88
N TYR C 102 -4.33 -16.55 4.15
CA TYR C 102 -4.23 -16.56 2.70
C TYR C 102 -3.00 -15.80 2.23
N GLY C 103 -2.93 -14.52 2.59
CA GLY C 103 -1.79 -13.69 2.20
C GLY C 103 -1.65 -13.64 0.69
N SER C 104 -2.07 -12.52 0.09
CA SER C 104 -1.98 -12.35 -1.35
C SER C 104 -2.88 -13.36 -2.05
N THR C 105 -3.84 -12.86 -2.82
CA THR C 105 -4.76 -13.73 -3.54
C THR C 105 -4.49 -13.69 -5.04
N GLY C 106 -3.79 -14.69 -5.54
CA GLY C 106 -3.48 -14.76 -6.96
C GLY C 106 -4.36 -15.81 -7.63
N GLY C 107 -3.81 -16.47 -8.64
CA GLY C 107 -4.56 -17.51 -9.35
C GLY C 107 -5.96 -17.03 -9.73
N TYR C 108 -6.03 -16.13 -10.70
CA TYR C 108 -7.31 -15.60 -11.15
C TYR C 108 -8.29 -16.73 -11.46
N GLY C 109 -9.56 -16.52 -11.12
CA GLY C 109 -10.58 -17.52 -11.37
C GLY C 109 -11.66 -17.51 -10.30
N SER C 110 -11.23 -17.48 -9.03
CA SER C 110 -12.16 -17.45 -7.90
C SER C 110 -11.39 -17.65 -6.60
N SER C 111 -11.67 -16.79 -5.62
CA SER C 111 -11.00 -16.88 -4.33
C SER C 111 -12.02 -16.76 -3.19
N GLN C 112 -12.50 -17.92 -2.72
CA GLN C 112 -13.48 -17.94 -1.64
C GLN C 112 -12.88 -18.58 -0.40
N SER C 113 -12.39 -17.75 0.53
CA SER C 113 -11.79 -18.26 1.75
C SER C 113 -12.06 -17.32 2.93
N SER C 114 -11.55 -17.71 4.10
CA SER C 114 -11.73 -16.90 5.30
C SER C 114 -10.67 -17.26 6.36
N GLN C 115 -9.95 -16.26 6.84
CA GLN C 115 -8.92 -16.49 7.84
C GLN C 115 -8.90 -15.37 8.88
N SER C 116 -7.98 -15.45 9.83
CA SER C 116 -7.87 -14.43 10.86
C SER C 116 -6.60 -14.62 11.69
N SER C 117 -6.18 -13.57 12.39
CA SER C 117 -4.98 -13.65 13.21
C SER C 117 -4.93 -12.48 14.20
N TYR C 118 -4.49 -12.76 15.43
CA TYR C 118 -4.40 -11.72 16.44
C TYR C 118 -3.16 -11.91 17.32
N GLY C 119 -2.00 -11.53 16.80
CA GLY C 119 -0.76 -11.66 17.55
C GLY C 119 0.43 -11.17 16.72
N GLN C 120 0.33 -9.95 16.20
CA GLN C 120 1.40 -9.40 15.38
C GLN C 120 2.29 -8.47 16.21
N GLN C 121 3.53 -8.89 16.43
CA GLN C 121 4.48 -8.09 17.21
C GLN C 121 5.80 -7.93 16.48
N SER C 122 6.23 -6.69 16.30
CA SER C 122 7.49 -6.41 15.62
C SER C 122 8.36 -5.49 16.48
N SER C 123 9.38 -6.06 17.09
CA SER C 123 10.28 -5.27 17.94
C SER C 123 9.53 -4.73 19.15
N TYR C 124 10.28 -4.21 20.13
CA TYR C 124 9.66 -3.66 21.33
C TYR C 124 10.64 -2.72 22.04
N SER D 64 -18.17 -10.57 -17.11
CA SER D 64 -17.36 -9.34 -16.86
C SER D 64 -16.38 -9.12 -18.01
N TYR D 65 -16.50 -7.97 -18.67
CA TYR D 65 -15.62 -7.65 -19.79
C TYR D 65 -14.52 -6.70 -19.35
N SER D 66 -13.40 -7.27 -18.90
CA SER D 66 -12.27 -6.45 -18.46
C SER D 66 -11.05 -6.71 -19.34
N GLY D 67 -10.20 -5.69 -19.48
CA GLY D 67 -9.00 -5.83 -20.29
C GLY D 67 -7.84 -6.43 -19.49
N TYR D 68 -6.94 -5.57 -19.02
CA TYR D 68 -5.80 -6.03 -18.25
C TYR D 68 -5.46 -5.04 -17.14
N SER D 69 -4.65 -5.49 -16.18
CA SER D 69 -4.25 -4.64 -15.07
C SER D 69 -2.77 -4.79 -14.78
N GLN D 70 -2.12 -3.70 -14.39
CA GLN D 70 -0.69 -3.74 -14.10
C GLN D 70 -0.43 -4.49 -12.79
N SER D 71 0.80 -4.41 -12.31
CA SER D 71 1.17 -5.10 -11.07
C SER D 71 0.39 -4.53 -9.88
N THR D 72 -0.03 -5.41 -8.98
CA THR D 72 -0.78 -4.98 -7.81
C THR D 72 -0.11 -5.47 -6.54
N ASP D 73 0.10 -4.57 -5.59
CA ASP D 73 0.74 -4.92 -4.33
C ASP D 73 0.22 -4.05 -3.20
N THR D 74 -0.25 -4.67 -2.13
CA THR D 74 -0.78 -3.91 -0.99
C THR D 74 0.32 -3.15 -0.28
N SER D 75 1.32 -3.87 0.22
CA SER D 75 2.41 -3.23 0.93
C SER D 75 3.76 -3.76 0.43
N GLY D 76 4.80 -3.51 1.22
CA GLY D 76 6.14 -3.98 0.86
C GLY D 76 6.60 -3.37 -0.46
N TYR D 77 6.84 -2.05 -0.45
CA TYR D 77 7.31 -1.32 -1.63
C TYR D 77 6.72 -1.90 -2.91
N GLY D 78 5.47 -1.55 -3.20
CA GLY D 78 4.81 -2.04 -4.40
C GLY D 78 5.70 -1.84 -5.61
N GLN D 79 5.99 -0.59 -5.93
CA GLN D 79 6.84 -0.26 -7.06
C GLN D 79 7.75 0.91 -6.72
N SER D 80 8.82 0.61 -5.98
CA SER D 80 9.76 1.66 -5.59
C SER D 80 11.20 1.21 -5.82
N SER D 81 11.97 2.05 -6.51
CA SER D 81 13.37 1.73 -6.79
C SER D 81 14.28 2.78 -6.16
N TYR D 82 15.50 2.36 -5.82
CA TYR D 82 16.46 3.28 -5.22
C TYR D 82 17.59 3.59 -6.20
N SER D 83 17.85 4.88 -6.39
CA SER D 83 18.90 5.31 -7.31
C SER D 83 19.68 6.48 -6.72
N SER D 84 19.85 6.47 -5.40
CA SER D 84 20.57 7.54 -4.72
C SER D 84 22.06 7.46 -5.06
N TYR D 85 22.77 8.56 -4.82
CA TYR D 85 24.20 8.61 -5.10
C TYR D 85 24.97 9.04 -3.85
N GLY D 86 26.20 8.55 -3.72
CA GLY D 86 27.03 8.89 -2.56
C GLY D 86 26.53 8.19 -1.31
N GLN D 87 26.84 8.77 -0.15
CA GLN D 87 26.41 8.19 1.11
C GLN D 87 24.90 8.26 1.25
N SER D 88 24.28 7.14 1.61
CA SER D 88 22.83 7.11 1.77
C SER D 88 22.39 5.78 2.40
N GLN D 89 21.93 5.84 3.64
CA GLN D 89 21.49 4.64 4.34
C GLN D 89 20.12 4.20 3.81
N ASN D 90 20.05 2.97 3.34
CA ASN D 90 18.80 2.44 2.81
C ASN D 90 18.13 1.53 3.84
N THR D 91 17.08 2.03 4.46
CA THR D 91 16.36 1.26 5.47
C THR D 91 14.89 1.08 5.05
N GLY D 92 14.42 -0.17 5.09
CA GLY D 92 13.05 -0.47 4.71
C GLY D 92 12.06 0.20 5.67
N TYR D 93 10.82 -0.26 5.63
CA TYR D 93 9.77 0.29 6.49
C TYR D 93 10.25 0.38 7.94
N GLY D 94 10.69 -0.75 8.49
CA GLY D 94 11.17 -0.78 9.86
C GLY D 94 10.21 -1.54 10.76
N THR D 95 9.40 -0.79 11.50
CA THR D 95 8.44 -1.40 12.40
C THR D 95 7.01 -1.19 11.91
N GLN D 96 6.35 -2.25 11.47
CA GLN D 96 4.99 -2.12 10.97
C GLN D 96 4.31 -3.47 10.83
N SER D 97 3.00 -3.45 10.63
CA SER D 97 2.25 -4.69 10.48
C SER D 97 1.43 -4.67 9.20
N THR D 98 1.62 -5.69 8.37
CA THR D 98 0.90 -5.79 7.11
C THR D 98 -0.45 -6.48 7.34
N PRO D 99 -1.30 -6.55 6.33
CA PRO D 99 -2.64 -7.20 6.46
C PRO D 99 -2.60 -8.52 7.21
N GLN D 100 -3.79 -9.01 7.55
CA GLN D 100 -3.93 -10.27 8.26
C GLN D 100 -5.17 -10.99 7.72
N GLY D 101 -4.94 -12.09 7.01
CA GLY D 101 -6.05 -12.85 6.44
C GLY D 101 -5.88 -12.99 4.93
N TYR D 102 -6.32 -11.98 4.20
CA TYR D 102 -6.22 -12.00 2.74
C TYR D 102 -4.97 -11.24 2.29
N GLY D 103 -4.90 -9.96 2.64
CA GLY D 103 -3.75 -9.14 2.26
C GLY D 103 -3.60 -9.09 0.75
N SER D 104 -4.00 -7.97 0.15
CA SER D 104 -3.90 -7.81 -1.30
C SER D 104 -4.80 -8.81 -2.01
N THR D 105 -5.75 -8.29 -2.78
CA THR D 105 -6.67 -9.17 -3.51
C THR D 105 -6.39 -9.13 -5.00
N GLY D 106 -5.68 -10.15 -5.49
CA GLY D 106 -5.37 -10.23 -6.92
C GLY D 106 -6.25 -11.27 -7.58
N GLY D 107 -5.70 -11.95 -8.59
CA GLY D 107 -6.45 -12.98 -9.30
C GLY D 107 -7.84 -12.50 -9.69
N TYR D 108 -7.89 -11.60 -10.67
CA TYR D 108 -9.16 -11.07 -11.13
C TYR D 108 -10.16 -12.20 -11.45
N GLY D 109 -11.42 -11.97 -11.11
CA GLY D 109 -12.45 -12.98 -11.37
C GLY D 109 -13.54 -12.93 -10.31
N SER D 110 -13.11 -12.91 -9.05
CA SER D 110 -14.05 -12.87 -7.92
C SER D 110 -13.30 -13.07 -6.61
N SER D 111 -13.57 -12.21 -5.64
CA SER D 111 -12.92 -12.30 -4.33
C SER D 111 -13.95 -12.18 -3.22
N GLN D 112 -14.44 -13.31 -2.74
CA GLN D 112 -15.43 -13.33 -1.67
C GLN D 112 -14.85 -13.96 -0.42
N SER D 113 -14.36 -13.14 0.51
CA SER D 113 -13.77 -13.65 1.74
C SER D 113 -14.04 -12.71 2.92
N SER D 114 -13.54 -13.08 4.08
CA SER D 114 -13.73 -12.27 5.29
C SER D 114 -12.69 -12.64 6.35
N GLN D 115 -11.97 -11.63 6.84
CA GLN D 115 -10.94 -11.88 7.85
C GLN D 115 -10.93 -10.76 8.88
N SER D 116 -10.01 -10.84 9.84
CA SER D 116 -9.90 -9.81 10.87
C SER D 116 -8.65 -10.01 11.71
N SER D 117 -8.22 -8.95 12.40
CA SER D 117 -7.03 -9.04 13.24
C SER D 117 -6.99 -7.87 14.22
N TYR D 118 -6.56 -8.15 15.45
CA TYR D 118 -6.46 -7.10 16.47
C TYR D 118 -5.25 -7.30 17.36
N GLY D 119 -4.08 -6.91 16.84
CA GLY D 119 -2.84 -7.05 17.60
C GLY D 119 -1.64 -6.59 16.78
N GLN D 120 -1.73 -5.36 16.26
CA GLN D 120 -0.64 -4.81 15.45
C GLN D 120 0.24 -3.90 16.29
N GLN D 121 1.49 -4.32 16.52
CA GLN D 121 2.42 -3.52 17.30
C GLN D 121 3.77 -3.38 16.58
N SER D 122 4.20 -2.13 16.40
CA SER D 122 5.46 -1.86 15.73
C SER D 122 6.32 -0.94 16.59
N SER D 123 7.34 -1.51 17.22
CA SER D 123 8.24 -0.73 18.07
C SER D 123 7.48 -0.17 19.27
N TYR D 124 8.22 0.34 20.25
CA TYR D 124 7.61 0.90 21.45
C TYR D 124 8.58 1.83 22.16
N SER E 64 -19.95 -5.99 -17.20
CA SER E 64 -19.13 -4.77 -16.94
C SER E 64 -18.15 -4.56 -18.09
N TYR E 65 -18.25 -3.42 -18.75
CA TYR E 65 -17.37 -3.11 -19.87
C TYR E 65 -16.25 -2.16 -19.44
N SER E 66 -15.14 -2.72 -18.97
CA SER E 66 -14.01 -1.92 -18.53
C SER E 66 -12.79 -2.19 -19.39
N GLY E 67 -11.93 -1.17 -19.52
CA GLY E 67 -10.73 -1.32 -20.33
C GLY E 67 -9.58 -1.92 -19.52
N TYR E 68 -8.67 -1.07 -19.04
CA TYR E 68 -7.55 -1.54 -18.26
C TYR E 68 -7.20 -0.55 -17.15
N SER E 69 -6.41 -0.99 -16.18
CA SER E 69 -6.01 -0.14 -15.07
C SER E 69 -4.53 -0.30 -14.77
N GLN E 70 -3.87 0.79 -14.38
CA GLN E 70 -2.45 0.74 -14.07
C GLN E 70 -2.22 -0.01 -12.76
N SER E 71 -0.97 0.06 -12.27
CA SER E 71 -0.63 -0.61 -11.03
C SER E 71 -1.41 -0.03 -9.86
N THR E 72 -1.84 -0.91 -8.95
CA THR E 72 -2.61 -0.47 -7.78
C THR E 72 -1.95 -0.97 -6.51
N ASP E 73 -1.74 -0.06 -5.57
CA ASP E 73 -1.11 -0.42 -4.30
C ASP E 73 -1.63 0.46 -3.17
N THR E 74 -2.10 -0.17 -2.08
CA THR E 74 -2.64 0.64 -1.00
C THR E 74 -1.57 1.38 -0.23
N SER E 75 -0.57 0.66 0.28
CA SER E 75 0.54 1.28 0.99
C SER E 75 1.87 0.78 0.47
N GLY E 76 2.92 1.00 1.27
CA GLY E 76 4.24 0.52 0.92
C GLY E 76 4.71 1.13 -0.40
N TYR E 77 4.98 2.43 -0.38
CA TYR E 77 5.45 3.17 -1.56
C TYR E 77 4.87 2.57 -2.83
N GLY E 78 3.63 2.95 -3.15
CA GLY E 78 2.98 2.45 -4.34
C GLY E 78 3.88 2.64 -5.55
N GLN E 79 4.17 3.89 -5.86
CA GLN E 79 5.04 4.20 -6.99
C GLN E 79 5.95 5.37 -6.64
N SER E 80 7.02 5.07 -5.91
CA SER E 80 7.97 6.11 -5.50
C SER E 80 9.40 5.67 -5.71
N SER E 81 10.18 6.49 -6.40
CA SER E 81 11.58 6.16 -6.67
C SER E 81 12.48 7.20 -6.04
N TYR E 82 13.70 6.77 -5.69
CA TYR E 82 14.66 7.69 -5.08
C TYR E 82 15.80 8.00 -6.06
N SER E 83 16.07 9.28 -6.26
CA SER E 83 17.13 9.70 -7.16
C SER E 83 17.92 10.87 -6.57
N SER E 84 18.07 10.86 -5.25
CA SER E 84 18.80 11.93 -4.57
C SER E 84 20.29 11.84 -4.89
N TYR E 85 21.00 12.94 -4.65
CA TYR E 85 22.44 12.99 -4.92
C TYR E 85 23.20 13.41 -3.67
N GLY E 86 24.42 12.91 -3.53
CA GLY E 86 25.24 13.25 -2.37
C GLY E 86 24.72 12.56 -1.12
N GLN E 87 25.04 13.14 0.04
CA GLN E 87 24.60 12.57 1.31
C GLN E 87 23.08 12.66 1.44
N SER E 88 22.45 11.54 1.79
CA SER E 88 21.01 11.51 1.94
C SER E 88 20.56 10.19 2.57
N GLN E 89 20.08 10.27 3.81
CA GLN E 89 19.62 9.06 4.51
C GLN E 89 18.26 8.63 3.99
N ASN E 90 18.19 7.40 3.49
CA ASN E 90 16.94 6.87 2.96
C ASN E 90 16.25 5.96 3.99
N THR E 91 15.20 6.48 4.61
CA THR E 91 14.46 5.71 5.60
C THR E 91 13.00 5.54 5.17
N GLY E 92 12.52 4.30 5.21
CA GLY E 92 11.15 4.02 4.83
C GLY E 92 10.16 4.69 5.77
N TYR E 93 8.92 4.23 5.73
CA TYR E 93 7.87 4.80 6.58
C TYR E 93 8.34 4.89 8.03
N GLY E 94 8.76 3.75 8.59
CA GLY E 94 9.22 3.72 9.98
C GLY E 94 8.25 2.97 10.88
N THR E 95 7.44 3.73 11.60
CA THR E 95 6.47 3.14 12.50
C THR E 95 5.06 3.36 11.99
N GLN E 96 4.39 2.29 11.54
CA GLN E 96 3.03 2.44 11.03
C GLN E 96 2.35 1.09 10.89
N SER E 97 1.04 1.11 10.68
CA SER E 97 0.29 -0.14 10.52
C SER E 97 -0.53 -0.10 9.23
N THR E 98 -0.35 -1.13 8.41
CA THR E 98 -1.05 -1.24 7.15
C THR E 98 -2.41 -1.92 7.37
N PRO E 99 -3.26 -1.99 6.37
CA PRO E 99 -4.61 -2.62 6.50
C PRO E 99 -4.58 -3.93 7.24
N GLN E 100 -5.76 -4.41 7.58
CA GLN E 100 -5.91 -5.68 8.26
C GLN E 100 -7.14 -6.39 7.72
N GLY E 101 -6.93 -7.51 7.06
CA GLY E 101 -8.03 -8.26 6.46
C GLY E 101 -7.83 -8.40 4.95
N TYR E 102 -8.29 -7.39 4.20
CA TYR E 102 -8.16 -7.42 2.75
C TYR E 102 -6.91 -6.67 2.30
N GLY E 103 -6.83 -5.39 2.66
CA GLY E 103 -5.67 -4.57 2.28
C GLY E 103 -5.51 -4.53 0.77
N SER E 104 -5.91 -3.42 0.16
CA SER E 104 -5.80 -3.26 -1.28
C SER E 104 -6.70 -4.26 -2.00
N THR E 105 -7.63 -3.75 -2.78
CA THR E 105 -8.55 -4.62 -3.51
C THR E 105 -8.25 -4.59 -5.01
N GLY E 106 -7.55 -5.60 -5.49
CA GLY E 106 -7.22 -5.69 -6.90
C GLY E 106 -8.10 -6.74 -7.58
N GLY E 107 -7.55 -7.42 -8.57
CA GLY E 107 -8.30 -8.45 -9.29
C GLY E 107 -9.68 -7.95 -9.68
N TYR E 108 -9.73 -7.07 -10.68
CA TYR E 108 -10.99 -6.52 -11.14
C TYR E 108 -11.99 -7.64 -11.47
N GLY E 109 -13.25 -7.42 -11.13
CA GLY E 109 -14.29 -8.41 -11.42
C GLY E 109 -15.39 -8.38 -10.36
N SER E 110 -14.98 -8.32 -9.09
CA SER E 110 -15.91 -8.28 -7.97
C SER E 110 -15.17 -8.48 -6.65
N SER E 111 -15.45 -7.61 -5.68
CA SER E 111 -14.80 -7.71 -4.38
C SER E 111 -15.84 -7.57 -3.26
N GLN E 112 -16.36 -8.70 -2.79
CA GLN E 112 -17.35 -8.71 -1.73
C GLN E 112 -16.78 -9.34 -0.47
N SER E 113 -16.30 -8.51 0.45
CA SER E 113 -15.72 -9.02 1.69
C SER E 113 -15.99 -8.08 2.86
N SER E 114 -15.51 -8.45 4.04
CA SER E 114 -15.70 -7.63 5.23
C SER E 114 -14.68 -8.01 6.30
N GLN E 115 -13.95 -7.01 6.80
CA GLN E 115 -12.93 -7.24 7.82
C GLN E 115 -12.91 -6.12 8.85
N SER E 116 -12.01 -6.20 9.81
CA SER E 116 -11.90 -5.17 10.83
C SER E 116 -10.64 -5.37 11.67
N SER E 117 -10.22 -4.31 12.37
CA SER E 117 -9.04 -4.40 13.23
C SER E 117 -9.00 -3.24 14.22
N TYR E 118 -8.58 -3.51 15.45
CA TYR E 118 -8.50 -2.46 16.45
C TYR E 118 -7.28 -2.66 17.35
N GLY E 119 -6.10 -2.30 16.85
CA GLY E 119 -4.87 -2.43 17.63
C GLY E 119 -3.67 -1.96 16.81
N GLN E 120 -3.75 -0.76 16.27
CA GLN E 120 -2.66 -0.20 15.47
C GLN E 120 -1.76 0.70 16.32
N GLN E 121 -0.53 0.28 16.56
CA GLN E 121 0.41 1.07 17.34
C GLN E 121 1.75 1.21 16.63
N SER E 122 2.19 2.44 16.44
CA SER E 122 3.48 2.71 15.78
C SER E 122 4.33 3.62 16.66
N SER E 123 5.34 3.05 17.29
CA SER E 123 6.23 3.83 18.15
C SER E 123 5.46 4.39 19.34
N TYR E 124 6.20 4.90 20.33
CA TYR E 124 5.58 5.48 21.52
C TYR E 124 6.56 6.40 22.23
N SER F 64 -21.70 -1.41 -17.32
CA SER F 64 -20.87 -0.19 -17.06
C SER F 64 -19.89 0.00 -18.20
N TYR F 65 -19.97 1.15 -18.87
CA TYR F 65 -19.07 1.45 -19.98
C TYR F 65 -17.97 2.40 -19.53
N SER F 66 -16.86 1.83 -19.07
CA SER F 66 -15.73 2.63 -18.61
C SER F 66 -14.50 2.35 -19.47
N GLY F 67 -13.63 3.36 -19.59
CA GLY F 67 -12.42 3.21 -20.39
C GLY F 67 -11.29 2.59 -19.56
N TYR F 68 -10.39 3.44 -19.09
CA TYR F 68 -9.26 2.97 -18.30
C TYR F 68 -8.91 3.97 -17.19
N SER F 69 -8.14 3.52 -16.21
CA SER F 69 -7.75 4.37 -15.10
C SER F 69 -6.27 4.20 -14.79
N GLN F 70 -5.61 5.28 -14.41
CA GLN F 70 -4.19 5.23 -14.08
C GLN F 70 -3.96 4.50 -12.76
N SER F 71 -2.74 4.56 -12.27
CA SER F 71 -2.39 3.89 -11.02
C SER F 71 -3.19 4.47 -9.85
N THR F 72 -3.63 3.61 -8.95
CA THR F 72 -4.40 4.05 -7.79
C THR F 72 -3.75 3.55 -6.50
N ASP F 73 -3.55 4.47 -5.56
CA ASP F 73 -2.93 4.12 -4.29
C ASP F 73 -3.46 5.01 -3.17
N THR F 74 -3.96 4.39 -2.10
CA THR F 74 -4.49 5.16 -0.98
C THR F 74 -3.39 5.93 -0.26
N SER F 75 -2.42 5.20 0.27
CA SER F 75 -1.32 5.83 1.00
C SER F 75 0.01 5.29 0.52
N GLY F 76 1.06 5.52 1.32
CA GLY F 76 2.39 5.04 0.98
C GLY F 76 2.87 5.63 -0.34
N TYR F 77 3.14 6.94 -0.33
CA TYR F 77 3.63 7.65 -1.51
C TYR F 77 3.06 7.08 -2.80
N GLY F 78 1.82 7.45 -3.11
CA GLY F 78 1.17 6.95 -4.32
C GLY F 78 2.08 7.12 -5.52
N GLN F 79 2.40 8.38 -5.83
CA GLN F 79 3.26 8.69 -6.95
C GLN F 79 4.19 9.84 -6.61
N SER F 80 5.24 9.54 -5.84
CA SER F 80 6.19 10.59 -5.45
C SER F 80 7.62 10.12 -5.65
N SER F 81 8.41 10.93 -6.33
CA SER F 81 9.81 10.60 -6.58
C SER F 81 10.73 11.64 -5.95
N TYR F 82 11.93 11.22 -5.58
CA TYR F 82 12.90 12.12 -4.98
C TYR F 82 14.04 12.42 -5.94
N SER F 83 14.32 13.70 -6.14
CA SER F 83 15.39 14.11 -7.04
C SER F 83 16.18 15.28 -6.45
N SER F 84 16.32 15.27 -5.12
CA SER F 84 17.04 16.34 -4.45
C SER F 84 18.54 16.24 -4.75
N TYR F 85 19.26 17.34 -4.51
CA TYR F 85 20.70 17.37 -4.77
C TYR F 85 21.45 17.80 -3.52
N GLY F 86 22.67 17.29 -3.36
CA GLY F 86 23.48 17.63 -2.20
C GLY F 86 22.95 16.95 -0.95
N GLN F 87 23.25 17.53 0.21
CA GLN F 87 22.81 16.97 1.48
C GLN F 87 21.29 17.07 1.59
N SER F 88 20.65 15.95 1.94
CA SER F 88 19.20 15.93 2.09
C SER F 88 18.74 14.62 2.71
N GLN F 89 18.25 14.69 3.94
CA GLN F 89 17.78 13.50 4.65
C GLN F 89 16.42 13.07 4.12
N ASN F 90 16.35 11.84 3.63
CA ASN F 90 15.09 11.31 3.10
C ASN F 90 14.40 10.42 4.12
N THR F 91 13.34 10.94 4.73
CA THR F 91 12.59 10.18 5.72
C THR F 91 11.14 10.02 5.28
N GLY F 92 10.65 8.78 5.32
CA GLY F 92 9.28 8.50 4.92
C GLY F 92 8.29 9.19 5.85
N TYR F 93 7.04 8.73 5.80
CA TYR F 93 6.00 9.31 6.63
C TYR F 93 6.46 9.41 8.09
N GLY F 94 6.86 8.27 8.65
CA GLY F 94 7.32 8.24 10.04
C GLY F 94 6.33 7.51 10.94
N THR F 95 5.52 8.26 11.66
CA THR F 95 4.53 7.68 12.55
C THR F 95 3.12 7.91 12.03
N GLN F 96 2.46 6.84 11.58
CA GLN F 96 1.11 6.99 11.07
C GLN F 96 0.41 5.64 10.93
N SER F 97 -0.89 5.68 10.70
CA SER F 97 -1.66 4.44 10.55
C SER F 97 -2.46 4.47 9.25
N THR F 98 -2.27 3.44 8.43
CA THR F 98 -2.97 3.33 7.16
C THR F 98 -4.33 2.66 7.38
N PRO F 99 -5.17 2.59 6.36
CA PRO F 99 -6.52 1.97 6.47
C PRO F 99 -6.50 0.66 7.23
N GLN F 100 -7.70 0.18 7.55
CA GLN F 100 -7.87 -1.08 8.27
C GLN F 100 -9.11 -1.79 7.71
N GLY F 101 -8.88 -2.89 7.02
CA GLY F 101 -9.98 -3.66 6.44
C GLY F 101 -9.79 -3.81 4.93
N TYR F 102 -10.22 -2.79 4.18
CA TYR F 102 -10.09 -2.82 2.73
C TYR F 102 -8.82 -2.09 2.29
N GLY F 103 -8.74 -0.80 2.64
CA GLY F 103 -7.58 0.00 2.27
C GLY F 103 -7.40 0.04 0.75
N SER F 104 -7.78 1.15 0.14
CA SER F 104 -7.66 1.30 -1.31
C SER F 104 -8.56 0.30 -2.02
N THR F 105 -9.49 0.81 -2.82
CA THR F 105 -10.40 -0.05 -3.55
C THR F 105 -10.10 -0.02 -5.04
N GLY F 106 -9.40 -1.05 -5.51
CA GLY F 106 -9.06 -1.15 -6.92
C GLY F 106 -9.95 -2.18 -7.60
N GLY F 107 -9.38 -2.87 -8.59
CA GLY F 107 -10.13 -3.90 -9.31
C GLY F 107 -11.51 -3.40 -9.72
N TYR F 108 -11.54 -2.52 -10.71
CA TYR F 108 -12.79 -1.97 -11.20
C TYR F 108 -13.80 -3.08 -11.52
N GLY F 109 -15.06 -2.85 -11.21
CA GLY F 109 -16.09 -3.84 -11.48
C GLY F 109 -17.21 -3.78 -10.43
N SER F 110 -16.80 -3.75 -9.16
CA SER F 110 -17.75 -3.69 -8.05
C SER F 110 -17.03 -3.89 -6.72
N SER F 111 -17.31 -3.01 -5.77
CA SER F 111 -16.68 -3.10 -4.45
C SER F 111 -17.72 -2.96 -3.35
N GLN F 112 -18.24 -4.09 -2.87
CA GLN F 112 -19.24 -4.08 -1.81
C GLN F 112 -18.69 -4.72 -0.55
N SER F 113 -18.21 -3.88 0.37
CA SER F 113 -17.64 -4.39 1.62
C SER F 113 -17.93 -3.44 2.78
N SER F 114 -17.44 -3.82 3.96
CA SER F 114 -17.64 -2.99 5.15
C SER F 114 -16.63 -3.36 6.23
N GLN F 115 -15.90 -2.36 6.73
CA GLN F 115 -14.89 -2.61 7.76
C GLN F 115 -14.88 -1.48 8.78
N SER F 116 -13.98 -1.57 9.76
CA SER F 116 -13.88 -0.53 10.78
C SER F 116 -12.63 -0.73 11.64
N SER F 117 -12.22 0.32 12.34
CA SER F 117 -11.04 0.23 13.19
C SER F 117 -10.99 1.41 14.17
N TYR F 118 -10.58 1.13 15.41
CA TYR F 118 -10.50 2.19 16.42
C TYR F 118 -9.28 1.97 17.32
N GLY F 119 -8.11 2.34 16.83
CA GLY F 119 -6.88 2.20 17.60
C GLY F 119 -5.67 2.65 16.81
N GLN F 120 -5.73 3.86 16.26
CA GLN F 120 -4.63 4.40 15.47
C GLN F 120 -3.75 5.31 16.32
N GLN F 121 -2.52 4.87 16.57
CA GLN F 121 -1.59 5.68 17.37
C GLN F 121 -0.23 5.80 16.66
N SER F 122 0.22 7.03 16.47
CA SER F 122 1.50 7.29 15.82
C SER F 122 2.36 8.20 16.69
N SER F 123 3.37 7.62 17.34
CA SER F 123 4.25 8.39 18.21
C SER F 123 3.48 8.97 19.39
N TYR F 124 4.21 9.47 20.37
CA TYR F 124 3.58 10.06 21.56
C TYR F 124 4.56 10.98 22.28
N SER G 64 -23.41 3.19 -17.49
CA SER G 64 -22.59 4.41 -17.22
C SER G 64 -21.59 4.59 -18.36
N TYR G 65 -21.67 5.74 -19.02
CA TYR G 65 -20.76 6.02 -20.13
C TYR G 65 -19.65 6.97 -19.67
N SER G 66 -18.54 6.38 -19.21
CA SER G 66 -17.42 7.19 -18.74
C SER G 66 -16.18 6.90 -19.59
N GLY G 67 -15.31 7.90 -19.70
CA GLY G 67 -14.09 7.74 -20.49
C GLY G 67 -12.97 7.13 -19.65
N TYR G 68 -12.06 7.97 -19.17
CA TYR G 68 -10.95 7.49 -18.37
C TYR G 68 -10.60 8.49 -17.26
N SER G 69 -9.85 8.04 -16.28
CA SER G 69 -9.45 8.90 -15.17
C SER G 69 -7.97 8.71 -14.84
N GLN G 70 -7.32 9.80 -14.45
CA GLN G 70 -5.89 9.74 -14.12
C GLN G 70 -5.68 9.01 -12.80
N SER G 71 -4.46 9.06 -12.29
CA SER G 71 -4.13 8.39 -11.03
C SER G 71 -4.93 8.99 -9.87
N THR G 72 -5.40 8.13 -8.98
CA THR G 72 -6.17 8.57 -7.82
C THR G 72 -5.53 8.09 -6.52
N ASP G 73 -5.33 9.00 -5.59
CA ASP G 73 -4.72 8.65 -4.31
C ASP G 73 -5.26 9.54 -3.20
N THR G 74 -5.77 8.94 -2.13
CA THR G 74 -6.31 9.72 -1.02
C THR G 74 -5.22 10.48 -0.29
N SER G 75 -4.25 9.75 0.25
CA SER G 75 -3.15 10.38 0.97
C SER G 75 -1.81 9.82 0.52
N GLY G 76 -0.78 10.05 1.33
CA GLY G 76 0.56 9.56 1.00
C GLY G 76 1.05 10.14 -0.31
N TYR G 77 1.32 11.45 -0.30
CA TYR G 77 1.83 12.16 -1.48
C TYR G 77 1.26 11.58 -2.77
N GLY G 78 0.02 11.96 -3.09
CA GLY G 78 -0.61 11.46 -4.30
C GLY G 78 0.31 11.63 -5.50
N GLN G 79 0.63 12.87 -5.81
CA GLN G 79 1.51 13.18 -6.94
C GLN G 79 2.44 14.32 -6.58
N SER G 80 3.48 14.03 -5.82
CA SER G 80 4.43 15.07 -5.41
C SER G 80 5.87 14.59 -5.60
N SER G 81 6.68 15.40 -6.28
CA SER G 81 8.07 15.06 -6.52
C SER G 81 8.99 16.10 -5.89
N TYR G 82 10.18 15.66 -5.51
CA TYR G 82 11.16 16.56 -4.89
C TYR G 82 12.30 16.85 -5.85
N SER G 83 12.59 18.13 -6.06
CA SER G 83 13.67 18.53 -6.95
C SER G 83 14.46 19.70 -6.35
N SER G 84 14.60 19.69 -5.03
CA SER G 84 15.33 20.76 -4.34
C SER G 84 16.82 20.65 -4.63
N TYR G 85 17.54 21.75 -4.40
CA TYR G 85 18.98 21.77 -4.64
C TYR G 85 19.72 22.20 -3.38
N GLY G 86 20.93 21.68 -3.21
CA GLY G 86 21.74 22.02 -2.04
C GLY G 86 21.20 21.34 -0.79
N GLN G 87 21.50 21.94 0.36
CA GLN G 87 21.03 21.38 1.63
C GLN G 87 19.51 21.49 1.73
N SER G 88 18.87 20.38 2.08
CA SER G 88 17.41 20.36 2.21
C SER G 88 16.94 19.06 2.84
N GLN G 89 16.45 19.14 4.07
CA GLN G 89 15.96 17.95 4.77
C GLN G 89 14.60 17.53 4.22
N ASN G 90 14.52 16.29 3.75
CA ASN G 90 13.28 15.77 3.20
C ASN G 90 12.57 14.90 4.22
N THR G 91 11.51 15.42 4.82
CA THR G 91 10.74 14.67 5.81
C THR G 91 9.29 14.51 5.36
N GLY G 92 8.80 13.27 5.40
CA GLY G 92 7.43 13.00 4.98
C GLY G 92 6.43 13.69 5.91
N TYR G 93 5.17 13.25 5.85
CA TYR G 93 4.12 13.83 6.68
C TYR G 93 4.57 13.92 8.14
N GLY G 94 4.97 12.80 8.70
CA GLY G 94 5.42 12.77 10.09
C GLY G 94 4.43 12.04 10.98
N THR G 95 3.61 12.81 11.70
CA THR G 95 2.62 12.23 12.58
C THR G 95 1.21 12.46 12.05
N GLN G 96 0.54 11.40 11.60
CA GLN G 96 -0.81 11.56 11.06
C GLN G 96 -1.51 10.21 10.92
N SER G 97 -2.81 10.25 10.70
CA SER G 97 -3.58 9.02 10.53
C SER G 97 -4.37 9.05 9.23
N THR G 98 -4.17 8.01 8.42
CA THR G 98 -4.87 7.91 7.14
C THR G 98 -6.23 7.25 7.35
N PRO G 99 -7.06 7.17 6.33
CA PRO G 99 -8.42 6.56 6.42
C PRO G 99 -8.42 5.25 7.19
N GLN G 100 -9.62 4.78 7.50
CA GLN G 100 -9.81 3.53 8.22
C GLN G 100 -11.04 2.82 7.66
N GLY G 101 -10.81 1.71 6.97
CA GLY G 101 -11.91 0.96 6.38
C GLY G 101 -11.71 0.80 4.89
N TYR G 102 -12.13 1.81 4.12
CA TYR G 102 -11.98 1.78 2.67
C TYR G 102 -10.71 2.51 2.24
N GLY G 103 -10.63 3.79 2.58
CA GLY G 103 -9.45 4.58 2.23
C GLY G 103 -9.26 4.62 0.71
N SER G 104 -9.63 5.73 0.08
CA SER G 104 -9.49 5.88 -1.36
C SER G 104 -10.40 4.87 -2.08
N THR G 105 -11.31 5.39 -2.89
CA THR G 105 -12.23 4.53 -3.62
C THR G 105 -11.91 4.55 -5.11
N GLY G 106 -11.22 3.52 -5.57
CA GLY G 106 -10.86 3.41 -6.98
C GLY G 106 -11.75 2.37 -7.66
N GLY G 107 -11.19 1.68 -8.65
CA GLY G 107 -11.93 0.66 -9.37
C GLY G 107 -13.31 1.16 -9.79
N TYR G 108 -13.31 2.04 -10.78
CA TYR G 108 -14.58 2.60 -11.28
C TYR G 108 -15.57 1.49 -11.60
N GLY G 109 -16.84 1.74 -11.31
CA GLY G 109 -17.88 0.75 -11.59
C GLY G 109 -18.99 0.81 -10.55
N SER G 110 -18.60 0.84 -9.28
CA SER G 110 -19.56 0.90 -8.18
C SER G 110 -18.86 0.72 -6.84
N SER G 111 -19.14 1.60 -5.89
CA SER G 111 -18.52 1.51 -4.57
C SER G 111 -19.57 1.67 -3.48
N GLN G 112 -20.10 0.54 -3.00
CA GLN G 112 -21.10 0.56 -1.95
C GLN G 112 -20.56 -0.08 -0.68
N SER G 113 -20.09 0.75 0.25
CA SER G 113 -19.53 0.25 1.50
C SER G 113 -19.82 1.20 2.66
N SER G 114 -19.36 0.84 3.85
CA SER G 114 -19.56 1.66 5.03
C SER G 114 -18.56 1.29 6.11
N GLN G 115 -17.82 2.28 6.62
CA GLN G 115 -16.83 2.04 7.66
C GLN G 115 -16.82 3.17 8.67
N SER G 116 -15.93 3.08 9.67
CA SER G 116 -15.83 4.12 10.68
C SER G 116 -14.59 3.91 11.55
N SER G 117 -14.18 4.96 12.25
CA SER G 117 -13.01 4.87 13.12
C SER G 117 -12.96 6.05 14.09
N TYR G 118 -12.56 5.77 15.33
CA TYR G 118 -12.48 6.83 16.34
C TYR G 118 -11.28 6.62 17.25
N GLY G 119 -10.10 6.98 16.77
CA GLY G 119 -8.88 6.83 17.56
C GLY G 119 -7.65 7.28 16.76
N GLN G 120 -7.71 8.48 16.22
CA GLN G 120 -6.60 9.01 15.43
C GLN G 120 -5.71 9.93 16.28
N GLN G 121 -4.48 9.48 16.54
CA GLN G 121 -3.56 10.28 17.35
C GLN G 121 -2.20 10.39 16.66
N SER G 122 -1.74 11.62 16.46
CA SER G 122 -0.45 11.87 15.83
C SER G 122 0.41 12.77 16.71
N SER G 123 1.40 12.19 17.36
CA SER G 123 2.28 12.97 18.23
C SER G 123 1.50 13.55 19.40
N TYR G 124 2.24 14.05 20.40
CA TYR G 124 1.59 14.64 21.57
C TYR G 124 2.57 15.57 22.30
N SER H 64 -25.10 7.80 -17.67
CA SER H 64 -24.28 9.01 -17.41
C SER H 64 -23.26 9.18 -18.54
N TYR H 65 -23.33 10.32 -19.21
CA TYR H 65 -22.41 10.61 -20.31
C TYR H 65 -21.30 11.54 -19.84
N SER H 66 -20.21 10.96 -19.36
CA SER H 66 -19.08 11.75 -18.89
C SER H 66 -17.83 11.45 -19.72
N GLY H 67 -16.96 12.45 -19.85
CA GLY H 67 -15.73 12.28 -20.62
C GLY H 67 -14.62 11.67 -19.77
N TYR H 68 -13.72 12.50 -19.28
CA TYR H 68 -12.61 12.03 -18.46
C TYR H 68 -12.27 13.03 -17.36
N SER H 69 -11.52 12.57 -16.37
CA SER H 69 -11.14 13.44 -15.26
C SER H 69 -9.65 13.25 -14.91
N GLN H 70 -9.00 14.33 -14.53
CA GLN H 70 -7.57 14.26 -14.18
C GLN H 70 -7.39 13.53 -12.85
N SER H 71 -6.16 13.58 -12.33
CA SER H 71 -5.85 12.91 -11.07
C SER H 71 -6.66 13.52 -9.93
N THR H 72 -7.13 12.66 -9.03
CA THR H 72 -7.91 13.11 -7.89
C THR H 72 -7.28 12.62 -6.58
N ASP H 73 -7.09 13.54 -5.65
CA ASP H 73 -6.50 13.19 -4.36
C ASP H 73 -7.04 14.10 -3.26
N THR H 74 -7.56 13.50 -2.19
CA THR H 74 -8.10 14.28 -1.09
C THR H 74 -7.01 15.04 -0.35
N SER H 75 -6.06 14.30 0.20
CA SER H 75 -4.96 14.92 0.94
C SER H 75 -3.62 14.36 0.49
N GLY H 76 -2.59 14.59 1.31
CA GLY H 76 -1.26 14.09 0.99
C GLY H 76 -0.74 14.67 -0.31
N TYR H 77 -0.47 15.98 -0.31
CA TYR H 77 0.05 16.68 -1.49
C TYR H 77 -0.51 16.10 -2.78
N GLY H 78 -1.74 16.48 -3.12
CA GLY H 78 -2.37 15.98 -4.34
C GLY H 78 -1.44 16.14 -5.53
N GLN H 79 -1.10 17.38 -5.84
CA GLN H 79 -0.21 17.67 -6.95
C GLN H 79 0.72 18.83 -6.59
N SER H 80 1.76 18.52 -5.82
CA SER H 80 2.70 19.55 -5.41
C SER H 80 4.14 19.07 -5.58
N SER H 81 4.95 19.87 -6.26
CA SER H 81 6.35 19.52 -6.48
C SER H 81 7.27 20.56 -5.85
N TYR H 82 8.46 20.11 -5.46
CA TYR H 82 9.43 21.02 -4.84
C TYR H 82 10.59 21.30 -5.79
N SER H 83 10.89 22.57 -5.99
CA SER H 83 11.98 22.97 -6.87
C SER H 83 12.77 24.12 -6.28
N SER H 84 12.89 24.13 -4.95
CA SER H 84 13.63 25.19 -4.27
C SER H 84 15.11 25.08 -4.55
N TYR H 85 15.84 26.16 -4.30
CA TYR H 85 17.28 26.18 -4.53
C TYR H 85 18.02 26.61 -3.27
N GLY H 86 19.23 26.09 -3.09
CA GLY H 86 20.02 26.42 -1.92
C GLY H 86 19.47 25.76 -0.67
N GLN H 87 19.76 26.34 0.49
CA GLN H 87 19.28 25.80 1.75
C GLN H 87 17.76 25.92 1.84
N SER H 88 17.10 24.81 2.19
CA SER H 88 15.65 24.80 2.31
C SER H 88 15.17 23.50 2.94
N GLN H 89 14.67 23.60 4.16
CA GLN H 89 14.17 22.41 4.86
C GLN H 89 12.81 22.00 4.31
N ASN H 90 12.73 20.76 3.83
CA ASN H 90 11.48 20.25 3.28
C ASN H 90 10.76 19.37 4.29
N THR H 91 9.70 19.90 4.88
CA THR H 91 8.92 19.16 5.87
C THR H 91 7.47 19.01 5.40
N GLY H 92 6.97 17.78 5.45
CA GLY H 92 5.60 17.51 5.02
C GLY H 92 4.60 18.21 5.94
N TYR H 93 3.35 17.76 5.86
CA TYR H 93 2.29 18.36 6.68
C TYR H 93 2.73 18.45 8.14
N GLY H 94 3.11 17.32 8.72
CA GLY H 94 3.55 17.30 10.11
C GLY H 94 2.54 16.58 10.99
N THR H 95 1.72 17.35 11.70
CA THR H 95 0.72 16.78 12.58
C THR H 95 -0.68 17.03 12.03
N GLN H 96 -1.35 15.97 11.58
CA GLN H 96 -2.69 16.13 11.04
C GLN H 96 -3.40 14.79 10.90
N SER H 97 -4.70 14.84 10.65
CA SER H 97 -5.48 13.61 10.49
C SER H 97 -6.25 13.63 9.18
N THR H 98 -6.06 12.60 8.37
CA THR H 98 -6.75 12.49 7.09
C THR H 98 -8.12 11.84 7.29
N PRO H 99 -8.94 11.77 6.26
CA PRO H 99 -10.30 11.16 6.35
C PRO H 99 -10.30 9.85 7.12
N GLN H 100 -11.51 9.38 7.42
CA GLN H 100 -11.71 8.14 8.14
C GLN H 100 -12.94 7.44 7.58
N GLY H 101 -12.72 6.32 6.89
CA GLY H 101 -13.81 5.57 6.29
C GLY H 101 -13.60 5.41 4.79
N TYR H 102 -14.00 6.43 4.03
CA TYR H 102 -13.85 6.38 2.58
C TYR H 102 -12.57 7.10 2.16
N GLY H 103 -12.48 8.39 2.50
CA GLY H 103 -11.31 9.18 2.15
C GLY H 103 -11.09 9.20 0.63
N SER H 104 -11.45 10.32 0.00
CA SER H 104 -11.30 10.45 -1.44
C SER H 104 -12.21 9.46 -2.17
N THR H 105 -13.12 9.98 -2.98
CA THR H 105 -14.03 9.12 -3.72
C THR H 105 -13.69 9.12 -5.21
N GLY H 106 -13.00 8.09 -5.66
CA GLY H 106 -12.64 7.99 -7.07
C GLY H 106 -13.53 6.95 -7.75
N GLY H 107 -12.95 6.25 -8.73
CA GLY H 107 -13.70 5.22 -9.46
C GLY H 107 -15.07 5.74 -9.89
N TYR H 108 -15.07 6.61 -10.89
CA TYR H 108 -16.32 7.18 -11.39
C TYR H 108 -17.31 6.07 -11.73
N GLY H 109 -18.59 6.32 -11.44
CA GLY H 109 -19.64 5.34 -11.72
C GLY H 109 -20.76 5.41 -10.70
N SER H 110 -20.38 5.45 -9.42
CA SER H 110 -21.35 5.52 -8.32
C SER H 110 -20.65 5.33 -6.98
N SER H 111 -20.93 6.22 -6.04
CA SER H 111 -20.32 6.13 -4.71
C SER H 111 -21.38 6.29 -3.63
N GLN H 112 -21.92 5.17 -3.16
CA GLN H 112 -22.95 5.20 -2.11
C GLN H 112 -22.41 4.56 -0.83
N SER H 113 -21.94 5.40 0.09
CA SER H 113 -21.40 4.90 1.35
C SER H 113 -21.69 5.85 2.50
N SER H 114 -21.24 5.49 3.69
CA SER H 114 -21.45 6.32 4.88
C SER H 114 -20.45 5.95 5.97
N GLN H 115 -19.72 6.93 6.48
CA GLN H 115 -18.74 6.69 7.53
C GLN H 115 -18.73 7.83 8.54
N SER H 116 -17.85 7.73 9.53
CA SER H 116 -17.76 8.78 10.55
C SER H 116 -16.53 8.56 11.43
N SER H 117 -16.10 9.62 12.13
CA SER H 117 -14.94 9.52 13.00
C SER H 117 -14.90 10.69 13.97
N TYR H 118 -14.52 10.43 15.22
CA TYR H 118 -14.43 11.48 16.22
C TYR H 118 -13.24 11.26 17.15
N GLY H 119 -12.05 11.62 16.68
CA GLY H 119 -10.85 11.46 17.48
C GLY H 119 -9.61 11.90 16.69
N GLN H 120 -9.66 13.11 16.14
CA GLN H 120 -8.53 13.63 15.36
C GLN H 120 -7.65 14.54 16.22
N GLN H 121 -6.43 14.09 16.49
CA GLN H 121 -5.50 14.89 17.30
C GLN H 121 -4.13 14.98 16.62
N SER H 122 -3.67 16.21 16.42
CA SER H 122 -2.38 16.45 15.80
C SER H 122 -1.52 17.36 16.67
N SER H 123 -0.53 16.78 17.35
CA SER H 123 0.35 17.54 18.23
C SER H 123 -0.44 18.14 19.38
N TYR H 124 0.28 18.64 20.39
CA TYR H 124 -0.36 19.24 21.55
C TYR H 124 0.61 20.16 22.28
N SER I 64 -26.77 12.40 -17.89
CA SER I 64 -25.93 13.61 -17.63
C SER I 64 -24.91 13.78 -18.74
N TYR I 65 -24.96 14.92 -19.43
CA TYR I 65 -24.04 15.20 -20.51
C TYR I 65 -22.92 16.13 -20.05
N SER I 66 -21.84 15.54 -19.55
CA SER I 66 -20.71 16.33 -19.07
C SER I 66 -19.46 16.02 -19.89
N GLY I 67 -18.58 17.01 -20.01
CA GLY I 67 -17.34 16.83 -20.77
C GLY I 67 -16.25 16.21 -19.92
N TYR I 68 -15.33 17.04 -19.42
CA TYR I 68 -14.24 16.56 -18.60
C TYR I 68 -13.91 17.56 -17.49
N SER I 69 -13.16 17.11 -16.49
CA SER I 69 -12.78 17.98 -15.38
C SER I 69 -11.31 17.77 -15.02
N GLN I 70 -10.65 18.86 -14.63
CA GLN I 70 -9.24 18.79 -14.27
C GLN I 70 -9.06 18.06 -12.95
N SER I 71 -7.84 18.10 -12.42
CA SER I 71 -7.54 17.44 -11.16
C SER I 71 -8.35 18.06 -10.01
N THR I 72 -8.84 17.20 -9.12
CA THR I 72 -9.62 17.66 -7.98
C THR I 72 -9.02 17.16 -6.67
N ASP I 73 -8.82 18.09 -5.74
CA ASP I 73 -8.24 17.75 -4.45
C ASP I 73 -8.80 18.66 -3.35
N THR I 74 -9.31 18.07 -2.28
CA THR I 74 -9.87 18.85 -1.18
C THR I 74 -8.78 19.60 -0.44
N SER I 75 -7.82 18.86 0.11
CA SER I 75 -6.75 19.48 0.86
C SER I 75 -5.39 18.92 0.43
N GLY I 76 -4.38 19.14 1.25
CA GLY I 76 -3.05 18.63 0.95
C GLY I 76 -2.51 19.21 -0.35
N TYR I 77 -2.24 20.51 -0.35
CA TYR I 77 -1.70 21.21 -1.53
C TYR I 77 -2.26 20.62 -2.82
N GLY I 78 -3.47 21.01 -3.17
CA GLY I 78 -4.10 20.51 -4.39
C GLY I 78 -3.15 20.67 -5.57
N GLN I 79 -2.81 21.91 -5.89
CA GLN I 79 -1.92 22.19 -6.99
C GLN I 79 -0.98 23.34 -6.63
N SER I 80 0.05 23.03 -5.85
CA SER I 80 1.01 24.06 -5.44
C SER I 80 2.44 23.57 -5.59
N SER I 81 3.25 24.36 -6.27
CA SER I 81 4.66 24.00 -6.47
C SER I 81 5.57 25.03 -5.83
N TYR I 82 6.76 24.58 -5.43
CA TYR I 82 7.73 25.48 -4.81
C TYR I 82 8.90 25.75 -5.75
N SER I 83 9.20 27.03 -5.96
CA SER I 83 10.31 27.41 -6.83
C SER I 83 11.09 28.57 -6.23
N SER I 84 11.21 28.57 -4.90
CA SER I 84 11.94 29.63 -4.21
C SER I 84 13.43 29.50 -4.49
N TYR I 85 14.16 30.59 -4.24
CA TYR I 85 15.60 30.59 -4.46
C TYR I 85 16.34 31.03 -3.19
N GLY I 86 17.54 30.50 -3.00
CA GLY I 86 18.34 30.83 -1.82
C GLY I 86 17.76 30.18 -0.57
N GLN I 87 18.04 30.77 0.59
CA GLN I 87 17.55 30.23 1.84
C GLN I 87 16.03 30.36 1.93
N SER I 88 15.36 29.26 2.27
CA SER I 88 13.92 29.26 2.38
C SER I 88 13.42 27.96 3.00
N GLN I 89 12.90 28.05 4.22
CA GLN I 89 12.39 26.88 4.92
C GLN I 89 11.04 26.47 4.36
N ASN I 90 10.95 25.23 3.89
CA ASN I 90 9.70 24.72 3.32
C ASN I 90 8.97 23.85 4.34
N THR I 91 7.90 24.40 4.91
CA THR I 91 7.12 23.66 5.89
C THR I 91 5.68 23.51 5.42
N GLY I 92 5.16 22.28 5.46
CA GLY I 92 3.80 22.02 5.03
C GLY I 92 2.79 22.73 5.93
N TYR I 93 1.54 22.30 5.85
CA TYR I 93 0.49 22.90 6.66
C TYR I 93 0.91 22.99 8.13
N GLY I 94 1.29 21.86 8.71
CA GLY I 94 1.71 21.84 10.11
C GLY I 94 0.69 21.13 10.98
N THR I 95 -0.13 21.91 11.67
CA THR I 95 -1.15 21.35 12.55
C THR I 95 -2.54 21.60 11.99
N GLN I 96 -3.21 20.55 11.54
CA GLN I 96 -4.56 20.72 10.98
C GLN I 96 -5.26 19.39 10.84
N SER I 97 -6.57 19.43 10.58
CA SER I 97 -7.34 18.21 10.42
C SER I 97 -8.10 18.23 9.09
N THR I 98 -7.92 17.19 8.29
CA THR I 98 -8.59 17.09 7.01
C THR I 98 -9.97 16.45 7.20
N PRO I 99 -10.79 16.39 6.16
CA PRO I 99 -12.15 15.80 6.25
C PRO I 99 -12.18 14.49 7.01
N GLN I 100 -13.39 14.03 7.31
CA GLN I 100 -13.60 12.78 8.02
C GLN I 100 -14.83 12.08 7.46
N GLY I 101 -14.60 10.96 6.78
CA GLY I 101 -15.69 10.21 6.18
C GLY I 101 -15.46 10.04 4.69
N TYR I 102 -15.85 11.04 3.91
CA TYR I 102 -15.69 10.99 2.46
C TYR I 102 -14.39 11.69 2.05
N GLY I 103 -14.31 12.98 2.38
CA GLY I 103 -13.12 13.77 2.03
C GLY I 103 -12.91 13.79 0.53
N SER I 104 -13.26 14.91 -0.11
CA SER I 104 -13.10 15.04 -1.55
C SER I 104 -13.99 14.05 -2.28
N THR I 105 -14.89 14.57 -3.11
CA THR I 105 -15.81 13.71 -3.85
C THR I 105 -15.46 13.71 -5.33
N GLY I 106 -14.76 12.66 -5.78
CA GLY I 106 -14.39 12.55 -7.17
C GLY I 106 -15.27 11.53 -7.88
N GLY I 107 -14.71 10.83 -8.85
CA GLY I 107 -15.45 9.80 -9.57
C GLY I 107 -16.81 10.32 -10.01
N TYR I 108 -16.80 11.19 -11.02
CA TYR I 108 -18.04 11.75 -11.53
C TYR I 108 -19.04 10.65 -11.88
N GLY I 109 -20.31 10.91 -11.60
CA GLY I 109 -21.36 9.94 -11.89
C GLY I 109 -22.49 10.03 -10.87
N SER I 110 -22.12 10.06 -9.59
CA SER I 110 -23.10 10.15 -8.51
C SER I 110 -22.42 9.96 -7.16
N SER I 111 -22.70 10.85 -6.22
CA SER I 111 -22.11 10.77 -4.88
C SER I 111 -23.18 10.93 -3.81
N GLN I 112 -23.72 9.82 -3.34
CA GLN I 112 -24.75 9.85 -2.31
C GLN I 112 -24.24 9.21 -1.02
N SER I 113 -23.77 10.06 -0.10
CA SER I 113 -23.24 9.55 1.17
C SER I 113 -23.54 10.52 2.31
N SER I 114 -23.10 10.15 3.51
CA SER I 114 -23.31 10.99 4.69
C SER I 114 -22.33 10.61 5.80
N GLN I 115 -21.60 11.61 6.30
CA GLN I 115 -20.62 11.35 7.36
C GLN I 115 -20.61 12.50 8.37
N SER I 116 -19.75 12.41 9.37
CA SER I 116 -19.65 13.45 10.39
C SER I 116 -18.44 13.23 11.28
N SER I 117 -18.01 14.28 11.97
CA SER I 117 -16.87 14.18 12.86
C SER I 117 -16.82 15.36 13.82
N TYR I 118 -16.44 15.09 15.08
CA TYR I 118 -16.35 16.13 16.08
C TYR I 118 -15.17 15.89 17.01
N GLY I 119 -13.98 16.26 16.55
CA GLY I 119 -12.77 16.10 17.36
C GLY I 119 -11.54 16.54 16.58
N GLN I 120 -11.57 17.75 16.03
CA GLN I 120 -10.44 18.26 15.26
C GLN I 120 -9.57 19.17 16.12
N GLN I 121 -8.35 18.72 16.41
CA GLN I 121 -7.43 19.51 17.22
C GLN I 121 -6.05 19.59 16.56
N SER I 122 -5.58 20.83 16.36
CA SER I 122 -4.27 21.05 15.75
C SER I 122 -3.42 21.96 16.62
N SER I 123 -2.44 21.37 17.30
CA SER I 123 -1.56 22.14 18.18
C SER I 123 -2.36 22.74 19.34
N TYR I 124 -1.64 23.24 20.35
CA TYR I 124 -2.29 23.85 21.50
C TYR I 124 -1.32 24.77 22.23
N SER A 64 -8.93 -21.51 -17.54
CA SER A 64 -8.76 -22.72 -18.40
C SER A 64 -7.58 -22.52 -19.34
N TYR A 65 -7.55 -21.38 -20.01
CA TYR A 65 -6.47 -21.07 -20.94
C TYR A 65 -5.15 -20.89 -20.20
N SER A 66 -4.05 -20.91 -20.94
CA SER A 66 -2.73 -20.76 -20.34
C SER A 66 -2.67 -19.50 -19.47
N GLY A 67 -2.84 -19.70 -18.16
CA GLY A 67 -2.82 -18.57 -17.23
C GLY A 67 -1.39 -18.18 -16.88
N TYR A 68 -0.99 -18.43 -15.65
CA TYR A 68 0.36 -18.10 -15.19
C TYR A 68 1.39 -18.75 -16.09
N SER A 69 2.48 -18.04 -16.36
CA SER A 69 3.54 -18.58 -17.20
C SER A 69 4.91 -18.34 -16.55
N GLN A 70 4.91 -18.14 -15.24
CA GLN A 70 6.16 -17.91 -14.52
C GLN A 70 6.24 -18.78 -13.27
N SER A 71 7.13 -18.42 -12.35
CA SER A 71 7.29 -19.19 -11.12
C SER A 71 6.48 -18.58 -9.98
N THR A 72 6.22 -19.38 -8.95
CA THR A 72 5.45 -18.91 -7.81
C THR A 72 6.10 -19.38 -6.51
N ASP A 73 6.24 -18.47 -5.55
CA ASP A 73 6.87 -18.82 -4.27
C ASP A 73 6.28 -17.96 -3.15
N THR A 74 5.83 -18.60 -2.08
CA THR A 74 5.24 -17.86 -0.96
C THR A 74 6.31 -17.33 0.00
N SER A 75 7.35 -18.12 0.24
CA SER A 75 8.43 -17.72 1.14
C SER A 75 9.78 -18.05 0.56
N GLY A 76 10.73 -17.13 0.69
CA GLY A 76 12.09 -17.38 0.19
C GLY A 76 12.39 -16.56 -1.07
N TYR A 77 12.60 -15.24 -0.87
CA TYR A 77 12.93 -14.31 -1.97
C TYR A 77 12.36 -14.77 -3.30
N GLY A 78 11.05 -14.67 -3.47
CA GLY A 78 10.41 -15.08 -4.71
C GLY A 78 10.95 -14.27 -5.88
N GLN A 79 11.97 -14.81 -6.54
CA GLN A 79 12.59 -14.12 -7.67
C GLN A 79 13.35 -12.89 -7.18
N SER A 80 14.63 -13.07 -6.90
CA SER A 80 15.46 -11.97 -6.42
C SER A 80 16.89 -12.13 -6.91
N SER A 81 17.60 -11.01 -7.02
CA SER A 81 18.98 -11.03 -7.48
C SER A 81 19.82 -10.00 -6.72
N TYR A 82 21.09 -10.33 -6.50
CA TYR A 82 21.99 -9.43 -5.79
C TYR A 82 23.25 -9.18 -6.61
N SER A 83 23.69 -7.94 -6.66
CA SER A 83 24.89 -7.59 -7.41
C SER A 83 25.66 -6.48 -6.70
N SER A 84 25.66 -6.52 -5.37
CA SER A 84 26.36 -5.51 -4.58
C SER A 84 27.86 -5.55 -4.88
N TYR A 85 28.50 -4.39 -4.80
CA TYR A 85 29.93 -4.32 -5.06
C TYR A 85 30.69 -3.91 -3.79
N GLY A 86 31.89 -4.46 -3.63
CA GLY A 86 32.70 -4.15 -2.46
C GLY A 86 32.18 -4.88 -1.23
N GLN A 87 32.55 -4.38 -0.05
CA GLN A 87 32.10 -5.00 1.20
C GLN A 87 30.59 -4.94 1.31
N SER A 88 29.98 -6.06 1.69
CA SER A 88 28.53 -6.13 1.83
C SER A 88 28.12 -7.46 2.43
N GLN A 89 27.56 -7.41 3.64
CA GLN A 89 27.11 -8.63 4.31
C GLN A 89 25.79 -9.10 3.73
N ASN A 90 25.76 -10.34 3.25
CA ASN A 90 24.54 -10.90 2.67
C ASN A 90 23.85 -11.81 3.66
N THR A 91 22.80 -11.29 4.30
CA THR A 91 22.05 -12.08 5.28
C THR A 91 20.61 -12.27 4.81
N GLY A 92 20.17 -13.52 4.82
CA GLY A 92 18.80 -13.85 4.40
C GLY A 92 17.78 -13.26 5.35
N TYR A 93 16.55 -13.78 5.30
CA TYR A 93 15.49 -13.29 6.16
C TYR A 93 15.95 -13.22 7.61
N GLY A 94 16.41 -14.34 8.14
CA GLY A 94 16.89 -14.40 9.53
C GLY A 94 15.91 -15.15 10.41
N THR A 95 15.06 -14.41 11.11
CA THR A 95 14.07 -15.00 12.00
C THR A 95 12.66 -14.77 11.47
N GLN A 96 12.02 -15.84 11.00
CA GLN A 96 10.67 -15.71 10.47
C GLN A 96 10.00 -17.07 10.31
N SER A 97 8.68 -17.05 10.14
CA SER A 97 7.93 -18.29 9.97
C SER A 97 7.13 -18.24 8.68
N THR A 98 7.38 -19.21 7.79
CA THR A 98 6.69 -19.30 6.51
C THR A 98 5.23 -19.67 6.73
N PRO A 99 4.39 -19.61 5.72
CA PRO A 99 2.94 -19.95 5.84
C PRO A 99 2.74 -21.36 6.37
N GLN A 100 2.31 -21.47 7.62
CA GLN A 100 2.08 -22.79 8.21
C GLN A 100 0.78 -23.38 7.67
N GLY A 101 0.91 -24.46 6.91
CA GLY A 101 -0.27 -25.11 6.34
C GLY A 101 -0.01 -25.50 4.88
N TYR A 102 -0.40 -24.61 3.97
CA TYR A 102 -0.21 -24.87 2.54
C TYR A 102 1.08 -24.24 2.04
N GLY A 103 1.18 -22.92 2.16
CA GLY A 103 2.38 -22.22 1.70
C GLY A 103 2.59 -22.42 0.20
N SER A 104 2.37 -21.34 -0.56
CA SER A 104 2.54 -21.39 -2.01
C SER A 104 1.66 -22.48 -2.62
N THR A 105 0.55 -22.06 -3.21
CA THR A 105 -0.37 -23.01 -3.84
C THR A 105 -0.17 -23.00 -5.35
N GLY A 106 0.56 -23.99 -5.85
CA GLY A 106 0.81 -24.10 -7.27
C GLY A 106 -0.15 -25.12 -7.89
N GLY A 107 0.34 -25.87 -8.87
CA GLY A 107 -0.49 -26.89 -9.53
C GLY A 107 -1.85 -26.33 -9.90
N TYR A 108 -1.89 -25.54 -10.95
CA TYR A 108 -3.15 -24.93 -11.42
C TYR A 108 -4.16 -26.00 -11.80
N GLY A 109 -5.41 -25.80 -11.41
CA GLY A 109 -6.48 -26.75 -11.71
C GLY A 109 -7.52 -26.76 -10.61
N SER A 110 -7.06 -26.80 -9.37
CA SER A 110 -7.96 -26.81 -8.21
C SER A 110 -7.16 -27.06 -6.93
N SER A 111 -7.42 -26.26 -5.91
CA SER A 111 -6.72 -26.42 -4.63
C SER A 111 -7.63 -27.07 -3.61
N GLN A 112 -8.63 -26.32 -3.14
CA GLN A 112 -9.58 -26.84 -2.16
C GLN A 112 -8.86 -27.42 -0.96
N SER A 113 -8.45 -26.56 -0.03
CA SER A 113 -7.75 -27.01 1.17
C SER A 113 -8.07 -26.11 2.37
N SER A 114 -7.42 -26.40 3.49
CA SER A 114 -7.63 -25.61 4.70
C SER A 114 -6.63 -26.02 5.77
N GLN A 115 -5.93 -25.03 6.33
CA GLN A 115 -4.92 -25.32 7.36
C GLN A 115 -4.97 -24.27 8.47
N SER A 116 -4.06 -24.39 9.43
CA SER A 116 -4.00 -23.44 10.54
C SER A 116 -2.60 -23.38 11.15
N SER A 117 -2.32 -22.31 11.87
CA SER A 117 -1.02 -22.15 12.50
C SER A 117 -1.17 -21.66 13.94
N TYR A 118 -0.51 -22.32 14.88
CA TYR A 118 -0.60 -21.93 16.29
C TYR A 118 0.75 -22.10 16.98
N GLY A 119 1.52 -21.02 17.07
CA GLY A 119 2.82 -21.09 17.73
C GLY A 119 3.94 -20.70 16.78
N GLN A 120 3.85 -19.50 16.21
CA GLN A 120 4.86 -19.01 15.29
C GLN A 120 5.87 -18.12 16.01
N GLN A 121 7.10 -18.60 16.16
CA GLN A 121 8.13 -17.83 16.83
C GLN A 121 9.47 -18.00 16.13
N SER A 122 10.18 -16.89 15.93
CA SER A 122 11.47 -16.92 15.28
C SER A 122 12.48 -16.07 16.05
N SER A 123 13.68 -16.60 16.23
CA SER A 123 14.71 -15.87 16.96
C SER A 123 16.10 -16.25 16.45
N TYR A 124 17.09 -15.42 16.76
CA TYR A 124 18.45 -15.67 16.31
C TYR A 124 19.40 -15.72 17.50
N SER B 64 -10.86 -17.00 -17.45
CA SER B 64 -10.70 -18.21 -18.30
C SER B 64 -9.52 -18.02 -19.25
N TYR B 65 -9.49 -16.88 -19.92
CA TYR B 65 -8.40 -16.58 -20.85
C TYR B 65 -7.08 -16.40 -20.10
N SER B 66 -5.98 -16.43 -20.84
CA SER B 66 -4.66 -16.28 -20.24
C SER B 66 -4.60 -15.03 -19.37
N GLY B 67 -4.78 -15.21 -18.06
CA GLY B 67 -4.75 -14.08 -17.13
C GLY B 67 -3.32 -13.69 -16.79
N TYR B 68 -2.93 -13.95 -15.54
CA TYR B 68 -1.57 -13.61 -15.10
C TYR B 68 -0.53 -14.28 -15.98
N SER B 69 0.56 -13.57 -16.25
CA SER B 69 1.62 -14.11 -17.09
C SER B 69 2.98 -13.88 -16.44
N GLN B 70 2.99 -13.67 -15.13
CA GLN B 70 4.23 -13.44 -14.40
C GLN B 70 4.30 -14.31 -13.15
N SER B 71 5.19 -13.96 -12.23
CA SER B 71 5.36 -14.71 -11.00
C SER B 71 4.53 -14.10 -9.87
N THR B 72 4.27 -14.90 -8.84
CA THR B 72 3.50 -14.43 -7.69
C THR B 72 4.14 -14.89 -6.39
N ASP B 73 4.29 -13.97 -5.44
CA ASP B 73 4.89 -14.31 -4.16
C ASP B 73 4.32 -13.45 -3.04
N THR B 74 3.86 -14.09 -1.97
CA THR B 74 3.28 -13.35 -0.85
C THR B 74 4.35 -12.83 0.12
N SER B 75 5.39 -13.61 0.35
CA SER B 75 6.45 -13.21 1.26
C SER B 75 7.83 -13.55 0.68
N GLY B 76 8.78 -12.63 0.82
CA GLY B 76 10.12 -12.87 0.32
C GLY B 76 10.41 -12.06 -0.93
N TYR B 77 10.66 -10.76 -0.75
CA TYR B 77 10.99 -9.84 -1.85
C TYR B 77 10.42 -10.29 -3.19
N GLY B 78 9.11 -10.19 -3.36
CA GLY B 78 8.47 -10.60 -4.60
C GLY B 78 9.02 -9.79 -5.76
N GLN B 79 10.03 -10.33 -6.43
CA GLN B 79 10.66 -9.65 -7.56
C GLN B 79 11.43 -8.43 -7.07
N SER B 80 12.70 -8.61 -6.79
CA SER B 80 13.53 -7.51 -6.31
C SER B 80 14.97 -7.68 -6.80
N SER B 81 15.68 -6.56 -6.90
CA SER B 81 17.07 -6.60 -7.36
C SER B 81 17.90 -5.56 -6.60
N TYR B 82 19.17 -5.90 -6.38
CA TYR B 82 20.07 -4.99 -5.67
C TYR B 82 21.33 -4.76 -6.49
N SER B 83 21.78 -3.51 -6.54
CA SER B 83 22.99 -3.17 -7.29
C SER B 83 23.77 -2.06 -6.58
N SER B 84 23.75 -2.09 -5.25
CA SER B 84 24.46 -1.10 -4.47
C SER B 84 25.95 -1.14 -4.77
N TYR B 85 26.61 0.01 -4.68
CA TYR B 85 28.04 0.09 -4.94
C TYR B 85 28.80 0.49 -3.68
N GLY B 86 29.99 -0.06 -3.51
CA GLY B 86 30.81 0.25 -2.34
C GLY B 86 30.27 -0.47 -1.10
N GLN B 87 30.64 0.02 0.08
CA GLN B 87 30.20 -0.58 1.33
C GLN B 87 28.67 -0.52 1.43
N SER B 88 28.06 -1.64 1.81
CA SER B 88 26.61 -1.69 1.94
C SER B 88 26.18 -3.03 2.56
N GLN B 89 25.63 -2.97 3.77
CA GLN B 89 25.18 -4.18 4.44
C GLN B 89 23.85 -4.65 3.86
N ASN B 90 23.82 -5.89 3.38
CA ASN B 90 22.60 -6.44 2.80
C ASN B 90 21.90 -7.36 3.80
N THR B 91 20.85 -6.83 4.43
CA THR B 91 20.10 -7.60 5.40
C THR B 91 18.67 -7.81 4.94
N GLY B 92 18.21 -9.05 4.95
CA GLY B 92 16.85 -9.36 4.52
C GLY B 92 15.83 -8.77 5.48
N TYR B 93 14.61 -9.28 5.42
CA TYR B 93 13.54 -8.79 6.28
C TYR B 93 13.99 -8.73 7.74
N GLY B 94 14.45 -9.85 8.28
CA GLY B 94 14.91 -9.89 9.66
C GLY B 94 13.94 -10.64 10.54
N THR B 95 13.09 -9.89 11.23
CA THR B 95 12.09 -10.48 12.13
C THR B 95 10.70 -10.25 11.58
N GLN B 96 10.04 -11.31 11.12
CA GLN B 96 8.69 -11.18 10.59
C GLN B 96 8.01 -12.53 10.42
N SER B 97 6.69 -12.50 10.27
CA SER B 97 5.93 -13.73 10.10
C SER B 97 5.13 -13.68 8.79
N THR B 98 5.39 -14.66 7.91
CA THR B 98 4.70 -14.73 6.63
C THR B 98 3.22 -15.11 6.86
N PRO B 99 2.40 -15.05 5.83
CA PRO B 99 0.95 -15.39 5.96
C PRO B 99 0.73 -16.79 6.49
N GLN B 100 0.33 -16.90 7.75
CA GLN B 100 0.07 -18.21 8.33
C GLN B 100 -1.23 -18.80 7.79
N GLY B 101 -1.10 -19.89 7.04
CA GLY B 101 -2.26 -20.53 6.46
C GLY B 101 -2.02 -20.94 5.01
N TYR B 102 -2.38 -20.05 4.09
CA TYR B 102 -2.21 -20.33 2.67
C TYR B 102 -0.90 -19.71 2.15
N GLY B 103 -0.80 -18.40 2.27
CA GLY B 103 0.40 -17.69 1.82
C GLY B 103 0.62 -17.88 0.32
N SER B 104 0.40 -16.82 -0.43
CA SER B 104 0.57 -16.86 -1.89
C SER B 104 -0.31 -17.95 -2.50
N THR B 105 -1.43 -17.53 -3.09
CA THR B 105 -2.34 -18.48 -3.72
C THR B 105 -2.13 -18.49 -5.22
N GLY B 106 -1.40 -19.48 -5.73
CA GLY B 106 -1.16 -19.58 -7.15
C GLY B 106 -2.12 -20.59 -7.77
N GLY B 107 -1.63 -21.35 -8.74
CA GLY B 107 -2.45 -22.37 -9.39
C GLY B 107 -3.83 -21.81 -9.77
N TYR B 108 -3.86 -21.02 -10.83
CA TYR B 108 -5.11 -20.43 -11.29
C TYR B 108 -6.13 -21.50 -11.68
N GLY B 109 -7.38 -21.28 -11.29
CA GLY B 109 -8.44 -22.23 -11.60
C GLY B 109 -9.50 -22.22 -10.50
N SER B 110 -9.04 -22.26 -9.24
CA SER B 110 -9.94 -22.25 -8.10
C SER B 110 -9.14 -22.52 -6.82
N SER B 111 -9.40 -21.71 -5.80
CA SER B 111 -8.71 -21.86 -4.52
C SER B 111 -9.64 -22.51 -3.49
N GLN B 112 -10.62 -21.75 -3.04
CA GLN B 112 -11.58 -22.26 -2.05
C GLN B 112 -10.86 -22.84 -0.85
N SER B 113 -10.45 -21.97 0.08
CA SER B 113 -9.75 -22.42 1.28
C SER B 113 -10.07 -21.52 2.47
N SER B 114 -9.43 -21.81 3.61
CA SER B 114 -9.65 -21.01 4.81
C SER B 114 -8.64 -21.42 5.89
N GLN B 115 -7.93 -20.43 6.45
CA GLN B 115 -6.94 -20.71 7.48
C GLN B 115 -6.98 -19.67 8.58
N SER B 116 -6.07 -19.79 9.54
CA SER B 116 -6.02 -18.84 10.65
C SER B 116 -4.61 -18.80 11.25
N SER B 117 -4.33 -17.72 11.98
CA SER B 117 -3.02 -17.56 12.62
C SER B 117 -3.18 -17.06 14.05
N TYR B 118 -2.52 -17.73 14.99
CA TYR B 118 -2.60 -17.34 16.40
C TYR B 118 -1.26 -17.53 17.09
N GLY B 119 -0.49 -16.44 17.19
CA GLY B 119 0.82 -16.50 17.85
C GLY B 119 1.94 -16.11 16.89
N GLN B 120 1.84 -14.91 16.33
CA GLN B 120 2.86 -14.44 15.40
C GLN B 120 3.86 -13.54 16.13
N GLN B 121 5.09 -14.03 16.28
CA GLN B 121 6.13 -13.25 16.95
C GLN B 121 7.47 -13.44 16.25
N SER B 122 8.18 -12.33 16.05
CA SER B 122 9.48 -12.37 15.40
C SER B 122 10.48 -11.52 16.17
N SER B 123 11.68 -12.05 16.37
CA SER B 123 12.72 -11.33 17.09
C SER B 123 14.10 -11.70 16.57
N TYR B 124 15.10 -10.88 16.89
CA TYR B 124 16.47 -11.14 16.45
C TYR B 124 17.41 -11.19 17.64
N SER C 64 -12.79 -12.47 -17.38
CA SER C 64 -12.63 -13.70 -18.23
C SER C 64 -11.43 -13.51 -19.17
N TYR C 65 -11.40 -12.37 -19.84
CA TYR C 65 -10.31 -12.08 -20.77
C TYR C 65 -8.99 -11.91 -20.02
N SER C 66 -7.89 -11.94 -20.76
CA SER C 66 -6.57 -11.79 -20.15
C SER C 66 -6.51 -10.53 -19.29
N GLY C 67 -6.69 -10.71 -17.98
CA GLY C 67 -6.66 -9.59 -17.06
C GLY C 67 -5.22 -9.20 -16.71
N TYR C 68 -4.83 -9.45 -15.47
CA TYR C 68 -3.48 -9.12 -15.02
C TYR C 68 -2.45 -9.80 -15.90
N SER C 69 -1.35 -9.10 -16.17
CA SER C 69 -0.28 -9.64 -17.00
C SER C 69 1.07 -9.41 -16.35
N GLN C 70 1.08 -9.20 -15.03
CA GLN C 70 2.32 -8.97 -14.31
C GLN C 70 2.38 -9.84 -13.05
N SER C 71 3.28 -9.48 -12.14
CA SER C 71 3.43 -10.24 -10.90
C SER C 71 2.61 -9.62 -9.77
N THR C 72 2.34 -10.41 -8.74
CA THR C 72 1.57 -9.93 -7.60
C THR C 72 2.21 -10.39 -6.30
N ASP C 73 2.35 -9.46 -5.34
CA ASP C 73 2.96 -9.80 -4.06
C ASP C 73 2.38 -8.94 -2.94
N THR C 74 1.92 -9.57 -1.88
CA THR C 74 1.34 -8.82 -0.76
C THR C 74 2.41 -8.30 0.21
N SER C 75 3.45 -9.10 0.45
CA SER C 75 4.50 -8.69 1.36
C SER C 75 5.88 -9.03 0.78
N GLY C 76 6.83 -8.12 0.92
CA GLY C 76 8.18 -8.36 0.42
C GLY C 76 8.47 -7.56 -0.83
N TYR C 77 8.73 -6.27 -0.64
CA TYR C 77 9.06 -5.35 -1.75
C TYR C 77 8.50 -5.81 -3.10
N GLY C 78 7.19 -5.70 -3.26
CA GLY C 78 6.55 -6.10 -4.51
C GLY C 78 7.10 -5.31 -5.67
N GLN C 79 8.11 -5.86 -6.33
CA GLN C 79 8.75 -5.19 -7.46
C GLN C 79 9.52 -3.96 -6.98
N SER C 80 10.80 -4.15 -6.69
CA SER C 80 11.63 -3.06 -6.22
C SER C 80 13.06 -3.22 -6.70
N SER C 81 13.78 -2.12 -6.81
CA SER C 81 15.16 -2.15 -7.26
C SER C 81 16.00 -1.12 -6.51
N TYR C 82 17.27 -1.46 -6.28
CA TYR C 82 18.18 -0.56 -5.58
C TYR C 82 19.44 -0.34 -6.39
N SER C 83 19.90 0.91 -6.44
CA SER C 83 21.11 1.24 -7.19
C SER C 83 21.88 2.35 -6.49
N SER C 84 21.86 2.32 -5.16
CA SER C 84 22.58 3.33 -4.38
C SER C 84 24.07 3.27 -4.67
N TYR C 85 24.73 4.42 -4.59
CA TYR C 85 26.16 4.49 -4.85
C TYR C 85 26.92 4.89 -3.58
N GLY C 86 28.11 4.34 -3.40
CA GLY C 86 28.92 4.65 -2.23
C GLY C 86 28.38 3.93 -0.99
N GLN C 87 28.76 4.43 0.17
CA GLN C 87 28.31 3.84 1.42
C GLN C 87 26.78 3.90 1.53
N SER C 88 26.17 2.79 1.91
CA SER C 88 24.71 2.75 2.05
C SER C 88 24.27 1.42 2.66
N GLN C 89 23.72 1.48 3.87
CA GLN C 89 23.26 0.27 4.54
C GLN C 89 21.93 -0.20 3.97
N ASN C 90 21.91 -1.44 3.49
CA ASN C 90 20.69 -1.99 2.90
C ASN C 90 19.98 -2.89 3.91
N THR C 91 18.93 -2.37 4.53
CA THR C 91 18.18 -3.13 5.51
C THR C 91 16.73 -3.33 5.05
N GLY C 92 16.28 -4.57 5.06
CA GLY C 92 14.92 -4.88 4.63
C GLY C 92 13.89 -4.27 5.58
N TYR C 93 12.67 -4.78 5.52
CA TYR C 93 11.59 -4.28 6.38
C TYR C 93 12.05 -4.21 7.83
N GLY C 94 12.51 -5.34 8.38
CA GLY C 94 12.97 -5.38 9.76
C GLY C 94 11.99 -6.12 10.64
N THR C 95 11.13 -5.35 11.33
CA THR C 95 10.15 -5.94 12.22
C THR C 95 8.73 -5.71 11.67
N GLN C 96 8.09 -6.78 11.22
CA GLN C 96 6.74 -6.63 10.68
C GLN C 96 6.05 -7.97 10.52
N SER C 97 4.73 -7.94 10.36
CA SER C 97 3.96 -9.17 10.19
C SER C 97 3.17 -9.13 8.89
N THR C 98 3.43 -10.11 8.02
CA THR C 98 2.74 -10.18 6.73
C THR C 98 1.26 -10.56 6.95
N PRO C 99 0.44 -10.49 5.93
CA PRO C 99 -1.02 -10.83 6.06
C PRO C 99 -1.25 -12.23 6.59
N GLN C 100 -1.65 -12.34 7.85
CA GLN C 100 -1.91 -13.64 8.43
C GLN C 100 -3.21 -14.23 7.89
N GLY C 101 -3.08 -15.31 7.14
CA GLY C 101 -4.26 -15.96 6.57
C GLY C 101 -4.01 -16.37 5.12
N TYR C 102 -4.36 -15.49 4.19
CA TYR C 102 -4.18 -15.77 2.77
C TYR C 102 -2.88 -15.16 2.27
N GLY C 103 -2.76 -13.84 2.37
CA GLY C 103 -1.56 -13.14 1.92
C GLY C 103 -1.35 -13.35 0.42
N SER C 104 -1.56 -12.28 -0.35
CA SER C 104 -1.39 -12.33 -1.79
C SER C 104 -2.26 -13.41 -2.40
N THR C 105 -3.37 -13.00 -3.00
CA THR C 105 -4.29 -13.95 -3.62
C THR C 105 -4.09 -13.96 -5.12
N GLY C 106 -3.36 -14.95 -5.62
CA GLY C 106 -3.12 -15.07 -7.05
C GLY C 106 -4.08 -16.08 -7.66
N GLY C 107 -3.59 -16.84 -8.62
CA GLY C 107 -4.42 -17.86 -9.28
C GLY C 107 -5.78 -17.29 -9.66
N TYR C 108 -5.81 -16.51 -10.73
CA TYR C 108 -7.06 -15.90 -11.19
C TYR C 108 -8.08 -16.98 -11.59
N GLY C 109 -9.33 -16.75 -11.19
CA GLY C 109 -10.39 -17.70 -11.50
C GLY C 109 -11.46 -17.68 -10.40
N SER C 110 -11.00 -17.72 -9.15
CA SER C 110 -11.89 -17.71 -8.00
C SER C 110 -11.11 -17.97 -6.72
N SER C 111 -11.36 -17.15 -5.70
CA SER C 111 -10.68 -17.31 -4.42
C SER C 111 -11.61 -17.95 -3.39
N GLN C 112 -12.59 -17.18 -2.94
CA GLN C 112 -13.55 -17.68 -1.96
C GLN C 112 -12.84 -18.25 -0.74
N SER C 113 -12.43 -17.39 0.18
CA SER C 113 -11.74 -17.83 1.38
C SER C 113 -12.05 -16.92 2.57
N SER C 114 -11.42 -17.21 3.70
CA SER C 114 -11.63 -16.41 4.91
C SER C 114 -10.63 -16.82 5.98
N GLN C 115 -9.92 -15.83 6.54
CA GLN C 115 -8.93 -16.11 7.57
C GLN C 115 -8.97 -15.06 8.67
N SER C 116 -8.06 -15.18 9.63
CA SER C 116 -8.01 -14.23 10.74
C SER C 116 -6.61 -14.19 11.35
N SER C 117 -6.32 -13.11 12.07
CA SER C 117 -5.01 -12.95 12.71
C SER C 117 -5.17 -12.45 14.14
N TYR C 118 -4.51 -13.12 15.08
CA TYR C 118 -4.60 -12.74 16.48
C TYR C 118 -3.25 -12.92 17.18
N GLY C 119 -2.48 -11.84 17.28
CA GLY C 119 -1.18 -11.90 17.94
C GLY C 119 -0.06 -11.51 16.99
N GLN C 120 -0.15 -10.32 16.42
CA GLN C 120 0.88 -9.85 15.49
C GLN C 120 1.88 -8.95 16.22
N GLN C 121 3.11 -9.44 16.37
CA GLN C 121 4.14 -8.68 17.05
C GLN C 121 5.50 -8.87 16.36
N SER C 122 6.21 -7.76 16.15
CA SER C 122 7.51 -7.80 15.50
C SER C 122 8.52 -6.95 16.27
N SER C 123 9.71 -7.50 16.47
CA SER C 123 10.75 -6.78 17.19
C SER C 123 12.13 -7.16 16.68
N TYR C 124 13.13 -6.34 16.99
CA TYR C 124 14.49 -6.60 16.56
C TYR C 124 15.44 -6.65 17.76
N SER D 64 -14.69 -7.95 -17.33
CA SER D 64 -14.53 -9.17 -18.17
C SER D 64 -13.35 -9.00 -19.10
N TYR D 65 -13.30 -7.86 -19.79
CA TYR D 65 -12.20 -7.58 -20.71
C TYR D 65 -10.88 -7.41 -19.96
N SER D 66 -9.79 -7.45 -20.70
CA SER D 66 -8.46 -7.30 -20.09
C SER D 66 -8.40 -6.04 -19.23
N GLY D 67 -8.58 -6.22 -17.92
CA GLY D 67 -8.54 -5.09 -17.00
C GLY D 67 -7.12 -4.71 -16.66
N TYR D 68 -6.73 -4.94 -15.41
CA TYR D 68 -5.38 -4.62 -14.96
C TYR D 68 -4.34 -5.31 -15.84
N SER D 69 -3.25 -4.61 -16.11
CA SER D 69 -2.17 -5.17 -16.93
C SER D 69 -0.82 -4.94 -16.28
N GLN D 70 -0.82 -4.72 -14.97
CA GLN D 70 0.43 -4.50 -14.23
C GLN D 70 0.48 -5.36 -12.98
N SER D 71 1.38 -5.00 -12.06
CA SER D 71 1.52 -5.75 -10.82
C SER D 71 0.70 -5.12 -9.70
N THR D 72 0.43 -5.91 -8.66
CA THR D 72 -0.34 -5.43 -7.52
C THR D 72 0.29 -5.88 -6.21
N ASP D 73 0.43 -4.96 -5.27
CA ASP D 73 1.04 -5.29 -3.98
C ASP D 73 0.47 -4.42 -2.87
N THR D 74 -0.01 -5.04 -1.80
CA THR D 74 -0.59 -4.28 -0.69
C THR D 74 0.49 -3.77 0.27
N SER D 75 1.52 -4.57 0.52
CA SER D 75 2.59 -4.17 1.44
C SER D 75 3.95 -4.52 0.87
N GLY D 76 4.91 -3.61 1.00
CA GLY D 76 6.25 -3.86 0.50
C GLY D 76 6.56 -3.06 -0.76
N TYR D 77 6.82 -1.76 -0.58
CA TYR D 77 7.17 -0.85 -1.68
C TYR D 77 6.59 -1.32 -3.02
N GLY D 78 5.28 -1.21 -3.19
CA GLY D 78 4.64 -1.62 -4.44
C GLY D 78 5.21 -0.82 -5.60
N GLN D 79 6.22 -1.38 -6.27
CA GLN D 79 6.85 -0.71 -7.40
C GLN D 79 7.62 0.51 -6.92
N SER D 80 8.90 0.32 -6.63
CA SER D 80 9.74 1.41 -6.15
C SER D 80 11.18 1.24 -6.63
N SER D 81 11.90 2.35 -6.74
CA SER D 81 13.28 2.30 -7.19
C SER D 81 14.13 3.32 -6.45
N TYR D 82 15.39 2.98 -6.21
CA TYR D 82 16.30 3.88 -5.50
C TYR D 82 17.57 4.10 -6.32
N SER D 83 18.02 5.35 -6.37
CA SER D 83 19.24 5.67 -7.12
C SER D 83 20.02 6.78 -6.42
N SER D 84 20.00 6.75 -5.10
CA SER D 84 20.71 7.76 -4.31
C SER D 84 22.21 7.69 -4.60
N TYR D 85 22.88 8.84 -4.52
CA TYR D 85 24.31 8.90 -4.78
C TYR D 85 25.06 9.30 -3.51
N GLY D 86 26.25 8.75 -3.33
CA GLY D 86 27.06 9.06 -2.16
C GLY D 86 26.52 8.35 -0.92
N GLN D 87 26.88 8.85 0.25
CA GLN D 87 26.43 8.26 1.50
C GLN D 87 24.91 8.34 1.61
N SER D 88 24.29 7.23 1.99
CA SER D 88 22.83 7.19 2.12
C SER D 88 22.39 5.86 2.74
N GLN D 89 21.83 5.94 3.95
CA GLN D 89 21.37 4.73 4.62
C GLN D 89 20.04 4.27 4.04
N ASN D 90 20.00 3.03 3.56
CA ASN D 90 18.78 2.47 2.98
C ASN D 90 18.07 1.58 3.98
N THR D 91 17.02 2.11 4.61
CA THR D 91 16.26 1.35 5.60
C THR D 91 14.83 1.16 5.13
N GLY D 92 14.36 -0.08 5.14
CA GLY D 92 13.00 -0.39 4.71
C GLY D 92 11.97 0.23 5.67
N TYR D 93 10.74 -0.27 5.60
CA TYR D 93 9.67 0.24 6.45
C TYR D 93 10.13 0.31 7.91
N GLY D 94 10.58 -0.82 8.45
CA GLY D 94 11.04 -0.86 9.83
C GLY D 94 10.05 -1.58 10.73
N THR D 95 9.20 -0.82 11.41
CA THR D 95 8.21 -1.39 12.29
C THR D 95 6.80 -1.17 11.75
N GLN D 96 6.15 -2.23 11.30
CA GLN D 96 4.80 -2.08 10.75
C GLN D 96 4.11 -3.42 10.60
N SER D 97 2.79 -3.38 10.43
CA SER D 97 2.01 -4.61 10.26
C SER D 97 1.24 -4.57 8.96
N THR D 98 1.48 -5.55 8.10
CA THR D 98 0.80 -5.62 6.80
C THR D 98 -0.68 -5.99 7.03
N PRO D 99 -1.50 -5.93 6.00
CA PRO D 99 -2.97 -6.26 6.13
C PRO D 99 -3.19 -7.66 6.67
N GLN D 100 -3.61 -7.75 7.92
CA GLN D 100 -3.87 -9.05 8.52
C GLN D 100 -5.17 -9.63 7.98
N GLY D 101 -5.05 -10.73 7.23
CA GLY D 101 -6.23 -11.38 6.65
C GLY D 101 -5.97 -11.79 5.21
N TYR D 102 -6.32 -10.91 4.27
CA TYR D 102 -6.13 -11.19 2.85
C TYR D 102 -4.82 -10.60 2.35
N GLY D 103 -4.71 -9.28 2.45
CA GLY D 103 -3.51 -8.59 2.00
C GLY D 103 -3.29 -8.80 0.50
N SER D 104 -3.49 -7.73 -0.27
CA SER D 104 -3.32 -7.80 -1.71
C SER D 104 -4.20 -8.87 -2.32
N THR D 105 -5.31 -8.45 -2.92
CA THR D 105 -6.23 -9.40 -3.54
C THR D 105 -6.02 -9.42 -5.05
N GLY D 106 -5.30 -10.41 -5.54
CA GLY D 106 -5.06 -10.54 -6.96
C GLY D 106 -6.02 -11.55 -7.57
N GLY D 107 -5.53 -12.32 -8.54
CA GLY D 107 -6.36 -13.33 -9.18
C GLY D 107 -7.72 -12.76 -9.58
N TYR D 108 -7.74 -11.99 -10.65
CA TYR D 108 -8.98 -11.38 -11.11
C TYR D 108 -10.01 -12.44 -11.49
N GLY D 109 -11.26 -12.22 -11.11
CA GLY D 109 -12.33 -13.15 -11.42
C GLY D 109 -13.40 -13.13 -10.33
N SER D 110 -12.95 -13.16 -9.08
CA SER D 110 -13.84 -13.15 -7.93
C SER D 110 -13.07 -13.40 -6.64
N SER D 111 -13.31 -12.58 -5.62
CA SER D 111 -12.63 -12.74 -4.35
C SER D 111 -13.56 -13.37 -3.32
N GLN D 112 -14.55 -12.60 -2.88
CA GLN D 112 -15.52 -13.09 -1.89
C GLN D 112 -14.80 -13.67 -0.67
N SER D 113 -14.39 -12.79 0.25
CA SER D 113 -13.71 -13.24 1.45
C SER D 113 -14.02 -12.33 2.63
N SER D 114 -13.38 -12.60 3.77
CA SER D 114 -13.60 -11.81 4.98
C SER D 114 -12.60 -12.20 6.06
N GLN D 115 -11.89 -11.22 6.61
CA GLN D 115 -10.90 -11.51 7.64
C GLN D 115 -10.94 -10.44 8.74
N SER D 116 -10.04 -10.57 9.71
CA SER D 116 -9.97 -9.62 10.82
C SER D 116 -8.58 -9.57 11.43
N SER D 117 -8.28 -8.49 12.14
CA SER D 117 -6.98 -8.34 12.78
C SER D 117 -7.15 -7.83 14.21
N TYR D 118 -6.49 -8.50 15.15
CA TYR D 118 -6.58 -8.10 16.55
C TYR D 118 -5.24 -8.29 17.26
N GLY D 119 -4.45 -7.22 17.35
CA GLY D 119 -3.16 -7.28 18.02
C GLY D 119 -2.02 -6.91 17.07
N GLN D 120 -2.11 -5.71 16.49
CA GLN D 120 -1.08 -5.24 15.57
C GLN D 120 -0.07 -4.36 16.29
N GLN D 121 1.14 -4.86 16.45
CA GLN D 121 2.19 -4.09 17.12
C GLN D 121 3.54 -4.28 16.43
N SER D 122 4.25 -3.18 16.22
CA SER D 122 5.55 -3.24 15.57
C SER D 122 6.56 -2.39 16.34
N SER D 123 7.75 -2.93 16.55
CA SER D 123 8.80 -2.21 17.28
C SER D 123 10.18 -2.61 16.76
N TYR D 124 11.17 -1.79 17.09
CA TYR D 124 12.54 -2.07 16.65
C TYR D 124 13.49 -2.12 17.84
N SER E 64 -16.57 -3.41 -17.30
CA SER E 64 -16.41 -4.64 -18.14
C SER E 64 -15.22 -4.48 -19.08
N TYR E 65 -15.17 -3.34 -19.76
CA TYR E 65 -14.08 -3.07 -20.69
C TYR E 65 -12.77 -2.90 -19.93
N SER E 66 -11.66 -2.95 -20.68
CA SER E 66 -10.33 -2.80 -20.07
C SER E 66 -10.25 -1.53 -19.20
N GLY E 67 -10.46 -1.71 -17.89
CA GLY E 67 -10.42 -0.57 -16.98
C GLY E 67 -8.98 -0.20 -16.62
N TYR E 68 -8.60 -0.43 -15.38
CA TYR E 68 -7.25 -0.11 -14.93
C TYR E 68 -6.21 -0.81 -15.80
N SER E 69 -5.11 -0.12 -16.07
CA SER E 69 -4.05 -0.68 -16.90
C SER E 69 -2.68 -0.46 -16.24
N GLN E 70 -2.69 -0.23 -14.92
CA GLN E 70 -1.45 -0.01 -14.20
C GLN E 70 -1.40 -0.87 -12.94
N SER E 71 -0.51 -0.52 -12.02
CA SER E 71 -0.37 -1.25 -10.77
C SER E 71 -1.18 -0.62 -9.66
N THR E 72 -1.46 -1.40 -8.62
CA THR E 72 -2.23 -0.90 -7.48
C THR E 72 -1.60 -1.36 -6.17
N ASP E 73 -1.46 -0.44 -5.23
CA ASP E 73 -0.87 -0.77 -3.95
C ASP E 73 -1.43 0.10 -2.83
N THR E 74 -1.89 -0.51 -1.76
CA THR E 74 -2.48 0.27 -0.67
C THR E 74 -1.40 0.78 0.29
N SER E 75 -0.40 -0.05 0.59
CA SER E 75 0.68 0.34 1.50
C SER E 75 2.05 0.04 0.91
N GLY E 76 3.01 0.95 1.05
CA GLY E 76 4.34 0.65 0.53
C GLY E 76 4.69 1.44 -0.71
N TYR E 77 4.93 2.75 -0.53
CA TYR E 77 5.26 3.67 -1.64
C TYR E 77 4.71 3.16 -2.97
N GLY E 78 3.41 3.31 -3.16
CA GLY E 78 2.76 2.90 -4.41
C GLY E 78 3.32 3.68 -5.58
N GLN E 79 4.34 3.11 -6.22
CA GLN E 79 4.98 3.78 -7.35
C GLN E 79 5.76 5.00 -6.88
N SER E 80 7.03 4.80 -6.58
CA SER E 80 7.88 5.89 -6.11
C SER E 80 9.31 5.70 -6.59
N SER E 81 10.04 6.81 -6.70
CA SER E 81 11.42 6.76 -7.14
C SER E 81 12.26 7.78 -6.39
N TYR E 82 13.53 7.44 -6.16
CA TYR E 82 14.44 8.33 -5.46
C TYR E 82 15.71 8.54 -6.27
N SER E 83 16.18 9.78 -6.33
CA SER E 83 17.39 10.11 -7.08
C SER E 83 18.18 11.20 -6.38
N SER E 84 18.15 11.20 -5.05
CA SER E 84 18.87 12.20 -4.28
C SER E 84 20.37 12.13 -4.56
N TYR E 85 21.04 13.27 -4.49
CA TYR E 85 22.47 13.33 -4.74
C TYR E 85 23.22 13.73 -3.47
N GLY E 86 24.41 13.17 -3.29
CA GLY E 86 25.22 13.48 -2.11
C GLY E 86 24.67 12.78 -0.87
N GLN E 87 25.04 13.29 0.29
CA GLN E 87 24.57 12.71 1.55
C GLN E 87 23.06 12.79 1.65
N SER E 88 22.43 11.68 2.04
CA SER E 88 20.97 11.64 2.17
C SER E 88 20.52 10.32 2.78
N GLN E 89 19.96 10.40 3.99
CA GLN E 89 19.49 9.20 4.68
C GLN E 89 18.16 8.74 4.08
N ASN E 90 18.13 7.50 3.62
CA ASN E 90 16.91 6.95 3.04
C ASN E 90 16.18 6.06 4.04
N THR E 91 15.14 6.60 4.67
CA THR E 91 14.37 5.85 5.65
C THR E 91 12.93 5.67 5.18
N GLY E 92 12.46 4.43 5.19
CA GLY E 92 11.10 4.12 4.76
C GLY E 92 10.08 4.75 5.71
N TYR E 93 8.85 4.25 5.64
CA TYR E 93 7.78 4.76 6.49
C TYR E 93 8.23 4.84 7.95
N GLY E 94 8.67 3.71 8.51
CA GLY E 94 9.12 3.68 9.89
C GLY E 94 8.13 2.95 10.78
N THR E 95 7.28 3.73 11.45
CA THR E 95 6.29 3.16 12.35
C THR E 95 4.89 3.40 11.79
N GLN E 96 4.22 2.34 11.34
CA GLN E 96 2.88 2.49 10.79
C GLN E 96 2.18 1.14 10.65
N SER E 97 0.86 1.18 10.47
CA SER E 97 0.09 -0.04 10.31
C SER E 97 -0.69 0.00 9.00
N THR E 98 -0.46 -0.99 8.14
CA THR E 98 -1.13 -1.06 6.85
C THR E 98 -2.60 -1.42 7.06
N PRO E 99 -3.43 -1.35 6.04
CA PRO E 99 -4.89 -1.68 6.18
C PRO E 99 -5.12 -3.08 6.72
N GLN E 100 -5.55 -3.17 7.96
CA GLN E 100 -5.81 -4.47 8.56
C GLN E 100 -7.11 -5.04 8.01
N GLY E 101 -7.00 -6.14 7.28
CA GLY E 101 -8.17 -6.78 6.71
C GLY E 101 -7.92 -7.20 5.26
N TYR E 102 -8.27 -6.33 4.32
CA TYR E 102 -8.08 -6.62 2.91
C TYR E 102 -6.77 -6.03 2.39
N GLY E 103 -6.64 -4.71 2.51
CA GLY E 103 -5.43 -4.03 2.05
C GLY E 103 -5.21 -4.24 0.55
N SER E 104 -5.40 -3.18 -0.22
CA SER E 104 -5.24 -3.24 -1.66
C SER E 104 -6.12 -4.32 -2.27
N THR E 105 -7.23 -3.89 -2.87
CA THR E 105 -8.14 -4.85 -3.50
C THR E 105 -7.93 -4.87 -5.01
N GLY E 106 -7.21 -5.88 -5.49
CA GLY E 106 -6.96 -6.00 -6.90
C GLY E 106 -7.93 -7.00 -7.52
N GLY E 107 -7.45 -7.78 -8.48
CA GLY E 107 -8.28 -8.80 -9.12
C GLY E 107 -9.64 -8.23 -9.51
N TYR E 108 -9.66 -7.45 -10.59
CA TYR E 108 -10.90 -6.84 -11.06
C TYR E 108 -11.92 -7.90 -11.45
N GLY E 109 -13.17 -7.68 -11.06
CA GLY E 109 -14.25 -8.61 -11.37
C GLY E 109 -15.32 -8.59 -10.28
N SER E 110 -14.86 -8.59 -9.03
CA SER E 110 -15.76 -8.56 -7.88
C SER E 110 -14.99 -8.83 -6.59
N SER E 111 -15.24 -8.01 -5.58
CA SER E 111 -14.55 -8.16 -4.30
C SER E 111 -15.49 -8.77 -3.27
N GLN E 112 -16.48 -8.00 -2.82
CA GLN E 112 -17.45 -8.48 -1.85
C GLN E 112 -16.74 -9.06 -0.62
N SER E 113 -16.33 -8.19 0.29
CA SER E 113 -15.64 -8.63 1.50
C SER E 113 -15.96 -7.71 2.67
N SER E 114 -15.33 -7.99 3.81
CA SER E 114 -15.54 -7.19 5.01
C SER E 114 -14.54 -7.58 6.10
N GLN E 115 -13.84 -6.60 6.65
CA GLN E 115 -12.86 -6.89 7.69
C GLN E 115 -12.89 -5.83 8.79
N SER E 116 -11.99 -5.95 9.75
CA SER E 116 -11.92 -4.98 10.85
C SER E 116 -10.51 -4.95 11.45
N SER E 117 -10.22 -3.87 12.17
CA SER E 117 -8.92 -3.71 12.82
C SER E 117 -9.08 -3.20 14.25
N TYR E 118 -8.44 -3.87 15.19
CA TYR E 118 -8.53 -3.48 16.60
C TYR E 118 -7.19 -3.66 17.31
N GLY E 119 -6.40 -2.59 17.39
CA GLY E 119 -5.10 -2.66 18.06
C GLY E 119 -3.97 -2.29 17.11
N GLN E 120 -4.06 -1.10 16.53
CA GLN E 120 -3.02 -0.64 15.60
C GLN E 120 -2.01 0.25 16.33
N GLN E 121 -0.79 -0.25 16.49
CA GLN E 121 0.25 0.52 17.17
C GLN E 121 1.60 0.31 16.48
N SER E 122 2.32 1.41 16.26
CA SER E 122 3.63 1.34 15.61
C SER E 122 4.63 2.19 16.39
N SER E 123 5.83 1.64 16.61
CA SER E 123 6.86 2.37 17.32
C SER E 123 8.25 1.96 16.82
N TYR E 124 9.25 2.77 17.14
CA TYR E 124 10.61 2.49 16.71
C TYR E 124 11.55 2.45 17.91
N SER F 64 -18.43 1.14 -17.30
CA SER F 64 -18.28 -0.10 -18.13
C SER F 64 -17.09 0.06 -19.06
N TYR F 65 -17.03 1.19 -19.75
CA TYR F 65 -15.93 1.45 -20.68
C TYR F 65 -14.62 1.62 -19.92
N SER F 66 -13.51 1.57 -20.65
CA SER F 66 -12.19 1.71 -20.04
C SER F 66 -12.12 2.97 -19.18
N GLY F 67 -12.31 2.81 -17.88
CA GLY F 67 -12.27 3.94 -16.97
C GLY F 67 -10.83 4.32 -16.62
N TYR F 68 -10.45 4.09 -15.36
CA TYR F 68 -9.10 4.40 -14.91
C TYR F 68 -8.07 3.70 -15.79
N SER F 69 -6.96 4.39 -16.06
CA SER F 69 -5.90 3.82 -16.87
C SER F 69 -4.54 4.04 -16.21
N GLN F 70 -4.55 4.25 -14.90
CA GLN F 70 -3.30 4.49 -14.17
C GLN F 70 -3.27 3.64 -12.90
N SER F 71 -2.37 3.99 -11.99
CA SER F 71 -2.23 3.25 -10.74
C SER F 71 -3.05 3.89 -9.62
N THR F 72 -3.33 3.12 -8.59
CA THR F 72 -4.11 3.62 -7.45
C THR F 72 -3.48 3.17 -6.14
N ASP F 73 -3.33 4.09 -5.20
CA ASP F 73 -2.74 3.76 -3.91
C ASP F 73 -3.31 4.66 -2.81
N THR F 74 -3.78 4.04 -1.74
CA THR F 74 -4.37 4.80 -0.63
C THR F 74 -3.29 5.32 0.33
N SER F 75 -2.27 4.51 0.59
CA SER F 75 -1.21 4.91 1.51
C SER F 75 0.16 4.55 0.94
N GLY F 76 1.13 5.46 1.08
CA GLY F 76 2.46 5.19 0.59
C GLY F 76 2.78 5.97 -0.67
N TYR F 77 3.06 7.27 -0.50
CA TYR F 77 3.41 8.17 -1.61
C TYR F 77 2.85 7.69 -2.95
N GLY F 78 1.54 7.82 -3.14
CA GLY F 78 0.90 7.41 -4.38
C GLY F 78 1.47 8.19 -5.55
N GLN F 79 2.48 7.62 -6.20
CA GLN F 79 3.13 8.27 -7.33
C GLN F 79 3.90 9.49 -6.85
N SER F 80 5.18 9.29 -6.56
CA SER F 80 6.03 10.38 -6.09
C SER F 80 7.47 10.19 -6.55
N SER F 81 8.19 11.29 -6.67
CA SER F 81 9.58 11.23 -7.12
C SER F 81 10.43 12.26 -6.38
N TYR F 82 11.69 11.90 -6.13
CA TYR F 82 12.60 12.79 -5.43
C TYR F 82 13.88 13.00 -6.24
N SER F 83 14.35 14.24 -6.31
CA SER F 83 15.56 14.55 -7.05
C SER F 83 16.36 15.65 -6.36
N SER F 84 16.33 15.64 -5.03
CA SER F 84 17.04 16.65 -4.26
C SER F 84 18.53 16.57 -4.53
N TYR F 85 19.21 17.71 -4.47
CA TYR F 85 20.65 17.76 -4.70
C TYR F 85 21.40 18.16 -3.44
N GLY F 86 22.58 17.60 -3.26
CA GLY F 86 23.39 17.91 -2.09
C GLY F 86 22.84 17.22 -0.84
N GLN F 87 23.20 17.73 0.33
CA GLN F 87 22.74 17.15 1.58
C GLN F 87 21.22 17.24 1.68
N SER F 88 20.58 16.14 2.07
CA SER F 88 19.13 16.11 2.19
C SER F 88 18.67 14.80 2.82
N GLN F 89 18.11 14.88 4.01
CA GLN F 89 17.64 13.69 4.71
C GLN F 89 16.30 13.23 4.12
N ASN F 90 16.26 11.98 3.66
CA ASN F 90 15.04 11.44 3.08
C ASN F 90 14.31 10.55 4.08
N THR F 91 13.27 11.10 4.71
CA THR F 91 12.50 10.35 5.68
C THR F 91 11.06 10.18 5.21
N GLY F 92 10.59 8.94 5.23
CA GLY F 92 9.22 8.64 4.80
C GLY F 92 8.20 9.27 5.73
N TYR F 93 6.97 8.78 5.68
CA TYR F 93 5.90 9.29 6.52
C TYR F 93 6.35 9.38 7.97
N GLY F 94 6.78 8.25 8.53
CA GLY F 94 7.25 8.22 9.92
C GLY F 94 6.23 7.51 10.82
N THR F 95 5.40 8.29 11.48
CA THR F 95 4.39 7.73 12.37
C THR F 95 2.99 7.96 11.81
N GLN F 96 2.33 6.91 11.36
CA GLN F 96 0.99 7.06 10.82
C GLN F 96 0.28 5.72 10.67
N SER F 97 -1.04 5.76 10.50
CA SER F 97 -1.82 4.55 10.34
C SER F 97 -2.60 4.58 9.03
N THR F 98 -2.36 3.59 8.18
CA THR F 98 -3.04 3.51 6.88
C THR F 98 -4.51 3.16 7.09
N PRO F 99 -5.34 3.22 6.07
CA PRO F 99 -6.79 2.91 6.19
C PRO F 99 -7.04 1.51 6.74
N GLN F 100 -7.45 1.43 7.99
CA GLN F 100 -7.73 0.13 8.60
C GLN F 100 -9.03 -0.44 8.05
N GLY F 101 -8.93 -1.54 7.32
CA GLY F 101 -10.10 -2.18 6.74
C GLY F 101 -9.84 -2.61 5.30
N TYR F 102 -10.19 -1.74 4.36
CA TYR F 102 -10.00 -2.03 2.94
C TYR F 102 -8.68 -1.45 2.44
N GLY F 103 -8.55 -0.13 2.53
CA GLY F 103 -7.34 0.55 2.08
C GLY F 103 -7.12 0.33 0.58
N SER F 104 -7.31 1.39 -0.19
CA SER F 104 -7.12 1.31 -1.64
C SER F 104 -8.01 0.24 -2.24
N THR F 105 -9.12 0.66 -2.85
CA THR F 105 -10.04 -0.28 -3.47
C THR F 105 -9.83 -0.31 -4.98
N GLY F 106 -9.11 -1.33 -5.44
CA GLY F 106 -8.86 -1.46 -6.87
C GLY F 106 -9.82 -2.46 -7.48
N GLY F 107 -9.35 -3.25 -8.44
CA GLY F 107 -10.18 -4.26 -9.08
C GLY F 107 -11.54 -3.68 -9.48
N TYR F 108 -11.55 -2.91 -10.56
CA TYR F 108 -12.78 -2.30 -11.03
C TYR F 108 -13.81 -3.35 -11.42
N GLY F 109 -15.07 -3.11 -11.04
CA GLY F 109 -16.14 -4.04 -11.34
C GLY F 109 -17.20 -4.01 -10.26
N SER F 110 -16.76 -4.04 -9.00
CA SER F 110 -17.67 -4.00 -7.85
C SER F 110 -16.90 -4.25 -6.56
N SER F 111 -17.14 -3.43 -5.56
CA SER F 111 -16.46 -3.57 -4.27
C SER F 111 -17.41 -4.18 -3.25
N GLN F 112 -18.39 -3.40 -2.80
CA GLN F 112 -19.36 -3.88 -1.82
C GLN F 112 -18.66 -4.45 -0.60
N SER F 113 -18.25 -3.57 0.31
CA SER F 113 -17.57 -4.02 1.52
C SER F 113 -17.88 -3.09 2.70
N SER F 114 -17.25 -3.37 3.84
CA SER F 114 -17.46 -2.56 5.04
C SER F 114 -16.47 -2.96 6.12
N GLN F 115 -15.76 -1.98 6.67
CA GLN F 115 -14.78 -2.27 7.71
C GLN F 115 -14.82 -1.20 8.81
N SER F 116 -13.91 -1.32 9.78
CA SER F 116 -13.85 -0.36 10.87
C SER F 116 -12.46 -0.32 11.49
N SER F 117 -12.15 0.76 12.20
CA SER F 117 -10.85 0.91 12.85
C SER F 117 -11.02 1.43 14.27
N TYR F 118 -10.37 0.76 15.22
CA TYR F 118 -10.46 1.17 16.62
C TYR F 118 -9.12 0.97 17.34
N GLY F 119 -8.33 2.05 17.42
CA GLY F 119 -7.04 1.97 18.10
C GLY F 119 -5.90 2.33 17.15
N GLN F 120 -5.98 3.53 16.55
CA GLN F 120 -4.94 3.97 15.63
C GLN F 120 -3.93 4.87 16.35
N GLN F 121 -2.72 4.36 16.52
CA GLN F 121 -1.67 5.12 17.19
C GLN F 121 -0.32 4.90 16.50
N SER F 122 0.41 6.00 16.29
CA SER F 122 1.71 5.93 15.65
C SER F 122 2.72 6.77 16.42
N SER F 123 3.92 6.23 16.64
CA SER F 123 4.95 6.94 17.36
C SER F 123 6.33 6.53 16.86
N TYR F 124 7.34 7.35 17.17
CA TYR F 124 8.70 7.06 16.75
C TYR F 124 9.64 7.01 17.95
N SER G 64 -20.27 5.68 -17.32
CA SER G 64 -20.13 4.45 -18.14
C SER G 64 -18.93 4.60 -19.07
N TYR G 65 -18.87 5.72 -19.77
CA TYR G 65 -17.77 5.98 -20.69
C TYR G 65 -16.45 6.14 -19.93
N SER G 66 -15.34 6.08 -20.66
CA SER G 66 -14.03 6.22 -20.04
C SER G 66 -13.96 7.49 -19.19
N GLY G 67 -14.14 7.34 -17.89
CA GLY G 67 -14.10 8.47 -16.97
C GLY G 67 -12.67 8.84 -16.62
N TYR G 68 -12.29 8.61 -15.38
CA TYR G 68 -10.94 8.92 -14.92
C TYR G 68 -9.91 8.21 -15.78
N SER G 69 -8.80 8.89 -16.05
CA SER G 69 -7.74 8.32 -16.87
C SER G 69 -6.38 8.53 -16.20
N GLN G 70 -6.39 8.77 -14.90
CA GLN G 70 -5.14 8.99 -14.17
C GLN G 70 -5.11 8.14 -12.89
N SER G 71 -4.21 8.50 -11.98
CA SER G 71 -4.08 7.76 -10.73
C SER G 71 -4.90 8.41 -9.61
N THR G 72 -5.19 7.64 -8.58
CA THR G 72 -5.96 8.15 -7.45
C THR G 72 -5.34 7.69 -6.13
N ASP G 73 -5.19 8.63 -5.19
CA ASP G 73 -4.60 8.30 -3.90
C ASP G 73 -5.16 9.19 -2.80
N THR G 74 -5.66 8.59 -1.73
CA THR G 74 -6.23 9.36 -0.63
C THR G 74 -5.16 9.88 0.33
N SER G 75 -4.14 9.06 0.59
CA SER G 75 -3.08 9.47 1.51
C SER G 75 -1.70 9.10 0.96
N GLY G 76 -0.74 10.00 1.10
CA GLY G 76 0.60 9.71 0.60
C GLY G 76 0.92 10.50 -0.66
N TYR G 77 1.20 11.80 -0.49
CA TYR G 77 1.55 12.68 -1.61
C TYR G 77 0.99 12.21 -2.95
N GLY G 78 -0.31 12.34 -3.13
CA GLY G 78 -0.95 11.93 -4.37
C GLY G 78 -0.37 12.70 -5.54
N GLN G 79 0.64 12.12 -6.19
CA GLN G 79 1.29 12.77 -7.33
C GLN G 79 2.07 13.99 -6.85
N SER G 80 3.35 13.79 -6.56
CA SER G 80 4.20 14.87 -6.09
C SER G 80 5.63 14.68 -6.55
N SER G 81 6.36 15.78 -6.67
CA SER G 81 7.75 15.70 -7.11
C SER G 81 8.61 16.73 -6.38
N TYR G 82 9.86 16.37 -6.12
CA TYR G 82 10.77 17.27 -5.43
C TYR G 82 12.06 17.47 -6.24
N SER G 83 12.53 18.70 -6.30
CA SER G 83 13.74 19.01 -7.05
C SER G 83 14.54 20.11 -6.35
N SER G 84 14.51 20.10 -5.03
CA SER G 84 15.23 21.11 -4.25
C SER G 84 16.73 21.02 -4.53
N TYR G 85 17.40 22.16 -4.46
CA TYR G 85 18.84 22.20 -4.71
C TYR G 85 19.59 22.61 -3.44
N GLY G 86 20.77 22.04 -3.25
CA GLY G 86 21.58 22.35 -2.07
C GLY G 86 21.02 21.67 -0.83
N GLN G 87 21.39 22.18 0.34
CA GLN G 87 20.92 21.61 1.60
C GLN G 87 19.40 21.71 1.68
N SER G 88 18.76 20.61 2.08
CA SER G 88 17.31 20.59 2.20
C SER G 88 16.84 19.27 2.83
N GLN G 89 16.28 19.36 4.02
CA GLN G 89 15.80 18.18 4.72
C GLN G 89 14.46 17.72 4.13
N ASN G 90 14.42 16.47 3.68
CA ASN G 90 13.20 15.93 3.10
C ASN G 90 12.46 15.05 4.11
N THR G 91 11.42 15.61 4.71
CA THR G 91 10.64 14.87 5.70
C THR G 91 9.20 14.69 5.22
N GLY G 92 8.72 13.45 5.25
CA GLY G 92 7.36 13.16 4.82
C GLY G 92 6.34 13.79 5.75
N TYR G 93 5.11 13.31 5.69
CA TYR G 93 4.04 13.84 6.53
C TYR G 93 4.49 13.93 7.99
N GLY G 94 4.91 12.80 8.55
CA GLY G 94 5.36 12.77 9.94
C GLY G 94 4.36 12.06 10.83
N THR G 95 3.52 12.85 11.49
CA THR G 95 2.51 12.30 12.38
C THR G 95 1.11 12.55 11.81
N GLN G 96 0.45 11.48 11.38
CA GLN G 96 -0.89 11.64 10.82
C GLN G 96 -1.61 10.30 10.68
N SER G 97 -2.92 10.35 10.50
CA SER G 97 -3.71 9.13 10.35
C SER G 97 -4.47 9.17 9.04
N THR G 98 -4.24 8.17 8.18
CA THR G 98 -4.92 8.10 6.90
C THR G 98 -6.40 7.74 7.10
N PRO G 99 -7.21 7.80 6.08
CA PRO G 99 -8.68 7.50 6.20
C PRO G 99 -8.93 6.11 6.75
N GLN G 100 -9.35 6.04 8.00
CA GLN G 100 -9.63 4.74 8.62
C GLN G 100 -10.94 4.16 8.07
N GLY G 101 -10.83 3.06 7.33
CA GLY G 101 -12.01 2.43 6.76
C GLY G 101 -11.75 1.99 5.32
N TYR G 102 -12.08 2.86 4.37
CA TYR G 102 -11.89 2.56 2.96
C TYR G 102 -10.57 3.14 2.45
N GLY G 103 -10.44 4.45 2.54
CA GLY G 103 -9.23 5.13 2.09
C GLY G 103 -9.01 4.90 0.60
N SER G 104 -9.19 5.96 -0.18
CA SER G 104 -9.01 5.88 -1.63
C SER G 104 -9.90 4.80 -2.23
N THR G 105 -11.00 5.22 -2.84
CA THR G 105 -11.92 4.28 -3.46
C THR G 105 -11.71 4.25 -4.97
N GLY G 106 -10.99 3.23 -5.43
CA GLY G 106 -10.73 3.09 -6.86
C GLY G 106 -11.71 2.08 -7.46
N GLY G 107 -11.23 1.30 -8.42
CA GLY G 107 -12.06 0.29 -9.05
C GLY G 107 -13.41 0.87 -9.46
N TYR G 108 -13.43 1.64 -10.54
CA TYR G 108 -14.66 2.25 -11.02
C TYR G 108 -15.69 1.20 -11.41
N GLY G 109 -16.94 1.44 -11.02
CA GLY G 109 -18.02 0.52 -11.33
C GLY G 109 -19.09 0.56 -10.25
N SER G 110 -18.65 0.53 -8.99
CA SER G 110 -19.55 0.58 -7.85
C SER G 110 -18.78 0.33 -6.55
N SER G 111 -19.03 1.16 -5.55
CA SER G 111 -18.35 1.02 -4.26
C SER G 111 -19.31 0.41 -3.23
N GLN G 112 -20.29 1.20 -2.81
CA GLN G 112 -21.26 0.73 -1.82
C GLN G 112 -20.56 0.16 -0.59
N SER G 113 -20.15 1.04 0.32
CA SER G 113 -19.47 0.59 1.53
C SER G 113 -19.78 1.52 2.70
N SER G 114 -19.16 1.26 3.84
CA SER G 114 -19.37 2.07 5.04
C SER G 114 -18.38 1.67 6.13
N GLN G 115 -17.67 2.65 6.68
CA GLN G 115 -16.69 2.37 7.73
C GLN G 115 -16.73 3.43 8.81
N SER G 116 -15.82 3.32 9.78
CA SER G 116 -15.76 4.28 10.88
C SER G 116 -14.37 4.31 11.49
N SER G 117 -14.07 5.40 12.20
CA SER G 117 -12.76 5.54 12.85
C SER G 117 -12.93 6.07 14.28
N TYR G 118 -12.28 5.40 15.23
CA TYR G 118 -12.37 5.81 16.63
C TYR G 118 -11.04 5.61 17.34
N GLY G 119 -10.25 6.68 17.43
CA GLY G 119 -8.96 6.61 18.10
C GLY G 119 -7.82 6.97 17.15
N GLN G 120 -7.88 8.16 16.56
CA GLN G 120 -6.84 8.59 15.63
C GLN G 120 -5.83 9.48 16.35
N GLN G 121 -4.62 8.97 16.52
CA GLN G 121 -3.57 9.73 17.20
C GLN G 121 -2.22 9.51 16.52
N SER G 122 -1.49 10.61 16.30
CA SER G 122 -0.18 10.52 15.67
C SER G 122 0.83 11.36 16.43
N SER G 123 2.02 10.81 16.65
CA SER G 123 3.06 11.53 17.37
C SER G 123 4.44 11.11 16.88
N TYR G 124 5.44 11.92 17.19
CA TYR G 124 6.81 11.63 16.77
C TYR G 124 7.74 11.58 17.97
N SER H 64 -22.10 10.24 -17.34
CA SER H 64 -21.96 9.00 -18.17
C SER H 64 -20.76 9.14 -19.09
N TYR H 65 -20.69 10.27 -19.80
CA TYR H 65 -19.59 10.51 -20.72
C TYR H 65 -18.27 10.68 -19.95
N SER H 66 -17.16 10.61 -20.68
CA SER H 66 -15.84 10.74 -20.07
C SER H 66 -15.77 12.01 -19.22
N GLY H 67 -15.97 11.87 -17.91
CA GLY H 67 -15.92 13.01 -17.01
C GLY H 67 -14.49 13.37 -16.66
N TYR H 68 -14.12 13.14 -15.40
CA TYR H 68 -12.76 13.45 -14.95
C TYR H 68 -11.73 12.73 -15.80
N SER H 69 -10.62 13.41 -16.07
CA SER H 69 -9.55 12.83 -16.89
C SER H 69 -8.19 13.04 -16.22
N GLN H 70 -8.20 13.28 -14.92
CA GLN H 70 -6.97 13.50 -14.18
C GLN H 70 -6.94 12.65 -12.91
N SER H 71 -6.04 13.01 -11.99
CA SER H 71 -5.91 12.28 -10.73
C SER H 71 -6.73 12.93 -9.63
N THR H 72 -7.03 12.17 -8.59
CA THR H 72 -7.80 12.68 -7.46
C THR H 72 -7.19 12.23 -6.14
N ASP H 73 -7.03 13.17 -5.21
CA ASP H 73 -6.44 12.85 -3.91
C ASP H 73 -7.01 13.75 -2.82
N THR H 74 -7.50 13.15 -1.74
CA THR H 74 -8.08 13.92 -0.65
C THR H 74 -7.01 14.44 0.31
N SER H 75 -5.99 13.62 0.59
CA SER H 75 -4.93 14.03 1.50
C SER H 75 -3.56 13.64 0.95
N GLY H 76 -2.59 14.54 1.08
CA GLY H 76 -1.25 14.26 0.60
C GLY H 76 -0.92 15.04 -0.66
N TYR H 77 -0.64 16.33 -0.51
CA TYR H 77 -0.28 17.22 -1.62
C TYR H 77 -0.84 16.74 -2.96
N GLY H 78 -2.14 16.88 -3.15
CA GLY H 78 -2.78 16.46 -4.39
C GLY H 78 -2.20 17.22 -5.57
N GLN H 79 -1.19 16.64 -6.20
CA GLN H 79 -0.53 17.28 -7.35
C GLN H 79 0.26 18.50 -6.88
N SER H 80 1.53 18.29 -6.57
CA SER H 80 2.38 19.38 -6.10
C SER H 80 3.82 19.17 -6.56
N SER H 81 4.55 20.27 -6.69
CA SER H 81 5.94 20.18 -7.13
C SER H 81 6.80 21.21 -6.38
N TYR H 82 8.06 20.85 -6.14
CA TYR H 82 8.97 21.75 -5.43
C TYR H 82 10.25 21.94 -6.25
N SER H 83 10.73 23.17 -6.31
CA SER H 83 11.95 23.47 -7.06
C SER H 83 12.74 24.57 -6.37
N SER H 84 12.71 24.57 -5.04
CA SER H 84 13.43 25.57 -4.27
C SER H 84 14.93 25.48 -4.54
N TYR H 85 15.62 26.62 -4.47
CA TYR H 85 17.05 26.66 -4.72
C TYR H 85 17.80 27.07 -3.45
N GLY H 86 18.98 26.48 -3.26
CA GLY H 86 19.79 26.80 -2.07
C GLY H 86 19.22 26.13 -0.83
N GLN H 87 19.59 26.64 0.33
CA GLN H 87 19.11 26.07 1.58
C GLN H 87 17.59 26.18 1.68
N SER H 88 16.95 25.08 2.07
CA SER H 88 15.50 25.07 2.19
C SER H 88 15.03 23.76 2.82
N GLN H 89 14.46 23.86 4.02
CA GLN H 89 13.97 22.67 4.72
C GLN H 89 12.63 22.21 4.13
N ASN H 90 12.59 20.98 3.67
CA ASN H 90 11.37 20.43 3.09
C ASN H 90 10.63 19.56 4.10
N THR H 91 9.59 20.12 4.70
CA THR H 91 8.80 19.39 5.70
C THR H 91 7.36 19.22 5.21
N GLY H 92 6.88 17.98 5.24
CA GLY H 92 5.52 17.69 4.81
C GLY H 92 4.49 18.33 5.74
N TYR H 93 3.25 17.85 5.68
CA TYR H 93 2.20 18.38 6.51
C TYR H 93 2.64 18.48 7.97
N GLY H 94 3.06 17.35 8.53
CA GLY H 94 3.51 17.33 9.92
C GLY H 94 2.50 16.63 10.82
N THR H 95 1.66 17.42 11.48
CA THR H 95 0.65 16.87 12.37
C THR H 95 -0.75 17.13 11.81
N GLN H 96 -1.42 16.06 11.36
CA GLN H 96 -2.76 16.22 10.80
C GLN H 96 -3.47 14.89 10.67
N SER H 97 -4.78 14.94 10.49
CA SER H 97 -5.58 13.72 10.34
C SER H 97 -6.35 13.76 9.02
N THR H 98 -6.11 12.77 8.18
CA THR H 98 -6.79 12.68 6.88
C THR H 98 -8.27 12.34 7.09
N PRO H 99 -9.08 12.40 6.06
CA PRO H 99 -10.54 12.10 6.18
C PRO H 99 -10.81 10.72 6.73
N GLN H 100 -11.23 10.64 7.99
CA GLN H 100 -11.51 9.35 8.60
C GLN H 100 -12.82 8.78 8.06
N GLY H 101 -12.72 7.67 7.33
CA GLY H 101 -13.90 7.04 6.75
C GLY H 101 -13.64 6.60 5.31
N TYR H 102 -13.96 7.47 4.36
CA TYR H 102 -13.77 7.15 2.96
C TYR H 102 -12.45 7.72 2.45
N GLY H 103 -12.31 9.04 2.53
CA GLY H 103 -11.09 9.70 2.07
C GLY H 103 -10.87 9.48 0.58
N SER H 104 -11.06 10.54 -0.19
CA SER H 104 -10.86 10.45 -1.64
C SER H 104 -11.76 9.37 -2.24
N THR H 105 -12.86 9.80 -2.85
CA THR H 105 -13.78 8.86 -3.47
C THR H 105 -13.56 8.82 -4.97
N GLY H 106 -12.85 7.79 -5.44
CA GLY H 106 -12.60 7.65 -6.86
C GLY H 106 -13.57 6.64 -7.47
N GLY H 107 -13.09 5.86 -8.41
CA GLY H 107 -13.93 4.85 -9.05
C GLY H 107 -15.28 5.43 -9.46
N TYR H 108 -15.28 6.19 -10.55
CA TYR H 108 -16.51 6.81 -11.03
C TYR H 108 -17.55 5.76 -11.42
N GLY H 109 -18.80 6.01 -11.04
CA GLY H 109 -19.88 5.09 -11.35
C GLY H 109 -20.95 5.14 -10.26
N SER H 110 -20.52 5.12 -9.00
CA SER H 110 -21.42 5.17 -7.86
C SER H 110 -20.65 4.92 -6.57
N SER H 111 -20.90 5.76 -5.56
CA SER H 111 -20.23 5.61 -4.28
C SER H 111 -21.18 5.02 -3.25
N GLN H 112 -22.17 5.81 -2.82
CA GLN H 112 -23.14 5.34 -1.85
C GLN H 112 -22.44 4.78 -0.61
N SER H 113 -22.04 5.67 0.30
CA SER H 113 -21.36 5.22 1.52
C SER H 113 -21.67 6.16 2.69
N SER H 114 -21.06 5.88 3.83
CA SER H 114 -21.26 6.70 5.02
C SER H 114 -20.28 6.30 6.12
N GLN H 115 -19.56 7.29 6.65
CA GLN H 115 -18.58 7.00 7.71
C GLN H 115 -18.61 8.08 8.79
N SER H 116 -17.71 7.95 9.76
CA SER H 116 -17.65 8.92 10.85
C SER H 116 -16.26 8.95 11.48
N SER H 117 -15.96 10.04 12.18
CA SER H 117 -14.65 10.18 12.82
C SER H 117 -14.82 10.71 14.25
N TYR H 118 -14.18 10.04 15.21
CA TYR H 118 -14.27 10.46 16.60
C TYR H 118 -12.94 10.26 17.33
N GLY H 119 -12.15 11.32 17.41
CA GLY H 119 -10.86 11.25 18.08
C GLY H 119 -9.71 11.60 17.14
N GLN H 120 -9.77 12.78 16.54
CA GLN H 120 -8.73 13.21 15.61
C GLN H 120 -7.72 14.11 16.33
N GLN H 121 -6.50 13.59 16.51
CA GLN H 121 -5.45 14.35 17.18
C GLN H 121 -4.10 14.12 16.50
N SER H 122 -3.37 15.21 16.28
CA SER H 122 -2.06 15.12 15.65
C SER H 122 -1.05 15.97 16.42
N SER H 123 0.14 15.41 16.65
CA SER H 123 1.18 16.12 17.36
C SER H 123 2.56 15.70 16.87
N TYR H 124 3.57 16.50 17.19
CA TYR H 124 4.93 16.20 16.77
C TYR H 124 5.86 16.16 17.97
N SER I 64 -23.91 14.80 -17.41
CA SER I 64 -23.78 13.56 -18.22
C SER I 64 -22.57 13.69 -19.15
N TYR I 65 -22.49 14.82 -19.85
CA TYR I 65 -21.40 15.06 -20.77
C TYR I 65 -20.07 15.22 -20.01
N SER I 66 -18.96 15.15 -20.73
CA SER I 66 -17.65 15.28 -20.11
C SER I 66 -17.57 16.55 -19.27
N GLY I 67 -17.78 16.41 -17.97
CA GLY I 67 -17.72 17.56 -17.06
C GLY I 67 -16.28 17.91 -16.71
N TYR I 68 -15.92 17.67 -15.45
CA TYR I 68 -14.57 17.97 -15.00
C TYR I 68 -13.53 17.24 -15.85
N SER I 69 -12.42 17.92 -16.12
CA SER I 69 -11.36 17.33 -16.93
C SER I 69 -10.00 17.56 -16.26
N GLN I 70 -10.01 17.80 -14.95
CA GLN I 70 -8.77 18.02 -14.22
C GLN I 70 -8.75 17.18 -12.94
N SER I 71 -7.85 17.53 -12.02
CA SER I 71 -7.73 16.81 -10.76
C SER I 71 -8.54 17.47 -9.66
N THR I 72 -8.85 16.71 -8.62
CA THR I 72 -9.62 17.22 -7.50
C THR I 72 -9.01 16.77 -6.18
N ASP I 73 -8.86 17.72 -5.26
CA ASP I 73 -8.28 17.41 -3.95
C ASP I 73 -8.85 18.32 -2.87
N THR I 74 -9.33 17.72 -1.78
CA THR I 74 -9.91 18.50 -0.69
C THR I 74 -8.83 19.00 0.28
N SER I 75 -7.83 18.18 0.55
CA SER I 75 -6.76 18.58 1.47
C SER I 75 -5.39 18.20 0.92
N GLY I 76 -4.42 19.10 1.05
CA GLY I 76 -3.08 18.81 0.58
C GLY I 76 -2.74 19.58 -0.69
N TYR I 77 -2.46 20.88 -0.54
CA TYR I 77 -2.09 21.75 -1.66
C TYR I 77 -2.66 21.27 -2.99
N GLY I 78 -3.96 21.43 -3.19
CA GLY I 78 -4.59 21.00 -4.43
C GLY I 78 -4.00 21.77 -5.61
N GLN I 79 -3.00 21.17 -6.24
CA GLN I 79 -2.34 21.81 -7.38
C GLN I 79 -1.55 23.02 -6.91
N SER I 80 -0.28 22.80 -6.60
CA SER I 80 0.58 23.89 -6.14
C SER I 80 2.02 23.67 -6.60
N SER I 81 2.77 24.77 -6.73
CA SER I 81 4.15 24.68 -7.16
C SER I 81 5.01 25.71 -6.42
N TYR I 82 6.26 25.35 -6.16
CA TYR I 82 7.18 26.24 -5.48
C TYR I 82 8.46 26.42 -6.28
N SER I 83 8.95 27.65 -6.35
CA SER I 83 10.16 27.94 -7.09
C SER I 83 10.97 29.03 -6.41
N SER I 84 10.93 29.04 -5.08
CA SER I 84 11.66 30.04 -4.31
C SER I 84 13.15 29.95 -4.58
N TYR I 85 13.84 31.08 -4.51
CA TYR I 85 15.28 31.12 -4.75
C TYR I 85 16.03 31.53 -3.49
N GLY I 86 17.20 30.94 -3.28
CA GLY I 86 18.00 31.26 -2.11
C GLY I 86 17.43 30.59 -0.87
N GLN I 87 17.80 31.11 0.30
CA GLN I 87 17.32 30.55 1.56
C GLN I 87 15.80 30.66 1.64
N SER I 88 15.15 29.57 2.04
CA SER I 88 13.70 29.56 2.15
C SER I 88 13.22 28.26 2.79
N GLN I 89 12.66 28.36 3.99
CA GLN I 89 12.16 27.19 4.69
C GLN I 89 10.82 26.73 4.10
N ASN I 90 10.78 25.48 3.65
CA ASN I 90 9.55 24.94 3.07
C ASN I 90 8.80 24.08 4.08
N THR I 91 7.76 24.64 4.68
CA THR I 91 6.98 23.91 5.68
C THR I 91 5.55 23.74 5.19
N GLY I 92 5.06 22.50 5.22
CA GLY I 92 3.69 22.23 4.78
C GLY I 92 2.67 22.87 5.71
N TYR I 93 1.43 22.40 5.65
CA TYR I 93 0.37 22.94 6.48
C TYR I 93 0.81 23.03 7.94
N GLY I 94 1.23 21.90 8.51
CA GLY I 94 1.67 21.89 9.90
C GLY I 94 0.66 21.19 10.79
N THR I 95 -0.18 22.00 11.44
CA THR I 95 -1.19 21.45 12.34
C THR I 95 -2.59 21.70 11.77
N GLN I 96 -3.27 20.65 11.33
CA GLN I 96 -4.60 20.83 10.77
C GLN I 96 -5.32 19.49 10.63
N SER I 97 -6.64 19.54 10.45
CA SER I 97 -7.44 18.34 10.30
C SER I 97 -8.20 18.38 8.98
N THR I 98 -7.98 17.37 8.14
CA THR I 98 -8.66 17.29 6.85
C THR I 98 -10.13 16.96 7.06
N PRO I 99 -10.94 17.02 6.03
CA PRO I 99 -12.41 16.72 6.15
C PRO I 99 -12.67 15.33 6.70
N GLN I 100 -13.09 15.26 7.96
CA GLN I 100 -13.38 13.98 8.57
C GLN I 100 -14.69 13.41 8.02
N GLY I 101 -14.59 12.29 7.30
CA GLY I 101 -15.76 11.66 6.72
C GLY I 101 -15.51 11.21 5.29
N TYR I 102 -15.83 12.08 4.33
CA TYR I 102 -15.63 11.75 2.93
C TYR I 102 -14.30 12.30 2.42
N GLY I 103 -14.16 13.63 2.50
CA GLY I 103 -12.95 14.29 2.05
C GLY I 103 -12.72 14.06 0.56
N SER I 104 -12.90 15.12 -0.24
CA SER I 104 -12.71 15.03 -1.67
C SER I 104 -13.61 13.95 -2.28
N THR I 105 -14.70 14.38 -2.90
CA THR I 105 -15.62 13.43 -3.50
C THR I 105 -15.40 13.37 -5.01
N GLY I 106 -14.69 12.36 -5.46
CA GLY I 106 -14.44 12.21 -6.89
C GLY I 106 -15.41 11.22 -7.49
N GLY I 107 -14.94 10.42 -8.44
CA GLY I 107 -15.78 9.41 -9.08
C GLY I 107 -17.12 9.99 -9.49
N TYR I 108 -17.12 10.76 -10.57
CA TYR I 108 -18.35 11.37 -11.06
C TYR I 108 -19.39 10.31 -11.44
N GLY I 109 -20.63 10.58 -11.07
CA GLY I 109 -21.73 9.66 -11.37
C GLY I 109 -22.79 9.72 -10.29
N SER I 110 -22.36 9.71 -9.03
CA SER I 110 -23.27 9.78 -7.89
C SER I 110 -22.51 9.52 -6.60
N SER I 111 -22.75 10.36 -5.60
CA SER I 111 -22.08 10.22 -4.31
C SER I 111 -23.04 9.63 -3.29
N GLN I 112 -24.02 10.43 -2.87
CA GLN I 112 -25.00 9.97 -1.88
C GLN I 112 -24.31 9.41 -0.64
N SER I 113 -23.90 10.30 0.26
CA SER I 113 -23.23 9.86 1.49
C SER I 113 -23.53 10.80 2.63
N SER I 114 -22.92 10.52 3.79
CA SER I 114 -23.13 11.35 4.98
C SER I 114 -22.15 10.95 6.08
N GLN I 115 -21.43 11.94 6.61
CA GLN I 115 -20.46 11.66 7.67
C GLN I 115 -20.49 12.73 8.75
N SER I 116 -19.60 12.60 9.72
CA SER I 116 -19.53 13.58 10.81
C SER I 116 -18.13 13.60 11.43
N SER I 117 -17.83 14.69 12.13
CA SER I 117 -16.52 14.83 12.78
C SER I 117 -16.69 15.36 14.21
N TYR I 118 -16.06 14.69 15.16
CA TYR I 118 -16.14 15.10 16.57
C TYR I 118 -14.81 14.88 17.28
N GLY I 119 -14.01 15.95 17.37
CA GLY I 119 -12.73 15.89 18.04
C GLY I 119 -11.58 16.23 17.09
N GLN I 120 -11.65 17.43 16.50
CA GLN I 120 -10.59 17.85 15.58
C GLN I 120 -9.58 18.74 16.29
N GLN I 121 -8.37 18.22 16.48
CA GLN I 121 -7.31 18.98 17.15
C GLN I 121 -5.97 18.74 16.47
N SER I 122 -5.23 19.82 16.25
CA SER I 122 -3.92 19.73 15.62
C SER I 122 -2.91 20.58 16.38
N SER I 123 -1.72 20.02 16.62
CA SER I 123 -0.68 20.72 17.33
C SER I 123 0.70 20.29 16.85
N TYR I 124 1.71 21.10 17.16
CA TYR I 124 3.07 20.79 16.75
C TYR I 124 4.01 20.75 17.96
N SER A 64 -8.00 -22.18 -20.46
CA SER A 64 -7.92 -23.67 -20.36
C SER A 64 -7.42 -24.23 -21.69
N TYR A 65 -6.63 -23.43 -22.40
CA TYR A 65 -6.08 -23.85 -23.69
C TYR A 65 -4.59 -23.53 -23.77
N SER A 66 -4.26 -22.32 -24.20
CA SER A 66 -2.87 -21.91 -24.33
C SER A 66 -2.17 -21.98 -22.98
N GLY A 67 -0.89 -22.34 -22.98
CA GLY A 67 -0.12 -22.43 -21.75
C GLY A 67 1.18 -21.66 -21.86
N TYR A 68 1.54 -20.95 -20.80
CA TYR A 68 2.77 -20.17 -20.78
C TYR A 68 3.54 -20.39 -19.48
N SER A 69 4.66 -19.70 -19.34
CA SER A 69 5.48 -19.85 -18.13
C SER A 69 4.68 -19.45 -16.90
N GLN A 70 4.84 -20.22 -15.82
CA GLN A 70 4.13 -19.93 -14.58
C GLN A 70 5.02 -20.19 -13.38
N SER A 71 5.14 -19.20 -12.50
CA SER A 71 5.97 -19.34 -11.31
C SER A 71 5.20 -18.89 -10.07
N THR A 72 5.44 -19.58 -8.95
CA THR A 72 4.76 -19.22 -7.71
C THR A 72 5.74 -19.20 -6.55
N ASP A 73 5.68 -18.15 -5.73
CA ASP A 73 6.57 -18.03 -4.58
C ASP A 73 5.80 -17.48 -3.38
N THR A 74 6.11 -17.99 -2.19
CA THR A 74 5.43 -17.53 -0.98
C THR A 74 6.43 -17.00 0.03
N SER A 75 7.45 -17.80 0.35
CA SER A 75 8.46 -17.40 1.32
C SER A 75 9.86 -17.70 0.80
N GLY A 76 10.74 -16.69 0.80
CA GLY A 76 12.11 -16.89 0.33
C GLY A 76 12.38 -16.19 -1.00
N TYR A 77 12.57 -14.86 -0.94
CA TYR A 77 12.85 -14.05 -2.13
C TYR A 77 12.14 -14.59 -3.37
N GLY A 78 10.82 -14.45 -3.41
CA GLY A 78 10.04 -14.92 -4.55
C GLY A 78 10.34 -14.09 -5.79
N GLN A 79 11.26 -14.59 -6.61
CA GLN A 79 11.64 -13.89 -7.83
C GLN A 79 12.38 -12.60 -7.51
N SER A 80 13.70 -12.66 -7.54
CA SER A 80 14.52 -11.50 -7.25
C SER A 80 15.95 -11.71 -7.73
N SER A 81 16.73 -10.63 -7.75
CA SER A 81 18.12 -10.72 -8.20
C SER A 81 18.96 -9.63 -7.53
N TYR A 82 20.26 -9.86 -7.47
CA TYR A 82 21.16 -8.88 -6.87
C TYR A 82 22.30 -8.54 -7.82
N SER A 83 22.55 -7.24 -8.00
CA SER A 83 23.61 -6.79 -8.90
C SER A 83 24.33 -5.59 -8.30
N SER A 84 24.28 -5.46 -6.98
CA SER A 84 24.94 -4.36 -6.30
C SER A 84 26.46 -4.53 -6.34
N TYR A 85 27.17 -3.41 -6.35
CA TYR A 85 28.63 -3.46 -6.39
C TYR A 85 29.21 -3.34 -4.98
N GLY A 86 30.12 -4.24 -4.64
CA GLY A 86 30.74 -4.22 -3.32
C GLY A 86 29.81 -4.85 -2.28
N GLN A 87 30.40 -5.40 -1.23
CA GLN A 87 29.60 -6.03 -0.18
C GLN A 87 30.50 -6.46 0.98
N SER A 88 30.09 -6.12 2.20
CA SER A 88 30.87 -6.48 3.38
C SER A 88 30.05 -7.39 4.31
N GLN A 89 28.73 -7.34 4.19
CA GLN A 89 27.87 -8.16 5.02
C GLN A 89 26.55 -8.45 4.30
N ASN A 90 26.21 -9.73 4.21
CA ASN A 90 24.97 -10.14 3.54
C ASN A 90 24.20 -11.13 4.40
N THR A 91 23.10 -10.67 4.98
CA THR A 91 22.28 -11.54 5.83
C THR A 91 20.89 -11.72 5.22
N GLY A 92 20.46 -12.97 5.11
CA GLY A 92 19.15 -13.27 4.54
C GLY A 92 18.04 -12.70 5.41
N TYR A 93 16.83 -13.20 5.23
CA TYR A 93 15.68 -12.73 5.99
C TYR A 93 16.00 -12.69 7.48
N GLY A 94 16.50 -13.81 8.02
CA GLY A 94 16.85 -13.90 9.43
C GLY A 94 15.98 -14.93 10.14
N THR A 95 15.12 -14.44 11.03
CA THR A 95 14.23 -15.32 11.78
C THR A 95 12.78 -15.11 11.32
N GLN A 96 12.28 -16.06 10.54
CA GLN A 96 10.91 -15.99 10.04
C GLN A 96 10.25 -17.36 10.04
N SER A 97 8.98 -17.40 10.41
CA SER A 97 8.25 -18.66 10.44
C SER A 97 7.26 -18.73 9.29
N THR A 98 7.35 -19.79 8.49
CA THR A 98 6.47 -19.98 7.35
C THR A 98 5.15 -20.62 7.81
N PRO A 99 4.18 -20.74 6.93
CA PRO A 99 2.85 -21.34 7.26
C PRO A 99 2.95 -22.68 7.99
N GLN A 100 1.78 -23.22 8.31
CA GLN A 100 1.68 -24.49 9.00
C GLN A 100 0.43 -25.21 8.53
N GLY A 101 0.64 -26.32 7.82
CA GLY A 101 -0.48 -27.09 7.28
C GLY A 101 -0.34 -27.21 5.76
N TYR A 102 -0.75 -26.16 5.05
CA TYR A 102 -0.65 -26.15 3.60
C TYR A 102 0.18 -24.95 3.14
N GLY A 103 1.46 -25.19 2.88
CA GLY A 103 2.38 -24.14 2.45
C GLY A 103 1.76 -23.29 1.34
N SER A 104 1.91 -23.72 0.10
CA SER A 104 1.36 -22.96 -1.02
C SER A 104 1.04 -23.87 -2.21
N THR A 105 0.36 -23.31 -3.20
CA THR A 105 0.00 -24.07 -4.40
C THR A 105 0.45 -23.32 -5.65
N GLY A 106 0.81 -24.09 -6.68
CA GLY A 106 1.26 -23.49 -7.93
C GLY A 106 0.53 -24.09 -9.13
N GLY A 107 -0.62 -23.50 -9.47
CA GLY A 107 -1.41 -23.99 -10.60
C GLY A 107 -2.87 -23.56 -10.48
N TYR A 108 -3.50 -23.32 -11.61
CA TYR A 108 -4.91 -22.90 -11.62
C TYR A 108 -5.83 -24.10 -11.72
N GLY A 109 -5.66 -25.03 -10.79
CA GLY A 109 -6.49 -26.25 -10.77
C GLY A 109 -7.42 -26.26 -9.56
N SER A 110 -6.84 -26.48 -8.39
CA SER A 110 -7.63 -26.51 -7.16
C SER A 110 -6.71 -26.44 -5.93
N SER A 111 -6.73 -25.30 -5.26
CA SER A 111 -5.90 -25.10 -4.07
C SER A 111 -6.79 -24.76 -2.87
N GLN A 112 -7.33 -25.79 -2.23
CA GLN A 112 -8.19 -25.59 -1.07
C GLN A 112 -7.87 -26.60 0.03
N SER A 113 -7.74 -26.12 1.27
CA SER A 113 -7.43 -27.01 2.37
C SER A 113 -7.92 -26.43 3.70
N SER A 114 -7.60 -27.11 4.79
CA SER A 114 -8.01 -26.68 6.12
C SER A 114 -6.93 -27.04 7.16
N GLN A 115 -6.38 -26.02 7.81
CA GLN A 115 -5.35 -26.25 8.81
C GLN A 115 -5.28 -25.09 9.80
N SER A 116 -4.34 -25.17 10.75
CA SER A 116 -4.20 -24.12 11.76
C SER A 116 -2.94 -24.35 12.60
N SER A 117 -2.45 -23.29 13.25
CA SER A 117 -1.28 -23.40 14.09
C SER A 117 -1.16 -22.20 15.02
N TYR A 118 -0.30 -22.30 16.04
CA TYR A 118 -0.14 -21.19 16.98
C TYR A 118 1.11 -21.38 17.84
N GLY A 119 2.28 -21.13 17.26
CA GLY A 119 3.54 -21.30 17.99
C GLY A 119 4.74 -20.89 17.14
N GLN A 120 4.65 -19.73 16.50
CA GLN A 120 5.74 -19.25 15.66
C GLN A 120 6.61 -18.25 16.42
N GLN A 121 7.88 -18.60 16.60
CA GLN A 121 8.80 -17.73 17.32
C GLN A 121 10.09 -17.54 16.52
N SER A 122 10.44 -16.28 16.24
CA SER A 122 11.65 -15.98 15.49
C SER A 122 12.40 -14.81 16.14
N SER A 123 13.69 -15.01 16.37
CA SER A 123 14.51 -13.97 16.99
C SER A 123 13.92 -13.58 18.35
N TYR A 124 13.74 -14.57 19.22
CA TYR A 124 13.19 -14.30 20.54
C TYR A 124 14.19 -13.53 21.40
N SER B 64 -9.79 -17.63 -20.52
CA SER B 64 -9.71 -19.12 -20.43
C SER B 64 -9.21 -19.68 -21.75
N TYR B 65 -8.40 -18.89 -22.46
CA TYR B 65 -7.86 -19.32 -23.74
C TYR B 65 -6.35 -19.00 -23.81
N SER B 66 -6.02 -17.79 -24.25
CA SER B 66 -4.61 -17.40 -24.36
C SER B 66 -3.94 -17.46 -23.00
N GLY B 67 -2.66 -17.83 -23.00
CA GLY B 67 -1.90 -17.92 -21.75
C GLY B 67 -0.58 -17.16 -21.85
N TYR B 68 -0.23 -16.45 -20.79
CA TYR B 68 1.01 -15.68 -20.77
C TYR B 68 1.75 -15.91 -19.46
N SER B 69 2.88 -15.23 -19.30
CA SER B 69 3.69 -15.38 -18.09
C SER B 69 2.88 -14.97 -16.86
N GLN B 70 3.02 -15.73 -15.78
CA GLN B 70 2.30 -15.44 -14.55
C GLN B 70 3.19 -15.71 -13.34
N SER B 71 3.30 -14.71 -12.46
CA SER B 71 4.12 -14.85 -11.26
C SER B 71 3.35 -14.40 -10.03
N THR B 72 3.57 -15.07 -8.91
CA THR B 72 2.88 -14.73 -7.68
C THR B 72 3.85 -14.71 -6.50
N ASP B 73 3.79 -13.65 -5.70
CA ASP B 73 4.67 -13.53 -4.54
C ASP B 73 3.89 -12.98 -3.34
N THR B 74 4.19 -13.48 -2.15
CA THR B 74 3.50 -13.02 -0.95
C THR B 74 4.50 -12.50 0.08
N SER B 75 5.50 -13.29 0.40
CA SER B 75 6.51 -12.90 1.38
C SER B 75 7.92 -13.19 0.87
N GLY B 76 8.79 -12.18 0.89
CA GLY B 76 10.16 -12.39 0.44
C GLY B 76 10.42 -11.70 -0.90
N TYR B 77 10.66 -10.38 -0.83
CA TYR B 77 10.95 -9.58 -2.03
C TYR B 77 10.25 -10.11 -3.28
N GLY B 78 8.93 -9.96 -3.34
CA GLY B 78 8.16 -10.44 -4.48
C GLY B 78 8.47 -9.62 -5.72
N GLN B 79 9.39 -10.12 -6.53
CA GLN B 79 9.79 -9.42 -7.75
C GLN B 79 10.53 -8.14 -7.42
N SER B 80 11.86 -8.21 -7.45
CA SER B 80 12.68 -7.04 -7.15
C SER B 80 14.11 -7.26 -7.62
N SER B 81 14.90 -6.20 -7.63
CA SER B 81 16.29 -6.29 -8.06
C SER B 81 17.13 -5.20 -7.40
N TYR B 82 18.44 -5.43 -7.32
CA TYR B 82 19.33 -4.47 -6.71
C TYR B 82 20.48 -4.13 -7.66
N SER B 83 20.73 -2.84 -7.84
CA SER B 83 21.80 -2.40 -8.73
C SER B 83 22.53 -1.19 -8.12
N SER B 84 22.47 -1.06 -6.81
CA SER B 84 23.13 0.04 -6.12
C SER B 84 24.65 -0.15 -6.15
N TYR B 85 25.38 0.96 -6.15
CA TYR B 85 26.83 0.92 -6.17
C TYR B 85 27.39 1.04 -4.76
N GLY B 86 28.31 0.13 -4.42
CA GLY B 86 28.91 0.15 -3.09
C GLY B 86 27.96 -0.47 -2.06
N GLN B 87 28.53 -1.03 -1.00
CA GLN B 87 27.73 -1.65 0.05
C GLN B 87 28.61 -2.08 1.22
N SER B 88 28.19 -1.73 2.43
CA SER B 88 28.96 -2.09 3.62
C SER B 88 28.14 -2.99 4.55
N GLN B 89 26.82 -2.94 4.40
CA GLN B 89 25.93 -3.76 5.23
C GLN B 89 24.62 -4.04 4.50
N ASN B 90 24.27 -5.32 4.40
CA ASN B 90 23.04 -5.72 3.74
C ASN B 90 22.26 -6.71 4.59
N THR B 91 21.16 -6.25 5.16
CA THR B 91 20.32 -7.10 6.00
C THR B 91 18.94 -7.28 5.37
N GLY B 92 18.51 -8.53 5.27
CA GLY B 92 17.20 -8.83 4.69
C GLY B 92 16.09 -8.24 5.54
N TYR B 93 14.87 -8.74 5.35
CA TYR B 93 13.72 -8.26 6.11
C TYR B 93 14.03 -8.23 7.60
N GLY B 94 14.51 -9.34 8.13
CA GLY B 94 14.85 -9.42 9.55
C GLY B 94 13.96 -10.45 10.26
N THR B 95 13.10 -9.96 11.14
CA THR B 95 12.20 -10.84 11.87
C THR B 95 10.76 -10.64 11.42
N GLN B 96 10.26 -11.57 10.63
CA GLN B 96 8.90 -11.48 10.13
C GLN B 96 8.23 -12.85 10.12
N SER B 97 6.95 -12.88 10.48
CA SER B 97 6.21 -14.13 10.50
C SER B 97 5.24 -14.19 9.34
N THR B 98 5.32 -15.26 8.55
CA THR B 98 4.45 -15.44 7.40
C THR B 98 3.12 -16.08 7.85
N PRO B 99 2.16 -16.19 6.96
CA PRO B 99 0.83 -16.78 7.29
C PRO B 99 0.91 -18.10 8.04
N GLN B 100 -0.26 -18.65 8.32
CA GLN B 100 -0.38 -19.92 9.02
C GLN B 100 -1.63 -20.65 8.55
N GLY B 101 -1.43 -21.74 7.83
CA GLY B 101 -2.54 -22.51 7.29
C GLY B 101 -2.39 -22.64 5.77
N TYR B 102 -2.78 -21.60 5.05
CA TYR B 102 -2.66 -21.59 3.60
C TYR B 102 -1.82 -20.41 3.14
N GLY B 103 -0.53 -20.65 2.89
CA GLY B 103 0.38 -19.60 2.46
C GLY B 103 -0.23 -18.75 1.36
N SER B 104 -0.07 -19.18 0.11
CA SER B 104 -0.61 -18.42 -1.01
C SER B 104 -0.92 -19.33 -2.19
N THR B 105 -1.58 -18.77 -3.20
CA THR B 105 -1.94 -19.54 -4.39
C THR B 105 -1.47 -18.80 -5.64
N GLY B 106 -1.11 -19.56 -6.67
CA GLY B 106 -0.64 -18.98 -7.91
C GLY B 106 -1.37 -19.56 -9.12
N GLY B 107 -2.51 -18.98 -9.47
CA GLY B 107 -3.29 -19.45 -10.61
C GLY B 107 -4.74 -19.02 -10.50
N TYR B 108 -5.37 -18.77 -11.64
CA TYR B 108 -6.77 -18.35 -11.67
C TYR B 108 -7.69 -19.56 -11.77
N GLY B 109 -7.55 -20.49 -10.83
CA GLY B 109 -8.38 -21.69 -10.82
C GLY B 109 -9.32 -21.70 -9.62
N SER B 110 -8.76 -21.90 -8.43
CA SER B 110 -9.56 -21.92 -7.21
C SER B 110 -8.65 -21.85 -5.98
N SER B 111 -8.67 -20.71 -5.31
CA SER B 111 -7.85 -20.52 -4.12
C SER B 111 -8.74 -20.18 -2.93
N GLN B 112 -9.30 -21.20 -2.29
CA GLN B 112 -10.18 -20.98 -1.13
C GLN B 112 -9.87 -21.99 -0.02
N SER B 113 -9.74 -21.52 1.20
CA SER B 113 -9.44 -22.40 2.33
C SER B 113 -9.94 -21.82 3.64
N SER B 114 -9.64 -22.51 4.74
CA SER B 114 -10.05 -22.06 6.06
C SER B 114 -8.99 -22.43 7.10
N GLN B 115 -8.44 -21.41 7.75
CA GLN B 115 -7.41 -21.64 8.77
C GLN B 115 -7.34 -20.48 9.76
N SER B 116 -6.42 -20.57 10.71
CA SER B 116 -6.28 -19.51 11.72
C SER B 116 -5.03 -19.74 12.57
N SER B 117 -4.55 -18.69 13.22
CA SER B 117 -3.38 -18.81 14.08
C SER B 117 -3.26 -17.61 15.01
N TYR B 118 -2.41 -17.72 16.02
CA TYR B 118 -2.23 -16.63 16.98
C TYR B 118 -0.99 -16.84 17.85
N GLY B 119 0.18 -16.57 17.28
CA GLY B 119 1.43 -16.74 18.02
C GLY B 119 2.63 -16.34 17.17
N GLN B 120 2.55 -15.18 16.54
CA GLN B 120 3.66 -14.69 15.70
C GLN B 120 4.52 -13.71 16.47
N GLN B 121 5.79 -14.05 16.65
CA GLN B 121 6.71 -13.18 17.39
C GLN B 121 8.02 -13.01 16.60
N SER B 122 8.37 -11.76 16.32
CA SER B 122 9.58 -11.45 15.58
C SER B 122 10.33 -10.30 16.23
N SER B 123 11.63 -10.50 16.48
CA SER B 123 12.44 -9.46 17.10
C SER B 123 11.84 -9.07 18.45
N TYR B 124 11.65 -10.05 19.33
CA TYR B 124 11.09 -9.79 20.63
C TYR B 124 12.08 -9.01 21.50
N SER C 64 -11.55 -13.07 -20.61
CA SER C 64 -11.48 -14.56 -20.52
C SER C 64 -10.97 -15.13 -21.84
N TYR C 65 -10.16 -14.35 -22.53
CA TYR C 65 -9.59 -14.78 -23.81
C TYR C 65 -8.10 -14.48 -23.87
N SER C 66 -7.74 -13.27 -24.31
CA SER C 66 -6.34 -12.87 -24.41
C SER C 66 -5.68 -12.94 -23.04
N GLY C 67 -4.40 -13.32 -23.02
CA GLY C 67 -3.65 -13.42 -21.77
C GLY C 67 -2.33 -12.67 -21.87
N TYR C 68 -1.99 -11.95 -20.80
CA TYR C 68 -0.74 -11.19 -20.78
C TYR C 68 0.00 -11.42 -19.46
N SER C 69 1.13 -10.74 -19.29
CA SER C 69 1.92 -10.89 -18.08
C SER C 69 1.10 -10.47 -16.85
N GLN C 70 1.23 -11.23 -15.77
CA GLN C 70 0.50 -10.94 -14.55
C GLN C 70 1.38 -11.21 -13.33
N SER C 71 1.49 -10.21 -12.45
CA SER C 71 2.30 -10.35 -11.25
C SER C 71 1.52 -9.89 -10.02
N THR C 72 1.72 -10.57 -8.89
CA THR C 72 1.03 -10.22 -7.66
C THR C 72 1.99 -10.20 -6.48
N ASP C 73 1.92 -9.14 -5.68
CA ASP C 73 2.79 -9.02 -4.52
C ASP C 73 2.01 -8.46 -3.33
N THR C 74 2.30 -8.97 -2.14
CA THR C 74 1.60 -8.50 -0.94
C THR C 74 2.59 -7.98 0.10
N SER C 75 3.59 -8.79 0.44
CA SER C 75 4.59 -8.38 1.43
C SER C 75 5.99 -8.69 0.92
N GLY C 76 6.87 -7.69 0.95
CA GLY C 76 8.24 -7.90 0.50
C GLY C 76 8.53 -7.20 -0.83
N TYR C 77 8.77 -5.90 -0.77
CA TYR C 77 9.08 -5.10 -1.97
C TYR C 77 8.39 -5.64 -3.22
N GLY C 78 7.06 -5.48 -3.28
CA GLY C 78 6.30 -5.95 -4.43
C GLY C 78 6.62 -5.13 -5.67
N GLN C 79 7.56 -5.63 -6.48
CA GLN C 79 7.96 -4.95 -7.70
C GLN C 79 8.71 -3.67 -7.36
N SER C 80 10.04 -3.74 -7.37
CA SER C 80 10.86 -2.59 -7.07
C SER C 80 12.30 -2.82 -7.53
N SER C 81 13.09 -1.75 -7.54
CA SER C 81 14.49 -1.86 -7.96
C SER C 81 15.32 -0.77 -7.29
N TYR C 82 16.63 -1.01 -7.19
CA TYR C 82 17.53 -0.05 -6.59
C TYR C 82 18.68 0.28 -7.52
N SER C 83 18.94 1.57 -7.70
CA SER C 83 20.03 2.01 -8.58
C SER C 83 20.76 3.20 -7.98
N SER C 84 20.69 3.33 -6.66
CA SER C 84 21.34 4.44 -5.97
C SER C 84 22.86 4.25 -5.98
N TYR C 85 23.59 5.35 -5.99
CA TYR C 85 25.05 5.30 -6.00
C TYR C 85 25.60 5.41 -4.59
N GLY C 86 26.51 4.51 -4.22
CA GLY C 86 27.10 4.52 -2.90
C GLY C 86 26.14 3.91 -1.87
N GLN C 87 26.70 3.35 -0.80
CA GLN C 87 25.88 2.75 0.24
C GLN C 87 26.76 2.31 1.42
N SER C 88 26.33 2.66 2.63
CA SER C 88 27.09 2.29 3.82
C SER C 88 26.24 1.40 4.74
N GLN C 89 24.92 1.47 4.59
CA GLN C 89 24.03 0.65 5.41
C GLN C 89 22.73 0.37 4.67
N ASN C 90 22.37 -0.90 4.58
CA ASN C 90 21.14 -1.30 3.89
C ASN C 90 20.35 -2.28 4.74
N THR C 91 19.24 -1.81 5.31
CA THR C 91 18.40 -2.66 6.14
C THR C 91 17.02 -2.83 5.50
N GLY C 92 16.58 -4.07 5.39
CA GLY C 92 15.28 -4.37 4.80
C GLY C 92 14.15 -3.78 5.65
N TYR C 93 12.94 -4.27 5.45
CA TYR C 93 11.78 -3.78 6.19
C TYR C 93 12.09 -3.75 7.69
N GLY C 94 12.55 -4.86 8.23
CA GLY C 94 12.87 -4.94 9.66
C GLY C 94 11.98 -5.95 10.35
N THR C 95 11.11 -5.46 11.23
CA THR C 95 10.21 -6.34 11.96
C THR C 95 8.77 -6.11 11.49
N GLN C 96 8.27 -7.07 10.70
CA GLN C 96 6.91 -6.96 10.18
C GLN C 96 6.23 -8.32 10.17
N SER C 97 4.95 -8.35 10.51
CA SER C 97 4.20 -9.60 10.54
C SER C 97 3.23 -9.65 9.37
N THR C 98 3.33 -10.72 8.58
CA THR C 98 2.46 -10.89 7.42
C THR C 98 1.13 -11.53 7.86
N PRO C 99 0.17 -11.64 6.96
CA PRO C 99 -1.17 -12.21 7.28
C PRO C 99 -1.10 -13.54 8.04
N GLN C 100 -2.28 -14.08 8.30
CA GLN C 100 -2.41 -15.34 9.01
C GLN C 100 -3.67 -16.07 8.53
N GLY C 101 -3.46 -17.16 7.82
CA GLY C 101 -4.57 -17.93 7.26
C GLY C 101 -4.41 -18.07 5.76
N TYR C 102 -4.78 -17.02 5.02
CA TYR C 102 -4.65 -17.02 3.57
C TYR C 102 -3.80 -15.84 3.12
N GLY C 103 -2.51 -16.10 2.89
CA GLY C 103 -1.58 -15.05 2.46
C GLY C 103 -2.18 -14.20 1.35
N SER C 104 -2.01 -14.62 0.11
CA SER C 104 -2.54 -13.87 -1.03
C SER C 104 -2.85 -14.79 -2.21
N THR C 105 -3.49 -14.22 -3.22
CA THR C 105 -3.84 -14.99 -4.41
C THR C 105 -3.36 -14.26 -5.66
N GLY C 106 -3.00 -15.03 -6.68
CA GLY C 106 -2.52 -14.44 -7.94
C GLY C 106 -3.24 -15.03 -9.14
N GLY C 107 -4.38 -14.44 -9.50
CA GLY C 107 -5.15 -14.92 -10.64
C GLY C 107 -6.60 -14.47 -10.54
N TYR C 108 -7.21 -14.22 -11.70
CA TYR C 108 -8.61 -13.79 -11.73
C TYR C 108 -9.54 -15.00 -11.84
N GLY C 109 -9.41 -15.92 -10.90
CA GLY C 109 -10.25 -17.12 -10.89
C GLY C 109 -11.20 -17.12 -9.70
N SER C 110 -10.65 -17.32 -8.51
CA SER C 110 -11.46 -17.34 -7.29
C SER C 110 -10.57 -17.27 -6.06
N SER C 111 -10.58 -16.12 -5.39
CA SER C 111 -9.78 -15.94 -4.19
C SER C 111 -10.67 -15.58 -3.00
N GLN C 112 -11.24 -16.61 -2.37
CA GLN C 112 -12.12 -16.38 -1.23
C GLN C 112 -11.83 -17.39 -0.11
N SER C 113 -11.71 -16.91 1.11
CA SER C 113 -11.42 -17.79 2.24
C SER C 113 -11.93 -17.21 3.55
N SER C 114 -11.64 -17.89 4.66
CA SER C 114 -12.07 -17.44 5.97
C SER C 114 -11.02 -17.81 7.02
N GLN C 115 -10.47 -16.80 7.68
CA GLN C 115 -9.45 -17.04 8.71
C GLN C 115 -9.39 -15.86 9.69
N SER C 116 -8.47 -15.95 10.65
CA SER C 116 -8.33 -14.90 11.65
C SER C 116 -7.09 -15.13 12.53
N SER C 117 -6.61 -14.08 13.17
CA SER C 117 -5.44 -14.20 14.04
C SER C 117 -5.33 -13.01 14.98
N TYR C 118 -4.48 -13.12 15.99
CA TYR C 118 -4.31 -12.02 16.94
C TYR C 118 -3.07 -12.25 17.82
N GLY C 119 -1.89 -11.98 17.27
CA GLY C 119 -0.65 -12.16 18.02
C GLY C 119 0.56 -11.77 17.19
N GLN C 120 0.48 -10.60 16.54
CA GLN C 120 1.60 -10.13 15.71
C GLN C 120 2.46 -9.15 16.49
N GLN C 121 3.74 -9.50 16.69
CA GLN C 121 4.65 -8.63 17.41
C GLN C 121 5.96 -8.47 16.64
N SER C 122 6.32 -7.22 16.37
CA SER C 122 7.55 -6.93 15.63
C SER C 122 8.30 -5.77 16.29
N SER C 123 9.59 -5.98 16.54
CA SER C 123 10.40 -4.95 17.18
C SER C 123 9.80 -4.54 18.52
N TYR C 124 9.59 -5.52 19.39
CA TYR C 124 9.02 -5.25 20.70
C TYR C 124 10.01 -4.49 21.58
N SER D 64 -13.28 -8.51 -20.73
CA SER D 64 -13.23 -10.00 -20.64
C SER D 64 -12.71 -10.57 -21.95
N TYR D 65 -11.88 -9.80 -22.64
CA TYR D 65 -11.31 -10.23 -23.90
C TYR D 65 -9.82 -9.93 -23.96
N SER D 66 -9.46 -8.73 -24.39
CA SER D 66 -8.05 -8.35 -24.48
C SER D 66 -7.39 -8.41 -23.10
N GLY D 67 -6.12 -8.80 -23.08
CA GLY D 67 -5.38 -8.90 -21.82
C GLY D 67 -4.05 -8.15 -21.91
N TYR D 68 -3.72 -7.44 -20.84
CA TYR D 68 -2.47 -6.68 -20.80
C TYR D 68 -1.74 -6.91 -19.48
N SER D 69 -0.61 -6.25 -19.31
CA SER D 69 0.17 -6.40 -18.09
C SER D 69 -0.65 -5.97 -16.87
N GLN D 70 -0.54 -6.73 -15.79
CA GLN D 70 -1.27 -6.42 -14.57
C GLN D 70 -0.41 -6.70 -13.34
N SER D 71 -0.30 -5.70 -12.47
CA SER D 71 0.50 -5.84 -11.25
C SER D 71 -0.29 -5.38 -10.03
N THR D 72 -0.10 -6.04 -8.91
CA THR D 72 -0.80 -5.69 -7.69
C THR D 72 0.16 -5.68 -6.49
N ASP D 73 0.08 -4.62 -5.69
CA ASP D 73 0.94 -4.50 -4.52
C ASP D 73 0.15 -3.93 -3.34
N THR D 74 0.43 -4.44 -2.14
CA THR D 74 -0.28 -3.96 -0.96
C THR D 74 0.70 -3.44 0.09
N SER D 75 1.69 -4.25 0.43
CA SER D 75 2.69 -3.86 1.42
C SER D 75 4.11 -4.17 0.94
N GLY D 76 4.99 -3.18 0.98
CA GLY D 76 6.36 -3.40 0.54
C GLY D 76 6.66 -2.71 -0.79
N TYR D 77 6.90 -1.40 -0.73
CA TYR D 77 7.23 -0.61 -1.93
C TYR D 77 6.54 -1.15 -3.19
N GLY D 78 5.22 -0.99 -3.26
CA GLY D 78 4.47 -1.46 -4.41
C GLY D 78 4.81 -0.64 -5.66
N GLN D 79 5.74 -1.15 -6.45
CA GLN D 79 6.16 -0.46 -7.67
C GLN D 79 6.92 0.81 -7.33
N SER D 80 8.25 0.72 -7.34
CA SER D 80 9.07 1.88 -7.03
C SER D 80 10.51 1.64 -7.48
N SER D 81 11.31 2.71 -7.47
CA SER D 81 12.70 2.59 -7.88
C SER D 81 13.55 3.67 -7.21
N TYR D 82 14.84 3.42 -7.11
CA TYR D 82 15.74 4.38 -6.48
C TYR D 82 16.91 4.71 -7.42
N SER D 83 17.19 5.99 -7.59
CA SER D 83 18.27 6.42 -8.47
C SER D 83 19.01 7.61 -7.87
N SER D 84 18.93 7.74 -6.54
CA SER D 84 19.59 8.84 -5.85
C SER D 84 21.10 8.65 -5.85
N TYR D 85 21.84 9.75 -5.85
CA TYR D 85 23.30 9.68 -5.84
C TYR D 85 23.83 9.81 -4.43
N GLY D 86 24.73 8.89 -4.06
CA GLY D 86 25.31 8.90 -2.73
C GLY D 86 24.34 8.31 -1.71
N GLN D 87 24.89 7.74 -0.64
CA GLN D 87 24.06 7.14 0.41
C GLN D 87 24.92 6.71 1.59
N SER D 88 24.49 7.06 2.79
CA SER D 88 25.22 6.69 4.00
C SER D 88 24.37 5.81 4.91
N GLN D 89 23.05 5.88 4.74
CA GLN D 89 22.15 5.08 5.56
C GLN D 89 20.85 4.80 4.82
N ASN D 90 20.49 3.52 4.72
CA ASN D 90 19.27 3.14 4.02
C ASN D 90 18.45 2.16 4.87
N THR D 91 17.35 2.64 5.42
CA THR D 91 16.49 1.79 6.25
C THR D 91 15.12 1.63 5.61
N GLY D 92 14.67 0.38 5.49
CA GLY D 92 13.37 0.10 4.90
C GLY D 92 12.24 0.70 5.73
N TYR D 93 11.03 0.21 5.52
CA TYR D 93 9.87 0.71 6.26
C TYR D 93 10.15 0.75 7.76
N GLY D 94 10.62 -0.37 8.29
CA GLY D 94 10.92 -0.44 9.72
C GLY D 94 10.03 -1.45 10.42
N THR D 95 9.15 -0.95 11.27
CA THR D 95 8.23 -1.81 12.01
C THR D 95 6.80 -1.60 11.52
N GLN D 96 6.30 -2.54 10.74
CA GLN D 96 4.94 -2.42 10.20
C GLN D 96 4.26 -3.79 10.19
N SER D 97 2.98 -3.80 10.53
CA SER D 97 2.22 -5.05 10.55
C SER D 97 1.26 -5.11 9.36
N THR D 98 1.36 -6.17 8.59
CA THR D 98 0.50 -6.34 7.41
C THR D 98 -0.84 -6.97 7.84
N PRO D 99 -1.79 -7.07 6.95
CA PRO D 99 -3.14 -7.64 7.25
C PRO D 99 -3.08 -8.96 8.01
N GLN D 100 -4.27 -9.51 8.27
CA GLN D 100 -4.42 -10.77 8.98
C GLN D 100 -5.67 -11.48 8.49
N GLY D 101 -5.47 -12.58 7.78
CA GLY D 101 -6.57 -13.34 7.22
C GLY D 101 -6.40 -13.49 5.70
N TYR D 102 -6.76 -12.43 4.97
CA TYR D 102 -6.62 -12.43 3.52
C TYR D 102 -5.75 -11.27 3.07
N GLY D 103 -4.46 -11.53 2.85
CA GLY D 103 -3.53 -10.48 2.43
C GLY D 103 -4.11 -9.63 1.32
N SER D 104 -3.93 -10.07 0.07
CA SER D 104 -4.45 -9.31 -1.07
C SER D 104 -4.75 -10.23 -2.25
N THR D 105 -5.39 -9.66 -3.26
CA THR D 105 -5.73 -10.42 -4.46
C THR D 105 -5.23 -9.70 -5.71
N GLY D 106 -4.87 -10.47 -6.72
CA GLY D 106 -4.36 -9.90 -7.97
C GLY D 106 -5.09 -10.48 -9.19
N GLY D 107 -6.21 -9.88 -9.56
CA GLY D 107 -6.98 -10.36 -10.70
C GLY D 107 -8.42 -9.90 -10.62
N TYR D 108 -9.03 -9.66 -11.78
CA TYR D 108 -10.42 -9.23 -11.83
C TYR D 108 -11.36 -10.42 -11.93
N GLY D 109 -11.25 -11.35 -10.99
CA GLY D 109 -12.09 -12.53 -10.99
C GLY D 109 -13.06 -12.53 -9.81
N SER D 110 -12.51 -12.74 -8.61
CA SER D 110 -13.32 -12.75 -7.41
C SER D 110 -12.45 -12.68 -6.16
N SER D 111 -12.46 -11.52 -5.50
CA SER D 111 -11.67 -11.34 -4.29
C SER D 111 -12.57 -10.98 -3.12
N GLN D 112 -13.15 -12.00 -2.48
CA GLN D 112 -14.04 -11.77 -1.34
C GLN D 112 -13.77 -12.77 -0.22
N SER D 113 -13.66 -12.29 1.00
CA SER D 113 -13.39 -13.17 2.13
C SER D 113 -13.90 -12.57 3.44
N SER D 114 -13.61 -13.27 4.54
CA SER D 114 -14.06 -12.80 5.86
C SER D 114 -13.02 -13.17 6.92
N GLN D 115 -12.46 -12.17 7.59
CA GLN D 115 -11.46 -12.41 8.62
C GLN D 115 -11.39 -11.25 9.60
N SER D 116 -10.49 -11.33 10.56
CA SER D 116 -10.35 -10.27 11.57
C SER D 116 -9.12 -10.51 12.44
N SER D 117 -8.64 -9.46 13.10
CA SER D 117 -7.48 -9.58 13.98
C SER D 117 -7.36 -8.39 14.91
N TYR D 118 -6.54 -8.51 15.94
CA TYR D 118 -6.36 -7.41 16.88
C TYR D 118 -5.13 -7.65 17.77
N GLY D 119 -3.95 -7.39 17.23
CA GLY D 119 -2.72 -7.56 17.98
C GLY D 119 -1.50 -7.19 17.16
N GLN D 120 -1.55 -6.02 16.52
CA GLN D 120 -0.44 -5.56 15.70
C GLN D 120 0.44 -4.58 16.48
N GLN D 121 1.70 -4.94 16.69
CA GLN D 121 2.62 -4.08 17.43
C GLN D 121 3.93 -3.91 16.66
N SER D 122 4.30 -2.66 16.38
CA SER D 122 5.54 -2.39 15.66
C SER D 122 6.29 -1.24 16.33
N SER D 123 7.58 -1.45 16.59
CA SER D 123 8.39 -0.43 17.23
C SER D 123 7.78 0.00 18.55
N TYR D 124 7.56 -0.98 19.44
CA TYR D 124 6.98 -0.71 20.74
C TYR D 124 7.96 0.05 21.62
N SER E 64 -15.00 -3.93 -20.87
CA SER E 64 -14.95 -5.42 -20.77
C SER E 64 -14.41 -6.01 -22.08
N TYR E 65 -13.59 -5.24 -22.77
CA TYR E 65 -13.01 -5.67 -24.03
C TYR E 65 -11.51 -5.39 -24.06
N SER E 66 -11.13 -4.19 -24.52
CA SER E 66 -9.73 -3.82 -24.59
C SER E 66 -9.08 -3.88 -23.20
N GLY E 67 -7.81 -4.28 -23.17
CA GLY E 67 -7.09 -4.37 -21.91
C GLY E 67 -5.76 -3.64 -21.98
N TYR E 68 -5.42 -2.92 -20.91
CA TYR E 68 -4.17 -2.17 -20.86
C TYR E 68 -3.45 -2.41 -19.54
N SER E 69 -2.32 -1.74 -19.35
CA SER E 69 -1.55 -1.89 -18.12
C SER E 69 -2.38 -1.46 -16.92
N GLN E 70 -2.28 -2.22 -15.83
CA GLN E 70 -3.02 -1.90 -14.62
C GLN E 70 -2.17 -2.18 -13.38
N SER E 71 -2.06 -1.18 -12.51
CA SER E 71 -1.28 -1.32 -11.29
C SER E 71 -2.08 -0.85 -10.08
N THR E 72 -1.90 -1.53 -8.95
CA THR E 72 -2.61 -1.16 -7.73
C THR E 72 -1.66 -1.15 -6.53
N ASP E 73 -1.73 -0.09 -5.74
CA ASP E 73 -0.89 0.03 -4.56
C ASP E 73 -1.69 0.59 -3.39
N THR E 74 -1.43 0.08 -2.18
CA THR E 74 -2.12 0.60 -1.02
C THR E 74 -1.15 1.11 0.06
N SER E 75 -0.17 0.28 0.41
CA SER E 75 0.82 0.65 1.41
C SER E 75 2.24 0.38 0.94
N GLY E 76 3.13 1.38 0.96
CA GLY E 76 4.49 1.08 0.51
C GLY E 76 4.86 1.78 -0.79
N TYR E 77 5.07 3.10 -0.74
CA TYR E 77 5.38 3.91 -1.92
C TYR E 77 4.72 3.33 -3.18
N GLY E 78 3.42 3.54 -3.29
CA GLY E 78 2.65 3.08 -4.43
C GLY E 78 3.01 3.86 -5.68
N GLN E 79 3.96 3.36 -6.46
CA GLN E 79 4.39 4.03 -7.67
C GLN E 79 5.15 5.30 -7.33
N SER E 80 6.48 5.21 -7.32
CA SER E 80 7.31 6.37 -7.01
C SER E 80 8.74 6.11 -7.44
N SER E 81 9.55 7.17 -7.44
CA SER E 81 10.95 7.04 -7.84
C SER E 81 11.79 8.12 -7.15
N TYR E 82 13.08 7.86 -7.03
CA TYR E 82 13.99 8.82 -6.42
C TYR E 82 15.17 9.14 -7.35
N SER E 83 15.44 10.43 -7.52
CA SER E 83 16.55 10.84 -8.39
C SER E 83 17.28 12.03 -7.78
N SER E 84 17.19 12.16 -6.46
CA SER E 84 17.85 13.27 -5.77
C SER E 84 19.36 13.06 -5.76
N TYR E 85 20.11 14.16 -5.75
CA TYR E 85 21.56 14.09 -5.74
C TYR E 85 22.09 14.21 -4.31
N GLY E 86 22.97 13.29 -3.93
CA GLY E 86 23.55 13.30 -2.59
C GLY E 86 22.57 12.71 -1.59
N GLN E 87 23.10 12.15 -0.50
CA GLN E 87 22.26 11.55 0.53
C GLN E 87 23.11 11.12 1.72
N SER E 88 22.67 11.47 2.92
CA SER E 88 23.39 11.11 4.13
C SER E 88 22.53 10.23 5.04
N GLN E 89 21.21 10.31 4.86
CA GLN E 89 20.30 9.51 5.68
C GLN E 89 19.00 9.25 4.92
N ASN E 90 18.64 7.97 4.83
CA ASN E 90 17.42 7.59 4.12
C ASN E 90 16.60 6.61 4.96
N THR E 91 15.48 7.10 5.50
CA THR E 91 14.62 6.26 6.33
C THR E 91 13.25 6.11 5.66
N GLY E 92 12.79 4.86 5.55
CA GLY E 92 11.49 4.59 4.95
C GLY E 92 10.36 5.20 5.78
N TYR E 93 9.15 4.71 5.56
CA TYR E 93 7.99 5.22 6.28
C TYR E 93 8.27 5.26 7.78
N GLY E 94 8.71 4.13 8.33
CA GLY E 94 9.00 4.06 9.77
C GLY E 94 8.09 3.06 10.46
N THR E 95 7.21 3.57 11.30
CA THR E 95 6.28 2.71 12.03
C THR E 95 4.86 2.94 11.52
N GLN E 96 4.36 2.00 10.73
CA GLN E 96 3.01 2.12 10.19
C GLN E 96 2.32 0.76 10.19
N SER E 97 1.03 0.76 10.51
CA SER E 97 0.27 -0.50 10.51
C SER E 97 -0.68 -0.54 9.33
N THR E 98 -0.60 -1.61 8.56
CA THR E 98 -1.44 -1.78 7.38
C THR E 98 -2.78 -2.39 7.80
N PRO E 99 -3.73 -2.49 6.90
CA PRO E 99 -5.09 -3.06 7.20
C PRO E 99 -5.05 -4.37 7.96
N GLN E 100 -6.23 -4.91 8.22
CA GLN E 100 -6.37 -6.17 8.91
C GLN E 100 -7.63 -6.86 8.40
N GLY E 101 -7.42 -7.99 7.74
CA GLY E 101 -8.54 -8.74 7.15
C GLY E 101 -8.35 -8.88 5.62
N TYR E 102 -8.70 -7.84 4.87
CA TYR E 102 -8.56 -7.84 3.43
C TYR E 102 -7.68 -6.68 2.98
N GLY E 103 -6.39 -6.95 2.80
CA GLY E 103 -5.44 -5.91 2.38
C GLY E 103 -6.02 -5.05 1.25
N SER E 104 -5.82 -5.49 0.00
CA SER E 104 -6.33 -4.74 -1.14
C SER E 104 -6.63 -5.65 -2.31
N THR E 105 -7.25 -5.09 -3.35
CA THR E 105 -7.59 -5.85 -4.53
C THR E 105 -7.08 -5.14 -5.78
N GLY E 106 -6.70 -5.92 -6.77
CA GLY E 106 -6.19 -5.35 -8.03
C GLY E 106 -6.90 -5.92 -9.27
N GLY E 107 -8.04 -5.32 -9.66
CA GLY E 107 -8.78 -5.79 -10.80
C GLY E 107 -10.24 -5.34 -10.73
N TYR E 108 -10.82 -5.08 -11.89
CA TYR E 108 -12.21 -4.64 -11.95
C TYR E 108 -13.15 -5.85 -12.06
N GLY E 109 -13.06 -6.76 -11.11
CA GLY E 109 -13.92 -7.94 -11.12
C GLY E 109 -14.88 -7.92 -9.94
N SER E 110 -14.35 -8.13 -8.74
CA SER E 110 -15.18 -8.14 -7.54
C SER E 110 -14.31 -8.07 -6.28
N SER E 111 -14.32 -6.92 -5.63
CA SER E 111 -13.52 -6.73 -4.41
C SER E 111 -14.43 -6.37 -3.24
N GLN E 112 -15.03 -7.37 -2.61
CA GLN E 112 -15.94 -7.14 -1.49
C GLN E 112 -15.68 -8.15 -0.37
N SER E 113 -15.57 -7.66 0.86
CA SER E 113 -15.30 -8.54 1.99
C SER E 113 -15.83 -7.94 3.30
N SER E 114 -15.57 -8.63 4.40
CA SER E 114 -16.01 -8.17 5.72
C SER E 114 -14.99 -8.54 6.78
N GLN E 115 -14.43 -7.53 7.46
CA GLN E 115 -13.43 -7.77 8.49
C GLN E 115 -13.37 -6.61 9.48
N SER E 116 -12.48 -6.70 10.46
CA SER E 116 -12.34 -5.64 11.45
C SER E 116 -11.10 -5.88 12.33
N SER E 117 -10.63 -4.82 12.98
CA SER E 117 -9.48 -4.96 13.87
C SER E 117 -9.37 -3.76 14.81
N TYR E 118 -8.55 -3.88 15.84
CA TYR E 118 -8.37 -2.79 16.80
C TYR E 118 -7.16 -3.02 17.69
N GLY E 119 -5.97 -2.77 17.15
CA GLY E 119 -4.74 -2.95 17.93
C GLY E 119 -3.51 -2.58 17.11
N GLN E 120 -3.56 -1.43 16.46
CA GLN E 120 -2.43 -0.96 15.65
C GLN E 120 -1.56 0.00 16.45
N GLN E 121 -0.31 -0.36 16.66
CA GLN E 121 0.62 0.50 17.40
C GLN E 121 1.94 0.65 16.64
N SER E 122 2.32 1.90 16.36
CA SER E 122 3.57 2.17 15.65
C SER E 122 4.32 3.32 16.32
N SER E 123 5.60 3.10 16.59
CA SER E 123 6.41 4.12 17.24
C SER E 123 5.80 4.54 18.57
N TYR E 124 5.55 3.57 19.44
CA TYR E 124 4.96 3.85 20.74
C TYR E 124 5.95 4.62 21.63
N SER F 64 -16.68 0.64 -21.05
CA SER F 64 -16.65 -0.84 -20.94
C SER F 64 -16.10 -1.43 -22.24
N TYR F 65 -15.26 -0.67 -22.92
CA TYR F 65 -14.68 -1.12 -24.18
C TYR F 65 -13.18 -0.84 -24.21
N SER F 66 -12.79 0.37 -24.65
CA SER F 66 -11.38 0.73 -24.70
C SER F 66 -10.74 0.67 -23.32
N GLY F 67 -9.47 0.26 -23.28
CA GLY F 67 -8.77 0.16 -22.01
C GLY F 67 -7.43 0.90 -22.07
N TYR F 68 -7.10 1.61 -20.99
CA TYR F 68 -5.84 2.35 -20.94
C TYR F 68 -5.14 2.11 -19.61
N SER F 69 -4.00 2.77 -19.42
CA SER F 69 -3.24 2.63 -18.18
C SER F 69 -4.09 3.07 -16.99
N GLN F 70 -4.00 2.31 -15.89
CA GLN F 70 -4.76 2.63 -14.69
C GLN F 70 -3.91 2.35 -13.45
N SER F 71 -3.80 3.35 -12.58
CA SER F 71 -3.04 3.20 -11.35
C SER F 71 -3.84 3.68 -10.15
N THR F 72 -3.67 3.01 -9.02
CA THR F 72 -4.38 3.39 -7.80
C THR F 72 -3.45 3.40 -6.60
N ASP F 73 -3.52 4.46 -5.81
CA ASP F 73 -2.68 4.59 -4.61
C ASP F 73 -3.49 5.16 -3.46
N THR F 74 -3.23 4.65 -2.25
CA THR F 74 -3.95 5.14 -1.08
C THR F 74 -2.98 5.67 -0.02
N SER F 75 -2.00 4.84 0.35
CA SER F 75 -1.02 5.23 1.35
C SER F 75 0.39 4.89 0.90
N GLY F 76 1.28 5.87 0.93
CA GLY F 76 2.66 5.64 0.53
C GLY F 76 2.99 6.31 -0.81
N TYR F 77 3.26 7.63 -0.75
CA TYR F 77 3.61 8.40 -1.94
C TYR F 77 2.93 7.87 -3.21
N GLY F 78 1.62 8.05 -3.31
CA GLY F 78 0.88 7.58 -4.47
C GLY F 78 1.25 8.38 -5.70
N GLN F 79 2.18 7.86 -6.48
CA GLN F 79 2.64 8.54 -7.70
C GLN F 79 3.41 9.81 -7.36
N SER F 80 4.73 9.70 -7.33
CA SER F 80 5.57 10.85 -7.01
C SER F 80 7.00 10.60 -7.44
N SER F 81 7.81 11.64 -7.43
CA SER F 81 9.22 11.51 -7.81
C SER F 81 10.06 12.59 -7.13
N TYR F 82 11.35 12.32 -7.01
CA TYR F 82 12.26 13.28 -6.38
C TYR F 82 13.43 13.58 -7.29
N SER F 83 13.73 14.87 -7.47
CA SER F 83 14.84 15.28 -8.33
C SER F 83 15.58 16.46 -7.72
N SER F 84 15.48 16.61 -6.40
CA SER F 84 16.14 17.70 -5.70
C SER F 84 17.64 17.48 -5.68
N TYR F 85 18.40 18.58 -5.66
CA TYR F 85 19.85 18.50 -5.64
C TYR F 85 20.37 18.62 -4.21
N GLY F 86 21.25 17.70 -3.83
CA GLY F 86 21.81 17.71 -2.48
C GLY F 86 20.82 17.13 -1.48
N GLN F 87 21.33 16.56 -0.39
CA GLN F 87 20.48 15.98 0.63
C GLN F 87 21.32 15.53 1.84
N SER F 88 20.87 15.91 3.04
CA SER F 88 21.58 15.53 4.25
C SER F 88 20.70 14.67 5.15
N GLN F 89 19.39 14.74 4.96
CA GLN F 89 18.47 13.95 5.77
C GLN F 89 17.18 13.69 5.00
N ASN F 90 16.80 12.42 4.91
CA ASN F 90 15.59 12.05 4.20
C ASN F 90 14.75 11.08 5.03
N THR F 91 13.64 11.57 5.56
CA THR F 91 12.76 10.75 6.37
C THR F 91 11.40 10.60 5.71
N GLY F 92 10.93 9.36 5.60
CA GLY F 92 9.64 9.09 4.98
C GLY F 92 8.52 9.70 5.80
N TYR F 93 7.29 9.22 5.57
CA TYR F 93 6.13 9.74 6.28
C TYR F 93 6.40 9.78 7.78
N GLY F 94 6.83 8.65 8.34
CA GLY F 94 7.11 8.59 9.77
C GLY F 94 6.19 7.59 10.46
N THR F 95 5.31 8.11 11.30
CA THR F 95 4.36 7.26 12.01
C THR F 95 2.94 7.49 11.51
N GLN F 96 2.45 6.55 10.71
CA GLN F 96 1.10 6.68 10.16
C GLN F 96 0.40 5.32 10.14
N SER F 97 -0.88 5.32 10.46
CA SER F 97 -1.66 4.09 10.47
C SER F 97 -2.60 4.03 9.27
N THR F 98 -2.50 2.97 8.50
CA THR F 98 -3.35 2.79 7.32
C THR F 98 -4.69 2.19 7.73
N PRO F 99 -5.64 2.09 6.81
CA PRO F 99 -6.99 1.53 7.09
C PRO F 99 -6.96 0.22 7.87
N GLN F 100 -8.16 -0.31 8.11
CA GLN F 100 -8.33 -1.57 8.83
C GLN F 100 -9.58 -2.26 8.31
N GLY F 101 -9.38 -3.37 7.61
CA GLY F 101 -10.49 -4.12 7.04
C GLY F 101 -10.29 -4.27 5.53
N TYR F 102 -10.63 -3.22 4.79
CA TYR F 102 -10.47 -3.24 3.33
C TYR F 102 -9.58 -2.08 2.89
N GLY F 103 -8.30 -2.36 2.70
CA GLY F 103 -7.34 -1.33 2.29
C GLY F 103 -7.90 -0.47 1.16
N SER F 104 -7.69 -0.92 -0.08
CA SER F 104 -8.18 -0.16 -1.23
C SER F 104 -8.48 -1.07 -2.40
N THR F 105 -9.09 -0.51 -3.44
CA THR F 105 -9.42 -1.28 -4.64
C THR F 105 -8.89 -0.57 -5.89
N GLY F 106 -8.52 -1.36 -6.89
CA GLY F 106 -7.99 -0.78 -8.12
C GLY F 106 -8.70 -1.37 -9.35
N GLY F 107 -9.81 -0.76 -9.74
CA GLY F 107 -10.56 -1.23 -10.90
C GLY F 107 -12.00 -0.76 -10.85
N TYR F 108 -12.59 -0.51 -12.01
CA TYR F 108 -13.97 -0.05 -12.09
C TYR F 108 -14.92 -1.25 -12.21
N GLY F 109 -14.84 -2.17 -11.25
CA GLY F 109 -15.69 -3.35 -11.26
C GLY F 109 -16.68 -3.31 -10.10
N SER F 110 -16.15 -3.52 -8.89
CA SER F 110 -16.99 -3.52 -7.70
C SER F 110 -16.14 -3.46 -6.44
N SER F 111 -16.15 -2.31 -5.77
CA SER F 111 -15.37 -2.12 -4.56
C SER F 111 -16.28 -1.75 -3.40
N GLN F 112 -16.89 -2.75 -2.77
CA GLN F 112 -17.80 -2.51 -1.65
C GLN F 112 -17.55 -3.51 -0.53
N SER F 113 -17.45 -3.02 0.70
CA SER F 113 -17.22 -3.90 1.84
C SER F 113 -17.74 -3.30 3.14
N SER F 114 -17.49 -3.99 4.25
CA SER F 114 -17.94 -3.51 5.55
C SER F 114 -16.92 -3.89 6.63
N GLN F 115 -16.37 -2.88 7.30
CA GLN F 115 -15.38 -3.13 8.35
C GLN F 115 -15.32 -1.96 9.33
N SER F 116 -14.43 -2.06 10.31
CA SER F 116 -14.30 -1.00 11.31
C SER F 116 -13.09 -1.25 12.21
N SER F 117 -12.60 -0.19 12.86
CA SER F 117 -11.47 -0.33 13.77
C SER F 117 -11.35 0.87 14.70
N TYR F 118 -10.53 0.75 15.73
CA TYR F 118 -10.36 1.85 16.67
C TYR F 118 -9.16 1.61 17.58
N GLY F 119 -7.95 1.85 17.05
CA GLY F 119 -6.74 1.67 17.84
C GLY F 119 -5.50 2.02 17.03
N GLN F 120 -5.53 3.19 16.38
CA GLN F 120 -4.40 3.63 15.59
C GLN F 120 -3.53 4.61 16.37
N GLN F 121 -2.28 4.24 16.61
CA GLN F 121 -1.36 5.09 17.34
C GLN F 121 -0.03 5.23 16.61
N SER F 122 0.36 6.47 16.33
CA SER F 122 1.61 6.74 15.63
C SER F 122 2.36 7.88 16.30
N SER F 123 3.64 7.66 16.58
CA SER F 123 4.46 8.67 17.23
C SER F 123 3.82 9.11 18.56
N TYR F 124 3.58 8.13 19.43
CA TYR F 124 2.98 8.43 20.72
C TYR F 124 3.96 9.18 21.61
N SER G 64 -18.33 5.23 -21.23
CA SER G 64 -18.31 3.75 -21.12
C SER G 64 -17.76 3.16 -22.42
N TYR G 65 -16.90 3.92 -23.10
CA TYR G 65 -16.31 3.46 -24.35
C TYR G 65 -14.80 3.73 -24.37
N SER G 66 -14.42 4.92 -24.80
CA SER G 66 -13.00 5.28 -24.86
C SER G 66 -12.39 5.22 -23.46
N GLY G 67 -11.12 4.81 -23.41
CA GLY G 67 -10.42 4.70 -22.13
C GLY G 67 -9.07 5.43 -22.18
N TYR G 68 -8.75 6.14 -21.11
CA TYR G 68 -7.49 6.88 -21.04
C TYR G 68 -6.81 6.64 -19.71
N SER G 69 -5.67 7.29 -19.51
CA SER G 69 -4.92 7.15 -18.27
C SER G 69 -5.76 7.60 -17.08
N GLN G 70 -5.69 6.84 -15.99
CA GLN G 70 -6.46 7.17 -14.79
C GLN G 70 -5.62 6.89 -13.53
N SER G 71 -5.52 7.89 -12.67
CA SER G 71 -4.75 7.74 -11.43
C SER G 71 -5.57 8.23 -10.24
N THR G 72 -5.41 7.55 -9.10
CA THR G 72 -6.14 7.94 -7.90
C THR G 72 -5.21 7.95 -6.68
N ASP G 73 -5.28 9.01 -5.90
CA ASP G 73 -4.45 9.14 -4.70
C ASP G 73 -5.26 9.72 -3.54
N THR G 74 -5.03 9.21 -2.34
CA THR G 74 -5.75 9.71 -1.17
C THR G 74 -4.78 10.22 -0.11
N SER G 75 -3.82 9.39 0.26
CA SER G 75 -2.84 9.77 1.28
C SER G 75 -1.42 9.43 0.83
N GLY G 76 -0.53 10.42 0.89
CA GLY G 76 0.86 10.17 0.48
C GLY G 76 1.19 10.84 -0.84
N TYR G 77 1.47 12.15 -0.78
CA TYR G 77 1.83 12.93 -1.98
C TYR G 77 1.17 12.39 -3.25
N GLY G 78 -0.15 12.58 -3.36
CA GLY G 78 -0.88 12.11 -4.53
C GLY G 78 -0.49 12.92 -5.77
N GLN G 79 0.45 12.38 -6.54
CA GLN G 79 0.91 13.05 -7.74
C GLN G 79 1.68 14.32 -7.40
N SER G 80 3.01 14.21 -7.37
CA SER G 80 3.85 15.36 -7.05
C SER G 80 5.28 15.09 -7.45
N SER G 81 6.10 16.13 -7.45
CA SER G 81 7.51 15.99 -7.81
C SER G 81 8.35 17.06 -7.13
N TYR G 82 9.64 16.80 -6.99
CA TYR G 82 10.55 17.75 -6.35
C TYR G 82 11.74 18.04 -7.27
N SER G 83 12.04 19.32 -7.44
CA SER G 83 13.15 19.72 -8.29
C SER G 83 13.90 20.91 -7.67
N SER G 84 13.78 21.05 -6.35
CA SER G 84 14.45 22.14 -5.66
C SER G 84 15.95 21.92 -5.62
N TYR G 85 16.71 23.02 -5.61
CA TYR G 85 18.17 22.93 -5.56
C TYR G 85 18.67 23.04 -4.13
N GLY G 86 19.54 22.12 -3.74
CA GLY G 86 20.09 22.13 -2.38
C GLY G 86 19.09 21.56 -1.39
N GLN G 87 19.59 20.99 -0.30
CA GLN G 87 18.73 20.42 0.72
C GLN G 87 19.55 19.97 1.93
N SER G 88 19.09 20.34 3.12
CA SER G 88 19.79 19.97 4.35
C SER G 88 18.91 19.10 5.25
N GLN G 89 17.60 19.20 5.04
CA GLN G 89 16.66 18.42 5.85
C GLN G 89 15.38 18.16 5.07
N ASN G 90 14.99 16.89 4.97
CA ASN G 90 13.77 16.52 4.25
C ASN G 90 12.93 15.56 5.08
N THR G 91 11.82 16.06 5.60
CA THR G 91 10.92 15.24 6.41
C THR G 91 9.57 15.09 5.73
N GLY G 92 9.11 13.86 5.62
CA GLY G 92 7.82 13.58 4.99
C GLY G 92 6.68 14.21 5.79
N TYR G 93 5.46 13.74 5.55
CA TYR G 93 4.30 14.26 6.25
C TYR G 93 4.54 14.31 7.76
N GLY G 94 4.97 13.18 8.32
CA GLY G 94 5.24 13.11 9.76
C GLY G 94 4.30 12.13 10.44
N THR G 95 3.42 12.65 11.28
CA THR G 95 2.47 11.80 11.98
C THR G 95 1.05 12.04 11.47
N GLN G 96 0.55 11.11 10.66
CA GLN G 96 -0.79 11.24 10.10
C GLN G 96 -1.50 9.89 10.08
N SER G 97 -2.78 9.90 10.39
CA SER G 97 -3.56 8.66 10.39
C SER G 97 -4.49 8.62 9.20
N THR G 98 -4.40 7.54 8.42
CA THR G 98 -5.23 7.38 7.23
C THR G 98 -6.58 6.78 7.63
N PRO G 99 -7.51 6.68 6.71
CA PRO G 99 -8.88 6.14 6.98
C PRO G 99 -8.87 4.82 7.76
N GLN G 100 -10.07 4.30 7.99
CA GLN G 100 -10.25 3.05 8.70
C GLN G 100 -11.50 2.36 8.18
N GLY G 101 -11.30 1.24 7.49
CA GLY G 101 -12.41 0.49 6.90
C GLY G 101 -12.19 0.34 5.40
N TYR G 102 -12.52 1.39 4.65
CA TYR G 102 -12.34 1.38 3.20
C TYR G 102 -11.45 2.53 2.76
N GLY G 103 -10.16 2.24 2.58
CA GLY G 103 -9.20 3.27 2.18
C GLY G 103 -9.74 4.12 1.04
N SER G 104 -9.54 3.67 -0.19
CA SER G 104 -10.01 4.43 -1.35
C SER G 104 -10.30 3.51 -2.53
N THR G 105 -10.90 4.08 -3.58
CA THR G 105 -11.23 3.31 -4.77
C THR G 105 -10.68 4.01 -6.01
N GLY G 106 -10.30 3.23 -7.01
CA GLY G 106 -9.77 3.80 -8.25
C GLY G 106 -10.47 3.21 -9.47
N GLY G 107 -11.57 3.83 -9.87
CA GLY G 107 -12.31 3.35 -11.04
C GLY G 107 -13.76 3.83 -11.00
N TYR G 108 -14.33 4.08 -12.18
CA TYR G 108 -15.71 4.54 -12.26
C TYR G 108 -16.66 3.36 -12.38
N GLY G 109 -16.59 2.44 -11.43
CA GLY G 109 -17.46 1.26 -11.45
C GLY G 109 -18.44 1.30 -10.28
N SER G 110 -17.94 1.09 -9.07
CA SER G 110 -18.78 1.10 -7.89
C SER G 110 -17.94 1.16 -6.62
N SER G 111 -17.95 2.31 -5.96
CA SER G 111 -17.18 2.50 -4.74
C SER G 111 -18.10 2.88 -3.58
N GLN G 112 -18.72 1.89 -2.96
CA GLN G 112 -19.63 2.14 -1.85
C GLN G 112 -19.40 1.13 -0.72
N SER G 113 -19.31 1.62 0.50
CA SER G 113 -19.09 0.74 1.65
C SER G 113 -19.63 1.35 2.94
N SER G 114 -19.39 0.67 4.05
CA SER G 114 -19.84 1.14 5.35
C SER G 114 -18.84 0.76 6.44
N GLN G 115 -18.28 1.77 7.12
CA GLN G 115 -17.31 1.52 8.17
C GLN G 115 -17.25 2.70 9.15
N SER G 116 -16.37 2.60 10.14
CA SER G 116 -16.24 3.66 11.14
C SER G 116 -15.03 3.40 12.05
N SER G 117 -14.56 4.45 12.70
CA SER G 117 -13.42 4.31 13.61
C SER G 117 -13.31 5.52 14.54
N TYR G 118 -12.50 5.38 15.59
CA TYR G 118 -12.33 6.49 16.53
C TYR G 118 -11.13 6.24 17.45
N GLY G 119 -9.93 6.48 16.94
CA GLY G 119 -8.72 6.28 17.73
C GLY G 119 -7.47 6.64 16.93
N GLN G 120 -7.49 7.80 16.27
CA GLN G 120 -6.35 8.24 15.48
C GLN G 120 -5.48 9.21 16.28
N GLN G 121 -4.23 8.83 16.52
CA GLN G 121 -3.32 9.68 17.27
C GLN G 121 -1.98 9.82 16.54
N SER G 122 -1.58 11.05 16.27
CA SER G 122 -0.33 11.31 15.57
C SER G 122 0.43 12.45 16.25
N SER G 123 1.70 12.22 16.54
CA SER G 123 2.52 13.23 17.20
C SER G 123 1.88 13.67 18.51
N TYR G 124 1.62 12.70 19.39
CA TYR G 124 1.01 13.00 20.68
C TYR G 124 1.99 13.75 21.58
N SER H 64 -19.97 9.84 -21.46
CA SER H 64 -19.94 8.35 -21.35
C SER H 64 -19.39 7.76 -22.64
N TYR H 65 -18.52 8.51 -23.31
CA TYR H 65 -17.92 8.04 -24.55
C TYR H 65 -16.41 8.30 -24.56
N SER H 66 -16.02 9.50 -24.99
CA SER H 66 -14.60 9.85 -25.04
C SER H 66 -13.99 9.78 -23.63
N GLY H 67 -12.73 9.36 -23.56
CA GLY H 67 -12.04 9.26 -22.29
C GLY H 67 -10.69 9.98 -22.33
N TYR H 68 -10.37 10.69 -21.25
CA TYR H 68 -9.11 11.42 -21.18
C TYR H 68 -8.43 11.19 -19.84
N SER H 69 -7.29 11.83 -19.63
CA SER H 69 -6.56 11.68 -18.38
C SER H 69 -7.41 12.14 -17.20
N GLN H 70 -7.35 11.39 -16.11
CA GLN H 70 -8.12 11.71 -14.91
C GLN H 70 -7.30 11.44 -13.65
N SER H 71 -7.20 12.44 -12.79
CA SER H 71 -6.45 12.28 -11.55
C SER H 71 -7.27 12.78 -10.36
N THR H 72 -7.13 12.12 -9.22
CA THR H 72 -7.86 12.51 -8.02
C THR H 72 -6.94 12.51 -6.80
N ASP H 73 -7.02 13.57 -6.01
CA ASP H 73 -6.20 13.69 -4.81
C ASP H 73 -7.01 14.28 -3.67
N THR H 74 -6.79 13.78 -2.46
CA THR H 74 -7.52 14.29 -1.30
C THR H 74 -6.56 14.80 -0.22
N SER H 75 -5.60 13.96 0.16
CA SER H 75 -4.64 14.34 1.18
C SER H 75 -3.21 14.00 0.74
N GLY H 76 -2.31 14.97 0.80
CA GLY H 76 -0.93 14.71 0.42
C GLY H 76 -0.57 15.38 -0.90
N TYR H 77 -0.30 16.69 -0.86
CA TYR H 77 0.08 17.46 -2.05
C TYR H 77 -0.57 16.94 -3.32
N GLY H 78 -1.88 17.12 -3.44
CA GLY H 78 -2.61 16.66 -4.61
C GLY H 78 -2.21 17.46 -5.84
N GLN H 79 -1.26 16.91 -6.61
CA GLN H 79 -0.78 17.57 -7.82
C GLN H 79 -0.01 18.85 -7.47
N SER H 80 1.31 18.73 -7.42
CA SER H 80 2.15 19.87 -7.10
C SER H 80 3.61 19.59 -7.49
N SER H 81 4.43 20.63 -7.47
CA SER H 81 5.83 20.48 -7.83
C SER H 81 6.67 21.55 -7.15
N TYR H 82 7.96 21.27 -6.99
CA TYR H 82 8.86 22.22 -6.36
C TYR H 82 10.06 22.50 -7.25
N SER H 83 10.37 23.78 -7.43
CA SER H 83 11.49 24.17 -8.27
C SER H 83 12.23 25.36 -7.65
N SER H 84 12.11 25.51 -6.34
CA SER H 84 12.78 26.60 -5.63
C SER H 84 14.29 26.37 -5.58
N TYR H 85 15.05 27.46 -5.56
CA TYR H 85 16.50 27.36 -5.52
C TYR H 85 17.00 27.48 -4.07
N GLY H 86 17.86 26.55 -3.67
CA GLY H 86 18.39 26.56 -2.31
C GLY H 86 17.38 25.99 -1.33
N GLN H 87 17.88 25.43 -0.23
CA GLN H 87 17.00 24.85 0.79
C GLN H 87 17.80 24.41 2.00
N SER H 88 17.34 24.79 3.19
CA SER H 88 18.03 24.42 4.42
C SER H 88 17.13 23.57 5.31
N GLN H 89 15.81 23.66 5.10
CA GLN H 89 14.87 22.88 5.89
C GLN H 89 13.60 22.63 5.10
N ASN H 90 13.21 21.36 5.01
CA ASN H 90 11.99 21.00 4.28
C ASN H 90 11.13 20.05 5.10
N THR H 91 10.02 20.56 5.62
CA THR H 91 9.12 19.73 6.41
C THR H 91 7.77 19.60 5.73
N GLY H 92 7.29 18.36 5.61
CA GLY H 92 6.01 18.10 4.97
C GLY H 92 4.87 18.74 5.77
N TYR H 93 3.65 18.27 5.52
CA TYR H 93 2.49 18.80 6.21
C TYR H 93 2.72 18.85 7.72
N GLY H 94 3.13 17.71 8.29
CA GLY H 94 3.40 17.65 9.72
C GLY H 94 2.45 16.67 10.40
N THR H 95 1.56 17.20 11.22
CA THR H 95 0.59 16.36 11.93
C THR H 95 -0.81 16.61 11.40
N GLN H 96 -1.31 15.67 10.59
CA GLN H 96 -2.64 15.81 10.01
C GLN H 96 -3.36 14.46 9.99
N SER H 97 -4.66 14.48 10.29
CA SER H 97 -5.43 13.25 10.29
C SER H 97 -6.36 13.21 9.08
N THR H 98 -6.26 12.13 8.31
CA THR H 98 -7.09 11.97 7.13
C THR H 98 -8.44 11.39 7.51
N PRO H 99 -9.37 11.29 6.57
CA PRO H 99 -10.74 10.75 6.84
C PRO H 99 -10.75 9.44 7.61
N GLN H 100 -11.95 8.92 7.83
CA GLN H 100 -12.14 7.68 8.56
C GLN H 100 -13.39 6.99 8.02
N GLY H 101 -13.19 5.87 7.33
CA GLY H 101 -14.30 5.13 6.74
C GLY H 101 -14.08 4.96 5.24
N TYR H 102 -14.38 6.02 4.49
CA TYR H 102 -14.20 5.99 3.04
C TYR H 102 -13.29 7.14 2.60
N GLY H 103 -12.01 6.85 2.44
CA GLY H 103 -11.04 7.86 2.04
C GLY H 103 -11.56 8.73 0.89
N SER H 104 -11.35 8.27 -0.34
CA SER H 104 -11.81 9.03 -1.50
C SER H 104 -12.09 8.11 -2.69
N THR H 105 -12.69 8.68 -3.73
CA THR H 105 -13.00 7.91 -4.93
C THR H 105 -12.44 8.60 -6.16
N GLY H 106 -12.06 7.81 -7.16
CA GLY H 106 -11.51 8.37 -8.39
C GLY H 106 -12.20 7.79 -9.63
N GLY H 107 -13.30 8.41 -10.04
CA GLY H 107 -14.03 7.94 -11.21
C GLY H 107 -15.48 8.43 -11.18
N TYR H 108 -16.03 8.68 -12.35
CA TYR H 108 -17.41 9.15 -12.46
C TYR H 108 -18.38 7.97 -12.58
N GLY H 109 -18.31 7.05 -11.62
CA GLY H 109 -19.19 5.88 -11.65
C GLY H 109 -20.18 5.93 -10.49
N SER H 110 -19.69 5.72 -9.28
CA SER H 110 -20.55 5.73 -8.11
C SER H 110 -19.71 5.79 -6.83
N SER H 111 -19.72 6.95 -6.18
CA SER H 111 -18.96 7.13 -4.95
C SER H 111 -19.89 7.53 -3.80
N GLN H 112 -20.51 6.53 -3.18
CA GLN H 112 -21.44 6.78 -2.08
C GLN H 112 -21.23 5.79 -0.95
N SER H 113 -21.14 6.28 0.28
CA SER H 113 -20.93 5.40 1.43
C SER H 113 -21.48 6.02 2.72
N SER H 114 -21.25 5.33 3.83
CA SER H 114 -21.72 5.82 5.12
C SER H 114 -20.73 5.43 6.23
N GLN H 115 -20.17 6.44 6.90
CA GLN H 115 -19.20 6.18 7.97
C GLN H 115 -19.15 7.36 8.94
N SER H 116 -18.28 7.26 9.94
CA SER H 116 -18.15 8.32 10.93
C SER H 116 -16.96 8.05 11.86
N SER H 117 -16.48 9.11 12.52
CA SER H 117 -15.35 8.96 13.44
C SER H 117 -15.23 10.17 14.36
N TYR H 118 -14.44 10.04 15.41
CA TYR H 118 -14.27 11.14 16.36
C TYR H 118 -13.08 10.89 17.28
N GLY H 119 -11.87 11.12 16.78
CA GLY H 119 -10.67 10.92 17.58
C GLY H 119 -9.41 11.26 16.80
N GLN H 120 -9.42 12.42 16.14
CA GLN H 120 -8.27 12.86 15.36
C GLN H 120 -7.41 13.82 16.16
N GLN H 121 -6.16 13.44 16.41
CA GLN H 121 -5.25 14.29 17.17
C GLN H 121 -3.91 14.41 16.45
N SER H 122 -3.50 15.64 16.18
CA SER H 122 -2.24 15.89 15.50
C SER H 122 -1.47 17.03 16.18
N SER H 123 -0.20 16.79 16.48
CA SER H 123 0.61 17.80 17.14
C SER H 123 -0.04 18.24 18.44
N TYR H 124 -0.31 17.29 19.33
CA TYR H 124 -0.93 17.59 20.60
C TYR H 124 0.05 18.33 21.51
N SER I 64 -21.56 14.45 -21.70
CA SER I 64 -21.55 12.97 -21.59
C SER I 64 -20.98 12.37 -22.86
N TYR I 65 -20.11 13.11 -23.53
CA TYR I 65 -19.50 12.63 -24.78
C TYR I 65 -18.00 12.90 -24.77
N SER I 66 -17.58 14.09 -25.21
CA SER I 66 -16.17 14.42 -25.23
C SER I 66 -15.57 14.36 -23.83
N GLY I 67 -14.30 13.94 -23.75
CA GLY I 67 -13.64 13.83 -22.46
C GLY I 67 -12.28 14.54 -22.49
N TYR I 68 -11.97 15.25 -21.42
CA TYR I 68 -10.70 15.98 -21.33
C TYR I 68 -10.04 15.73 -19.98
N SER I 69 -8.90 16.37 -19.77
CA SER I 69 -8.17 16.22 -18.51
C SER I 69 -9.03 16.69 -17.34
N GLN I 70 -8.99 15.94 -16.25
CA GLN I 70 -9.76 16.28 -15.06
C GLN I 70 -8.96 16.00 -13.79
N SER I 71 -8.86 17.00 -12.93
CA SER I 71 -8.11 16.85 -11.68
C SER I 71 -8.95 17.36 -10.49
N THR I 72 -8.82 16.69 -9.36
CA THR I 72 -9.55 17.08 -8.17
C THR I 72 -8.65 17.07 -6.93
N ASP I 73 -8.72 18.14 -6.16
CA ASP I 73 -7.91 18.27 -4.95
C ASP I 73 -8.73 18.86 -3.81
N THR I 74 -8.54 18.35 -2.60
CA THR I 74 -9.26 18.87 -1.45
C THR I 74 -8.30 19.36 -0.36
N SER I 75 -7.36 18.53 0.03
CA SER I 75 -6.40 18.91 1.06
C SER I 75 -4.98 18.56 0.63
N GLY I 76 -4.07 19.53 0.70
CA GLY I 76 -2.69 19.27 0.33
C GLY I 76 -2.32 19.94 -0.99
N TYR I 77 -2.04 21.23 -0.95
CA TYR I 77 -1.65 22.00 -2.13
C TYR I 77 -2.29 21.47 -3.41
N GLY I 78 -3.60 21.69 -3.54
CA GLY I 78 -4.32 21.22 -4.72
C GLY I 78 -3.90 22.01 -5.96
N GLN I 79 -2.95 21.47 -6.71
CA GLN I 79 -2.46 22.11 -7.91
C GLN I 79 -1.68 23.38 -7.56
N SER I 80 -0.36 23.25 -7.50
CA SER I 80 0.49 24.39 -7.17
C SER I 80 1.94 24.10 -7.55
N SER I 81 2.76 25.14 -7.54
CA SER I 81 4.17 24.98 -7.88
C SER I 81 5.02 26.05 -7.19
N TYR I 82 6.30 25.76 -7.02
CA TYR I 82 7.20 26.71 -6.37
C TYR I 82 8.41 26.98 -7.26
N SER I 83 8.73 28.26 -7.44
CA SER I 83 9.86 28.65 -8.28
C SER I 83 10.61 29.83 -7.64
N SER I 84 10.47 29.98 -6.33
CA SER I 84 11.14 31.06 -5.63
C SER I 84 12.65 30.82 -5.57
N TYR I 85 13.41 31.91 -5.54
CA TYR I 85 14.86 31.80 -5.48
C TYR I 85 15.34 31.92 -4.04
N GLY I 86 16.20 30.99 -3.62
CA GLY I 86 16.72 31.00 -2.26
C GLY I 86 15.70 30.45 -1.29
N GLN I 87 16.19 29.88 -0.18
CA GLN I 87 15.29 29.31 0.83
C GLN I 87 16.09 28.86 2.05
N SER I 88 15.62 29.25 3.23
CA SER I 88 16.29 28.87 4.48
C SER I 88 15.37 28.03 5.35
N GLN I 89 14.07 28.14 5.14
CA GLN I 89 13.11 27.37 5.93
C GLN I 89 11.84 27.12 5.12
N ASN I 90 11.44 25.85 5.02
CA ASN I 90 10.23 25.49 4.28
C ASN I 90 9.37 24.54 5.10
N THR I 91 8.25 25.05 5.60
CA THR I 91 7.34 24.25 6.40
C THR I 91 5.99 24.10 5.70
N GLY I 92 5.51 22.88 5.58
CA GLY I 92 4.23 22.62 4.93
C GLY I 92 3.09 23.27 5.72
N TYR I 93 1.87 22.81 5.46
CA TYR I 93 0.70 23.35 6.14
C TYR I 93 0.93 23.39 7.64
N GLY I 94 1.33 22.26 8.22
CA GLY I 94 1.57 22.20 9.66
C GLY I 94 0.61 21.22 10.34
N THR I 95 -0.28 21.76 11.15
CA THR I 95 -1.25 20.93 11.85
C THR I 95 -2.65 21.17 11.30
N GLN I 96 -3.15 20.25 10.49
CA GLN I 96 -4.47 20.39 9.91
C GLN I 96 -5.20 19.06 9.88
N SER I 97 -6.50 19.08 10.17
CA SER I 97 -7.29 17.85 10.16
C SER I 97 -8.19 17.82 8.94
N THR I 98 -8.10 16.73 8.18
CA THR I 98 -8.91 16.58 6.98
C THR I 98 -10.30 16.01 7.36
N PRO I 99 -11.21 15.92 6.42
CA PRO I 99 -12.59 15.40 6.67
C PRO I 99 -12.60 14.09 7.45
N GLN I 100 -13.82 13.58 7.66
CA GLN I 100 -14.02 12.32 8.37
C GLN I 100 -15.26 11.63 7.83
N GLY I 101 -15.06 10.52 7.15
CA GLY I 101 -16.16 9.77 6.56
C GLY I 101 -15.93 9.61 5.06
N TYR I 102 -16.22 10.65 4.29
CA TYR I 102 -16.03 10.62 2.85
C TYR I 102 -15.10 11.76 2.42
N GLY I 103 -13.82 11.46 2.27
CA GLY I 103 -12.85 12.48 1.88
C GLY I 103 -13.35 13.35 0.72
N SER I 104 -13.14 12.88 -0.51
CA SER I 104 -13.59 13.65 -1.67
C SER I 104 -13.86 12.72 -2.85
N THR I 105 -14.44 13.29 -3.91
CA THR I 105 -14.75 12.52 -5.10
C THR I 105 -14.17 13.19 -6.34
N GLY I 106 -13.79 12.40 -7.33
CA GLY I 106 -13.22 12.96 -8.55
C GLY I 106 -13.91 12.38 -9.80
N GLY I 107 -14.99 13.02 -10.22
CA GLY I 107 -15.73 12.55 -11.40
C GLY I 107 -17.16 13.04 -11.38
N TYR I 108 -17.71 13.29 -12.56
CA TYR I 108 -19.10 13.76 -12.68
C TYR I 108 -20.05 12.58 -12.82
N GLY I 109 -20.00 11.67 -11.85
CA GLY I 109 -20.88 10.50 -11.88
C GLY I 109 -21.90 10.56 -10.74
N SER I 110 -21.41 10.35 -9.52
CA SER I 110 -22.29 10.38 -8.34
C SER I 110 -21.45 10.44 -7.07
N SER I 111 -21.47 11.60 -6.41
CA SER I 111 -20.72 11.78 -5.17
C SER I 111 -21.66 12.18 -4.04
N GLN I 112 -22.30 11.19 -3.42
CA GLN I 112 -23.22 11.46 -2.33
C GLN I 112 -23.03 10.46 -1.19
N SER I 113 -22.94 10.95 0.04
CA SER I 113 -22.74 10.07 1.18
C SER I 113 -23.29 10.70 2.46
N SER I 114 -23.09 10.01 3.58
CA SER I 114 -23.56 10.50 4.88
C SER I 114 -22.59 10.11 5.98
N GLN I 115 -22.03 11.12 6.66
CA GLN I 115 -21.07 10.86 7.73
C GLN I 115 -21.02 12.04 8.69
N SER I 116 -20.16 11.93 9.72
CA SER I 116 -20.04 13.00 10.70
C SER I 116 -18.86 12.73 11.63
N SER I 117 -18.37 13.78 12.30
CA SER I 117 -17.26 13.64 13.23
C SER I 117 -17.15 14.84 14.14
N TYR I 118 -16.36 14.69 15.21
CA TYR I 118 -16.18 15.78 16.16
C TYR I 118 -15.00 15.51 17.09
N GLY I 119 -13.80 15.76 16.61
CA GLY I 119 -12.60 15.55 17.42
C GLY I 119 -11.33 15.90 16.64
N GLN I 120 -11.33 17.06 15.99
CA GLN I 120 -10.17 17.48 15.21
C GLN I 120 -9.31 18.45 16.01
N GLN I 121 -8.07 18.06 16.29
CA GLN I 121 -7.16 18.91 17.04
C GLN I 121 -5.81 19.01 16.34
N SER I 122 -5.39 20.25 16.06
CA SER I 122 -4.12 20.49 15.38
C SER I 122 -3.37 21.62 16.08
N SER I 123 -2.10 21.38 16.39
CA SER I 123 -1.28 22.39 17.06
C SER I 123 -1.94 22.84 18.35
N TYR I 124 -2.21 21.88 19.23
CA TYR I 124 -2.84 22.19 20.51
C TYR I 124 -1.88 22.93 21.42
N SER A 64 -7.79 -23.38 -20.04
CA SER A 64 -7.95 -24.61 -20.84
C SER A 64 -7.16 -24.48 -22.14
N TYR A 65 -7.10 -23.25 -22.66
CA TYR A 65 -6.38 -23.00 -23.90
C TYR A 65 -5.40 -21.84 -23.72
N SER A 66 -4.22 -21.96 -24.34
CA SER A 66 -3.21 -20.91 -24.23
C SER A 66 -2.74 -20.75 -22.79
N GLY A 67 -1.63 -21.39 -22.45
CA GLY A 67 -1.08 -21.31 -21.11
C GLY A 67 0.29 -20.64 -21.10
N TYR A 68 0.59 -19.93 -20.03
CA TYR A 68 1.87 -19.25 -19.92
C TYR A 68 2.59 -19.64 -18.63
N SER A 69 3.75 -19.06 -18.39
CA SER A 69 4.53 -19.37 -17.19
C SER A 69 3.82 -18.86 -15.94
N GLN A 70 4.16 -19.43 -14.80
CA GLN A 70 3.54 -19.04 -13.54
C GLN A 70 4.41 -19.47 -12.36
N SER A 71 4.71 -18.53 -11.47
CA SER A 71 5.54 -18.83 -10.30
C SER A 71 4.96 -18.18 -9.05
N THR A 72 4.59 -19.00 -8.08
CA THR A 72 4.01 -18.49 -6.84
C THR A 72 4.86 -18.91 -5.64
N ASP A 73 5.16 -17.95 -4.77
CA ASP A 73 5.95 -18.23 -3.58
C ASP A 73 5.55 -17.30 -2.45
N THR A 74 5.22 -17.85 -1.29
CA THR A 74 4.83 -17.02 -0.15
C THR A 74 5.90 -15.98 0.13
N SER A 75 7.12 -16.48 0.31
CA SER A 75 8.25 -15.61 0.57
C SER A 75 9.42 -16.01 -0.34
N GLY A 76 10.39 -16.75 0.19
CA GLY A 76 11.52 -17.19 -0.63
C GLY A 76 12.13 -16.04 -1.41
N TYR A 77 12.44 -14.95 -0.72
CA TYR A 77 13.03 -13.78 -1.37
C TYR A 77 12.26 -13.43 -2.64
N GLY A 78 12.84 -12.57 -3.47
CA GLY A 78 12.19 -12.17 -4.71
C GLY A 78 12.75 -12.97 -5.89
N GLN A 79 14.07 -12.96 -6.03
CA GLN A 79 14.72 -13.69 -7.11
C GLN A 79 16.20 -13.87 -6.82
N SER A 80 17.00 -12.84 -7.10
CA SER A 80 18.43 -12.92 -6.85
C SER A 80 18.91 -11.71 -6.07
N SER A 81 19.60 -11.96 -4.96
CA SER A 81 20.12 -10.88 -4.13
C SER A 81 21.61 -10.67 -4.41
N TYR A 82 21.96 -9.44 -4.78
CA TYR A 82 23.35 -9.12 -5.07
C TYR A 82 24.04 -8.48 -3.87
N SER A 83 25.32 -8.80 -3.69
CA SER A 83 26.09 -8.27 -2.59
C SER A 83 27.58 -8.58 -2.77
N SER A 84 27.99 -8.75 -4.02
CA SER A 84 29.38 -9.07 -4.33
C SER A 84 30.21 -7.79 -4.44
N TYR A 85 31.50 -7.96 -4.75
CA TYR A 85 32.40 -6.83 -4.90
C TYR A 85 32.43 -5.99 -3.62
N GLY A 86 32.51 -6.65 -2.47
CA GLY A 86 32.54 -5.96 -1.20
C GLY A 86 32.31 -6.91 -0.03
N GLN A 87 32.24 -6.37 1.17
CA GLN A 87 32.02 -7.18 2.36
C GLN A 87 30.55 -7.11 2.79
N SER A 88 29.68 -6.82 1.83
CA SER A 88 28.25 -6.72 2.12
C SER A 88 27.75 -7.98 2.82
N GLN A 89 26.92 -7.78 3.84
CA GLN A 89 26.37 -8.92 4.59
C GLN A 89 25.01 -9.31 4.03
N ASN A 90 24.97 -10.40 3.27
CA ASN A 90 23.73 -10.88 2.68
C ASN A 90 23.09 -11.92 3.59
N THR A 91 22.07 -11.49 4.34
CA THR A 91 21.37 -12.40 5.25
C THR A 91 19.94 -12.63 4.78
N GLY A 92 19.55 -13.91 4.74
CA GLY A 92 18.20 -14.28 4.32
C GLY A 92 17.16 -13.66 5.24
N TYR A 93 15.96 -14.22 5.24
CA TYR A 93 14.87 -13.70 6.06
C TYR A 93 15.34 -13.45 7.50
N GLY A 94 15.93 -14.49 8.11
CA GLY A 94 16.43 -14.37 9.47
C GLY A 94 15.54 -15.13 10.45
N THR A 95 14.80 -14.39 11.27
CA THR A 95 13.92 -15.00 12.26
C THR A 95 12.46 -14.79 11.87
N GLN A 96 11.84 -15.83 11.33
CA GLN A 96 10.45 -15.73 10.93
C GLN A 96 9.78 -17.10 10.83
N SER A 97 8.49 -17.09 10.50
CA SER A 97 7.74 -18.33 10.38
C SER A 97 6.94 -18.33 9.08
N THR A 98 7.19 -19.33 8.24
CA THR A 98 6.51 -19.45 6.97
C THR A 98 5.15 -20.13 7.15
N PRO A 99 4.33 -20.20 6.13
CA PRO A 99 2.99 -20.84 6.20
C PRO A 99 2.99 -22.18 6.93
N GLN A 100 1.78 -22.67 7.16
CA GLN A 100 1.58 -23.95 7.83
C GLN A 100 0.34 -24.61 7.26
N GLY A 101 0.52 -25.70 6.55
CA GLY A 101 -0.61 -26.39 5.92
C GLY A 101 -0.97 -25.68 4.62
N TYR A 102 -0.43 -26.19 3.51
CA TYR A 102 -0.71 -25.57 2.21
C TYR A 102 -0.08 -24.17 2.15
N GLY A 103 1.24 -24.13 2.12
CA GLY A 103 1.95 -22.86 2.05
C GLY A 103 2.15 -22.44 0.61
N SER A 104 1.32 -21.50 0.17
CA SER A 104 1.39 -21.00 -1.20
C SER A 104 1.00 -22.09 -2.20
N THR A 105 -0.24 -22.02 -2.67
CA THR A 105 -0.74 -22.99 -3.63
C THR A 105 0.01 -22.88 -4.94
N GLY A 106 0.13 -24.01 -5.64
CA GLY A 106 0.85 -24.04 -6.92
C GLY A 106 0.16 -24.93 -7.93
N GLY A 107 -0.73 -24.36 -8.75
CA GLY A 107 -1.44 -25.12 -9.76
C GLY A 107 -2.91 -24.73 -9.81
N TYR A 108 -3.41 -24.45 -11.01
CA TYR A 108 -4.81 -24.07 -11.18
C TYR A 108 -5.67 -25.29 -11.48
N GLY A 109 -5.59 -26.30 -10.60
CA GLY A 109 -6.36 -27.51 -10.77
C GLY A 109 -7.00 -27.95 -9.46
N SER A 110 -7.98 -27.17 -9.00
CA SER A 110 -8.68 -27.49 -7.76
C SER A 110 -7.70 -27.52 -6.58
N SER A 111 -7.78 -26.50 -5.73
CA SER A 111 -6.93 -26.42 -4.56
C SER A 111 -7.73 -26.00 -3.33
N GLN A 112 -8.29 -26.96 -2.63
CA GLN A 112 -9.09 -26.67 -1.45
C GLN A 112 -8.59 -27.49 -0.25
N SER A 113 -8.22 -26.79 0.82
CA SER A 113 -7.73 -27.47 2.02
C SER A 113 -8.06 -26.67 3.27
N SER A 114 -7.63 -27.19 4.42
CA SER A 114 -7.88 -26.52 5.70
C SER A 114 -6.74 -26.85 6.67
N GLN A 115 -6.36 -25.87 7.49
CA GLN A 115 -5.27 -26.08 8.45
C GLN A 115 -5.13 -24.91 9.40
N SER A 116 -4.11 -24.96 10.24
CA SER A 116 -3.87 -23.89 11.22
C SER A 116 -2.43 -23.94 11.74
N SER A 117 -2.04 -22.91 12.48
CA SER A 117 -0.69 -22.84 13.04
C SER A 117 -0.70 -22.06 14.35
N TYR A 118 -0.44 -22.75 15.45
CA TYR A 118 -0.42 -22.10 16.76
C TYR A 118 0.93 -22.27 17.44
N GLY A 119 1.78 -21.26 17.34
CA GLY A 119 3.11 -21.34 17.95
C GLY A 119 4.20 -20.96 16.97
N GLN A 120 4.06 -19.79 16.35
CA GLN A 120 5.04 -19.32 15.38
C GLN A 120 6.03 -18.36 16.05
N GLN A 121 7.24 -18.84 16.30
CA GLN A 121 8.27 -18.02 16.93
C GLN A 121 9.63 -18.26 16.29
N SER A 122 10.41 -17.19 16.17
CA SER A 122 11.74 -17.29 15.58
C SER A 122 12.78 -16.58 16.44
N SER A 123 13.77 -17.32 16.91
CA SER A 123 14.81 -16.74 17.75
C SER A 123 14.20 -15.94 18.89
N TYR A 124 15.02 -15.09 19.51
CA TYR A 124 14.55 -14.27 20.62
C TYR A 124 15.54 -13.15 20.93
N SER B 64 -9.68 -18.87 -20.03
CA SER B 64 -9.84 -20.12 -20.83
C SER B 64 -9.06 -19.99 -22.13
N TYR B 65 -8.98 -18.76 -22.65
CA TYR B 65 -8.26 -18.51 -23.89
C TYR B 65 -7.28 -17.35 -23.71
N SER B 66 -6.11 -17.48 -24.32
CA SER B 66 -5.09 -16.44 -24.22
C SER B 66 -4.62 -16.27 -22.78
N GLY B 67 -3.51 -16.92 -22.43
CA GLY B 67 -2.97 -16.83 -21.09
C GLY B 67 -1.60 -16.17 -21.09
N TYR B 68 -1.28 -15.45 -20.01
CA TYR B 68 0.00 -14.78 -19.90
C TYR B 68 0.70 -15.17 -18.61
N SER B 69 1.87 -14.58 -18.38
CA SER B 69 2.64 -14.88 -17.17
C SER B 69 1.92 -14.38 -15.93
N GLN B 70 2.27 -14.95 -14.78
CA GLN B 70 1.65 -14.54 -13.52
C GLN B 70 2.51 -14.97 -12.34
N SER B 71 2.82 -14.03 -11.45
CA SER B 71 3.63 -14.33 -10.29
C SER B 71 3.06 -13.67 -9.03
N THR B 72 2.67 -14.49 -8.06
CA THR B 72 2.11 -13.98 -6.82
C THR B 72 2.96 -14.40 -5.62
N ASP B 73 3.26 -13.44 -4.75
CA ASP B 73 4.05 -13.72 -3.57
C ASP B 73 3.65 -12.77 -2.43
N THR B 74 3.31 -13.33 -1.28
CA THR B 74 2.91 -12.49 -0.14
C THR B 74 3.99 -11.47 0.14
N SER B 75 5.21 -11.95 0.33
CA SER B 75 6.34 -11.08 0.58
C SER B 75 7.51 -11.48 -0.32
N GLY B 76 8.48 -12.22 0.20
CA GLY B 76 9.60 -12.67 -0.61
C GLY B 76 10.20 -11.52 -1.40
N TYR B 77 10.54 -10.43 -0.70
CA TYR B 77 11.13 -9.27 -1.35
C TYR B 77 10.37 -8.92 -2.63
N GLY B 78 10.95 -8.07 -3.46
CA GLY B 78 10.30 -7.67 -4.70
C GLY B 78 10.86 -8.47 -5.88
N GLN B 79 12.18 -8.47 -6.02
CA GLN B 79 12.83 -9.19 -7.11
C GLN B 79 14.31 -9.38 -6.80
N SER B 80 15.10 -8.36 -7.09
CA SER B 80 16.54 -8.44 -6.83
C SER B 80 17.02 -7.22 -6.05
N SER B 81 17.71 -7.48 -4.94
CA SER B 81 18.24 -6.40 -4.11
C SER B 81 19.72 -6.19 -4.39
N TYR B 82 20.08 -4.96 -4.76
CA TYR B 82 21.47 -4.64 -5.06
C TYR B 82 22.16 -4.00 -3.86
N SER B 83 23.43 -4.33 -3.67
CA SER B 83 24.21 -3.78 -2.57
C SER B 83 25.69 -4.11 -2.74
N SER B 84 26.10 -4.29 -4.00
CA SER B 84 27.50 -4.60 -4.30
C SER B 84 28.33 -3.34 -4.42
N TYR B 85 29.62 -3.51 -4.72
CA TYR B 85 30.53 -2.38 -4.86
C TYR B 85 30.55 -1.53 -3.59
N GLY B 86 30.63 -2.20 -2.45
CA GLY B 86 30.65 -1.49 -1.17
C GLY B 86 30.42 -2.45 -0.01
N GLN B 87 30.35 -1.90 1.20
CA GLN B 87 30.13 -2.71 2.39
C GLN B 87 28.66 -2.62 2.81
N SER B 88 27.79 -2.34 1.85
CA SER B 88 26.36 -2.23 2.14
C SER B 88 25.85 -3.49 2.84
N GLN B 89 25.02 -3.29 3.86
CA GLN B 89 24.48 -4.41 4.61
C GLN B 89 23.11 -4.81 4.05
N ASN B 90 23.08 -5.91 3.30
CA ASN B 90 21.83 -6.38 2.71
C ASN B 90 21.17 -7.42 3.61
N THR B 91 20.16 -7.00 4.37
CA THR B 91 19.47 -7.89 5.27
C THR B 91 18.03 -8.14 4.80
N GLY B 92 17.64 -9.41 4.78
CA GLY B 92 16.30 -9.77 4.35
C GLY B 92 15.25 -9.14 5.26
N TYR B 93 14.04 -9.69 5.26
CA TYR B 93 12.96 -9.17 6.08
C TYR B 93 13.42 -8.94 7.52
N GLY B 94 14.01 -9.96 8.13
CA GLY B 94 14.50 -9.83 9.49
C GLY B 94 13.62 -10.59 10.48
N THR B 95 12.88 -9.85 11.30
CA THR B 95 12.00 -10.44 12.29
C THR B 95 10.54 -10.25 11.89
N GLN B 96 9.91 -11.29 11.35
CA GLN B 96 8.51 -11.17 10.95
C GLN B 96 7.84 -12.53 10.85
N SER B 97 6.56 -12.52 10.52
CA SER B 97 5.79 -13.76 10.40
C SER B 97 5.00 -13.76 9.10
N THR B 98 5.26 -14.76 8.27
CA THR B 98 4.57 -14.89 6.98
C THR B 98 3.21 -15.56 7.18
N PRO B 99 2.40 -15.64 6.14
CA PRO B 99 1.04 -16.26 6.23
C PRO B 99 1.04 -17.59 6.97
N GLN B 100 -0.16 -18.10 7.18
CA GLN B 100 -0.36 -19.37 7.85
C GLN B 100 -1.61 -20.02 7.30
N GLY B 101 -1.43 -21.12 6.58
CA GLY B 101 -2.55 -21.81 5.96
C GLY B 101 -2.92 -21.12 4.65
N TYR B 102 -2.38 -21.62 3.54
CA TYR B 102 -2.65 -21.01 2.25
C TYR B 102 -2.01 -19.63 2.18
N GLY B 103 -0.68 -19.59 2.16
CA GLY B 103 0.02 -18.31 2.10
C GLY B 103 0.22 -17.88 0.65
N SER B 104 -0.61 -16.96 0.19
CA SER B 104 -0.53 -16.46 -1.19
C SER B 104 -0.92 -17.54 -2.17
N THR B 105 -2.16 -17.48 -2.65
CA THR B 105 -2.66 -18.46 -3.60
C THR B 105 -1.90 -18.36 -4.92
N GLY B 106 -1.79 -19.49 -5.61
CA GLY B 106 -1.07 -19.52 -6.88
C GLY B 106 -1.77 -20.42 -7.90
N GLY B 107 -2.64 -19.83 -8.72
CA GLY B 107 -3.35 -20.60 -9.73
C GLY B 107 -4.82 -20.21 -9.78
N TYR B 108 -5.31 -19.93 -10.99
CA TYR B 108 -6.71 -19.55 -11.16
C TYR B 108 -7.57 -20.78 -11.45
N GLY B 109 -7.50 -21.77 -10.57
CA GLY B 109 -8.29 -22.99 -10.75
C GLY B 109 -8.93 -23.42 -9.44
N SER B 110 -9.90 -22.64 -8.97
CA SER B 110 -10.60 -22.94 -7.73
C SER B 110 -9.64 -22.98 -6.56
N SER B 111 -9.72 -21.96 -5.71
CA SER B 111 -8.85 -21.87 -4.54
C SER B 111 -9.66 -21.43 -3.32
N GLN B 112 -10.22 -22.41 -2.61
CA GLN B 112 -11.03 -22.11 -1.42
C GLN B 112 -10.54 -22.92 -0.23
N SER B 113 -10.16 -22.22 0.84
CA SER B 113 -9.68 -22.89 2.04
C SER B 113 -10.00 -22.08 3.30
N SER B 114 -9.58 -22.60 4.45
CA SER B 114 -9.82 -21.93 5.72
C SER B 114 -8.69 -22.25 6.69
N GLN B 115 -8.31 -21.27 7.51
CA GLN B 115 -7.23 -21.49 8.47
C GLN B 115 -7.08 -20.30 9.42
N SER B 116 -6.06 -20.37 10.27
CA SER B 116 -5.82 -19.28 11.23
C SER B 116 -4.38 -19.35 11.76
N SER B 117 -3.99 -18.31 12.49
CA SER B 117 -2.65 -18.25 13.06
C SER B 117 -2.65 -17.47 14.36
N TYR B 118 -2.38 -18.16 15.47
CA TYR B 118 -2.37 -17.51 16.77
C TYR B 118 -1.02 -17.70 17.45
N GLY B 119 -0.16 -16.68 17.37
CA GLY B 119 1.16 -16.75 17.98
C GLY B 119 2.26 -16.36 16.99
N GLN B 120 2.11 -15.19 16.38
CA GLN B 120 3.09 -14.72 15.40
C GLN B 120 4.08 -13.76 16.07
N GLN B 121 5.29 -14.25 16.33
CA GLN B 121 6.31 -13.43 16.96
C GLN B 121 7.68 -13.67 16.31
N SER B 122 8.47 -12.61 16.20
CA SER B 122 9.80 -12.72 15.60
C SER B 122 10.83 -12.00 16.46
N SER B 123 11.83 -12.74 16.94
CA SER B 123 12.87 -12.16 17.78
C SER B 123 12.26 -11.36 18.91
N TYR B 124 13.07 -10.51 19.54
CA TYR B 124 12.60 -9.69 20.65
C TYR B 124 13.60 -8.57 20.94
N SER C 64 -11.56 -14.37 -20.03
CA SER C 64 -11.72 -15.61 -20.83
C SER C 64 -10.93 -15.49 -22.13
N TYR C 65 -10.85 -14.26 -22.65
CA TYR C 65 -10.13 -14.02 -23.89
C TYR C 65 -9.15 -12.86 -23.72
N SER C 66 -7.97 -13.00 -24.33
CA SER C 66 -6.96 -11.96 -24.23
C SER C 66 -6.49 -11.79 -22.78
N GLY C 67 -5.38 -12.44 -22.44
CA GLY C 67 -4.84 -12.35 -21.09
C GLY C 67 -3.47 -11.69 -21.09
N TYR C 68 -3.15 -10.96 -20.02
CA TYR C 68 -1.87 -10.30 -19.91
C TYR C 68 -1.17 -10.68 -18.61
N SER C 69 0.00 -10.10 -18.37
CA SER C 69 0.77 -10.40 -17.17
C SER C 69 0.05 -9.89 -15.93
N GLN C 70 0.39 -10.45 -14.77
CA GLN C 70 -0.23 -10.05 -13.53
C GLN C 70 0.64 -10.47 -12.33
N SER C 71 0.93 -9.52 -11.46
CA SER C 71 1.75 -9.82 -10.28
C SER C 71 1.17 -9.16 -9.04
N THR C 72 0.79 -9.97 -8.06
CA THR C 72 0.22 -9.46 -6.82
C THR C 72 1.06 -9.87 -5.62
N ASP C 73 1.36 -8.91 -4.75
CA ASP C 73 2.16 -9.19 -3.57
C ASP C 73 1.76 -8.24 -2.44
N THR C 74 1.41 -8.79 -1.28
CA THR C 74 1.02 -7.96 -0.15
C THR C 74 2.11 -6.93 0.14
N SER C 75 3.32 -7.42 0.32
CA SER C 75 4.45 -6.54 0.58
C SER C 75 5.61 -6.95 -0.32
N GLY C 76 6.58 -7.69 0.21
CA GLY C 76 7.70 -8.14 -0.60
C GLY C 76 8.31 -6.99 -1.39
N TYR C 77 8.65 -5.91 -0.70
CA TYR C 77 9.24 -4.76 -1.36
C TYR C 77 8.49 -4.41 -2.64
N GLY C 78 9.07 -3.56 -3.47
CA GLY C 78 8.43 -3.17 -4.72
C GLY C 78 8.98 -3.97 -5.89
N GLN C 79 10.30 -3.97 -6.02
CA GLN C 79 10.95 -4.71 -7.10
C GLN C 79 12.43 -4.90 -6.80
N SER C 80 13.23 -3.87 -7.09
CA SER C 80 14.67 -3.95 -6.83
C SER C 80 15.15 -2.74 -6.05
N SER C 81 15.84 -2.99 -4.94
CA SER C 81 16.36 -1.91 -4.12
C SER C 81 17.84 -1.70 -4.38
N TYR C 82 18.20 -0.48 -4.76
CA TYR C 82 19.60 -0.17 -5.06
C TYR C 82 20.29 0.47 -3.85
N SER C 83 21.57 0.15 -3.67
CA SER C 83 22.33 0.70 -2.56
C SER C 83 23.82 0.36 -2.74
N SER C 84 24.23 0.18 -3.99
CA SER C 84 25.62 -0.15 -4.29
C SER C 84 26.46 1.12 -4.41
N TYR C 85 27.75 0.94 -4.71
CA TYR C 85 28.66 2.07 -4.86
C TYR C 85 28.69 2.92 -3.59
N GLY C 86 28.76 2.26 -2.44
CA GLY C 86 28.79 2.97 -1.16
C GLY C 86 28.55 2.02 0.00
N GLN C 87 28.48 2.57 1.20
CA GLN C 87 28.24 1.77 2.40
C GLN C 87 26.78 1.86 2.83
N SER C 88 25.91 2.14 1.85
CA SER C 88 24.49 2.26 2.14
C SER C 88 23.97 1.01 2.85
N GLN C 89 23.14 1.20 3.87
CA GLN C 89 22.58 0.08 4.61
C GLN C 89 21.22 -0.30 4.05
N ASN C 90 21.19 -1.40 3.30
CA ASN C 90 19.93 -1.87 2.71
C ASN C 90 19.28 -2.91 3.62
N THR C 91 18.28 -2.48 4.37
CA THR C 91 17.57 -3.38 5.28
C THR C 91 16.15 -3.62 4.81
N GLY C 92 15.74 -4.89 4.79
CA GLY C 92 14.40 -5.25 4.36
C GLY C 92 13.35 -4.61 5.27
N TYR C 93 12.14 -5.17 5.25
CA TYR C 93 11.06 -4.64 6.08
C TYR C 93 11.52 -4.39 7.51
N GLY C 94 12.10 -5.42 8.13
CA GLY C 94 12.59 -5.29 9.50
C GLY C 94 11.70 -6.04 10.49
N THR C 95 10.97 -5.29 11.29
CA THR C 95 10.09 -5.89 12.29
C THR C 95 8.63 -5.69 11.88
N GLN C 96 8.00 -6.73 11.36
CA GLN C 96 6.60 -6.61 10.95
C GLN C 96 5.92 -7.97 10.85
N SER C 97 4.63 -7.96 10.53
CA SER C 97 3.87 -9.19 10.41
C SER C 97 3.09 -9.19 9.09
N THR C 98 3.34 -10.20 8.27
CA THR C 98 2.65 -10.33 6.99
C THR C 98 1.29 -10.99 7.19
N PRO C 99 0.48 -11.07 6.15
CA PRO C 99 -0.88 -11.69 6.23
C PRO C 99 -0.89 -13.01 6.97
N GLN C 100 -2.09 -13.53 7.18
CA GLN C 100 -2.29 -14.79 7.87
C GLN C 100 -3.55 -15.45 7.30
N GLY C 101 -3.37 -16.55 6.59
CA GLY C 101 -4.48 -17.24 5.98
C GLY C 101 -4.85 -16.54 4.67
N TYR C 102 -4.31 -17.05 3.55
CA TYR C 102 -4.57 -16.44 2.26
C TYR C 102 -3.93 -15.06 2.19
N GLY C 103 -2.60 -15.03 2.16
CA GLY C 103 -1.89 -13.76 2.10
C GLY C 103 -1.69 -13.33 0.65
N SER C 104 -2.52 -12.40 0.19
CA SER C 104 -2.44 -11.91 -1.18
C SER C 104 -2.83 -13.00 -2.17
N THR C 105 -4.07 -12.94 -2.65
CA THR C 105 -4.57 -13.91 -3.60
C THR C 105 -3.80 -13.83 -4.91
N GLY C 106 -3.69 -14.96 -5.60
CA GLY C 106 -2.98 -14.99 -6.88
C GLY C 106 -3.67 -15.90 -7.88
N GLY C 107 -4.53 -15.31 -8.71
CA GLY C 107 -5.25 -16.08 -9.72
C GLY C 107 -6.72 -15.68 -9.78
N TYR C 108 -7.21 -15.41 -10.99
CA TYR C 108 -8.61 -15.03 -11.16
C TYR C 108 -9.47 -16.26 -11.45
N GLY C 109 -9.41 -17.24 -10.57
CA GLY C 109 -10.19 -18.46 -10.74
C GLY C 109 -10.85 -18.89 -9.42
N SER C 110 -11.81 -18.10 -8.97
CA SER C 110 -12.51 -18.39 -7.73
C SER C 110 -11.55 -18.43 -6.55
N SER C 111 -11.63 -17.40 -5.71
CA SER C 111 -10.76 -17.32 -4.53
C SER C 111 -11.57 -16.87 -3.32
N GLN C 112 -12.14 -17.84 -2.60
CA GLN C 112 -12.94 -17.54 -1.43
C GLN C 112 -12.46 -18.34 -0.22
N SER C 113 -12.08 -17.64 0.84
CA SER C 113 -11.60 -18.31 2.05
C SER C 113 -11.93 -17.50 3.29
N SER C 114 -11.51 -18.02 4.45
CA SER C 114 -11.75 -17.34 5.72
C SER C 114 -10.62 -17.65 6.70
N GLN C 115 -10.24 -16.67 7.52
CA GLN C 115 -9.17 -16.88 8.47
C GLN C 115 -9.02 -15.70 9.42
N SER C 116 -8.00 -15.76 10.27
CA SER C 116 -7.76 -14.69 11.23
C SER C 116 -6.33 -14.75 11.76
N SER C 117 -5.93 -13.71 12.49
CA SER C 117 -4.58 -13.65 13.06
C SER C 117 -4.59 -12.86 14.36
N TYR C 118 -4.33 -13.55 15.46
CA TYR C 118 -4.30 -12.91 16.77
C TYR C 118 -2.95 -13.09 17.45
N GLY C 119 -2.11 -12.08 17.37
CA GLY C 119 -0.78 -12.15 17.99
C GLY C 119 0.31 -11.76 16.99
N GLN C 120 0.17 -10.60 16.37
CA GLN C 120 1.16 -10.13 15.40
C GLN C 120 2.15 -9.17 16.07
N GLN C 121 3.35 -9.66 16.33
CA GLN C 121 4.38 -8.83 16.96
C GLN C 121 5.75 -9.08 16.32
N SER C 122 6.55 -8.02 16.20
CA SER C 122 7.87 -8.14 15.61
C SER C 122 8.90 -7.42 16.47
N SER C 123 9.90 -8.17 16.95
CA SER C 123 10.94 -7.60 17.78
C SER C 123 10.33 -6.78 18.92
N TYR C 124 11.15 -5.93 19.54
CA TYR C 124 10.68 -5.10 20.64
C TYR C 124 11.67 -3.98 20.95
N SER D 64 -13.43 -9.86 -20.06
CA SER D 64 -13.59 -11.10 -20.86
C SER D 64 -12.80 -10.99 -22.15
N TYR D 65 -12.72 -9.77 -22.67
CA TYR D 65 -11.99 -9.53 -23.92
C TYR D 65 -11.01 -8.38 -23.75
N SER D 66 -9.83 -8.52 -24.35
CA SER D 66 -8.81 -7.47 -24.25
C SER D 66 -8.34 -7.30 -22.81
N GLY D 67 -7.24 -7.95 -22.46
CA GLY D 67 -6.70 -7.85 -21.11
C GLY D 67 -5.33 -7.20 -21.12
N TYR D 68 -5.01 -6.48 -20.04
CA TYR D 68 -3.72 -5.81 -19.94
C TYR D 68 -3.03 -6.20 -18.63
N SER D 69 -1.86 -5.61 -18.40
CA SER D 69 -1.10 -5.91 -17.19
C SER D 69 -1.82 -5.40 -15.95
N GLN D 70 -1.48 -5.95 -14.79
CA GLN D 70 -2.10 -5.54 -13.54
C GLN D 70 -1.24 -5.97 -12.35
N SER D 71 -0.94 -5.02 -11.47
CA SER D 71 -0.13 -5.31 -10.30
C SER D 71 -0.71 -4.64 -9.06
N THR D 72 -1.09 -5.46 -8.08
CA THR D 72 -1.66 -4.94 -6.84
C THR D 72 -0.82 -5.35 -5.64
N ASP D 73 -0.52 -4.38 -4.78
CA ASP D 73 0.27 -4.65 -3.58
C ASP D 73 -0.12 -3.70 -2.47
N THR D 74 -0.48 -4.26 -1.31
CA THR D 74 -0.87 -3.41 -0.18
C THR D 74 0.21 -2.38 0.11
N SER D 75 1.43 -2.88 0.30
CA SER D 75 2.57 -2.00 0.56
C SER D 75 3.73 -2.42 -0.35
N GLY D 76 4.70 -3.16 0.20
CA GLY D 76 5.82 -3.62 -0.62
C GLY D 76 6.43 -2.47 -1.40
N TYR D 77 6.77 -1.39 -0.71
CA TYR D 77 7.37 -0.23 -1.38
C TYR D 77 6.60 0.11 -2.65
N GLY D 78 7.20 0.95 -3.49
CA GLY D 78 6.56 1.34 -4.74
C GLY D 78 7.11 0.53 -5.91
N GLN D 79 8.44 0.53 -6.04
CA GLN D 79 9.09 -0.20 -7.12
C GLN D 79 10.56 -0.39 -6.81
N SER D 80 11.37 0.62 -7.10
CA SER D 80 12.80 0.54 -6.85
C SER D 80 13.28 1.75 -6.07
N SER D 81 13.97 1.50 -4.96
CA SER D 81 14.49 2.59 -4.13
C SER D 81 15.98 2.78 -4.40
N TYR D 82 16.35 4.01 -4.78
CA TYR D 82 17.74 4.31 -5.08
C TYR D 82 18.43 4.96 -3.88
N SER D 83 19.70 4.62 -3.69
CA SER D 83 20.47 5.18 -2.58
C SER D 83 21.95 4.84 -2.75
N SER D 84 22.37 4.65 -4.00
CA SER D 84 23.76 4.33 -4.30
C SER D 84 24.61 5.59 -4.42
N TYR D 85 25.89 5.40 -4.71
CA TYR D 85 26.81 6.53 -4.87
C TYR D 85 26.84 7.38 -3.60
N GLY D 86 26.89 6.72 -2.45
CA GLY D 86 26.93 7.44 -1.18
C GLY D 86 26.68 6.49 -0.01
N GLN D 87 26.62 7.05 1.19
CA GLN D 87 26.38 6.25 2.39
C GLN D 87 24.91 6.35 2.81
N SER D 88 24.05 6.63 1.84
CA SER D 88 22.62 6.75 2.12
C SER D 88 22.10 5.50 2.83
N GLN D 89 21.27 5.70 3.85
CA GLN D 89 20.71 4.59 4.60
C GLN D 89 19.34 4.20 4.03
N ASN D 90 19.31 3.10 3.29
CA ASN D 90 18.07 2.63 2.70
C ASN D 90 17.40 1.60 3.61
N THR D 91 16.39 2.04 4.35
CA THR D 91 15.69 1.14 5.26
C THR D 91 14.26 0.90 4.80
N GLY D 92 13.85 -0.36 4.78
CA GLY D 92 12.51 -0.72 4.36
C GLY D 92 11.46 -0.08 5.25
N TYR D 93 10.25 -0.64 5.24
CA TYR D 93 9.17 -0.09 6.06
C TYR D 93 9.63 0.15 7.49
N GLY D 94 10.21 -0.87 8.12
CA GLY D 94 10.70 -0.75 9.49
C GLY D 94 9.80 -1.49 10.48
N THR D 95 9.07 -0.73 11.28
CA THR D 95 8.18 -1.32 12.26
C THR D 95 6.72 -1.13 11.87
N GLN D 96 6.09 -2.16 11.33
CA GLN D 96 4.70 -2.04 10.93
C GLN D 96 4.02 -3.40 10.84
N SER D 97 2.73 -3.38 10.51
CA SER D 97 1.97 -4.62 10.39
C SER D 97 1.18 -4.62 9.08
N THR D 98 1.43 -5.64 8.25
CA THR D 98 0.75 -5.76 6.97
C THR D 98 -0.61 -6.42 7.17
N PRO D 99 -1.42 -6.50 6.13
CA PRO D 99 -2.78 -7.12 6.21
C PRO D 99 -2.80 -8.44 6.96
N GLN D 100 -4.01 -8.95 7.17
CA GLN D 100 -4.21 -10.21 7.86
C GLN D 100 -5.47 -10.87 7.30
N GLY D 101 -5.28 -11.97 6.59
CA GLY D 101 -6.41 -12.65 5.97
C GLY D 101 -6.76 -11.97 4.65
N TYR D 102 -6.23 -12.48 3.55
CA TYR D 102 -6.48 -11.88 2.25
C TYR D 102 -5.84 -10.50 2.18
N GLY D 103 -4.51 -10.47 2.16
CA GLY D 103 -3.80 -9.19 2.09
C GLY D 103 -3.59 -8.78 0.64
N SER D 104 -4.42 -7.84 0.17
CA SER D 104 -4.33 -7.36 -1.20
C SER D 104 -4.73 -8.46 -2.18
N THR D 105 -5.97 -8.39 -2.66
CA THR D 105 -6.46 -9.37 -3.61
C THR D 105 -5.69 -9.28 -4.92
N GLY D 106 -5.59 -10.42 -5.61
CA GLY D 106 -4.87 -10.46 -6.88
C GLY D 106 -5.56 -11.37 -7.89
N GLY D 107 -6.43 -10.77 -8.72
CA GLY D 107 -7.14 -11.55 -9.73
C GLY D 107 -8.61 -11.15 -9.79
N TYR D 108 -9.10 -10.88 -10.99
CA TYR D 108 -10.50 -10.50 -11.18
C TYR D 108 -11.36 -11.72 -11.47
N GLY D 109 -11.30 -12.70 -10.58
CA GLY D 109 -12.08 -13.92 -10.75
C GLY D 109 -12.74 -14.34 -9.43
N SER D 110 -13.70 -13.54 -8.99
CA SER D 110 -14.41 -13.84 -7.74
C SER D 110 -13.45 -13.87 -6.56
N SER D 111 -13.53 -12.84 -5.72
CA SER D 111 -12.67 -12.75 -4.54
C SER D 111 -13.47 -12.30 -3.34
N GLN D 112 -14.05 -13.27 -2.62
CA GLN D 112 -14.85 -12.96 -1.44
C GLN D 112 -14.37 -13.76 -0.24
N SER D 113 -14.00 -13.05 0.83
CA SER D 113 -13.52 -13.73 2.03
C SER D 113 -13.85 -12.91 3.28
N SER D 114 -13.44 -13.42 4.43
CA SER D 114 -13.68 -12.74 5.70
C SER D 114 -12.56 -13.06 6.69
N GLN D 115 -12.16 -12.08 7.49
CA GLN D 115 -11.08 -12.28 8.46
C GLN D 115 -10.94 -11.10 9.41
N SER D 116 -9.93 -11.15 10.25
CA SER D 116 -9.68 -10.08 11.22
C SER D 116 -8.25 -10.14 11.75
N SER D 117 -7.85 -9.10 12.48
CA SER D 117 -6.51 -9.05 13.04
C SER D 117 -6.52 -8.25 14.34
N TYR D 118 -6.26 -8.94 15.45
CA TYR D 118 -6.24 -8.29 16.75
C TYR D 118 -4.89 -8.48 17.44
N GLY D 119 -4.04 -7.46 17.35
CA GLY D 119 -2.72 -7.53 17.97
C GLY D 119 -1.61 -7.16 16.98
N GLN D 120 -1.76 -5.99 16.36
CA GLN D 120 -0.76 -5.53 15.39
C GLN D 120 0.23 -4.58 16.05
N GLN D 121 1.44 -5.07 16.31
CA GLN D 121 2.46 -4.25 16.94
C GLN D 121 3.83 -4.49 16.30
N SER D 122 4.63 -3.44 16.19
CA SER D 122 5.95 -3.57 15.59
C SER D 122 6.99 -2.84 16.45
N SER D 123 7.97 -3.59 16.94
CA SER D 123 9.02 -3.01 17.78
C SER D 123 8.41 -2.19 18.91
N TYR D 124 9.23 -1.34 19.52
CA TYR D 124 8.75 -0.51 20.62
C TYR D 124 9.76 0.60 20.92
N SER E 64 -15.27 -5.35 -20.11
CA SER E 64 -15.44 -6.60 -20.90
C SER E 64 -14.65 -6.48 -22.21
N TYR E 65 -14.56 -5.26 -22.73
CA TYR E 65 -13.83 -5.03 -23.97
C TYR E 65 -12.85 -3.88 -23.80
N SER E 66 -11.67 -4.02 -24.41
CA SER E 66 -10.64 -2.98 -24.31
C SER E 66 -10.18 -2.80 -22.86
N GLY E 67 -9.07 -3.45 -22.51
CA GLY E 67 -8.54 -3.35 -21.15
C GLY E 67 -7.16 -2.71 -21.16
N TYR E 68 -6.86 -1.98 -20.09
CA TYR E 68 -5.56 -1.31 -19.98
C TYR E 68 -4.86 -1.70 -18.68
N SER E 69 -3.70 -1.13 -18.44
CA SER E 69 -2.94 -1.41 -17.23
C SER E 69 -3.67 -0.89 -15.99
N GLN E 70 -3.33 -1.46 -14.84
CA GLN E 70 -3.95 -1.03 -13.58
C GLN E 70 -3.09 -1.45 -12.40
N SER E 71 -2.79 -0.50 -11.52
CA SER E 71 -1.98 -0.79 -10.35
C SER E 71 -2.56 -0.13 -9.11
N THR E 72 -2.96 -0.94 -8.13
CA THR E 72 -3.52 -0.40 -6.89
C THR E 72 -2.68 -0.81 -5.69
N ASP E 73 -2.39 0.15 -4.83
CA ASP E 73 -1.60 -0.12 -3.64
C ASP E 73 -1.99 0.83 -2.52
N THR E 74 -2.33 0.29 -1.35
CA THR E 74 -2.73 1.14 -0.24
C THR E 74 -1.65 2.16 0.06
N SER E 75 -0.43 1.67 0.27
CA SER E 75 0.70 2.54 0.52
C SER E 75 1.87 2.13 -0.39
N GLY E 76 2.83 1.39 0.16
CA GLY E 76 3.93 0.92 -0.67
C GLY E 76 4.58 2.05 -1.44
N TYR E 77 4.90 3.15 -0.76
CA TYR E 77 5.50 4.30 -1.42
C TYR E 77 4.73 4.64 -2.70
N GLY E 78 5.34 5.47 -3.53
CA GLY E 78 4.70 5.86 -4.79
C GLY E 78 5.26 5.04 -5.96
N GLN E 79 6.58 5.04 -6.09
CA GLN E 79 7.24 4.31 -7.17
C GLN E 79 8.71 4.11 -6.83
N SER E 80 9.52 5.12 -7.14
CA SER E 80 10.95 5.03 -6.88
C SER E 80 11.43 6.25 -6.11
N SER E 81 12.13 6.00 -4.99
CA SER E 81 12.63 7.08 -4.17
C SER E 81 14.12 7.28 -4.43
N TYR E 82 14.50 8.50 -4.82
CA TYR E 82 15.90 8.80 -5.12
C TYR E 82 16.58 9.45 -3.92
N SER E 83 17.85 9.12 -3.73
CA SER E 83 18.63 9.67 -2.62
C SER E 83 20.11 9.33 -2.78
N SER E 84 20.53 9.14 -4.04
CA SER E 84 21.92 8.80 -4.32
C SER E 84 22.77 10.06 -4.46
N TYR E 85 24.05 9.88 -4.74
CA TYR E 85 24.96 11.00 -4.90
C TYR E 85 24.99 11.86 -3.63
N GLY E 86 25.06 11.20 -2.48
CA GLY E 86 25.09 11.92 -1.21
C GLY E 86 24.84 10.98 -0.04
N GLN E 87 24.77 11.55 1.16
CA GLN E 87 24.53 10.75 2.36
C GLN E 87 23.07 10.85 2.78
N SER E 88 22.20 11.12 1.80
CA SER E 88 20.77 11.25 2.08
C SER E 88 20.24 10.01 2.79
N GLN E 89 19.41 10.22 3.81
CA GLN E 89 18.85 9.11 4.56
C GLN E 89 17.49 8.72 4.00
N ASN E 90 17.45 7.62 3.25
CA ASN E 90 16.20 7.14 2.67
C ASN E 90 15.53 6.12 3.58
N THR E 91 14.53 6.56 4.32
CA THR E 91 13.81 5.67 5.23
C THR E 91 12.38 5.44 4.75
N GLY E 92 11.98 4.18 4.73
CA GLY E 92 10.63 3.80 4.32
C GLY E 92 9.60 4.46 5.22
N TYR E 93 8.38 3.92 5.20
CA TYR E 93 7.29 4.44 6.01
C TYR E 93 7.75 4.70 7.45
N GLY E 94 8.33 3.67 8.08
CA GLY E 94 8.81 3.81 9.46
C GLY E 94 7.91 3.07 10.44
N THR E 95 7.17 3.83 11.23
CA THR E 95 6.29 3.24 12.22
C THR E 95 4.83 3.45 11.83
N GLN E 96 4.20 2.41 11.30
CA GLN E 96 2.81 2.53 10.88
C GLN E 96 2.12 1.18 10.80
N SER E 97 0.84 1.19 10.47
CA SER E 97 0.07 -0.04 10.34
C SER E 97 -0.71 -0.05 9.03
N THR E 98 -0.47 -1.06 8.22
CA THR E 98 -1.14 -1.19 6.93
C THR E 98 -2.50 -1.85 7.13
N PRO E 99 -3.32 -1.93 6.10
CA PRO E 99 -4.68 -2.54 6.18
C PRO E 99 -4.70 -3.86 6.93
N GLN E 100 -5.90 -4.36 7.14
CA GLN E 100 -6.11 -5.63 7.82
C GLN E 100 -7.37 -6.26 7.25
N GLY E 101 -7.19 -7.39 6.57
CA GLY E 101 -8.31 -8.08 5.95
C GLY E 101 -8.66 -7.39 4.63
N TYR E 102 -8.12 -7.91 3.52
CA TYR E 102 -8.38 -7.30 2.23
C TYR E 102 -7.72 -5.93 2.13
N GLY E 103 -6.40 -5.90 2.13
CA GLY E 103 -5.70 -4.62 2.06
C GLY E 103 -5.49 -4.22 0.59
N SER E 104 -6.29 -3.28 0.13
CA SER E 104 -6.22 -2.80 -1.25
C SER E 104 -6.60 -3.91 -2.22
N THR E 105 -7.84 -3.83 -2.71
CA THR E 105 -8.35 -4.81 -3.65
C THR E 105 -7.58 -4.74 -4.96
N GLY E 106 -7.47 -5.87 -5.63
CA GLY E 106 -6.74 -5.92 -6.91
C GLY E 106 -7.44 -6.83 -7.94
N GLY E 107 -8.31 -6.25 -8.77
CA GLY E 107 -9.01 -7.01 -9.77
C GLY E 107 -10.49 -6.62 -9.84
N TYR E 108 -10.96 -6.33 -11.04
CA TYR E 108 -12.36 -5.95 -11.24
C TYR E 108 -13.22 -7.19 -11.51
N GLY E 109 -13.17 -8.16 -10.62
CA GLY E 109 -13.96 -9.37 -10.78
C GLY E 109 -14.62 -9.79 -9.48
N SER E 110 -15.59 -8.99 -9.03
CA SER E 110 -16.30 -9.27 -7.79
C SER E 110 -15.33 -9.30 -6.60
N SER E 111 -15.41 -8.28 -5.77
CA SER E 111 -14.54 -8.19 -4.59
C SER E 111 -15.34 -7.73 -3.37
N GLN E 112 -15.93 -8.69 -2.66
CA GLN E 112 -16.75 -8.38 -1.49
C GLN E 112 -16.27 -9.17 -0.28
N SER E 113 -15.89 -8.47 0.78
CA SER E 113 -15.42 -9.13 1.99
C SER E 113 -15.75 -8.31 3.23
N SER E 114 -15.34 -8.83 4.39
CA SER E 114 -15.58 -8.15 5.66
C SER E 114 -14.46 -8.45 6.64
N GLN E 115 -14.07 -7.47 7.45
CA GLN E 115 -13.00 -7.68 8.41
C GLN E 115 -12.85 -6.50 9.36
N SER E 116 -11.83 -6.55 10.21
CA SER E 116 -11.58 -5.47 11.17
C SER E 116 -10.14 -5.53 11.69
N SER E 117 -9.75 -4.50 12.41
CA SER E 117 -8.42 -4.43 12.99
C SER E 117 -8.42 -3.64 14.29
N TYR E 118 -8.17 -4.32 15.40
CA TYR E 118 -8.16 -3.67 16.72
C TYR E 118 -6.80 -3.86 17.40
N GLY E 119 -5.94 -2.85 17.30
CA GLY E 119 -4.63 -2.92 17.93
C GLY E 119 -3.52 -2.55 16.94
N GLN E 120 -3.66 -1.39 16.31
CA GLN E 120 -2.67 -0.93 15.34
C GLN E 120 -1.67 0.02 16.00
N GLN E 121 -0.47 -0.47 16.27
CA GLN E 121 0.56 0.35 16.90
C GLN E 121 1.93 0.10 16.27
N SER E 122 2.73 1.15 16.14
CA SER E 122 4.06 1.03 15.55
C SER E 122 5.09 1.75 16.41
N SER E 123 6.08 1.00 16.91
CA SER E 123 7.12 1.57 17.74
C SER E 123 6.51 2.40 18.87
N TYR E 124 7.32 3.25 19.48
CA TYR E 124 6.85 4.08 20.58
C TYR E 124 7.85 5.20 20.88
N SER F 64 -17.12 -0.83 -20.18
CA SER F 64 -17.28 -2.07 -20.96
C SER F 64 -16.48 -1.97 -22.27
N TYR F 65 -16.40 -0.75 -22.80
CA TYR F 65 -15.66 -0.51 -24.04
C TYR F 65 -14.68 0.62 -23.87
N SER F 66 -13.50 0.48 -24.46
CA SER F 66 -12.47 1.51 -24.38
C SER F 66 -12.02 1.70 -22.93
N GLY F 67 -10.91 1.05 -22.58
CA GLY F 67 -10.38 1.15 -21.22
C GLY F 67 -8.99 1.79 -21.22
N TYR F 68 -8.69 2.52 -20.15
CA TYR F 68 -7.39 3.19 -20.04
C TYR F 68 -6.70 2.80 -18.74
N SER F 69 -5.53 3.38 -18.50
CA SER F 69 -4.77 3.09 -17.29
C SER F 69 -5.50 3.61 -16.06
N GLN F 70 -5.16 3.06 -14.90
CA GLN F 70 -5.79 3.48 -13.65
C GLN F 70 -4.94 3.07 -12.45
N SER F 71 -4.63 4.02 -11.59
CA SER F 71 -3.83 3.72 -10.40
C SER F 71 -4.40 4.40 -9.17
N THR F 72 -4.80 3.60 -8.19
CA THR F 72 -5.37 4.13 -6.96
C THR F 72 -4.54 3.72 -5.75
N ASP F 73 -4.24 4.70 -4.89
CA ASP F 73 -3.46 4.42 -3.69
C ASP F 73 -3.85 5.39 -2.57
N THR F 74 -4.21 4.84 -1.42
CA THR F 74 -4.60 5.70 -0.30
C THR F 74 -3.50 6.72 -0.02
N SER F 75 -2.29 6.22 0.19
CA SER F 75 -1.17 7.09 0.44
C SER F 75 0.00 6.67 -0.45
N GLY F 76 0.96 5.92 0.09
CA GLY F 76 2.08 5.46 -0.71
C GLY F 76 2.70 6.59 -1.51
N TYR F 77 3.04 7.68 -0.82
CA TYR F 77 3.65 8.83 -1.48
C TYR F 77 2.89 9.17 -2.77
N GLY F 78 3.51 10.00 -3.61
CA GLY F 78 2.87 10.39 -4.86
C GLY F 78 3.42 9.57 -6.02
N GLN F 79 4.74 9.56 -6.16
CA GLN F 79 5.38 8.81 -7.22
C GLN F 79 6.87 8.61 -6.91
N SER F 80 7.68 9.63 -7.20
CA SER F 80 9.11 9.54 -6.93
C SER F 80 9.60 10.76 -6.17
N SER F 81 10.28 10.51 -5.05
CA SER F 81 10.80 11.60 -4.23
C SER F 81 12.29 11.79 -4.50
N TYR F 82 12.67 13.00 -4.88
CA TYR F 82 14.06 13.30 -5.17
C TYR F 82 14.75 13.95 -3.98
N SER F 83 16.02 13.62 -3.78
CA SER F 83 16.79 14.17 -2.67
C SER F 83 18.27 13.83 -2.84
N SER F 84 18.69 13.63 -4.08
CA SER F 84 20.08 13.29 -4.37
C SER F 84 20.93 14.56 -4.50
N TYR F 85 22.22 14.36 -4.79
CA TYR F 85 23.14 15.49 -4.94
C TYR F 85 23.16 16.34 -3.68
N GLY F 86 23.21 15.69 -2.53
CA GLY F 86 23.25 16.41 -1.27
C GLY F 86 22.99 15.48 -0.09
N GLN F 87 22.93 16.04 1.11
CA GLN F 87 22.68 15.25 2.32
C GLN F 87 21.22 15.36 2.73
N SER F 88 20.35 15.63 1.76
CA SER F 88 18.92 15.76 2.03
C SER F 88 18.40 14.52 2.74
N GLN F 89 17.56 14.74 3.76
CA GLN F 89 17.00 13.63 4.51
C GLN F 89 15.63 13.24 3.95
N ASN F 90 15.60 12.14 3.21
CA ASN F 90 14.35 11.67 2.62
C ASN F 90 13.68 10.64 3.53
N THR F 91 12.67 11.08 4.27
CA THR F 91 11.95 10.21 5.18
C THR F 91 10.52 9.97 4.70
N GLY F 92 10.12 8.71 4.70
CA GLY F 92 8.77 8.35 4.26
C GLY F 92 7.72 9.01 5.16
N TYR F 93 6.52 8.45 5.15
CA TYR F 93 5.43 9.00 5.95
C TYR F 93 5.89 9.26 7.38
N GLY F 94 6.46 8.23 8.02
CA GLY F 94 6.94 8.37 9.39
C GLY F 94 6.04 7.64 10.39
N THR F 95 5.31 8.40 11.19
CA THR F 95 4.41 7.82 12.18
C THR F 95 2.96 8.02 11.76
N GLN F 96 2.32 6.99 11.24
CA GLN F 96 0.94 7.11 10.82
C GLN F 96 0.24 5.76 10.74
N SER F 97 -1.04 5.78 10.40
CA SER F 97 -1.81 4.55 10.28
C SER F 97 -2.59 4.53 8.97
N THR F 98 -2.35 3.52 8.16
CA THR F 98 -3.01 3.38 6.88
C THR F 98 -4.39 2.73 7.07
N PRO F 99 -5.20 2.64 6.03
CA PRO F 99 -6.55 2.03 6.11
C PRO F 99 -6.58 0.72 6.87
N GLN F 100 -7.79 0.22 7.08
CA GLN F 100 -8.01 -1.03 7.77
C GLN F 100 -9.27 -1.69 7.21
N GLY F 101 -9.09 -2.79 6.51
CA GLY F 101 -10.21 -3.48 5.89
C GLY F 101 -10.55 -2.80 4.57
N TYR F 102 -10.02 -3.33 3.47
CA TYR F 102 -10.27 -2.73 2.16
C TYR F 102 -9.62 -1.35 2.09
N GLY F 103 -8.29 -1.33 2.07
CA GLY F 103 -7.56 -0.06 2.00
C GLY F 103 -7.35 0.35 0.54
N SER F 104 -8.18 1.28 0.07
CA SER F 104 -8.08 1.75 -1.30
C SER F 104 -8.47 0.66 -2.29
N THR F 105 -9.71 0.73 -2.77
CA THR F 105 -10.21 -0.27 -3.71
C THR F 105 -9.43 -0.19 -5.02
N GLY F 106 -9.33 -1.32 -5.71
CA GLY F 106 -8.61 -1.38 -6.97
C GLY F 106 -9.31 -2.28 -7.98
N GLY F 107 -10.16 -1.70 -8.81
CA GLY F 107 -10.87 -2.48 -9.82
C GLY F 107 -12.34 -2.07 -9.90
N TYR F 108 -12.82 -1.80 -11.10
CA TYR F 108 -14.21 -1.42 -11.29
C TYR F 108 -15.09 -2.63 -11.58
N GLY F 109 -15.04 -3.62 -10.68
CA GLY F 109 -15.82 -4.83 -10.84
C GLY F 109 -16.49 -5.24 -9.53
N SER F 110 -17.45 -4.43 -9.08
CA SER F 110 -18.16 -4.72 -7.85
C SER F 110 -17.21 -4.74 -6.66
N SER F 111 -17.29 -3.71 -5.83
CA SER F 111 -16.43 -3.62 -4.65
C SER F 111 -17.23 -3.16 -3.45
N GLN F 112 -17.81 -4.12 -2.73
CA GLN F 112 -18.62 -3.80 -1.55
C GLN F 112 -18.15 -4.59 -0.34
N SER F 113 -17.78 -3.89 0.73
CA SER F 113 -17.31 -4.54 1.94
C SER F 113 -17.64 -3.72 3.18
N SER F 114 -17.23 -4.23 4.34
CA SER F 114 -17.48 -3.54 5.59
C SER F 114 -16.35 -3.85 6.58
N GLN F 115 -15.97 -2.86 7.39
CA GLN F 115 -14.89 -3.07 8.35
C GLN F 115 -14.74 -1.89 9.30
N SER F 116 -13.73 -1.94 10.16
CA SER F 116 -13.48 -0.86 11.11
C SER F 116 -12.06 -0.93 11.64
N SER F 117 -11.66 0.11 12.37
CA SER F 117 -10.32 0.17 12.94
C SER F 117 -10.32 0.98 14.24
N TYR F 118 -10.07 0.29 15.35
CA TYR F 118 -10.05 0.95 16.66
C TYR F 118 -8.70 0.76 17.34
N GLY F 119 -7.84 1.77 17.24
CA GLY F 119 -6.53 1.70 17.87
C GLY F 119 -5.42 2.06 16.88
N GLN F 120 -5.56 3.22 16.25
CA GLN F 120 -4.56 3.67 15.28
C GLN F 120 -3.57 4.63 15.95
N GLN F 121 -2.36 4.13 16.22
CA GLN F 121 -1.33 4.96 16.84
C GLN F 121 0.03 4.69 16.21
N SER F 122 0.83 5.75 16.09
CA SER F 122 2.16 5.62 15.51
C SER F 122 3.20 6.33 16.36
N SER F 123 4.18 5.58 16.85
CA SER F 123 5.22 6.16 17.70
C SER F 123 4.62 6.99 18.82
N TYR F 124 5.43 7.84 19.43
CA TYR F 124 4.96 8.68 20.53
C TYR F 124 5.97 9.79 20.82
N SER G 64 -18.95 3.70 -20.26
CA SER G 64 -19.12 2.45 -21.05
C SER G 64 -18.32 2.55 -22.34
N TYR G 65 -18.23 3.76 -22.87
CA TYR G 65 -17.49 3.99 -24.11
C TYR G 65 -16.50 5.13 -23.95
N SER G 66 -15.32 4.98 -24.55
CA SER G 66 -14.29 6.02 -24.46
C SER G 66 -13.84 6.20 -23.01
N GLY G 67 -12.74 5.55 -22.65
CA GLY G 67 -12.21 5.65 -21.29
C GLY G 67 -10.83 6.29 -21.29
N TYR G 68 -10.51 7.03 -20.23
CA TYR G 68 -9.23 7.69 -20.11
C TYR G 68 -8.53 7.30 -18.82
N SER G 69 -7.36 7.88 -18.57
CA SER G 69 -6.61 7.59 -17.36
C SER G 69 -7.33 8.13 -16.13
N GLN G 70 -7.01 7.58 -14.97
CA GLN G 70 -7.63 8.00 -13.72
C GLN G 70 -6.78 7.59 -12.53
N SER G 71 -6.48 8.54 -11.66
CA SER G 71 -5.67 8.25 -10.48
C SER G 71 -6.25 8.93 -9.24
N THR G 72 -6.65 8.12 -8.26
CA THR G 72 -7.22 8.67 -7.03
C THR G 72 -6.38 8.27 -5.82
N ASP G 73 -6.09 9.23 -4.97
CA ASP G 73 -5.31 8.96 -3.76
C ASP G 73 -5.70 9.93 -2.65
N THR G 74 -6.07 9.40 -1.49
CA THR G 74 -6.46 10.25 -0.38
C THR G 74 -5.37 11.27 -0.09
N SER G 75 -4.16 10.78 0.12
CA SER G 75 -3.02 11.64 0.36
C SER G 75 -1.85 11.22 -0.52
N GLY G 76 -0.89 10.47 0.03
CA GLY G 76 0.23 10.00 -0.78
C GLY G 76 0.85 11.13 -1.57
N TYR G 77 1.20 12.21 -0.89
CA TYR G 77 1.81 13.36 -1.56
C TYR G 77 1.05 13.70 -2.85
N GLY G 78 1.66 14.53 -3.68
CA GLY G 78 1.03 14.91 -4.94
C GLY G 78 1.58 14.09 -6.10
N GLN G 79 2.91 14.08 -6.23
CA GLN G 79 3.55 13.32 -7.29
C GLN G 79 5.04 13.13 -6.97
N SER G 80 5.85 14.14 -7.28
CA SER G 80 7.28 14.04 -7.01
C SER G 80 7.76 15.27 -6.23
N SER G 81 8.44 15.02 -5.12
CA SER G 81 8.97 16.11 -4.30
C SER G 81 10.45 16.29 -4.56
N TYR G 82 10.83 17.51 -4.95
CA TYR G 82 12.23 17.80 -5.24
C TYR G 82 12.92 18.46 -4.05
N SER G 83 14.19 18.11 -3.85
CA SER G 83 14.95 18.67 -2.74
C SER G 83 16.44 18.33 -2.90
N SER G 84 16.85 18.12 -4.15
CA SER G 84 18.25 17.79 -4.43
C SER G 84 19.10 19.04 -4.57
N TYR G 85 20.39 18.84 -4.85
CA TYR G 85 21.32 19.96 -5.01
C TYR G 85 21.34 20.83 -3.74
N GLY G 86 21.39 20.18 -2.59
CA GLY G 86 21.42 20.91 -1.33
C GLY G 86 21.16 19.98 -0.15
N GLN G 87 21.09 20.55 1.05
CA GLN G 87 20.84 19.76 2.25
C GLN G 87 19.37 19.87 2.66
N SER G 88 18.52 20.15 1.69
CA SER G 88 17.09 20.27 1.97
C SER G 88 16.56 19.04 2.68
N GLN G 89 15.72 19.26 3.68
CA GLN G 89 15.15 18.15 4.45
C GLN G 89 13.79 17.77 3.88
N ASN G 90 13.75 16.66 3.14
CA ASN G 90 12.50 16.19 2.55
C ASN G 90 11.83 15.18 3.47
N THR G 91 10.82 15.62 4.20
CA THR G 91 10.11 14.75 5.12
C THR G 91 8.68 14.51 4.64
N GLY G 92 8.26 13.25 4.64
CA GLY G 92 6.92 12.89 4.20
C GLY G 92 5.87 13.56 5.09
N TYR G 93 4.66 13.01 5.08
CA TYR G 93 3.58 13.55 5.89
C TYR G 93 4.03 13.81 7.32
N GLY G 94 4.59 12.79 7.96
CA GLY G 94 5.07 12.93 9.33
C GLY G 94 4.18 12.20 10.32
N THR G 95 3.44 12.97 11.11
CA THR G 95 2.54 12.39 12.11
C THR G 95 1.08 12.61 11.69
N GLN G 96 0.45 11.56 11.17
CA GLN G 96 -0.93 11.69 10.75
C GLN G 96 -1.63 10.34 10.67
N SER G 97 -2.91 10.36 10.33
CA SER G 97 -3.69 9.13 10.22
C SER G 97 -4.46 9.11 8.91
N THR G 98 -4.21 8.10 8.09
CA THR G 98 -4.89 7.96 6.80
C THR G 98 -6.26 7.31 7.00
N PRO G 99 -7.07 7.22 5.96
CA PRO G 99 -8.42 6.62 6.04
C PRO G 99 -8.45 5.30 6.80
N GLN G 100 -9.67 4.81 7.01
CA GLN G 100 -9.89 3.56 7.71
C GLN G 100 -11.15 2.90 7.15
N GLY G 101 -10.97 1.79 6.44
CA GLY G 101 -12.09 1.10 5.84
C GLY G 101 -12.43 1.78 4.51
N TYR G 102 -11.89 1.25 3.41
CA TYR G 102 -12.14 1.84 2.10
C TYR G 102 -11.48 3.22 2.02
N GLY G 103 -10.16 3.24 2.01
CA GLY G 103 -9.43 4.51 1.93
C GLY G 103 -9.22 4.92 0.48
N SER G 104 -10.04 5.84 0.00
CA SER G 104 -9.94 6.32 -1.37
C SER G 104 -10.33 5.22 -2.36
N THR G 105 -11.57 5.29 -2.84
CA THR G 105 -12.07 4.30 -3.78
C THR G 105 -11.29 4.36 -5.09
N GLY G 106 -11.20 3.22 -5.77
CA GLY G 106 -10.46 3.17 -7.04
C GLY G 106 -11.17 2.25 -8.04
N GLY G 107 -12.02 2.84 -8.88
CA GLY G 107 -12.73 2.07 -9.89
C GLY G 107 -14.20 2.48 -9.95
N TYR G 108 -14.67 2.73 -11.17
CA TYR G 108 -16.07 3.13 -11.36
C TYR G 108 -16.94 1.90 -11.65
N GLY G 109 -16.89 0.93 -10.74
CA GLY G 109 -17.69 -0.29 -10.90
C GLY G 109 -18.35 -0.68 -9.59
N SER G 110 -19.32 0.13 -9.15
CA SER G 110 -20.03 -0.15 -7.91
C SER G 110 -19.07 -0.18 -6.73
N SER G 111 -19.15 0.85 -5.90
CA SER G 111 -18.29 0.94 -4.72
C SER G 111 -19.10 1.42 -3.52
N GLN G 112 -19.68 0.46 -2.80
CA GLN G 112 -20.50 0.78 -1.63
C GLN G 112 -20.03 -0.01 -0.40
N SER G 113 -19.65 0.71 0.66
CA SER G 113 -19.19 0.05 1.86
C SER G 113 -19.52 0.87 3.10
N SER G 114 -19.11 0.37 4.27
CA SER G 114 -19.36 1.06 5.53
C SER G 114 -18.24 0.76 6.52
N GLN G 115 -17.85 1.73 7.32
CA GLN G 115 -16.78 1.53 8.29
C GLN G 115 -16.63 2.72 9.23
N SER G 116 -15.62 2.67 10.08
CA SER G 116 -15.37 3.75 11.03
C SER G 116 -13.94 3.68 11.57
N SER G 117 -13.55 4.73 12.30
CA SER G 117 -12.20 4.78 12.87
C SER G 117 -12.21 5.59 14.16
N TYR G 118 -11.97 4.90 15.28
CA TYR G 118 -11.94 5.57 16.58
C TYR G 118 -10.60 5.38 17.27
N GLY G 119 -9.74 6.39 17.17
CA GLY G 119 -8.43 6.31 17.80
C GLY G 119 -7.31 6.67 16.81
N GLN G 120 -7.44 7.83 16.18
CA GLN G 120 -6.44 8.27 15.22
C GLN G 120 -5.45 9.23 15.87
N GLN G 121 -4.25 8.73 16.14
CA GLN G 121 -3.22 9.56 16.78
C GLN G 121 -1.86 9.29 16.15
N SER G 122 -1.04 10.34 16.02
CA SER G 122 0.28 10.21 15.43
C SER G 122 1.32 10.93 16.30
N SER G 123 2.29 10.17 16.79
CA SER G 123 3.34 10.75 17.63
C SER G 123 2.73 11.59 18.75
N TYR G 124 3.55 12.44 19.36
CA TYR G 124 3.08 13.28 20.46
C TYR G 124 4.08 14.39 20.74
N SER H 64 -20.78 8.22 -20.36
CA SER H 64 -20.94 6.97 -21.14
C SER H 64 -20.15 7.07 -22.43
N TYR H 65 -20.05 8.28 -22.97
CA TYR H 65 -19.31 8.50 -24.21
C TYR H 65 -18.32 9.65 -24.04
N SER H 66 -17.14 9.49 -24.65
CA SER H 66 -16.11 10.51 -24.55
C SER H 66 -15.65 10.70 -23.11
N GLY H 67 -14.55 10.05 -22.74
CA GLY H 67 -14.03 10.16 -21.38
C GLY H 67 -12.65 10.80 -21.39
N TYR H 68 -12.33 11.53 -20.32
CA TYR H 68 -11.04 12.19 -20.21
C TYR H 68 -10.35 11.81 -18.91
N SER H 69 -9.18 12.39 -18.66
CA SER H 69 -8.43 12.10 -17.45
C SER H 69 -9.16 12.64 -16.22
N GLN H 70 -8.83 12.09 -15.06
CA GLN H 70 -9.46 12.53 -13.81
C GLN H 70 -8.61 12.11 -12.61
N SER H 71 -8.30 13.06 -11.75
CA SER H 71 -7.50 12.78 -10.56
C SER H 71 -8.09 13.47 -9.33
N THR H 72 -8.49 12.67 -8.35
CA THR H 72 -9.06 13.21 -7.12
C THR H 72 -8.23 12.80 -5.91
N ASP H 73 -7.93 13.78 -5.06
CA ASP H 73 -7.16 13.51 -3.85
C ASP H 73 -7.55 14.48 -2.75
N THR H 74 -7.91 13.95 -1.58
CA THR H 74 -8.29 14.81 -0.47
C THR H 74 -7.21 15.83 -0.19
N SER H 75 -6.00 15.33 0.02
CA SER H 75 -4.86 16.19 0.27
C SER H 75 -3.69 15.76 -0.62
N GLY H 76 -2.74 15.02 -0.06
CA GLY H 76 -1.61 14.54 -0.86
C GLY H 76 -1.00 15.67 -1.66
N TYR H 77 -0.65 16.76 -0.98
CA TYR H 77 -0.03 17.90 -1.65
C TYR H 77 -0.78 18.23 -2.94
N GLY H 78 -0.16 19.07 -3.78
CA GLY H 78 -0.79 19.45 -5.04
C GLY H 78 -0.25 18.62 -6.20
N GLN H 79 1.08 18.60 -6.32
CA GLN H 79 1.73 17.84 -7.38
C GLN H 79 3.21 17.64 -7.05
N SER H 80 4.02 18.64 -7.36
CA SER H 80 5.45 18.55 -7.09
C SER H 80 5.94 19.78 -6.32
N SER H 81 6.62 19.54 -5.21
CA SER H 81 7.14 20.62 -4.39
C SER H 81 8.63 20.81 -4.65
N TYR H 82 9.01 22.02 -5.04
CA TYR H 82 10.41 22.31 -5.33
C TYR H 82 11.09 22.97 -4.14
N SER H 83 12.36 22.62 -3.94
CA SER H 83 13.14 23.18 -2.83
C SER H 83 14.61 22.83 -2.98
N SER H 84 15.04 22.63 -4.23
CA SER H 84 16.42 22.28 -4.52
C SER H 84 17.29 23.54 -4.65
N TYR H 85 18.56 23.34 -4.93
CA TYR H 85 19.50 24.45 -5.09
C TYR H 85 19.52 25.32 -3.83
N GLY H 86 19.57 24.68 -2.66
CA GLY H 86 19.60 25.41 -1.40
C GLY H 86 19.34 24.47 -0.23
N GLN H 87 19.26 25.05 0.96
CA GLN H 87 19.02 24.27 2.17
C GLN H 87 17.55 24.38 2.58
N SER H 88 16.69 24.65 1.60
CA SER H 88 15.26 24.79 1.87
C SER H 88 14.73 23.56 2.59
N GLN H 89 13.89 23.78 3.60
CA GLN H 89 13.31 22.68 4.36
C GLN H 89 11.95 22.30 3.79
N ASN H 90 11.91 21.19 3.05
CA ASN H 90 10.66 20.72 2.47
C ASN H 90 9.99 19.71 3.39
N THR H 91 8.97 20.16 4.12
CA THR H 91 8.26 19.28 5.03
C THR H 91 6.83 19.05 4.56
N GLY H 92 6.42 17.79 4.55
CA GLY H 92 5.06 17.44 4.12
C GLY H 92 4.02 18.10 5.00
N TYR H 93 2.81 17.56 4.99
CA TYR H 93 1.73 18.11 5.79
C TYR H 93 2.19 18.37 7.23
N GLY H 94 2.74 17.35 7.87
CA GLY H 94 3.22 17.49 9.24
C GLY H 94 2.32 16.77 10.23
N THR H 95 1.58 17.55 11.02
CA THR H 95 0.68 16.97 12.01
C THR H 95 -0.77 17.19 11.59
N GLN H 96 -1.41 16.14 11.08
CA GLN H 96 -2.80 16.27 10.65
C GLN H 96 -3.50 14.92 10.58
N SER H 97 -4.78 14.94 10.24
CA SER H 97 -5.55 13.72 10.13
C SER H 97 -6.32 13.70 8.81
N THR H 98 -6.08 12.67 8.00
CA THR H 98 -6.75 12.54 6.72
C THR H 98 -8.12 11.89 6.91
N PRO H 99 -8.92 11.80 5.88
CA PRO H 99 -10.29 11.20 5.96
C PRO H 99 -10.32 9.89 6.72
N GLN H 100 -11.53 9.40 6.93
CA GLN H 100 -11.76 8.14 7.63
C GLN H 100 -13.02 7.50 7.07
N GLY H 101 -12.84 6.38 6.37
CA GLY H 101 -13.97 5.69 5.75
C GLY H 101 -14.30 6.37 4.43
N TYR H 102 -13.77 5.83 3.34
CA TYR H 102 -14.01 6.42 2.02
C TYR H 102 -13.35 7.80 1.94
N GLY H 103 -12.02 7.82 1.92
CA GLY H 103 -11.30 9.08 1.85
C GLY H 103 -11.08 9.48 0.39
N SER H 104 -11.90 10.41 -0.08
CA SER H 104 -11.79 10.88 -1.47
C SER H 104 -12.19 9.78 -2.45
N THR H 105 -13.42 9.84 -2.93
CA THR H 105 -13.93 8.86 -3.87
C THR H 105 -13.15 8.91 -5.18
N GLY H 106 -13.04 7.77 -5.85
CA GLY H 106 -12.31 7.72 -7.12
C GLY H 106 -13.01 6.80 -8.13
N GLY H 107 -13.87 7.39 -8.96
CA GLY H 107 -14.58 6.61 -9.97
C GLY H 107 -16.05 7.01 -10.04
N TYR H 108 -16.51 7.28 -11.26
CA TYR H 108 -17.91 7.67 -11.45
C TYR H 108 -18.78 6.46 -11.73
N GLY H 109 -18.74 5.48 -10.83
CA GLY H 109 -19.53 4.27 -10.99
C GLY H 109 -20.21 3.87 -9.68
N SER H 110 -21.16 4.69 -9.24
CA SER H 110 -21.89 4.41 -8.00
C SER H 110 -20.93 4.39 -6.82
N SER H 111 -21.00 5.42 -5.98
CA SER H 111 -20.15 5.52 -4.81
C SER H 111 -20.96 5.99 -3.61
N GLN H 112 -21.55 5.04 -2.88
CA GLN H 112 -22.36 5.37 -1.71
C GLN H 112 -21.90 4.58 -0.49
N SER H 113 -21.52 5.29 0.56
CA SER H 113 -21.06 4.64 1.78
C SER H 113 -21.38 5.47 3.02
N SER H 114 -20.99 4.97 4.18
CA SER H 114 -21.24 5.67 5.44
C SER H 114 -20.12 5.36 6.43
N GLN H 115 -19.73 6.35 7.22
CA GLN H 115 -18.66 6.14 8.20
C GLN H 115 -18.51 7.33 9.14
N SER H 116 -17.49 7.28 10.00
CA SER H 116 -17.24 8.36 10.94
C SER H 116 -15.82 8.29 11.49
N SER H 117 -15.42 9.33 12.21
CA SER H 117 -14.09 9.39 12.77
C SER H 117 -14.08 10.20 14.07
N TYR H 118 -13.85 9.53 15.18
CA TYR H 118 -13.82 10.19 16.49
C TYR H 118 -12.48 9.99 17.18
N GLY H 119 -11.62 11.00 17.08
CA GLY H 119 -10.31 10.92 17.71
C GLY H 119 -9.20 11.28 16.73
N GLN H 120 -9.32 12.45 16.09
CA GLN H 120 -8.32 12.89 15.12
C GLN H 120 -7.33 13.83 15.78
N GLN H 121 -6.13 13.33 16.05
CA GLN H 121 -5.09 14.16 16.68
C GLN H 121 -3.73 13.89 16.05
N SER H 122 -2.91 14.94 15.93
CA SER H 122 -1.59 14.80 15.35
C SER H 122 -0.55 15.52 16.21
N SER H 123 0.42 14.77 16.71
CA SER H 123 1.46 15.34 17.55
C SER H 123 0.86 16.18 18.67
N TYR H 124 1.68 17.03 19.27
CA TYR H 124 1.21 17.89 20.36
C TYR H 124 2.22 19.00 20.65
N SER I 64 -22.59 12.75 -20.47
CA SER I 64 -22.77 11.50 -21.25
C SER I 64 -21.96 11.59 -22.54
N TYR I 65 -21.87 12.80 -23.08
CA TYR I 65 -21.12 13.01 -24.32
C TYR I 65 -20.13 14.16 -24.16
N SER I 66 -18.95 13.99 -24.75
CA SER I 66 -17.91 15.02 -24.67
C SER I 66 -17.46 15.21 -23.22
N GLY I 67 -16.37 14.56 -22.85
CA GLY I 67 -15.84 14.67 -21.49
C GLY I 67 -14.45 15.30 -21.49
N TYR I 68 -14.14 16.04 -20.44
CA TYR I 68 -12.85 16.70 -20.32
C TYR I 68 -12.16 16.31 -19.01
N SER I 69 -10.99 16.90 -18.77
CA SER I 69 -10.24 16.61 -17.56
C SER I 69 -10.97 17.16 -16.34
N GLN I 70 -10.65 16.61 -15.17
CA GLN I 70 -11.27 17.05 -13.93
C GLN I 70 -10.43 16.64 -12.72
N SER I 71 -10.12 17.60 -11.86
CA SER I 71 -9.32 17.32 -10.67
C SER I 71 -9.91 18.00 -9.44
N THR I 72 -10.30 17.21 -8.46
CA THR I 72 -10.88 17.75 -7.24
C THR I 72 -10.05 17.34 -6.02
N ASP I 73 -9.76 18.32 -5.16
CA ASP I 73 -8.99 18.06 -3.96
C ASP I 73 -9.38 19.04 -2.86
N THR I 74 -9.74 18.51 -1.69
CA THR I 74 -10.13 19.37 -0.58
C THR I 74 -9.03 20.38 -0.30
N SER I 75 -7.83 19.88 -0.09
CA SER I 75 -6.69 20.76 0.16
C SER I 75 -5.52 20.33 -0.72
N GLY I 76 -4.57 19.57 -0.17
CA GLY I 76 -3.45 19.09 -0.96
C GLY I 76 -2.82 20.22 -1.77
N TYR I 77 -2.48 21.31 -1.09
CA TYR I 77 -1.86 22.45 -1.76
C TYR I 77 -2.61 22.78 -3.05
N GLY I 78 -1.99 23.60 -3.90
CA GLY I 78 -2.62 23.98 -5.16
C GLY I 78 -2.06 23.15 -6.30
N GLN I 79 -0.75 23.13 -6.43
CA GLN I 79 -0.09 22.37 -7.49
C GLN I 79 1.38 22.17 -7.17
N SER I 80 2.21 23.16 -7.46
CA SER I 80 3.63 23.07 -7.19
C SER I 80 4.12 24.29 -6.42
N SER I 81 4.80 24.05 -5.31
CA SER I 81 5.32 25.14 -4.49
C SER I 81 6.81 25.33 -4.75
N TYR I 82 7.20 26.53 -5.15
CA TYR I 82 8.60 26.82 -5.44
C TYR I 82 9.29 27.48 -4.24
N SER I 83 10.55 27.13 -4.04
CA SER I 83 11.32 27.68 -2.93
C SER I 83 12.80 27.33 -3.08
N SER I 84 13.23 27.13 -4.33
CA SER I 84 14.61 26.78 -4.61
C SER I 84 15.47 28.03 -4.75
N TYR I 85 16.75 27.83 -5.03
CA TYR I 85 17.69 28.94 -5.19
C TYR I 85 17.71 29.82 -3.93
N GLY I 86 17.76 29.18 -2.78
CA GLY I 86 17.79 29.91 -1.52
C GLY I 86 17.52 28.98 -0.33
N GLN I 87 17.45 29.56 0.87
CA GLN I 87 17.19 28.78 2.06
C GLN I 87 15.73 28.90 2.47
N SER I 88 14.87 29.17 1.51
CA SER I 88 13.45 29.32 1.77
C SER I 88 12.90 28.08 2.49
N GLN I 89 12.07 28.32 3.49
CA GLN I 89 11.49 27.22 4.25
C GLN I 89 10.12 26.84 3.69
N ASN I 90 10.08 25.72 2.96
CA ASN I 90 8.84 25.25 2.37
C ASN I 90 8.16 24.24 3.29
N THR I 91 7.15 24.70 4.02
CA THR I 91 6.43 23.82 4.94
C THR I 91 5.00 23.59 4.45
N GLY I 92 4.58 22.32 4.46
CA GLY I 92 3.23 21.98 4.02
C GLY I 92 2.19 22.65 4.90
N TYR I 93 0.98 22.11 4.89
CA TYR I 93 -0.11 22.67 5.69
C TYR I 93 0.35 22.92 7.12
N GLY I 94 0.90 21.90 7.77
CA GLY I 94 1.38 22.06 9.14
C GLY I 94 0.47 21.34 10.13
N THR I 95 -0.27 22.12 10.92
CA THR I 95 -1.17 21.55 11.91
C THR I 95 -2.62 21.76 11.49
N GLN I 96 -3.27 20.73 10.97
CA GLN I 96 -4.65 20.86 10.55
C GLN I 96 -5.35 19.52 10.47
N SER I 97 -6.63 19.55 10.13
CA SER I 97 -7.41 18.32 10.02
C SER I 97 -8.18 18.30 8.70
N THR I 98 -7.94 17.26 7.90
CA THR I 98 -8.60 17.12 6.61
C THR I 98 -9.98 16.49 6.82
N PRO I 99 -10.78 16.40 5.77
CA PRO I 99 -12.15 15.81 5.85
C PRO I 99 -12.19 14.50 6.62
N GLN I 100 -13.40 14.00 6.83
CA GLN I 100 -13.63 12.76 7.53
C GLN I 100 -14.88 12.10 6.97
N GLY I 101 -14.71 10.98 6.27
CA GLY I 101 -15.83 10.30 5.66
C GLY I 101 -16.16 10.96 4.33
N TYR I 102 -15.64 10.42 3.24
CA TYR I 102 -15.86 11.00 1.93
C TYR I 102 -15.21 12.37 1.83
N GLY I 103 -13.87 12.40 1.83
CA GLY I 103 -13.15 13.66 1.75
C GLY I 103 -12.93 14.06 0.30
N SER I 104 -13.75 14.99 -0.19
CA SER I 104 -13.63 15.46 -1.57
C SER I 104 -14.03 14.35 -2.55
N THR I 105 -15.26 14.42 -3.03
CA THR I 105 -15.77 13.42 -3.97
C THR I 105 -14.98 13.46 -5.28
N GLY I 106 -14.89 12.32 -5.95
CA GLY I 106 -14.15 12.26 -7.21
C GLY I 106 -14.85 11.35 -8.22
N GLY I 107 -15.70 11.93 -9.06
CA GLY I 107 -16.41 11.16 -10.07
C GLY I 107 -17.88 11.57 -10.14
N TYR I 108 -18.35 11.82 -11.36
CA TYR I 108 -19.74 12.22 -11.56
C TYR I 108 -20.62 10.99 -11.84
N GLY I 109 -20.57 10.02 -10.92
CA GLY I 109 -21.37 8.82 -11.08
C GLY I 109 -22.05 8.44 -9.77
N SER I 110 -23.01 9.25 -9.34
CA SER I 110 -23.73 8.99 -8.10
C SER I 110 -22.78 8.96 -6.91
N SER I 111 -22.85 10.00 -6.09
CA SER I 111 -22.00 10.10 -4.91
C SER I 111 -22.81 10.57 -3.71
N GLN I 112 -23.41 9.63 -2.99
CA GLN I 112 -24.22 9.97 -1.82
C GLN I 112 -23.76 9.18 -0.60
N SER I 113 -23.38 9.89 0.46
CA SER I 113 -22.92 9.24 1.67
C SER I 113 -23.24 10.08 2.91
N SER I 114 -22.85 9.59 4.07
CA SER I 114 -23.10 10.28 5.33
C SER I 114 -21.98 9.97 6.33
N GLN I 115 -21.60 10.96 7.12
CA GLN I 115 -20.53 10.76 8.10
C GLN I 115 -20.38 11.96 9.02
N SER I 116 -19.38 11.90 9.89
CA SER I 116 -19.13 12.98 10.84
C SER I 116 -17.70 12.92 11.37
N SER I 117 -17.30 13.97 12.09
CA SER I 117 -15.95 14.01 12.66
C SER I 117 -15.96 14.82 13.97
N TYR I 118 -15.71 14.14 15.08
CA TYR I 118 -15.69 14.81 16.38
C TYR I 118 -14.35 14.60 17.07
N GLY I 119 -13.49 15.62 16.98
CA GLY I 119 -12.18 15.55 17.61
C GLY I 119 -11.06 15.91 16.62
N GLN I 120 -11.19 17.06 15.98
CA GLN I 120 -10.18 17.50 15.02
C GLN I 120 -9.19 18.45 15.67
N GLN I 121 -7.99 17.95 15.95
CA GLN I 121 -6.95 18.78 16.58
C GLN I 121 -5.60 18.50 15.95
N SER I 122 -4.78 19.54 15.83
CA SER I 122 -3.45 19.40 15.25
C SER I 122 -2.41 20.13 16.10
N SER I 123 -1.44 19.37 16.61
CA SER I 123 -0.40 19.95 17.45
C SER I 123 -1.00 20.79 18.56
N TYR I 124 -0.19 21.64 19.17
CA TYR I 124 -0.66 22.51 20.26
C TYR I 124 0.35 23.60 20.54
N SER A 64 -13.61 -24.71 -19.12
CA SER A 64 -12.24 -24.99 -19.62
C SER A 64 -11.25 -24.03 -18.97
N TYR A 65 -10.21 -24.59 -18.34
CA TYR A 65 -9.21 -23.78 -17.67
C TYR A 65 -7.88 -23.84 -18.43
N SER A 66 -7.49 -22.72 -19.02
CA SER A 66 -6.23 -22.66 -19.77
C SER A 66 -5.61 -21.28 -19.68
N GLY A 67 -4.61 -21.13 -18.82
CA GLY A 67 -3.93 -19.86 -18.64
C GLY A 67 -2.92 -19.92 -17.50
N TYR A 68 -2.36 -18.77 -17.15
CA TYR A 68 -1.38 -18.70 -16.07
C TYR A 68 -0.12 -19.49 -16.43
N SER A 69 1.03 -19.02 -15.97
CA SER A 69 2.29 -19.70 -16.25
C SER A 69 3.48 -18.91 -15.69
N GLN A 70 3.90 -19.26 -14.49
CA GLN A 70 5.02 -18.57 -13.85
C GLN A 70 5.31 -19.15 -12.47
N SER A 71 6.55 -19.00 -12.01
CA SER A 71 6.94 -19.52 -10.71
C SER A 71 6.24 -18.79 -9.58
N THR A 72 5.78 -19.54 -8.58
CA THR A 72 5.10 -18.97 -7.42
C THR A 72 5.85 -19.30 -6.15
N ASP A 73 6.12 -18.29 -5.33
CA ASP A 73 6.85 -18.53 -4.08
C ASP A 73 6.36 -17.59 -2.98
N THR A 74 5.94 -18.15 -1.86
CA THR A 74 5.44 -17.34 -0.75
C THR A 74 6.59 -16.61 -0.04
N SER A 75 7.61 -17.35 0.35
CA SER A 75 8.74 -16.78 1.04
C SER A 75 10.06 -17.26 0.43
N GLY A 76 11.17 -16.80 0.99
CA GLY A 76 12.48 -17.20 0.51
C GLY A 76 12.82 -16.51 -0.80
N TYR A 77 13.05 -15.19 -0.73
CA TYR A 77 13.41 -14.37 -1.89
C TYR A 77 12.77 -14.89 -3.18
N GLY A 78 11.45 -14.73 -3.31
CA GLY A 78 10.75 -15.19 -4.49
C GLY A 78 11.14 -14.35 -5.69
N GLN A 79 12.12 -14.85 -6.46
CA GLN A 79 12.58 -14.13 -7.64
C GLN A 79 13.30 -12.85 -7.22
N SER A 80 14.60 -12.95 -6.99
CA SER A 80 15.38 -11.80 -6.57
C SER A 80 16.85 -11.98 -6.93
N SER A 81 17.53 -10.88 -7.21
CA SER A 81 18.94 -10.94 -7.58
C SER A 81 19.73 -9.86 -6.84
N TYR A 82 20.91 -10.23 -6.34
CA TYR A 82 21.75 -9.27 -5.62
C TYR A 82 22.99 -8.94 -6.44
N SER A 83 23.00 -7.74 -7.01
CA SER A 83 24.14 -7.31 -7.82
C SER A 83 24.76 -6.04 -7.24
N SER A 84 24.55 -5.82 -5.95
CA SER A 84 25.10 -4.64 -5.29
C SER A 84 26.61 -4.75 -5.16
N TYR A 85 27.29 -3.60 -5.14
CA TYR A 85 28.74 -3.57 -5.04
C TYR A 85 29.16 -3.01 -3.68
N GLY A 86 30.10 -3.69 -3.03
CA GLY A 86 30.58 -3.24 -1.73
C GLY A 86 29.57 -3.55 -0.63
N GLN A 87 29.74 -4.70 0.02
CA GLN A 87 28.84 -5.10 1.09
C GLN A 87 29.62 -5.72 2.24
N SER A 88 29.15 -5.51 3.46
CA SER A 88 29.82 -6.06 4.64
C SER A 88 28.81 -6.68 5.60
N GLN A 89 29.21 -7.76 6.25
CA GLN A 89 28.33 -8.45 7.20
C GLN A 89 26.95 -8.69 6.59
N ASN A 90 26.92 -9.41 5.47
CA ASN A 90 25.66 -9.70 4.81
C ASN A 90 24.91 -10.80 5.55
N THR A 91 23.62 -10.58 5.78
CA THR A 91 22.81 -11.55 6.49
C THR A 91 21.48 -11.78 5.78
N GLY A 92 21.10 -13.04 5.64
CA GLY A 92 19.85 -13.39 4.98
C GLY A 92 18.66 -12.89 5.80
N TYR A 93 17.49 -13.47 5.54
CA TYR A 93 16.27 -13.08 6.25
C TYR A 93 16.52 -12.98 7.76
N GLY A 94 16.88 -14.11 8.36
CA GLY A 94 17.14 -14.14 9.80
C GLY A 94 16.03 -14.86 10.54
N THR A 95 15.07 -14.09 11.05
CA THR A 95 13.95 -14.66 11.78
C THR A 95 12.63 -14.40 11.05
N GLN A 96 12.04 -15.47 10.54
CA GLN A 96 10.78 -15.36 9.82
C GLN A 96 10.08 -16.70 9.74
N SER A 97 8.79 -16.72 10.05
CA SER A 97 8.02 -17.96 10.00
C SER A 97 7.10 -17.99 8.79
N THR A 98 7.23 -19.04 7.99
CA THR A 98 6.41 -19.20 6.79
C THR A 98 5.06 -19.81 7.17
N PRO A 99 4.14 -19.91 6.22
CA PRO A 99 2.78 -20.48 6.48
C PRO A 99 2.81 -21.83 7.19
N GLN A 100 1.62 -22.36 7.42
CA GLN A 100 1.46 -23.64 8.09
C GLN A 100 0.27 -24.37 7.48
N GLY A 101 0.56 -25.46 6.78
CA GLY A 101 -0.50 -26.23 6.14
C GLY A 101 -0.17 -26.47 4.66
N TYR A 102 -0.50 -25.48 3.82
CA TYR A 102 -0.21 -25.60 2.39
C TYR A 102 1.01 -24.78 2.01
N GLY A 103 1.01 -23.49 2.37
CA GLY A 103 2.13 -22.63 2.06
C GLY A 103 2.27 -22.46 0.54
N SER A 104 2.18 -21.22 0.07
CA SER A 104 2.29 -20.95 -1.36
C SER A 104 1.37 -21.87 -2.14
N THR A 105 0.13 -21.44 -2.34
CA THR A 105 -0.83 -22.25 -3.08
C THR A 105 -0.55 -22.22 -4.57
N GLY A 106 0.07 -23.28 -5.07
CA GLY A 106 0.38 -23.38 -6.48
C GLY A 106 -0.47 -24.45 -7.14
N GLY A 107 0.06 -25.09 -8.17
CA GLY A 107 -0.68 -26.14 -8.86
C GLY A 107 -2.09 -25.67 -9.21
N TYR A 108 -2.19 -24.79 -10.20
CA TYR A 108 -3.48 -24.25 -10.62
C TYR A 108 -4.46 -25.37 -10.95
N GLY A 109 -5.72 -25.18 -10.59
CA GLY A 109 -6.74 -26.18 -10.85
C GLY A 109 -7.79 -26.20 -9.74
N SER A 110 -7.32 -26.22 -8.50
CA SER A 110 -8.21 -26.24 -7.34
C SER A 110 -7.42 -26.49 -6.06
N SER A 111 -7.70 -25.69 -5.03
CA SER A 111 -7.02 -25.84 -3.76
C SER A 111 -8.02 -25.72 -2.61
N GLN A 112 -8.46 -26.88 -2.11
CA GLN A 112 -9.44 -26.91 -1.02
C GLN A 112 -8.81 -27.56 0.21
N SER A 113 -8.34 -26.73 1.15
CA SER A 113 -7.72 -27.26 2.36
C SER A 113 -8.04 -26.39 3.57
N SER A 114 -7.79 -26.94 4.76
CA SER A 114 -8.04 -26.22 6.02
C SER A 114 -6.93 -26.56 7.01
N GLN A 115 -6.15 -25.56 7.41
CA GLN A 115 -5.04 -25.78 8.33
C GLN A 115 -4.94 -24.65 9.35
N SER A 116 -3.93 -24.74 10.22
CA SER A 116 -3.73 -23.71 11.24
C SER A 116 -2.38 -23.91 11.92
N SER A 117 -2.03 -22.97 12.81
CA SER A 117 -0.76 -23.04 13.53
C SER A 117 -0.91 -22.46 14.93
N TYR A 118 -0.18 -23.00 15.89
CA TYR A 118 -0.25 -22.52 17.27
C TYR A 118 1.01 -21.74 17.64
N GLY A 119 2.10 -22.46 17.91
CA GLY A 119 3.36 -21.84 18.29
C GLY A 119 4.28 -21.69 17.09
N GLN A 120 3.90 -20.82 16.16
CA GLN A 120 4.70 -20.58 14.96
C GLN A 120 5.56 -19.33 15.14
N GLN A 121 6.88 -19.50 15.12
CA GLN A 121 7.77 -18.37 15.28
C GLN A 121 9.22 -18.73 14.97
N SER A 122 10.02 -17.73 14.61
CA SER A 122 11.42 -17.96 14.30
C SER A 122 12.32 -17.28 15.32
N SER A 123 13.34 -18.00 15.78
CA SER A 123 14.27 -17.46 16.77
C SER A 123 13.53 -17.09 18.05
N TYR A 124 14.19 -16.31 18.90
CA TYR A 124 13.57 -15.89 20.16
C TYR A 124 14.51 -14.97 20.93
N SER B 64 -15.53 -20.13 -19.18
CA SER B 64 -14.16 -20.42 -19.67
C SER B 64 -13.17 -19.48 -19.00
N TYR B 65 -12.15 -20.03 -18.37
CA TYR B 65 -11.13 -19.22 -17.70
C TYR B 65 -9.80 -19.30 -18.46
N SER B 66 -9.40 -18.17 -19.05
CA SER B 66 -8.15 -18.14 -19.80
C SER B 66 -7.52 -16.75 -19.71
N GLY B 67 -6.52 -16.61 -18.84
CA GLY B 67 -5.84 -15.33 -18.67
C GLY B 67 -4.83 -15.40 -17.52
N TYR B 68 -4.26 -14.25 -17.17
CA TYR B 68 -3.28 -14.18 -16.09
C TYR B 68 -2.03 -14.99 -16.44
N SER B 69 -0.88 -14.52 -15.98
CA SER B 69 0.38 -15.20 -16.25
C SER B 69 1.56 -14.41 -15.69
N GLN B 70 1.98 -14.75 -14.48
CA GLN B 70 3.10 -14.08 -13.84
C GLN B 70 3.37 -14.65 -12.46
N SER B 71 4.61 -14.50 -12.00
CA SER B 71 5.00 -15.03 -10.69
C SER B 71 4.30 -14.28 -9.55
N THR B 72 3.84 -15.05 -8.57
CA THR B 72 3.16 -14.46 -7.41
C THR B 72 3.91 -14.80 -6.13
N ASP B 73 4.17 -13.79 -5.31
CA ASP B 73 4.89 -14.02 -4.06
C ASP B 73 4.40 -13.07 -2.97
N THR B 74 3.97 -13.63 -1.84
CA THR B 74 3.48 -12.82 -0.74
C THR B 74 4.63 -12.10 -0.03
N SER B 75 5.64 -12.85 0.37
CA SER B 75 6.77 -12.26 1.06
C SER B 75 8.09 -12.75 0.46
N GLY B 76 9.20 -12.29 1.04
CA GLY B 76 10.50 -12.70 0.56
C GLY B 76 10.85 -12.00 -0.77
N TYR B 77 11.10 -10.69 -0.68
CA TYR B 77 11.46 -9.89 -1.85
C TYR B 77 10.83 -10.41 -3.14
N GLY B 78 9.51 -10.24 -3.28
CA GLY B 78 8.81 -10.70 -4.46
C GLY B 78 9.21 -9.87 -5.67
N GLN B 79 10.18 -10.36 -6.43
CA GLN B 79 10.66 -9.65 -7.61
C GLN B 79 11.37 -8.38 -7.19
N SER B 80 12.68 -8.49 -6.95
CA SER B 80 13.47 -7.33 -6.53
C SER B 80 14.94 -7.53 -6.89
N SER B 81 15.62 -6.42 -7.17
CA SER B 81 17.03 -6.49 -7.52
C SER B 81 17.82 -5.42 -6.78
N TYR B 82 18.99 -5.78 -6.28
CA TYR B 82 19.83 -4.84 -5.56
C TYR B 82 21.08 -4.50 -6.37
N SER B 83 21.10 -3.31 -6.95
CA SER B 83 22.24 -2.88 -7.76
C SER B 83 22.87 -1.62 -7.17
N SER B 84 22.66 -1.40 -5.89
CA SER B 84 23.22 -0.22 -5.22
C SER B 84 24.72 -0.34 -5.10
N TYR B 85 25.40 0.82 -5.08
CA TYR B 85 26.85 0.84 -4.96
C TYR B 85 27.27 1.40 -3.60
N GLY B 86 28.21 0.72 -2.95
CA GLY B 86 28.69 1.16 -1.65
C GLY B 86 27.67 0.87 -0.55
N GLN B 87 27.83 -0.29 0.10
CA GLN B 87 26.92 -0.68 1.17
C GLN B 87 27.70 -1.30 2.33
N SER B 88 27.22 -1.09 3.55
CA SER B 88 27.88 -1.64 4.72
C SER B 88 26.86 -2.25 5.68
N GLN B 89 27.25 -3.34 6.33
CA GLN B 89 26.37 -4.01 7.28
C GLN B 89 25.00 -4.25 6.67
N ASN B 90 24.96 -4.96 5.55
CA ASN B 90 23.70 -5.27 4.88
C ASN B 90 22.95 -6.36 5.63
N THR B 91 21.66 -6.12 5.85
CA THR B 91 20.84 -7.10 6.57
C THR B 91 19.52 -7.32 5.84
N GLY B 92 19.13 -8.58 5.70
CA GLY B 92 17.87 -8.93 5.04
C GLY B 92 16.68 -8.42 5.85
N TYR B 93 15.52 -8.99 5.59
CA TYR B 93 14.30 -8.59 6.30
C TYR B 93 14.55 -8.50 7.80
N GLY B 94 14.89 -9.63 8.41
CA GLY B 94 15.16 -9.65 9.84
C GLY B 94 14.03 -10.37 10.60
N THR B 95 13.07 -9.59 11.09
CA THR B 95 11.95 -10.15 11.82
C THR B 95 10.64 -9.90 11.08
N GLN B 96 10.04 -10.96 10.58
CA GLN B 96 8.79 -10.84 9.85
C GLN B 96 8.07 -12.18 9.77
N SER B 97 6.78 -12.18 10.06
CA SER B 97 6.01 -13.43 10.03
C SER B 97 5.09 -13.45 8.81
N THR B 98 5.23 -14.50 8.01
CA THR B 98 4.41 -14.67 6.81
C THR B 98 3.05 -15.26 7.18
N PRO B 99 2.13 -15.36 6.24
CA PRO B 99 0.78 -15.92 6.49
C PRO B 99 0.79 -17.25 7.22
N GLN B 100 -0.40 -17.80 7.41
CA GLN B 100 -0.58 -19.08 8.09
C GLN B 100 -1.76 -19.80 7.49
N GLY B 101 -1.49 -20.88 6.78
CA GLY B 101 -2.54 -21.66 6.13
C GLY B 101 -2.20 -21.90 4.67
N TYR B 102 -2.51 -20.93 3.82
CA TYR B 102 -2.23 -21.05 2.39
C TYR B 102 -0.99 -20.24 2.02
N GLY B 103 -0.99 -18.96 2.37
CA GLY B 103 0.14 -18.09 2.06
C GLY B 103 0.29 -17.92 0.55
N SER B 104 0.20 -16.68 0.08
CA SER B 104 0.31 -16.41 -1.35
C SER B 104 -0.61 -17.34 -2.14
N THR B 105 -1.85 -16.90 -2.35
CA THR B 105 -2.81 -17.72 -3.07
C THR B 105 -2.51 -17.69 -4.57
N GLY B 106 -1.90 -18.75 -5.07
CA GLY B 106 -1.58 -18.84 -6.48
C GLY B 106 -2.44 -19.91 -7.15
N GLY B 107 -1.91 -20.56 -8.17
CA GLY B 107 -2.65 -21.60 -8.86
C GLY B 107 -4.05 -21.14 -9.21
N TYR B 108 -4.14 -20.26 -10.21
CA TYR B 108 -5.43 -19.72 -10.64
C TYR B 108 -6.42 -20.84 -10.96
N GLY B 109 -7.67 -20.64 -10.61
CA GLY B 109 -8.71 -21.62 -10.87
C GLY B 109 -9.76 -21.64 -9.77
N SER B 110 -9.29 -21.66 -8.52
CA SER B 110 -10.18 -21.67 -7.37
C SER B 110 -9.40 -21.92 -6.09
N SER B 111 -9.68 -21.11 -5.07
CA SER B 111 -9.01 -21.26 -3.78
C SER B 111 -10.01 -21.14 -2.64
N GLN B 112 -10.47 -22.29 -2.15
CA GLN B 112 -11.44 -22.31 -1.05
C GLN B 112 -10.84 -22.96 0.19
N SER B 113 -10.36 -22.14 1.12
CA SER B 113 -9.75 -22.68 2.33
C SER B 113 -10.06 -21.80 3.55
N SER B 114 -9.83 -22.34 4.73
CA SER B 114 -10.06 -21.63 5.98
C SER B 114 -8.97 -21.96 6.99
N GLN B 115 -8.18 -20.96 7.38
CA GLN B 115 -7.09 -21.19 8.31
C GLN B 115 -6.99 -20.06 9.34
N SER B 116 -5.98 -20.14 10.20
CA SER B 116 -5.78 -19.13 11.23
C SER B 116 -4.42 -19.32 11.91
N SER B 117 -4.07 -18.39 12.80
CA SER B 117 -2.81 -18.47 13.53
C SER B 117 -2.97 -17.88 14.92
N TYR B 118 -2.23 -18.43 15.88
CA TYR B 118 -2.30 -17.95 17.26
C TYR B 118 -1.04 -17.19 17.64
N GLY B 119 0.04 -17.91 17.91
CA GLY B 119 1.30 -17.29 18.30
C GLY B 119 2.23 -17.13 17.11
N GLN B 120 1.84 -16.26 16.17
CA GLN B 120 2.65 -16.02 14.98
C GLN B 120 3.51 -14.77 15.16
N GLN B 121 4.83 -14.95 15.15
CA GLN B 121 5.73 -13.81 15.31
C GLN B 121 7.18 -14.19 15.00
N SER B 122 7.99 -13.20 14.65
CA SER B 122 9.39 -13.43 14.33
C SER B 122 10.29 -12.75 15.36
N SER B 123 11.31 -13.48 15.83
CA SER B 123 12.23 -12.94 16.81
C SER B 123 11.49 -12.57 18.09
N TYR B 124 12.14 -11.79 18.95
CA TYR B 124 11.52 -11.36 20.19
C TYR B 124 12.47 -10.44 20.97
N SER C 64 -17.44 -15.56 -19.24
CA SER C 64 -16.06 -15.86 -19.73
C SER C 64 -15.07 -14.91 -19.07
N TYR C 65 -14.05 -15.47 -18.44
CA TYR C 65 -13.04 -14.66 -17.75
C TYR C 65 -11.71 -14.75 -18.50
N SER C 66 -11.30 -13.63 -19.10
CA SER C 66 -10.04 -13.59 -19.84
C SER C 66 -9.40 -12.21 -19.75
N GLY C 67 -8.41 -12.08 -18.87
CA GLY C 67 -7.72 -10.80 -18.71
C GLY C 67 -6.72 -10.87 -17.56
N TYR C 68 -6.15 -9.72 -17.20
CA TYR C 68 -5.17 -9.66 -16.13
C TYR C 68 -3.93 -10.48 -16.47
N SER C 69 -2.77 -10.01 -16.00
CA SER C 69 -1.51 -10.70 -16.26
C SER C 69 -0.32 -9.91 -15.70
N GLN C 70 0.08 -10.25 -14.48
CA GLN C 70 1.21 -9.57 -13.85
C GLN C 70 1.47 -10.14 -12.47
N SER C 71 2.71 -10.01 -11.99
CA SER C 71 3.09 -10.52 -10.69
C SER C 71 2.38 -9.79 -9.55
N THR C 72 1.92 -10.54 -8.57
CA THR C 72 1.23 -9.95 -7.42
C THR C 72 1.98 -10.29 -6.14
N ASP C 73 2.24 -9.28 -5.32
CA ASP C 73 2.95 -9.50 -4.06
C ASP C 73 2.46 -8.56 -2.97
N THR C 74 2.03 -9.12 -1.85
CA THR C 74 1.54 -8.29 -0.75
C THR C 74 2.68 -7.57 -0.03
N SER C 75 3.69 -8.33 0.37
CA SER C 75 4.82 -7.75 1.07
C SER C 75 6.14 -8.24 0.48
N GLY C 76 7.24 -7.79 1.05
CA GLY C 76 8.56 -8.20 0.57
C GLY C 76 8.91 -7.51 -0.74
N TYR C 77 9.17 -6.21 -0.66
CA TYR C 77 9.54 -5.40 -1.84
C TYR C 77 8.90 -5.92 -3.13
N GLY C 78 7.60 -5.75 -3.26
CA GLY C 78 6.89 -6.21 -4.46
C GLY C 78 7.30 -5.38 -5.66
N GLN C 79 8.28 -5.88 -6.42
CA GLN C 79 8.76 -5.18 -7.60
C GLN C 79 9.48 -3.90 -7.18
N SER C 80 10.78 -4.02 -6.93
CA SER C 80 11.57 -2.86 -6.51
C SER C 80 13.04 -3.07 -6.86
N SER C 81 13.73 -1.97 -7.14
CA SER C 81 15.15 -2.04 -7.49
C SER C 81 15.94 -0.96 -6.75
N TYR C 82 17.10 -1.34 -6.25
CA TYR C 82 17.94 -0.40 -5.52
C TYR C 82 19.20 -0.07 -6.33
N SER C 83 19.22 1.12 -6.91
CA SER C 83 20.37 1.54 -7.71
C SER C 83 21.00 2.81 -7.13
N SER C 84 20.79 3.03 -5.84
CA SER C 84 21.34 4.21 -5.18
C SER C 84 22.86 4.08 -5.05
N TYR C 85 23.54 5.23 -5.02
CA TYR C 85 24.99 5.25 -4.90
C TYR C 85 25.40 5.81 -3.54
N GLY C 86 26.34 5.13 -2.89
CA GLY C 86 26.81 5.58 -1.58
C GLY C 86 25.79 5.28 -0.49
N GLN C 87 25.94 4.13 0.16
CA GLN C 87 25.02 3.75 1.22
C GLN C 87 25.80 3.12 2.39
N SER C 88 25.31 3.34 3.60
CA SER C 88 25.97 2.79 4.78
C SER C 88 24.94 2.19 5.74
N GLN C 89 25.33 1.10 6.40
CA GLN C 89 24.44 0.43 7.34
C GLN C 89 23.06 0.20 6.73
N ASN C 90 23.03 -0.53 5.62
CA ASN C 90 21.78 -0.82 4.94
C ASN C 90 21.01 -1.90 5.68
N THR C 91 19.72 -1.67 5.90
CA THR C 91 18.89 -2.64 6.61
C THR C 91 17.57 -2.86 5.89
N GLY C 92 17.18 -4.11 5.75
CA GLY C 92 15.92 -4.45 5.08
C GLY C 92 14.74 -3.94 5.89
N TYR C 93 13.57 -4.50 5.63
CA TYR C 93 12.35 -4.10 6.32
C TYR C 93 12.58 -4.00 7.83
N GLY C 94 12.93 -5.13 8.44
CA GLY C 94 13.18 -5.16 9.88
C GLY C 94 12.06 -5.86 10.63
N THR C 95 11.10 -5.08 11.11
CA THR C 95 9.98 -5.64 11.84
C THR C 95 8.67 -5.37 11.09
N GLN C 96 8.06 -6.44 10.59
CA GLN C 96 6.80 -6.30 9.86
C GLN C 96 6.09 -7.65 9.78
N SER C 97 4.80 -7.65 10.07
CA SER C 97 4.02 -8.89 10.03
C SER C 97 3.11 -8.91 8.80
N THR C 98 3.23 -9.96 8.01
CA THR C 98 2.43 -10.12 6.81
C THR C 98 1.06 -10.71 7.17
N PRO C 99 0.15 -10.81 6.23
CA PRO C 99 -1.22 -11.36 6.48
C PRO C 99 -1.21 -12.69 7.21
N GLN C 100 -2.40 -13.23 7.40
CA GLN C 100 -2.58 -14.50 8.08
C GLN C 100 -3.78 -15.23 7.47
N GLY C 101 -3.50 -16.32 6.77
CA GLY C 101 -4.55 -17.09 6.12
C GLY C 101 -4.21 -17.34 4.66
N TYR C 102 -4.51 -16.36 3.80
CA TYR C 102 -4.22 -16.49 2.38
C TYR C 102 -2.98 -15.69 2.01
N GLY C 103 -2.98 -14.41 2.36
CA GLY C 103 -1.84 -13.54 2.05
C GLY C 103 -1.69 -13.38 0.55
N SER C 104 -1.76 -12.14 0.07
CA SER C 104 -1.64 -11.87 -1.36
C SER C 104 -2.56 -12.79 -2.15
N THR C 105 -3.80 -12.36 -2.37
CA THR C 105 -4.77 -13.16 -3.10
C THR C 105 -4.47 -13.14 -4.59
N GLY C 106 -3.85 -14.21 -5.08
CA GLY C 106 -3.53 -14.30 -6.50
C GLY C 106 -4.40 -15.38 -7.15
N GLY C 107 -3.85 -16.02 -8.18
CA GLY C 107 -4.60 -17.07 -8.87
C GLY C 107 -5.99 -16.59 -9.24
N TYR C 108 -6.08 -15.72 -10.22
CA TYR C 108 -7.37 -15.18 -10.67
C TYR C 108 -8.36 -16.29 -10.99
N GLY C 109 -9.62 -16.08 -10.64
CA GLY C 109 -10.65 -17.07 -10.92
C GLY C 109 -11.70 -17.07 -9.81
N SER C 110 -11.25 -17.09 -8.56
CA SER C 110 -12.15 -17.09 -7.41
C SER C 110 -11.37 -17.34 -6.12
N SER C 111 -11.64 -16.53 -5.10
CA SER C 111 -10.97 -16.68 -3.82
C SER C 111 -11.98 -16.56 -2.68
N GLN C 112 -12.45 -17.70 -2.18
CA GLN C 112 -13.43 -17.71 -1.09
C GLN C 112 -12.83 -18.36 0.14
N SER C 113 -12.35 -17.55 1.08
CA SER C 113 -11.75 -18.08 2.30
C SER C 113 -12.07 -17.20 3.51
N SER C 114 -11.83 -17.75 4.69
CA SER C 114 -12.08 -17.02 5.94
C SER C 114 -10.99 -17.36 6.94
N GLN C 115 -10.20 -16.35 7.34
CA GLN C 115 -9.11 -16.59 8.28
C GLN C 115 -9.01 -15.46 9.30
N SER C 116 -8.00 -15.55 10.17
CA SER C 116 -7.80 -14.53 11.20
C SER C 116 -6.45 -14.72 11.89
N SER C 117 -6.10 -13.80 12.77
CA SER C 117 -4.84 -13.88 13.50
C SER C 117 -4.99 -13.29 14.90
N TYR C 118 -4.26 -13.84 15.86
CA TYR C 118 -4.34 -13.36 17.24
C TYR C 118 -3.07 -12.60 17.63
N GLY C 119 -2.00 -13.33 17.90
CA GLY C 119 -0.75 -12.71 18.29
C GLY C 119 0.19 -12.55 17.09
N GLN C 120 -0.19 -11.68 16.17
CA GLN C 120 0.62 -11.45 14.98
C GLN C 120 1.50 -10.21 15.16
N GLN C 121 2.81 -10.40 15.15
CA GLN C 121 3.72 -9.26 15.31
C GLN C 121 5.16 -9.65 15.01
N SER C 122 5.98 -8.65 14.65
CA SER C 122 7.39 -8.90 14.35
C SER C 122 8.29 -8.22 15.38
N SER C 123 9.29 -8.95 15.84
CA SER C 123 10.21 -8.41 16.84
C SER C 123 9.47 -8.03 18.11
N TYR C 124 10.12 -7.25 18.97
CA TYR C 124 9.51 -6.82 20.22
C TYR C 124 10.45 -5.90 20.99
N SER D 64 -19.32 -10.98 -19.32
CA SER D 64 -17.94 -11.28 -19.81
C SER D 64 -16.95 -10.33 -19.14
N TYR D 65 -15.94 -10.90 -18.50
CA TYR D 65 -14.93 -10.11 -17.83
C TYR D 65 -13.59 -10.19 -18.57
N SER D 66 -13.17 -9.08 -19.16
CA SER D 66 -11.91 -9.05 -19.90
C SER D 66 -11.27 -7.67 -19.81
N GLY D 67 -10.28 -7.54 -18.94
CA GLY D 67 -9.59 -6.27 -18.76
C GLY D 67 -8.59 -6.34 -17.61
N TYR D 68 -8.01 -5.19 -17.26
CA TYR D 68 -7.04 -5.13 -16.17
C TYR D 68 -5.79 -5.95 -16.51
N SER D 69 -4.64 -5.48 -16.03
CA SER D 69 -3.38 -6.19 -16.29
C SER D 69 -2.20 -5.41 -15.74
N GLN D 70 -1.80 -5.74 -14.52
CA GLN D 70 -0.67 -5.06 -13.88
C GLN D 70 -0.42 -5.64 -12.48
N SER D 71 0.82 -5.50 -12.02
CA SER D 71 1.19 -6.02 -10.70
C SER D 71 0.49 -5.27 -9.58
N THR D 72 0.02 -6.03 -8.58
CA THR D 72 -0.68 -5.43 -7.44
C THR D 72 0.06 -5.77 -6.16
N ASP D 73 0.32 -4.75 -5.33
CA ASP D 73 1.03 -4.98 -4.08
C ASP D 73 0.55 -4.03 -3.00
N THR D 74 0.11 -4.58 -1.87
CA THR D 74 -0.38 -3.76 -0.77
C THR D 74 0.76 -3.04 -0.06
N SER D 75 1.76 -3.80 0.35
CA SER D 75 2.89 -3.23 1.06
C SER D 75 4.21 -3.72 0.46
N GLY D 76 5.32 -3.28 1.05
CA GLY D 76 6.63 -3.69 0.57
C GLY D 76 6.99 -3.01 -0.74
N TYR D 77 7.26 -1.70 -0.67
CA TYR D 77 7.64 -0.90 -1.84
C TYR D 77 7.00 -1.43 -3.13
N GLY D 78 5.69 -1.25 -3.27
CA GLY D 78 4.99 -1.71 -4.47
C GLY D 78 5.41 -0.89 -5.67
N GLN D 79 6.38 -1.39 -6.43
CA GLN D 79 6.88 -0.69 -7.60
C GLN D 79 7.60 0.58 -7.18
N SER D 80 8.90 0.46 -6.93
CA SER D 80 9.69 1.61 -6.51
C SER D 80 11.17 1.40 -6.85
N SER D 81 11.87 2.49 -7.13
CA SER D 81 13.28 2.41 -7.48
C SER D 81 14.07 3.49 -6.74
N TYR D 82 15.24 3.11 -6.22
CA TYR D 82 16.09 4.05 -5.50
C TYR D 82 17.34 4.37 -6.30
N SER D 83 17.37 5.56 -6.89
CA SER D 83 18.52 5.97 -7.69
C SER D 83 19.16 7.24 -7.11
N SER D 84 18.94 7.46 -5.82
CA SER D 84 19.50 8.63 -5.16
C SER D 84 21.02 8.51 -5.02
N TYR D 85 21.70 9.64 -5.00
CA TYR D 85 23.15 9.65 -4.87
C TYR D 85 23.56 10.22 -3.52
N GLY D 86 24.48 9.54 -2.85
CA GLY D 86 24.96 9.99 -1.54
C GLY D 86 23.93 9.70 -0.46
N GLN D 87 24.07 8.55 0.20
CA GLN D 87 23.15 8.18 1.27
C GLN D 87 23.91 7.54 2.43
N SER D 88 23.43 7.78 3.64
CA SER D 88 24.08 7.22 4.83
C SER D 88 23.04 6.63 5.78
N GLN D 89 23.42 5.54 6.44
CA GLN D 89 22.52 4.88 7.39
C GLN D 89 21.15 4.65 6.77
N ASN D 90 21.12 3.93 5.65
CA ASN D 90 19.86 3.64 4.97
C ASN D 90 19.09 2.55 5.72
N THR D 91 17.81 2.79 5.93
CA THR D 91 16.97 1.82 6.64
C THR D 91 15.65 1.62 5.92
N GLY D 92 15.25 0.36 5.77
CA GLY D 92 14.00 0.04 5.11
C GLY D 92 12.81 0.55 5.91
N TYR D 93 11.64 -0.01 5.64
CA TYR D 93 10.42 0.40 6.33
C TYR D 93 10.65 0.49 7.84
N GLY D 94 10.99 -0.64 8.46
CA GLY D 94 11.23 -0.65 9.89
C GLY D 94 10.10 -1.35 10.63
N THR D 95 9.15 -0.56 11.12
CA THR D 95 8.01 -1.11 11.84
C THR D 95 6.72 -0.84 11.09
N GLN D 96 6.10 -1.91 10.59
CA GLN D 96 4.85 -1.77 9.85
C GLN D 96 4.13 -3.11 9.77
N SER D 97 2.83 -3.10 10.06
CA SER D 97 2.05 -4.33 10.02
C SER D 97 1.15 -4.35 8.79
N THR D 98 1.27 -5.41 7.99
CA THR D 98 0.46 -5.57 6.78
C THR D 98 -0.90 -6.15 7.15
N PRO D 99 -1.81 -6.24 6.20
CA PRO D 99 -3.18 -6.79 6.45
C PRO D 99 -3.18 -8.12 7.19
N GLN D 100 -4.38 -8.66 7.37
CA GLN D 100 -4.57 -9.93 8.06
C GLN D 100 -5.77 -10.65 7.45
N GLY D 101 -5.50 -11.74 6.74
CA GLY D 101 -6.55 -12.51 6.09
C GLY D 101 -6.20 -12.75 4.63
N TYR D 102 -6.49 -11.79 3.77
CA TYR D 102 -6.18 -11.92 2.35
C TYR D 102 -4.94 -11.13 1.99
N GLY D 103 -4.94 -9.84 2.33
CA GLY D 103 -3.79 -8.98 2.02
C GLY D 103 -3.64 -8.82 0.52
N SER D 104 -3.71 -7.59 0.04
CA SER D 104 -3.58 -7.32 -1.39
C SER D 104 -4.51 -8.24 -2.18
N THR D 105 -5.74 -7.79 -2.40
CA THR D 105 -6.71 -8.59 -3.14
C THR D 105 -6.39 -8.58 -4.63
N GLY D 106 -5.78 -9.65 -5.11
CA GLY D 106 -5.46 -9.76 -6.53
C GLY D 106 -6.32 -10.82 -7.18
N GLY D 107 -5.78 -11.48 -8.20
CA GLY D 107 -6.53 -12.52 -8.90
C GLY D 107 -7.93 -12.04 -9.27
N TYR D 108 -8.00 -11.17 -10.27
CA TYR D 108 -9.28 -10.62 -10.71
C TYR D 108 -10.27 -11.74 -11.04
N GLY D 109 -11.54 -11.51 -10.70
CA GLY D 109 -12.57 -12.50 -10.97
C GLY D 109 -13.64 -12.49 -9.88
N SER D 110 -13.18 -12.51 -8.62
CA SER D 110 -14.09 -12.51 -7.47
C SER D 110 -13.32 -12.75 -6.18
N SER D 111 -13.59 -11.94 -5.16
CA SER D 111 -12.92 -12.09 -3.87
C SER D 111 -13.94 -11.96 -2.74
N GLN D 112 -14.41 -13.10 -2.24
CA GLN D 112 -15.40 -13.10 -1.16
C GLN D 112 -14.81 -13.75 0.08
N SER D 113 -14.33 -12.94 1.02
CA SER D 113 -13.73 -13.46 2.24
C SER D 113 -14.05 -12.59 3.45
N SER D 114 -13.82 -13.13 4.64
CA SER D 114 -14.07 -12.40 5.88
C SER D 114 -12.98 -12.74 6.89
N GLN D 115 -12.19 -11.74 7.29
CA GLN D 115 -11.11 -11.98 8.23
C GLN D 115 -11.01 -10.85 9.25
N SER D 116 -10.00 -10.94 10.12
CA SER D 116 -9.80 -9.92 11.15
C SER D 116 -8.45 -10.12 11.85
N SER D 117 -8.10 -9.19 12.73
CA SER D 117 -6.84 -9.27 13.47
C SER D 117 -7.00 -8.67 14.86
N TYR D 118 -6.28 -9.24 15.82
CA TYR D 118 -6.36 -8.75 17.20
C TYR D 118 -5.10 -8.00 17.59
N GLY D 119 -4.03 -8.73 17.87
CA GLY D 119 -2.77 -8.11 18.27
C GLY D 119 -1.82 -7.96 17.08
N GLN D 120 -2.20 -7.09 16.15
CA GLN D 120 -1.37 -6.87 14.95
C GLN D 120 -0.50 -5.63 15.13
N GLN D 121 0.82 -5.83 15.14
CA GLN D 121 1.73 -4.69 15.30
C GLN D 121 3.18 -5.09 14.99
N SER D 122 3.99 -4.10 14.65
CA SER D 122 5.40 -4.34 14.35
C SER D 122 6.29 -3.68 15.38
N SER D 123 7.31 -4.41 15.85
CA SER D 123 8.23 -3.87 16.85
C SER D 123 7.48 -3.48 18.12
N TYR D 124 8.12 -2.71 18.97
CA TYR D 124 7.51 -2.27 20.22
C TYR D 124 8.45 -1.36 20.99
N SER E 64 -21.18 -6.39 -19.44
CA SER E 64 -19.80 -6.70 -19.91
C SER E 64 -18.81 -5.76 -19.25
N TYR E 65 -17.80 -6.33 -18.60
CA TYR E 65 -16.79 -5.53 -17.92
C TYR E 65 -15.45 -5.63 -18.65
N SER E 66 -15.03 -4.52 -19.25
CA SER E 66 -13.76 -4.49 -19.99
C SER E 66 -13.11 -3.12 -19.90
N GLY E 67 -12.12 -2.98 -19.02
CA GLY E 67 -11.42 -1.72 -18.85
C GLY E 67 -10.43 -1.80 -17.70
N TYR E 68 -9.85 -0.65 -17.34
CA TYR E 68 -8.88 -0.59 -16.24
C TYR E 68 -7.65 -1.42 -16.58
N SER E 69 -6.48 -0.95 -16.11
CA SER E 69 -5.23 -1.66 -16.36
C SER E 69 -4.05 -0.89 -15.79
N GLN E 70 -3.65 -1.22 -14.56
CA GLN E 70 -2.52 -0.55 -13.92
C GLN E 70 -2.28 -1.12 -12.54
N SER E 71 -1.04 -0.99 -12.06
CA SER E 71 -0.67 -1.51 -10.75
C SER E 71 -1.38 -0.75 -9.63
N THR E 72 -1.86 -1.50 -8.63
CA THR E 72 -2.55 -0.90 -7.51
C THR E 72 -1.82 -1.24 -6.20
N ASP E 73 -1.56 -0.23 -5.39
CA ASP E 73 -0.86 -0.45 -4.13
C ASP E 73 -1.34 0.50 -3.04
N THR E 74 -1.77 -0.05 -1.91
CA THR E 74 -2.28 0.81 -0.85
C THR E 74 -1.15 1.50 -0.10
N SER E 75 -0.15 0.74 0.32
CA SER E 75 1.00 1.30 1.02
C SER E 75 2.31 0.81 0.42
N GLY E 76 3.42 1.26 1.00
CA GLY E 76 4.73 0.82 0.53
C GLY E 76 5.09 1.50 -0.78
N TYR E 77 5.38 2.80 -0.70
CA TYR E 77 5.74 3.62 -1.87
C TYR E 77 5.13 3.04 -3.15
N GLY E 78 3.83 3.27 -3.32
CA GLY E 78 3.11 2.82 -4.51
C GLY E 78 3.53 3.62 -5.72
N GLN E 79 4.52 3.11 -6.46
CA GLN E 79 5.02 3.81 -7.64
C GLN E 79 5.75 5.08 -7.22
N SER E 80 7.04 4.95 -6.96
CA SER E 80 7.85 6.09 -6.55
C SER E 80 9.32 5.87 -6.89
N SER E 81 10.02 6.97 -7.16
CA SER E 81 11.44 6.88 -7.50
C SER E 81 12.23 7.94 -6.76
N TYR E 82 13.39 7.56 -6.24
CA TYR E 82 14.24 8.50 -5.51
C TYR E 82 15.50 8.81 -6.32
N SER E 83 15.54 10.01 -6.91
CA SER E 83 16.70 10.41 -7.70
C SER E 83 17.33 11.67 -7.12
N SER E 84 17.12 11.91 -5.83
CA SER E 84 17.68 13.08 -5.17
C SER E 84 19.19 12.94 -5.02
N TYR E 85 19.88 14.08 -5.00
CA TYR E 85 21.33 14.08 -4.87
C TYR E 85 21.74 14.65 -3.51
N GLY E 86 22.66 13.96 -2.84
CA GLY E 86 23.13 14.41 -1.54
C GLY E 86 22.10 14.13 -0.46
N GLN E 87 22.23 12.99 0.21
CA GLN E 87 21.31 12.61 1.27
C GLN E 87 22.05 11.99 2.44
N SER E 88 21.57 12.22 3.65
CA SER E 88 22.21 11.67 4.84
C SER E 88 21.17 11.07 5.79
N GLN E 89 21.54 9.99 6.46
CA GLN E 89 20.64 9.33 7.40
C GLN E 89 19.27 9.12 6.76
N ASN E 90 19.24 8.38 5.67
CA ASN E 90 17.98 8.10 4.97
C ASN E 90 17.20 7.02 5.72
N THR E 91 15.91 7.27 5.93
CA THR E 91 15.07 6.31 6.63
C THR E 91 13.75 6.11 5.89
N GLY E 92 13.35 4.85 5.75
CA GLY E 92 12.10 4.51 5.09
C GLY E 92 10.91 5.04 5.89
N TYR E 93 9.73 4.50 5.61
CA TYR E 93 8.52 4.92 6.30
C TYR E 93 8.74 5.01 7.81
N GLY E 94 9.07 3.89 8.43
CA GLY E 94 9.30 3.87 9.88
C GLY E 94 8.16 3.17 10.62
N THR E 95 7.21 3.97 11.08
CA THR E 95 6.08 3.43 11.82
C THR E 95 4.79 3.70 11.05
N GLN E 96 4.17 2.64 10.54
CA GLN E 96 2.92 2.78 9.81
C GLN E 96 2.20 1.44 9.74
N SER E 97 0.89 1.46 10.01
CA SER E 97 0.12 0.22 9.96
C SER E 97 -0.79 0.21 8.74
N THR E 98 -0.68 -0.86 7.95
CA THR E 98 -1.48 -1.00 6.75
C THR E 98 -2.85 -1.58 7.10
N PRO E 99 -3.75 -1.68 6.16
CA PRO E 99 -5.13 -2.22 6.39
C PRO E 99 -5.13 -3.54 7.13
N GLN E 100 -6.34 -4.06 7.32
CA GLN E 100 -6.52 -5.34 7.99
C GLN E 100 -7.72 -6.04 7.37
N GLY E 101 -7.45 -7.15 6.71
CA GLY E 101 -8.51 -7.90 6.05
C GLY E 101 -8.15 -8.17 4.58
N TYR E 102 -8.45 -7.19 3.70
CA TYR E 102 -8.14 -7.34 2.29
C TYR E 102 -6.89 -6.55 1.92
N GLY E 103 -6.88 -5.26 2.27
CA GLY E 103 -5.74 -4.41 1.97
C GLY E 103 -5.57 -4.26 0.46
N SER E 104 -5.62 -3.02 -0.02
CA SER E 104 -5.50 -2.75 -1.45
C SER E 104 -6.43 -3.68 -2.23
N THR E 105 -7.65 -3.22 -2.48
CA THR E 105 -8.61 -4.03 -3.21
C THR E 105 -8.30 -4.02 -4.70
N GLY E 106 -7.70 -5.10 -5.19
CA GLY E 106 -7.36 -5.20 -6.59
C GLY E 106 -8.23 -6.26 -7.25
N GLY E 107 -7.69 -6.93 -8.26
CA GLY E 107 -8.44 -7.97 -8.95
C GLY E 107 -9.83 -7.48 -9.33
N TYR E 108 -9.90 -6.60 -10.32
CA TYR E 108 -11.17 -6.05 -10.77
C TYR E 108 -12.17 -7.16 -11.11
N GLY E 109 -13.43 -6.95 -10.76
CA GLY E 109 -14.48 -7.92 -11.05
C GLY E 109 -15.54 -7.93 -9.95
N SER E 110 -15.09 -7.91 -8.70
CA SER E 110 -16.00 -7.90 -7.55
C SER E 110 -15.23 -8.16 -6.26
N SER E 111 -15.50 -7.35 -5.25
CA SER E 111 -14.84 -7.50 -3.96
C SER E 111 -15.86 -7.35 -2.82
N GLN E 112 -16.35 -8.48 -2.32
CA GLN E 112 -17.34 -8.49 -1.25
C GLN E 112 -16.75 -9.13 0.00
N SER E 113 -16.27 -8.32 0.93
CA SER E 113 -15.68 -8.84 2.15
C SER E 113 -16.01 -7.96 3.36
N SER E 114 -15.78 -8.51 4.56
CA SER E 114 -16.04 -7.77 5.79
C SER E 114 -14.95 -8.11 6.82
N GLN E 115 -14.17 -7.12 7.22
CA GLN E 115 -13.08 -7.36 8.16
C GLN E 115 -12.97 -6.22 9.17
N SER E 116 -11.97 -6.32 10.05
CA SER E 116 -11.76 -5.29 11.07
C SER E 116 -10.42 -5.49 11.77
N SER E 117 -10.07 -4.57 12.65
CA SER E 117 -8.82 -4.66 13.39
C SER E 117 -8.99 -4.07 14.79
N TYR E 118 -8.27 -4.63 15.76
CA TYR E 118 -8.35 -4.13 17.13
C TYR E 118 -7.07 -3.38 17.53
N GLY E 119 -6.01 -4.11 17.82
CA GLY E 119 -4.75 -3.50 18.21
C GLY E 119 -3.81 -3.36 17.03
N GLN E 120 -4.17 -2.50 16.09
CA GLN E 120 -3.36 -2.27 14.90
C GLN E 120 -2.46 -1.05 15.08
N GLN E 121 -1.15 -1.24 15.09
CA GLN E 121 -0.23 -0.11 15.24
C GLN E 121 1.22 -0.51 14.96
N SER E 122 2.04 0.47 14.60
CA SER E 122 3.46 0.21 14.31
C SER E 122 4.35 0.89 15.35
N SER E 123 5.34 0.15 15.83
CA SER E 123 6.26 0.68 16.83
C SER E 123 5.50 1.08 18.09
N TYR E 124 6.16 1.85 18.95
CA TYR E 124 5.54 2.29 20.19
C TYR E 124 6.48 3.21 20.97
N SER F 64 -23.02 -1.79 -19.55
CA SER F 64 -21.64 -2.10 -20.03
C SER F 64 -20.65 -1.17 -19.36
N TYR F 65 -19.64 -1.74 -18.71
CA TYR F 65 -18.63 -0.95 -18.03
C TYR F 65 -17.29 -1.05 -18.76
N SER F 66 -16.86 0.05 -19.36
CA SER F 66 -15.59 0.06 -20.09
C SER F 66 -14.94 1.45 -19.99
N GLY F 67 -13.95 1.57 -19.12
CA GLY F 67 -13.25 2.84 -18.95
C GLY F 67 -12.26 2.76 -17.79
N TYR F 68 -11.67 3.90 -17.43
CA TYR F 68 -10.71 3.96 -16.34
C TYR F 68 -9.47 3.13 -16.66
N SER F 69 -8.32 3.58 -16.19
CA SER F 69 -7.07 2.87 -16.43
C SER F 69 -5.88 3.65 -15.87
N GLN F 70 -5.48 3.32 -14.64
CA GLN F 70 -4.36 3.99 -13.99
C GLN F 70 -4.12 3.41 -12.60
N SER F 71 -2.88 3.55 -12.12
CA SER F 71 -2.53 3.02 -10.81
C SER F 71 -3.23 3.79 -9.69
N THR F 72 -3.72 3.05 -8.70
CA THR F 72 -4.41 3.65 -7.57
C THR F 72 -3.68 3.31 -6.27
N ASP F 73 -3.42 4.32 -5.45
CA ASP F 73 -2.72 4.09 -4.19
C ASP F 73 -3.21 5.06 -3.11
N THR F 74 -3.66 4.51 -1.99
CA THR F 74 -4.16 5.35 -0.90
C THR F 74 -3.01 6.06 -0.19
N SER F 75 -2.02 5.29 0.25
CA SER F 75 -0.88 5.86 0.96
C SER F 75 0.43 5.34 0.38
N GLY F 76 1.53 5.78 0.96
CA GLY F 76 2.84 5.35 0.50
C GLY F 76 3.22 6.02 -0.81
N TYR F 77 3.50 7.33 -0.74
CA TYR F 77 3.89 8.12 -1.92
C TYR F 77 3.26 7.59 -3.21
N GLY F 78 1.97 7.79 -3.36
CA GLY F 78 1.27 7.33 -4.56
C GLY F 78 1.70 8.14 -5.77
N GLN F 79 2.67 7.62 -6.51
CA GLN F 79 3.19 8.32 -7.69
C GLN F 79 3.92 9.58 -7.27
N SER F 80 5.21 9.45 -7.01
CA SER F 80 6.02 10.59 -6.59
C SER F 80 7.49 10.36 -6.93
N SER F 81 8.20 11.44 -7.21
CA SER F 81 9.62 11.35 -7.53
C SER F 81 10.41 12.42 -6.80
N TYR F 82 11.57 12.04 -6.26
CA TYR F 82 12.42 12.98 -5.54
C TYR F 82 13.68 13.28 -6.33
N SER F 83 13.73 14.47 -6.92
CA SER F 83 14.89 14.86 -7.71
C SER F 83 15.53 16.12 -7.14
N SER F 84 15.31 16.36 -5.85
CA SER F 84 15.87 17.53 -5.19
C SER F 84 17.38 17.39 -5.05
N TYR F 85 18.08 18.52 -5.02
CA TYR F 85 19.53 18.52 -4.88
C TYR F 85 19.94 19.08 -3.53
N GLY F 86 20.85 18.40 -2.85
CA GLY F 86 21.33 18.85 -1.54
C GLY F 86 20.28 18.58 -0.47
N GLN F 87 20.41 17.43 0.20
CA GLN F 87 19.48 17.06 1.26
C GLN F 87 20.22 16.44 2.43
N SER F 88 19.73 16.68 3.64
CA SER F 88 20.36 16.12 4.83
C SER F 88 19.32 15.54 5.79
N GLN F 89 19.68 14.45 6.46
CA GLN F 89 18.77 13.80 7.39
C GLN F 89 17.40 13.59 6.76
N ASN F 90 17.37 12.85 5.65
CA ASN F 90 16.11 12.58 4.97
C ASN F 90 15.33 11.50 5.71
N THR F 91 14.04 11.76 5.92
CA THR F 91 13.20 10.80 6.62
C THR F 91 11.88 10.60 5.88
N GLY F 92 11.47 9.35 5.74
CA GLY F 92 10.22 9.03 5.06
C GLY F 92 9.03 9.56 5.85
N TYR F 93 7.85 9.01 5.58
CA TYR F 93 6.63 9.44 6.27
C TYR F 93 6.86 9.54 7.77
N GLY F 94 7.17 8.41 8.40
CA GLY F 94 7.41 8.40 9.84
C GLY F 94 6.27 7.72 10.57
N THR F 95 5.31 8.51 11.05
CA THR F 95 4.17 7.98 11.77
C THR F 95 2.88 8.25 11.00
N GLN F 96 2.26 7.19 10.50
CA GLN F 96 1.02 7.33 9.75
C GLN F 96 0.28 6.00 9.68
N SER F 97 -1.02 6.03 9.95
CA SER F 97 -1.80 4.81 9.91
C SER F 97 -2.71 4.78 8.68
N THR F 98 -2.58 3.72 7.89
CA THR F 98 -3.38 3.57 6.67
C THR F 98 -4.76 2.99 7.03
N PRO F 99 -5.66 2.90 6.08
CA PRO F 99 -7.04 2.37 6.32
C PRO F 99 -7.05 1.05 7.06
N GLN F 100 -8.26 0.52 7.24
CA GLN F 100 -8.46 -0.74 7.93
C GLN F 100 -9.67 -1.45 7.30
N GLY F 101 -9.40 -2.54 6.61
CA GLY F 101 -10.45 -3.30 5.97
C GLY F 101 -10.10 -3.57 4.51
N TYR F 102 -10.38 -2.60 3.64
CA TYR F 102 -10.07 -2.74 2.23
C TYR F 102 -8.81 -1.96 1.86
N GLY F 103 -8.79 -0.68 2.20
CA GLY F 103 -7.64 0.17 1.89
C GLY F 103 -7.47 0.31 0.39
N SER F 104 -7.52 1.55 -0.09
CA SER F 104 -7.38 1.82 -1.52
C SER F 104 -8.31 0.90 -2.32
N THR F 105 -9.53 1.35 -2.55
CA THR F 105 -10.50 0.55 -3.29
C THR F 105 -10.19 0.56 -4.78
N GLY F 106 -9.58 -0.52 -5.26
CA GLY F 106 -9.24 -0.63 -6.67
C GLY F 106 -10.12 -1.70 -7.33
N GLY F 107 -9.57 -2.36 -8.34
CA GLY F 107 -10.32 -3.40 -9.04
C GLY F 107 -11.72 -2.91 -9.41
N TYR F 108 -11.77 -2.04 -10.41
CA TYR F 108 -13.04 -1.47 -10.87
C TYR F 108 -14.04 -2.59 -11.21
N GLY F 109 -15.31 -2.36 -10.87
CA GLY F 109 -16.36 -3.33 -11.14
C GLY F 109 -17.42 -3.31 -10.05
N SER F 110 -16.98 -3.33 -8.80
CA SER F 110 -17.89 -3.30 -7.66
C SER F 110 -17.13 -3.56 -6.36
N SER F 111 -17.41 -2.74 -5.34
CA SER F 111 -16.76 -2.89 -4.05
C SER F 111 -17.78 -2.74 -2.93
N GLN F 112 -18.26 -3.87 -2.43
CA GLN F 112 -19.25 -3.86 -1.36
C GLN F 112 -18.68 -4.51 -0.10
N SER F 113 -18.20 -3.69 0.83
CA SER F 113 -17.62 -4.22 2.06
C SER F 113 -17.94 -3.33 3.25
N SER F 114 -17.72 -3.87 4.46
CA SER F 114 -17.97 -3.14 5.69
C SER F 114 -16.90 -3.48 6.71
N GLN F 115 -16.11 -2.49 7.11
CA GLN F 115 -15.02 -2.72 8.07
C GLN F 115 -14.92 -1.59 9.08
N SER F 116 -13.92 -1.69 9.96
CA SER F 116 -13.72 -0.67 10.98
C SER F 116 -12.38 -0.88 11.69
N SER F 117 -12.03 0.06 12.57
CA SER F 117 -10.78 -0.03 13.32
C SER F 117 -10.94 0.56 14.71
N TYR F 118 -10.23 0.00 15.69
CA TYR F 118 -10.31 0.50 17.06
C TYR F 118 -9.04 1.25 17.45
N GLY F 119 -7.98 0.50 17.75
CA GLY F 119 -6.72 1.11 18.14
C GLY F 119 -5.77 1.24 16.96
N GLN F 120 -6.13 2.11 16.02
CA GLN F 120 -5.29 2.32 14.83
C GLN F 120 -4.40 3.55 15.02
N GLN F 121 -3.09 3.34 15.02
CA GLN F 121 -2.17 4.47 15.18
C GLN F 121 -0.72 4.06 14.91
N SER F 122 0.11 5.05 14.56
CA SER F 122 1.51 4.78 14.27
C SER F 122 2.40 5.45 15.31
N SER F 123 3.40 4.71 15.79
CA SER F 123 4.32 5.24 16.79
C SER F 123 3.56 5.64 18.04
N TYR F 124 4.21 6.42 18.90
CA TYR F 124 3.59 6.86 20.15
C TYR F 124 4.54 7.77 20.93
N SER G 64 -24.84 2.83 -19.70
CA SER G 64 -23.46 2.49 -20.16
C SER G 64 -22.46 3.44 -19.49
N TYR G 65 -21.47 2.86 -18.83
CA TYR G 65 -20.44 3.65 -18.16
C TYR G 65 -19.11 3.54 -18.88
N SER G 66 -18.66 4.64 -19.47
CA SER G 66 -17.40 4.65 -20.19
C SER G 66 -16.73 6.02 -20.11
N GLY G 67 -15.75 6.15 -19.23
CA GLY G 67 -15.04 7.41 -19.05
C GLY G 67 -14.06 7.33 -17.89
N TYR G 68 -13.47 8.47 -17.54
CA TYR G 68 -12.51 8.52 -16.44
C TYR G 68 -11.28 7.68 -16.76
N SER G 69 -10.11 8.13 -16.27
CA SER G 69 -8.86 7.42 -16.52
C SER G 69 -7.68 8.18 -15.95
N GLN G 70 -7.30 7.86 -14.72
CA GLN G 70 -6.17 8.52 -14.07
C GLN G 70 -5.94 7.95 -12.68
N SER G 71 -4.71 8.07 -12.20
CA SER G 71 -4.35 7.56 -10.88
C SER G 71 -5.07 8.32 -9.76
N THR G 72 -5.56 7.58 -8.77
CA THR G 72 -6.25 8.19 -7.64
C THR G 72 -5.53 7.86 -6.34
N ASP G 73 -5.27 8.87 -5.53
CA ASP G 73 -4.57 8.64 -4.26
C ASP G 73 -5.06 9.61 -3.20
N THR G 74 -5.52 9.07 -2.07
CA THR G 74 -6.01 9.92 -0.98
C THR G 74 -4.86 10.61 -0.26
N SER G 75 -3.88 9.85 0.17
CA SER G 75 -2.74 10.41 0.89
C SER G 75 -1.43 9.89 0.31
N GLY G 76 -0.32 10.32 0.89
CA GLY G 76 0.99 9.88 0.45
C GLY G 76 1.37 10.55 -0.87
N TYR G 77 1.65 11.85 -0.79
CA TYR G 77 2.05 12.64 -1.98
C TYR G 77 1.43 12.11 -3.27
N GLY G 78 0.12 12.32 -3.43
CA GLY G 78 -0.57 11.85 -4.62
C GLY G 78 -0.13 12.67 -5.83
N GLN G 79 0.85 12.15 -6.57
CA GLN G 79 1.36 12.84 -7.75
C GLN G 79 2.11 14.10 -7.33
N SER G 80 3.40 13.96 -7.06
CA SER G 80 4.20 15.10 -6.64
C SER G 80 5.68 14.87 -6.97
N SER G 81 6.39 15.94 -7.25
CA SER G 81 7.81 15.84 -7.57
C SER G 81 8.62 16.92 -6.83
N TYR G 82 9.77 16.52 -6.30
CA TYR G 82 10.61 17.45 -5.58
C TYR G 82 11.88 17.75 -6.37
N SER G 83 11.94 18.93 -6.96
CA SER G 83 13.11 19.32 -7.74
C SER G 83 13.75 20.58 -7.17
N SER G 84 13.53 20.83 -5.88
CA SER G 84 14.09 22.00 -5.22
C SER G 84 15.60 21.85 -5.07
N TYR G 85 16.30 22.98 -5.04
CA TYR G 85 17.75 22.97 -4.90
C TYR G 85 18.15 23.54 -3.55
N GLY G 86 19.06 22.85 -2.86
CA GLY G 86 19.53 23.29 -1.56
C GLY G 86 18.48 23.03 -0.47
N GLN G 87 18.61 21.90 0.19
CA GLN G 87 17.66 21.53 1.24
C GLN G 87 18.41 20.90 2.42
N SER G 88 17.90 21.14 3.63
CA SER G 88 18.53 20.59 4.83
C SER G 88 17.48 20.01 5.78
N GLN G 89 17.84 18.92 6.45
CA GLN G 89 16.93 18.28 7.38
C GLN G 89 15.55 18.07 6.75
N ASN G 90 15.53 17.34 5.64
CA ASN G 90 14.27 17.06 4.95
C ASN G 90 13.48 16.00 5.69
N THR G 91 12.19 16.25 5.89
CA THR G 91 11.33 15.30 6.59
C THR G 91 10.01 15.11 5.85
N GLY G 92 9.61 13.85 5.71
CA GLY G 92 8.36 13.54 5.03
C GLY G 92 7.17 14.08 5.82
N TYR G 93 5.99 13.54 5.54
CA TYR G 93 4.77 13.97 6.22
C TYR G 93 4.99 14.07 7.73
N GLY G 94 5.29 12.94 8.36
CA GLY G 94 5.53 12.93 9.80
C GLY G 94 4.38 12.25 10.52
N THR G 95 3.42 13.06 10.99
CA THR G 95 2.28 12.52 11.71
C THR G 95 0.99 12.81 10.94
N GLN G 96 0.36 11.75 10.44
CA GLN G 96 -0.88 11.90 9.68
C GLN G 96 -1.61 10.57 9.61
N SER G 97 -2.91 10.60 9.88
CA SER G 97 -3.71 9.38 9.83
C SER G 97 -4.60 9.35 8.60
N THR G 98 -4.48 8.30 7.81
CA THR G 98 -5.28 8.14 6.60
C THR G 98 -6.65 7.58 6.95
N PRO G 99 -7.55 7.49 6.00
CA PRO G 99 -8.93 6.96 6.23
C PRO G 99 -8.96 5.65 6.98
N GLN G 100 -10.16 5.12 7.14
CA GLN G 100 -10.38 3.87 7.84
C GLN G 100 -11.58 3.15 7.22
N GLY G 101 -11.32 2.05 6.54
CA GLY G 101 -12.37 1.30 5.88
C GLY G 101 -12.01 1.03 4.42
N TYR G 102 -12.28 2.00 3.55
CA TYR G 102 -11.97 1.85 2.14
C TYR G 102 -10.70 2.62 1.78
N GLY G 103 -10.68 3.91 2.12
CA GLY G 103 -9.53 4.75 1.81
C GLY G 103 -9.36 4.90 0.31
N SER G 104 -9.40 6.14 -0.18
CA SER G 104 -9.26 6.39 -1.61
C SER G 104 -10.18 5.47 -2.41
N THR G 105 -11.40 5.93 -2.65
CA THR G 105 -12.37 5.14 -3.38
C THR G 105 -12.05 5.14 -4.88
N GLY G 106 -11.44 4.06 -5.35
CA GLY G 106 -11.10 3.94 -6.75
C GLY G 106 -11.97 2.88 -7.41
N GLY G 107 -11.44 2.21 -8.42
CA GLY G 107 -12.19 1.17 -9.11
C GLY G 107 -13.58 1.67 -9.51
N TYR G 108 -13.62 2.54 -10.50
CA TYR G 108 -14.89 3.11 -10.96
C TYR G 108 -15.90 2.00 -11.30
N GLY G 109 -17.16 2.25 -10.97
CA GLY G 109 -18.20 1.28 -11.25
C GLY G 109 -19.28 1.29 -10.17
N SER G 110 -18.84 1.28 -8.91
CA SER G 110 -19.76 1.30 -7.77
C SER G 110 -19.01 1.05 -6.47
N SER G 111 -19.29 1.87 -5.47
CA SER G 111 -18.63 1.73 -4.17
C SER G 111 -19.66 1.88 -3.05
N GLN G 112 -20.15 0.75 -2.54
CA GLN G 112 -21.14 0.77 -1.47
C GLN G 112 -20.57 0.12 -0.22
N SER G 113 -20.10 0.94 0.71
CA SER G 113 -19.53 0.41 1.95
C SER G 113 -19.85 1.31 3.14
N SER G 114 -19.64 0.76 4.34
CA SER G 114 -19.89 1.50 5.58
C SER G 114 -18.82 1.16 6.60
N GLN G 115 -18.02 2.14 7.00
CA GLN G 115 -16.95 1.90 7.96
C GLN G 115 -16.84 3.04 8.97
N SER G 116 -15.85 2.95 9.86
CA SER G 116 -15.64 3.96 10.88
C SER G 116 -14.31 3.75 11.59
N SER G 117 -13.96 4.68 12.47
CA SER G 117 -12.71 4.58 13.22
C SER G 117 -12.87 5.18 14.61
N TYR G 118 -12.17 4.63 15.59
CA TYR G 118 -12.26 5.13 16.96
C TYR G 118 -10.98 5.87 17.36
N GLY G 119 -9.93 5.12 17.66
CA GLY G 119 -8.66 5.73 18.06
C GLY G 119 -7.70 5.85 16.88
N GLN G 120 -8.05 6.72 15.94
CA GLN G 120 -7.22 6.93 14.76
C GLN G 120 -6.32 8.15 14.93
N GLN G 121 -5.02 7.94 14.96
CA GLN G 121 -4.09 9.06 15.12
C GLN G 121 -2.65 8.64 14.84
N SER G 122 -1.81 9.61 14.50
CA SER G 122 -0.41 9.35 14.20
C SER G 122 0.49 10.01 15.25
N SER G 123 1.47 9.28 15.73
CA SER G 123 2.39 9.80 16.74
C SER G 123 1.64 10.20 17.99
N TYR G 124 2.29 10.98 18.85
CA TYR G 124 1.66 11.43 20.10
C TYR G 124 2.61 12.34 20.87
N SER H 64 -26.63 7.45 -19.85
CA SER H 64 -25.26 7.10 -20.31
C SER H 64 -24.26 8.05 -19.63
N TYR H 65 -23.26 7.46 -18.98
CA TYR H 65 -22.24 8.25 -18.29
C TYR H 65 -20.89 8.13 -19.01
N SER H 66 -20.46 9.23 -19.61
CA SER H 66 -19.19 9.23 -20.33
C SER H 66 -18.52 10.60 -20.24
N GLY H 67 -17.53 10.72 -19.36
CA GLY H 67 -16.82 11.98 -19.18
C GLY H 67 -15.84 11.90 -18.02
N TYR H 68 -15.24 13.04 -17.66
CA TYR H 68 -14.29 13.09 -16.56
C TYR H 68 -13.06 12.25 -16.87
N SER H 69 -11.90 12.69 -16.39
CA SER H 69 -10.65 11.97 -16.62
C SER H 69 -9.47 12.73 -16.05
N GLN H 70 -9.09 12.41 -14.82
CA GLN H 70 -7.96 13.06 -14.17
C GLN H 70 -7.73 12.50 -12.77
N SER H 71 -6.51 12.62 -12.28
CA SER H 71 -6.16 12.10 -10.96
C SER H 71 -6.87 12.88 -9.85
N THR H 72 -7.37 12.14 -8.87
CA THR H 72 -8.07 12.76 -7.74
C THR H 72 -7.35 12.41 -6.44
N ASP H 73 -7.08 13.43 -5.62
CA ASP H 73 -6.40 13.21 -4.36
C ASP H 73 -6.89 14.18 -3.29
N THR H 74 -7.35 13.64 -2.16
CA THR H 74 -7.85 14.49 -1.08
C THR H 74 -6.70 15.18 -0.35
N SER H 75 -5.72 14.41 0.08
CA SER H 75 -4.59 14.97 0.79
C SER H 75 -3.27 14.44 0.23
N GLY H 76 -2.16 14.87 0.82
CA GLY H 76 -0.85 14.42 0.38
C GLY H 76 -0.47 15.09 -0.94
N TYR H 77 -0.18 16.40 -0.87
CA TYR H 77 0.23 17.18 -2.04
C TYR H 77 -0.38 16.65 -3.34
N GLY H 78 -1.68 16.85 -3.51
CA GLY H 78 -2.37 16.40 -4.70
C GLY H 78 -1.93 17.21 -5.91
N GLN H 79 -0.95 16.67 -6.65
CA GLN H 79 -0.42 17.35 -7.82
C GLN H 79 0.32 18.62 -7.40
N SER H 80 1.61 18.47 -7.13
CA SER H 80 2.42 19.62 -6.71
C SER H 80 3.89 19.37 -7.03
N SER H 81 4.61 20.45 -7.31
CA SER H 81 6.03 20.33 -7.63
C SER H 81 6.83 21.40 -6.89
N TYR H 82 7.98 21.01 -6.34
CA TYR H 82 8.83 21.94 -5.63
C TYR H 82 10.10 22.23 -6.40
N SER H 83 10.17 23.42 -7.01
CA SER H 83 11.34 23.80 -7.78
C SER H 83 11.99 25.05 -7.21
N SER H 84 11.75 25.30 -5.93
CA SER H 84 12.33 26.47 -5.26
C SER H 84 13.83 26.32 -5.10
N TYR H 85 14.54 27.45 -5.08
CA TYR H 85 15.98 27.42 -4.93
C TYR H 85 16.39 28.00 -3.58
N GLY H 86 17.29 27.31 -2.89
CA GLY H 86 17.75 27.75 -1.58
C GLY H 86 16.71 27.50 -0.51
N GLN H 87 16.82 26.35 0.16
CA GLN H 87 15.88 26.00 1.22
C GLN H 87 16.60 25.37 2.39
N SER H 88 16.11 25.62 3.60
CA SER H 88 16.72 25.06 4.80
C SER H 88 15.67 24.50 5.75
N GLN H 89 16.01 23.41 6.43
CA GLN H 89 15.09 22.77 7.36
C GLN H 89 13.73 22.56 6.71
N ASN H 90 13.70 21.82 5.61
CA ASN H 90 12.45 21.55 4.91
C ASN H 90 11.65 20.49 5.65
N THR H 91 10.36 20.76 5.86
CA THR H 91 9.49 19.81 6.55
C THR H 91 8.18 19.63 5.80
N GLY H 92 7.76 18.36 5.67
CA GLY H 92 6.52 18.06 4.98
C GLY H 92 5.32 18.61 5.76
N TYR H 93 4.14 18.07 5.48
CA TYR H 93 2.93 18.50 6.16
C TYR H 93 3.14 18.61 7.66
N GLY H 94 3.45 17.48 8.29
CA GLY H 94 3.67 17.47 9.74
C GLY H 94 2.51 16.80 10.47
N THR H 95 1.56 17.61 10.93
CA THR H 95 0.40 17.09 11.65
C THR H 95 -0.88 17.37 10.87
N GLN H 96 -1.49 16.31 10.36
CA GLN H 96 -2.73 16.46 9.61
C GLN H 96 -3.48 15.14 9.52
N SER H 97 -4.78 15.18 9.79
CA SER H 97 -5.58 13.96 9.75
C SER H 97 -6.48 13.95 8.52
N THR H 98 -6.35 12.88 7.73
CA THR H 98 -7.14 12.73 6.51
C THR H 98 -8.53 12.17 6.85
N PRO H 99 -9.43 12.08 5.90
CA PRO H 99 -10.81 11.57 6.13
C PRO H 99 -10.85 10.24 6.87
N GLN H 100 -12.05 9.73 7.05
CA GLN H 100 -12.28 8.47 7.74
C GLN H 100 -13.48 7.77 7.12
N GLY H 101 -13.21 6.67 6.43
CA GLY H 101 -14.27 5.91 5.77
C GLY H 101 -13.90 5.64 4.32
N TYR H 102 -14.16 6.61 3.45
CA TYR H 102 -13.85 6.45 2.03
C TYR H 102 -12.58 7.22 1.68
N GLY H 103 -12.56 8.51 2.01
CA GLY H 103 -11.39 9.34 1.71
C GLY H 103 -11.21 9.48 0.20
N SER H 104 -11.26 10.72 -0.29
CA SER H 104 -11.10 10.97 -1.71
C SER H 104 -12.03 10.06 -2.51
N THR H 105 -13.25 10.52 -2.75
CA THR H 105 -14.22 9.73 -3.50
C THR H 105 -13.89 9.73 -4.98
N GLY H 106 -13.29 8.64 -5.45
CA GLY H 106 -12.94 8.52 -6.86
C GLY H 106 -13.81 7.47 -7.52
N GLY H 107 -13.28 6.79 -8.52
CA GLY H 107 -14.02 5.76 -9.22
C GLY H 107 -15.41 6.26 -9.62
N TYR H 108 -15.46 7.13 -10.61
CA TYR H 108 -16.71 7.70 -11.09
C TYR H 108 -17.73 6.60 -11.43
N GLY H 109 -18.99 6.84 -11.10
CA GLY H 109 -20.04 5.87 -11.38
C GLY H 109 -21.12 5.91 -10.30
N SER H 110 -20.68 5.89 -9.04
CA SER H 110 -21.60 5.92 -7.90
C SER H 110 -20.86 5.68 -6.60
N SER H 111 -21.13 6.50 -5.60
CA SER H 111 -20.49 6.35 -4.30
C SER H 111 -21.52 6.51 -3.18
N GLN H 112 -22.03 5.39 -2.68
CA GLN H 112 -23.02 5.40 -1.61
C GLN H 112 -22.46 4.76 -0.35
N SER H 113 -21.98 5.58 0.58
CA SER H 113 -21.41 5.04 1.82
C SER H 113 -21.74 5.95 3.01
N SER H 114 -21.54 5.40 4.21
CA SER H 114 -21.78 6.15 5.44
C SER H 114 -20.72 5.80 6.47
N GLN H 115 -19.92 6.79 6.87
CA GLN H 115 -18.85 6.54 7.84
C GLN H 115 -18.75 7.68 8.84
N SER H 116 -17.76 7.58 9.74
CA SER H 116 -17.55 8.61 10.75
C SER H 116 -16.22 8.38 11.48
N SER H 117 -15.87 9.32 12.35
CA SER H 117 -14.61 9.21 13.11
C SER H 117 -14.79 9.82 14.49
N TYR H 118 -14.09 9.26 15.48
CA TYR H 118 -14.18 9.76 16.85
C TYR H 118 -12.91 10.49 17.25
N GLY H 119 -11.86 9.74 17.55
CA GLY H 119 -10.59 10.34 17.96
C GLY H 119 -9.63 10.46 16.78
N GLN H 120 -9.97 11.33 15.84
CA GLN H 120 -9.14 11.54 14.66
C GLN H 120 -8.23 12.75 14.84
N GLN H 121 -6.92 12.53 14.87
CA GLN H 121 -5.99 13.65 15.03
C GLN H 121 -4.54 13.23 14.75
N SER H 122 -3.71 14.20 14.41
CA SER H 122 -2.30 13.92 14.13
C SER H 122 -1.41 14.59 15.18
N SER H 123 -0.42 13.84 15.66
CA SER H 123 0.49 14.36 16.68
C SER H 123 -0.27 14.78 17.93
N TYR H 124 0.38 15.56 18.79
CA TYR H 124 -0.25 16.01 20.02
C TYR H 124 0.70 16.91 20.81
N SER I 64 -28.41 12.07 -20.02
CA SER I 64 -27.03 11.73 -20.47
C SER I 64 -26.02 12.66 -19.80
N TYR I 65 -25.04 12.07 -19.14
CA TYR I 65 -24.02 12.86 -18.45
C TYR I 65 -22.67 12.73 -19.16
N SER I 66 -22.22 13.83 -19.76
CA SER I 66 -20.95 13.83 -20.47
C SER I 66 -20.28 15.20 -20.39
N GLY I 67 -19.30 15.31 -19.50
CA GLY I 67 -18.58 16.56 -19.33
C GLY I 67 -17.60 16.48 -18.16
N TYR I 68 -17.00 17.62 -17.80
CA TYR I 68 -16.05 17.67 -16.69
C TYR I 68 -14.83 16.81 -17.00
N SER I 69 -13.67 17.25 -16.51
CA SER I 69 -12.42 16.53 -16.74
C SER I 69 -11.23 17.29 -16.16
N GLN I 70 -10.86 16.96 -14.92
CA GLN I 70 -9.73 17.62 -14.28
C GLN I 70 -9.51 17.06 -12.88
N SER I 71 -8.29 17.17 -12.39
CA SER I 71 -7.95 16.65 -11.07
C SER I 71 -8.67 17.43 -9.96
N THR I 72 -9.17 16.70 -8.98
CA THR I 72 -9.86 17.31 -7.85
C THR I 72 -9.16 16.97 -6.54
N ASP I 73 -8.89 17.99 -5.73
CA ASP I 73 -8.21 17.77 -4.46
C ASP I 73 -8.72 18.75 -3.40
N THR I 74 -9.17 18.22 -2.27
CA THR I 74 -9.66 19.06 -1.19
C THR I 74 -8.51 19.75 -0.46
N SER I 75 -7.54 18.98 -0.02
CA SER I 75 -6.41 19.53 0.69
C SER I 75 -5.09 19.00 0.14
N GLY I 76 -3.98 19.43 0.74
CA GLY I 76 -2.67 18.98 0.30
C GLY I 76 -2.27 19.64 -1.02
N TYR I 77 -1.98 20.94 -0.96
CA TYR I 77 -1.56 21.72 -2.13
C TYR I 77 -2.18 21.18 -3.42
N GLY I 78 -3.48 21.41 -3.60
CA GLY I 78 -4.17 20.96 -4.80
C GLY I 78 -3.72 21.76 -6.01
N GLN I 79 -2.73 21.21 -6.74
CA GLN I 79 -2.20 21.90 -7.91
C GLN I 79 -1.46 23.16 -7.51
N SER I 80 -0.17 23.01 -7.21
CA SER I 80 0.64 24.14 -6.79
C SER I 80 2.12 23.89 -7.10
N SER I 81 2.85 24.96 -7.39
CA SER I 81 4.27 24.84 -7.70
C SER I 81 5.06 25.91 -6.96
N TYR I 82 6.21 25.51 -6.42
CA TYR I 82 7.06 26.45 -5.68
C TYR I 82 8.34 26.72 -6.47
N SER I 83 8.41 27.91 -7.07
CA SER I 83 9.58 28.29 -7.84
C SER I 83 10.24 29.54 -7.27
N SER I 84 10.01 29.79 -5.99
CA SER I 84 10.58 30.95 -5.33
C SER I 84 12.09 30.79 -5.16
N TYR I 85 12.79 31.92 -5.13
CA TYR I 85 14.24 31.89 -4.98
C TYR I 85 14.64 32.47 -3.62
N GLY I 86 15.54 31.77 -2.93
CA GLY I 86 16.00 32.22 -1.63
C GLY I 86 14.94 31.98 -0.55
N GLN I 87 15.05 30.83 0.12
CA GLN I 87 14.10 30.48 1.17
C GLN I 87 14.83 29.85 2.36
N SER I 88 14.32 30.10 3.56
CA SER I 88 14.93 29.54 4.76
C SER I 88 13.87 28.98 5.70
N GLN I 89 14.20 27.90 6.38
CA GLN I 89 13.28 27.27 7.31
C GLN I 89 11.91 27.07 6.67
N ASN I 90 11.89 26.33 5.56
CA ASN I 90 10.64 26.06 4.86
C ASN I 90 9.83 25.00 5.60
N THR I 91 8.54 25.27 5.80
CA THR I 91 7.68 24.33 6.49
C THR I 91 6.36 24.14 5.73
N GLY I 92 5.94 22.89 5.61
CA GLY I 92 4.69 22.58 4.92
C GLY I 92 3.50 23.14 5.69
N TYR I 93 2.32 22.60 5.41
CA TYR I 93 1.10 23.05 6.07
C TYR I 93 1.31 23.15 7.59
N GLY I 94 1.60 22.02 8.22
CA GLY I 94 1.83 22.02 9.67
C GLY I 94 0.66 21.36 10.39
N THR I 95 -0.29 22.16 10.84
CA THR I 95 -1.45 21.66 11.56
C THR I 95 -2.72 21.93 10.77
N GLN I 96 -3.36 20.89 10.27
CA GLN I 96 -4.59 21.05 9.50
C GLN I 96 -5.34 19.73 9.43
N SER I 97 -6.63 19.77 9.68
CA SER I 97 -7.44 18.56 9.64
C SER I 97 -8.33 18.55 8.40
N THR I 98 -8.21 17.47 7.63
CA THR I 98 -9.00 17.33 6.40
C THR I 98 -10.39 16.78 6.75
N PRO I 99 -11.29 16.70 5.78
CA PRO I 99 -12.68 16.20 6.02
C PRO I 99 -12.72 14.88 6.77
N GLN I 100 -13.94 14.37 6.92
CA GLN I 100 -14.16 13.10 7.61
C GLN I 100 -15.36 12.40 6.99
N GLY I 101 -15.10 11.29 6.32
CA GLY I 101 -16.15 10.54 5.66
C GLY I 101 -15.78 10.25 4.20
N TYR I 102 -16.02 11.22 3.33
CA TYR I 102 -15.70 11.05 1.91
C TYR I 102 -14.42 11.81 1.56
N GLY I 103 -14.40 13.10 1.90
CA GLY I 103 -13.24 13.94 1.60
C GLY I 103 -13.06 14.08 0.09
N SER I 104 -13.09 15.31 -0.40
CA SER I 104 -12.94 15.57 -1.83
C SER I 104 -13.86 14.65 -2.63
N THR I 105 -15.08 15.12 -2.88
CA THR I 105 -16.05 14.33 -3.62
C THR I 105 -15.71 14.31 -5.11
N GLY I 106 -15.11 13.23 -5.57
CA GLY I 106 -14.76 13.11 -6.97
C GLY I 106 -15.64 12.06 -7.64
N GLY I 107 -15.10 11.38 -8.64
CA GLY I 107 -15.85 10.35 -9.34
C GLY I 107 -17.23 10.85 -9.74
N TYR I 108 -17.26 11.72 -10.74
CA TYR I 108 -18.52 12.28 -11.21
C TYR I 108 -19.53 11.19 -11.56
N GLY I 109 -20.79 11.44 -11.24
CA GLY I 109 -21.86 10.48 -11.52
C GLY I 109 -22.93 10.52 -10.44
N SER I 110 -22.51 10.51 -9.18
CA SER I 110 -23.44 10.55 -8.05
C SER I 110 -22.69 10.30 -6.75
N SER I 111 -22.97 11.13 -5.74
CA SER I 111 -22.33 10.98 -4.44
C SER I 111 -23.36 11.16 -3.32
N GLN I 112 -23.88 10.03 -2.83
CA GLN I 112 -24.87 10.06 -1.77
C GLN I 112 -24.32 9.41 -0.50
N SER I 113 -23.84 10.23 0.44
CA SER I 113 -23.28 9.70 1.67
C SER I 113 -23.60 10.61 2.86
N SER I 114 -23.42 10.06 4.06
CA SER I 114 -23.66 10.81 5.29
C SER I 114 -22.61 10.45 6.33
N GLN I 115 -21.81 11.44 6.73
CA GLN I 115 -20.74 11.20 7.70
C GLN I 115 -20.63 12.34 8.70
N SER I 116 -19.65 12.23 9.60
CA SER I 116 -19.44 13.25 10.61
C SER I 116 -18.11 13.03 11.34
N SER I 117 -17.76 13.96 12.22
CA SER I 117 -16.51 13.85 12.98
C SER I 117 -16.68 14.46 14.37
N TYR I 118 -15.98 13.89 15.35
CA TYR I 118 -16.08 14.39 16.72
C TYR I 118 -14.80 15.11 17.12
N GLY I 119 -13.75 14.35 17.43
CA GLY I 119 -12.49 14.96 17.84
C GLY I 119 -11.53 15.08 16.66
N GLN I 120 -11.87 15.95 15.72
CA GLN I 120 -11.03 16.15 14.54
C GLN I 120 -10.12 17.38 14.73
N GLN I 121 -8.81 17.16 14.75
CA GLN I 121 -7.87 18.27 14.93
C GLN I 121 -6.43 17.84 14.66
N SER I 122 -5.58 18.80 14.32
CA SER I 122 -4.17 18.52 14.04
C SER I 122 -3.29 19.18 15.08
N SER I 123 -2.31 18.43 15.58
CA SER I 123 -1.40 18.95 16.59
C SER I 123 -2.16 19.37 17.85
N TYR I 124 -1.51 20.14 18.70
CA TYR I 124 -2.14 20.60 19.94
C TYR I 124 -1.19 21.50 20.71
N SER A 64 -2.97 -24.66 -23.52
CA SER A 64 -1.50 -24.54 -23.68
C SER A 64 -1.17 -24.30 -25.14
N TYR A 65 -0.19 -23.43 -25.39
CA TYR A 65 0.22 -23.13 -26.76
C TYR A 65 1.73 -23.20 -26.89
N SER A 66 2.24 -22.86 -28.08
CA SER A 66 3.68 -22.90 -28.32
C SER A 66 4.42 -22.04 -27.30
N GLY A 67 4.93 -22.67 -26.25
CA GLY A 67 5.66 -21.96 -25.21
C GLY A 67 4.77 -21.72 -23.99
N TYR A 68 5.32 -21.95 -22.81
CA TYR A 68 4.57 -21.76 -21.58
C TYR A 68 5.52 -21.58 -20.39
N SER A 69 5.27 -20.56 -19.59
CA SER A 69 6.12 -20.29 -18.42
C SER A 69 5.27 -19.78 -17.26
N GLN A 70 5.51 -20.35 -16.08
CA GLN A 70 4.76 -19.94 -14.89
C GLN A 70 5.56 -20.25 -13.63
N SER A 71 5.66 -19.27 -12.73
CA SER A 71 6.40 -19.45 -11.50
C SER A 71 5.56 -19.01 -10.29
N THR A 72 5.76 -19.68 -9.17
CA THR A 72 5.02 -19.34 -7.95
C THR A 72 5.96 -19.28 -6.76
N ASP A 73 5.80 -18.25 -5.94
CA ASP A 73 6.66 -18.09 -4.76
C ASP A 73 5.87 -17.52 -3.60
N THR A 74 6.18 -17.96 -2.39
CA THR A 74 5.48 -17.47 -1.20
C THR A 74 6.45 -16.80 -0.24
N SER A 75 7.51 -17.53 0.11
CA SER A 75 8.50 -17.01 1.04
C SER A 75 9.90 -17.24 0.49
N GLY A 76 10.89 -17.08 1.36
CA GLY A 76 12.28 -17.28 0.97
C GLY A 76 12.90 -15.99 0.44
N TYR A 77 12.12 -15.23 -0.34
CA TYR A 77 12.59 -13.96 -0.91
C TYR A 77 11.57 -13.46 -1.92
N GLY A 78 11.96 -12.48 -2.72
CA GLY A 78 11.06 -11.94 -3.74
C GLY A 78 10.88 -12.93 -4.87
N GLN A 79 12.01 -13.47 -5.36
CA GLN A 79 12.01 -14.45 -6.45
C GLN A 79 13.43 -14.63 -6.99
N SER A 80 13.84 -13.72 -7.86
CA SER A 80 15.17 -13.78 -8.44
C SER A 80 16.10 -12.79 -7.75
N SER A 81 17.24 -13.28 -7.28
CA SER A 81 18.21 -12.42 -6.59
C SER A 81 19.59 -12.54 -7.24
N TYR A 82 20.20 -11.39 -7.52
CA TYR A 82 21.52 -11.37 -8.14
C TYR A 82 22.60 -11.30 -7.06
N SER A 83 23.86 -11.17 -7.50
CA SER A 83 24.98 -11.10 -6.57
C SER A 83 25.97 -10.03 -7.01
N SER A 84 26.73 -9.50 -6.05
CA SER A 84 27.71 -8.47 -6.33
C SER A 84 28.76 -8.98 -7.32
N TYR A 85 29.89 -8.28 -7.39
CA TYR A 85 30.97 -8.68 -8.29
C TYR A 85 32.27 -8.86 -7.52
N GLY A 86 32.15 -9.15 -6.22
CA GLY A 86 33.32 -9.35 -5.38
C GLY A 86 33.03 -8.96 -3.94
N GLN A 87 33.47 -9.80 -3.01
CA GLN A 87 33.26 -9.53 -1.59
C GLN A 87 31.78 -9.28 -1.31
N SER A 88 30.92 -10.06 -1.94
CA SER A 88 29.48 -9.90 -1.75
C SER A 88 29.06 -10.42 -0.37
N GLN A 89 28.15 -9.70 0.28
CA GLN A 89 27.68 -10.10 1.59
C GLN A 89 26.16 -10.06 1.65
N ASN A 90 25.52 -11.15 1.23
CA ASN A 90 24.06 -11.22 1.23
C ASN A 90 23.56 -11.94 2.48
N THR A 91 22.60 -11.35 3.16
CA THR A 91 22.04 -11.94 4.37
C THR A 91 20.54 -12.17 4.22
N GLY A 92 20.11 -13.41 4.49
CA GLY A 92 18.70 -13.77 4.38
C GLY A 92 17.87 -12.97 5.38
N TYR A 93 16.66 -13.45 5.64
CA TYR A 93 15.76 -12.77 6.57
C TYR A 93 16.37 -12.67 7.96
N GLY A 94 16.71 -13.83 8.53
CA GLY A 94 17.30 -13.86 9.87
C GLY A 94 16.37 -14.56 10.86
N THR A 95 15.50 -13.79 11.49
CA THR A 95 14.56 -14.33 12.47
C THR A 95 13.13 -14.14 11.98
N GLN A 96 12.47 -15.25 11.62
CA GLN A 96 11.10 -15.16 11.14
C GLN A 96 10.46 -16.54 11.05
N SER A 97 9.12 -16.55 11.02
CA SER A 97 8.38 -17.81 10.93
C SER A 97 7.56 -17.84 9.64
N THR A 98 7.81 -18.86 8.83
CA THR A 98 7.09 -19.03 7.56
C THR A 98 5.78 -19.79 7.79
N PRO A 99 4.94 -19.91 6.79
CA PRO A 99 3.64 -20.62 6.91
C PRO A 99 3.73 -21.94 7.66
N GLN A 100 2.57 -22.46 8.01
CA GLN A 100 2.46 -23.72 8.73
C GLN A 100 1.24 -24.48 8.22
N GLY A 101 1.48 -25.59 7.55
CA GLY A 101 0.38 -26.38 7.00
C GLY A 101 0.49 -26.46 5.47
N TYR A 102 -0.01 -25.42 4.80
CA TYR A 102 0.04 -25.38 3.34
C TYR A 102 0.92 -24.21 2.87
N GLY A 103 2.20 -24.51 2.65
CA GLY A 103 3.15 -23.51 2.20
C GLY A 103 2.60 -22.70 1.03
N SER A 104 2.86 -23.16 -0.18
CA SER A 104 2.37 -22.46 -1.37
C SER A 104 2.02 -23.44 -2.47
N THR A 105 0.93 -23.17 -3.17
CA THR A 105 0.48 -24.02 -4.26
C THR A 105 -0.26 -23.19 -5.30
N GLY A 106 0.42 -22.86 -6.40
CA GLY A 106 -0.22 -22.09 -7.46
C GLY A 106 -1.56 -22.71 -7.82
N GLY A 107 -2.64 -22.11 -7.32
CA GLY A 107 -3.97 -22.62 -7.58
C GLY A 107 -4.30 -22.55 -9.06
N TYR A 108 -4.21 -23.67 -9.74
CA TYR A 108 -4.50 -23.73 -11.17
C TYR A 108 -5.97 -24.07 -11.37
N GLY A 109 -6.32 -25.33 -11.08
CA GLY A 109 -7.69 -25.78 -11.24
C GLY A 109 -8.47 -25.65 -9.93
N SER A 110 -7.98 -26.31 -8.88
CA SER A 110 -8.65 -26.25 -7.58
C SER A 110 -7.64 -26.47 -6.46
N SER A 111 -7.74 -25.66 -5.42
CA SER A 111 -6.85 -25.77 -4.27
C SER A 111 -7.55 -25.32 -2.99
N GLN A 112 -7.99 -26.28 -2.19
CA GLN A 112 -8.68 -25.95 -0.95
C GLN A 112 -8.11 -26.77 0.22
N SER A 113 -7.72 -26.08 1.28
CA SER A 113 -7.15 -26.76 2.45
C SER A 113 -7.45 -26.00 3.73
N SER A 114 -7.06 -26.59 4.86
CA SER A 114 -7.29 -25.97 6.16
C SER A 114 -6.15 -26.32 7.12
N GLN A 115 -5.52 -25.30 7.69
CA GLN A 115 -4.41 -25.53 8.62
C GLN A 115 -4.26 -24.35 9.59
N SER A 116 -3.35 -24.50 10.54
CA SER A 116 -3.12 -23.45 11.52
C SER A 116 -1.88 -23.75 12.36
N SER A 117 -1.54 -22.83 13.26
CA SER A 117 -0.37 -23.01 14.12
C SER A 117 -0.45 -22.07 15.32
N TYR A 118 0.37 -22.31 16.33
CA TYR A 118 0.36 -21.47 17.53
C TYR A 118 1.17 -20.19 17.29
N GLY A 119 2.50 -20.32 17.25
CA GLY A 119 3.35 -19.16 17.02
C GLY A 119 4.82 -19.49 17.27
N GLN A 120 5.43 -20.25 16.35
CA GLN A 120 6.84 -20.61 16.50
C GLN A 120 7.69 -19.38 16.81
N GLN A 121 8.94 -19.61 17.20
CA GLN A 121 9.82 -18.49 17.54
C GLN A 121 11.16 -18.64 16.81
N SER A 122 11.74 -17.50 16.42
CA SER A 122 13.01 -17.49 15.72
C SER A 122 14.04 -16.68 16.49
N SER A 123 15.18 -17.31 16.79
CA SER A 123 16.23 -16.64 17.53
C SER A 123 15.71 -16.14 18.88
N TYR A 124 16.45 -15.22 19.50
CA TYR A 124 16.04 -14.67 20.79
C TYR A 124 17.04 -13.60 21.25
N SER B 64 -4.65 -20.13 -23.62
CA SER B 64 -3.17 -20.02 -23.76
C SER B 64 -2.81 -19.78 -25.22
N TYR B 65 -1.84 -18.91 -25.45
CA TYR B 65 -1.41 -18.61 -26.81
C TYR B 65 0.11 -18.69 -26.93
N SER B 66 0.63 -18.36 -28.10
CA SER B 66 2.07 -18.40 -28.33
C SER B 66 2.80 -17.54 -27.31
N GLY B 67 3.29 -18.18 -26.24
CA GLY B 67 4.01 -17.47 -25.19
C GLY B 67 3.10 -17.22 -23.99
N TYR B 68 3.64 -17.46 -22.80
CA TYR B 68 2.88 -17.26 -21.57
C TYR B 68 3.81 -17.09 -20.38
N SER B 69 3.56 -16.06 -19.58
CA SER B 69 4.38 -15.80 -18.41
C SER B 69 3.53 -15.29 -17.25
N GLN B 70 3.75 -15.85 -16.07
CA GLN B 70 2.99 -15.44 -14.89
C GLN B 70 3.77 -15.75 -13.62
N SER B 71 3.85 -14.77 -12.72
CA SER B 71 4.58 -14.96 -11.47
C SER B 71 3.73 -14.51 -10.28
N THR B 72 3.91 -15.19 -9.15
CA THR B 72 3.16 -14.85 -7.95
C THR B 72 4.09 -14.80 -6.74
N ASP B 73 3.93 -13.76 -5.92
CA ASP B 73 4.76 -13.59 -4.73
C ASP B 73 3.95 -13.02 -3.58
N THR B 74 4.25 -13.47 -2.37
CA THR B 74 3.54 -12.98 -1.19
C THR B 74 4.50 -12.32 -0.21
N SER B 75 5.54 -13.04 0.15
CA SER B 75 6.53 -12.52 1.08
C SER B 75 7.93 -12.76 0.56
N GLY B 76 8.91 -12.60 1.45
CA GLY B 76 10.30 -12.80 1.07
C GLY B 76 10.94 -11.52 0.55
N TYR B 77 10.17 -10.76 -0.24
CA TYR B 77 10.66 -9.50 -0.80
C TYR B 77 9.65 -9.00 -1.83
N GLY B 78 10.06 -8.01 -2.62
CA GLY B 78 9.16 -7.46 -3.64
C GLY B 78 8.99 -8.46 -4.79
N GLN B 79 10.13 -9.00 -5.25
CA GLN B 79 10.14 -9.98 -6.35
C GLN B 79 11.56 -10.16 -6.87
N SER B 80 12.00 -9.25 -7.74
CA SER B 80 13.34 -9.32 -8.30
C SER B 80 14.25 -8.33 -7.59
N SER B 81 15.39 -8.83 -7.10
CA SER B 81 16.35 -7.98 -6.41
C SER B 81 17.73 -8.10 -7.04
N TYR B 82 18.35 -6.95 -7.31
CA TYR B 82 19.68 -6.93 -7.90
C TYR B 82 20.76 -6.87 -6.82
N SER B 83 22.02 -6.74 -7.25
CA SER B 83 23.12 -6.68 -6.30
C SER B 83 24.14 -5.61 -6.73
N SER B 84 24.87 -5.09 -5.76
CA SER B 84 25.87 -4.06 -6.02
C SER B 84 26.92 -4.57 -7.00
N TYR B 85 28.05 -3.87 -7.06
CA TYR B 85 29.15 -4.27 -7.94
C TYR B 85 30.43 -4.47 -7.15
N GLY B 86 30.30 -4.76 -5.85
CA GLY B 86 31.46 -4.97 -5.01
C GLY B 86 31.16 -4.57 -3.56
N GLN B 87 31.58 -5.42 -2.62
CA GLN B 87 31.35 -5.15 -1.21
C GLN B 87 29.86 -4.89 -0.94
N SER B 88 29.00 -5.66 -1.59
CA SER B 88 27.56 -5.50 -1.42
C SER B 88 27.13 -6.02 -0.05
N GLN B 89 26.22 -5.29 0.58
CA GLN B 89 25.72 -5.70 1.90
C GLN B 89 24.20 -5.65 1.94
N ASN B 90 23.56 -6.73 1.51
CA ASN B 90 22.11 -6.79 1.50
C ASN B 90 21.59 -7.52 2.74
N THR B 91 20.61 -6.92 3.40
CA THR B 91 20.04 -7.52 4.60
C THR B 91 18.55 -7.76 4.43
N GLY B 92 18.11 -8.99 4.69
CA GLY B 92 16.70 -9.33 4.57
C GLY B 92 15.85 -8.53 5.55
N TYR B 93 14.64 -9.00 5.79
CA TYR B 93 13.73 -8.32 6.71
C TYR B 93 14.33 -8.23 8.12
N GLY B 94 14.65 -9.38 8.70
CA GLY B 94 15.22 -9.41 10.04
C GLY B 94 14.28 -10.11 11.02
N THR B 95 13.40 -9.33 11.65
CA THR B 95 12.45 -9.88 12.60
C THR B 95 11.02 -9.69 12.09
N GLN B 96 10.37 -10.79 11.72
CA GLN B 96 9.00 -10.69 11.23
C GLN B 96 8.34 -12.05 11.13
N SER B 97 7.01 -12.07 11.08
CA SER B 97 6.28 -13.32 10.98
C SER B 97 5.46 -13.36 9.69
N THR B 98 5.73 -14.38 8.87
CA THR B 98 5.03 -14.53 7.59
C THR B 98 3.70 -15.28 7.82
N PRO B 99 2.88 -15.40 6.80
CA PRO B 99 1.56 -16.11 6.90
C PRO B 99 1.64 -17.41 7.67
N GLN B 100 0.47 -17.95 7.98
CA GLN B 100 0.35 -19.20 8.70
C GLN B 100 -0.87 -19.96 8.19
N GLY B 101 -0.63 -21.06 7.49
CA GLY B 101 -1.71 -21.86 6.94
C GLY B 101 -1.59 -21.94 5.42
N TYR B 102 -2.06 -20.91 4.73
CA TYR B 102 -1.99 -20.87 3.27
C TYR B 102 -1.09 -19.71 2.82
N GLY B 103 0.18 -20.02 2.61
CA GLY B 103 1.15 -19.01 2.19
C GLY B 103 0.60 -18.20 1.01
N SER B 104 0.88 -18.65 -0.20
CA SER B 104 0.41 -17.95 -1.39
C SER B 104 0.07 -18.93 -2.51
N THR B 105 -1.02 -18.66 -3.22
CA THR B 105 -1.44 -19.51 -4.32
C THR B 105 -2.17 -18.69 -5.37
N GLY B 106 -1.47 -18.35 -6.46
CA GLY B 106 -2.09 -17.57 -7.52
C GLY B 106 -3.44 -18.18 -7.90
N GLY B 107 -4.52 -17.58 -7.41
CA GLY B 107 -5.85 -18.08 -7.69
C GLY B 107 -6.16 -18.01 -9.18
N TYR B 108 -6.05 -19.15 -9.86
CA TYR B 108 -6.34 -19.20 -11.28
C TYR B 108 -7.81 -19.55 -11.52
N GLY B 109 -8.16 -20.80 -11.22
CA GLY B 109 -9.54 -21.25 -11.40
C GLY B 109 -10.33 -21.09 -10.11
N SER B 110 -9.86 -21.76 -9.05
CA SER B 110 -10.54 -21.70 -7.76
C SER B 110 -9.55 -21.93 -6.62
N SER B 111 -9.66 -21.11 -5.58
CA SER B 111 -8.79 -21.23 -4.42
C SER B 111 -9.50 -20.77 -3.15
N GLN B 112 -9.96 -21.73 -2.35
CA GLN B 112 -10.67 -21.39 -1.12
C GLN B 112 -10.12 -22.21 0.05
N SER B 113 -9.72 -21.52 1.12
CA SER B 113 -9.18 -22.21 2.29
C SER B 113 -9.50 -21.45 3.57
N SER B 114 -9.12 -22.03 4.70
CA SER B 114 -9.36 -21.42 6.00
C SER B 114 -8.24 -21.78 6.97
N GLN B 115 -7.62 -20.76 7.56
CA GLN B 115 -6.53 -20.99 8.50
C GLN B 115 -6.38 -19.82 9.47
N SER B 116 -5.47 -19.97 10.43
CA SER B 116 -5.25 -18.92 11.42
C SER B 116 -4.03 -19.22 12.27
N SER B 117 -3.69 -18.31 13.18
CA SER B 117 -2.54 -18.49 14.05
C SER B 117 -2.63 -17.55 15.26
N TYR B 118 -1.83 -17.81 16.28
CA TYR B 118 -1.84 -16.97 17.47
C TYR B 118 -1.03 -15.70 17.24
N GLY B 119 0.31 -15.83 17.22
CA GLY B 119 1.16 -14.67 17.01
C GLY B 119 2.62 -14.99 17.27
N GLN B 120 3.24 -15.76 16.37
CA GLN B 120 4.65 -16.13 16.52
C GLN B 120 5.49 -14.90 16.85
N GLN B 121 6.74 -15.12 17.26
CA GLN B 121 7.62 -14.02 17.60
C GLN B 121 8.96 -14.16 16.89
N SER B 122 9.55 -13.02 16.51
CA SER B 122 10.84 -13.03 15.83
C SER B 122 11.86 -12.22 16.62
N SER B 123 13.00 -12.85 16.93
CA SER B 123 14.04 -12.18 17.69
C SER B 123 13.50 -11.68 19.02
N TYR B 124 14.23 -10.77 19.65
CA TYR B 124 13.82 -10.21 20.93
C TYR B 124 14.80 -9.15 21.41
N SER C 64 -6.31 -15.59 -23.74
CA SER C 64 -4.83 -15.49 -23.85
C SER C 64 -4.45 -15.26 -25.31
N TYR C 65 -3.46 -14.39 -25.53
CA TYR C 65 -3.02 -14.09 -26.89
C TYR C 65 -1.50 -14.17 -26.98
N SER C 66 -0.96 -13.84 -28.15
CA SER C 66 0.48 -13.89 -28.36
C SER C 66 1.20 -13.04 -27.32
N GLY C 67 1.67 -13.68 -26.26
CA GLY C 67 2.38 -12.97 -25.20
C GLY C 67 1.46 -12.72 -24.00
N TYR C 68 1.98 -12.96 -22.80
CA TYR C 68 1.20 -12.75 -21.59
C TYR C 68 2.12 -12.59 -20.38
N SER C 69 1.86 -11.56 -19.58
CA SER C 69 2.68 -11.31 -18.40
C SER C 69 1.81 -10.78 -17.26
N GLN C 70 2.00 -11.35 -16.07
CA GLN C 70 1.23 -10.94 -14.90
C GLN C 70 2.00 -11.25 -13.63
N SER C 71 2.07 -10.28 -12.73
CA SER C 71 2.78 -10.47 -11.47
C SER C 71 1.92 -10.02 -10.30
N THR C 72 2.08 -10.69 -9.16
CA THR C 72 1.32 -10.35 -7.97
C THR C 72 2.22 -10.30 -6.75
N ASP C 73 2.06 -9.26 -5.93
CA ASP C 73 2.88 -9.10 -4.74
C ASP C 73 2.05 -8.52 -3.59
N THR C 74 2.34 -8.97 -2.37
CA THR C 74 1.62 -8.49 -1.20
C THR C 74 2.56 -7.83 -0.21
N SER C 75 3.60 -8.56 0.16
CA SER C 75 4.57 -8.04 1.11
C SER C 75 5.98 -8.28 0.61
N GLY C 76 6.95 -8.12 1.50
CA GLY C 76 8.34 -8.34 1.15
C GLY C 76 8.99 -7.05 0.64
N TYR C 77 8.24 -6.29 -0.16
CA TYR C 77 8.73 -5.03 -0.72
C TYR C 77 7.75 -4.52 -1.76
N GLY C 78 8.16 -3.54 -2.55
CA GLY C 78 7.29 -2.99 -3.57
C GLY C 78 7.14 -3.98 -4.72
N GLN C 79 8.26 -4.53 -5.18
CA GLN C 79 8.29 -5.51 -6.28
C GLN C 79 9.73 -5.70 -6.78
N SER C 80 10.17 -4.78 -7.64
CA SER C 80 11.52 -4.86 -8.18
C SER C 80 12.44 -3.87 -7.46
N SER C 81 13.56 -4.37 -6.96
CA SER C 81 14.51 -3.52 -6.25
C SER C 81 15.91 -3.65 -6.86
N TYR C 82 16.54 -2.51 -7.12
CA TYR C 82 17.87 -2.50 -7.70
C TYR C 82 18.93 -2.44 -6.61
N SER C 83 20.19 -2.31 -7.01
CA SER C 83 21.28 -2.26 -6.05
C SER C 83 22.31 -1.19 -6.47
N SER C 84 23.04 -0.68 -5.47
CA SER C 84 24.03 0.35 -5.74
C SER C 84 25.11 -0.17 -6.70
N TYR C 85 26.24 0.53 -6.73
CA TYR C 85 27.34 0.12 -7.61
C TYR C 85 28.62 -0.08 -6.80
N GLY C 86 28.46 -0.36 -5.51
CA GLY C 86 29.62 -0.58 -4.64
C GLY C 86 29.29 -0.18 -3.21
N GLN C 87 29.70 -1.03 -2.27
CA GLN C 87 29.44 -0.76 -0.85
C GLN C 87 27.97 -0.49 -0.60
N SER C 88 27.10 -1.26 -1.27
CA SER C 88 25.67 -1.09 -1.11
C SER C 88 25.21 -1.62 0.25
N GLN C 89 24.29 -0.89 0.88
CA GLN C 89 23.79 -1.28 2.19
C GLN C 89 22.26 -1.23 2.20
N ASN C 90 21.62 -2.31 1.76
CA ASN C 90 20.17 -2.37 1.73
C ASN C 90 19.63 -3.09 2.96
N THR C 91 18.65 -2.49 3.61
CA THR C 91 18.06 -3.09 4.81
C THR C 91 16.56 -3.32 4.62
N GLY C 92 16.12 -4.54 4.88
CA GLY C 92 14.71 -4.88 4.73
C GLY C 92 13.85 -4.08 5.71
N TYR C 93 12.64 -4.55 5.93
CA TYR C 93 11.72 -3.85 6.84
C TYR C 93 12.29 -3.77 8.25
N GLY C 94 12.60 -4.92 8.84
CA GLY C 94 13.15 -4.96 10.19
C GLY C 94 12.20 -5.66 11.14
N THR C 95 11.32 -4.87 11.76
CA THR C 95 10.35 -5.42 12.71
C THR C 95 8.93 -5.22 12.18
N GLN C 96 8.27 -6.32 11.81
CA GLN C 96 6.91 -6.20 11.29
C GLN C 96 6.25 -7.57 11.19
N SER C 97 4.92 -7.58 11.11
CA SER C 97 4.18 -8.83 11.00
C SER C 97 3.40 -8.86 9.69
N THR C 98 3.66 -9.89 8.88
CA THR C 98 2.98 -10.04 7.60
C THR C 98 1.66 -10.78 7.80
N PRO C 99 0.84 -10.90 6.77
CA PRO C 99 -0.48 -11.59 6.86
C PRO C 99 -0.42 -12.91 7.63
N GLN C 100 -1.60 -13.44 7.92
CA GLN C 100 -1.73 -14.69 8.65
C GLN C 100 -2.95 -15.44 8.12
N GLY C 101 -2.71 -16.55 7.43
CA GLY C 101 -3.78 -17.34 6.86
C GLY C 101 -3.63 -17.42 5.34
N TYR C 102 -4.10 -16.39 4.65
CA TYR C 102 -4.01 -16.35 3.19
C TYR C 102 -3.10 -15.20 2.74
N GLY C 103 -1.82 -15.51 2.56
CA GLY C 103 -0.85 -14.49 2.14
C GLY C 103 -1.38 -13.69 0.96
N SER C 104 -1.09 -14.14 -0.25
CA SER C 104 -1.53 -13.44 -1.44
C SER C 104 -1.86 -14.42 -2.56
N THR C 105 -2.93 -14.14 -3.29
CA THR C 105 -3.36 -14.99 -4.39
C THR C 105 -4.06 -14.17 -5.46
N GLY C 106 -3.36 -13.83 -6.53
CA GLY C 106 -3.95 -13.05 -7.60
C GLY C 106 -5.30 -13.65 -8.00
N GLY C 107 -6.38 -13.05 -7.52
CA GLY C 107 -7.71 -13.55 -7.82
C GLY C 107 -8.00 -13.47 -9.32
N TYR C 108 -7.89 -14.60 -9.99
CA TYR C 108 -8.16 -14.66 -11.42
C TYR C 108 -9.62 -15.00 -11.68
N GLY C 109 -9.98 -16.25 -11.40
CA GLY C 109 -11.36 -16.69 -11.58
C GLY C 109 -12.17 -16.54 -10.31
N SER C 110 -11.72 -17.21 -9.24
CA SER C 110 -12.41 -17.14 -7.96
C SER C 110 -11.43 -17.37 -6.81
N SER C 111 -11.57 -16.56 -5.77
CA SER C 111 -10.70 -16.68 -4.60
C SER C 111 -11.43 -16.21 -3.34
N GLN C 112 -11.91 -17.17 -2.54
CA GLN C 112 -12.63 -16.84 -1.31
C GLN C 112 -12.10 -17.65 -0.14
N SER C 113 -11.71 -16.97 0.93
CA SER C 113 -11.19 -17.66 2.10
C SER C 113 -11.53 -16.89 3.39
N SER C 114 -11.16 -17.49 4.52
CA SER C 114 -11.42 -16.86 5.82
C SER C 114 -10.31 -17.23 6.80
N GLN C 115 -9.69 -16.21 7.40
CA GLN C 115 -8.61 -16.45 8.35
C GLN C 115 -8.48 -15.28 9.32
N SER C 116 -7.58 -15.43 10.30
CA SER C 116 -7.37 -14.39 11.29
C SER C 116 -6.15 -14.69 12.16
N SER C 117 -5.83 -13.77 13.07
CA SER C 117 -4.69 -13.96 13.96
C SER C 117 -4.80 -13.03 15.16
N TYR C 118 -4.00 -13.30 16.19
CA TYR C 118 -4.03 -12.45 17.38
C TYR C 118 -3.20 -11.18 17.17
N GLY C 119 -1.87 -11.32 17.16
CA GLY C 119 -1.02 -10.17 16.96
C GLY C 119 0.45 -10.49 17.25
N GLN C 120 1.07 -11.25 16.36
CA GLN C 120 2.48 -11.63 16.52
C GLN C 120 3.32 -10.41 16.87
N GLN C 121 4.56 -10.63 17.29
CA GLN C 121 5.45 -9.54 17.64
C GLN C 121 6.80 -9.67 16.95
N SER C 122 7.39 -8.55 16.58
CA SER C 122 8.69 -8.56 15.91
C SER C 122 9.70 -7.75 16.72
N SER C 123 10.82 -8.39 17.04
CA SER C 123 11.87 -7.73 17.82
C SER C 123 11.30 -7.22 19.14
N TYR C 124 12.04 -6.32 19.78
CA TYR C 124 11.61 -5.76 21.06
C TYR C 124 12.59 -4.70 21.54
N SER D 64 -7.94 -11.06 -23.88
CA SER D 64 -6.46 -10.96 -23.97
C SER D 64 -6.06 -10.73 -25.44
N TYR D 65 -5.08 -9.87 -25.64
CA TYR D 65 -4.61 -9.57 -26.98
C TYR D 65 -3.09 -9.66 -27.06
N SER D 66 -2.53 -9.32 -28.22
CA SER D 66 -1.08 -9.38 -28.41
C SER D 66 -0.38 -8.53 -27.36
N GLY D 67 0.08 -9.17 -26.29
CA GLY D 67 0.77 -8.47 -25.22
C GLY D 67 -0.15 -8.22 -24.04
N TYR D 68 0.35 -8.46 -22.83
CA TYR D 68 -0.45 -8.25 -21.63
C TYR D 68 0.45 -8.09 -20.41
N SER D 69 0.19 -7.05 -19.62
CA SER D 69 0.98 -6.81 -18.42
C SER D 69 0.10 -6.27 -17.29
N GLN D 70 0.28 -6.85 -16.11
CA GLN D 70 -0.51 -6.42 -14.95
C GLN D 70 0.24 -6.75 -13.66
N SER D 71 0.31 -5.77 -12.76
CA SER D 71 1.00 -5.96 -11.49
C SER D 71 0.12 -5.52 -10.33
N THR D 72 0.27 -6.19 -9.19
CA THR D 72 -0.51 -5.85 -8.01
C THR D 72 0.39 -5.80 -6.78
N ASP D 73 0.21 -4.75 -5.97
CA ASP D 73 1.02 -4.59 -4.75
C ASP D 73 0.18 -4.02 -3.62
N THR D 74 0.44 -4.47 -2.40
CA THR D 74 -0.31 -3.98 -1.24
C THR D 74 0.63 -3.33 -0.24
N SER D 75 1.67 -4.06 0.15
CA SER D 75 2.63 -3.54 1.11
C SER D 75 4.05 -3.79 0.62
N GLY D 76 5.00 -3.63 1.54
CA GLY D 76 6.40 -3.85 1.21
C GLY D 76 7.06 -2.58 0.69
N TYR D 77 6.33 -1.80 -0.11
CA TYR D 77 6.84 -0.54 -0.66
C TYR D 77 5.86 -0.03 -1.71
N GLY D 78 6.29 0.94 -2.50
CA GLY D 78 5.44 1.49 -3.54
C GLY D 78 5.29 0.51 -4.69
N GLN D 79 6.43 -0.05 -5.13
CA GLN D 79 6.46 -1.02 -6.22
C GLN D 79 7.90 -1.22 -6.71
N SER D 80 8.36 -0.31 -7.56
CA SER D 80 9.72 -0.39 -8.09
C SER D 80 10.63 0.58 -7.36
N SER D 81 11.74 0.09 -6.84
CA SER D 81 12.69 0.92 -6.12
C SER D 81 14.08 0.79 -6.71
N TYR D 82 14.72 1.94 -6.95
CA TYR D 82 16.08 1.94 -7.52
C TYR D 82 17.11 1.99 -6.41
N SER D 83 18.38 2.11 -6.80
CA SER D 83 19.47 2.18 -5.82
C SER D 83 20.49 3.23 -6.23
N SER D 84 21.21 3.74 -5.23
CA SER D 84 22.23 4.76 -5.48
C SER D 84 23.30 4.25 -6.42
N TYR D 85 24.44 4.92 -6.45
CA TYR D 85 25.55 4.52 -7.30
C TYR D 85 26.82 4.32 -6.48
N GLY D 86 26.64 4.04 -5.19
CA GLY D 86 27.78 3.82 -4.30
C GLY D 86 27.44 4.21 -2.88
N GLN D 87 27.83 3.36 -1.92
CA GLN D 87 27.56 3.63 -0.51
C GLN D 87 26.08 3.91 -0.29
N SER D 88 25.22 3.14 -0.96
CA SER D 88 23.78 3.31 -0.83
C SER D 88 23.31 2.79 0.53
N GLN D 89 22.39 3.53 1.14
CA GLN D 89 21.86 3.13 2.45
C GLN D 89 20.33 3.20 2.44
N ASN D 90 19.70 2.12 1.99
CA ASN D 90 18.24 2.06 1.94
C ASN D 90 17.69 1.34 3.17
N THR D 91 16.70 1.95 3.81
CA THR D 91 16.09 1.35 5.00
C THR D 91 14.60 1.13 4.79
N GLY D 92 14.15 -0.09 5.03
CA GLY D 92 12.73 -0.43 4.87
C GLY D 92 11.88 0.38 5.83
N TYR D 93 10.64 -0.08 6.05
CA TYR D 93 9.71 0.61 6.94
C TYR D 93 10.28 0.69 8.36
N GLY D 94 10.57 -0.47 8.95
CA GLY D 94 11.11 -0.50 10.30
C GLY D 94 10.14 -1.18 11.25
N THR D 95 9.26 -0.40 11.85
CA THR D 95 8.27 -0.94 12.78
C THR D 95 6.85 -0.75 12.24
N GLN D 96 6.20 -1.83 11.86
CA GLN D 96 4.85 -1.72 11.32
C GLN D 96 4.18 -3.08 11.20
N SER D 97 2.85 -3.08 11.12
CA SER D 97 2.11 -4.33 11.00
C SER D 97 1.34 -4.36 9.69
N THR D 98 1.60 -5.38 8.87
CA THR D 98 0.94 -5.54 7.59
C THR D 98 -0.39 -6.27 7.76
N PRO D 99 -1.19 -6.39 6.72
CA PRO D 99 -2.51 -7.08 6.79
C PRO D 99 -2.46 -8.39 7.56
N GLN D 100 -3.65 -8.92 7.85
CA GLN D 100 -3.80 -10.17 8.56
C GLN D 100 -5.01 -10.91 8.02
N GLY D 101 -4.76 -12.02 7.33
CA GLY D 101 -5.84 -12.81 6.74
C GLY D 101 -5.66 -12.89 5.23
N TYR D 102 -6.11 -11.85 4.53
CA TYR D 102 -6.01 -11.81 3.08
C TYR D 102 -5.09 -10.67 2.65
N GLY D 103 -3.81 -10.98 2.47
CA GLY D 103 -2.84 -9.98 2.07
C GLY D 103 -3.34 -9.17 0.89
N SER D 104 -3.02 -9.63 -0.33
CA SER D 104 -3.46 -8.91 -1.52
C SER D 104 -3.78 -9.90 -2.65
N THR D 105 -4.84 -9.59 -3.39
CA THR D 105 -5.25 -10.45 -4.50
C THR D 105 -5.94 -9.63 -5.57
N GLY D 106 -5.22 -9.30 -6.63
CA GLY D 106 -5.80 -8.52 -7.72
C GLY D 106 -7.14 -9.12 -8.14
N GLY D 107 -8.22 -8.51 -7.68
CA GLY D 107 -9.55 -9.00 -7.99
C GLY D 107 -9.82 -8.93 -9.48
N TYR D 108 -9.71 -10.07 -10.16
CA TYR D 108 -9.96 -10.11 -11.59
C TYR D 108 -11.41 -10.45 -11.87
N GLY D 109 -11.79 -11.70 -11.58
CA GLY D 109 -13.16 -12.13 -11.80
C GLY D 109 -13.99 -11.98 -10.53
N SER D 110 -13.55 -12.65 -9.46
CA SER D 110 -14.27 -12.58 -8.18
C SER D 110 -13.31 -12.81 -7.02
N SER D 111 -13.44 -11.99 -5.98
CA SER D 111 -12.60 -12.12 -4.80
C SER D 111 -13.34 -11.66 -3.55
N GLN D 112 -13.83 -12.61 -2.77
CA GLN D 112 -14.57 -12.27 -1.55
C GLN D 112 -14.07 -13.09 -0.36
N SER D 113 -13.68 -12.40 0.71
CA SER D 113 -13.18 -13.09 1.89
C SER D 113 -13.53 -12.33 3.17
N SER D 114 -13.19 -12.92 4.32
CA SER D 114 -13.46 -12.30 5.60
C SER D 114 -12.36 -12.68 6.60
N GLN D 115 -11.75 -11.66 7.21
CA GLN D 115 -10.67 -11.90 8.17
C GLN D 115 -10.56 -10.74 9.15
N SER D 116 -9.67 -10.88 10.14
CA SER D 116 -9.47 -9.83 11.13
C SER D 116 -8.27 -10.15 12.02
N SER D 117 -7.95 -9.23 12.93
CA SER D 117 -6.82 -9.42 13.83
C SER D 117 -6.94 -8.50 15.04
N TYR D 118 -6.16 -8.76 16.08
CA TYR D 118 -6.21 -7.91 17.27
C TYR D 118 -5.37 -6.66 17.06
N GLY D 119 -4.04 -6.80 17.07
CA GLY D 119 -3.18 -5.64 16.88
C GLY D 119 -1.72 -5.97 17.19
N GLN D 120 -1.09 -6.74 16.31
CA GLN D 120 0.32 -7.12 16.50
C GLN D 120 1.16 -5.90 16.84
N GLN D 121 2.40 -6.13 17.29
CA GLN D 121 3.28 -5.04 17.66
C GLN D 121 4.64 -5.19 16.98
N SER D 122 5.24 -4.06 16.62
CA SER D 122 6.54 -4.07 15.96
C SER D 122 7.56 -3.28 16.78
N SER D 123 8.67 -3.92 17.13
CA SER D 123 9.70 -3.26 17.91
C SER D 123 9.13 -2.75 19.23
N TYR D 124 9.86 -1.84 19.88
CA TYR D 124 9.41 -1.29 21.16
C TYR D 124 10.40 -0.23 21.65
N SER E 64 -9.58 -6.52 -24.04
CA SER E 64 -8.09 -6.43 -24.12
C SER E 64 -7.68 -6.19 -25.57
N TYR E 65 -6.68 -5.34 -25.77
CA TYR E 65 -6.20 -5.04 -27.10
C TYR E 65 -4.68 -5.14 -27.16
N SER E 66 -4.12 -4.82 -28.32
CA SER E 66 -2.66 -4.87 -28.49
C SER E 66 -1.95 -4.02 -27.43
N GLY E 67 -1.52 -4.67 -26.34
CA GLY E 67 -0.83 -3.96 -25.27
C GLY E 67 -1.78 -3.71 -24.10
N TYR E 68 -1.30 -3.95 -22.90
CA TYR E 68 -2.11 -3.74 -21.70
C TYR E 68 -1.21 -3.58 -20.47
N SER E 69 -1.49 -2.54 -19.68
CA SER E 69 -0.70 -2.30 -18.48
C SER E 69 -1.60 -1.77 -17.36
N GLN E 70 -1.44 -2.34 -16.17
CA GLN E 70 -2.24 -1.91 -15.02
C GLN E 70 -1.50 -2.23 -13.72
N SER E 71 -1.44 -1.26 -12.82
CA SER E 71 -0.77 -1.45 -11.55
C SER E 71 -1.66 -1.00 -10.38
N THR E 72 -1.53 -1.67 -9.25
CA THR E 72 -2.33 -1.32 -8.08
C THR E 72 -1.45 -1.28 -6.84
N ASP E 73 -1.62 -0.24 -6.03
CA ASP E 73 -0.84 -0.10 -4.81
C ASP E 73 -1.70 0.47 -3.68
N THR E 74 -1.45 0.01 -2.45
CA THR E 74 -2.19 0.56 -1.33
C THR E 74 -1.27 1.18 -0.28
N SER E 75 -0.25 0.45 0.11
CA SER E 75 0.70 0.94 1.08
C SER E 75 2.13 0.72 0.59
N GLY E 76 3.05 0.86 1.51
CA GLY E 76 4.46 0.65 1.23
C GLY E 76 5.12 1.89 0.65
N TYR E 77 4.40 2.70 -0.10
CA TYR E 77 4.94 3.95 -0.64
C TYR E 77 4.00 4.47 -1.70
N GLY E 78 4.44 5.44 -2.47
CA GLY E 78 3.58 5.98 -3.52
C GLY E 78 3.46 5.00 -4.71
N GLN E 79 4.60 4.43 -5.14
CA GLN E 79 4.65 3.47 -6.21
C GLN E 79 6.09 3.27 -6.66
N SER E 80 6.56 4.17 -7.53
CA SER E 80 7.92 4.07 -8.04
C SER E 80 8.83 5.05 -7.29
N SER E 81 9.94 4.55 -6.76
CA SER E 81 10.87 5.39 -6.02
C SER E 81 12.28 5.25 -6.60
N TYR E 82 12.92 6.39 -6.84
CA TYR E 82 14.28 6.38 -7.38
C TYR E 82 15.31 6.43 -6.27
N SER E 83 16.58 6.55 -6.63
CA SER E 83 17.65 6.61 -5.65
C SER E 83 18.69 7.65 -6.03
N SER E 84 19.40 8.17 -5.03
CA SER E 84 20.42 9.18 -5.27
C SER E 84 21.51 8.65 -6.20
N TYR E 85 22.65 9.34 -6.21
CA TYR E 85 23.77 8.93 -7.05
C TYR E 85 25.02 8.72 -6.21
N GLY E 86 24.83 8.44 -4.92
CA GLY E 86 25.96 8.22 -4.03
C GLY E 86 25.60 8.61 -2.59
N GLN E 87 25.98 7.76 -1.65
CA GLN E 87 25.69 8.03 -0.24
C GLN E 87 24.20 8.32 -0.03
N SER E 88 23.36 7.55 -0.71
CA SER E 88 21.92 7.73 -0.59
C SER E 88 21.41 7.22 0.75
N GLN E 89 20.49 7.95 1.36
CA GLN E 89 19.94 7.55 2.65
C GLN E 89 18.42 7.63 2.63
N ASN E 90 17.78 6.55 2.17
CA ASN E 90 16.33 6.50 2.10
C ASN E 90 15.76 5.78 3.32
N THR E 91 14.77 6.39 3.95
CA THR E 91 14.14 5.80 5.12
C THR E 91 12.64 5.58 4.89
N GLY E 92 12.19 4.36 5.13
CA GLY E 92 10.77 4.04 4.96
C GLY E 92 9.91 4.85 5.91
N TYR E 93 8.68 4.40 6.11
CA TYR E 93 7.74 5.08 6.98
C TYR E 93 8.29 5.16 8.41
N GLY E 94 8.56 4.01 9.01
CA GLY E 94 9.07 3.98 10.38
C GLY E 94 8.09 3.29 11.31
N THR E 95 7.20 4.07 11.90
CA THR E 95 6.21 3.54 12.82
C THR E 95 4.81 3.75 12.25
N GLN E 96 4.14 2.67 11.86
CA GLN E 96 2.80 2.79 11.31
C GLN E 96 2.14 1.42 11.19
N SER E 97 0.81 1.42 11.08
CA SER E 97 0.06 0.17 10.95
C SER E 97 -0.70 0.15 9.63
N THR E 98 -0.43 -0.88 8.83
CA THR E 98 -1.07 -1.02 7.53
C THR E 98 -2.41 -1.76 7.70
N PRO E 99 -3.20 -1.86 6.64
CA PRO E 99 -4.53 -2.56 6.70
C PRO E 99 -4.49 -3.86 7.47
N GLN E 100 -5.69 -4.38 7.74
CA GLN E 100 -5.84 -5.64 8.44
C GLN E 100 -7.05 -6.37 7.88
N GLY E 101 -6.79 -7.49 7.23
CA GLY E 101 -7.87 -8.27 6.62
C GLY E 101 -7.67 -8.35 5.10
N TYR E 102 -8.12 -7.31 4.38
CA TYR E 102 -8.00 -7.27 2.94
C TYR E 102 -7.07 -6.14 2.50
N GLY E 103 -5.78 -6.45 2.37
CA GLY E 103 -4.79 -5.45 1.97
C GLY E 103 -5.28 -4.63 0.78
N SER E 104 -4.96 -5.10 -0.43
CA SER E 104 -5.37 -4.39 -1.63
C SER E 104 -5.68 -5.37 -2.76
N THR E 105 -6.74 -5.07 -3.51
CA THR E 105 -7.12 -5.92 -4.63
C THR E 105 -7.80 -5.09 -5.72
N GLY E 106 -7.06 -4.77 -6.77
CA GLY E 106 -7.63 -3.97 -7.85
C GLY E 106 -8.96 -4.58 -8.28
N GLY E 107 -10.06 -3.94 -7.84
CA GLY E 107 -11.38 -4.45 -8.18
C GLY E 107 -11.62 -4.37 -9.67
N TYR E 108 -11.50 -5.51 -10.33
CA TYR E 108 -11.74 -5.57 -11.76
C TYR E 108 -13.20 -5.88 -12.05
N GLY E 109 -13.58 -7.13 -11.79
CA GLY E 109 -14.96 -7.57 -12.03
C GLY E 109 -15.80 -7.41 -10.76
N SER E 110 -15.38 -8.08 -9.69
CA SER E 110 -16.11 -8.01 -8.43
C SER E 110 -15.16 -8.24 -7.25
N SER E 111 -15.31 -7.42 -6.21
CA SER E 111 -14.46 -7.54 -5.02
C SER E 111 -15.22 -7.08 -3.78
N GLN E 112 -15.74 -8.04 -3.00
CA GLN E 112 -16.50 -7.69 -1.79
C GLN E 112 -16.01 -8.52 -0.61
N SER E 113 -15.64 -7.82 0.47
CA SER E 113 -15.14 -8.52 1.67
C SER E 113 -15.51 -7.76 2.93
N SER E 114 -15.19 -8.35 4.08
CA SER E 114 -15.47 -7.73 5.37
C SER E 114 -14.39 -8.10 6.38
N GLN E 115 -13.78 -7.09 6.99
CA GLN E 115 -12.72 -7.33 7.97
C GLN E 115 -12.61 -6.17 8.95
N SER E 116 -11.74 -6.32 9.94
CA SER E 116 -11.54 -5.28 10.94
C SER E 116 -10.34 -5.59 11.83
N SER E 117 -10.05 -4.68 12.76
CA SER E 117 -8.93 -4.88 13.68
C SER E 117 -9.06 -3.94 14.87
N TYR E 118 -8.29 -4.22 15.93
CA TYR E 118 -8.36 -3.37 17.12
C TYR E 118 -7.50 -2.11 16.93
N GLY E 119 -6.17 -2.26 16.95
CA GLY E 119 -5.31 -1.10 16.79
C GLY E 119 -3.85 -1.44 17.10
N GLN E 120 -3.21 -2.22 16.23
CA GLN E 120 -1.82 -2.61 16.43
C GLN E 120 -0.97 -1.38 16.79
N GLN E 121 0.25 -1.62 17.25
CA GLN E 121 1.14 -0.52 17.63
C GLN E 121 2.51 -0.69 16.97
N SER E 122 3.12 0.43 16.61
CA SER E 122 4.44 0.43 15.97
C SER E 122 5.44 1.21 16.81
N SER E 123 6.54 0.57 17.17
CA SER E 123 7.57 1.23 17.96
C SER E 123 6.98 1.73 19.28
N TYR E 124 7.71 2.64 19.93
CA TYR E 124 7.24 3.20 21.20
C TYR E 124 8.23 4.25 21.71
N SER F 64 -11.18 -1.98 -24.23
CA SER F 64 -9.70 -1.88 -24.29
C SER F 64 -9.27 -1.65 -25.73
N TYR F 65 -8.26 -0.80 -25.92
CA TYR F 65 -7.76 -0.50 -27.25
C TYR F 65 -6.24 -0.61 -27.28
N SER F 66 -5.65 -0.29 -28.43
CA SER F 66 -4.20 -0.35 -28.58
C SER F 66 -3.51 0.50 -27.52
N GLY F 67 -3.09 -0.15 -26.44
CA GLY F 67 -2.41 0.55 -25.35
C GLY F 67 -3.38 0.82 -24.19
N TYR F 68 -2.91 0.57 -22.97
CA TYR F 68 -3.74 0.77 -21.79
C TYR F 68 -2.87 0.93 -20.56
N SER F 69 -3.14 1.97 -19.77
CA SER F 69 -2.36 2.21 -18.56
C SER F 69 -3.27 2.76 -17.45
N GLN F 70 -3.14 2.19 -16.25
CA GLN F 70 -3.94 2.61 -15.11
C GLN F 70 -3.23 2.28 -13.81
N SER F 71 -3.17 3.26 -12.91
CA SER F 71 -2.52 3.06 -11.61
C SER F 71 -3.43 3.52 -10.48
N THR F 72 -3.31 2.85 -9.34
CA THR F 72 -4.12 3.20 -8.18
C THR F 72 -3.26 3.24 -6.92
N ASP F 73 -3.43 4.29 -6.12
CA ASP F 73 -2.67 4.44 -4.88
C ASP F 73 -3.53 5.02 -3.77
N THR F 74 -3.30 4.57 -2.55
CA THR F 74 -4.06 5.07 -1.41
C THR F 74 -3.14 5.71 -0.38
N SER F 75 -2.13 4.97 0.03
CA SER F 75 -1.19 5.47 1.02
C SER F 75 0.24 5.21 0.58
N GLY F 76 1.17 5.37 1.50
CA GLY F 76 2.57 5.14 1.21
C GLY F 76 3.25 6.41 0.71
N TYR F 77 2.55 7.18 -0.11
CA TYR F 77 3.08 8.44 -0.65
C TYR F 77 2.14 8.95 -1.73
N GLY F 78 2.60 9.93 -2.50
CA GLY F 78 1.78 10.49 -3.57
C GLY F 78 1.65 9.49 -4.72
N GLN F 79 2.79 8.93 -5.13
CA GLN F 79 2.85 7.96 -6.21
C GLN F 79 4.29 7.75 -6.66
N SER F 80 4.79 8.65 -7.51
CA SER F 80 6.16 8.56 -8.00
C SER F 80 7.06 9.53 -7.24
N SER F 81 8.15 9.02 -6.70
CA SER F 81 9.08 9.86 -5.95
C SER F 81 10.50 9.72 -6.51
N TYR F 82 11.15 10.85 -6.74
CA TYR F 82 12.52 10.84 -7.27
C TYR F 82 13.52 10.89 -6.14
N SER F 83 14.80 11.00 -6.49
CA SER F 83 15.86 11.05 -5.48
C SER F 83 16.91 12.10 -5.86
N SER F 84 17.60 12.61 -4.86
CA SER F 84 18.63 13.62 -5.07
C SER F 84 19.74 13.09 -5.99
N TYR F 85 20.87 13.77 -5.98
CA TYR F 85 22.00 13.35 -6.82
C TYR F 85 23.24 13.14 -5.96
N GLY F 86 23.03 12.86 -4.67
CA GLY F 86 24.15 12.63 -3.76
C GLY F 86 23.77 13.03 -2.34
N GLN F 87 24.13 12.18 -1.37
CA GLN F 87 23.83 12.45 0.02
C GLN F 87 22.35 12.73 0.21
N SER F 88 21.50 11.98 -0.49
CA SER F 88 20.06 12.16 -0.38
C SER F 88 19.54 11.65 0.96
N GLN F 89 18.62 12.38 1.55
CA GLN F 89 18.05 12.00 2.84
C GLN F 89 16.53 12.07 2.80
N ASN F 90 15.89 10.99 2.34
CA ASN F 90 14.44 10.96 2.25
C ASN F 90 13.85 10.24 3.46
N THR F 91 12.84 10.85 4.07
CA THR F 91 12.20 10.26 5.24
C THR F 91 10.71 10.05 4.97
N GLY F 92 10.25 8.83 5.23
CA GLY F 92 8.84 8.51 5.02
C GLY F 92 7.95 9.33 5.96
N TYR F 93 6.72 8.88 6.14
CA TYR F 93 5.79 9.57 7.01
C TYR F 93 6.32 9.65 8.44
N GLY F 94 6.57 8.50 9.04
CA GLY F 94 7.07 8.47 10.41
C GLY F 94 6.07 7.78 11.34
N THR F 95 5.18 8.57 11.92
CA THR F 95 4.16 8.04 12.83
C THR F 95 2.78 8.25 12.24
N GLN F 96 2.12 7.17 11.85
CA GLN F 96 0.77 7.29 11.28
C GLN F 96 0.10 5.93 11.14
N SER F 97 -1.22 5.94 11.02
CA SER F 97 -1.97 4.70 10.90
C SER F 97 -2.70 4.67 9.55
N THR F 98 -2.43 3.64 8.75
CA THR F 98 -3.07 3.51 7.44
C THR F 98 -4.40 2.78 7.59
N PRO F 99 -5.18 2.67 6.54
CA PRO F 99 -6.51 1.99 6.57
C PRO F 99 -6.49 0.68 7.34
N GLN F 100 -7.68 0.17 7.59
CA GLN F 100 -7.87 -1.08 8.31
C GLN F 100 -9.07 -1.82 7.73
N GLY F 101 -8.81 -2.93 7.05
CA GLY F 101 -9.87 -3.71 6.44
C GLY F 101 -9.67 -3.79 4.93
N TYR F 102 -10.10 -2.76 4.22
CA TYR F 102 -9.95 -2.72 2.77
C TYR F 102 -9.01 -1.59 2.36
N GLY F 103 -7.73 -1.91 2.22
CA GLY F 103 -6.73 -0.92 1.85
C GLY F 103 -7.20 -0.10 0.64
N SER F 104 -6.86 -0.56 -0.56
CA SER F 104 -7.27 0.15 -1.77
C SER F 104 -7.55 -0.83 -2.90
N THR F 105 -8.60 -0.53 -3.66
CA THR F 105 -8.98 -1.38 -4.79
C THR F 105 -9.64 -0.54 -5.88
N GLY F 106 -8.89 -0.22 -6.92
CA GLY F 106 -9.43 0.57 -8.02
C GLY F 106 -10.76 -0.02 -8.47
N GLY F 107 -11.85 0.60 -8.03
CA GLY F 107 -13.18 0.11 -8.39
C GLY F 107 -13.41 0.19 -9.89
N TYR F 108 -13.29 -0.95 -10.56
CA TYR F 108 -13.49 -0.99 -12.00
C TYR F 108 -14.96 -1.32 -12.31
N GLY F 109 -15.36 -2.56 -12.04
CA GLY F 109 -16.72 -2.99 -12.29
C GLY F 109 -17.58 -2.83 -11.04
N SER F 110 -17.18 -3.50 -9.96
CA SER F 110 -17.92 -3.43 -8.70
C SER F 110 -16.99 -3.67 -7.51
N SER F 111 -17.15 -2.84 -6.48
CA SER F 111 -16.33 -2.98 -5.28
C SER F 111 -17.11 -2.51 -4.05
N GLN F 112 -17.62 -3.45 -3.27
CA GLN F 112 -18.39 -3.11 -2.08
C GLN F 112 -17.92 -3.93 -0.88
N SER F 113 -17.56 -3.25 0.20
CA SER F 113 -17.09 -3.94 1.40
C SER F 113 -17.48 -3.18 2.67
N SER F 114 -17.16 -3.78 3.82
CA SER F 114 -17.46 -3.15 5.11
C SER F 114 -16.40 -3.52 6.13
N GLN F 115 -15.79 -2.51 6.75
CA GLN F 115 -14.74 -2.77 7.74
C GLN F 115 -14.64 -1.60 8.72
N SER F 116 -13.79 -1.75 9.73
CA SER F 116 -13.61 -0.71 10.73
C SER F 116 -12.42 -1.03 11.65
N SER F 117 -12.12 -0.12 12.57
CA SER F 117 -11.02 -0.32 13.50
C SER F 117 -11.16 0.62 14.69
N TYR F 118 -10.40 0.34 15.75
CA TYR F 118 -10.48 1.19 16.94
C TYR F 118 -9.61 2.44 16.77
N GLY F 119 -8.30 2.29 16.80
CA GLY F 119 -7.42 3.44 16.64
C GLY F 119 -5.97 3.10 16.98
N GLN F 120 -5.32 2.32 16.12
CA GLN F 120 -3.93 1.93 16.35
C GLN F 120 -3.09 3.14 16.71
N GLN F 121 -1.87 2.90 17.18
CA GLN F 121 -0.97 3.99 17.57
C GLN F 121 0.40 3.83 16.93
N SER F 122 1.02 4.95 16.58
CA SER F 122 2.34 4.92 15.97
C SER F 122 3.33 5.71 16.81
N SER F 123 4.43 5.07 17.18
CA SER F 123 5.45 5.72 18.00
C SER F 123 4.85 6.23 19.29
N TYR F 124 5.57 7.13 19.96
CA TYR F 124 5.09 7.69 21.23
C TYR F 124 6.07 8.74 21.75
N SER G 64 -12.76 2.59 -24.45
CA SER G 64 -11.27 2.67 -24.48
C SER G 64 -10.81 2.90 -25.92
N TYR G 65 -9.81 3.75 -26.09
CA TYR G 65 -9.29 4.04 -27.42
C TYR G 65 -7.77 3.93 -27.43
N SER G 66 -7.16 4.25 -28.57
CA SER G 66 -5.71 4.18 -28.71
C SER G 66 -5.03 5.02 -27.63
N GLY G 67 -4.63 4.38 -26.54
CA GLY G 67 -3.96 5.08 -25.45
C GLY G 67 -4.94 5.35 -24.30
N TYR G 68 -4.48 5.09 -23.08
CA TYR G 68 -5.33 5.31 -21.91
C TYR G 68 -4.47 5.47 -20.65
N SER G 69 -4.75 6.50 -19.87
CA SER G 69 -4.00 6.75 -18.65
C SER G 69 -4.92 7.28 -17.55
N GLN G 70 -4.80 6.71 -16.35
CA GLN G 70 -5.62 7.14 -15.23
C GLN G 70 -4.93 6.81 -13.91
N SER G 71 -4.88 7.79 -13.02
CA SER G 71 -4.24 7.59 -11.72
C SER G 71 -5.15 8.05 -10.59
N THR G 72 -5.07 7.38 -9.45
CA THR G 72 -5.88 7.73 -8.30
C THR G 72 -5.04 7.77 -7.03
N ASP G 73 -5.23 8.81 -6.23
CA ASP G 73 -4.47 8.96 -4.98
C ASP G 73 -5.34 9.55 -3.89
N THR G 74 -5.13 9.09 -2.65
CA THR G 74 -5.91 9.60 -1.53
C THR G 74 -5.01 10.24 -0.49
N SER G 75 -4.00 9.50 -0.07
CA SER G 75 -3.08 10.00 0.93
C SER G 75 -1.64 9.73 0.51
N GLY G 76 -0.73 9.88 1.45
CA GLY G 76 0.69 9.65 1.18
C GLY G 76 1.38 10.91 0.69
N TYR G 77 0.69 11.69 -0.14
CA TYR G 77 1.23 12.94 -0.67
C TYR G 77 0.31 13.46 -1.76
N GLY G 78 0.78 14.44 -2.53
CA GLY G 78 -0.02 15.00 -3.60
C GLY G 78 -0.14 14.01 -4.75
N GLN G 79 1.00 13.44 -5.15
CA GLN G 79 1.07 12.46 -6.24
C GLN G 79 2.52 12.25 -6.67
N SER G 80 3.03 13.15 -7.51
CA SER G 80 4.41 13.05 -7.98
C SER G 80 5.30 14.02 -7.21
N SER G 81 6.39 13.51 -6.65
CA SER G 81 7.32 14.34 -5.90
C SER G 81 8.74 14.19 -6.43
N TYR G 82 9.40 15.32 -6.66
CA TYR G 82 10.76 15.31 -7.17
C TYR G 82 11.76 15.35 -6.02
N SER G 83 13.04 15.46 -6.36
CA SER G 83 14.08 15.51 -5.34
C SER G 83 15.14 16.54 -5.69
N SER G 84 15.83 17.05 -4.68
CA SER G 84 16.86 18.06 -4.89
C SER G 84 17.97 17.53 -5.79
N TYR G 85 19.12 18.20 -5.77
CA TYR G 85 20.25 17.77 -6.58
C TYR G 85 21.48 17.56 -5.72
N GLY G 86 21.26 17.28 -4.43
CA GLY G 86 22.35 17.05 -3.50
C GLY G 86 21.97 17.45 -2.08
N GLN G 87 22.31 16.60 -1.12
CA GLN G 87 21.99 16.87 0.28
C GLN G 87 20.49 17.16 0.44
N SER G 88 19.67 16.40 -0.26
CA SER G 88 18.22 16.59 -0.19
C SER G 88 17.69 16.09 1.16
N GLN G 89 16.75 16.82 1.73
CA GLN G 89 16.17 16.43 3.01
C GLN G 89 14.64 16.53 2.95
N ASN G 90 14.01 15.45 2.48
CA ASN G 90 12.57 15.41 2.37
C ASN G 90 11.95 14.70 3.58
N THR G 91 10.95 15.32 4.17
CA THR G 91 10.28 14.73 5.34
C THR G 91 8.80 14.53 5.07
N GLY G 92 8.33 13.31 5.30
CA GLY G 92 6.92 12.99 5.08
C GLY G 92 6.02 13.81 6.01
N TYR G 93 4.79 13.36 6.17
CA TYR G 93 3.84 14.07 7.03
C TYR G 93 4.33 14.14 8.47
N GLY G 94 4.59 12.98 9.07
CA GLY G 94 5.08 12.96 10.45
C GLY G 94 4.06 12.27 11.36
N THR G 95 3.17 13.06 11.93
CA THR G 95 2.14 12.53 12.82
C THR G 95 0.75 12.75 12.21
N GLN G 96 0.09 11.67 11.81
CA GLN G 96 -1.23 11.80 11.22
C GLN G 96 -1.91 10.45 11.08
N SER G 97 -3.23 10.46 10.95
CA SER G 97 -3.99 9.22 10.79
C SER G 97 -4.71 9.20 9.45
N THR G 98 -4.41 8.17 8.65
CA THR G 98 -5.04 8.03 7.34
C THR G 98 -6.39 7.31 7.47
N PRO G 99 -7.14 7.21 6.40
CA PRO G 99 -8.47 6.52 6.41
C PRO G 99 -8.47 5.22 7.19
N GLN G 100 -9.67 4.70 7.42
CA GLN G 100 -9.87 3.46 8.14
C GLN G 100 -11.06 2.72 7.55
N GLY G 101 -10.80 1.62 6.87
CA GLY G 101 -11.86 0.83 6.24
C GLY G 101 -11.64 0.75 4.73
N TYR G 102 -12.05 1.80 4.02
CA TYR G 102 -11.88 1.83 2.56
C TYR G 102 -10.94 2.96 2.17
N GLY G 103 -9.65 2.63 2.06
CA GLY G 103 -8.65 3.63 1.69
C GLY G 103 -9.09 4.44 0.48
N SER G 104 -8.74 3.99 -0.72
CA SER G 104 -9.12 4.70 -1.93
C SER G 104 -9.40 3.72 -3.07
N THR G 105 -10.44 4.02 -3.85
CA THR G 105 -10.81 3.17 -4.97
C THR G 105 -11.45 4.00 -6.07
N GLY G 106 -10.68 4.32 -7.11
CA GLY G 106 -11.21 5.12 -8.21
C GLY G 106 -12.54 4.53 -8.68
N GLY G 107 -13.64 5.16 -8.26
CA GLY G 107 -14.96 4.68 -8.63
C GLY G 107 -15.17 4.76 -10.13
N TYR G 108 -15.04 3.62 -10.80
CA TYR G 108 -15.23 3.57 -12.24
C TYR G 108 -16.69 3.25 -12.57
N GLY G 109 -17.08 2.02 -12.30
CA GLY G 109 -18.46 1.58 -12.57
C GLY G 109 -19.33 1.76 -11.33
N SER G 110 -18.95 1.08 -10.25
CA SER G 110 -19.70 1.16 -9.00
C SER G 110 -18.80 0.92 -7.81
N SER G 111 -18.96 1.74 -6.77
CA SER G 111 -18.16 1.60 -5.56
C SER G 111 -18.95 2.07 -4.34
N GLN G 112 -19.48 1.13 -3.57
CA GLN G 112 -20.26 1.48 -2.39
C GLN G 112 -19.81 0.65 -1.18
N SER G 113 -19.46 1.34 -0.09
CA SER G 113 -19.01 0.64 1.11
C SER G 113 -19.41 1.40 2.38
N SER G 114 -19.12 0.81 3.52
CA SER G 114 -19.43 1.44 4.80
C SER G 114 -18.38 1.06 5.85
N GLN G 115 -17.78 2.06 6.47
CA GLN G 115 -16.75 1.81 7.48
C GLN G 115 -16.65 2.97 8.46
N SER G 116 -15.80 2.82 9.48
CA SER G 116 -15.63 3.86 10.48
C SER G 116 -14.47 3.53 11.41
N SER G 117 -14.18 4.44 12.34
CA SER G 117 -13.09 4.23 13.29
C SER G 117 -13.24 5.17 14.48
N TYR G 118 -12.50 4.90 15.55
CA TYR G 118 -12.58 5.75 16.74
C TYR G 118 -11.72 6.99 16.56
N GLY G 119 -10.40 6.84 16.63
CA GLY G 119 -9.51 7.99 16.47
C GLY G 119 -8.07 7.63 16.84
N GLN G 120 -7.41 6.85 15.97
CA GLN G 120 -6.02 6.46 16.22
C GLN G 120 -5.18 7.67 16.60
N GLN G 121 -3.97 7.42 17.09
CA GLN G 121 -3.08 8.50 17.50
C GLN G 121 -1.70 8.34 16.86
N SER G 122 -1.07 9.46 16.53
CA SER G 122 0.26 9.43 15.93
C SER G 122 1.24 10.21 16.79
N SER G 123 2.34 9.56 17.18
CA SER G 123 3.35 10.21 18.00
C SER G 123 2.73 10.72 19.30
N TYR G 124 3.44 11.62 19.97
CA TYR G 124 2.94 12.18 21.22
C TYR G 124 3.92 13.22 21.76
N SER H 64 -14.31 7.16 -24.68
CA SER H 64 -12.83 7.23 -24.70
C SER H 64 -12.35 7.46 -26.12
N TYR H 65 -11.34 8.30 -26.28
CA TYR H 65 -10.80 8.60 -27.61
C TYR H 65 -9.27 8.48 -27.60
N SER H 66 -8.66 8.80 -28.73
CA SER H 66 -7.20 8.72 -28.84
C SER H 66 -6.53 9.56 -27.76
N GLY H 67 -6.14 8.91 -26.66
CA GLY H 67 -5.49 9.61 -25.57
C GLY H 67 -6.48 9.88 -24.43
N TYR H 68 -6.05 9.63 -23.21
CA TYR H 68 -6.91 9.85 -22.04
C TYR H 68 -6.06 10.00 -20.78
N SER H 69 -6.35 11.04 -19.99
CA SER H 69 -5.61 11.28 -18.77
C SER H 69 -6.54 11.82 -17.68
N GLN H 70 -6.44 11.25 -16.49
CA GLN H 70 -7.28 11.68 -15.37
C GLN H 70 -6.60 11.35 -14.04
N SER H 71 -6.57 12.33 -13.15
CA SER H 71 -5.94 12.13 -11.84
C SER H 71 -6.87 12.58 -10.72
N THR H 72 -6.80 11.92 -9.58
CA THR H 72 -7.64 12.27 -8.44
C THR H 72 -6.81 12.30 -7.16
N ASP H 73 -7.00 13.35 -6.36
CA ASP H 73 -6.26 13.49 -5.11
C ASP H 73 -7.15 14.08 -4.02
N THR H 74 -6.95 13.63 -2.79
CA THR H 74 -7.75 14.13 -1.67
C THR H 74 -6.85 14.77 -0.62
N SER H 75 -5.85 14.03 -0.18
CA SER H 75 -4.93 14.52 0.83
C SER H 75 -3.50 14.24 0.42
N GLY H 76 -2.59 14.40 1.37
CA GLY H 76 -1.18 14.15 1.12
C GLY H 76 -0.48 15.42 0.65
N TYR H 77 -1.16 16.20 -0.19
CA TYR H 77 -0.60 17.45 -0.71
C TYR H 77 -1.50 17.98 -1.82
N GLY H 78 -1.02 18.96 -2.58
CA GLY H 78 -1.81 19.52 -3.67
C GLY H 78 -1.91 18.53 -4.83
N GLN H 79 -0.76 17.95 -5.21
CA GLN H 79 -0.69 16.97 -6.29
C GLN H 79 0.77 16.76 -6.70
N SER H 80 1.29 17.66 -7.53
CA SER H 80 2.67 17.55 -7.99
C SER H 80 3.55 18.52 -7.21
N SER H 81 4.64 18.00 -6.63
CA SER H 81 5.56 18.83 -5.86
C SER H 81 6.98 18.67 -6.38
N TYR H 82 7.65 19.81 -6.60
CA TYR H 82 9.02 19.78 -7.09
C TYR H 82 10.01 19.82 -5.92
N SER H 83 11.29 19.92 -6.25
CA SER H 83 12.32 19.97 -5.22
C SER H 83 13.39 21.01 -5.57
N SER H 84 14.06 21.51 -4.54
CA SER H 84 15.10 22.51 -4.73
C SER H 84 16.22 21.97 -5.61
N TYR H 85 17.37 22.64 -5.58
CA TYR H 85 18.52 22.22 -6.38
C TYR H 85 19.74 21.99 -5.49
N GLY H 86 19.49 21.71 -4.22
CA GLY H 86 20.57 21.48 -3.27
C GLY H 86 20.17 21.88 -1.86
N GLN H 87 20.50 21.02 -0.89
CA GLN H 87 20.15 21.30 0.50
C GLN H 87 18.67 21.60 0.65
N SER H 88 17.84 20.84 -0.07
CA SER H 88 16.40 21.04 0.00
C SER H 88 15.84 20.53 1.32
N GLN H 89 14.90 21.27 1.90
CA GLN H 89 14.30 20.89 3.16
C GLN H 89 12.78 20.98 3.07
N ASN H 90 12.15 19.91 2.60
CA ASN H 90 10.70 19.88 2.47
C ASN H 90 10.08 19.17 3.67
N THR H 91 9.06 19.79 4.25
CA THR H 91 8.38 19.20 5.40
C THR H 91 6.90 19.01 5.12
N GLY H 92 6.41 17.79 5.35
CA GLY H 92 5.01 17.48 5.11
C GLY H 92 4.11 18.30 6.02
N TYR H 93 2.87 17.86 6.17
CA TYR H 93 1.91 18.56 7.02
C TYR H 93 2.39 18.64 8.46
N GLY H 94 2.64 17.48 9.06
CA GLY H 94 3.10 17.45 10.46
C GLY H 94 2.07 16.76 11.35
N THR H 95 1.17 17.57 11.91
CA THR H 95 0.13 17.04 12.78
C THR H 95 -1.25 17.25 12.16
N GLN H 96 -1.91 16.18 11.75
CA GLN H 96 -3.23 16.32 11.15
C GLN H 96 -3.91 14.96 11.00
N SER H 97 -5.23 14.98 10.84
CA SER H 97 -5.98 13.75 10.68
C SER H 97 -6.68 13.73 9.32
N THR H 98 -6.39 12.71 8.53
CA THR H 98 -6.99 12.56 7.21
C THR H 98 -8.34 11.85 7.32
N PRO H 99 -9.08 11.74 6.24
CA PRO H 99 -10.42 11.07 6.24
C PRO H 99 -10.44 9.76 7.01
N GLN H 100 -11.64 9.26 7.22
CA GLN H 100 -11.85 8.01 7.94
C GLN H 100 -13.04 7.28 7.33
N GLY H 101 -12.78 6.17 6.66
CA GLY H 101 -13.83 5.40 6.02
C GLY H 101 -13.59 5.31 4.51
N TYR H 102 -13.98 6.35 3.79
CA TYR H 102 -13.80 6.38 2.34
C TYR H 102 -12.83 7.51 1.96
N GLY H 103 -11.55 7.18 1.86
CA GLY H 103 -10.54 8.18 1.51
C GLY H 103 -10.98 8.99 0.29
N SER H 104 -10.61 8.53 -0.90
CA SER H 104 -10.97 9.25 -2.12
C SER H 104 -11.25 8.27 -3.26
N THR H 105 -12.26 8.57 -4.05
CA THR H 105 -12.62 7.73 -5.19
C THR H 105 -13.24 8.56 -6.28
N GLY H 106 -12.46 8.88 -7.31
CA GLY H 106 -12.98 9.68 -8.43
C GLY H 106 -14.29 9.10 -8.91
N GLY H 107 -15.39 9.73 -8.50
CA GLY H 107 -16.71 9.26 -8.89
C GLY H 107 -16.90 9.34 -10.40
N TYR H 108 -16.77 8.19 -11.06
CA TYR H 108 -16.94 8.15 -12.51
C TYR H 108 -18.39 7.84 -12.86
N GLY H 109 -18.80 6.60 -12.60
CA GLY H 109 -20.17 6.18 -12.88
C GLY H 109 -21.06 6.34 -11.65
N SER H 110 -20.69 5.67 -10.57
CA SER H 110 -21.46 5.75 -9.34
C SER H 110 -20.58 5.51 -8.12
N SER H 111 -20.76 6.32 -7.09
CA SER H 111 -19.96 6.18 -5.86
C SER H 111 -20.76 6.66 -4.66
N GLN H 112 -21.32 5.72 -3.90
CA GLN H 112 -22.11 6.07 -2.72
C GLN H 112 -21.68 5.25 -1.51
N SER H 113 -21.34 5.92 -0.42
CA SER H 113 -20.91 5.23 0.80
C SER H 113 -21.32 5.99 2.05
N SER H 114 -21.04 5.39 3.21
CA SER H 114 -21.37 6.03 4.48
C SER H 114 -20.34 5.63 5.53
N GLN H 115 -19.74 6.64 6.17
CA GLN H 115 -18.72 6.39 7.19
C GLN H 115 -18.64 7.55 8.18
N SER H 116 -17.80 7.39 9.20
CA SER H 116 -17.64 8.43 10.21
C SER H 116 -16.49 8.10 11.15
N SER H 117 -16.21 9.01 12.08
CA SER H 117 -15.14 8.80 13.05
C SER H 117 -15.29 9.74 14.24
N TYR H 118 -14.58 9.46 15.32
CA TYR H 118 -14.67 10.30 16.51
C TYR H 118 -13.79 11.55 16.34
N GLY H 119 -12.48 11.38 16.43
CA GLY H 119 -11.59 12.53 16.28
C GLY H 119 -10.15 12.17 16.66
N GLN H 120 -9.48 11.39 15.82
CA GLN H 120 -8.10 10.99 16.07
C GLN H 120 -7.26 12.20 16.47
N GLN H 121 -6.06 11.94 16.97
CA GLN H 121 -5.17 13.03 17.39
C GLN H 121 -3.78 12.85 16.78
N SER H 122 -3.15 13.97 16.45
CA SER H 122 -1.81 13.94 15.86
C SER H 122 -0.83 14.72 16.74
N SER H 123 0.25 14.06 17.14
CA SER H 123 1.26 14.71 17.98
C SER H 123 0.63 15.22 19.27
N TYR H 124 1.34 16.12 19.95
CA TYR H 124 0.83 16.69 21.19
C TYR H 124 1.80 17.72 21.75
N SER I 64 -15.85 11.74 -24.93
CA SER I 64 -14.36 11.81 -24.93
C SER I 64 -13.86 12.03 -26.35
N TYR I 65 -12.84 12.87 -26.49
CA TYR I 65 -12.29 13.16 -27.81
C TYR I 65 -10.76 13.04 -27.78
N SER I 66 -10.13 13.35 -28.91
CA SER I 66 -8.68 13.27 -29.00
C SER I 66 -8.01 14.11 -27.91
N GLY I 67 -7.65 13.46 -26.81
CA GLY I 67 -7.01 14.15 -25.70
C GLY I 67 -8.02 14.43 -24.58
N TYR I 68 -7.60 14.17 -23.35
CA TYR I 68 -8.46 14.40 -22.19
C TYR I 68 -7.64 14.54 -20.93
N SER I 69 -7.93 15.58 -20.14
CA SER I 69 -7.21 15.82 -18.90
C SER I 69 -8.15 16.36 -17.83
N GLN I 70 -8.07 15.79 -16.64
CA GLN I 70 -8.92 16.23 -15.53
C GLN I 70 -8.27 15.89 -14.19
N SER I 71 -8.23 16.87 -13.30
CA SER I 71 -7.63 16.66 -11.98
C SER I 71 -8.57 17.14 -10.87
N THR I 72 -8.51 16.45 -9.73
CA THR I 72 -9.36 16.81 -8.60
C THR I 72 -8.55 16.84 -7.31
N ASP I 73 -8.76 17.89 -6.52
CA ASP I 73 -8.03 18.04 -5.26
C ASP I 73 -8.92 18.63 -4.18
N THR I 74 -8.75 18.16 -2.94
CA THR I 74 -9.56 18.68 -1.84
C THR I 74 -8.67 19.31 -0.77
N SER I 75 -7.68 18.55 -0.32
CA SER I 75 -6.78 19.05 0.70
C SER I 75 -5.34 18.77 0.31
N GLY I 76 -4.44 18.92 1.28
CA GLY I 76 -3.03 18.67 1.04
C GLY I 76 -2.32 19.94 0.57
N TYR I 77 -2.98 20.72 -0.27
CA TYR I 77 -2.42 21.97 -0.78
C TYR I 77 -3.30 22.49 -1.91
N GLY I 78 -2.80 23.48 -2.65
CA GLY I 78 -3.58 24.04 -3.75
C GLY I 78 -3.67 23.05 -4.91
N GLN I 79 -2.51 22.48 -5.28
CA GLN I 79 -2.43 21.50 -6.36
C GLN I 79 -0.97 21.27 -6.75
N SER I 80 -0.44 22.17 -7.58
CA SER I 80 0.96 22.06 -8.00
C SER I 80 1.83 23.03 -7.23
N SER I 81 2.91 22.50 -6.64
CA SER I 81 3.81 23.33 -5.85
C SER I 81 5.25 23.17 -6.35
N TYR I 82 5.92 24.29 -6.56
CA TYR I 82 7.30 24.28 -7.03
C TYR I 82 8.27 24.31 -5.86
N SER I 83 9.56 24.41 -6.16
CA SER I 83 10.58 24.45 -5.12
C SER I 83 11.65 25.48 -5.44
N SER I 84 12.31 25.98 -4.41
CA SER I 84 13.36 26.98 -4.59
C SER I 84 14.49 26.43 -5.46
N TYR I 85 15.64 27.10 -5.41
CA TYR I 85 16.79 26.67 -6.19
C TYR I 85 18.00 26.43 -5.29
N GLY I 86 17.74 26.16 -4.02
CA GLY I 86 18.81 25.92 -3.06
C GLY I 86 18.38 26.32 -1.65
N GLN I 87 18.69 25.47 -0.68
CA GLN I 87 18.34 25.75 0.71
C GLN I 87 16.85 26.05 0.84
N SER I 88 16.04 25.29 0.11
CA SER I 88 14.58 25.49 0.15
C SER I 88 14.01 24.99 1.47
N GLN I 89 13.07 25.74 2.03
CA GLN I 89 12.45 25.35 3.28
C GLN I 89 10.93 25.45 3.18
N ASN I 90 10.30 24.38 2.69
CA ASN I 90 8.85 24.36 2.55
C ASN I 90 8.21 23.64 3.74
N THR I 91 7.19 24.26 4.31
CA THR I 91 6.49 23.69 5.46
C THR I 91 5.02 23.48 5.14
N GLY I 92 4.52 22.27 5.37
CA GLY I 92 3.13 21.97 5.11
C GLY I 92 2.22 22.79 6.01
N TYR I 93 0.97 22.36 6.15
CA TYR I 93 0.00 23.07 6.97
C TYR I 93 0.47 23.14 8.43
N GLY I 94 0.70 21.98 9.04
CA GLY I 94 1.14 21.95 10.42
C GLY I 94 0.10 21.26 11.31
N THR I 95 -0.81 22.07 11.86
CA THR I 95 -1.86 21.54 12.72
C THR I 95 -3.23 21.78 12.08
N GLN I 96 -3.88 20.70 11.65
CA GLN I 96 -5.20 20.85 11.04
C GLN I 96 -5.89 19.50 10.88
N SER I 97 -7.20 19.53 10.70
CA SER I 97 -7.96 18.29 10.53
C SER I 97 -8.64 18.27 9.17
N THR I 98 -8.35 17.23 8.38
CA THR I 98 -8.93 17.11 7.04
C THR I 98 -10.28 16.40 7.14
N PRO I 99 -11.02 16.31 6.05
CA PRO I 99 -12.36 15.65 6.03
C PRO I 99 -12.40 14.34 6.81
N GLN I 100 -13.60 13.83 7.01
CA GLN I 100 -13.82 12.57 7.72
C GLN I 100 -15.01 11.85 7.09
N GLY I 101 -14.73 10.74 6.42
CA GLY I 101 -15.77 9.96 5.76
C GLY I 101 -15.51 9.87 4.27
N TYR I 102 -15.89 10.92 3.53
CA TYR I 102 -15.68 10.95 2.10
C TYR I 102 -14.71 12.07 1.73
N GLY I 103 -13.43 11.73 1.64
CA GLY I 103 -12.42 12.72 1.30
C GLY I 103 -12.83 13.55 0.08
N SER I 104 -12.45 13.09 -1.10
CA SER I 104 -12.80 13.80 -2.33
C SER I 104 -13.06 12.82 -3.47
N THR I 105 -14.06 13.13 -4.28
CA THR I 105 -14.41 12.28 -5.41
C THR I 105 -15.01 13.12 -6.53
N GLY I 106 -14.21 13.44 -7.54
CA GLY I 106 -14.71 14.23 -8.66
C GLY I 106 -16.03 13.67 -9.16
N GLY I 107 -17.13 14.31 -8.77
CA GLY I 107 -18.44 13.84 -9.18
C GLY I 107 -18.62 13.92 -10.69
N TYR I 108 -18.48 12.77 -11.36
CA TYR I 108 -18.64 12.72 -12.80
C TYR I 108 -20.08 12.41 -13.17
N GLY I 109 -20.50 11.17 -12.91
CA GLY I 109 -21.87 10.77 -13.21
C GLY I 109 -22.77 10.94 -12.00
N SER I 110 -22.42 10.27 -10.91
CA SER I 110 -23.21 10.35 -9.68
C SER I 110 -22.34 10.11 -8.45
N SER I 111 -22.52 10.92 -7.43
CA SER I 111 -21.75 10.78 -6.19
C SER I 111 -22.57 11.26 -4.99
N GLN I 112 -23.14 10.32 -4.24
CA GLN I 112 -23.94 10.67 -3.08
C GLN I 112 -23.53 9.85 -1.86
N SER I 113 -23.20 10.52 -0.77
CA SER I 113 -22.79 9.83 0.45
C SER I 113 -23.21 10.60 1.70
N SER I 114 -22.95 10.00 2.86
CA SER I 114 -23.30 10.62 4.13
C SER I 114 -22.27 10.23 5.20
N GLN I 115 -21.68 11.23 5.85
CA GLN I 115 -20.68 10.97 6.87
C GLN I 115 -20.60 12.14 7.85
N SER I 116 -19.79 11.97 8.91
CA SER I 116 -19.64 13.01 9.91
C SER I 116 -18.50 12.68 10.87
N SER I 117 -18.22 13.58 11.79
CA SER I 117 -17.16 13.36 12.78
C SER I 117 -17.34 14.30 13.97
N TYR I 118 -16.63 14.02 15.05
CA TYR I 118 -16.73 14.86 16.25
C TYR I 118 -15.85 16.09 16.11
N GLY I 119 -14.53 15.93 16.19
CA GLY I 119 -13.64 17.08 16.07
C GLY I 119 -12.21 16.72 16.47
N GLN I 120 -11.54 15.93 15.62
CA GLN I 120 -10.16 15.54 15.91
C GLN I 120 -9.32 16.74 16.31
N GLN I 121 -8.13 16.48 16.83
CA GLN I 121 -7.24 17.56 17.25
C GLN I 121 -5.85 17.38 16.67
N SER I 122 -5.19 18.50 16.34
CA SER I 122 -3.85 18.46 15.78
C SER I 122 -2.89 19.23 16.67
N SER I 123 -1.80 18.57 17.08
CA SER I 123 -0.82 19.21 17.93
C SER I 123 -1.46 19.74 19.21
N TYR I 124 -0.76 20.63 19.90
CA TYR I 124 -1.28 21.19 21.15
C TYR I 124 -0.31 22.23 21.71
N SER A 64 -12.90 -24.85 -21.40
CA SER A 64 -13.76 -24.13 -20.41
C SER A 64 -12.89 -23.17 -19.60
N TYR A 65 -11.96 -23.72 -18.83
CA TYR A 65 -11.08 -22.89 -18.01
C TYR A 65 -9.66 -22.91 -18.57
N SER A 66 -9.22 -21.77 -19.10
CA SER A 66 -7.89 -21.66 -19.66
C SER A 66 -7.36 -20.24 -19.53
N GLY A 67 -6.51 -20.02 -18.52
CA GLY A 67 -5.94 -18.69 -18.30
C GLY A 67 -4.42 -18.73 -18.34
N TYR A 68 -3.79 -17.57 -18.18
CA TYR A 68 -2.34 -17.48 -18.19
C TYR A 68 -1.82 -17.10 -16.81
N SER A 69 -0.86 -17.89 -16.31
CA SER A 69 -0.28 -17.62 -15.00
C SER A 69 1.25 -17.78 -15.05
N GLN A 70 1.87 -17.76 -13.87
CA GLN A 70 3.33 -17.89 -13.80
C GLN A 70 3.74 -18.59 -12.51
N SER A 71 5.01 -18.46 -12.15
CA SER A 71 5.52 -19.09 -10.93
C SER A 71 4.99 -18.40 -9.69
N THR A 72 5.05 -19.08 -8.55
CA THR A 72 4.56 -18.51 -7.29
C THR A 72 5.48 -18.90 -6.14
N ASP A 73 5.52 -18.07 -5.10
CA ASP A 73 6.35 -18.34 -3.94
C ASP A 73 5.73 -17.74 -2.69
N THR A 74 6.18 -18.19 -1.51
CA THR A 74 5.63 -17.68 -0.25
C THR A 74 6.72 -17.09 0.63
N SER A 75 7.77 -17.87 0.89
CA SER A 75 8.86 -17.42 1.74
C SER A 75 10.22 -17.74 1.10
N GLY A 76 11.13 -16.78 1.14
CA GLY A 76 12.46 -16.99 0.58
C GLY A 76 12.66 -16.28 -0.75
N TYR A 77 12.85 -14.96 -0.69
CA TYR A 77 13.08 -14.13 -1.89
C TYR A 77 12.33 -14.67 -3.10
N GLY A 78 11.00 -14.57 -3.07
CA GLY A 78 10.18 -15.05 -4.17
C GLY A 78 10.39 -14.19 -5.41
N GLN A 79 11.29 -14.62 -6.28
CA GLN A 79 11.59 -13.88 -7.49
C GLN A 79 12.27 -12.55 -7.14
N SER A 80 13.59 -12.53 -7.20
CA SER A 80 14.34 -11.33 -6.88
C SER A 80 15.75 -11.42 -7.46
N SER A 81 16.30 -10.27 -7.84
CA SER A 81 17.64 -10.24 -8.41
C SER A 81 18.56 -9.35 -7.58
N TYR A 82 19.77 -9.85 -7.33
CA TYR A 82 20.74 -9.09 -6.54
C TYR A 82 22.07 -9.02 -7.28
N SER A 83 22.63 -7.81 -7.38
CA SER A 83 23.91 -7.62 -8.06
C SER A 83 25.03 -7.46 -7.04
N SER A 84 24.76 -6.69 -5.99
CA SER A 84 25.75 -6.45 -4.95
C SER A 84 25.05 -6.15 -3.62
N TYR A 85 24.89 -7.17 -2.79
CA TYR A 85 24.25 -6.99 -1.49
C TYR A 85 25.26 -6.62 -0.42
N GLY A 86 25.69 -5.37 -0.42
CA GLY A 86 26.66 -4.90 0.57
C GLY A 86 28.03 -5.52 0.32
N GLN A 87 28.90 -5.41 1.31
CA GLN A 87 30.25 -5.96 1.19
C GLN A 87 30.71 -6.56 2.51
N SER A 88 30.30 -5.93 3.62
CA SER A 88 30.68 -6.42 4.94
C SER A 88 29.45 -6.48 5.85
N GLN A 89 29.46 -7.44 6.78
CA GLN A 89 28.35 -7.59 7.70
C GLN A 89 27.04 -7.80 6.94
N ASN A 90 27.02 -8.81 6.08
CA ASN A 90 25.83 -9.10 5.28
C ASN A 90 25.06 -10.28 5.89
N THR A 91 23.76 -10.08 6.09
CA THR A 91 22.92 -11.12 6.66
C THR A 91 21.64 -11.30 5.85
N GLY A 92 21.26 -12.55 5.62
CA GLY A 92 20.06 -12.84 4.87
C GLY A 92 18.83 -12.44 5.67
N TYR A 93 17.67 -13.01 5.31
CA TYR A 93 16.42 -12.70 5.99
C TYR A 93 16.60 -12.75 7.51
N GLY A 94 17.08 -13.88 8.01
CA GLY A 94 17.28 -14.05 9.45
C GLY A 94 16.16 -14.87 10.06
N THR A 95 15.14 -14.18 10.55
CA THR A 95 13.98 -14.84 11.16
C THR A 95 12.73 -14.60 10.34
N GLN A 96 12.02 -15.68 10.05
CA GLN A 96 10.78 -15.59 9.27
C GLN A 96 9.95 -16.86 9.45
N SER A 97 8.67 -16.67 9.76
CA SER A 97 7.78 -17.81 9.96
C SER A 97 6.76 -17.89 8.82
N THR A 98 6.45 -19.12 8.40
CA THR A 98 5.50 -19.36 7.32
C THR A 98 4.09 -19.58 7.88
N PRO A 99 3.08 -19.45 7.06
CA PRO A 99 1.67 -19.58 7.49
C PRO A 99 1.14 -21.00 7.43
N GLN A 100 0.95 -21.59 8.60
CA GLN A 100 0.45 -22.95 8.70
C GLN A 100 -0.92 -23.06 8.02
N GLY A 101 -1.28 -24.29 7.66
CA GLY A 101 -2.56 -24.54 7.01
C GLY A 101 -2.38 -24.75 5.51
N TYR A 102 -2.60 -23.70 4.72
CA TYR A 102 -2.45 -23.79 3.29
C TYR A 102 -1.45 -22.75 2.78
N GLY A 103 -0.34 -22.62 3.49
CA GLY A 103 0.70 -21.69 3.11
C GLY A 103 1.23 -22.03 1.72
N SER A 104 1.41 -21.01 0.89
CA SER A 104 1.90 -21.21 -0.47
C SER A 104 1.08 -22.29 -1.16
N THR A 105 0.01 -21.87 -1.82
CA THR A 105 -0.87 -22.81 -2.52
C THR A 105 -0.58 -22.78 -4.01
N GLY A 106 0.11 -23.81 -4.49
CA GLY A 106 0.44 -23.93 -5.89
C GLY A 106 -0.43 -24.99 -6.56
N GLY A 107 0.14 -25.71 -7.53
CA GLY A 107 -0.59 -26.75 -8.22
C GLY A 107 -1.96 -26.26 -8.68
N TYR A 108 -1.96 -25.40 -9.68
CA TYR A 108 -3.20 -24.83 -10.20
C TYR A 108 -4.18 -25.94 -10.57
N GLY A 109 -5.44 -25.80 -10.17
CA GLY A 109 -6.44 -26.80 -10.48
C GLY A 109 -7.54 -26.81 -9.42
N SER A 110 -7.14 -26.82 -8.15
CA SER A 110 -8.09 -26.83 -7.03
C SER A 110 -7.37 -27.01 -5.71
N SER A 111 -7.70 -26.16 -4.75
CA SER A 111 -7.11 -26.24 -3.41
C SER A 111 -8.19 -26.11 -2.35
N GLN A 112 -8.73 -27.25 -1.92
CA GLN A 112 -9.79 -27.24 -0.92
C GLN A 112 -9.39 -26.48 0.33
N SER A 113 -8.74 -27.15 1.28
CA SER A 113 -8.33 -26.48 2.51
C SER A 113 -7.28 -27.27 3.28
N SER A 114 -6.91 -26.74 4.45
CA SER A 114 -5.91 -27.40 5.28
C SER A 114 -5.93 -26.84 6.70
N GLN A 115 -5.61 -27.69 7.67
CA GLN A 115 -5.59 -27.26 9.06
C GLN A 115 -4.24 -27.53 9.71
N SER A 116 -3.67 -26.53 10.37
CA SER A 116 -2.38 -26.69 11.02
C SER A 116 -2.04 -25.49 11.91
N SER A 117 -1.11 -25.68 12.82
CA SER A 117 -0.71 -24.62 13.74
C SER A 117 0.64 -24.94 14.39
N TYR A 118 1.05 -24.08 15.32
CA TYR A 118 2.32 -24.27 16.02
C TYR A 118 3.48 -24.29 15.03
N GLY A 119 3.83 -23.15 14.46
CA GLY A 119 4.93 -23.10 13.52
C GLY A 119 5.68 -21.77 13.64
N GLN A 120 6.08 -21.45 14.86
CA GLN A 120 6.79 -20.21 15.12
C GLN A 120 8.30 -20.42 15.00
N GLN A 121 9.05 -19.32 15.02
CA GLN A 121 10.50 -19.42 14.90
C GLN A 121 11.16 -18.08 15.23
N SER A 122 12.44 -18.13 15.60
CA SER A 122 13.19 -16.92 15.93
C SER A 122 14.69 -17.20 15.92
N SER A 123 15.48 -16.17 16.20
CA SER A 123 16.94 -16.32 16.23
C SER A 123 17.53 -15.54 17.39
N TYR A 124 18.53 -16.12 18.04
CA TYR A 124 19.17 -15.47 19.17
C TYR A 124 20.50 -14.84 18.74
N SER B 64 -14.66 -20.26 -21.56
CA SER B 64 -15.52 -19.53 -20.59
C SER B 64 -14.67 -18.57 -19.77
N TYR B 65 -13.75 -19.13 -18.98
CA TYR B 65 -12.87 -18.30 -18.15
C TYR B 65 -11.44 -18.33 -18.70
N SER B 66 -10.99 -17.20 -19.22
CA SER B 66 -9.64 -17.11 -19.77
C SER B 66 -9.10 -15.68 -19.63
N GLY B 67 -8.27 -15.47 -18.63
CA GLY B 67 -7.69 -14.15 -18.40
C GLY B 67 -6.16 -14.20 -18.41
N TYR B 68 -5.53 -13.05 -18.25
CA TYR B 68 -4.09 -12.97 -18.24
C TYR B 68 -3.57 -12.60 -16.86
N SER B 69 -2.63 -13.38 -16.35
CA SER B 69 -2.06 -13.12 -15.03
C SER B 69 -0.54 -13.29 -15.06
N GLN B 70 0.07 -13.27 -13.87
CA GLN B 70 1.52 -13.41 -13.78
C GLN B 70 1.91 -14.11 -12.47
N SER B 71 3.18 -13.99 -12.11
CA SER B 71 3.66 -14.62 -10.88
C SER B 71 3.13 -13.91 -9.64
N THR B 72 3.17 -14.60 -8.51
CA THR B 72 2.68 -14.02 -7.26
C THR B 72 3.58 -14.41 -6.09
N ASP B 73 3.60 -13.57 -5.06
CA ASP B 73 4.43 -13.85 -3.89
C ASP B 73 3.79 -13.24 -2.64
N THR B 74 4.22 -13.69 -1.46
CA THR B 74 3.67 -13.17 -0.21
C THR B 74 4.74 -12.59 0.69
N SER B 75 5.78 -13.38 0.96
CA SER B 75 6.86 -12.93 1.83
C SER B 75 8.23 -13.25 1.21
N GLY B 76 9.14 -12.30 1.26
CA GLY B 76 10.47 -12.52 0.71
C GLY B 76 10.67 -11.81 -0.62
N TYR B 77 10.92 -10.49 -0.56
CA TYR B 77 11.16 -9.68 -1.76
C TYR B 77 10.41 -10.23 -2.98
N GLY B 78 9.09 -10.12 -2.97
CA GLY B 78 8.28 -10.60 -4.08
C GLY B 78 8.51 -9.73 -5.31
N GLN B 79 9.42 -10.18 -6.17
CA GLN B 79 9.74 -9.44 -7.39
C GLN B 79 10.42 -8.13 -7.03
N SER B 80 11.75 -8.12 -7.08
CA SER B 80 12.51 -6.92 -6.74
C SER B 80 13.92 -7.03 -7.30
N SER B 81 14.49 -5.88 -7.69
CA SER B 81 15.84 -5.87 -8.25
C SER B 81 16.76 -4.98 -7.40
N TYR B 82 17.95 -5.48 -7.13
CA TYR B 82 18.93 -4.74 -6.34
C TYR B 82 20.27 -4.68 -7.06
N SER B 83 20.84 -3.48 -7.15
CA SER B 83 22.13 -3.31 -7.82
C SER B 83 23.24 -3.15 -6.79
N SER B 84 22.95 -2.37 -5.75
CA SER B 84 23.93 -2.13 -4.69
C SER B 84 23.22 -1.82 -3.38
N TYR B 85 23.05 -2.84 -2.54
CA TYR B 85 22.38 -2.64 -1.25
C TYR B 85 23.38 -2.29 -0.16
N GLY B 86 23.82 -1.03 -0.17
CA GLY B 86 24.79 -0.57 0.83
C GLY B 86 26.15 -1.20 0.59
N GLN B 87 27.02 -1.10 1.60
CA GLN B 87 28.36 -1.66 1.50
C GLN B 87 28.79 -2.26 2.84
N SER B 88 28.38 -1.62 3.93
CA SER B 88 28.74 -2.10 5.26
C SER B 88 27.50 -2.15 6.16
N GLN B 89 27.49 -3.11 7.09
CA GLN B 89 26.36 -3.24 8.00
C GLN B 89 25.06 -3.45 7.22
N ASN B 90 25.04 -4.46 6.36
CA ASN B 90 23.87 -4.75 5.55
C ASN B 90 23.07 -5.91 6.15
N THR B 91 21.77 -5.69 6.34
CA THR B 91 20.92 -6.74 6.90
C THR B 91 19.65 -6.90 6.08
N GLY B 92 19.27 -8.15 5.84
CA GLY B 92 18.06 -8.44 5.09
C GLY B 92 16.82 -8.02 5.86
N TYR B 93 15.68 -8.58 5.49
CA TYR B 93 14.42 -8.25 6.15
C TYR B 93 14.58 -8.30 7.68
N GLY B 94 15.03 -9.44 8.18
CA GLY B 94 15.23 -9.60 9.63
C GLY B 94 14.08 -10.40 10.23
N THR B 95 13.06 -9.71 10.70
CA THR B 95 11.90 -10.37 11.29
C THR B 95 10.65 -10.12 10.46
N GLN B 96 9.94 -11.20 10.16
CA GLN B 96 8.72 -11.09 9.37
C GLN B 96 7.86 -12.34 9.55
N SER B 97 6.57 -12.14 9.85
CA SER B 97 5.66 -13.27 10.02
C SER B 97 4.66 -13.34 8.88
N THR B 98 4.36 -14.56 8.45
CA THR B 98 3.41 -14.78 7.37
C THR B 98 1.99 -15.00 7.92
N PRO B 99 1.00 -14.87 7.08
CA PRO B 99 -0.43 -14.98 7.49
C PRO B 99 -0.98 -16.39 7.43
N GLN B 100 -1.17 -16.99 8.61
CA GLN B 100 -1.70 -18.34 8.71
C GLN B 100 -3.05 -18.45 8.01
N GLY B 101 -3.42 -19.68 7.64
CA GLY B 101 -4.69 -19.91 6.98
C GLY B 101 -4.49 -20.15 5.48
N TYR B 102 -4.68 -19.10 4.70
CA TYR B 102 -4.51 -19.20 3.25
C TYR B 102 -3.48 -18.19 2.74
N GLY B 103 -2.40 -18.05 3.49
CA GLY B 103 -1.34 -17.12 3.11
C GLY B 103 -0.80 -17.47 1.73
N SER B 104 -0.61 -16.45 0.90
CA SER B 104 -0.10 -16.66 -0.46
C SER B 104 -0.93 -17.73 -1.16
N THR B 105 -1.99 -17.31 -1.83
CA THR B 105 -2.86 -18.24 -2.54
C THR B 105 -2.54 -18.24 -4.03
N GLY B 106 -1.86 -19.28 -4.49
CA GLY B 106 -1.52 -19.39 -5.90
C GLY B 106 -2.39 -20.44 -6.56
N GLY B 107 -1.80 -21.16 -7.51
CA GLY B 107 -2.53 -22.22 -8.22
C GLY B 107 -3.90 -21.71 -8.69
N TYR B 108 -3.88 -20.85 -9.70
CA TYR B 108 -5.12 -20.30 -10.24
C TYR B 108 -6.09 -21.39 -10.61
N GLY B 109 -7.35 -21.23 -10.23
CA GLY B 109 -8.37 -22.23 -10.54
C GLY B 109 -9.48 -22.22 -9.51
N SER B 110 -9.08 -22.22 -8.22
CA SER B 110 -10.05 -22.22 -7.14
C SER B 110 -9.35 -22.41 -5.79
N SER B 111 -9.69 -21.55 -4.83
CA SER B 111 -9.11 -21.62 -3.50
C SER B 111 -10.21 -21.48 -2.45
N GLN B 112 -10.76 -22.61 -2.02
CA GLN B 112 -11.85 -22.59 -1.03
C GLN B 112 -11.45 -21.82 0.22
N SER B 113 -10.81 -22.49 1.18
CA SER B 113 -10.42 -21.81 2.41
C SER B 113 -9.38 -22.59 3.20
N SER B 114 -9.03 -22.09 4.37
CA SER B 114 -8.04 -22.75 5.21
C SER B 114 -8.07 -22.19 6.64
N GLN B 115 -7.77 -23.03 7.62
CA GLN B 115 -7.77 -22.59 9.01
C GLN B 115 -6.43 -22.88 9.67
N SER B 116 -5.86 -21.87 10.34
CA SER B 116 -4.57 -22.05 11.01
C SER B 116 -4.25 -20.85 11.90
N SER B 117 -3.32 -21.05 12.82
CA SER B 117 -2.92 -19.99 13.73
C SER B 117 -1.58 -20.32 14.40
N TYR B 118 -1.17 -19.47 15.33
CA TYR B 118 0.09 -19.67 16.04
C TYR B 118 1.27 -19.74 15.07
N GLY B 119 1.63 -18.59 14.51
CA GLY B 119 2.75 -18.53 13.57
C GLY B 119 3.49 -17.21 13.70
N GLN B 120 3.88 -16.88 14.93
CA GLN B 120 4.60 -15.64 15.18
C GLN B 120 6.10 -15.86 15.08
N GLN B 121 6.87 -14.76 15.12
CA GLN B 121 8.32 -14.87 15.02
C GLN B 121 8.99 -13.55 15.35
N SER B 122 10.26 -13.61 15.73
CA SER B 122 11.02 -12.41 16.07
C SER B 122 12.51 -12.69 16.08
N SER B 123 13.31 -11.67 16.36
CA SER B 123 14.76 -11.83 16.41
C SER B 123 15.35 -11.05 17.58
N TYR B 124 16.34 -11.64 18.25
CA TYR B 124 16.97 -10.99 19.38
C TYR B 124 18.30 -10.37 18.97
N SER C 64 -16.39 -15.65 -21.76
CA SER C 64 -17.25 -14.91 -20.80
C SER C 64 -16.39 -13.95 -19.97
N TYR C 65 -15.50 -14.51 -19.17
CA TYR C 65 -14.62 -13.70 -18.35
C TYR C 65 -13.19 -13.74 -18.86
N SER C 66 -12.72 -12.62 -19.39
CA SER C 66 -11.36 -12.53 -19.92
C SER C 66 -10.82 -11.12 -19.78
N GLY C 67 -9.98 -10.91 -18.76
CA GLY C 67 -9.40 -9.59 -18.53
C GLY C 67 -7.88 -9.67 -18.52
N TYR C 68 -7.24 -8.51 -18.36
CA TYR C 68 -5.78 -8.45 -18.34
C TYR C 68 -5.28 -8.07 -16.95
N SER C 69 -4.35 -8.87 -16.42
CA SER C 69 -3.80 -8.61 -15.09
C SER C 69 -2.28 -8.78 -15.10
N GLN C 70 -1.69 -8.77 -13.91
CA GLN C 70 -0.24 -8.92 -13.80
C GLN C 70 0.12 -9.62 -12.49
N SER C 71 1.39 -9.51 -12.10
CA SER C 71 1.86 -10.14 -10.87
C SER C 71 1.30 -9.42 -9.65
N THR C 72 1.33 -10.10 -8.50
CA THR C 72 0.83 -9.51 -7.26
C THR C 72 1.71 -9.91 -6.08
N ASP C 73 1.73 -9.06 -5.05
CA ASP C 73 2.53 -9.33 -3.87
C ASP C 73 1.89 -8.72 -2.63
N THR C 74 2.30 -9.18 -1.45
CA THR C 74 1.74 -8.65 -0.21
C THR C 74 2.81 -8.07 0.71
N SER C 75 3.83 -8.87 0.99
CA SER C 75 4.91 -8.42 1.87
C SER C 75 6.27 -8.76 1.27
N GLY C 76 7.21 -7.81 1.33
CA GLY C 76 8.54 -8.05 0.80
C GLY C 76 8.76 -7.34 -0.53
N TYR C 77 9.01 -6.04 -0.48
CA TYR C 77 9.27 -5.23 -1.68
C TYR C 77 8.54 -5.77 -2.90
N GLY C 78 7.22 -5.66 -2.91
CA GLY C 78 6.42 -6.13 -4.03
C GLY C 78 6.68 -5.27 -5.26
N GLN C 79 7.60 -5.73 -6.11
CA GLN C 79 7.94 -5.00 -7.32
C GLN C 79 8.62 -3.69 -6.97
N SER C 80 9.95 -3.70 -6.99
CA SER C 80 10.72 -2.50 -6.66
C SER C 80 12.13 -2.62 -7.20
N SER C 81 12.72 -1.49 -7.58
CA SER C 81 14.07 -1.48 -8.12
C SER C 81 14.99 -0.61 -7.27
N TYR C 82 16.19 -1.12 -6.98
CA TYR C 82 17.15 -0.38 -6.17
C TYR C 82 18.50 -0.33 -6.89
N SER C 83 19.08 0.86 -6.97
CA SER C 83 20.38 1.02 -7.62
C SER C 83 21.48 1.18 -6.57
N SER C 84 21.19 1.96 -5.54
CA SER C 84 22.15 2.18 -4.47
C SER C 84 21.43 2.52 -3.17
N TYR C 85 21.24 1.51 -2.33
CA TYR C 85 20.55 1.71 -1.06
C TYR C 85 21.55 2.06 0.04
N GLY C 86 22.00 3.31 0.04
CA GLY C 86 22.95 3.76 1.04
C GLY C 86 24.32 3.12 0.84
N GLN C 87 25.17 3.23 1.85
CA GLN C 87 26.52 2.64 1.77
C GLN C 87 26.92 2.05 3.11
N SER C 88 26.50 2.70 4.20
CA SER C 88 26.83 2.22 5.54
C SER C 88 25.59 2.19 6.41
N GLN C 89 25.56 1.24 7.35
CA GLN C 89 24.41 1.10 8.25
C GLN C 89 23.12 0.92 7.45
N ASN C 90 23.10 -0.10 6.60
CA ASN C 90 21.94 -0.37 5.78
C ASN C 90 21.13 -1.53 6.37
N THR C 91 19.83 -1.31 6.53
CA THR C 91 18.95 -2.33 7.10
C THR C 91 17.69 -2.49 6.26
N GLY C 92 17.30 -3.74 6.02
CA GLY C 92 16.10 -4.02 5.25
C GLY C 92 14.86 -3.59 6.01
N TYR C 93 13.71 -4.14 5.62
CA TYR C 93 12.45 -3.80 6.27
C TYR C 93 12.59 -3.84 7.80
N GLY C 94 13.03 -4.98 8.32
CA GLY C 94 13.20 -5.13 9.76
C GLY C 94 12.04 -5.93 10.36
N THR C 95 11.01 -5.22 10.80
CA THR C 95 9.85 -5.87 11.39
C THR C 95 8.62 -5.62 10.54
N GLN C 96 7.89 -6.68 10.23
CA GLN C 96 6.68 -6.57 9.44
C GLN C 96 5.81 -7.81 9.60
N SER C 97 4.52 -7.60 9.89
CA SER C 97 3.61 -8.71 10.06
C SER C 97 2.61 -8.77 8.90
N THR C 98 2.30 -10.00 8.47
CA THR C 98 1.37 -10.22 7.36
C THR C 98 -0.06 -10.41 7.91
N PRO C 99 -1.05 -10.29 7.05
CA PRO C 99 -2.48 -10.38 7.45
C PRO C 99 -3.05 -11.79 7.40
N GLN C 100 -3.25 -12.38 8.57
CA GLN C 100 -3.79 -13.73 8.66
C GLN C 100 -5.13 -13.82 7.95
N GLY C 101 -5.51 -15.05 7.58
CA GLY C 101 -6.78 -15.28 6.90
C GLY C 101 -6.55 -15.52 5.41
N TYR C 102 -6.72 -14.47 4.61
CA TYR C 102 -6.55 -14.59 3.17
C TYR C 102 -5.50 -13.60 2.68
N GLY C 103 -4.42 -13.45 3.44
CA GLY C 103 -3.35 -12.54 3.06
C GLY C 103 -2.80 -12.89 1.69
N SER C 104 -2.58 -11.88 0.87
CA SER C 104 -2.06 -12.10 -0.49
C SER C 104 -2.88 -13.17 -1.19
N THR C 105 -3.94 -12.74 -1.88
CA THR C 105 -4.79 -13.67 -2.60
C THR C 105 -4.47 -13.67 -4.08
N GLY C 106 -3.80 -14.72 -4.53
CA GLY C 106 -3.43 -14.83 -5.93
C GLY C 106 -4.30 -15.89 -6.61
N GLY C 107 -3.71 -16.62 -7.54
CA GLY C 107 -4.45 -17.66 -8.25
C GLY C 107 -5.80 -17.15 -8.74
N TYR C 108 -5.76 -16.29 -9.75
CA TYR C 108 -6.98 -15.73 -10.31
C TYR C 108 -7.96 -16.82 -10.70
N GLY C 109 -9.22 -16.65 -10.33
CA GLY C 109 -10.25 -17.63 -10.66
C GLY C 109 -11.37 -17.62 -9.63
N SER C 110 -11.00 -17.61 -8.35
CA SER C 110 -11.98 -17.59 -7.26
C SER C 110 -11.30 -17.78 -5.91
N SER C 111 -11.64 -16.92 -4.96
CA SER C 111 -11.08 -16.99 -3.62
C SER C 111 -12.19 -16.83 -2.59
N GLN C 112 -12.76 -17.96 -2.15
CA GLN C 112 -13.85 -17.93 -1.19
C GLN C 112 -13.46 -17.15 0.07
N SER C 113 -12.85 -17.82 1.04
CA SER C 113 -12.47 -17.13 2.28
C SER C 113 -11.45 -17.92 3.07
N SER C 114 -11.11 -17.42 4.25
CA SER C 114 -10.13 -18.08 5.11
C SER C 114 -10.17 -17.52 6.52
N GLN C 115 -9.89 -18.36 7.51
CA GLN C 115 -9.91 -17.92 8.91
C GLN C 115 -8.58 -18.21 9.58
N SER C 116 -8.00 -17.21 10.25
CA SER C 116 -6.73 -17.39 10.93
C SER C 116 -6.40 -16.20 11.82
N SER C 117 -5.48 -16.40 12.77
CA SER C 117 -5.08 -15.33 13.68
C SER C 117 -3.77 -15.67 14.36
N TYR C 118 -3.35 -14.83 15.29
CA TYR C 118 -2.10 -15.04 16.02
C TYR C 118 -0.91 -15.12 15.08
N GLY C 119 -0.53 -13.98 14.51
CA GLY C 119 0.59 -13.94 13.59
C GLY C 119 1.35 -12.62 13.72
N GLN C 120 1.72 -12.28 14.95
CA GLN C 120 2.45 -11.05 15.21
C GLN C 120 3.96 -11.28 15.12
N GLN C 121 4.73 -10.21 15.16
CA GLN C 121 6.18 -10.32 15.08
C GLN C 121 6.86 -9.00 15.42
N SER C 122 8.12 -9.07 15.81
CA SER C 122 8.89 -7.87 16.16
C SER C 122 10.38 -8.18 16.20
N SER C 123 11.18 -7.17 16.48
CA SER C 123 12.63 -7.33 16.55
C SER C 123 13.21 -6.56 17.72
N TYR C 124 14.18 -7.16 18.40
CA TYR C 124 14.81 -6.50 19.55
C TYR C 124 16.15 -5.90 19.14
N SER D 64 -18.06 -11.03 -21.99
CA SER D 64 -18.94 -10.27 -21.05
C SER D 64 -18.09 -9.33 -20.22
N TYR D 65 -17.20 -9.89 -19.40
CA TYR D 65 -16.33 -9.08 -18.56
C TYR D 65 -14.89 -9.14 -19.06
N SER D 66 -14.40 -8.02 -19.59
CA SER D 66 -13.04 -7.95 -20.10
C SER D 66 -12.48 -6.54 -19.97
N GLY D 67 -11.66 -6.33 -18.94
CA GLY D 67 -11.06 -5.02 -18.70
C GLY D 67 -9.54 -5.10 -18.68
N TYR D 68 -8.90 -3.95 -18.51
CA TYR D 68 -7.43 -3.91 -18.47
C TYR D 68 -6.95 -3.53 -17.08
N SER D 69 -6.03 -4.34 -16.53
CA SER D 69 -5.50 -4.08 -15.21
C SER D 69 -3.99 -4.26 -15.20
N GLN D 70 -3.41 -4.25 -13.99
CA GLN D 70 -1.96 -4.41 -13.86
C GLN D 70 -1.62 -5.11 -12.54
N SER D 71 -0.36 -5.01 -12.15
CA SER D 71 0.10 -5.64 -10.90
C SER D 71 -0.47 -4.91 -9.68
N THR D 72 -0.47 -5.59 -8.54
CA THR D 72 -0.98 -4.99 -7.31
C THR D 72 -0.11 -5.39 -6.12
N ASP D 73 -0.11 -4.54 -5.09
CA ASP D 73 0.68 -4.81 -3.90
C ASP D 73 0.02 -4.19 -2.67
N THR D 74 0.43 -4.63 -1.48
CA THR D 74 -0.16 -4.10 -0.24
C THR D 74 0.91 -3.53 0.67
N SER D 75 1.92 -4.33 0.98
CA SER D 75 3.00 -3.89 1.87
C SER D 75 4.37 -4.24 1.29
N GLY D 76 5.30 -3.31 1.36
CA GLY D 76 6.64 -3.57 0.85
C GLY D 76 6.88 -2.87 -0.49
N TYR D 77 7.16 -1.56 -0.43
CA TYR D 77 7.44 -0.76 -1.63
C TYR D 77 6.72 -1.30 -2.87
N GLY D 78 5.40 -1.17 -2.89
CA GLY D 78 4.61 -1.65 -4.02
C GLY D 78 4.89 -0.79 -5.25
N GLN D 79 5.81 -1.27 -6.08
CA GLN D 79 6.17 -0.54 -7.30
C GLN D 79 6.87 0.77 -6.94
N SER D 80 8.19 0.75 -6.94
CA SER D 80 8.96 1.94 -6.61
C SER D 80 10.39 1.80 -7.13
N SER D 81 10.99 2.93 -7.51
CA SER D 81 12.35 2.92 -8.03
C SER D 81 13.27 3.79 -7.17
N TYR D 82 14.45 3.26 -6.86
CA TYR D 82 15.41 4.00 -6.06
C TYR D 82 16.78 4.03 -6.74
N SER D 83 17.37 5.21 -6.83
CA SER D 83 18.67 5.36 -7.47
C SER D 83 19.76 5.51 -6.41
N SER D 84 19.47 6.30 -5.38
CA SER D 84 20.41 6.52 -4.30
C SER D 84 19.68 6.87 -3.01
N TYR D 85 19.47 5.86 -2.16
CA TYR D 85 18.77 6.07 -0.91
C TYR D 85 19.76 6.42 0.21
N GLY D 86 20.22 7.67 0.20
CA GLY D 86 21.17 8.12 1.22
C GLY D 86 22.53 7.47 1.03
N GLN D 87 23.37 7.56 2.06
CA GLN D 87 24.70 6.97 1.99
C GLN D 87 25.09 6.38 3.35
N SER D 88 24.67 7.03 4.42
CA SER D 88 24.98 6.56 5.77
C SER D 88 23.71 6.54 6.63
N GLN D 89 23.67 5.60 7.57
CA GLN D 89 22.51 5.48 8.45
C GLN D 89 21.23 5.31 7.64
N ASN D 90 21.21 4.28 6.79
CA ASN D 90 20.05 4.01 5.95
C ASN D 90 19.22 2.87 6.54
N THR D 91 17.92 3.10 6.70
CA THR D 91 17.04 2.08 7.25
C THR D 91 15.78 1.93 6.40
N GLY D 92 15.37 0.69 6.17
CA GLY D 92 14.18 0.41 5.38
C GLY D 92 12.93 0.86 6.12
N TYR D 93 11.78 0.32 5.72
CA TYR D 93 10.52 0.67 6.36
C TYR D 93 10.63 0.64 7.88
N GLY D 94 11.06 -0.50 8.41
CA GLY D 94 11.21 -0.65 9.85
C GLY D 94 10.04 -1.43 10.44
N THR D 95 9.02 -0.71 10.86
CA THR D 95 7.85 -1.34 11.44
C THR D 95 6.61 -1.08 10.57
N GLN D 96 5.89 -2.15 10.27
CA GLN D 96 4.69 -2.03 9.45
C GLN D 96 3.80 -3.26 9.61
N SER D 97 2.52 -3.03 9.87
CA SER D 97 1.58 -4.13 10.05
C SER D 97 0.61 -4.20 8.87
N THR D 98 0.28 -5.41 8.45
CA THR D 98 -0.63 -5.63 7.34
C THR D 98 -2.07 -5.82 7.85
N PRO D 99 -3.05 -5.68 6.99
CA PRO D 99 -4.48 -5.76 7.36
C PRO D 99 -5.05 -7.17 7.31
N GLN D 100 -5.28 -7.74 8.48
CA GLN D 100 -5.84 -9.09 8.57
C GLN D 100 -7.17 -9.18 7.84
N GLY D 101 -7.56 -10.39 7.47
CA GLY D 101 -8.82 -10.61 6.78
C GLY D 101 -8.58 -10.87 5.30
N TYR D 102 -8.73 -9.82 4.49
CA TYR D 102 -8.53 -9.95 3.05
C TYR D 102 -7.46 -8.97 2.57
N GLY D 103 -6.40 -8.83 3.34
CA GLY D 103 -5.32 -7.93 2.98
C GLY D 103 -4.75 -8.29 1.62
N SER D 104 -4.52 -7.29 0.78
CA SER D 104 -3.98 -7.52 -0.55
C SER D 104 -4.81 -8.57 -1.27
N THR D 105 -5.84 -8.14 -1.98
CA THR D 105 -6.70 -9.05 -2.69
C THR D 105 -6.36 -9.08 -4.17
N GLY D 106 -5.68 -10.13 -4.61
CA GLY D 106 -5.31 -10.26 -6.01
C GLY D 106 -6.18 -11.31 -6.69
N GLY D 107 -5.59 -12.05 -7.62
CA GLY D 107 -6.32 -13.10 -8.32
C GLY D 107 -7.65 -12.57 -8.84
N TYR D 108 -7.60 -11.72 -9.85
CA TYR D 108 -8.81 -11.14 -10.43
C TYR D 108 -9.79 -12.23 -10.83
N GLY D 109 -11.06 -12.04 -10.48
CA GLY D 109 -12.09 -13.02 -10.81
C GLY D 109 -13.23 -12.99 -9.79
N SER D 110 -12.87 -12.98 -8.51
CA SER D 110 -13.86 -12.95 -7.43
C SER D 110 -13.20 -13.14 -6.08
N SER D 111 -13.54 -12.26 -5.14
CA SER D 111 -13.00 -12.35 -3.79
C SER D 111 -14.12 -12.17 -2.77
N GLN D 112 -14.71 -13.28 -2.35
CA GLN D 112 -15.82 -13.24 -1.39
C GLN D 112 -15.43 -12.46 -0.13
N SER D 113 -14.84 -13.13 0.86
CA SER D 113 -14.47 -12.44 2.09
C SER D 113 -13.46 -13.23 2.91
N SER D 114 -13.13 -12.73 4.09
CA SER D 114 -12.18 -13.41 4.96
C SER D 114 -12.23 -12.83 6.37
N GLN D 115 -11.97 -13.66 7.37
CA GLN D 115 -12.00 -13.22 8.76
C GLN D 115 -10.67 -13.52 9.45
N SER D 116 -10.11 -12.52 10.12
CA SER D 116 -8.84 -12.72 10.82
C SER D 116 -8.52 -11.52 11.71
N SER D 117 -7.61 -11.73 12.67
CA SER D 117 -7.22 -10.66 13.58
C SER D 117 -5.90 -11.01 14.28
N TYR D 118 -5.50 -10.17 15.22
CA TYR D 118 -4.27 -10.39 15.97
C TYR D 118 -3.07 -10.48 15.03
N GLY D 119 -2.66 -9.35 14.46
CA GLY D 119 -1.52 -9.32 13.55
C GLY D 119 -0.76 -8.00 13.69
N GLN D 120 -0.40 -7.67 14.93
CA GLN D 120 0.35 -6.44 15.19
C GLN D 120 1.84 -6.69 15.12
N GLN D 121 2.63 -5.62 15.16
CA GLN D 121 4.08 -5.75 15.11
C GLN D 121 4.77 -4.43 15.45
N SER D 122 6.03 -4.52 15.86
CA SER D 122 6.80 -3.33 16.22
C SER D 122 8.28 -3.64 16.27
N SER D 123 9.09 -2.63 16.55
CA SER D 123 10.54 -2.82 16.64
C SER D 123 11.11 -2.03 17.82
N TYR D 124 12.06 -2.64 18.51
CA TYR D 124 12.68 -1.99 19.66
C TYR D 124 14.04 -1.40 19.27
N SER E 64 -19.70 -6.40 -22.27
CA SER E 64 -20.59 -5.63 -21.34
C SER E 64 -19.73 -4.68 -20.50
N TYR E 65 -18.86 -5.25 -19.67
CA TYR E 65 -17.99 -4.45 -18.83
C TYR E 65 -16.55 -4.52 -19.31
N SER E 66 -16.05 -3.41 -19.83
CA SER E 66 -14.67 -3.36 -20.33
C SER E 66 -14.09 -1.95 -20.19
N GLY E 67 -13.29 -1.73 -19.15
CA GLY E 67 -12.69 -0.43 -18.92
C GLY E 67 -11.17 -0.54 -18.89
N TYR E 68 -10.51 0.61 -18.71
CA TYR E 68 -9.06 0.64 -18.65
C TYR E 68 -8.59 1.02 -17.25
N SER E 69 -7.68 0.21 -16.69
CA SER E 69 -7.16 0.48 -15.35
C SER E 69 -5.64 0.27 -15.33
N GLN E 70 -5.08 0.29 -14.12
CA GLN E 70 -3.64 0.11 -13.97
C GLN E 70 -3.32 -0.58 -12.65
N SER E 71 -2.07 -0.50 -12.22
CA SER E 71 -1.64 -1.12 -10.98
C SER E 71 -2.20 -0.38 -9.77
N THR E 72 -2.23 -1.06 -8.62
CA THR E 72 -2.75 -0.44 -7.40
C THR E 72 -1.90 -0.85 -6.20
N ASP E 73 -1.90 0.00 -5.18
CA ASP E 73 -1.13 -0.28 -3.97
C ASP E 73 -1.80 0.34 -2.75
N THR E 74 -1.42 -0.11 -1.55
CA THR E 74 -1.99 0.49 -0.35
C THR E 74 -0.93 1.03 0.60
N SER E 75 0.06 0.21 0.94
CA SER E 75 1.13 0.63 1.84
C SER E 75 2.50 0.31 1.27
N GLY E 76 3.45 1.25 1.33
CA GLY E 76 4.78 0.92 0.81
C GLY E 76 5.10 1.62 -0.50
N TYR E 77 5.33 2.93 -0.45
CA TYR E 77 5.62 3.75 -1.64
C TYR E 77 4.93 3.16 -2.87
N GLY E 78 3.62 3.35 -2.94
CA GLY E 78 2.82 2.88 -4.07
C GLY E 78 3.12 3.70 -5.30
N GLN E 79 4.06 3.23 -6.11
CA GLN E 79 4.45 3.94 -7.32
C GLN E 79 5.15 5.24 -6.96
N SER E 80 6.47 5.21 -6.95
CA SER E 80 7.26 6.38 -6.61
C SER E 80 8.69 6.24 -7.12
N SER E 81 9.29 7.35 -7.49
CA SER E 81 10.66 7.33 -7.99
C SER E 81 11.57 8.19 -7.12
N TYR E 82 12.75 7.66 -6.81
CA TYR E 82 13.71 8.40 -5.99
C TYR E 82 15.08 8.41 -6.66
N SER E 83 15.69 9.60 -6.75
CA SER E 83 17.00 9.72 -7.37
C SER E 83 18.08 9.86 -6.29
N SER E 84 17.78 10.66 -5.27
CA SER E 84 18.72 10.88 -4.18
C SER E 84 17.97 11.24 -2.90
N TYR E 85 17.74 10.23 -2.05
CA TYR E 85 17.03 10.46 -0.80
C TYR E 85 18.01 10.80 0.32
N GLY E 86 18.48 12.05 0.32
CA GLY E 86 19.41 12.50 1.35
C GLY E 86 20.77 11.83 1.18
N GLN E 87 21.61 11.92 2.21
CA GLN E 87 22.93 11.32 2.16
C GLN E 87 23.30 10.72 3.53
N SER E 88 22.86 11.39 4.59
CA SER E 88 23.15 10.92 5.95
C SER E 88 21.88 10.91 6.79
N GLN E 89 21.81 9.98 7.73
CA GLN E 89 20.64 9.88 8.60
C GLN E 89 19.37 9.71 7.77
N ASN E 90 19.35 8.67 6.94
CA ASN E 90 18.20 8.42 6.08
C ASN E 90 17.35 7.29 6.66
N THR E 91 16.06 7.53 6.79
CA THR E 91 15.15 6.52 7.34
C THR E 91 13.90 6.39 6.47
N GLY E 92 13.50 5.15 6.23
CA GLY E 92 12.31 4.87 5.44
C GLY E 92 11.06 5.32 6.18
N TYR E 93 9.91 4.81 5.76
CA TYR E 93 8.63 5.18 6.38
C TYR E 93 8.75 5.15 7.90
N GLY E 94 9.14 4.00 8.45
CA GLY E 94 9.27 3.85 9.89
C GLY E 94 8.09 3.09 10.47
N THR E 95 7.07 3.83 10.87
CA THR E 95 5.88 3.21 11.44
C THR E 95 4.67 3.47 10.56
N GLN E 96 3.93 2.42 10.24
CA GLN E 96 2.74 2.54 9.42
C GLN E 96 1.85 1.32 9.57
N SER E 97 0.56 1.55 9.81
CA SER E 97 -0.39 0.46 9.97
C SER E 97 -1.34 0.41 8.78
N THR E 98 -1.67 -0.81 8.36
CA THR E 98 -2.59 -1.02 7.24
C THR E 98 -4.03 -1.18 7.75
N PRO E 99 -4.99 -1.05 6.87
CA PRO E 99 -6.43 -1.12 7.24
C PRO E 99 -7.01 -2.52 7.17
N GLN E 100 -7.28 -3.08 8.34
CA GLN E 100 -7.84 -4.43 8.44
C GLN E 100 -9.17 -4.50 7.69
N GLY E 101 -9.55 -5.72 7.33
CA GLY E 101 -10.81 -5.95 6.61
C GLY E 101 -10.57 -6.19 5.13
N TYR E 102 -10.68 -5.15 4.33
CA TYR E 102 -10.47 -5.28 2.88
C TYR E 102 -9.39 -4.32 2.40
N GLY E 103 -8.33 -4.19 3.20
CA GLY E 103 -7.23 -3.30 2.84
C GLY E 103 -6.66 -3.67 1.49
N SER E 104 -6.39 -2.67 0.66
CA SER E 104 -5.85 -2.92 -0.67
C SER E 104 -6.68 -3.98 -1.39
N THR E 105 -7.70 -3.53 -2.13
CA THR E 105 -8.57 -4.46 -2.85
C THR E 105 -8.20 -4.47 -4.32
N GLY E 106 -7.53 -5.53 -4.74
CA GLY E 106 -7.14 -5.67 -6.13
C GLY E 106 -8.01 -6.71 -6.82
N GLY E 107 -7.41 -7.47 -7.73
CA GLY E 107 -8.14 -8.51 -8.46
C GLY E 107 -9.47 -7.96 -8.98
N TYR E 108 -9.39 -7.13 -9.99
CA TYR E 108 -10.59 -6.54 -10.58
C TYR E 108 -11.58 -7.62 -11.00
N GLY E 109 -12.85 -7.42 -10.65
CA GLY E 109 -13.89 -8.39 -11.01
C GLY E 109 -15.03 -8.35 -10.00
N SER E 110 -14.69 -8.31 -8.71
CA SER E 110 -15.69 -8.27 -7.65
C SER E 110 -15.04 -8.48 -6.29
N SER E 111 -15.40 -7.60 -5.35
CA SER E 111 -14.87 -7.67 -4.00
C SER E 111 -16.00 -7.48 -2.99
N GLN E 112 -16.61 -8.59 -2.57
CA GLN E 112 -17.72 -8.52 -1.63
C GLN E 112 -17.36 -7.75 -0.36
N SER E 113 -16.78 -8.41 0.62
CA SER E 113 -16.42 -7.73 1.86
C SER E 113 -15.43 -8.53 2.69
N SER E 114 -15.10 -8.01 3.87
CA SER E 114 -14.16 -8.70 4.76
C SER E 114 -14.24 -8.12 6.17
N GLN E 115 -14.00 -8.95 7.18
CA GLN E 115 -14.03 -8.50 8.57
C GLN E 115 -12.72 -8.82 9.28
N SER E 116 -12.15 -7.81 9.95
CA SER E 116 -10.89 -8.01 10.66
C SER E 116 -10.56 -6.81 11.55
N SER E 117 -9.68 -7.03 12.52
CA SER E 117 -9.29 -5.96 13.43
C SER E 117 -7.99 -6.33 14.16
N TYR E 118 -7.60 -5.48 15.09
CA TYR E 118 -6.37 -5.71 15.86
C TYR E 118 -5.14 -5.82 14.93
N GLY E 119 -4.72 -4.69 14.36
CA GLY E 119 -3.58 -4.67 13.47
C GLY E 119 -2.81 -3.37 13.62
N GLN E 120 -2.46 -3.03 14.85
CA GLN E 120 -1.71 -1.80 15.11
C GLN E 120 -0.21 -2.07 15.07
N GLN E 121 0.58 -1.01 15.11
CA GLN E 121 2.04 -1.15 15.08
C GLN E 121 2.72 0.17 15.43
N SER E 122 3.98 0.07 15.85
CA SER E 122 4.76 1.26 16.20
C SER E 122 6.24 0.93 16.28
N SER E 123 7.06 1.93 16.57
CA SER E 123 8.50 1.73 16.68
C SER E 123 9.07 2.51 17.86
N TYR E 124 10.01 1.90 18.56
CA TYR E 124 10.62 2.55 19.72
C TYR E 124 11.98 3.13 19.35
N SER F 64 -21.30 -1.75 -22.58
CA SER F 64 -22.18 -0.98 -21.66
C SER F 64 -21.33 -0.03 -20.83
N TYR F 65 -20.47 -0.61 -19.99
CA TYR F 65 -19.61 0.20 -19.12
C TYR F 65 -18.15 0.11 -19.59
N SER F 66 -17.64 1.22 -20.11
CA SER F 66 -16.26 1.24 -20.59
C SER F 66 -15.67 2.66 -20.46
N GLY F 67 -14.88 2.86 -19.41
CA GLY F 67 -14.27 4.16 -19.17
C GLY F 67 -12.75 4.05 -19.11
N TYR F 68 -12.09 5.18 -18.93
CA TYR F 68 -10.63 5.20 -18.87
C TYR F 68 -10.17 5.58 -17.46
N SER F 69 -9.29 4.78 -16.88
CA SER F 69 -8.77 5.04 -15.55
C SER F 69 -7.26 4.82 -15.49
N GLN F 70 -6.71 4.84 -14.29
CA GLN F 70 -5.28 4.64 -14.12
C GLN F 70 -4.98 3.95 -12.78
N SER F 71 -3.73 4.03 -12.34
CA SER F 71 -3.32 3.41 -11.09
C SER F 71 -3.89 4.16 -9.90
N THR F 72 -3.94 3.50 -8.74
CA THR F 72 -4.46 4.11 -7.54
C THR F 72 -3.64 3.71 -6.32
N ASP F 73 -3.63 4.57 -5.30
CA ASP F 73 -2.88 4.29 -4.08
C ASP F 73 -3.56 4.94 -2.87
N THR F 74 -3.20 4.49 -1.67
CA THR F 74 -3.80 5.05 -0.46
C THR F 74 -2.75 5.61 0.49
N SER F 75 -1.75 4.78 0.82
CA SER F 75 -0.70 5.22 1.74
C SER F 75 0.68 4.84 1.20
N GLY F 76 1.63 5.76 1.27
CA GLY F 76 2.98 5.48 0.79
C GLY F 76 3.25 6.16 -0.54
N TYR F 77 3.56 7.45 -0.49
CA TYR F 77 3.88 8.24 -1.69
C TYR F 77 3.19 7.70 -2.94
N GLY F 78 1.86 7.85 -2.99
CA GLY F 78 1.09 7.38 -4.13
C GLY F 78 1.42 8.21 -5.37
N GLN F 79 2.36 7.72 -6.18
CA GLN F 79 2.76 8.43 -7.39
C GLN F 79 3.47 9.73 -7.01
N SER F 80 4.79 9.67 -6.99
CA SER F 80 5.58 10.86 -6.65
C SER F 80 7.02 10.69 -7.13
N SER F 81 7.65 11.80 -7.50
CA SER F 81 9.02 11.76 -8.00
C SER F 81 9.93 12.62 -7.13
N TYR F 82 11.10 12.08 -6.78
CA TYR F 82 12.06 12.81 -5.95
C TYR F 82 13.43 12.81 -6.61
N SER F 83 14.04 13.98 -6.70
CA SER F 83 15.37 14.09 -7.30
C SER F 83 16.43 14.24 -6.21
N SER F 84 16.13 15.04 -5.20
CA SER F 84 17.06 15.25 -4.09
C SER F 84 16.29 15.62 -2.83
N TYR F 85 16.05 14.63 -1.97
CA TYR F 85 15.32 14.87 -0.74
C TYR F 85 16.29 15.21 0.40
N GLY F 86 16.78 16.45 0.40
CA GLY F 86 17.70 16.89 1.43
C GLY F 86 19.05 16.21 1.28
N GLN F 87 19.87 16.30 2.33
CA GLN F 87 21.19 15.68 2.30
C GLN F 87 21.54 15.10 3.67
N SER F 88 21.09 15.77 4.72
CA SER F 88 21.37 15.30 6.08
C SER F 88 20.09 15.32 6.91
N GLN F 89 19.99 14.38 7.85
CA GLN F 89 18.82 14.29 8.72
C GLN F 89 17.55 14.13 7.86
N ASN F 90 17.53 13.10 7.03
CA ASN F 90 16.38 12.84 6.17
C ASN F 90 15.52 11.72 6.75
N THR F 91 14.23 11.98 6.87
CA THR F 91 13.31 10.98 7.40
C THR F 91 12.07 10.85 6.51
N GLY F 92 11.65 9.61 6.29
CA GLY F 92 10.48 9.35 5.47
C GLY F 92 9.22 9.84 6.18
N TYR F 93 8.07 9.30 5.75
CA TYR F 93 6.80 9.69 6.36
C TYR F 93 6.88 9.67 7.88
N GLY F 94 7.26 8.52 8.44
CA GLY F 94 7.37 8.39 9.88
C GLY F 94 6.18 7.63 10.44
N THR F 95 5.17 8.38 10.85
CA THR F 95 3.96 7.77 11.40
C THR F 95 2.77 8.05 10.50
N GLN F 96 2.01 6.99 10.18
CA GLN F 96 0.84 7.12 9.33
C GLN F 96 -0.07 5.92 9.48
N SER F 97 -1.35 6.16 9.72
CA SER F 97 -2.32 5.08 9.87
C SER F 97 -3.26 5.03 8.67
N THR F 98 -3.59 3.81 8.25
CA THR F 98 -4.50 3.60 7.11
C THR F 98 -5.94 3.45 7.60
N PRO F 99 -6.89 3.60 6.71
CA PRO F 99 -8.34 3.55 7.06
C PRO F 99 -8.95 2.15 6.99
N GLN F 100 -9.21 1.59 8.17
CA GLN F 100 -9.79 0.25 8.25
C GLN F 100 -11.11 0.18 7.50
N GLY F 101 -11.51 -1.03 7.14
CA GLY F 101 -12.76 -1.24 6.41
C GLY F 101 -12.49 -1.50 4.93
N TYR F 102 -12.60 -0.46 4.11
CA TYR F 102 -12.37 -0.61 2.68
C TYR F 102 -11.28 0.35 2.21
N GLY F 103 -10.22 0.47 3.01
CA GLY F 103 -9.12 1.35 2.66
C GLY F 103 -8.52 0.96 1.32
N SER F 104 -8.25 1.96 0.49
CA SER F 104 -7.68 1.70 -0.83
C SER F 104 -8.51 0.64 -1.55
N THR F 105 -9.51 1.09 -2.29
CA THR F 105 -10.39 0.18 -3.03
C THR F 105 -10.00 0.14 -4.50
N GLY F 106 -9.33 -0.93 -4.90
CA GLY F 106 -8.93 -1.07 -6.29
C GLY F 106 -9.79 -2.11 -6.99
N GLY F 107 -9.19 -2.87 -7.90
CA GLY F 107 -9.93 -3.90 -8.62
C GLY F 107 -11.24 -3.36 -9.16
N TYR F 108 -11.15 -2.52 -10.18
CA TYR F 108 -12.33 -1.93 -10.79
C TYR F 108 -13.33 -3.00 -11.20
N GLY F 109 -14.60 -2.78 -10.89
CA GLY F 109 -15.63 -3.74 -11.23
C GLY F 109 -16.79 -3.67 -10.25
N SER F 110 -16.47 -3.67 -8.95
CA SER F 110 -17.49 -3.61 -7.91
C SER F 110 -16.87 -3.80 -6.53
N SER F 111 -17.22 -2.91 -5.61
CA SER F 111 -16.71 -2.99 -4.24
C SER F 111 -17.85 -2.78 -3.25
N GLN F 112 -18.47 -3.88 -2.83
CA GLN F 112 -19.60 -3.80 -1.91
C GLN F 112 -19.23 -3.02 -0.65
N SER F 113 -18.67 -3.69 0.36
CA SER F 113 -18.32 -3.00 1.59
C SER F 113 -17.35 -3.81 2.44
N SER F 114 -17.04 -3.30 3.62
CA SER F 114 -16.11 -3.98 4.53
C SER F 114 -16.20 -3.39 5.94
N GLN F 115 -15.98 -4.23 6.94
CA GLN F 115 -16.03 -3.76 8.33
C GLN F 115 -14.73 -4.09 9.06
N SER F 116 -14.16 -3.09 9.74
CA SER F 116 -12.91 -3.31 10.47
C SER F 116 -12.58 -2.10 11.35
N SER F 117 -11.71 -2.32 12.33
CA SER F 117 -11.31 -1.26 13.24
C SER F 117 -10.03 -1.62 13.98
N TYR F 118 -9.63 -0.77 14.92
CA TYR F 118 -8.42 -1.00 15.70
C TYR F 118 -7.19 -1.13 14.80
N GLY F 119 -6.76 -0.01 14.23
CA GLY F 119 -5.60 -0.02 13.35
C GLY F 119 -4.82 1.29 13.49
N GLN F 120 -4.48 1.63 14.73
CA GLN F 120 -3.73 2.84 15.00
C GLN F 120 -2.23 2.57 14.97
N GLN F 121 -1.42 3.63 15.03
CA GLN F 121 0.02 3.47 15.01
C GLN F 121 0.73 4.78 15.35
N SER F 122 1.97 4.67 15.79
CA SER F 122 2.76 5.86 16.16
C SER F 122 4.24 5.50 16.26
N SER F 123 5.06 6.51 16.55
CA SER F 123 6.49 6.29 16.67
C SER F 123 7.05 7.07 17.86
N TYR F 124 7.98 6.46 18.58
CA TYR F 124 8.59 7.11 19.74
C TYR F 124 9.96 7.67 19.38
N SER G 64 -22.83 2.91 -22.95
CA SER G 64 -23.72 3.69 -22.05
C SER G 64 -22.87 4.64 -21.19
N TYR G 65 -22.03 4.06 -20.35
CA TYR G 65 -21.17 4.86 -19.48
C TYR G 65 -19.72 4.75 -19.93
N SER G 66 -19.18 5.85 -20.44
CA SER G 66 -17.79 5.86 -20.91
C SER G 66 -17.20 7.27 -20.77
N GLY G 67 -16.42 7.48 -19.71
CA GLY G 67 -15.79 8.77 -19.48
C GLY G 67 -14.28 8.64 -19.40
N TYR G 68 -13.61 9.78 -19.22
CA TYR G 68 -12.15 9.78 -19.13
C TYR G 68 -11.70 10.16 -17.71
N SER G 69 -10.83 9.34 -17.13
CA SER G 69 -10.35 9.62 -15.78
C SER G 69 -8.84 9.39 -15.71
N GLN G 70 -8.30 9.40 -14.49
CA GLN G 70 -6.86 9.19 -14.30
C GLN G 70 -6.59 8.50 -12.96
N SER G 71 -5.34 8.57 -12.52
CA SER G 71 -4.95 7.95 -11.25
C SER G 71 -5.54 8.72 -10.07
N THR G 72 -5.60 8.05 -8.91
CA THR G 72 -6.14 8.68 -7.72
C THR G 72 -5.33 8.28 -6.49
N ASP G 73 -5.34 9.14 -5.46
CA ASP G 73 -4.60 8.87 -4.24
C ASP G 73 -5.29 9.53 -3.04
N THR G 74 -4.94 9.08 -1.83
CA THR G 74 -5.56 9.65 -0.63
C THR G 74 -4.51 10.20 0.33
N SER G 75 -3.52 9.37 0.67
CA SER G 75 -2.48 9.79 1.60
C SER G 75 -1.10 9.40 1.08
N GLY G 76 -0.15 10.31 1.17
CA GLY G 76 1.21 10.01 0.71
C GLY G 76 1.52 10.68 -0.62
N TYR G 77 1.83 11.98 -0.58
CA TYR G 77 2.17 12.75 -1.77
C TYR G 77 1.48 12.22 -3.04
N GLY G 78 0.16 12.38 -3.11
CA GLY G 78 -0.60 11.92 -4.26
C GLY G 78 -0.24 12.75 -5.49
N GLN G 79 0.70 12.24 -6.28
CA GLN G 79 1.12 12.93 -7.49
C GLN G 79 1.84 14.23 -7.12
N SER G 80 3.17 14.17 -7.07
CA SER G 80 3.95 15.34 -6.73
C SER G 80 5.40 15.16 -7.19
N SER G 81 6.05 16.26 -7.56
CA SER G 81 7.43 16.21 -8.03
C SER G 81 8.33 17.06 -7.15
N TYR G 82 9.48 16.52 -6.79
CA TYR G 82 10.43 17.24 -5.96
C TYR G 82 11.82 17.23 -6.60
N SER G 83 12.44 18.39 -6.68
CA SER G 83 13.78 18.49 -7.26
C SER G 83 14.83 18.63 -6.16
N SER G 84 14.52 19.44 -5.15
CA SER G 84 15.44 19.64 -4.04
C SER G 84 14.66 20.03 -2.79
N TYR G 85 14.39 19.04 -1.94
CA TYR G 85 13.66 19.29 -0.71
C TYR G 85 14.61 19.63 0.44
N GLY G 86 15.11 20.86 0.44
CA GLY G 86 16.03 21.30 1.48
C GLY G 86 17.38 20.61 1.35
N GLN G 87 18.18 20.69 2.40
CA GLN G 87 19.50 20.07 2.40
C GLN G 87 19.82 19.49 3.77
N SER G 88 19.37 20.17 4.82
CA SER G 88 19.62 19.70 6.19
C SER G 88 18.32 19.72 7.00
N GLN G 89 18.21 18.80 7.94
CA GLN G 89 17.03 18.73 8.79
C GLN G 89 15.77 18.57 7.92
N ASN G 90 15.75 17.54 7.09
CA ASN G 90 14.61 17.29 6.22
C ASN G 90 13.74 16.18 6.79
N THR G 91 12.45 16.45 6.89
CA THR G 91 11.50 15.46 7.42
C THR G 91 10.28 15.34 6.52
N GLY G 92 9.85 14.10 6.29
CA GLY G 92 8.69 13.85 5.46
C GLY G 92 7.42 14.34 6.16
N TYR G 93 6.28 13.82 5.72
CA TYR G 93 5.00 14.22 6.30
C TYR G 93 5.06 14.21 7.82
N GLY G 94 5.43 13.06 8.38
CA GLY G 94 5.52 12.93 9.84
C GLY G 94 4.31 12.19 10.38
N THR G 95 3.29 12.94 10.77
CA THR G 95 2.07 12.35 11.32
C THR G 95 0.89 12.63 10.40
N GLN G 96 0.14 11.58 10.08
CA GLN G 96 -1.02 11.72 9.21
C GLN G 96 -1.95 10.52 9.35
N SER G 97 -3.24 10.78 9.57
CA SER G 97 -4.20 9.71 9.71
C SER G 97 -5.13 9.66 8.50
N THR G 98 -5.47 8.44 8.09
CA THR G 98 -6.36 8.24 6.95
C THR G 98 -7.81 8.10 7.41
N PRO G 99 -8.75 8.25 6.50
CA PRO G 99 -10.21 8.22 6.83
C PRO G 99 -10.82 6.83 6.77
N GLN G 100 -11.11 6.27 7.94
CA GLN G 100 -11.69 4.94 8.02
C GLN G 100 -13.01 4.88 7.25
N GLY G 101 -13.41 3.67 6.89
CA GLY G 101 -14.64 3.47 6.15
C GLY G 101 -14.36 3.18 4.68
N TYR G 102 -14.45 4.23 3.85
CA TYR G 102 -14.20 4.07 2.42
C TYR G 102 -13.10 5.02 1.97
N GLY G 103 -12.06 5.14 2.78
CA GLY G 103 -10.94 6.01 2.45
C GLY G 103 -10.33 5.61 1.10
N SER G 104 -10.04 6.60 0.27
CA SER G 104 -9.46 6.33 -1.04
C SER G 104 -10.29 5.28 -1.77
N THR G 105 -11.29 5.73 -2.52
CA THR G 105 -12.14 4.82 -3.26
C THR G 105 -11.74 4.77 -4.73
N GLY G 106 -11.08 3.70 -5.12
CA GLY G 106 -10.66 3.55 -6.51
C GLY G 106 -11.53 2.51 -7.21
N GLY G 107 -10.93 1.74 -8.10
CA GLY G 107 -11.66 0.71 -8.82
C GLY G 107 -12.96 1.27 -9.40
N TYR G 108 -12.84 2.10 -10.41
CA TYR G 108 -14.01 2.70 -11.04
C TYR G 108 -15.01 1.63 -11.46
N GLY G 109 -16.29 1.86 -11.16
CA GLY G 109 -17.34 0.91 -11.52
C GLY G 109 -18.51 0.99 -10.55
N SER G 110 -18.19 1.00 -9.25
CA SER G 110 -19.22 1.08 -8.22
C SER G 110 -18.62 0.89 -6.83
N SER G 111 -18.98 1.78 -5.92
CA SER G 111 -18.48 1.71 -4.54
C SER G 111 -19.63 1.93 -3.57
N GLN G 112 -20.27 0.84 -3.15
CA GLN G 112 -21.41 0.93 -2.24
C GLN G 112 -21.05 1.71 -0.98
N SER G 113 -20.52 1.03 0.04
CA SER G 113 -20.18 1.73 1.28
C SER G 113 -19.21 0.92 2.13
N SER G 114 -18.92 1.43 3.32
CA SER G 114 -18.02 0.75 4.24
C SER G 114 -18.11 1.35 5.64
N GLN G 115 -17.91 0.51 6.65
CA GLN G 115 -17.97 0.98 8.04
C GLN G 115 -16.68 0.64 8.78
N SER G 116 -16.12 1.64 9.47
CA SER G 116 -14.88 1.42 10.21
C SER G 116 -14.55 2.63 11.09
N SER G 117 -13.69 2.40 12.09
CA SER G 117 -13.30 3.47 13.01
C SER G 117 -12.02 3.10 13.76
N TYR G 118 -11.63 3.95 14.70
CA TYR G 118 -10.43 3.70 15.50
C TYR G 118 -9.20 3.56 14.60
N GLY G 119 -8.74 4.67 14.04
CA GLY G 119 -7.58 4.66 13.17
C GLY G 119 -6.79 5.95 13.32
N GLN G 120 -6.45 6.29 14.56
CA GLN G 120 -5.70 7.51 14.84
C GLN G 120 -4.19 7.22 14.83
N GLN G 121 -3.39 8.28 14.90
CA GLN G 121 -1.94 8.10 14.90
C GLN G 121 -1.23 9.40 15.24
N SER G 122 0.01 9.29 15.70
CA SER G 122 0.80 10.46 16.06
C SER G 122 2.28 10.11 16.18
N SER G 123 3.10 11.10 16.48
CA SER G 123 4.53 10.88 16.62
C SER G 123 5.08 11.65 17.82
N TYR G 124 6.00 11.03 18.55
CA TYR G 124 6.59 11.69 19.71
C TYR G 124 7.97 12.23 19.38
N SER H 64 -24.31 7.57 -23.35
CA SER H 64 -25.21 8.38 -22.46
C SER H 64 -24.36 9.31 -21.60
N TYR H 65 -23.53 8.73 -20.74
CA TYR H 65 -22.69 9.52 -19.87
C TYR H 65 -21.22 9.41 -20.30
N SER H 66 -20.67 10.50 -20.82
CA SER H 66 -19.28 10.50 -21.26
C SER H 66 -18.67 11.90 -21.12
N GLY H 67 -17.91 12.09 -20.05
CA GLY H 67 -17.27 13.39 -19.81
C GLY H 67 -15.76 13.25 -19.72
N TYR H 68 -15.08 14.38 -19.52
CA TYR H 68 -13.63 14.36 -19.42
C TYR H 68 -13.20 14.76 -18.00
N SER H 69 -12.34 13.93 -17.40
CA SER H 69 -11.86 14.20 -16.05
C SER H 69 -10.36 13.96 -15.96
N GLN H 70 -9.83 13.98 -14.73
CA GLN H 70 -8.40 13.76 -14.53
C GLN H 70 -8.15 13.07 -13.18
N SER H 71 -6.91 13.14 -12.72
CA SER H 71 -6.55 12.52 -11.45
C SER H 71 -7.14 13.29 -10.27
N THR H 72 -7.22 12.63 -9.12
CA THR H 72 -7.77 13.27 -7.93
C THR H 72 -6.98 12.86 -6.68
N ASP H 73 -6.99 13.73 -5.68
CA ASP H 73 -6.27 13.45 -4.44
C ASP H 73 -6.97 14.11 -3.25
N THR H 74 -6.65 13.68 -2.04
CA THR H 74 -7.27 14.26 -0.84
C THR H 74 -6.22 14.81 0.13
N SER H 75 -5.26 13.97 0.48
CA SER H 75 -4.21 14.38 1.43
C SER H 75 -2.84 13.98 0.92
N GLY H 76 -1.87 14.89 1.02
CA GLY H 76 -0.52 14.57 0.57
C GLY H 76 -0.18 15.23 -0.75
N TYR H 77 0.13 16.53 -0.70
CA TYR H 77 0.50 17.30 -1.91
C TYR H 77 -0.18 16.77 -3.17
N GLY H 78 -1.49 16.94 -3.26
CA GLY H 78 -2.24 16.48 -4.42
C GLY H 78 -1.87 17.29 -5.65
N GLN H 79 -0.92 16.76 -6.43
CA GLN H 79 -0.48 17.46 -7.63
C GLN H 79 0.24 18.75 -7.26
N SER H 80 1.57 18.67 -7.19
CA SER H 80 2.37 19.84 -6.84
C SER H 80 3.82 19.64 -7.29
N SER H 81 4.48 20.75 -7.65
CA SER H 81 5.86 20.67 -8.11
C SER H 81 6.76 21.53 -7.22
N TYR H 82 7.90 20.97 -6.84
CA TYR H 82 8.85 21.68 -6.00
C TYR H 82 10.25 21.66 -6.62
N SER H 83 10.89 22.82 -6.70
CA SER H 83 12.23 22.91 -7.27
C SER H 83 13.27 23.03 -6.15
N SER H 84 12.95 23.85 -5.15
CA SER H 84 13.86 24.06 -4.04
C SER H 84 13.07 24.46 -2.78
N TYR H 85 12.78 23.47 -1.93
CA TYR H 85 12.03 23.73 -0.72
C TYR H 85 12.97 24.07 0.44
N GLY H 86 13.48 25.29 0.44
CA GLY H 86 14.39 25.73 1.49
C GLY H 86 15.73 25.03 1.38
N GLN H 87 16.53 25.11 2.44
CA GLN H 87 17.84 24.47 2.46
C GLN H 87 18.14 23.89 3.84
N SER H 88 17.67 24.57 4.88
CA SER H 88 17.90 24.12 6.24
C SER H 88 16.61 24.16 7.04
N GLN H 89 16.47 23.24 7.99
CA GLN H 89 15.27 23.18 8.82
C GLN H 89 14.03 23.04 7.95
N ASN H 90 14.01 21.99 7.12
CA ASN H 90 12.88 21.75 6.24
C ASN H 90 11.99 20.65 6.79
N THR H 91 10.69 20.93 6.88
CA THR H 91 9.74 19.95 7.40
C THR H 91 8.53 19.84 6.49
N GLY H 92 8.10 18.60 6.25
CA GLY H 92 6.93 18.36 5.41
C GLY H 92 5.66 18.86 6.08
N TYR H 93 4.52 18.36 5.64
CA TYR H 93 3.23 18.77 6.20
C TYR H 93 3.28 18.75 7.73
N GLY H 94 3.63 17.61 8.30
CA GLY H 94 3.71 17.49 9.75
C GLY H 94 2.48 16.76 10.29
N THR H 95 1.46 17.53 10.65
CA THR H 95 0.24 16.94 11.19
C THR H 95 -0.93 17.23 10.25
N GLN H 96 -1.69 16.18 9.92
CA GLN H 96 -2.84 16.33 9.04
C GLN H 96 -3.78 15.15 9.17
N SER H 97 -5.06 15.42 9.38
CA SER H 97 -6.05 14.35 9.52
C SER H 97 -6.96 14.31 8.30
N THR H 98 -7.31 13.10 7.88
CA THR H 98 -8.18 12.89 6.72
C THR H 98 -9.64 12.76 7.17
N PRO H 99 -10.57 12.92 6.26
CA PRO H 99 -12.03 12.90 6.56
C PRO H 99 -12.65 11.51 6.50
N GLN H 100 -12.95 10.96 7.67
CA GLN H 100 -13.56 9.65 7.76
C GLN H 100 -14.87 9.59 6.96
N GLY H 101 -15.27 8.38 6.60
CA GLY H 101 -16.50 8.19 5.85
C GLY H 101 -16.20 7.90 4.38
N TYR H 102 -16.27 8.93 3.55
CA TYR H 102 -16.00 8.77 2.12
C TYR H 102 -14.89 9.70 1.68
N GLY H 103 -13.85 9.81 2.50
CA GLY H 103 -12.73 10.68 2.17
C GLY H 103 -12.10 10.26 0.85
N SER H 104 -11.78 11.25 0.01
CA SER H 104 -11.20 10.97 -1.29
C SER H 104 -12.03 9.93 -2.03
N THR H 105 -13.01 10.39 -2.79
CA THR H 105 -13.87 9.48 -3.53
C THR H 105 -13.45 9.43 -4.99
N GLY H 106 -12.79 8.34 -5.38
CA GLY H 106 -12.35 8.18 -6.76
C GLY H 106 -13.22 7.15 -7.47
N GLY H 107 -12.62 6.37 -8.35
CA GLY H 107 -13.35 5.35 -9.08
C GLY H 107 -14.64 5.91 -9.66
N TYR H 108 -14.50 6.73 -10.69
CA TYR H 108 -15.65 7.34 -11.33
C TYR H 108 -16.67 6.27 -11.76
N GLY H 109 -17.94 6.53 -11.48
CA GLY H 109 -18.98 5.58 -11.84
C GLY H 109 -20.16 5.68 -10.89
N SER H 110 -19.88 5.69 -9.59
CA SER H 110 -20.91 5.77 -8.57
C SER H 110 -20.33 5.59 -7.17
N SER H 111 -20.68 6.49 -6.26
CA SER H 111 -20.22 6.41 -4.89
C SER H 111 -21.37 6.65 -3.93
N GLN H 112 -22.03 5.57 -3.52
CA GLN H 112 -23.17 5.67 -2.62
C GLN H 112 -22.84 6.46 -1.35
N SER H 113 -22.31 5.79 -0.33
CA SER H 113 -21.98 6.48 0.90
C SER H 113 -21.04 5.66 1.78
N SER H 114 -20.74 6.18 2.98
CA SER H 114 -19.86 5.48 3.90
C SER H 114 -19.97 6.10 5.31
N GLN H 115 -19.79 5.27 6.32
CA GLN H 115 -19.87 5.74 7.70
C GLN H 115 -18.60 5.40 8.47
N SER H 116 -18.02 6.39 9.15
CA SER H 116 -16.80 6.16 9.92
C SER H 116 -16.48 7.37 10.80
N SER H 117 -15.62 7.14 11.80
CA SER H 117 -15.23 8.21 12.72
C SER H 117 -13.97 7.82 13.49
N TYR H 118 -13.58 8.68 14.43
CA TYR H 118 -12.40 8.42 15.24
C TYR H 118 -11.15 8.26 14.37
N GLY H 119 -10.69 9.37 13.80
CA GLY H 119 -9.51 9.35 12.95
C GLY H 119 -8.70 10.63 13.11
N GLN H 120 -8.39 10.98 14.35
CA GLN H 120 -7.63 12.18 14.63
C GLN H 120 -6.13 11.89 14.64
N GLN H 121 -5.31 12.93 14.71
CA GLN H 121 -3.86 12.75 14.73
C GLN H 121 -3.15 14.04 15.08
N SER H 122 -1.91 13.93 15.55
CA SER H 122 -1.12 15.09 15.93
C SER H 122 0.35 14.71 16.06
N SER H 123 1.18 15.71 16.37
CA SER H 123 2.61 15.48 16.53
C SER H 123 3.15 16.26 17.73
N TYR H 124 4.05 15.62 18.48
CA TYR H 124 4.64 16.27 19.64
C TYR H 124 6.03 16.81 19.32
N SER I 64 -25.76 12.26 -23.78
CA SER I 64 -26.65 13.06 -22.92
C SER I 64 -25.81 13.99 -22.05
N TYR I 65 -25.00 13.41 -21.18
CA TYR I 65 -24.14 14.20 -20.30
C TYR I 65 -22.68 14.07 -20.71
N SER I 66 -22.12 15.16 -21.22
CA SER I 66 -20.72 15.14 -21.65
C SER I 66 -20.11 16.53 -21.50
N GLY I 67 -19.35 16.73 -20.43
CA GLY I 67 -18.71 18.02 -20.19
C GLY I 67 -17.20 17.87 -20.07
N TYR I 68 -16.50 18.98 -19.88
CA TYR I 68 -15.06 18.97 -19.75
C TYR I 68 -14.64 19.35 -18.33
N SER I 69 -13.80 18.53 -17.72
CA SER I 69 -13.34 18.80 -16.36
C SER I 69 -11.84 18.55 -16.26
N GLN I 70 -11.33 18.56 -15.02
CA GLN I 70 -9.91 18.33 -14.79
C GLN I 70 -9.68 17.65 -13.45
N SER I 71 -8.44 17.71 -12.96
CA SER I 71 -8.10 17.09 -11.69
C SER I 71 -8.70 17.88 -10.52
N THR I 72 -8.80 17.22 -9.38
CA THR I 72 -9.36 17.86 -8.19
C THR I 72 -8.59 17.45 -6.93
N ASP I 73 -8.60 18.33 -5.93
CA ASP I 73 -7.91 18.05 -4.68
C ASP I 73 -8.61 18.74 -3.51
N THR I 74 -8.31 18.29 -2.29
CA THR I 74 -8.93 18.88 -1.10
C THR I 74 -7.89 19.41 -0.13
N SER I 75 -6.94 18.57 0.26
CA SER I 75 -5.91 18.99 1.21
C SER I 75 -4.52 18.57 0.72
N GLY I 76 -3.55 19.47 0.83
CA GLY I 76 -2.20 19.14 0.41
C GLY I 76 -1.85 19.80 -0.93
N TYR I 77 -1.53 21.10 -0.87
CA TYR I 77 -1.13 21.86 -2.07
C TYR I 77 -1.80 21.32 -3.33
N GLY I 78 -3.11 21.52 -3.45
CA GLY I 78 -3.85 21.06 -4.61
C GLY I 78 -3.45 21.85 -5.84
N GLN I 79 -2.51 21.32 -6.61
CA GLN I 79 -2.03 22.00 -7.82
C GLN I 79 -1.30 23.28 -7.44
N SER I 80 0.02 23.19 -7.35
CA SER I 80 0.83 24.36 -7.00
C SER I 80 2.28 24.15 -7.43
N SER I 81 2.95 25.23 -7.79
CA SER I 81 4.34 25.15 -8.23
C SER I 81 5.23 26.01 -7.32
N TYR I 82 6.37 25.43 -6.93
CA TYR I 82 7.32 26.15 -6.08
C TYR I 82 8.72 26.11 -6.69
N SER I 83 9.37 27.26 -6.76
CA SER I 83 10.72 27.33 -7.31
C SER I 83 11.74 27.46 -6.18
N SER I 84 11.42 28.28 -5.20
CA SER I 84 12.31 28.49 -4.06
C SER I 84 11.52 28.90 -2.83
N TYR I 85 11.21 27.92 -1.98
CA TYR I 85 10.44 28.19 -0.77
C TYR I 85 11.37 28.52 0.39
N GLY I 86 11.89 29.75 0.39
CA GLY I 86 12.79 30.18 1.46
C GLY I 86 14.12 29.46 1.37
N GLN I 87 14.91 29.54 2.44
CA GLN I 87 16.21 28.89 2.48
C GLN I 87 16.49 28.31 3.86
N SER I 88 16.02 29.01 4.90
CA SER I 88 16.23 28.56 6.27
C SER I 88 14.92 28.61 7.05
N GLN I 89 14.77 27.69 8.00
CA GLN I 89 13.55 27.65 8.82
C GLN I 89 12.33 27.52 7.92
N ASN I 90 12.31 26.47 7.10
CA ASN I 90 11.19 26.23 6.20
C ASN I 90 10.28 25.14 6.76
N THR I 91 8.98 25.44 6.82
CA THR I 91 8.02 24.46 7.33
C THR I 91 6.82 24.35 6.41
N GLY I 92 6.37 23.12 6.18
CA GLY I 92 5.22 22.88 5.32
C GLY I 92 3.94 23.41 5.97
N TYR I 93 2.80 22.91 5.51
CA TYR I 93 1.52 23.32 6.06
C TYR I 93 1.54 23.31 7.59
N GLY I 94 1.88 22.17 8.16
CA GLY I 94 1.93 22.05 9.62
C GLY I 94 0.69 21.34 10.14
N THR I 95 -0.33 22.12 10.49
CA THR I 95 -1.56 21.55 11.01
C THR I 95 -2.71 21.82 10.06
N GLN I 96 -3.47 20.80 9.73
CA GLN I 96 -4.62 20.96 8.84
C GLN I 96 -5.57 19.78 8.96
N SER I 97 -6.85 20.07 9.14
CA SER I 97 -7.85 19.02 9.28
C SER I 97 -8.75 18.99 8.04
N THR I 98 -9.10 17.78 7.62
CA THR I 98 -9.96 17.59 6.46
C THR I 98 -11.43 17.50 6.88
N PRO I 99 -12.35 17.64 5.96
CA PRO I 99 -13.81 17.62 6.25
C PRO I 99 -14.44 16.24 6.20
N GLN I 100 -14.77 15.69 7.36
CA GLN I 100 -15.37 14.36 7.44
C GLN I 100 -16.67 14.32 6.63
N GLY I 101 -17.08 13.11 6.27
CA GLY I 101 -18.30 12.92 5.50
C GLY I 101 -17.98 12.62 4.04
N TYR I 102 -18.03 13.65 3.20
CA TYR I 102 -17.75 13.46 1.78
C TYR I 102 -16.61 14.36 1.34
N GLY I 103 -15.59 14.51 2.19
CA GLY I 103 -14.45 15.36 1.87
C GLY I 103 -13.82 14.94 0.54
N SER I 104 -13.49 15.92 -0.28
CA SER I 104 -12.89 15.62 -1.59
C SER I 104 -13.72 14.58 -2.33
N THR I 105 -14.69 15.05 -3.11
CA THR I 105 -15.54 14.14 -3.85
C THR I 105 -15.10 14.08 -5.31
N GLY I 106 -14.45 12.99 -5.68
CA GLY I 106 -13.99 12.81 -7.05
C GLY I 106 -14.87 11.79 -7.76
N GLY I 107 -14.26 11.00 -8.64
CA GLY I 107 -14.98 9.98 -9.37
C GLY I 107 -16.27 10.56 -9.98
N TYR I 108 -16.10 11.38 -11.00
CA TYR I 108 -17.25 11.98 -11.66
C TYR I 108 -18.26 10.93 -12.10
N GLY I 109 -19.54 11.18 -11.84
CA GLY I 109 -20.59 10.25 -12.21
C GLY I 109 -21.78 10.37 -11.27
N SER I 110 -21.50 10.38 -9.97
CA SER I 110 -22.55 10.49 -8.96
C SER I 110 -22.00 10.30 -7.56
N SER I 111 -22.35 11.22 -6.66
CA SER I 111 -21.90 11.14 -5.27
C SER I 111 -23.08 11.39 -4.34
N GLN I 112 -23.73 10.31 -3.92
CA GLN I 112 -24.90 10.43 -3.04
C GLN I 112 -24.56 11.23 -1.78
N SER I 113 -24.06 10.56 -0.75
CA SER I 113 -23.74 11.26 0.50
C SER I 113 -22.82 10.44 1.38
N SER I 114 -22.53 10.96 2.58
CA SER I 114 -21.67 10.25 3.52
C SER I 114 -21.79 10.87 4.92
N GLN I 115 -21.63 10.03 5.94
CA GLN I 115 -21.72 10.52 7.32
C GLN I 115 -20.46 10.17 8.10
N SER I 116 -19.89 11.16 8.79
CA SER I 116 -18.67 10.92 9.57
C SER I 116 -18.34 12.13 10.45
N SER I 117 -17.52 11.90 11.47
CA SER I 117 -17.13 12.96 12.39
C SER I 117 -15.88 12.57 13.17
N TYR I 118 -15.49 13.40 14.12
CA TYR I 118 -14.31 13.13 14.95
C TYR I 118 -13.05 12.95 14.09
N GLY I 119 -12.57 14.05 13.53
CA GLY I 119 -11.38 14.03 12.68
C GLY I 119 -10.58 15.32 12.84
N GLN I 120 -10.28 15.68 14.09
CA GLN I 120 -9.50 16.89 14.38
C GLN I 120 -8.02 16.57 14.41
N GLN I 121 -7.19 17.61 14.48
CA GLN I 121 -5.74 17.41 14.52
C GLN I 121 -5.03 18.71 14.88
N SER I 122 -3.79 18.57 15.37
CA SER I 122 -3.00 19.74 15.75
C SER I 122 -1.52 19.36 15.90
N SER I 123 -0.70 20.33 16.21
CA SER I 123 0.73 20.09 16.39
C SER I 123 1.27 20.87 17.59
N TYR I 124 2.15 20.24 18.35
CA TYR I 124 2.73 20.88 19.53
C TYR I 124 4.13 21.41 19.22
N SER A 64 -7.22 -21.99 -26.10
CA SER A 64 -6.08 -21.29 -25.43
C SER A 64 -4.76 -21.86 -25.93
N TYR A 65 -4.52 -21.72 -27.24
CA TYR A 65 -3.29 -22.22 -27.83
C TYR A 65 -2.24 -21.11 -27.93
N SER A 66 -1.50 -20.91 -26.84
CA SER A 66 -0.47 -19.88 -26.82
C SER A 66 0.50 -20.12 -25.67
N GLY A 67 1.77 -19.79 -25.90
CA GLY A 67 2.80 -19.98 -24.87
C GLY A 67 2.54 -19.10 -23.65
N TYR A 68 2.38 -19.73 -22.49
CA TYR A 68 2.13 -18.99 -21.25
C TYR A 68 2.94 -19.59 -20.11
N SER A 69 3.16 -18.80 -19.07
CA SER A 69 3.93 -19.28 -17.91
C SER A 69 3.63 -18.43 -16.69
N GLN A 70 3.88 -18.99 -15.51
CA GLN A 70 3.64 -18.26 -14.27
C GLN A 70 4.46 -18.86 -13.13
N SER A 71 4.71 -18.04 -12.10
CA SER A 71 5.49 -18.50 -10.95
C SER A 71 4.74 -18.18 -9.66
N THR A 72 4.89 -19.06 -8.67
CA THR A 72 4.23 -18.86 -7.39
C THR A 72 5.25 -18.82 -6.25
N ASP A 73 5.22 -17.76 -5.45
CA ASP A 73 6.14 -17.63 -4.33
C ASP A 73 5.41 -17.05 -3.12
N THR A 74 5.76 -17.51 -1.93
CA THR A 74 5.12 -17.01 -0.71
C THR A 74 6.14 -16.47 0.29
N SER A 75 7.16 -17.27 0.58
CA SER A 75 8.18 -16.86 1.54
C SER A 75 9.58 -17.22 1.03
N GLY A 76 10.53 -16.34 1.26
CA GLY A 76 11.91 -16.60 0.85
C GLY A 76 12.24 -15.97 -0.51
N TYR A 77 12.41 -14.65 -0.51
CA TYR A 77 12.77 -13.92 -1.74
C TYR A 77 12.07 -14.49 -2.97
N GLY A 78 10.76 -14.29 -3.06
CA GLY A 78 10.01 -14.79 -4.20
C GLY A 78 10.35 -13.99 -5.44
N GLN A 79 11.29 -14.52 -6.24
CA GLN A 79 11.71 -13.85 -7.45
C GLN A 79 12.44 -12.56 -7.11
N SER A 80 13.75 -12.65 -6.93
CA SER A 80 14.54 -11.47 -6.58
C SER A 80 16.02 -11.71 -6.88
N SER A 81 16.71 -10.65 -7.26
CA SER A 81 18.14 -10.76 -7.58
C SER A 81 18.92 -9.66 -6.88
N TYR A 82 20.15 -9.96 -6.47
CA TYR A 82 20.98 -8.98 -5.80
C TYR A 82 20.21 -8.31 -4.66
N SER A 83 19.44 -9.09 -3.93
CA SER A 83 18.65 -8.56 -2.82
C SER A 83 19.56 -7.91 -1.78
N SER A 84 20.72 -8.51 -1.56
CA SER A 84 21.67 -7.97 -0.59
C SER A 84 23.07 -7.89 -1.20
N TYR A 85 23.82 -6.86 -0.82
CA TYR A 85 25.17 -6.69 -1.33
C TYR A 85 26.07 -6.06 -0.27
N GLY A 86 26.11 -6.67 0.90
CA GLY A 86 26.94 -6.16 1.99
C GLY A 86 28.42 -6.42 1.72
N GLN A 87 29.27 -5.53 2.21
CA GLN A 87 30.71 -5.68 2.02
C GLN A 87 31.40 -6.04 3.34
N SER A 88 30.63 -6.52 4.31
CA SER A 88 31.20 -6.90 5.61
C SER A 88 30.28 -7.88 6.32
N GLN A 89 29.06 -7.43 6.61
CA GLN A 89 28.09 -8.28 7.29
C GLN A 89 26.88 -8.54 6.41
N ASN A 90 26.55 -9.82 6.23
CA ASN A 90 25.41 -10.19 5.39
C ASN A 90 24.55 -11.23 6.10
N THR A 91 23.40 -10.79 6.60
CA THR A 91 22.48 -11.69 7.30
C THR A 91 21.19 -11.85 6.51
N GLY A 92 20.77 -13.10 6.32
CA GLY A 92 19.55 -13.38 5.58
C GLY A 92 18.32 -12.88 6.35
N TYR A 93 17.16 -13.39 6.00
CA TYR A 93 15.91 -12.99 6.64
C TYR A 93 16.07 -12.96 8.16
N GLY A 94 16.43 -14.11 8.74
CA GLY A 94 16.63 -14.21 10.18
C GLY A 94 15.52 -15.03 10.83
N THR A 95 14.54 -14.33 11.42
CA THR A 95 13.43 -15.00 12.09
C THR A 95 12.13 -14.77 11.35
N GLN A 96 11.51 -15.87 10.93
CA GLN A 96 10.24 -15.77 10.21
C GLN A 96 9.59 -17.14 10.09
N SER A 97 8.29 -17.20 10.37
CA SER A 97 7.54 -18.45 10.30
C SER A 97 6.66 -18.48 9.06
N THR A 98 6.84 -19.53 8.24
CA THR A 98 6.06 -19.68 7.02
C THR A 98 4.66 -20.20 7.35
N PRO A 99 3.77 -20.21 6.40
CA PRO A 99 2.36 -20.69 6.62
C PRO A 99 2.32 -22.08 7.22
N GLN A 100 1.99 -22.16 8.49
CA GLN A 100 1.90 -23.45 9.16
C GLN A 100 0.78 -24.28 8.54
N GLY A 101 1.15 -25.35 7.86
CA GLY A 101 0.18 -26.22 7.22
C GLY A 101 -0.29 -25.62 5.90
N TYR A 102 -0.10 -26.36 4.81
CA TYR A 102 -0.53 -25.89 3.49
C TYR A 102 0.15 -24.56 3.14
N GLY A 103 1.36 -24.66 2.62
CA GLY A 103 2.12 -23.47 2.23
C GLY A 103 1.51 -22.82 0.99
N SER A 104 1.97 -23.24 -0.18
CA SER A 104 1.45 -22.67 -1.43
C SER A 104 1.30 -23.75 -2.50
N THR A 105 0.49 -23.44 -3.52
CA THR A 105 0.27 -24.37 -4.62
C THR A 105 0.03 -23.60 -5.92
N GLY A 106 1.05 -23.59 -6.78
CA GLY A 106 0.93 -22.91 -8.07
C GLY A 106 0.89 -23.92 -9.21
N GLY A 107 -0.29 -24.44 -9.51
CA GLY A 107 -0.43 -25.42 -10.58
C GLY A 107 -1.72 -25.19 -11.36
N TYR A 108 -2.50 -26.26 -11.52
CA TYR A 108 -3.76 -26.17 -12.26
C TYR A 108 -4.91 -25.80 -11.33
N GLY A 109 -4.72 -24.74 -10.56
CA GLY A 109 -5.75 -24.31 -9.62
C GLY A 109 -6.02 -25.40 -8.60
N SER A 110 -7.32 -25.69 -8.38
CA SER A 110 -7.73 -26.72 -7.43
C SER A 110 -6.88 -26.64 -6.17
N SER A 111 -6.79 -25.44 -5.60
CA SER A 111 -5.99 -25.23 -4.40
C SER A 111 -6.88 -24.89 -3.21
N GLN A 112 -7.42 -25.94 -2.57
CA GLN A 112 -8.29 -25.73 -1.42
C GLN A 112 -7.89 -26.66 -0.27
N SER A 113 -7.61 -26.09 0.89
CA SER A 113 -7.22 -26.88 2.05
C SER A 113 -7.70 -26.25 3.35
N SER A 114 -7.30 -26.84 4.47
CA SER A 114 -7.70 -26.32 5.77
C SER A 114 -6.67 -26.72 6.84
N GLN A 115 -6.39 -25.81 7.75
CA GLN A 115 -5.41 -26.08 8.81
C GLN A 115 -5.38 -24.95 9.82
N SER A 116 -4.43 -25.03 10.77
CA SER A 116 -4.31 -24.00 11.79
C SER A 116 -2.85 -23.89 12.27
N SER A 117 -2.53 -22.76 12.90
CA SER A 117 -1.18 -22.55 13.40
C SER A 117 -1.22 -22.11 14.86
N TYR A 118 -0.69 -22.96 15.74
CA TYR A 118 -0.67 -22.64 17.17
C TYR A 118 0.73 -22.82 17.75
N GLY A 119 1.46 -21.73 17.92
CA GLY A 119 2.81 -21.80 18.48
C GLY A 119 3.87 -21.47 17.44
N GLN A 120 3.72 -20.32 16.80
CA GLN A 120 4.69 -19.90 15.79
C GLN A 120 5.71 -18.93 16.39
N GLN A 121 6.97 -19.35 16.45
CA GLN A 121 8.02 -18.51 17.00
C GLN A 121 9.33 -18.72 16.26
N SER A 122 9.99 -17.61 15.90
CA SER A 122 11.26 -17.70 15.18
C SER A 122 12.34 -16.92 15.94
N SER A 123 13.46 -17.58 16.20
CA SER A 123 14.57 -16.94 16.90
C SER A 123 14.11 -16.44 18.27
N TYR A 124 14.93 -15.59 18.88
CA TYR A 124 14.61 -15.03 20.19
C TYR A 124 15.71 -14.10 20.66
N SER B 64 -9.18 -17.48 -26.12
CA SER B 64 -8.05 -16.78 -25.45
C SER B 64 -6.73 -17.36 -25.96
N TYR B 65 -6.49 -17.22 -27.26
CA TYR B 65 -5.26 -17.73 -27.86
C TYR B 65 -4.21 -16.63 -27.96
N SER B 66 -3.46 -16.43 -26.88
CA SER B 66 -2.42 -15.40 -26.85
C SER B 66 -1.46 -15.64 -25.70
N GLY B 67 -0.19 -15.32 -25.93
CA GLY B 67 0.84 -15.51 -24.91
C GLY B 67 0.58 -14.63 -23.68
N TYR B 68 0.43 -15.27 -22.53
CA TYR B 68 0.18 -14.52 -21.29
C TYR B 68 0.99 -15.13 -20.15
N SER B 69 1.21 -14.33 -19.10
CA SER B 69 1.97 -14.81 -17.95
C SER B 69 1.68 -13.95 -16.72
N GLN B 70 1.93 -14.50 -15.55
CA GLN B 70 1.69 -13.78 -14.30
C GLN B 70 2.51 -14.37 -13.17
N SER B 71 2.76 -13.56 -12.14
CA SER B 71 3.54 -14.01 -10.99
C SER B 71 2.80 -13.69 -9.69
N THR B 72 2.95 -14.57 -8.70
CA THR B 72 2.29 -14.36 -7.42
C THR B 72 3.32 -14.33 -6.29
N ASP B 73 3.28 -13.26 -5.49
CA ASP B 73 4.20 -13.12 -4.37
C ASP B 73 3.49 -12.54 -3.16
N THR B 74 3.83 -13.01 -1.97
CA THR B 74 3.18 -12.50 -0.76
C THR B 74 4.21 -11.97 0.23
N SER B 75 5.23 -12.77 0.53
CA SER B 75 6.25 -12.36 1.49
C SER B 75 7.65 -12.71 0.99
N GLY B 76 8.60 -11.83 1.23
CA GLY B 76 9.98 -12.10 0.81
C GLY B 76 10.29 -11.48 -0.55
N TYR B 77 10.51 -10.16 -0.56
CA TYR B 77 10.85 -9.44 -1.79
C TYR B 77 10.15 -10.02 -3.02
N GLY B 78 8.84 -9.81 -3.12
CA GLY B 78 8.09 -10.31 -4.25
C GLY B 78 8.43 -9.52 -5.51
N GLN B 79 9.37 -10.05 -6.29
CA GLN B 79 9.79 -9.38 -7.52
C GLN B 79 10.52 -8.09 -7.18
N SER B 80 11.83 -8.19 -6.99
CA SER B 80 12.64 -7.02 -6.65
C SER B 80 14.11 -7.27 -6.94
N SER B 81 14.82 -6.21 -7.33
CA SER B 81 16.24 -6.33 -7.64
C SER B 81 17.03 -5.22 -6.95
N TYR B 82 18.25 -5.54 -6.55
CA TYR B 82 19.09 -4.55 -5.87
C TYR B 82 18.32 -3.88 -4.73
N SER B 83 17.55 -4.66 -4.00
CA SER B 83 16.76 -4.12 -2.89
C SER B 83 17.67 -3.47 -1.86
N SER B 84 18.84 -4.07 -1.64
CA SER B 84 19.78 -3.53 -0.68
C SER B 84 21.18 -3.47 -1.27
N TYR B 85 21.94 -2.44 -0.91
CA TYR B 85 23.30 -2.28 -1.41
C TYR B 85 24.19 -1.64 -0.36
N GLY B 86 24.24 -2.26 0.82
CA GLY B 86 25.07 -1.74 1.90
C GLY B 86 26.55 -2.01 1.64
N GLN B 87 27.40 -1.12 2.13
CA GLN B 87 28.83 -1.28 1.93
C GLN B 87 29.53 -1.65 3.25
N SER B 88 28.76 -2.10 4.22
CA SER B 88 29.31 -2.49 5.51
C SER B 88 28.39 -3.46 6.24
N GLN B 89 27.18 -3.01 6.53
CA GLN B 89 26.20 -3.86 7.22
C GLN B 89 25.00 -4.12 6.33
N ASN B 90 24.66 -5.38 6.15
CA ASN B 90 23.51 -5.75 5.32
C ASN B 90 22.65 -6.79 6.03
N THR B 91 21.50 -6.35 6.54
CA THR B 91 20.59 -7.24 7.24
C THR B 91 19.29 -7.40 6.45
N GLY B 92 18.86 -8.64 6.26
CA GLY B 92 17.64 -8.92 5.53
C GLY B 92 16.41 -8.40 6.29
N TYR B 93 15.25 -8.93 5.93
CA TYR B 93 14.00 -8.51 6.59
C TYR B 93 14.17 -8.49 8.10
N GLY B 94 14.52 -9.63 8.67
CA GLY B 94 14.71 -9.72 10.12
C GLY B 94 13.61 -10.53 10.78
N THR B 95 12.64 -9.83 11.36
CA THR B 95 11.54 -10.50 12.04
C THR B 95 10.22 -10.27 11.29
N GLN B 96 9.59 -11.35 10.88
CA GLN B 96 8.32 -11.25 10.16
C GLN B 96 7.66 -12.62 10.04
N SER B 97 6.36 -12.67 10.33
CA SER B 97 5.61 -13.92 10.26
C SER B 97 4.72 -13.94 9.02
N THR B 98 4.90 -14.99 8.20
CA THR B 98 4.11 -15.14 6.99
C THR B 98 2.72 -15.65 7.32
N PRO B 99 1.81 -15.66 6.37
CA PRO B 99 0.41 -16.12 6.59
C PRO B 99 0.34 -17.50 7.19
N GLN B 100 0.05 -17.59 8.48
CA GLN B 100 -0.05 -18.88 9.14
C GLN B 100 -1.18 -19.70 8.51
N GLY B 101 -0.81 -20.78 7.84
CA GLY B 101 -1.80 -21.65 7.21
C GLY B 101 -2.27 -21.05 5.89
N TYR B 102 -2.08 -21.81 4.80
CA TYR B 102 -2.49 -21.34 3.48
C TYR B 102 -1.81 -20.02 3.12
N GLY B 103 -0.60 -20.13 2.60
CA GLY B 103 0.16 -18.95 2.21
C GLY B 103 -0.45 -18.29 0.97
N SER B 104 0.00 -18.70 -0.21
CA SER B 104 -0.50 -18.14 -1.45
C SER B 104 -0.67 -19.21 -2.52
N THR B 105 -1.46 -18.91 -3.54
CA THR B 105 -1.69 -19.84 -4.63
C THR B 105 -1.93 -19.09 -5.94
N GLY B 106 -0.91 -19.08 -6.80
CA GLY B 106 -1.03 -18.40 -8.09
C GLY B 106 -1.07 -19.41 -9.23
N GLY B 107 -2.27 -19.93 -9.53
CA GLY B 107 -2.41 -20.91 -10.60
C GLY B 107 -3.70 -20.68 -11.38
N TYR B 108 -4.48 -21.74 -11.54
CA TYR B 108 -5.74 -21.65 -12.27
C TYR B 108 -6.88 -21.28 -11.34
N GLY B 109 -6.70 -20.21 -10.57
CA GLY B 109 -7.72 -19.77 -9.64
C GLY B 109 -8.01 -20.85 -8.61
N SER B 110 -9.29 -21.13 -8.40
CA SER B 110 -9.72 -22.14 -7.43
C SER B 110 -8.86 -22.07 -6.16
N SER B 111 -8.76 -20.88 -5.62
CA SER B 111 -7.96 -20.66 -4.42
C SER B 111 -8.86 -20.32 -3.23
N GLN B 112 -9.39 -21.36 -2.58
CA GLN B 112 -10.26 -21.15 -1.42
C GLN B 112 -9.88 -22.08 -0.28
N SER B 113 -9.58 -21.50 0.87
CA SER B 113 -9.19 -22.29 2.03
C SER B 113 -9.67 -21.65 3.33
N SER B 114 -9.28 -22.24 4.46
CA SER B 114 -9.67 -21.73 5.77
C SER B 114 -8.65 -22.12 6.83
N GLN B 115 -8.35 -21.20 7.74
CA GLN B 115 -7.39 -21.48 8.80
C GLN B 115 -7.34 -20.35 9.81
N SER B 116 -6.39 -20.44 10.75
CA SER B 116 -6.26 -19.41 11.77
C SER B 116 -4.81 -19.30 12.24
N SER B 117 -4.48 -18.18 12.87
CA SER B 117 -3.13 -17.96 13.37
C SER B 117 -3.16 -17.53 14.84
N TYR B 118 -2.63 -18.38 15.72
CA TYR B 118 -2.61 -18.06 17.14
C TYR B 118 -1.21 -18.26 17.71
N GLY B 119 -0.48 -17.16 17.90
CA GLY B 119 0.87 -17.23 18.46
C GLY B 119 1.93 -16.91 17.42
N GLN B 120 1.79 -15.75 16.77
CA GLN B 120 2.76 -15.33 15.76
C GLN B 120 3.78 -14.37 16.35
N GLN B 121 5.03 -14.80 16.41
CA GLN B 121 6.09 -13.95 16.95
C GLN B 121 7.41 -14.18 16.21
N SER B 122 8.07 -13.08 15.85
CA SER B 122 9.33 -13.17 15.15
C SER B 122 10.42 -12.39 15.88
N SER B 123 11.54 -13.06 16.15
CA SER B 123 12.65 -12.42 16.85
C SER B 123 12.20 -11.91 18.21
N TYR B 124 13.02 -11.07 18.83
CA TYR B 124 12.70 -10.52 20.13
C TYR B 124 13.81 -9.57 20.60
N SER C 64 -11.12 -12.97 -26.15
CA SER C 64 -9.98 -12.27 -25.49
C SER C 64 -8.67 -12.86 -26.00
N TYR C 65 -8.43 -12.73 -27.30
CA TYR C 65 -7.20 -13.24 -27.89
C TYR C 65 -6.14 -12.15 -27.99
N SER C 66 -5.40 -11.94 -26.91
CA SER C 66 -4.37 -10.92 -26.89
C SER C 66 -3.39 -11.16 -25.74
N GLY C 67 -2.12 -10.85 -25.97
CA GLY C 67 -1.10 -11.05 -24.95
C GLY C 67 -1.35 -10.16 -23.73
N TYR C 68 -1.50 -10.79 -22.57
CA TYR C 68 -1.75 -10.05 -21.34
C TYR C 68 -0.95 -10.64 -20.19
N SER C 69 -0.71 -9.85 -19.15
CA SER C 69 0.04 -10.33 -17.99
C SER C 69 -0.24 -9.46 -16.77
N GLN C 70 0.01 -10.02 -15.60
CA GLN C 70 -0.23 -9.28 -14.36
C GLN C 70 0.59 -9.88 -13.21
N SER C 71 0.85 -9.07 -12.19
CA SER C 71 1.61 -9.52 -11.04
C SER C 71 0.88 -9.19 -9.75
N THR C 72 1.02 -10.07 -8.75
CA THR C 72 0.37 -9.85 -7.46
C THR C 72 1.40 -9.83 -6.34
N ASP C 73 1.37 -8.76 -5.54
CA ASP C 73 2.29 -8.62 -4.43
C ASP C 73 1.57 -8.02 -3.22
N THR C 74 1.92 -8.49 -2.02
CA THR C 74 1.28 -7.99 -0.81
C THR C 74 2.31 -7.45 0.18
N SER C 75 3.32 -8.26 0.48
CA SER C 75 4.35 -7.84 1.43
C SER C 75 5.74 -8.21 0.94
N GLY C 76 6.71 -7.33 1.17
CA GLY C 76 8.07 -7.60 0.75
C GLY C 76 8.39 -6.99 -0.60
N TYR C 77 8.62 -5.68 -0.62
CA TYR C 77 8.96 -4.96 -1.86
C TYR C 77 8.26 -5.54 -3.08
N GLY C 78 6.96 -5.33 -3.18
CA GLY C 78 6.18 -5.82 -4.32
C GLY C 78 6.53 -5.04 -5.57
N GLN C 79 7.47 -5.57 -6.36
CA GLN C 79 7.90 -4.90 -7.58
C GLN C 79 8.64 -3.62 -7.25
N SER C 80 9.95 -3.73 -7.05
CA SER C 80 10.75 -2.56 -6.72
C SER C 80 12.23 -2.82 -7.02
N SER C 81 12.94 -1.77 -7.40
CA SER C 81 14.36 -1.89 -7.72
C SER C 81 15.15 -0.78 -7.02
N TYR C 82 16.37 -1.10 -6.62
CA TYR C 82 17.22 -0.12 -5.95
C TYR C 82 16.46 0.56 -4.83
N SER C 83 15.68 -0.22 -4.09
CA SER C 83 14.90 0.33 -2.98
C SER C 83 15.81 0.99 -1.95
N SER C 84 16.97 0.37 -1.72
CA SER C 84 17.92 0.91 -0.75
C SER C 84 19.32 0.96 -1.36
N TYR C 85 20.08 1.99 -1.00
CA TYR C 85 21.44 2.15 -1.51
C TYR C 85 22.34 2.78 -0.46
N GLY C 86 22.38 2.17 0.73
CA GLY C 86 23.21 2.67 1.81
C GLY C 86 24.68 2.40 1.54
N GLN C 87 25.55 3.29 2.03
CA GLN C 87 26.99 3.12 1.84
C GLN C 87 27.68 2.76 3.15
N SER C 88 26.90 2.31 4.13
CA SER C 88 27.47 1.92 5.42
C SER C 88 26.54 0.96 6.15
N GLN C 89 25.32 1.41 6.43
CA GLN C 89 24.35 0.58 7.13
C GLN C 89 23.13 0.32 6.24
N ASN C 90 22.79 -0.95 6.07
CA ASN C 90 21.64 -1.32 5.24
C ASN C 90 20.77 -2.35 5.95
N THR C 91 19.63 -1.89 6.45
CA THR C 91 18.71 -2.79 7.15
C THR C 91 17.41 -2.94 6.38
N GLY C 92 16.98 -4.18 6.19
CA GLY C 92 15.75 -4.45 5.46
C GLY C 92 14.53 -3.93 6.21
N TYR C 93 13.36 -4.45 5.87
CA TYR C 93 12.12 -4.02 6.51
C TYR C 93 12.28 -3.99 8.03
N GLY C 94 12.63 -5.14 8.61
CA GLY C 94 12.83 -5.22 10.05
C GLY C 94 11.72 -6.03 10.73
N THR C 95 10.75 -5.33 11.30
CA THR C 95 9.64 -5.97 11.98
C THR C 95 8.34 -5.75 11.23
N GLN C 96 7.69 -6.83 10.82
CA GLN C 96 6.42 -6.73 10.10
C GLN C 96 5.74 -8.08 9.98
N SER C 97 4.45 -8.13 10.28
CA SER C 97 3.70 -9.38 10.21
C SER C 97 2.82 -9.40 8.97
N THR C 98 2.98 -10.44 8.15
CA THR C 98 2.20 -10.60 6.93
C THR C 98 0.79 -11.10 7.27
N PRO C 99 -0.11 -11.11 6.32
CA PRO C 99 -1.52 -11.56 6.55
C PRO C 99 -1.60 -12.94 7.15
N GLN C 100 -1.87 -13.03 8.44
CA GLN C 100 -1.99 -14.31 9.10
C GLN C 100 -3.12 -15.12 8.49
N GLY C 101 -2.75 -16.21 7.82
CA GLY C 101 -3.74 -17.07 7.18
C GLY C 101 -4.22 -16.49 5.86
N TYR C 102 -4.02 -17.24 4.77
CA TYR C 102 -4.44 -16.78 3.46
C TYR C 102 -3.75 -15.47 3.09
N GLY C 103 -2.54 -15.58 2.57
CA GLY C 103 -1.78 -14.39 2.17
C GLY C 103 -2.39 -13.74 0.94
N SER C 104 -1.93 -14.16 -0.24
CA SER C 104 -2.45 -13.60 -1.49
C SER C 104 -2.61 -14.67 -2.55
N THR C 105 -3.40 -14.37 -3.57
CA THR C 105 -3.63 -15.31 -4.67
C THR C 105 -3.87 -14.57 -5.98
N GLY C 106 -2.86 -14.56 -6.83
CA GLY C 106 -2.97 -13.88 -8.12
C GLY C 106 -3.02 -14.89 -9.26
N GLY C 107 -4.21 -15.40 -9.56
CA GLY C 107 -4.37 -16.38 -10.63
C GLY C 107 -5.65 -16.14 -11.41
N TYR C 108 -6.44 -17.21 -11.56
CA TYR C 108 -7.69 -17.11 -12.29
C TYR C 108 -8.83 -16.74 -11.36
N GLY C 109 -8.65 -15.67 -10.60
CA GLY C 109 -9.67 -15.22 -9.67
C GLY C 109 -9.96 -16.29 -8.64
N SER C 110 -11.25 -16.56 -8.41
CA SER C 110 -11.68 -17.58 -7.45
C SER C 110 -10.82 -17.51 -6.19
N SER C 111 -10.71 -16.31 -5.63
CA SER C 111 -9.91 -16.09 -4.44
C SER C 111 -10.80 -15.75 -3.25
N GLN C 112 -11.35 -16.78 -2.61
CA GLN C 112 -12.22 -16.56 -1.46
C GLN C 112 -11.83 -17.48 -0.30
N SER C 113 -11.54 -16.91 0.86
CA SER C 113 -11.14 -17.71 2.01
C SER C 113 -11.63 -17.05 3.31
N SER C 114 -11.24 -17.64 4.44
CA SER C 114 -11.63 -17.12 5.74
C SER C 114 -10.61 -17.52 6.80
N GLN C 115 -10.30 -16.60 7.72
CA GLN C 115 -9.34 -16.89 8.78
C GLN C 115 -9.28 -15.75 9.79
N SER C 116 -8.33 -15.83 10.72
CA SER C 116 -8.19 -14.80 11.74
C SER C 116 -6.75 -14.70 12.22
N SER C 117 -6.41 -13.58 12.84
CA SER C 117 -5.06 -13.37 13.33
C SER C 117 -5.08 -12.93 14.80
N TYR C 118 -4.55 -13.78 15.68
CA TYR C 118 -4.53 -13.46 17.10
C TYR C 118 -3.13 -13.67 17.68
N GLY C 119 -2.40 -12.57 17.86
CA GLY C 119 -1.05 -12.64 18.42
C GLY C 119 0.01 -12.32 17.37
N GLN C 120 -0.12 -11.17 16.73
CA GLN C 120 0.84 -10.77 15.71
C GLN C 120 1.87 -9.80 16.31
N GLN C 121 3.13 -10.24 16.36
CA GLN C 121 4.19 -9.40 16.91
C GLN C 121 5.50 -9.63 16.17
N SER C 122 6.16 -8.54 15.80
CA SER C 122 7.43 -8.63 15.09
C SER C 122 8.52 -7.86 15.83
N SER C 123 9.64 -8.53 16.09
CA SER C 123 10.75 -7.90 16.79
C SER C 123 10.30 -7.38 18.16
N TYR C 124 11.12 -6.54 18.76
CA TYR C 124 10.81 -5.98 20.07
C TYR C 124 11.93 -5.04 20.54
N SER D 64 -13.06 -8.44 -26.20
CA SER D 64 -11.91 -7.75 -25.54
C SER D 64 -10.60 -8.35 -26.04
N TYR D 65 -10.36 -8.22 -27.35
CA TYR D 65 -9.13 -8.75 -27.93
C TYR D 65 -8.07 -7.66 -28.04
N SER D 66 -7.33 -7.45 -26.96
CA SER D 66 -6.29 -6.44 -26.95
C SER D 66 -5.31 -6.68 -25.80
N GLY D 67 -4.04 -6.37 -26.03
CA GLY D 67 -3.02 -6.57 -25.01
C GLY D 67 -3.26 -5.68 -23.80
N TYR D 68 -3.42 -6.31 -22.63
CA TYR D 68 -3.66 -5.56 -21.41
C TYR D 68 -2.86 -6.16 -20.25
N SER D 69 -2.62 -5.36 -19.22
CA SER D 69 -1.87 -5.84 -18.06
C SER D 69 -2.14 -4.96 -16.84
N GLN D 70 -1.90 -5.53 -15.65
CA GLN D 70 -2.13 -4.78 -14.42
C GLN D 70 -1.31 -5.38 -13.27
N SER D 71 -1.05 -4.56 -12.26
CA SER D 71 -0.28 -5.02 -11.10
C SER D 71 -1.02 -4.68 -9.81
N THR D 72 -0.87 -5.56 -8.81
CA THR D 72 -1.52 -5.34 -7.53
C THR D 72 -0.50 -5.31 -6.40
N ASP D 73 -0.53 -4.24 -5.61
CA ASP D 73 0.40 -4.10 -4.50
C ASP D 73 -0.31 -3.50 -3.28
N THR D 74 0.03 -3.97 -2.09
CA THR D 74 -0.61 -3.45 -0.88
C THR D 74 0.42 -2.92 0.11
N SER D 75 1.43 -3.73 0.42
CA SER D 75 2.46 -3.33 1.37
C SER D 75 3.85 -3.69 0.86
N GLY D 76 4.82 -2.82 1.10
CA GLY D 76 6.18 -3.10 0.67
C GLY D 76 6.51 -2.50 -0.68
N TYR D 77 6.73 -1.18 -0.70
CA TYR D 77 7.09 -0.47 -1.93
C TYR D 77 6.38 -1.05 -3.16
N GLY D 78 5.07 -0.83 -3.26
CA GLY D 78 4.31 -1.33 -4.39
C GLY D 78 4.66 -0.55 -5.64
N GLN D 79 5.59 -1.09 -6.43
CA GLN D 79 6.02 -0.43 -7.66
C GLN D 79 6.76 0.86 -7.33
N SER D 80 8.08 0.74 -7.14
CA SER D 80 8.89 1.91 -6.81
C SER D 80 10.36 1.65 -7.11
N SER D 81 11.07 2.69 -7.51
CA SER D 81 12.49 2.56 -7.81
C SER D 81 13.29 3.66 -7.12
N TYR D 82 14.52 3.33 -6.71
CA TYR D 82 15.37 4.32 -6.06
C TYR D 82 14.61 5.00 -4.92
N SER D 83 13.82 4.23 -4.18
CA SER D 83 13.05 4.79 -3.08
C SER D 83 13.96 5.43 -2.05
N SER D 84 15.12 4.83 -1.82
CA SER D 84 16.08 5.36 -0.86
C SER D 84 17.48 5.40 -1.46
N TYR D 85 18.25 6.43 -1.09
CA TYR D 85 19.60 6.57 -1.62
C TYR D 85 20.51 7.20 -0.57
N GLY D 86 20.55 6.60 0.62
CA GLY D 86 21.38 7.10 1.70
C GLY D 86 22.86 6.82 1.43
N GLN D 87 23.73 7.70 1.92
CA GLN D 87 25.15 7.53 1.73
C GLN D 87 25.86 7.16 3.04
N SER D 88 25.06 6.72 4.02
CA SER D 88 25.63 6.34 5.32
C SER D 88 24.69 5.38 6.04
N GLN D 89 23.49 5.84 6.33
CA GLN D 89 22.51 5.01 7.03
C GLN D 89 21.29 4.76 6.14
N ASN D 90 20.94 3.49 5.97
CA ASN D 90 19.79 3.13 5.14
C ASN D 90 18.92 2.10 5.86
N THR D 91 17.78 2.56 6.37
CA THR D 91 16.86 1.68 7.07
C THR D 91 15.55 1.53 6.29
N GLY D 92 15.12 0.29 6.11
CA GLY D 92 13.89 0.02 5.37
C GLY D 92 12.67 0.55 6.13
N TYR D 93 11.50 0.05 5.78
CA TYR D 93 10.25 0.48 6.43
C TYR D 93 10.42 0.51 7.95
N GLY D 94 10.77 -0.64 8.53
CA GLY D 94 10.96 -0.72 9.97
C GLY D 94 9.84 -1.52 10.64
N THR D 95 8.89 -0.80 11.22
CA THR D 95 7.77 -1.45 11.90
C THR D 95 6.46 -1.22 11.15
N GLN D 96 5.81 -2.30 10.74
CA GLN D 96 4.55 -2.19 10.03
C GLN D 96 3.87 -3.54 9.92
N SER D 97 2.57 -3.58 10.21
CA SER D 97 1.81 -4.82 10.14
C SER D 97 0.93 -4.85 8.90
N THR D 98 1.09 -5.90 8.10
CA THR D 98 0.30 -6.05 6.87
C THR D 98 -1.10 -6.55 7.21
N PRO D 99 -2.00 -6.55 6.27
CA PRO D 99 -3.41 -6.99 6.49
C PRO D 99 -3.50 -8.38 7.10
N GLN D 100 -3.78 -8.44 8.39
CA GLN D 100 -3.90 -9.74 9.06
C GLN D 100 -5.04 -10.55 8.44
N GLY D 101 -4.68 -11.64 7.78
CA GLY D 101 -5.68 -12.49 7.15
C GLY D 101 -6.14 -11.91 5.82
N TYR D 102 -5.96 -12.66 4.74
CA TYR D 102 -6.37 -12.21 3.42
C TYR D 102 -5.68 -10.90 3.05
N GLY D 103 -4.46 -11.02 2.54
CA GLY D 103 -3.70 -9.84 2.13
C GLY D 103 -4.30 -9.18 0.90
N SER D 104 -3.86 -9.61 -0.28
CA SER D 104 -4.36 -9.04 -1.53
C SER D 104 -4.53 -10.12 -2.59
N THR D 105 -5.32 -9.81 -3.61
CA THR D 105 -5.56 -10.76 -4.70
C THR D 105 -5.79 -10.01 -6.01
N GLY D 106 -4.79 -10.02 -6.88
CA GLY D 106 -4.89 -9.34 -8.17
C GLY D 106 -4.94 -10.35 -9.31
N GLY D 107 -6.14 -10.86 -9.59
CA GLY D 107 -6.30 -11.85 -10.66
C GLY D 107 -7.58 -11.61 -11.45
N TYR D 108 -8.38 -12.67 -11.59
CA TYR D 108 -9.63 -12.58 -12.33
C TYR D 108 -10.77 -12.19 -11.39
N GLY D 109 -10.58 -11.12 -10.64
CA GLY D 109 -11.60 -10.65 -9.71
C GLY D 109 -11.89 -11.73 -8.67
N SER D 110 -13.18 -11.99 -8.46
CA SER D 110 -13.62 -13.00 -7.49
C SER D 110 -12.76 -12.93 -6.23
N SER D 111 -12.64 -11.73 -5.68
CA SER D 111 -11.84 -11.52 -4.48
C SER D 111 -12.73 -11.16 -3.29
N GLN D 112 -13.28 -12.19 -2.64
CA GLN D 112 -14.15 -11.96 -1.49
C GLN D 112 -13.77 -12.89 -0.34
N SER D 113 -13.47 -12.31 0.82
CA SER D 113 -13.08 -13.10 1.99
C SER D 113 -13.56 -12.44 3.27
N SER D 114 -13.17 -13.03 4.41
CA SER D 114 -13.56 -12.50 5.71
C SER D 114 -12.54 -12.90 6.77
N GLN D 115 -12.23 -11.98 7.68
CA GLN D 115 -11.27 -12.27 8.73
C GLN D 115 -11.21 -11.13 9.75
N SER D 116 -10.26 -11.22 10.68
CA SER D 116 -10.11 -10.18 11.71
C SER D 116 -8.67 -10.09 12.17
N SER D 117 -8.32 -8.97 12.79
CA SER D 117 -6.96 -8.76 13.29
C SER D 117 -6.99 -8.32 14.75
N TYR D 118 -6.47 -9.17 15.63
CA TYR D 118 -6.44 -8.85 17.05
C TYR D 118 -5.04 -9.05 17.63
N GLY D 119 -4.30 -7.97 17.81
CA GLY D 119 -2.95 -8.05 18.37
C GLY D 119 -1.88 -7.74 17.32
N GLN D 120 -2.02 -6.58 16.67
CA GLN D 120 -1.05 -6.18 15.65
C GLN D 120 -0.03 -5.22 16.24
N GLN D 121 1.23 -5.66 16.30
CA GLN D 121 2.30 -4.83 16.84
C GLN D 121 3.61 -5.07 16.10
N SER D 122 4.28 -3.98 15.73
CA SER D 122 5.55 -4.08 15.02
C SER D 122 6.64 -3.31 15.76
N SER D 123 7.75 -3.99 16.02
CA SER D 123 8.87 -3.36 16.72
C SER D 123 8.42 -2.84 18.09
N TYR D 124 9.26 -2.00 18.69
CA TYR D 124 8.95 -1.44 20.00
C TYR D 124 10.06 -0.50 20.46
N SER E 64 -14.95 -3.91 -26.27
CA SER E 64 -13.80 -3.23 -25.61
C SER E 64 -12.50 -3.83 -26.11
N TYR E 65 -12.26 -3.71 -27.41
CA TYR E 65 -11.04 -4.25 -28.01
C TYR E 65 -9.96 -3.15 -28.12
N SER E 66 -9.21 -2.95 -27.03
CA SER E 66 -8.17 -1.93 -27.02
C SER E 66 -7.20 -2.18 -25.87
N GLY E 67 -5.93 -1.89 -26.10
CA GLY E 67 -4.90 -2.09 -25.09
C GLY E 67 -5.14 -1.19 -23.87
N TYR E 68 -5.30 -1.81 -22.71
CA TYR E 68 -5.54 -1.06 -21.48
C TYR E 68 -4.73 -1.66 -20.32
N SER E 69 -4.50 -0.86 -19.29
CA SER E 69 -3.74 -1.34 -18.14
C SER E 69 -4.02 -0.47 -16.92
N GLN E 70 -3.77 -1.02 -15.73
CA GLN E 70 -4.01 -0.27 -14.50
C GLN E 70 -3.19 -0.86 -13.35
N SER E 71 -2.93 -0.05 -12.34
CA SER E 71 -2.16 -0.50 -11.18
C SER E 71 -2.88 -0.16 -9.89
N THR E 72 -2.76 -1.03 -8.89
CA THR E 72 -3.40 -0.80 -7.61
C THR E 72 -2.37 -0.78 -6.49
N ASP E 73 -2.40 0.28 -5.70
CA ASP E 73 -1.48 0.41 -4.58
C ASP E 73 -2.19 1.01 -3.37
N THR E 74 -1.84 0.54 -2.17
CA THR E 74 -2.47 1.12 -0.98
C THR E 74 -1.43 1.62 0.03
N SER E 75 -0.45 0.79 0.35
CA SER E 75 0.60 1.17 1.30
C SER E 75 1.99 0.86 0.78
N GLY E 76 2.96 1.74 1.00
CA GLY E 76 4.31 1.39 0.56
C GLY E 76 4.68 2.00 -0.79
N TYR E 77 4.88 3.31 -0.80
CA TYR E 77 5.22 4.05 -2.03
C TYR E 77 4.53 3.42 -3.24
N GLY E 78 3.23 3.69 -3.36
CA GLY E 78 2.45 3.20 -4.48
C GLY E 78 2.80 3.95 -5.75
N GLN E 79 3.74 3.41 -6.52
CA GLN E 79 4.18 4.06 -7.75
C GLN E 79 4.92 5.34 -7.43
N SER E 80 6.24 5.23 -7.24
CA SER E 80 7.05 6.39 -6.91
C SER E 80 8.53 6.11 -7.21
N SER E 81 9.24 7.15 -7.61
CA SER E 81 10.67 7.01 -7.92
C SER E 81 11.47 8.11 -7.23
N TYR E 82 12.69 7.78 -6.82
CA TYR E 82 13.55 8.76 -6.17
C TYR E 82 12.79 9.45 -5.04
N SER E 83 12.00 8.69 -4.30
CA SER E 83 11.23 9.25 -3.20
C SER E 83 12.16 9.90 -2.17
N SER E 84 13.31 9.28 -1.94
CA SER E 84 14.26 9.82 -0.98
C SER E 84 15.66 9.85 -1.58
N TYR E 85 16.43 10.87 -1.22
CA TYR E 85 17.79 11.01 -1.74
C TYR E 85 18.71 11.63 -0.69
N GLY E 86 18.74 11.03 0.50
CA GLY E 86 19.58 11.54 1.58
C GLY E 86 21.05 11.24 1.30
N GLN E 87 21.92 12.12 1.79
CA GLN E 87 23.35 11.94 1.60
C GLN E 87 24.04 11.58 2.92
N SER E 88 23.26 11.13 3.89
CA SER E 88 23.83 10.76 5.19
C SER E 88 22.89 9.80 5.93
N GLN E 89 21.67 10.28 6.20
CA GLN E 89 20.69 9.46 6.91
C GLN E 89 19.47 9.21 6.02
N ASN E 90 19.12 7.95 5.86
CA ASN E 90 17.97 7.58 5.03
C ASN E 90 17.09 6.57 5.75
N THR E 91 15.95 7.03 6.26
CA THR E 91 15.03 6.15 6.96
C THR E 91 13.71 6.01 6.18
N GLY E 92 13.28 4.78 6.00
CA GLY E 92 12.04 4.51 5.27
C GLY E 92 10.84 5.04 6.03
N TYR E 93 9.65 4.55 5.68
CA TYR E 93 8.42 4.99 6.33
C TYR E 93 8.59 5.02 7.85
N GLY E 94 8.92 3.88 8.43
CA GLY E 94 9.11 3.79 9.88
C GLY E 94 8.00 3.00 10.55
N THR E 95 7.03 3.72 11.12
CA THR E 95 5.92 3.08 11.81
C THR E 95 4.62 3.33 11.06
N GLN E 96 3.97 2.24 10.65
CA GLN E 96 2.70 2.36 9.94
C GLN E 96 2.01 1.01 9.83
N SER E 97 0.71 0.99 10.12
CA SER E 97 -0.05 -0.26 10.05
C SER E 97 -0.93 -0.28 8.81
N THR E 98 -0.80 -1.34 8.02
CA THR E 98 -1.57 -1.50 6.79
C THR E 98 -2.98 -1.98 7.14
N PRO E 99 -3.88 -1.97 6.18
CA PRO E 99 -5.30 -2.41 6.45
C PRO E 99 -5.36 -3.79 7.04
N GLN E 100 -5.68 -3.86 8.32
CA GLN E 100 -5.80 -5.15 8.98
C GLN E 100 -6.93 -5.95 8.37
N GLY E 101 -6.58 -7.05 7.72
CA GLY E 101 -7.59 -7.90 7.09
C GLY E 101 -8.04 -7.33 5.76
N TYR E 102 -7.85 -8.07 4.68
CA TYR E 102 -8.28 -7.62 3.36
C TYR E 102 -7.58 -6.32 2.97
N GLY E 103 -6.36 -6.44 2.47
CA GLY E 103 -5.59 -5.27 2.07
C GLY E 103 -6.19 -4.61 0.82
N SER E 104 -5.75 -5.05 -0.35
CA SER E 104 -6.25 -4.49 -1.60
C SER E 104 -6.42 -5.57 -2.67
N THR E 105 -7.22 -5.26 -3.67
CA THR E 105 -7.47 -6.21 -4.77
C THR E 105 -7.68 -5.45 -6.07
N GLY E 106 -6.66 -5.47 -6.91
CA GLY E 106 -6.78 -4.80 -8.22
C GLY E 106 -6.85 -5.82 -9.38
N GLY E 107 -8.06 -6.33 -9.68
CA GLY E 107 -8.22 -7.30 -10.73
C GLY E 107 -9.49 -7.07 -11.51
N TYR E 108 -10.29 -8.11 -11.65
CA TYR E 108 -11.54 -8.02 -12.36
C TYR E 108 -12.68 -7.62 -11.44
N GLY E 109 -12.48 -6.55 -10.70
CA GLY E 109 -13.49 -6.08 -9.77
C GLY E 109 -13.80 -7.15 -8.73
N SER E 110 -15.09 -7.40 -8.51
CA SER E 110 -15.53 -8.40 -7.54
C SER E 110 -14.66 -8.34 -6.28
N SER E 111 -14.55 -7.14 -5.73
CA SER E 111 -13.74 -6.92 -4.54
C SER E 111 -14.62 -6.56 -3.35
N GLN E 112 -15.18 -7.58 -2.69
CA GLN E 112 -16.07 -7.35 -1.55
C GLN E 112 -15.69 -8.28 -0.39
N SER E 113 -15.39 -7.69 0.76
CA SER E 113 -14.99 -8.48 1.93
C SER E 113 -15.46 -7.81 3.22
N SER E 114 -15.08 -8.41 4.35
CA SER E 114 -15.47 -7.87 5.65
C SER E 114 -14.44 -8.27 6.71
N GLN E 115 -14.13 -7.35 7.62
CA GLN E 115 -13.17 -7.64 8.68
C GLN E 115 -13.10 -6.50 9.68
N SER E 116 -12.15 -6.59 10.62
CA SER E 116 -12.00 -5.55 11.64
C SER E 116 -10.54 -5.46 12.10
N SER E 117 -10.20 -4.33 12.71
CA SER E 117 -8.84 -4.14 13.22
C SER E 117 -8.86 -3.69 14.67
N TYR E 118 -8.36 -4.55 15.56
CA TYR E 118 -8.33 -4.23 16.99
C TYR E 118 -6.92 -4.43 17.57
N GLY E 119 -6.18 -3.35 17.73
CA GLY E 119 -4.82 -3.43 18.29
C GLY E 119 -3.76 -3.13 17.25
N GLN E 120 -3.89 -1.99 16.58
CA GLN E 120 -2.92 -1.59 15.57
C GLN E 120 -1.88 -0.64 16.16
N GLN E 121 -0.63 -1.08 16.23
CA GLN E 121 0.44 -0.25 16.77
C GLN E 121 1.75 -0.50 16.01
N SER E 122 2.43 0.59 15.65
CA SER E 122 3.70 0.47 14.93
C SER E 122 4.80 1.24 15.67
N SER E 123 5.91 0.56 15.94
CA SER E 123 7.02 1.19 16.63
C SER E 123 6.58 1.71 17.99
N TYR E 124 7.41 2.54 18.60
CA TYR E 124 7.10 3.12 19.91
C TYR E 124 8.23 4.04 20.35
N SER F 64 -16.82 0.63 -26.34
CA SER F 64 -15.68 1.32 -25.69
C SER F 64 -14.37 0.71 -26.19
N TYR F 65 -14.13 0.82 -27.49
CA TYR F 65 -12.91 0.28 -28.09
C TYR F 65 -11.83 1.36 -28.19
N SER F 66 -11.08 1.57 -27.11
CA SER F 66 -10.03 2.58 -27.11
C SER F 66 -9.06 2.33 -25.95
N GLY F 67 -7.78 2.61 -26.19
CA GLY F 67 -6.77 2.41 -25.17
C GLY F 67 -7.00 3.31 -23.96
N TYR F 68 -7.16 2.70 -22.79
CA TYR F 68 -7.39 3.46 -21.57
C TYR F 68 -6.59 2.85 -20.41
N SER F 69 -6.35 3.65 -19.38
CA SER F 69 -5.60 3.18 -18.22
C SER F 69 -5.87 4.06 -17.01
N GLN F 70 -5.63 3.51 -15.82
CA GLN F 70 -5.86 4.26 -14.59
C GLN F 70 -5.05 3.65 -13.44
N SER F 71 -4.77 4.48 -12.43
CA SER F 71 -4.01 4.02 -11.28
C SER F 71 -4.74 4.37 -9.99
N THR F 72 -4.60 3.50 -8.98
CA THR F 72 -5.25 3.74 -7.70
C THR F 72 -4.23 3.76 -6.57
N ASP F 73 -4.23 4.82 -5.79
CA ASP F 73 -3.31 4.97 -4.68
C ASP F 73 -4.01 5.58 -3.46
N THR F 74 -3.68 5.12 -2.27
CA THR F 74 -4.31 5.65 -1.06
C THR F 74 -3.27 6.18 -0.07
N SER F 75 -2.27 5.35 0.23
CA SER F 75 -1.23 5.76 1.19
C SER F 75 0.16 5.38 0.68
N GLY F 76 1.13 6.23 0.91
CA GLY F 76 2.49 5.93 0.49
C GLY F 76 2.81 6.54 -0.87
N TYR F 77 3.06 7.84 -0.90
CA TYR F 77 3.42 8.54 -2.13
C TYR F 77 2.71 7.96 -3.36
N GLY F 78 1.40 8.19 -3.46
CA GLY F 78 0.63 7.70 -4.59
C GLY F 78 0.99 8.46 -5.85
N GLN F 79 1.91 7.91 -6.63
CA GLN F 79 2.35 8.56 -7.86
C GLN F 79 3.11 9.84 -7.54
N SER F 80 4.42 9.71 -7.35
CA SER F 80 5.24 10.88 -7.03
C SER F 80 6.70 10.59 -7.32
N SER F 81 7.43 11.63 -7.73
CA SER F 81 8.85 11.47 -8.03
C SER F 81 9.66 12.58 -7.36
N TYR F 82 10.88 12.24 -6.94
CA TYR F 82 11.74 13.22 -6.28
C TYR F 82 11.00 13.93 -5.16
N SER F 83 10.20 13.16 -4.41
CA SER F 83 9.43 13.73 -3.32
C SER F 83 10.36 14.38 -2.29
N SER F 84 11.51 13.75 -2.06
CA SER F 84 12.47 14.28 -1.10
C SER F 84 13.86 14.31 -1.71
N TYR F 85 14.65 15.33 -1.35
CA TYR F 85 16.00 15.45 -1.87
C TYR F 85 16.92 16.08 -0.82
N GLY F 86 16.95 15.48 0.37
CA GLY F 86 17.79 15.99 1.45
C GLY F 86 19.26 15.68 1.18
N GLN F 87 20.13 16.56 1.66
CA GLN F 87 21.57 16.38 1.47
C GLN F 87 22.26 16.01 2.78
N SER F 88 21.47 15.58 3.76
CA SER F 88 22.04 15.19 5.06
C SER F 88 21.09 14.25 5.79
N GLN F 89 19.89 14.73 6.09
CA GLN F 89 18.90 13.92 6.78
C GLN F 89 17.68 13.67 5.90
N ASN F 90 17.32 12.41 5.73
CA ASN F 90 16.16 12.05 4.91
C ASN F 90 15.28 11.04 5.63
N THR F 91 14.14 11.51 6.13
CA THR F 91 13.22 10.64 6.84
C THR F 91 11.91 10.51 6.07
N GLY F 92 11.46 9.27 5.89
CA GLY F 92 10.22 9.00 5.16
C GLY F 92 9.02 9.56 5.92
N TYR F 93 7.84 9.06 5.57
CA TYR F 93 6.61 9.50 6.22
C TYR F 93 6.77 9.54 7.73
N GLY F 94 7.11 8.40 8.32
CA GLY F 94 7.29 8.31 9.77
C GLY F 94 6.17 7.54 10.44
N THR F 95 5.22 8.26 11.02
CA THR F 95 4.10 7.63 11.70
C THR F 95 2.79 7.88 10.95
N GLN F 96 2.13 6.79 10.55
CA GLN F 96 0.87 6.91 9.83
C GLN F 96 0.18 5.57 9.73
N SER F 97 -1.13 5.55 10.03
CA SER F 97 -1.88 4.31 9.97
C SER F 97 -2.78 4.29 8.73
N THR F 98 -2.63 3.24 7.93
CA THR F 98 -3.42 3.09 6.71
C THR F 98 -4.83 2.60 7.06
N PRO F 99 -5.73 2.60 6.10
CA PRO F 99 -7.14 2.18 6.34
C PRO F 99 -7.24 0.80 6.95
N GLN F 100 -7.52 0.74 8.24
CA GLN F 100 -7.66 -0.54 8.92
C GLN F 100 -8.80 -1.35 8.31
N GLY F 101 -8.45 -2.45 7.65
CA GLY F 101 -9.47 -3.30 7.02
C GLY F 101 -9.93 -2.71 5.69
N TYR F 102 -9.75 -3.48 4.62
CA TYR F 102 -10.17 -3.03 3.29
C TYR F 102 -9.45 -1.73 2.91
N GLY F 103 -8.24 -1.86 2.40
CA GLY F 103 -7.45 -0.70 1.99
C GLY F 103 -8.06 -0.04 0.75
N SER F 104 -7.62 -0.48 -0.42
CA SER F 104 -8.12 0.08 -1.68
C SER F 104 -8.29 -1.00 -2.74
N THR F 105 -9.09 -0.69 -3.76
CA THR F 105 -9.33 -1.64 -4.84
C THR F 105 -9.56 -0.90 -6.16
N GLY F 106 -8.55 -0.91 -7.02
CA GLY F 106 -8.66 -0.25 -8.31
C GLY F 106 -8.71 -1.26 -9.44
N GLY F 107 -9.92 -1.76 -9.73
CA GLY F 107 -10.09 -2.75 -10.80
C GLY F 107 -11.37 -2.50 -11.58
N TYR F 108 -12.18 -3.55 -11.71
CA TYR F 108 -13.43 -3.45 -12.45
C TYR F 108 -14.57 -3.06 -11.52
N GLY F 109 -14.36 -1.97 -10.78
CA GLY F 109 -15.37 -1.50 -9.84
C GLY F 109 -15.68 -2.56 -8.80
N SER F 110 -16.97 -2.81 -8.58
CA SER F 110 -17.42 -3.81 -7.60
C SER F 110 -16.56 -3.74 -6.34
N SER F 111 -16.43 -2.53 -5.80
CA SER F 111 -15.62 -2.32 -4.60
C SER F 111 -16.52 -1.96 -3.42
N GLN F 112 -17.07 -2.97 -2.76
CA GLN F 112 -17.94 -2.73 -1.61
C GLN F 112 -17.56 -3.66 -0.45
N SER F 113 -17.26 -3.07 0.70
CA SER F 113 -16.88 -3.86 1.87
C SER F 113 -17.35 -3.19 3.16
N SER F 114 -16.96 -3.77 4.29
CA SER F 114 -17.34 -3.23 5.59
C SER F 114 -16.32 -3.64 6.65
N GLN F 115 -16.01 -2.72 7.56
CA GLN F 115 -15.05 -3.01 8.61
C GLN F 115 -14.97 -1.86 9.62
N SER F 116 -14.03 -1.95 10.56
CA SER F 116 -13.87 -0.92 11.57
C SER F 116 -12.42 -0.84 12.03
N SER F 117 -12.06 0.28 12.65
CA SER F 117 -10.70 0.48 13.14
C SER F 117 -10.71 0.93 14.60
N TYR F 118 -10.22 0.08 15.49
CA TYR F 118 -10.18 0.41 16.92
C TYR F 118 -8.78 0.19 17.49
N GLY F 119 -8.03 1.27 17.65
CA GLY F 119 -6.69 1.19 18.21
C GLY F 119 -5.62 1.48 17.16
N GLN F 120 -5.73 2.63 16.51
CA GLN F 120 -4.77 3.02 15.49
C GLN F 120 -3.72 3.96 16.07
N GLN F 121 -2.47 3.51 16.13
CA GLN F 121 -1.40 4.34 16.67
C GLN F 121 -0.10 4.08 15.92
N SER F 122 0.59 5.16 15.55
CA SER F 122 1.85 5.04 14.83
C SER F 122 2.96 5.80 15.57
N SER F 123 4.06 5.11 15.84
CA SER F 123 5.19 5.73 16.53
C SER F 123 4.75 6.27 17.89
N TYR F 124 5.59 7.10 18.50
CA TYR F 124 5.28 7.68 19.79
C TYR F 124 6.41 8.61 20.25
N SER G 64 -18.68 5.19 -26.43
CA SER G 64 -17.52 5.87 -25.78
C SER G 64 -16.22 5.25 -26.28
N TYR G 65 -15.97 5.36 -27.58
CA TYR G 65 -14.76 4.81 -28.17
C TYR G 65 -13.69 5.89 -28.29
N SER G 66 -12.94 6.08 -27.20
CA SER G 66 -11.87 7.09 -27.20
C SER G 66 -10.91 6.84 -26.05
N GLY G 67 -9.63 7.13 -26.28
CA GLY G 67 -8.62 6.92 -25.27
C GLY G 67 -8.84 7.82 -24.06
N TYR G 68 -9.01 7.21 -22.89
CA TYR G 68 -9.23 7.98 -21.67
C TYR G 68 -8.44 7.37 -20.51
N SER G 69 -8.19 8.18 -19.48
CA SER G 69 -7.44 7.70 -18.32
C SER G 69 -7.71 8.58 -17.10
N GLN G 70 -7.47 8.03 -15.92
CA GLN G 70 -7.69 8.78 -14.69
C GLN G 70 -6.88 8.19 -13.54
N SER G 71 -6.60 9.00 -12.53
CA SER G 71 -5.83 8.55 -11.38
C SER G 71 -6.56 8.90 -10.09
N THR G 72 -6.43 8.05 -9.08
CA THR G 72 -7.08 8.28 -7.80
C THR G 72 -6.05 8.29 -6.67
N ASP G 73 -6.06 9.37 -5.89
CA ASP G 73 -5.13 9.51 -4.77
C ASP G 73 -5.83 10.13 -3.57
N THR G 74 -5.49 9.67 -2.37
CA THR G 74 -6.12 10.21 -1.17
C THR G 74 -5.08 10.73 -0.18
N SER G 75 -4.09 9.90 0.13
CA SER G 75 -3.05 10.30 1.08
C SER G 75 -1.66 9.91 0.58
N GLY G 76 -0.69 10.77 0.80
CA GLY G 76 0.68 10.47 0.38
C GLY G 76 1.01 11.05 -0.98
N TYR G 77 1.26 12.36 -1.02
CA TYR G 77 1.61 13.05 -2.25
C TYR G 77 0.90 12.48 -3.47
N GLY G 78 -0.41 12.72 -3.57
CA GLY G 78 -1.18 12.23 -4.70
C GLY G 78 -0.81 12.99 -5.96
N GLN G 79 0.11 12.43 -6.74
CA GLN G 79 0.54 13.06 -7.98
C GLN G 79 1.31 14.35 -7.66
N SER G 80 2.61 14.22 -7.47
CA SER G 80 3.44 15.37 -7.15
C SER G 80 4.91 15.09 -7.45
N SER G 81 5.64 16.11 -7.85
CA SER G 81 7.06 15.96 -8.16
C SER G 81 7.87 17.06 -7.49
N TYR G 82 9.10 16.72 -7.08
CA TYR G 82 9.96 17.68 -6.42
C TYR G 82 9.22 18.39 -5.30
N SER G 83 8.42 17.64 -4.54
CA SER G 83 7.66 18.21 -3.45
C SER G 83 8.58 18.86 -2.43
N SER G 84 9.73 18.23 -2.20
CA SER G 84 10.69 18.76 -1.24
C SER G 84 12.10 18.77 -1.84
N TYR G 85 12.88 19.80 -1.49
CA TYR G 85 14.23 19.91 -2.01
C TYR G 85 15.16 20.54 -0.96
N GLY G 86 15.18 19.95 0.22
CA GLY G 86 16.03 20.44 1.30
C GLY G 86 17.50 20.14 1.03
N GLN G 87 18.38 21.01 1.51
CA GLN G 87 19.81 20.82 1.32
C GLN G 87 20.50 20.45 2.63
N SER G 88 19.71 20.02 3.62
CA SER G 88 20.27 19.64 4.91
C SER G 88 19.32 18.71 5.65
N GLN G 89 18.12 19.19 5.94
CA GLN G 89 17.13 18.38 6.64
C GLN G 89 15.91 18.14 5.76
N ASN G 90 15.54 16.87 5.60
CA ASN G 90 14.38 16.53 4.78
C ASN G 90 13.50 15.53 5.50
N THR G 91 12.36 16.00 6.00
CA THR G 91 11.43 15.14 6.71
C THR G 91 10.12 15.01 5.94
N GLY G 92 9.66 13.77 5.76
CA GLY G 92 8.43 13.51 5.04
C GLY G 92 7.23 14.07 5.79
N TYR G 93 6.04 13.58 5.45
CA TYR G 93 4.81 14.02 6.09
C TYR G 93 4.98 14.07 7.61
N GLY G 94 5.31 12.92 8.20
CA GLY G 94 5.50 12.85 9.65
C GLY G 94 4.38 12.08 10.33
N THR G 95 3.43 12.81 10.90
CA THR G 95 2.30 12.19 11.59
C THR G 95 1.00 12.43 10.84
N GLN G 96 0.33 11.36 10.44
CA GLN G 96 -0.93 11.48 9.72
C GLN G 96 -1.64 10.13 9.62
N SER G 97 -2.93 10.13 9.92
CA SER G 97 -3.71 8.89 9.87
C SER G 97 -4.59 8.86 8.62
N THR G 98 -4.45 7.82 7.83
CA THR G 98 -5.24 7.66 6.61
C THR G 98 -6.65 7.18 6.96
N PRO G 99 -7.56 7.19 6.01
CA PRO G 99 -8.97 6.77 6.24
C PRO G 99 -9.08 5.39 6.85
N GLN G 100 -9.37 5.34 8.15
CA GLN G 100 -9.50 4.06 8.82
C GLN G 100 -10.64 3.25 8.22
N GLY G 101 -10.30 2.15 7.56
CA GLY G 101 -11.32 1.31 6.95
C GLY G 101 -11.78 1.89 5.60
N TYR G 102 -11.60 1.12 4.53
CA TYR G 102 -12.01 1.57 3.21
C TYR G 102 -11.30 2.86 2.82
N GLY G 103 -10.09 2.73 2.31
CA GLY G 103 -9.30 3.90 1.90
C GLY G 103 -9.90 4.55 0.66
N SER G 104 -9.46 4.09 -0.52
CA SER G 104 -9.96 4.66 -1.77
C SER G 104 -10.15 3.57 -2.82
N THR G 105 -10.94 3.88 -3.85
CA THR G 105 -11.19 2.94 -4.93
C THR G 105 -11.42 3.67 -6.25
N GLY G 106 -10.40 3.65 -7.10
CA GLY G 106 -10.50 4.31 -8.40
C GLY G 106 -10.58 3.29 -9.53
N GLY G 107 -11.77 2.80 -9.82
CA GLY G 107 -11.95 1.82 -10.87
C GLY G 107 -13.23 2.06 -11.66
N TYR G 108 -14.04 1.02 -11.79
CA TYR G 108 -15.30 1.12 -12.52
C TYR G 108 -16.43 1.53 -11.59
N GLY G 109 -16.22 2.61 -10.85
CA GLY G 109 -17.23 3.09 -9.92
C GLY G 109 -17.54 2.04 -8.88
N SER G 110 -18.84 1.80 -8.65
CA SER G 110 -19.28 0.80 -7.67
C SER G 110 -18.43 0.87 -6.41
N SER G 111 -18.29 2.07 -5.88
CA SER G 111 -17.48 2.29 -4.68
C SER G 111 -18.36 2.66 -3.50
N GLN G 112 -18.93 1.65 -2.83
CA GLN G 112 -19.79 1.90 -1.68
C GLN G 112 -19.42 0.98 -0.52
N SER G 113 -19.11 1.56 0.62
CA SER G 113 -18.73 0.77 1.79
C SER G 113 -19.20 1.44 3.09
N SER G 114 -18.82 0.86 4.22
CA SER G 114 -19.20 1.41 5.51
C SER G 114 -18.18 1.00 6.58
N GLN G 115 -17.86 1.93 7.48
CA GLN G 115 -16.90 1.64 8.54
C GLN G 115 -16.82 2.78 9.54
N SER G 116 -15.87 2.69 10.47
CA SER G 116 -15.71 3.73 11.49
C SER G 116 -14.26 3.80 11.95
N SER G 117 -13.90 4.92 12.56
CA SER G 117 -12.54 5.11 13.06
C SER G 117 -12.55 5.57 14.51
N TYR G 118 -12.05 4.72 15.40
CA TYR G 118 -12.01 5.05 16.83
C TYR G 118 -10.61 4.82 17.40
N GLY G 119 -9.86 5.90 17.56
CA GLY G 119 -8.51 5.81 18.12
C GLY G 119 -7.44 6.09 17.07
N GLN G 120 -7.56 7.24 16.40
CA GLN G 120 -6.59 7.62 15.39
C GLN G 120 -5.54 8.57 15.97
N GLN G 121 -4.29 8.11 16.03
CA GLN G 121 -3.21 8.93 16.56
C GLN G 121 -1.91 8.67 15.82
N SER G 122 -1.22 9.73 15.45
CA SER G 122 0.04 9.62 14.73
C SER G 122 1.15 10.37 15.46
N SER G 123 2.26 9.68 15.73
CA SER G 123 3.38 10.30 16.42
C SER G 123 2.95 10.83 17.79
N TYR G 124 3.80 11.67 18.38
CA TYR G 124 3.49 12.25 19.67
C TYR G 124 4.62 13.17 20.13
N SER H 64 -20.51 9.76 -26.53
CA SER H 64 -19.35 10.43 -25.87
C SER H 64 -18.06 9.80 -26.38
N TYR H 65 -17.81 9.92 -27.68
CA TYR H 65 -16.61 9.35 -28.27
C TYR H 65 -15.51 10.42 -28.39
N SER H 66 -14.76 10.62 -27.31
CA SER H 66 -13.70 11.62 -27.31
C SER H 66 -12.73 11.37 -26.15
N GLY H 67 -11.45 11.65 -26.40
CA GLY H 67 -10.43 11.44 -25.36
C GLY H 67 -10.65 12.35 -24.17
N TYR H 68 -10.82 11.74 -23.00
CA TYR H 68 -11.04 12.50 -21.77
C TYR H 68 -10.25 11.90 -20.62
N SER H 69 -9.99 12.70 -19.59
CA SER H 69 -9.26 12.22 -18.43
C SER H 69 -9.52 13.11 -17.22
N GLN H 70 -9.27 12.57 -16.03
CA GLN H 70 -9.49 13.32 -14.80
C GLN H 70 -8.69 12.73 -13.65
N SER H 71 -8.40 13.55 -12.65
CA SER H 71 -7.65 13.10 -11.49
C SER H 71 -8.36 13.46 -10.20
N THR H 72 -8.24 12.59 -9.19
CA THR H 72 -8.89 12.84 -7.90
C THR H 72 -7.86 12.85 -6.78
N ASP H 73 -7.85 13.93 -6.00
CA ASP H 73 -6.92 14.07 -4.89
C ASP H 73 -7.63 14.69 -3.68
N THR H 74 -7.29 14.24 -2.49
CA THR H 74 -7.91 14.77 -1.28
C THR H 74 -6.87 15.29 -0.29
N SER H 75 -5.88 14.46 0.02
CA SER H 75 -4.83 14.86 0.96
C SER H 75 -3.46 14.46 0.46
N GLY H 76 -2.47 15.32 0.68
CA GLY H 76 -1.11 15.00 0.26
C GLY H 76 -0.78 15.59 -1.11
N TYR H 77 -0.53 16.90 -1.15
CA TYR H 77 -0.16 17.59 -2.38
C TYR H 77 -0.88 17.01 -3.60
N GLY H 78 -2.18 17.26 -3.70
CA GLY H 78 -2.97 16.76 -4.82
C GLY H 78 -2.59 17.52 -6.09
N GLN H 79 -1.69 16.95 -6.87
CA GLN H 79 -1.23 17.58 -8.11
C GLN H 79 -0.47 18.86 -7.80
N SER H 80 0.83 18.73 -7.60
CA SER H 80 1.68 19.88 -7.29
C SER H 80 3.13 19.58 -7.58
N SER H 81 3.88 20.61 -7.99
CA SER H 81 5.29 20.44 -8.30
C SER H 81 6.11 21.53 -7.63
N TYR H 82 7.33 21.19 -7.23
CA TYR H 82 8.21 22.16 -6.57
C TYR H 82 7.46 22.88 -5.45
N SER H 83 6.66 22.12 -4.69
CA SER H 83 5.90 22.71 -3.59
C SER H 83 6.83 23.35 -2.57
N SER H 84 7.98 22.72 -2.34
CA SER H 84 8.95 23.25 -1.39
C SER H 84 10.35 23.25 -1.99
N TYR H 85 11.13 24.26 -1.65
CA TYR H 85 12.49 24.38 -2.17
C TYR H 85 13.41 25.01 -1.12
N GLY H 86 13.43 24.41 0.07
CA GLY H 86 14.28 24.91 1.14
C GLY H 86 15.75 24.60 0.88
N GLN H 87 16.64 25.47 1.36
CA GLN H 87 18.07 25.27 1.15
C GLN H 87 18.76 24.90 2.47
N SER H 88 17.97 24.48 3.46
CA SER H 88 18.52 24.10 4.76
C SER H 88 17.57 23.17 5.50
N GLN H 89 16.38 23.66 5.78
CA GLN H 89 15.38 22.86 6.49
C GLN H 89 14.16 22.62 5.60
N ASN H 90 13.78 21.36 5.45
CA ASN H 90 12.63 21.01 4.63
C ASN H 90 11.73 20.01 5.36
N THR H 91 10.60 20.50 5.87
CA THR H 91 9.66 19.64 6.57
C THR H 91 8.36 19.51 5.80
N GLY H 92 7.90 18.28 5.63
CA GLY H 92 6.65 18.03 4.90
C GLY H 92 5.46 18.59 5.65
N TYR H 93 4.26 18.10 5.32
CA TYR H 93 3.05 18.56 5.96
C TYR H 93 3.22 18.60 7.48
N GLY H 94 3.53 17.45 8.08
CA GLY H 94 3.72 17.39 9.52
C GLY H 94 2.60 16.62 10.20
N THR H 95 1.65 17.36 10.77
CA THR H 95 0.53 16.74 11.46
C THR H 95 -0.78 17.00 10.71
N GLN H 96 -1.45 15.92 10.32
CA GLN H 96 -2.72 16.05 9.60
C GLN H 96 -3.42 14.71 9.51
N SER H 97 -4.72 14.71 9.80
CA SER H 97 -5.50 13.47 9.75
C SER H 97 -6.39 13.45 8.51
N THR H 98 -6.26 12.39 7.72
CA THR H 98 -7.04 12.25 6.50
C THR H 98 -8.46 11.78 6.85
N PRO H 99 -9.36 11.79 5.90
CA PRO H 99 -10.78 11.37 6.13
C PRO H 99 -10.89 10.00 6.75
N GLN H 100 -11.17 9.95 8.04
CA GLN H 100 -11.32 8.67 8.73
C GLN H 100 -12.47 7.87 8.13
N GLY H 101 -12.13 6.76 7.47
CA GLY H 101 -13.15 5.92 6.85
C GLY H 101 -13.60 6.50 5.52
N TYR H 102 -13.44 5.73 4.44
CA TYR H 102 -13.85 6.18 3.12
C TYR H 102 -13.13 7.47 2.73
N GLY H 103 -11.91 7.32 2.22
CA GLY H 103 -11.13 8.48 1.80
C GLY H 103 -11.72 9.14 0.55
N SER H 104 -11.28 8.68 -0.62
CA SER H 104 -11.78 9.24 -1.86
C SER H 104 -11.98 8.16 -2.92
N THR H 105 -12.76 8.47 -3.94
CA THR H 105 -13.02 7.51 -5.02
C THR H 105 -13.23 8.25 -6.34
N GLY H 106 -12.23 8.23 -7.20
CA GLY H 106 -12.33 8.88 -8.50
C GLY H 106 -12.40 7.86 -9.63
N GLY H 107 -13.61 7.38 -9.92
CA GLY H 107 -13.80 6.39 -10.97
C GLY H 107 -15.08 6.64 -11.75
N TYR H 108 -15.89 5.60 -11.89
CA TYR H 108 -17.14 5.71 -12.62
C TYR H 108 -18.27 6.12 -11.68
N GLY H 109 -18.06 7.20 -10.94
CA GLY H 109 -19.06 7.69 -10.01
C GLY H 109 -19.38 6.63 -8.96
N SER H 110 -20.67 6.41 -8.74
CA SER H 110 -21.12 5.42 -7.76
C SER H 110 -20.27 5.48 -6.50
N SER H 111 -20.12 6.69 -5.96
CA SER H 111 -19.31 6.90 -4.78
C SER H 111 -20.19 7.28 -3.58
N GLN H 112 -20.77 6.28 -2.93
CA GLN H 112 -21.63 6.53 -1.77
C GLN H 112 -21.26 5.61 -0.61
N SER H 113 -20.95 6.20 0.54
CA SER H 113 -20.57 5.41 1.71
C SER H 113 -21.03 6.10 3.00
N SER H 114 -20.66 5.51 4.13
CA SER H 114 -21.03 6.06 5.43
C SER H 114 -20.02 5.65 6.49
N GLN H 115 -19.69 6.57 7.39
CA GLN H 115 -18.73 6.28 8.44
C GLN H 115 -18.64 7.43 9.45
N SER H 116 -17.70 7.33 10.38
CA SER H 116 -17.53 8.37 11.39
C SER H 116 -16.07 8.44 11.85
N SER H 117 -15.71 9.56 12.46
CA SER H 117 -14.34 9.75 12.95
C SER H 117 -14.36 10.20 14.41
N TYR H 118 -13.86 9.35 15.30
CA TYR H 118 -13.81 9.69 16.72
C TYR H 118 -12.42 9.46 17.30
N GLY H 119 -11.66 10.53 17.46
CA GLY H 119 -10.31 10.43 18.02
C GLY H 119 -9.25 10.72 16.96
N GLN H 120 -9.35 11.86 16.30
CA GLN H 120 -8.37 12.24 15.28
C GLN H 120 -7.33 13.18 15.85
N GLN H 121 -6.09 12.71 15.92
CA GLN H 121 -5.00 13.53 16.45
C GLN H 121 -3.70 13.26 15.70
N SER H 122 -3.01 14.33 15.33
CA SER H 122 -1.74 14.19 14.61
C SER H 122 -0.63 14.95 15.33
N SER H 123 0.47 14.25 15.60
CA SER H 123 1.60 14.86 16.30
C SER H 123 1.17 15.41 17.65
N TYR H 124 2.02 16.24 18.25
CA TYR H 124 1.72 16.83 19.56
C TYR H 124 2.86 17.74 20.00
N SER I 64 -22.32 14.33 -26.64
CA SER I 64 -21.16 15.00 -25.98
C SER I 64 -19.86 14.37 -26.49
N TYR I 65 -19.62 14.48 -27.79
CA TYR I 65 -18.42 13.90 -28.38
C TYR I 65 -17.33 14.97 -28.50
N SER I 66 -16.58 15.17 -27.42
CA SER I 66 -15.50 16.17 -27.42
C SER I 66 -14.53 15.92 -26.28
N GLY I 67 -13.25 16.18 -26.51
CA GLY I 67 -12.24 15.97 -25.49
C GLY I 67 -12.46 16.88 -24.29
N TYR I 68 -12.61 16.28 -23.12
CA TYR I 68 -12.83 17.04 -21.89
C TYR I 68 -12.04 16.44 -20.74
N SER I 69 -11.79 17.24 -19.71
CA SER I 69 -11.05 16.77 -18.55
C SER I 69 -11.31 17.66 -17.35
N GLN I 70 -11.07 17.12 -16.15
CA GLN I 70 -11.28 17.89 -14.92
C GLN I 70 -10.48 17.28 -13.77
N SER I 71 -10.19 18.10 -12.77
CA SER I 71 -9.42 17.64 -11.62
C SER I 71 -10.14 18.01 -10.32
N THR I 72 -10.02 17.15 -9.31
CA THR I 72 -10.66 17.39 -8.03
C THR I 72 -9.63 17.40 -6.90
N ASP I 73 -9.63 18.49 -6.14
CA ASP I 73 -8.70 18.63 -5.02
C ASP I 73 -9.39 19.27 -3.82
N THR I 74 -9.06 18.80 -2.62
CA THR I 74 -9.68 19.35 -1.41
C THR I 74 -8.62 19.86 -0.43
N SER I 75 -7.65 19.02 -0.11
CA SER I 75 -6.61 19.43 0.83
C SER I 75 -5.22 19.02 0.33
N GLY I 76 -4.24 19.87 0.55
CA GLY I 76 -2.88 19.55 0.13
C GLY I 76 -2.55 20.13 -1.24
N TYR I 77 -2.29 21.44 -1.27
CA TYR I 77 -1.92 22.12 -2.51
C TYR I 77 -2.65 21.54 -3.73
N GLY I 78 -3.94 21.82 -3.83
CA GLY I 78 -4.73 21.32 -4.95
C GLY I 78 -4.36 22.07 -6.23
N GLN I 79 -3.44 21.49 -7.00
CA GLN I 79 -3.00 22.12 -8.25
C GLN I 79 -2.22 23.40 -7.94
N SER I 80 -0.92 23.25 -7.74
CA SER I 80 -0.08 24.40 -7.43
C SER I 80 1.39 24.09 -7.73
N SER I 81 2.13 25.11 -8.14
CA SER I 81 3.55 24.94 -8.45
C SER I 81 4.37 26.03 -7.79
N TYR I 82 5.59 25.68 -7.38
CA TYR I 82 6.46 26.65 -6.72
C TYR I 82 5.73 27.37 -5.61
N SER I 83 4.93 26.63 -4.85
CA SER I 83 4.17 27.22 -3.75
C SER I 83 5.10 27.85 -2.73
N SER I 84 6.25 27.23 -2.49
CA SER I 84 7.22 27.75 -1.54
C SER I 84 8.61 27.75 -2.16
N TYR I 85 9.41 28.75 -1.81
CA TYR I 85 10.77 28.86 -2.33
C TYR I 85 11.69 29.47 -1.28
N GLY I 86 11.71 28.89 -0.10
CA GLY I 86 12.57 29.39 0.98
C GLY I 86 14.03 29.07 0.71
N GLN I 87 14.92 29.93 1.18
CA GLN I 87 16.35 29.73 0.99
C GLN I 87 17.04 29.36 2.30
N SER I 88 16.25 28.95 3.30
CA SER I 88 16.80 28.57 4.59
C SER I 88 15.85 27.64 5.33
N GLN I 89 14.65 28.13 5.61
CA GLN I 89 13.66 27.35 6.33
C GLN I 89 12.43 27.12 5.45
N ASN I 90 12.05 25.84 5.29
CA ASN I 90 10.89 25.50 4.47
C ASN I 90 9.99 24.51 5.21
N THR I 91 8.86 25.00 5.71
CA THR I 91 7.92 24.15 6.43
C THR I 91 6.61 24.03 5.65
N GLY I 92 6.16 22.79 5.48
CA GLY I 92 4.91 22.54 4.75
C GLY I 92 3.72 23.12 5.51
N TYR I 93 2.52 22.63 5.17
CA TYR I 93 1.30 23.10 5.82
C TYR I 93 1.47 23.14 7.34
N GLY I 94 1.78 21.99 7.93
CA GLY I 94 1.97 21.93 9.38
C GLY I 94 0.85 21.17 10.06
N THR I 95 -0.09 21.92 10.63
CA THR I 95 -1.23 21.31 11.33
C THR I 95 -2.53 21.56 10.58
N GLN I 96 -3.21 20.49 10.19
CA GLN I 96 -4.47 20.64 9.46
C GLN I 96 -5.19 19.29 9.37
N SER I 97 -6.48 19.30 9.68
CA SER I 97 -7.26 18.07 9.62
C SER I 97 -8.15 18.06 8.38
N THR I 98 -8.03 17.00 7.60
CA THR I 98 -8.82 16.85 6.37
C THR I 98 -10.25 16.39 6.73
N PRO I 99 -11.15 16.41 5.78
CA PRO I 99 -12.58 16.01 6.02
C PRO I 99 -12.69 14.63 6.64
N GLN I 100 -12.97 14.58 7.93
CA GLN I 100 -13.11 13.30 8.62
C GLN I 100 -14.27 12.51 8.01
N GLY I 101 -13.94 11.40 7.36
CA GLY I 101 -14.95 10.54 6.75
C GLY I 101 -15.41 11.13 5.41
N TYR I 102 -15.24 10.35 4.35
CA TYR I 102 -15.66 10.79 3.02
C TYR I 102 -14.92 12.07 2.63
N GLY I 103 -13.71 11.92 2.11
CA GLY I 103 -12.92 13.08 1.70
C GLY I 103 -13.51 13.74 0.45
N SER I 104 -13.09 13.28 -0.72
CA SER I 104 -13.58 13.84 -1.98
C SER I 104 -13.78 12.76 -3.03
N THR I 105 -14.57 13.06 -4.05
CA THR I 105 -14.83 12.10 -5.13
C THR I 105 -15.04 12.82 -6.45
N GLY I 106 -14.03 12.80 -7.31
CA GLY I 106 -14.12 13.46 -8.61
C GLY I 106 -14.21 12.44 -9.73
N GLY I 107 -15.42 11.96 -10.02
CA GLY I 107 -15.60 10.98 -11.07
C GLY I 107 -16.89 11.23 -11.85
N TYR I 108 -17.70 10.19 -11.99
CA TYR I 108 -18.95 10.29 -12.71
C TYR I 108 -20.09 10.70 -11.78
N GLY I 109 -19.87 11.80 -11.05
CA GLY I 109 -20.87 12.30 -10.12
C GLY I 109 -21.20 11.25 -9.07
N SER I 110 -22.50 11.04 -8.83
CA SER I 110 -22.95 10.05 -7.85
C SER I 110 -22.09 10.11 -6.60
N SER I 111 -21.94 11.32 -6.06
CA SER I 111 -21.12 11.53 -4.87
C SER I 111 -22.00 11.92 -3.68
N GLN I 112 -22.58 10.93 -3.02
CA GLN I 112 -23.44 11.17 -1.87
C GLN I 112 -23.08 10.26 -0.70
N SER I 113 -22.75 10.85 0.44
CA SER I 113 -22.38 10.06 1.61
C SER I 113 -22.83 10.75 2.90
N SER I 114 -22.48 10.17 4.03
CA SER I 114 -22.84 10.73 5.33
C SER I 114 -21.82 10.31 6.39
N GLN I 115 -21.49 11.23 7.29
CA GLN I 115 -20.53 10.94 8.34
C GLN I 115 -20.45 12.09 9.34
N SER I 116 -19.50 11.99 10.28
CA SER I 116 -19.33 13.04 11.28
C SER I 116 -17.87 13.10 11.75
N SER I 117 -17.50 14.22 12.35
CA SER I 117 -16.13 14.40 12.84
C SER I 117 -16.14 14.85 14.30
N TYR I 118 -15.64 14.00 15.19
CA TYR I 118 -15.60 14.32 16.61
C TYR I 118 -14.20 14.08 17.19
N GLY I 119 -13.44 15.16 17.34
CA GLY I 119 -12.09 15.07 17.90
C GLY I 119 -11.02 15.34 16.84
N GLN I 120 -11.13 16.49 16.18
CA GLN I 120 -10.15 16.86 15.15
C GLN I 120 -9.10 17.80 15.73
N GLN I 121 -7.85 17.33 15.79
CA GLN I 121 -6.77 18.14 16.32
C GLN I 121 -5.47 17.86 15.57
N SER I 122 -4.77 18.92 15.20
CA SER I 122 -3.51 18.78 14.48
C SER I 122 -2.39 19.53 15.21
N SER I 123 -1.29 18.84 15.48
CA SER I 123 -0.16 19.44 16.16
C SER I 123 -0.59 19.99 17.52
N TYR I 124 0.26 20.82 18.12
CA TYR I 124 -0.03 21.42 19.41
C TYR I 124 1.11 22.32 19.86
N SER A 64 -8.19 -23.67 -28.49
CA SER A 64 -8.82 -22.81 -27.44
C SER A 64 -8.67 -23.50 -26.09
N TYR A 65 -9.24 -22.88 -25.06
CA TYR A 65 -9.17 -23.44 -23.71
C TYR A 65 -7.72 -23.75 -23.33
N SER A 66 -7.03 -22.74 -22.80
CA SER A 66 -5.64 -22.92 -22.41
C SER A 66 -5.35 -22.17 -21.10
N GLY A 67 -4.66 -22.83 -20.18
CA GLY A 67 -4.33 -22.21 -18.90
C GLY A 67 -2.85 -21.85 -18.84
N TYR A 68 -2.57 -20.60 -18.44
CA TYR A 68 -1.19 -20.14 -18.33
C TYR A 68 -0.92 -19.55 -16.96
N SER A 69 0.12 -20.04 -16.30
CA SER A 69 0.48 -19.56 -14.98
C SER A 69 2.00 -19.61 -14.77
N GLN A 70 2.52 -18.64 -14.03
CA GLN A 70 3.96 -18.59 -13.77
C GLN A 70 4.30 -19.31 -12.46
N SER A 71 5.55 -19.19 -12.03
CA SER A 71 5.99 -19.83 -10.80
C SER A 71 5.38 -19.17 -9.58
N THR A 72 5.34 -19.89 -8.46
CA THR A 72 4.77 -19.35 -7.23
C THR A 72 5.76 -19.49 -6.07
N ASP A 73 5.97 -18.40 -5.35
CA ASP A 73 6.90 -18.43 -4.21
C ASP A 73 6.22 -17.88 -2.96
N THR A 74 6.63 -18.38 -1.80
CA THR A 74 6.03 -17.92 -0.55
C THR A 74 7.10 -17.35 0.39
N SER A 75 8.14 -18.14 0.62
CA SER A 75 9.23 -17.71 1.50
C SER A 75 10.60 -18.03 0.87
N GLY A 76 11.49 -17.04 0.88
CA GLY A 76 12.82 -17.26 0.31
C GLY A 76 13.03 -16.47 -0.98
N TYR A 77 13.22 -15.15 -0.84
CA TYR A 77 13.47 -14.25 -1.97
C TYR A 77 12.79 -14.73 -3.25
N GLY A 78 11.47 -14.68 -3.30
CA GLY A 78 10.73 -15.13 -4.48
C GLY A 78 11.01 -14.22 -5.65
N GLN A 79 11.99 -14.60 -6.47
CA GLN A 79 12.35 -13.81 -7.64
C GLN A 79 12.97 -12.48 -7.20
N SER A 80 14.28 -12.44 -7.13
CA SER A 80 14.99 -11.23 -6.70
C SER A 80 16.45 -11.28 -7.14
N SER A 81 17.01 -10.11 -7.42
CA SER A 81 18.41 -10.02 -7.85
C SER A 81 19.18 -9.07 -6.95
N TYR A 82 20.41 -9.45 -6.59
CA TYR A 82 21.24 -8.62 -5.74
C TYR A 82 22.63 -8.43 -6.35
N SER A 83 23.19 -7.25 -6.17
CA SER A 83 24.51 -6.94 -6.71
C SER A 83 25.23 -5.93 -5.82
N SER A 84 26.52 -6.16 -5.58
CA SER A 84 27.31 -5.26 -4.75
C SER A 84 28.79 -5.37 -5.10
N TYR A 85 29.55 -4.36 -4.71
CA TYR A 85 30.99 -4.34 -4.98
C TYR A 85 31.77 -3.97 -3.72
N GLY A 86 32.97 -4.51 -3.59
CA GLY A 86 33.81 -4.22 -2.44
C GLY A 86 33.26 -4.89 -1.18
N GLN A 87 33.53 -4.29 -0.03
CA GLN A 87 33.06 -4.83 1.24
C GLN A 87 31.55 -4.73 1.34
N SER A 88 30.92 -5.76 1.87
CA SER A 88 29.47 -5.79 2.02
C SER A 88 29.01 -7.09 2.67
N GLN A 89 28.41 -6.98 3.85
CA GLN A 89 27.93 -8.16 4.57
C GLN A 89 26.61 -8.64 3.97
N ASN A 90 26.60 -9.85 3.45
CA ASN A 90 25.38 -10.42 2.87
C ASN A 90 24.70 -11.38 3.84
N THR A 91 23.67 -10.88 4.51
CA THR A 91 22.92 -11.70 5.47
C THR A 91 21.50 -11.92 5.00
N GLY A 92 21.09 -13.19 4.97
CA GLY A 92 19.74 -13.54 4.53
C GLY A 92 18.69 -12.95 5.46
N TYR A 93 17.46 -13.44 5.32
CA TYR A 93 16.35 -12.96 6.13
C TYR A 93 16.71 -12.98 7.62
N GLY A 94 17.13 -14.15 8.10
CA GLY A 94 17.50 -14.30 9.50
C GLY A 94 16.59 -15.29 10.21
N THR A 95 15.69 -14.78 11.04
CA THR A 95 14.75 -15.64 11.76
C THR A 95 13.35 -15.48 11.19
N GLN A 96 12.90 -16.51 10.49
CA GLN A 96 11.57 -16.50 9.88
C GLN A 96 10.98 -17.90 9.85
N SER A 97 9.71 -18.02 10.21
CA SER A 97 9.04 -19.31 10.22
C SER A 97 7.98 -19.39 9.13
N THR A 98 7.95 -20.52 8.43
CA THR A 98 6.98 -20.74 7.36
C THR A 98 5.60 -21.01 7.97
N PRO A 99 4.56 -20.94 7.18
CA PRO A 99 3.17 -21.10 7.68
C PRO A 99 2.69 -22.55 7.72
N GLN A 100 2.62 -23.10 8.93
CA GLN A 100 2.17 -24.46 9.11
C GLN A 100 0.78 -24.63 8.53
N GLY A 101 0.64 -25.53 7.56
CA GLY A 101 -0.64 -25.78 6.93
C GLY A 101 -0.52 -25.79 5.41
N TYR A 102 -0.65 -24.62 4.79
CA TYR A 102 -0.55 -24.51 3.34
C TYR A 102 0.46 -23.42 2.94
N GLY A 103 1.72 -23.83 2.86
CA GLY A 103 2.78 -22.90 2.49
C GLY A 103 2.96 -22.83 0.98
N SER A 104 2.48 -21.73 0.39
CA SER A 104 2.57 -21.52 -1.05
C SER A 104 1.70 -22.51 -1.81
N THR A 105 0.78 -21.98 -2.61
CA THR A 105 -0.11 -22.82 -3.40
C THR A 105 0.23 -22.71 -4.88
N GLY A 106 0.78 -23.79 -5.43
CA GLY A 106 1.15 -23.81 -6.85
C GLY A 106 0.19 -24.73 -7.62
N GLY A 107 -0.89 -24.15 -8.13
CA GLY A 107 -1.87 -24.91 -8.89
C GLY A 107 -3.11 -24.08 -9.18
N TYR A 108 -3.45 -23.94 -10.45
CA TYR A 108 -4.62 -23.15 -10.85
C TYR A 108 -5.87 -24.02 -11.00
N GLY A 109 -5.71 -25.21 -11.58
CA GLY A 109 -6.82 -26.12 -11.79
C GLY A 109 -7.71 -26.23 -10.55
N SER A 110 -7.17 -26.82 -9.49
CA SER A 110 -7.92 -26.98 -8.25
C SER A 110 -7.00 -26.94 -7.04
N SER A 111 -7.15 -25.89 -6.24
CA SER A 111 -6.34 -25.73 -5.05
C SER A 111 -7.21 -25.40 -3.84
N GLN A 112 -7.75 -26.44 -3.21
CA GLN A 112 -8.61 -26.24 -2.05
C GLN A 112 -8.10 -27.07 -0.87
N SER A 113 -7.73 -26.39 0.21
CA SER A 113 -7.22 -27.08 1.39
C SER A 113 -7.65 -26.38 2.68
N SER A 114 -7.47 -27.05 3.80
CA SER A 114 -7.84 -26.49 5.10
C SER A 114 -6.77 -26.83 6.13
N GLN A 115 -6.30 -25.82 6.86
CA GLN A 115 -5.26 -26.03 7.87
C GLN A 115 -5.25 -24.91 8.89
N SER A 116 -4.44 -25.06 9.94
CA SER A 116 -4.34 -24.06 10.99
C SER A 116 -3.13 -24.32 11.88
N SER A 117 -2.65 -23.28 12.55
CA SER A 117 -1.50 -23.42 13.44
C SER A 117 -1.40 -22.22 14.37
N TYR A 118 -0.45 -22.25 15.31
CA TYR A 118 -0.28 -21.15 16.25
C TYR A 118 0.98 -21.31 17.08
N GLY A 119 2.14 -21.05 16.48
CA GLY A 119 3.41 -21.20 17.19
C GLY A 119 4.58 -20.75 16.32
N GLN A 120 4.47 -19.54 15.76
CA GLN A 120 5.53 -19.00 14.92
C GLN A 120 6.41 -18.05 15.72
N GLN A 121 7.67 -18.42 15.91
CA GLN A 121 8.60 -17.59 16.67
C GLN A 121 9.93 -17.41 15.91
N SER A 122 10.35 -16.17 15.76
CA SER A 122 11.60 -15.88 15.06
C SER A 122 12.52 -15.05 15.96
N SER A 123 13.69 -15.60 16.26
CA SER A 123 14.66 -14.90 17.11
C SER A 123 14.11 -14.76 18.53
N TYR A 124 14.75 -13.90 19.32
CA TYR A 124 14.32 -13.68 20.70
C TYR A 124 15.12 -12.54 21.32
N SER B 64 -10.03 -19.21 -28.49
CA SER B 64 -10.66 -18.35 -27.45
C SER B 64 -10.52 -19.02 -26.09
N TYR B 65 -11.10 -18.40 -25.06
CA TYR B 65 -11.04 -18.95 -23.71
C TYR B 65 -9.59 -19.26 -23.32
N SER B 66 -8.89 -18.26 -22.79
CA SER B 66 -7.51 -18.44 -22.38
C SER B 66 -7.23 -17.68 -21.09
N GLY B 67 -6.55 -18.34 -20.15
CA GLY B 67 -6.22 -17.72 -18.87
C GLY B 67 -4.74 -17.38 -18.80
N TYR B 68 -4.46 -16.13 -18.41
CA TYR B 68 -3.07 -15.68 -18.29
C TYR B 68 -2.81 -15.08 -16.92
N SER B 69 -1.77 -15.58 -16.25
CA SER B 69 -1.42 -15.08 -14.92
C SER B 69 0.09 -15.14 -14.71
N GLN B 70 0.62 -14.18 -13.96
CA GLN B 70 2.05 -14.13 -13.69
C GLN B 70 2.37 -14.85 -12.39
N SER B 71 3.62 -14.73 -11.94
CA SER B 71 4.05 -15.37 -10.71
C SER B 71 3.43 -14.69 -9.49
N THR B 72 3.38 -15.42 -8.38
CA THR B 72 2.80 -14.88 -7.15
C THR B 72 3.78 -15.01 -5.99
N ASP B 73 4.01 -13.92 -5.27
CA ASP B 73 4.92 -13.94 -4.13
C ASP B 73 4.24 -13.39 -2.88
N THR B 74 4.63 -13.88 -1.71
CA THR B 74 4.04 -13.42 -0.46
C THR B 74 5.10 -12.87 0.48
N SER B 75 6.15 -13.65 0.72
CA SER B 75 7.22 -13.22 1.61
C SER B 75 8.58 -13.53 0.99
N GLY B 76 9.48 -12.56 1.00
CA GLY B 76 10.81 -12.78 0.44
C GLY B 76 11.01 -11.99 -0.85
N TYR B 77 11.25 -10.68 -0.71
CA TYR B 77 11.49 -9.79 -1.85
C TYR B 77 10.83 -10.29 -3.13
N GLY B 78 9.51 -10.22 -3.19
CA GLY B 78 8.78 -10.67 -4.37
C GLY B 78 9.06 -9.77 -5.56
N GLN B 79 10.05 -10.15 -6.37
CA GLN B 79 10.43 -9.37 -7.53
C GLN B 79 11.04 -8.04 -7.09
N SER B 80 12.36 -8.01 -7.00
CA SER B 80 13.06 -6.80 -6.59
C SER B 80 14.53 -6.85 -7.02
N SER B 81 15.10 -5.69 -7.29
CA SER B 81 16.50 -5.61 -7.71
C SER B 81 17.27 -4.66 -6.81
N TYR B 82 18.49 -5.05 -6.45
CA TYR B 82 19.34 -4.22 -5.59
C TYR B 82 20.72 -4.05 -6.19
N SER B 83 21.29 -2.86 -6.01
CA SER B 83 22.62 -2.57 -6.55
C SER B 83 23.33 -1.55 -5.65
N SER B 84 24.62 -1.80 -5.41
CA SER B 84 25.40 -0.89 -4.58
C SER B 84 26.90 -1.02 -4.91
N TYR B 85 27.65 0.00 -4.52
CA TYR B 85 29.10 -0.01 -4.78
C TYR B 85 29.87 0.38 -3.53
N GLY B 86 31.07 -0.17 -3.38
CA GLY B 86 31.90 0.12 -2.21
C GLY B 86 31.33 -0.54 -0.96
N GLN B 87 31.61 0.07 0.19
CA GLN B 87 31.13 -0.47 1.45
C GLN B 87 29.60 -0.36 1.54
N SER B 88 28.97 -1.39 2.08
CA SER B 88 27.51 -1.40 2.22
C SER B 88 27.04 -2.69 2.86
N GLN B 89 26.44 -2.58 4.04
CA GLN B 89 25.95 -3.75 4.75
C GLN B 89 24.63 -4.22 4.16
N ASN B 90 24.61 -5.45 3.65
CA ASN B 90 23.40 -6.01 3.06
C ASN B 90 22.71 -6.95 4.03
N THR B 91 21.67 -6.45 4.69
CA THR B 91 20.92 -7.26 5.65
C THR B 91 19.49 -7.49 5.16
N GLY B 92 19.08 -8.75 5.14
CA GLY B 92 17.74 -9.10 4.69
C GLY B 92 16.68 -8.50 5.61
N TYR B 93 15.43 -8.98 5.46
CA TYR B 93 14.33 -8.49 6.27
C TYR B 93 14.68 -8.51 7.76
N GLY B 94 15.09 -9.68 8.25
CA GLY B 94 15.45 -9.81 9.66
C GLY B 94 14.52 -10.81 10.36
N THR B 95 13.63 -10.28 11.18
CA THR B 95 12.69 -11.13 11.90
C THR B 95 11.29 -10.98 11.31
N GLN B 96 10.84 -12.01 10.61
CA GLN B 96 9.51 -11.98 10.00
C GLN B 96 8.90 -13.37 9.95
N SER B 97 7.64 -13.48 10.33
CA SER B 97 6.95 -14.76 10.33
C SER B 97 5.90 -14.83 9.23
N THR B 98 5.87 -15.96 8.53
CA THR B 98 4.91 -16.17 7.45
C THR B 98 3.52 -16.42 8.06
N PRO B 99 2.48 -16.38 7.27
CA PRO B 99 1.08 -16.52 7.76
C PRO B 99 0.57 -17.96 7.81
N GLN B 100 0.54 -18.52 9.01
CA GLN B 100 0.06 -19.89 9.19
C GLN B 100 -1.33 -20.05 8.61
N GLY B 101 -1.45 -20.95 7.64
CA GLY B 101 -2.74 -21.19 7.01
C GLY B 101 -2.61 -21.22 5.49
N TYR B 102 -2.71 -20.05 4.86
CA TYR B 102 -2.61 -19.96 3.41
C TYR B 102 -1.58 -18.90 3.00
N GLY B 103 -0.33 -19.30 2.93
CA GLY B 103 0.75 -18.38 2.57
C GLY B 103 0.91 -18.29 1.05
N SER B 104 0.45 -17.20 0.47
CA SER B 104 0.56 -16.99 -0.97
C SER B 104 -0.31 -17.98 -1.74
N THR B 105 -1.22 -17.45 -2.55
CA THR B 105 -2.11 -18.29 -3.34
C THR B 105 -1.76 -18.20 -4.82
N GLY B 106 -1.22 -19.28 -5.36
CA GLY B 106 -0.84 -19.30 -6.76
C GLY B 106 -1.80 -20.21 -7.55
N GLY B 107 -2.87 -19.62 -8.06
CA GLY B 107 -3.85 -20.39 -8.83
C GLY B 107 -5.09 -19.55 -9.12
N TYR B 108 -5.42 -19.43 -10.41
CA TYR B 108 -6.57 -18.64 -10.82
C TYR B 108 -7.82 -19.50 -10.97
N GLY B 109 -7.67 -20.69 -11.55
CA GLY B 109 -8.80 -21.59 -11.76
C GLY B 109 -9.68 -21.70 -10.53
N SER B 110 -9.15 -22.28 -9.46
CA SER B 110 -9.92 -22.43 -8.23
C SER B 110 -9.01 -22.39 -7.01
N SER B 111 -9.16 -21.33 -6.22
CA SER B 111 -8.35 -21.17 -5.02
C SER B 111 -9.23 -20.83 -3.81
N GLN B 112 -9.78 -21.86 -3.18
CA GLN B 112 -10.65 -21.66 -2.03
C GLN B 112 -10.15 -22.47 -0.84
N SER B 113 -9.79 -21.80 0.23
CA SER B 113 -9.28 -22.48 1.42
C SER B 113 -9.73 -21.77 2.69
N SER B 114 -9.55 -22.45 3.83
CA SER B 114 -9.92 -21.88 5.12
C SER B 114 -8.87 -22.21 6.16
N GLN B 115 -8.40 -21.20 6.89
CA GLN B 115 -7.37 -21.42 7.90
C GLN B 115 -7.36 -20.28 8.93
N SER B 116 -6.56 -20.46 9.98
CA SER B 116 -6.46 -19.43 11.02
C SER B 116 -5.26 -19.71 11.92
N SER B 117 -4.79 -18.66 12.60
CA SER B 117 -3.64 -18.81 13.49
C SER B 117 -3.54 -17.60 14.43
N TYR B 118 -2.58 -17.65 15.36
CA TYR B 118 -2.41 -16.54 16.29
C TYR B 118 -1.15 -16.74 17.14
N GLY B 119 0.01 -16.46 16.54
CA GLY B 119 1.27 -16.61 17.26
C GLY B 119 2.45 -16.16 16.41
N GLN B 120 2.34 -14.96 15.84
CA GLN B 120 3.41 -14.42 15.01
C GLN B 120 4.29 -13.47 15.81
N GLN B 121 5.56 -13.85 16.01
CA GLN B 121 6.48 -13.01 16.77
C GLN B 121 7.80 -12.86 16.03
N SER B 122 8.25 -11.61 15.86
CA SER B 122 9.50 -11.33 15.17
C SER B 122 10.42 -10.50 16.07
N SER B 123 11.58 -11.06 16.38
CA SER B 123 12.54 -10.36 17.24
C SER B 123 12.00 -10.21 18.66
N TYR B 124 12.63 -9.35 19.45
CA TYR B 124 12.19 -9.12 20.82
C TYR B 124 12.99 -7.99 21.45
N SER C 64 -11.84 -14.74 -28.51
CA SER C 64 -12.47 -13.87 -27.48
C SER C 64 -12.34 -14.53 -26.11
N TYR C 65 -12.93 -13.91 -25.10
CA TYR C 65 -12.88 -14.45 -23.74
C TYR C 65 -11.44 -14.77 -23.35
N SER C 66 -10.75 -13.78 -22.81
CA SER C 66 -9.36 -13.97 -22.39
C SER C 66 -9.08 -13.20 -21.09
N GLY C 67 -8.42 -13.86 -20.15
CA GLY C 67 -8.09 -13.23 -18.88
C GLY C 67 -6.60 -12.89 -18.80
N TYR C 68 -6.31 -11.66 -18.40
CA TYR C 68 -4.93 -11.21 -18.29
C TYR C 68 -4.68 -10.60 -16.91
N SER C 69 -3.64 -11.10 -16.23
CA SER C 69 -3.30 -10.61 -14.91
C SER C 69 -1.80 -10.67 -14.68
N GLN C 70 -1.27 -9.70 -13.94
CA GLN C 70 0.16 -9.67 -13.65
C GLN C 70 0.47 -10.38 -12.34
N SER C 71 1.72 -10.26 -11.89
CA SER C 71 2.13 -10.90 -10.65
C SER C 71 1.50 -10.22 -9.44
N THR C 72 1.44 -10.93 -8.32
CA THR C 72 0.87 -10.38 -7.10
C THR C 72 1.85 -10.53 -5.93
N ASP C 73 2.06 -9.43 -5.22
CA ASP C 73 2.97 -9.45 -4.07
C ASP C 73 2.28 -8.89 -2.83
N THR C 74 2.67 -9.38 -1.66
CA THR C 74 2.06 -8.91 -0.41
C THR C 74 3.13 -8.35 0.53
N SER C 75 4.16 -9.14 0.79
CA SER C 75 5.24 -8.72 1.68
C SER C 75 6.59 -9.04 1.07
N GLY C 76 7.50 -8.07 1.09
CA GLY C 76 8.83 -8.29 0.53
C GLY C 76 9.04 -7.52 -0.76
N TYR C 77 9.29 -6.21 -0.62
CA TYR C 77 9.54 -5.32 -1.76
C TYR C 77 8.89 -5.83 -3.05
N GLY C 78 7.57 -5.76 -3.12
CA GLY C 78 6.84 -6.20 -4.30
C GLY C 78 7.15 -5.30 -5.49
N GLN C 79 8.13 -5.70 -6.29
CA GLN C 79 8.52 -4.92 -7.46
C GLN C 79 9.14 -3.59 -7.01
N SER C 80 10.47 -3.58 -6.92
CA SER C 80 11.18 -2.37 -6.51
C SER C 80 12.64 -2.43 -6.92
N SER C 81 13.22 -1.27 -7.20
CA SER C 81 14.62 -1.21 -7.61
C SER C 81 15.39 -0.25 -6.71
N TYR C 82 16.61 -0.65 -6.34
CA TYR C 82 17.45 0.18 -5.47
C TYR C 82 18.84 0.35 -6.07
N SER C 83 19.42 1.53 -5.89
CA SER C 83 20.74 1.81 -6.41
C SER C 83 21.46 2.82 -5.53
N SER C 84 22.75 2.58 -5.27
CA SER C 84 23.53 3.48 -4.43
C SER C 84 25.02 3.35 -4.75
N TYR C 85 25.79 4.36 -4.37
CA TYR C 85 27.22 4.35 -4.61
C TYR C 85 27.99 4.73 -3.35
N GLY C 86 29.19 4.18 -3.20
CA GLY C 86 30.02 4.47 -2.03
C GLY C 86 29.44 3.81 -0.78
N GLN C 87 29.71 4.43 0.37
CA GLN C 87 29.21 3.90 1.64
C GLN C 87 27.69 4.02 1.71
N SER C 88 27.04 2.99 2.25
CA SER C 88 25.60 2.99 2.38
C SER C 88 25.11 1.70 3.03
N GLN C 89 24.49 1.82 4.21
CA GLN C 89 23.99 0.66 4.92
C GLN C 89 22.67 0.20 4.32
N ASN C 90 22.65 -1.03 3.80
CA ASN C 90 21.44 -1.58 3.21
C ASN C 90 20.74 -2.52 4.19
N THR C 91 19.69 -2.02 4.84
CA THR C 91 18.94 -2.82 5.79
C THR C 91 17.51 -3.03 5.29
N GLY C 92 17.09 -4.30 5.28
CA GLY C 92 15.74 -4.64 4.82
C GLY C 92 14.69 -4.03 5.73
N TYR C 93 13.45 -4.50 5.57
CA TYR C 93 12.33 -4.00 6.37
C TYR C 93 12.68 -4.02 7.86
N GLY C 94 13.08 -5.18 8.36
CA GLY C 94 13.42 -5.32 9.77
C GLY C 94 12.50 -6.30 10.47
N THR C 95 11.58 -5.77 11.27
CA THR C 95 10.64 -6.61 12.00
C THR C 95 9.25 -6.46 11.40
N GLN C 96 8.79 -7.49 10.69
CA GLN C 96 7.47 -7.45 10.08
C GLN C 96 6.86 -8.84 10.04
N SER C 97 5.58 -8.93 10.41
CA SER C 97 4.89 -10.22 10.41
C SER C 97 3.85 -10.28 9.30
N THR C 98 3.82 -11.41 8.61
CA THR C 98 2.86 -11.62 7.52
C THR C 98 1.46 -11.87 8.12
N PRO C 99 0.42 -11.82 7.32
CA PRO C 99 -0.98 -11.95 7.81
C PRO C 99 -1.49 -13.38 7.86
N GLN C 100 -1.54 -13.94 9.06
CA GLN C 100 -2.02 -15.30 9.25
C GLN C 100 -3.41 -15.46 8.65
N GLY C 101 -3.54 -16.36 7.68
CA GLY C 101 -4.81 -16.61 7.04
C GLY C 101 -4.67 -16.65 5.53
N TYR C 102 -4.76 -15.48 4.90
CA TYR C 102 -4.64 -15.39 3.44
C TYR C 102 -3.62 -14.33 3.04
N GLY C 103 -2.35 -14.74 2.98
CA GLY C 103 -1.28 -13.83 2.62
C GLY C 103 -1.10 -13.76 1.11
N SER C 104 -1.56 -12.65 0.51
CA SER C 104 -1.43 -12.46 -0.93
C SER C 104 -2.31 -13.45 -1.70
N THR C 105 -3.20 -12.92 -2.51
CA THR C 105 -4.09 -13.76 -3.30
C THR C 105 -3.73 -13.67 -4.78
N GLY C 106 -3.19 -14.76 -5.31
CA GLY C 106 -2.80 -14.79 -6.72
C GLY C 106 -3.75 -15.70 -7.51
N GLY C 107 -4.83 -15.10 -8.04
CA GLY C 107 -5.81 -15.87 -8.80
C GLY C 107 -7.03 -15.03 -9.11
N TYR C 108 -7.36 -14.91 -10.40
CA TYR C 108 -8.50 -14.12 -10.82
C TYR C 108 -9.76 -14.98 -10.98
N GLY C 109 -9.60 -16.16 -11.55
CA GLY C 109 -10.74 -17.06 -11.77
C GLY C 109 -11.64 -17.14 -10.53
N SER C 110 -11.12 -17.73 -9.46
CA SER C 110 -11.89 -17.87 -8.24
C SER C 110 -10.99 -17.82 -7.01
N SER C 111 -11.14 -16.76 -6.23
CA SER C 111 -10.34 -16.60 -5.01
C SER C 111 -11.23 -16.25 -3.83
N GLN C 112 -11.79 -17.28 -3.20
CA GLN C 112 -12.66 -17.07 -2.05
C GLN C 112 -12.18 -17.88 -0.86
N SER C 113 -11.81 -17.19 0.23
CA SER C 113 -11.33 -17.88 1.41
C SER C 113 -11.77 -17.16 2.69
N SER C 114 -11.61 -17.83 3.82
CA SER C 114 -11.99 -17.25 5.11
C SER C 114 -10.94 -17.60 6.16
N GLN C 115 -10.48 -16.58 6.89
CA GLN C 115 -9.46 -16.79 7.91
C GLN C 115 -9.45 -15.66 8.93
N SER C 116 -8.65 -15.82 9.98
CA SER C 116 -8.55 -14.81 11.02
C SER C 116 -7.36 -15.07 11.93
N SER C 117 -6.88 -14.04 12.61
CA SER C 117 -5.74 -14.18 13.51
C SER C 117 -5.64 -12.97 14.43
N TYR C 118 -4.70 -13.03 15.38
CA TYR C 118 -4.52 -11.92 16.32
C TYR C 118 -3.27 -12.12 17.16
N GLY C 119 -2.10 -11.85 16.58
CA GLY C 119 -0.84 -12.00 17.30
C GLY C 119 0.34 -11.56 16.46
N GLN C 120 0.24 -10.36 15.88
CA GLN C 120 1.33 -9.83 15.05
C GLN C 120 2.20 -8.88 15.86
N GLN C 121 3.46 -9.26 16.08
CA GLN C 121 4.39 -8.43 16.83
C GLN C 121 5.72 -8.29 16.10
N SER C 122 6.16 -7.04 15.93
CA SER C 122 7.42 -6.77 15.25
C SER C 122 8.34 -5.95 16.15
N SER C 123 9.51 -6.51 16.48
CA SER C 123 10.47 -5.81 17.34
C SER C 123 9.90 -5.66 18.75
N TYR C 124 10.54 -4.80 19.54
CA TYR C 124 10.09 -4.55 20.91
C TYR C 124 10.89 -3.42 21.53
N SER D 64 -13.63 -10.26 -28.57
CA SER D 64 -14.25 -9.38 -27.54
C SER D 64 -14.14 -10.04 -26.17
N TYR D 65 -14.73 -9.40 -25.16
CA TYR D 65 -14.70 -9.94 -23.81
C TYR D 65 -13.26 -10.27 -23.40
N SER D 66 -12.56 -9.28 -22.86
CA SER D 66 -11.18 -9.47 -22.43
C SER D 66 -10.91 -8.70 -21.14
N GLY D 67 -10.26 -9.36 -20.19
CA GLY D 67 -9.94 -8.74 -18.91
C GLY D 67 -8.45 -8.39 -18.82
N TYR D 68 -8.16 -7.16 -18.44
CA TYR D 68 -6.77 -6.73 -18.31
C TYR D 68 -6.53 -6.12 -16.93
N SER D 69 -5.49 -6.62 -16.25
CA SER D 69 -5.16 -6.11 -14.92
C SER D 69 -3.65 -6.19 -14.68
N GLN D 70 -3.13 -5.22 -13.94
CA GLN D 70 -1.70 -5.18 -13.65
C GLN D 70 -1.40 -5.89 -12.33
N SER D 71 -0.16 -5.78 -11.87
CA SER D 71 0.25 -6.42 -10.62
C SER D 71 -0.38 -5.73 -9.42
N THR D 72 -0.45 -6.44 -8.30
CA THR D 72 -1.04 -5.88 -7.08
C THR D 72 -0.08 -6.02 -5.91
N ASP D 73 0.15 -4.92 -5.19
CA ASP D 73 1.04 -4.94 -4.05
C ASP D 73 0.34 -4.37 -2.81
N THR D 74 0.72 -4.86 -1.63
CA THR D 74 0.10 -4.38 -0.40
C THR D 74 1.17 -3.83 0.55
N SER D 75 2.19 -4.62 0.82
CA SER D 75 3.27 -4.20 1.72
C SER D 75 4.63 -4.53 1.12
N GLY D 76 5.54 -3.57 1.14
CA GLY D 76 6.87 -3.80 0.59
C GLY D 76 7.10 -3.03 -0.70
N TYR D 77 7.36 -1.72 -0.56
CA TYR D 77 7.62 -0.85 -1.71
C TYR D 77 6.98 -1.35 -3.00
N GLY D 78 5.65 -1.27 -3.08
CA GLY D 78 4.94 -1.72 -4.26
C GLY D 78 5.26 -0.83 -5.46
N GLN D 79 6.25 -1.24 -6.24
CA GLN D 79 6.65 -0.46 -7.42
C GLN D 79 7.27 0.86 -6.98
N SER D 80 8.60 0.87 -6.87
CA SER D 80 9.31 2.08 -6.46
C SER D 80 10.77 2.00 -6.87
N SER D 81 11.37 3.17 -7.14
CA SER D 81 12.77 3.22 -7.54
C SER D 81 13.54 4.16 -6.64
N TYR D 82 14.75 3.77 -6.26
CA TYR D 82 15.58 4.60 -5.39
C TYR D 82 16.98 4.75 -5.98
N SER D 83 17.56 5.92 -5.80
CA SER D 83 18.90 6.20 -6.31
C SER D 83 19.62 7.21 -5.43
N SER D 84 20.90 6.96 -5.16
CA SER D 84 21.68 7.86 -4.32
C SER D 84 23.17 7.72 -4.63
N TYR D 85 23.95 8.73 -4.24
CA TYR D 85 25.39 8.70 -4.48
C TYR D 85 26.14 9.09 -3.21
N GLY D 86 27.33 8.53 -3.05
CA GLY D 86 28.16 8.82 -1.88
C GLY D 86 27.57 8.18 -0.62
N GLN D 87 27.83 8.79 0.52
CA GLN D 87 27.32 8.27 1.79
C GLN D 87 25.80 8.41 1.85
N SER D 88 25.15 7.38 2.39
CA SER D 88 23.68 7.40 2.51
C SER D 88 23.20 6.10 3.15
N GLN D 89 22.58 6.24 4.33
CA GLN D 89 22.06 5.08 5.04
C GLN D 89 20.74 4.63 4.43
N ASN D 90 20.72 3.40 3.93
CA ASN D 90 19.51 2.85 3.33
C ASN D 90 18.79 1.92 4.31
N THR D 91 17.74 2.43 4.94
CA THR D 91 16.98 1.64 5.89
C THR D 91 15.56 1.42 5.40
N GLY D 92 15.12 0.17 5.38
CA GLY D 92 13.78 -0.16 4.91
C GLY D 92 12.71 0.45 5.81
N TYR D 93 11.48 -0.01 5.64
CA TYR D 93 10.37 0.50 6.44
C TYR D 93 10.69 0.48 7.92
N GLY D 94 11.08 -0.67 8.43
CA GLY D 94 11.42 -0.81 9.85
C GLY D 94 10.48 -1.78 10.54
N THR D 95 9.57 -1.24 11.34
CA THR D 95 8.61 -2.07 12.06
C THR D 95 7.23 -1.92 11.45
N GLN D 96 6.77 -2.95 10.75
CA GLN D 96 5.45 -2.89 10.13
C GLN D 96 4.82 -4.29 10.09
N SER D 97 3.55 -4.38 10.45
CA SER D 97 2.86 -5.65 10.45
C SER D 97 1.82 -5.72 9.33
N THR D 98 1.79 -6.85 8.64
CA THR D 98 0.84 -7.07 7.55
C THR D 98 -0.56 -7.29 8.14
N PRO D 99 -1.60 -7.25 7.34
CA PRO D 99 -3.00 -7.37 7.82
C PRO D 99 -3.52 -8.79 7.87
N GLN D 100 -3.58 -9.35 9.07
CA GLN D 100 -4.07 -10.70 9.26
C GLN D 100 -5.47 -10.85 8.66
N GLY D 101 -5.59 -11.76 7.69
CA GLY D 101 -6.87 -11.99 7.04
C GLY D 101 -6.72 -12.05 5.53
N TYR D 102 -6.80 -10.88 4.88
CA TYR D 102 -6.66 -10.81 3.43
C TYR D 102 -5.63 -9.75 3.04
N GLY D 103 -4.36 -10.18 2.99
CA GLY D 103 -3.28 -9.26 2.63
C GLY D 103 -3.09 -9.20 1.12
N SER D 104 -3.54 -8.10 0.52
CA SER D 104 -3.40 -7.91 -0.93
C SER D 104 -4.27 -8.89 -1.69
N THR D 105 -5.17 -8.36 -2.52
CA THR D 105 -6.04 -9.19 -3.31
C THR D 105 -5.67 -9.12 -4.79
N GLY D 106 -5.14 -10.22 -5.31
CA GLY D 106 -4.75 -10.27 -6.72
C GLY D 106 -5.70 -11.16 -7.50
N GLY D 107 -6.76 -10.57 -8.04
CA GLY D 107 -7.73 -11.33 -8.81
C GLY D 107 -8.96 -10.48 -9.13
N TYR D 108 -9.27 -10.37 -10.42
CA TYR D 108 -10.41 -9.57 -10.86
C TYR D 108 -11.66 -10.42 -11.02
N GLY D 109 -11.52 -11.61 -11.59
CA GLY D 109 -12.66 -12.50 -11.81
C GLY D 109 -13.56 -12.59 -10.58
N SER D 110 -13.06 -13.17 -9.50
CA SER D 110 -13.84 -13.30 -8.28
C SER D 110 -12.94 -13.24 -7.05
N SER D 111 -13.09 -12.19 -6.27
CA SER D 111 -12.30 -12.03 -5.05
C SER D 111 -13.20 -11.66 -3.87
N GLN D 112 -13.77 -12.68 -3.24
CA GLN D 112 -14.65 -12.46 -2.10
C GLN D 112 -14.17 -13.27 -0.90
N SER D 113 -13.82 -12.59 0.18
CA SER D 113 -13.34 -13.26 1.38
C SER D 113 -13.79 -12.53 2.64
N SER D 114 -13.64 -13.20 3.78
CA SER D 114 -14.03 -12.61 5.07
C SER D 114 -12.99 -12.96 6.13
N GLN D 115 -12.53 -11.94 6.85
CA GLN D 115 -11.51 -12.16 7.88
C GLN D 115 -11.50 -11.02 8.89
N SER D 116 -10.72 -11.18 9.95
CA SER D 116 -10.62 -10.16 10.99
C SER D 116 -9.43 -10.43 11.91
N SER D 117 -8.95 -9.39 12.58
CA SER D 117 -7.83 -9.54 13.49
C SER D 117 -7.72 -8.32 14.42
N TYR D 118 -6.80 -8.38 15.36
CA TYR D 118 -6.61 -7.27 16.30
C TYR D 118 -5.36 -7.47 17.16
N GLY D 119 -4.19 -7.21 16.58
CA GLY D 119 -2.94 -7.37 17.31
C GLY D 119 -1.75 -6.94 16.47
N GLN D 120 -1.83 -5.74 15.89
CA GLN D 120 -0.74 -5.22 15.06
C GLN D 120 0.14 -4.27 15.87
N GLN D 121 1.39 -4.66 16.10
CA GLN D 121 2.31 -3.83 16.86
C GLN D 121 3.65 -3.70 16.13
N SER D 122 4.11 -2.46 15.96
CA SER D 122 5.38 -2.20 15.29
C SER D 122 6.29 -1.38 16.20
N SER D 123 7.45 -1.94 16.53
CA SER D 123 8.40 -1.25 17.40
C SER D 123 7.82 -1.08 18.80
N TYR D 124 8.46 -0.22 19.59
CA TYR D 124 8.01 0.03 20.95
C TYR D 124 8.82 1.17 21.58
N SER E 64 -15.39 -5.78 -28.66
CA SER E 64 -16.02 -4.88 -27.65
C SER E 64 -15.93 -5.54 -26.28
N TYR E 65 -16.52 -4.89 -25.28
CA TYR E 65 -16.49 -5.42 -23.91
C TYR E 65 -15.06 -5.76 -23.49
N SER E 66 -14.35 -4.77 -22.95
CA SER E 66 -12.98 -4.97 -22.51
C SER E 66 -12.71 -4.20 -21.23
N GLY E 67 -12.07 -4.86 -20.27
CA GLY E 67 -11.76 -4.23 -18.99
C GLY E 67 -10.28 -3.90 -18.89
N TYR E 68 -9.97 -2.66 -18.50
CA TYR E 68 -8.58 -2.23 -18.37
C TYR E 68 -8.34 -1.62 -17.00
N SER E 69 -7.32 -2.11 -16.31
CA SER E 69 -7.00 -1.61 -14.98
C SER E 69 -5.49 -1.70 -14.73
N GLN E 70 -4.96 -0.73 -13.99
CA GLN E 70 -3.54 -0.70 -13.68
C GLN E 70 -3.25 -1.40 -12.36
N SER E 71 -2.01 -1.30 -11.89
CA SER E 71 -1.62 -1.93 -10.64
C SER E 71 -2.26 -1.23 -9.44
N THR E 72 -2.33 -1.94 -8.33
CA THR E 72 -2.93 -1.36 -7.12
C THR E 72 -1.97 -1.51 -5.93
N ASP E 73 -1.75 -0.41 -5.23
CA ASP E 73 -0.87 -0.43 -4.07
C ASP E 73 -1.56 0.14 -2.84
N THR E 74 -1.21 -0.36 -1.66
CA THR E 74 -1.81 0.18 -0.44
C THR E 74 -0.76 0.71 0.54
N SER E 75 0.25 -0.09 0.82
CA SER E 75 1.33 0.31 1.72
C SER E 75 2.70 0.02 1.13
N GLY E 76 3.62 0.98 1.14
CA GLY E 76 4.95 0.69 0.59
C GLY E 76 5.23 1.46 -0.69
N TYR E 77 5.45 2.77 -0.56
CA TYR E 77 5.71 3.66 -1.71
C TYR E 77 5.09 3.11 -2.99
N GLY E 78 3.78 3.24 -3.09
CA GLY E 78 3.05 2.79 -4.27
C GLY E 78 3.38 3.66 -5.47
N GLN E 79 4.38 3.25 -6.25
CA GLN E 79 4.80 4.01 -7.41
C GLN E 79 5.42 5.32 -6.98
N SER E 80 6.74 5.33 -6.87
CA SER E 80 7.46 6.54 -6.45
C SER E 80 8.93 6.45 -6.86
N SER E 81 9.53 7.61 -7.13
CA SER E 81 10.94 7.65 -7.51
C SER E 81 11.71 8.60 -6.61
N TYR E 82 12.91 8.19 -6.22
CA TYR E 82 13.75 9.02 -5.35
C TYR E 82 15.15 9.16 -5.93
N SER E 83 15.74 10.34 -5.76
CA SER E 83 17.08 10.60 -6.27
C SER E 83 17.80 11.61 -5.38
N SER E 84 19.08 11.35 -5.10
CA SER E 84 19.86 12.25 -4.26
C SER E 84 21.35 12.10 -4.55
N TYR E 85 22.13 13.10 -4.17
CA TYR E 85 23.57 13.08 -4.39
C TYR E 85 24.32 13.46 -3.13
N GLY E 86 25.50 12.90 -2.95
CA GLY E 86 26.33 13.19 -1.78
C GLY E 86 25.71 12.56 -0.52
N GLN E 87 25.98 13.17 0.62
CA GLN E 87 25.45 12.66 1.88
C GLN E 87 23.94 12.80 1.94
N SER E 88 23.27 11.79 2.47
CA SER E 88 21.81 11.81 2.59
C SER E 88 21.31 10.53 3.24
N GLN E 89 20.69 10.67 4.40
CA GLN E 89 20.16 9.52 5.12
C GLN E 89 18.84 9.06 4.51
N ASN E 90 18.81 7.83 4.01
CA ASN E 90 17.61 7.30 3.40
C ASN E 90 16.87 6.37 4.37
N THR E 91 15.83 6.89 5.00
CA THR E 91 15.05 6.10 5.95
C THR E 91 13.63 5.90 5.43
N GLY E 92 13.18 4.64 5.43
CA GLY E 92 11.85 4.32 4.96
C GLY E 92 10.77 4.95 5.85
N TYR E 93 9.54 4.50 5.67
CA TYR E 93 8.42 5.01 6.45
C TYR E 93 8.74 5.01 7.95
N GLY E 94 9.12 3.84 8.47
CA GLY E 94 9.44 3.72 9.89
C GLY E 94 8.49 2.75 10.58
N THR E 95 7.58 3.30 11.37
CA THR E 95 6.62 2.48 12.08
C THR E 95 5.24 2.64 11.47
N GLN E 96 4.77 1.61 10.76
CA GLN E 96 3.47 1.67 10.13
C GLN E 96 2.84 0.27 10.09
N SER E 97 1.56 0.20 10.43
CA SER E 97 0.86 -1.08 10.45
C SER E 97 -0.18 -1.14 9.32
N THR E 98 -0.22 -2.27 8.64
CA THR E 98 -1.16 -2.49 7.54
C THR E 98 -2.57 -2.70 8.12
N PRO E 99 -3.60 -2.65 7.29
CA PRO E 99 -5.00 -2.77 7.81
C PRO E 99 -5.50 -4.19 7.83
N GLN E 100 -5.62 -4.73 9.04
CA GLN E 100 -6.11 -6.09 9.23
C GLN E 100 -7.48 -6.24 8.62
N GLY E 101 -7.61 -7.14 7.67
CA GLY E 101 -8.89 -7.38 7.00
C GLY E 101 -8.73 -7.43 5.49
N TYR E 102 -8.79 -6.27 4.84
CA TYR E 102 -8.66 -6.20 3.39
C TYR E 102 -7.61 -5.16 2.99
N GLY E 103 -6.35 -5.58 2.96
CA GLY E 103 -5.25 -4.69 2.61
C GLY E 103 -5.04 -4.63 1.10
N SER E 104 -5.49 -3.53 0.48
CA SER E 104 -5.34 -3.36 -0.96
C SER E 104 -6.22 -4.34 -1.73
N THR E 105 -7.10 -3.81 -2.56
CA THR E 105 -7.98 -4.64 -3.36
C THR E 105 -7.59 -4.57 -4.83
N GLY E 106 -7.05 -5.67 -5.32
CA GLY E 106 -6.65 -5.73 -6.74
C GLY E 106 -7.61 -6.62 -7.54
N GLY E 107 -8.67 -6.02 -8.12
CA GLY E 107 -9.65 -6.79 -8.86
C GLY E 107 -10.87 -5.93 -9.18
N TYR E 108 -11.15 -5.81 -10.47
CA TYR E 108 -12.29 -5.02 -10.94
C TYR E 108 -13.55 -5.87 -11.06
N GLY E 109 -13.41 -7.05 -11.66
CA GLY E 109 -14.55 -7.94 -11.89
C GLY E 109 -15.47 -8.01 -10.66
N SER E 110 -14.96 -8.59 -9.58
CA SER E 110 -15.76 -8.71 -8.36
C SER E 110 -14.87 -8.66 -7.13
N SER E 111 -15.02 -7.59 -6.35
CA SER E 111 -14.23 -7.42 -5.13
C SER E 111 -15.12 -7.06 -3.95
N GLN E 112 -15.71 -8.07 -3.32
CA GLN E 112 -16.61 -7.84 -2.19
C GLN E 112 -16.15 -8.64 -0.98
N SER E 113 -15.80 -7.96 0.09
CA SER E 113 -15.32 -8.63 1.30
C SER E 113 -15.79 -7.90 2.55
N SER E 114 -15.65 -8.56 3.69
CA SER E 114 -16.04 -7.96 4.98
C SER E 114 -15.01 -8.30 6.05
N GLN E 115 -14.55 -7.29 6.77
CA GLN E 115 -13.54 -7.51 7.81
C GLN E 115 -13.53 -6.35 8.81
N SER E 116 -12.75 -6.52 9.89
CA SER E 116 -12.65 -5.49 10.92
C SER E 116 -11.47 -5.77 11.84
N SER E 117 -10.99 -4.73 12.50
CA SER E 117 -9.87 -4.88 13.43
C SER E 117 -9.77 -3.67 14.35
N TYR E 118 -8.84 -3.72 15.31
CA TYR E 118 -8.66 -2.61 16.24
C TYR E 118 -7.42 -2.81 17.11
N GLY E 119 -6.25 -2.57 16.53
CA GLY E 119 -5.00 -2.71 17.28
C GLY E 119 -3.79 -2.30 16.44
N GLN E 120 -3.87 -1.12 15.85
CA GLN E 120 -2.78 -0.59 15.03
C GLN E 120 -1.90 0.35 15.84
N GLN E 121 -0.66 -0.05 16.08
CA GLN E 121 0.27 0.78 16.83
C GLN E 121 1.62 0.90 16.12
N SER E 122 2.09 2.13 15.94
CA SER E 122 3.37 2.39 15.28
C SER E 122 4.28 3.21 16.19
N SER E 123 5.42 2.64 16.55
CA SER E 123 6.38 3.33 17.41
C SER E 123 5.79 3.51 18.81
N TYR E 124 6.43 4.37 19.60
CA TYR E 124 5.98 4.63 20.96
C TYR E 124 6.77 5.76 21.59
N SER F 64 -17.13 -1.27 -28.78
CA SER F 64 -17.75 -0.38 -27.77
C SER F 64 -17.68 -1.03 -26.40
N TYR F 65 -18.27 -0.37 -25.41
CA TYR F 65 -18.26 -0.90 -24.04
C TYR F 65 -16.83 -1.24 -23.61
N SER F 66 -16.13 -0.25 -23.08
CA SER F 66 -14.76 -0.45 -22.62
C SER F 66 -14.49 0.32 -21.33
N GLY F 67 -13.86 -0.34 -20.37
CA GLY F 67 -13.56 0.30 -19.09
C GLY F 67 -12.07 0.62 -18.99
N TYR F 68 -11.76 1.86 -18.60
CA TYR F 68 -10.37 2.28 -18.47
C TYR F 68 -10.14 2.90 -17.09
N SER F 69 -9.12 2.39 -16.38
CA SER F 69 -8.80 2.90 -15.06
C SER F 69 -7.30 2.82 -14.81
N GLN F 70 -6.78 3.78 -14.06
CA GLN F 70 -5.34 3.80 -13.75
C GLN F 70 -5.08 3.10 -12.43
N SER F 71 -3.84 3.21 -11.94
CA SER F 71 -3.46 2.57 -10.68
C SER F 71 -4.10 3.28 -9.50
N THR F 72 -4.19 2.59 -8.37
CA THR F 72 -4.78 3.17 -7.17
C THR F 72 -3.84 3.02 -5.98
N ASP F 73 -3.61 4.12 -5.28
CA ASP F 73 -2.73 4.11 -4.11
C ASP F 73 -3.44 4.70 -2.90
N THR F 74 -3.09 4.21 -1.71
CA THR F 74 -3.71 4.72 -0.48
C THR F 74 -2.66 5.27 0.48
N SER F 75 -1.64 4.46 0.77
CA SER F 75 -0.57 4.88 1.67
C SER F 75 0.80 4.53 1.10
N GLY F 76 1.71 5.48 1.12
CA GLY F 76 3.05 5.22 0.60
C GLY F 76 3.30 5.98 -0.69
N TYR F 77 3.58 7.28 -0.57
CA TYR F 77 3.87 8.15 -1.73
C TYR F 77 3.23 7.63 -3.03
N GLY F 78 1.91 7.73 -3.12
CA GLY F 78 1.20 7.28 -4.31
C GLY F 78 1.55 8.16 -5.50
N GLN F 79 2.54 7.73 -6.28
CA GLN F 79 2.97 8.49 -7.45
C GLN F 79 3.60 9.80 -7.01
N SER F 80 4.93 9.80 -6.89
CA SER F 80 5.65 11.01 -6.48
C SER F 80 7.12 10.91 -6.86
N SER F 81 7.73 12.06 -7.14
CA SER F 81 9.13 12.09 -7.51
C SER F 81 9.90 13.05 -6.61
N TYR F 82 11.10 12.63 -6.21
CA TYR F 82 11.94 13.45 -5.35
C TYR F 82 13.35 13.59 -5.91
N SER F 83 13.94 14.76 -5.74
CA SER F 83 15.29 15.01 -6.24
C SER F 83 16.01 16.02 -5.36
N SER F 84 17.27 15.76 -5.06
CA SER F 84 18.06 16.66 -4.22
C SER F 84 19.55 16.50 -4.51
N TYR F 85 20.33 17.50 -4.12
CA TYR F 85 21.77 17.46 -4.34
C TYR F 85 22.52 17.85 -3.06
N GLY F 86 23.70 17.27 -2.88
CA GLY F 86 24.50 17.57 -1.71
C GLY F 86 23.89 16.94 -0.45
N GLN F 87 24.15 17.57 0.70
CA GLN F 87 23.61 17.07 1.96
C GLN F 87 22.10 17.21 2.00
N SER F 88 21.43 16.21 2.54
CA SER F 88 19.97 16.24 2.64
C SER F 88 19.44 14.97 3.29
N GLN F 89 18.82 15.11 4.45
CA GLN F 89 18.28 13.96 5.17
C GLN F 89 16.95 13.52 4.55
N ASN F 90 16.93 12.29 4.06
CA ASN F 90 15.72 11.75 3.44
C ASN F 90 14.99 10.83 4.41
N THR F 91 13.93 11.37 5.03
CA THR F 91 13.15 10.59 5.99
C THR F 91 11.73 10.39 5.46
N GLY F 92 11.28 9.14 5.46
CA GLY F 92 9.93 8.82 4.97
C GLY F 92 8.86 9.46 5.85
N TYR F 93 7.62 9.00 5.67
CA TYR F 93 6.51 9.53 6.44
C TYR F 93 6.82 9.53 7.94
N GLY F 94 7.19 8.37 8.46
CA GLY F 94 7.51 8.26 9.89
C GLY F 94 6.54 7.30 10.57
N THR F 95 5.63 7.85 11.36
CA THR F 95 4.65 7.04 12.07
C THR F 95 3.27 7.20 11.44
N GLN F 96 2.81 6.18 10.74
CA GLN F 96 1.51 6.23 10.10
C GLN F 96 0.86 4.85 10.07
N SER F 97 -0.42 4.78 10.41
CA SER F 97 -1.13 3.51 10.42
C SER F 97 -2.16 3.45 9.28
N THR F 98 -2.18 2.31 8.60
CA THR F 98 -3.13 2.10 7.51
C THR F 98 -4.54 1.89 8.08
N PRO F 99 -5.56 1.95 7.25
CA PRO F 99 -6.97 1.85 7.71
C PRO F 99 -7.52 0.43 7.77
N GLN F 100 -7.59 -0.12 8.99
CA GLN F 100 -8.10 -1.46 9.18
C GLN F 100 -9.49 -1.61 8.55
N GLY F 101 -9.61 -2.52 7.60
CA GLY F 101 -10.88 -2.75 6.94
C GLY F 101 -10.70 -2.81 5.42
N TYR F 102 -10.77 -1.66 4.77
CA TYR F 102 -10.62 -1.60 3.32
C TYR F 102 -9.57 -0.56 2.93
N GLY F 103 -8.31 -1.00 2.90
CA GLY F 103 -7.20 -0.11 2.55
C GLY F 103 -6.99 -0.05 1.04
N SER F 104 -7.41 1.04 0.42
CA SER F 104 -7.25 1.22 -1.03
C SER F 104 -8.13 0.23 -1.80
N THR F 105 -9.00 0.77 -2.64
CA THR F 105 -9.88 -0.07 -3.44
C THR F 105 -9.49 -0.01 -4.90
N GLY F 106 -8.96 -1.12 -5.42
CA GLY F 106 -8.55 -1.17 -6.81
C GLY F 106 -9.50 -2.08 -7.60
N GLY F 107 -10.54 -1.47 -8.17
CA GLY F 107 -11.52 -2.23 -8.94
C GLY F 107 -12.73 -1.37 -9.28
N TYR F 108 -13.01 -1.26 -10.58
CA TYR F 108 -14.14 -0.45 -11.04
C TYR F 108 -15.41 -1.29 -11.21
N GLY F 109 -15.26 -2.49 -11.75
CA GLY F 109 -16.41 -3.37 -11.98
C GLY F 109 -17.34 -3.42 -10.77
N SER F 110 -16.85 -4.01 -9.69
CA SER F 110 -17.66 -4.12 -8.47
C SER F 110 -16.78 -4.06 -7.22
N SER F 111 -16.92 -2.99 -6.46
CA SER F 111 -16.14 -2.82 -5.24
C SER F 111 -17.05 -2.44 -4.07
N GLN F 112 -17.64 -3.45 -3.43
CA GLN F 112 -18.54 -3.21 -2.31
C GLN F 112 -18.10 -4.01 -1.10
N SER F 113 -17.75 -3.32 -0.02
CA SER F 113 -17.30 -3.99 1.19
C SER F 113 -17.75 -3.24 2.44
N SER F 114 -17.63 -3.91 3.58
CA SER F 114 -18.02 -3.30 4.85
C SER F 114 -17.00 -3.65 5.94
N GLN F 115 -16.53 -2.63 6.65
CA GLN F 115 -15.54 -2.84 7.70
C GLN F 115 -15.52 -1.70 8.70
N SER F 116 -14.76 -1.86 9.78
CA SER F 116 -14.66 -0.83 10.81
C SER F 116 -13.49 -1.11 11.75
N SER F 117 -13.01 -0.06 12.42
CA SER F 117 -11.90 -0.21 13.35
C SER F 117 -11.79 1.00 14.25
N TYR F 118 -10.87 0.94 15.22
CA TYR F 118 -10.69 2.06 16.14
C TYR F 118 -9.46 1.86 17.02
N GLY F 119 -8.28 2.10 16.46
CA GLY F 119 -7.04 1.94 17.21
C GLY F 119 -5.82 2.34 16.39
N GLN F 120 -5.89 3.53 15.79
CA GLN F 120 -4.78 4.04 14.97
C GLN F 120 -3.90 4.98 15.79
N GLN F 121 -2.66 4.57 16.03
CA GLN F 121 -1.73 5.40 16.80
C GLN F 121 -0.39 5.51 16.09
N SER F 122 0.08 6.74 15.91
CA SER F 122 1.37 6.98 15.27
C SER F 122 2.28 7.80 16.16
N SER F 123 3.42 7.23 16.52
CA SER F 123 4.38 7.92 17.40
C SER F 123 3.79 8.11 18.80
N TYR F 124 4.42 8.97 19.58
CA TYR F 124 3.95 9.23 20.93
C TYR F 124 4.76 10.37 21.57
N SER G 64 -18.83 3.24 -28.94
CA SER G 64 -19.46 4.15 -27.94
C SER G 64 -19.39 3.49 -26.55
N TYR G 65 -19.99 4.16 -25.57
CA TYR G 65 -19.99 3.64 -24.20
C TYR G 65 -18.58 3.29 -23.76
N SER G 66 -17.86 4.28 -23.23
CA SER G 66 -16.50 4.07 -22.76
C SER G 66 -16.24 4.85 -21.48
N GLY G 67 -15.61 4.19 -20.51
CA GLY G 67 -15.31 4.84 -19.24
C GLY G 67 -13.83 5.15 -19.12
N TYR G 68 -13.52 6.38 -18.74
CA TYR G 68 -12.13 6.80 -18.60
C TYR G 68 -11.89 7.42 -17.21
N SER G 69 -10.89 6.92 -16.51
CA SER G 69 -10.57 7.43 -15.18
C SER G 69 -9.07 7.33 -14.91
N GLN G 70 -8.54 8.30 -14.17
CA GLN G 70 -7.12 8.31 -13.84
C GLN G 70 -6.86 7.62 -12.51
N SER G 71 -5.64 7.71 -12.03
CA SER G 71 -5.26 7.09 -10.76
C SER G 71 -5.92 7.81 -9.59
N THR G 72 -6.01 7.12 -8.46
CA THR G 72 -6.62 7.70 -7.26
C THR G 72 -5.68 7.55 -6.07
N ASP G 73 -5.46 8.66 -5.36
CA ASP G 73 -4.58 8.64 -4.19
C ASP G 73 -5.29 9.25 -2.99
N THR G 74 -4.95 8.77 -1.79
CA THR G 74 -5.58 9.28 -0.57
C THR G 74 -4.52 9.82 0.39
N SER G 75 -3.52 9.01 0.68
CA SER G 75 -2.47 9.43 1.61
C SER G 75 -1.09 9.07 1.04
N GLY G 76 -0.16 10.02 1.06
CA GLY G 76 1.18 9.74 0.55
C GLY G 76 1.44 10.49 -0.75
N TYR G 77 1.72 11.80 -0.63
CA TYR G 77 2.02 12.65 -1.77
C TYR G 77 1.39 12.14 -3.08
N GLY G 78 0.07 12.25 -3.18
CA GLY G 78 -0.62 11.80 -4.38
C GLY G 78 -0.26 12.67 -5.57
N GLN G 79 0.73 12.23 -6.33
CA GLN G 79 1.17 12.98 -7.51
C GLN G 79 1.82 14.30 -7.08
N SER G 80 3.14 14.29 -6.94
CA SER G 80 3.85 15.49 -6.53
C SER G 80 5.33 15.38 -6.91
N SER G 81 5.94 16.52 -7.19
CA SER G 81 7.36 16.55 -7.55
C SER G 81 8.14 17.50 -6.65
N TYR G 82 9.32 17.08 -6.24
CA TYR G 82 10.16 17.90 -5.37
C TYR G 82 11.57 18.03 -5.92
N SER G 83 12.17 19.20 -5.76
CA SER G 83 13.53 19.44 -6.24
C SER G 83 14.24 20.46 -5.35
N SER G 84 15.50 20.18 -5.06
CA SER G 84 16.28 21.08 -4.22
C SER G 84 17.78 20.91 -4.48
N TYR G 85 18.56 21.91 -4.10
CA TYR G 85 20.01 21.86 -4.31
C TYR G 85 20.74 22.25 -3.03
N GLY G 86 21.92 21.66 -2.84
CA GLY G 86 22.72 21.96 -1.65
C GLY G 86 22.09 21.35 -0.41
N GLN G 87 22.35 21.97 0.74
CA GLN G 87 21.80 21.49 2.01
C GLN G 87 20.29 21.64 2.04
N SER G 88 19.61 20.64 2.57
CA SER G 88 18.14 20.68 2.66
C SER G 88 17.61 19.41 3.32
N GLN G 89 16.97 19.57 4.47
CA GLN G 89 16.43 18.43 5.19
C GLN G 89 15.11 17.99 4.56
N ASN G 90 15.07 16.75 4.08
CA ASN G 90 13.87 16.22 3.46
C ASN G 90 13.12 15.31 4.43
N THR G 91 12.07 15.85 5.04
CA THR G 91 11.27 15.09 5.99
C THR G 91 9.85 14.89 5.45
N GLY G 92 9.40 13.64 5.45
CA GLY G 92 8.06 13.33 4.96
C GLY G 92 6.99 13.98 5.83
N TYR G 93 5.74 13.53 5.64
CA TYR G 93 4.62 14.07 6.40
C TYR G 93 4.92 14.07 7.90
N GLY G 94 5.28 12.91 8.43
CA GLY G 94 5.58 12.80 9.86
C GLY G 94 4.61 11.85 10.54
N THR G 95 3.69 12.41 11.32
CA THR G 95 2.71 11.61 12.03
C THR G 95 1.33 11.78 11.39
N GLN G 96 0.87 10.75 10.69
CA GLN G 96 -0.43 10.81 10.04
C GLN G 96 -1.07 9.43 10.01
N SER G 97 -2.36 9.37 10.34
CA SER G 97 -3.07 8.11 10.34
C SER G 97 -4.08 8.05 9.21
N THR G 98 -4.13 6.91 8.53
CA THR G 98 -5.07 6.70 7.43
C THR G 98 -6.48 6.50 7.99
N PRO G 99 -7.50 6.56 7.16
CA PRO G 99 -8.91 6.46 7.61
C PRO G 99 -9.46 5.05 7.68
N GLN G 100 -9.56 4.52 8.88
CA GLN G 100 -10.07 3.17 9.08
C GLN G 100 -11.45 3.03 8.45
N GLY G 101 -11.57 2.11 7.50
CA GLY G 101 -12.84 1.88 6.82
C GLY G 101 -12.66 1.81 5.31
N TYR G 102 -12.69 2.97 4.65
CA TYR G 102 -12.54 3.02 3.20
C TYR G 102 -11.47 4.05 2.82
N GLY G 103 -10.22 3.61 2.80
CA GLY G 103 -9.12 4.49 2.45
C GLY G 103 -8.88 4.53 0.94
N SER G 104 -9.30 5.63 0.32
CA SER G 104 -9.14 5.79 -1.12
C SER G 104 -10.01 4.82 -1.90
N THR G 105 -10.87 5.35 -2.75
CA THR G 105 -11.76 4.51 -3.55
C THR G 105 -11.35 4.56 -5.02
N GLY G 106 -10.83 3.45 -5.52
CA GLY G 106 -10.40 3.39 -6.91
C GLY G 106 -11.35 2.49 -7.70
N GLY G 107 -12.39 3.10 -8.28
CA GLY G 107 -13.37 2.34 -9.05
C GLY G 107 -14.57 3.20 -9.41
N TYR G 108 -14.85 3.31 -10.70
CA TYR G 108 -15.96 4.12 -11.17
C TYR G 108 -17.24 3.29 -11.35
N GLY G 109 -17.09 2.09 -11.90
CA GLY G 109 -18.25 1.21 -12.13
C GLY G 109 -19.18 1.17 -10.92
N SER G 110 -18.71 0.59 -9.83
CA SER G 110 -19.51 0.49 -8.63
C SER G 110 -18.64 0.55 -7.37
N SER G 111 -18.79 1.61 -6.61
CA SER G 111 -18.01 1.78 -5.38
C SER G 111 -18.93 2.18 -4.22
N GLN G 112 -19.54 1.17 -3.59
CA GLN G 112 -20.43 1.43 -2.48
C GLN G 112 -20.00 0.63 -1.25
N SER G 113 -19.66 1.32 -0.18
CA SER G 113 -19.22 0.65 1.04
C SER G 113 -19.68 1.41 2.28
N SER G 114 -19.57 0.76 3.44
CA SER G 114 -19.97 1.37 4.70
C SER G 114 -18.96 1.02 5.79
N GLN G 115 -18.49 2.04 6.51
CA GLN G 115 -17.50 1.82 7.56
C GLN G 115 -17.49 2.98 8.56
N SER G 116 -16.73 2.81 9.64
CA SER G 116 -16.64 3.84 10.66
C SER G 116 -15.48 3.57 11.61
N SER G 117 -15.00 4.61 12.28
CA SER G 117 -13.89 4.45 13.22
C SER G 117 -13.77 5.68 14.13
N TYR G 118 -12.87 5.62 15.09
CA TYR G 118 -12.69 6.74 16.02
C TYR G 118 -11.46 6.53 16.90
N GLY G 119 -10.27 6.76 16.35
CA GLY G 119 -9.04 6.60 17.10
C GLY G 119 -7.82 7.00 16.29
N GLN G 120 -7.88 8.18 15.69
CA GLN G 120 -6.76 8.67 14.88
C GLN G 120 -5.89 9.62 15.69
N GLN G 121 -4.64 9.21 15.95
CA GLN G 121 -3.72 10.03 16.72
C GLN G 121 -2.37 10.13 16.02
N SER G 122 -1.89 11.35 15.84
CA SER G 122 -0.59 11.58 15.19
C SER G 122 0.31 12.40 16.10
N SER G 123 1.45 11.82 16.47
CA SER G 123 2.40 12.51 17.35
C SER G 123 1.80 12.71 18.73
N TYR G 124 2.44 13.57 19.53
CA TYR G 124 1.97 13.85 20.88
C TYR G 124 2.77 14.97 21.51
N SER H 64 -20.51 7.76 -29.13
CA SER H 64 -21.14 8.67 -28.14
C SER H 64 -21.08 8.04 -26.75
N TYR H 65 -21.68 8.70 -25.78
CA TYR H 65 -21.69 8.19 -24.41
C TYR H 65 -20.28 7.84 -23.94
N SER H 66 -19.57 8.82 -23.42
CA SER H 66 -18.21 8.60 -22.94
C SER H 66 -17.96 9.39 -21.66
N GLY H 67 -17.35 8.73 -20.68
CA GLY H 67 -17.05 9.38 -19.41
C GLY H 67 -15.56 9.69 -19.28
N TYR H 68 -15.24 10.92 -18.91
CA TYR H 68 -13.85 11.32 -18.75
C TYR H 68 -13.63 11.95 -17.37
N SER H 69 -12.64 11.44 -16.66
CA SER H 69 -12.32 11.96 -15.33
C SER H 69 -10.83 11.86 -15.05
N GLN H 70 -10.30 12.83 -14.31
CA GLN H 70 -8.88 12.83 -13.98
C GLN H 70 -8.63 12.14 -12.63
N SER H 71 -7.40 12.24 -12.15
CA SER H 71 -7.05 11.61 -10.88
C SER H 71 -7.70 12.34 -9.70
N THR H 72 -7.81 11.65 -8.57
CA THR H 72 -8.42 12.25 -7.39
C THR H 72 -7.49 12.11 -6.19
N ASP H 73 -7.26 13.21 -5.49
CA ASP H 73 -6.39 13.19 -4.31
C ASP H 73 -7.11 13.81 -3.10
N THR H 74 -6.78 13.32 -1.92
CA THR H 74 -7.41 13.84 -0.69
C THR H 74 -6.37 14.39 0.27
N SER H 75 -5.36 13.58 0.58
CA SER H 75 -4.31 14.00 1.50
C SER H 75 -2.94 13.62 0.95
N GLY H 76 -2.01 14.57 0.97
CA GLY H 76 -0.67 14.29 0.47
C GLY H 76 -0.38 15.03 -0.83
N TYR H 77 -0.10 16.34 -0.72
CA TYR H 77 0.22 17.19 -1.87
C TYR H 77 -0.41 16.67 -3.17
N GLY H 78 -1.72 16.79 -3.28
CA GLY H 78 -2.42 16.32 -4.48
C GLY H 78 -2.05 17.19 -5.68
N GLN H 79 -1.05 16.74 -6.43
CA GLN H 79 -0.60 17.49 -7.60
C GLN H 79 0.04 18.80 -7.17
N SER H 80 1.36 18.78 -7.03
CA SER H 80 2.09 19.98 -6.61
C SER H 80 3.57 19.86 -6.98
N SER H 81 4.19 21.00 -7.26
CA SER H 81 5.61 21.02 -7.62
C SER H 81 6.38 21.96 -6.71
N TYR H 82 7.57 21.54 -6.29
CA TYR H 82 8.40 22.37 -5.42
C TYR H 82 9.82 22.48 -5.97
N SER H 83 10.42 23.65 -5.80
CA SER H 83 11.78 23.88 -6.27
C SER H 83 12.50 24.89 -5.39
N SER H 84 13.75 24.61 -5.08
CA SER H 84 14.54 25.51 -4.24
C SER H 84 16.03 25.33 -4.51
N TYR H 85 16.82 26.33 -4.12
CA TYR H 85 18.26 26.27 -4.31
C TYR H 85 19.00 26.66 -3.03
N GLY H 86 20.18 26.07 -2.83
CA GLY H 86 20.97 26.37 -1.64
C GLY H 86 20.32 25.76 -0.39
N GLN H 87 20.57 26.39 0.75
CA GLN H 87 20.02 25.91 2.02
C GLN H 87 18.50 26.08 2.04
N SER H 88 17.80 25.08 2.57
CA SER H 88 16.34 25.12 2.65
C SER H 88 15.80 23.87 3.31
N GLN H 89 15.16 24.04 4.46
CA GLN H 89 14.59 22.90 5.17
C GLN H 89 13.27 22.46 4.54
N ASN H 90 13.24 21.22 4.07
CA ASN H 90 12.04 20.70 3.43
C ASN H 90 11.27 19.80 4.40
N THR H 91 10.22 20.35 5.01
CA THR H 91 9.41 19.59 5.95
C THR H 91 8.01 19.40 5.41
N GLY H 92 7.54 18.15 5.41
CA GLY H 92 6.20 17.85 4.91
C GLY H 92 5.13 18.50 5.77
N TYR H 93 3.88 18.07 5.58
CA TYR H 93 2.76 18.61 6.33
C TYR H 93 3.06 18.62 7.82
N GLY H 94 3.39 17.45 8.36
CA GLY H 94 3.69 17.36 9.79
C GLY H 94 2.71 16.41 10.48
N THR H 95 1.79 16.98 11.24
CA THR H 95 0.80 16.19 11.95
C THR H 95 -0.57 16.37 11.30
N GLN H 96 -1.04 15.34 10.60
CA GLN H 96 -2.33 15.41 9.94
C GLN H 96 -2.98 14.02 9.91
N SER H 97 -4.27 13.98 10.24
CA SER H 97 -5.00 12.72 10.24
C SER H 97 -6.00 12.66 9.10
N THR H 98 -6.05 11.52 8.42
CA THR H 98 -6.97 11.31 7.32
C THR H 98 -8.39 11.12 7.87
N PRO H 99 -9.40 11.17 7.03
CA PRO H 99 -10.83 11.09 7.48
C PRO H 99 -11.38 9.68 7.54
N GLN H 100 -11.49 9.15 8.75
CA GLN H 100 -12.01 7.81 8.96
C GLN H 100 -13.39 7.67 8.31
N GLY H 101 -13.51 6.75 7.36
CA GLY H 101 -14.77 6.54 6.68
C GLY H 101 -14.58 6.45 5.17
N TYR H 102 -14.61 7.61 4.50
CA TYR H 102 -14.44 7.65 3.06
C TYR H 102 -13.37 8.66 2.67
N GLY H 103 -12.11 8.22 2.67
CA GLY H 103 -11.01 9.10 2.32
C GLY H 103 -10.76 9.13 0.81
N SER H 104 -11.17 10.22 0.18
CA SER H 104 -10.99 10.38 -1.26
C SER H 104 -11.86 9.41 -2.03
N THR H 105 -12.73 9.95 -2.90
CA THR H 105 -13.60 9.10 -3.70
C THR H 105 -13.19 9.15 -5.17
N GLY H 106 -12.66 8.03 -5.65
CA GLY H 106 -12.23 7.95 -7.05
C GLY H 106 -13.18 7.07 -7.84
N GLY H 107 -14.21 7.67 -8.43
CA GLY H 107 -15.18 6.91 -9.20
C GLY H 107 -16.38 7.79 -9.57
N TYR H 108 -16.65 7.89 -10.87
CA TYR H 108 -17.76 8.70 -11.35
C TYR H 108 -19.04 7.88 -11.53
N GLY H 109 -18.90 6.67 -12.07
CA GLY H 109 -20.05 5.81 -12.31
C GLY H 109 -20.99 5.77 -11.11
N SER H 110 -20.53 5.20 -10.01
CA SER H 110 -21.35 5.11 -8.81
C SER H 110 -20.49 5.16 -7.55
N SER H 111 -20.63 6.24 -6.79
CA SER H 111 -19.87 6.41 -5.56
C SER H 111 -20.78 6.81 -4.41
N GLN H 112 -21.40 5.82 -3.78
CA GLN H 112 -22.31 6.08 -2.66
C GLN H 112 -21.89 5.28 -1.44
N SER H 113 -21.55 5.98 -0.36
CA SER H 113 -21.12 5.31 0.86
C SER H 113 -21.59 6.08 2.09
N SER H 114 -21.49 5.43 3.25
CA SER H 114 -21.89 6.04 4.51
C SER H 114 -20.89 5.70 5.62
N GLN H 115 -20.42 6.72 6.32
CA GLN H 115 -19.44 6.49 7.39
C GLN H 115 -19.43 7.66 8.38
N SER H 116 -18.68 7.49 9.47
CA SER H 116 -18.59 8.54 10.48
C SER H 116 -17.44 8.25 11.44
N SER H 117 -16.95 9.29 12.10
CA SER H 117 -15.85 9.14 13.05
C SER H 117 -15.74 10.36 13.96
N TYR H 118 -14.84 10.30 14.93
CA TYR H 118 -14.65 11.42 15.85
C TYR H 118 -13.44 11.20 16.75
N GLY H 119 -12.25 11.43 16.19
CA GLY H 119 -11.02 11.26 16.97
C GLY H 119 -9.79 11.65 16.16
N GLN H 120 -9.83 12.84 15.55
CA GLN H 120 -8.71 13.31 14.75
C GLN H 120 -7.83 14.27 15.56
N GLN H 121 -6.60 13.84 15.82
CA GLN H 121 -5.67 14.67 16.60
C GLN H 121 -4.32 14.76 15.91
N SER H 122 -3.82 15.98 15.73
CA SER H 122 -2.53 16.19 15.09
C SER H 122 -1.63 17.02 16.01
N SER H 123 -0.49 16.43 16.39
CA SER H 123 0.46 17.12 17.26
C SER H 123 -0.15 17.33 18.64
N TYR H 124 0.48 18.19 19.44
CA TYR H 124 0.00 18.47 20.78
C TYR H 124 0.81 19.60 21.42
N SER I 64 -22.16 12.29 -29.35
CA SER I 64 -22.78 13.21 -28.37
C SER I 64 -22.75 12.58 -26.98
N TYR I 65 -23.35 13.25 -26.01
CA TYR I 65 -23.37 12.74 -24.64
C TYR I 65 -21.97 12.39 -24.17
N SER I 66 -21.25 13.38 -23.63
CA SER I 66 -19.90 13.16 -23.15
C SER I 66 -19.65 13.94 -21.87
N GLY I 67 -19.05 13.28 -20.89
CA GLY I 67 -18.75 13.93 -19.61
C GLY I 67 -17.26 14.23 -19.48
N TYR I 68 -16.94 15.47 -19.10
CA TYR I 68 -15.55 15.86 -18.94
C TYR I 68 -15.33 16.49 -17.57
N SER I 69 -14.34 15.99 -16.84
CA SER I 69 -14.04 16.51 -15.52
C SER I 69 -12.55 16.40 -15.22
N GLN I 70 -12.02 17.37 -14.49
CA GLN I 70 -10.60 17.37 -14.14
C GLN I 70 -10.37 16.68 -12.80
N SER I 71 -9.15 16.77 -12.30
CA SER I 71 -8.80 16.15 -11.03
C SER I 71 -9.45 16.89 -9.86
N THR I 72 -9.58 16.20 -8.73
CA THR I 72 -10.19 16.80 -7.54
C THR I 72 -9.27 16.66 -6.34
N ASP I 73 -9.04 17.77 -5.64
CA ASP I 73 -8.18 17.76 -4.46
C ASP I 73 -8.90 18.38 -3.27
N THR I 74 -8.59 17.89 -2.06
CA THR I 74 -9.22 18.43 -0.86
C THR I 74 -8.17 18.96 0.11
N SER I 75 -7.19 18.14 0.43
CA SER I 75 -6.14 18.56 1.36
C SER I 75 -4.76 18.18 0.82
N GLY I 76 -3.82 19.12 0.85
CA GLY I 76 -2.48 18.83 0.36
C GLY I 76 -2.19 19.57 -0.94
N TYR I 77 -1.91 20.87 -0.82
CA TYR I 77 -1.58 21.72 -1.98
C TYR I 77 -2.19 21.20 -3.28
N GLY I 78 -3.51 21.34 -3.41
CA GLY I 78 -4.20 20.87 -4.61
C GLY I 78 -3.81 21.73 -5.81
N GLN I 79 -2.81 21.27 -6.56
CA GLN I 79 -2.34 22.00 -7.73
C GLN I 79 -1.70 23.31 -7.31
N SER I 80 -0.38 23.29 -7.15
CA SER I 80 0.36 24.48 -6.74
C SER I 80 1.83 24.36 -7.09
N SER I 81 2.47 25.49 -7.36
CA SER I 81 3.88 25.50 -7.72
C SER I 81 4.66 26.44 -6.81
N TYR I 82 5.84 26.02 -6.38
CA TYR I 82 6.66 26.84 -5.50
C TYR I 82 8.09 26.94 -6.04
N SER I 83 8.70 28.11 -5.87
CA SER I 83 10.06 28.33 -6.35
C SER I 83 10.78 29.34 -5.45
N SER I 84 12.04 29.06 -5.14
CA SER I 84 12.81 29.96 -4.30
C SER I 84 14.31 29.76 -4.54
N TYR I 85 15.10 30.75 -4.16
CA TYR I 85 16.54 30.69 -4.34
C TYR I 85 17.27 31.08 -3.06
N GLY I 86 18.44 30.50 -2.84
CA GLY I 86 19.22 30.79 -1.65
C GLY I 86 18.57 30.19 -0.40
N GLN I 87 18.82 30.83 0.74
CA GLN I 87 18.25 30.36 2.00
C GLN I 87 16.74 30.53 2.01
N SER I 88 16.03 29.54 2.54
CA SER I 88 14.58 29.60 2.61
C SER I 88 14.02 28.33 3.27
N GLN I 89 13.37 28.51 4.42
CA GLN I 89 12.79 27.38 5.13
C GLN I 89 11.48 26.95 4.50
N ASN I 90 11.44 25.72 4.02
CA ASN I 90 10.23 25.19 3.38
C ASN I 90 9.46 24.30 4.35
N THR I 91 8.40 24.86 4.94
CA THR I 91 7.59 24.10 5.89
C THR I 91 6.19 23.91 5.34
N GLY I 92 5.71 22.67 5.34
CA GLY I 92 4.37 22.37 4.83
C GLY I 92 3.30 23.04 5.68
N TYR I 93 2.05 22.61 5.48
CA TYR I 93 0.92 23.17 6.22
C TYR I 93 1.21 23.18 7.72
N GLY I 94 1.54 22.01 8.26
CA GLY I 94 1.82 21.91 9.70
C GLY I 94 0.84 20.97 10.39
N THR I 95 -0.09 21.56 11.14
CA THR I 95 -1.09 20.77 11.84
C THR I 95 -2.45 20.95 11.18
N GLN I 96 -2.91 19.92 10.48
CA GLN I 96 -4.21 20.00 9.80
C GLN I 96 -4.87 18.63 9.78
N SER I 97 -6.16 18.60 10.10
CA SER I 97 -6.89 17.34 10.10
C SER I 97 -7.90 17.29 8.95
N THR I 98 -7.94 16.14 8.28
CA THR I 98 -8.86 15.95 7.16
C THR I 98 -10.29 15.79 7.72
N PRO I 99 -11.29 15.84 6.87
CA PRO I 99 -12.72 15.76 7.31
C PRO I 99 -13.27 14.34 7.37
N GLN I 100 -13.40 13.82 8.59
CA GLN I 100 -13.92 12.48 8.78
C GLN I 100 -15.29 12.33 8.14
N GLY I 101 -15.41 11.41 7.19
CA GLY I 101 -16.67 11.19 6.50
C GLY I 101 -16.47 11.09 5.00
N TYR I 102 -16.49 12.24 4.33
CA TYR I 102 -16.31 12.27 2.88
C TYR I 102 -15.22 13.26 2.49
N GLY I 103 -13.98 12.83 2.50
CA GLY I 103 -12.86 13.70 2.16
C GLY I 103 -12.62 13.73 0.66
N SER I 104 -13.00 14.83 0.02
CA SER I 104 -12.83 14.99 -1.42
C SER I 104 -13.69 14.01 -2.20
N THR I 105 -14.54 14.54 -3.08
CA THR I 105 -15.42 13.70 -3.88
C THR I 105 -14.99 13.72 -5.34
N GLY I 106 -14.47 12.61 -5.83
CA GLY I 106 -14.03 12.53 -7.21
C GLY I 106 -14.98 11.65 -8.01
N GLY I 107 -16.00 12.26 -8.60
CA GLY I 107 -16.98 11.50 -9.39
C GLY I 107 -18.16 12.38 -9.77
N TYR I 108 -18.42 12.47 -11.07
CA TYR I 108 -19.53 13.29 -11.55
C TYR I 108 -20.80 12.47 -11.75
N GLY I 109 -20.67 11.26 -12.28
CA GLY I 109 -21.83 10.41 -12.53
C GLY I 109 -22.77 10.38 -11.33
N SER I 110 -22.32 9.81 -10.22
CA SER I 110 -23.16 9.73 -9.03
C SER I 110 -22.29 9.79 -7.76
N SER I 111 -22.44 10.87 -7.01
CA SER I 111 -21.69 11.04 -5.77
C SER I 111 -22.62 11.46 -4.64
N GLN I 112 -23.24 10.47 -4.00
CA GLN I 112 -24.15 10.74 -2.89
C GLN I 112 -23.74 9.94 -1.66
N SER I 113 -23.40 10.64 -0.58
CA SER I 113 -22.99 9.98 0.64
C SER I 113 -23.46 10.75 1.87
N SER I 114 -23.37 10.11 3.03
CA SER I 114 -23.79 10.73 4.28
C SER I 114 -22.79 10.39 5.39
N GLN I 115 -22.32 11.40 6.10
CA GLN I 115 -21.35 11.19 7.18
C GLN I 115 -21.35 12.36 8.16
N SER I 116 -20.61 12.19 9.25
CA SER I 116 -20.51 13.24 10.27
C SER I 116 -19.37 12.94 11.23
N SER I 117 -18.88 13.99 11.90
CA SER I 117 -17.79 13.83 12.85
C SER I 117 -17.67 15.07 13.75
N TYR I 118 -16.78 14.99 14.74
CA TYR I 118 -16.58 16.10 15.66
C TYR I 118 -15.37 15.86 16.56
N GLY I 119 -14.19 16.10 16.02
CA GLY I 119 -12.96 15.93 16.80
C GLY I 119 -11.73 16.31 15.99
N GLN I 120 -11.77 17.50 15.38
CA GLN I 120 -10.63 17.97 14.58
C GLN I 120 -9.76 18.92 15.40
N GLN I 121 -8.52 18.49 15.67
CA GLN I 121 -7.60 19.32 16.45
C GLN I 121 -6.24 19.39 15.77
N SER I 122 -5.75 20.61 15.59
CA SER I 122 -4.44 20.82 14.96
C SER I 122 -3.54 21.64 15.87
N SER I 123 -2.41 21.05 16.26
CA SER I 123 -1.47 21.73 17.15
C SER I 123 -2.08 21.95 18.52
N TYR I 124 -1.44 22.82 19.31
CA TYR I 124 -1.94 23.11 20.66
C TYR I 124 -1.12 24.23 21.28
N SER A 64 -9.11 -22.87 -23.61
CA SER A 64 -7.80 -23.21 -22.99
C SER A 64 -7.51 -22.26 -21.84
N TYR A 65 -6.95 -22.79 -20.77
CA TYR A 65 -6.63 -21.97 -19.60
C TYR A 65 -5.11 -21.96 -19.36
N SER A 66 -4.51 -20.78 -19.46
CA SER A 66 -3.07 -20.65 -19.25
C SER A 66 -2.77 -19.47 -18.32
N GLY A 67 -2.52 -19.77 -17.06
CA GLY A 67 -2.22 -18.73 -16.08
C GLY A 67 -0.92 -19.02 -15.36
N TYR A 68 -0.42 -18.03 -14.63
CA TYR A 68 0.83 -18.19 -13.89
C TYR A 68 1.93 -18.73 -14.80
N SER A 69 2.45 -17.86 -15.65
CA SER A 69 3.52 -18.26 -16.57
C SER A 69 4.90 -18.01 -15.95
N GLN A 70 4.92 -17.75 -14.64
CA GLN A 70 6.18 -17.50 -13.94
C GLN A 70 6.29 -18.36 -12.69
N SER A 71 7.16 -17.96 -11.76
CA SER A 71 7.35 -18.71 -10.53
C SER A 71 6.53 -18.14 -9.39
N THR A 72 6.18 -18.99 -8.44
CA THR A 72 5.40 -18.57 -7.27
C THR A 72 6.10 -19.05 -6.00
N ASP A 73 6.36 -18.13 -5.08
CA ASP A 73 7.04 -18.49 -3.83
C ASP A 73 6.54 -17.65 -2.68
N THR A 74 6.36 -18.25 -1.51
CA THR A 74 5.88 -17.50 -0.35
C THR A 74 7.04 -16.99 0.50
N SER A 75 8.05 -17.84 0.70
CA SER A 75 9.20 -17.46 1.50
C SER A 75 10.49 -17.87 0.81
N GLY A 76 11.62 -17.43 1.35
CA GLY A 76 12.92 -17.78 0.79
C GLY A 76 13.21 -16.98 -0.48
N TYR A 77 13.43 -15.67 -0.32
CA TYR A 77 13.74 -14.76 -1.44
C TYR A 77 13.18 -15.25 -2.77
N GLY A 78 11.87 -15.16 -2.94
CA GLY A 78 11.25 -15.59 -4.18
C GLY A 78 11.63 -14.64 -5.31
N GLN A 79 12.71 -14.97 -6.01
CA GLN A 79 13.18 -14.12 -7.10
C GLN A 79 13.71 -12.80 -6.55
N SER A 80 15.01 -12.75 -6.32
CA SER A 80 15.64 -11.55 -5.79
C SER A 80 17.13 -11.54 -6.10
N SER A 81 17.67 -10.35 -6.35
CA SER A 81 19.09 -10.23 -6.65
C SER A 81 19.76 -9.21 -5.73
N TYR A 82 21.01 -9.47 -5.39
CA TYR A 82 21.76 -8.57 -4.52
C TYR A 82 23.13 -8.25 -5.12
N SER A 83 23.58 -7.02 -4.94
CA SER A 83 24.88 -6.61 -5.47
C SER A 83 25.54 -5.60 -4.54
N SER A 84 26.84 -5.77 -4.33
CA SER A 84 27.59 -4.88 -3.46
C SER A 84 29.08 -4.92 -3.80
N TYR A 85 29.74 -3.78 -3.69
CA TYR A 85 31.17 -3.70 -3.99
C TYR A 85 31.96 -3.31 -2.75
N GLY A 86 33.05 -4.04 -2.49
CA GLY A 86 33.88 -3.77 -1.34
C GLY A 86 33.40 -4.54 -0.12
N GLN A 87 34.33 -5.18 0.58
CA GLN A 87 34.00 -5.96 1.77
C GLN A 87 32.87 -6.94 1.46
N SER A 88 32.39 -7.62 2.50
CA SER A 88 31.31 -8.59 2.33
C SER A 88 30.44 -8.65 3.59
N GLN A 89 29.13 -8.77 3.39
CA GLN A 89 28.21 -8.83 4.51
C GLN A 89 26.81 -9.19 4.03
N ASN A 90 26.65 -10.41 3.54
CA ASN A 90 25.35 -10.87 3.04
C ASN A 90 24.70 -11.81 4.05
N THR A 91 23.55 -11.41 4.57
CA THR A 91 22.83 -12.22 5.54
C THR A 91 21.38 -12.42 5.11
N GLY A 92 20.92 -13.66 5.14
CA GLY A 92 19.56 -13.99 4.75
C GLY A 92 18.56 -13.35 5.71
N TYR A 93 17.33 -13.85 5.69
CA TYR A 93 16.28 -13.30 6.54
C TYR A 93 16.76 -13.20 7.99
N GLY A 94 17.27 -14.31 8.52
CA GLY A 94 17.77 -14.33 9.89
C GLY A 94 16.86 -15.14 10.80
N THR A 95 16.02 -14.43 11.55
CA THR A 95 15.10 -15.09 12.47
C THR A 95 13.66 -14.93 11.98
N GLN A 96 13.11 -16.01 11.43
CA GLN A 96 11.74 -15.98 10.93
C GLN A 96 11.16 -17.38 10.78
N SER A 97 9.87 -17.45 10.45
CA SER A 97 9.21 -18.73 10.28
C SER A 97 8.25 -18.71 9.08
N THR A 98 8.37 -19.72 8.23
CA THR A 98 7.51 -19.85 7.06
C THR A 98 6.08 -20.15 7.51
N PRO A 99 5.11 -20.17 6.61
CA PRO A 99 3.69 -20.38 6.98
C PRO A 99 3.23 -21.84 6.96
N GLN A 100 3.10 -22.41 8.15
CA GLN A 100 2.64 -23.79 8.28
C GLN A 100 1.25 -23.95 7.66
N GLY A 101 1.09 -24.99 6.85
CA GLY A 101 -0.19 -25.24 6.21
C GLY A 101 -0.03 -25.45 4.71
N TYR A 102 -0.13 -24.37 3.94
CA TYR A 102 0.01 -24.44 2.49
C TYR A 102 1.23 -23.67 2.03
N GLY A 103 1.28 -22.38 2.32
CA GLY A 103 2.41 -21.55 1.92
C GLY A 103 2.55 -21.54 0.40
N SER A 104 2.22 -20.40 -0.21
CA SER A 104 2.30 -20.27 -1.66
C SER A 104 1.51 -21.38 -2.34
N THR A 105 0.27 -21.09 -2.69
CA THR A 105 -0.57 -22.09 -3.35
C THR A 105 -0.38 -22.04 -4.85
N GLY A 106 0.32 -23.05 -5.37
CA GLY A 106 0.57 -23.13 -6.81
C GLY A 106 -0.27 -24.26 -7.41
N GLY A 107 0.25 -24.87 -8.47
CA GLY A 107 -0.46 -25.96 -9.13
C GLY A 107 -1.91 -25.57 -9.41
N TYR A 108 -2.10 -24.69 -10.38
CA TYR A 108 -3.45 -24.24 -10.75
C TYR A 108 -4.39 -25.43 -10.91
N GLY A 109 -5.68 -25.15 -10.99
CA GLY A 109 -6.66 -26.21 -11.15
C GLY A 109 -7.38 -26.48 -9.83
N SER A 110 -7.84 -25.39 -9.21
CA SER A 110 -8.55 -25.50 -7.94
C SER A 110 -7.62 -25.99 -6.84
N SER A 111 -7.78 -25.42 -5.63
CA SER A 111 -6.96 -25.83 -4.50
C SER A 111 -7.76 -26.71 -3.55
N GLN A 112 -8.79 -26.14 -2.94
CA GLN A 112 -9.63 -26.89 -2.01
C GLN A 112 -8.80 -27.46 -0.87
N SER A 113 -8.46 -26.61 0.09
CA SER A 113 -7.66 -27.06 1.23
C SER A 113 -7.85 -26.14 2.44
N SER A 114 -7.47 -26.62 3.61
CA SER A 114 -7.58 -25.84 4.84
C SER A 114 -6.40 -26.13 5.76
N GLN A 115 -5.99 -25.14 6.54
CA GLN A 115 -4.87 -25.33 7.45
C GLN A 115 -4.78 -24.18 8.45
N SER A 116 -3.98 -24.36 9.50
CA SER A 116 -3.83 -23.32 10.52
C SER A 116 -2.59 -23.60 11.38
N SER A 117 -2.14 -22.57 12.10
CA SER A 117 -0.97 -22.72 12.95
C SER A 117 -0.89 -21.56 13.95
N TYR A 118 -0.17 -21.77 15.06
CA TYR A 118 -0.02 -20.71 16.06
C TYR A 118 1.13 -21.02 17.01
N GLY A 119 2.36 -20.89 16.53
CA GLY A 119 3.53 -21.16 17.35
C GLY A 119 4.83 -20.92 16.57
N GLN A 120 4.92 -19.75 15.94
CA GLN A 120 6.10 -19.40 15.16
C GLN A 120 7.06 -18.53 15.97
N GLN A 121 8.26 -19.03 16.19
CA GLN A 121 9.26 -18.29 16.95
C GLN A 121 10.65 -18.48 16.33
N SER A 122 11.40 -17.38 16.22
CA SER A 122 12.74 -17.45 15.65
C SER A 122 13.73 -16.72 16.56
N SER A 123 14.76 -17.45 17.00
CA SER A 123 15.77 -16.87 17.88
C SER A 123 15.11 -16.23 19.10
N TYR A 124 14.35 -17.03 19.84
CA TYR A 124 13.67 -16.55 21.04
C TYR A 124 12.61 -15.52 20.66
N SER B 64 -11.13 -18.44 -23.59
CA SER B 64 -9.81 -18.79 -22.97
C SER B 64 -9.53 -17.82 -21.83
N TYR B 65 -8.96 -18.35 -20.75
CA TYR B 65 -8.64 -17.53 -19.58
C TYR B 65 -7.14 -17.52 -19.34
N SER B 66 -6.53 -16.35 -19.44
CA SER B 66 -5.10 -16.22 -19.23
C SER B 66 -4.78 -15.04 -18.30
N GLY B 67 -4.54 -15.34 -17.03
CA GLY B 67 -4.24 -14.29 -16.07
C GLY B 67 -2.94 -14.59 -15.33
N TYR B 68 -2.43 -13.59 -14.61
CA TYR B 68 -1.19 -13.76 -13.86
C TYR B 68 -0.09 -14.31 -14.77
N SER B 69 0.44 -13.45 -15.62
CA SER B 69 1.51 -13.85 -16.53
C SER B 69 2.88 -13.60 -15.90
N GLN B 70 2.90 -13.34 -14.60
CA GLN B 70 4.16 -13.09 -13.90
C GLN B 70 4.26 -13.94 -12.64
N SER B 71 5.13 -13.54 -11.71
CA SER B 71 5.32 -14.29 -10.48
C SER B 71 4.48 -13.71 -9.34
N THR B 72 4.13 -14.57 -8.39
CA THR B 72 3.35 -14.14 -7.23
C THR B 72 4.05 -14.61 -5.95
N ASP B 73 4.30 -13.68 -5.03
CA ASP B 73 4.97 -14.04 -3.79
C ASP B 73 4.48 -13.17 -2.63
N THR B 74 4.28 -13.78 -1.47
CA THR B 74 3.81 -13.02 -0.31
C THR B 74 4.97 -12.53 0.55
N SER B 75 5.98 -13.38 0.75
CA SER B 75 7.13 -12.99 1.56
C SER B 75 8.42 -13.41 0.86
N GLY B 76 9.55 -12.97 1.43
CA GLY B 76 10.84 -13.32 0.87
C GLY B 76 11.13 -12.54 -0.41
N TYR B 77 11.38 -11.23 -0.26
CA TYR B 77 11.70 -10.34 -1.38
C TYR B 77 11.14 -10.83 -2.71
N GLY B 78 9.83 -10.73 -2.89
CA GLY B 78 9.20 -11.16 -4.13
C GLY B 78 9.59 -10.22 -5.25
N GLN B 79 10.67 -10.55 -5.96
CA GLN B 79 11.16 -9.72 -7.06
C GLN B 79 11.68 -8.40 -6.51
N SER B 80 12.98 -8.35 -6.27
CA SER B 80 13.62 -7.14 -5.74
C SER B 80 15.11 -7.15 -6.04
N SER B 81 15.67 -5.97 -6.29
CA SER B 81 17.08 -5.85 -6.60
C SER B 81 17.75 -4.83 -5.68
N TYR B 82 19.00 -5.09 -5.33
CA TYR B 82 19.75 -4.20 -4.46
C TYR B 82 21.12 -3.89 -5.06
N SER B 83 21.58 -2.66 -4.88
CA SER B 83 22.88 -2.27 -5.41
C SER B 83 23.56 -1.24 -4.49
N SER B 84 24.85 -1.42 -4.26
CA SER B 84 25.59 -0.53 -3.40
C SER B 84 27.09 -0.58 -3.73
N TYR B 85 27.76 0.57 -3.63
CA TYR B 85 29.19 0.63 -3.92
C TYR B 85 29.97 1.02 -2.68
N GLY B 86 31.05 0.28 -2.42
CA GLY B 86 31.89 0.56 -1.26
C GLY B 86 31.39 -0.21 -0.04
N GLN B 87 32.33 -0.84 0.67
CA GLN B 87 31.98 -1.61 1.86
C GLN B 87 30.85 -2.59 1.56
N SER B 88 30.35 -3.27 2.59
CA SER B 88 29.28 -4.23 2.42
C SER B 88 28.40 -4.27 3.68
N GLN B 89 27.10 -4.39 3.47
CA GLN B 89 26.16 -4.44 4.59
C GLN B 89 24.76 -4.80 4.11
N ASN B 90 24.60 -6.03 3.61
CA ASN B 90 23.31 -6.48 3.12
C ASN B 90 22.65 -7.41 4.13
N THR B 91 21.49 -7.00 4.64
CA THR B 91 20.77 -7.80 5.62
C THR B 91 19.33 -8.00 5.18
N GLY B 92 18.86 -9.24 5.22
CA GLY B 92 17.50 -9.56 4.83
C GLY B 92 16.49 -8.91 5.77
N TYR B 93 15.26 -9.40 5.75
CA TYR B 93 14.21 -8.85 6.61
C TYR B 93 14.69 -8.75 8.05
N GLY B 94 15.19 -9.86 8.59
CA GLY B 94 15.69 -9.86 9.96
C GLY B 94 14.77 -10.67 10.88
N THR B 95 13.93 -9.96 11.62
CA THR B 95 13.01 -10.61 12.54
C THR B 95 11.56 -10.45 12.04
N GLN B 96 11.01 -11.54 11.48
CA GLN B 96 9.64 -11.47 10.98
C GLN B 96 9.03 -12.87 10.84
N SER B 97 7.75 -12.92 10.51
CA SER B 97 7.08 -14.21 10.34
C SER B 97 6.14 -14.19 9.14
N THR B 98 6.25 -15.21 8.29
CA THR B 98 5.40 -15.32 7.12
C THR B 98 3.96 -15.63 7.56
N PRO B 99 2.99 -15.64 6.66
CA PRO B 99 1.57 -15.84 7.03
C PRO B 99 1.09 -17.29 7.02
N GLN B 100 0.97 -17.87 8.21
CA GLN B 100 0.50 -19.24 8.34
C GLN B 100 -0.88 -19.40 7.71
N GLY B 101 -1.05 -20.45 6.92
CA GLY B 101 -2.33 -20.70 6.27
C GLY B 101 -2.15 -20.92 4.77
N TYR B 102 -2.24 -19.84 4.00
CA TYR B 102 -2.10 -19.93 2.55
C TYR B 102 -0.86 -19.18 2.08
N GLY B 103 -0.81 -17.88 2.37
CA GLY B 103 0.33 -17.06 1.96
C GLY B 103 0.46 -17.05 0.45
N SER B 104 0.13 -15.91 -0.16
CA SER B 104 0.22 -15.78 -1.61
C SER B 104 -0.57 -16.90 -2.29
N THR B 105 -1.80 -16.61 -2.66
CA THR B 105 -2.65 -17.61 -3.31
C THR B 105 -2.45 -17.57 -4.81
N GLY B 106 -1.76 -18.58 -5.32
CA GLY B 106 -1.51 -18.67 -6.75
C GLY B 106 -2.34 -19.79 -7.36
N GLY B 107 -1.83 -20.41 -8.42
CA GLY B 107 -2.54 -21.49 -9.07
C GLY B 107 -3.98 -21.11 -9.36
N TYR B 108 -4.17 -20.23 -10.34
CA TYR B 108 -5.51 -19.77 -10.70
C TYR B 108 -6.45 -20.97 -10.86
N GLY B 109 -7.74 -20.68 -10.96
CA GLY B 109 -8.73 -21.74 -11.11
C GLY B 109 -9.46 -21.98 -9.79
N SER B 110 -9.91 -20.89 -9.18
CA SER B 110 -10.63 -20.98 -7.91
C SER B 110 -9.71 -21.48 -6.80
N SER B 111 -9.88 -20.91 -5.60
CA SER B 111 -9.06 -21.31 -4.46
C SER B 111 -9.87 -22.18 -3.52
N GLN B 112 -10.89 -21.60 -2.91
CA GLN B 112 -11.74 -22.34 -1.98
C GLN B 112 -10.92 -22.91 -0.82
N SER B 113 -10.58 -22.06 0.13
CA SER B 113 -9.79 -22.51 1.28
C SER B 113 -9.97 -21.57 2.47
N SER B 114 -9.59 -22.06 3.65
CA SER B 114 -9.71 -21.27 4.87
C SER B 114 -8.54 -21.56 5.80
N GLN B 115 -8.13 -20.56 6.58
CA GLN B 115 -7.01 -20.74 7.50
C GLN B 115 -6.93 -19.60 8.49
N SER B 116 -6.13 -19.78 9.54
CA SER B 116 -5.97 -18.74 10.56
C SER B 116 -4.75 -19.01 11.43
N SER B 117 -4.28 -17.98 12.13
CA SER B 117 -3.12 -18.14 13.00
C SER B 117 -3.03 -16.98 13.99
N TYR B 118 -2.32 -17.19 15.09
CA TYR B 118 -2.16 -16.15 16.10
C TYR B 118 -1.01 -16.47 17.06
N GLY B 119 0.22 -16.32 16.58
CA GLY B 119 1.39 -16.60 17.40
C GLY B 119 2.68 -16.36 16.63
N GLN B 120 2.78 -15.19 16.00
CA GLN B 120 3.96 -14.85 15.22
C GLN B 120 4.91 -13.99 16.03
N GLN B 121 6.13 -14.49 16.25
CA GLN B 121 7.13 -13.75 17.01
C GLN B 121 8.52 -13.95 16.40
N SER B 122 9.27 -12.85 16.28
CA SER B 122 10.61 -12.92 15.72
C SER B 122 11.60 -12.20 16.63
N SER B 123 12.63 -12.93 17.08
CA SER B 123 13.64 -12.35 17.95
C SER B 123 12.98 -11.71 19.17
N TYR B 124 12.21 -12.51 19.91
CA TYR B 124 11.53 -12.01 21.10
C TYR B 124 10.47 -10.98 20.72
N SER C 64 -13.12 -13.99 -23.60
CA SER C 64 -11.81 -14.35 -22.98
C SER C 64 -11.53 -13.37 -21.83
N TYR C 65 -10.97 -13.90 -20.75
CA TYR C 65 -10.65 -13.08 -19.59
C TYR C 65 -9.14 -13.08 -19.34
N SER C 66 -8.52 -11.90 -19.45
CA SER C 66 -7.09 -11.79 -19.23
C SER C 66 -6.78 -10.60 -18.31
N GLY C 67 -6.55 -10.90 -17.04
CA GLY C 67 -6.24 -9.85 -16.07
C GLY C 67 -4.94 -10.15 -15.33
N TYR C 68 -4.43 -9.16 -14.62
CA TYR C 68 -3.19 -9.32 -13.86
C TYR C 68 -2.09 -9.87 -14.76
N SER C 69 -1.56 -9.02 -15.62
CA SER C 69 -0.49 -9.44 -16.53
C SER C 69 0.88 -9.19 -15.90
N GLN C 70 0.90 -8.93 -14.58
CA GLN C 70 2.16 -8.68 -13.88
C GLN C 70 2.24 -9.52 -12.62
N SER C 71 3.11 -9.13 -11.70
CA SER C 71 3.29 -9.87 -10.46
C SER C 71 2.47 -9.28 -9.32
N THR C 72 2.10 -10.13 -8.37
CA THR C 72 1.32 -9.69 -7.21
C THR C 72 2.01 -10.15 -5.93
N ASP C 73 2.27 -9.23 -5.01
CA ASP C 73 2.93 -9.58 -3.77
C ASP C 73 2.44 -8.71 -2.61
N THR C 74 2.24 -9.31 -1.44
CA THR C 74 1.77 -8.55 -0.30
C THR C 74 2.92 -8.05 0.56
N SER C 75 3.92 -8.90 0.78
CA SER C 75 5.07 -8.52 1.58
C SER C 75 6.37 -8.94 0.90
N GLY C 76 7.50 -8.52 1.47
CA GLY C 76 8.80 -8.87 0.91
C GLY C 76 9.09 -8.10 -0.37
N TYR C 77 9.35 -6.79 -0.22
CA TYR C 77 9.67 -5.91 -1.35
C TYR C 77 9.11 -6.40 -2.68
N GLY C 78 7.80 -6.29 -2.87
CA GLY C 78 7.18 -6.73 -4.10
C GLY C 78 7.57 -5.79 -5.24
N GLN C 79 8.66 -6.13 -5.94
CA GLN C 79 9.15 -5.30 -7.03
C GLN C 79 9.69 -3.99 -6.49
N SER C 80 10.98 -3.95 -6.25
CA SER C 80 11.62 -2.75 -5.72
C SER C 80 13.11 -2.76 -6.02
N SER C 81 13.68 -1.57 -6.28
CA SER C 81 15.09 -1.47 -6.58
C SER C 81 15.76 -0.45 -5.66
N TYR C 82 17.01 -0.72 -5.31
CA TYR C 82 17.76 0.19 -4.44
C TYR C 82 19.14 0.48 -5.02
N SER C 83 19.61 1.71 -4.86
CA SER C 83 20.91 2.09 -5.39
C SER C 83 21.58 3.11 -4.47
N SER C 84 22.87 2.92 -4.23
CA SER C 84 23.63 3.83 -3.37
C SER C 84 25.12 3.76 -3.70
N TYR C 85 25.79 4.90 -3.60
CA TYR C 85 27.22 4.95 -3.89
C TYR C 85 28.01 5.35 -2.65
N GLY C 86 29.08 4.61 -2.38
CA GLY C 86 29.92 4.89 -1.22
C GLY C 86 29.42 4.14 0.01
N GLN C 87 30.34 3.50 0.72
CA GLN C 87 29.99 2.73 1.91
C GLN C 87 28.85 1.76 1.61
N SER C 88 28.35 1.09 2.64
CA SER C 88 27.27 0.13 2.48
C SER C 88 26.39 0.10 3.72
N GLN C 89 25.08 -0.01 3.52
CA GLN C 89 24.14 -0.06 4.64
C GLN C 89 22.74 -0.41 4.15
N ASN C 90 22.58 -1.63 3.66
CA ASN C 90 21.29 -2.08 3.17
C ASN C 90 20.62 -3.01 4.17
N THR C 91 19.47 -2.59 4.69
CA THR C 91 18.73 -3.39 5.66
C THR C 91 17.29 -3.57 5.22
N GLY C 92 16.81 -4.82 5.27
CA GLY C 92 15.45 -5.12 4.87
C GLY C 92 14.45 -4.46 5.80
N TYR C 93 13.20 -4.95 5.78
CA TYR C 93 12.16 -4.39 6.63
C TYR C 93 12.65 -4.28 8.08
N GLY C 94 13.13 -5.39 8.63
CA GLY C 94 13.62 -5.39 10.00
C GLY C 94 12.70 -6.19 10.91
N THR C 95 11.85 -5.48 11.65
CA THR C 95 10.92 -6.12 12.57
C THR C 95 9.50 -5.95 12.06
N GLN C 96 8.92 -7.03 11.52
CA GLN C 96 7.56 -6.96 11.01
C GLN C 96 6.95 -8.35 10.87
N SER C 97 5.67 -8.41 10.53
CA SER C 97 4.99 -9.70 10.38
C SER C 97 4.06 -9.68 9.17
N THR C 98 4.16 -10.70 8.33
CA THR C 98 3.31 -10.80 7.14
C THR C 98 1.87 -11.10 7.59
N PRO C 99 0.91 -11.12 6.69
CA PRO C 99 -0.52 -11.31 7.04
C PRO C 99 -1.01 -12.76 7.05
N GLN C 100 -1.13 -13.33 8.23
CA GLN C 100 -1.61 -14.69 8.37
C GLN C 100 -2.99 -14.85 7.74
N GLY C 101 -3.16 -15.91 6.95
CA GLY C 101 -4.44 -16.15 6.30
C GLY C 101 -4.26 -16.38 4.80
N TYR C 102 -4.34 -15.31 4.02
CA TYR C 102 -4.19 -15.40 2.58
C TYR C 102 -2.94 -14.66 2.11
N GLY C 103 -2.89 -13.37 2.38
CA GLY C 103 -1.75 -12.55 1.99
C GLY C 103 -1.61 -12.54 0.47
N SER C 104 -1.93 -11.41 -0.15
CA SER C 104 -1.84 -11.28 -1.61
C SER C 104 -2.63 -12.41 -2.28
N THR C 105 -3.86 -12.11 -2.64
CA THR C 105 -4.70 -13.10 -3.29
C THR C 105 -4.51 -13.09 -4.79
N GLY C 106 -3.81 -14.10 -5.30
CA GLY C 106 -3.56 -14.19 -6.74
C GLY C 106 -4.40 -15.31 -7.34
N GLY C 107 -3.88 -15.93 -8.39
CA GLY C 107 -4.59 -17.02 -9.04
C GLY C 107 -6.04 -16.62 -9.33
N TYR C 108 -6.22 -15.76 -10.31
CA TYR C 108 -7.55 -15.30 -10.68
C TYR C 108 -8.50 -16.48 -10.85
N GLY C 109 -9.79 -16.18 -10.95
CA GLY C 109 -10.79 -17.24 -11.10
C GLY C 109 -11.52 -17.47 -9.79
N SER C 110 -11.97 -16.38 -9.17
CA SER C 110 -12.69 -16.47 -7.90
C SER C 110 -11.78 -16.96 -6.78
N SER C 111 -11.94 -16.38 -5.60
CA SER C 111 -11.13 -16.77 -4.45
C SER C 111 -11.94 -17.64 -3.50
N GLN C 112 -12.98 -17.05 -2.90
CA GLN C 112 -13.83 -17.78 -1.97
C GLN C 112 -13.02 -18.35 -0.81
N SER C 113 -12.68 -17.49 0.14
CA SER C 113 -11.89 -17.94 1.29
C SER C 113 -12.07 -17.00 2.48
N SER C 114 -11.70 -17.49 3.66
CA SER C 114 -11.82 -16.69 4.88
C SER C 114 -10.65 -16.98 5.82
N GLN C 115 -10.24 -15.98 6.58
CA GLN C 115 -9.12 -16.16 7.50
C GLN C 115 -9.04 -15.00 8.50
N SER C 116 -8.25 -15.19 9.55
CA SER C 116 -8.09 -14.15 10.56
C SER C 116 -6.87 -14.42 11.43
N SER C 117 -6.40 -13.39 12.14
CA SER C 117 -5.23 -13.55 13.00
C SER C 117 -5.15 -12.39 13.99
N TYR C 118 -4.43 -12.60 15.09
CA TYR C 118 -4.28 -11.55 16.11
C TYR C 118 -3.13 -11.89 17.07
N GLY C 119 -1.90 -11.74 16.60
CA GLY C 119 -0.74 -12.02 17.42
C GLY C 119 0.56 -11.78 16.65
N GLN C 120 0.66 -10.62 16.01
CA GLN C 120 1.85 -10.29 15.24
C GLN C 120 2.81 -9.42 16.05
N GLN C 121 4.01 -9.93 16.27
CA GLN C 121 5.02 -9.19 17.03
C GLN C 121 6.40 -9.41 16.43
N SER C 122 7.17 -8.32 16.31
CA SER C 122 8.51 -8.39 15.75
C SER C 122 9.51 -7.67 16.66
N SER C 123 10.52 -8.40 17.12
CA SER C 123 11.53 -7.82 18.00
C SER C 123 10.87 -7.17 19.21
N TYR C 124 10.09 -7.96 19.95
CA TYR C 124 9.41 -7.46 21.14
C TYR C 124 8.36 -6.42 20.75
N SER D 64 -15.09 -9.53 -23.65
CA SER D 64 -13.80 -9.89 -23.01
C SER D 64 -13.50 -8.91 -21.88
N TYR D 65 -12.96 -9.44 -20.78
CA TYR D 65 -12.63 -8.61 -19.63
C TYR D 65 -11.13 -8.62 -19.37
N SER D 66 -10.50 -7.45 -19.49
CA SER D 66 -9.07 -7.33 -19.25
C SER D 66 -8.76 -6.15 -18.35
N GLY D 67 -8.52 -6.44 -17.07
CA GLY D 67 -8.21 -5.39 -16.11
C GLY D 67 -6.92 -5.69 -15.36
N TYR D 68 -6.41 -4.69 -14.65
CA TYR D 68 -5.18 -4.86 -13.89
C TYR D 68 -4.08 -5.43 -14.78
N SER D 69 -3.54 -4.58 -15.64
CA SER D 69 -2.46 -5.01 -16.54
C SER D 69 -1.09 -4.78 -15.91
N GLN D 70 -1.07 -4.50 -14.61
CA GLN D 70 0.18 -4.25 -13.90
C GLN D 70 0.26 -5.10 -12.63
N SER D 71 1.13 -4.69 -11.70
CA SER D 71 1.30 -5.44 -10.46
C SER D 71 0.46 -4.83 -9.33
N THR D 72 0.10 -5.68 -8.37
CA THR D 72 -0.68 -5.23 -7.23
C THR D 72 -0.01 -5.69 -5.93
N ASP D 73 0.26 -4.76 -5.03
CA ASP D 73 0.92 -5.11 -3.77
C ASP D 73 0.42 -4.23 -2.63
N THR D 74 0.22 -4.82 -1.45
CA THR D 74 -0.26 -4.05 -0.31
C THR D 74 0.90 -3.56 0.55
N SER D 75 1.89 -4.42 0.76
CA SER D 75 3.05 -4.03 1.57
C SER D 75 4.34 -4.47 0.90
N GLY D 76 5.46 -4.05 1.47
CA GLY D 76 6.77 -4.41 0.92
C GLY D 76 7.07 -3.64 -0.37
N TYR D 77 7.33 -2.34 -0.22
CA TYR D 77 7.67 -1.46 -1.35
C TYR D 77 7.11 -1.96 -2.68
N GLY D 78 5.80 -1.85 -2.87
CA GLY D 78 5.18 -2.28 -4.12
C GLY D 78 5.58 -1.35 -5.25
N GLN D 79 6.67 -1.71 -5.94
CA GLN D 79 7.16 -0.89 -7.04
C GLN D 79 7.70 0.43 -6.50
N SER D 80 9.01 0.47 -6.26
CA SER D 80 9.65 1.66 -5.74
C SER D 80 11.14 1.64 -6.03
N SER D 81 11.71 2.83 -6.29
CA SER D 81 13.14 2.92 -6.59
C SER D 81 13.80 3.94 -5.68
N TYR D 82 15.06 3.67 -5.31
CA TYR D 82 15.81 4.57 -4.44
C TYR D 82 17.19 4.85 -5.04
N SER D 83 17.66 6.08 -4.87
CA SER D 83 18.96 6.46 -5.39
C SER D 83 19.64 7.48 -4.48
N SER D 84 20.93 7.29 -4.24
CA SER D 84 21.68 8.18 -3.38
C SER D 84 23.17 8.11 -3.70
N TYR D 85 23.86 9.25 -3.61
CA TYR D 85 25.29 9.29 -3.90
C TYR D 85 26.08 9.69 -2.66
N GLY D 86 27.14 8.94 -2.37
CA GLY D 86 27.98 9.23 -1.21
C GLY D 86 27.47 8.48 0.02
N GLN D 87 28.38 7.84 0.74
CA GLN D 87 28.02 7.09 1.93
C GLN D 87 26.88 6.11 1.63
N SER D 88 26.38 5.46 2.67
CA SER D 88 25.28 4.50 2.51
C SER D 88 24.40 4.47 3.75
N GLN D 89 23.10 4.38 3.55
CA GLN D 89 22.15 4.35 4.66
C GLN D 89 20.75 4.00 4.16
N ASN D 90 20.58 2.77 3.68
CA ASN D 90 19.29 2.32 3.18
C ASN D 90 18.61 1.41 4.20
N THR D 91 17.46 1.84 4.69
CA THR D 91 16.72 1.04 5.68
C THR D 91 15.27 0.86 5.23
N GLY D 92 14.79 -0.38 5.28
CA GLY D 92 13.43 -0.68 4.88
C GLY D 92 12.42 -0.01 5.81
N TYR D 93 11.18 -0.49 5.79
CA TYR D 93 10.14 0.08 6.63
C TYR D 93 10.61 0.20 8.08
N GLY D 94 11.10 -0.91 8.63
CA GLY D 94 11.59 -0.91 10.00
C GLY D 94 10.65 -1.69 10.92
N THR D 95 9.80 -0.97 11.65
CA THR D 95 8.87 -1.60 12.57
C THR D 95 7.44 -1.44 12.06
N GLN D 96 6.87 -2.51 11.52
CA GLN D 96 5.51 -2.44 11.00
C GLN D 96 4.89 -3.82 10.87
N SER D 97 3.61 -3.88 10.52
CA SER D 97 2.92 -5.16 10.37
C SER D 97 1.99 -5.14 9.16
N THR D 98 2.11 -6.17 8.33
CA THR D 98 1.26 -6.28 7.14
C THR D 98 -0.19 -6.57 7.58
N PRO D 99 -1.14 -6.59 6.68
CA PRO D 99 -2.58 -6.76 7.03
C PRO D 99 -3.08 -8.20 7.04
N GLN D 100 -3.22 -8.77 8.23
CA GLN D 100 -3.69 -10.13 8.38
C GLN D 100 -5.07 -10.29 7.74
N GLY D 101 -5.25 -11.34 6.96
CA GLY D 101 -6.53 -11.58 6.30
C GLY D 101 -6.34 -11.82 4.80
N TYR D 102 -6.42 -10.75 4.03
CA TYR D 102 -6.26 -10.86 2.57
C TYR D 102 -5.01 -10.12 2.11
N GLY D 103 -4.95 -8.83 2.38
CA GLY D 103 -3.80 -8.02 1.98
C GLY D 103 -3.66 -8.02 0.46
N SER D 104 -3.97 -6.89 -0.17
CA SER D 104 -3.87 -6.77 -1.62
C SER D 104 -4.66 -7.89 -2.29
N THR D 105 -5.89 -7.59 -2.66
CA THR D 105 -6.74 -8.58 -3.30
C THR D 105 -6.54 -8.57 -4.80
N GLY D 106 -5.85 -9.59 -5.31
CA GLY D 106 -5.59 -9.70 -6.74
C GLY D 106 -6.44 -10.82 -7.33
N GLY D 107 -5.92 -11.45 -8.39
CA GLY D 107 -6.64 -12.53 -9.03
C GLY D 107 -8.08 -12.13 -9.33
N TYR D 108 -8.24 -11.27 -10.32
CA TYR D 108 -9.58 -10.80 -10.69
C TYR D 108 -10.53 -11.98 -10.85
N GLY D 109 -11.82 -11.68 -10.96
CA GLY D 109 -12.83 -12.73 -11.12
C GLY D 109 -13.56 -12.94 -9.80
N SER D 110 -14.01 -11.85 -9.19
CA SER D 110 -14.74 -11.93 -7.93
C SER D 110 -13.82 -12.42 -6.81
N SER D 111 -14.00 -11.83 -5.63
CA SER D 111 -13.20 -12.22 -4.47
C SER D 111 -14.01 -13.09 -3.52
N GLN D 112 -15.04 -12.49 -2.92
CA GLN D 112 -15.90 -13.21 -1.99
C GLN D 112 -15.09 -13.77 -0.83
N SER D 113 -14.75 -12.92 0.12
CA SER D 113 -13.97 -13.36 1.28
C SER D 113 -14.15 -12.41 2.46
N SER D 114 -13.78 -12.89 3.65
CA SER D 114 -13.91 -12.09 4.86
C SER D 114 -12.75 -12.38 5.79
N GLN D 115 -12.33 -11.38 6.56
CA GLN D 115 -11.21 -11.56 7.49
C GLN D 115 -11.13 -10.40 8.48
N SER D 116 -10.34 -10.58 9.53
CA SER D 116 -10.17 -9.54 10.54
C SER D 116 -8.96 -9.82 11.42
N SER D 117 -8.49 -8.79 12.12
CA SER D 117 -7.33 -8.94 12.99
C SER D 117 -7.23 -7.78 13.97
N TYR D 118 -6.53 -7.99 15.08
CA TYR D 118 -6.37 -6.93 16.08
C TYR D 118 -5.24 -7.27 17.05
N GLY D 119 -4.00 -7.14 16.58
CA GLY D 119 -2.84 -7.42 17.42
C GLY D 119 -1.54 -7.19 16.65
N GLN D 120 -1.43 -6.04 16.01
CA GLN D 120 -0.23 -5.72 15.23
C GLN D 120 0.72 -4.85 16.04
N GLN D 121 1.93 -5.36 16.27
CA GLN D 121 2.94 -4.63 17.03
C GLN D 121 4.33 -4.85 16.44
N SER D 122 5.09 -3.77 16.32
CA SER D 122 6.44 -3.85 15.76
C SER D 122 7.42 -3.13 16.67
N SER D 123 8.44 -3.86 17.13
CA SER D 123 9.45 -3.28 18.01
C SER D 123 8.78 -2.62 19.22
N TYR D 124 8.01 -3.41 19.96
CA TYR D 124 7.33 -2.89 21.14
C TYR D 124 6.28 -1.85 20.74
N SER E 64 -17.04 -5.06 -23.72
CA SER E 64 -15.75 -5.42 -23.07
C SER E 64 -15.45 -4.44 -21.94
N TYR E 65 -14.91 -4.97 -20.84
CA TYR E 65 -14.58 -4.13 -19.70
C TYR E 65 -13.09 -4.15 -19.44
N SER E 66 -12.46 -2.99 -19.55
CA SER E 66 -11.02 -2.88 -19.32
C SER E 66 -10.70 -1.69 -18.42
N GLY E 67 -10.48 -1.97 -17.13
CA GLY E 67 -10.17 -0.91 -16.17
C GLY E 67 -8.88 -1.22 -15.43
N TYR E 68 -8.36 -0.23 -14.71
CA TYR E 68 -7.13 -0.40 -13.96
C TYR E 68 -6.03 -0.97 -14.83
N SER E 69 -5.47 -0.14 -15.70
CA SER E 69 -4.41 -0.57 -16.59
C SER E 69 -3.04 -0.35 -15.96
N GLN E 70 -3.02 -0.06 -14.65
CA GLN E 70 -1.77 0.18 -13.95
C GLN E 70 -1.70 -0.65 -12.67
N SER E 71 -0.84 -0.26 -11.75
CA SER E 71 -0.67 -0.99 -10.49
C SER E 71 -1.49 -0.37 -9.37
N THR E 72 -1.87 -1.21 -8.41
CA THR E 72 -2.66 -0.75 -7.27
C THR E 72 -1.99 -1.21 -5.98
N ASP E 73 -1.74 -0.27 -5.07
CA ASP E 73 -1.08 -0.62 -3.82
C ASP E 73 -1.57 0.26 -2.68
N THR E 74 -1.77 -0.32 -1.50
CA THR E 74 -2.25 0.47 -0.38
C THR E 74 -1.09 0.95 0.50
N SER E 75 -0.12 0.08 0.75
CA SER E 75 1.04 0.45 1.55
C SER E 75 2.34 0.04 0.86
N GLY E 76 3.47 0.46 1.42
CA GLY E 76 4.75 0.06 0.88
C GLY E 76 5.07 0.83 -0.41
N TYR E 77 5.36 2.12 -0.26
CA TYR E 77 5.67 3.02 -1.39
C TYR E 77 5.13 2.47 -2.71
N GLY E 78 3.84 2.63 -2.93
CA GLY E 78 3.20 2.19 -4.16
C GLY E 78 3.61 3.10 -5.30
N GLN E 79 4.70 2.74 -5.98
CA GLN E 79 5.21 3.55 -7.09
C GLN E 79 5.76 4.86 -6.55
N SER E 80 7.06 4.89 -6.30
CA SER E 80 7.70 6.09 -5.78
C SER E 80 9.20 6.06 -6.07
N SER E 81 9.77 7.23 -6.34
CA SER E 81 11.19 7.32 -6.62
C SER E 81 11.87 8.34 -5.71
N TYR E 82 13.12 8.06 -5.35
CA TYR E 82 13.87 8.97 -4.48
C TYR E 82 15.25 9.23 -5.07
N SER E 83 15.73 10.46 -4.91
CA SER E 83 17.04 10.83 -5.43
C SER E 83 17.72 11.85 -4.52
N SER E 84 19.01 11.65 -4.27
CA SER E 84 19.76 12.56 -3.42
C SER E 84 21.26 12.47 -3.74
N TYR E 85 21.94 13.60 -3.64
CA TYR E 85 23.37 13.64 -3.93
C TYR E 85 24.16 14.03 -2.68
N GLY E 86 25.22 13.29 -2.40
CA GLY E 86 26.06 13.57 -1.23
C GLY E 86 25.54 12.83 -0.01
N GLN E 87 26.45 12.19 0.72
CA GLN E 87 26.07 11.44 1.92
C GLN E 87 24.93 10.48 1.62
N SER E 88 24.42 9.83 2.66
CA SER E 88 23.33 8.89 2.49
C SER E 88 22.44 8.87 3.73
N GLN E 89 21.14 8.78 3.52
CA GLN E 89 20.19 8.76 4.63
C GLN E 89 18.79 8.42 4.14
N ASN E 90 18.61 7.18 3.66
CA ASN E 90 17.31 6.74 3.17
C ASN E 90 16.64 5.84 4.18
N THR E 91 15.48 6.27 4.68
CA THR E 91 14.73 5.48 5.66
C THR E 91 13.28 5.31 5.20
N GLY E 92 12.80 4.08 5.25
CA GLY E 92 11.43 3.78 4.86
C GLY E 92 10.43 4.46 5.78
N TYR E 93 9.19 3.99 5.75
CA TYR E 93 8.14 4.57 6.60
C TYR E 93 8.62 4.68 8.05
N GLY E 94 9.09 3.58 8.60
CA GLY E 94 9.56 3.58 9.99
C GLY E 94 8.63 2.81 10.90
N THR E 95 7.80 3.54 11.62
CA THR E 95 6.84 2.93 12.54
C THR E 95 5.42 3.09 12.02
N GLN E 96 4.84 2.02 11.48
CA GLN E 96 3.49 2.09 10.96
C GLN E 96 2.86 0.71 10.83
N SER E 97 1.58 0.66 10.49
CA SER E 97 0.89 -0.61 10.34
C SER E 97 -0.04 -0.60 9.12
N THR E 98 0.07 -1.63 8.29
CA THR E 98 -0.79 -1.73 7.11
C THR E 98 -2.23 -2.01 7.54
N PRO E 99 -3.19 -2.03 6.63
CA PRO E 99 -4.63 -2.21 7.02
C PRO E 99 -5.09 -3.65 7.01
N GLN E 100 -5.29 -4.19 8.20
CA GLN E 100 -5.77 -5.56 8.35
C GLN E 100 -7.14 -5.70 7.71
N GLY E 101 -7.31 -6.76 6.93
CA GLY E 101 -8.58 -7.00 6.27
C GLY E 101 -8.40 -7.25 4.77
N TYR E 102 -8.47 -6.18 3.99
CA TYR E 102 -8.30 -6.31 2.55
C TYR E 102 -7.04 -5.58 2.07
N GLY E 103 -6.98 -4.28 2.35
CA GLY E 103 -5.83 -3.48 1.93
C GLY E 103 -5.68 -3.49 0.42
N SER E 104 -5.97 -2.35 -0.21
CA SER E 104 -5.88 -2.24 -1.66
C SER E 104 -6.68 -3.37 -2.32
N THR E 105 -7.91 -3.06 -2.72
CA THR E 105 -8.75 -4.06 -3.36
C THR E 105 -8.54 -4.05 -4.86
N GLY E 106 -7.86 -5.08 -5.34
CA GLY E 106 -7.60 -5.19 -6.77
C GLY E 106 -8.46 -6.31 -7.37
N GLY E 107 -7.93 -6.95 -8.41
CA GLY E 107 -8.66 -8.03 -9.06
C GLY E 107 -10.08 -7.63 -9.36
N TYR E 108 -10.26 -6.76 -10.36
CA TYR E 108 -11.58 -6.30 -10.73
C TYR E 108 -12.54 -7.47 -10.89
N GLY E 109 -13.82 -7.17 -11.01
CA GLY E 109 -14.83 -8.21 -11.16
C GLY E 109 -15.58 -8.41 -9.85
N SER E 110 -16.02 -7.31 -9.25
CA SER E 110 -16.74 -7.37 -7.99
C SER E 110 -15.83 -7.85 -6.86
N SER E 111 -16.00 -7.27 -5.68
CA SER E 111 -15.22 -7.66 -4.52
C SER E 111 -16.05 -8.51 -3.57
N GLN E 112 -17.08 -7.90 -2.98
CA GLN E 112 -17.95 -8.62 -2.05
C GLN E 112 -17.15 -9.18 -0.88
N SER E 113 -16.80 -8.33 0.07
CA SER E 113 -16.02 -8.76 1.23
C SER E 113 -16.20 -7.80 2.41
N SER E 114 -15.85 -8.28 3.59
CA SER E 114 -15.96 -7.48 4.81
C SER E 114 -14.81 -7.77 5.75
N GLN E 115 -14.39 -6.77 6.51
CA GLN E 115 -13.28 -6.95 7.45
C GLN E 115 -13.18 -5.78 8.43
N SER E 116 -12.40 -5.96 9.49
CA SER E 116 -12.23 -4.92 10.48
C SER E 116 -11.01 -5.19 11.36
N SER E 117 -10.54 -4.16 12.06
CA SER E 117 -9.39 -4.31 12.94
C SER E 117 -9.31 -3.15 13.92
N TYR E 118 -8.61 -3.37 15.03
CA TYR E 118 -8.44 -2.31 16.03
C TYR E 118 -7.31 -2.64 17.00
N GLY E 119 -6.06 -2.52 16.54
CA GLY E 119 -4.91 -2.80 17.38
C GLY E 119 -3.61 -2.58 16.61
N GLN E 120 -3.49 -1.43 15.96
CA GLN E 120 -2.29 -1.12 15.19
C GLN E 120 -1.32 -0.26 16.00
N GLN E 121 -0.12 -0.78 16.24
CA GLN E 121 0.88 -0.04 16.99
C GLN E 121 2.27 -0.27 16.40
N SER E 122 3.04 0.80 16.28
CA SER E 122 4.39 0.71 15.73
C SER E 122 5.38 1.42 16.64
N SER E 123 6.38 0.69 17.11
CA SER E 123 7.39 1.27 17.99
C SER E 123 6.73 1.94 19.19
N TYR E 124 5.95 1.17 19.93
CA TYR E 124 5.26 1.69 21.11
C TYR E 124 4.22 2.73 20.70
N SER F 64 -18.97 -0.58 -23.81
CA SER F 64 -17.67 -0.94 -23.17
C SER F 64 -17.37 0.03 -22.04
N TYR F 65 -16.84 -0.48 -20.94
CA TYR F 65 -16.52 0.35 -19.79
C TYR F 65 -15.02 0.33 -19.52
N SER F 66 -14.37 1.49 -19.64
CA SER F 66 -12.94 1.59 -19.41
C SER F 66 -12.62 2.78 -18.51
N GLY F 67 -12.40 2.51 -17.23
CA GLY F 67 -12.09 3.57 -16.28
C GLY F 67 -10.80 3.25 -15.52
N TYR F 68 -10.28 4.25 -14.81
CA TYR F 68 -9.06 4.07 -14.04
C TYR F 68 -7.95 3.48 -14.92
N SER F 69 -7.40 4.31 -15.79
CA SER F 69 -6.33 3.87 -16.67
C SER F 69 -4.96 4.10 -16.03
N GLN F 70 -4.95 4.38 -14.73
CA GLN F 70 -3.70 4.62 -14.02
C GLN F 70 -3.63 3.80 -12.74
N SER F 71 -2.77 4.20 -11.82
CA SER F 71 -2.61 3.47 -10.56
C SER F 71 -3.44 4.10 -9.45
N THR F 72 -3.83 3.27 -8.47
CA THR F 72 -4.61 3.73 -7.34
C THR F 72 -3.96 3.28 -6.04
N ASP F 73 -3.68 4.22 -5.15
CA ASP F 73 -3.04 3.87 -3.88
C ASP F 73 -3.53 4.76 -2.75
N THR F 74 -3.75 4.19 -1.57
CA THR F 74 -4.22 4.98 -0.44
C THR F 74 -3.06 5.47 0.43
N SER F 75 -2.08 4.60 0.66
CA SER F 75 -0.94 4.98 1.47
C SER F 75 0.37 4.53 0.81
N GLY F 76 1.49 4.94 1.37
CA GLY F 76 2.79 4.56 0.84
C GLY F 76 3.11 5.31 -0.45
N TYR F 77 3.38 6.61 -0.32
CA TYR F 77 3.73 7.47 -1.45
C TYR F 77 3.18 6.96 -2.78
N GLY F 78 1.88 7.09 -2.98
CA GLY F 78 1.26 6.64 -4.22
C GLY F 78 1.68 7.56 -5.37
N GLN F 79 2.76 7.18 -6.05
CA GLN F 79 3.27 7.99 -7.15
C GLN F 79 3.84 9.31 -6.63
N SER F 80 5.14 9.33 -6.37
CA SER F 80 5.78 10.53 -5.85
C SER F 80 7.28 10.49 -6.14
N SER F 81 7.86 11.65 -6.40
CA SER F 81 9.29 11.73 -6.69
C SER F 81 9.97 12.76 -5.78
N TYR F 82 11.21 12.47 -5.42
CA TYR F 82 11.97 13.37 -4.55
C TYR F 82 13.35 13.63 -5.14
N SER F 83 13.83 14.86 -4.98
CA SER F 83 15.15 15.21 -5.50
C SER F 83 15.83 16.23 -4.59
N SER F 84 17.12 16.04 -4.34
CA SER F 84 17.87 16.94 -3.49
C SER F 84 19.37 16.84 -3.80
N TYR F 85 20.06 17.97 -3.71
CA TYR F 85 21.49 18.00 -3.99
C TYR F 85 22.28 18.40 -2.74
N GLY F 86 23.33 17.64 -2.45
CA GLY F 86 24.16 17.93 -1.29
C GLY F 86 23.64 17.20 -0.05
N GLN F 87 24.54 16.55 0.68
CA GLN F 87 24.16 15.82 1.88
C GLN F 87 23.01 14.85 1.58
N SER F 88 22.50 14.21 2.62
CA SER F 88 21.39 13.28 2.46
C SER F 88 20.50 13.27 3.70
N GLN F 89 19.20 13.19 3.48
CA GLN F 89 18.24 13.18 4.59
C GLN F 89 16.84 12.83 4.09
N ASN F 90 16.67 11.61 3.62
CA ASN F 90 15.37 11.17 3.12
C ASN F 90 14.68 10.27 4.14
N THR F 91 13.52 10.72 4.63
CA THR F 91 12.77 9.95 5.61
C THR F 91 11.32 9.77 5.16
N GLY F 92 10.83 8.54 5.21
CA GLY F 92 9.46 8.25 4.81
C GLY F 92 8.46 8.95 5.72
N TYR F 93 7.22 8.48 5.70
CA TYR F 93 6.17 9.06 6.53
C TYR F 93 6.65 9.20 7.98
N GLY F 94 7.11 8.08 8.54
CA GLY F 94 7.59 8.10 9.93
C GLY F 94 6.64 7.33 10.84
N THR F 95 5.80 8.07 11.56
CA THR F 95 4.85 7.46 12.47
C THR F 95 3.42 7.64 11.95
N GLN F 96 2.85 6.56 11.43
CA GLN F 96 1.49 6.64 10.90
C GLN F 96 0.85 5.26 10.77
N SER F 97 -0.43 5.22 10.42
CA SER F 97 -1.13 3.94 10.28
C SER F 97 -2.05 3.97 9.06
N THR F 98 -1.94 2.93 8.23
CA THR F 98 -2.79 2.81 7.05
C THR F 98 -4.24 2.54 7.48
N PRO F 99 -5.20 2.53 6.57
CA PRO F 99 -6.64 2.37 6.92
C PRO F 99 -7.15 0.94 6.94
N GLN F 100 -7.28 0.38 8.14
CA GLN F 100 -7.78 -0.98 8.29
C GLN F 100 -9.16 -1.11 7.64
N GLY F 101 -9.34 -2.17 6.87
CA GLY F 101 -10.62 -2.41 6.20
C GLY F 101 -10.43 -2.67 4.72
N TYR F 102 -10.49 -1.60 3.93
CA TYR F 102 -10.33 -1.73 2.48
C TYR F 102 -9.07 -1.02 2.01
N GLY F 103 -8.99 0.28 2.27
CA GLY F 103 -7.83 1.07 1.87
C GLY F 103 -7.67 1.06 0.35
N SER F 104 -7.96 2.18 -0.29
CA SER F 104 -7.86 2.28 -1.74
C SER F 104 -8.66 1.17 -2.40
N THR F 105 -9.89 1.47 -2.79
CA THR F 105 -10.74 0.48 -3.43
C THR F 105 -10.52 0.47 -4.93
N GLY F 106 -9.84 -0.56 -5.42
CA GLY F 106 -9.58 -0.68 -6.84
C GLY F 106 -10.43 -1.80 -7.44
N GLY F 107 -9.91 -2.44 -8.47
CA GLY F 107 -10.64 -3.52 -9.12
C GLY F 107 -12.07 -3.11 -9.42
N TYR F 108 -12.23 -2.26 -10.43
CA TYR F 108 -13.54 -1.78 -10.82
C TYR F 108 -14.51 -2.95 -10.97
N GLY F 109 -15.80 -2.63 -11.09
CA GLY F 109 -16.82 -3.68 -11.24
C GLY F 109 -17.57 -3.87 -9.93
N SER F 110 -18.00 -2.76 -9.33
CA SER F 110 -18.73 -2.81 -8.07
C SER F 110 -17.84 -3.30 -6.94
N SER F 111 -18.00 -2.70 -5.76
CA SER F 111 -17.22 -3.10 -4.60
C SER F 111 -18.05 -3.94 -3.64
N GLN F 112 -19.08 -3.31 -3.06
CA GLN F 112 -19.96 -4.02 -2.13
C GLN F 112 -19.16 -4.58 -0.96
N SER F 113 -18.81 -3.72 -0.01
CA SER F 113 -18.05 -4.16 1.15
C SER F 113 -18.23 -3.19 2.32
N SER F 114 -17.88 -3.67 3.52
CA SER F 114 -18.00 -2.85 4.72
C SER F 114 -16.84 -3.15 5.67
N GLN F 115 -16.42 -2.14 6.43
CA GLN F 115 -15.31 -2.33 7.37
C GLN F 115 -15.22 -1.15 8.34
N SER F 116 -14.44 -1.34 9.41
CA SER F 116 -14.28 -0.28 10.41
C SER F 116 -13.07 -0.57 11.30
N SER F 117 -12.59 0.46 11.99
CA SER F 117 -11.44 0.31 12.87
C SER F 117 -11.33 1.48 13.84
N TYR F 118 -10.64 1.27 14.96
CA TYR F 118 -10.48 2.33 15.94
C TYR F 118 -9.35 2.00 16.92
N GLY F 119 -8.11 2.12 16.46
CA GLY F 119 -6.95 1.83 17.30
C GLY F 119 -5.65 2.03 16.54
N GLN F 120 -5.52 3.18 15.88
CA GLN F 120 -4.32 3.48 15.11
C GLN F 120 -3.36 4.35 15.92
N GLN F 121 -2.16 3.81 16.17
CA GLN F 121 -1.15 4.56 16.93
C GLN F 121 0.24 4.31 16.34
N SER F 122 1.02 5.38 16.22
CA SER F 122 2.36 5.28 15.67
C SER F 122 3.36 5.99 16.59
N SER F 123 4.36 5.26 17.06
CA SER F 123 5.37 5.83 17.95
C SER F 123 4.71 6.51 19.14
N TYR F 124 3.92 5.74 19.88
CA TYR F 124 3.23 6.28 21.05
C TYR F 124 2.19 7.32 20.64
N SER G 64 -20.85 3.90 -23.95
CA SER G 64 -19.57 3.53 -23.29
C SER G 64 -19.27 4.52 -22.16
N TYR G 65 -18.74 4.00 -21.06
CA TYR G 65 -18.42 4.85 -19.92
C TYR G 65 -16.92 4.82 -19.64
N SER G 66 -16.28 5.97 -19.76
CA SER G 66 -14.83 6.06 -19.53
C SER G 66 -14.51 7.26 -18.64
N GLY G 67 -14.31 6.99 -17.35
CA GLY G 67 -13.98 8.06 -16.41
C GLY G 67 -12.70 7.74 -15.64
N TYR G 68 -12.18 8.74 -14.93
CA TYR G 68 -10.96 8.56 -14.16
C TYR G 68 -9.86 7.96 -15.04
N SER G 69 -9.29 8.78 -15.91
CA SER G 69 -8.22 8.32 -16.78
C SER G 69 -6.85 8.54 -16.14
N GLN G 70 -6.84 8.84 -14.84
CA GLN G 70 -5.60 9.07 -14.13
C GLN G 70 -5.54 8.26 -12.84
N SER G 71 -4.68 8.66 -11.92
CA SER G 71 -4.52 7.94 -10.66
C SER G 71 -5.36 8.57 -9.55
N THR G 72 -5.75 7.75 -8.58
CA THR G 72 -6.54 8.23 -7.45
C THR G 72 -5.88 7.77 -6.14
N ASP G 73 -5.61 8.71 -5.25
CA ASP G 73 -4.98 8.38 -3.99
C ASP G 73 -5.47 9.28 -2.86
N THR G 74 -5.69 8.70 -1.68
CA THR G 74 -6.16 9.50 -0.55
C THR G 74 -5.01 9.99 0.31
N SER G 75 -4.03 9.12 0.56
CA SER G 75 -2.88 9.51 1.38
C SER G 75 -1.58 9.03 0.72
N GLY G 76 -0.46 9.45 1.28
CA GLY G 76 0.84 9.05 0.76
C GLY G 76 1.17 9.79 -0.54
N TYR G 77 1.45 11.09 -0.41
CA TYR G 77 1.80 11.96 -1.54
C TYR G 77 1.27 11.44 -2.88
N GLY G 78 -0.05 11.57 -3.08
CA GLY G 78 -0.66 11.12 -4.32
C GLY G 78 -0.23 12.03 -5.47
N GLN G 79 0.85 11.65 -6.15
CA GLN G 79 1.37 12.44 -7.25
C GLN G 79 1.94 13.75 -6.73
N SER G 80 3.24 13.77 -6.46
CA SER G 80 3.89 14.97 -5.95
C SER G 80 5.38 14.92 -6.24
N SER G 81 5.97 16.08 -6.51
CA SER G 81 7.40 16.16 -6.79
C SER G 81 8.08 17.18 -5.89
N TYR G 82 9.32 16.89 -5.52
CA TYR G 82 10.08 17.79 -4.66
C TYR G 82 11.47 18.04 -5.23
N SER G 83 11.95 19.27 -5.07
CA SER G 83 13.28 19.62 -5.60
C SER G 83 13.96 20.64 -4.69
N SER G 84 15.25 20.42 -4.43
CA SER G 84 16.00 21.33 -3.58
C SER G 84 17.50 21.23 -3.89
N TYR G 85 18.20 22.35 -3.80
CA TYR G 85 19.63 22.36 -4.08
C TYR G 85 20.41 22.77 -2.83
N GLY G 86 21.46 22.01 -2.53
CA GLY G 86 22.29 22.30 -1.37
C GLY G 86 21.76 21.57 -0.13
N GLN G 87 22.66 20.93 0.60
CA GLN G 87 22.27 20.20 1.81
C GLN G 87 21.11 19.25 1.51
N SER G 88 20.59 18.61 2.56
CA SER G 88 19.49 17.68 2.39
C SER G 88 18.59 17.69 3.64
N GLN G 89 17.28 17.60 3.41
CA GLN G 89 16.32 17.60 4.51
C GLN G 89 14.92 17.28 4.01
N ASN G 90 14.74 16.05 3.55
CA ASN G 90 13.44 15.61 3.05
C ASN G 90 12.74 14.72 4.06
N THR G 91 11.60 15.18 4.55
CA THR G 91 10.83 14.41 5.53
C THR G 91 9.39 14.25 5.08
N GLY G 92 8.89 13.02 5.14
CA GLY G 92 7.52 12.74 4.73
C GLY G 92 6.52 13.44 5.64
N TYR G 93 5.27 12.98 5.61
CA TYR G 93 4.23 13.58 6.44
C TYR G 93 4.69 13.70 7.88
N GLY G 94 5.15 12.60 8.46
CA GLY G 94 5.62 12.61 9.84
C GLY G 94 4.67 11.86 10.76
N THR G 95 3.83 12.61 11.47
CA THR G 95 2.87 12.01 12.39
C THR G 95 1.45 12.18 11.86
N GLN G 96 0.87 11.12 11.33
CA GLN G 96 -0.49 11.20 10.80
C GLN G 96 -1.12 9.82 10.67
N SER G 97 -2.40 9.78 10.33
CA SER G 97 -3.10 8.52 10.18
C SER G 97 -4.03 8.53 8.96
N THR G 98 -3.93 7.49 8.14
CA THR G 98 -4.77 7.37 6.95
C THR G 98 -6.23 7.11 7.38
N PRO G 99 -7.17 7.10 6.46
CA PRO G 99 -8.61 6.95 6.81
C PRO G 99 -9.13 5.52 6.84
N GLN G 100 -9.29 4.97 8.04
CA GLN G 100 -9.79 3.62 8.19
C GLN G 100 -11.16 3.48 7.55
N GLY G 101 -11.34 2.41 6.78
CA GLY G 101 -12.62 2.19 6.12
C GLY G 101 -12.42 1.92 4.62
N TYR G 102 -12.47 2.98 3.83
CA TYR G 102 -12.31 2.84 2.38
C TYR G 102 -11.04 3.55 1.92
N GLY G 103 -10.97 4.85 2.17
CA GLY G 103 -9.80 5.64 1.76
C GLY G 103 -9.63 5.61 0.24
N SER G 104 -9.92 6.73 -0.39
CA SER G 104 -9.81 6.82 -1.85
C SER G 104 -10.62 5.71 -2.51
N THR G 105 -11.84 6.02 -2.89
CA THR G 105 -12.70 5.03 -3.54
C THR G 105 -12.48 5.01 -5.04
N GLY G 106 -11.80 3.97 -5.52
CA GLY G 106 -11.53 3.84 -6.94
C GLY G 106 -12.39 2.73 -7.53
N GLY G 107 -11.87 2.08 -8.56
CA GLY G 107 -12.60 0.98 -9.20
C GLY G 107 -14.03 1.41 -9.52
N TYR G 108 -14.18 2.27 -10.52
CA TYR G 108 -15.48 2.74 -10.92
C TYR G 108 -16.46 1.58 -11.07
N GLY G 109 -17.75 1.90 -11.20
CA GLY G 109 -18.77 0.87 -11.34
C GLY G 109 -19.53 0.68 -10.03
N SER G 110 -19.95 1.79 -9.45
CA SER G 110 -20.69 1.75 -8.19
C SER G 110 -19.81 1.27 -7.05
N SER G 111 -19.97 1.87 -5.87
CA SER G 111 -19.19 1.48 -4.71
C SER G 111 -20.04 0.65 -3.76
N GLN G 112 -21.05 1.27 -3.18
CA GLN G 112 -21.95 0.58 -2.25
C GLN G 112 -21.16 0.03 -1.07
N SER G 113 -20.81 0.89 -0.13
CA SER G 113 -20.04 0.45 1.04
C SER G 113 -20.23 1.42 2.21
N SER G 114 -19.88 0.95 3.41
CA SER G 114 -20.00 1.78 4.61
C SER G 114 -18.85 1.47 5.57
N GLN G 115 -18.42 2.49 6.32
CA GLN G 115 -17.33 2.30 7.26
C GLN G 115 -17.22 3.47 8.23
N SER G 116 -16.45 3.29 9.29
CA SER G 116 -16.29 4.35 10.29
C SER G 116 -15.08 4.07 11.18
N SER G 117 -14.60 5.10 11.87
CA SER G 117 -13.45 4.95 12.76
C SER G 117 -13.35 6.13 13.72
N TYR G 118 -12.65 5.92 14.84
CA TYR G 118 -12.49 6.98 15.83
C TYR G 118 -11.37 6.65 16.81
N GLY G 119 -10.13 6.75 16.35
CA GLY G 119 -8.97 6.47 17.20
C GLY G 119 -7.67 6.65 16.44
N GLN G 120 -7.53 7.80 15.79
CA GLN G 120 -6.32 8.09 15.01
C GLN G 120 -5.36 8.95 15.81
N GLN G 121 -4.17 8.42 16.07
CA GLN G 121 -3.16 9.15 16.83
C GLN G 121 -1.77 8.90 16.25
N SER G 122 -0.99 9.97 16.12
CA SER G 122 0.37 9.85 15.58
C SER G 122 1.36 10.57 16.49
N SER G 123 2.36 9.83 16.98
CA SER G 123 3.37 10.40 17.86
C SER G 123 2.70 11.09 19.05
N TYR G 124 1.90 10.34 19.79
CA TYR G 124 1.21 10.88 20.96
C TYR G 124 0.19 11.92 20.54
N SER H 64 -22.71 8.38 -24.11
CA SER H 64 -21.44 8.02 -23.45
C SER H 64 -21.15 9.01 -22.33
N TYR H 65 -20.62 8.50 -21.21
CA TYR H 65 -20.29 9.34 -20.08
C TYR H 65 -18.80 9.31 -19.80
N SER H 66 -18.14 10.46 -19.92
CA SER H 66 -16.71 10.54 -19.69
C SER H 66 -16.38 11.74 -18.79
N GLY H 67 -16.17 11.48 -17.51
CA GLY H 67 -15.86 12.54 -16.57
C GLY H 67 -14.58 12.22 -15.80
N TYR H 68 -14.05 13.22 -15.10
CA TYR H 68 -12.84 13.04 -14.32
C TYR H 68 -11.74 12.43 -15.18
N SER H 69 -11.16 13.25 -16.05
CA SER H 69 -10.09 12.78 -16.92
C SER H 69 -8.72 13.00 -16.27
N GLN H 70 -8.71 13.31 -14.98
CA GLN H 70 -7.46 13.54 -14.27
C GLN H 70 -7.43 12.73 -12.97
N SER H 71 -6.56 13.13 -12.05
CA SER H 71 -6.42 12.41 -10.78
C SER H 71 -7.25 13.06 -9.68
N THR H 72 -7.65 12.25 -8.71
CA THR H 72 -8.44 12.73 -7.58
C THR H 72 -7.79 12.28 -6.28
N ASP H 73 -7.52 13.23 -5.39
CA ASP H 73 -6.89 12.89 -4.12
C ASP H 73 -7.37 13.80 -2.99
N THR H 74 -7.61 13.23 -1.82
CA THR H 74 -8.08 14.04 -0.69
C THR H 74 -6.92 14.52 0.17
N SER H 75 -5.95 13.65 0.43
CA SER H 75 -4.81 14.03 1.24
C SER H 75 -3.51 13.55 0.60
N GLY H 76 -2.39 13.96 1.16
CA GLY H 76 -1.09 13.56 0.64
C GLY H 76 -0.75 14.29 -0.66
N TYR H 77 -0.47 15.59 -0.53
CA TYR H 77 -0.09 16.44 -1.67
C TYR H 77 -0.64 15.92 -3.01
N GLY H 78 -1.94 16.07 -3.21
CA GLY H 78 -2.56 15.61 -4.46
C GLY H 78 -2.12 16.51 -5.60
N GLN H 79 -1.04 16.11 -6.27
CA GLN H 79 -0.51 16.91 -7.39
C GLN H 79 0.06 18.22 -6.87
N SER H 80 1.37 18.23 -6.60
CA SER H 80 2.02 19.43 -6.09
C SER H 80 3.52 19.37 -6.37
N SER H 81 4.11 20.53 -6.64
CA SER H 81 5.54 20.59 -6.92
C SER H 81 6.22 21.61 -6.01
N TYR H 82 7.46 21.32 -5.64
CA TYR H 82 8.22 22.22 -4.78
C TYR H 82 9.61 22.47 -5.35
N SER H 83 10.11 23.69 -5.21
CA SER H 83 11.43 24.02 -5.72
C SER H 83 12.11 25.04 -4.81
N SER H 84 13.40 24.83 -4.56
CA SER H 84 14.16 25.74 -3.70
C SER H 84 15.65 25.62 -4.01
N TYR H 85 16.36 26.74 -3.93
CA TYR H 85 17.79 26.76 -4.20
C TYR H 85 18.57 27.16 -2.95
N GLY H 86 19.61 26.40 -2.64
CA GLY H 86 20.44 26.69 -1.47
C GLY H 86 19.90 25.97 -0.24
N GLN H 87 20.79 25.33 0.51
CA GLN H 87 20.39 24.61 1.72
C GLN H 87 19.24 23.66 1.42
N SER H 88 18.71 23.03 2.46
CA SER H 88 17.60 22.10 2.30
C SER H 88 16.70 22.11 3.54
N GLN H 89 15.39 22.04 3.31
CA GLN H 89 14.43 22.06 4.41
C GLN H 89 13.03 21.73 3.91
N ASN H 90 12.85 20.49 3.45
CA ASN H 90 11.55 20.07 2.94
C ASN H 90 10.83 19.18 3.96
N THR H 91 9.69 19.65 4.44
CA THR H 91 8.92 18.89 5.42
C THR H 91 7.47 18.73 4.96
N GLY H 92 6.97 17.50 5.03
CA GLY H 92 5.60 17.23 4.62
C GLY H 92 4.60 17.94 5.52
N TYR H 93 3.35 17.49 5.49
CA TYR H 93 2.31 18.09 6.31
C TYR H 93 2.76 18.22 7.76
N GLY H 94 3.22 17.12 8.35
CA GLY H 94 3.69 17.14 9.72
C GLY H 94 2.72 16.40 10.64
N THR H 95 1.88 17.15 11.34
CA THR H 95 0.93 16.56 12.26
C THR H 95 -0.50 16.75 11.73
N GLN H 96 -1.08 15.68 11.20
CA GLN H 96 -2.44 15.76 10.67
C GLN H 96 -3.08 14.39 10.54
N SER H 97 -4.36 14.36 10.20
CA SER H 97 -5.07 13.10 10.05
C SER H 97 -5.98 13.10 8.84
N THR H 98 -5.89 12.06 8.02
CA THR H 98 -6.73 11.94 6.83
C THR H 98 -8.18 11.69 7.25
N PRO H 99 -9.13 11.67 6.34
CA PRO H 99 -10.58 11.54 6.68
C PRO H 99 -11.10 10.11 6.71
N GLN H 100 -11.25 9.57 7.91
CA GLN H 100 -11.77 8.21 8.08
C GLN H 100 -13.14 8.08 7.42
N GLY H 101 -13.33 7.02 6.66
CA GLY H 101 -14.60 6.78 5.99
C GLY H 101 -14.40 6.51 4.50
N TYR H 102 -14.45 7.56 3.70
CA TYR H 102 -14.27 7.42 2.25
C TYR H 102 -13.00 8.12 1.78
N GLY H 103 -12.91 9.42 2.03
CA GLY H 103 -11.74 10.19 1.63
C GLY H 103 -11.58 10.16 0.12
N SER H 104 -11.86 11.29 -0.53
CA SER H 104 -11.73 11.37 -1.99
C SER H 104 -12.54 10.26 -2.64
N THR H 105 -13.77 10.58 -3.05
CA THR H 105 -14.62 9.58 -3.68
C THR H 105 -14.40 9.55 -5.18
N GLY H 106 -13.72 8.51 -5.65
CA GLY H 106 -13.45 8.38 -7.07
C GLY H 106 -14.31 7.26 -7.66
N GLY H 107 -13.79 6.60 -8.69
CA GLY H 107 -14.53 5.51 -9.32
C GLY H 107 -15.95 5.94 -9.65
N TYR H 108 -16.10 6.79 -10.65
CA TYR H 108 -17.41 7.27 -11.07
C TYR H 108 -18.38 6.11 -11.21
N GLY H 109 -19.67 6.43 -11.34
CA GLY H 109 -20.69 5.41 -11.48
C GLY H 109 -21.46 5.24 -10.18
N SER H 110 -21.88 6.35 -9.60
CA SER H 110 -22.63 6.33 -8.34
C SER H 110 -21.75 5.84 -7.20
N SER H 111 -21.91 6.45 -6.03
CA SER H 111 -21.13 6.06 -4.86
C SER H 111 -21.99 5.24 -3.90
N GLN H 112 -23.01 5.87 -3.33
CA GLN H 112 -23.90 5.19 -2.40
C GLN H 112 -23.12 4.64 -1.21
N SER H 113 -22.77 5.50 -0.27
CA SER H 113 -22.02 5.07 0.90
C SER H 113 -22.20 6.04 2.05
N SER H 114 -21.86 5.58 3.26
CA SER H 114 -21.97 6.41 4.46
C SER H 114 -20.83 6.11 5.42
N GLN H 115 -20.40 7.11 6.17
CA GLN H 115 -19.31 6.93 7.12
C GLN H 115 -19.21 8.11 8.08
N SER H 116 -18.43 7.94 9.15
CA SER H 116 -18.27 9.00 10.13
C SER H 116 -17.07 8.71 11.03
N SER H 117 -16.58 9.75 11.71
CA SER H 117 -15.44 9.59 12.61
C SER H 117 -15.34 10.77 13.57
N TYR H 118 -14.65 10.56 14.69
CA TYR H 118 -14.47 11.63 15.67
C TYR H 118 -13.36 11.29 16.66
N GLY H 119 -12.12 11.40 16.21
CA GLY H 119 -10.98 11.10 17.07
C GLY H 119 -9.66 11.28 16.31
N GLN H 120 -9.51 12.43 15.64
CA GLN H 120 -8.30 12.70 14.88
C GLN H 120 -7.33 13.57 15.68
N GLN H 121 -6.15 13.03 15.95
CA GLN H 121 -5.14 13.77 16.70
C GLN H 121 -3.74 13.50 16.13
N SER H 122 -2.96 14.57 16.00
CA SER H 122 -1.61 14.44 15.47
C SER H 122 -0.62 15.16 16.37
N SER H 123 0.38 14.41 16.86
CA SER H 123 1.39 14.99 17.74
C SER H 123 0.72 15.69 18.93
N TYR H 124 -0.08 14.93 19.68
CA TYR H 124 -0.76 15.49 20.84
C TYR H 124 -1.79 16.54 20.40
N SER I 64 -24.56 12.89 -24.31
CA SER I 64 -23.28 12.52 -23.64
C SER I 64 -22.98 13.51 -22.53
N TYR I 65 -22.47 13.00 -21.41
CA TYR I 65 -22.14 13.85 -20.27
C TYR I 65 -20.64 13.82 -19.99
N SER I 66 -19.98 14.96 -20.11
CA SER I 66 -18.56 15.04 -19.87
C SER I 66 -18.23 16.23 -18.98
N GLY I 67 -18.02 15.98 -17.69
CA GLY I 67 -17.70 17.05 -16.76
C GLY I 67 -16.43 16.73 -15.98
N TYR I 68 -15.90 17.73 -15.28
CA TYR I 68 -14.69 17.55 -14.50
C TYR I 68 -13.59 16.92 -15.35
N SER I 69 -13.00 17.73 -16.23
CA SER I 69 -11.93 17.25 -17.10
C SER I 69 -10.56 17.47 -16.44
N GLN I 70 -10.57 17.79 -15.15
CA GLN I 70 -9.32 18.02 -14.43
C GLN I 70 -9.28 17.21 -13.13
N SER I 71 -8.42 17.61 -12.21
CA SER I 71 -8.29 16.90 -10.94
C SER I 71 -9.12 17.55 -9.85
N THR I 72 -9.52 16.74 -8.87
CA THR I 72 -10.31 17.23 -7.75
C THR I 72 -9.67 16.78 -6.44
N ASP I 73 -9.40 17.74 -5.55
CA ASP I 73 -8.79 17.41 -4.27
C ASP I 73 -9.29 18.34 -3.17
N THR I 74 -9.50 17.78 -1.98
CA THR I 74 -9.97 18.59 -0.86
C THR I 74 -8.81 19.05 0.00
N SER I 75 -7.85 18.18 0.27
CA SER I 75 -6.71 18.56 1.08
C SER I 75 -5.41 18.08 0.45
N GLY I 76 -4.29 18.48 1.01
CA GLY I 76 -2.98 18.08 0.50
C GLY I 76 -2.64 18.79 -0.79
N TYR I 77 -2.35 20.10 -0.68
CA TYR I 77 -1.98 20.95 -1.83
C TYR I 77 -2.52 20.41 -3.15
N GLY I 78 -3.82 20.58 -3.37
CA GLY I 78 -4.43 20.12 -4.61
C GLY I 78 -3.98 21.00 -5.76
N GLN I 79 -2.90 20.60 -6.43
CA GLN I 79 -2.37 21.38 -7.54
C GLN I 79 -1.79 22.70 -7.03
N SER I 80 -0.49 22.70 -6.76
CA SER I 80 0.17 23.90 -6.25
C SER I 80 1.67 23.83 -6.52
N SER I 81 2.26 24.98 -6.80
CA SER I 81 3.70 25.04 -7.07
C SER I 81 4.38 26.06 -6.18
N TYR I 82 5.62 25.77 -5.79
CA TYR I 82 6.38 26.67 -4.93
C TYR I 82 7.77 26.89 -5.50
N SER I 83 8.28 28.11 -5.36
CA SER I 83 9.60 28.45 -5.87
C SER I 83 10.28 29.47 -4.97
N SER I 84 11.57 29.25 -4.71
CA SER I 84 12.33 30.15 -3.85
C SER I 84 13.83 30.04 -4.16
N TYR I 85 14.54 31.15 -4.07
CA TYR I 85 15.97 31.15 -4.34
C TYR I 85 16.74 31.56 -3.09
N GLY I 86 17.79 30.79 -2.78
CA GLY I 86 18.61 31.08 -1.61
C GLY I 86 18.07 30.37 -0.37
N GLN I 87 18.95 29.73 0.39
CA GLN I 87 18.54 29.02 1.59
C GLN I 87 17.38 28.07 1.30
N SER I 88 16.85 27.46 2.34
CA SER I 88 15.73 26.53 2.18
C SER I 88 14.83 26.56 3.41
N GLN I 89 13.52 26.50 3.19
CA GLN I 89 12.56 26.51 4.28
C GLN I 89 11.16 26.19 3.78
N ASN I 90 10.97 24.96 3.32
CA ASN I 90 9.67 24.53 2.81
C ASN I 90 8.95 23.66 3.83
N THR I 91 7.80 24.13 4.30
CA THR I 91 7.03 23.38 5.29
C THR I 91 5.58 23.22 4.83
N GLY I 92 5.08 21.99 4.90
CA GLY I 92 3.71 21.73 4.48
C GLY I 92 2.70 22.45 5.37
N TYR I 93 1.45 22.01 5.34
CA TYR I 93 0.41 22.62 6.16
C TYR I 93 0.87 22.74 7.61
N GLY I 94 1.31 21.64 8.19
CA GLY I 94 1.77 21.67 9.58
C GLY I 94 0.80 20.94 10.50
N THR I 95 -0.03 21.70 11.19
CA THR I 95 -1.00 21.12 12.11
C THR I 95 -2.42 21.30 11.57
N GLN I 96 -3.01 20.24 11.05
CA GLN I 96 -4.36 20.34 10.51
C GLN I 96 -5.02 18.98 10.39
N SER I 97 -6.30 18.94 10.03
CA SER I 97 -7.01 17.69 9.89
C SER I 97 -7.93 17.70 8.67
N THR I 98 -7.83 16.65 7.87
CA THR I 98 -8.66 16.54 6.67
C THR I 98 -10.12 16.31 7.09
N PRO I 99 -11.07 16.29 6.17
CA PRO I 99 -12.52 16.16 6.51
C PRO I 99 -13.04 14.73 6.55
N GLN I 100 -13.21 14.20 7.76
CA GLN I 100 -13.73 12.84 7.92
C GLN I 100 -15.09 12.71 7.26
N GLY I 101 -15.28 11.63 6.50
CA GLY I 101 -16.55 11.40 5.83
C GLY I 101 -16.35 11.11 4.34
N TYR I 102 -16.38 12.17 3.53
CA TYR I 102 -16.21 12.00 2.10
C TYR I 102 -14.92 12.68 1.63
N GLY I 103 -14.83 13.99 1.86
CA GLY I 103 -13.67 14.77 1.47
C GLY I 103 -13.50 14.72 -0.05
N SER I 104 -13.77 15.85 -0.70
CA SER I 104 -13.64 15.92 -2.16
C SER I 104 -14.45 14.81 -2.82
N THR I 105 -15.67 15.12 -3.22
CA THR I 105 -16.53 14.14 -3.84
C THR I 105 -16.30 14.09 -5.35
N GLY I 106 -15.62 13.05 -5.80
CA GLY I 106 -15.35 12.90 -7.23
C GLY I 106 -16.21 11.80 -7.82
N GLY I 107 -15.70 11.13 -8.84
CA GLY I 107 -16.43 10.05 -9.48
C GLY I 107 -17.86 10.47 -9.80
N TYR I 108 -17.99 11.32 -10.82
CA TYR I 108 -19.29 11.80 -11.23
C TYR I 108 -20.28 10.64 -11.38
N GLY I 109 -21.56 10.97 -11.52
CA GLY I 109 -22.59 9.96 -11.65
C GLY I 109 -23.36 9.80 -10.35
N SER I 110 -23.78 10.92 -9.78
CA SER I 110 -24.53 10.91 -8.53
C SER I 110 -23.66 10.42 -7.38
N SER I 111 -23.83 11.04 -6.21
CA SER I 111 -23.05 10.65 -5.03
C SER I 111 -23.91 9.84 -4.08
N GLN I 112 -24.94 10.49 -3.51
CA GLN I 112 -25.84 9.81 -2.58
C GLN I 112 -25.06 9.26 -1.39
N SER I 113 -24.71 10.12 -0.45
CA SER I 113 -23.96 9.70 0.72
C SER I 113 -24.14 10.68 1.87
N SER I 114 -23.81 10.21 3.09
CA SER I 114 -23.93 11.05 4.27
C SER I 114 -22.79 10.75 5.23
N GLN I 115 -22.35 11.76 5.99
CA GLN I 115 -21.27 11.58 6.93
C GLN I 115 -21.16 12.77 7.89
N SER I 116 -20.40 12.59 8.97
CA SER I 116 -20.23 13.65 9.96
C SER I 116 -19.03 13.36 10.85
N SER I 117 -18.55 14.40 11.53
CA SER I 117 -17.40 14.25 12.43
C SER I 117 -17.29 15.43 13.39
N TYR I 118 -16.61 15.21 14.51
CA TYR I 118 -16.43 16.27 15.49
C TYR I 118 -15.32 15.90 16.49
N GLY I 119 -14.08 16.03 16.04
CA GLY I 119 -12.94 15.75 16.90
C GLY I 119 -11.62 15.92 16.15
N GLN I 120 -11.47 17.06 15.47
CA GLN I 120 -10.26 17.33 14.72
C GLN I 120 -9.30 18.20 15.51
N GLN I 121 -8.11 17.65 15.79
CA GLN I 121 -7.10 18.38 16.54
C GLN I 121 -5.71 18.11 15.98
N SER I 122 -4.91 19.17 15.84
CA SER I 122 -3.56 19.03 15.32
C SER I 122 -2.56 19.75 16.22
N SER I 123 -1.58 19.00 16.72
CA SER I 123 -0.57 19.58 17.60
C SER I 123 -1.23 20.28 18.78
N TYR I 124 -2.04 19.54 19.53
CA TYR I 124 -2.73 20.11 20.69
C TYR I 124 -3.75 21.16 20.24
N SER A 64 -12.83 -26.09 -14.34
CA SER A 64 -11.82 -25.02 -14.12
C SER A 64 -10.75 -25.09 -15.21
N TYR A 65 -10.75 -24.11 -16.09
CA TYR A 65 -9.77 -24.07 -17.17
C TYR A 65 -8.74 -22.98 -16.93
N SER A 66 -7.59 -23.38 -16.37
CA SER A 66 -6.53 -22.43 -16.08
C SER A 66 -5.82 -22.01 -17.37
N GLY A 67 -5.46 -20.73 -17.46
CA GLY A 67 -4.78 -20.21 -18.64
C GLY A 67 -3.27 -20.23 -18.46
N TYR A 68 -2.69 -19.06 -18.24
CA TYR A 68 -1.24 -18.96 -18.05
C TYR A 68 -0.93 -18.57 -16.61
N SER A 69 -0.04 -19.35 -15.99
CA SER A 69 0.35 -19.08 -14.60
C SER A 69 1.87 -19.15 -14.45
N GLN A 70 2.40 -18.43 -13.47
CA GLN A 70 3.84 -18.42 -13.23
C GLN A 70 4.17 -19.13 -11.92
N SER A 71 5.40 -18.96 -11.46
CA SER A 71 5.84 -19.60 -10.22
C SER A 71 5.22 -18.90 -9.01
N THR A 72 5.19 -19.59 -7.88
CA THR A 72 4.63 -19.02 -6.66
C THR A 72 5.62 -19.12 -5.51
N ASP A 73 5.84 -18.00 -4.82
CA ASP A 73 6.77 -17.97 -3.70
C ASP A 73 6.08 -17.43 -2.45
N THR A 74 6.47 -17.93 -1.28
CA THR A 74 5.86 -17.47 -0.04
C THR A 74 6.91 -16.88 0.90
N SER A 75 7.96 -17.66 1.17
CA SER A 75 9.03 -17.22 2.07
C SER A 75 10.40 -17.54 1.47
N GLY A 76 11.28 -16.54 1.44
CA GLY A 76 12.63 -16.76 0.91
C GLY A 76 12.85 -16.06 -0.42
N TYR A 77 13.04 -14.73 -0.37
CA TYR A 77 13.29 -13.90 -1.55
C TYR A 77 12.58 -14.45 -2.80
N GLY A 78 11.26 -14.35 -2.83
CA GLY A 78 10.49 -14.83 -3.96
C GLY A 78 10.74 -13.96 -5.19
N GLN A 79 11.66 -14.40 -6.04
CA GLN A 79 12.00 -13.64 -7.24
C GLN A 79 12.71 -12.35 -6.88
N SER A 80 14.02 -12.42 -6.67
CA SER A 80 14.80 -11.25 -6.31
C SER A 80 16.28 -11.49 -6.59
N SER A 81 16.97 -10.43 -7.02
CA SER A 81 18.39 -10.54 -7.31
C SER A 81 19.12 -9.27 -6.90
N TYR A 82 20.16 -9.42 -6.08
CA TYR A 82 20.93 -8.27 -5.62
C TYR A 82 21.61 -7.58 -6.80
N SER A 83 22.24 -8.37 -7.66
CA SER A 83 22.92 -7.83 -8.83
C SER A 83 23.79 -6.64 -8.45
N SER A 84 24.50 -6.76 -7.33
CA SER A 84 25.35 -5.67 -6.87
C SER A 84 26.83 -6.05 -7.02
N TYR A 85 27.58 -5.18 -7.69
CA TYR A 85 29.00 -5.43 -7.91
C TYR A 85 29.74 -5.49 -6.58
N GLY A 86 29.36 -4.60 -5.65
CA GLY A 86 30.00 -4.57 -4.34
C GLY A 86 29.00 -4.88 -3.23
N GLN A 87 29.38 -5.77 -2.32
CA GLN A 87 28.50 -6.14 -1.21
C GLN A 87 29.33 -6.65 -0.03
N SER A 88 29.04 -6.13 1.16
CA SER A 88 29.76 -6.54 2.36
C SER A 88 28.79 -6.92 3.48
N GLN A 89 29.19 -7.87 4.31
CA GLN A 89 28.35 -8.32 5.41
C GLN A 89 26.93 -8.62 4.92
N ASN A 90 26.82 -9.62 4.05
CA ASN A 90 25.52 -10.01 3.51
C ASN A 90 24.87 -11.06 4.39
N THR A 91 23.76 -10.69 5.03
CA THR A 91 23.04 -11.63 5.89
C THR A 91 21.65 -11.90 5.36
N GLY A 92 21.29 -13.17 5.27
CA GLY A 92 19.98 -13.56 4.76
C GLY A 92 18.87 -13.10 5.71
N TYR A 93 17.69 -13.69 5.56
CA TYR A 93 16.56 -13.33 6.40
C TYR A 93 16.95 -13.30 7.87
N GLY A 94 17.36 -14.46 8.38
CA GLY A 94 17.76 -14.56 9.78
C GLY A 94 16.85 -15.52 10.54
N THR A 95 15.85 -14.95 11.22
CA THR A 95 14.90 -15.76 11.97
C THR A 95 13.49 -15.60 11.41
N GLN A 96 13.01 -16.66 10.77
CA GLN A 96 11.68 -16.64 10.18
C GLN A 96 11.08 -18.05 10.15
N SER A 97 9.80 -18.14 10.50
CA SER A 97 9.12 -19.44 10.51
C SER A 97 8.11 -19.54 9.36
N THR A 98 8.15 -20.67 8.65
CA THR A 98 7.24 -20.90 7.53
C THR A 98 5.83 -21.18 8.06
N PRO A 99 4.83 -21.12 7.21
CA PRO A 99 3.41 -21.28 7.63
C PRO A 99 2.91 -22.72 7.59
N GLN A 100 2.77 -23.31 8.77
CA GLN A 100 2.27 -24.67 8.88
C GLN A 100 0.92 -24.80 8.21
N GLY A 101 0.71 -25.91 7.51
CA GLY A 101 -0.56 -26.15 6.83
C GLY A 101 -0.55 -25.55 5.43
N TYR A 102 -0.08 -26.31 4.46
CA TYR A 102 -0.02 -25.85 3.08
C TYR A 102 0.86 -24.62 2.94
N GLY A 103 2.17 -24.85 2.86
CA GLY A 103 3.12 -23.76 2.71
C GLY A 103 2.69 -22.84 1.58
N SER A 104 3.11 -23.14 0.36
CA SER A 104 2.73 -22.34 -0.79
C SER A 104 2.38 -23.22 -1.97
N THR A 105 1.25 -22.93 -2.61
CA THR A 105 0.82 -23.72 -3.76
C THR A 105 0.01 -22.87 -4.74
N GLY A 106 0.67 -22.35 -5.77
CA GLY A 106 -0.04 -21.56 -6.75
C GLY A 106 -1.23 -22.35 -7.30
N GLY A 107 -2.42 -22.02 -6.82
CA GLY A 107 -3.62 -22.72 -7.26
C GLY A 107 -3.81 -22.55 -8.76
N TYR A 108 -3.32 -23.50 -9.53
CA TYR A 108 -3.46 -23.44 -10.98
C TYR A 108 -4.84 -23.92 -11.41
N GLY A 109 -5.07 -25.22 -11.31
CA GLY A 109 -6.35 -25.80 -11.68
C GLY A 109 -7.34 -25.70 -10.53
N SER A 110 -6.98 -26.27 -9.39
CA SER A 110 -7.86 -26.23 -8.21
C SER A 110 -7.06 -26.51 -6.95
N SER A 111 -7.35 -25.74 -5.90
CA SER A 111 -6.66 -25.91 -4.62
C SER A 111 -7.65 -25.77 -3.47
N GLN A 112 -8.12 -26.90 -2.95
CA GLN A 112 -9.07 -26.88 -1.84
C GLN A 112 -8.50 -27.63 -0.64
N SER A 113 -8.05 -26.89 0.35
CA SER A 113 -7.47 -27.51 1.54
C SER A 113 -7.77 -26.69 2.80
N SER A 114 -7.59 -27.31 3.96
CA SER A 114 -7.84 -26.62 5.23
C SER A 114 -6.73 -26.94 6.23
N GLN A 115 -6.46 -26.00 7.13
CA GLN A 115 -5.40 -26.21 8.13
C GLN A 115 -5.35 -25.05 9.11
N SER A 116 -4.47 -25.16 10.10
CA SER A 116 -4.33 -24.11 11.12
C SER A 116 -3.11 -24.38 11.98
N SER A 117 -2.58 -23.33 12.62
CA SER A 117 -1.42 -23.47 13.49
C SER A 117 -1.29 -22.25 14.40
N TYR A 118 -0.34 -22.31 15.33
CA TYR A 118 -0.14 -21.18 16.27
C TYR A 118 1.12 -21.37 17.09
N GLY A 119 2.28 -21.08 16.51
CA GLY A 119 3.54 -21.25 17.22
C GLY A 119 4.74 -20.77 16.39
N GLN A 120 4.63 -19.57 15.83
CA GLN A 120 5.71 -19.01 15.03
C GLN A 120 6.57 -18.06 15.85
N GLN A 121 7.82 -18.45 16.07
CA GLN A 121 8.75 -17.62 16.85
C GLN A 121 10.08 -17.47 16.11
N SER A 122 10.49 -16.23 15.93
CA SER A 122 11.76 -15.95 15.24
C SER A 122 12.66 -15.08 16.13
N SER A 123 13.71 -15.68 16.66
CA SER A 123 14.65 -14.96 17.51
C SER A 123 13.97 -14.55 18.81
N TYR A 124 12.94 -15.30 19.21
CA TYR A 124 12.21 -14.98 20.44
C TYR A 124 11.06 -15.96 20.64
N SER B 64 -14.81 -21.54 -14.40
CA SER B 64 -13.79 -20.47 -14.17
C SER B 64 -12.73 -20.56 -15.26
N TYR B 65 -12.71 -19.57 -16.14
CA TYR B 65 -11.73 -19.54 -17.22
C TYR B 65 -10.68 -18.47 -16.98
N SER B 66 -9.55 -18.87 -16.41
CA SER B 66 -8.48 -17.92 -16.13
C SER B 66 -7.77 -17.51 -17.40
N GLY B 67 -7.39 -16.24 -17.50
CA GLY B 67 -6.70 -15.73 -18.67
C GLY B 67 -5.19 -15.76 -18.48
N TYR B 68 -4.60 -14.59 -18.27
CA TYR B 68 -3.16 -14.50 -18.07
C TYR B 68 -2.84 -14.11 -16.63
N SER B 69 -1.96 -14.88 -16.00
CA SER B 69 -1.58 -14.61 -14.61
C SER B 69 -0.07 -14.70 -14.45
N GLN B 70 0.46 -13.97 -13.47
CA GLN B 70 1.90 -13.96 -13.22
C GLN B 70 2.22 -14.67 -11.91
N SER B 71 3.45 -14.50 -11.45
CA SER B 71 3.88 -15.13 -10.20
C SER B 71 3.25 -14.43 -9.00
N THR B 72 3.22 -15.13 -7.86
CA THR B 72 2.65 -14.55 -6.65
C THR B 72 3.64 -14.65 -5.49
N ASP B 73 3.86 -13.52 -4.81
CA ASP B 73 4.78 -13.49 -3.68
C ASP B 73 4.09 -12.93 -2.45
N THR B 74 4.46 -13.44 -1.27
CA THR B 74 3.85 -12.97 -0.02
C THR B 74 4.90 -12.40 0.92
N SER B 75 5.95 -13.17 1.19
CA SER B 75 7.01 -12.72 2.09
C SER B 75 8.38 -13.04 1.51
N GLY B 76 9.27 -12.06 1.49
CA GLY B 76 10.61 -12.28 0.96
C GLY B 76 10.82 -11.57 -0.37
N TYR B 77 11.05 -10.27 -0.31
CA TYR B 77 11.31 -9.45 -1.51
C TYR B 77 10.61 -10.00 -2.75
N GLY B 78 9.29 -9.89 -2.80
CA GLY B 78 8.52 -10.38 -3.93
C GLY B 78 8.78 -9.51 -5.16
N GLN B 79 9.71 -9.95 -6.01
CA GLN B 79 10.06 -9.21 -7.22
C GLN B 79 10.76 -7.92 -6.85
N SER B 80 12.07 -8.00 -6.63
CA SER B 80 12.86 -6.83 -6.27
C SER B 80 14.34 -7.07 -6.54
N SER B 81 15.04 -6.04 -6.97
CA SER B 81 16.46 -6.16 -7.26
C SER B 81 17.20 -4.88 -6.85
N TYR B 82 18.23 -5.04 -6.03
CA TYR B 82 19.01 -3.90 -5.56
C TYR B 82 19.69 -3.21 -6.75
N SER B 83 20.33 -4.01 -7.60
CA SER B 83 21.02 -3.48 -8.77
C SER B 83 21.90 -2.29 -8.39
N SER B 84 22.59 -2.40 -7.27
CA SER B 84 23.45 -1.32 -6.80
C SER B 84 24.93 -1.71 -6.94
N TYR B 85 25.69 -0.85 -7.61
CA TYR B 85 27.11 -1.11 -7.81
C TYR B 85 27.84 -1.16 -6.48
N GLY B 86 27.46 -0.27 -5.55
CA GLY B 86 28.09 -0.23 -4.25
C GLY B 86 27.08 -0.53 -3.14
N GLN B 87 27.45 -1.42 -2.23
CA GLN B 87 26.58 -1.78 -1.13
C GLN B 87 27.39 -2.29 0.07
N SER B 88 27.09 -1.78 1.25
CA SER B 88 27.80 -2.18 2.46
C SER B 88 26.82 -2.54 3.56
N GLN B 89 27.21 -3.49 4.41
CA GLN B 89 26.36 -3.92 5.51
C GLN B 89 24.95 -4.22 5.01
N ASN B 90 24.83 -5.22 4.15
CA ASN B 90 23.53 -5.60 3.61
C ASN B 90 22.87 -6.66 4.48
N THR B 91 21.76 -6.28 5.11
CA THR B 91 21.04 -7.20 5.99
C THR B 91 19.64 -7.47 5.43
N GLY B 92 19.28 -8.74 5.34
CA GLY B 92 17.96 -9.13 4.83
C GLY B 92 16.86 -8.65 5.77
N TYR B 93 15.67 -9.23 5.62
CA TYR B 93 14.53 -8.86 6.45
C TYR B 93 14.92 -8.84 7.93
N GLY B 94 15.32 -9.99 8.45
CA GLY B 94 15.71 -10.08 9.85
C GLY B 94 14.79 -11.03 10.61
N THR B 95 13.79 -10.47 11.27
CA THR B 95 12.84 -11.26 12.04
C THR B 95 11.44 -11.12 11.45
N GLN B 96 10.95 -12.16 10.81
CA GLN B 96 9.61 -12.13 10.23
C GLN B 96 9.00 -13.52 10.18
N SER B 97 7.72 -13.61 10.53
CA SER B 97 7.03 -14.90 10.54
C SER B 97 6.03 -14.99 9.40
N THR B 98 6.06 -16.11 8.68
CA THR B 98 5.16 -16.33 7.56
C THR B 98 3.74 -16.61 8.09
N PRO B 99 2.74 -16.56 7.23
CA PRO B 99 1.32 -16.71 7.65
C PRO B 99 0.79 -18.14 7.62
N GLN B 100 0.67 -18.74 8.79
CA GLN B 100 0.17 -20.10 8.91
C GLN B 100 -1.20 -20.22 8.23
N GLY B 101 -1.40 -21.33 7.53
CA GLY B 101 -2.66 -21.57 6.85
C GLY B 101 -2.64 -20.98 5.44
N TYR B 102 -2.17 -21.76 4.48
CA TYR B 102 -2.10 -21.31 3.10
C TYR B 102 -1.20 -20.08 2.95
N GLY B 103 0.11 -20.32 2.88
CA GLY B 103 1.06 -19.24 2.73
C GLY B 103 0.64 -18.31 1.59
N SER B 104 1.06 -18.62 0.38
CA SER B 104 0.69 -17.81 -0.78
C SER B 104 0.35 -18.70 -1.96
N THR B 105 -0.78 -18.42 -2.61
CA THR B 105 -1.21 -19.21 -3.75
C THR B 105 -2.00 -18.36 -4.74
N GLY B 106 -1.34 -17.86 -5.76
CA GLY B 106 -2.04 -17.06 -6.76
C GLY B 106 -3.22 -17.84 -7.30
N GLY B 107 -4.42 -17.50 -6.84
CA GLY B 107 -5.62 -18.19 -7.28
C GLY B 107 -5.81 -18.02 -8.77
N TYR B 108 -5.32 -18.99 -9.55
CA TYR B 108 -5.44 -18.93 -10.99
C TYR B 108 -6.83 -19.41 -11.43
N GLY B 109 -7.05 -20.71 -11.32
CA GLY B 109 -8.34 -21.28 -11.70
C GLY B 109 -9.34 -21.16 -10.56
N SER B 110 -9.00 -21.74 -9.41
CA SER B 110 -9.88 -21.68 -8.25
C SER B 110 -9.09 -21.95 -6.97
N SER B 111 -9.38 -21.18 -5.92
CA SER B 111 -8.70 -21.35 -4.65
C SER B 111 -9.69 -21.19 -3.50
N GLN B 112 -10.18 -22.32 -2.98
CA GLN B 112 -11.14 -22.28 -1.87
C GLN B 112 -10.58 -23.03 -0.67
N SER B 113 -10.11 -22.28 0.33
CA SER B 113 -9.56 -22.90 1.53
C SER B 113 -9.86 -22.08 2.78
N SER B 114 -9.68 -22.70 3.94
CA SER B 114 -9.94 -22.00 5.20
C SER B 114 -8.83 -22.33 6.21
N GLN B 115 -8.56 -21.39 7.11
CA GLN B 115 -7.53 -21.59 8.11
C GLN B 115 -7.46 -20.43 9.09
N SER B 116 -6.59 -20.54 10.09
CA SER B 116 -6.45 -19.48 11.09
C SER B 116 -5.23 -19.76 11.97
N SER B 117 -4.72 -18.70 12.60
CA SER B 117 -3.56 -18.85 13.48
C SER B 117 -3.42 -17.64 14.39
N TYR B 118 -2.47 -17.70 15.33
CA TYR B 118 -2.25 -16.59 16.25
C TYR B 118 -0.99 -16.80 17.09
N GLY B 119 0.17 -16.49 16.51
CA GLY B 119 1.42 -16.66 17.23
C GLY B 119 2.61 -16.19 16.40
N GLN B 120 2.52 -14.97 15.85
CA GLN B 120 3.60 -14.43 15.04
C GLN B 120 4.46 -13.49 15.86
N GLN B 121 5.71 -13.88 16.09
CA GLN B 121 6.63 -13.06 16.87
C GLN B 121 7.97 -12.92 16.15
N SER B 122 8.40 -11.67 15.96
CA SER B 122 9.66 -11.40 15.29
C SER B 122 10.56 -10.54 16.17
N SER B 123 11.62 -11.15 16.71
CA SER B 123 12.55 -10.44 17.56
C SER B 123 11.87 -10.01 18.86
N TYR B 124 10.83 -10.74 19.25
CA TYR B 124 10.10 -10.42 20.47
C TYR B 124 8.94 -11.39 20.67
N SER C 64 -16.76 -16.97 -14.49
CA SER C 64 -15.74 -15.92 -14.26
C SER C 64 -14.66 -16.01 -15.34
N TYR C 65 -14.64 -15.03 -16.23
CA TYR C 65 -13.65 -15.01 -17.31
C TYR C 65 -12.60 -13.94 -17.05
N SER C 66 -11.48 -14.35 -16.48
CA SER C 66 -10.40 -13.41 -16.19
C SER C 66 -9.68 -13.01 -17.48
N GLY C 67 -9.29 -11.74 -17.56
CA GLY C 67 -8.59 -11.24 -18.74
C GLY C 67 -7.09 -11.28 -18.55
N TYR C 68 -6.49 -10.11 -18.33
CA TYR C 68 -5.05 -10.03 -18.13
C TYR C 68 -4.73 -9.63 -16.69
N SER C 69 -3.87 -10.41 -16.04
CA SER C 69 -3.49 -10.14 -14.66
C SER C 69 -1.98 -10.22 -14.49
N GLN C 70 -1.45 -9.49 -13.51
CA GLN C 70 -0.02 -9.50 -13.26
C GLN C 70 0.29 -10.20 -11.93
N SER C 71 1.52 -10.04 -11.47
CA SER C 71 1.93 -10.67 -10.20
C SER C 71 1.31 -9.95 -9.01
N THR C 72 1.27 -10.64 -7.87
CA THR C 72 0.69 -10.06 -6.67
C THR C 72 1.68 -10.16 -5.50
N ASP C 73 1.91 -9.03 -4.83
CA ASP C 73 2.82 -9.01 -3.70
C ASP C 73 2.12 -8.44 -2.46
N THR C 74 2.48 -8.94 -1.28
CA THR C 74 1.88 -8.47 -0.04
C THR C 74 2.92 -7.88 0.90
N SER C 75 3.96 -8.67 1.18
CA SER C 75 5.02 -8.22 2.09
C SER C 75 6.39 -8.55 1.51
N GLY C 76 7.29 -7.57 1.50
CA GLY C 76 8.63 -7.80 0.98
C GLY C 76 8.85 -7.11 -0.36
N TYR C 77 9.09 -5.80 -0.30
CA TYR C 77 9.35 -4.99 -1.50
C TYR C 77 8.66 -5.55 -2.76
N GLY C 78 7.34 -5.43 -2.81
CA GLY C 78 6.58 -5.92 -3.95
C GLY C 78 6.85 -5.05 -5.17
N GLN C 79 7.78 -5.51 -6.01
CA GLN C 79 8.14 -4.77 -7.22
C GLN C 79 8.86 -3.47 -6.86
N SER C 80 10.16 -3.57 -6.63
CA SER C 80 10.95 -2.40 -6.27
C SER C 80 12.43 -2.66 -6.53
N SER C 81 13.14 -1.63 -6.96
CA SER C 81 14.57 -1.75 -7.24
C SER C 81 15.31 -0.49 -6.83
N TYR C 82 16.34 -0.64 -6.00
CA TYR C 82 17.12 0.50 -5.55
C TYR C 82 17.81 1.17 -6.72
N SER C 83 18.45 0.36 -7.57
CA SER C 83 19.15 0.89 -8.74
C SER C 83 20.03 2.08 -8.35
N SER C 84 20.72 1.96 -7.23
CA SER C 84 21.58 3.04 -6.77
C SER C 84 23.05 2.64 -6.90
N TYR C 85 23.83 3.50 -7.57
CA TYR C 85 25.25 3.23 -7.76
C TYR C 85 25.97 3.17 -6.42
N GLY C 86 25.60 4.06 -5.51
CA GLY C 86 26.21 4.10 -4.19
C GLY C 86 25.19 3.82 -3.09
N GLN C 87 25.56 2.94 -2.16
CA GLN C 87 24.67 2.58 -1.06
C GLN C 87 25.47 2.07 0.13
N SER C 88 25.17 2.60 1.31
CA SER C 88 25.88 2.19 2.52
C SER C 88 24.88 1.85 3.63
N GLN C 89 25.26 0.90 4.48
CA GLN C 89 24.40 0.48 5.58
C GLN C 89 22.99 0.18 5.07
N ASN C 90 22.87 -0.82 4.22
CA ASN C 90 21.57 -1.20 3.66
C ASN C 90 20.89 -2.24 4.54
N THR C 91 19.80 -1.86 5.17
CA THR C 91 19.06 -2.77 6.04
C THR C 91 17.67 -3.03 5.48
N GLY C 92 17.29 -4.31 5.39
CA GLY C 92 15.98 -4.68 4.87
C GLY C 92 14.87 -4.19 5.80
N TYR C 93 13.69 -4.77 5.65
CA TYR C 93 12.54 -4.39 6.47
C TYR C 93 12.92 -4.36 7.95
N GLY C 94 13.31 -5.51 8.48
CA GLY C 94 13.69 -5.60 9.89
C GLY C 94 12.76 -6.54 10.64
N THR C 95 11.75 -5.96 11.29
CA THR C 95 10.80 -6.75 12.05
C THR C 95 9.40 -6.59 11.47
N GLN C 96 8.90 -7.64 10.83
CA GLN C 96 7.58 -7.61 10.23
C GLN C 96 6.95 -8.99 10.19
N SER C 97 5.67 -9.07 10.54
CA SER C 97 4.98 -10.35 10.55
C SER C 97 3.98 -10.44 9.40
N THR C 98 4.02 -11.57 8.69
CA THR C 98 3.11 -11.79 7.56
C THR C 98 1.69 -12.05 8.09
N PRO C 99 0.69 -12.00 7.22
CA PRO C 99 -0.73 -12.14 7.63
C PRO C 99 -1.27 -13.57 7.60
N GLN C 100 -1.40 -14.16 8.78
CA GLN C 100 -1.91 -15.52 8.90
C GLN C 100 -3.27 -15.64 8.22
N GLY C 101 -3.49 -16.75 7.52
CA GLY C 101 -4.75 -16.98 6.83
C GLY C 101 -4.71 -16.39 5.42
N TYR C 102 -4.22 -17.19 4.46
CA TYR C 102 -4.15 -16.75 3.09
C TYR C 102 -3.24 -15.53 2.94
N GLY C 103 -1.93 -15.77 2.87
CA GLY C 103 -0.97 -14.69 2.72
C GLY C 103 -1.39 -13.77 1.58
N SER C 104 -0.95 -14.09 0.38
CA SER C 104 -1.31 -13.28 -0.79
C SER C 104 -1.66 -14.18 -1.97
N THR C 105 -2.78 -13.88 -2.62
CA THR C 105 -3.20 -14.68 -3.78
C THR C 105 -3.99 -13.84 -4.77
N GLY C 106 -3.32 -13.34 -5.80
CA GLY C 106 -4.00 -12.54 -6.80
C GLY C 106 -5.19 -13.32 -7.34
N GLY C 107 -6.39 -12.96 -6.88
CA GLY C 107 -7.59 -13.65 -7.33
C GLY C 107 -7.77 -13.49 -8.83
N TYR C 108 -7.28 -14.46 -9.59
CA TYR C 108 -7.40 -14.41 -11.04
C TYR C 108 -8.78 -14.88 -11.48
N GLY C 109 -9.02 -16.19 -11.37
CA GLY C 109 -10.30 -16.75 -11.75
C GLY C 109 -11.31 -16.61 -10.62
N SER C 110 -10.98 -17.19 -9.46
CA SER C 110 -11.87 -17.12 -8.31
C SER C 110 -11.09 -17.40 -7.02
N SER C 111 -11.38 -16.61 -5.99
CA SER C 111 -10.71 -16.78 -4.70
C SER C 111 -11.71 -16.61 -3.56
N GLN C 112 -12.20 -17.72 -3.03
CA GLN C 112 -13.17 -17.68 -1.93
C GLN C 112 -12.63 -18.43 -0.72
N SER C 113 -12.17 -17.68 0.27
CA SER C 113 -11.61 -18.30 1.47
C SER C 113 -11.91 -17.46 2.72
N SER C 114 -11.75 -18.08 3.89
CA SER C 114 -12.01 -17.38 5.15
C SER C 114 -10.91 -17.70 6.16
N GLN C 115 -10.64 -16.76 7.06
CA GLN C 115 -9.61 -16.97 8.06
C GLN C 115 -9.55 -15.79 9.05
N SER C 116 -8.68 -15.91 10.05
CA SER C 116 -8.53 -14.85 11.05
C SER C 116 -7.32 -15.13 11.93
N SER C 117 -6.81 -14.08 12.56
CA SER C 117 -5.65 -14.23 13.45
C SER C 117 -5.50 -13.01 14.35
N TYR C 118 -4.56 -13.07 15.29
CA TYR C 118 -4.35 -11.96 16.21
C TYR C 118 -3.09 -12.18 17.06
N GLY C 119 -1.93 -11.88 16.49
CA GLY C 119 -0.68 -12.05 17.21
C GLY C 119 0.52 -11.59 16.38
N GLN C 120 0.43 -10.37 15.83
CA GLN C 120 1.52 -9.84 15.02
C GLN C 120 2.39 -8.90 15.85
N GLN C 121 3.63 -9.30 16.09
CA GLN C 121 4.55 -8.48 16.87
C GLN C 121 5.90 -8.36 16.16
N SER C 122 6.34 -7.11 15.96
CA SER C 122 7.61 -6.85 15.29
C SER C 122 8.50 -5.99 16.17
N SER C 123 9.55 -6.60 16.72
CA SER C 123 10.48 -5.88 17.58
C SER C 123 9.79 -5.45 18.88
N TYR C 124 8.75 -6.18 19.26
CA TYR C 124 8.02 -5.85 20.47
C TYR C 124 6.84 -6.81 20.68
N SER D 64 -18.69 -12.40 -14.61
CA SER D 64 -17.66 -11.34 -14.38
C SER D 64 -16.58 -11.46 -15.45
N TYR D 65 -16.54 -10.48 -16.35
CA TYR D 65 -15.55 -10.48 -17.42
C TYR D 65 -14.49 -9.41 -17.16
N SER D 66 -13.37 -9.82 -16.58
CA SER D 66 -12.28 -8.88 -16.29
C SER D 66 -11.56 -8.49 -17.58
N GLY D 67 -11.16 -7.23 -17.67
CA GLY D 67 -10.46 -6.74 -18.85
C GLY D 67 -8.95 -6.79 -18.64
N TYR D 68 -8.34 -5.62 -18.43
CA TYR D 68 -6.91 -5.55 -18.22
C TYR D 68 -6.60 -5.15 -16.77
N SER D 69 -5.74 -5.92 -16.12
CA SER D 69 -5.37 -5.65 -14.74
C SER D 69 -3.86 -5.75 -14.56
N GLN D 70 -3.33 -5.02 -13.58
CA GLN D 70 -1.90 -5.02 -13.32
C GLN D 70 -1.61 -5.72 -11.99
N SER D 71 -0.37 -5.58 -11.51
CA SER D 71 0.03 -6.19 -10.25
C SER D 71 -0.60 -5.47 -9.06
N THR D 72 -0.65 -6.15 -7.92
CA THR D 72 -1.23 -5.56 -6.71
C THR D 72 -0.25 -5.66 -5.55
N ASP D 73 -0.03 -4.53 -4.88
CA ASP D 73 0.89 -4.50 -3.74
C ASP D 73 0.18 -3.92 -2.51
N THR D 74 0.53 -4.42 -1.33
CA THR D 74 -0.08 -3.93 -0.10
C THR D 74 0.96 -3.36 0.84
N SER D 75 1.99 -4.14 1.13
CA SER D 75 3.05 -3.71 2.04
C SER D 75 4.42 -4.05 1.48
N GLY D 76 5.33 -3.07 1.46
CA GLY D 76 6.67 -3.31 0.96
C GLY D 76 6.91 -2.63 -0.37
N TYR D 77 7.16 -1.32 -0.33
CA TYR D 77 7.42 -0.53 -1.53
C TYR D 77 6.74 -1.08 -2.78
N GLY D 78 5.42 -0.95 -2.85
CA GLY D 78 4.66 -1.44 -3.99
C GLY D 78 4.95 -0.59 -5.22
N GLN D 79 5.87 -1.05 -6.05
CA GLN D 79 6.25 -0.32 -7.26
C GLN D 79 6.97 0.98 -6.90
N SER D 80 8.27 0.87 -6.67
CA SER D 80 9.07 2.04 -6.30
C SER D 80 10.55 1.77 -6.55
N SER D 81 11.27 2.79 -6.98
CA SER D 81 12.70 2.65 -7.25
C SER D 81 13.44 3.92 -6.85
N TYR D 82 14.47 3.76 -6.02
CA TYR D 82 15.25 4.90 -5.56
C TYR D 82 15.96 5.57 -6.74
N SER D 83 16.59 4.75 -7.57
CA SER D 83 17.30 5.26 -8.74
C SER D 83 18.19 6.44 -8.36
N SER D 84 18.87 6.33 -7.23
CA SER D 84 19.74 7.40 -6.76
C SER D 84 21.21 7.00 -6.89
N TYR D 85 21.99 7.84 -7.56
CA TYR D 85 23.42 7.56 -7.74
C TYR D 85 24.13 7.51 -6.39
N GLY D 86 23.75 8.41 -5.49
CA GLY D 86 24.37 8.45 -4.17
C GLY D 86 23.33 8.19 -3.07
N GLN D 87 23.69 7.30 -2.14
CA GLN D 87 22.79 6.96 -1.04
C GLN D 87 23.59 6.46 0.15
N SER D 88 23.28 6.99 1.34
CA SER D 88 23.97 6.59 2.55
C SER D 88 22.97 6.25 3.65
N GLN D 89 23.34 5.30 4.50
CA GLN D 89 22.47 4.89 5.60
C GLN D 89 21.06 4.61 5.09
N ASN D 90 20.94 3.60 4.24
CA ASN D 90 19.65 3.22 3.69
C ASN D 90 18.96 2.18 4.56
N THR D 91 17.85 2.58 5.18
CA THR D 91 17.11 1.68 6.05
C THR D 91 15.71 1.42 5.48
N GLY D 92 15.33 0.15 5.41
CA GLY D 92 14.03 -0.22 4.88
C GLY D 92 12.90 0.28 5.80
N TYR D 93 11.72 -0.29 5.64
CA TYR D 93 10.57 0.11 6.45
C TYR D 93 10.94 0.14 7.93
N GLY D 94 11.33 -1.02 8.47
CA GLY D 94 11.70 -1.10 9.89
C GLY D 94 10.75 -2.03 10.64
N THR D 95 9.75 -1.44 11.28
CA THR D 95 8.78 -2.22 12.04
C THR D 95 7.40 -2.06 11.45
N GLN D 96 6.89 -3.11 10.81
CA GLN D 96 5.57 -3.06 10.20
C GLN D 96 4.94 -4.45 10.18
N SER D 97 3.66 -4.52 10.51
CA SER D 97 2.95 -5.79 10.52
C SER D 97 1.96 -5.88 9.36
N THR D 98 1.99 -7.01 8.66
CA THR D 98 1.09 -7.23 7.53
C THR D 98 -0.33 -7.49 8.05
N PRO D 99 -1.32 -7.44 7.17
CA PRO D 99 -2.75 -7.57 7.58
C PRO D 99 -3.30 -8.99 7.55
N GLN D 100 -3.45 -9.57 8.73
CA GLN D 100 -3.96 -10.92 8.86
C GLN D 100 -5.32 -11.04 8.17
N GLY D 101 -5.53 -12.16 7.48
CA GLY D 101 -6.78 -12.38 6.77
C GLY D 101 -6.74 -11.80 5.37
N TYR D 102 -6.26 -12.60 4.42
CA TYR D 102 -6.18 -12.17 3.03
C TYR D 102 -5.26 -10.96 2.89
N GLY D 103 -3.95 -11.21 2.83
CA GLY D 103 -2.98 -10.13 2.68
C GLY D 103 -3.39 -9.21 1.54
N SER D 104 -2.95 -9.54 0.33
CA SER D 104 -3.29 -8.73 -0.84
C SER D 104 -3.63 -9.63 -2.02
N THR D 105 -4.75 -9.34 -2.68
CA THR D 105 -5.17 -10.14 -3.82
C THR D 105 -5.95 -9.29 -4.83
N GLY D 106 -5.27 -8.80 -5.85
CA GLY D 106 -5.94 -8.00 -6.87
C GLY D 106 -7.13 -8.78 -7.41
N GLY D 107 -8.33 -8.42 -6.97
CA GLY D 107 -9.53 -9.10 -7.42
C GLY D 107 -9.71 -8.95 -8.92
N TYR D 108 -9.21 -9.93 -9.67
CA TYR D 108 -9.32 -9.88 -11.12
C TYR D 108 -10.71 -10.35 -11.56
N GLY D 109 -10.96 -11.65 -11.45
CA GLY D 109 -12.25 -12.21 -11.84
C GLY D 109 -13.26 -12.06 -10.70
N SER D 110 -12.93 -12.62 -9.55
CA SER D 110 -13.83 -12.55 -8.40
C SER D 110 -13.06 -12.82 -7.11
N SER D 111 -13.34 -12.03 -6.08
CA SER D 111 -12.69 -12.20 -4.79
C SER D 111 -13.69 -12.02 -3.65
N GLN D 112 -14.20 -13.13 -3.13
CA GLN D 112 -15.16 -13.07 -2.03
C GLN D 112 -14.64 -13.81 -0.81
N SER D 113 -14.17 -13.06 0.18
CA SER D 113 -13.63 -13.68 1.39
C SER D 113 -13.93 -12.83 2.62
N SER D 114 -13.79 -13.44 3.80
CA SER D 114 -14.05 -12.74 5.05
C SER D 114 -12.96 -13.06 6.07
N GLN D 115 -12.69 -12.12 6.97
CA GLN D 115 -11.66 -12.32 7.99
C GLN D 115 -11.60 -11.15 8.96
N SER D 116 -10.74 -11.27 9.96
CA SER D 116 -10.60 -10.21 10.96
C SER D 116 -9.38 -10.48 11.85
N SER D 117 -8.87 -9.43 12.48
CA SER D 117 -7.72 -9.58 13.36
C SER D 117 -7.57 -8.37 14.28
N TYR D 118 -6.64 -8.43 15.22
CA TYR D 118 -6.42 -7.32 16.14
C TYR D 118 -5.17 -7.54 16.99
N GLY D 119 -4.00 -7.25 16.43
CA GLY D 119 -2.76 -7.42 17.16
C GLY D 119 -1.55 -6.97 16.34
N GLN D 120 -1.63 -5.76 15.78
CA GLN D 120 -0.53 -5.24 14.97
C GLN D 120 0.34 -4.30 15.80
N GLN D 121 1.59 -4.71 16.05
CA GLN D 121 2.50 -3.89 16.83
C GLN D 121 3.85 -3.77 16.12
N SER D 122 4.29 -2.53 15.92
CA SER D 122 5.58 -2.28 15.26
C SER D 122 6.48 -1.43 16.14
N SER D 123 7.51 -2.05 16.70
CA SER D 123 8.44 -1.33 17.57
C SER D 123 7.75 -0.88 18.85
N TYR D 124 6.69 -1.60 19.23
CA TYR D 124 5.96 -1.26 20.44
C TYR D 124 4.78 -2.21 20.64
N SER E 64 -20.58 -7.82 -14.77
CA SER E 64 -19.55 -6.77 -14.53
C SER E 64 -18.47 -6.90 -15.60
N TYR E 65 -18.42 -5.92 -16.50
CA TYR E 65 -17.42 -5.93 -17.56
C TYR E 65 -16.35 -4.87 -17.32
N SER E 66 -15.24 -5.28 -16.72
CA SER E 66 -14.16 -4.35 -16.43
C SER E 66 -13.42 -3.97 -17.71
N GLY E 67 -13.01 -2.70 -17.81
CA GLY E 67 -12.30 -2.24 -18.99
C GLY E 67 -10.79 -2.29 -18.78
N TYR E 68 -10.19 -1.13 -18.56
CA TYR E 68 -8.75 -1.06 -18.34
C TYR E 68 -8.44 -0.66 -16.89
N SER E 69 -7.59 -1.44 -16.25
CA SER E 69 -7.23 -1.15 -14.85
C SER E 69 -5.71 -1.26 -14.67
N GLN E 70 -5.19 -0.53 -13.70
CA GLN E 70 -3.76 -0.54 -13.42
C GLN E 70 -3.48 -1.24 -12.08
N SER E 71 -2.25 -1.09 -11.60
CA SER E 71 -1.85 -1.71 -10.33
C SER E 71 -2.48 -0.98 -9.16
N THR E 72 -2.55 -1.65 -8.01
CA THR E 72 -3.13 -1.05 -6.81
C THR E 72 -2.16 -1.15 -5.64
N ASP E 73 -1.94 -0.02 -4.98
CA ASP E 73 -1.03 0.00 -3.84
C ASP E 73 -1.73 0.58 -2.61
N THR E 74 -1.39 0.08 -1.43
CA THR E 74 -2.00 0.63 -0.22
C THR E 74 -0.96 1.18 0.75
N SER E 75 0.04 0.38 1.07
CA SER E 75 1.11 0.79 1.99
C SER E 75 2.49 0.49 1.41
N GLY E 76 3.40 1.47 1.38
CA GLY E 76 4.73 1.16 0.87
C GLY E 76 5.04 1.85 -0.46
N TYR E 77 5.25 3.17 -0.41
CA TYR E 77 5.51 3.98 -1.61
C TYR E 77 4.85 3.37 -2.85
N GLY E 78 3.54 3.55 -2.93
CA GLY E 78 2.77 3.06 -4.07
C GLY E 78 3.06 3.89 -5.30
N GLN E 79 4.00 3.43 -6.12
CA GLN E 79 4.39 4.14 -7.34
C GLN E 79 5.12 5.43 -6.98
N SER E 80 6.41 5.32 -6.74
CA SER E 80 7.22 6.48 -6.39
C SER E 80 8.69 6.20 -6.62
N SER E 81 9.42 7.22 -7.05
CA SER E 81 10.85 7.07 -7.31
C SER E 81 11.60 8.34 -6.91
N TYR E 82 12.62 8.17 -6.07
CA TYR E 82 13.41 9.31 -5.62
C TYR E 82 14.13 9.97 -6.79
N SER E 83 14.76 9.14 -7.62
CA SER E 83 15.48 9.65 -8.79
C SER E 83 16.37 10.82 -8.41
N SER E 84 17.05 10.71 -7.27
CA SER E 84 17.93 11.78 -6.81
C SER E 84 19.39 11.37 -6.92
N TYR E 85 20.18 12.20 -7.59
CA TYR E 85 21.60 11.91 -7.76
C TYR E 85 22.31 11.86 -6.41
N GLY E 86 21.93 12.77 -5.52
CA GLY E 86 22.53 12.82 -4.19
C GLY E 86 21.50 12.55 -3.10
N GLN E 87 21.85 11.68 -2.17
CA GLN E 87 20.93 11.35 -1.07
C GLN E 87 21.72 10.85 0.13
N SER E 88 21.41 11.38 1.31
CA SER E 88 22.10 10.98 2.53
C SER E 88 21.09 10.66 3.63
N GLN E 89 21.45 9.71 4.50
CA GLN E 89 20.57 9.31 5.59
C GLN E 89 19.16 9.03 5.07
N ASN E 90 19.04 8.02 4.22
CA ASN E 90 17.75 7.66 3.65
C ASN E 90 17.05 6.62 4.54
N THR E 91 15.94 7.03 5.14
CA THR E 91 15.18 6.13 6.01
C THR E 91 13.78 5.89 5.44
N GLY E 92 13.40 4.62 5.36
CA GLY E 92 12.09 4.26 4.84
C GLY E 92 10.98 4.77 5.75
N TYR E 93 9.79 4.20 5.59
CA TYR E 93 8.64 4.60 6.39
C TYR E 93 9.00 4.64 7.88
N GLY E 94 9.37 3.49 8.43
CA GLY E 94 9.72 3.41 9.85
C GLY E 94 8.78 2.50 10.60
N THR E 95 7.78 3.09 11.24
CA THR E 95 6.80 2.32 11.98
C THR E 95 5.41 2.49 11.38
N GLN E 96 4.92 1.43 10.75
CA GLN E 96 3.59 1.49 10.13
C GLN E 96 2.94 0.11 10.11
N SER E 97 1.66 0.05 10.43
CA SER E 97 0.96 -1.22 10.45
C SER E 97 -0.03 -1.30 9.28
N THR E 98 0.00 -2.44 8.58
CA THR E 98 -0.90 -2.67 7.45
C THR E 98 -2.33 -2.90 7.95
N PRO E 99 -3.32 -2.85 7.08
CA PRO E 99 -4.75 -2.98 7.51
C PRO E 99 -5.27 -4.40 7.47
N GLN E 100 -5.47 -4.97 8.65
CA GLN E 100 -5.99 -6.32 8.77
C GLN E 100 -7.34 -6.43 8.08
N GLY E 101 -7.55 -7.55 7.40
CA GLY E 101 -8.80 -7.76 6.68
C GLY E 101 -8.75 -7.20 5.27
N TYR E 102 -8.26 -8.00 4.32
CA TYR E 102 -8.17 -7.57 2.94
C TYR E 102 -7.24 -6.37 2.80
N GLY E 103 -5.94 -6.63 2.76
CA GLY E 103 -4.96 -5.57 2.60
C GLY E 103 -5.36 -4.65 1.44
N SER E 104 -4.90 -4.98 0.24
CA SER E 104 -5.24 -4.18 -0.93
C SER E 104 -5.60 -5.10 -2.10
N THR E 105 -6.70 -4.80 -2.77
CA THR E 105 -7.12 -5.59 -3.93
C THR E 105 -7.87 -4.74 -4.93
N GLY E 106 -7.19 -4.27 -5.98
CA GLY E 106 -7.86 -3.46 -6.97
C GLY E 106 -9.05 -4.25 -7.51
N GLY E 107 -10.26 -3.85 -7.09
CA GLY E 107 -11.44 -4.54 -7.55
C GLY E 107 -11.59 -4.39 -9.05
N TYR E 108 -11.13 -5.38 -9.78
CA TYR E 108 -11.23 -5.35 -11.22
C TYR E 108 -12.61 -5.81 -11.67
N GLY E 109 -12.87 -7.10 -11.56
CA GLY E 109 -14.16 -7.65 -11.96
C GLY E 109 -15.17 -7.49 -10.84
N SER E 110 -14.86 -8.05 -9.67
CA SER E 110 -15.76 -7.97 -8.53
C SER E 110 -15.00 -8.23 -7.23
N SER E 111 -15.29 -7.44 -6.21
CA SER E 111 -14.63 -7.60 -4.91
C SER E 111 -15.64 -7.41 -3.78
N GLN E 112 -16.16 -8.51 -3.25
CA GLN E 112 -17.14 -8.45 -2.17
C GLN E 112 -16.63 -9.19 -0.94
N SER E 113 -16.17 -8.43 0.05
CA SER E 113 -15.63 -9.05 1.26
C SER E 113 -15.93 -8.20 2.49
N SER E 114 -15.79 -8.80 3.68
CA SER E 114 -16.06 -8.09 4.93
C SER E 114 -14.98 -8.41 5.95
N GLN E 115 -14.71 -7.46 6.85
CA GLN E 115 -13.68 -7.68 7.86
C GLN E 115 -13.62 -6.49 8.83
N SER E 116 -12.76 -6.61 9.84
CA SER E 116 -12.62 -5.55 10.83
C SER E 116 -11.40 -5.82 11.72
N SER E 117 -10.89 -4.78 12.35
CA SER E 117 -9.75 -4.93 13.25
C SER E 117 -9.61 -3.71 14.16
N TYR E 118 -8.67 -3.78 15.11
CA TYR E 118 -8.46 -2.66 16.03
C TYR E 118 -7.21 -2.88 16.88
N GLY E 119 -6.04 -2.61 16.31
CA GLY E 119 -4.79 -2.78 17.07
C GLY E 119 -3.58 -2.34 16.25
N GLN E 120 -3.66 -1.14 15.66
CA GLN E 120 -2.56 -0.62 14.88
C GLN E 120 -1.67 0.31 15.71
N GLN E 121 -0.44 -0.11 15.96
CA GLN E 121 0.48 0.71 16.75
C GLN E 121 1.84 0.82 16.04
N SER E 122 2.30 2.06 15.83
CA SER E 122 3.58 2.30 15.17
C SER E 122 4.48 3.15 16.06
N SER E 123 5.50 2.53 16.63
CA SER E 123 6.44 3.25 17.50
C SER E 123 5.74 3.70 18.78
N TYR E 124 4.68 3.00 19.16
CA TYR E 124 3.93 3.34 20.37
C TYR E 124 2.76 2.40 20.56
N SER F 64 -22.45 -3.23 -14.95
CA SER F 64 -21.41 -2.18 -14.72
C SER F 64 -20.33 -2.31 -15.78
N TYR F 65 -20.26 -1.35 -16.68
CA TYR F 65 -19.26 -1.37 -17.75
C TYR F 65 -18.20 -0.31 -17.49
N SER F 66 -17.08 -0.73 -16.89
CA SER F 66 -15.99 0.20 -16.60
C SER F 66 -15.25 0.56 -17.88
N GLY F 67 -14.83 1.82 -17.98
CA GLY F 67 -14.11 2.29 -19.15
C GLY F 67 -12.60 2.23 -18.93
N TYR F 68 -11.99 3.38 -18.72
CA TYR F 68 -10.55 3.44 -18.50
C TYR F 68 -10.25 3.85 -17.06
N SER F 69 -9.41 3.07 -16.39
CA SER F 69 -9.06 3.36 -15.00
C SER F 69 -7.54 3.25 -14.81
N GLN F 70 -7.02 3.97 -13.82
CA GLN F 70 -5.59 3.95 -13.55
C GLN F 70 -5.32 3.26 -12.21
N SER F 71 -4.09 3.41 -11.72
CA SER F 71 -3.71 2.79 -10.44
C SER F 71 -4.35 3.53 -9.28
N THR F 72 -4.42 2.86 -8.13
CA THR F 72 -5.01 3.47 -6.95
C THR F 72 -4.04 3.38 -5.75
N ASP F 73 -3.81 4.51 -5.10
CA ASP F 73 -2.91 4.54 -3.95
C ASP F 73 -3.61 5.14 -2.74
N THR F 74 -3.28 4.65 -1.54
CA THR F 74 -3.90 5.15 -0.32
C THR F 74 -2.86 5.72 0.62
N SER F 75 -1.85 4.92 0.94
CA SER F 75 -0.79 5.36 1.85
C SER F 75 0.58 5.00 1.31
N GLY F 76 1.50 5.96 1.29
CA GLY F 76 2.84 5.70 0.81
C GLY F 76 3.10 6.36 -0.54
N TYR F 77 3.36 7.68 -0.50
CA TYR F 77 3.67 8.46 -1.71
C TYR F 77 2.98 7.89 -2.96
N GLY F 78 1.66 8.04 -3.03
CA GLY F 78 0.92 7.55 -4.18
C GLY F 78 1.22 8.39 -5.42
N GLN F 79 2.16 7.90 -6.23
CA GLN F 79 2.55 8.62 -7.44
C GLN F 79 3.29 9.90 -7.09
N SER F 80 4.58 9.79 -6.83
CA SER F 80 5.39 10.94 -6.48
C SER F 80 6.87 10.65 -6.71
N SER F 81 7.61 11.67 -7.15
CA SER F 81 9.03 11.51 -7.40
C SER F 81 9.79 12.77 -7.00
N TYR F 82 10.80 12.61 -6.15
CA TYR F 82 11.59 13.74 -5.70
C TYR F 82 12.33 14.39 -6.87
N SER F 83 12.95 13.55 -7.70
CA SER F 83 13.69 14.04 -8.86
C SER F 83 14.59 15.22 -8.48
N SER F 84 15.25 15.11 -7.33
CA SER F 84 16.14 16.17 -6.88
C SER F 84 17.60 15.75 -6.97
N TYR F 85 18.40 16.57 -7.64
CA TYR F 85 19.82 16.28 -7.81
C TYR F 85 20.52 16.23 -6.46
N GLY F 86 20.14 17.14 -5.57
CA GLY F 86 20.74 17.20 -4.24
C GLY F 86 19.69 16.95 -3.16
N GLN F 87 20.03 16.07 -2.21
CA GLN F 87 19.11 15.75 -1.12
C GLN F 87 19.89 15.24 0.10
N SER F 88 19.58 15.80 1.26
CA SER F 88 20.25 15.39 2.48
C SER F 88 19.23 15.08 3.59
N GLN F 89 19.59 14.13 4.46
CA GLN F 89 18.70 13.75 5.55
C GLN F 89 17.28 13.48 5.02
N ASN F 90 17.16 12.45 4.18
CA ASN F 90 15.87 12.10 3.61
C ASN F 90 15.16 11.07 4.49
N THR F 91 14.05 11.49 5.09
CA THR F 91 13.28 10.60 5.96
C THR F 91 11.89 10.36 5.38
N GLY F 92 11.50 9.09 5.31
CA GLY F 92 10.19 8.74 4.78
C GLY F 92 9.07 9.26 5.68
N TYR F 93 7.88 8.70 5.52
CA TYR F 93 6.73 9.12 6.31
C TYR F 93 7.08 9.16 7.79
N GLY F 94 7.45 8.01 8.35
CA GLY F 94 7.80 7.95 9.77
C GLY F 94 6.84 7.03 10.51
N THR F 95 5.84 7.64 11.15
CA THR F 95 4.85 6.87 11.90
C THR F 95 3.47 7.05 11.28
N GLN F 96 2.96 6.00 10.65
CA GLN F 96 1.65 6.06 10.03
C GLN F 96 0.99 4.68 10.01
N SER F 97 -0.30 4.63 10.33
CA SER F 97 -1.02 3.37 10.35
C SER F 97 -1.99 3.28 9.18
N THR F 98 -1.98 2.14 8.48
CA THR F 98 -2.86 1.91 7.35
C THR F 98 -4.29 1.68 7.85
N PRO F 99 -5.28 1.75 6.97
CA PRO F 99 -6.71 1.63 7.35
C PRO F 99 -7.27 0.22 7.34
N GLN F 100 -7.44 -0.35 8.53
CA GLN F 100 -7.97 -1.70 8.66
C GLN F 100 -9.32 -1.80 7.95
N GLY F 101 -9.54 -2.92 7.27
CA GLY F 101 -10.79 -3.14 6.57
C GLY F 101 -10.73 -2.57 5.15
N TYR F 102 -10.25 -3.39 4.21
CA TYR F 102 -10.14 -2.97 2.82
C TYR F 102 -9.20 -1.77 2.68
N GLY F 103 -7.90 -2.05 2.64
CA GLY F 103 -6.92 -0.98 2.48
C GLY F 103 -7.29 -0.06 1.33
N SER F 104 -6.84 -0.42 0.13
CA SER F 104 -7.16 0.38 -1.05
C SER F 104 -7.50 -0.53 -2.23
N THR F 105 -8.61 -0.22 -2.91
CA THR F 105 -9.04 -1.03 -4.04
C THR F 105 -9.78 -0.18 -5.06
N GLY F 106 -9.08 0.29 -6.09
CA GLY F 106 -9.74 1.08 -7.11
C GLY F 106 -10.93 0.32 -7.66
N GLY F 107 -12.13 0.71 -7.24
CA GLY F 107 -13.34 0.04 -7.69
C GLY F 107 -13.50 0.17 -9.19
N TYR F 108 -13.00 -0.81 -9.93
CA TYR F 108 -13.10 -0.79 -11.39
C TYR F 108 -14.49 -1.24 -11.84
N GLY F 109 -14.75 -2.54 -11.71
CA GLY F 109 -16.04 -3.08 -12.11
C GLY F 109 -17.07 -2.91 -11.00
N SER F 110 -16.76 -3.47 -9.83
CA SER F 110 -17.67 -3.37 -8.69
C SER F 110 -16.91 -3.64 -7.38
N SER F 111 -17.21 -2.83 -6.36
CA SER F 111 -16.56 -3.00 -5.07
C SER F 111 -17.58 -2.79 -3.94
N GLN F 112 -18.10 -3.89 -3.42
CA GLN F 112 -19.08 -3.81 -2.33
C GLN F 112 -18.57 -4.55 -1.10
N SER F 113 -18.11 -3.80 -0.10
CA SER F 113 -17.59 -4.41 1.12
C SER F 113 -17.90 -3.55 2.33
N SER F 114 -17.77 -4.14 3.52
CA SER F 114 -18.03 -3.43 4.77
C SER F 114 -16.97 -3.75 5.80
N GLN F 115 -16.69 -2.80 6.69
CA GLN F 115 -15.67 -3.01 7.71
C GLN F 115 -15.61 -1.83 8.67
N SER F 116 -14.77 -1.94 9.70
CA SER F 116 -14.61 -0.87 10.68
C SER F 116 -13.42 -1.16 11.59
N SER F 117 -12.90 -0.11 12.22
CA SER F 117 -11.75 -0.27 13.12
C SER F 117 -11.60 0.96 14.01
N TYR F 118 -10.68 0.89 14.96
CA TYR F 118 -10.46 2.01 15.88
C TYR F 118 -9.23 1.79 16.74
N GLY F 119 -8.05 2.05 16.18
CA GLY F 119 -6.81 1.88 16.94
C GLY F 119 -5.59 2.30 16.13
N GLN F 120 -5.65 3.50 15.55
CA GLN F 120 -4.54 4.00 14.75
C GLN F 120 -3.66 4.94 15.58
N GLN F 121 -2.43 4.52 15.85
CA GLN F 121 -1.50 5.34 16.63
C GLN F 121 -0.14 5.43 15.94
N SER F 122 0.32 6.66 15.73
CA SER F 122 1.60 6.88 15.08
C SER F 122 2.50 7.74 15.97
N SER F 123 3.52 7.11 16.54
CA SER F 123 4.46 7.82 17.41
C SER F 123 3.76 8.30 18.68
N TYR F 124 2.69 7.59 19.06
CA TYR F 124 1.94 7.95 20.26
C TYR F 124 0.75 7.02 20.45
N SER G 64 -24.29 1.38 -15.17
CA SER G 64 -23.25 2.42 -14.95
C SER G 64 -22.15 2.28 -15.99
N TYR G 65 -22.08 3.24 -16.90
CA TYR G 65 -21.07 3.20 -17.96
C TYR G 65 -20.00 4.26 -17.71
N SER G 66 -18.89 3.83 -17.09
CA SER G 66 -17.80 4.76 -16.80
C SER G 66 -17.04 5.11 -18.08
N GLY G 67 -16.62 6.37 -18.18
CA GLY G 67 -15.89 6.82 -19.36
C GLY G 67 -14.39 6.75 -19.12
N TYR G 68 -13.77 7.90 -18.91
CA TYR G 68 -12.33 7.96 -18.68
C TYR G 68 -12.03 8.37 -17.24
N SER G 69 -11.20 7.59 -16.56
CA SER G 69 -10.84 7.88 -15.18
C SER G 69 -9.34 7.76 -14.97
N GLN G 70 -8.82 8.50 -14.00
CA GLN G 70 -7.39 8.46 -13.71
C GLN G 70 -7.13 7.78 -12.37
N SER G 71 -5.90 7.92 -11.87
CA SER G 71 -5.54 7.31 -10.59
C SER G 71 -6.17 8.06 -9.42
N THR G 72 -6.25 7.39 -8.27
CA THR G 72 -6.84 8.01 -7.09
C THR G 72 -5.89 7.92 -5.91
N ASP G 73 -5.64 9.04 -5.25
CA ASP G 73 -4.76 9.08 -4.10
C ASP G 73 -5.47 9.69 -2.89
N THR G 74 -5.14 9.20 -1.70
CA THR G 74 -5.77 9.71 -0.48
C THR G 74 -4.72 10.28 0.48
N SER G 75 -3.71 9.47 0.80
CA SER G 75 -2.68 9.91 1.71
C SER G 75 -1.29 9.54 1.18
N GLY G 76 -0.38 10.49 1.17
CA GLY G 76 0.98 10.21 0.69
C GLY G 76 1.25 10.88 -0.66
N TYR G 77 1.52 12.18 -0.63
CA TYR G 77 1.84 12.95 -1.84
C TYR G 77 1.15 12.39 -3.09
N GLY G 78 -0.17 12.55 -3.17
CA GLY G 78 -0.91 12.06 -4.32
C GLY G 78 -0.59 12.90 -5.56
N GLN G 79 0.34 12.40 -6.37
CA GLN G 79 0.74 13.10 -7.58
C GLN G 79 1.47 14.39 -7.23
N SER G 80 2.78 14.26 -6.97
CA SER G 80 3.59 15.42 -6.62
C SER G 80 5.08 15.11 -6.83
N SER G 81 5.82 16.12 -7.27
CA SER G 81 7.24 15.95 -7.51
C SER G 81 8.01 17.21 -7.11
N TYR G 82 9.01 17.05 -6.26
CA TYR G 82 9.81 18.18 -5.80
C TYR G 82 10.56 18.81 -6.98
N SER G 83 11.19 17.97 -7.79
CA SER G 83 11.92 18.45 -8.96
C SER G 83 12.83 19.62 -8.58
N SER G 84 13.49 19.52 -7.43
CA SER G 84 14.38 20.57 -6.98
C SER G 84 15.83 20.15 -7.06
N TYR G 85 16.64 20.96 -7.73
CA TYR G 85 18.07 20.66 -7.89
C TYR G 85 18.75 20.61 -6.53
N GLY G 86 18.38 21.53 -5.64
CA GLY G 86 18.97 21.58 -4.32
C GLY G 86 17.92 21.34 -3.23
N GLN G 87 18.24 20.47 -2.29
CA GLN G 87 17.32 20.16 -1.20
C GLN G 87 18.08 19.66 0.02
N SER G 88 17.76 20.21 1.19
CA SER G 88 18.43 19.81 2.42
C SER G 88 17.41 19.51 3.51
N GLN G 89 17.75 18.57 4.38
CA GLN G 89 16.85 18.19 5.47
C GLN G 89 15.44 17.93 4.94
N ASN G 90 15.32 16.91 4.10
CA ASN G 90 14.03 16.56 3.52
C ASN G 90 13.30 15.54 4.41
N THR G 91 12.19 15.96 5.00
CA THR G 91 11.42 15.09 5.88
C THR G 91 10.03 14.85 5.29
N GLY G 92 9.63 13.58 5.21
CA GLY G 92 8.32 13.23 4.68
C GLY G 92 7.20 13.77 5.57
N TYR G 93 6.01 13.22 5.40
CA TYR G 93 4.85 13.65 6.19
C TYR G 93 5.20 13.69 7.68
N GLY G 94 5.55 12.54 8.24
CA GLY G 94 5.89 12.47 9.66
C GLY G 94 4.92 11.58 10.41
N THR G 95 3.92 12.19 11.03
CA THR G 95 2.93 11.44 11.78
C THR G 95 1.56 11.62 11.16
N GLN G 96 1.05 10.56 10.53
CA GLN G 96 -0.27 10.63 9.90
C GLN G 96 -0.93 9.26 9.87
N SER G 97 -2.22 9.22 10.19
CA SER G 97 -2.95 7.96 10.21
C SER G 97 -3.92 7.87 9.04
N THR G 98 -3.91 6.73 8.35
CA THR G 98 -4.78 6.51 7.21
C THR G 98 -6.22 6.29 7.71
N PRO G 99 -7.20 6.35 6.83
CA PRO G 99 -8.64 6.24 7.20
C PRO G 99 -9.21 4.84 7.19
N GLN G 100 -9.38 4.27 8.38
CA GLN G 100 -9.94 2.93 8.51
C GLN G 100 -11.28 2.83 7.80
N GLY G 101 -11.50 1.70 7.12
CA GLY G 101 -12.75 1.50 6.41
C GLY G 101 -12.66 2.05 4.99
N TYR G 102 -12.18 1.23 4.05
CA TYR G 102 -12.06 1.64 2.67
C TYR G 102 -11.12 2.84 2.53
N GLY G 103 -9.83 2.56 2.49
CA GLY G 103 -8.83 3.62 2.34
C GLY G 103 -9.20 4.52 1.18
N SER G 104 -8.74 4.16 -0.02
CA SER G 104 -9.06 4.97 -1.20
C SER G 104 -9.40 4.05 -2.37
N THR G 105 -10.50 4.35 -3.06
CA THR G 105 -10.92 3.54 -4.20
C THR G 105 -11.66 4.39 -5.23
N GLY G 106 -10.95 4.86 -6.25
CA GLY G 106 -11.59 5.64 -7.29
C GLY G 106 -12.78 4.89 -7.84
N GLY G 107 -13.99 5.29 -7.42
CA GLY G 107 -15.20 4.61 -7.88
C GLY G 107 -15.34 4.75 -9.39
N TYR G 108 -14.86 3.75 -10.12
CA TYR G 108 -14.94 3.78 -11.57
C TYR G 108 -16.33 3.34 -12.03
N GLY G 109 -16.60 2.04 -11.90
CA GLY G 109 -17.89 1.49 -12.30
C GLY G 109 -18.93 1.68 -11.19
N SER G 110 -18.63 1.12 -10.02
CA SER G 110 -19.53 1.24 -8.88
C SER G 110 -18.80 0.96 -7.57
N SER G 111 -19.09 1.78 -6.56
CA SER G 111 -18.45 1.62 -5.26
C SER G 111 -19.47 1.84 -4.14
N GLN G 112 -20.01 0.75 -3.61
CA GLN G 112 -20.99 0.83 -2.54
C GLN G 112 -20.49 0.10 -1.30
N SER G 113 -20.03 0.86 -0.30
CA SER G 113 -19.53 0.25 0.92
C SER G 113 -19.83 1.12 2.14
N SER G 114 -19.72 0.52 3.33
CA SER G 114 -19.99 1.25 4.56
C SER G 114 -18.92 0.92 5.60
N GLN G 115 -18.64 1.88 6.49
CA GLN G 115 -17.64 1.66 7.53
C GLN G 115 -17.57 2.85 8.49
N SER G 116 -16.73 2.73 9.51
CA SER G 116 -16.58 3.80 10.49
C SER G 116 -15.40 3.51 11.41
N SER G 117 -14.86 4.57 12.03
CA SER G 117 -13.74 4.41 12.94
C SER G 117 -13.58 5.64 13.83
N TYR G 118 -12.65 5.56 14.79
CA TYR G 118 -12.44 6.68 15.69
C TYR G 118 -11.21 6.46 16.57
N GLY G 119 -10.02 6.71 16.02
CA GLY G 119 -8.79 6.53 16.79
C GLY G 119 -7.56 6.95 15.97
N GLN G 120 -7.61 8.14 15.39
CA GLN G 120 -6.49 8.63 14.60
C GLN G 120 -5.62 9.57 15.42
N GLN G 121 -4.39 9.14 15.70
CA GLN G 121 -3.46 9.96 16.49
C GLN G 121 -2.11 10.04 15.80
N SER G 122 -1.63 11.26 15.59
CA SER G 122 -0.34 11.48 14.95
C SER G 122 0.56 12.34 15.83
N SER G 123 1.58 11.71 16.41
CA SER G 123 2.51 12.42 17.29
C SER G 123 1.81 12.89 18.55
N TYR G 124 0.73 12.20 18.93
CA TYR G 124 -0.02 12.57 20.12
C TYR G 124 -1.22 11.65 20.31
N SER H 64 -26.09 6.00 -15.43
CA SER H 64 -25.05 7.04 -15.20
C SER H 64 -23.94 6.87 -16.24
N TYR H 65 -23.86 7.83 -17.16
CA TYR H 65 -22.85 7.79 -18.21
C TYR H 65 -21.77 8.84 -17.95
N SER H 66 -20.68 8.42 -17.33
CA SER H 66 -19.58 9.33 -17.03
C SER H 66 -18.81 9.68 -18.31
N GLY H 67 -18.38 10.93 -18.42
CA GLY H 67 -17.64 11.37 -19.59
C GLY H 67 -16.13 11.29 -19.35
N TYR H 68 -15.51 12.45 -19.15
CA TYR H 68 -14.07 12.49 -18.90
C TYR H 68 -13.78 12.91 -17.45
N SER H 69 -12.96 12.12 -16.77
CA SER H 69 -12.61 12.42 -15.39
C SER H 69 -11.11 12.28 -15.17
N GLN H 70 -10.59 13.02 -14.19
CA GLN H 70 -9.16 12.97 -13.91
C GLN H 70 -8.91 12.30 -12.56
N SER H 71 -7.69 12.43 -12.05
CA SER H 71 -7.33 11.83 -10.77
C SER H 71 -7.96 12.59 -9.62
N THR H 72 -8.06 11.93 -8.47
CA THR H 72 -8.65 12.56 -7.29
C THR H 72 -7.71 12.45 -6.09
N ASP H 73 -7.46 13.59 -5.44
CA ASP H 73 -6.58 13.63 -4.28
C ASP H 73 -7.29 14.24 -3.08
N THR H 74 -6.97 13.75 -1.88
CA THR H 74 -7.60 14.28 -0.68
C THR H 74 -6.56 14.84 0.29
N SER H 75 -5.56 14.04 0.62
CA SER H 75 -4.52 14.47 1.54
C SER H 75 -3.14 14.08 1.01
N GLY H 76 -2.22 15.04 1.00
CA GLY H 76 -0.86 14.75 0.52
C GLY H 76 -0.58 15.41 -0.82
N TYR H 77 -0.30 16.72 -0.79
CA TYR H 77 0.02 17.48 -2.00
C TYR H 77 -0.66 16.92 -3.25
N GLY H 78 -1.97 17.08 -3.35
CA GLY H 78 -2.71 16.58 -4.50
C GLY H 78 -2.39 17.41 -5.73
N GLN H 79 -1.45 16.90 -6.54
CA GLN H 79 -1.03 17.61 -7.75
C GLN H 79 -0.29 18.88 -7.39
N SER H 80 1.01 18.75 -7.13
CA SER H 80 1.83 19.91 -6.78
C SER H 80 3.31 19.59 -6.98
N SER H 81 4.06 20.60 -7.42
CA SER H 81 5.49 20.41 -7.66
C SER H 81 6.26 21.67 -7.25
N TYR H 82 7.26 21.49 -6.40
CA TYR H 82 8.06 22.62 -5.94
C TYR H 82 8.81 23.25 -7.13
N SER H 83 9.44 22.40 -7.93
CA SER H 83 10.20 22.88 -9.09
C SER H 83 11.10 24.05 -8.71
N SER H 84 11.75 23.94 -7.56
CA SER H 84 12.64 24.99 -7.10
C SER H 84 14.09 24.56 -7.18
N TYR H 85 14.92 25.36 -7.85
CA TYR H 85 16.33 25.05 -7.99
C TYR H 85 17.02 25.00 -6.63
N GLY H 86 16.64 25.93 -5.75
CA GLY H 86 17.23 25.98 -4.42
C GLY H 86 16.17 25.76 -3.35
N GLN H 87 16.48 24.88 -2.39
CA GLN H 87 15.55 24.59 -1.31
C GLN H 87 16.30 24.09 -0.08
N SER H 88 15.98 24.65 1.08
CA SER H 88 16.64 24.24 2.32
C SER H 88 15.61 23.96 3.41
N GLN H 89 15.94 23.01 4.29
CA GLN H 89 15.03 22.66 5.38
C GLN H 89 13.62 22.39 4.84
N ASN H 90 13.50 21.36 3.99
CA ASN H 90 12.21 21.02 3.42
C ASN H 90 11.48 20.02 4.30
N THR H 91 10.37 20.45 4.89
CA THR H 91 9.58 19.58 5.75
C THR H 91 8.19 19.35 5.16
N GLY H 92 7.78 18.09 5.10
CA GLY H 92 6.47 17.74 4.56
C GLY H 92 5.35 18.29 5.44
N TYR H 93 4.16 17.73 5.26
CA TYR H 93 3.01 18.17 6.05
C TYR H 93 3.34 18.23 7.53
N GLY H 94 3.68 17.08 8.11
CA GLY H 94 4.02 17.02 9.53
C GLY H 94 3.04 16.13 10.27
N THR H 95 2.04 16.75 10.88
CA THR H 95 1.04 16.01 11.63
C THR H 95 -0.33 16.19 11.01
N GLN H 96 -0.85 15.15 10.37
CA GLN H 96 -2.16 15.22 9.73
C GLN H 96 -2.83 13.85 9.72
N SER H 97 -4.12 13.82 10.03
CA SER H 97 -4.86 12.56 10.05
C SER H 97 -5.82 12.47 8.87
N THR H 98 -5.81 11.33 8.18
CA THR H 98 -6.69 11.11 7.04
C THR H 98 -8.13 10.91 7.53
N PRO H 99 -9.10 10.96 6.64
CA PRO H 99 -10.55 10.88 7.01
C PRO H 99 -11.11 9.46 7.00
N GLN H 100 -11.31 8.91 8.19
CA GLN H 100 -11.86 7.57 8.32
C GLN H 100 -13.20 7.48 7.61
N GLY H 101 -13.42 6.35 6.93
CA GLY H 101 -14.67 6.14 6.21
C GLY H 101 -14.58 6.69 4.79
N TYR H 102 -14.10 5.86 3.87
CA TYR H 102 -13.97 6.27 2.48
C TYR H 102 -13.02 7.45 2.33
N GLY H 103 -11.72 7.16 2.31
CA GLY H 103 -10.71 8.21 2.16
C GLY H 103 -11.08 9.11 0.99
N SER H 104 -10.62 8.75 -0.21
CA SER H 104 -10.91 9.55 -1.39
C SER H 104 -11.26 8.63 -2.57
N THR H 105 -12.35 8.94 -3.26
CA THR H 105 -12.77 8.13 -4.40
C THR H 105 -13.50 8.97 -5.42
N GLY H 106 -12.78 9.43 -6.45
CA GLY H 106 -13.42 10.22 -7.49
C GLY H 106 -14.61 9.47 -8.05
N GLY H 107 -15.81 9.87 -7.63
CA GLY H 107 -17.02 9.21 -8.10
C GLY H 107 -17.15 9.34 -9.61
N TYR H 108 -16.67 8.33 -10.33
CA TYR H 108 -16.76 8.36 -11.78
C TYR H 108 -18.13 7.92 -12.25
N GLY H 109 -18.42 6.62 -12.11
CA GLY H 109 -19.71 6.08 -12.52
C GLY H 109 -20.75 6.29 -11.41
N SER H 110 -20.46 5.73 -10.24
CA SER H 110 -21.38 5.85 -9.12
C SER H 110 -20.65 5.58 -7.80
N SER H 111 -20.94 6.41 -6.79
CA SER H 111 -20.31 6.24 -5.48
C SER H 111 -21.33 6.48 -4.37
N GLN H 112 -21.88 5.39 -3.84
CA GLN H 112 -22.87 5.49 -2.77
C GLN H 112 -22.39 4.76 -1.53
N SER H 113 -21.93 5.51 -0.53
CA SER H 113 -21.42 4.91 0.70
C SER H 113 -21.74 5.78 1.91
N SER H 114 -21.64 5.20 3.10
CA SER H 114 -21.90 5.93 4.33
C SER H 114 -20.84 5.60 5.38
N GLN H 115 -20.57 6.55 6.27
CA GLN H 115 -19.56 6.34 7.31
C GLN H 115 -19.50 7.53 8.25
N SER H 116 -18.67 7.42 9.29
CA SER H 116 -18.51 8.48 10.26
C SER H 116 -17.33 8.21 11.20
N SER H 117 -16.80 9.25 11.81
CA SER H 117 -15.68 9.09 12.72
C SER H 117 -15.52 10.32 13.61
N TYR H 118 -14.60 10.24 14.58
CA TYR H 118 -14.38 11.37 15.49
C TYR H 118 -13.16 11.13 16.36
N GLY H 119 -11.97 11.38 15.83
CA GLY H 119 -10.74 11.20 16.58
C GLY H 119 -9.51 11.61 15.78
N GLN H 120 -9.54 12.80 15.20
CA GLN H 120 -8.42 13.28 14.41
C GLN H 120 -7.55 14.22 15.24
N GLN H 121 -6.32 13.77 15.52
CA GLN H 121 -5.39 14.59 16.30
C GLN H 121 -4.03 14.66 15.63
N SER H 122 -3.54 15.88 15.41
CA SER H 122 -2.25 16.09 14.77
C SER H 122 -1.34 16.95 15.66
N SER H 123 -0.34 16.31 16.25
CA SER H 123 0.59 17.01 17.13
C SER H 123 -0.12 17.51 18.39
N TYR H 124 -1.19 16.82 18.76
CA TYR H 124 -1.95 17.20 19.95
C TYR H 124 -3.16 16.28 20.14
N SER I 64 -27.87 10.63 -15.72
CA SER I 64 -26.81 11.66 -15.49
C SER I 64 -25.70 11.49 -16.52
N TYR I 65 -25.62 12.44 -17.45
CA TYR I 65 -24.59 12.39 -18.48
C TYR I 65 -23.51 13.44 -18.23
N SER I 66 -22.42 13.01 -17.60
CA SER I 66 -21.32 13.92 -17.30
C SER I 66 -20.54 14.24 -18.57
N GLY I 67 -20.11 15.50 -18.68
CA GLY I 67 -19.35 15.94 -19.85
C GLY I 67 -17.85 15.84 -19.60
N TYR I 68 -17.22 16.99 -19.40
CA TYR I 68 -15.79 17.03 -19.15
C TYR I 68 -15.50 17.44 -17.71
N SER I 69 -14.68 16.66 -17.01
CA SER I 69 -14.35 16.96 -15.63
C SER I 69 -12.84 16.82 -15.40
N GLN I 70 -12.33 17.57 -14.43
CA GLN I 70 -10.90 17.51 -14.12
C GLN I 70 -10.66 16.84 -12.77
N SER I 71 -9.44 16.96 -12.26
CA SER I 71 -9.09 16.37 -10.98
C SER I 71 -9.73 17.13 -9.82
N THR I 72 -9.83 16.48 -8.67
CA THR I 72 -10.43 17.11 -7.50
C THR I 72 -9.49 17.00 -6.30
N ASP I 73 -9.24 18.14 -5.66
CA ASP I 73 -8.36 18.19 -4.50
C ASP I 73 -9.08 18.81 -3.30
N THR I 74 -8.77 18.33 -2.10
CA THR I 74 -9.41 18.86 -0.89
C THR I 74 -8.36 19.42 0.07
N SER I 75 -7.37 18.60 0.41
CA SER I 75 -6.34 19.04 1.34
C SER I 75 -4.95 18.64 0.83
N GLY I 76 -4.02 19.60 0.81
CA GLY I 76 -2.68 19.30 0.35
C GLY I 76 -2.38 19.95 -1.00
N TYR I 77 -2.09 21.26 -0.97
CA TYR I 77 -1.76 22.01 -2.18
C TYR I 77 -2.44 21.43 -3.44
N GLY I 78 -3.74 21.63 -3.55
CA GLY I 78 -4.48 21.14 -4.70
C GLY I 78 -4.14 21.95 -5.94
N GLN I 79 -3.21 21.43 -6.74
CA GLN I 79 -2.78 22.12 -7.95
C GLN I 79 -2.03 23.40 -7.60
N SER I 80 -0.74 23.25 -7.32
CA SER I 80 0.09 24.41 -6.97
C SER I 80 1.57 24.09 -7.17
N SER I 81 2.33 25.08 -7.61
CA SER I 81 3.76 24.89 -7.83
C SER I 81 4.54 26.14 -7.43
N TYR I 82 5.52 25.97 -6.56
CA TYR I 82 6.34 27.09 -6.11
C TYR I 82 7.09 27.71 -7.29
N SER I 83 7.73 26.85 -8.09
CA SER I 83 8.48 27.31 -9.25
C SER I 83 9.39 28.48 -8.86
N SER I 84 10.04 28.37 -7.71
CA SER I 84 10.94 29.43 -7.25
C SER I 84 12.39 28.98 -7.32
N TYR I 85 13.22 29.77 -7.99
CA TYR I 85 14.63 29.45 -8.12
C TYR I 85 15.31 29.41 -6.75
N GLY I 86 14.94 30.34 -5.89
CA GLY I 86 15.51 30.40 -4.55
C GLY I 86 14.45 30.18 -3.48
N GLN I 87 14.75 29.32 -2.51
CA GLN I 87 13.80 29.03 -1.44
C GLN I 87 14.55 28.52 -0.20
N SER I 88 14.22 29.09 0.95
CA SER I 88 14.88 28.70 2.20
C SER I 88 13.84 28.42 3.28
N GLN I 89 14.15 27.48 4.16
CA GLN I 89 13.24 27.13 5.24
C GLN I 89 11.84 26.87 4.71
N ASN I 90 11.71 25.85 3.87
CA ASN I 90 10.42 25.50 3.29
C ASN I 90 9.68 24.51 4.17
N THR I 91 8.56 24.94 4.74
CA THR I 91 7.78 24.08 5.61
C THR I 91 6.39 23.86 5.01
N GLY I 92 5.97 22.60 4.95
CA GLY I 92 4.67 22.26 4.40
C GLY I 92 3.53 22.82 5.28
N TYR I 93 2.33 22.27 5.10
CA TYR I 93 1.18 22.72 5.87
C TYR I 93 1.52 22.78 7.36
N GLY I 94 1.85 21.63 7.94
CA GLY I 94 2.17 21.57 9.36
C GLY I 94 1.18 20.69 10.10
N THR I 95 0.18 21.32 10.71
CA THR I 95 -0.83 20.58 11.46
C THR I 95 -2.19 20.77 10.82
N GLN I 96 -2.71 19.72 10.19
CA GLN I 96 -4.02 19.80 9.54
C GLN I 96 -4.70 18.44 9.52
N SER I 97 -5.99 18.43 9.83
CA SER I 97 -6.74 17.18 9.85
C SER I 97 -7.70 17.10 8.66
N THR I 98 -7.69 15.96 7.98
CA THR I 98 -8.56 15.75 6.84
C THR I 98 -10.01 15.58 7.31
N PRO I 99 -10.97 15.63 6.43
CA PRO I 99 -12.43 15.54 6.79
C PRO I 99 -12.99 14.12 6.78
N GLN I 100 -13.20 13.56 7.98
CA GLN I 100 -13.76 12.23 8.11
C GLN I 100 -15.09 12.13 7.39
N GLY I 101 -15.32 11.00 6.72
CA GLY I 101 -16.57 10.80 5.99
C GLY I 101 -16.46 11.34 4.57
N TYR I 102 -15.98 10.49 3.66
CA TYR I 102 -15.84 10.88 2.26
C TYR I 102 -14.87 12.06 2.11
N GLY I 103 -13.58 11.77 2.10
CA GLY I 103 -12.58 12.82 1.95
C GLY I 103 -12.93 13.73 0.77
N SER I 104 -12.47 13.37 -0.41
CA SER I 104 -12.75 14.14 -1.61
C SER I 104 -13.09 13.23 -2.77
N THR I 105 -14.17 13.54 -3.47
CA THR I 105 -14.59 12.72 -4.61
C THR I 105 -15.31 13.55 -5.65
N GLY I 106 -14.58 14.00 -6.68
CA GLY I 106 -15.20 14.80 -7.72
C GLY I 106 -16.41 14.06 -8.29
N GLY I 107 -17.60 14.47 -7.88
CA GLY I 107 -18.82 13.83 -8.35
C GLY I 107 -18.93 13.95 -9.86
N TYR I 108 -18.46 12.93 -10.58
CA TYR I 108 -18.53 12.94 -12.03
C TYR I 108 -19.91 12.49 -12.50
N GLY I 109 -20.20 11.21 -12.36
CA GLY I 109 -21.49 10.69 -12.77
C GLY I 109 -22.54 10.90 -11.67
N SER I 110 -22.26 10.35 -10.50
CA SER I 110 -23.18 10.49 -9.37
C SER I 110 -22.47 10.21 -8.05
N SER I 111 -22.75 11.04 -7.05
CA SER I 111 -22.14 10.89 -5.74
C SER I 111 -23.17 11.13 -4.63
N GLN I 112 -23.72 10.06 -4.10
CA GLN I 112 -24.72 10.17 -3.04
C GLN I 112 -24.25 9.44 -1.79
N SER I 113 -23.79 10.19 -0.79
CA SER I 113 -23.30 9.59 0.44
C SER I 113 -23.61 10.48 1.65
N SER I 114 -23.52 9.89 2.84
CA SER I 114 -23.78 10.62 4.07
C SER I 114 -22.74 10.30 5.12
N GLN I 115 -22.46 11.25 6.00
CA GLN I 115 -21.46 11.03 7.06
C GLN I 115 -21.40 12.24 8.00
N SER I 116 -20.57 12.11 9.03
CA SER I 116 -20.42 13.19 10.00
C SER I 116 -19.25 12.90 10.94
N SER I 117 -18.71 13.95 11.56
CA SER I 117 -17.59 13.78 12.48
C SER I 117 -17.43 15.02 13.36
N TYR I 118 -16.53 14.93 14.33
CA TYR I 118 -16.29 16.05 15.24
C TYR I 118 -15.06 15.78 16.13
N GLY I 119 -13.88 16.05 15.60
CA GLY I 119 -12.66 15.86 16.37
C GLY I 119 -11.43 16.26 15.56
N GLN I 120 -11.46 17.46 14.97
CA GLN I 120 -10.31 17.93 14.20
C GLN I 120 -9.44 18.88 15.03
N GLN I 121 -8.22 18.43 15.32
CA GLN I 121 -7.30 19.24 16.10
C GLN I 121 -5.93 19.30 15.43
N SER I 122 -5.44 20.52 15.21
CA SER I 122 -4.14 20.71 14.58
C SER I 122 -3.23 21.57 15.47
N SER I 123 -2.23 20.92 16.07
CA SER I 123 -1.30 21.63 16.95
C SER I 123 -2.02 22.13 18.20
N TYR I 124 -3.10 21.46 18.57
CA TYR I 124 -3.86 21.84 19.74
C TYR I 124 -5.07 20.93 19.93
N SER A 64 -7.57 -16.78 -28.63
CA SER A 64 -6.12 -17.14 -28.62
C SER A 64 -5.77 -17.78 -27.28
N TYR A 65 -6.06 -17.07 -26.19
CA TYR A 65 -5.78 -17.59 -24.86
C TYR A 65 -4.31 -18.00 -24.74
N SER A 66 -3.47 -17.06 -24.34
CA SER A 66 -2.04 -17.34 -24.20
C SER A 66 -1.50 -16.72 -22.90
N GLY A 67 -0.91 -17.57 -22.06
CA GLY A 67 -0.36 -17.11 -20.79
C GLY A 67 1.16 -17.25 -20.77
N TYR A 68 1.84 -16.22 -20.28
CA TYR A 68 3.30 -16.25 -20.20
C TYR A 68 3.76 -16.91 -18.90
N SER A 69 5.04 -16.75 -18.58
CA SER A 69 5.59 -17.34 -17.38
C SER A 69 5.05 -16.65 -16.13
N GLN A 70 5.11 -17.33 -14.99
CA GLN A 70 4.62 -16.77 -13.75
C GLN A 70 4.87 -17.73 -12.59
N SER A 71 6.05 -17.64 -11.99
CA SER A 71 6.40 -18.50 -10.87
C SER A 71 5.58 -18.12 -9.64
N THR A 72 5.42 -19.06 -8.71
CA THR A 72 4.66 -18.81 -7.50
C THR A 72 5.46 -19.21 -6.26
N ASP A 73 5.68 -18.26 -5.36
CA ASP A 73 6.42 -18.52 -4.13
C ASP A 73 5.94 -17.62 -3.01
N THR A 74 5.56 -18.20 -1.88
CA THR A 74 5.08 -17.41 -0.74
C THR A 74 6.07 -16.29 -0.44
N SER A 75 7.29 -16.70 -0.11
CA SER A 75 8.35 -15.74 0.18
C SER A 75 9.62 -16.15 -0.60
N GLY A 76 10.53 -16.87 0.04
CA GLY A 76 11.73 -17.32 -0.63
C GLY A 76 12.41 -16.19 -1.38
N TYR A 77 12.65 -15.08 -0.69
CA TYR A 77 13.30 -13.93 -1.33
C TYR A 77 12.62 -13.59 -2.65
N GLY A 78 13.25 -12.72 -3.43
CA GLY A 78 12.69 -12.34 -4.71
C GLY A 78 13.33 -13.13 -5.84
N GLN A 79 14.65 -13.12 -5.89
CA GLN A 79 15.38 -13.85 -6.93
C GLN A 79 16.86 -13.99 -6.53
N SER A 80 17.64 -12.94 -6.77
CA SER A 80 19.06 -12.98 -6.45
C SER A 80 19.46 -11.75 -5.65
N SER A 81 20.09 -11.97 -4.49
CA SER A 81 20.53 -10.88 -3.65
C SER A 81 22.04 -10.67 -3.79
N TYR A 82 22.48 -9.42 -3.65
CA TYR A 82 23.90 -9.11 -3.76
C TYR A 82 24.42 -8.47 -2.47
N SER A 83 25.62 -8.88 -2.07
CA SER A 83 26.23 -8.34 -0.86
C SER A 83 27.75 -8.47 -0.93
N SER A 84 28.45 -7.46 -0.44
CA SER A 84 29.91 -7.47 -0.44
C SER A 84 30.47 -6.54 0.63
N TYR A 85 31.63 -6.90 1.17
CA TYR A 85 32.27 -6.10 2.21
C TYR A 85 31.32 -5.85 3.37
N GLY A 86 31.81 -5.17 4.39
CA GLY A 86 31.00 -4.87 5.57
C GLY A 86 31.06 -5.99 6.58
N GLN A 87 30.83 -5.65 7.86
CA GLN A 87 30.86 -6.64 8.92
C GLN A 87 29.79 -7.70 8.69
N SER A 88 28.62 -7.26 8.24
CA SER A 88 27.52 -8.19 7.98
C SER A 88 27.54 -8.64 6.52
N GLN A 89 26.60 -9.51 6.16
CA GLN A 89 26.53 -10.02 4.80
C GLN A 89 25.08 -10.39 4.44
N ASN A 90 24.90 -10.91 3.24
CA ASN A 90 23.57 -11.30 2.78
C ASN A 90 22.96 -12.33 3.73
N THR A 91 21.82 -11.98 4.32
CA THR A 91 21.14 -12.86 5.24
C THR A 91 19.68 -13.05 4.82
N GLY A 92 19.19 -14.28 4.91
CA GLY A 92 17.81 -14.59 4.55
C GLY A 92 16.85 -13.79 5.40
N TYR A 93 15.59 -14.23 5.43
CA TYR A 93 14.57 -13.53 6.21
C TYR A 93 15.06 -13.26 7.64
N GLY A 94 15.59 -14.30 8.28
CA GLY A 94 16.11 -14.15 9.64
C GLY A 94 15.20 -14.85 10.66
N THR A 95 14.36 -14.07 11.32
CA THR A 95 13.44 -14.61 12.32
C THR A 95 12.00 -14.41 11.88
N GLN A 96 11.33 -15.50 11.54
CA GLN A 96 9.95 -15.40 11.09
C GLN A 96 9.28 -16.77 11.01
N SER A 97 7.98 -16.76 10.79
CA SER A 97 7.21 -17.99 10.67
C SER A 97 6.44 -18.00 9.35
N THR A 98 6.72 -19.01 8.52
CA THR A 98 6.07 -19.13 7.21
C THR A 98 4.74 -19.87 7.35
N PRO A 99 3.95 -19.92 6.29
CA PRO A 99 2.63 -20.60 6.28
C PRO A 99 2.64 -21.96 6.97
N GLN A 100 1.45 -22.50 7.18
CA GLN A 100 1.30 -23.80 7.81
C GLN A 100 1.08 -24.84 6.72
N GLY A 101 0.49 -25.98 7.07
CA GLY A 101 0.24 -27.03 6.09
C GLY A 101 -0.55 -26.49 4.89
N TYR A 102 0.16 -26.06 3.87
CA TYR A 102 -0.48 -25.51 2.67
C TYR A 102 0.57 -25.13 1.63
N GLY A 103 1.67 -24.55 2.08
CA GLY A 103 2.73 -24.15 1.16
C GLY A 103 2.19 -23.18 0.11
N SER A 104 3.03 -22.85 -0.87
CA SER A 104 2.61 -21.93 -1.92
C SER A 104 2.11 -22.71 -3.14
N THR A 105 0.82 -23.06 -3.13
CA THR A 105 0.25 -23.79 -4.25
C THR A 105 0.23 -22.91 -5.50
N GLY A 106 0.15 -23.54 -6.66
CA GLY A 106 0.12 -22.81 -7.91
C GLY A 106 -1.24 -22.14 -8.08
N GLY A 107 -1.58 -21.81 -9.31
CA GLY A 107 -2.86 -21.17 -9.58
C GLY A 107 -3.94 -22.21 -9.89
N TYR A 108 -3.94 -22.69 -11.13
CA TYR A 108 -4.91 -23.68 -11.56
C TYR A 108 -4.90 -24.88 -10.62
N GLY A 109 -5.83 -25.81 -10.84
CA GLY A 109 -5.91 -27.01 -10.02
C GLY A 109 -6.78 -26.79 -8.79
N SER A 110 -6.69 -25.59 -8.21
CA SER A 110 -7.46 -25.24 -7.01
C SER A 110 -6.89 -25.95 -5.79
N SER A 111 -6.67 -25.17 -4.73
CA SER A 111 -6.14 -25.73 -3.49
C SER A 111 -7.15 -25.58 -2.35
N GLN A 112 -7.52 -26.70 -1.75
CA GLN A 112 -8.46 -26.68 -0.65
C GLN A 112 -7.92 -27.46 0.54
N SER A 113 -7.47 -26.76 1.57
CA SER A 113 -6.93 -27.42 2.75
C SER A 113 -7.37 -26.72 4.03
N SER A 114 -7.02 -27.32 5.17
CA SER A 114 -7.37 -26.77 6.47
C SER A 114 -6.28 -27.09 7.49
N GLN A 115 -5.94 -26.13 8.33
CA GLN A 115 -4.90 -26.34 9.33
C GLN A 115 -4.79 -25.11 10.25
N SER A 116 -3.70 -25.03 11.03
CA SER A 116 -3.52 -23.90 11.93
C SER A 116 -2.08 -23.83 12.44
N SER A 117 -1.76 -22.71 13.10
CA SER A 117 -0.42 -22.51 13.65
C SER A 117 -0.53 -22.11 15.11
N TYR A 118 0.04 -22.93 15.99
CA TYR A 118 0.00 -22.64 17.43
C TYR A 118 1.39 -22.78 18.04
N GLY A 119 2.05 -21.66 18.28
CA GLY A 119 3.39 -21.70 18.87
C GLY A 119 4.46 -21.32 17.85
N GLN A 120 4.28 -20.17 17.21
CA GLN A 120 5.24 -19.70 16.22
C GLN A 120 6.23 -18.73 16.84
N GLN A 121 7.48 -19.16 16.95
CA GLN A 121 8.52 -18.31 17.54
C GLN A 121 9.84 -18.46 16.78
N SER A 122 10.45 -17.33 16.44
CA SER A 122 11.72 -17.34 15.71
C SER A 122 12.75 -16.50 16.44
N SER A 123 13.92 -17.08 16.70
CA SER A 123 14.99 -16.36 17.38
C SER A 123 14.52 -15.88 18.76
N TYR A 124 14.51 -16.80 19.72
CA TYR A 124 14.08 -16.46 21.08
C TYR A 124 12.66 -15.90 21.07
N SER B 64 -9.52 -12.33 -28.67
CA SER B 64 -8.07 -12.69 -28.65
C SER B 64 -7.72 -13.34 -27.31
N TYR B 65 -8.02 -12.63 -26.23
CA TYR B 65 -7.74 -13.14 -24.89
C TYR B 65 -6.28 -13.55 -24.77
N SER B 66 -5.43 -12.60 -24.38
CA SER B 66 -3.99 -12.89 -24.23
C SER B 66 -3.47 -12.28 -22.93
N GLY B 67 -2.87 -13.12 -22.09
CA GLY B 67 -2.32 -12.66 -20.83
C GLY B 67 -0.81 -12.81 -20.80
N TYR B 68 -0.11 -11.79 -20.31
CA TYR B 68 1.34 -11.82 -20.23
C TYR B 68 1.80 -12.48 -18.94
N SER B 69 3.07 -12.32 -18.61
CA SER B 69 3.62 -12.90 -17.39
C SER B 69 3.07 -12.20 -16.16
N GLN B 70 3.15 -12.88 -15.02
CA GLN B 70 2.66 -12.31 -13.77
C GLN B 70 2.89 -13.27 -12.60
N SER B 71 4.08 -13.18 -12.01
CA SER B 71 4.42 -14.04 -10.88
C SER B 71 3.61 -13.66 -9.65
N THR B 72 3.45 -14.59 -8.72
CA THR B 72 2.69 -14.33 -7.51
C THR B 72 3.49 -14.73 -6.27
N ASP B 73 3.69 -13.77 -5.38
CA ASP B 73 4.43 -14.03 -4.15
C ASP B 73 3.96 -13.12 -3.03
N THR B 74 3.57 -13.70 -1.90
CA THR B 74 3.10 -12.91 -0.77
C THR B 74 4.10 -11.79 -0.47
N SER B 75 5.32 -12.20 -0.13
CA SER B 75 6.38 -11.25 0.16
C SER B 75 7.63 -11.65 -0.61
N GLY B 76 8.54 -12.38 0.02
CA GLY B 76 9.75 -12.83 -0.65
C GLY B 76 10.42 -11.70 -1.41
N TYR B 77 10.70 -10.60 -0.72
CA TYR B 77 11.34 -9.46 -1.36
C TYR B 77 10.66 -9.13 -2.68
N GLY B 78 11.29 -8.26 -3.46
CA GLY B 78 10.73 -7.87 -4.75
C GLY B 78 11.37 -8.68 -5.88
N GLN B 79 12.70 -8.67 -5.92
CA GLN B 79 13.42 -9.40 -6.95
C GLN B 79 14.89 -9.55 -6.57
N SER B 80 15.69 -8.51 -6.81
CA SER B 80 17.10 -8.55 -6.47
C SER B 80 17.51 -7.32 -5.68
N SER B 81 18.14 -7.54 -4.53
CA SER B 81 18.58 -6.43 -3.69
C SER B 81 20.08 -6.24 -3.83
N TYR B 82 20.53 -4.99 -3.68
CA TYR B 82 21.95 -4.69 -3.80
C TYR B 82 22.48 -4.05 -2.52
N SER B 83 23.67 -4.45 -2.11
CA SER B 83 24.29 -3.91 -0.90
C SER B 83 25.81 -4.05 -0.96
N SER B 84 26.51 -3.03 -0.48
CA SER B 84 27.97 -3.06 -0.47
C SER B 84 28.53 -2.12 0.59
N TYR B 85 29.69 -2.49 1.13
CA TYR B 85 30.33 -1.68 2.16
C TYR B 85 29.37 -1.42 3.33
N GLY B 86 29.88 -0.74 4.35
CA GLY B 86 29.06 -0.42 5.52
C GLY B 86 29.11 -1.55 6.55
N GLN B 87 28.89 -1.20 7.81
CA GLN B 87 28.91 -2.19 8.88
C GLN B 87 27.84 -3.25 8.65
N SER B 88 26.67 -2.81 8.20
CA SER B 88 25.57 -3.73 7.94
C SER B 88 25.60 -4.20 6.48
N GLN B 89 24.65 -5.06 6.13
CA GLN B 89 24.57 -5.57 4.76
C GLN B 89 23.13 -5.94 4.41
N ASN B 90 22.94 -6.45 3.20
CA ASN B 90 21.61 -6.84 2.75
C ASN B 90 20.99 -7.86 3.70
N THR B 91 19.86 -7.51 4.29
CA THR B 91 19.17 -8.41 5.22
C THR B 91 17.71 -8.59 4.79
N GLY B 92 17.22 -9.82 4.90
CA GLY B 92 15.85 -10.12 4.53
C GLY B 92 14.87 -9.31 5.38
N TYR B 93 13.61 -9.74 5.41
CA TYR B 93 12.60 -9.04 6.18
C TYR B 93 13.09 -8.77 7.60
N GLY B 94 13.62 -9.81 8.26
CA GLY B 94 14.13 -9.65 9.62
C GLY B 94 13.22 -10.34 10.63
N THR B 95 12.38 -9.55 11.30
CA THR B 95 11.47 -10.09 12.30
C THR B 95 10.03 -9.89 11.85
N GLN B 96 9.35 -10.98 11.52
CA GLN B 96 7.96 -10.87 11.07
C GLN B 96 7.29 -12.22 10.99
N SER B 97 5.97 -12.20 10.76
CA SER B 97 5.21 -13.44 10.64
C SER B 97 4.45 -13.45 9.33
N THR B 98 4.72 -14.46 8.51
CA THR B 98 4.07 -14.59 7.20
C THR B 98 2.74 -15.32 7.34
N PRO B 99 1.96 -15.36 6.28
CA PRO B 99 0.63 -16.05 6.27
C PRO B 99 0.63 -17.39 6.98
N GLN B 100 -0.56 -17.93 7.17
CA GLN B 100 -0.72 -19.23 7.81
C GLN B 100 -0.95 -20.27 6.72
N GLY B 101 -1.53 -21.41 7.08
CA GLY B 101 -1.79 -22.46 6.10
C GLY B 101 -2.58 -21.93 4.90
N TYR B 102 -1.86 -21.50 3.88
CA TYR B 102 -2.49 -20.96 2.67
C TYR B 102 -1.43 -20.61 1.63
N GLY B 103 -0.34 -20.01 2.08
CA GLY B 103 0.73 -19.62 1.16
C GLY B 103 0.20 -18.65 0.11
N SER B 104 1.02 -18.33 -0.87
CA SER B 104 0.62 -17.42 -1.93
C SER B 104 0.12 -18.20 -3.15
N THR B 105 -1.17 -18.54 -3.14
CA THR B 105 -1.75 -19.28 -4.26
C THR B 105 -1.76 -18.41 -5.50
N GLY B 106 -1.84 -19.05 -6.67
CA GLY B 106 -1.87 -18.31 -7.91
C GLY B 106 -3.23 -17.63 -8.09
N GLY B 107 -3.57 -17.31 -9.33
CA GLY B 107 -4.85 -16.67 -9.60
C GLY B 107 -5.92 -17.71 -9.90
N TYR B 108 -5.92 -18.19 -11.14
CA TYR B 108 -6.90 -19.18 -11.56
C TYR B 108 -6.89 -20.38 -10.63
N GLY B 109 -7.83 -21.30 -10.84
CA GLY B 109 -7.93 -22.50 -10.02
C GLY B 109 -8.79 -22.26 -8.79
N SER B 110 -8.69 -21.06 -8.21
CA SER B 110 -9.46 -20.71 -7.02
C SER B 110 -8.90 -21.40 -5.79
N SER B 111 -8.68 -20.63 -4.72
CA SER B 111 -8.15 -21.19 -3.49
C SER B 111 -9.15 -21.02 -2.36
N GLN B 112 -9.54 -22.14 -1.74
CA GLN B 112 -10.49 -22.11 -0.64
C GLN B 112 -9.96 -22.89 0.56
N SER B 113 -9.48 -22.18 1.57
CA SER B 113 -8.94 -22.84 2.76
C SER B 113 -9.39 -22.14 4.03
N SER B 114 -9.05 -22.74 5.17
CA SER B 114 -9.40 -22.18 6.47
C SER B 114 -8.31 -22.50 7.49
N GLN B 115 -7.97 -21.54 8.33
CA GLN B 115 -6.93 -21.74 9.33
C GLN B 115 -6.81 -20.52 10.25
N SER B 116 -5.72 -20.44 11.02
CA SER B 116 -5.54 -19.31 11.92
C SER B 116 -4.10 -19.23 12.43
N SER B 117 -3.78 -18.12 13.08
CA SER B 117 -2.44 -17.93 13.63
C SER B 117 -2.53 -17.52 15.11
N TYR B 118 -1.98 -18.34 15.98
CA TYR B 118 -2.00 -18.06 17.41
C TYR B 118 -0.62 -18.21 18.03
N GLY B 119 0.05 -17.09 18.26
CA GLY B 119 1.37 -17.12 18.86
C GLY B 119 2.44 -16.74 17.83
N GLN B 120 2.28 -15.59 17.20
CA GLN B 120 3.23 -15.12 16.21
C GLN B 120 4.23 -14.15 16.82
N GLN B 121 5.48 -14.59 16.93
CA GLN B 121 6.52 -13.74 17.52
C GLN B 121 7.83 -13.90 16.76
N SER B 122 8.45 -12.77 16.42
CA SER B 122 9.72 -12.79 15.70
C SER B 122 10.76 -11.95 16.42
N SER B 123 11.93 -12.54 16.68
CA SER B 123 13.00 -11.82 17.37
C SER B 123 12.52 -11.34 18.74
N TYR B 124 12.51 -12.25 19.71
CA TYR B 124 12.09 -11.90 21.06
C TYR B 124 10.67 -11.33 21.04
N SER C 64 -11.44 -7.88 -28.73
CA SER C 64 -10.00 -8.25 -28.71
C SER C 64 -9.66 -8.88 -27.37
N TYR C 65 -9.95 -8.17 -26.29
CA TYR C 65 -9.67 -8.68 -24.95
C TYR C 65 -8.21 -9.09 -24.82
N SER C 66 -7.36 -8.15 -24.42
CA SER C 66 -5.94 -8.44 -24.27
C SER C 66 -5.39 -7.82 -22.98
N GLY C 67 -4.80 -8.67 -22.14
CA GLY C 67 -4.25 -8.20 -20.87
C GLY C 67 -2.74 -8.35 -20.85
N TYR C 68 -2.05 -7.33 -20.36
CA TYR C 68 -0.60 -7.38 -20.29
C TYR C 68 -0.14 -8.03 -18.99
N SER C 69 1.14 -7.87 -18.65
CA SER C 69 1.68 -8.46 -17.44
C SER C 69 1.14 -7.75 -16.21
N GLN C 70 1.20 -8.42 -15.06
CA GLN C 70 0.71 -7.85 -13.82
C GLN C 70 0.94 -8.80 -12.65
N SER C 71 2.13 -8.72 -12.06
CA SER C 71 2.47 -9.57 -10.92
C SER C 71 1.66 -9.18 -9.70
N THR C 72 1.49 -10.11 -8.76
CA THR C 72 0.73 -9.83 -7.56
C THR C 72 1.53 -10.24 -6.31
N ASP C 73 1.74 -9.28 -5.42
CA ASP C 73 2.48 -9.53 -4.18
C ASP C 73 2.00 -8.61 -3.07
N THR C 74 1.61 -9.19 -1.94
CA THR C 74 1.14 -8.39 -0.81
C THR C 74 2.15 -7.29 -0.51
N SER C 75 3.36 -7.69 -0.17
CA SER C 75 4.42 -6.74 0.11
C SER C 75 5.67 -7.16 -0.66
N GLY C 76 6.58 -7.88 -0.01
CA GLY C 76 7.79 -8.35 -0.69
C GLY C 76 8.46 -7.21 -1.46
N TYR C 77 8.74 -6.12 -0.76
CA TYR C 77 9.39 -4.98 -1.40
C TYR C 77 8.73 -4.64 -2.73
N GLY C 78 9.35 -3.78 -3.52
CA GLY C 78 8.81 -3.40 -4.81
C GLY C 78 9.43 -4.21 -5.93
N GLN C 79 10.76 -4.21 -5.97
CA GLN C 79 11.49 -4.95 -6.99
C GLN C 79 12.96 -5.10 -6.60
N SER C 80 13.75 -4.07 -6.85
CA SER C 80 15.17 -4.12 -6.52
C SER C 80 15.58 -2.88 -5.73
N SER C 81 16.20 -3.10 -4.58
CA SER C 81 16.65 -1.99 -3.74
C SER C 81 18.15 -1.80 -3.88
N TYR C 82 18.61 -0.56 -3.74
CA TYR C 82 20.03 -0.27 -3.85
C TYR C 82 20.56 0.38 -2.58
N SER C 83 21.75 -0.03 -2.17
CA SER C 83 22.37 0.51 -0.96
C SER C 83 23.89 0.37 -1.02
N SER C 84 24.60 1.39 -0.54
CA SER C 84 26.05 1.36 -0.54
C SER C 84 26.61 2.29 0.52
N TYR C 85 27.77 1.93 1.07
CA TYR C 85 28.41 2.74 2.11
C TYR C 85 27.45 3.00 3.27
N GLY C 86 27.96 3.69 4.29
CA GLY C 86 27.14 4.01 5.46
C GLY C 86 27.19 2.89 6.48
N GLN C 87 26.97 3.25 7.75
CA GLN C 87 26.99 2.26 8.82
C GLN C 87 25.92 1.20 8.59
N SER C 88 24.75 1.65 8.14
CA SER C 88 23.64 0.74 7.88
C SER C 88 23.66 0.26 6.43
N GLN C 89 22.71 -0.59 6.08
CA GLN C 89 22.63 -1.12 4.71
C GLN C 89 21.19 -1.48 4.36
N ASN C 90 21.00 -2.00 3.16
CA ASN C 90 19.67 -2.39 2.70
C ASN C 90 19.05 -3.40 3.65
N THR C 91 17.91 -3.04 4.24
CA THR C 91 17.22 -3.93 5.17
C THR C 91 15.77 -4.11 4.74
N GLY C 92 15.28 -5.34 4.86
CA GLY C 92 13.90 -5.64 4.49
C GLY C 92 12.92 -4.82 5.33
N TYR C 93 11.67 -5.25 5.37
CA TYR C 93 10.65 -4.54 6.14
C TYR C 93 11.14 -4.26 7.56
N GLY C 94 11.66 -5.30 8.21
CA GLY C 94 12.17 -5.14 9.58
C GLY C 94 11.26 -5.82 10.58
N THR C 95 10.43 -5.02 11.25
CA THR C 95 9.50 -5.56 12.25
C THR C 95 8.07 -5.36 11.80
N GLN C 96 7.38 -6.44 11.48
CA GLN C 96 6.00 -6.32 11.02
C GLN C 96 5.32 -7.67 10.94
N SER C 97 4.00 -7.65 10.72
CA SER C 97 3.24 -8.89 10.60
C SER C 97 2.48 -8.90 9.28
N THR C 98 2.75 -9.91 8.47
CA THR C 98 2.10 -10.04 7.17
C THR C 98 0.76 -10.76 7.30
N PRO C 99 -0.02 -10.82 6.25
CA PRO C 99 -1.35 -11.49 6.24
C PRO C 99 -1.36 -12.84 6.95
N GLN C 100 -2.55 -13.37 7.14
CA GLN C 100 -2.71 -14.67 7.78
C GLN C 100 -2.95 -15.70 6.70
N GLY C 101 -3.54 -16.84 7.07
CA GLY C 101 -3.79 -17.90 6.09
C GLY C 101 -4.58 -17.37 4.89
N TYR C 102 -3.85 -16.95 3.86
CA TYR C 102 -4.47 -16.41 2.66
C TYR C 102 -3.42 -16.07 1.61
N GLY C 103 -2.33 -15.47 2.06
CA GLY C 103 -1.26 -15.09 1.14
C GLY C 103 -1.79 -14.13 0.08
N SER C 104 -0.95 -13.81 -0.90
CA SER C 104 -1.37 -12.90 -1.96
C SER C 104 -1.86 -13.68 -3.17
N THR C 105 -3.15 -14.02 -3.17
CA THR C 105 -3.73 -14.76 -4.28
C THR C 105 -3.75 -13.90 -5.53
N GLY C 106 -3.82 -14.53 -6.68
CA GLY C 106 -3.84 -13.80 -7.94
C GLY C 106 -5.20 -13.13 -8.11
N GLY C 107 -5.54 -12.81 -9.35
CA GLY C 107 -6.81 -12.15 -9.63
C GLY C 107 -7.88 -13.19 -9.94
N TYR C 108 -7.89 -13.68 -11.17
CA TYR C 108 -8.87 -14.67 -11.59
C TYR C 108 -8.86 -15.87 -10.65
N GLY C 109 -9.81 -16.79 -10.86
CA GLY C 109 -9.91 -17.98 -10.04
C GLY C 109 -10.78 -17.73 -8.80
N SER C 110 -10.67 -16.53 -8.23
CA SER C 110 -11.45 -16.16 -7.05
C SER C 110 -10.89 -16.86 -5.81
N SER C 111 -10.67 -16.09 -4.75
CA SER C 111 -10.14 -16.63 -3.51
C SER C 111 -11.14 -16.47 -2.38
N GLN C 112 -11.53 -17.58 -1.76
CA GLN C 112 -12.48 -17.54 -0.67
C GLN C 112 -11.96 -18.31 0.54
N SER C 113 -11.48 -17.60 1.55
CA SER C 113 -10.94 -18.26 2.74
C SER C 113 -11.39 -17.55 4.02
N SER C 114 -11.04 -18.15 5.16
CA SER C 114 -11.40 -17.58 6.46
C SER C 114 -10.32 -17.91 7.47
N GLN C 115 -9.97 -16.93 8.31
CA GLN C 115 -8.93 -17.14 9.32
C GLN C 115 -8.80 -15.92 10.23
N SER C 116 -7.73 -15.84 11.00
CA SER C 116 -7.53 -14.71 11.90
C SER C 116 -6.09 -14.64 12.41
N SER C 117 -5.76 -13.52 13.05
CA SER C 117 -4.43 -13.34 13.61
C SER C 117 -4.53 -12.92 15.07
N TYR C 118 -3.97 -13.74 15.94
CA TYR C 118 -4.01 -13.45 17.38
C TYR C 118 -2.62 -13.61 17.99
N GLY C 119 -1.95 -12.49 18.23
CA GLY C 119 -0.62 -12.51 18.83
C GLY C 119 0.44 -12.15 17.81
N GLN C 120 0.28 -10.99 17.17
CA GLN C 120 1.24 -10.54 16.16
C GLN C 120 2.24 -9.58 16.79
N GLN C 121 3.50 -10.01 16.90
CA GLN C 121 4.53 -9.17 17.48
C GLN C 121 5.85 -9.33 16.73
N SER C 122 6.48 -8.21 16.39
CA SER C 122 7.75 -8.23 15.66
C SER C 122 8.78 -7.39 16.39
N SER C 123 9.95 -7.98 16.65
CA SER C 123 11.03 -7.28 17.33
C SER C 123 10.55 -6.78 18.70
N TYR C 124 10.53 -7.69 19.67
CA TYR C 124 10.11 -7.34 21.02
C TYR C 124 8.69 -6.76 21.00
N SER D 64 -13.36 -3.42 -28.81
CA SER D 64 -11.91 -3.80 -28.78
C SER D 64 -11.58 -4.43 -27.44
N TYR D 65 -11.86 -3.71 -26.36
CA TYR D 65 -11.59 -4.22 -25.02
C TYR D 65 -10.13 -4.63 -24.89
N SER D 66 -9.27 -3.70 -24.50
CA SER D 66 -7.85 -3.99 -24.35
C SER D 66 -7.31 -3.38 -23.05
N GLY D 67 -6.72 -4.21 -22.21
CA GLY D 67 -6.17 -3.74 -20.94
C GLY D 67 -4.66 -3.91 -20.92
N TYR D 68 -3.96 -2.88 -20.44
CA TYR D 68 -2.51 -2.93 -20.36
C TYR D 68 -2.06 -3.58 -19.05
N SER D 69 -0.78 -3.43 -18.73
CA SER D 69 -0.24 -4.00 -17.50
C SER D 69 -0.78 -3.29 -16.27
N GLN D 70 -0.72 -3.96 -15.12
CA GLN D 70 -1.21 -3.38 -13.88
C GLN D 70 -0.99 -4.32 -12.72
N SER D 71 0.20 -4.24 -12.11
CA SER D 71 0.53 -5.10 -10.98
C SER D 71 -0.28 -4.69 -9.76
N THR D 72 -0.44 -5.63 -8.82
CA THR D 72 -1.20 -5.35 -7.61
C THR D 72 -0.41 -5.75 -6.36
N ASP D 73 -0.20 -4.77 -5.47
CA ASP D 73 0.54 -5.04 -4.24
C ASP D 73 0.06 -4.11 -3.13
N THR D 74 -0.34 -4.68 -2.00
CA THR D 74 -0.80 -3.88 -0.88
C THR D 74 0.20 -2.77 -0.58
N SER D 75 1.41 -3.18 -0.23
CA SER D 75 2.48 -2.23 0.05
C SER D 75 3.74 -2.65 -0.72
N GLY D 76 4.64 -3.38 -0.07
CA GLY D 76 5.85 -3.84 -0.75
C GLY D 76 6.53 -2.73 -1.51
N TYR D 77 6.81 -1.63 -0.83
CA TYR D 77 7.47 -0.48 -1.47
C TYR D 77 6.80 -0.17 -2.80
N GLY D 78 7.44 0.69 -3.59
CA GLY D 78 6.88 1.07 -4.88
C GLY D 78 7.52 0.25 -6.01
N GLN D 79 8.84 0.25 -6.04
CA GLN D 79 9.56 -0.49 -7.07
C GLN D 79 11.03 -0.65 -6.67
N SER D 80 11.83 0.38 -6.92
CA SER D 80 13.25 0.33 -6.58
C SER D 80 13.67 1.57 -5.81
N SER D 81 14.28 1.35 -4.65
CA SER D 81 14.74 2.46 -3.82
C SER D 81 16.24 2.64 -3.95
N TYR D 82 16.70 3.89 -3.82
CA TYR D 82 18.13 4.18 -3.94
C TYR D 82 18.65 4.82 -2.66
N SER D 83 19.84 4.40 -2.24
CA SER D 83 20.46 4.96 -1.04
C SER D 83 21.98 4.80 -1.09
N SER D 84 22.69 5.82 -0.61
CA SER D 84 24.14 5.79 -0.62
C SER D 84 24.71 6.72 0.45
N TYR D 85 25.86 6.35 0.99
CA TYR D 85 26.51 7.16 2.03
C TYR D 85 25.56 7.44 3.18
N GLY D 86 26.06 8.13 4.20
CA GLY D 86 25.25 8.46 5.36
C GLY D 86 25.28 7.34 6.40
N GLN D 87 25.07 7.70 7.66
CA GLN D 87 25.08 6.72 8.74
C GLN D 87 24.00 5.67 8.51
N SER D 88 22.83 6.12 8.05
CA SER D 88 21.72 5.21 7.80
C SER D 88 21.74 4.73 6.35
N GLN D 89 20.79 3.87 6.00
CA GLN D 89 20.72 3.34 4.65
C GLN D 89 19.27 2.99 4.29
N ASN D 90 19.08 2.45 3.09
CA ASN D 90 17.75 2.08 2.64
C ASN D 90 17.12 1.06 3.59
N THR D 91 16.00 1.43 4.17
CA THR D 91 15.30 0.55 5.11
C THR D 91 13.84 0.37 4.68
N GLY D 92 13.34 -0.86 4.80
CA GLY D 92 11.96 -1.14 4.43
C GLY D 92 10.98 -0.31 5.27
N TYR D 93 9.73 -0.74 5.30
CA TYR D 93 8.71 -0.03 6.06
C TYR D 93 9.21 0.25 7.48
N GLY D 94 9.72 -0.78 8.14
CA GLY D 94 10.24 -0.62 9.50
C GLY D 94 9.32 -1.29 10.52
N THR D 95 8.49 -0.48 11.18
CA THR D 95 7.57 -1.01 12.18
C THR D 95 6.12 -0.81 11.74
N GLN D 96 5.44 -1.89 11.40
CA GLN D 96 4.06 -1.78 10.95
C GLN D 96 3.37 -3.13 10.88
N SER D 97 2.06 -3.10 10.64
CA SER D 97 1.29 -4.32 10.55
C SER D 97 0.53 -4.35 9.22
N THR D 98 0.79 -5.36 8.42
CA THR D 98 0.14 -5.49 7.11
C THR D 98 -1.20 -6.21 7.25
N PRO D 99 -1.97 -6.26 6.19
CA PRO D 99 -3.31 -6.93 6.18
C PRO D 99 -3.32 -8.27 6.91
N GLN D 100 -4.52 -8.81 7.09
CA GLN D 100 -4.69 -10.09 7.74
C GLN D 100 -4.93 -11.14 6.67
N GLY D 101 -5.52 -12.27 7.03
CA GLY D 101 -5.79 -13.33 6.06
C GLY D 101 -6.56 -12.80 4.86
N TYR D 102 -5.83 -12.38 3.83
CA TYR D 102 -6.45 -11.86 2.63
C TYR D 102 -5.40 -11.52 1.58
N GLY D 103 -4.30 -10.92 2.02
CA GLY D 103 -3.23 -10.55 1.11
C GLY D 103 -3.76 -9.60 0.04
N SER D 104 -2.92 -9.28 -0.94
CA SER D 104 -3.32 -8.38 -2.01
C SER D 104 -3.82 -9.16 -3.21
N THR D 105 -5.11 -9.49 -3.21
CA THR D 105 -5.69 -10.23 -4.32
C THR D 105 -5.70 -9.38 -5.57
N GLY D 106 -5.77 -10.02 -6.73
CA GLY D 106 -5.80 -9.29 -7.99
C GLY D 106 -7.15 -8.62 -8.16
N GLY D 107 -7.48 -8.29 -9.41
CA GLY D 107 -8.76 -7.64 -9.69
C GLY D 107 -9.84 -8.67 -9.99
N TYR D 108 -9.83 -9.17 -11.22
CA TYR D 108 -10.83 -10.16 -11.63
C TYR D 108 -10.83 -11.35 -10.69
N GLY D 109 -11.77 -12.26 -10.90
CA GLY D 109 -11.88 -13.46 -10.08
C GLY D 109 -12.75 -13.20 -8.84
N SER D 110 -12.64 -12.00 -8.27
CA SER D 110 -13.41 -11.63 -7.09
C SER D 110 -12.86 -12.31 -5.85
N SER D 111 -12.64 -11.54 -4.79
CA SER D 111 -12.11 -12.09 -3.56
C SER D 111 -13.12 -11.91 -2.43
N GLN D 112 -13.50 -13.02 -1.80
CA GLN D 112 -14.45 -12.97 -0.70
C GLN D 112 -13.94 -13.75 0.51
N SER D 113 -13.46 -13.02 1.52
CA SER D 113 -12.93 -13.68 2.70
C SER D 113 -13.37 -12.97 3.98
N SER D 114 -13.04 -13.56 5.12
CA SER D 114 -13.39 -12.99 6.42
C SER D 114 -12.31 -13.31 7.44
N GLN D 115 -11.95 -12.33 8.27
CA GLN D 115 -10.92 -12.54 9.27
C GLN D 115 -10.79 -11.31 10.17
N SER D 116 -9.71 -11.24 10.96
CA SER D 116 -9.52 -10.10 11.85
C SER D 116 -8.08 -10.03 12.36
N SER D 117 -7.75 -8.92 13.00
CA SER D 117 -6.41 -8.73 13.55
C SER D 117 -6.50 -8.31 15.02
N TYR D 118 -5.95 -9.13 15.90
CA TYR D 118 -5.98 -8.83 17.33
C TYR D 118 -4.60 -9.00 17.95
N GLY D 119 -3.93 -7.88 18.18
CA GLY D 119 -2.60 -7.91 18.78
C GLY D 119 -1.52 -7.54 17.75
N GLN D 120 -1.69 -6.39 17.11
CA GLN D 120 -0.72 -5.95 16.11
C GLN D 120 0.28 -4.98 16.73
N GLN D 121 1.53 -5.43 16.84
CA GLN D 121 2.58 -4.59 17.42
C GLN D 121 3.89 -4.76 16.67
N SER D 122 4.52 -3.64 16.32
CA SER D 122 5.78 -3.67 15.60
C SER D 122 6.83 -2.83 16.32
N SER D 123 7.99 -3.43 16.59
CA SER D 123 9.07 -2.72 17.27
C SER D 123 8.60 -2.22 18.64
N TYR D 124 8.58 -3.12 19.61
CA TYR D 124 8.14 -2.76 20.96
C TYR D 124 6.74 -2.18 20.94
N SER E 64 -15.24 1.04 -28.92
CA SER E 64 -13.80 0.67 -28.90
C SER E 64 -13.47 0.03 -27.54
N TYR E 65 -13.76 0.75 -26.48
CA TYR E 65 -13.49 0.26 -25.13
C TYR E 65 -12.03 -0.17 -25.00
N SER E 66 -11.16 0.77 -24.61
CA SER E 66 -9.75 0.48 -24.45
C SER E 66 -9.21 1.09 -23.17
N GLY E 67 -8.63 0.25 -22.32
CA GLY E 67 -8.08 0.72 -21.05
C GLY E 67 -6.56 0.56 -21.02
N TYR E 68 -5.86 1.58 -20.54
CA TYR E 68 -4.40 1.53 -20.46
C TYR E 68 -3.96 0.89 -19.15
N SER E 69 -2.68 1.04 -18.83
CA SER E 69 -2.14 0.45 -17.59
C SER E 69 -2.69 1.18 -16.37
N GLN E 70 -2.63 0.51 -15.22
CA GLN E 70 -3.12 1.11 -13.98
C GLN E 70 -2.90 0.16 -12.81
N SER E 71 -1.72 0.24 -12.21
CA SER E 71 -1.38 -0.62 -11.07
C SER E 71 -2.20 -0.20 -9.85
N THR E 72 -2.36 -1.13 -8.92
CA THR E 72 -3.12 -0.84 -7.70
C THR E 72 -2.33 -1.23 -6.46
N ASP E 73 -2.11 -0.26 -5.57
CA ASP E 73 -1.38 -0.53 -4.35
C ASP E 73 -1.85 0.40 -3.23
N THR E 74 -2.23 -0.17 -2.09
CA THR E 74 -2.71 0.66 -0.98
C THR E 74 -1.71 1.76 -0.68
N SER E 75 -0.49 1.34 -0.32
CA SER E 75 0.58 2.30 -0.05
C SER E 75 1.82 1.88 -0.82
N GLY E 76 2.73 1.14 -0.16
CA GLY E 76 3.91 0.66 -0.85
C GLY E 76 4.64 1.78 -1.60
N TYR E 77 4.89 2.88 -0.93
CA TYR E 77 5.56 4.01 -1.57
C TYR E 77 4.87 4.33 -2.90
N GLY E 78 5.52 5.17 -3.69
CA GLY E 78 4.97 5.55 -4.99
C GLY E 78 5.61 4.72 -6.11
N GLN E 79 6.94 4.72 -6.15
CA GLN E 79 7.67 3.99 -7.17
C GLN E 79 9.13 3.82 -6.74
N SER E 80 9.93 4.85 -7.02
CA SER E 80 11.35 4.78 -6.68
C SER E 80 11.77 6.02 -5.90
N SER E 81 12.39 5.81 -4.75
CA SER E 81 12.83 6.92 -3.92
C SER E 81 14.34 7.09 -4.05
N TYR E 82 14.81 8.33 -3.93
CA TYR E 82 16.24 8.62 -4.04
C TYR E 82 16.76 9.28 -2.76
N SER E 83 17.96 8.85 -2.35
CA SER E 83 18.57 9.41 -1.15
C SER E 83 20.08 9.25 -1.20
N SER E 84 20.80 10.26 -0.72
CA SER E 84 22.27 10.22 -0.72
C SER E 84 22.84 11.16 0.34
N TYR E 85 23.98 10.79 0.89
CA TYR E 85 24.62 11.60 1.91
C TYR E 85 23.67 11.89 3.07
N GLY E 86 24.18 12.58 4.08
CA GLY E 86 23.36 12.91 5.24
C GLY E 86 23.38 11.80 6.29
N GLN E 87 23.18 12.16 7.55
CA GLN E 87 23.19 11.19 8.63
C GLN E 87 22.10 10.14 8.41
N SER E 88 20.94 10.59 7.94
CA SER E 88 19.82 9.68 7.69
C SER E 88 19.85 9.20 6.25
N GLN E 89 18.89 8.34 5.90
CA GLN E 89 18.81 7.81 4.54
C GLN E 89 17.37 7.46 4.18
N ASN E 90 17.18 6.92 2.99
CA ASN E 90 15.84 6.54 2.53
C ASN E 90 15.21 5.53 3.49
N THR E 91 14.09 5.91 4.08
CA THR E 91 13.38 5.04 5.00
C THR E 91 11.92 4.87 4.58
N GLY E 92 11.42 3.65 4.70
CA GLY E 92 10.04 3.36 4.33
C GLY E 92 9.07 4.19 5.17
N TYR E 93 7.81 3.78 5.19
CA TYR E 93 6.80 4.49 5.95
C TYR E 93 7.30 4.77 7.38
N GLY E 94 7.80 3.74 8.05
CA GLY E 94 8.31 3.91 9.41
C GLY E 94 7.39 3.24 10.43
N THR E 95 6.57 4.05 11.08
CA THR E 95 5.64 3.54 12.08
C THR E 95 4.20 3.74 11.63
N GLN E 96 3.51 2.66 11.30
CA GLN E 96 2.13 2.78 10.85
C GLN E 96 1.43 1.44 10.79
N SER E 97 0.13 1.46 10.56
CA SER E 97 -0.65 0.24 10.44
C SER E 97 -1.42 0.22 9.13
N THR E 98 -1.16 -0.81 8.32
CA THR E 98 -1.79 -0.94 7.02
C THR E 98 -3.14 -1.65 7.17
N PRO E 99 -3.92 -1.71 6.10
CA PRO E 99 -5.27 -2.38 6.10
C PRO E 99 -5.26 -3.71 6.82
N GLN E 100 -6.46 -4.23 7.01
CA GLN E 100 -6.64 -5.52 7.66
C GLN E 100 -6.88 -6.57 6.59
N GLY E 101 -7.48 -7.69 6.96
CA GLY E 101 -7.74 -8.76 6.00
C GLY E 101 -8.52 -8.24 4.79
N TYR E 102 -7.79 -7.82 3.76
CA TYR E 102 -8.41 -7.29 2.55
C TYR E 102 -7.36 -6.95 1.50
N GLY E 103 -6.25 -6.37 1.94
CA GLY E 103 -5.18 -6.00 1.03
C GLY E 103 -5.69 -5.05 -0.04
N SER E 104 -4.85 -4.74 -1.01
CA SER E 104 -5.25 -3.84 -2.09
C SER E 104 -5.77 -4.63 -3.30
N THR E 105 -7.05 -4.95 -3.30
CA THR E 105 -7.64 -5.71 -4.41
C THR E 105 -7.63 -4.85 -5.66
N GLY E 106 -7.71 -5.50 -6.81
CA GLY E 106 -7.73 -4.77 -8.06
C GLY E 106 -9.07 -4.08 -8.25
N GLY E 107 -9.41 -3.77 -9.49
CA GLY E 107 -10.69 -3.12 -9.77
C GLY E 107 -11.77 -4.15 -10.07
N TYR E 108 -11.77 -4.65 -11.30
CA TYR E 108 -12.75 -5.63 -11.71
C TYR E 108 -12.76 -6.82 -10.77
N GLY E 109 -13.71 -7.74 -11.00
CA GLY E 109 -13.82 -8.92 -10.15
C GLY E 109 -14.70 -8.65 -8.92
N SER E 110 -14.58 -7.46 -8.35
CA SER E 110 -15.34 -7.07 -7.17
C SER E 110 -14.79 -7.75 -5.94
N SER E 111 -14.58 -6.97 -4.89
CA SER E 111 -14.05 -7.52 -3.64
C SER E 111 -15.06 -7.33 -2.51
N GLN E 112 -15.46 -8.44 -1.88
CA GLN E 112 -16.42 -8.39 -0.79
C GLN E 112 -15.92 -9.15 0.43
N SER E 113 -15.42 -8.43 1.44
CA SER E 113 -14.89 -9.08 2.62
C SER E 113 -15.33 -8.37 3.90
N SER E 114 -15.00 -8.96 5.05
CA SER E 114 -15.35 -8.38 6.34
C SER E 114 -14.28 -8.71 7.36
N GLN E 115 -13.92 -7.73 8.19
CA GLN E 115 -12.88 -7.94 9.20
C GLN E 115 -12.76 -6.71 10.11
N SER E 116 -11.68 -6.65 10.88
CA SER E 116 -11.47 -5.49 11.76
C SER E 116 -10.02 -5.42 12.26
N SER E 117 -9.69 -4.31 12.91
CA SER E 117 -8.36 -4.12 13.46
C SER E 117 -8.45 -3.69 14.94
N TYR E 118 -7.91 -4.52 15.82
CA TYR E 118 -7.94 -4.23 17.24
C TYR E 118 -6.56 -4.38 17.87
N GLY E 119 -5.88 -3.26 18.09
CA GLY E 119 -4.55 -3.30 18.69
C GLY E 119 -3.48 -2.94 17.67
N GLN E 120 -3.64 -1.80 17.02
CA GLN E 120 -2.68 -1.35 16.02
C GLN E 120 -1.66 -0.39 16.64
N GLN E 121 -0.42 -0.84 16.76
CA GLN E 121 0.63 0.00 17.33
C GLN E 121 1.95 -0.18 16.58
N SER E 122 2.58 0.94 16.23
CA SER E 122 3.85 0.90 15.51
C SER E 122 4.90 1.74 16.23
N SER E 123 6.05 1.14 16.50
CA SER E 123 7.13 1.84 17.18
C SER E 123 6.66 2.35 18.55
N TYR E 124 6.64 1.46 19.52
CA TYR E 124 6.21 1.83 20.87
C TYR E 124 4.80 2.40 20.84
N SER F 64 -17.10 5.52 -29.05
CA SER F 64 -15.67 5.13 -29.02
C SER F 64 -15.33 4.51 -27.67
N TYR F 65 -15.62 5.25 -26.60
CA TYR F 65 -15.36 4.75 -25.25
C TYR F 65 -13.90 4.32 -25.13
N SER F 66 -13.04 5.26 -24.73
CA SER F 66 -11.62 4.95 -24.58
C SER F 66 -11.08 5.57 -23.29
N GLY F 67 -10.50 4.74 -22.43
CA GLY F 67 -9.95 5.21 -21.17
C GLY F 67 -8.43 5.03 -21.14
N TYR F 68 -7.74 6.05 -20.66
CA TYR F 68 -6.28 6.00 -20.57
C TYR F 68 -5.83 5.35 -19.26
N SER F 69 -4.56 5.50 -18.93
CA SER F 69 -4.02 4.93 -17.71
C SER F 69 -4.56 5.66 -16.49
N GLN F 70 -4.51 4.99 -15.34
CA GLN F 70 -5.00 5.60 -14.11
C GLN F 70 -4.78 4.65 -12.92
N SER F 71 -3.60 4.72 -12.32
CA SER F 71 -3.28 3.88 -11.18
C SER F 71 -4.09 4.30 -9.96
N THR F 72 -4.26 3.38 -9.02
CA THR F 72 -5.02 3.67 -7.82
C THR F 72 -4.24 3.28 -6.57
N ASP F 73 -4.02 4.25 -5.68
CA ASP F 73 -3.29 3.99 -4.45
C ASP F 73 -3.76 4.93 -3.35
N THR F 74 -4.16 4.37 -2.21
CA THR F 74 -4.62 5.19 -1.10
C THR F 74 -3.60 6.29 -0.81
N SER F 75 -2.40 5.87 -0.45
CA SER F 75 -1.33 6.82 -0.17
C SER F 75 -0.07 6.38 -0.93
N GLY F 76 0.82 5.65 -0.27
CA GLY F 76 2.02 5.17 -0.95
C GLY F 76 2.71 6.28 -1.72
N TYR F 77 3.01 7.39 -1.03
CA TYR F 77 3.68 8.51 -1.69
C TYR F 77 3.01 8.83 -3.02
N GLY F 78 3.65 9.68 -3.82
CA GLY F 78 3.11 10.05 -5.12
C GLY F 78 3.73 9.22 -6.22
N GLN F 79 5.06 9.21 -6.27
CA GLN F 79 5.78 8.45 -7.27
C GLN F 79 7.24 8.28 -6.87
N SER F 80 8.05 9.30 -7.13
CA SER F 80 9.46 9.25 -6.80
C SER F 80 9.89 10.49 -6.02
N SER F 81 10.50 10.27 -4.86
CA SER F 81 10.97 11.39 -4.04
C SER F 81 12.47 11.55 -4.17
N TYR F 82 12.94 12.79 -4.05
CA TYR F 82 14.37 13.07 -4.16
C TYR F 82 14.90 13.72 -2.89
N SER F 83 16.09 13.31 -2.47
CA SER F 83 16.70 13.86 -1.26
C SER F 83 18.22 13.70 -1.31
N SER F 84 18.94 14.71 -0.84
CA SER F 84 20.39 14.66 -0.84
C SER F 84 20.96 15.60 0.22
N TYR F 85 22.11 15.23 0.77
CA TYR F 85 22.76 16.05 1.80
C TYR F 85 21.80 16.33 2.95
N GLY F 86 22.31 17.02 3.97
CA GLY F 86 21.50 17.38 5.12
C GLY F 86 21.52 16.27 6.17
N GLN F 87 21.31 16.64 7.43
CA GLN F 87 21.31 15.66 8.52
C GLN F 87 20.22 14.62 8.28
N SER F 88 19.06 15.07 7.83
CA SER F 88 17.95 14.17 7.58
C SER F 88 17.97 13.68 6.13
N GLN F 89 17.01 12.83 5.78
CA GLN F 89 16.93 12.29 4.43
C GLN F 89 15.49 11.95 4.07
N ASN F 90 15.29 11.39 2.88
CA ASN F 90 13.96 11.02 2.43
C ASN F 90 13.32 10.03 3.38
N THR F 91 12.19 10.40 3.96
CA THR F 91 11.49 9.54 4.90
C THR F 91 10.04 9.37 4.47
N GLY F 92 9.53 8.15 4.59
CA GLY F 92 8.15 7.87 4.22
C GLY F 92 7.18 8.71 5.04
N TYR F 93 5.91 8.29 5.09
CA TYR F 93 4.91 9.01 5.85
C TYR F 93 5.41 9.31 7.26
N GLY F 94 5.90 8.27 7.93
CA GLY F 94 6.41 8.45 9.29
C GLY F 94 5.49 7.78 10.32
N THR F 95 4.66 8.60 10.97
CA THR F 95 3.73 8.09 11.97
C THR F 95 2.30 8.30 11.51
N GLN F 96 1.60 7.22 11.19
CA GLN F 96 0.22 7.34 10.74
C GLN F 96 -0.48 5.99 10.68
N SER F 97 -1.78 6.03 10.44
CA SER F 97 -2.57 4.81 10.34
C SER F 97 -3.33 4.79 9.02
N THR F 98 -3.06 3.76 8.21
CA THR F 98 -3.71 3.62 6.91
C THR F 98 -5.06 2.92 7.06
N PRO F 99 -5.84 2.87 5.99
CA PRO F 99 -7.18 2.20 5.99
C PRO F 99 -7.19 0.87 6.72
N GLN F 100 -8.40 0.35 6.90
CA GLN F 100 -8.58 -0.93 7.57
C GLN F 100 -8.82 -1.98 6.50
N GLY F 101 -9.42 -3.11 6.87
CA GLY F 101 -9.70 -4.17 5.91
C GLY F 101 -10.46 -3.65 4.70
N TYR F 102 -9.74 -3.24 3.66
CA TYR F 102 -10.35 -2.73 2.45
C TYR F 102 -9.29 -2.40 1.40
N GLY F 103 -8.19 -1.81 1.85
CA GLY F 103 -7.11 -1.45 0.94
C GLY F 103 -7.62 -0.50 -0.14
N SER F 104 -6.78 -0.20 -1.11
CA SER F 104 -7.18 0.70 -2.19
C SER F 104 -7.67 -0.09 -3.39
N THR F 105 -8.97 -0.41 -3.39
CA THR F 105 -9.55 -1.16 -4.50
C THR F 105 -9.54 -0.31 -5.76
N GLY F 106 -9.63 -0.96 -6.91
CA GLY F 106 -9.64 -0.24 -8.16
C GLY F 106 -10.99 0.45 -8.36
N GLY F 107 -11.32 0.75 -9.61
CA GLY F 107 -12.58 1.42 -9.89
C GLY F 107 -13.67 0.39 -10.19
N TYR F 108 -13.68 -0.11 -11.42
CA TYR F 108 -14.67 -1.10 -11.83
C TYR F 108 -14.68 -2.29 -10.88
N GLY F 109 -15.63 -3.19 -11.08
CA GLY F 109 -15.75 -4.38 -10.24
C GLY F 109 -16.62 -4.10 -9.02
N SER F 110 -16.51 -2.90 -8.46
CA SER F 110 -17.28 -2.51 -7.28
C SER F 110 -16.73 -3.20 -6.03
N SER F 111 -16.51 -2.41 -4.98
CA SER F 111 -15.99 -2.95 -3.73
C SER F 111 -17.00 -2.76 -2.61
N GLN F 112 -17.39 -3.86 -1.97
CA GLN F 112 -18.35 -3.79 -0.88
C GLN F 112 -17.85 -4.57 0.33
N SER F 113 -17.36 -3.84 1.34
CA SER F 113 -16.83 -4.50 2.53
C SER F 113 -17.28 -3.77 3.81
N SER F 114 -16.94 -4.36 4.95
CA SER F 114 -17.29 -3.77 6.24
C SER F 114 -16.21 -4.10 7.27
N GLN F 115 -15.86 -3.11 8.09
CA GLN F 115 -14.82 -3.32 9.10
C GLN F 115 -14.69 -2.09 10.00
N SER F 116 -13.61 -2.01 10.78
CA SER F 116 -13.42 -0.88 11.66
C SER F 116 -11.98 -0.81 12.18
N SER F 117 -11.64 0.31 12.81
CA SER F 117 -10.30 0.49 13.37
C SER F 117 -10.39 0.92 14.83
N TYR F 118 -9.86 0.10 15.72
CA TYR F 118 -9.89 0.40 17.15
C TYR F 118 -8.51 0.24 17.77
N GLY F 119 -7.83 1.36 18.00
CA GLY F 119 -6.50 1.32 18.59
C GLY F 119 -5.42 1.66 17.56
N GLN F 120 -5.58 2.81 16.91
CA GLN F 120 -4.61 3.24 15.91
C GLN F 120 -3.59 4.21 16.52
N GLN F 121 -2.35 3.75 16.65
CA GLN F 121 -1.30 4.59 17.22
C GLN F 121 0.01 4.40 16.47
N SER F 122 0.65 5.52 16.12
CA SER F 122 1.92 5.47 15.41
C SER F 122 2.98 6.31 16.12
N SER F 123 4.13 5.70 16.39
CA SER F 123 5.20 6.42 17.08
C SER F 123 4.74 6.93 18.43
N TYR F 124 4.71 6.03 19.42
CA TYR F 124 4.28 6.41 20.76
C TYR F 124 2.87 7.00 20.73
N SER G 64 -18.97 10.00 -29.19
CA SER G 64 -17.53 9.62 -29.15
C SER G 64 -17.20 9.00 -27.80
N TYR G 65 -17.49 9.73 -26.73
CA TYR G 65 -17.22 9.25 -25.38
C TYR G 65 -15.77 8.81 -25.25
N SER G 66 -14.91 9.73 -24.87
CA SER G 66 -13.49 9.43 -24.70
C SER G 66 -12.95 10.05 -23.42
N GLY G 67 -12.38 9.22 -22.56
CA GLY G 67 -11.82 9.69 -21.29
C GLY G 67 -10.31 9.52 -21.27
N TYR G 68 -9.60 10.54 -20.79
CA TYR G 68 -8.15 10.48 -20.71
C TYR G 68 -7.71 9.84 -19.39
N SER G 69 -6.43 9.98 -19.06
CA SER G 69 -5.90 9.41 -17.83
C SER G 69 -6.44 10.14 -16.62
N GLN G 70 -6.39 9.49 -15.45
CA GLN G 70 -6.88 10.09 -14.22
C GLN G 70 -6.66 9.15 -13.05
N SER G 71 -5.47 9.23 -12.44
CA SER G 71 -5.16 8.37 -11.30
C SER G 71 -5.97 8.80 -10.08
N THR G 72 -6.15 7.88 -9.14
CA THR G 72 -6.92 8.19 -7.93
C THR G 72 -6.13 7.81 -6.68
N ASP G 73 -5.91 8.77 -5.80
CA ASP G 73 -5.18 8.52 -4.56
C ASP G 73 -5.65 9.46 -3.47
N THR G 74 -6.05 8.90 -2.33
CA THR G 74 -6.50 9.73 -1.22
C THR G 74 -5.49 10.83 -0.93
N SER G 75 -4.28 10.41 -0.57
CA SER G 75 -3.21 11.35 -0.30
C SER G 75 -1.96 10.91 -1.06
N GLY G 76 -1.06 10.17 -0.40
CA GLY G 76 0.13 9.69 -1.06
C GLY G 76 0.83 10.80 -1.83
N TYR G 77 1.12 11.90 -1.16
CA TYR G 77 1.80 13.02 -1.81
C TYR G 77 1.13 13.34 -3.15
N GLY G 78 1.78 14.17 -3.95
CA GLY G 78 1.24 14.54 -5.25
C GLY G 78 1.86 13.70 -6.36
N GLN G 79 3.19 13.69 -6.39
CA GLN G 79 3.91 12.93 -7.40
C GLN G 79 5.37 12.76 -7.00
N SER G 80 6.19 13.78 -7.27
CA SER G 80 7.60 13.71 -6.92
C SER G 80 8.03 14.96 -6.16
N SER G 81 8.64 14.75 -5.00
CA SER G 81 9.10 15.85 -4.17
C SER G 81 10.62 16.02 -4.30
N TYR G 82 11.08 17.26 -4.18
CA TYR G 82 12.51 17.53 -4.30
C TYR G 82 13.04 18.19 -3.02
N SER G 83 14.23 17.77 -2.60
CA SER G 83 14.85 18.32 -1.40
C SER G 83 16.36 18.16 -1.45
N SER G 84 17.09 19.17 -0.98
CA SER G 84 18.54 19.11 -0.98
C SER G 84 19.11 20.05 0.08
N TYR G 85 20.26 19.68 0.63
CA TYR G 85 20.91 20.50 1.66
C TYR G 85 19.95 20.79 2.81
N GLY G 86 20.47 21.49 3.82
CA GLY G 86 19.65 21.84 4.98
C GLY G 86 19.67 20.74 6.02
N GLN G 87 19.46 21.11 7.28
CA GLN G 87 19.45 20.14 8.37
C GLN G 87 18.36 19.10 8.15
N SER G 88 17.20 19.56 7.69
CA SER G 88 16.08 18.66 7.43
C SER G 88 16.11 18.16 6.00
N GLN G 89 15.14 17.31 5.65
CA GLN G 89 15.06 16.77 4.29
C GLN G 89 13.62 16.43 3.94
N ASN G 90 13.43 15.88 2.74
CA ASN G 90 12.09 15.51 2.29
C ASN G 90 11.45 14.52 3.26
N THR G 91 10.32 14.91 3.83
CA THR G 91 9.62 14.05 4.77
C THR G 91 8.16 13.88 4.35
N GLY G 92 7.64 12.66 4.48
CA GLY G 92 6.26 12.38 4.11
C GLY G 92 5.30 13.23 4.92
N TYR G 93 4.04 12.81 4.96
CA TYR G 93 3.03 13.55 5.72
C TYR G 93 3.52 13.84 7.14
N GLY G 94 4.01 12.81 7.81
CA GLY G 94 4.53 12.98 9.17
C GLY G 94 3.59 12.33 10.19
N THR G 95 2.77 13.15 10.84
CA THR G 95 1.85 12.64 11.84
C THR G 95 0.41 12.87 11.38
N GLN G 96 -0.29 11.78 11.06
CA GLN G 96 -1.67 11.91 10.61
C GLN G 96 -2.37 10.57 10.55
N SER G 97 -3.68 10.60 10.31
CA SER G 97 -4.47 9.39 10.22
C SER G 97 -5.22 9.36 8.90
N THR G 98 -4.96 8.34 8.10
CA THR G 98 -5.61 8.20 6.80
C THR G 98 -6.96 7.49 6.94
N PRO G 99 -7.74 7.44 5.87
CA PRO G 99 -9.08 6.78 5.87
C PRO G 99 -9.10 5.45 6.62
N GLN G 100 -10.31 4.94 6.80
CA GLN G 100 -10.50 3.65 7.46
C GLN G 100 -10.74 2.60 6.40
N GLY G 101 -11.35 1.48 6.77
CA GLY G 101 -11.62 0.41 5.81
C GLY G 101 -12.39 0.93 4.60
N TYR G 102 -11.65 1.34 3.57
CA TYR G 102 -12.27 1.85 2.36
C TYR G 102 -11.20 2.16 1.31
N GLY G 103 -10.10 2.75 1.75
CA GLY G 103 -9.02 3.11 0.83
C GLY G 103 -9.53 4.05 -0.23
N SER G 104 -8.69 4.35 -1.22
CA SER G 104 -9.08 5.24 -2.30
C SER G 104 -9.58 4.46 -3.50
N THR G 105 -10.87 4.14 -3.50
CA THR G 105 -11.46 3.39 -4.60
C THR G 105 -11.46 4.23 -5.87
N GLY G 106 -11.54 3.57 -7.01
CA GLY G 106 -11.55 4.30 -8.27
C GLY G 106 -12.89 4.98 -8.47
N GLY G 107 -13.22 5.29 -9.72
CA GLY G 107 -14.48 5.95 -10.01
C GLY G 107 -15.58 4.94 -10.30
N TYR G 108 -15.58 4.42 -11.53
CA TYR G 108 -16.57 3.44 -11.94
C TYR G 108 -16.59 2.26 -10.98
N GLY G 109 -17.55 1.36 -11.18
CA GLY G 109 -17.66 0.18 -10.34
C GLY G 109 -18.54 0.45 -9.11
N SER G 110 -18.41 1.66 -8.57
CA SER G 110 -19.18 2.05 -7.39
C SER G 110 -18.64 1.37 -6.13
N SER G 111 -18.41 2.16 -5.09
CA SER G 111 -17.90 1.62 -3.83
C SER G 111 -18.91 1.82 -2.71
N GLN G 112 -19.31 0.72 -2.07
CA GLN G 112 -20.27 0.80 -0.98
C GLN G 112 -19.77 0.03 0.23
N SER G 113 -19.28 0.76 1.24
CA SER G 113 -18.77 0.10 2.44
C SER G 113 -19.20 0.84 3.70
N SER G 114 -18.87 0.26 4.85
CA SER G 114 -19.22 0.84 6.14
C SER G 114 -18.15 0.52 7.17
N GLN G 115 -17.79 1.50 7.99
CA GLN G 115 -16.75 1.30 9.00
C GLN G 115 -16.62 2.53 9.89
N SER G 116 -15.54 2.60 10.67
CA SER G 116 -15.34 3.74 11.55
C SER G 116 -13.90 3.80 12.07
N SER G 117 -13.55 4.92 12.70
CA SER G 117 -12.22 5.10 13.25
C SER G 117 -12.31 5.54 14.71
N TYR G 118 -11.78 4.72 15.61
CA TYR G 118 -11.80 5.03 17.03
C TYR G 118 -10.43 4.87 17.66
N GLY G 119 -9.74 5.98 17.88
CA GLY G 119 -8.42 5.94 18.48
C GLY G 119 -7.34 6.28 17.45
N GLN G 120 -7.48 7.43 16.80
CA GLN G 120 -6.51 7.84 15.79
C GLN G 120 -5.50 8.81 16.40
N GLN G 121 -4.25 8.36 16.53
CA GLN G 121 -3.20 9.19 17.10
C GLN G 121 -1.89 8.99 16.35
N SER G 122 -1.24 10.10 16.00
CA SER G 122 0.02 10.04 15.29
C SER G 122 1.07 10.89 16.00
N SER G 123 2.22 10.28 16.27
CA SER G 123 3.31 10.99 16.96
C SER G 123 2.84 11.50 18.31
N TYR G 124 2.81 10.62 19.31
CA TYR G 124 2.38 10.99 20.64
C TYR G 124 0.97 11.59 20.61
N SER H 64 -20.81 14.50 -29.34
CA SER H 64 -19.38 14.10 -29.31
C SER H 64 -19.05 13.49 -27.95
N TYR H 65 -19.34 14.23 -26.88
CA TYR H 65 -19.08 13.74 -25.53
C TYR H 65 -17.62 13.30 -25.40
N SER H 66 -16.76 14.24 -25.02
CA SER H 66 -15.34 13.92 -24.85
C SER H 66 -14.80 14.55 -23.57
N GLY H 67 -14.23 13.72 -22.71
CA GLY H 67 -13.68 14.19 -21.45
C GLY H 67 -12.16 14.01 -21.41
N TYR H 68 -11.46 15.03 -20.94
CA TYR H 68 -10.00 14.96 -20.86
C TYR H 68 -9.56 14.32 -19.54
N SER H 69 -8.28 14.46 -19.21
CA SER H 69 -7.76 13.89 -17.97
C SER H 69 -8.30 14.64 -16.75
N GLN H 70 -8.25 13.98 -15.61
CA GLN H 70 -8.74 14.60 -14.37
C GLN H 70 -8.53 13.66 -13.19
N SER H 71 -7.34 13.73 -12.59
CA SER H 71 -7.03 12.88 -11.43
C SER H 71 -7.84 13.32 -10.22
N THR H 72 -8.02 12.41 -9.28
CA THR H 72 -8.78 12.71 -8.07
C THR H 72 -8.00 12.32 -6.81
N ASP H 73 -7.78 13.30 -5.94
CA ASP H 73 -7.05 13.05 -4.70
C ASP H 73 -7.52 14.00 -3.61
N THR H 74 -7.92 13.44 -2.47
CA THR H 74 -8.38 14.28 -1.36
C THR H 74 -7.35 15.37 -1.07
N SER H 75 -6.15 14.95 -0.71
CA SER H 75 -5.07 15.89 -0.45
C SER H 75 -3.82 15.45 -1.20
N GLY H 76 -2.94 14.71 -0.54
CA GLY H 76 -1.74 14.22 -1.20
C GLY H 76 -1.04 15.32 -1.98
N TYR H 77 -0.74 16.42 -1.31
CA TYR H 77 -0.07 17.54 -1.97
C TYR H 77 -0.73 17.86 -3.31
N GLY H 78 -0.07 18.69 -4.10
CA GLY H 78 -0.61 19.06 -5.40
C GLY H 78 0.01 18.21 -6.50
N GLN H 79 1.34 18.19 -6.54
CA GLN H 79 2.06 17.42 -7.55
C GLN H 79 3.51 17.25 -7.15
N SER H 80 4.33 18.26 -7.41
CA SER H 80 5.75 18.20 -7.07
C SER H 80 6.18 19.44 -6.30
N SER H 81 6.79 19.23 -5.14
CA SER H 81 7.26 20.34 -4.32
C SER H 81 8.76 20.50 -4.45
N TYR H 82 9.24 21.73 -4.33
CA TYR H 82 10.68 22.01 -4.45
C TYR H 82 11.20 22.67 -3.18
N SER H 83 12.39 22.24 -2.76
CA SER H 83 13.00 22.79 -1.56
C SER H 83 14.52 22.62 -1.61
N SER H 84 15.25 23.64 -1.14
CA SER H 84 16.70 23.58 -1.14
C SER H 84 17.27 24.52 -0.08
N TYR H 85 18.43 24.15 0.48
CA TYR H 85 19.07 24.95 1.50
C TYR H 85 18.12 25.26 2.65
N GLY H 86 18.62 25.96 3.66
CA GLY H 86 17.81 26.31 4.81
C GLY H 86 17.83 25.22 5.87
N GLN H 87 17.62 25.61 7.12
CA GLN H 87 17.62 24.64 8.21
C GLN H 87 16.51 23.59 7.99
N SER H 88 15.36 24.05 7.53
CA SER H 88 14.24 23.16 7.28
C SER H 88 14.26 22.66 5.84
N GLN H 89 13.29 21.81 5.50
CA GLN H 89 13.21 21.27 4.15
C GLN H 89 11.77 20.93 3.79
N ASN H 90 11.57 20.37 2.59
CA ASN H 90 10.24 20.01 2.14
C ASN H 90 9.59 19.02 3.10
N THR H 91 8.46 19.41 3.68
CA THR H 91 7.75 18.56 4.63
C THR H 91 6.29 18.39 4.20
N GLY H 92 5.78 17.18 4.33
CA GLY H 92 4.40 16.90 3.96
C GLY H 92 3.43 17.76 4.77
N TYR H 93 2.17 17.34 4.82
CA TYR H 93 1.16 18.09 5.57
C TYR H 93 1.66 18.38 6.98
N GLY H 94 2.15 17.36 7.66
CA GLY H 94 2.66 17.52 9.02
C GLY H 94 1.73 16.89 10.05
N THR H 95 0.91 17.71 10.69
CA THR H 95 -0.03 17.21 11.69
C THR H 95 -1.47 17.44 11.24
N GLN H 96 -2.16 16.35 10.92
CA GLN H 96 -3.55 16.49 10.46
C GLN H 96 -4.26 15.15 10.41
N SER H 97 -5.56 15.19 10.17
CA SER H 97 -6.35 13.97 10.08
C SER H 97 -7.11 13.94 8.75
N THR H 98 -6.85 12.91 7.96
CA THR H 98 -7.50 12.77 6.66
C THR H 98 -8.85 12.08 6.80
N PRO H 99 -9.62 12.02 5.74
CA PRO H 99 -10.97 11.37 5.74
C PRO H 99 -11.00 10.05 6.48
N GLN H 100 -12.21 9.53 6.67
CA GLN H 100 -12.40 8.25 7.34
C GLN H 100 -12.65 7.19 6.28
N GLY H 101 -13.26 6.07 6.66
CA GLY H 101 -13.53 5.00 5.70
C GLY H 101 -14.30 5.52 4.49
N TYR H 102 -13.56 5.92 3.46
CA TYR H 102 -14.17 6.43 2.24
C TYR H 102 -13.10 6.74 1.20
N GLY H 103 -12.00 7.33 1.63
CA GLY H 103 -10.92 7.67 0.71
C GLY H 103 -11.42 8.63 -0.37
N SER H 104 -10.59 8.91 -1.35
CA SER H 104 -10.96 9.81 -2.42
C SER H 104 -11.47 9.01 -3.63
N THR H 105 -12.77 8.69 -3.62
CA THR H 105 -13.36 7.94 -4.72
C THR H 105 -13.34 8.78 -6.00
N GLY H 106 -13.43 8.12 -7.14
CA GLY H 106 -13.43 8.83 -8.41
C GLY H 106 -14.77 9.53 -8.61
N GLY H 107 -15.09 9.84 -9.85
CA GLY H 107 -16.36 10.50 -10.15
C GLY H 107 -17.45 9.48 -10.44
N TYR H 108 -17.46 8.96 -11.66
CA TYR H 108 -18.45 7.98 -12.07
C TYR H 108 -18.48 6.80 -11.10
N GLY H 109 -19.44 5.91 -11.30
CA GLY H 109 -19.56 4.73 -10.45
C GLY H 109 -20.44 5.02 -9.24
N SER H 110 -20.31 6.22 -8.69
CA SER H 110 -21.08 6.63 -7.51
C SER H 110 -20.54 5.95 -6.26
N SER H 111 -20.32 6.74 -5.21
CA SER H 111 -19.80 6.20 -3.96
C SER H 111 -20.81 6.41 -2.83
N GLN H 112 -21.22 5.32 -2.20
CA GLN H 112 -22.18 5.40 -1.11
C GLN H 112 -21.68 4.63 0.11
N SER H 113 -21.18 5.36 1.12
CA SER H 113 -20.67 4.71 2.32
C SER H 113 -21.11 5.45 3.58
N SER H 114 -20.78 4.87 4.73
CA SER H 114 -21.13 5.46 6.02
C SER H 114 -20.06 5.14 7.05
N GLN H 115 -19.70 6.13 7.86
CA GLN H 115 -18.67 5.92 8.88
C GLN H 115 -18.53 7.16 9.76
N SER H 116 -17.45 7.23 10.55
CA SER H 116 -17.24 8.37 11.42
C SER H 116 -15.81 8.43 11.94
N SER H 117 -15.46 9.55 12.56
CA SER H 117 -14.12 9.72 13.12
C SER H 117 -14.21 10.17 14.58
N TYR H 118 -13.68 9.34 15.47
CA TYR H 118 -13.71 9.67 16.91
C TYR H 118 -12.33 9.49 17.53
N GLY H 119 -11.64 10.61 17.74
CA GLY H 119 -10.32 10.56 18.35
C GLY H 119 -9.24 10.89 17.32
N GLN H 120 -9.38 12.04 16.66
CA GLN H 120 -8.41 12.46 15.66
C GLN H 120 -7.39 13.42 16.26
N GLN H 121 -6.14 12.96 16.40
CA GLN H 121 -5.09 13.79 16.96
C GLN H 121 -3.78 13.59 16.22
N SER H 122 -3.13 14.69 15.86
CA SER H 122 -1.86 14.63 15.15
C SER H 122 -0.80 15.47 15.86
N SER H 123 0.34 14.86 16.14
CA SER H 123 1.43 15.57 16.81
C SER H 123 0.96 16.09 18.17
N TYR H 124 0.92 15.20 19.16
CA TYR H 124 0.49 15.59 20.50
C TYR H 124 -0.91 16.19 20.47
N SER I 64 -22.64 19.00 -29.51
CA SER I 64 -21.21 18.60 -29.47
C SER I 64 -20.89 17.98 -28.12
N TYR I 65 -21.18 18.73 -27.06
CA TYR I 65 -20.92 18.25 -25.70
C TYR I 65 -19.47 17.81 -25.56
N SER I 66 -18.59 18.74 -25.18
CA SER I 66 -17.18 18.42 -25.01
C SER I 66 -16.64 19.04 -23.74
N GLY I 67 -16.07 18.21 -22.87
CA GLY I 67 -15.52 18.69 -21.61
C GLY I 67 -14.01 18.49 -21.57
N TYR I 68 -13.29 19.52 -21.10
CA TYR I 68 -11.84 19.45 -21.02
C TYR I 68 -11.41 18.80 -19.71
N SER I 69 -10.13 18.95 -19.37
CA SER I 69 -9.60 18.39 -18.13
C SER I 69 -10.14 19.13 -16.92
N GLN I 70 -10.10 18.48 -15.76
CA GLN I 70 -10.59 19.10 -14.53
C GLN I 70 -10.38 18.17 -13.34
N SER I 71 -9.19 18.24 -12.74
CA SER I 71 -8.88 17.39 -11.60
C SER I 71 -9.70 17.84 -10.38
N THR I 72 -9.88 16.93 -9.43
CA THR I 72 -10.63 17.24 -8.23
C THR I 72 -9.86 16.85 -6.97
N ASP I 73 -9.64 17.83 -6.10
CA ASP I 73 -8.91 17.59 -4.86
C ASP I 73 -9.38 18.54 -3.78
N THR I 74 -9.78 18.00 -2.62
CA THR I 74 -10.23 18.84 -1.53
C THR I 74 -9.20 19.92 -1.24
N SER I 75 -8.00 19.50 -0.88
CA SER I 75 -6.93 20.44 -0.61
C SER I 75 -5.68 19.99 -1.37
N GLY I 76 -4.80 19.24 -0.71
CA GLY I 76 -3.60 18.75 -1.36
C GLY I 76 -2.89 19.85 -2.13
N TYR I 77 -2.59 20.96 -1.47
CA TYR I 77 -1.92 22.06 -2.13
C TYR I 77 -2.58 22.39 -3.47
N GLY I 78 -1.91 23.20 -4.28
CA GLY I 78 -2.45 23.56 -5.58
C GLY I 78 -1.83 22.72 -6.67
N GLN I 79 -0.50 22.69 -6.71
CA GLN I 79 0.21 21.92 -7.72
C GLN I 79 1.68 21.74 -7.31
N SER I 80 2.50 22.75 -7.58
CA SER I 80 3.91 22.67 -7.23
C SER I 80 4.34 23.93 -6.47
N SER I 81 4.95 23.72 -5.31
CA SER I 81 5.42 24.83 -4.49
C SER I 81 6.93 24.98 -4.62
N TYR I 82 7.42 26.21 -4.52
CA TYR I 82 8.85 26.48 -4.63
C TYR I 82 9.38 27.14 -3.36
N SER I 83 10.56 26.71 -2.93
CA SER I 83 11.18 27.28 -1.73
C SER I 83 12.69 27.09 -1.78
N SER I 84 13.42 28.10 -1.31
CA SER I 84 14.88 28.04 -1.31
C SER I 84 15.46 28.98 -0.25
N TYR I 85 16.60 28.61 0.30
CA TYR I 85 17.26 29.43 1.32
C TYR I 85 16.30 29.74 2.47
N GLY I 86 16.81 30.45 3.47
CA GLY I 86 15.99 30.81 4.63
C GLY I 86 16.01 29.71 5.68
N GLN I 87 15.80 30.10 6.93
CA GLN I 87 15.79 29.13 8.03
C GLN I 87 14.68 28.10 7.82
N SER I 88 13.53 28.56 7.34
CA SER I 88 12.41 27.66 7.10
C SER I 88 12.42 27.16 5.67
N GLN I 89 11.46 26.31 5.32
CA GLN I 89 11.37 25.77 3.97
C GLN I 89 9.93 25.42 3.62
N ASN I 90 9.74 24.87 2.43
CA ASN I 90 8.39 24.51 1.98
C ASN I 90 7.75 23.52 2.94
N THR I 91 6.62 23.92 3.52
CA THR I 91 5.91 23.07 4.45
C THR I 91 4.45 22.91 4.03
N GLY I 92 3.93 21.70 4.18
CA GLY I 92 2.55 21.43 3.80
C GLY I 92 1.59 22.28 4.62
N TYR I 93 0.32 21.89 4.65
CA TYR I 93 -0.68 22.63 5.41
C TYR I 93 -0.18 22.92 6.82
N GLY I 94 0.30 21.89 7.51
CA GLY I 94 0.80 22.08 8.85
C GLY I 94 -0.12 21.44 9.88
N THR I 95 -0.95 22.27 10.53
CA THR I 95 -1.88 21.78 11.53
C THR I 95 -3.31 22.01 11.07
N GLN I 96 -4.03 20.94 10.75
CA GLN I 96 -5.40 21.08 10.29
C GLN I 96 -6.12 19.74 10.25
N SER I 97 -7.43 19.79 10.00
CA SER I 97 -8.22 18.57 9.92
C SER I 97 -8.97 18.54 8.59
N THR I 98 -8.72 17.51 7.81
CA THR I 98 -9.36 17.36 6.50
C THR I 98 -10.72 16.67 6.64
N PRO I 99 -11.50 16.62 5.59
CA PRO I 99 -12.86 15.99 5.60
C PRO I 99 -12.89 14.65 6.34
N GLN I 100 -14.10 14.14 6.53
CA GLN I 100 -14.29 12.86 7.20
C GLN I 100 -14.54 11.80 6.14
N GLY I 101 -15.15 10.69 6.52
CA GLY I 101 -15.43 9.62 5.58
C GLY I 101 -16.20 10.13 4.36
N TYR I 102 -15.45 10.51 3.32
CA TYR I 102 -16.05 11.03 2.10
C TYR I 102 -14.99 11.30 1.06
N GLY I 103 -13.88 11.90 1.49
CA GLY I 103 -12.80 12.25 0.57
C GLY I 103 -13.30 13.20 -0.51
N SER I 104 -12.46 13.47 -1.49
CA SER I 104 -12.84 14.36 -2.57
C SER I 104 -13.34 13.56 -3.78
N THR I 105 -14.64 13.25 -3.77
CA THR I 105 -15.23 12.49 -4.87
C THR I 105 -15.20 13.32 -6.14
N GLY I 106 -15.30 12.67 -7.29
CA GLY I 106 -15.31 13.38 -8.54
C GLY I 106 -16.64 14.08 -8.75
N GLY I 107 -16.97 14.39 -10.00
CA GLY I 107 -18.23 15.06 -10.30
C GLY I 107 -19.32 14.04 -10.58
N TYR I 108 -19.32 13.52 -11.81
CA TYR I 108 -20.33 12.53 -12.20
C TYR I 108 -20.34 11.34 -11.25
N GLY I 109 -21.32 10.46 -11.44
CA GLY I 109 -21.45 9.29 -10.59
C GLY I 109 -22.32 9.59 -9.37
N SER I 110 -22.19 10.80 -8.83
CA SER I 110 -22.97 11.22 -7.65
C SER I 110 -22.43 10.54 -6.40
N SER I 111 -22.20 11.33 -5.35
CA SER I 111 -21.69 10.79 -4.11
C SER I 111 -22.70 11.02 -2.97
N GLN I 112 -23.12 9.93 -2.33
CA GLN I 112 -24.08 10.02 -1.24
C GLN I 112 -23.58 9.26 -0.02
N SER I 113 -23.08 9.97 0.98
CA SER I 113 -22.57 9.33 2.18
C SER I 113 -23.00 10.08 3.44
N SER I 114 -22.68 9.50 4.60
CA SER I 114 -23.03 10.10 5.88
C SER I 114 -21.96 9.78 6.91
N GLN I 115 -21.60 10.77 7.72
CA GLN I 115 -20.56 10.57 8.73
C GLN I 115 -20.42 11.82 9.61
N SER I 116 -19.35 11.87 10.41
CA SER I 116 -19.14 13.02 11.27
C SER I 116 -17.70 13.07 11.80
N SER I 117 -17.34 14.19 12.42
CA SER I 117 -16.01 14.36 12.97
C SER I 117 -16.09 14.80 14.44
N TYR I 118 -15.56 13.97 15.32
CA TYR I 118 -15.59 14.30 16.75
C TYR I 118 -14.22 14.11 17.38
N GLY I 119 -13.52 15.23 17.60
CA GLY I 119 -12.20 15.20 18.20
C GLY I 119 -11.12 15.53 17.17
N GLN I 120 -11.26 16.67 16.52
CA GLN I 120 -10.29 17.08 15.51
C GLN I 120 -9.27 18.05 16.11
N GLN I 121 -8.03 17.58 16.25
CA GLN I 121 -6.97 18.42 16.81
C GLN I 121 -5.65 18.20 16.06
N SER I 122 -5.00 19.30 15.71
CA SER I 122 -3.74 19.22 14.99
C SER I 122 -2.67 20.07 15.70
N SER I 123 -1.53 19.45 15.98
CA SER I 123 -0.44 20.16 16.65
C SER I 123 -0.91 20.69 18.01
N TYR I 124 -0.95 19.81 19.00
CA TYR I 124 -1.38 20.20 20.34
C TYR I 124 -2.78 20.80 20.30
N SER A 64 -9.71 -23.95 -24.04
CA SER A 64 -8.89 -25.12 -24.47
C SER A 64 -7.41 -24.78 -24.32
N TYR A 65 -7.08 -23.50 -24.50
CA TYR A 65 -5.70 -23.06 -24.38
C TYR A 65 -5.48 -22.31 -23.07
N SER A 66 -4.98 -23.02 -22.06
CA SER A 66 -4.74 -22.41 -20.76
C SER A 66 -3.43 -21.64 -20.77
N GLY A 67 -3.38 -20.52 -20.05
CA GLY A 67 -2.19 -19.70 -19.99
C GLY A 67 -1.24 -20.20 -18.91
N TYR A 68 -0.40 -19.30 -18.39
CA TYR A 68 0.55 -19.67 -17.35
C TYR A 68 0.44 -18.73 -16.15
N SER A 69 0.84 -19.22 -14.98
CA SER A 69 0.77 -18.42 -13.76
C SER A 69 2.17 -18.10 -13.24
N GLN A 70 3.18 -18.24 -14.11
CA GLN A 70 4.55 -17.95 -13.72
C GLN A 70 4.90 -18.67 -12.42
N SER A 71 6.04 -18.30 -11.82
CA SER A 71 6.47 -18.93 -10.58
C SER A 71 5.77 -18.29 -9.37
N THR A 72 5.71 -19.05 -8.28
CA THR A 72 5.08 -18.56 -7.06
C THR A 72 5.92 -18.93 -5.84
N ASP A 73 6.18 -17.95 -4.98
CA ASP A 73 6.98 -18.20 -3.77
C ASP A 73 6.55 -17.28 -2.65
N THR A 74 6.26 -17.85 -1.48
CA THR A 74 5.85 -17.02 -0.34
C THR A 74 6.85 -15.90 -0.12
N SER A 75 8.08 -16.28 0.21
CA SER A 75 9.14 -15.31 0.42
C SER A 75 10.37 -15.72 -0.38
N GLY A 76 11.34 -16.38 0.27
CA GLY A 76 12.54 -16.85 -0.42
C GLY A 76 13.12 -15.80 -1.38
N TYR A 77 13.39 -14.61 -0.87
CA TYR A 77 13.95 -13.55 -1.70
C TYR A 77 13.12 -13.38 -2.98
N GLY A 78 13.62 -12.60 -3.92
CA GLY A 78 12.90 -12.38 -5.17
C GLY A 78 13.47 -13.26 -6.28
N GLN A 79 14.78 -13.17 -6.49
CA GLN A 79 15.43 -13.95 -7.53
C GLN A 79 16.94 -14.00 -7.30
N SER A 80 17.61 -12.91 -7.63
CA SER A 80 19.06 -12.84 -7.47
C SER A 80 19.42 -11.85 -6.36
N SER A 81 20.56 -12.08 -5.72
CA SER A 81 21.00 -11.20 -4.64
C SER A 81 22.48 -10.89 -4.77
N TYR A 82 22.83 -9.61 -4.64
CA TYR A 82 24.22 -9.19 -4.76
C TYR A 82 24.70 -8.54 -3.46
N SER A 83 25.99 -8.65 -3.20
CA SER A 83 26.57 -8.07 -1.99
C SER A 83 27.46 -6.88 -2.34
N SER A 84 28.31 -6.49 -1.40
CA SER A 84 29.21 -5.35 -1.63
C SER A 84 30.32 -5.72 -2.60
N TYR A 85 31.08 -4.72 -3.03
CA TYR A 85 32.18 -4.96 -3.96
C TYR A 85 33.50 -5.11 -3.20
N GLY A 86 33.42 -5.38 -1.90
CA GLY A 86 34.62 -5.55 -1.09
C GLY A 86 34.37 -6.58 0.02
N GLN A 87 33.92 -6.10 1.17
CA GLN A 87 33.64 -6.98 2.30
C GLN A 87 32.24 -6.70 2.85
N SER A 88 31.50 -7.76 3.12
CA SER A 88 30.14 -7.61 3.64
C SER A 88 29.67 -8.86 4.37
N GLN A 89 28.45 -8.81 4.89
CA GLN A 89 27.89 -9.95 5.60
C GLN A 89 26.56 -10.37 4.98
N ASN A 90 26.60 -11.42 4.15
CA ASN A 90 25.40 -11.90 3.50
C ASN A 90 24.71 -12.95 4.37
N THR A 91 23.58 -12.56 4.97
CA THR A 91 22.84 -13.47 5.83
C THR A 91 21.40 -13.64 5.35
N GLY A 92 20.90 -14.87 5.45
CA GLY A 92 19.54 -15.19 5.04
C GLY A 92 18.52 -14.37 5.85
N TYR A 93 17.28 -14.85 5.90
CA TYR A 93 16.22 -14.16 6.62
C TYR A 93 16.24 -14.49 8.10
N GLY A 94 17.44 -14.51 8.70
CA GLY A 94 17.57 -14.82 10.12
C GLY A 94 16.71 -16.01 10.51
N THR A 95 15.65 -15.73 11.26
CA THR A 95 14.73 -16.77 11.68
C THR A 95 13.30 -16.29 11.47
N GLN A 96 12.52 -17.08 10.73
CA GLN A 96 11.14 -16.70 10.46
C GLN A 96 10.25 -17.93 10.33
N SER A 97 8.94 -17.69 10.40
CA SER A 97 7.98 -18.76 10.29
C SER A 97 7.02 -18.47 9.15
N THR A 98 7.05 -19.32 8.12
CA THR A 98 6.19 -19.12 6.97
C THR A 98 4.86 -19.85 7.19
N PRO A 99 3.84 -19.49 6.45
CA PRO A 99 2.48 -20.08 6.57
C PRO A 99 2.44 -21.52 7.05
N GLN A 100 2.04 -21.69 8.30
CA GLN A 100 1.94 -23.02 8.88
C GLN A 100 0.89 -23.83 8.11
N GLY A 101 1.35 -24.84 7.40
CA GLY A 101 0.44 -25.68 6.62
C GLY A 101 0.11 -25.03 5.28
N TYR A 102 0.71 -25.56 4.21
CA TYR A 102 0.49 -25.04 2.86
C TYR A 102 1.10 -23.65 2.69
N GLY A 103 2.33 -23.62 2.18
CA GLY A 103 3.03 -22.37 1.97
C GLY A 103 2.57 -21.68 0.68
N SER A 104 3.23 -21.99 -0.42
CA SER A 104 2.88 -21.38 -1.70
C SER A 104 2.04 -22.33 -2.55
N THR A 105 1.16 -21.77 -3.38
CA THR A 105 0.31 -22.57 -4.24
C THR A 105 0.72 -22.38 -5.70
N GLY A 106 1.27 -23.44 -6.28
CA GLY A 106 1.69 -23.39 -7.67
C GLY A 106 0.95 -24.44 -8.50
N GLY A 107 -0.05 -23.99 -9.25
CA GLY A 107 -0.82 -24.89 -10.08
C GLY A 107 -2.24 -24.35 -10.29
N TYR A 108 -2.47 -23.74 -11.45
CA TYR A 108 -3.78 -23.19 -11.76
C TYR A 108 -4.81 -24.29 -12.01
N GLY A 109 -5.96 -24.17 -11.38
CA GLY A 109 -7.01 -25.17 -11.54
C GLY A 109 -7.85 -25.29 -10.27
N SER A 110 -7.15 -25.34 -9.13
CA SER A 110 -7.83 -25.45 -7.83
C SER A 110 -6.81 -25.70 -6.73
N SER A 111 -6.92 -24.94 -5.65
CA SER A 111 -6.00 -25.08 -4.52
C SER A 111 -6.69 -25.81 -3.37
N GLN A 112 -7.74 -25.19 -2.84
CA GLN A 112 -8.50 -25.78 -1.73
C GLN A 112 -7.55 -26.23 -0.62
N SER A 113 -7.29 -25.35 0.34
CA SER A 113 -6.41 -25.69 1.45
C SER A 113 -6.85 -25.00 2.75
N SER A 114 -6.77 -25.73 3.85
CA SER A 114 -7.15 -25.18 5.15
C SER A 114 -6.19 -25.66 6.23
N GLN A 115 -5.95 -24.82 7.23
CA GLN A 115 -5.04 -25.17 8.31
C GLN A 115 -5.08 -24.14 9.43
N SER A 116 -4.25 -24.35 10.45
CA SER A 116 -4.19 -23.42 11.58
C SER A 116 -2.76 -23.31 12.10
N SER A 117 -2.48 -22.22 12.83
CA SER A 117 -1.16 -22.01 13.38
C SER A 117 -1.26 -21.48 14.82
N TYR A 118 -0.46 -22.04 15.72
CA TYR A 118 -0.48 -21.62 17.11
C TYR A 118 0.90 -21.74 17.74
N GLY A 119 1.70 -20.68 17.66
CA GLY A 119 3.04 -20.71 18.24
C GLY A 119 4.11 -20.39 17.21
N GLN A 120 4.03 -19.20 16.62
CA GLN A 120 5.01 -18.78 15.62
C GLN A 120 6.09 -17.91 16.26
N GLN A 121 7.27 -18.49 16.46
CA GLN A 121 8.37 -17.75 17.07
C GLN A 121 9.69 -18.05 16.38
N SER A 122 10.52 -17.03 16.23
CA SER A 122 11.83 -17.19 15.58
C SER A 122 12.88 -16.33 16.27
N SER A 123 14.01 -16.94 16.60
CA SER A 123 15.10 -16.22 17.27
C SER A 123 14.58 -15.55 18.53
N TYR A 124 14.32 -16.35 19.56
CA TYR A 124 13.83 -15.82 20.83
C TYR A 124 12.43 -15.21 20.65
N SER B 64 -11.87 -19.61 -23.93
CA SER B 64 -11.05 -20.78 -24.36
C SER B 64 -9.57 -20.45 -24.22
N TYR B 65 -9.23 -19.17 -24.41
CA TYR B 65 -7.84 -18.74 -24.29
C TYR B 65 -7.63 -17.98 -22.98
N SER B 66 -7.13 -18.67 -21.97
CA SER B 66 -6.89 -18.06 -20.67
C SER B 66 -5.56 -17.29 -20.69
N GLY B 67 -5.53 -16.16 -19.98
CA GLY B 67 -4.32 -15.35 -19.93
C GLY B 67 -3.38 -15.84 -18.84
N TYR B 68 -2.53 -14.94 -18.33
CA TYR B 68 -1.57 -15.31 -17.29
C TYR B 68 -1.69 -14.37 -16.10
N SER B 69 -1.28 -14.85 -14.92
CA SER B 69 -1.34 -14.05 -13.72
C SER B 69 0.06 -13.72 -13.20
N GLN B 70 1.06 -13.85 -14.07
CA GLN B 70 2.45 -13.57 -13.68
C GLN B 70 2.79 -14.28 -12.38
N SER B 71 3.92 -13.90 -11.79
CA SER B 71 4.36 -14.53 -10.55
C SER B 71 3.67 -13.89 -9.34
N THR B 72 3.61 -14.64 -8.25
CA THR B 72 2.98 -14.15 -7.02
C THR B 72 3.83 -14.51 -5.80
N ASP B 73 4.09 -13.52 -4.94
CA ASP B 73 4.88 -13.77 -3.75
C ASP B 73 4.46 -12.84 -2.62
N THR B 74 4.18 -13.39 -1.45
CA THR B 74 3.76 -12.57 -0.31
C THR B 74 4.77 -11.45 -0.10
N SER B 75 6.00 -11.83 0.22
CA SER B 75 7.06 -10.85 0.43
C SER B 75 8.28 -11.27 -0.38
N GLY B 76 9.27 -11.92 0.27
CA GLY B 76 10.45 -12.39 -0.42
C GLY B 76 11.02 -11.34 -1.38
N TYR B 77 11.31 -10.16 -0.88
CA TYR B 77 11.86 -9.11 -1.73
C TYR B 77 11.03 -8.95 -2.99
N GLY B 78 11.53 -8.18 -3.94
CA GLY B 78 10.82 -7.96 -5.18
C GLY B 78 11.37 -8.85 -6.29
N GLN B 79 12.69 -8.75 -6.51
CA GLN B 79 13.34 -9.55 -7.54
C GLN B 79 14.85 -9.60 -7.32
N SER B 80 15.52 -8.51 -7.66
CA SER B 80 16.97 -8.44 -7.50
C SER B 80 17.32 -7.45 -6.40
N SER B 81 18.47 -7.67 -5.76
CA SER B 81 18.92 -6.79 -4.68
C SER B 81 20.39 -6.48 -4.83
N TYR B 82 20.74 -5.20 -4.70
CA TYR B 82 22.13 -4.78 -4.82
C TYR B 82 22.61 -4.12 -3.53
N SER B 83 23.91 -4.24 -3.28
CA SER B 83 24.50 -3.65 -2.07
C SER B 83 25.38 -2.46 -2.43
N SER B 84 26.24 -2.05 -1.50
CA SER B 84 27.13 -0.93 -1.73
C SER B 84 28.24 -1.30 -2.70
N TYR B 85 29.01 -0.31 -3.13
CA TYR B 85 30.10 -0.56 -4.07
C TYR B 85 31.43 -0.70 -3.32
N GLY B 86 31.35 -0.97 -2.03
CA GLY B 86 32.55 -1.13 -1.20
C GLY B 86 32.31 -2.14 -0.09
N GLN B 87 31.86 -1.66 1.06
CA GLN B 87 31.58 -2.53 2.19
C GLN B 87 30.18 -2.25 2.74
N SER B 88 29.43 -3.31 3.02
CA SER B 88 28.08 -3.15 3.55
C SER B 88 27.61 -4.40 4.29
N GLN B 89 26.39 -4.35 4.80
CA GLN B 89 25.83 -5.48 5.52
C GLN B 89 24.50 -5.90 4.92
N ASN B 90 24.54 -6.95 4.09
CA ASN B 90 23.33 -7.44 3.44
C ASN B 90 22.64 -8.48 4.33
N THR B 91 21.52 -8.10 4.92
CA THR B 91 20.78 -9.00 5.80
C THR B 91 19.34 -9.18 5.32
N GLY B 92 18.85 -10.41 5.43
CA GLY B 92 17.48 -10.72 5.03
C GLY B 92 16.46 -9.89 5.81
N TYR B 93 15.22 -10.37 5.88
CA TYR B 93 14.16 -9.66 6.60
C TYR B 93 14.18 -10.00 8.08
N GLY B 94 15.38 -10.01 8.68
CA GLY B 94 15.53 -10.32 10.10
C GLY B 94 14.67 -11.50 10.50
N THR B 95 13.61 -11.22 11.25
CA THR B 95 12.68 -12.25 11.69
C THR B 95 11.25 -11.78 11.47
N GLN B 96 10.48 -12.57 10.75
CA GLN B 96 9.09 -12.19 10.47
C GLN B 96 8.20 -13.41 10.36
N SER B 97 6.89 -13.17 10.43
CA SER B 97 5.92 -14.25 10.33
C SER B 97 4.95 -13.96 9.17
N THR B 98 5.00 -14.80 8.16
CA THR B 98 4.12 -14.62 7.00
C THR B 98 2.79 -15.35 7.24
N PRO B 99 1.76 -14.98 6.50
CA PRO B 99 0.40 -15.55 6.62
C PRO B 99 0.33 -16.98 7.11
N GLN B 100 -0.02 -17.16 8.37
CA GLN B 100 -0.13 -18.49 8.95
C GLN B 100 -1.18 -19.31 8.19
N GLY B 101 -0.73 -20.33 7.48
CA GLY B 101 -1.64 -21.17 6.71
C GLY B 101 -1.96 -20.53 5.36
N TYR B 102 -1.36 -21.07 4.31
CA TYR B 102 -1.59 -20.56 2.95
C TYR B 102 -0.98 -19.18 2.77
N GLY B 103 0.25 -19.15 2.26
CA GLY B 103 0.94 -17.89 2.03
C GLY B 103 0.48 -17.21 0.74
N SER B 104 1.14 -17.53 -0.36
CA SER B 104 0.78 -16.93 -1.65
C SER B 104 -0.06 -17.89 -2.47
N THR B 105 -0.93 -17.32 -3.31
CA THR B 105 -1.79 -18.13 -4.17
C THR B 105 -1.39 -17.96 -5.62
N GLY B 106 -0.84 -19.02 -6.20
CA GLY B 106 -0.41 -18.98 -7.59
C GLY B 106 -1.15 -20.02 -8.42
N GLY B 107 -2.16 -19.56 -9.16
CA GLY B 107 -2.94 -20.47 -9.99
C GLY B 107 -4.35 -19.94 -10.20
N TYR B 108 -4.59 -19.35 -11.36
CA TYR B 108 -5.89 -18.79 -11.67
C TYR B 108 -6.92 -19.90 -11.91
N GLY B 109 -8.08 -19.77 -11.28
CA GLY B 109 -9.14 -20.76 -11.44
C GLY B 109 -9.97 -20.87 -10.16
N SER B 110 -9.28 -20.92 -9.02
CA SER B 110 -9.94 -21.02 -7.72
C SER B 110 -8.92 -21.26 -6.63
N SER B 111 -9.02 -20.49 -5.54
CA SER B 111 -8.11 -20.64 -4.42
C SER B 111 -8.80 -21.35 -3.26
N GLN B 112 -9.84 -20.73 -2.72
CA GLN B 112 -10.59 -21.30 -1.62
C GLN B 112 -9.65 -21.75 -0.51
N SER B 113 -9.40 -20.87 0.45
CA SER B 113 -8.50 -21.20 1.56
C SER B 113 -8.94 -20.51 2.85
N SER B 114 -8.86 -21.23 3.95
CA SER B 114 -9.23 -20.67 5.25
C SER B 114 -8.27 -21.15 6.34
N GLN B 115 -8.02 -20.29 7.33
CA GLN B 115 -7.12 -20.65 8.41
C GLN B 115 -7.14 -19.61 9.52
N SER B 116 -6.31 -19.81 10.54
CA SER B 116 -6.24 -18.88 11.66
C SER B 116 -4.82 -18.76 12.18
N SER B 117 -4.54 -17.67 12.91
CA SER B 117 -3.21 -17.47 13.46
C SER B 117 -3.30 -16.93 14.89
N TYR B 118 -2.50 -17.50 15.78
CA TYR B 118 -2.52 -17.07 17.18
C TYR B 118 -1.13 -17.19 17.81
N GLY B 119 -0.33 -16.12 17.72
CA GLY B 119 1.01 -16.14 18.30
C GLY B 119 2.07 -15.82 17.24
N GLN B 120 1.99 -14.64 16.66
CA GLN B 120 2.97 -14.22 15.65
C GLN B 120 4.05 -13.35 16.29
N GLN B 121 5.23 -13.93 16.49
CA GLN B 121 6.33 -13.18 17.10
C GLN B 121 7.65 -13.49 16.40
N SER B 122 8.49 -12.47 16.24
CA SER B 122 9.78 -12.64 15.59
C SER B 122 10.84 -11.77 16.27
N SER B 123 11.97 -12.39 16.60
CA SER B 123 13.06 -11.67 17.27
C SER B 123 12.55 -10.98 18.53
N TYR B 124 12.29 -11.78 19.56
CA TYR B 124 11.80 -11.24 20.83
C TYR B 124 10.41 -10.63 20.65
N SER C 64 -14.00 -15.28 -23.84
CA SER C 64 -13.19 -16.44 -24.26
C SER C 64 -11.71 -16.11 -24.13
N TYR C 65 -11.38 -14.84 -24.32
CA TYR C 65 -9.99 -14.40 -24.22
C TYR C 65 -9.77 -13.63 -22.91
N SER C 66 -9.27 -14.34 -21.90
CA SER C 66 -9.02 -13.71 -20.61
C SER C 66 -7.69 -12.93 -20.64
N GLY C 67 -7.66 -11.81 -19.93
CA GLY C 67 -6.45 -10.99 -19.89
C GLY C 67 -5.50 -11.49 -18.80
N TYR C 68 -4.66 -10.59 -18.29
CA TYR C 68 -3.70 -10.95 -17.26
C TYR C 68 -3.80 -9.99 -16.06
N SER C 69 -3.40 -10.47 -14.89
CA SER C 69 -3.46 -9.66 -13.69
C SER C 69 -2.05 -9.32 -13.19
N GLN C 70 -1.05 -9.47 -14.05
CA GLN C 70 0.33 -9.19 -13.67
C GLN C 70 0.68 -9.89 -12.36
N SER C 71 1.82 -9.51 -11.78
CA SER C 71 2.26 -10.13 -10.52
C SER C 71 1.57 -9.49 -9.33
N THR C 72 1.52 -10.23 -8.22
CA THR C 72 0.88 -9.73 -7.00
C THR C 72 1.74 -10.08 -5.78
N ASP C 73 2.00 -9.09 -4.93
CA ASP C 73 2.80 -9.32 -3.74
C ASP C 73 2.38 -8.39 -2.61
N THR C 74 2.10 -8.94 -1.44
CA THR C 74 1.69 -8.12 -0.31
C THR C 74 2.70 -6.99 -0.10
N SER C 75 3.92 -7.37 0.22
CA SER C 75 4.99 -6.40 0.42
C SER C 75 6.22 -6.82 -0.39
N GLY C 76 7.19 -7.47 0.26
CA GLY C 76 8.38 -7.94 -0.43
C GLY C 76 8.94 -6.90 -1.40
N TYR C 77 9.24 -5.71 -0.90
CA TYR C 77 9.79 -4.67 -1.75
C TYR C 77 8.95 -4.52 -3.03
N GLY C 78 9.46 -3.75 -3.98
CA GLY C 78 8.74 -3.54 -5.23
C GLY C 78 9.30 -4.44 -6.33
N GLN C 79 10.60 -4.34 -6.55
CA GLN C 79 11.25 -5.15 -7.58
C GLN C 79 12.75 -5.19 -7.36
N SER C 80 13.43 -4.11 -7.71
CA SER C 80 14.88 -4.04 -7.55
C SER C 80 15.24 -3.05 -6.46
N SER C 81 16.38 -3.26 -5.81
CA SER C 81 16.84 -2.38 -4.74
C SER C 81 18.32 -2.06 -4.90
N TYR C 82 18.67 -0.79 -4.78
CA TYR C 82 20.06 -0.37 -4.91
C TYR C 82 20.54 0.30 -3.63
N SER C 83 21.84 0.18 -3.37
CA SER C 83 22.43 0.78 -2.17
C SER C 83 23.31 1.97 -2.53
N SER C 84 24.18 2.36 -1.61
CA SER C 84 25.07 3.50 -1.85
C SER C 84 26.18 3.11 -2.83
N TYR C 85 26.94 4.10 -3.27
CA TYR C 85 28.04 3.84 -4.20
C TYR C 85 29.36 3.71 -3.45
N GLY C 86 29.29 3.44 -2.16
CA GLY C 86 30.49 3.29 -1.34
C GLY C 86 30.25 2.27 -0.22
N GLN C 87 29.79 2.77 0.93
CA GLN C 87 29.52 1.91 2.07
C GLN C 87 28.13 2.19 2.62
N SER C 88 27.38 1.14 2.91
CA SER C 88 26.03 1.30 3.44
C SER C 88 25.56 0.06 4.18
N GLN C 89 24.33 0.11 4.70
CA GLN C 89 23.78 -1.02 5.43
C GLN C 89 22.45 -1.44 4.83
N ASN C 90 22.48 -2.49 4.01
CA ASN C 90 21.27 -3.00 3.37
C ASN C 90 20.59 -4.03 4.27
N THR C 91 19.46 -3.64 4.86
CA THR C 91 18.73 -4.53 5.74
C THR C 91 17.29 -4.70 5.28
N GLY C 92 16.78 -5.93 5.38
CA GLY C 92 15.41 -6.24 4.98
C GLY C 92 14.41 -5.41 5.78
N TYR C 93 13.16 -5.89 5.83
CA TYR C 93 12.11 -5.18 6.55
C TYR C 93 12.14 -5.51 8.05
N GLY C 94 13.33 -5.52 8.64
CA GLY C 94 13.48 -5.81 10.07
C GLY C 94 12.62 -6.99 10.47
N THR C 95 11.56 -6.70 11.23
CA THR C 95 10.64 -7.73 11.66
C THR C 95 9.21 -7.26 11.45
N GLN C 96 8.42 -8.05 10.73
CA GLN C 96 7.05 -7.67 10.45
C GLN C 96 6.14 -8.90 10.36
N SER C 97 4.84 -8.65 10.42
CA SER C 97 3.86 -9.72 10.34
C SER C 97 2.90 -9.44 9.19
N THR C 98 2.93 -10.29 8.17
CA THR C 98 2.06 -10.11 7.02
C THR C 98 0.73 -10.84 7.26
N PRO C 99 -0.30 -10.48 6.52
CA PRO C 99 -1.67 -11.05 6.65
C PRO C 99 -1.73 -12.47 7.15
N GLN C 100 -2.08 -12.63 8.42
CA GLN C 100 -2.20 -13.97 9.00
C GLN C 100 -3.24 -14.78 8.25
N GLY C 101 -2.80 -15.81 7.54
CA GLY C 101 -3.71 -16.65 6.79
C GLY C 101 -4.04 -16.03 5.43
N TYR C 102 -3.44 -16.58 4.37
CA TYR C 102 -3.67 -16.07 3.01
C TYR C 102 -3.05 -14.69 2.83
N GLY C 103 -1.82 -14.67 2.31
CA GLY C 103 -1.13 -13.41 2.08
C GLY C 103 -1.60 -12.74 0.79
N SER C 104 -0.94 -13.06 -0.32
CA SER C 104 -1.30 -12.47 -1.60
C SER C 104 -2.14 -13.43 -2.42
N THR C 105 -3.02 -12.87 -3.26
CA THR C 105 -3.88 -13.69 -4.11
C THR C 105 -3.48 -13.52 -5.57
N GLY C 106 -2.92 -14.59 -6.15
CA GLY C 106 -2.51 -14.55 -7.53
C GLY C 106 -3.26 -15.60 -8.36
N GLY C 107 -4.26 -15.15 -9.10
CA GLY C 107 -5.05 -16.06 -9.92
C GLY C 107 -6.46 -15.53 -10.12
N TYR C 108 -6.70 -14.94 -11.29
CA TYR C 108 -8.01 -14.38 -11.60
C TYR C 108 -9.03 -15.49 -11.84
N GLY C 109 -10.19 -15.36 -11.21
CA GLY C 109 -11.25 -16.35 -11.35
C GLY C 109 -12.07 -16.46 -10.07
N SER C 110 -11.38 -16.49 -8.93
CA SER C 110 -12.04 -16.59 -7.64
C SER C 110 -11.02 -16.82 -6.53
N SER C 111 -11.12 -16.04 -5.46
CA SER C 111 -10.20 -16.19 -4.33
C SER C 111 -10.89 -16.89 -3.16
N GLN C 112 -11.94 -16.26 -2.63
CA GLN C 112 -12.69 -16.83 -1.52
C GLN C 112 -11.74 -17.28 -0.41
N SER C 113 -11.48 -16.38 0.54
CA SER C 113 -10.58 -16.71 1.65
C SER C 113 -11.02 -16.01 2.93
N SER C 114 -10.94 -16.73 4.05
CA SER C 114 -11.31 -16.16 5.34
C SER C 114 -10.34 -16.62 6.42
N GLN C 115 -10.09 -15.76 7.41
CA GLN C 115 -9.18 -16.12 8.49
C GLN C 115 -9.20 -15.07 9.60
N SER C 116 -8.37 -15.27 10.61
CA SER C 116 -8.30 -14.33 11.73
C SER C 116 -6.87 -14.21 12.25
N SER C 117 -6.59 -13.13 12.96
CA SER C 117 -5.26 -12.90 13.51
C SER C 117 -5.35 -12.36 14.94
N TYR C 118 -4.54 -12.93 15.84
CA TYR C 118 -4.55 -12.50 17.23
C TYR C 118 -3.17 -12.63 17.85
N GLY C 119 -2.37 -11.56 17.76
CA GLY C 119 -1.02 -11.57 18.33
C GLY C 119 0.04 -11.25 17.28
N GLN C 120 -0.05 -10.07 16.68
CA GLN C 120 0.92 -9.67 15.67
C GLN C 120 2.01 -8.79 16.30
N GLN C 121 3.19 -9.36 16.51
CA GLN C 121 4.30 -8.62 17.10
C GLN C 121 5.62 -8.94 16.40
N SER C 122 6.44 -7.91 16.23
CA SER C 122 7.75 -8.10 15.58
C SER C 122 8.80 -7.23 16.25
N SER C 123 9.94 -7.84 16.59
CA SER C 123 11.02 -7.11 17.24
C SER C 123 10.52 -6.42 18.50
N TYR C 124 10.27 -7.21 19.54
CA TYR C 124 9.78 -6.66 20.81
C TYR C 124 8.40 -6.05 20.63
N SER D 64 -16.13 -10.93 -23.78
CA SER D 64 -15.32 -12.10 -24.20
C SER D 64 -13.84 -11.78 -24.07
N TYR D 65 -13.50 -10.51 -24.28
CA TYR D 65 -12.12 -10.06 -24.17
C TYR D 65 -11.89 -9.29 -22.88
N SER D 66 -11.39 -9.98 -21.86
CA SER D 66 -11.13 -9.35 -20.57
C SER D 66 -9.81 -8.58 -20.61
N GLY D 67 -9.77 -7.46 -19.91
CA GLY D 67 -8.56 -6.63 -19.87
C GLY D 67 -7.61 -7.12 -18.78
N TYR D 68 -6.77 -6.22 -18.29
CA TYR D 68 -5.81 -6.58 -17.24
C TYR D 68 -5.91 -5.61 -16.07
N SER D 69 -5.50 -6.09 -14.89
CA SER D 69 -5.55 -5.26 -13.69
C SER D 69 -4.15 -4.93 -13.18
N GLN D 70 -3.15 -5.09 -14.05
CA GLN D 70 -1.77 -4.81 -13.68
C GLN D 70 -1.42 -5.50 -12.36
N SER D 71 -0.28 -5.12 -11.78
CA SER D 71 0.16 -5.72 -10.53
C SER D 71 -0.52 -5.07 -9.33
N THR D 72 -0.58 -5.81 -8.23
CA THR D 72 -1.20 -5.30 -7.01
C THR D 72 -0.34 -5.65 -5.79
N ASP D 73 -0.08 -4.66 -4.95
CA ASP D 73 0.72 -4.88 -3.75
C ASP D 73 0.30 -3.94 -2.63
N THR D 74 0.02 -4.49 -1.45
CA THR D 74 -0.38 -3.65 -0.33
C THR D 74 0.62 -2.52 -0.13
N SER D 75 1.86 -2.90 0.20
CA SER D 75 2.92 -1.93 0.38
C SER D 75 4.15 -2.36 -0.42
N GLY D 76 5.12 -3.00 0.22
CA GLY D 76 6.31 -3.49 -0.46
C GLY D 76 6.88 -2.45 -1.44
N TYR D 77 7.17 -1.26 -0.95
CA TYR D 77 7.72 -0.23 -1.81
C TYR D 77 6.89 -0.09 -3.09
N GLY D 78 7.39 0.69 -4.04
CA GLY D 78 6.67 0.89 -5.29
C GLY D 78 7.22 -0.02 -6.38
N GLN D 79 8.52 0.08 -6.62
CA GLN D 79 9.17 -0.74 -7.64
C GLN D 79 10.67 -0.78 -7.41
N SER D 80 11.35 0.30 -7.78
CA SER D 80 12.80 0.36 -7.62
C SER D 80 13.17 1.36 -6.53
N SER D 81 14.31 1.15 -5.90
CA SER D 81 14.76 2.04 -4.83
C SER D 81 16.25 2.35 -4.99
N TYR D 82 16.60 3.63 -4.88
CA TYR D 82 17.99 4.04 -5.02
C TYR D 82 18.48 4.71 -3.74
N SER D 83 19.78 4.60 -3.49
CA SER D 83 20.37 5.20 -2.29
C SER D 83 21.26 6.38 -2.67
N SER D 84 22.12 6.80 -1.75
CA SER D 84 23.01 7.92 -1.99
C SER D 84 24.12 7.53 -2.97
N TYR D 85 24.88 8.51 -3.42
CA TYR D 85 25.97 8.26 -4.35
C TYR D 85 27.31 8.12 -3.61
N GLY D 86 27.23 7.85 -2.30
CA GLY D 86 28.43 7.70 -1.49
C GLY D 86 28.19 6.70 -0.37
N GLN D 87 27.74 7.20 0.78
CA GLN D 87 27.48 6.35 1.93
C GLN D 87 26.08 6.64 2.48
N SER D 88 25.33 5.59 2.79
CA SER D 88 23.98 5.76 3.31
C SER D 88 23.51 4.52 4.06
N GLN D 89 22.29 4.58 4.59
CA GLN D 89 21.73 3.46 5.33
C GLN D 89 20.40 3.03 4.72
N ASN D 90 20.43 1.97 3.91
CA ASN D 90 19.22 1.46 3.28
C ASN D 90 18.53 0.45 4.18
N THR D 91 17.41 0.84 4.77
CA THR D 91 16.68 -0.06 5.66
C THR D 91 15.23 -0.22 5.20
N GLY D 92 14.73 -1.45 5.32
CA GLY D 92 13.36 -1.76 4.93
C GLY D 92 12.35 -0.93 5.72
N TYR D 93 11.12 -1.41 5.78
CA TYR D 93 10.06 -0.68 6.50
C TYR D 93 10.09 -1.01 7.99
N GLY D 94 11.29 -1.01 8.59
CA GLY D 94 11.44 -1.30 10.01
C GLY D 94 10.57 -2.47 10.43
N THR D 95 9.52 -2.18 11.18
CA THR D 95 8.60 -3.21 11.62
C THR D 95 7.17 -2.73 11.41
N GLN D 96 6.39 -3.53 10.69
CA GLN D 96 5.01 -3.14 10.42
C GLN D 96 4.10 -4.37 10.33
N SER D 97 2.80 -4.12 10.40
CA SER D 97 1.82 -5.19 10.32
C SER D 97 0.85 -4.92 9.18
N THR D 98 0.88 -5.77 8.16
CA THR D 98 0.00 -5.60 7.02
C THR D 98 -1.32 -6.32 7.26
N PRO D 99 -2.35 -5.96 6.52
CA PRO D 99 -3.73 -6.53 6.66
C PRO D 99 -3.78 -7.95 7.16
N GLN D 100 -4.13 -8.11 8.44
CA GLN D 100 -4.25 -9.44 9.03
C GLN D 100 -5.30 -10.25 8.29
N GLY D 101 -4.86 -11.29 7.58
CA GLY D 101 -5.77 -12.14 6.83
C GLY D 101 -6.10 -11.52 5.47
N TYR D 102 -5.50 -12.07 4.41
CA TYR D 102 -5.74 -11.57 3.06
C TYR D 102 -5.12 -10.20 2.86
N GLY D 103 -3.90 -10.18 2.33
CA GLY D 103 -3.20 -8.92 2.09
C GLY D 103 -3.68 -8.26 0.81
N SER D 104 -3.01 -8.58 -0.30
CA SER D 104 -3.38 -8.01 -1.59
C SER D 104 -4.22 -8.97 -2.41
N THR D 105 -5.10 -8.41 -3.24
CA THR D 105 -5.96 -9.23 -4.08
C THR D 105 -5.57 -9.08 -5.54
N GLY D 106 -5.02 -10.15 -6.12
CA GLY D 106 -4.60 -10.12 -7.52
C GLY D 106 -5.35 -11.18 -8.32
N GLY D 107 -6.36 -10.74 -9.06
CA GLY D 107 -7.14 -11.64 -9.88
C GLY D 107 -8.56 -11.12 -10.08
N TYR D 108 -8.80 -10.53 -11.25
CA TYR D 108 -10.12 -9.97 -11.56
C TYR D 108 -11.14 -11.08 -11.78
N GLY D 109 -12.30 -10.95 -11.16
CA GLY D 109 -13.35 -11.94 -11.29
C GLY D 109 -14.18 -12.04 -10.01
N SER D 110 -13.48 -12.06 -8.87
CA SER D 110 -14.15 -12.14 -7.57
C SER D 110 -13.12 -12.37 -6.47
N SER D 111 -13.21 -11.59 -5.39
CA SER D 111 -12.29 -11.73 -4.27
C SER D 111 -12.99 -12.42 -3.10
N GLN D 112 -14.02 -11.78 -2.58
CA GLN D 112 -14.77 -12.35 -1.46
C GLN D 112 -13.82 -12.79 -0.34
N SER D 113 -13.56 -11.89 0.60
CA SER D 113 -12.66 -12.21 1.71
C SER D 113 -13.09 -11.50 2.98
N SER D 114 -13.00 -12.21 4.10
CA SER D 114 -13.37 -11.63 5.40
C SER D 114 -12.41 -12.10 6.48
N GLN D 115 -12.15 -11.24 7.47
CA GLN D 115 -11.24 -11.58 8.54
C GLN D 115 -11.26 -10.52 9.64
N SER D 116 -10.43 -10.71 10.66
CA SER D 116 -10.36 -9.77 11.77
C SER D 116 -8.92 -9.65 12.28
N SER D 117 -8.64 -8.56 12.99
CA SER D 117 -7.30 -8.34 13.54
C SER D 117 -7.39 -7.79 14.96
N TYR D 118 -6.59 -8.35 15.86
CA TYR D 118 -6.59 -7.91 17.25
C TYR D 118 -5.20 -8.04 17.87
N GLY D 119 -4.41 -6.97 17.77
CA GLY D 119 -3.06 -6.98 18.34
C GLY D 119 -2.00 -6.68 17.28
N GLN D 120 -2.08 -5.49 16.67
CA GLN D 120 -1.11 -5.10 15.66
C GLN D 120 -0.02 -4.22 16.28
N GLN D 121 1.16 -4.80 16.49
CA GLN D 121 2.27 -4.05 17.08
C GLN D 121 3.59 -4.37 16.38
N SER D 122 4.42 -3.35 16.20
CA SER D 122 5.71 -3.53 15.55
C SER D 122 6.77 -2.66 16.22
N SER D 123 7.91 -3.27 16.55
CA SER D 123 9.00 -2.55 17.20
C SER D 123 8.50 -1.85 18.46
N TYR D 124 8.24 -2.63 19.50
CA TYR D 124 7.76 -2.07 20.76
C TYR D 124 6.37 -1.46 20.58
N SER E 64 -18.26 -6.59 -23.75
CA SER E 64 -17.45 -7.77 -24.16
C SER E 64 -15.96 -7.43 -24.03
N TYR E 65 -15.63 -6.17 -24.24
CA TYR E 65 -14.25 -5.73 -24.16
C TYR E 65 -14.01 -4.95 -22.86
N SER E 66 -13.51 -5.63 -21.85
CA SER E 66 -13.25 -5.00 -20.56
C SER E 66 -11.92 -4.23 -20.59
N GLY E 67 -11.88 -3.09 -19.91
CA GLY E 67 -10.67 -2.28 -19.88
C GLY E 67 -9.71 -2.76 -18.79
N TYR E 68 -8.88 -1.86 -18.30
CA TYR E 68 -7.91 -2.20 -17.26
C TYR E 68 -8.00 -1.24 -16.09
N SER E 69 -7.60 -1.71 -14.91
CA SER E 69 -7.65 -0.87 -13.71
C SER E 69 -6.24 -0.54 -13.22
N GLN E 70 -5.25 -0.70 -14.08
CA GLN E 70 -3.86 -0.42 -13.72
C GLN E 70 -3.50 -1.11 -12.40
N SER E 71 -2.37 -0.72 -11.82
CA SER E 71 -1.92 -1.33 -10.57
C SER E 71 -2.60 -0.66 -9.38
N THR E 72 -2.66 -1.39 -8.26
CA THR E 72 -3.27 -0.88 -7.04
C THR E 72 -2.42 -1.22 -5.82
N ASP E 73 -2.15 -0.22 -4.99
CA ASP E 73 -1.34 -0.45 -3.80
C ASP E 73 -1.75 0.51 -2.68
N THR E 74 -2.01 -0.03 -1.49
CA THR E 74 -2.43 0.82 -0.39
C THR E 74 -1.43 1.94 -0.17
N SER E 75 -0.19 1.56 0.15
CA SER E 75 0.87 2.54 0.32
C SER E 75 2.10 2.12 -0.48
N GLY E 76 3.08 1.48 0.18
CA GLY E 76 4.24 0.98 -0.55
C GLY E 76 4.85 1.99 -1.51
N TYR E 77 5.10 3.20 -1.03
CA TYR E 77 5.65 4.23 -1.90
C TYR E 77 4.82 4.36 -3.16
N GLY E 78 5.32 5.11 -4.12
CA GLY E 78 4.59 5.31 -5.38
C GLY E 78 5.15 4.41 -6.48
N GLN E 79 6.46 4.48 -6.70
CA GLN E 79 7.10 3.68 -7.73
C GLN E 79 8.59 3.63 -7.48
N SER E 80 9.28 4.70 -7.86
CA SER E 80 10.73 4.76 -7.73
C SER E 80 11.10 5.77 -6.64
N SER E 81 12.24 5.56 -6.01
CA SER E 81 12.70 6.46 -4.95
C SER E 81 14.18 6.76 -5.11
N TYR E 82 14.54 8.04 -5.01
CA TYR E 82 15.92 8.46 -5.15
C TYR E 82 16.43 9.13 -3.88
N SER E 83 17.72 9.02 -3.62
CA SER E 83 18.32 9.63 -2.44
C SER E 83 19.20 10.81 -2.82
N SER E 84 20.07 11.22 -1.91
CA SER E 84 20.96 12.34 -2.16
C SER E 84 22.07 11.94 -3.14
N TYR E 85 22.83 12.93 -3.60
CA TYR E 85 23.92 12.65 -4.53
C TYR E 85 25.25 12.52 -3.79
N GLY E 86 25.18 12.27 -2.48
CA GLY E 86 26.39 12.12 -1.67
C GLY E 86 26.15 11.13 -0.54
N GLN E 87 25.71 11.63 0.60
CA GLN E 87 25.43 10.79 1.75
C GLN E 87 24.04 11.08 2.31
N SER E 88 23.29 10.03 2.62
CA SER E 88 21.94 10.22 3.15
C SER E 88 21.48 8.98 3.91
N GLN E 89 20.25 9.05 4.44
CA GLN E 89 19.70 7.93 5.19
C GLN E 89 18.36 7.50 4.59
N ASN E 90 18.39 6.44 3.78
CA ASN E 90 17.17 5.93 3.15
C ASN E 90 16.49 4.91 4.06
N THR E 91 15.37 5.30 4.66
CA THR E 91 14.63 4.43 5.55
C THR E 91 13.19 4.25 5.08
N GLY E 92 12.69 3.03 5.20
CA GLY E 92 11.31 2.70 4.85
C GLY E 92 10.31 3.54 5.63
N TYR E 93 9.07 3.08 5.68
CA TYR E 93 8.02 3.81 6.39
C TYR E 93 8.04 3.49 7.90
N GLY E 94 9.24 3.50 8.49
CA GLY E 94 9.39 3.22 9.93
C GLY E 94 8.53 2.04 10.36
N THR E 95 7.48 2.35 11.10
CA THR E 95 6.57 1.33 11.56
C THR E 95 5.14 1.79 11.35
N GLN E 96 4.34 0.99 10.65
CA GLN E 96 2.97 1.38 10.36
C GLN E 96 2.06 0.17 10.29
N SER E 97 0.75 0.42 10.35
CA SER E 97 -0.22 -0.66 10.27
C SER E 97 -1.19 -0.39 9.13
N THR E 98 -1.17 -1.25 8.12
CA THR E 98 -2.05 -1.08 6.98
C THR E 98 -3.38 -1.81 7.23
N PRO E 99 -4.41 -1.45 6.48
CA PRO E 99 -5.79 -2.00 6.67
C PRO E 99 -5.81 -3.43 7.16
N GLN E 100 -6.20 -3.58 8.42
CA GLN E 100 -6.30 -4.91 9.01
C GLN E 100 -7.36 -5.72 8.28
N GLY E 101 -6.92 -6.77 7.60
CA GLY E 101 -7.83 -7.61 6.85
C GLY E 101 -8.16 -7.01 5.49
N TYR E 102 -7.56 -7.56 4.44
CA TYR E 102 -7.81 -7.07 3.08
C TYR E 102 -7.19 -5.70 2.85
N GLY E 103 -5.96 -5.69 2.35
CA GLY E 103 -5.27 -4.43 2.09
C GLY E 103 -5.74 -3.78 0.79
N SER E 104 -5.09 -4.12 -0.31
CA SER E 104 -5.45 -3.54 -1.60
C SER E 104 -6.30 -4.52 -2.42
N THR E 105 -7.17 -3.96 -3.25
CA THR E 105 -8.05 -4.77 -4.08
C THR E 105 -7.65 -4.64 -5.55
N GLY E 106 -7.11 -5.71 -6.11
CA GLY E 106 -6.70 -5.70 -7.50
C GLY E 106 -7.45 -6.75 -8.30
N GLY E 107 -8.45 -6.31 -9.05
CA GLY E 107 -9.24 -7.23 -9.85
C GLY E 107 -10.66 -6.69 -10.06
N TYR E 108 -10.90 -6.12 -11.23
CA TYR E 108 -12.20 -5.56 -11.54
C TYR E 108 -13.24 -6.68 -11.76
N GLY E 109 -14.38 -6.53 -11.12
CA GLY E 109 -15.45 -7.52 -11.25
C GLY E 109 -16.27 -7.62 -9.98
N SER E 110 -15.57 -7.61 -8.83
CA SER E 110 -16.23 -7.68 -7.53
C SER E 110 -15.20 -7.92 -6.44
N SER E 111 -15.29 -7.14 -5.37
CA SER E 111 -14.36 -7.27 -4.25
C SER E 111 -15.06 -7.95 -3.07
N GLN E 112 -16.10 -7.30 -2.54
CA GLN E 112 -16.84 -7.87 -1.42
C GLN E 112 -15.90 -8.30 -0.30
N SER E 113 -15.63 -7.40 0.63
CA SER E 113 -14.73 -7.71 1.73
C SER E 113 -15.15 -6.99 3.01
N SER E 114 -15.07 -7.69 4.15
CA SER E 114 -15.44 -7.11 5.43
C SER E 114 -14.46 -7.56 6.52
N GLN E 115 -14.21 -6.70 7.49
CA GLN E 115 -13.29 -7.04 8.58
C GLN E 115 -13.31 -5.97 9.66
N SER E 116 -12.48 -6.16 10.68
CA SER E 116 -12.40 -5.20 11.78
C SER E 116 -10.95 -5.08 12.28
N SER E 117 -10.67 -3.99 12.99
CA SER E 117 -9.34 -3.77 13.54
C SER E 117 -9.41 -3.21 14.95
N TYR E 118 -8.62 -3.77 15.86
CA TYR E 118 -8.62 -3.33 17.25
C TYR E 118 -7.23 -3.44 17.86
N GLY E 119 -6.43 -2.39 17.74
CA GLY E 119 -5.08 -2.39 18.31
C GLY E 119 -4.02 -2.10 17.25
N GLN E 120 -4.11 -0.92 16.64
CA GLN E 120 -3.14 -0.52 15.63
C GLN E 120 -2.04 0.35 16.24
N GLN E 121 -0.87 -0.23 16.44
CA GLN E 121 0.24 0.53 17.02
C GLN E 121 1.56 0.20 16.32
N SER E 122 2.39 1.22 16.13
CA SER E 122 3.69 1.03 15.47
C SER E 122 4.76 1.90 16.14
N SER E 123 5.88 1.29 16.48
CA SER E 123 6.97 2.02 17.13
C SER E 123 6.48 2.73 18.38
N TYR E 124 6.22 1.95 19.43
CA TYR E 124 5.74 2.52 20.68
C TYR E 124 4.36 3.13 20.51
N SER F 64 -20.38 -2.23 -23.74
CA SER F 64 -19.57 -3.41 -24.14
C SER F 64 -18.09 -3.09 -24.02
N TYR F 65 -17.75 -1.82 -24.24
CA TYR F 65 -16.36 -1.39 -24.15
C TYR F 65 -16.13 -0.60 -22.87
N SER F 66 -15.62 -1.28 -21.85
CA SER F 66 -15.36 -0.63 -20.57
C SER F 66 -14.04 0.13 -20.61
N GLY F 67 -13.99 1.27 -19.93
CA GLY F 67 -12.77 2.08 -19.90
C GLY F 67 -11.82 1.61 -18.81
N TYR F 68 -10.97 2.52 -18.34
CA TYR F 68 -10.01 2.17 -17.30
C TYR F 68 -10.10 3.14 -16.12
N SER F 69 -9.69 2.69 -14.95
CA SER F 69 -9.73 3.52 -13.76
C SER F 69 -8.32 3.86 -13.27
N GLN F 70 -7.34 3.69 -14.14
CA GLN F 70 -5.95 3.97 -13.77
C GLN F 70 -5.60 3.29 -12.46
N SER F 71 -4.46 3.68 -11.88
CA SER F 71 -4.00 3.08 -10.63
C SER F 71 -4.68 3.76 -9.43
N THR F 72 -4.74 3.04 -8.31
CA THR F 72 -5.35 3.56 -7.10
C THR F 72 -4.49 3.23 -5.88
N ASP F 73 -4.23 4.23 -5.05
CA ASP F 73 -3.42 4.01 -3.86
C ASP F 73 -3.83 4.97 -2.76
N THR F 74 -4.10 4.44 -1.56
CA THR F 74 -4.50 5.29 -0.45
C THR F 74 -3.48 6.42 -0.26
N SER F 75 -2.26 6.04 0.06
CA SER F 75 -1.18 7.02 0.23
C SER F 75 0.03 6.57 -0.58
N GLY F 76 1.01 5.93 0.08
CA GLY F 76 2.19 5.44 -0.61
C GLY F 76 2.75 6.45 -1.60
N TYR F 77 3.06 7.66 -1.13
CA TYR F 77 3.60 8.68 -2.01
C TYR F 77 2.77 8.80 -3.27
N GLY F 78 3.27 9.56 -4.25
CA GLY F 78 2.54 9.74 -5.49
C GLY F 78 3.08 8.83 -6.58
N GLN F 79 4.39 8.91 -6.82
CA GLN F 79 5.02 8.08 -7.83
C GLN F 79 6.53 8.03 -7.61
N SER F 80 7.22 9.10 -8.00
CA SER F 80 8.66 9.17 -7.85
C SER F 80 9.04 10.19 -6.77
N SER F 81 10.19 9.98 -6.13
CA SER F 81 10.64 10.87 -5.09
C SER F 81 12.13 11.18 -5.26
N TYR F 82 12.48 12.46 -5.16
CA TYR F 82 13.88 12.86 -5.31
C TYR F 82 14.37 13.56 -4.04
N SER F 83 15.67 13.44 -3.78
CA SER F 83 16.28 14.05 -2.61
C SER F 83 17.15 15.23 -3.01
N SER F 84 18.02 15.64 -2.09
CA SER F 84 18.93 16.76 -2.36
C SER F 84 20.02 16.36 -3.33
N TYR F 85 20.78 17.33 -3.80
CA TYR F 85 21.87 17.06 -4.73
C TYR F 85 23.20 16.93 -3.99
N GLY F 86 23.13 16.68 -2.68
CA GLY F 86 24.34 16.54 -1.87
C GLY F 86 24.11 15.55 -0.74
N GLN F 87 23.67 16.07 0.40
CA GLN F 87 23.39 15.23 1.57
C GLN F 87 22.01 15.53 2.12
N SER F 88 21.25 14.49 2.44
CA SER F 88 19.91 14.67 2.97
C SER F 88 19.44 13.45 3.74
N GLN F 89 18.22 13.51 4.27
CA GLN F 89 17.66 12.40 5.03
C GLN F 89 16.32 11.96 4.43
N ASN F 90 16.35 10.90 3.63
CA ASN F 90 15.13 10.39 3.01
C ASN F 90 14.45 9.39 3.93
N THR F 91 13.33 9.79 4.52
CA THR F 91 12.60 8.90 5.42
C THR F 91 11.15 8.73 4.97
N GLY F 92 10.64 7.51 5.12
CA GLY F 92 9.27 7.21 4.72
C GLY F 92 8.27 8.05 5.50
N TYR F 93 7.03 7.58 5.58
CA TYR F 93 5.98 8.30 6.30
C TYR F 93 6.01 8.00 7.80
N GLY F 94 7.22 8.01 8.38
CA GLY F 94 7.37 7.74 9.81
C GLY F 94 6.50 6.57 10.25
N THR F 95 5.46 6.88 10.99
CA THR F 95 4.53 5.85 11.46
C THR F 95 3.11 6.33 11.25
N GLN F 96 2.31 5.53 10.55
CA GLN F 96 0.94 5.91 10.28
C GLN F 96 0.02 4.70 10.21
N SER F 97 -1.28 4.95 10.28
CA SER F 97 -2.26 3.89 10.21
C SER F 97 -3.23 4.14 9.08
N THR F 98 -3.20 3.27 8.07
CA THR F 98 -4.09 3.44 6.92
C THR F 98 -5.42 2.72 7.18
N PRO F 99 -6.45 3.07 6.45
CA PRO F 99 -7.82 2.52 6.59
C PRO F 99 -7.88 1.09 7.12
N GLN F 100 -8.23 0.95 8.40
CA GLN F 100 -8.34 -0.36 9.00
C GLN F 100 -9.41 -1.18 8.27
N GLY F 101 -8.97 -2.23 7.59
CA GLY F 101 -9.88 -3.09 6.84
C GLY F 101 -10.23 -2.48 5.48
N TYR F 102 -9.63 -3.05 4.43
CA TYR F 102 -9.87 -2.57 3.07
C TYR F 102 -9.25 -1.20 2.85
N GLY F 103 -8.03 -1.20 2.33
CA GLY F 103 -7.33 0.06 2.06
C GLY F 103 -7.80 0.70 0.76
N SER F 104 -7.15 0.36 -0.34
CA SER F 104 -7.52 0.93 -1.64
C SER F 104 -8.37 -0.05 -2.44
N THR F 105 -9.25 0.51 -3.28
CA THR F 105 -10.12 -0.32 -4.10
C THR F 105 -9.73 -0.20 -5.58
N GLY F 106 -9.19 -1.27 -6.13
CA GLY F 106 -8.77 -1.27 -7.53
C GLY F 106 -9.54 -2.32 -8.31
N GLY F 107 -10.54 -1.88 -9.07
CA GLY F 107 -11.34 -2.80 -9.86
C GLY F 107 -12.75 -2.26 -10.06
N TYR F 108 -12.99 -1.70 -11.24
CA TYR F 108 -14.30 -1.14 -11.55
C TYR F 108 -15.33 -2.26 -11.75
N GLY F 109 -16.49 -2.10 -11.12
CA GLY F 109 -17.54 -3.10 -11.25
C GLY F 109 -18.36 -3.17 -9.96
N SER F 110 -17.66 -3.18 -8.82
CA SER F 110 -18.32 -3.25 -7.52
C SER F 110 -17.29 -3.47 -6.41
N SER F 111 -17.38 -2.68 -5.36
CA SER F 111 -16.45 -2.80 -4.24
C SER F 111 -17.13 -3.47 -3.06
N GLN F 112 -18.18 -2.83 -2.53
CA GLN F 112 -18.92 -3.38 -1.40
C GLN F 112 -17.97 -3.81 -0.29
N SER F 113 -17.70 -2.90 0.64
CA SER F 113 -16.80 -3.20 1.76
C SER F 113 -17.22 -2.47 3.03
N SER F 114 -17.13 -3.17 4.15
CA SER F 114 -17.49 -2.57 5.44
C SER F 114 -16.52 -3.03 6.53
N GLN F 115 -16.27 -2.15 7.50
CA GLN F 115 -15.35 -2.49 8.58
C GLN F 115 -15.36 -1.42 9.67
N SER F 116 -14.52 -1.60 10.68
CA SER F 116 -14.44 -0.64 11.78
C SER F 116 -13.00 -0.52 12.28
N SER F 117 -12.72 0.58 12.98
CA SER F 117 -11.38 0.80 13.51
C SER F 117 -11.45 1.37 14.93
N TYR F 118 -10.65 0.82 15.83
CA TYR F 118 -10.65 1.27 17.21
C TYR F 118 -9.26 1.15 17.82
N GLY F 119 -8.46 2.21 17.71
CA GLY F 119 -7.11 2.20 18.27
C GLY F 119 -6.05 2.49 17.21
N GLN F 120 -6.13 3.66 16.59
CA GLN F 120 -5.16 4.05 15.57
C GLN F 120 -4.07 4.93 16.17
N GLN F 121 -2.89 4.35 16.38
CA GLN F 121 -1.78 5.11 16.96
C GLN F 121 -0.47 4.78 16.25
N SER F 122 0.37 5.79 16.06
CA SER F 122 1.66 5.58 15.40
C SER F 122 2.72 6.46 16.05
N SER F 123 3.86 5.86 16.39
CA SER F 123 4.95 6.59 17.02
C SER F 123 4.47 7.30 18.28
N TYR F 124 4.21 6.54 19.34
CA TYR F 124 3.74 7.12 20.58
C TYR F 124 2.35 7.72 20.41
N SER G 64 -22.50 2.12 -23.75
CA SER G 64 -21.68 0.93 -24.15
C SER G 64 -20.21 1.26 -24.03
N TYR G 65 -19.86 2.52 -24.26
CA TYR G 65 -18.47 2.95 -24.18
C TYR G 65 -18.24 3.75 -22.90
N SER G 66 -17.73 3.08 -21.88
CA SER G 66 -17.47 3.74 -20.60
C SER G 66 -16.13 4.50 -20.65
N GLY G 67 -16.08 5.64 -19.98
CA GLY G 67 -14.87 6.45 -19.96
C GLY G 67 -13.92 5.99 -18.87
N TYR G 68 -13.06 6.89 -18.40
CA TYR G 68 -12.10 6.55 -17.37
C TYR G 68 -12.19 7.53 -16.20
N SER G 69 -11.77 7.08 -15.02
CA SER G 69 -11.82 7.92 -13.83
C SER G 69 -10.41 8.25 -13.34
N GLN G 70 -9.41 8.08 -14.22
CA GLN G 70 -8.03 8.37 -13.86
C GLN G 70 -7.68 7.70 -12.54
N SER G 71 -6.53 8.08 -11.97
CA SER G 71 -6.08 7.49 -10.71
C SER G 71 -6.75 8.18 -9.51
N THR G 72 -6.81 7.46 -8.40
CA THR G 72 -7.42 7.99 -7.18
C THR G 72 -6.56 7.66 -5.97
N ASP G 73 -6.29 8.67 -5.14
CA ASP G 73 -5.48 8.47 -3.95
C ASP G 73 -5.88 9.43 -2.84
N THR G 74 -6.15 8.91 -1.65
CA THR G 74 -6.55 9.77 -0.54
C THR G 74 -5.54 10.89 -0.37
N SER G 75 -4.30 10.52 -0.05
CA SER G 75 -3.24 11.49 0.11
C SER G 75 -2.01 11.03 -0.69
N GLY G 76 -1.04 10.40 -0.03
CA GLY G 76 0.14 9.90 -0.73
C GLY G 76 0.70 10.90 -1.72
N TYR G 77 1.01 12.11 -1.25
CA TYR G 77 1.57 13.12 -2.15
C TYR G 77 0.72 13.25 -3.41
N GLY G 78 1.21 14.00 -4.38
CA GLY G 78 0.49 14.18 -5.63
C GLY G 78 1.02 13.26 -6.72
N GLN G 79 2.33 13.33 -6.95
CA GLN G 79 2.96 12.49 -7.96
C GLN G 79 4.47 12.44 -7.75
N SER G 80 5.16 13.51 -8.14
CA SER G 80 6.60 13.59 -7.99
C SER G 80 6.98 14.60 -6.93
N SER G 81 8.13 14.39 -6.30
CA SER G 81 8.60 15.30 -5.25
C SER G 81 10.08 15.60 -5.43
N TYR G 82 10.44 16.88 -5.34
CA TYR G 82 11.83 17.29 -5.49
C TYR G 82 12.33 17.97 -4.23
N SER G 83 13.63 17.87 -3.99
CA SER G 83 14.23 18.48 -2.81
C SER G 83 15.11 19.66 -3.22
N SER G 84 15.99 20.08 -2.30
CA SER G 84 16.88 21.19 -2.58
C SER G 84 17.98 20.78 -3.55
N TYR G 85 18.75 21.75 -4.02
CA TYR G 85 19.84 21.47 -4.96
C TYR G 85 21.16 21.34 -4.22
N GLY G 86 21.10 21.10 -2.91
CA GLY G 86 22.31 20.96 -2.11
C GLY G 86 22.07 19.98 -0.96
N GLN G 87 21.64 20.51 0.18
CA GLN G 87 21.37 19.68 1.34
C GLN G 87 19.98 19.98 1.91
N SER G 88 19.22 18.94 2.23
CA SER G 88 17.88 19.13 2.76
C SER G 88 17.41 17.91 3.55
N GLN G 89 16.20 17.98 4.06
CA GLN G 89 15.64 16.88 4.84
C GLN G 89 14.30 16.44 4.25
N ASN G 90 14.33 15.37 3.46
CA ASN G 90 13.10 14.86 2.84
C ASN G 90 12.42 13.85 3.76
N THR G 91 11.30 14.27 4.36
CA THR G 91 10.57 13.39 5.27
C THR G 91 9.12 13.22 4.82
N GLY G 92 8.61 12.00 4.97
CA GLY G 92 7.24 11.69 4.58
C GLY G 92 6.24 12.54 5.37
N TYR G 93 5.00 12.07 5.44
CA TYR G 93 3.95 12.80 6.16
C TYR G 93 3.99 12.51 7.66
N GLY G 94 5.19 12.51 8.24
CA GLY G 94 5.35 12.26 9.67
C GLY G 94 4.48 11.09 10.12
N THR G 95 3.44 11.41 10.86
CA THR G 95 2.51 10.39 11.34
C THR G 95 1.09 10.87 11.13
N GLN G 96 0.29 10.07 10.44
CA GLN G 96 -1.09 10.45 10.17
C GLN G 96 -2.01 9.23 10.11
N SER G 97 -3.30 9.49 10.18
CA SER G 97 -4.28 8.42 10.12
C SER G 97 -5.26 8.68 8.98
N THR G 98 -5.24 7.80 7.99
CA THR G 98 -6.13 7.96 6.84
C THR G 98 -7.46 7.25 7.11
N PRO G 99 -8.49 7.59 6.37
CA PRO G 99 -9.86 7.03 6.52
C PRO G 99 -9.93 5.62 7.06
N GLN G 100 -10.26 5.50 8.33
CA GLN G 100 -10.38 4.17 8.95
C GLN G 100 -11.44 3.36 8.23
N GLY G 101 -11.01 2.31 7.54
CA GLY G 101 -11.93 1.44 6.81
C GLY G 101 -12.26 2.04 5.45
N TYR G 102 -11.68 1.46 4.39
CA TYR G 102 -11.92 1.93 3.04
C TYR G 102 -11.30 3.30 2.80
N GLY G 103 -10.08 3.31 2.27
CA GLY G 103 -9.38 4.55 2.00
C GLY G 103 -9.85 5.19 0.70
N SER G 104 -9.20 4.85 -0.40
CA SER G 104 -9.57 5.40 -1.69
C SER G 104 -10.43 4.42 -2.49
N THR G 105 -11.31 4.97 -3.33
CA THR G 105 -12.18 4.14 -4.16
C THR G 105 -11.80 4.26 -5.62
N GLY G 106 -11.25 3.18 -6.17
CA GLY G 106 -10.85 3.18 -7.57
C GLY G 106 -11.61 2.12 -8.35
N GLY G 107 -12.61 2.55 -9.10
CA GLY G 107 -13.41 1.63 -9.89
C GLY G 107 -14.83 2.16 -10.09
N TYR G 108 -15.08 2.72 -11.27
CA TYR G 108 -16.38 3.28 -11.59
C TYR G 108 -17.41 2.17 -11.78
N GLY G 109 -18.57 2.33 -11.15
CA GLY G 109 -19.63 1.33 -11.26
C GLY G 109 -20.44 1.27 -9.97
N SER G 110 -19.74 1.26 -8.84
CA SER G 110 -20.39 1.21 -7.53
C SER G 110 -19.35 0.99 -6.43
N SER G 111 -19.45 1.79 -5.37
CA SER G 111 -18.52 1.67 -4.26
C SER G 111 -19.20 1.00 -3.07
N GLN G 112 -20.24 1.66 -2.54
CA GLN G 112 -20.98 1.11 -1.41
C GLN G 112 -20.03 0.70 -0.29
N SER G 113 -19.75 1.61 0.63
CA SER G 113 -18.86 1.30 1.74
C SER G 113 -19.27 2.04 3.00
N SER G 114 -19.18 1.35 4.15
CA SER G 114 -19.53 1.96 5.42
C SER G 114 -18.57 1.51 6.51
N GLN G 115 -18.31 2.39 7.47
CA GLN G 115 -17.38 2.06 8.56
C GLN G 115 -17.39 3.14 9.63
N SER G 116 -16.55 2.96 10.66
CA SER G 116 -16.47 3.93 11.75
C SER G 116 -15.03 4.05 12.24
N SER G 117 -14.74 5.15 12.93
CA SER G 117 -13.40 5.37 13.46
C SER G 117 -13.47 5.95 14.87
N TYR G 118 -12.67 5.40 15.77
CA TYR G 118 -12.66 5.87 17.16
C TYR G 118 -11.26 5.75 17.77
N GLY G 119 -10.46 6.81 17.64
CA GLY G 119 -9.12 6.80 18.20
C GLY G 119 -8.06 7.08 17.13
N GLN G 120 -8.14 8.25 16.52
CA GLN G 120 -7.18 8.63 15.48
C GLN G 120 -6.08 9.51 16.08
N GLN G 121 -4.90 8.94 16.28
CA GLN G 121 -3.79 9.68 16.86
C GLN G 121 -2.48 9.34 16.15
N SER G 122 -1.63 10.36 15.95
CA SER G 122 -0.35 10.16 15.29
C SER G 122 0.72 11.03 15.93
N SER G 123 1.85 10.42 16.27
CA SER G 123 2.95 11.15 16.90
C SER G 123 2.46 11.89 18.15
N TYR G 124 2.21 11.12 19.21
CA TYR G 124 1.74 11.71 20.46
C TYR G 124 0.36 12.32 20.28
N SER H 64 -24.60 6.48 -23.78
CA SER H 64 -23.80 5.29 -24.18
C SER H 64 -22.32 5.62 -24.07
N TYR H 65 -21.98 6.87 -24.30
CA TYR H 65 -20.58 7.31 -24.22
C TYR H 65 -20.34 8.11 -22.96
N SER H 66 -19.84 7.44 -21.92
CA SER H 66 -19.56 8.11 -20.65
C SER H 66 -18.24 8.87 -20.72
N GLY H 67 -18.19 10.01 -20.05
CA GLY H 67 -16.96 10.82 -20.04
C GLY H 67 -16.01 10.36 -18.95
N TYR H 68 -15.15 11.26 -18.49
CA TYR H 68 -14.19 10.93 -17.45
C TYR H 68 -14.27 11.92 -16.30
N SER H 69 -13.86 11.48 -15.11
CA SER H 69 -13.90 12.33 -13.92
C SER H 69 -12.48 12.66 -13.44
N GLN H 70 -11.50 12.48 -14.32
CA GLN H 70 -10.11 12.76 -13.97
C GLN H 70 -9.75 12.10 -12.64
N SER H 71 -8.60 12.49 -12.07
CA SER H 71 -8.15 11.92 -10.81
C SER H 71 -8.81 12.59 -9.63
N THR H 72 -8.87 11.89 -8.49
CA THR H 72 -9.48 12.43 -7.29
C THR H 72 -8.61 12.10 -6.07
N ASP H 73 -8.33 13.12 -5.25
CA ASP H 73 -7.53 12.92 -4.06
C ASP H 73 -7.93 13.89 -2.96
N THR H 74 -8.20 13.38 -1.77
CA THR H 74 -8.59 14.24 -0.66
C THR H 74 -7.57 15.36 -0.49
N SER H 75 -6.34 14.99 -0.17
CA SER H 75 -5.28 15.96 -0.02
C SER H 75 -4.06 15.51 -0.83
N GLY H 76 -3.08 14.87 -0.17
CA GLY H 76 -1.89 14.37 -0.86
C GLY H 76 -1.33 15.37 -1.87
N TYR H 77 -1.04 16.57 -1.41
CA TYR H 77 -0.48 17.58 -2.31
C TYR H 77 -1.33 17.70 -3.57
N GLY H 78 -0.83 18.44 -4.56
CA GLY H 78 -1.56 18.61 -5.80
C GLY H 78 -1.02 17.69 -6.87
N GLN H 79 0.28 17.76 -7.11
CA GLN H 79 0.91 16.91 -8.13
C GLN H 79 2.42 16.86 -7.92
N SER H 80 3.10 17.93 -8.31
CA SER H 80 4.55 17.99 -8.17
C SER H 80 4.93 19.02 -7.11
N SER H 81 6.08 18.81 -6.47
CA SER H 81 6.55 19.73 -5.45
C SER H 81 8.03 20.02 -5.63
N TYR H 82 8.39 21.30 -5.54
CA TYR H 82 9.78 21.71 -5.70
C TYR H 82 10.29 22.41 -4.44
N SER H 83 11.59 22.29 -4.20
CA SER H 83 12.20 22.91 -3.03
C SER H 83 13.08 24.08 -3.44
N SER H 84 13.96 24.51 -2.54
CA SER H 84 14.85 25.62 -2.82
C SER H 84 15.95 25.20 -3.79
N TYR H 85 16.72 26.18 -4.28
CA TYR H 85 17.80 25.88 -5.21
C TYR H 85 19.14 25.75 -4.48
N GLY H 86 19.07 25.52 -3.17
CA GLY H 86 20.28 25.38 -2.37
C GLY H 86 20.04 24.42 -1.22
N GLN H 87 19.62 24.95 -0.08
CA GLN H 87 19.34 24.12 1.10
C GLN H 87 17.96 24.44 1.66
N SER H 88 17.20 23.40 1.99
CA SER H 88 15.86 23.59 2.53
C SER H 88 15.39 22.39 3.31
N GLN H 89 14.18 22.46 3.84
CA GLN H 89 13.62 21.35 4.62
C GLN H 89 12.28 20.91 4.03
N ASN H 90 12.30 19.84 3.25
CA ASN H 90 11.08 19.33 2.64
C ASN H 90 10.39 18.33 3.57
N THR H 91 9.28 18.74 4.16
CA THR H 91 8.54 17.87 5.09
C THR H 91 7.10 17.70 4.64
N GLY H 92 6.59 16.48 4.80
CA GLY H 92 5.21 16.18 4.42
C GLY H 92 4.21 17.03 5.20
N TYR H 93 2.97 16.56 5.29
CA TYR H 93 1.93 17.30 6.00
C TYR H 93 1.97 17.02 7.50
N GLY H 94 3.18 17.03 8.08
CA GLY H 94 3.34 16.78 9.51
C GLY H 94 2.47 15.61 9.97
N THR H 95 1.42 15.94 10.71
CA THR H 95 0.50 14.92 11.20
C THR H 95 -0.92 15.40 10.98
N GLN H 96 -1.73 14.60 10.30
CA GLN H 96 -3.11 14.99 10.03
C GLN H 96 -4.02 13.77 9.98
N SER H 97 -5.32 14.02 10.05
CA SER H 97 -6.31 12.96 10.01
C SER H 97 -7.28 13.20 8.86
N THR H 98 -7.26 12.33 7.87
CA THR H 98 -8.15 12.47 6.73
C THR H 98 -9.48 11.77 7.00
N PRO H 99 -10.52 12.12 6.26
CA PRO H 99 -11.89 11.56 6.43
C PRO H 99 -11.95 10.15 6.97
N GLN H 100 -12.29 10.02 8.25
CA GLN H 100 -12.41 8.72 8.88
C GLN H 100 -13.47 7.89 8.16
N GLY H 101 -13.04 6.84 7.48
CA GLY H 101 -13.97 5.97 6.76
C GLY H 101 -14.31 6.56 5.39
N TYR H 102 -13.73 5.97 4.34
CA TYR H 102 -13.97 6.43 2.97
C TYR H 102 -13.34 7.80 2.74
N GLY H 103 -12.12 7.80 2.21
CA GLY H 103 -11.42 9.04 1.92
C GLY H 103 -11.90 9.68 0.62
N SER H 104 -11.25 9.32 -0.48
CA SER H 104 -11.62 9.87 -1.78
C SER H 104 -12.49 8.89 -2.56
N THR H 105 -13.36 9.44 -3.41
CA THR H 105 -14.24 8.60 -4.23
C THR H 105 -13.86 8.71 -5.69
N GLY H 106 -13.32 7.63 -6.24
CA GLY H 106 -12.91 7.61 -7.64
C GLY H 106 -13.68 6.55 -8.41
N GLY H 107 -14.68 6.98 -9.17
CA GLY H 107 -15.50 6.05 -9.94
C GLY H 107 -16.90 6.59 -10.14
N TYR H 108 -17.15 7.14 -11.33
CA TYR H 108 -18.46 7.69 -11.64
C TYR H 108 -19.49 6.59 -11.83
N GLY H 109 -20.64 6.75 -11.19
CA GLY H 109 -21.71 5.76 -11.29
C GLY H 109 -22.52 5.70 -10.00
N SER H 110 -21.82 5.70 -8.87
CA SER H 110 -22.46 5.66 -7.56
C SER H 110 -21.43 5.45 -6.46
N SER H 111 -21.51 6.26 -5.41
CA SER H 111 -20.58 6.14 -4.30
C SER H 111 -21.27 5.48 -3.10
N GLN H 112 -22.30 6.14 -2.58
CA GLN H 112 -23.04 5.60 -1.44
C GLN H 112 -22.09 5.19 -0.32
N SER H 113 -21.81 6.11 0.59
CA SER H 113 -20.91 5.81 1.70
C SER H 113 -21.32 6.55 2.97
N SER H 114 -21.22 5.87 4.10
CA SER H 114 -21.57 6.49 5.38
C SER H 114 -20.60 6.04 6.47
N GLN H 115 -20.34 6.92 7.43
CA GLN H 115 -19.41 6.60 8.51
C GLN H 115 -19.42 7.70 9.58
N SER H 116 -18.58 7.52 10.59
CA SER H 116 -18.49 8.49 11.68
C SER H 116 -17.04 8.61 12.18
N SER H 117 -16.75 9.71 12.85
CA SER H 117 -15.41 9.95 13.38
C SER H 117 -15.48 10.52 14.79
N TYR H 118 -14.67 9.98 15.70
CA TYR H 118 -14.66 10.46 17.08
C TYR H 118 -13.26 10.34 17.68
N GLY H 119 -12.47 11.40 17.55
CA GLY H 119 -11.11 11.39 18.11
C GLY H 119 -10.07 11.66 17.03
N GLN H 120 -10.15 12.83 16.40
CA GLN H 120 -9.18 13.20 15.37
C GLN H 120 -8.08 14.09 15.96
N GLN H 121 -6.90 13.50 16.17
CA GLN H 121 -5.79 14.26 16.73
C GLN H 121 -4.48 13.91 16.02
N SER H 122 -3.64 14.93 15.82
CA SER H 122 -2.35 14.71 15.15
C SER H 122 -1.28 15.59 15.79
N SER H 123 -0.15 14.99 16.13
CA SER H 123 0.95 15.73 16.74
C SER H 123 0.47 16.46 17.99
N TYR H 124 0.22 15.71 19.06
CA TYR H 124 -0.25 16.30 20.31
C TYR H 124 -1.63 16.91 20.13
N SER I 64 -26.71 10.83 -23.84
CA SER I 64 -25.90 9.64 -24.23
C SER I 64 -24.42 9.97 -24.12
N TYR I 65 -24.08 11.23 -24.37
CA TYR I 65 -22.69 11.66 -24.30
C TYR I 65 -22.44 12.47 -23.03
N SER I 66 -21.93 11.81 -22.00
CA SER I 66 -21.66 12.49 -20.73
C SER I 66 -20.33 13.24 -20.80
N GLY I 67 -20.27 14.39 -20.14
CA GLY I 67 -19.05 15.20 -20.14
C GLY I 67 -18.10 14.73 -19.05
N TYR I 68 -17.24 15.65 -18.59
CA TYR I 68 -16.27 15.31 -17.56
C TYR I 68 -16.35 16.31 -16.40
N SER I 69 -15.93 15.87 -15.21
CA SER I 69 -15.97 16.73 -14.04
C SER I 69 -14.55 17.06 -13.57
N GLN I 70 -13.57 16.88 -14.45
CA GLN I 70 -12.17 17.17 -14.09
C GLN I 70 -11.81 16.51 -12.76
N SER I 71 -10.67 16.89 -12.21
CA SER I 71 -10.22 16.33 -10.94
C SER I 71 -10.88 17.02 -9.76
N THR I 72 -10.93 16.31 -8.63
CA THR I 72 -11.53 16.86 -7.42
C THR I 72 -10.67 16.54 -6.20
N ASP I 73 -10.39 17.56 -5.39
CA ASP I 73 -9.58 17.37 -4.19
C ASP I 73 -9.98 18.36 -3.10
N THR I 74 -10.23 17.84 -1.91
CA THR I 74 -10.62 18.72 -0.80
C THR I 74 -9.60 19.83 -0.65
N SER I 75 -8.37 19.46 -0.32
CA SER I 75 -7.30 20.45 -0.18
C SER I 75 -6.09 19.97 -0.99
N GLY I 76 -5.11 19.35 -0.32
CA GLY I 76 -3.93 18.83 -1.02
C GLY I 76 -3.37 19.83 -2.03
N TYR I 77 -3.07 21.04 -1.58
CA TYR I 77 -2.52 22.04 -2.48
C TYR I 77 -3.37 22.14 -3.74
N GLY I 78 -2.88 22.88 -4.73
CA GLY I 78 -3.61 23.05 -5.97
C GLY I 78 -3.07 22.11 -7.05
N GLN I 79 -1.78 22.18 -7.30
CA GLN I 79 -1.15 21.34 -8.30
C GLN I 79 0.36 21.28 -8.11
N SER I 80 1.05 22.34 -8.51
CA SER I 80 2.50 22.41 -8.37
C SER I 80 2.88 23.44 -7.31
N SER I 81 4.03 23.24 -6.68
CA SER I 81 4.51 24.16 -5.65
C SER I 81 5.99 24.45 -5.84
N TYR I 82 6.35 25.72 -5.77
CA TYR I 82 7.74 26.13 -5.93
C TYR I 82 8.25 26.84 -4.68
N SER I 83 9.56 26.72 -4.44
CA SER I 83 10.16 27.35 -3.28
C SER I 83 11.05 28.51 -3.70
N SER I 84 11.93 28.94 -2.80
CA SER I 84 12.83 30.06 -3.09
C SER I 84 13.92 29.62 -4.06
N TYR I 85 14.69 30.60 -4.56
CA TYR I 85 15.77 30.30 -5.49
C TYR I 85 17.10 30.17 -4.76
N GLY I 86 17.04 29.96 -3.45
CA GLY I 86 18.25 29.82 -2.65
C GLY I 86 18.02 28.85 -1.49
N GLN I 87 17.59 29.39 -0.35
CA GLN I 87 17.33 28.57 0.83
C GLN I 87 15.94 28.90 1.38
N SER I 88 15.18 27.86 1.73
CA SER I 88 13.84 28.07 2.27
C SER I 88 13.37 26.85 3.07
N GLN I 89 12.16 26.93 3.59
CA GLN I 89 11.60 25.83 4.37
C GLN I 89 10.26 25.39 3.80
N ASN I 90 10.27 24.32 3.02
CA ASN I 90 9.05 23.80 2.42
C ASN I 90 8.37 22.80 3.35
N THR I 91 7.26 23.22 3.96
CA THR I 91 6.54 22.36 4.88
C THR I 91 5.09 22.17 4.43
N GLY I 92 4.57 20.96 4.60
CA GLY I 92 3.20 20.66 4.23
C GLY I 92 2.20 21.52 5.01
N TYR I 93 0.96 21.05 5.10
CA TYR I 93 -0.08 21.80 5.81
C TYR I 93 -0.03 21.52 7.31
N GLY I 94 1.17 21.54 7.89
CA GLY I 94 1.34 21.30 9.32
C GLY I 94 0.47 20.13 9.79
N THR I 95 -0.58 20.46 10.54
CA THR I 95 -1.50 19.45 11.03
C THR I 95 -2.92 19.92 10.82
N GLN I 96 -3.73 19.12 10.14
CA GLN I 96 -5.11 19.51 9.87
C GLN I 96 -6.03 18.30 9.83
N SER I 97 -7.33 18.56 9.91
CA SER I 97 -8.32 17.50 9.86
C SER I 97 -9.29 17.75 8.72
N THR I 98 -9.29 16.86 7.73
CA THR I 98 -10.17 17.02 6.60
C THR I 98 -11.52 16.31 6.88
N PRO I 99 -12.55 16.66 6.14
CA PRO I 99 -13.93 16.11 6.32
C PRO I 99 -13.99 14.70 6.87
N GLN I 100 -14.32 14.58 8.15
CA GLN I 100 -14.43 13.27 8.77
C GLN I 100 -15.50 12.44 8.07
N GLY I 101 -15.07 11.37 7.40
CA GLY I 101 -16.00 10.50 6.68
C GLY I 101 -16.33 11.08 5.31
N TYR I 102 -15.76 10.47 4.26
CA TYR I 102 -16.00 10.92 2.89
C TYR I 102 -15.37 12.29 2.65
N GLY I 103 -14.15 12.29 2.11
CA GLY I 103 -13.45 13.54 1.82
C GLY I 103 -13.94 14.17 0.52
N SER I 104 -13.30 13.81 -0.59
CA SER I 104 -13.67 14.35 -1.88
C SER I 104 -14.54 13.37 -2.67
N THR I 105 -15.41 13.90 -3.50
CA THR I 105 -16.30 13.06 -4.31
C THR I 105 -15.91 13.15 -5.79
N GLY I 106 -15.38 12.06 -6.32
CA GLY I 106 -14.98 12.05 -7.73
C GLY I 106 -15.74 10.98 -8.49
N GLY I 107 -16.75 11.41 -9.24
CA GLY I 107 -17.56 10.48 -10.02
C GLY I 107 -18.98 11.02 -10.22
N TYR I 108 -19.23 11.57 -11.40
CA TYR I 108 -20.53 12.12 -11.72
C TYR I 108 -21.56 11.00 -11.89
N GLY I 109 -22.72 11.18 -11.26
CA GLY I 109 -23.78 10.19 -11.35
C GLY I 109 -24.59 10.15 -10.06
N SER I 110 -23.89 10.14 -8.93
CA SER I 110 -24.53 10.11 -7.62
C SER I 110 -23.49 9.91 -6.51
N SER I 111 -23.57 10.72 -5.47
CA SER I 111 -22.64 10.61 -4.36
C SER I 111 -23.33 9.96 -3.16
N GLN I 112 -24.36 10.63 -2.64
CA GLN I 112 -25.09 10.10 -1.49
C GLN I 112 -24.13 9.69 -0.37
N SER I 113 -23.85 10.61 0.53
CA SER I 113 -22.95 10.32 1.64
C SER I 113 -23.35 11.08 2.90
N SER I 114 -23.25 10.41 4.04
CA SER I 114 -23.61 11.02 5.32
C SER I 114 -22.64 10.58 6.41
N GLN I 115 -22.36 11.47 7.36
CA GLN I 115 -21.43 11.16 8.44
C GLN I 115 -21.43 12.24 9.50
N SER I 116 -20.59 12.08 10.52
CA SER I 116 -20.50 13.05 11.59
C SER I 116 -19.05 13.17 12.09
N SER I 117 -18.76 14.29 12.76
CA SER I 117 -17.41 14.51 13.29
C SER I 117 -17.48 15.10 14.69
N TYR I 118 -16.67 14.55 15.60
CA TYR I 118 -16.65 15.04 16.98
C TYR I 118 -15.25 14.90 17.58
N GLY I 119 -14.45 15.97 17.44
CA GLY I 119 -13.10 15.97 17.99
C GLY I 119 -12.06 16.24 16.91
N GLN I 120 -12.14 17.41 16.28
CA GLN I 120 -11.18 17.77 15.24
C GLN I 120 -10.08 18.67 15.82
N GLN I 121 -8.90 18.08 16.03
CA GLN I 121 -7.77 18.84 16.58
C GLN I 121 -6.48 18.49 15.88
N SER I 122 -5.63 19.49 15.65
CA SER I 122 -4.35 19.28 14.99
C SER I 122 -3.27 20.16 15.62
N SER I 123 -2.14 19.55 15.97
CA SER I 123 -1.04 20.30 16.57
C SER I 123 -1.51 21.04 17.81
N TYR I 124 -1.77 20.29 18.89
CA TYR I 124 -2.22 20.89 20.13
C TYR I 124 -3.62 21.50 19.95
N SER A 64 -10.13 -28.57 -19.12
CA SER A 64 -9.48 -27.24 -19.01
C SER A 64 -8.44 -27.09 -20.12
N TYR A 65 -8.54 -25.99 -20.86
CA TYR A 65 -7.60 -25.74 -21.96
C TYR A 65 -6.19 -25.52 -21.42
N SER A 66 -5.21 -25.54 -22.31
CA SER A 66 -3.81 -25.34 -21.92
C SER A 66 -3.63 -24.03 -21.17
N GLY A 67 -3.70 -24.10 -19.84
CA GLY A 67 -3.53 -22.90 -19.03
C GLY A 67 -2.07 -22.49 -18.93
N TYR A 68 -1.81 -21.32 -18.34
CA TYR A 68 -0.45 -20.83 -18.18
C TYR A 68 -0.24 -20.26 -16.78
N SER A 69 0.84 -20.69 -16.13
CA SER A 69 1.15 -20.21 -14.80
C SER A 69 2.64 -19.93 -14.66
N GLN A 70 2.98 -18.84 -13.96
CA GLN A 70 4.38 -18.48 -13.76
C GLN A 70 4.89 -19.02 -12.43
N SER A 71 6.18 -18.85 -12.19
CA SER A 71 6.80 -19.33 -10.96
C SER A 71 6.25 -18.57 -9.74
N THR A 72 5.95 -19.31 -8.68
CA THR A 72 5.43 -18.70 -7.46
C THR A 72 6.32 -19.04 -6.27
N ASP A 73 6.59 -18.05 -5.43
CA ASP A 73 7.44 -18.28 -4.26
C ASP A 73 6.79 -17.70 -3.00
N THR A 74 7.27 -18.10 -1.83
CA THR A 74 6.69 -17.60 -0.58
C THR A 74 7.77 -17.02 0.34
N SER A 75 8.81 -17.81 0.59
CA SER A 75 9.89 -17.37 1.47
C SER A 75 11.26 -17.70 0.90
N GLY A 76 12.27 -16.96 1.35
CA GLY A 76 13.64 -17.20 0.90
C GLY A 76 13.89 -16.65 -0.51
N TYR A 77 13.97 -15.33 -0.62
CA TYR A 77 14.23 -14.68 -1.89
C TYR A 77 13.43 -15.33 -3.02
N GLY A 78 12.16 -14.97 -3.15
CA GLY A 78 11.31 -15.56 -4.18
C GLY A 78 11.84 -15.23 -5.57
N GLN A 79 12.72 -16.10 -6.08
CA GLN A 79 13.31 -15.90 -7.40
C GLN A 79 14.19 -14.65 -7.42
N SER A 80 15.43 -14.80 -6.97
CA SER A 80 16.35 -13.67 -6.93
C SER A 80 17.68 -14.04 -7.57
N SER A 81 18.13 -13.21 -8.50
CA SER A 81 19.39 -13.45 -9.18
C SER A 81 20.47 -12.54 -8.62
N TYR A 82 21.70 -13.03 -8.57
CA TYR A 82 22.81 -12.25 -8.05
C TYR A 82 23.89 -12.10 -9.11
N SER A 83 24.21 -10.85 -9.46
CA SER A 83 25.23 -10.58 -10.46
C SER A 83 25.88 -9.22 -10.20
N SER A 84 25.85 -8.78 -8.95
CA SER A 84 26.45 -7.50 -8.60
C SER A 84 27.94 -7.49 -8.92
N TYR A 85 28.39 -6.42 -9.57
CA TYR A 85 29.79 -6.30 -9.93
C TYR A 85 30.61 -5.82 -8.74
N GLY A 86 29.97 -5.07 -7.84
CA GLY A 86 30.63 -4.55 -6.66
C GLY A 86 30.94 -5.67 -5.67
N GLN A 87 31.87 -5.41 -4.75
CA GLN A 87 32.24 -6.39 -3.74
C GLN A 87 31.71 -5.99 -2.37
N SER A 88 32.09 -6.74 -1.35
CA SER A 88 31.66 -6.45 0.02
C SER A 88 30.13 -6.45 0.10
N GLN A 89 29.50 -7.38 -0.60
CA GLN A 89 28.05 -7.47 -0.59
C GLN A 89 27.58 -8.59 0.34
N ASN A 90 27.17 -8.22 1.54
CA ASN A 90 26.71 -9.20 2.53
C ASN A 90 25.22 -9.01 2.81
N THR A 91 24.43 -10.05 2.57
CA THR A 91 22.99 -9.98 2.81
C THR A 91 22.59 -10.91 3.93
N GLY A 92 21.97 -10.36 4.97
CA GLY A 92 21.53 -11.17 6.10
C GLY A 92 20.04 -11.46 6.03
N TYR A 93 19.67 -12.72 6.19
CA TYR A 93 18.27 -13.12 6.14
C TYR A 93 17.67 -13.15 7.54
N GLY A 94 18.40 -13.74 8.48
CA GLY A 94 17.95 -13.85 9.85
C GLY A 94 17.15 -15.14 10.08
N THR A 95 16.04 -15.02 10.78
CA THR A 95 15.20 -16.17 11.05
C THR A 95 13.79 -15.95 10.50
N GLN A 96 13.21 -17.02 9.96
CA GLN A 96 11.88 -16.94 9.40
C GLN A 96 11.11 -18.24 9.64
N SER A 97 9.79 -18.18 9.49
CA SER A 97 8.95 -19.36 9.69
C SER A 97 7.92 -19.47 8.58
N THR A 98 7.96 -20.60 7.86
CA THR A 98 7.01 -20.83 6.76
C THR A 98 5.62 -21.15 7.33
N PRO A 99 4.60 -21.08 6.49
CA PRO A 99 3.20 -21.27 6.93
C PRO A 99 2.73 -22.71 6.85
N GLN A 100 2.59 -23.34 8.02
CA GLN A 100 2.15 -24.72 8.09
C GLN A 100 0.80 -24.90 7.39
N GLY A 101 0.81 -25.64 6.29
CA GLY A 101 -0.40 -25.88 5.54
C GLY A 101 -0.48 -25.03 4.27
N TYR A 102 -0.16 -25.63 3.14
CA TYR A 102 -0.20 -24.92 1.86
C TYR A 102 0.87 -23.82 1.80
N GLY A 103 2.13 -24.25 1.73
CA GLY A 103 3.24 -23.32 1.66
C GLY A 103 3.08 -22.39 0.46
N SER A 104 3.77 -22.71 -0.62
CA SER A 104 3.68 -21.90 -1.83
C SER A 104 2.72 -22.54 -2.83
N THR A 105 1.68 -21.79 -3.20
CA THR A 105 0.69 -22.31 -4.13
C THR A 105 1.12 -22.09 -5.57
N GLY A 106 1.20 -23.18 -6.33
CA GLY A 106 1.60 -23.11 -7.73
C GLY A 106 0.83 -24.12 -8.57
N GLY A 107 -0.18 -23.64 -9.28
CA GLY A 107 -1.00 -24.52 -10.11
C GLY A 107 -2.47 -24.12 -10.04
N TYR A 108 -2.93 -23.41 -11.05
CA TYR A 108 -4.33 -22.95 -11.10
C TYR A 108 -5.28 -24.15 -11.10
N GLY A 109 -6.54 -23.90 -11.44
CA GLY A 109 -7.53 -24.97 -11.47
C GLY A 109 -8.24 -25.10 -10.13
N SER A 110 -7.46 -25.13 -9.05
CA SER A 110 -8.01 -25.25 -7.70
C SER A 110 -6.90 -25.47 -6.69
N SER A 111 -6.92 -24.69 -5.60
CA SER A 111 -5.91 -24.82 -4.57
C SER A 111 -6.49 -25.47 -3.32
N GLN A 112 -7.44 -24.80 -2.68
CA GLN A 112 -8.07 -25.34 -1.48
C GLN A 112 -7.06 -25.45 -0.34
N SER A 113 -7.13 -24.53 0.62
CA SER A 113 -6.21 -24.54 1.75
C SER A 113 -6.98 -24.53 3.07
N SER A 114 -6.73 -25.53 3.91
CA SER A 114 -7.39 -25.63 5.20
C SER A 114 -6.39 -26.02 6.29
N GLN A 115 -6.19 -25.12 7.26
CA GLN A 115 -5.24 -25.39 8.34
C GLN A 115 -5.26 -24.27 9.37
N SER A 116 -4.31 -24.31 10.32
CA SER A 116 -4.22 -23.29 11.35
C SER A 116 -2.94 -23.45 12.16
N SER A 117 -2.58 -22.41 12.91
CA SER A 117 -1.37 -22.45 13.73
C SER A 117 -1.40 -21.36 14.79
N TYR A 118 -1.04 -21.70 16.02
CA TYR A 118 -1.04 -20.74 17.11
C TYR A 118 -0.35 -19.43 16.72
N GLY A 119 0.99 -19.46 16.74
CA GLY A 119 1.76 -18.26 16.39
C GLY A 119 3.26 -18.53 16.46
N GLN A 120 3.80 -19.16 15.41
CA GLN A 120 5.23 -19.47 15.36
C GLN A 120 6.05 -18.21 15.65
N GLN A 121 7.37 -18.38 15.77
CA GLN A 121 8.25 -17.24 16.04
C GLN A 121 9.63 -17.47 15.42
N SER A 122 10.37 -16.38 15.22
CA SER A 122 11.70 -16.46 14.64
C SER A 122 12.72 -15.71 15.51
N SER A 123 13.69 -16.44 16.03
CA SER A 123 14.71 -15.84 16.88
C SER A 123 14.08 -15.12 18.06
N TYR A 124 13.25 -15.84 18.82
CA TYR A 124 12.58 -15.25 19.98
C TYR A 124 13.59 -14.49 20.85
N SER B 64 -12.15 -24.13 -19.05
CA SER B 64 -11.50 -22.80 -18.94
C SER B 64 -10.45 -22.65 -20.04
N TYR B 65 -10.54 -21.55 -20.79
CA TYR B 65 -9.60 -21.31 -21.87
C TYR B 65 -8.19 -21.10 -21.33
N SER B 66 -7.20 -21.13 -22.21
CA SER B 66 -5.81 -20.94 -21.82
C SER B 66 -5.63 -19.62 -21.07
N GLY B 67 -5.70 -19.68 -19.75
CA GLY B 67 -5.54 -18.48 -18.93
C GLY B 67 -4.07 -18.08 -18.82
N TYR B 68 -3.82 -16.91 -18.24
CA TYR B 68 -2.44 -16.43 -18.08
C TYR B 68 -2.24 -15.85 -16.68
N SER B 69 -1.17 -16.28 -16.03
CA SER B 69 -0.87 -15.80 -14.68
C SER B 69 0.62 -15.53 -14.53
N GLN B 70 0.95 -14.43 -13.85
CA GLN B 70 2.35 -14.06 -13.63
C GLN B 70 2.85 -14.61 -12.30
N SER B 71 4.15 -14.43 -12.05
CA SER B 71 4.75 -14.91 -10.81
C SER B 71 4.20 -14.16 -9.61
N THR B 72 3.91 -14.89 -8.54
CA THR B 72 3.37 -14.27 -7.33
C THR B 72 4.26 -14.62 -6.13
N ASP B 73 4.53 -13.62 -5.29
CA ASP B 73 5.37 -13.84 -4.12
C ASP B 73 4.72 -13.25 -2.87
N THR B 74 5.18 -13.67 -1.69
CA THR B 74 4.60 -13.15 -0.45
C THR B 74 5.67 -12.60 0.49
N SER B 75 6.71 -13.37 0.75
CA SER B 75 7.78 -12.92 1.64
C SER B 75 9.16 -13.26 1.08
N GLY B 76 10.17 -12.52 1.54
CA GLY B 76 11.53 -12.77 1.09
C GLY B 76 11.78 -12.23 -0.32
N TYR B 77 11.89 -10.90 -0.43
CA TYR B 77 12.15 -10.26 -1.72
C TYR B 77 11.36 -10.93 -2.84
N GLY B 78 10.09 -10.56 -2.98
CA GLY B 78 9.24 -11.14 -4.02
C GLY B 78 9.79 -10.82 -5.41
N GLN B 79 10.66 -11.70 -5.91
CA GLN B 79 11.26 -11.50 -7.23
C GLN B 79 12.14 -10.26 -7.23
N SER B 80 13.38 -10.41 -6.78
CA SER B 80 14.31 -9.28 -6.74
C SER B 80 15.64 -9.66 -7.37
N SER B 81 16.10 -8.84 -8.32
CA SER B 81 17.36 -9.09 -8.97
C SER B 81 18.44 -8.18 -8.41
N TYR B 82 19.67 -8.68 -8.35
CA TYR B 82 20.79 -7.90 -7.83
C TYR B 82 21.88 -7.75 -8.89
N SER B 83 22.19 -6.52 -9.23
CA SER B 83 23.22 -6.25 -10.23
C SER B 83 23.88 -4.89 -9.99
N SER B 84 23.85 -4.45 -8.73
CA SER B 84 24.44 -3.17 -8.37
C SER B 84 25.94 -3.17 -8.68
N TYR B 85 26.40 -2.10 -9.34
CA TYR B 85 27.81 -1.99 -9.69
C TYR B 85 28.62 -1.50 -8.49
N GLY B 86 27.97 -0.76 -7.60
CA GLY B 86 28.64 -0.24 -6.42
C GLY B 86 28.92 -1.35 -5.41
N GLN B 87 29.85 -1.08 -4.50
CA GLN B 87 30.21 -2.08 -3.49
C GLN B 87 29.67 -1.66 -2.12
N SER B 88 30.04 -2.41 -1.09
CA SER B 88 29.60 -2.11 0.26
C SER B 88 28.08 -2.10 0.34
N GLN B 89 27.45 -3.03 -0.36
CA GLN B 89 25.99 -3.11 -0.36
C GLN B 89 25.52 -4.23 0.57
N ASN B 90 25.10 -3.85 1.77
CA ASN B 90 24.63 -4.83 2.75
C ASN B 90 23.14 -4.63 3.03
N THR B 91 22.35 -5.66 2.78
CA THR B 91 20.92 -5.58 3.02
C THR B 91 20.51 -6.53 4.15
N GLY B 92 19.86 -5.97 5.17
CA GLY B 92 19.43 -6.77 6.31
C GLY B 92 17.93 -7.05 6.23
N TYR B 93 17.55 -8.31 6.39
CA TYR B 93 16.15 -8.69 6.33
C TYR B 93 15.54 -8.73 7.73
N GLY B 94 16.28 -9.31 8.68
CA GLY B 94 15.80 -9.40 10.05
C GLY B 94 15.00 -10.68 10.27
N THR B 95 13.88 -10.57 10.97
CA THR B 95 13.04 -11.72 11.23
C THR B 95 11.63 -11.50 10.68
N GLN B 96 11.05 -12.56 10.13
CA GLN B 96 9.71 -12.47 9.57
C GLN B 96 8.94 -13.76 9.81
N SER B 97 7.63 -13.70 9.65
CA SER B 97 6.78 -14.86 9.85
C SER B 97 5.75 -14.97 8.73
N THR B 98 5.78 -16.09 8.02
CA THR B 98 4.85 -16.32 6.91
C THR B 98 3.45 -16.63 7.47
N PRO B 99 2.43 -16.57 6.63
CA PRO B 99 1.02 -16.76 7.06
C PRO B 99 0.52 -18.19 6.99
N GLN B 100 0.41 -18.82 8.16
CA GLN B 100 -0.05 -20.20 8.23
C GLN B 100 -1.38 -20.37 7.53
N GLY B 101 -1.36 -21.12 6.43
CA GLY B 101 -2.58 -21.37 5.66
C GLY B 101 -2.63 -20.51 4.40
N TYR B 102 -2.31 -21.13 3.27
CA TYR B 102 -2.34 -20.44 1.99
C TYR B 102 -1.26 -19.35 1.93
N GLY B 103 -0.01 -19.79 1.88
CA GLY B 103 1.11 -18.84 1.81
C GLY B 103 0.95 -17.91 0.60
N SER B 104 1.65 -18.24 -0.48
CA SER B 104 1.57 -17.43 -1.70
C SER B 104 0.61 -18.07 -2.70
N THR B 105 -0.42 -17.33 -3.07
CA THR B 105 -1.42 -17.85 -4.01
C THR B 105 -0.96 -17.64 -5.45
N GLY B 106 -0.88 -18.74 -6.20
CA GLY B 106 -0.47 -18.67 -7.59
C GLY B 106 -1.25 -19.68 -8.43
N GLY B 107 -2.26 -19.20 -9.15
CA GLY B 107 -3.06 -20.07 -9.99
C GLY B 107 -4.53 -19.67 -9.93
N TYR B 108 -4.99 -18.95 -10.95
CA TYR B 108 -6.37 -18.50 -11.01
C TYR B 108 -7.33 -19.70 -11.02
N GLY B 109 -8.59 -19.45 -11.35
CA GLY B 109 -9.59 -20.51 -11.39
C GLY B 109 -10.31 -20.63 -10.05
N SER B 110 -9.54 -20.65 -8.97
CA SER B 110 -10.10 -20.76 -7.62
C SER B 110 -9.00 -20.98 -6.60
N SER B 111 -9.02 -20.19 -5.53
CA SER B 111 -8.01 -20.32 -4.48
C SER B 111 -8.60 -20.98 -3.23
N GLN B 112 -9.55 -20.29 -2.59
CA GLN B 112 -10.19 -20.82 -1.40
C GLN B 112 -9.19 -20.94 -0.26
N SER B 113 -9.27 -20.01 0.69
CA SER B 113 -8.35 -20.02 1.84
C SER B 113 -9.13 -19.99 3.15
N SER B 114 -8.89 -21.00 3.99
CA SER B 114 -9.57 -21.09 5.29
C SER B 114 -8.57 -21.47 6.38
N GLN B 115 -8.37 -20.58 7.35
CA GLN B 115 -7.43 -20.85 8.43
C GLN B 115 -7.46 -19.72 9.46
N SER B 116 -6.51 -19.76 10.41
CA SER B 116 -6.44 -18.73 11.44
C SER B 116 -5.15 -18.90 12.26
N SER B 117 -4.78 -17.85 13.00
CA SER B 117 -3.59 -17.90 13.83
C SER B 117 -3.62 -16.80 14.89
N TYR B 118 -3.26 -17.16 16.12
CA TYR B 118 -3.26 -16.19 17.22
C TYR B 118 -2.54 -14.90 16.82
N GLY B 119 -1.22 -14.92 16.86
CA GLY B 119 -0.45 -13.73 16.50
C GLY B 119 1.06 -13.99 16.58
N GLN B 120 1.60 -14.63 15.55
CA GLN B 120 3.02 -14.94 15.51
C GLN B 120 3.85 -13.68 15.79
N GLN B 121 5.16 -13.85 15.91
CA GLN B 121 6.05 -12.73 16.18
C GLN B 121 7.42 -12.96 15.57
N SER B 122 8.17 -11.87 15.38
CA SER B 122 9.51 -11.96 14.81
C SER B 122 10.52 -11.22 15.67
N SER B 123 11.49 -11.95 16.21
CA SER B 123 12.51 -11.35 17.06
C SER B 123 11.87 -10.62 18.23
N TYR B 124 11.04 -11.34 18.99
CA TYR B 124 10.37 -10.74 20.15
C TYR B 124 11.36 -9.99 21.03
N SER C 64 -14.17 -19.67 -19.00
CA SER C 64 -13.51 -18.34 -18.89
C SER C 64 -12.46 -18.21 -19.98
N TYR C 65 -12.53 -17.12 -20.74
CA TYR C 65 -11.58 -16.88 -21.82
C TYR C 65 -10.17 -16.66 -21.26
N SER C 66 -9.18 -16.71 -22.14
CA SER C 66 -7.79 -16.52 -21.74
C SER C 66 -7.61 -15.20 -20.99
N GLY C 67 -7.69 -15.25 -19.67
CA GLY C 67 -7.52 -14.06 -18.86
C GLY C 67 -6.05 -13.66 -18.75
N TYR C 68 -5.80 -12.49 -18.16
CA TYR C 68 -4.43 -12.01 -18.00
C TYR C 68 -4.23 -11.43 -16.60
N SER C 69 -3.16 -11.86 -15.94
CA SER C 69 -2.87 -11.37 -14.60
C SER C 69 -1.38 -11.11 -14.44
N GLN C 70 -1.04 -10.02 -13.75
CA GLN C 70 0.35 -9.66 -13.53
C GLN C 70 0.85 -10.20 -12.20
N SER C 71 2.13 -10.02 -11.94
CA SER C 71 2.73 -10.50 -10.70
C SER C 71 2.18 -9.73 -9.50
N THR C 72 1.86 -10.47 -8.42
CA THR C 72 1.33 -9.85 -7.23
C THR C 72 2.20 -10.19 -6.02
N ASP C 73 2.48 -9.19 -5.19
CA ASP C 73 3.31 -9.40 -4.00
C ASP C 73 2.65 -8.81 -2.76
N THR C 74 3.11 -9.21 -1.57
CA THR C 74 2.53 -8.70 -0.34
C THR C 74 3.60 -8.14 0.60
N SER C 75 4.63 -8.93 0.87
CA SER C 75 5.69 -8.48 1.77
C SER C 75 7.07 -8.82 1.21
N GLY C 76 8.09 -8.09 1.68
CA GLY C 76 9.44 -8.33 1.24
C GLY C 76 9.70 -7.80 -0.16
N TYR C 77 9.82 -6.49 -0.29
CA TYR C 77 10.09 -5.85 -1.58
C TYR C 77 9.31 -6.52 -2.71
N GLY C 78 8.04 -6.14 -2.85
CA GLY C 78 7.21 -6.72 -3.89
C GLY C 78 7.75 -6.41 -5.28
N GLN C 79 8.62 -7.29 -5.77
CA GLN C 79 9.23 -7.10 -7.09
C GLN C 79 10.12 -5.86 -7.10
N SER C 80 11.35 -6.02 -6.63
CA SER C 80 12.28 -4.90 -6.59
C SER C 80 13.63 -5.28 -7.21
N SER C 81 14.08 -4.48 -8.16
CA SER C 81 15.36 -4.73 -8.81
C SER C 81 16.44 -3.82 -8.24
N TYR C 82 17.66 -4.33 -8.17
CA TYR C 82 18.78 -3.55 -7.64
C TYR C 82 19.88 -3.41 -8.70
N SER C 83 20.20 -2.18 -9.04
CA SER C 83 21.24 -1.92 -10.04
C SER C 83 21.90 -0.57 -9.78
N SER C 84 21.86 -0.11 -8.54
CA SER C 84 22.47 1.17 -8.18
C SER C 84 23.96 1.16 -8.48
N TYR C 85 24.42 2.21 -9.14
CA TYR C 85 25.84 2.32 -9.49
C TYR C 85 26.65 2.81 -8.29
N GLY C 86 25.99 3.56 -7.41
CA GLY C 86 26.66 4.08 -6.22
C GLY C 86 26.93 2.98 -5.21
N GLN C 87 27.86 3.24 -4.29
CA GLN C 87 28.20 2.26 -3.26
C GLN C 87 27.66 2.68 -1.90
N SER C 88 28.03 1.94 -0.87
CA SER C 88 27.56 2.24 0.48
C SER C 88 26.04 2.26 0.55
N GLN C 89 25.41 1.33 -0.15
CA GLN C 89 23.96 1.25 -0.16
C GLN C 89 23.48 0.14 0.77
N ASN C 90 23.06 0.52 1.97
CA ASN C 90 22.57 -0.44 2.95
C ASN C 90 21.09 -0.24 3.22
N THR C 91 20.29 -1.27 2.96
CA THR C 91 18.85 -1.19 3.19
C THR C 91 18.43 -2.13 4.33
N GLY C 92 17.79 -1.56 5.35
CA GLY C 92 17.33 -2.35 6.48
C GLY C 92 15.84 -2.62 6.39
N TYR C 93 15.45 -3.88 6.57
CA TYR C 93 14.04 -4.26 6.49
C TYR C 93 13.44 -4.28 7.89
N GLY C 94 14.15 -4.87 8.85
CA GLY C 94 13.67 -4.95 10.22
C GLY C 94 12.87 -6.22 10.44
N THR C 95 11.74 -6.10 11.12
CA THR C 95 10.89 -7.25 11.39
C THR C 95 9.50 -7.03 10.82
N GLN C 96 8.92 -8.09 10.28
CA GLN C 96 7.57 -8.00 9.70
C GLN C 96 6.80 -9.28 9.95
N SER C 97 5.48 -9.22 9.77
CA SER C 97 4.63 -10.38 9.97
C SER C 97 3.61 -10.49 8.86
N THR C 98 3.64 -11.60 8.14
CA THR C 98 2.71 -11.83 7.04
C THR C 98 1.30 -12.13 7.59
N PRO C 99 0.30 -12.08 6.74
CA PRO C 99 -1.13 -12.25 7.16
C PRO C 99 -1.63 -13.69 7.09
N GLN C 100 -1.75 -14.31 8.26
CA GLN C 100 -2.21 -15.68 8.34
C GLN C 100 -3.55 -15.85 7.63
N GLY C 101 -3.53 -16.60 6.53
CA GLY C 101 -4.73 -16.86 5.76
C GLY C 101 -4.77 -16.01 4.50
N TYR C 102 -4.45 -16.63 3.37
CA TYR C 102 -4.47 -15.94 2.09
C TYR C 102 -3.39 -14.86 2.03
N GLY C 103 -2.13 -15.29 1.98
CA GLY C 103 -1.01 -14.36 1.92
C GLY C 103 -1.15 -13.44 0.70
N SER C 104 -0.45 -13.76 -0.37
CA SER C 104 -0.52 -12.96 -1.59
C SER C 104 -1.47 -13.60 -2.60
N THR C 105 -2.51 -12.86 -2.97
CA THR C 105 -3.49 -13.39 -3.92
C THR C 105 -3.03 -13.18 -5.35
N GLY C 106 -2.96 -14.28 -6.11
CA GLY C 106 -2.53 -14.22 -7.50
C GLY C 106 -3.30 -15.23 -8.33
N GLY C 107 -4.30 -14.75 -9.06
CA GLY C 107 -5.12 -15.61 -9.90
C GLY C 107 -6.58 -15.20 -9.85
N TYR C 108 -7.02 -14.50 -10.88
CA TYR C 108 -8.41 -14.04 -10.95
C TYR C 108 -9.37 -15.23 -10.95
N GLY C 109 -10.63 -14.97 -11.30
CA GLY C 109 -11.64 -16.03 -11.34
C GLY C 109 -12.36 -16.14 -10.01
N SER C 110 -11.60 -16.16 -8.92
CA SER C 110 -12.17 -16.26 -7.57
C SER C 110 -11.07 -16.48 -6.54
N SER C 111 -11.10 -15.69 -5.48
CA SER C 111 -10.10 -15.82 -4.42
C SER C 111 -10.70 -16.46 -3.17
N GLN C 112 -11.65 -15.78 -2.55
CA GLN C 112 -12.30 -16.30 -1.35
C GLN C 112 -11.30 -16.41 -0.20
N SER C 113 -11.39 -15.49 0.75
CA SER C 113 -10.48 -15.50 1.90
C SER C 113 -11.26 -15.46 3.20
N SER C 114 -11.03 -16.47 4.06
CA SER C 114 -11.72 -16.53 5.34
C SER C 114 -10.74 -16.92 6.44
N GLN C 115 -10.53 -16.03 7.40
CA GLN C 115 -9.60 -16.30 8.49
C GLN C 115 -9.62 -15.16 9.52
N SER C 116 -8.69 -15.20 10.48
CA SER C 116 -8.61 -14.17 11.50
C SER C 116 -7.33 -14.34 12.33
N SER C 117 -6.97 -13.30 13.07
CA SER C 117 -5.78 -13.35 13.92
C SER C 117 -5.81 -12.24 14.97
N TYR C 118 -5.46 -12.59 16.20
CA TYR C 118 -5.46 -11.63 17.29
C TYR C 118 -4.74 -10.34 16.89
N GLY C 119 -3.40 -10.37 16.93
CA GLY C 119 -2.63 -9.18 16.58
C GLY C 119 -1.13 -9.45 16.67
N GLN C 120 -0.59 -10.10 15.64
CA GLN C 120 0.84 -10.41 15.61
C GLN C 120 1.67 -9.15 15.89
N GLN C 121 2.97 -9.33 16.03
CA GLN C 121 3.87 -8.20 16.29
C GLN C 121 5.25 -8.44 15.69
N SER C 122 6.00 -7.36 15.51
CA SER C 122 7.34 -7.46 14.94
C SER C 122 8.35 -6.72 15.81
N SER C 123 9.31 -7.45 16.35
CA SER C 123 10.33 -6.85 17.21
C SER C 123 9.68 -6.11 18.38
N TYR C 124 8.85 -6.83 19.14
CA TYR C 124 8.17 -6.22 20.28
C TYR C 124 9.16 -5.47 21.16
N SER D 64 -16.17 -15.21 -18.98
CA SER D 64 -15.50 -13.88 -18.87
C SER D 64 -14.44 -13.75 -19.96
N TYR D 65 -14.51 -12.67 -20.72
CA TYR D 65 -13.54 -12.44 -21.79
C TYR D 65 -12.14 -12.23 -21.23
N SER D 66 -11.15 -12.27 -22.11
CA SER D 66 -9.76 -12.10 -21.70
C SER D 66 -9.56 -10.78 -20.95
N GLY D 67 -9.66 -10.82 -19.63
CA GLY D 67 -9.49 -9.61 -18.82
C GLY D 67 -8.02 -9.23 -18.71
N TYR D 68 -7.77 -8.06 -18.12
CA TYR D 68 -6.40 -7.59 -17.96
C TYR D 68 -6.20 -7.00 -16.56
N SER D 69 -5.14 -7.44 -15.89
CA SER D 69 -4.85 -6.95 -14.54
C SER D 69 -3.36 -6.68 -14.37
N GLN D 70 -3.03 -5.59 -13.70
CA GLN D 70 -1.63 -5.24 -13.47
C GLN D 70 -1.14 -5.78 -12.12
N SER D 71 0.14 -5.60 -11.86
CA SER D 71 0.73 -6.07 -10.61
C SER D 71 0.17 -5.30 -9.42
N THR D 72 -0.15 -6.03 -8.35
CA THR D 72 -0.69 -5.40 -7.15
C THR D 72 0.18 -5.75 -5.94
N ASP D 73 0.45 -4.74 -5.11
CA ASP D 73 1.27 -4.95 -3.91
C ASP D 73 0.60 -4.36 -2.68
N THR D 74 1.05 -4.75 -1.49
CA THR D 74 0.46 -4.23 -0.26
C THR D 74 1.53 -3.67 0.68
N SER D 75 2.56 -4.46 0.96
CA SER D 75 3.62 -4.01 1.85
C SER D 75 5.00 -4.36 1.31
N GLY D 76 6.01 -3.64 1.79
CA GLY D 76 7.38 -3.89 1.35
C GLY D 76 7.64 -3.37 -0.05
N TYR D 77 7.77 -2.05 -0.17
CA TYR D 77 8.05 -1.42 -1.47
C TYR D 77 7.27 -2.09 -2.60
N GLY D 78 6.00 -1.71 -2.76
CA GLY D 78 5.17 -2.29 -3.80
C GLY D 78 5.74 -1.99 -5.18
N GLN D 79 6.60 -2.87 -5.66
CA GLN D 79 7.22 -2.70 -6.98
C GLN D 79 8.11 -1.47 -6.99
N SER D 80 9.34 -1.62 -6.51
CA SER D 80 10.28 -0.50 -6.48
C SER D 80 11.62 -0.90 -7.08
N SER D 81 12.09 -0.09 -8.03
CA SER D 81 13.37 -0.35 -8.66
C SER D 81 14.45 0.55 -8.10
N TYR D 82 15.67 0.04 -8.02
CA TYR D 82 16.78 0.81 -7.49
C TYR D 82 17.89 0.94 -8.53
N SER D 83 18.23 2.17 -8.88
CA SER D 83 19.27 2.42 -9.87
C SER D 83 19.94 3.76 -9.62
N SER D 84 19.89 4.23 -8.37
CA SER D 84 20.50 5.50 -8.03
C SER D 84 21.99 5.50 -8.32
N TYR D 85 22.48 6.54 -8.98
CA TYR D 85 23.89 6.64 -9.31
C TYR D 85 24.69 7.13 -8.11
N GLY D 86 24.03 7.88 -7.24
CA GLY D 86 24.70 8.41 -6.05
C GLY D 86 24.96 7.31 -5.03
N GLN D 87 25.88 7.57 -4.11
CA GLN D 87 26.21 6.59 -3.08
C GLN D 87 25.66 7.02 -1.72
N SER D 88 26.02 6.27 -0.69
CA SER D 88 25.55 6.59 0.67
C SER D 88 24.03 6.62 0.72
N GLN D 89 23.40 5.68 0.02
CA GLN D 89 21.94 5.61 0.00
C GLN D 89 21.45 4.52 0.94
N ASN D 90 21.02 4.91 2.13
CA ASN D 90 20.53 3.95 3.11
C ASN D 90 19.04 4.16 3.37
N THR D 91 18.24 3.12 3.12
CA THR D 91 16.80 3.21 3.34
C THR D 91 16.37 2.29 4.47
N GLY D 92 15.73 2.86 5.48
CA GLY D 92 15.25 2.08 6.62
C GLY D 92 13.76 1.81 6.53
N TYR D 93 13.37 0.56 6.69
CA TYR D 93 11.97 0.18 6.62
C TYR D 93 11.35 0.17 8.02
N GLY D 94 12.06 -0.42 8.98
CA GLY D 94 11.57 -0.49 10.35
C GLY D 94 10.76 -1.76 10.56
N THR D 95 9.62 -1.63 11.24
CA THR D 95 8.77 -2.78 11.51
C THR D 95 7.38 -2.55 10.93
N GLN D 96 6.79 -3.61 10.39
CA GLN D 96 5.46 -3.51 9.81
C GLN D 96 4.67 -4.79 10.06
N SER D 97 3.36 -4.71 9.87
CA SER D 97 2.50 -5.87 10.08
C SER D 97 1.49 -5.98 8.95
N THR D 98 1.51 -7.10 8.23
CA THR D 98 0.59 -7.33 7.13
C THR D 98 -0.82 -7.63 7.67
N PRO D 99 -1.82 -7.57 6.82
CA PRO D 99 -3.25 -7.74 7.23
C PRO D 99 -3.76 -9.16 7.17
N GLN D 100 -3.88 -9.79 8.34
CA GLN D 100 -4.35 -11.16 8.41
C GLN D 100 -5.68 -11.32 7.69
N GLY D 101 -5.66 -12.08 6.60
CA GLY D 101 -6.86 -12.32 5.82
C GLY D 101 -6.90 -11.48 4.55
N TYR D 102 -6.56 -12.11 3.43
CA TYR D 102 -6.57 -11.43 2.15
C TYR D 102 -5.49 -10.36 2.09
N GLY D 103 -4.23 -10.79 2.06
CA GLY D 103 -3.11 -9.86 1.99
C GLY D 103 -3.24 -8.95 0.78
N SER D 104 -2.53 -9.29 -0.29
CA SER D 104 -2.58 -8.48 -1.51
C SER D 104 -3.54 -9.12 -2.52
N THR D 105 -4.57 -8.37 -2.91
CA THR D 105 -5.55 -8.89 -3.86
C THR D 105 -5.07 -8.70 -5.29
N GLY D 106 -5.01 -9.80 -6.03
CA GLY D 106 -4.57 -9.76 -7.43
C GLY D 106 -5.34 -10.77 -8.26
N GLY D 107 -6.33 -10.27 -9.00
CA GLY D 107 -7.15 -11.15 -9.85
C GLY D 107 -8.61 -10.74 -9.80
N TYR D 108 -9.05 -10.04 -10.84
CA TYR D 108 -10.42 -9.58 -10.92
C TYR D 108 -11.39 -10.76 -10.92
N GLY D 109 -12.65 -10.49 -11.28
CA GLY D 109 -13.66 -11.54 -11.32
C GLY D 109 -14.40 -11.65 -9.99
N SER D 110 -13.64 -11.66 -8.90
CA SER D 110 -14.22 -11.75 -7.56
C SER D 110 -13.13 -11.97 -6.52
N SER D 111 -13.16 -11.19 -5.46
CA SER D 111 -12.16 -11.31 -4.39
C SER D 111 -12.78 -11.96 -3.14
N GLN D 112 -13.73 -11.25 -2.53
CA GLN D 112 -14.38 -11.77 -1.34
C GLN D 112 -13.40 -11.88 -0.18
N SER D 113 -13.49 -10.95 0.77
CA SER D 113 -12.59 -10.96 1.91
C SER D 113 -13.37 -10.91 3.23
N SER D 114 -13.15 -11.91 4.08
CA SER D 114 -13.85 -11.98 5.36
C SER D 114 -12.87 -12.36 6.47
N GLN D 115 -12.67 -11.46 7.43
CA GLN D 115 -11.75 -11.73 8.53
C GLN D 115 -11.77 -10.59 9.55
N SER D 116 -10.84 -10.64 10.51
CA SER D 116 -10.77 -9.60 11.53
C SER D 116 -9.50 -9.77 12.37
N SER D 117 -9.14 -8.73 13.10
CA SER D 117 -7.94 -8.78 13.96
C SER D 117 -7.98 -7.67 15.00
N TYR D 118 -7.63 -8.02 16.24
CA TYR D 118 -7.64 -7.04 17.32
C TYR D 118 -6.90 -5.77 16.93
N GLY D 119 -5.58 -5.80 16.98
CA GLY D 119 -4.79 -4.61 16.62
C GLY D 119 -3.30 -4.89 16.72
N GLN D 120 -2.75 -5.55 15.71
CA GLN D 120 -1.33 -5.86 15.68
C GLN D 120 -0.49 -4.61 15.97
N GLN D 121 0.82 -4.79 16.11
CA GLN D 121 1.70 -3.67 16.38
C GLN D 121 3.09 -3.92 15.78
N SER D 122 3.85 -2.85 15.60
CA SER D 122 5.19 -2.96 15.04
C SER D 122 6.20 -2.20 15.92
N SER D 123 7.16 -2.95 16.47
CA SER D 123 8.17 -2.35 17.33
C SER D 123 7.52 -1.60 18.49
N TYR D 124 6.68 -2.30 19.25
CA TYR D 124 5.99 -1.69 20.38
C TYR D 124 6.98 -0.93 21.26
N SER E 64 -18.13 -10.73 -18.99
CA SER E 64 -17.46 -9.41 -18.89
C SER E 64 -16.39 -9.30 -19.97
N TYR E 65 -16.45 -8.20 -20.74
CA TYR E 65 -15.49 -8.00 -21.81
C TYR E 65 -14.09 -7.79 -21.23
N SER E 66 -13.09 -7.85 -22.11
CA SER E 66 -11.70 -7.67 -21.69
C SER E 66 -11.50 -6.34 -20.94
N GLY E 67 -11.61 -6.37 -19.61
CA GLY E 67 -11.44 -5.17 -18.81
C GLY E 67 -9.97 -4.79 -18.70
N TYR E 68 -9.71 -3.63 -18.12
CA TYR E 68 -8.34 -3.16 -17.95
C TYR E 68 -8.15 -2.57 -16.55
N SER E 69 -7.10 -3.00 -15.86
CA SER E 69 -6.82 -2.50 -14.53
C SER E 69 -5.32 -2.25 -14.35
N GLN E 70 -4.99 -1.16 -13.67
CA GLN E 70 -3.59 -0.80 -13.44
C GLN E 70 -3.12 -1.35 -12.09
N SER E 71 -1.83 -1.17 -11.82
CA SER E 71 -1.25 -1.65 -10.55
C SER E 71 -1.82 -0.87 -9.38
N THR E 72 -2.15 -1.59 -8.31
CA THR E 72 -2.69 -0.95 -7.11
C THR E 72 -1.84 -1.29 -5.90
N ASP E 73 -1.57 -0.29 -5.06
CA ASP E 73 -0.75 -0.50 -3.87
C ASP E 73 -1.43 0.09 -2.64
N THR E 74 -1.00 -0.32 -1.44
CA THR E 74 -1.57 0.27 -0.25
C THR E 74 -0.51 0.80 0.73
N SER E 75 0.49 0.00 1.04
CA SER E 75 1.57 0.42 1.94
C SER E 75 2.95 0.13 1.38
N GLY E 76 3.96 0.86 1.84
CA GLY E 76 5.31 0.55 1.41
C GLY E 76 5.62 1.08 0.03
N TYR E 77 5.74 2.39 -0.11
CA TYR E 77 6.03 3.02 -1.39
C TYR E 77 5.26 2.34 -2.53
N GLY E 78 4.00 2.74 -2.69
CA GLY E 78 3.16 2.16 -3.74
C GLY E 78 3.74 2.44 -5.12
N GLN E 79 4.60 1.56 -5.59
CA GLN E 79 5.23 1.72 -6.89
C GLN E 79 6.13 2.95 -6.91
N SER E 80 7.36 2.79 -6.43
CA SER E 80 8.30 3.89 -6.38
C SER E 80 9.64 3.50 -6.98
N SER E 81 10.12 4.30 -7.93
CA SER E 81 11.40 4.02 -8.56
C SER E 81 12.48 4.92 -7.98
N TYR E 82 13.70 4.41 -7.90
CA TYR E 82 14.82 5.18 -7.36
C TYR E 82 15.93 5.29 -8.41
N SER E 83 16.27 6.52 -8.75
CA SER E 83 17.32 6.76 -9.74
C SER E 83 17.99 8.11 -9.50
N SER E 84 17.95 8.58 -8.25
CA SER E 84 18.55 9.85 -7.90
C SER E 84 20.06 9.83 -8.18
N TYR E 85 20.54 10.88 -8.84
CA TYR E 85 21.96 10.96 -9.17
C TYR E 85 22.75 11.45 -7.97
N GLY E 86 22.10 12.22 -7.10
CA GLY E 86 22.75 12.75 -5.92
C GLY E 86 23.00 11.65 -4.89
N GLN E 87 23.91 11.90 -3.95
CA GLN E 87 24.24 10.93 -2.93
C GLN E 87 23.68 11.38 -1.57
N SER E 88 24.03 10.63 -0.53
CA SER E 88 23.56 10.95 0.82
C SER E 88 22.04 10.99 0.86
N GLN E 89 21.41 10.05 0.17
CA GLN E 89 19.94 9.99 0.14
C GLN E 89 19.44 8.89 1.07
N ASN E 90 19.01 9.30 2.26
CA ASN E 90 18.50 8.34 3.24
C ASN E 90 17.01 8.56 3.50
N THR E 91 16.22 7.53 3.25
CA THR E 91 14.77 7.62 3.45
C THR E 91 14.33 6.71 4.59
N GLY E 92 13.69 7.29 5.59
CA GLY E 92 13.21 6.52 6.73
C GLY E 92 11.71 6.26 6.62
N TYR E 93 11.31 5.01 6.79
CA TYR E 93 9.90 4.63 6.71
C TYR E 93 9.28 4.63 8.10
N GLY E 94 9.97 4.04 9.07
CA GLY E 94 9.47 3.98 10.45
C GLY E 94 8.66 2.71 10.67
N THR E 95 7.52 2.85 11.32
CA THR E 95 6.66 1.72 11.60
C THR E 95 5.27 1.94 11.01
N GLN E 96 4.68 0.89 10.46
CA GLN E 96 3.36 0.99 9.88
C GLN E 96 2.56 -0.28 10.13
N SER E 97 1.25 -0.20 9.93
CA SER E 97 0.39 -1.36 10.14
C SER E 97 -0.62 -1.46 9.00
N THR E 98 -0.60 -2.59 8.29
CA THR E 98 -1.51 -2.82 7.18
C THR E 98 -2.92 -3.10 7.71
N PRO E 99 -3.93 -3.04 6.86
CA PRO E 99 -5.35 -3.21 7.28
C PRO E 99 -5.84 -4.63 7.21
N GLN E 100 -6.02 -5.24 8.38
CA GLN E 100 -6.48 -6.62 8.45
C GLN E 100 -7.82 -6.77 7.73
N GLY E 101 -7.78 -7.55 6.64
CA GLY E 101 -8.98 -7.79 5.86
C GLY E 101 -9.00 -6.95 4.58
N TYR E 102 -8.66 -7.59 3.46
CA TYR E 102 -8.67 -6.90 2.18
C TYR E 102 -7.56 -5.84 2.11
N GLY E 103 -6.32 -6.29 2.10
CA GLY E 103 -5.18 -5.36 2.03
C GLY E 103 -5.30 -4.45 0.81
N SER E 104 -4.59 -4.79 -0.25
CA SER E 104 -4.64 -4.00 -1.47
C SER E 104 -5.59 -4.64 -2.48
N THR E 105 -6.61 -3.90 -2.88
CA THR E 105 -7.59 -4.41 -3.84
C THR E 105 -7.10 -4.23 -5.27
N GLY E 106 -7.04 -5.33 -6.00
CA GLY E 106 -6.59 -5.28 -7.39
C GLY E 106 -7.36 -6.30 -8.23
N GLY E 107 -8.35 -5.81 -8.97
CA GLY E 107 -9.16 -6.68 -9.83
C GLY E 107 -10.62 -6.26 -9.79
N TYR E 108 -11.04 -5.55 -10.83
CA TYR E 108 -12.43 -5.09 -10.91
C TYR E 108 -13.40 -6.28 -10.91
N GLY E 109 -14.65 -6.01 -11.30
CA GLY E 109 -15.67 -7.05 -11.34
C GLY E 109 -16.41 -7.16 -10.01
N SER E 110 -15.66 -7.15 -8.91
CA SER E 110 -16.24 -7.23 -7.57
C SER E 110 -15.16 -7.46 -6.53
N SER E 111 -15.19 -6.66 -5.46
CA SER E 111 -14.21 -6.80 -4.40
C SER E 111 -14.84 -7.42 -3.16
N GLN E 112 -15.79 -6.72 -2.54
CA GLN E 112 -16.46 -7.23 -1.36
C GLN E 112 -15.47 -7.34 -0.19
N SER E 113 -15.57 -6.40 0.75
CA SER E 113 -14.67 -6.40 1.90
C SER E 113 -15.47 -6.35 3.21
N SER E 114 -15.26 -7.35 4.06
CA SER E 114 -15.96 -7.40 5.35
C SER E 114 -14.99 -7.79 6.47
N GLN E 115 -14.79 -6.89 7.42
CA GLN E 115 -13.88 -7.16 8.52
C GLN E 115 -13.90 -6.01 9.54
N SER E 116 -12.98 -6.06 10.51
CA SER E 116 -12.90 -5.02 11.53
C SER E 116 -11.63 -5.18 12.36
N SER E 117 -11.27 -4.13 13.10
CA SER E 117 -10.09 -4.20 13.96
C SER E 117 -10.13 -3.08 15.00
N TYR E 118 -9.79 -3.42 16.25
CA TYR E 118 -9.81 -2.44 17.33
C TYR E 118 -9.06 -1.17 16.94
N GLY E 119 -7.73 -1.21 16.98
CA GLY E 119 -6.94 -0.03 16.65
C GLY E 119 -5.44 -0.31 16.73
N GLN E 120 -4.90 -0.98 15.73
CA GLN E 120 -3.47 -1.30 15.72
C GLN E 120 -2.64 -0.05 16.00
N GLN E 121 -1.33 -0.24 16.15
CA GLN E 121 -0.44 0.88 16.42
C GLN E 121 0.96 0.62 15.84
N SER E 122 1.73 1.69 15.65
CA SER E 122 3.09 1.57 15.09
C SER E 122 4.07 2.32 15.97
N SER E 123 5.02 1.58 16.55
CA SER E 123 6.03 2.17 17.41
C SER E 123 5.38 2.94 18.56
N TYR E 124 4.52 2.24 19.31
CA TYR E 124 3.84 2.85 20.44
C TYR E 124 4.82 3.61 21.32
N SER F 64 -20.08 -6.24 -19.04
CA SER F 64 -19.41 -4.92 -18.93
C SER F 64 -18.33 -4.82 -20.01
N TYR F 65 -18.38 -3.74 -20.78
CA TYR F 65 -17.40 -3.52 -21.85
C TYR F 65 -16.01 -3.33 -21.27
N SER F 66 -15.00 -3.39 -22.14
CA SER F 66 -13.61 -3.23 -21.70
C SER F 66 -13.42 -1.89 -20.98
N GLY F 67 -13.54 -1.93 -19.65
CA GLY F 67 -13.36 -0.71 -18.85
C GLY F 67 -11.89 -0.35 -18.71
N TYR F 68 -11.63 0.83 -18.15
CA TYR F 68 -10.26 1.29 -17.97
C TYR F 68 -10.08 1.89 -16.57
N SER F 69 -9.03 1.45 -15.88
CA SER F 69 -8.75 1.95 -14.54
C SER F 69 -7.26 2.20 -14.36
N GLN F 70 -6.93 3.29 -13.67
CA GLN F 70 -5.52 3.63 -13.44
C GLN F 70 -5.07 3.10 -12.09
N SER F 71 -3.78 3.27 -11.80
CA SER F 71 -3.22 2.80 -10.54
C SER F 71 -3.78 3.59 -9.36
N THR F 72 -4.13 2.87 -8.29
CA THR F 72 -4.67 3.52 -7.11
C THR F 72 -3.82 3.18 -5.88
N ASP F 73 -3.55 4.18 -5.05
CA ASP F 73 -2.74 3.97 -3.86
C ASP F 73 -3.42 4.60 -2.63
N THR F 74 -2.99 4.20 -1.43
CA THR F 74 -3.59 4.73 -0.22
C THR F 74 -2.54 5.30 0.73
N SER F 75 -1.51 4.50 1.03
CA SER F 75 -0.46 4.94 1.95
C SER F 75 0.93 4.58 1.42
N GLY F 76 1.94 5.29 1.89
CA GLY F 76 3.31 5.02 1.49
C GLY F 76 3.59 5.53 0.08
N TYR F 77 3.74 6.84 -0.06
CA TYR F 77 4.04 7.46 -1.36
C TYR F 77 3.27 6.78 -2.48
N GLY F 78 2.02 7.18 -2.66
CA GLY F 78 1.18 6.60 -3.71
C GLY F 78 1.77 6.89 -5.08
N GLN F 79 2.63 5.99 -5.55
CA GLN F 79 3.26 6.15 -6.85
C GLN F 79 4.17 7.38 -6.87
N SER F 80 5.39 7.20 -6.37
CA SER F 80 6.34 8.31 -6.33
C SER F 80 7.69 7.91 -6.92
N SER F 81 8.17 8.70 -7.86
CA SER F 81 9.46 8.41 -8.49
C SER F 81 10.54 9.31 -7.91
N TYR F 82 11.75 8.78 -7.81
CA TYR F 82 12.87 9.55 -7.28
C TYR F 82 13.98 9.66 -8.31
N SER F 83 14.34 10.89 -8.67
CA SER F 83 15.40 11.11 -9.64
C SER F 83 16.08 12.46 -9.40
N SER F 84 16.03 12.93 -8.15
CA SER F 84 16.63 14.21 -7.81
C SER F 84 18.13 14.18 -8.09
N TYR F 85 18.63 15.22 -8.74
CA TYR F 85 20.05 15.30 -9.06
C TYR F 85 20.84 15.79 -7.85
N GLY F 86 20.19 16.56 -7.00
CA GLY F 86 20.83 17.10 -5.80
C GLY F 86 21.07 15.99 -4.78
N GLN F 87 21.98 16.25 -3.84
CA GLN F 87 22.29 15.29 -2.80
C GLN F 87 21.73 15.73 -1.46
N SER F 88 22.06 14.99 -0.40
CA SER F 88 21.59 15.32 0.94
C SER F 88 20.07 15.37 0.97
N GLN F 89 19.44 14.43 0.28
CA GLN F 89 17.98 14.37 0.24
C GLN F 89 17.46 13.29 1.17
N ASN F 90 17.02 13.69 2.36
CA ASN F 90 16.51 12.74 3.34
C ASN F 90 15.02 12.97 3.58
N THR F 91 14.22 11.95 3.33
CA THR F 91 12.77 12.06 3.53
C THR F 91 12.32 11.14 4.66
N GLY F 92 11.67 11.74 5.66
CA GLY F 92 11.18 10.96 6.81
C GLY F 92 9.68 10.71 6.69
N TYR F 93 9.28 9.46 6.86
CA TYR F 93 7.86 9.10 6.77
C TYR F 93 7.23 9.10 8.16
N GLY F 94 7.93 8.52 9.13
CA GLY F 94 7.42 8.46 10.50
C GLY F 94 6.59 7.20 10.72
N THR F 95 5.45 7.35 11.38
CA THR F 95 4.58 6.22 11.65
C THR F 95 3.20 6.45 11.06
N GLN F 96 2.60 5.39 10.52
CA GLN F 96 1.28 5.50 9.91
C GLN F 96 0.48 4.23 10.17
N SER F 97 -0.83 4.32 9.97
CA SER F 97 -1.70 3.16 10.16
C SER F 97 -2.71 3.06 9.02
N THR F 98 -2.68 1.93 8.32
CA THR F 98 -3.58 1.70 7.20
C THR F 98 -5.01 1.43 7.73
N PRO F 99 -6.00 1.49 6.87
CA PRO F 99 -7.43 1.33 7.26
C PRO F 99 -7.95 -0.09 7.21
N GLN F 100 -8.10 -0.70 8.38
CA GLN F 100 -8.59 -2.07 8.47
C GLN F 100 -9.91 -2.23 7.73
N GLY F 101 -9.87 -2.99 6.64
CA GLY F 101 -11.07 -3.23 5.85
C GLY F 101 -11.08 -2.40 4.58
N TYR F 102 -10.74 -3.04 3.46
CA TYR F 102 -10.73 -2.37 2.17
C TYR F 102 -9.63 -1.32 2.11
N GLY F 103 -8.38 -1.76 2.10
CA GLY F 103 -7.24 -0.84 2.04
C GLY F 103 -7.35 0.06 0.82
N SER F 104 -6.63 -0.29 -0.24
CA SER F 104 -6.67 0.49 -1.47
C SER F 104 -7.61 -0.13 -2.48
N THR F 105 -8.63 0.61 -2.89
CA THR F 105 -9.60 0.09 -3.85
C THR F 105 -9.10 0.26 -5.28
N GLY F 106 -9.04 -0.84 -6.01
CA GLY F 106 -8.59 -0.81 -7.39
C GLY F 106 -9.36 -1.82 -8.23
N GLY F 107 -10.34 -1.33 -8.98
CA GLY F 107 -11.14 -2.20 -9.83
C GLY F 107 -12.60 -1.77 -9.81
N TYR F 108 -13.02 -1.07 -10.86
CA TYR F 108 -14.40 -0.60 -10.96
C TYR F 108 -15.37 -1.77 -10.97
N GLY F 109 -16.62 -1.50 -11.34
CA GLY F 109 -17.64 -2.54 -11.38
C GLY F 109 -18.40 -2.62 -10.07
N SER F 110 -17.65 -2.64 -8.96
CA SER F 110 -18.25 -2.71 -7.63
C SER F 110 -17.17 -2.93 -6.57
N SER F 111 -17.21 -2.14 -5.52
CA SER F 111 -16.23 -2.26 -4.44
C SER F 111 -16.86 -2.88 -3.20
N GLN F 112 -17.82 -2.17 -2.60
CA GLN F 112 -18.50 -2.67 -1.40
C GLN F 112 -17.52 -2.78 -0.25
N SER F 113 -17.62 -1.84 0.69
CA SER F 113 -16.73 -1.85 1.86
C SER F 113 -17.53 -1.78 3.15
N SER F 114 -17.34 -2.78 4.01
CA SER F 114 -18.04 -2.82 5.29
C SER F 114 -17.09 -3.21 6.42
N GLN F 115 -16.89 -2.30 7.38
CA GLN F 115 -15.99 -2.57 8.49
C GLN F 115 -16.01 -1.42 9.50
N SER F 116 -15.09 -1.47 10.47
CA SER F 116 -15.02 -0.43 11.48
C SER F 116 -13.76 -0.59 12.34
N SER F 117 -13.39 0.45 13.08
CA SER F 117 -12.22 0.40 13.94
C SER F 117 -12.26 1.51 14.97
N TYR F 118 -11.93 1.18 16.22
CA TYR F 118 -11.95 2.16 17.30
C TYR F 118 -11.19 3.42 16.89
N GLY F 119 -9.86 3.38 16.96
CA GLY F 119 -9.07 4.55 16.60
C GLY F 119 -7.57 4.27 16.72
N GLN F 120 -7.02 3.59 15.72
CA GLN F 120 -5.59 3.27 15.72
C GLN F 120 -4.75 4.51 16.00
N GLN F 121 -3.46 4.32 16.16
CA GLN F 121 -2.56 5.43 16.43
C GLN F 121 -1.16 5.17 15.86
N SER F 122 -0.39 6.24 15.67
CA SER F 122 0.96 6.10 15.13
C SER F 122 1.96 6.85 16.01
N SER F 123 2.90 6.11 16.59
CA SER F 123 3.91 6.70 17.46
C SER F 123 3.25 7.47 18.60
N TYR F 124 2.40 6.78 19.35
CA TYR F 124 1.70 7.40 20.47
C TYR F 124 2.69 8.16 21.36
N SER G 64 -22.01 -1.76 -19.12
CA SER G 64 -21.32 -0.43 -19.02
C SER G 64 -20.24 -0.34 -20.09
N TYR G 65 -20.28 0.74 -20.87
CA TYR G 65 -19.30 0.94 -21.92
C TYR G 65 -17.91 1.13 -21.34
N SER G 66 -16.90 1.07 -22.20
CA SER G 66 -15.50 1.23 -21.76
C SER G 66 -15.32 2.56 -21.04
N GLY G 67 -15.43 2.53 -19.71
CA GLY G 67 -15.26 3.74 -18.91
C GLY G 67 -13.79 4.11 -18.78
N TYR G 68 -13.52 5.27 -18.21
CA TYR G 68 -12.15 5.74 -18.02
C TYR G 68 -11.98 6.34 -16.63
N SER G 69 -10.93 5.90 -15.93
CA SER G 69 -10.67 6.41 -14.58
C SER G 69 -9.17 6.65 -14.39
N GLN G 70 -8.84 7.75 -13.72
CA GLN G 70 -7.44 8.08 -13.47
C GLN G 70 -6.99 7.55 -12.12
N SER G 71 -5.71 7.71 -11.82
CA SER G 71 -5.15 7.24 -10.55
C SER G 71 -5.72 8.04 -9.38
N THR G 72 -6.08 7.33 -8.32
CA THR G 72 -6.62 7.99 -7.13
C THR G 72 -5.79 7.66 -5.90
N ASP G 73 -5.51 8.66 -5.08
CA ASP G 73 -4.72 8.46 -3.87
C ASP G 73 -5.40 9.08 -2.66
N THR G 74 -4.98 8.69 -1.46
CA THR G 74 -5.58 9.23 -0.24
C THR G 74 -4.53 9.78 0.71
N SER G 75 -3.51 8.99 1.02
CA SER G 75 -2.46 9.43 1.94
C SER G 75 -1.07 9.06 1.43
N GLY G 76 -0.07 9.77 1.91
CA GLY G 76 1.30 9.49 1.50
C GLY G 76 1.60 10.00 0.10
N TYR G 77 1.75 11.31 -0.04
CA TYR G 77 2.07 11.91 -1.34
C TYR G 77 1.29 11.24 -2.48
N GLY G 78 0.04 11.64 -2.66
CA GLY G 78 -0.78 11.06 -3.71
C GLY G 78 -0.18 11.33 -5.09
N GLN G 79 0.68 10.43 -5.54
CA GLN G 79 1.32 10.58 -6.84
C GLN G 79 2.24 11.80 -6.85
N SER G 80 3.46 11.63 -6.35
CA SER G 80 4.40 12.73 -6.31
C SER G 80 5.75 12.32 -6.88
N SER G 81 6.25 13.10 -7.84
CA SER G 81 7.54 12.80 -8.45
C SER G 81 8.62 13.71 -7.87
N TYR G 82 9.83 13.18 -7.77
CA TYR G 82 10.94 13.95 -7.22
C TYR G 82 12.07 14.04 -8.25
N SER G 83 12.44 15.27 -8.60
CA SER G 83 13.50 15.49 -9.58
C SER G 83 14.18 16.82 -9.33
N SER G 84 14.12 17.30 -8.09
CA SER G 84 14.73 18.58 -7.75
C SER G 84 16.24 18.54 -8.02
N TYR G 85 16.74 19.57 -8.67
CA TYR G 85 18.16 19.65 -8.99
C TYR G 85 18.95 20.14 -7.77
N GLY G 86 18.30 20.92 -6.92
CA GLY G 86 18.94 21.45 -5.73
C GLY G 86 19.16 20.35 -4.69
N GLN G 87 20.07 20.61 -3.75
CA GLN G 87 20.37 19.64 -2.71
C GLN G 87 19.81 20.11 -1.36
N SER G 88 20.12 19.37 -0.30
CA SER G 88 19.64 19.70 1.02
C SER G 88 18.12 19.75 1.05
N GLN G 89 17.49 18.82 0.35
CA GLN G 89 16.03 18.77 0.31
C GLN G 89 15.50 17.69 1.24
N ASN G 90 15.06 18.11 2.43
CA ASN G 90 14.53 17.16 3.41
C ASN G 90 13.04 17.40 3.64
N THR G 91 12.24 16.38 3.39
CA THR G 91 10.80 16.50 3.58
C THR G 91 10.33 15.59 4.71
N GLY G 92 9.68 16.18 5.71
CA GLY G 92 9.17 15.42 6.84
C GLY G 92 7.67 15.18 6.71
N TYR G 93 7.26 13.93 6.89
CA TYR G 93 5.85 13.57 6.81
C TYR G 93 5.20 13.59 8.19
N GLY G 94 5.89 13.00 9.16
CA GLY G 94 5.37 12.95 10.52
C GLY G 94 4.53 11.70 10.75
N THR G 95 3.40 11.86 11.40
CA THR G 95 2.52 10.73 11.67
C THR G 95 1.14 10.97 11.06
N GLN G 96 0.55 9.90 10.53
CA GLN G 96 -0.76 10.02 9.91
C GLN G 96 -1.58 8.75 10.17
N SER G 97 -2.88 8.84 9.95
CA SER G 97 -3.76 7.70 10.16
C SER G 97 -4.76 7.59 9.01
N THR G 98 -4.73 6.46 8.31
CA THR G 98 -5.64 6.23 7.19
C THR G 98 -7.07 5.97 7.70
N PRO G 99 -8.05 6.03 6.84
CA PRO G 99 -9.48 5.88 7.22
C PRO G 99 -10.01 4.46 7.17
N GLN G 100 -10.17 3.85 8.35
CA GLN G 100 -10.66 2.49 8.44
C GLN G 100 -11.98 2.33 7.69
N GLY G 101 -11.95 1.57 6.61
CA GLY G 101 -13.14 1.33 5.80
C GLY G 101 -13.14 2.16 4.53
N TYR G 102 -12.79 1.51 3.42
CA TYR G 102 -12.77 2.17 2.13
C TYR G 102 -11.66 3.23 2.08
N GLY G 103 -10.41 2.76 2.07
CA GLY G 103 -9.28 3.67 2.02
C GLY G 103 -9.37 4.58 0.80
N SER G 104 -8.65 4.22 -0.27
CA SER G 104 -8.67 5.01 -1.49
C SER G 104 -9.61 4.37 -2.51
N THR G 105 -10.62 5.12 -2.93
CA THR G 105 -11.59 4.61 -3.89
C THR G 105 -11.08 4.76 -5.32
N GLY G 106 -11.02 3.65 -6.05
CA GLY G 106 -10.57 3.68 -7.43
C GLY G 106 -11.33 2.68 -8.27
N GLY G 107 -12.30 3.17 -9.03
CA GLY G 107 -13.11 2.29 -9.87
C GLY G 107 -14.57 2.72 -9.87
N TYR G 108 -14.98 3.43 -10.92
CA TYR G 108 -16.35 3.90 -11.04
C TYR G 108 -17.33 2.74 -11.04
N GLY G 109 -18.58 3.01 -11.42
CA GLY G 109 -19.60 1.97 -11.47
C GLY G 109 -20.36 1.91 -10.16
N SER G 110 -19.62 1.89 -9.05
CA SER G 110 -20.24 1.82 -7.71
C SER G 110 -19.16 1.60 -6.65
N SER G 111 -19.20 2.40 -5.60
CA SER G 111 -18.23 2.27 -4.52
C SER G 111 -18.88 1.66 -3.28
N GLN G 112 -19.83 2.38 -2.69
CA GLN G 112 -20.52 1.89 -1.50
C GLN G 112 -19.56 1.79 -0.32
N SER G 113 -19.64 2.73 0.61
CA SER G 113 -18.76 2.72 1.78
C SER G 113 -19.58 2.80 3.07
N SER G 114 -19.39 1.80 3.94
CA SER G 114 -20.11 1.77 5.21
C SER G 114 -19.15 1.39 6.34
N GLN G 115 -18.96 2.30 7.29
CA GLN G 115 -18.06 2.03 8.41
C GLN G 115 -18.09 3.18 9.42
N SER G 116 -17.19 3.13 10.39
CA SER G 116 -17.11 4.18 11.41
C SER G 116 -15.86 4.00 12.27
N SER G 117 -15.50 5.06 13.00
CA SER G 117 -14.33 5.00 13.86
C SER G 117 -14.35 6.12 14.90
N TYR G 118 -14.05 5.78 16.15
CA TYR G 118 -14.06 6.77 17.22
C TYR G 118 -13.30 8.03 16.82
N GLY G 119 -11.97 7.98 16.91
CA GLY G 119 -11.17 9.15 16.55
C GLY G 119 -9.67 8.86 16.68
N GLN G 120 -9.12 8.18 15.68
CA GLN G 120 -7.69 7.84 15.68
C GLN G 120 -6.84 9.08 15.97
N GLN G 121 -5.55 8.88 16.13
CA GLN G 121 -4.64 10.00 16.41
C GLN G 121 -3.25 9.72 15.85
N SER G 122 -2.47 10.78 15.66
CA SER G 122 -1.12 10.64 15.13
C SER G 122 -0.13 11.38 16.01
N SER G 123 0.81 10.64 16.60
CA SER G 123 1.82 11.24 17.47
C SER G 123 1.15 12.01 18.61
N TYR G 124 0.29 11.33 19.35
CA TYR G 124 -0.41 11.97 20.47
C TYR G 124 0.58 12.72 21.36
N SER H 64 -23.92 2.76 -19.24
CA SER H 64 -23.23 4.07 -19.14
C SER H 64 -22.14 4.16 -20.20
N TYR H 65 -22.16 5.23 -20.98
CA TYR H 65 -21.17 5.42 -22.04
C TYR H 65 -19.78 5.61 -21.44
N SER H 66 -18.76 5.53 -22.29
CA SER H 66 -17.38 5.69 -21.85
C SER H 66 -17.19 7.03 -21.13
N GLY H 67 -17.32 7.00 -19.81
CA GLY H 67 -17.14 8.23 -19.01
C GLY H 67 -15.67 8.57 -18.86
N TYR H 68 -15.41 9.75 -18.29
CA TYR H 68 -14.03 10.20 -18.10
C TYR H 68 -13.86 10.80 -16.71
N SER H 69 -12.82 10.37 -16.00
CA SER H 69 -12.56 10.88 -14.66
C SER H 69 -11.07 11.12 -14.46
N GLN H 70 -10.73 12.21 -13.79
CA GLN H 70 -9.33 12.54 -13.54
C GLN H 70 -8.90 12.01 -12.17
N SER H 71 -7.61 12.17 -11.88
CA SER H 71 -7.07 11.70 -10.61
C SER H 71 -7.64 12.51 -9.44
N THR H 72 -8.00 11.81 -8.36
CA THR H 72 -8.55 12.47 -7.19
C THR H 72 -7.73 12.14 -5.95
N ASP H 73 -7.46 13.15 -5.13
CA ASP H 73 -6.66 12.94 -3.92
C ASP H 73 -7.35 13.57 -2.72
N THR H 74 -6.95 13.18 -1.51
CA THR H 74 -7.55 13.74 -0.31
C THR H 74 -6.50 14.30 0.65
N SER H 75 -5.49 13.49 0.98
CA SER H 75 -4.45 13.93 1.90
C SER H 75 -3.06 13.55 1.40
N GLY H 76 -2.05 14.26 1.87
CA GLY H 76 -0.68 13.97 1.49
C GLY H 76 -0.36 14.47 0.09
N TYR H 77 -0.21 15.78 -0.06
CA TYR H 77 0.11 16.38 -1.36
C TYR H 77 -0.65 15.71 -2.50
N GLY H 78 -1.90 16.12 -2.70
CA GLY H 78 -2.72 15.53 -3.75
C GLY H 78 -2.11 15.80 -5.12
N GLN H 79 -1.25 14.88 -5.56
CA GLN H 79 -0.60 15.03 -6.87
C GLN H 79 0.32 16.25 -6.88
N SER H 80 1.53 16.07 -6.37
CA SER H 80 2.49 17.17 -6.32
C SER H 80 3.84 16.75 -6.88
N SER H 81 4.34 17.53 -7.83
CA SER H 81 5.63 17.22 -8.44
C SER H 81 6.72 18.12 -7.86
N TYR H 82 7.93 17.58 -7.74
CA TYR H 82 9.04 18.34 -7.19
C TYR H 82 10.17 18.43 -8.21
N SER H 83 10.54 19.65 -8.58
CA SER H 83 11.61 19.86 -9.54
C SER H 83 12.30 21.20 -9.30
N SER H 84 12.24 21.68 -8.07
CA SER H 84 12.86 22.95 -7.72
C SER H 84 14.36 22.90 -7.97
N TYR H 85 14.87 23.94 -8.63
CA TYR H 85 16.30 24.00 -8.93
C TYR H 85 17.08 24.50 -7.72
N GLY H 86 16.42 25.29 -6.87
CA GLY H 86 17.06 25.82 -5.69
C GLY H 86 17.27 24.73 -4.64
N GLN H 87 18.17 24.99 -3.69
CA GLN H 87 18.47 24.03 -2.65
C GLN H 87 17.88 24.48 -1.31
N SER H 88 18.20 23.75 -0.25
CA SER H 88 17.71 24.09 1.08
C SER H 88 16.19 24.16 1.10
N GLN H 89 15.56 23.22 0.39
CA GLN H 89 14.10 23.18 0.35
C GLN H 89 13.57 22.11 1.28
N ASN H 90 13.11 22.53 2.47
CA ASN H 90 12.58 21.59 3.44
C ASN H 90 11.09 21.84 3.66
N THR H 91 10.28 20.81 3.42
CA THR H 91 8.83 20.94 3.59
C THR H 91 8.35 20.04 4.73
N GLY H 92 7.70 20.64 5.71
CA GLY H 92 7.18 19.89 6.85
C GLY H 92 5.69 19.65 6.72
N TYR H 93 5.27 18.40 6.90
CA TYR H 93 3.86 18.06 6.80
C TYR H 93 3.20 18.08 8.17
N GLY H 94 3.87 17.49 9.16
CA GLY H 94 3.35 17.45 10.52
C GLY H 94 2.51 16.20 10.74
N THR H 95 1.37 16.38 11.39
CA THR H 95 0.48 15.24 11.66
C THR H 95 -0.89 15.48 11.03
N GLN H 96 -1.48 14.43 10.50
CA GLN H 96 -2.79 14.54 9.88
C GLN H 96 -3.62 13.29 10.13
N SER H 97 -4.93 13.38 9.91
CA SER H 97 -5.81 12.25 10.11
C SER H 97 -6.79 12.14 8.96
N THR H 98 -6.77 11.00 8.27
CA THR H 98 -7.67 10.77 7.13
C THR H 98 -9.10 10.52 7.65
N PRO H 99 -10.08 10.59 6.78
CA PRO H 99 -11.52 10.44 7.15
C PRO H 99 -12.05 9.02 7.11
N GLN H 100 -12.22 8.42 8.28
CA GLN H 100 -12.72 7.06 8.37
C GLN H 100 -14.04 6.91 7.62
N GLY H 101 -14.00 6.13 6.54
CA GLY H 101 -15.18 5.90 5.74
C GLY H 101 -15.18 6.72 4.45
N TYR H 102 -14.82 6.05 3.36
CA TYR H 102 -14.78 6.71 2.05
C TYR H 102 -13.68 7.77 2.00
N GLY H 103 -12.43 7.30 2.01
CA GLY H 103 -11.28 8.22 1.96
C GLY H 103 -11.37 9.11 0.72
N SER H 104 -10.65 8.74 -0.33
CA SER H 104 -10.65 9.52 -1.56
C SER H 104 -11.60 8.89 -2.57
N THR H 105 -12.60 9.64 -3.00
CA THR H 105 -13.56 9.12 -3.97
C THR H 105 -13.04 9.28 -5.39
N GLY H 106 -12.98 8.17 -6.12
CA GLY H 106 -12.51 8.19 -7.49
C GLY H 106 -13.28 7.18 -8.34
N GLY H 107 -14.24 7.67 -9.11
CA GLY H 107 -15.06 6.79 -9.95
C GLY H 107 -16.51 7.24 -9.96
N TYR H 108 -16.91 7.94 -11.02
CA TYR H 108 -18.28 8.42 -11.14
C TYR H 108 -19.26 7.25 -11.14
N GLY H 109 -20.50 7.53 -11.54
CA GLY H 109 -21.53 6.50 -11.59
C GLY H 109 -22.31 6.44 -10.28
N SER H 110 -21.58 6.43 -9.16
CA SER H 110 -22.19 6.37 -7.84
C SER H 110 -21.13 6.15 -6.77
N SER H 111 -21.18 6.96 -5.71
CA SER H 111 -20.20 6.83 -4.63
C SER H 111 -20.87 6.23 -3.39
N GLN H 112 -21.82 6.95 -2.81
CA GLN H 112 -22.52 6.47 -1.62
C GLN H 112 -21.55 6.35 -0.43
N SER H 113 -21.65 7.30 0.49
CA SER H 113 -20.78 7.30 1.66
C SER H 113 -21.60 7.39 2.94
N SER H 114 -21.42 6.40 3.82
CA SER H 114 -22.15 6.37 5.09
C SER H 114 -21.21 5.99 6.23
N GLN H 115 -21.01 6.90 7.18
CA GLN H 115 -20.12 6.63 8.31
C GLN H 115 -20.15 7.78 9.31
N SER H 116 -19.25 7.73 10.29
CA SER H 116 -19.18 8.79 11.30
C SER H 116 -17.93 8.61 12.17
N SER H 117 -17.57 9.67 12.90
CA SER H 117 -16.40 9.60 13.77
C SER H 117 -16.44 10.73 14.80
N TYR H 118 -16.14 10.39 16.06
CA TYR H 118 -16.15 11.39 17.13
C TYR H 118 -15.38 12.65 16.73
N GLY H 119 -14.06 12.59 16.81
CA GLY H 119 -13.24 13.75 16.45
C GLY H 119 -11.75 13.45 16.59
N GLN H 120 -11.19 12.76 15.60
CA GLN H 120 -9.77 12.42 15.61
C GLN H 120 -8.92 13.66 15.90
N GLN H 121 -7.62 13.46 16.08
CA GLN H 121 -6.72 14.57 16.35
C GLN H 121 -5.32 14.29 15.80
N SER H 122 -4.53 15.34 15.61
CA SER H 122 -3.18 15.20 15.09
C SER H 122 -2.18 15.94 15.98
N SER H 123 -1.26 15.19 16.57
CA SER H 123 -0.26 15.79 17.45
C SER H 123 -0.91 16.57 18.58
N TYR H 124 -1.79 15.90 19.32
CA TYR H 124 -2.49 16.54 20.43
C TYR H 124 -1.51 17.29 21.33
N SER I 64 -25.80 7.27 -19.38
CA SER I 64 -25.10 8.59 -19.29
C SER I 64 -24.01 8.67 -20.34
N TYR I 65 -24.02 9.73 -21.12
CA TYR I 65 -23.03 9.92 -22.18
C TYR I 65 -21.64 10.10 -21.57
N SER I 66 -20.61 10.02 -22.42
CA SER I 66 -19.23 10.17 -21.97
C SER I 66 -19.04 11.50 -21.26
N GLY I 67 -19.17 11.49 -19.92
CA GLY I 67 -19.00 12.70 -19.14
C GLY I 67 -17.53 13.05 -18.98
N TYR I 68 -17.26 14.23 -18.42
CA TYR I 68 -15.88 14.67 -18.22
C TYR I 68 -15.72 15.28 -16.83
N SER I 69 -14.69 14.85 -16.11
CA SER I 69 -14.43 15.36 -14.77
C SER I 69 -12.94 15.59 -14.56
N GLN I 70 -12.61 16.69 -13.89
CA GLN I 70 -11.21 17.01 -13.63
C GLN I 70 -10.78 16.50 -12.27
N SER I 71 -9.49 16.64 -11.96
CA SER I 71 -8.96 16.18 -10.69
C SER I 71 -9.53 16.99 -9.53
N THR I 72 -9.91 16.30 -8.46
CA THR I 72 -10.47 16.96 -7.28
C THR I 72 -9.64 16.62 -6.04
N ASP I 73 -9.38 17.64 -5.22
CA ASP I 73 -8.60 17.45 -4.00
C ASP I 73 -9.29 18.09 -2.80
N THR I 74 -8.90 17.69 -1.60
CA THR I 74 -9.49 18.26 -0.39
C THR I 74 -8.44 18.80 0.57
N SER I 75 -7.45 17.99 0.90
CA SER I 75 -6.40 18.44 1.83
C SER I 75 -5.02 18.05 1.33
N GLY I 76 -4.00 18.76 1.82
CA GLY I 76 -2.64 18.47 1.44
C GLY I 76 -2.32 18.95 0.04
N TYR I 77 -2.15 20.26 -0.11
CA TYR I 77 -1.82 20.85 -1.41
C TYR I 77 -2.58 20.17 -2.55
N GLY I 78 -3.83 20.59 -2.76
CA GLY I 78 -4.65 20.02 -3.81
C GLY I 78 -4.03 20.27 -5.18
N GLN I 79 -3.16 19.36 -5.62
CA GLN I 79 -2.51 19.50 -6.92
C GLN I 79 -1.59 20.71 -6.92
N SER I 80 -0.37 20.54 -6.42
CA SER I 80 0.58 21.63 -6.36
C SER I 80 1.95 21.19 -6.92
N SER I 81 2.46 21.96 -7.87
CA SER I 81 3.74 21.65 -8.46
C SER I 81 4.83 22.55 -7.88
N TYR I 82 6.03 22.00 -7.75
CA TYR I 82 7.16 22.76 -7.20
C TYR I 82 8.30 22.84 -8.21
N SER I 83 8.67 24.06 -8.57
CA SER I 83 9.75 24.25 -9.54
C SER I 83 10.44 25.59 -9.30
N SER I 84 10.37 26.08 -8.07
CA SER I 84 10.99 27.35 -7.72
C SER I 84 12.50 27.29 -7.96
N TYR I 85 13.02 28.32 -8.63
CA TYR I 85 14.45 28.38 -8.93
C TYR I 85 15.23 28.88 -7.70
N GLY I 86 14.56 29.66 -6.87
CA GLY I 86 15.20 30.21 -5.67
C GLY I 86 15.40 29.11 -4.62
N GLN I 87 16.30 29.37 -3.67
CA GLN I 87 16.58 28.41 -2.61
C GLN I 87 15.99 28.89 -1.29
N SER I 88 16.30 28.15 -0.23
CA SER I 88 15.80 28.51 1.10
C SER I 88 14.28 28.57 1.11
N GLN I 89 13.64 27.64 0.41
CA GLN I 89 12.19 27.59 0.35
C GLN I 89 11.64 26.53 1.29
N ASN I 90 11.18 26.96 2.46
CA ASN I 90 10.64 26.03 3.45
C ASN I 90 9.15 26.28 3.65
N THR I 91 8.34 25.27 3.40
CA THR I 91 6.89 25.39 3.57
C THR I 91 6.40 24.50 4.70
N GLY I 92 5.74 25.11 5.69
CA GLY I 92 5.23 24.37 6.83
C GLY I 92 3.72 24.13 6.69
N TYR I 93 3.30 22.89 6.87
CA TYR I 93 1.89 22.54 6.76
C TYR I 93 1.23 22.56 8.13
N GLY I 94 1.89 21.99 9.13
CA GLY I 94 1.35 21.96 10.48
C GLY I 94 0.50 20.72 10.70
N THR I 95 -0.64 20.89 11.34
CA THR I 95 -1.53 19.76 11.61
C THR I 95 -2.89 20.00 10.98
N GLN I 96 -3.50 18.95 10.45
CA GLN I 96 -4.80 19.08 9.82
C GLN I 96 -5.64 17.82 10.07
N SER I 97 -6.94 17.93 9.84
CA SER I 97 -7.83 16.81 10.04
C SER I 97 -8.82 16.71 8.88
N THR I 98 -8.80 15.57 8.19
CA THR I 98 -9.69 15.35 7.06
C THR I 98 -11.13 15.13 7.56
N PRO I 99 -12.10 15.18 6.68
CA PRO I 99 -13.54 15.05 7.06
C PRO I 99 -14.08 13.61 7.02
N GLN I 100 -14.25 13.01 8.19
CA GLN I 100 -14.75 11.64 8.27
C GLN I 100 -16.07 11.50 7.51
N GLY I 101 -16.02 10.72 6.44
CA GLY I 101 -17.20 10.47 5.63
C GLY I 101 -17.18 11.28 4.34
N TYR I 102 -16.84 10.61 3.25
CA TYR I 102 -16.77 11.26 1.95
C TYR I 102 -15.66 12.30 1.90
N GLY I 103 -14.41 11.84 1.91
CA GLY I 103 -13.27 12.74 1.87
C GLY I 103 -13.35 13.65 0.63
N SER I 104 -12.61 13.28 -0.41
CA SER I 104 -12.61 14.05 -1.65
C SER I 104 -13.56 13.42 -2.67
N THR I 105 -14.55 14.17 -3.11
CA THR I 105 -15.51 13.66 -4.07
C THR I 105 -14.98 13.79 -5.50
N GLY I 106 -14.93 12.68 -6.21
CA GLY I 106 -14.44 12.70 -7.59
C GLY I 106 -15.21 11.69 -8.44
N GLY I 107 -16.17 12.18 -9.21
CA GLY I 107 -16.97 11.31 -10.06
C GLY I 107 -18.43 11.76 -10.07
N TYR I 108 -18.82 12.45 -11.14
CA TYR I 108 -20.18 12.93 -11.27
C TYR I 108 -21.17 11.76 -11.28
N GLY I 109 -22.40 12.05 -11.68
CA GLY I 109 -23.44 11.03 -11.73
C GLY I 109 -24.23 10.98 -10.43
N SER I 110 -23.50 10.97 -9.31
CA SER I 110 -24.13 10.92 -7.99
C SER I 110 -23.07 10.70 -6.91
N SER I 111 -23.12 11.52 -5.86
CA SER I 111 -22.16 11.39 -4.76
C SER I 111 -22.83 10.79 -3.54
N GLN I 112 -23.79 11.53 -2.96
CA GLN I 112 -24.49 11.06 -1.78
C GLN I 112 -23.54 10.95 -0.58
N SER I 113 -23.64 11.90 0.34
CA SER I 113 -22.78 11.89 1.51
C SER I 113 -23.59 11.99 2.80
N SER I 114 -23.44 11.00 3.68
CA SER I 114 -24.16 10.98 4.94
C SER I 114 -23.23 10.60 6.09
N GLN I 115 -23.04 11.52 7.03
CA GLN I 115 -22.16 11.25 8.17
C GLN I 115 -22.18 12.41 9.16
N SER I 116 -21.29 12.36 10.15
CA SER I 116 -21.22 13.42 11.16
C SER I 116 -19.98 13.24 12.03
N SER I 117 -19.62 14.29 12.76
CA SER I 117 -18.46 14.23 13.64
C SER I 117 -18.50 15.35 14.68
N TYR I 118 -18.19 15.01 15.92
CA TYR I 118 -18.21 16.00 16.99
C TYR I 118 -17.42 17.25 16.59
N GLY I 119 -16.10 17.20 16.68
CA GLY I 119 -15.29 18.35 16.33
C GLY I 119 -13.80 18.05 16.48
N GLN I 120 -13.24 17.36 15.49
CA GLN I 120 -11.82 17.02 15.52
C GLN I 120 -10.97 18.26 15.80
N GLN I 121 -9.68 18.05 15.99
CA GLN I 121 -8.76 19.16 16.27
C GLN I 121 -7.37 18.87 15.72
N SER I 122 -6.58 19.91 15.54
CA SER I 122 -5.22 19.76 15.02
C SER I 122 -4.23 20.50 15.91
N SER I 123 -3.31 19.76 16.51
CA SER I 123 -2.31 20.35 17.40
C SER I 123 -2.97 21.14 18.51
N TYR I 124 -3.85 20.48 19.26
CA TYR I 124 -4.56 21.12 20.36
C TYR I 124 -3.58 21.87 21.25
N SER A 64 -1.69 -16.35 -23.42
CA SER A 64 -1.37 -17.73 -23.86
C SER A 64 -0.96 -17.73 -25.33
N TYR A 65 -0.77 -18.92 -25.88
CA TYR A 65 -0.38 -19.04 -27.28
C TYR A 65 1.00 -18.41 -27.52
N SER A 66 1.97 -19.24 -27.86
CA SER A 66 3.33 -18.75 -28.10
C SER A 66 3.90 -18.11 -26.84
N GLY A 67 4.90 -18.77 -26.25
CA GLY A 67 5.53 -18.26 -25.05
C GLY A 67 4.64 -18.47 -23.82
N TYR A 68 5.15 -19.21 -22.85
CA TYR A 68 4.38 -19.48 -21.63
C TYR A 68 5.32 -19.61 -20.43
N SER A 69 5.05 -18.85 -19.38
CA SER A 69 5.86 -18.91 -18.17
C SER A 69 5.05 -18.50 -16.95
N GLN A 70 5.26 -19.21 -15.85
CA GLN A 70 4.53 -18.91 -14.61
C GLN A 70 5.37 -19.31 -13.40
N SER A 71 5.54 -18.38 -12.47
CA SER A 71 6.31 -18.64 -11.27
C SER A 71 5.54 -18.22 -10.02
N THR A 72 5.52 -19.09 -9.02
CA THR A 72 4.82 -18.79 -7.78
C THR A 72 5.67 -19.18 -6.57
N ASP A 73 5.95 -18.23 -5.70
CA ASP A 73 6.76 -18.50 -4.51
C ASP A 73 6.36 -17.57 -3.37
N THR A 74 6.05 -18.16 -2.21
CA THR A 74 5.64 -17.36 -1.05
C THR A 74 6.83 -16.68 -0.39
N SER A 75 7.85 -17.48 -0.05
CA SER A 75 9.03 -16.95 0.61
C SER A 75 10.31 -17.45 -0.06
N GLY A 76 11.44 -17.10 0.53
CA GLY A 76 12.73 -17.53 0.00
C GLY A 76 13.04 -16.85 -1.33
N TYR A 77 13.28 -15.54 -1.28
CA TYR A 77 13.60 -14.73 -2.45
C TYR A 77 12.91 -15.26 -3.72
N GLY A 78 11.60 -15.08 -3.80
CA GLY A 78 10.84 -15.55 -4.95
C GLY A 78 11.25 -14.80 -6.21
N GLN A 79 12.15 -15.39 -6.99
CA GLN A 79 12.62 -14.77 -8.23
C GLN A 79 13.44 -13.52 -7.91
N SER A 80 14.73 -13.71 -7.68
CA SER A 80 15.61 -12.58 -7.38
C SER A 80 17.07 -12.96 -7.59
N SER A 81 17.85 -11.99 -8.06
CA SER A 81 19.26 -12.23 -8.32
C SER A 81 20.06 -10.94 -8.14
N TYR A 82 21.38 -11.08 -8.04
CA TYR A 82 22.24 -9.91 -7.85
C TYR A 82 21.79 -9.10 -6.65
N SER A 83 21.45 -9.78 -5.57
CA SER A 83 21.01 -9.11 -4.35
C SER A 83 22.09 -8.18 -3.84
N SER A 84 23.34 -8.64 -3.88
CA SER A 84 24.45 -7.83 -3.41
C SER A 84 24.16 -7.27 -2.01
N TYR A 85 23.98 -8.17 -1.05
CA TYR A 85 23.70 -7.76 0.32
C TYR A 85 24.83 -6.90 0.87
N GLY A 86 26.07 -7.27 0.56
CA GLY A 86 27.22 -6.53 1.03
C GLY A 86 28.52 -7.22 0.65
N GLN A 87 29.55 -7.03 1.47
CA GLN A 87 30.84 -7.64 1.21
C GLN A 87 31.67 -7.73 2.49
N SER A 88 30.99 -7.81 3.63
CA SER A 88 31.67 -7.90 4.91
C SER A 88 30.79 -8.59 5.95
N GLN A 89 29.72 -7.92 6.35
CA GLN A 89 28.81 -8.48 7.35
C GLN A 89 27.36 -8.33 6.87
N ASN A 90 26.77 -9.43 6.43
CA ASN A 90 25.40 -9.41 5.95
C ASN A 90 24.60 -10.60 6.50
N THR A 91 23.28 -10.43 6.60
CA THR A 91 22.42 -11.48 7.11
C THR A 91 21.20 -11.65 6.22
N GLY A 92 20.88 -12.91 5.89
CA GLY A 92 19.73 -13.22 5.06
C GLY A 92 18.44 -12.73 5.71
N TYR A 93 17.32 -13.28 5.26
CA TYR A 93 16.01 -12.90 5.79
C TYR A 93 16.04 -12.85 7.32
N GLY A 94 16.51 -13.93 7.94
CA GLY A 94 16.58 -14.00 9.39
C GLY A 94 15.68 -15.10 9.94
N THR A 95 14.74 -14.72 10.78
CA THR A 95 13.81 -15.67 11.38
C THR A 95 12.38 -15.15 11.33
N GLN A 96 11.49 -15.93 10.75
CA GLN A 96 10.09 -15.53 10.64
C GLN A 96 9.18 -16.74 10.63
N SER A 97 7.88 -16.48 10.54
CA SER A 97 6.89 -17.55 10.51
C SER A 97 6.13 -17.52 9.19
N THR A 98 6.40 -18.52 8.35
CA THR A 98 5.76 -18.61 7.04
C THR A 98 4.43 -19.35 7.15
N PRO A 99 3.65 -19.40 6.08
CA PRO A 99 2.33 -20.09 6.07
C PRO A 99 2.34 -21.45 6.74
N GLN A 100 1.15 -22.01 6.88
CA GLN A 100 0.99 -23.32 7.49
C GLN A 100 0.75 -24.33 6.39
N GLY A 101 0.20 -25.50 6.73
CA GLY A 101 -0.07 -26.53 5.73
C GLY A 101 -0.79 -25.96 4.51
N TYR A 102 -0.02 -25.58 3.49
CA TYR A 102 -0.59 -25.00 2.29
C TYR A 102 0.50 -24.68 1.28
N GLY A 103 1.61 -24.14 1.76
CA GLY A 103 2.73 -23.80 0.89
C GLY A 103 2.25 -22.93 -0.27
N SER A 104 3.05 -22.89 -1.33
CA SER A 104 2.70 -22.10 -2.49
C SER A 104 2.03 -22.95 -3.57
N THR A 105 0.71 -23.05 -3.52
CA THR A 105 -0.02 -23.83 -4.51
C THR A 105 0.15 -23.20 -5.88
N GLY A 106 0.74 -23.97 -6.80
CA GLY A 106 0.96 -23.48 -8.15
C GLY A 106 0.17 -24.30 -9.17
N GLY A 107 -1.05 -23.86 -9.45
CA GLY A 107 -1.91 -24.56 -10.42
C GLY A 107 -3.34 -24.06 -10.33
N TYR A 108 -3.91 -23.72 -11.47
CA TYR A 108 -5.29 -23.23 -11.53
C TYR A 108 -6.27 -24.38 -11.71
N GLY A 109 -6.19 -25.38 -10.84
CA GLY A 109 -7.06 -26.54 -10.92
C GLY A 109 -7.90 -26.67 -9.65
N SER A 110 -7.25 -27.04 -8.56
CA SER A 110 -7.94 -27.20 -7.29
C SER A 110 -6.95 -27.11 -6.12
N SER A 111 -6.99 -26.01 -5.40
CA SER A 111 -6.10 -25.81 -4.28
C SER A 111 -6.89 -25.32 -3.06
N GLN A 112 -7.45 -26.26 -2.30
CA GLN A 112 -8.22 -25.90 -1.11
C GLN A 112 -7.86 -26.82 0.05
N SER A 113 -7.83 -26.26 1.26
CA SER A 113 -7.49 -27.05 2.44
C SER A 113 -7.90 -26.33 3.73
N SER A 114 -7.55 -26.92 4.86
CA SER A 114 -7.88 -26.35 6.16
C SER A 114 -6.75 -26.66 7.15
N GLN A 115 -6.39 -25.67 7.98
CA GLN A 115 -5.31 -25.88 8.95
C GLN A 115 -5.18 -24.68 9.88
N SER A 116 -4.11 -24.66 10.68
CA SER A 116 -3.89 -23.55 11.61
C SER A 116 -2.50 -23.64 12.24
N SER A 117 -2.10 -22.55 12.89
CA SER A 117 -0.79 -22.50 13.56
C SER A 117 -0.94 -22.05 15.00
N TYR A 118 -0.23 -22.71 15.90
CA TYR A 118 -0.30 -22.36 17.32
C TYR A 118 1.08 -22.42 17.98
N GLY A 119 1.81 -21.32 17.93
CA GLY A 119 3.15 -21.29 18.54
C GLY A 119 4.22 -20.93 17.52
N GLN A 120 4.10 -19.76 16.91
CA GLN A 120 5.07 -19.32 15.93
C GLN A 120 6.08 -18.35 16.56
N GLN A 121 7.34 -18.77 16.59
CA GLN A 121 8.39 -17.93 17.17
C GLN A 121 9.66 -17.98 16.32
N SER A 122 10.27 -16.81 16.12
CA SER A 122 11.48 -16.72 15.32
C SER A 122 12.55 -15.90 16.06
N SER A 123 13.68 -16.52 16.34
CA SER A 123 14.76 -15.85 17.04
C SER A 123 14.28 -15.34 18.40
N TYR A 124 14.22 -16.24 19.37
CA TYR A 124 13.77 -15.87 20.71
C TYR A 124 12.32 -15.43 20.69
N SER B 64 -3.56 -11.87 -23.40
CA SER B 64 -3.24 -13.25 -23.83
C SER B 64 -2.83 -13.26 -25.29
N TYR B 65 -2.63 -14.45 -25.84
CA TYR B 65 -2.23 -14.58 -27.24
C TYR B 65 -0.87 -13.95 -27.47
N SER B 66 0.12 -14.78 -27.80
CA SER B 66 1.47 -14.30 -28.05
C SER B 66 2.04 -13.66 -26.78
N GLY B 67 3.03 -14.32 -26.19
CA GLY B 67 3.68 -13.81 -24.98
C GLY B 67 2.78 -14.02 -23.77
N TYR B 68 3.27 -14.75 -22.78
CA TYR B 68 2.51 -15.02 -21.57
C TYR B 68 3.44 -15.16 -20.37
N SER B 69 3.16 -14.39 -19.32
CA SER B 69 3.98 -14.44 -18.11
C SER B 69 3.16 -14.03 -16.89
N GLN B 70 3.36 -14.73 -15.78
CA GLN B 70 2.63 -14.43 -14.56
C GLN B 70 3.46 -14.83 -13.34
N SER B 71 3.63 -13.88 -12.41
CA SER B 71 4.41 -14.15 -11.20
C SER B 71 3.63 -13.73 -9.96
N THR B 72 3.60 -14.59 -8.96
CA THR B 72 2.90 -14.29 -7.71
C THR B 72 3.75 -14.69 -6.51
N ASP B 73 4.02 -13.73 -5.64
CA ASP B 73 4.82 -13.99 -4.44
C ASP B 73 4.42 -13.06 -3.30
N THR B 74 4.11 -13.64 -2.15
CA THR B 74 3.70 -12.84 -1.00
C THR B 74 4.89 -12.17 -0.33
N SER B 75 5.90 -12.97 0.01
CA SER B 75 7.08 -12.44 0.69
C SER B 75 8.36 -12.95 0.02
N GLY B 76 9.49 -12.60 0.61
CA GLY B 76 10.78 -13.02 0.08
C GLY B 76 11.08 -12.34 -1.24
N TYR B 77 11.34 -11.04 -1.18
CA TYR B 77 11.67 -10.25 -2.37
C TYR B 77 10.99 -10.78 -3.64
N GLY B 78 9.68 -10.60 -3.73
CA GLY B 78 8.93 -11.06 -4.89
C GLY B 78 9.33 -10.31 -6.14
N GLN B 79 10.24 -10.91 -6.92
CA GLN B 79 10.71 -10.29 -8.15
C GLN B 79 11.53 -9.04 -7.83
N SER B 80 12.83 -9.23 -7.61
CA SER B 80 13.70 -8.11 -7.29
C SER B 80 15.16 -8.48 -7.51
N SER B 81 15.94 -7.53 -7.99
CA SER B 81 17.36 -7.77 -8.23
C SER B 81 18.17 -6.49 -8.06
N TYR B 82 19.48 -6.62 -7.94
CA TYR B 82 20.34 -5.46 -7.77
C TYR B 82 19.90 -4.65 -6.56
N SER B 83 19.55 -5.33 -5.48
CA SER B 83 19.10 -4.65 -4.27
C SER B 83 20.19 -3.72 -3.74
N SER B 84 21.44 -4.18 -3.79
CA SER B 84 22.55 -3.38 -3.31
C SER B 84 22.26 -2.82 -1.92
N TYR B 85 22.07 -3.72 -0.95
CA TYR B 85 21.78 -3.30 0.41
C TYR B 85 22.91 -2.45 0.97
N GLY B 86 24.15 -2.82 0.65
CA GLY B 86 25.31 -2.07 1.13
C GLY B 86 26.61 -2.77 0.76
N GLN B 87 27.63 -2.58 1.58
CA GLN B 87 28.93 -3.19 1.33
C GLN B 87 29.75 -3.29 2.62
N SER B 88 29.06 -3.36 3.74
CA SER B 88 29.74 -3.45 5.03
C SER B 88 28.86 -4.14 6.07
N GLN B 89 27.78 -3.45 6.47
CA GLN B 89 26.87 -4.01 7.46
C GLN B 89 25.42 -3.86 6.98
N ASN B 90 24.82 -4.97 6.54
CA ASN B 90 23.46 -4.93 6.06
C ASN B 90 22.66 -6.11 6.61
N THR B 91 21.34 -5.94 6.69
CA THR B 91 20.48 -7.01 7.20
C THR B 91 19.26 -7.18 6.32
N GLY B 92 18.94 -8.44 5.99
CA GLY B 92 17.79 -8.73 5.15
C GLY B 92 16.49 -8.24 5.80
N TYR B 93 15.36 -8.79 5.35
CA TYR B 93 14.07 -8.40 5.87
C TYR B 93 14.08 -8.36 7.40
N GLY B 94 14.55 -9.43 8.02
CA GLY B 94 14.62 -9.49 9.48
C GLY B 94 13.71 -10.59 10.03
N THR B 95 12.76 -10.19 10.87
CA THR B 95 11.84 -11.16 11.46
C THR B 95 10.42 -10.63 11.40
N GLN B 96 9.52 -11.41 10.82
CA GLN B 96 8.13 -10.99 10.71
C GLN B 96 7.20 -12.20 10.71
N SER B 97 5.89 -11.94 10.61
CA SER B 97 4.91 -13.01 10.58
C SER B 97 4.16 -12.97 9.26
N THR B 98 4.43 -13.97 8.42
CA THR B 98 3.79 -14.07 7.11
C THR B 98 2.45 -14.79 7.21
N PRO B 99 1.68 -14.84 6.15
CA PRO B 99 0.35 -15.53 6.13
C PRO B 99 0.35 -16.88 6.82
N GLN B 100 -0.84 -17.44 6.94
CA GLN B 100 -1.01 -18.76 7.55
C GLN B 100 -1.26 -19.78 6.45
N GLY B 101 -1.80 -20.94 6.80
CA GLY B 101 -2.07 -21.97 5.80
C GLY B 101 -2.79 -21.40 4.58
N TYR B 102 -2.01 -21.02 3.56
CA TYR B 102 -2.57 -20.46 2.34
C TYR B 102 -1.47 -20.15 1.33
N GLY B 103 -0.36 -19.61 1.83
CA GLY B 103 0.76 -19.26 0.96
C GLY B 103 0.29 -18.40 -0.20
N SER B 104 1.09 -18.36 -1.26
CA SER B 104 0.75 -17.57 -2.43
C SER B 104 0.09 -18.44 -3.50
N THR B 105 -1.24 -18.52 -3.46
CA THR B 105 -1.96 -19.31 -4.44
C THR B 105 -1.78 -18.69 -5.83
N GLY B 106 -1.20 -19.46 -6.74
CA GLY B 106 -0.97 -18.97 -8.09
C GLY B 106 -1.77 -19.78 -9.12
N GLY B 107 -2.99 -19.34 -9.40
CA GLY B 107 -3.84 -20.04 -10.35
C GLY B 107 -5.27 -19.53 -10.28
N TYR B 108 -5.84 -19.20 -11.43
CA TYR B 108 -7.21 -18.71 -11.49
C TYR B 108 -8.19 -19.86 -11.68
N GLY B 109 -8.11 -20.86 -10.80
CA GLY B 109 -9.00 -22.01 -10.88
C GLY B 109 -9.84 -22.14 -9.62
N SER B 110 -9.20 -22.51 -8.52
CA SER B 110 -9.89 -22.65 -7.24
C SER B 110 -8.91 -22.57 -6.08
N SER B 111 -8.95 -21.45 -5.37
CA SER B 111 -8.06 -21.26 -4.23
C SER B 111 -8.84 -20.76 -3.02
N GLN B 112 -9.41 -21.70 -2.26
CA GLN B 112 -10.19 -21.33 -1.07
C GLN B 112 -9.85 -22.25 0.09
N SER B 113 -9.81 -21.69 1.29
CA SER B 113 -9.48 -22.48 2.48
C SER B 113 -9.89 -21.75 3.76
N SER B 114 -9.55 -22.34 4.89
CA SER B 114 -9.87 -21.77 6.20
C SER B 114 -8.75 -22.06 7.19
N GLN B 115 -8.39 -21.08 8.02
CA GLN B 115 -7.32 -21.29 8.99
C GLN B 115 -7.18 -20.09 9.93
N SER B 116 -6.12 -20.07 10.72
CA SER B 116 -5.90 -18.97 11.66
C SER B 116 -4.51 -19.06 12.29
N SER B 117 -4.10 -17.97 12.94
CA SER B 117 -2.80 -17.93 13.60
C SER B 117 -2.95 -17.48 15.05
N TYR B 118 -2.23 -18.14 15.96
CA TYR B 118 -2.31 -17.79 17.38
C TYR B 118 -0.93 -17.86 18.03
N GLY B 119 -0.19 -16.76 17.99
CA GLY B 119 1.13 -16.72 18.60
C GLY B 119 2.21 -16.36 17.59
N GLN B 120 2.09 -15.19 16.97
CA GLN B 120 3.07 -14.75 15.98
C GLN B 120 4.07 -13.80 16.62
N GLN B 121 5.34 -14.21 16.66
CA GLN B 121 6.38 -13.37 17.24
C GLN B 121 7.65 -13.43 16.39
N SER B 122 8.27 -12.26 16.20
CA SER B 122 9.49 -12.18 15.40
C SER B 122 10.54 -11.36 16.13
N SER B 123 11.68 -12.00 16.42
CA SER B 123 12.76 -11.31 17.13
C SER B 123 12.29 -10.80 18.48
N TYR B 124 12.20 -11.70 19.45
CA TYR B 124 11.76 -11.33 20.80
C TYR B 124 10.31 -10.87 20.76
N SER C 64 -5.40 -7.38 -23.38
CA SER C 64 -5.08 -8.78 -23.80
C SER C 64 -4.67 -8.78 -25.27
N TYR C 65 -4.47 -9.98 -25.82
CA TYR C 65 -4.08 -10.11 -27.22
C TYR C 65 -2.70 -9.49 -27.44
N SER C 66 -1.73 -10.32 -27.77
CA SER C 66 -0.36 -9.85 -28.00
C SER C 66 0.20 -9.20 -26.74
N GLY C 67 1.20 -9.87 -26.15
CA GLY C 67 1.82 -9.35 -24.94
C GLY C 67 0.92 -9.56 -23.73
N TYR C 68 1.42 -10.29 -22.74
CA TYR C 68 0.65 -10.55 -21.53
C TYR C 68 1.57 -10.68 -20.32
N SER C 69 1.29 -9.92 -19.27
CA SER C 69 2.11 -9.97 -18.06
C SER C 69 1.28 -9.55 -16.85
N GLN C 70 1.47 -10.26 -15.74
CA GLN C 70 0.75 -9.95 -14.52
C GLN C 70 1.57 -10.33 -13.29
N SER C 71 1.74 -9.40 -12.37
CA SER C 71 2.51 -9.66 -11.16
C SER C 71 1.73 -9.23 -9.92
N THR C 72 1.70 -10.10 -8.91
CA THR C 72 0.99 -9.78 -7.67
C THR C 72 1.84 -10.18 -6.47
N ASP C 73 2.10 -9.22 -5.60
CA ASP C 73 2.90 -9.48 -4.40
C ASP C 73 2.50 -8.56 -3.26
N THR C 74 2.18 -9.13 -2.10
CA THR C 74 1.78 -8.32 -0.96
C THR C 74 2.97 -7.66 -0.29
N SER C 75 3.97 -8.46 0.06
CA SER C 75 5.15 -7.93 0.74
C SER C 75 6.43 -8.44 0.07
N GLY C 76 7.57 -8.09 0.68
CA GLY C 76 8.85 -8.52 0.15
C GLY C 76 9.16 -7.85 -1.18
N TYR C 77 9.43 -6.54 -1.13
CA TYR C 77 9.76 -5.75 -2.32
C TYR C 77 9.09 -6.29 -3.58
N GLY C 78 7.77 -6.10 -3.67
CA GLY C 78 7.02 -6.58 -4.83
C GLY C 78 7.43 -5.82 -6.09
N GLN C 79 8.34 -6.43 -6.86
CA GLN C 79 8.82 -5.81 -8.09
C GLN C 79 9.64 -4.57 -7.77
N SER C 80 10.93 -4.76 -7.55
CA SER C 80 11.81 -3.63 -7.23
C SER C 80 13.27 -4.02 -7.44
N SER C 81 14.07 -3.06 -7.92
CA SER C 81 15.48 -3.32 -8.16
C SER C 81 16.28 -2.03 -7.99
N TYR C 82 17.60 -2.17 -7.86
CA TYR C 82 18.46 -1.02 -7.69
C TYR C 82 18.02 -0.19 -6.49
N SER C 83 17.67 -0.87 -5.41
CA SER C 83 17.22 -0.19 -4.20
C SER C 83 18.31 0.74 -3.67
N SER C 84 19.55 0.27 -3.71
CA SER C 84 20.67 1.07 -3.24
C SER C 84 20.37 1.64 -1.84
N TYR C 85 20.18 0.75 -0.88
CA TYR C 85 19.89 1.16 0.49
C TYR C 85 21.02 2.02 1.05
N GLY C 86 22.25 1.64 0.74
CA GLY C 86 23.41 2.39 1.21
C GLY C 86 24.71 1.69 0.85
N GLN C 87 25.73 1.87 1.67
CA GLN C 87 27.03 1.26 1.42
C GLN C 87 27.84 1.16 2.72
N SER C 88 27.15 1.09 3.84
CA SER C 88 27.83 1.00 5.13
C SER C 88 26.93 0.32 6.17
N GLN C 89 25.86 1.01 6.57
CA GLN C 89 24.94 0.46 7.54
C GLN C 89 23.51 0.61 7.07
N ASN C 90 22.91 -0.49 6.63
CA ASN C 90 21.53 -0.46 6.15
C ASN C 90 20.73 -1.63 6.69
N THR C 91 19.41 -1.46 6.77
CA THR C 91 18.54 -2.52 7.28
C THR C 91 17.32 -2.69 6.39
N GLY C 92 17.00 -3.95 6.07
CA GLY C 92 15.86 -4.24 5.23
C GLY C 92 14.56 -3.75 5.86
N TYR C 93 13.44 -4.30 5.42
CA TYR C 93 12.13 -3.90 5.94
C TYR C 93 12.15 -3.85 7.46
N GLY C 94 12.61 -4.92 8.09
CA GLY C 94 12.67 -4.97 9.55
C GLY C 94 11.75 -6.07 10.09
N THR C 95 10.81 -5.67 10.93
CA THR C 95 9.88 -6.62 11.51
C THR C 95 8.46 -6.09 11.46
N GLN C 96 7.56 -6.88 10.88
CA GLN C 96 6.17 -6.46 10.76
C GLN C 96 5.23 -7.66 10.76
N SER C 97 3.94 -7.39 10.66
CA SER C 97 2.94 -8.46 10.62
C SER C 97 2.20 -8.43 9.30
N THR C 98 2.47 -9.43 8.46
CA THR C 98 1.83 -9.52 7.15
C THR C 98 0.49 -10.24 7.26
N PRO C 99 -0.28 -10.30 6.18
CA PRO C 99 -1.61 -10.97 6.16
C PRO C 99 -1.61 -12.32 6.85
N GLN C 100 -2.80 -12.89 6.96
CA GLN C 100 -2.98 -14.19 7.59
C GLN C 100 -3.23 -15.22 6.49
N GLY C 101 -3.78 -16.37 6.83
CA GLY C 101 -4.05 -17.42 5.85
C GLY C 101 -4.75 -16.84 4.62
N TYR C 102 -3.98 -16.48 3.61
CA TYR C 102 -4.53 -15.90 2.39
C TYR C 102 -3.42 -15.61 1.38
N GLY C 103 -2.31 -15.06 1.87
CA GLY C 103 -1.19 -14.73 1.01
C GLY C 103 -1.66 -13.87 -0.16
N SER C 104 -0.85 -13.83 -1.22
CA SER C 104 -1.19 -13.05 -2.39
C SER C 104 -1.85 -13.91 -3.46
N THR C 105 -3.17 -13.99 -3.42
CA THR C 105 -3.90 -14.78 -4.41
C THR C 105 -3.71 -14.17 -5.79
N GLY C 106 -3.13 -14.94 -6.70
CA GLY C 106 -2.89 -14.45 -8.05
C GLY C 106 -3.69 -15.26 -9.07
N GLY C 107 -4.91 -14.82 -9.36
CA GLY C 107 -5.75 -15.52 -10.32
C GLY C 107 -7.19 -15.02 -10.24
N TYR C 108 -7.74 -14.68 -11.41
CA TYR C 108 -9.12 -14.19 -11.47
C TYR C 108 -10.10 -15.34 -11.66
N GLY C 109 -10.02 -16.33 -10.77
CA GLY C 109 -10.92 -17.48 -10.86
C GLY C 109 -11.76 -17.59 -9.60
N SER C 110 -11.12 -17.96 -8.50
CA SER C 110 -11.83 -18.10 -7.22
C SER C 110 -10.85 -18.02 -6.06
N SER C 111 -10.89 -16.90 -5.34
CA SER C 111 -10.00 -16.71 -4.21
C SER C 111 -10.79 -16.21 -3.00
N GLN C 112 -11.36 -17.14 -2.24
CA GLN C 112 -12.15 -16.78 -1.06
C GLN C 112 -11.80 -17.69 0.11
N SER C 113 -11.77 -17.12 1.32
CA SER C 113 -11.45 -17.89 2.51
C SER C 113 -11.86 -17.17 3.78
N SER C 114 -11.53 -17.76 4.92
CA SER C 114 -11.85 -17.18 6.22
C SER C 114 -10.73 -17.49 7.21
N GLN C 115 -10.38 -16.51 8.04
CA GLN C 115 -9.31 -16.71 9.01
C GLN C 115 -9.17 -15.51 9.95
N SER C 116 -8.10 -15.49 10.76
CA SER C 116 -7.88 -14.39 11.68
C SER C 116 -6.50 -14.48 12.32
N SER C 117 -6.09 -13.38 12.97
CA SER C 117 -4.79 -13.34 13.63
C SER C 117 -4.94 -12.89 15.08
N TYR C 118 -4.24 -13.55 15.99
CA TYR C 118 -4.31 -13.20 17.40
C TYR C 118 -2.94 -13.28 18.07
N GLY C 119 -2.20 -12.18 18.03
CA GLY C 119 -0.87 -12.13 18.65
C GLY C 119 0.21 -11.79 17.63
N GLN C 120 0.10 -10.62 17.02
CA GLN C 120 1.08 -10.18 16.03
C GLN C 120 2.08 -9.22 16.67
N GLN C 121 3.34 -9.64 16.71
CA GLN C 121 4.40 -8.81 17.29
C GLN C 121 5.67 -8.86 16.45
N SER C 122 6.29 -7.71 16.25
CA SER C 122 7.51 -7.63 15.45
C SER C 122 8.57 -6.81 16.19
N SER C 123 9.70 -7.45 16.49
CA SER C 123 10.78 -6.77 17.19
C SER C 123 10.30 -6.25 18.54
N TYR C 124 10.22 -7.15 19.52
CA TYR C 124 9.76 -6.78 20.86
C TYR C 124 8.31 -6.32 20.82
N SER D 64 -7.23 -2.89 -23.39
CA SER D 64 -6.92 -4.30 -23.80
C SER D 64 -6.51 -4.31 -25.27
N TYR D 65 -6.31 -5.50 -25.82
CA TYR D 65 -5.90 -5.64 -27.21
C TYR D 65 -4.53 -5.02 -27.43
N SER D 66 -3.55 -5.86 -27.76
CA SER D 66 -2.19 -5.39 -27.99
C SER D 66 -1.62 -4.75 -26.73
N GLY D 67 -0.64 -5.42 -26.13
CA GLY D 67 -0.02 -4.89 -24.92
C GLY D 67 -0.92 -5.10 -23.71
N TYR D 68 -0.42 -5.82 -22.72
CA TYR D 68 -1.20 -6.08 -21.51
C TYR D 68 -0.28 -6.22 -20.30
N SER D 69 -0.56 -5.44 -19.25
CA SER D 69 0.25 -5.49 -18.04
C SER D 69 -0.58 -5.06 -16.83
N GLN D 70 -0.40 -5.77 -15.72
CA GLN D 70 -1.12 -5.45 -14.49
C GLN D 70 -0.31 -5.84 -13.27
N SER D 71 -0.14 -4.90 -12.35
CA SER D 71 0.63 -5.16 -11.14
C SER D 71 -0.14 -4.73 -9.90
N THR D 72 -0.18 -5.60 -8.89
CA THR D 72 -0.90 -5.28 -7.65
C THR D 72 -0.07 -5.68 -6.44
N ASP D 73 0.21 -4.71 -5.57
CA ASP D 73 1.00 -4.98 -4.37
C ASP D 73 0.60 -4.04 -3.24
N THR D 74 0.28 -4.61 -2.08
CA THR D 74 -0.13 -3.79 -0.94
C THR D 74 1.06 -3.13 -0.26
N SER D 75 2.05 -3.93 0.09
CA SER D 75 3.24 -3.40 0.76
C SER D 75 4.51 -3.92 0.12
N GLY D 76 5.65 -3.58 0.71
CA GLY D 76 6.93 -4.02 0.19
C GLY D 76 7.25 -3.35 -1.13
N TYR D 77 7.51 -2.04 -1.09
CA TYR D 77 7.87 -1.26 -2.28
C TYR D 77 7.19 -1.80 -3.54
N GLY D 78 5.88 -1.61 -3.64
CA GLY D 78 5.12 -2.07 -4.80
C GLY D 78 5.55 -1.33 -6.06
N GLN D 79 6.46 -1.94 -6.82
CA GLN D 79 6.94 -1.33 -8.05
C GLN D 79 7.76 -0.08 -7.74
N SER D 80 9.05 -0.28 -7.50
CA SER D 80 9.94 0.84 -7.19
C SER D 80 11.39 0.45 -7.40
N SER D 81 12.19 1.40 -7.87
CA SER D 81 13.61 1.15 -8.11
C SER D 81 14.42 2.43 -7.93
N TYR D 82 15.74 2.28 -7.81
CA TYR D 82 16.60 3.44 -7.64
C TYR D 82 16.15 4.27 -6.44
N SER D 83 15.79 3.59 -5.36
CA SER D 83 15.34 4.28 -4.15
C SER D 83 16.43 5.21 -3.62
N SER D 84 17.68 4.73 -3.66
CA SER D 84 18.80 5.53 -3.18
C SER D 84 18.50 6.10 -1.79
N TYR D 85 18.30 5.21 -0.83
CA TYR D 85 18.00 5.64 0.54
C TYR D 85 19.13 6.49 1.10
N GLY D 86 20.37 6.10 0.79
CA GLY D 86 21.52 6.84 1.28
C GLY D 86 22.82 6.14 0.92
N GLN D 87 23.85 6.32 1.75
CA GLN D 87 25.15 5.70 1.50
C GLN D 87 25.95 5.61 2.79
N SER D 88 25.25 5.55 3.92
CA SER D 88 25.93 5.46 5.21
C SER D 88 25.02 4.78 6.25
N GLN D 89 23.96 5.48 6.64
CA GLN D 89 23.03 4.94 7.62
C GLN D 89 21.59 5.09 7.13
N ASN D 90 20.99 3.98 6.69
CA ASN D 90 19.62 4.02 6.20
C ASN D 90 18.81 2.86 6.76
N THR D 91 17.49 3.03 6.83
CA THR D 91 16.62 1.98 7.34
C THR D 91 15.40 1.81 6.44
N GLY D 92 15.08 0.56 6.14
CA GLY D 92 13.93 0.26 5.29
C GLY D 92 12.65 0.76 5.91
N TYR D 93 11.52 0.22 5.46
CA TYR D 93 10.21 0.61 5.98
C TYR D 93 10.23 0.68 7.50
N GLY D 94 10.67 -0.41 8.13
CA GLY D 94 10.73 -0.45 9.59
C GLY D 94 9.82 -1.54 10.14
N THR D 95 8.87 -1.14 10.97
CA THR D 95 7.94 -2.08 11.55
C THR D 95 6.51 -1.56 11.49
N GLN D 96 5.61 -2.33 10.91
CA GLN D 96 4.22 -1.91 10.79
C GLN D 96 3.29 -3.11 10.78
N SER D 97 1.99 -2.83 10.68
CA SER D 97 0.99 -3.90 10.65
C SER D 97 0.26 -3.87 9.32
N THR D 98 0.51 -4.88 8.49
CA THR D 98 -0.10 -4.97 7.18
C THR D 98 -1.46 -5.69 7.28
N PRO D 99 -2.21 -5.74 6.20
CA PRO D 99 -3.55 -6.41 6.18
C PRO D 99 -3.56 -7.77 6.88
N GLN D 100 -4.75 -8.33 6.98
CA GLN D 100 -4.95 -9.62 7.61
C GLN D 100 -5.19 -10.64 6.51
N GLY D 101 -5.74 -11.81 6.85
CA GLY D 101 -6.01 -12.84 5.87
C GLY D 101 -6.72 -12.28 4.64
N TYR D 102 -5.93 -11.91 3.63
CA TYR D 102 -6.48 -11.35 2.41
C TYR D 102 -5.37 -11.06 1.40
N GLY D 103 -4.26 -10.52 1.90
CA GLY D 103 -3.14 -10.19 1.04
C GLY D 103 -3.58 -9.33 -0.14
N SER D 104 -2.78 -9.30 -1.19
CA SER D 104 -3.11 -8.51 -2.37
C SER D 104 -3.77 -9.37 -3.43
N THR D 105 -5.10 -9.46 -3.40
CA THR D 105 -5.82 -10.24 -4.38
C THR D 105 -5.63 -9.63 -5.77
N GLY D 106 -5.04 -10.41 -6.67
CA GLY D 106 -4.79 -9.93 -8.03
C GLY D 106 -5.59 -10.74 -9.06
N GLY D 107 -6.80 -10.30 -9.34
CA GLY D 107 -7.66 -10.99 -10.30
C GLY D 107 -9.09 -10.49 -10.24
N TYR D 108 -9.65 -10.15 -11.40
CA TYR D 108 -11.02 -9.66 -11.47
C TYR D 108 -12.01 -10.81 -11.66
N GLY D 109 -11.93 -11.79 -10.77
CA GLY D 109 -12.83 -12.95 -10.86
C GLY D 109 -13.68 -13.06 -9.60
N SER D 110 -13.04 -13.42 -8.48
CA SER D 110 -13.75 -13.54 -7.22
C SER D 110 -12.77 -13.47 -6.06
N SER D 111 -12.81 -12.35 -5.34
CA SER D 111 -11.93 -12.15 -4.20
C SER D 111 -12.73 -11.64 -3.00
N GLN D 112 -13.30 -12.57 -2.24
CA GLN D 112 -14.08 -12.20 -1.06
C GLN D 112 -13.75 -13.10 0.11
N SER D 113 -13.72 -12.54 1.32
CA SER D 113 -13.41 -13.32 2.51
C SER D 113 -13.81 -12.59 3.78
N SER D 114 -13.48 -13.18 4.93
CA SER D 114 -13.81 -12.58 6.22
C SER D 114 -12.70 -12.90 7.23
N GLN D 115 -12.35 -11.91 8.04
CA GLN D 115 -11.28 -12.12 9.02
C GLN D 115 -11.14 -10.92 9.95
N SER D 116 -10.07 -10.90 10.75
CA SER D 116 -9.86 -9.79 11.68
C SER D 116 -8.47 -9.87 12.33
N SER D 117 -8.06 -8.79 12.98
CA SER D 117 -6.76 -8.75 13.65
C SER D 117 -6.92 -8.29 15.09
N TYR D 118 -6.22 -8.97 16.00
CA TYR D 118 -6.30 -8.61 17.42
C TYR D 118 -4.92 -8.69 18.08
N GLY D 119 -4.18 -7.58 18.04
CA GLY D 119 -2.87 -7.54 18.66
C GLY D 119 -1.78 -7.21 17.65
N GLN D 120 -1.89 -6.03 17.04
CA GLN D 120 -0.89 -5.61 16.05
C GLN D 120 0.12 -4.65 16.69
N GLN D 121 1.37 -5.07 16.74
CA GLN D 121 2.42 -4.24 17.32
C GLN D 121 3.70 -4.30 16.48
N SER D 122 4.32 -3.15 16.27
CA SER D 122 5.55 -3.08 15.50
C SER D 122 6.61 -2.26 16.24
N SER D 123 7.73 -2.90 16.53
CA SER D 123 8.82 -2.22 17.23
C SER D 123 8.33 -1.70 18.59
N TYR D 124 8.24 -2.59 19.57
CA TYR D 124 7.79 -2.21 20.90
C TYR D 124 6.34 -1.74 20.86
N SER E 64 -9.06 1.59 -23.43
CA SER E 64 -8.74 0.19 -23.84
C SER E 64 -8.32 0.17 -25.30
N TYR E 65 -8.14 -1.02 -25.83
CA TYR E 65 -7.72 -1.16 -27.23
C TYR E 65 -6.34 -0.56 -27.45
N SER E 66 -5.37 -1.39 -27.76
CA SER E 66 -4.01 -0.93 -27.99
C SER E 66 -3.43 -0.29 -26.73
N GLY E 67 -2.46 -0.95 -26.13
CA GLY E 67 -1.83 -0.44 -24.92
C GLY E 67 -2.74 -0.63 -23.71
N TYR E 68 -2.26 -1.35 -22.71
CA TYR E 68 -3.04 -1.61 -21.51
C TYR E 68 -2.12 -1.74 -20.29
N SER E 69 -2.40 -0.96 -19.25
CA SER E 69 -1.60 -1.01 -18.04
C SER E 69 -2.43 -0.58 -16.83
N GLN E 70 -2.25 -1.28 -15.72
CA GLN E 70 -2.97 -0.96 -14.50
C GLN E 70 -2.17 -1.35 -13.27
N SER E 71 -2.00 -0.40 -12.35
CA SER E 71 -1.23 -0.67 -11.13
C SER E 71 -2.02 -0.22 -9.90
N THR E 72 -2.07 -1.09 -8.88
CA THR E 72 -2.78 -0.76 -7.66
C THR E 72 -1.96 -1.15 -6.43
N ASP E 73 -1.68 -0.19 -5.57
CA ASP E 73 -0.90 -0.46 -4.38
C ASP E 73 -1.30 0.47 -3.24
N THR E 74 -1.60 -0.09 -2.07
CA THR E 74 -2.03 0.76 -0.96
C THR E 74 -0.84 1.39 -0.24
N SER E 75 0.15 0.59 0.11
CA SER E 75 1.34 1.11 0.77
C SER E 75 2.61 0.61 0.11
N GLY E 76 3.75 0.95 0.72
CA GLY E 76 5.04 0.50 0.21
C GLY E 76 5.35 1.16 -1.13
N TYR E 77 5.64 2.46 -1.07
CA TYR E 77 5.97 3.26 -2.26
C TYR E 77 5.31 2.67 -3.52
N GLY E 78 4.00 2.91 -3.65
CA GLY E 78 3.24 2.45 -4.79
C GLY E 78 3.66 3.16 -6.05
N GLN E 79 4.58 2.56 -6.81
CA GLN E 79 5.08 3.16 -8.05
C GLN E 79 5.90 4.40 -7.73
N SER E 80 7.19 4.21 -7.49
CA SER E 80 8.08 5.32 -7.18
C SER E 80 9.54 4.93 -7.38
N SER E 81 10.34 5.87 -7.85
CA SER E 81 11.74 5.61 -8.08
C SER E 81 12.56 6.88 -7.90
N TYR E 82 13.87 6.74 -7.78
CA TYR E 82 14.75 7.89 -7.60
C TYR E 82 14.30 8.73 -6.42
N SER E 83 13.93 8.06 -5.33
CA SER E 83 13.49 8.75 -4.13
C SER E 83 14.57 9.67 -3.61
N SER E 84 15.81 9.20 -3.62
CA SER E 84 16.93 9.99 -3.15
C SER E 84 16.63 10.57 -1.77
N TYR E 85 16.43 9.68 -0.79
CA TYR E 85 16.13 10.11 0.56
C TYR E 85 17.26 10.96 1.12
N GLY E 86 18.50 10.57 0.83
CA GLY E 86 19.66 11.32 1.32
C GLY E 86 20.96 10.60 0.96
N GLN E 87 21.98 10.78 1.79
CA GLN E 87 23.27 10.16 1.55
C GLN E 87 24.07 10.07 2.84
N SER E 88 23.37 10.01 3.97
CA SER E 88 24.03 9.92 5.26
C SER E 88 23.13 9.25 6.30
N GLN E 89 22.07 9.95 6.68
CA GLN E 89 21.13 9.42 7.66
C GLN E 89 19.69 9.58 7.18
N ASN E 90 19.10 8.47 6.73
CA ASN E 90 17.73 8.51 6.24
C ASN E 90 16.91 7.35 6.80
N THR E 91 15.59 7.52 6.86
CA THR E 91 14.72 6.48 7.38
C THR E 91 13.50 6.31 6.47
N GLY E 92 13.18 5.06 6.15
CA GLY E 92 12.03 4.75 5.31
C GLY E 92 10.74 5.26 5.95
N TYR E 93 9.61 4.72 5.47
CA TYR E 93 8.31 5.13 5.99
C TYR E 93 8.31 5.19 7.52
N GLY E 94 8.75 4.11 8.16
CA GLY E 94 8.80 4.07 9.62
C GLY E 94 7.89 2.99 10.17
N THR E 95 6.93 3.40 10.98
CA THR E 95 6.01 2.46 11.58
C THR E 95 4.58 2.99 11.51
N GLN E 96 3.69 2.20 10.93
CA GLN E 96 2.30 2.64 10.79
C GLN E 96 1.35 1.45 10.79
N SER E 97 0.05 1.73 10.68
CA SER E 97 -0.93 0.66 10.65
C SER E 97 -1.67 0.70 9.31
N THR E 98 -1.43 -0.33 8.49
CA THR E 98 -2.03 -0.42 7.17
C THR E 98 -3.39 -1.13 7.27
N PRO E 99 -4.15 -1.18 6.20
CA PRO E 99 -5.50 -1.86 6.18
C PRO E 99 -5.51 -3.20 6.88
N GLN E 100 -6.70 -3.76 6.98
CA GLN E 100 -6.88 -5.05 7.60
C GLN E 100 -7.13 -6.08 6.50
N GLY E 101 -7.69 -7.23 6.87
CA GLY E 101 -7.97 -8.28 5.88
C GLY E 101 -8.66 -7.72 4.64
N TYR E 102 -7.87 -7.34 3.64
CA TYR E 102 -8.41 -6.78 2.40
C TYR E 102 -7.29 -6.49 1.40
N GLY E 103 -6.18 -5.96 1.90
CA GLY E 103 -5.05 -5.64 1.04
C GLY E 103 -5.51 -4.78 -0.14
N SER E 104 -4.70 -4.76 -1.18
CA SER E 104 -5.02 -3.97 -2.37
C SER E 104 -5.68 -4.83 -3.44
N THR E 105 -7.01 -4.92 -3.40
CA THR E 105 -7.73 -5.71 -4.39
C THR E 105 -7.52 -5.10 -5.76
N GLY E 106 -6.94 -5.87 -6.66
CA GLY E 106 -6.69 -5.41 -8.02
C GLY E 106 -7.49 -6.21 -9.07
N GLY E 107 -8.71 -5.77 -9.37
CA GLY E 107 -9.55 -6.47 -10.32
C GLY E 107 -10.98 -5.95 -10.26
N TYR E 108 -11.53 -5.61 -11.42
CA TYR E 108 -12.89 -5.11 -11.48
C TYR E 108 -13.88 -6.27 -11.68
N GLY E 109 -13.83 -7.25 -10.78
CA GLY E 109 -14.72 -8.39 -10.88
C GLY E 109 -15.58 -8.50 -9.62
N SER E 110 -14.95 -8.86 -8.50
CA SER E 110 -15.66 -8.99 -7.24
C SER E 110 -14.68 -8.91 -6.08
N SER E 111 -14.72 -7.79 -5.37
CA SER E 111 -13.83 -7.58 -4.22
C SER E 111 -14.62 -7.08 -3.02
N GLN E 112 -15.22 -8.00 -2.26
CA GLN E 112 -16.02 -7.62 -1.09
C GLN E 112 -15.69 -8.52 0.09
N SER E 113 -15.65 -7.95 1.29
CA SER E 113 -15.33 -8.72 2.48
C SER E 113 -15.75 -7.99 3.75
N SER E 114 -15.43 -8.58 4.90
CA SER E 114 -15.76 -7.99 6.20
C SER E 114 -14.65 -8.29 7.20
N GLN E 115 -14.30 -7.31 8.01
CA GLN E 115 -13.24 -7.51 9.00
C GLN E 115 -13.10 -6.31 9.93
N SER E 116 -12.04 -6.30 10.74
CA SER E 116 -11.82 -5.18 11.66
C SER E 116 -10.42 -5.26 12.30
N SER E 117 -10.02 -4.18 12.95
CA SER E 117 -8.72 -4.15 13.63
C SER E 117 -8.88 -3.69 15.08
N TYR E 118 -8.20 -4.36 16.00
CA TYR E 118 -8.27 -4.00 17.41
C TYR E 118 -6.90 -4.08 18.08
N GLY E 119 -6.16 -2.98 18.04
CA GLY E 119 -4.83 -2.94 18.67
C GLY E 119 -3.74 -2.61 17.66
N GLN E 120 -3.86 -1.44 17.02
CA GLN E 120 -2.86 -1.00 16.05
C GLN E 120 -1.84 -0.07 16.69
N GLN E 121 -0.58 -0.50 16.74
CA GLN E 121 0.47 0.34 17.32
C GLN E 121 1.74 0.27 16.48
N SER E 122 2.38 1.43 16.27
CA SER E 122 3.61 1.49 15.49
C SER E 122 4.66 2.31 16.23
N SER E 123 5.79 1.67 16.54
CA SER E 123 6.87 2.34 17.25
C SER E 123 6.37 2.87 18.60
N TYR E 124 6.28 1.98 19.59
CA TYR E 124 5.83 2.37 20.92
C TYR E 124 4.37 2.83 20.88
N SER F 64 -10.86 6.08 -23.47
CA SER F 64 -10.55 4.68 -23.88
C SER F 64 -10.13 4.67 -25.34
N TYR F 65 -9.94 3.46 -25.88
CA TYR F 65 -9.53 3.31 -27.27
C TYR F 65 -8.14 3.92 -27.49
N SER F 66 -7.17 3.07 -27.79
CA SER F 66 -5.80 3.53 -28.02
C SER F 66 -5.23 4.17 -26.77
N GLY F 67 -4.26 3.51 -26.15
CA GLY F 67 -3.64 4.03 -24.93
C GLY F 67 -4.55 3.85 -23.73
N TYR F 68 -4.07 3.12 -22.73
CA TYR F 68 -4.86 2.87 -21.53
C TYR F 68 -3.94 2.73 -20.31
N SER F 69 -4.23 3.52 -19.28
CA SER F 69 -3.43 3.47 -18.05
C SER F 69 -4.26 3.92 -16.85
N GLN F 70 -4.09 3.22 -15.73
CA GLN F 70 -4.82 3.55 -14.52
C GLN F 70 -4.02 3.16 -13.29
N SER F 71 -3.85 4.10 -12.37
CA SER F 71 -3.09 3.83 -11.15
C SER F 71 -3.87 4.29 -9.92
N THR F 72 -3.92 3.44 -8.90
CA THR F 72 -4.64 3.76 -7.68
C THR F 72 -3.82 3.37 -6.46
N ASP F 73 -3.55 4.34 -5.58
CA ASP F 73 -2.76 4.07 -4.39
C ASP F 73 -3.17 5.02 -3.26
N THR F 74 -3.50 4.46 -2.10
CA THR F 74 -3.91 5.28 -0.97
C THR F 74 -2.72 5.93 -0.29
N SER F 75 -1.72 5.13 0.08
CA SER F 75 -0.55 5.65 0.76
C SER F 75 0.72 5.12 0.12
N GLY F 76 1.86 5.47 0.72
CA GLY F 76 3.15 5.02 0.22
C GLY F 76 3.48 5.68 -1.11
N TYR F 77 3.76 6.98 -1.08
CA TYR F 77 4.11 7.76 -2.27
C TYR F 77 3.44 7.21 -3.53
N GLY F 78 2.14 7.42 -3.65
CA GLY F 78 1.39 6.94 -4.80
C GLY F 78 1.82 7.67 -6.07
N GLN F 79 2.73 7.05 -6.82
CA GLN F 79 3.22 7.66 -8.05
C GLN F 79 4.05 8.89 -7.74
N SER F 80 5.34 8.69 -7.49
CA SER F 80 6.23 9.81 -7.18
C SER F 80 7.69 9.41 -7.37
N SER F 81 8.49 10.35 -7.85
CA SER F 81 9.91 10.09 -8.07
C SER F 81 10.73 11.36 -7.91
N TYR F 82 12.04 11.20 -7.77
CA TYR F 82 12.91 12.35 -7.60
C TYR F 82 12.47 13.20 -6.41
N SER F 83 12.09 12.53 -5.33
CA SER F 83 11.64 13.22 -4.12
C SER F 83 12.73 14.15 -3.59
N SER F 84 13.97 13.67 -3.62
CA SER F 84 15.10 14.46 -3.14
C SER F 84 14.79 15.05 -1.76
N TYR F 85 14.58 14.16 -0.79
CA TYR F 85 14.28 14.59 0.58
C TYR F 85 15.41 15.44 1.13
N GLY F 86 16.65 15.05 0.84
CA GLY F 86 17.80 15.79 1.34
C GLY F 86 19.10 15.07 0.98
N GLN F 87 20.11 15.26 1.82
CA GLN F 87 21.41 14.62 1.58
C GLN F 87 22.21 14.53 2.89
N SER F 88 21.50 14.48 4.00
CA SER F 88 22.16 14.39 5.30
C SER F 88 21.26 13.73 6.33
N GLN F 89 20.19 14.43 6.71
CA GLN F 89 19.25 13.91 7.69
C GLN F 89 17.82 14.07 7.20
N ASN F 90 17.22 12.96 6.76
CA ASN F 90 15.85 13.01 6.26
C ASN F 90 15.03 11.84 6.82
N THR F 91 13.71 12.03 6.88
CA THR F 91 12.83 10.99 7.39
C THR F 91 11.61 10.82 6.48
N GLY F 92 11.29 9.57 6.18
CA GLY F 92 10.15 9.27 5.32
C GLY F 92 8.85 9.79 5.94
N TYR F 93 7.72 9.24 5.49
CA TYR F 93 6.42 9.66 5.99
C TYR F 93 6.42 9.73 7.52
N GLY F 94 6.86 8.65 8.15
CA GLY F 94 6.91 8.61 9.61
C GLY F 94 5.98 7.53 10.16
N THR F 95 5.02 7.95 10.98
CA THR F 95 4.09 7.01 11.57
C THR F 95 2.67 7.55 11.50
N GLN F 96 1.77 6.77 10.91
CA GLN F 96 0.38 7.20 10.78
C GLN F 96 -0.57 6.01 10.77
N SER F 97 -1.86 6.30 10.65
CA SER F 97 -2.86 5.24 10.62
C SER F 97 -3.59 5.26 9.28
N THR F 98 -3.33 4.25 8.47
CA THR F 98 -3.95 4.15 7.15
C THR F 98 -5.31 3.44 7.25
N PRO F 99 -6.05 3.39 6.17
CA PRO F 99 -7.39 2.72 6.14
C PRO F 99 -7.42 1.38 6.85
N GLN F 100 -8.61 0.82 6.96
CA GLN F 100 -8.82 -0.47 7.58
C GLN F 100 -9.06 -1.50 6.49
N GLY F 101 -9.63 -2.65 6.85
CA GLY F 101 -9.90 -3.70 5.86
C GLY F 101 -10.59 -3.12 4.63
N TYR F 102 -9.80 -2.77 3.62
CA TYR F 102 -10.33 -2.21 2.38
C TYR F 102 -9.21 -1.94 1.39
N GLY F 103 -8.11 -1.40 1.89
CA GLY F 103 -6.97 -1.08 1.03
C GLY F 103 -7.41 -0.22 -0.15
N SER F 104 -6.60 -0.21 -1.20
CA SER F 104 -6.91 0.57 -2.39
C SER F 104 -7.57 -0.30 -3.45
N THR F 105 -8.90 -0.37 -3.43
CA THR F 105 -9.62 -1.16 -4.41
C THR F 105 -9.41 -0.56 -5.79
N GLY F 106 -8.82 -1.35 -6.69
CA GLY F 106 -8.57 -0.87 -8.06
C GLY F 106 -9.36 -1.69 -9.08
N GLY F 107 -10.57 -1.24 -9.38
CA GLY F 107 -11.42 -1.93 -10.34
C GLY F 107 -12.85 -1.41 -10.28
N TYR F 108 -13.40 -1.08 -11.45
CA TYR F 108 -14.76 -0.57 -11.53
C TYR F 108 -15.75 -1.72 -11.72
N GLY F 109 -15.69 -2.70 -10.83
CA GLY F 109 -16.60 -3.84 -10.91
C GLY F 109 -17.47 -3.95 -9.66
N SER F 110 -16.84 -4.30 -8.55
CA SER F 110 -17.55 -4.42 -7.29
C SER F 110 -16.58 -4.34 -6.11
N SER F 111 -16.62 -3.22 -5.40
CA SER F 111 -15.74 -3.02 -4.26
C SER F 111 -16.53 -2.50 -3.06
N GLN F 112 -17.12 -3.42 -2.30
CA GLN F 112 -17.92 -3.04 -1.13
C GLN F 112 -17.59 -3.94 0.05
N SER F 113 -17.57 -3.36 1.25
CA SER F 113 -17.27 -4.13 2.45
C SER F 113 -17.68 -3.39 3.71
N SER F 114 -17.37 -3.98 4.86
CA SER F 114 -17.69 -3.38 6.15
C SER F 114 -16.59 -3.69 7.16
N GLN F 115 -16.23 -2.69 7.98
CA GLN F 115 -15.18 -2.91 8.96
C GLN F 115 -15.04 -1.70 9.89
N SER F 116 -13.98 -1.68 10.70
CA SER F 116 -13.76 -0.57 11.63
C SER F 116 -12.38 -0.67 12.29
N SER F 117 -11.97 0.42 12.93
CA SER F 117 -10.67 0.45 13.60
C SER F 117 -10.84 0.92 15.04
N TYR F 118 -10.14 0.25 15.97
CA TYR F 118 -10.22 0.62 17.38
C TYR F 118 -8.86 0.54 18.05
N GLY F 119 -8.11 1.63 18.01
CA GLY F 119 -6.79 1.67 18.64
C GLY F 119 -5.69 2.00 17.63
N GLN F 120 -5.79 3.16 17.01
CA GLN F 120 -4.79 3.58 16.03
C GLN F 120 -3.79 4.53 16.67
N GLN F 121 -2.53 4.11 16.72
CA GLN F 121 -1.48 4.93 17.31
C GLN F 121 -0.20 4.85 16.48
N SER F 122 0.43 6.00 16.27
CA SER F 122 1.66 6.06 15.50
C SER F 122 2.72 6.86 16.23
N SER F 123 3.85 6.23 16.54
CA SER F 123 4.93 6.91 17.26
C SER F 123 4.44 7.44 18.60
N TYR F 124 4.33 6.55 19.58
CA TYR F 124 3.88 6.94 20.92
C TYR F 124 2.43 7.41 20.86
N SER G 64 -12.65 10.58 -23.54
CA SER G 64 -12.34 9.19 -23.94
C SER G 64 -11.91 9.16 -25.40
N TYR G 65 -11.72 7.95 -25.94
CA TYR G 65 -11.31 7.80 -27.33
C TYR G 65 -9.92 8.40 -27.54
N SER G 66 -8.95 7.55 -27.84
CA SER G 66 -7.58 8.01 -28.07
C SER G 66 -7.02 8.65 -26.81
N GLY G 67 -6.04 7.98 -26.19
CA GLY G 67 -5.43 8.50 -24.98
C GLY G 67 -6.35 8.32 -23.77
N TYR G 68 -5.87 7.60 -22.77
CA TYR G 68 -6.66 7.36 -21.57
C TYR G 68 -5.75 7.23 -20.35
N SER G 69 -6.04 8.01 -19.32
CA SER G 69 -5.24 7.96 -18.10
C SER G 69 -6.08 8.41 -16.89
N GLN G 70 -5.91 7.72 -15.77
CA GLN G 70 -6.65 8.06 -14.56
C GLN G 70 -5.84 7.67 -13.33
N SER G 71 -5.67 8.61 -12.41
CA SER G 71 -4.93 8.35 -11.18
C SER G 71 -5.71 8.81 -9.96
N THR G 72 -5.77 7.96 -8.95
CA THR G 72 -6.49 8.29 -7.72
C THR G 72 -5.67 7.90 -6.49
N ASP G 73 -5.40 8.87 -5.63
CA ASP G 73 -4.62 8.61 -4.42
C ASP G 73 -5.02 9.55 -3.30
N THR G 74 -5.36 9.00 -2.14
CA THR G 74 -5.77 9.82 -1.01
C THR G 74 -4.59 10.47 -0.33
N SER G 75 -3.60 9.67 0.05
CA SER G 75 -2.42 10.19 0.72
C SER G 75 -1.14 9.65 0.09
N GLY G 76 -0.02 10.00 0.69
CA GLY G 76 1.28 9.54 0.20
C GLY G 76 1.62 10.19 -1.14
N TYR G 77 1.89 11.50 -1.10
CA TYR G 77 2.26 12.27 -2.30
C TYR G 77 1.59 11.73 -3.56
N GLY G 78 0.28 11.93 -3.67
CA GLY G 78 -0.46 11.45 -4.84
C GLY G 78 -0.02 12.18 -6.09
N GLN G 79 0.89 11.56 -6.85
CA GLN G 79 1.39 12.16 -8.08
C GLN G 79 2.23 13.40 -7.77
N SER G 80 3.51 13.19 -7.52
CA SER G 80 4.40 14.30 -7.20
C SER G 80 5.86 13.90 -7.39
N SER G 81 6.67 14.83 -7.87
CA SER G 81 8.09 14.56 -8.09
C SER G 81 8.90 15.83 -7.92
N TYR G 82 10.22 15.68 -7.78
CA TYR G 82 11.09 16.83 -7.60
C TYR G 82 10.64 17.67 -6.42
N SER G 83 10.26 17.01 -5.34
CA SER G 83 9.81 17.72 -4.14
C SER G 83 10.90 18.64 -3.61
N SER G 84 12.14 18.14 -3.62
CA SER G 84 13.27 18.95 -3.14
C SER G 84 12.96 19.52 -1.77
N TYR G 85 12.74 18.65 -0.79
CA TYR G 85 12.44 19.08 0.56
C TYR G 85 13.57 19.94 1.13
N GLY G 86 14.81 19.53 0.84
CA GLY G 86 15.96 20.27 1.32
C GLY G 86 17.26 19.54 0.98
N GLN G 87 18.28 19.73 1.82
CA GLN G 87 19.56 19.09 1.60
C GLN G 87 20.36 19.00 2.90
N SER G 88 19.65 18.96 4.02
CA SER G 88 20.31 18.87 5.32
C SER G 88 19.40 18.22 6.35
N GLN G 89 18.33 18.92 6.72
CA GLN G 89 17.38 18.40 7.70
C GLN G 89 15.96 18.56 7.20
N ASN G 90 15.35 17.46 6.76
CA ASN G 90 13.99 17.51 6.26
C ASN G 90 13.16 16.35 6.81
N THR G 91 11.84 16.54 6.87
CA THR G 91 10.96 15.50 7.38
C THR G 91 9.75 15.34 6.48
N GLY G 92 9.41 14.08 6.17
CA GLY G 92 8.27 13.79 5.32
C GLY G 92 6.97 14.31 5.93
N TYR G 93 5.85 13.77 5.47
CA TYR G 93 4.54 14.18 5.97
C TYR G 93 4.54 14.26 7.49
N GLY G 94 4.97 13.19 8.14
CA GLY G 94 5.02 13.15 9.60
C GLY G 94 4.08 12.08 10.15
N THR G 95 3.13 12.50 10.96
CA THR G 95 2.18 11.56 11.55
C THR G 95 0.77 12.11 11.46
N GLN G 96 -0.13 11.33 10.88
CA GLN G 96 -1.52 11.77 10.74
C GLN G 96 -2.47 10.58 10.74
N SER G 97 -3.76 10.87 10.62
CA SER G 97 -4.77 9.81 10.59
C SER G 97 -5.49 9.84 9.24
N THR G 98 -5.23 8.82 8.43
CA THR G 98 -5.85 8.72 7.11
C THR G 98 -7.20 8.02 7.21
N PRO G 99 -7.95 7.96 6.13
CA PRO G 99 -9.29 7.29 6.09
C PRO G 99 -9.32 5.95 6.80
N GLN G 100 -10.52 5.41 6.91
CA GLN G 100 -10.73 4.12 7.53
C GLN G 100 -10.97 3.09 6.44
N GLY G 101 -11.54 1.94 6.81
CA GLY G 101 -11.82 0.89 5.82
C GLY G 101 -12.50 1.46 4.58
N TYR G 102 -11.70 1.81 3.57
CA TYR G 102 -12.22 2.37 2.33
C TYR G 102 -11.10 2.63 1.34
N GLY G 103 -10.00 3.17 1.85
CA GLY G 103 -8.86 3.47 0.99
C GLY G 103 -9.29 4.34 -0.20
N SER G 104 -8.48 4.34 -1.24
CA SER G 104 -8.78 5.12 -2.43
C SER G 104 -9.45 4.26 -3.49
N THR G 105 -10.77 4.18 -3.48
CA THR G 105 -11.49 3.39 -4.46
C THR G 105 -11.28 3.99 -5.84
N GLY G 106 -10.69 3.20 -6.74
CA GLY G 106 -10.43 3.66 -8.09
C GLY G 106 -11.23 2.84 -9.12
N GLY G 107 -12.43 3.31 -9.42
CA GLY G 107 -13.27 2.61 -10.38
C GLY G 107 -14.71 3.14 -10.34
N TYR G 108 -15.24 3.46 -11.52
CA TYR G 108 -16.61 3.98 -11.59
C TYR G 108 -17.60 2.84 -11.78
N GLY G 109 -17.55 1.85 -10.90
CA GLY G 109 -18.46 0.72 -10.97
C GLY G 109 -19.32 0.62 -9.72
N SER G 110 -18.70 0.27 -8.60
CA SER G 110 -19.43 0.14 -7.34
C SER G 110 -18.46 0.23 -6.17
N SER G 111 -18.49 1.35 -5.46
CA SER G 111 -17.62 1.55 -4.31
C SER G 111 -18.42 2.08 -3.13
N GLN G 112 -19.02 1.17 -2.36
CA GLN G 112 -19.81 1.56 -1.20
C GLN G 112 -19.49 0.65 -0.01
N SER G 113 -19.48 1.24 1.18
CA SER G 113 -19.17 0.46 2.38
C SER G 113 -19.59 1.21 3.64
N SER G 114 -19.28 0.62 4.79
CA SER G 114 -19.61 1.23 6.09
C SER G 114 -18.52 0.92 7.09
N GLN G 115 -18.16 1.91 7.91
CA GLN G 115 -17.11 1.71 8.91
C GLN G 115 -16.96 2.91 9.83
N SER G 116 -15.91 2.92 10.64
CA SER G 116 -15.68 4.04 11.56
C SER G 116 -14.32 3.94 12.22
N SER G 117 -13.89 5.03 12.87
CA SER G 117 -12.61 5.06 13.55
C SER G 117 -12.77 5.53 14.99
N TYR G 118 -12.09 4.88 15.92
CA TYR G 118 -12.17 5.24 17.32
C TYR G 118 -10.81 5.15 18.00
N GLY G 119 -10.05 6.25 17.96
CA GLY G 119 -8.73 6.28 18.60
C GLY G 119 -7.63 6.60 17.59
N GLN G 120 -7.73 7.76 16.96
CA GLN G 120 -6.73 8.17 15.99
C GLN G 120 -5.71 9.12 16.62
N GLN G 121 -4.46 8.69 16.69
CA GLN G 121 -3.41 9.52 17.27
C GLN G 121 -2.13 9.44 16.45
N SER G 122 -1.49 10.58 16.24
CA SER G 122 -0.25 10.63 15.47
C SER G 122 0.81 11.44 16.21
N SER G 123 1.92 10.81 16.53
CA SER G 123 3.00 11.47 17.24
C SER G 123 2.51 12.01 18.58
N TYR G 124 2.40 11.13 19.56
CA TYR G 124 1.94 11.53 20.88
C TYR G 124 0.49 12.00 20.83
N SER H 64 -14.42 15.10 -23.63
CA SER H 64 -14.12 13.69 -24.03
C SER H 64 -13.68 13.66 -25.49
N TYR H 65 -13.49 12.45 -26.02
CA TYR H 65 -13.07 12.30 -27.40
C TYR H 65 -11.69 12.89 -27.62
N SER H 66 -10.71 12.04 -27.91
CA SER H 66 -9.35 12.48 -28.14
C SER H 66 -8.78 13.14 -26.87
N GLY H 67 -7.82 12.46 -26.26
CA GLY H 67 -7.20 12.98 -25.04
C GLY H 67 -8.13 12.81 -23.84
N TYR H 68 -7.66 12.09 -22.83
CA TYR H 68 -8.45 11.86 -21.63
C TYR H 68 -7.56 11.72 -20.41
N SER H 69 -7.83 12.51 -19.37
CA SER H 69 -7.05 12.46 -18.15
C SER H 69 -7.87 12.92 -16.95
N GLN H 70 -7.71 12.23 -15.84
CA GLN H 70 -8.46 12.57 -14.63
C GLN H 70 -7.66 12.18 -13.38
N SER H 71 -7.49 13.13 -12.47
CA SER H 71 -6.75 12.87 -11.24
C SER H 71 -7.54 13.33 -10.02
N THR H 72 -7.60 12.48 -9.00
CA THR H 72 -8.32 12.83 -7.78
C THR H 72 -7.52 12.43 -6.56
N ASP H 73 -7.23 13.40 -5.69
CA ASP H 73 -6.46 13.14 -4.48
C ASP H 73 -6.87 14.09 -3.36
N THR H 74 -7.21 13.55 -2.21
CA THR H 74 -7.63 14.37 -1.08
C THR H 74 -6.43 15.02 -0.40
N SER H 75 -5.45 14.22 -0.02
CA SER H 75 -4.28 14.73 0.66
C SER H 75 -3.00 14.20 0.04
N GLY H 76 -1.86 14.54 0.65
CA GLY H 76 -0.58 14.07 0.15
C GLY H 76 -0.23 14.72 -1.18
N TYR H 77 0.05 16.03 -1.14
CA TYR H 77 0.43 16.79 -2.34
C TYR H 77 -0.25 16.25 -3.61
N GLY H 78 -1.55 16.46 -3.73
CA GLY H 78 -2.29 15.97 -4.89
C GLY H 78 -1.85 16.70 -6.15
N GLN H 79 -0.93 16.07 -6.90
CA GLN H 79 -0.43 16.66 -8.13
C GLN H 79 0.41 17.91 -7.82
N SER H 80 1.70 17.69 -7.56
CA SER H 80 2.59 18.80 -7.25
C SER H 80 4.05 18.40 -7.43
N SER H 81 4.86 19.33 -7.91
CA SER H 81 6.27 19.05 -8.12
C SER H 81 7.09 20.32 -7.95
N TYR H 82 8.41 20.16 -7.80
CA TYR H 82 9.29 21.31 -7.63
C TYR H 82 8.83 22.15 -6.45
N SER H 83 8.46 21.49 -5.37
CA SER H 83 8.00 22.21 -4.18
C SER H 83 9.09 23.13 -3.65
N SER H 84 10.33 22.63 -3.66
CA SER H 84 11.46 23.43 -3.17
C SER H 84 11.15 24.02 -1.80
N TYR H 85 10.92 23.14 -0.82
CA TYR H 85 10.61 23.59 0.53
C TYR H 85 11.74 24.43 1.10
N GLY H 86 12.98 24.02 0.81
CA GLY H 86 14.14 24.76 1.30
C GLY H 86 15.43 24.03 0.97
N GLN H 87 16.45 24.21 1.81
CA GLN H 87 17.74 23.56 1.59
C GLN H 87 18.53 23.48 2.89
N SER H 88 17.82 23.44 4.01
CA SER H 88 18.47 23.36 5.32
C SER H 88 17.55 22.72 6.34
N GLN H 89 16.48 23.42 6.71
CA GLN H 89 15.53 22.90 7.69
C GLN H 89 14.11 23.07 7.19
N ASN H 90 13.50 21.97 6.75
CA ASN H 90 12.14 22.02 6.24
C ASN H 90 11.30 20.87 6.80
N THR H 91 9.99 21.06 6.85
CA THR H 91 9.10 20.03 7.36
C THR H 91 7.89 19.86 6.45
N GLY H 92 7.55 18.61 6.15
CA GLY H 92 6.41 18.31 5.28
C GLY H 92 5.12 18.84 5.89
N TYR H 93 3.99 18.30 5.43
CA TYR H 93 2.69 18.72 5.92
C TYR H 93 2.68 18.80 7.45
N GLY H 94 3.10 17.73 8.10
CA GLY H 94 3.14 17.70 9.56
C GLY H 94 2.21 16.63 10.11
N THR H 95 1.24 17.06 10.92
CA THR H 95 0.30 16.12 11.51
C THR H 95 -1.12 16.68 11.42
N GLN H 96 -2.02 15.90 10.83
CA GLN H 96 -3.40 16.34 10.68
C GLN H 96 -4.36 15.15 10.68
N SER H 97 -5.65 15.45 10.55
CA SER H 97 -6.65 14.39 10.52
C SER H 97 -7.38 14.41 9.18
N THR H 98 -7.11 13.39 8.36
CA THR H 98 -7.72 13.30 7.05
C THR H 98 -9.09 12.60 7.14
N PRO H 99 -9.83 12.54 6.06
CA PRO H 99 -11.17 11.89 6.02
C PRO H 99 -11.21 10.54 6.74
N GLN H 100 -12.42 10.00 6.83
CA GLN H 100 -12.63 8.71 7.47
C GLN H 100 -12.87 7.68 6.38
N GLY H 101 -13.45 6.53 6.74
CA GLY H 101 -13.72 5.48 5.76
C GLY H 101 -14.40 6.04 4.51
N TYR H 102 -13.59 6.39 3.51
CA TYR H 102 -14.11 6.95 2.27
C TYR H 102 -12.99 7.21 1.28
N GLY H 103 -11.87 7.74 1.78
CA GLY H 103 -10.74 8.04 0.94
C GLY H 103 -11.16 8.90 -0.26
N SER H 104 -10.34 8.89 -1.30
CA SER H 104 -10.65 9.68 -2.49
C SER H 104 -11.30 8.81 -3.56
N THR H 105 -12.63 8.75 -3.53
CA THR H 105 -13.35 7.96 -4.53
C THR H 105 -13.14 8.54 -5.91
N GLY H 106 -12.54 7.76 -6.80
CA GLY H 106 -12.28 8.22 -8.16
C GLY H 106 -13.06 7.40 -9.18
N GLY H 107 -14.28 7.86 -9.49
CA GLY H 107 -15.11 7.17 -10.46
C GLY H 107 -16.54 7.69 -10.42
N TYR H 108 -17.08 8.01 -11.59
CA TYR H 108 -18.44 8.53 -11.68
C TYR H 108 -19.44 7.39 -11.88
N GLY H 109 -19.40 6.41 -10.97
CA GLY H 109 -20.31 5.28 -11.06
C GLY H 109 -21.18 5.19 -9.81
N SER H 110 -20.56 4.84 -8.68
CA SER H 110 -21.29 4.72 -7.43
C SER H 110 -20.33 4.80 -6.25
N SER H 111 -20.36 5.94 -5.55
CA SER H 111 -19.49 6.13 -4.40
C SER H 111 -20.29 6.66 -3.22
N GLN H 112 -20.89 5.76 -2.45
CA GLN H 112 -21.68 6.15 -1.29
C GLN H 112 -21.38 5.25 -0.10
N SER H 113 -21.36 5.84 1.10
CA SER H 113 -21.06 5.07 2.30
C SER H 113 -21.49 5.82 3.56
N SER H 114 -21.18 5.24 4.71
CA SER H 114 -21.51 5.85 6.00
C SER H 114 -20.42 5.53 7.02
N GLN H 115 -20.06 6.53 7.83
CA GLN H 115 -19.01 6.32 8.82
C GLN H 115 -18.87 7.53 9.74
N SER H 116 -17.82 7.55 10.57
CA SER H 116 -17.60 8.66 11.48
C SER H 116 -16.22 8.56 12.15
N SER H 117 -15.81 9.65 12.79
CA SER H 117 -14.51 9.68 13.47
C SER H 117 -14.69 10.15 14.91
N TYR H 118 -14.01 9.49 15.84
CA TYR H 118 -14.10 9.86 17.25
C TYR H 118 -12.74 9.77 17.94
N GLY H 119 -11.98 10.86 17.90
CA GLY H 119 -10.66 10.90 18.53
C GLY H 119 -9.56 11.21 17.52
N GLN H 120 -9.65 12.37 16.89
CA GLN H 120 -8.64 12.77 15.92
C GLN H 120 -7.63 13.73 16.56
N GLN H 121 -6.37 13.29 16.62
CA GLN H 121 -5.31 14.11 17.21
C GLN H 121 -4.03 14.02 16.40
N SER H 122 -3.39 15.17 16.18
CA SER H 122 -2.15 15.21 15.43
C SER H 122 -1.10 16.03 16.16
N SER H 123 0.02 15.38 16.48
CA SER H 123 1.10 16.05 17.20
C SER H 123 0.60 16.59 18.54
N TYR H 124 0.49 15.71 19.52
CA TYR H 124 0.02 16.11 20.84
C TYR H 124 -1.42 16.59 20.78
N SER I 64 -16.18 19.61 -23.75
CA SER I 64 -15.88 18.21 -24.13
C SER I 64 -15.43 18.17 -25.59
N TYR I 65 -15.25 16.96 -26.11
CA TYR I 65 -14.83 16.80 -27.50
C TYR I 65 -13.44 17.39 -27.71
N SER I 66 -12.47 16.52 -28.00
CA SER I 66 -11.10 16.97 -28.22
C SER I 66 -10.54 17.63 -26.95
N GLY I 67 -9.58 16.96 -26.33
CA GLY I 67 -8.96 17.48 -25.11
C GLY I 67 -9.89 17.31 -23.92
N TYR I 68 -9.43 16.58 -22.91
CA TYR I 68 -10.23 16.36 -21.71
C TYR I 68 -9.33 16.22 -20.49
N SER I 69 -9.62 17.02 -19.46
CA SER I 69 -8.82 16.98 -18.23
C SER I 69 -9.66 17.44 -17.04
N GLN I 70 -9.51 16.74 -15.91
CA GLN I 70 -10.26 17.09 -14.71
C GLN I 70 -9.47 16.71 -13.46
N SER I 71 -9.29 17.66 -12.55
CA SER I 71 -8.55 17.40 -11.33
C SER I 71 -9.35 17.87 -10.11
N THR I 72 -9.41 17.01 -9.09
CA THR I 72 -10.15 17.36 -7.87
C THR I 72 -9.33 16.96 -6.63
N ASP I 73 -9.06 17.94 -5.78
CA ASP I 73 -8.30 17.69 -4.56
C ASP I 73 -8.72 18.65 -3.45
N THR I 74 -9.03 18.11 -2.29
CA THR I 74 -9.46 18.93 -1.17
C THR I 74 -8.27 19.58 -0.48
N SER I 75 -7.29 18.77 -0.09
CA SER I 75 -6.12 19.29 0.58
C SER I 75 -4.83 18.74 -0.03
N GLY I 76 -3.71 19.08 0.58
CA GLY I 76 -2.42 18.61 0.10
C GLY I 76 -2.07 19.26 -1.24
N TYR I 77 -1.78 20.56 -1.21
CA TYR I 77 -1.40 21.32 -2.40
C TYR I 77 -2.06 20.77 -3.67
N GLY I 78 -3.36 21.00 -3.80
CA GLY I 78 -4.12 20.52 -4.96
C GLY I 78 -3.66 21.24 -6.22
N GLN I 79 -2.75 20.60 -6.96
CA GLN I 79 -2.24 21.18 -8.19
C GLN I 79 -1.40 22.43 -7.89
N SER I 80 -0.11 22.21 -7.62
CA SER I 80 0.78 23.32 -7.31
C SER I 80 2.24 22.90 -7.49
N SER I 81 3.06 23.83 -7.97
CA SER I 81 4.48 23.55 -8.17
C SER I 81 5.30 24.82 -8.01
N TYR I 82 6.61 24.65 -7.85
CA TYR I 82 7.49 25.80 -7.68
C TYR I 82 7.04 26.65 -6.51
N SER I 83 6.65 26.00 -5.42
CA SER I 83 6.19 26.71 -4.23
C SER I 83 7.29 27.62 -3.70
N SER I 84 8.53 27.13 -3.70
CA SER I 84 9.65 27.92 -3.21
C SER I 84 9.34 28.51 -1.84
N TYR I 85 9.11 27.64 -0.87
CA TYR I 85 8.80 28.09 0.48
C TYR I 85 9.94 28.93 1.05
N GLY I 86 11.17 28.52 0.77
CA GLY I 86 12.33 29.26 1.26
C GLY I 86 13.63 28.52 0.93
N GLN I 87 14.63 28.70 1.77
CA GLN I 87 15.92 28.05 1.56
C GLN I 87 16.71 27.97 2.87
N SER I 88 15.99 27.94 3.99
CA SER I 88 16.65 27.86 5.29
C SER I 88 15.71 27.21 6.32
N GLN I 89 14.65 27.93 6.68
CA GLN I 89 13.69 27.42 7.66
C GLN I 89 12.27 27.59 7.15
N ASN I 90 11.66 26.48 6.72
CA ASN I 90 10.29 26.54 6.20
C ASN I 90 9.47 25.38 6.75
N THR I 91 8.15 25.58 6.80
CA THR I 91 7.25 24.55 7.32
C THR I 91 6.05 24.38 6.39
N GLY I 92 5.71 23.13 6.10
CA GLY I 92 4.57 22.84 5.23
C GLY I 92 3.28 23.38 5.84
N TYR I 93 2.15 22.84 5.37
CA TYR I 93 0.84 23.26 5.86
C TYR I 93 0.83 23.34 7.39
N GLY I 94 1.25 22.27 8.04
CA GLY I 94 1.29 22.25 9.50
C GLY I 94 0.34 21.18 10.05
N THR I 95 -0.61 21.61 10.86
CA THR I 95 -1.57 20.69 11.44
C THR I 95 -2.98 21.24 11.33
N GLN I 96 -3.89 20.46 10.77
CA GLN I 96 -5.27 20.92 10.61
C GLN I 96 -6.23 19.73 10.61
N SER I 97 -7.51 20.03 10.47
CA SER I 97 -8.53 18.99 10.43
C SER I 97 -9.24 19.01 9.10
N THR I 98 -8.99 17.98 8.29
CA THR I 98 -9.59 17.88 6.96
C THR I 98 -10.95 17.19 7.05
N PRO I 99 -11.70 17.14 5.97
CA PRO I 99 -13.05 16.50 5.94
C PRO I 99 -13.09 15.15 6.65
N GLN I 100 -14.30 14.61 6.75
CA GLN I 100 -14.51 13.32 7.39
C GLN I 100 -14.75 12.28 6.30
N GLY I 101 -15.33 11.14 6.66
CA GLY I 101 -15.61 10.09 5.68
C GLY I 101 -16.28 10.64 4.42
N TYR I 102 -15.46 10.98 3.43
CA TYR I 102 -15.98 11.54 2.19
C TYR I 102 -14.84 11.78 1.20
N GLY I 103 -13.74 12.32 1.71
CA GLY I 103 -12.60 12.62 0.86
C GLY I 103 -13.02 13.48 -0.33
N SER I 104 -12.19 13.46 -1.38
CA SER I 104 -12.49 14.25 -2.57
C SER I 104 -13.15 13.37 -3.64
N THR I 105 -14.47 13.31 -3.62
CA THR I 105 -15.20 12.52 -4.61
C THR I 105 -14.97 13.09 -6.00
N GLY I 106 -14.38 12.30 -6.88
CA GLY I 106 -14.11 12.76 -8.24
C GLY I 106 -14.90 11.95 -9.27
N GLY I 107 -16.10 12.42 -9.58
CA GLY I 107 -16.94 11.72 -10.55
C GLY I 107 -18.37 12.25 -10.51
N TYR I 108 -18.90 12.57 -11.69
CA TYR I 108 -20.26 13.08 -11.78
C TYR I 108 -21.25 11.94 -11.98
N GLY I 109 -21.22 10.97 -11.07
CA GLY I 109 -22.14 9.84 -11.16
C GLY I 109 -23.02 9.77 -9.91
N SER I 110 -22.40 9.42 -8.78
CA SER I 110 -23.14 9.31 -7.53
C SER I 110 -22.18 9.40 -6.35
N SER I 111 -22.20 10.53 -5.66
CA SER I 111 -21.34 10.73 -4.50
C SER I 111 -22.14 11.27 -3.32
N GLN I 112 -22.75 10.36 -2.56
CA GLN I 112 -23.55 10.76 -1.40
C GLN I 112 -23.25 9.87 -0.20
N SER I 113 -23.22 10.46 0.99
CA SER I 113 -22.94 9.70 2.20
C SER I 113 -23.36 10.45 3.45
N SER I 114 -23.07 9.86 4.61
CA SER I 114 -23.41 10.48 5.89
C SER I 114 -22.32 10.17 6.92
N GLN I 115 -21.95 11.16 7.72
CA GLN I 115 -20.91 10.96 8.72
C GLN I 115 -20.76 12.18 9.63
N SER I 116 -19.73 12.18 10.47
CA SER I 116 -19.49 13.30 11.38
C SER I 116 -18.13 13.19 12.05
N SER I 117 -17.70 14.28 12.69
CA SER I 117 -16.41 14.31 13.38
C SER I 117 -16.59 14.78 14.82
N TYR I 118 -15.92 14.11 15.75
CA TYR I 118 -16.00 14.48 17.15
C TYR I 118 -14.63 14.37 17.84
N GLY I 119 -13.88 15.47 17.81
CA GLY I 119 -12.57 15.51 18.45
C GLY I 119 -11.46 15.82 17.45
N GLN I 120 -11.55 16.99 16.81
CA GLN I 120 -10.54 17.39 15.83
C GLN I 120 -9.52 18.34 16.47
N GLN I 121 -8.27 17.90 16.55
CA GLN I 121 -7.22 18.72 17.14
C GLN I 121 -5.94 18.62 16.32
N SER I 122 -5.28 19.76 16.11
CA SER I 122 -4.04 19.81 15.35
C SER I 122 -2.99 20.61 16.09
N SER I 123 -1.88 19.96 16.42
CA SER I 123 -0.79 20.63 17.14
C SER I 123 -1.29 21.18 18.47
N TYR I 124 -1.41 20.31 19.46
CA TYR I 124 -1.87 20.71 20.78
C TYR I 124 -3.32 21.20 20.71
N SER A 64 -9.93 -27.15 -22.70
CA SER A 64 -8.49 -27.46 -22.48
C SER A 64 -7.86 -26.39 -21.60
N TYR A 65 -6.75 -26.73 -20.96
CA TYR A 65 -6.05 -25.79 -20.08
C TYR A 65 -4.70 -25.40 -20.68
N SER A 66 -4.46 -24.10 -20.78
CA SER A 66 -3.20 -23.61 -21.32
C SER A 66 -2.57 -22.58 -20.39
N GLY A 67 -1.56 -23.02 -19.64
CA GLY A 67 -0.88 -22.12 -18.70
C GLY A 67 0.55 -21.85 -19.16
N TYR A 68 0.95 -20.58 -19.09
CA TYR A 68 2.29 -20.19 -19.48
C TYR A 68 2.95 -19.34 -18.42
N SER A 69 4.25 -19.51 -18.24
CA SER A 69 4.99 -18.73 -17.25
C SER A 69 4.31 -18.82 -15.89
N GLN A 70 3.96 -20.03 -15.47
CA GLN A 70 3.29 -20.23 -14.19
C GLN A 70 4.33 -20.34 -13.06
N SER A 71 4.33 -19.35 -12.18
CA SER A 71 5.27 -19.35 -11.06
C SER A 71 4.60 -18.84 -9.79
N THR A 72 4.97 -19.42 -8.66
CA THR A 72 4.38 -18.99 -7.38
C THR A 72 5.42 -19.06 -6.27
N ASP A 73 5.36 -18.11 -5.34
CA ASP A 73 6.30 -18.08 -4.22
C ASP A 73 5.61 -17.52 -2.99
N THR A 74 6.00 -18.01 -1.81
CA THR A 74 5.39 -17.54 -0.57
C THR A 74 6.43 -16.96 0.38
N SER A 75 7.48 -17.76 0.64
CA SER A 75 8.54 -17.33 1.54
C SER A 75 9.91 -17.65 0.93
N GLY A 76 10.80 -16.66 0.90
CA GLY A 76 12.14 -16.90 0.36
C GLY A 76 12.35 -16.19 -0.98
N TYR A 77 12.56 -14.87 -0.92
CA TYR A 77 12.81 -14.03 -2.11
C TYR A 77 12.10 -14.57 -3.34
N GLY A 78 10.77 -14.48 -3.36
CA GLY A 78 9.99 -14.96 -4.49
C GLY A 78 10.22 -14.10 -5.72
N GLN A 79 11.13 -14.52 -6.57
CA GLN A 79 11.44 -13.77 -7.79
C GLN A 79 12.10 -12.44 -7.45
N SER A 80 13.42 -12.42 -7.45
CA SER A 80 14.16 -11.20 -7.14
C SER A 80 15.57 -11.29 -7.70
N SER A 81 16.22 -10.13 -7.86
CA SER A 81 17.57 -10.09 -8.39
C SER A 81 18.46 -9.19 -7.54
N TYR A 82 19.69 -9.62 -7.30
CA TYR A 82 20.63 -8.84 -6.51
C TYR A 82 19.98 -8.35 -5.22
N SER A 83 19.04 -9.14 -4.71
CA SER A 83 18.35 -8.78 -3.47
C SER A 83 19.31 -8.89 -2.29
N SER A 84 19.05 -8.10 -1.25
CA SER A 84 19.90 -8.12 -0.06
C SER A 84 21.37 -8.01 -0.44
N TYR A 85 21.65 -7.20 -1.46
CA TYR A 85 23.03 -7.03 -1.92
C TYR A 85 23.90 -6.42 -0.82
N GLY A 86 25.07 -6.99 -0.62
CA GLY A 86 25.99 -6.51 0.40
C GLY A 86 27.39 -7.08 0.20
N GLN A 87 28.29 -6.75 1.11
CA GLN A 87 29.66 -7.25 1.03
C GLN A 87 30.15 -7.71 2.40
N SER A 88 29.69 -7.02 3.45
CA SER A 88 30.08 -7.37 4.81
C SER A 88 28.84 -7.51 5.69
N GLN A 89 28.91 -8.41 6.67
CA GLN A 89 27.79 -8.62 7.58
C GLN A 89 26.51 -8.91 6.79
N ASN A 90 26.57 -9.92 5.93
CA ASN A 90 25.40 -10.28 5.12
C ASN A 90 24.60 -11.39 5.80
N THR A 91 23.38 -11.04 6.22
CA THR A 91 22.53 -12.02 6.88
C THR A 91 21.23 -12.20 6.10
N GLY A 92 20.85 -13.46 5.87
CA GLY A 92 19.64 -13.78 5.14
C GLY A 92 18.41 -13.24 5.85
N TYR A 93 17.25 -13.79 5.49
CA TYR A 93 15.98 -13.36 6.10
C TYR A 93 16.10 -13.27 7.62
N GLY A 94 16.59 -14.34 8.23
CA GLY A 94 16.75 -14.37 9.69
C GLY A 94 15.89 -15.45 10.31
N THR A 95 14.99 -15.04 11.20
CA THR A 95 14.09 -15.98 11.86
C THR A 95 12.64 -15.71 11.48
N GLN A 96 12.06 -16.62 10.71
CA GLN A 96 10.67 -16.48 10.29
C GLN A 96 9.97 -17.82 10.25
N SER A 97 8.64 -17.79 10.28
CA SER A 97 7.86 -19.01 10.24
C SER A 97 6.95 -19.03 9.01
N THR A 98 7.09 -20.07 8.19
CA THR A 98 6.29 -20.20 6.98
C THR A 98 4.91 -20.76 7.34
N PRO A 99 3.99 -20.77 6.41
CA PRO A 99 2.60 -21.26 6.66
C PRO A 99 2.56 -22.66 7.25
N GLN A 100 2.26 -22.74 8.54
CA GLN A 100 2.18 -24.03 9.21
C GLN A 100 0.97 -24.80 8.68
N GLY A 101 1.23 -25.90 7.99
CA GLY A 101 0.15 -26.71 7.43
C GLY A 101 0.28 -26.81 5.91
N TYR A 102 -0.27 -25.82 5.21
CA TYR A 102 -0.21 -25.80 3.74
C TYR A 102 0.60 -24.61 3.24
N GLY A 103 1.80 -24.90 2.74
CA GLY A 103 2.68 -23.85 2.22
C GLY A 103 1.98 -23.03 1.15
N SER A 104 2.03 -23.49 -0.10
CA SER A 104 1.40 -22.77 -1.19
C SER A 104 1.17 -23.67 -2.41
N THR A 105 0.49 -23.12 -3.42
CA THR A 105 0.20 -23.86 -4.64
C THR A 105 0.44 -22.98 -5.86
N GLY A 106 0.47 -23.61 -7.02
CA GLY A 106 0.69 -22.89 -8.27
C GLY A 106 -0.62 -22.26 -8.76
N GLY A 107 -0.89 -22.40 -10.05
CA GLY A 107 -2.11 -21.84 -10.62
C GLY A 107 -3.17 -22.92 -10.81
N TYR A 108 -3.21 -23.48 -12.02
CA TYR A 108 -4.19 -24.53 -12.33
C TYR A 108 -4.18 -25.58 -11.25
N GLY A 109 -5.21 -26.42 -11.22
CA GLY A 109 -5.29 -27.47 -10.20
C GLY A 109 -5.79 -26.88 -8.89
N SER A 110 -7.00 -26.33 -8.93
CA SER A 110 -7.65 -25.70 -7.77
C SER A 110 -7.08 -26.22 -6.46
N SER A 111 -6.65 -25.29 -5.60
CA SER A 111 -6.06 -25.67 -4.33
C SER A 111 -7.05 -25.44 -3.18
N GLN A 112 -7.57 -26.53 -2.64
CA GLN A 112 -8.52 -26.44 -1.53
C GLN A 112 -7.95 -27.13 -0.30
N SER A 113 -7.48 -26.32 0.64
CA SER A 113 -6.89 -26.87 1.86
C SER A 113 -7.28 -26.05 3.09
N SER A 114 -7.22 -26.69 4.26
CA SER A 114 -7.57 -26.02 5.51
C SER A 114 -6.59 -26.42 6.60
N GLN A 115 -6.11 -25.44 7.36
CA GLN A 115 -5.16 -25.72 8.43
C GLN A 115 -5.14 -24.58 9.46
N SER A 116 -4.25 -24.69 10.45
CA SER A 116 -4.15 -23.67 11.48
C SER A 116 -2.90 -23.88 12.33
N SER A 117 -2.46 -22.84 13.03
CA SER A 117 -1.27 -22.94 13.86
C SER A 117 -1.20 -21.78 14.85
N TYR A 118 -0.70 -22.04 16.05
CA TYR A 118 -0.59 -21.00 17.06
C TYR A 118 0.64 -21.21 17.94
N GLY A 119 1.82 -20.94 17.38
CA GLY A 119 3.06 -21.12 18.13
C GLY A 119 4.28 -20.73 17.28
N GLN A 120 4.25 -19.52 16.73
CA GLN A 120 5.35 -19.04 15.91
C GLN A 120 6.29 -18.17 16.72
N GLN A 121 7.52 -18.66 16.94
CA GLN A 121 8.50 -17.92 17.70
C GLN A 121 9.80 -17.78 16.90
N SER A 122 10.20 -16.53 16.65
CA SER A 122 11.42 -16.27 15.89
C SER A 122 12.26 -15.22 16.60
N SER A 123 13.55 -15.50 16.75
CA SER A 123 14.46 -14.56 17.41
C SER A 123 13.95 -14.24 18.81
N TYR A 124 13.62 -15.27 19.57
CA TYR A 124 13.12 -15.09 20.93
C TYR A 124 11.77 -14.39 20.91
N SER B 64 -11.81 -22.63 -22.71
CA SER B 64 -10.38 -22.96 -22.48
C SER B 64 -9.75 -21.88 -21.60
N TYR B 65 -8.63 -22.23 -20.96
CA TYR B 65 -7.95 -21.29 -20.09
C TYR B 65 -6.59 -20.91 -20.68
N SER B 66 -6.34 -19.60 -20.77
CA SER B 66 -5.08 -19.13 -21.32
C SER B 66 -4.45 -18.11 -20.39
N GLY B 67 -3.45 -18.53 -19.63
CA GLY B 67 -2.76 -17.65 -18.69
C GLY B 67 -1.33 -17.37 -19.14
N TYR B 68 -0.93 -16.12 -19.07
CA TYR B 68 0.43 -15.74 -19.48
C TYR B 68 1.08 -14.88 -18.40
N SER B 69 2.39 -15.05 -18.22
CA SER B 69 3.12 -14.29 -17.22
C SER B 69 2.42 -14.35 -15.87
N GLN B 70 2.08 -15.57 -15.45
CA GLN B 70 1.41 -15.75 -14.17
C GLN B 70 2.42 -15.86 -13.04
N SER B 71 2.43 -14.87 -12.15
CA SER B 71 3.37 -14.87 -11.04
C SER B 71 2.70 -14.36 -9.77
N THR B 72 3.06 -14.93 -8.63
CA THR B 72 2.48 -14.51 -7.36
C THR B 72 3.50 -14.58 -6.24
N ASP B 73 3.45 -13.63 -5.33
CA ASP B 73 4.37 -13.59 -4.20
C ASP B 73 3.68 -13.01 -2.97
N THR B 74 4.06 -13.50 -1.79
CA THR B 74 3.46 -13.03 -0.55
C THR B 74 4.51 -12.46 0.40
N SER B 75 5.54 -13.26 0.67
CA SER B 75 6.60 -12.83 1.57
C SER B 75 7.97 -13.15 0.98
N GLY B 76 8.86 -12.17 0.95
CA GLY B 76 10.20 -12.39 0.41
C GLY B 76 10.40 -11.68 -0.93
N TYR B 77 10.65 -10.38 -0.87
CA TYR B 77 10.89 -9.56 -2.06
C TYR B 77 10.19 -10.11 -3.31
N GLY B 78 8.86 -10.00 -3.33
CA GLY B 78 8.08 -10.49 -4.46
C GLY B 78 8.32 -9.63 -5.69
N GLN B 79 9.24 -10.06 -6.55
CA GLN B 79 9.55 -9.31 -7.76
C GLN B 79 10.21 -7.98 -7.42
N SER B 80 11.54 -7.97 -7.42
CA SER B 80 12.28 -6.75 -7.11
C SER B 80 13.70 -6.84 -7.66
N SER B 81 14.35 -5.69 -7.82
CA SER B 81 15.70 -5.66 -8.34
C SER B 81 16.59 -4.76 -7.50
N TYR B 82 17.81 -5.20 -7.26
CA TYR B 82 18.76 -4.41 -6.47
C TYR B 82 18.11 -3.93 -5.17
N SER B 83 17.15 -4.71 -4.66
CA SER B 83 16.47 -4.33 -3.43
C SER B 83 17.42 -4.44 -2.24
N SER B 84 17.16 -3.66 -1.21
CA SER B 84 18.00 -3.67 -0.01
C SER B 84 19.48 -3.57 -0.39
N TYR B 85 19.77 -2.77 -1.41
CA TYR B 85 21.14 -2.59 -1.86
C TYR B 85 22.01 -1.99 -0.76
N GLY B 86 23.19 -2.57 -0.56
CA GLY B 86 24.10 -2.08 0.46
C GLY B 86 25.50 -2.66 0.28
N GLN B 87 26.39 -2.34 1.19
CA GLN B 87 27.77 -2.84 1.12
C GLN B 87 28.24 -3.30 2.49
N SER B 88 27.79 -2.61 3.53
CA SER B 88 28.17 -2.96 4.90
C SER B 88 26.92 -3.09 5.77
N GLN B 89 26.99 -3.98 6.75
CA GLN B 89 25.86 -4.18 7.66
C GLN B 89 24.59 -4.46 6.86
N ASN B 90 24.64 -5.48 6.02
CA ASN B 90 23.48 -5.84 5.19
C ASN B 90 22.67 -6.94 5.88
N THR B 91 21.45 -6.60 6.29
CA THR B 91 20.58 -7.56 6.96
C THR B 91 19.28 -7.74 6.16
N GLY B 92 18.91 -9.00 5.94
CA GLY B 92 17.70 -9.31 5.20
C GLY B 92 16.47 -8.78 5.90
N TYR B 93 15.30 -9.31 5.55
CA TYR B 93 14.04 -8.89 6.14
C TYR B 93 14.15 -8.78 7.67
N GLY B 94 14.64 -9.86 8.29
CA GLY B 94 14.79 -9.88 9.74
C GLY B 94 13.91 -10.95 10.37
N THR B 95 13.01 -10.54 11.24
CA THR B 95 12.12 -11.48 11.92
C THR B 95 10.67 -11.20 11.53
N GLN B 96 10.08 -12.12 10.76
CA GLN B 96 8.70 -11.95 10.33
C GLN B 96 7.98 -13.29 10.28
N SER B 97 6.66 -13.25 10.32
CA SER B 97 5.86 -14.47 10.27
C SER B 97 4.96 -14.49 9.04
N THR B 98 5.11 -15.53 8.23
CA THR B 98 4.30 -15.66 7.01
C THR B 98 2.92 -16.21 7.36
N PRO B 99 2.00 -16.21 6.43
CA PRO B 99 0.61 -16.70 6.68
C PRO B 99 0.55 -18.08 7.27
N GLN B 100 0.27 -18.17 8.57
CA GLN B 100 0.17 -19.46 9.23
C GLN B 100 -1.05 -20.23 8.70
N GLY B 101 -0.78 -21.33 8.02
CA GLY B 101 -1.87 -22.13 7.46
C GLY B 101 -1.72 -22.25 5.94
N TYR B 102 -2.27 -21.26 5.23
CA TYR B 102 -2.20 -21.26 3.77
C TYR B 102 -1.37 -20.07 3.27
N GLY B 103 -0.17 -20.36 2.77
CA GLY B 103 0.70 -19.31 2.26
C GLY B 103 0.01 -18.49 1.17
N SER B 104 0.07 -18.96 -0.07
CA SER B 104 -0.55 -18.23 -1.17
C SER B 104 -0.79 -19.14 -2.39
N THR B 105 -1.46 -18.59 -3.40
CA THR B 105 -1.75 -19.34 -4.62
C THR B 105 -1.49 -18.48 -5.85
N GLY B 106 -1.46 -19.11 -7.01
CA GLY B 106 -1.24 -18.39 -8.25
C GLY B 106 -2.53 -17.76 -8.74
N GLY B 107 -2.81 -17.90 -10.03
CA GLY B 107 -4.03 -17.34 -10.61
C GLY B 107 -5.09 -18.41 -10.82
N TYR B 108 -5.13 -18.98 -12.02
CA TYR B 108 -6.11 -20.01 -12.33
C TYR B 108 -6.10 -21.07 -11.23
N GLY B 109 -7.13 -21.90 -11.21
CA GLY B 109 -7.22 -22.94 -10.20
C GLY B 109 -7.73 -22.35 -8.89
N SER B 110 -8.95 -21.78 -8.94
CA SER B 110 -9.59 -21.15 -7.78
C SER B 110 -9.04 -21.67 -6.46
N SER B 111 -8.59 -20.75 -5.61
CA SER B 111 -8.02 -21.12 -4.33
C SER B 111 -9.01 -20.87 -3.19
N GLN B 112 -9.55 -21.96 -2.64
CA GLN B 112 -10.50 -21.87 -1.55
C GLN B 112 -9.93 -22.54 -0.31
N SER B 113 -9.45 -21.74 0.64
CA SER B 113 -8.88 -22.29 1.86
C SER B 113 -9.28 -21.46 3.09
N SER B 114 -9.23 -22.10 4.25
CA SER B 114 -9.57 -21.43 5.50
C SER B 114 -8.59 -21.82 6.60
N GLN B 115 -8.12 -20.84 7.36
CA GLN B 115 -7.18 -21.11 8.43
C GLN B 115 -7.16 -19.99 9.46
N SER B 116 -6.28 -20.09 10.44
CA SER B 116 -6.18 -19.07 11.48
C SER B 116 -4.92 -19.28 12.32
N SER B 117 -4.49 -18.23 13.02
CA SER B 117 -3.30 -18.34 13.86
C SER B 117 -3.22 -17.18 14.84
N TYR B 118 -2.73 -17.45 16.05
CA TYR B 118 -2.61 -16.42 17.07
C TYR B 118 -1.38 -16.64 17.94
N GLY B 119 -0.20 -16.36 17.41
CA GLY B 119 1.04 -16.54 18.15
C GLY B 119 2.26 -16.16 17.31
N GLN B 120 2.23 -14.94 16.75
CA GLN B 120 3.34 -14.48 15.93
C GLN B 120 4.28 -13.61 16.74
N GLN B 121 5.50 -14.10 16.97
CA GLN B 121 6.49 -13.35 17.74
C GLN B 121 7.78 -13.23 16.94
N SER B 122 8.20 -11.98 16.68
CA SER B 122 9.42 -11.72 15.93
C SER B 122 10.26 -10.68 16.64
N SER B 123 11.55 -10.96 16.79
CA SER B 123 12.46 -10.04 17.45
C SER B 123 11.95 -9.70 18.85
N TYR B 124 11.61 -10.73 19.62
CA TYR B 124 11.11 -10.53 20.98
C TYR B 124 9.76 -9.82 20.95
N SER C 64 -13.68 -18.12 -22.74
CA SER C 64 -12.24 -18.45 -22.51
C SER C 64 -11.61 -17.38 -21.63
N TYR C 65 -10.51 -17.73 -20.98
CA TYR C 65 -9.82 -16.79 -20.11
C TYR C 65 -8.46 -16.42 -20.69
N SER C 66 -8.20 -15.11 -20.80
CA SER C 66 -6.93 -14.65 -21.34
C SER C 66 -6.30 -13.61 -20.41
N GLY C 67 -5.31 -14.05 -19.64
CA GLY C 67 -4.62 -13.16 -18.71
C GLY C 67 -3.19 -12.90 -19.15
N TYR C 68 -2.78 -11.64 -19.09
CA TYR C 68 -1.42 -11.28 -19.49
C TYR C 68 -0.76 -10.41 -18.41
N SER C 69 0.54 -10.59 -18.23
CA SER C 69 1.27 -9.82 -17.23
C SER C 69 0.57 -9.88 -15.87
N GLN C 70 0.22 -11.09 -15.45
CA GLN C 70 -0.46 -11.28 -14.18
C GLN C 70 0.55 -11.38 -13.04
N SER C 71 0.56 -10.40 -12.16
CA SER C 71 1.49 -10.39 -11.04
C SER C 71 0.82 -9.86 -9.78
N THR C 72 1.17 -10.44 -8.63
CA THR C 72 0.58 -10.00 -7.37
C THR C 72 1.61 -10.09 -6.24
N ASP C 73 1.56 -9.12 -5.33
CA ASP C 73 2.47 -9.09 -4.20
C ASP C 73 1.78 -8.50 -2.97
N THR C 74 2.15 -9.00 -1.79
CA THR C 74 1.54 -8.51 -0.56
C THR C 74 2.59 -7.95 0.39
N SER C 75 3.63 -8.75 0.67
CA SER C 75 4.69 -8.31 1.58
C SER C 75 6.05 -8.65 0.99
N GLY C 76 6.94 -7.66 0.96
CA GLY C 76 8.28 -7.91 0.43
C GLY C 76 8.49 -7.21 -0.91
N TYR C 77 8.75 -5.90 -0.85
CA TYR C 77 9.01 -5.08 -2.05
C TYR C 77 8.30 -5.63 -3.30
N GLY C 78 6.97 -5.52 -3.33
CA GLY C 78 6.20 -6.00 -4.45
C GLY C 78 6.44 -5.15 -5.70
N GLN C 79 7.37 -5.58 -6.54
CA GLN C 79 7.68 -4.85 -7.76
C GLN C 79 8.34 -3.52 -7.41
N SER C 80 9.68 -3.52 -7.42
CA SER C 80 10.42 -2.30 -7.10
C SER C 80 11.84 -2.40 -7.65
N SER C 81 12.50 -1.26 -7.81
CA SER C 81 13.86 -1.24 -8.33
C SER C 81 14.74 -0.33 -7.48
N TYR C 82 15.96 -0.77 -7.23
CA TYR C 82 16.91 0.01 -6.44
C TYR C 82 16.26 0.51 -5.15
N SER C 83 15.30 -0.26 -4.64
CA SER C 83 14.61 0.12 -3.41
C SER C 83 15.55 0.00 -2.23
N SER C 84 15.30 0.80 -1.19
CA SER C 84 16.13 0.77 0.00
C SER C 84 17.61 0.87 -0.37
N TYR C 85 17.91 1.67 -1.38
CA TYR C 85 19.28 1.84 -1.83
C TYR C 85 20.15 2.44 -0.73
N GLY C 86 21.32 1.85 -0.53
CA GLY C 86 22.23 2.34 0.51
C GLY C 86 23.63 1.75 0.32
N GLN C 87 24.53 2.08 1.24
CA GLN C 87 25.89 1.58 1.17
C GLN C 87 26.35 1.11 2.55
N SER C 88 25.91 1.82 3.59
CA SER C 88 26.28 1.46 4.96
C SER C 88 25.04 1.34 5.83
N GLN C 89 25.09 0.46 6.82
CA GLN C 89 23.96 0.26 7.71
C GLN C 89 22.69 -0.01 6.91
N ASN C 90 22.74 -1.04 6.07
CA ASN C 90 21.58 -1.40 5.25
C ASN C 90 20.76 -2.49 5.93
N THR C 91 19.55 -2.14 6.34
CA THR C 91 18.67 -3.10 7.00
C THR C 91 17.37 -3.28 6.20
N GLY C 92 17.00 -4.54 5.99
CA GLY C 92 15.78 -4.84 5.23
C GLY C 92 14.55 -4.29 5.94
N TYR C 93 13.39 -4.83 5.58
CA TYR C 93 12.12 -4.40 6.16
C TYR C 93 12.23 -4.29 7.69
N GLY C 94 12.70 -5.36 8.32
CA GLY C 94 12.85 -5.37 9.77
C GLY C 94 11.97 -6.45 10.41
N THR C 95 11.06 -6.01 11.26
CA THR C 95 10.16 -6.95 11.94
C THR C 95 8.71 -6.67 11.54
N GLN C 96 8.13 -7.59 10.78
CA GLN C 96 6.74 -7.42 10.34
C GLN C 96 6.02 -8.75 10.30
N SER C 97 4.69 -8.71 10.32
CA SER C 97 3.90 -9.92 10.28
C SER C 97 3.00 -9.94 9.05
N THR C 98 3.15 -10.98 8.23
CA THR C 98 2.34 -11.12 7.02
C THR C 98 0.96 -11.66 7.37
N PRO C 99 0.04 -11.66 6.43
CA PRO C 99 -1.36 -12.13 6.68
C PRO C 99 -1.42 -13.52 7.27
N GLN C 100 -1.71 -13.60 8.57
CA GLN C 100 -1.82 -14.89 9.24
C GLN C 100 -3.03 -15.65 8.71
N GLY C 101 -2.78 -16.76 8.02
CA GLY C 101 -3.85 -17.56 7.47
C GLY C 101 -3.70 -17.68 5.95
N TYR C 102 -4.24 -16.69 5.23
CA TYR C 102 -4.16 -16.70 3.76
C TYR C 102 -3.34 -15.53 3.27
N GLY C 103 -2.13 -15.81 2.78
CA GLY C 103 -1.25 -14.77 2.26
C GLY C 103 -1.94 -13.95 1.17
N SER C 104 -1.87 -14.43 -0.07
CA SER C 104 -2.49 -13.70 -1.18
C SER C 104 -2.72 -14.61 -2.39
N THR C 105 -3.39 -14.06 -3.41
CA THR C 105 -3.67 -14.81 -4.62
C THR C 105 -3.42 -13.95 -5.85
N GLY C 106 -3.38 -14.59 -7.02
CA GLY C 106 -3.14 -13.87 -8.26
C GLY C 106 -4.43 -13.24 -8.76
N GLY C 107 -4.70 -13.39 -10.05
CA GLY C 107 -5.92 -12.81 -10.64
C GLY C 107 -6.98 -13.88 -10.84
N TYR C 108 -7.02 -14.46 -12.04
CA TYR C 108 -8.00 -15.49 -12.35
C TYR C 108 -8.01 -16.54 -11.25
N GLY C 109 -9.04 -17.37 -11.23
CA GLY C 109 -9.15 -18.40 -10.21
C GLY C 109 -9.65 -17.80 -8.91
N SER C 110 -10.88 -17.24 -8.96
CA SER C 110 -11.52 -16.60 -7.81
C SER C 110 -10.96 -17.11 -6.49
N SER C 111 -10.52 -16.18 -5.64
CA SER C 111 -9.95 -16.55 -4.35
C SER C 111 -10.94 -16.30 -3.22
N GLN C 112 -11.50 -17.38 -2.68
CA GLN C 112 -12.45 -17.28 -1.59
C GLN C 112 -11.89 -17.96 -0.34
N SER C 113 -11.42 -17.15 0.61
CA SER C 113 -10.84 -17.70 1.84
C SER C 113 -11.24 -16.87 3.05
N SER C 114 -11.20 -17.50 4.22
CA SER C 114 -11.55 -16.82 5.47
C SER C 114 -10.58 -17.21 6.57
N GLN C 115 -10.11 -16.23 7.33
CA GLN C 115 -9.16 -16.51 8.41
C GLN C 115 -9.15 -15.37 9.43
N SER C 116 -8.26 -15.48 10.42
CA SER C 116 -8.16 -14.45 11.45
C SER C 116 -6.91 -14.68 12.30
N SER C 117 -6.48 -13.63 13.00
CA SER C 117 -5.29 -13.73 13.85
C SER C 117 -5.22 -12.56 14.83
N TYR C 118 -4.74 -12.84 16.04
CA TYR C 118 -4.61 -11.80 17.05
C TYR C 118 -3.38 -12.03 17.93
N GLY C 119 -2.20 -11.76 17.39
CA GLY C 119 -0.96 -11.94 18.15
C GLY C 119 0.25 -11.57 17.31
N GLN C 120 0.23 -10.36 16.75
CA GLN C 120 1.35 -9.90 15.93
C GLN C 120 2.30 -9.02 16.74
N GLN C 121 3.50 -9.53 16.98
CA GLN C 121 4.50 -8.78 17.74
C GLN C 121 5.80 -8.66 16.95
N SER C 122 6.22 -7.42 16.69
CA SER C 122 7.44 -7.18 15.94
C SER C 122 8.29 -6.12 16.65
N SER C 123 9.57 -6.42 16.82
CA SER C 123 10.48 -5.49 17.47
C SER C 123 9.97 -5.15 18.88
N TYR C 124 9.63 -6.18 19.64
CA TYR C 124 9.11 -5.97 20.99
C TYR C 124 7.77 -5.26 20.96
N SER D 64 -15.53 -13.60 -22.80
CA SER D 64 -14.09 -13.94 -22.57
C SER D 64 -13.46 -12.86 -21.69
N TYR D 65 -12.36 -13.22 -21.03
CA TYR D 65 -11.67 -12.28 -20.16
C TYR D 65 -10.31 -11.91 -20.74
N SER D 66 -10.04 -10.61 -20.85
CA SER D 66 -8.76 -10.15 -21.39
C SER D 66 -8.14 -9.12 -20.46
N GLY D 67 -7.15 -9.56 -19.68
CA GLY D 67 -6.46 -8.68 -18.75
C GLY D 67 -5.02 -8.42 -19.18
N TYR D 68 -4.61 -7.17 -19.13
CA TYR D 68 -3.25 -6.80 -19.53
C TYR D 68 -2.59 -5.94 -18.45
N SER D 69 -1.29 -6.12 -18.26
CA SER D 69 -0.56 -5.36 -17.26
C SER D 69 -1.27 -5.41 -15.91
N GLN D 70 -1.63 -6.62 -15.48
CA GLN D 70 -2.32 -6.78 -14.20
C GLN D 70 -1.30 -6.90 -13.07
N SER D 71 -1.29 -5.90 -12.19
CA SER D 71 -0.36 -5.90 -11.06
C SER D 71 -1.04 -5.37 -9.81
N THR D 72 -0.70 -5.94 -8.66
CA THR D 72 -1.28 -5.50 -7.39
C THR D 72 -0.27 -5.58 -6.27
N ASP D 73 -0.33 -4.60 -5.36
CA ASP D 73 0.60 -4.57 -4.23
C ASP D 73 -0.10 -3.99 -3.01
N THR D 74 0.25 -4.47 -1.82
CA THR D 74 -0.36 -3.98 -0.60
C THR D 74 0.70 -3.41 0.36
N SER D 75 1.72 -4.22 0.65
CA SER D 75 2.78 -3.79 1.56
C SER D 75 4.15 -4.13 0.97
N GLY D 76 5.05 -3.16 0.94
CA GLY D 76 6.39 -3.40 0.42
C GLY D 76 6.61 -2.71 -0.92
N TYR D 77 6.87 -1.40 -0.86
CA TYR D 77 7.14 -0.60 -2.07
C TYR D 77 6.43 -1.15 -3.31
N GLY D 78 5.11 -1.02 -3.35
CA GLY D 78 4.34 -1.52 -4.48
C GLY D 78 4.58 -0.66 -5.71
N GLN D 79 5.51 -1.11 -6.55
CA GLN D 79 5.84 -0.38 -7.78
C GLN D 79 6.50 0.95 -7.44
N SER D 80 7.84 0.95 -7.43
CA SER D 80 8.59 2.16 -7.12
C SER D 80 10.01 2.05 -7.67
N SER D 81 10.67 3.19 -7.82
CA SER D 81 12.03 3.21 -8.33
C SER D 81 12.92 4.11 -7.49
N TYR D 82 14.14 3.66 -7.23
CA TYR D 82 15.08 4.43 -6.44
C TYR D 82 14.43 4.94 -5.15
N SER D 83 13.47 4.19 -4.65
CA SER D 83 12.77 4.57 -3.42
C SER D 83 13.71 4.45 -2.23
N SER D 84 13.45 5.26 -1.20
CA SER D 84 14.27 5.24 0.00
C SER D 84 15.76 5.32 -0.37
N TYR D 85 16.07 6.12 -1.39
CA TYR D 85 17.45 6.27 -1.84
C TYR D 85 18.31 6.88 -0.73
N GLY D 86 19.48 6.29 -0.51
CA GLY D 86 20.40 6.77 0.52
C GLY D 86 21.78 6.18 0.34
N GLN D 87 22.68 6.50 1.26
CA GLN D 87 24.05 5.99 1.21
C GLN D 87 24.50 5.53 2.59
N SER D 88 24.05 6.24 3.62
CA SER D 88 24.41 5.89 4.98
C SER D 88 23.16 5.78 5.86
N GLN D 89 23.21 4.89 6.85
CA GLN D 89 22.07 4.71 7.75
C GLN D 89 20.81 4.43 6.94
N ASN D 90 20.85 3.41 6.09
CA ASN D 90 19.70 3.06 5.27
C ASN D 90 18.87 1.97 5.95
N THR D 91 17.66 2.32 6.35
CA THR D 91 16.77 1.37 7.02
C THR D 91 15.48 1.19 6.22
N GLY D 92 15.10 -0.06 6.00
CA GLY D 92 13.88 -0.36 5.25
C GLY D 92 12.64 0.20 5.95
N TYR D 93 11.48 -0.33 5.58
CA TYR D 93 10.22 0.10 6.16
C TYR D 93 10.32 0.21 7.68
N GLY D 94 10.79 -0.85 8.32
CA GLY D 94 10.93 -0.86 9.77
C GLY D 94 10.05 -1.93 10.40
N THR D 95 9.13 -1.49 11.26
CA THR D 95 8.23 -2.41 11.94
C THR D 95 6.78 -2.13 11.53
N GLN D 96 6.19 -3.05 10.77
CA GLN D 96 4.82 -2.87 10.33
C GLN D 96 4.09 -4.21 10.29
N SER D 97 2.75 -4.15 10.30
CA SER D 97 1.95 -5.37 10.26
C SER D 97 1.06 -5.38 9.03
N THR D 98 1.21 -6.43 8.22
CA THR D 98 0.41 -6.57 7.00
C THR D 98 -0.98 -7.09 7.35
N PRO D 99 -1.90 -7.10 6.40
CA PRO D 99 -3.29 -7.57 6.64
C PRO D 99 -3.37 -8.95 7.24
N GLN D 100 -3.66 -9.01 8.54
CA GLN D 100 -3.78 -10.31 9.21
C GLN D 100 -5.00 -11.06 8.68
N GLY D 101 -4.74 -12.17 8.00
CA GLY D 101 -5.82 -12.97 7.44
C GLY D 101 -5.68 -13.09 5.93
N TYR D 102 -6.20 -12.11 5.20
CA TYR D 102 -6.11 -12.12 3.75
C TYR D 102 -5.28 -10.94 3.24
N GLY D 103 -4.08 -11.25 2.75
CA GLY D 103 -3.19 -10.21 2.25
C GLY D 103 -3.87 -9.39 1.14
N SER D 104 -3.80 -9.88 -0.10
CA SER D 104 -4.41 -9.15 -1.21
C SER D 104 -4.64 -10.06 -2.41
N THR D 105 -5.30 -9.51 -3.44
CA THR D 105 -5.57 -10.26 -4.65
C THR D 105 -5.31 -9.41 -5.89
N GLY D 106 -5.27 -10.06 -7.04
CA GLY D 106 -5.03 -9.36 -8.30
C GLY D 106 -6.32 -8.71 -8.81
N GLY D 107 -6.58 -8.86 -10.09
CA GLY D 107 -7.79 -8.29 -10.68
C GLY D 107 -8.85 -9.35 -10.89
N TYR D 108 -8.89 -9.92 -12.09
CA TYR D 108 -9.87 -10.96 -12.40
C TYR D 108 -9.90 -12.01 -11.30
N GLY D 109 -10.93 -12.83 -11.28
CA GLY D 109 -11.04 -13.86 -10.25
C GLY D 109 -11.55 -13.25 -8.95
N SER D 110 -12.77 -12.68 -9.02
CA SER D 110 -13.42 -12.03 -7.87
C SER D 110 -12.88 -12.54 -6.53
N SER D 111 -12.43 -11.61 -5.69
CA SER D 111 -11.87 -11.99 -4.40
C SER D 111 -12.87 -11.73 -3.28
N GLN D 112 -13.42 -12.80 -2.74
CA GLN D 112 -14.38 -12.69 -1.64
C GLN D 112 -13.83 -13.36 -0.39
N SER D 113 -13.35 -12.56 0.55
CA SER D 113 -12.79 -13.11 1.79
C SER D 113 -13.20 -12.26 3.00
N SER D 114 -13.16 -12.88 4.17
CA SER D 114 -13.51 -12.20 5.41
C SER D 114 -12.54 -12.60 6.52
N GLN D 115 -12.06 -11.62 7.28
CA GLN D 115 -11.12 -11.89 8.36
C GLN D 115 -11.11 -10.76 9.38
N SER D 116 -10.24 -10.86 10.37
CA SER D 116 -10.14 -9.83 11.40
C SER D 116 -8.89 -10.06 12.26
N SER D 117 -8.45 -9.01 12.95
CA SER D 117 -7.28 -9.11 13.80
C SER D 117 -7.20 -7.95 14.78
N TYR D 118 -6.72 -8.22 15.99
CA TYR D 118 -6.59 -7.18 17.00
C TYR D 118 -5.37 -7.42 17.89
N GLY D 119 -4.19 -7.14 17.35
CA GLY D 119 -2.96 -7.33 18.12
C GLY D 119 -1.73 -6.96 17.28
N GLN D 120 -1.74 -5.76 16.72
CA GLN D 120 -0.62 -5.30 15.90
C GLN D 120 0.33 -4.43 16.71
N GLN D 121 1.53 -4.94 16.96
CA GLN D 121 2.53 -4.20 17.72
C GLN D 121 3.83 -4.09 16.94
N SER D 122 4.25 -2.85 16.67
CA SER D 122 5.48 -2.61 15.92
C SER D 122 6.34 -1.56 16.64
N SER D 123 7.62 -1.87 16.80
CA SER D 123 8.53 -0.94 17.47
C SER D 123 8.01 -0.58 18.86
N TYR D 124 7.66 -1.61 19.63
CA TYR D 124 7.15 -1.40 20.98
C TYR D 124 5.80 -0.68 20.94
N SER E 64 -17.35 -9.06 -22.89
CA SER E 64 -15.92 -9.41 -22.65
C SER E 64 -15.29 -8.34 -21.77
N TYR E 65 -14.19 -8.70 -21.11
CA TYR E 65 -13.49 -7.75 -20.24
C TYR E 65 -12.12 -7.40 -20.81
N SER E 66 -11.86 -6.11 -20.93
CA SER E 66 -10.59 -5.64 -21.47
C SER E 66 -9.94 -4.62 -20.53
N GLY E 67 -8.96 -5.06 -19.76
CA GLY E 67 -8.28 -4.17 -18.82
C GLY E 67 -6.85 -3.92 -19.25
N TYR E 68 -6.42 -2.67 -19.20
CA TYR E 68 -5.05 -2.32 -19.58
C TYR E 68 -4.39 -1.45 -18.51
N SER E 69 -3.10 -1.64 -18.32
CA SER E 69 -2.36 -0.88 -17.31
C SER E 69 -3.08 -0.92 -15.97
N GLN E 70 -3.45 -2.12 -15.54
CA GLN E 70 -4.14 -2.29 -14.27
C GLN E 70 -3.13 -2.40 -13.13
N SER E 71 -3.12 -1.40 -12.25
CA SER E 71 -2.20 -1.40 -11.12
C SER E 71 -2.88 -0.86 -9.86
N THR E 72 -2.55 -1.43 -8.71
CA THR E 72 -3.14 -0.98 -7.46
C THR E 72 -2.12 -1.06 -6.33
N ASP E 73 -2.17 -0.09 -5.43
CA ASP E 73 -1.27 -0.07 -4.29
C ASP E 73 -1.97 0.52 -3.07
N THR E 74 -1.61 0.03 -1.88
CA THR E 74 -2.22 0.58 -0.67
C THR E 74 -1.17 1.12 0.30
N SER E 75 -0.16 0.31 0.61
CA SER E 75 0.91 0.71 1.52
C SER E 75 2.29 0.41 0.93
N GLY E 76 3.19 1.40 0.90
CA GLY E 76 4.51 1.08 0.36
C GLY E 76 4.80 1.78 -0.97
N TYR E 77 5.02 3.09 -0.91
CA TYR E 77 5.27 3.91 -2.11
C TYR E 77 4.59 3.31 -3.35
N GLY E 78 3.27 3.49 -3.41
CA GLY E 78 2.49 3.01 -4.53
C GLY E 78 2.75 3.84 -5.78
N GLN E 79 3.69 3.39 -6.61
CA GLN E 79 4.03 4.11 -7.82
C GLN E 79 4.69 5.43 -7.49
N SER E 80 6.02 5.43 -7.48
CA SER E 80 6.78 6.63 -7.17
C SER E 80 8.20 6.52 -7.71
N SER E 81 8.87 7.65 -7.87
CA SER E 81 10.23 7.66 -8.37
C SER E 81 11.12 8.56 -7.53
N TYR E 82 12.34 8.10 -7.26
CA TYR E 82 13.28 8.87 -6.47
C TYR E 82 12.63 9.39 -5.19
N SER E 83 11.66 8.64 -4.68
CA SER E 83 10.96 9.04 -3.46
C SER E 83 11.90 8.92 -2.26
N SER E 84 11.64 9.72 -1.24
CA SER E 84 12.46 9.71 -0.04
C SER E 84 13.94 9.78 -0.41
N TYR E 85 14.26 10.57 -1.42
CA TYR E 85 15.64 10.71 -1.85
C TYR E 85 16.49 11.31 -0.75
N GLY E 86 17.67 10.73 -0.53
CA GLY E 86 18.58 11.22 0.50
C GLY E 86 19.97 10.61 0.33
N GLN E 87 20.86 10.93 1.26
CA GLN E 87 22.22 10.41 1.21
C GLN E 87 22.67 9.95 2.60
N SER E 88 22.22 10.67 3.62
CA SER E 88 22.57 10.32 4.99
C SER E 88 21.32 10.22 5.86
N GLN E 89 21.35 9.34 6.85
CA GLN E 89 20.22 9.16 7.74
C GLN E 89 18.95 8.89 6.93
N ASN E 90 18.99 7.86 6.09
CA ASN E 90 17.84 7.52 5.27
C ASN E 90 17.01 6.44 5.95
N THR E 91 15.79 6.80 6.34
CA THR E 91 14.90 5.85 7.00
C THR E 91 13.61 5.68 6.20
N GLY E 92 13.22 4.43 5.98
CA GLY E 92 12.01 4.13 5.24
C GLY E 92 10.77 4.69 5.93
N TYR E 93 9.61 4.17 5.55
CA TYR E 93 8.34 4.62 6.12
C TYR E 93 8.43 4.73 7.65
N GLY E 94 8.90 3.66 8.30
CA GLY E 94 9.03 3.65 9.76
C GLY E 94 8.14 2.60 10.38
N THR E 95 7.22 3.05 11.23
CA THR E 95 6.31 2.13 11.90
C THR E 95 4.87 2.41 11.50
N GLN E 96 4.28 1.50 10.73
CA GLN E 96 2.91 1.69 10.28
C GLN E 96 2.17 0.35 10.25
N SER E 97 0.84 0.41 10.25
CA SER E 97 0.03 -0.81 10.21
C SER E 97 -0.85 -0.81 8.97
N THR E 98 -0.72 -1.86 8.17
CA THR E 98 -1.50 -2.01 6.94
C THR E 98 -2.90 -2.52 7.29
N PRO E 99 -3.81 -2.53 6.34
CA PRO E 99 -5.22 -2.97 6.61
C PRO E 99 -5.27 -4.36 7.20
N GLN E 100 -5.61 -4.43 8.49
CA GLN E 100 -5.73 -5.72 9.16
C GLN E 100 -6.94 -6.46 8.62
N GLY E 101 -6.68 -7.59 7.97
CA GLY E 101 -7.76 -8.38 7.39
C GLY E 101 -7.61 -8.51 5.87
N TYR E 102 -8.13 -7.52 5.13
CA TYR E 102 -8.05 -7.53 3.68
C TYR E 102 -7.19 -6.38 3.16
N GLY E 103 -6.00 -6.68 2.71
CA GLY E 103 -5.10 -5.65 2.19
C GLY E 103 -5.76 -4.83 1.08
N SER E 104 -5.70 -5.32 -0.16
CA SER E 104 -6.30 -4.59 -1.27
C SER E 104 -6.52 -5.50 -2.47
N THR E 105 -7.18 -4.96 -3.50
CA THR E 105 -7.46 -5.72 -4.72
C THR E 105 -7.18 -4.87 -5.95
N GLY E 106 -7.14 -5.52 -7.11
CA GLY E 106 -6.89 -4.81 -8.35
C GLY E 106 -8.17 -4.16 -8.87
N GLY E 107 -8.44 -4.33 -10.17
CA GLY E 107 -9.65 -3.76 -10.74
C GLY E 107 -10.72 -4.80 -10.96
N TYR E 108 -10.74 -5.39 -12.15
CA TYR E 108 -11.73 -6.41 -12.47
C TYR E 108 -11.77 -7.46 -11.38
N GLY E 109 -12.83 -8.27 -11.35
CA GLY E 109 -12.89 -9.29 -10.31
C GLY E 109 -13.46 -8.72 -9.02
N SER E 110 -14.65 -8.10 -9.11
CA SER E 110 -15.30 -7.44 -7.95
C SER E 110 -14.77 -7.96 -6.62
N SER E 111 -14.32 -7.03 -5.78
CA SER E 111 -13.75 -7.39 -4.50
C SER E 111 -14.75 -7.13 -3.36
N GLN E 112 -15.31 -8.20 -2.82
CA GLN E 112 -16.30 -8.09 -1.74
C GLN E 112 -15.76 -8.75 -0.47
N SER E 113 -15.27 -7.94 0.48
CA SER E 113 -14.71 -8.49 1.70
C SER E 113 -15.11 -7.64 2.91
N SER E 114 -15.09 -8.27 4.08
CA SER E 114 -15.44 -7.58 5.32
C SER E 114 -14.48 -7.97 6.44
N GLN E 115 -14.01 -6.98 7.19
CA GLN E 115 -13.07 -7.27 8.28
C GLN E 115 -13.06 -6.13 9.30
N SER E 116 -12.18 -6.23 10.30
CA SER E 116 -12.07 -5.20 11.32
C SER E 116 -10.83 -5.42 12.18
N SER E 117 -10.40 -4.37 12.86
CA SER E 117 -9.23 -4.49 13.72
C SER E 117 -9.15 -3.32 14.71
N TYR E 118 -8.68 -3.59 15.92
CA TYR E 118 -8.55 -2.54 16.92
C TYR E 118 -7.32 -2.78 17.82
N GLY E 119 -6.13 -2.52 17.29
CA GLY E 119 -4.91 -2.71 18.06
C GLY E 119 -3.68 -2.34 17.22
N GLN E 120 -3.68 -1.15 16.65
CA GLN E 120 -2.56 -0.69 15.84
C GLN E 120 -1.60 0.16 16.66
N GLN E 121 -0.41 -0.35 16.90
CA GLN E 121 0.59 0.39 17.67
C GLN E 121 1.90 0.50 16.89
N SER E 122 2.32 1.73 16.62
CA SER E 122 3.57 1.97 15.87
C SER E 122 4.41 3.00 16.58
N SER E 123 5.70 2.70 16.76
CA SER E 123 6.60 3.62 17.43
C SER E 123 6.09 3.98 18.82
N TYR E 124 5.72 2.96 19.59
CA TYR E 124 5.21 3.18 20.93
C TYR E 124 3.87 3.91 20.89
N SER F 64 -19.16 -4.52 -23.00
CA SER F 64 -17.73 -4.87 -22.76
C SER F 64 -17.10 -3.80 -21.88
N TYR F 65 -16.00 -4.16 -21.21
CA TYR F 65 -15.31 -3.21 -20.34
C TYR F 65 -13.93 -2.87 -20.91
N SER F 66 -13.66 -1.58 -21.03
CA SER F 66 -12.38 -1.13 -21.56
C SER F 66 -11.74 -0.10 -20.63
N GLY F 67 -10.76 -0.55 -19.84
CA GLY F 67 -10.08 0.35 -18.92
C GLY F 67 -8.63 0.58 -19.34
N TYR F 68 -8.20 1.83 -19.29
CA TYR F 68 -6.83 2.18 -19.67
C TYR F 68 -6.18 3.04 -18.60
N SER F 69 -4.88 2.85 -18.39
CA SER F 69 -4.15 3.61 -17.40
C SER F 69 -4.87 3.58 -16.05
N GLN F 70 -5.25 2.38 -15.62
CA GLN F 70 -5.95 2.23 -14.35
C GLN F 70 -4.95 2.11 -13.20
N SER F 71 -4.93 3.12 -12.33
CA SER F 71 -4.01 3.11 -11.20
C SER F 71 -4.70 3.66 -9.95
N THR F 72 -4.37 3.10 -8.80
CA THR F 72 -4.96 3.55 -7.54
C THR F 72 -3.95 3.47 -6.41
N ASP F 73 -4.00 4.45 -5.51
CA ASP F 73 -3.10 4.48 -4.37
C ASP F 73 -3.79 5.08 -3.15
N THR F 74 -3.44 4.60 -1.96
CA THR F 74 -4.07 5.11 -0.74
C THR F 74 -3.02 5.67 0.22
N SER F 75 -2.00 4.85 0.53
CA SER F 75 -0.94 5.28 1.43
C SER F 75 0.43 4.92 0.87
N GLY F 76 1.33 5.89 0.84
CA GLY F 76 2.67 5.62 0.33
C GLY F 76 2.90 6.31 -1.02
N TYR F 77 3.19 7.62 -0.97
CA TYR F 77 3.47 8.41 -2.18
C TYR F 77 2.77 7.85 -3.43
N GLY F 78 1.44 7.99 -3.47
CA GLY F 78 0.67 7.50 -4.61
C GLY F 78 0.94 8.34 -5.84
N GLN F 79 1.87 7.88 -6.68
CA GLN F 79 2.22 8.60 -7.90
C GLN F 79 2.89 9.92 -7.56
N SER F 80 4.22 9.91 -7.54
CA SER F 80 4.99 11.11 -7.24
C SER F 80 6.41 10.98 -7.77
N SER F 81 7.08 12.12 -7.94
CA SER F 81 8.45 12.11 -8.43
C SER F 81 9.34 13.02 -7.58
N TYR F 82 10.55 12.56 -7.31
CA TYR F 82 11.50 13.33 -6.52
C TYR F 82 10.84 13.85 -5.25
N SER F 83 9.86 13.11 -4.74
CA SER F 83 9.17 13.51 -3.53
C SER F 83 10.09 13.39 -2.32
N SER F 84 9.83 14.21 -1.31
CA SER F 84 10.65 14.18 -0.09
C SER F 84 12.14 14.25 -0.45
N TYR F 85 12.46 15.04 -1.47
CA TYR F 85 13.85 15.18 -1.91
C TYR F 85 14.70 15.78 -0.79
N GLY F 86 15.86 15.19 -0.57
CA GLY F 86 16.77 15.67 0.46
C GLY F 86 18.16 15.05 0.30
N GLN F 87 19.05 15.37 1.24
CA GLN F 87 20.41 14.85 1.19
C GLN F 87 20.85 14.39 2.58
N SER F 88 20.40 15.11 3.60
CA SER F 88 20.74 14.78 4.97
C SER F 88 19.48 14.68 5.83
N GLN F 89 19.52 13.80 6.83
CA GLN F 89 18.37 13.64 7.72
C GLN F 89 17.10 13.37 6.90
N ASN F 90 17.14 12.34 6.07
CA ASN F 90 16.00 11.99 5.24
C ASN F 90 15.16 10.92 5.92
N THR F 91 13.94 11.29 6.31
CA THR F 91 13.04 10.35 6.97
C THR F 91 11.75 10.18 6.17
N GLY F 92 11.37 8.92 5.95
CA GLY F 92 10.16 8.63 5.20
C GLY F 92 8.92 9.20 5.88
N TYR F 93 7.76 8.69 5.50
CA TYR F 93 6.49 9.14 6.07
C TYR F 93 6.58 9.26 7.59
N GLY F 94 7.03 8.19 8.24
CA GLY F 94 7.16 8.19 9.69
C GLY F 94 6.25 7.14 10.33
N THR F 95 5.34 7.59 11.18
CA THR F 95 4.42 6.68 11.85
C THR F 95 2.98 6.97 11.43
N GLN F 96 2.39 6.06 10.67
CA GLN F 96 1.02 6.24 10.21
C GLN F 96 0.28 4.91 10.18
N SER F 97 -1.05 4.99 10.17
CA SER F 97 -1.87 3.78 10.15
C SER F 97 -2.75 3.76 8.90
N THR F 98 -2.60 2.71 8.10
CA THR F 98 -3.39 2.57 6.88
C THR F 98 -4.80 2.06 7.22
N PRO F 99 -5.70 2.06 6.27
CA PRO F 99 -7.11 1.61 6.50
C PRO F 99 -7.20 0.23 7.11
N GLN F 100 -7.50 0.17 8.40
CA GLN F 100 -7.64 -1.11 9.09
C GLN F 100 -8.86 -1.86 8.54
N GLY F 101 -8.61 -2.98 7.88
CA GLY F 101 -9.70 -3.77 7.32
C GLY F 101 -9.53 -3.91 5.80
N TYR F 102 -10.05 -2.93 5.06
CA TYR F 102 -9.96 -2.95 3.61
C TYR F 102 -9.10 -1.78 3.11
N GLY F 103 -7.90 -2.10 2.62
CA GLY F 103 -6.99 -1.07 2.12
C GLY F 103 -7.65 -0.26 1.01
N SER F 104 -7.58 -0.76 -0.23
CA SER F 104 -8.17 -0.03 -1.36
C SER F 104 -8.40 -0.95 -2.56
N THR F 105 -9.04 -0.40 -3.58
CA THR F 105 -9.32 -1.17 -4.80
C THR F 105 -9.03 -0.32 -6.03
N GLY F 106 -8.99 -0.98 -7.19
CA GLY F 106 -8.74 -0.27 -8.45
C GLY F 106 -10.01 0.38 -8.97
N GLY F 107 -10.27 0.23 -10.26
CA GLY F 107 -11.47 0.80 -10.86
C GLY F 107 -12.55 -0.25 -11.07
N TYR F 108 -12.58 -0.84 -12.26
CA TYR F 108 -13.56 -1.87 -12.57
C TYR F 108 -13.60 -2.90 -11.46
N GLY F 109 -14.64 -3.71 -11.45
CA GLY F 109 -14.78 -4.73 -10.41
C GLY F 109 -15.30 -4.11 -9.12
N SER F 110 -16.50 -3.53 -9.21
CA SER F 110 -17.15 -2.86 -8.06
C SER F 110 -16.63 -3.37 -6.73
N SER F 111 -16.18 -2.45 -5.88
CA SER F 111 -15.63 -2.81 -4.59
C SER F 111 -16.63 -2.53 -3.47
N GLN F 112 -17.21 -3.59 -2.93
CA GLN F 112 -18.17 -3.47 -1.84
C GLN F 112 -17.64 -4.14 -0.58
N SER F 113 -17.16 -3.33 0.36
CA SER F 113 -16.62 -3.87 1.60
C SER F 113 -17.02 -3.02 2.80
N SER F 114 -17.00 -3.63 3.98
CA SER F 114 -17.36 -2.94 5.21
C SER F 114 -16.40 -3.34 6.34
N GLN F 115 -15.92 -2.35 7.08
CA GLN F 115 -15.00 -2.64 8.18
C GLN F 115 -14.98 -1.49 9.19
N SER F 116 -14.11 -1.60 10.19
CA SER F 116 -14.01 -0.57 11.21
C SER F 116 -12.77 -0.79 12.09
N SER F 117 -12.33 0.26 12.78
CA SER F 117 -11.16 0.15 13.63
C SER F 117 -11.08 1.32 14.61
N TYR F 118 -10.61 1.05 15.82
CA TYR F 118 -10.48 2.10 16.83
C TYR F 118 -9.26 1.85 17.73
N GLY F 119 -8.08 2.11 17.20
CA GLY F 119 -6.85 1.92 17.97
C GLY F 119 -5.62 2.27 17.15
N GLN F 120 -5.61 3.47 16.57
CA GLN F 120 -4.48 3.90 15.75
C GLN F 120 -3.53 4.77 16.58
N GLN F 121 -2.33 4.26 16.83
CA GLN F 121 -1.34 5.00 17.60
C GLN F 121 -0.03 5.09 16.83
N SER F 122 0.41 6.32 16.55
CA SER F 122 1.64 6.54 15.82
C SER F 122 2.50 7.58 16.52
N SER F 123 3.79 7.27 16.71
CA SER F 123 4.70 8.19 17.37
C SER F 123 4.17 8.56 18.75
N TYR F 124 3.80 7.54 19.52
CA TYR F 124 3.28 7.77 20.87
C TYR F 124 1.95 8.50 20.82
N SER G 64 -20.93 0.02 -23.14
CA SER G 64 -19.51 -0.33 -22.89
C SER G 64 -18.87 0.75 -22.01
N TYR G 65 -17.78 0.38 -21.34
CA TYR G 65 -17.09 1.33 -20.47
C TYR G 65 -15.71 1.66 -21.03
N SER G 66 -15.43 2.96 -21.15
CA SER G 66 -14.14 3.40 -21.67
C SER G 66 -13.51 4.42 -20.75
N GLY G 67 -12.53 3.98 -19.97
CA GLY G 67 -11.86 4.87 -19.03
C GLY G 67 -10.40 5.09 -19.45
N TYR G 68 -9.96 6.35 -19.39
CA TYR G 68 -8.60 6.69 -19.78
C TYR G 68 -7.94 7.55 -18.71
N SER G 69 -6.64 7.34 -18.49
CA SER G 69 -5.91 8.12 -17.49
C SER G 69 -6.64 8.08 -16.15
N GLN G 70 -7.03 6.90 -15.72
CA GLN G 70 -7.73 6.74 -14.45
C GLN G 70 -6.73 6.62 -13.30
N SER G 71 -6.71 7.64 -12.44
CA SER G 71 -5.81 7.64 -11.30
C SER G 71 -6.49 8.19 -10.05
N THR G 72 -6.17 7.63 -8.89
CA THR G 72 -6.77 8.08 -7.65
C THR G 72 -5.76 8.00 -6.51
N ASP G 73 -5.81 8.98 -5.61
CA ASP G 73 -4.91 9.02 -4.47
C ASP G 73 -5.61 9.62 -3.25
N THR G 74 -5.27 9.14 -2.06
CA THR G 74 -5.89 9.66 -0.84
C THR G 74 -4.84 10.21 0.12
N SER G 75 -3.84 9.41 0.43
CA SER G 75 -2.78 9.83 1.34
C SER G 75 -1.41 9.46 0.78
N GLY G 76 -0.50 10.42 0.75
CA GLY G 76 0.85 10.15 0.24
C GLY G 76 1.09 10.83 -1.10
N TYR G 77 1.37 12.13 -1.05
CA TYR G 77 1.66 12.92 -2.26
C TYR G 77 0.97 12.37 -3.51
N GLY G 78 -0.35 12.51 -3.57
CA GLY G 78 -1.12 12.02 -4.70
C GLY G 78 -0.85 12.86 -5.94
N GLN G 79 0.09 12.39 -6.77
CA GLN G 79 0.44 13.10 -7.99
C GLN G 79 1.12 14.42 -7.66
N SER G 80 2.45 14.41 -7.64
CA SER G 80 3.21 15.60 -7.33
C SER G 80 4.64 15.47 -7.85
N SER G 81 5.32 16.60 -8.01
CA SER G 81 6.69 16.58 -8.51
C SER G 81 7.57 17.49 -7.66
N TYR G 82 8.79 17.02 -7.39
CA TYR G 82 9.73 17.80 -6.59
C TYR G 82 9.08 18.32 -5.32
N SER G 83 8.09 17.58 -4.81
CA SER G 83 7.39 17.99 -3.60
C SER G 83 8.32 17.87 -2.39
N SER G 84 8.06 18.69 -1.38
CA SER G 84 8.86 18.67 -0.17
C SER G 84 10.35 18.72 -0.52
N TYR G 85 10.69 19.51 -1.54
CA TYR G 85 12.07 19.64 -1.97
C TYR G 85 12.93 20.24 -0.87
N GLY G 86 14.09 19.65 -0.63
CA GLY G 86 14.99 20.12 0.41
C GLY G 86 16.37 19.51 0.25
N GLN G 87 17.27 19.83 1.19
CA GLN G 87 18.63 19.30 1.15
C GLN G 87 19.06 18.84 2.54
N SER G 88 18.61 19.57 3.56
CA SER G 88 18.94 19.24 4.94
C SER G 88 17.68 19.15 5.79
N GLN G 89 17.71 18.27 6.79
CA GLN G 89 16.55 18.11 7.67
C GLN G 89 15.29 17.85 6.86
N ASN G 90 15.34 16.82 6.02
CA ASN G 90 14.18 16.46 5.19
C ASN G 90 13.33 15.40 5.87
N THR G 91 12.12 15.79 6.26
CA THR G 91 11.21 14.85 6.91
C THR G 91 9.94 14.68 6.10
N GLY G 92 9.53 13.43 5.90
CA GLY G 92 8.32 13.14 5.14
C GLY G 92 7.09 13.73 5.81
N TYR G 93 5.93 13.20 5.43
CA TYR G 93 4.65 13.67 5.99
C TYR G 93 4.74 13.79 7.52
N GLY G 94 5.19 12.72 8.17
CA GLY G 94 5.31 12.72 9.62
C GLY G 94 4.40 11.69 10.26
N THR G 95 3.48 12.14 11.09
CA THR G 95 2.55 11.24 11.77
C THR G 95 1.12 11.53 11.35
N GLN G 96 0.53 10.62 10.58
CA GLN G 96 -0.84 10.81 10.12
C GLN G 96 -1.59 9.49 10.09
N SER G 97 -2.92 9.57 10.09
CA SER G 97 -3.74 8.36 10.05
C SER G 97 -4.62 8.35 8.80
N THR G 98 -4.48 7.29 8.01
CA THR G 98 -5.26 7.15 6.78
C THR G 98 -6.66 6.65 7.12
N PRO G 99 -7.57 6.64 6.17
CA PRO G 99 -8.98 6.20 6.39
C PRO G 99 -9.08 4.83 7.01
N GLN G 100 -9.39 4.77 8.30
CA GLN G 100 -9.53 3.49 8.98
C GLN G 100 -10.76 2.76 8.44
N GLY G 101 -10.51 1.62 7.78
CA GLY G 101 -11.59 0.83 7.21
C GLY G 101 -11.43 0.69 5.71
N TYR G 102 -11.92 1.68 4.96
CA TYR G 102 -11.82 1.65 3.51
C TYR G 102 -10.96 2.80 2.99
N GLY G 103 -9.77 2.48 2.53
CA GLY G 103 -8.86 3.50 2.01
C GLY G 103 -9.50 4.32 0.90
N SER G 104 -9.43 3.82 -0.33
CA SER G 104 -10.01 4.54 -1.46
C SER G 104 -10.24 3.62 -2.66
N THR G 105 -10.88 4.17 -3.70
CA THR G 105 -11.15 3.40 -4.91
C THR G 105 -10.86 4.24 -6.14
N GLY G 106 -10.82 3.58 -7.29
CA GLY G 106 -10.55 4.28 -8.55
C GLY G 106 -11.82 4.93 -9.08
N GLY G 107 -12.08 4.78 -10.37
CA GLY G 107 -13.26 5.36 -10.98
C GLY G 107 -14.35 4.31 -11.19
N TYR G 108 -14.37 3.72 -12.38
CA TYR G 108 -15.37 2.70 -12.69
C TYR G 108 -15.42 1.66 -11.58
N GLY G 109 -16.47 0.86 -11.56
CA GLY G 109 -16.60 -0.16 -10.53
C GLY G 109 -17.12 0.46 -9.25
N SER G 110 -18.33 1.05 -9.34
CA SER G 110 -18.99 1.73 -8.20
C SER G 110 -18.47 1.23 -6.86
N SER G 111 -18.02 2.16 -6.01
CA SER G 111 -17.48 1.79 -4.72
C SER G 111 -18.49 2.07 -3.60
N GLN G 112 -19.06 1.01 -3.06
CA GLN G 112 -20.04 1.15 -1.97
C GLN G 112 -19.51 0.48 -0.71
N SER G 113 -19.04 1.29 0.23
CA SER G 113 -18.49 0.75 1.47
C SER G 113 -18.89 1.60 2.67
N SER G 114 -18.88 1.00 3.85
CA SER G 114 -19.24 1.70 5.08
C SER G 114 -18.29 1.30 6.20
N GLN G 115 -17.81 2.29 6.96
CA GLN G 115 -16.89 2.00 8.05
C GLN G 115 -16.87 3.15 9.06
N SER G 116 -16.01 3.04 10.06
CA SER G 116 -15.91 4.08 11.08
C SER G 116 -14.67 3.85 11.96
N SER G 117 -14.23 4.91 12.65
CA SER G 117 -13.06 4.78 13.51
C SER G 117 -12.98 5.96 14.48
N TYR G 118 -12.52 5.69 15.70
CA TYR G 118 -12.40 6.75 16.70
C TYR G 118 -11.18 6.49 17.61
N GLY G 119 -9.99 6.75 17.08
CA GLY G 119 -8.77 6.55 17.86
C GLY G 119 -7.53 6.89 17.04
N GLN G 120 -7.51 8.09 16.46
CA GLN G 120 -6.38 8.52 15.66
C GLN G 120 -5.42 9.39 16.47
N GLN G 121 -4.23 8.86 16.74
CA GLN G 121 -3.23 9.59 17.50
C GLN G 121 -1.93 9.68 16.74
N SER G 122 -1.48 10.91 16.46
CA SER G 122 -0.24 11.12 15.73
C SER G 122 0.62 12.16 16.43
N SER G 123 1.90 11.85 16.62
CA SER G 123 2.82 12.77 17.29
C SER G 123 2.29 13.14 18.67
N TYR G 124 1.91 12.13 19.45
CA TYR G 124 1.38 12.36 20.79
C TYR G 124 0.05 13.11 20.72
N SER H 64 -22.69 4.59 -23.29
CA SER H 64 -21.27 4.23 -23.03
C SER H 64 -20.63 5.30 -22.16
N TYR H 65 -19.54 4.94 -21.48
CA TYR H 65 -18.85 5.88 -20.61
C TYR H 65 -17.47 6.20 -21.17
N SER H 66 -17.18 7.50 -21.30
CA SER H 66 -15.89 7.93 -21.82
C SER H 66 -15.25 8.96 -20.89
N GLY H 67 -14.28 8.51 -20.10
CA GLY H 67 -13.60 9.40 -19.17
C GLY H 67 -12.15 9.61 -19.58
N TYR H 68 -11.70 10.87 -19.53
CA TYR H 68 -10.34 11.20 -19.91
C TYR H 68 -9.68 12.07 -18.83
N SER H 69 -8.39 11.86 -18.62
CA SER H 69 -7.65 12.62 -17.62
C SER H 69 -8.38 12.61 -16.28
N GLN H 70 -8.78 11.42 -15.85
CA GLN H 70 -9.49 11.28 -14.58
C GLN H 70 -8.49 11.16 -13.43
N SER H 71 -8.48 12.16 -12.56
CA SER H 71 -7.57 12.16 -11.42
C SER H 71 -8.26 12.73 -10.18
N THR H 72 -7.95 12.17 -9.02
CA THR H 72 -8.55 12.62 -7.78
C THR H 72 -7.54 12.55 -6.62
N ASP H 73 -7.60 13.53 -5.74
CA ASP H 73 -6.70 13.57 -4.58
C ASP H 73 -7.40 14.18 -3.38
N THR H 74 -7.07 13.71 -2.18
CA THR H 74 -7.69 14.23 -0.97
C THR H 74 -6.65 14.78 -0.01
N SER H 75 -5.65 13.96 0.30
CA SER H 75 -4.59 14.38 1.22
C SER H 75 -3.22 14.01 0.67
N GLY H 76 -2.30 14.97 0.64
CA GLY H 76 -0.96 14.70 0.14
C GLY H 76 -0.70 15.37 -1.20
N TYR H 77 -0.41 16.67 -1.17
CA TYR H 77 -0.12 17.45 -2.38
C TYR H 77 -0.82 16.89 -3.62
N GLY H 78 -2.13 17.04 -3.68
CA GLY H 78 -2.90 16.55 -4.81
C GLY H 78 -2.61 17.38 -6.06
N GLN H 79 -1.68 16.90 -6.88
CA GLN H 79 -1.32 17.61 -8.11
C GLN H 79 -0.63 18.94 -7.78
N SER H 80 0.70 18.90 -7.74
CA SER H 80 1.47 20.10 -7.44
C SER H 80 2.90 19.96 -7.96
N SER H 81 3.58 21.09 -8.12
CA SER H 81 4.95 21.06 -8.61
C SER H 81 5.84 21.97 -7.77
N TYR H 82 7.05 21.49 -7.48
CA TYR H 82 8.00 22.27 -6.68
C TYR H 82 7.33 22.80 -5.42
N SER H 83 6.35 22.06 -4.92
CA SER H 83 5.64 22.48 -3.71
C SER H 83 6.55 22.37 -2.50
N SER H 84 6.30 23.19 -1.49
CA SER H 84 7.11 23.17 -0.27
C SER H 84 8.59 23.22 -0.62
N TYR H 85 8.94 24.00 -1.64
CA TYR H 85 10.32 24.12 -2.07
C TYR H 85 11.18 24.72 -0.95
N GLY H 86 12.33 24.11 -0.71
CA GLY H 86 13.23 24.60 0.33
C GLY H 86 14.62 23.97 0.19
N GLN H 87 15.50 24.29 1.12
CA GLN H 87 16.86 23.75 1.09
C GLN H 87 17.28 23.30 2.48
N SER H 88 16.83 24.04 3.50
CA SER H 88 17.16 23.69 4.88
C SER H 88 15.90 23.62 5.73
N GLN H 89 15.92 22.76 6.73
CA GLN H 89 14.76 22.60 7.60
C GLN H 89 13.49 22.34 6.79
N ASN H 90 13.54 21.30 5.96
CA ASN H 90 12.39 20.96 5.12
C ASN H 90 11.54 19.90 5.80
N THR H 91 10.32 20.28 6.18
CA THR H 91 9.40 19.36 6.84
C THR H 91 8.13 19.20 6.03
N GLY H 92 7.72 17.95 5.82
CA GLY H 92 6.52 17.66 5.05
C GLY H 92 5.28 18.25 5.72
N TYR H 93 4.11 17.73 5.34
CA TYR H 93 2.85 18.21 5.90
C TYR H 93 2.93 18.33 7.42
N GLY H 94 3.36 17.26 8.07
CA GLY H 94 3.49 17.27 9.53
C GLY H 94 2.56 16.24 10.17
N THR H 95 1.64 16.70 11.00
CA THR H 95 0.71 15.80 11.66
C THR H 95 -0.72 16.11 11.24
N GLN H 96 -1.32 15.19 10.48
CA GLN H 96 -2.69 15.39 10.02
C GLN H 96 -3.45 14.06 9.98
N SER H 97 -4.77 14.15 9.97
CA SER H 97 -5.59 12.95 9.94
C SER H 97 -6.47 12.94 8.68
N THR H 98 -6.33 11.88 7.90
CA THR H 98 -7.10 11.74 6.66
C THR H 98 -8.52 11.24 7.00
N PRO H 99 -9.40 11.24 6.04
CA PRO H 99 -10.83 10.81 6.25
C PRO H 99 -10.93 9.43 6.89
N GLN H 100 -11.25 9.39 8.17
CA GLN H 100 -11.41 8.11 8.85
C GLN H 100 -12.63 7.37 8.32
N GLY H 101 -12.38 6.25 7.66
CA GLY H 101 -13.47 5.46 7.09
C GLY H 101 -13.30 5.31 5.58
N TYR H 102 -13.79 6.29 4.83
CA TYR H 102 -13.68 6.25 3.38
C TYR H 102 -12.81 7.40 2.86
N GLY H 103 -11.62 7.07 2.40
CA GLY H 103 -10.70 8.08 1.90
C GLY H 103 -11.34 8.90 0.78
N SER H 104 -11.26 8.41 -0.46
CA SER H 104 -11.84 9.13 -1.59
C SER H 104 -12.07 8.20 -2.79
N THR H 105 -12.70 8.75 -3.83
CA THR H 105 -12.97 7.98 -5.03
C THR H 105 -12.66 8.81 -6.28
N GLY H 106 -12.63 8.14 -7.42
CA GLY H 106 -12.35 8.84 -8.68
C GLY H 106 -13.62 9.50 -9.22
N GLY H 107 -13.86 9.33 -10.51
CA GLY H 107 -15.04 9.92 -11.13
C GLY H 107 -16.13 8.87 -11.33
N TYR H 108 -16.15 8.28 -12.53
CA TYR H 108 -17.16 7.27 -12.84
C TYR H 108 -17.21 6.23 -11.72
N GLY H 109 -18.27 5.43 -11.71
CA GLY H 109 -18.42 4.42 -10.67
C GLY H 109 -18.94 5.06 -9.39
N SER H 110 -20.14 5.65 -9.48
CA SER H 110 -20.79 6.33 -8.35
C SER H 110 -20.28 5.83 -7.01
N SER H 111 -19.84 6.76 -6.17
CA SER H 111 -19.30 6.40 -4.87
C SER H 111 -20.32 6.69 -3.76
N GLN H 112 -20.90 5.63 -3.21
CA GLN H 112 -21.87 5.77 -2.13
C GLN H 112 -21.35 5.11 -0.86
N SER H 113 -20.88 5.92 0.08
CA SER H 113 -20.34 5.38 1.33
C SER H 113 -20.75 6.24 2.51
N SER H 114 -20.74 5.64 3.70
CA SER H 114 -21.10 6.35 4.92
C SER H 114 -20.17 5.94 6.05
N GLN H 115 -19.68 6.93 6.80
CA GLN H 115 -18.76 6.65 7.91
C GLN H 115 -18.75 7.80 8.90
N SER H 116 -17.89 7.70 9.92
CA SER H 116 -17.79 8.73 10.93
C SER H 116 -16.56 8.50 11.81
N SER H 117 -16.11 9.55 12.50
CA SER H 117 -14.95 9.43 13.37
C SER H 117 -14.86 10.61 14.34
N TYR H 118 -14.40 10.34 15.56
CA TYR H 118 -14.27 11.39 16.55
C TYR H 118 -13.07 11.14 17.47
N GLY H 119 -11.87 11.39 16.95
CA GLY H 119 -10.66 11.19 17.73
C GLY H 119 -9.41 11.52 16.91
N GLN H 120 -9.39 12.72 16.33
CA GLN H 120 -8.26 13.14 15.53
C GLN H 120 -7.30 14.01 16.34
N GLN H 121 -6.11 13.47 16.61
CA GLN H 121 -5.11 14.21 17.38
C GLN H 121 -3.79 14.29 16.62
N SER H 122 -3.34 15.51 16.35
CA SER H 122 -2.10 15.72 15.62
C SER H 122 -1.23 16.76 16.32
N SER H 123 0.03 16.43 16.52
CA SER H 123 0.95 17.36 17.18
C SER H 123 0.42 17.73 18.56
N TYR H 124 0.04 16.72 19.34
CA TYR H 124 -0.49 16.96 20.68
C TYR H 124 -1.81 17.71 20.61
N SER I 64 -24.42 9.16 -23.48
CA SER I 64 -23.01 8.79 -23.21
C SER I 64 -22.37 9.87 -22.33
N TYR I 65 -21.28 9.50 -21.65
CA TYR I 65 -20.59 10.43 -20.78
C TYR I 65 -19.21 10.76 -21.34
N SER I 66 -18.91 12.05 -21.47
CA SER I 66 -17.61 12.47 -21.99
C SER I 66 -16.97 13.50 -21.06
N GLY I 67 -16.02 13.05 -20.25
CA GLY I 67 -15.33 13.94 -19.32
C GLY I 67 -13.88 14.15 -19.74
N TYR I 68 -13.42 15.40 -19.69
CA TYR I 68 -12.05 15.72 -20.06
C TYR I 68 -11.40 16.58 -18.99
N SER I 69 -10.11 16.37 -18.76
CA SER I 69 -9.37 17.14 -17.76
C SER I 69 -10.11 17.13 -16.43
N GLN I 70 -10.51 15.94 -15.99
CA GLN I 70 -11.23 15.81 -14.72
C GLN I 70 -10.25 15.69 -13.57
N SER I 71 -10.23 16.71 -12.71
CA SER I 71 -9.32 16.70 -11.56
C SER I 71 -10.01 17.28 -10.33
N THR I 72 -9.71 16.71 -9.17
CA THR I 72 -10.31 17.17 -7.92
C THR I 72 -9.31 17.09 -6.78
N ASP I 73 -9.36 18.08 -5.88
CA ASP I 73 -8.47 18.12 -4.74
C ASP I 73 -9.16 18.75 -3.54
N THR I 74 -8.86 18.27 -2.33
CA THR I 74 -9.46 18.80 -1.13
C THR I 74 -8.41 19.34 -0.16
N SER I 75 -7.43 18.52 0.17
CA SER I 75 -6.37 18.95 1.08
C SER I 75 -5.00 18.56 0.54
N GLY I 76 -4.08 19.52 0.51
CA GLY I 76 -2.74 19.24 0.02
C GLY I 76 -2.48 19.90 -1.32
N TYR I 77 -2.19 21.20 -1.29
CA TYR I 77 -1.88 21.99 -2.50
C TYR I 77 -2.57 21.42 -3.74
N GLY I 78 -3.89 21.60 -3.82
CA GLY I 78 -4.65 21.10 -4.95
C GLY I 78 -4.36 21.92 -6.21
N GLN I 79 -3.43 21.44 -7.02
CA GLN I 79 -3.06 22.13 -8.24
C GLN I 79 -2.37 23.45 -7.92
N SER I 80 -1.04 23.42 -7.88
CA SER I 80 -0.26 24.61 -7.57
C SER I 80 1.17 24.46 -8.08
N SER I 81 1.86 25.58 -8.25
CA SER I 81 3.23 25.55 -8.73
C SER I 81 4.12 26.46 -7.89
N TYR I 82 5.33 25.98 -7.60
CA TYR I 82 6.27 26.75 -6.80
C TYR I 82 5.61 27.29 -5.54
N SER I 83 4.62 26.56 -5.04
CA SER I 83 3.91 26.99 -3.83
C SER I 83 4.82 26.87 -2.62
N SER I 84 4.56 27.70 -1.60
CA SER I 84 5.36 27.67 -0.39
C SER I 84 6.85 27.71 -0.73
N TYR I 85 7.20 28.49 -1.75
CA TYR I 85 8.59 28.60 -2.17
C TYR I 85 9.44 29.20 -1.06
N GLY I 86 10.60 28.60 -0.82
CA GLY I 86 11.50 29.09 0.23
C GLY I 86 12.87 28.45 0.09
N GLN I 87 13.76 28.77 1.03
CA GLN I 87 15.11 28.22 1.01
C GLN I 87 15.53 27.77 2.41
N SER I 88 15.08 28.50 3.41
CA SER I 88 15.40 28.18 4.79
C SER I 88 14.13 28.11 5.64
N GLN I 89 14.14 27.25 6.65
CA GLN I 89 12.98 27.10 7.52
C GLN I 89 11.72 26.85 6.70
N ASN I 90 11.76 25.80 5.87
CA ASN I 90 10.62 25.45 5.03
C ASN I 90 9.75 24.40 5.71
N THR I 91 8.53 24.80 6.08
CA THR I 91 7.61 23.88 6.74
C THR I 91 6.35 23.71 5.92
N GLY I 92 5.93 22.46 5.72
CA GLY I 92 4.73 22.18 4.95
C GLY I 92 3.49 22.78 5.61
N TYR I 93 2.32 22.27 5.22
CA TYR I 93 1.05 22.75 5.77
C TYR I 93 1.13 22.88 7.30
N GLY I 94 1.56 21.81 7.95
CA GLY I 94 1.67 21.82 9.41
C GLY I 94 0.75 20.79 10.04
N THR I 95 -0.18 21.27 10.88
CA THR I 95 -1.11 20.37 11.55
C THR I 95 -2.54 20.67 11.11
N GLN I 96 -3.13 19.77 10.35
CA GLN I 96 -4.50 19.97 9.87
C GLN I 96 -5.27 18.67 9.85
N SER I 97 -6.59 18.75 9.83
CA SER I 97 -7.43 17.56 9.79
C SER I 97 -8.28 17.54 8.53
N THR I 98 -8.16 16.48 7.76
CA THR I 98 -8.93 16.34 6.52
C THR I 98 -10.35 15.86 6.85
N PRO I 99 -11.24 15.87 5.89
CA PRO I 99 -12.66 15.44 6.11
C PRO I 99 -12.78 14.07 6.73
N GLN I 100 -13.10 14.02 8.02
CA GLN I 100 -13.26 12.75 8.71
C GLN I 100 -14.48 12.00 8.16
N GLY I 101 -14.24 10.87 7.52
CA GLY I 101 -15.32 10.09 6.94
C GLY I 101 -15.14 9.93 5.44
N TYR I 102 -15.63 10.91 4.68
CA TYR I 102 -15.51 10.86 3.22
C TYR I 102 -14.64 12.00 2.72
N GLY I 103 -13.43 11.67 2.26
CA GLY I 103 -12.52 12.69 1.76
C GLY I 103 -13.15 13.51 0.63
N SER I 104 -13.08 13.00 -0.59
CA SER I 104 -13.65 13.72 -1.74
C SER I 104 -13.87 12.80 -2.93
N THR I 105 -14.49 13.33 -3.98
CA THR I 105 -14.76 12.55 -5.18
C THR I 105 -14.43 13.38 -6.43
N GLY I 106 -14.40 12.72 -7.58
CA GLY I 106 -14.12 13.40 -8.84
C GLY I 106 -15.39 14.08 -9.38
N GLY I 107 -15.63 13.91 -10.67
CA GLY I 107 -16.81 14.50 -11.30
C GLY I 107 -17.91 13.46 -11.51
N TYR I 108 -17.92 12.85 -12.69
CA TYR I 108 -18.92 11.84 -13.01
C TYR I 108 -18.98 10.81 -11.88
N GLY I 109 -20.05 10.02 -11.87
CA GLY I 109 -20.21 9.01 -10.83
C GLY I 109 -20.72 9.66 -9.56
N SER I 110 -21.92 10.25 -9.66
CA SER I 110 -22.57 10.94 -8.53
C SER I 110 -22.08 10.45 -7.18
N SER I 111 -21.62 11.37 -6.34
CA SER I 111 -21.11 11.01 -5.04
C SER I 111 -22.12 11.31 -3.94
N GLN I 112 -22.71 10.27 -3.38
CA GLN I 112 -23.69 10.42 -2.32
C GLN I 112 -23.18 9.76 -1.04
N SER I 113 -22.69 10.56 -0.10
CA SER I 113 -22.17 10.02 1.14
C SER I 113 -22.58 10.90 2.34
N SER I 114 -22.59 10.29 3.52
CA SER I 114 -22.94 11.00 4.73
C SER I 114 -22.01 10.60 5.87
N GLN I 115 -21.53 11.59 6.63
CA GLN I 115 -20.62 11.31 7.73
C GLN I 115 -20.60 12.47 8.73
N SER I 116 -19.75 12.36 9.74
CA SER I 116 -19.64 13.40 10.76
C SER I 116 -18.42 13.16 11.64
N SER I 117 -17.97 14.21 12.33
CA SER I 117 -16.82 14.09 13.20
C SER I 117 -16.73 15.28 14.16
N TYR I 118 -16.27 15.00 15.39
CA TYR I 118 -16.13 16.04 16.39
C TYR I 118 -14.93 15.77 17.30
N GLY I 119 -13.73 16.03 16.79
CA GLY I 119 -12.52 15.83 17.58
C GLY I 119 -11.27 16.16 16.76
N GLN I 120 -11.25 17.36 16.18
CA GLN I 120 -10.10 17.78 15.37
C GLN I 120 -9.15 18.64 16.20
N GLN I 121 -7.97 18.10 16.47
CA GLN I 121 -6.97 18.84 17.25
C GLN I 121 -5.65 18.91 16.48
N SER I 122 -5.19 20.12 16.21
CA SER I 122 -3.94 20.32 15.48
C SER I 122 -3.08 21.36 16.19
N SER I 123 -1.80 21.03 16.39
CA SER I 123 -0.88 21.95 17.05
C SER I 123 -1.42 22.34 18.43
N TYR I 124 -1.82 21.33 19.21
CA TYR I 124 -2.35 21.58 20.55
C TYR I 124 -3.67 22.33 20.46
N SER A 64 -12.73 -23.88 -26.32
CA SER A 64 -11.62 -24.73 -25.83
C SER A 64 -10.97 -24.05 -24.62
N TYR A 65 -10.27 -24.83 -23.82
CA TYR A 65 -9.59 -24.30 -22.64
C TYR A 65 -8.08 -24.28 -22.85
N SER A 66 -7.50 -23.09 -22.89
CA SER A 66 -6.07 -22.94 -23.08
C SER A 66 -5.52 -21.79 -22.24
N GLY A 67 -4.92 -22.12 -21.11
CA GLY A 67 -4.35 -21.11 -20.23
C GLY A 67 -3.16 -21.65 -19.46
N TYR A 68 -2.39 -20.74 -18.85
CA TYR A 68 -1.22 -21.14 -18.09
C TYR A 68 -0.95 -20.14 -16.96
N SER A 69 -0.15 -20.58 -15.98
CA SER A 69 0.18 -19.71 -14.85
C SER A 69 1.69 -19.60 -14.71
N GLN A 70 2.14 -18.46 -14.18
CA GLN A 70 3.57 -18.23 -13.99
C GLN A 70 4.05 -18.87 -12.69
N SER A 71 5.28 -18.56 -12.31
CA SER A 71 5.86 -19.11 -11.07
C SER A 71 5.34 -18.35 -9.85
N THR A 72 5.46 -18.98 -8.68
CA THR A 72 5.00 -18.35 -7.45
C THR A 72 5.92 -18.72 -6.29
N ASP A 73 6.21 -17.75 -5.43
CA ASP A 73 7.09 -17.99 -4.28
C ASP A 73 6.72 -17.06 -3.13
N THR A 74 6.51 -17.62 -1.95
CA THR A 74 6.15 -16.80 -0.79
C THR A 74 7.37 -16.14 -0.16
N SER A 75 8.38 -16.95 0.15
CA SER A 75 9.60 -16.45 0.75
C SER A 75 10.83 -16.99 0.02
N GLY A 76 11.98 -16.96 0.67
CA GLY A 76 13.20 -17.48 0.06
C GLY A 76 13.64 -16.60 -1.11
N TYR A 77 13.75 -15.30 -0.89
CA TYR A 77 14.17 -14.40 -1.95
C TYR A 77 13.25 -14.57 -3.16
N GLY A 78 13.56 -13.88 -4.24
CA GLY A 78 12.75 -13.97 -5.43
C GLY A 78 13.38 -14.89 -6.47
N GLN A 79 14.60 -14.55 -6.90
CA GLN A 79 15.30 -15.36 -7.90
C GLN A 79 16.81 -15.23 -7.74
N SER A 80 17.33 -14.06 -8.09
CA SER A 80 18.78 -13.83 -8.00
C SER A 80 19.09 -12.84 -6.87
N SER A 81 20.24 -13.02 -6.24
CA SER A 81 20.65 -12.14 -5.15
C SER A 81 22.14 -11.82 -5.24
N TYR A 82 22.47 -10.54 -5.08
CA TYR A 82 23.86 -10.11 -5.15
C TYR A 82 24.25 -9.36 -3.87
N SER A 83 25.54 -9.39 -3.53
CA SER A 83 26.02 -8.72 -2.34
C SER A 83 26.84 -7.49 -2.72
N SER A 84 27.55 -6.93 -1.74
CA SER A 84 28.36 -5.74 -1.97
C SER A 84 29.69 -6.12 -2.63
N TYR A 85 30.27 -5.18 -3.37
CA TYR A 85 31.54 -5.43 -4.04
C TYR A 85 32.68 -5.41 -3.02
N GLY A 86 32.54 -4.57 -2.00
CA GLY A 86 33.57 -4.46 -0.97
C GLY A 86 33.28 -5.42 0.18
N GLN A 87 34.02 -5.28 1.27
CA GLN A 87 33.83 -6.14 2.43
C GLN A 87 32.48 -5.89 3.07
N SER A 88 31.77 -6.96 3.41
CA SER A 88 30.45 -6.83 4.03
C SER A 88 30.03 -8.12 4.72
N GLN A 89 28.77 -8.19 5.12
CA GLN A 89 28.25 -9.38 5.80
C GLN A 89 27.00 -9.89 5.08
N ASN A 90 27.10 -11.09 4.51
CA ASN A 90 25.97 -11.68 3.81
C ASN A 90 25.17 -12.59 4.73
N THR A 91 24.04 -12.08 5.22
CA THR A 91 23.19 -12.85 6.11
C THR A 91 21.78 -13.01 5.54
N GLY A 92 21.30 -14.25 5.54
CA GLY A 92 19.97 -14.55 5.01
C GLY A 92 18.90 -13.81 5.80
N TYR A 93 17.66 -14.29 5.72
CA TYR A 93 16.55 -13.64 6.42
C TYR A 93 16.52 -14.00 7.92
N GLY A 94 17.70 -13.98 8.56
CA GLY A 94 17.80 -14.29 9.98
C GLY A 94 16.96 -15.51 10.35
N THR A 95 15.92 -15.28 11.13
CA THR A 95 15.02 -16.34 11.55
C THR A 95 13.58 -15.93 11.29
N GLN A 96 12.85 -16.74 10.54
CA GLN A 96 11.47 -16.43 10.22
C GLN A 96 10.64 -17.70 10.07
N SER A 97 9.33 -17.53 10.02
CA SER A 97 8.41 -18.65 9.87
C SER A 97 7.38 -18.33 8.80
N THR A 98 7.39 -19.10 7.72
CA THR A 98 6.45 -18.88 6.63
C THR A 98 5.14 -19.61 6.92
N PRO A 99 4.07 -19.24 6.22
CA PRO A 99 2.71 -19.82 6.39
C PRO A 99 2.69 -21.26 6.90
N GLN A 100 2.36 -21.42 8.17
CA GLN A 100 2.28 -22.75 8.76
C GLN A 100 1.22 -23.56 8.03
N GLY A 101 1.66 -24.58 7.31
CA GLY A 101 0.74 -25.42 6.56
C GLY A 101 0.36 -24.78 5.22
N TYR A 102 0.91 -25.30 4.13
CA TYR A 102 0.64 -24.78 2.79
C TYR A 102 1.24 -23.39 2.60
N GLY A 103 2.46 -23.37 2.06
CA GLY A 103 3.16 -22.12 1.81
C GLY A 103 2.67 -21.44 0.54
N SER A 104 3.35 -21.69 -0.57
CA SER A 104 2.98 -21.09 -1.84
C SER A 104 2.02 -21.99 -2.61
N THR A 105 1.22 -21.39 -3.48
CA THR A 105 0.27 -22.14 -4.29
C THR A 105 0.56 -21.96 -5.77
N GLY A 106 1.08 -23.03 -6.40
CA GLY A 106 1.39 -22.98 -7.83
C GLY A 106 0.65 -24.07 -8.58
N GLY A 107 -0.28 -23.66 -9.44
CA GLY A 107 -1.06 -24.61 -10.23
C GLY A 107 -2.54 -24.22 -10.24
N TYR A 108 -2.93 -23.47 -11.26
CA TYR A 108 -4.31 -23.03 -11.39
C TYR A 108 -5.26 -24.22 -11.46
N GLY A 109 -6.50 -23.98 -11.85
CA GLY A 109 -7.48 -25.06 -11.96
C GLY A 109 -8.27 -25.20 -10.67
N SER A 110 -7.57 -25.21 -9.54
CA SER A 110 -8.20 -25.34 -8.23
C SER A 110 -7.16 -25.52 -7.14
N SER A 111 -7.24 -24.69 -6.11
CA SER A 111 -6.31 -24.75 -4.99
C SER A 111 -7.00 -24.32 -3.70
N GLN A 112 -7.45 -25.29 -2.92
CA GLN A 112 -8.13 -24.99 -1.67
C GLN A 112 -7.45 -25.70 -0.50
N SER A 113 -6.98 -24.93 0.47
CA SER A 113 -6.31 -25.50 1.63
C SER A 113 -6.74 -24.79 2.91
N SER A 114 -6.64 -25.50 4.03
CA SER A 114 -7.01 -24.93 5.32
C SER A 114 -6.00 -25.36 6.39
N GLN A 115 -5.75 -24.47 7.35
CA GLN A 115 -4.80 -24.78 8.41
C GLN A 115 -4.79 -23.68 9.48
N SER A 116 -3.86 -23.77 10.41
CA SER A 116 -3.76 -22.78 11.47
C SER A 116 -2.50 -23.00 12.31
N SER A 117 -2.07 -21.98 13.04
CA SER A 117 -0.88 -22.09 13.87
C SER A 117 -0.83 -20.96 14.90
N TYR A 118 -0.33 -21.28 16.11
CA TYR A 118 -0.24 -20.27 17.15
C TYR A 118 0.99 -20.50 18.03
N GLY A 119 2.15 -20.09 17.55
CA GLY A 119 3.39 -20.28 18.30
C GLY A 119 4.62 -20.08 17.40
N GLN A 120 4.70 -18.93 16.77
CA GLN A 120 5.81 -18.62 15.88
C GLN A 120 6.86 -17.77 16.60
N GLN A 121 8.06 -18.32 16.76
CA GLN A 121 9.14 -17.60 17.43
C GLN A 121 10.44 -17.69 16.63
N SER A 122 11.09 -16.55 16.45
CA SER A 122 12.34 -16.51 15.68
C SER A 122 13.38 -15.65 16.40
N SER A 123 14.55 -16.23 16.66
CA SER A 123 15.62 -15.51 17.34
C SER A 123 15.11 -14.88 18.64
N TYR A 124 14.18 -15.56 19.30
CA TYR A 124 13.62 -15.07 20.55
C TYR A 124 12.54 -16.00 21.07
N SER B 64 -14.80 -19.53 -26.28
CA SER B 64 -13.68 -20.37 -25.77
C SER B 64 -13.04 -19.69 -24.57
N TYR B 65 -12.33 -20.47 -23.77
CA TYR B 65 -11.66 -19.93 -22.58
C TYR B 65 -10.15 -19.92 -22.79
N SER B 66 -9.58 -18.72 -22.84
CA SER B 66 -8.14 -18.58 -23.03
C SER B 66 -7.59 -17.42 -22.19
N GLY B 67 -6.99 -17.75 -21.06
CA GLY B 67 -6.43 -16.72 -20.18
C GLY B 67 -5.23 -17.27 -19.41
N TYR B 68 -4.46 -16.37 -18.80
CA TYR B 68 -3.29 -16.76 -18.04
C TYR B 68 -3.02 -15.76 -16.91
N SER B 69 -2.24 -16.19 -15.92
CA SER B 69 -1.90 -15.33 -14.80
C SER B 69 -0.39 -15.21 -14.64
N GLN B 70 0.06 -14.07 -14.13
CA GLN B 70 1.49 -13.83 -13.94
C GLN B 70 1.96 -14.47 -12.64
N SER B 71 3.20 -14.15 -12.24
CA SER B 71 3.76 -14.69 -11.02
C SER B 71 3.25 -13.94 -9.79
N THR B 72 3.37 -14.57 -8.63
CA THR B 72 2.91 -13.95 -7.39
C THR B 72 3.83 -14.31 -6.23
N ASP B 73 4.12 -13.33 -5.38
CA ASP B 73 4.98 -13.56 -4.23
C ASP B 73 4.62 -12.62 -3.09
N THR B 74 4.42 -13.18 -1.90
CA THR B 74 4.05 -12.37 -0.73
C THR B 74 5.27 -11.71 -0.11
N SER B 75 6.28 -12.51 0.20
CA SER B 75 7.50 -12.00 0.81
C SER B 75 8.73 -12.54 0.08
N GLY B 76 9.87 -12.52 0.74
CA GLY B 76 11.09 -13.02 0.13
C GLY B 76 11.53 -12.16 -1.05
N TYR B 77 11.66 -10.86 -0.82
CA TYR B 77 12.07 -9.97 -1.90
C TYR B 77 11.16 -10.15 -3.11
N GLY B 78 11.48 -9.46 -4.19
CA GLY B 78 10.65 -9.56 -5.39
C GLY B 78 11.29 -10.48 -6.42
N GLN B 79 12.50 -10.13 -6.85
CA GLN B 79 13.21 -10.94 -7.84
C GLN B 79 14.72 -10.81 -7.68
N SER B 80 15.25 -9.64 -8.03
CA SER B 80 16.69 -9.41 -7.94
C SER B 80 17.01 -8.43 -6.81
N SER B 81 18.16 -8.61 -6.18
CA SER B 81 18.56 -7.73 -5.10
C SER B 81 20.05 -7.41 -5.19
N TYR B 82 20.38 -6.12 -5.02
CA TYR B 82 21.77 -5.69 -5.09
C TYR B 82 22.16 -4.94 -3.82
N SER B 83 23.45 -4.97 -3.49
CA SER B 83 23.92 -4.29 -2.29
C SER B 83 24.74 -3.06 -2.67
N SER B 84 25.45 -2.51 -1.69
CA SER B 84 26.27 -1.32 -1.94
C SER B 84 27.60 -1.69 -2.58
N TYR B 85 28.18 -0.76 -3.32
CA TYR B 85 29.45 -1.01 -3.99
C TYR B 85 30.59 -0.99 -2.98
N GLY B 86 30.45 -0.15 -1.95
CA GLY B 86 31.47 -0.03 -0.91
C GLY B 86 31.18 -1.00 0.23
N GLN B 87 31.92 -0.84 1.33
CA GLN B 87 31.73 -1.70 2.49
C GLN B 87 30.37 -1.45 3.13
N SER B 88 29.66 -2.52 3.47
CA SER B 88 28.34 -2.38 4.08
C SER B 88 27.93 -3.67 4.77
N GLN B 89 26.66 -3.74 5.17
CA GLN B 89 26.14 -4.92 5.85
C GLN B 89 24.90 -5.44 5.14
N ASN B 90 24.99 -6.64 4.58
CA ASN B 90 23.86 -7.23 3.87
C ASN B 90 23.06 -8.13 4.80
N THR B 91 21.93 -7.63 5.28
CA THR B 91 21.08 -8.41 6.18
C THR B 91 19.69 -8.57 5.61
N GLY B 92 19.19 -9.81 5.60
CA GLY B 92 17.86 -10.10 5.08
C GLY B 92 16.79 -9.35 5.86
N TYR B 93 15.55 -9.83 5.78
CA TYR B 93 14.44 -9.19 6.47
C TYR B 93 14.41 -9.54 7.97
N GLY B 94 15.59 -9.52 8.62
CA GLY B 94 15.70 -9.82 10.04
C GLY B 94 14.85 -11.04 10.41
N THR B 95 13.81 -10.79 11.19
CA THR B 95 12.91 -11.86 11.61
C THR B 95 11.46 -11.45 11.35
N GLN B 96 10.74 -12.27 10.60
CA GLN B 96 9.35 -11.96 10.27
C GLN B 96 8.52 -13.22 10.14
N SER B 97 7.21 -13.05 10.07
CA SER B 97 6.29 -14.17 9.93
C SER B 97 5.25 -13.85 8.86
N THR B 98 5.27 -14.62 7.78
CA THR B 98 4.33 -14.41 6.69
C THR B 98 3.01 -15.14 6.98
N PRO B 99 1.95 -14.77 6.28
CA PRO B 99 0.58 -15.33 6.46
C PRO B 99 0.55 -16.76 6.96
N GLN B 100 0.24 -16.92 8.24
CA GLN B 100 0.16 -18.25 8.83
C GLN B 100 -0.91 -19.07 8.09
N GLY B 101 -0.47 -20.10 7.38
CA GLY B 101 -1.38 -20.95 6.63
C GLY B 101 -1.75 -20.31 5.29
N TYR B 102 -1.19 -20.84 4.21
CA TYR B 102 -1.48 -20.33 2.87
C TYR B 102 -0.86 -18.94 2.66
N GLY B 103 0.35 -18.92 2.13
CA GLY B 103 1.05 -17.66 1.88
C GLY B 103 0.55 -17.00 0.60
N SER B 104 1.25 -17.24 -0.50
CA SER B 104 0.87 -16.65 -1.79
C SER B 104 -0.09 -17.56 -2.55
N THR B 105 -0.88 -16.95 -3.43
CA THR B 105 -1.83 -17.72 -4.23
C THR B 105 -1.53 -17.56 -5.72
N GLY B 106 -1.02 -18.61 -6.33
CA GLY B 106 -0.70 -18.57 -7.76
C GLY B 106 -1.45 -19.66 -8.52
N GLY B 107 -2.37 -19.25 -9.37
CA GLY B 107 -3.15 -20.20 -10.16
C GLY B 107 -4.63 -19.81 -10.17
N TYR B 108 -5.02 -19.07 -11.20
CA TYR B 108 -6.40 -18.62 -11.34
C TYR B 108 -7.34 -19.82 -11.41
N GLY B 109 -8.59 -19.58 -11.80
CA GLY B 109 -9.56 -20.65 -11.90
C GLY B 109 -10.36 -20.79 -10.61
N SER B 110 -9.65 -20.79 -9.48
CA SER B 110 -10.30 -20.92 -8.18
C SER B 110 -9.25 -21.09 -7.08
N SER B 111 -9.34 -20.25 -6.05
CA SER B 111 -8.41 -20.32 -4.93
C SER B 111 -9.10 -19.88 -3.65
N GLN B 112 -9.56 -20.85 -2.85
CA GLN B 112 -10.24 -20.54 -1.60
C GLN B 112 -9.57 -21.25 -0.44
N SER B 113 -9.09 -20.46 0.53
CA SER B 113 -8.42 -21.04 1.70
C SER B 113 -8.85 -20.32 2.97
N SER B 114 -8.76 -21.03 4.09
CA SER B 114 -9.13 -20.46 5.38
C SER B 114 -8.13 -20.87 6.45
N GLN B 115 -7.87 -19.98 7.41
CA GLN B 115 -6.93 -20.28 8.48
C GLN B 115 -6.92 -19.18 9.53
N SER B 116 -5.98 -19.27 10.48
CA SER B 116 -5.89 -18.28 11.53
C SER B 116 -4.62 -18.50 12.37
N SER B 117 -4.20 -17.47 13.09
CA SER B 117 -3.02 -17.58 13.93
C SER B 117 -2.96 -16.45 14.95
N TYR B 118 -2.47 -16.77 16.15
CA TYR B 118 -2.37 -15.76 17.21
C TYR B 118 -1.14 -16.02 18.08
N GLY B 119 0.02 -15.59 17.60
CA GLY B 119 1.26 -15.77 18.36
C GLY B 119 2.49 -15.57 17.47
N GLN B 120 2.56 -14.42 16.82
CA GLN B 120 3.69 -14.11 15.94
C GLN B 120 4.73 -13.26 16.65
N GLN B 121 5.93 -13.81 16.82
CA GLN B 121 7.01 -13.09 17.49
C GLN B 121 8.30 -13.19 16.69
N SER B 122 8.96 -12.04 16.50
CA SER B 122 10.22 -12.01 15.75
C SER B 122 11.25 -11.15 16.46
N SER B 123 12.42 -11.73 16.73
CA SER B 123 13.49 -11.00 17.41
C SER B 123 12.98 -10.36 18.69
N TYR B 124 12.05 -11.05 19.35
CA TYR B 124 11.48 -10.54 20.60
C TYR B 124 10.40 -11.48 21.12
N SER C 64 -16.86 -15.17 -26.25
CA SER C 64 -15.74 -16.02 -25.74
C SER C 64 -15.10 -15.32 -24.55
N TYR C 65 -14.40 -16.11 -23.72
CA TYR C 65 -13.73 -15.56 -22.55
C TYR C 65 -12.21 -15.55 -22.76
N SER C 66 -11.64 -14.35 -22.81
CA SER C 66 -10.20 -14.22 -23.00
C SER C 66 -9.65 -13.06 -22.16
N GLY C 67 -9.05 -13.38 -21.02
CA GLY C 67 -8.49 -12.36 -20.15
C GLY C 67 -7.30 -12.89 -19.38
N TYR C 68 -6.53 -11.99 -18.77
CA TYR C 68 -5.36 -12.39 -18.00
C TYR C 68 -5.09 -11.38 -16.89
N SER C 69 -4.30 -11.80 -15.90
CA SER C 69 -3.98 -10.93 -14.78
C SER C 69 -2.46 -10.81 -14.62
N GLN C 70 -2.02 -9.67 -14.10
CA GLN C 70 -0.58 -9.44 -13.91
C GLN C 70 -0.11 -10.06 -12.60
N SER C 71 1.12 -9.75 -12.22
CA SER C 71 1.68 -10.29 -10.98
C SER C 71 1.17 -9.53 -9.76
N THR C 72 1.28 -10.16 -8.59
CA THR C 72 0.83 -9.53 -7.36
C THR C 72 1.74 -9.89 -6.20
N ASP C 73 2.03 -8.90 -5.35
CA ASP C 73 2.88 -9.13 -4.20
C ASP C 73 2.52 -8.19 -3.06
N THR C 74 2.32 -8.74 -1.87
CA THR C 74 1.96 -7.93 -0.71
C THR C 74 3.18 -7.27 -0.08
N SER C 75 4.19 -8.07 0.23
CA SER C 75 5.40 -7.55 0.85
C SER C 75 6.62 -8.10 0.12
N GLY C 76 7.78 -8.07 0.78
CA GLY C 76 8.99 -8.59 0.17
C GLY C 76 9.43 -7.72 -1.00
N TYR C 77 9.56 -6.43 -0.79
CA TYR C 77 9.97 -5.54 -1.86
C TYR C 77 9.07 -5.72 -3.08
N GLY C 78 9.38 -5.03 -4.16
CA GLY C 78 8.57 -5.13 -5.37
C GLY C 78 9.20 -6.07 -6.38
N GLN C 79 10.42 -5.72 -6.81
CA GLN C 79 11.13 -6.53 -7.80
C GLN C 79 12.63 -6.40 -7.64
N SER C 80 13.17 -5.24 -8.00
CA SER C 80 14.60 -5.01 -7.90
C SER C 80 14.92 -4.02 -6.78
N SER C 81 16.07 -4.19 -6.15
CA SER C 81 16.47 -3.32 -5.06
C SER C 81 17.96 -2.99 -5.15
N TYR C 82 18.30 -1.71 -5.00
CA TYR C 82 19.69 -1.27 -5.06
C TYR C 82 20.07 -0.52 -3.79
N SER C 83 21.36 -0.55 -3.45
CA SER C 83 21.83 0.14 -2.26
C SER C 83 22.65 1.36 -2.64
N SER C 84 23.36 1.92 -1.67
CA SER C 84 24.18 3.10 -1.91
C SER C 84 25.51 2.72 -2.56
N TYR C 85 26.09 3.66 -3.30
CA TYR C 85 27.37 3.41 -3.96
C TYR C 85 28.50 3.43 -2.94
N GLY C 86 28.36 4.28 -1.92
CA GLY C 86 29.38 4.39 -0.89
C GLY C 86 29.10 3.43 0.26
N GLN C 87 29.83 3.59 1.36
CA GLN C 87 29.64 2.73 2.52
C GLN C 87 28.27 3.00 3.16
N SER C 88 27.56 1.93 3.50
CA SER C 88 26.25 2.07 4.11
C SER C 88 25.83 0.78 4.81
N GLN C 89 24.56 0.72 5.20
CA GLN C 89 24.04 -0.47 5.88
C GLN C 89 22.80 -0.98 5.17
N ASN C 90 22.89 -2.19 4.62
CA ASN C 90 21.76 -2.78 3.91
C ASN C 90 20.96 -3.69 4.85
N THR C 91 19.83 -3.18 5.32
CA THR C 91 18.98 -3.95 6.23
C THR C 91 17.58 -4.11 5.65
N GLY C 92 17.09 -5.35 5.65
CA GLY C 92 15.75 -5.65 5.12
C GLY C 92 14.69 -4.88 5.90
N TYR C 93 13.45 -5.38 5.82
CA TYR C 93 12.33 -4.72 6.51
C TYR C 93 12.31 -5.08 8.01
N GLY C 94 13.48 -5.04 8.66
CA GLY C 94 13.58 -5.34 10.08
C GLY C 94 12.74 -6.56 10.46
N THR C 95 11.68 -6.31 11.23
CA THR C 95 10.79 -7.38 11.65
C THR C 95 9.35 -6.97 11.39
N GLN C 96 8.63 -7.78 10.64
CA GLN C 96 7.24 -7.48 10.31
C GLN C 96 6.41 -8.75 10.17
N SER C 97 5.09 -8.56 10.12
CA SER C 97 4.17 -9.69 9.97
C SER C 97 3.14 -9.38 8.90
N THR C 98 3.16 -10.15 7.82
CA THR C 98 2.21 -9.94 6.72
C THR C 98 0.90 -10.66 7.01
N PRO C 99 -0.16 -10.29 6.32
CA PRO C 99 -1.53 -10.86 6.49
C PRO C 99 -1.57 -12.28 7.00
N GLN C 100 -1.87 -12.44 8.29
CA GLN C 100 -1.97 -13.77 8.87
C GLN C 100 -3.03 -14.58 8.14
N GLY C 101 -2.58 -15.61 7.43
CA GLY C 101 -3.50 -16.47 6.68
C GLY C 101 -3.87 -15.84 5.35
N TYR C 102 -3.30 -16.37 4.26
CA TYR C 102 -3.58 -15.87 2.91
C TYR C 102 -2.97 -14.49 2.70
N GLY C 103 -1.75 -14.47 2.17
CA GLY C 103 -1.06 -13.21 1.92
C GLY C 103 -1.54 -12.54 0.64
N SER C 104 -0.85 -12.81 -0.46
CA SER C 104 -1.22 -12.21 -1.74
C SER C 104 -2.18 -13.12 -2.51
N THR C 105 -2.98 -12.52 -3.39
CA THR C 105 -3.92 -13.29 -4.19
C THR C 105 -3.62 -13.13 -5.67
N GLY C 106 -3.11 -14.19 -6.29
CA GLY C 106 -2.79 -14.15 -7.71
C GLY C 106 -3.54 -15.25 -8.47
N GLY C 107 -4.45 -14.83 -9.33
CA GLY C 107 -5.24 -15.79 -10.11
C GLY C 107 -6.71 -15.40 -10.13
N TYR C 108 -7.10 -14.66 -11.16
CA TYR C 108 -8.48 -14.22 -11.30
C TYR C 108 -9.42 -15.42 -11.37
N GLY C 109 -10.66 -15.18 -11.76
CA GLY C 109 -11.65 -16.25 -11.87
C GLY C 109 -12.45 -16.38 -10.57
N SER C 110 -11.74 -16.38 -9.44
CA SER C 110 -12.38 -16.50 -8.13
C SER C 110 -11.34 -16.67 -7.03
N SER C 111 -11.43 -15.82 -6.01
CA SER C 111 -10.50 -15.89 -4.89
C SER C 111 -11.20 -15.45 -3.61
N GLN C 112 -11.65 -16.41 -2.82
CA GLN C 112 -12.34 -16.09 -1.57
C GLN C 112 -11.67 -16.79 -0.39
N SER C 113 -11.19 -16.01 0.56
CA SER C 113 -10.53 -16.57 1.74
C SER C 113 -10.95 -15.85 3.01
N SER C 114 -10.87 -16.56 4.14
CA SER C 114 -11.25 -15.99 5.41
C SER C 114 -10.24 -16.39 6.49
N GLN C 115 -9.99 -15.50 7.45
CA GLN C 115 -9.04 -15.80 8.51
C GLN C 115 -9.03 -14.70 9.56
N SER C 116 -8.10 -14.78 10.51
CA SER C 116 -8.01 -13.78 11.56
C SER C 116 -6.75 -14.00 12.41
N SER C 117 -6.32 -12.97 13.12
CA SER C 117 -5.14 -13.08 13.96
C SER C 117 -5.08 -11.95 14.98
N TYR C 118 -4.60 -12.26 16.18
CA TYR C 118 -4.49 -11.25 17.24
C TYR C 118 -3.27 -11.50 18.11
N GLY C 119 -2.10 -11.07 17.65
CA GLY C 119 -0.87 -11.25 18.40
C GLY C 119 0.36 -11.06 17.50
N GLN C 120 0.44 -9.91 16.85
CA GLN C 120 1.55 -9.61 15.97
C GLN C 120 2.61 -8.76 16.69
N GLN C 121 3.80 -9.31 16.86
CA GLN C 121 4.88 -8.58 17.53
C GLN C 121 6.18 -8.67 16.72
N SER C 122 6.84 -7.54 16.53
CA SER C 122 8.09 -7.51 15.78
C SER C 122 9.12 -6.64 16.50
N SER C 123 10.29 -7.22 16.76
CA SER C 123 11.37 -6.49 17.44
C SER C 123 10.85 -5.85 18.73
N TYR C 124 9.92 -6.53 19.39
CA TYR C 124 9.36 -6.02 20.63
C TYR C 124 8.27 -6.95 21.15
N SER D 64 -18.91 -10.81 -26.24
CA SER D 64 -17.81 -11.66 -25.73
C SER D 64 -17.15 -10.97 -24.54
N TYR D 65 -16.46 -11.74 -23.71
CA TYR D 65 -15.79 -11.20 -22.54
C TYR D 65 -14.28 -11.18 -22.74
N SER D 66 -13.70 -9.99 -22.80
CA SER D 66 -12.26 -9.85 -22.98
C SER D 66 -11.72 -8.69 -22.16
N GLY D 67 -11.12 -9.01 -21.02
CA GLY D 67 -10.56 -7.99 -20.14
C GLY D 67 -9.36 -8.52 -19.37
N TYR D 68 -8.60 -7.61 -18.76
CA TYR D 68 -7.43 -8.01 -17.99
C TYR D 68 -7.16 -7.00 -16.87
N SER D 69 -6.38 -7.41 -15.88
CA SER D 69 -6.05 -6.54 -14.76
C SER D 69 -4.53 -6.42 -14.60
N GLN D 70 -4.09 -5.28 -14.09
CA GLN D 70 -2.66 -5.05 -13.90
C GLN D 70 -2.19 -5.66 -12.58
N SER D 71 -0.95 -5.35 -12.20
CA SER D 71 -0.40 -5.89 -10.97
C SER D 71 -0.91 -5.12 -9.75
N THR D 72 -0.80 -5.75 -8.58
CA THR D 72 -1.26 -5.11 -7.35
C THR D 72 -0.35 -5.47 -6.18
N ASP D 73 -0.05 -4.48 -5.34
CA ASP D 73 0.80 -4.70 -4.18
C ASP D 73 0.43 -3.75 -3.05
N THR D 74 0.23 -4.30 -1.85
CA THR D 74 -0.14 -3.48 -0.70
C THR D 74 1.08 -2.82 -0.08
N SER D 75 2.09 -3.63 0.25
CA SER D 75 3.30 -3.11 0.85
C SER D 75 4.53 -3.66 0.13
N GLY D 76 5.68 -3.62 0.80
CA GLY D 76 6.90 -4.14 0.19
C GLY D 76 7.34 -3.28 -0.99
N TYR D 77 7.47 -1.99 -0.77
CA TYR D 77 7.89 -1.11 -1.85
C TYR D 77 6.97 -1.29 -3.07
N GLY D 78 7.30 -0.61 -4.16
CA GLY D 78 6.49 -0.71 -5.35
C GLY D 78 7.12 -1.66 -6.37
N GLN D 79 8.33 -1.30 -6.80
CA GLN D 79 9.04 -2.13 -7.78
C GLN D 79 10.55 -1.99 -7.62
N SER D 80 11.08 -0.84 -7.98
CA SER D 80 12.52 -0.60 -7.88
C SER D 80 12.84 0.39 -6.76
N SER D 81 13.99 0.22 -6.13
CA SER D 81 14.39 1.10 -5.05
C SER D 81 15.87 1.43 -5.14
N TYR D 82 16.21 2.71 -4.98
CA TYR D 82 17.61 3.14 -5.05
C TYR D 82 17.98 3.90 -3.79
N SER D 83 19.27 3.86 -3.45
CA SER D 83 19.75 4.56 -2.25
C SER D 83 20.57 5.79 -2.64
N SER D 84 21.28 6.34 -1.67
CA SER D 84 22.10 7.53 -1.91
C SER D 84 23.42 7.14 -2.55
N TYR D 85 24.01 8.07 -3.30
CA TYR D 85 25.28 7.82 -3.96
C TYR D 85 26.42 7.85 -2.94
N GLY D 86 26.27 8.70 -1.93
CA GLY D 86 27.30 8.82 -0.89
C GLY D 86 27.01 7.86 0.27
N GLN D 87 27.74 8.03 1.36
CA GLN D 87 27.54 7.17 2.53
C GLN D 87 26.18 7.44 3.16
N SER D 88 25.47 6.37 3.52
CA SER D 88 24.15 6.51 4.11
C SER D 88 23.73 5.23 4.82
N GLN D 89 22.46 5.16 5.22
CA GLN D 89 21.94 3.99 5.90
C GLN D 89 20.70 3.47 5.19
N ASN D 90 20.79 2.27 4.63
CA ASN D 90 19.66 1.67 3.93
C ASN D 90 18.86 0.77 4.87
N THR D 91 17.72 1.27 5.34
CA THR D 91 16.88 0.51 6.24
C THR D 91 15.48 0.34 5.66
N GLY D 92 14.98 -0.89 5.67
CA GLY D 92 13.65 -1.19 5.15
C GLY D 92 12.58 -0.43 5.92
N TYR D 93 11.35 -0.91 5.83
CA TYR D 93 10.23 -0.27 6.52
C TYR D 93 10.20 -0.61 8.02
N GLY D 94 11.37 -0.57 8.66
CA GLY D 94 11.47 -0.87 10.10
C GLY D 94 10.62 -2.08 10.48
N THR D 95 9.58 -1.83 11.24
CA THR D 95 8.68 -2.89 11.68
C THR D 95 7.23 -2.49 11.40
N GLN D 96 6.52 -3.31 10.65
CA GLN D 96 5.12 -2.99 10.32
C GLN D 96 4.29 -4.26 10.19
N SER D 97 2.98 -4.08 10.12
CA SER D 97 2.07 -5.20 9.98
C SER D 97 1.03 -4.89 8.91
N THR D 98 1.05 -5.67 7.84
CA THR D 98 0.11 -5.47 6.74
C THR D 98 -1.21 -6.19 7.03
N PRO D 99 -2.27 -5.83 6.33
CA PRO D 99 -3.63 -6.39 6.50
C PRO D 99 -3.68 -7.81 7.02
N GLN D 100 -3.98 -7.96 8.30
CA GLN D 100 -4.08 -9.28 8.90
C GLN D 100 -5.14 -10.11 8.17
N GLY D 101 -4.70 -11.14 7.46
CA GLY D 101 -5.61 -11.99 6.71
C GLY D 101 -5.97 -11.37 5.37
N TYR D 102 -5.41 -11.91 4.30
CA TYR D 102 -5.69 -11.41 2.95
C TYR D 102 -5.08 -10.02 2.74
N GLY D 103 -3.85 -10.00 2.20
CA GLY D 103 -3.16 -8.75 1.95
C GLY D 103 -3.64 -8.09 0.66
N SER D 104 -2.95 -8.36 -0.44
CA SER D 104 -3.32 -7.76 -1.73
C SER D 104 -4.27 -8.68 -2.48
N THR D 105 -5.06 -8.07 -3.38
CA THR D 105 -6.02 -8.85 -4.17
C THR D 105 -5.71 -8.70 -5.66
N GLY D 106 -5.19 -9.76 -6.27
CA GLY D 106 -4.88 -9.73 -7.68
C GLY D 106 -5.62 -10.83 -8.44
N GLY D 107 -6.54 -10.42 -9.31
CA GLY D 107 -7.32 -11.38 -10.08
C GLY D 107 -8.79 -10.99 -10.11
N TYR D 108 -9.18 -10.24 -11.15
CA TYR D 108 -10.56 -9.81 -11.28
C TYR D 108 -11.50 -11.01 -11.35
N GLY D 109 -12.75 -10.77 -11.74
CA GLY D 109 -13.73 -11.84 -11.84
C GLY D 109 -14.54 -11.96 -10.55
N SER D 110 -13.83 -11.96 -9.42
CA SER D 110 -14.47 -12.08 -8.11
C SER D 110 -13.43 -12.24 -7.02
N SER D 111 -13.53 -11.40 -5.99
CA SER D 111 -12.59 -11.45 -4.88
C SER D 111 -13.29 -11.00 -3.60
N GLN D 112 -13.75 -11.96 -2.81
CA GLN D 112 -14.44 -11.65 -1.56
C GLN D 112 -13.77 -12.35 -0.37
N SER D 113 -13.30 -11.55 0.58
CA SER D 113 -12.63 -12.11 1.75
C SER D 113 -13.06 -11.39 3.03
N SER D 114 -12.98 -12.09 4.15
CA SER D 114 -13.36 -11.50 5.43
C SER D 114 -12.35 -11.91 6.51
N GLN D 115 -12.10 -11.02 7.46
CA GLN D 115 -11.16 -11.31 8.53
C GLN D 115 -11.15 -10.20 9.58
N SER D 116 -10.22 -10.28 10.53
CA SER D 116 -10.12 -9.28 11.57
C SER D 116 -8.87 -9.50 12.42
N SER D 117 -8.44 -8.46 13.13
CA SER D 117 -7.26 -8.57 13.98
C SER D 117 -7.21 -7.44 15.00
N TYR D 118 -6.72 -7.75 16.20
CA TYR D 118 -6.61 -6.74 17.25
C TYR D 118 -5.39 -6.99 18.13
N GLY D 119 -4.23 -6.55 17.65
CA GLY D 119 -2.99 -6.73 18.41
C GLY D 119 -1.77 -6.54 17.52
N GLN D 120 -1.69 -5.39 16.87
CA GLN D 120 -0.57 -5.10 15.98
C GLN D 120 0.47 -4.25 16.70
N GLN D 121 1.68 -4.79 16.87
CA GLN D 121 2.75 -4.07 17.54
C GLN D 121 4.05 -4.17 16.74
N SER D 122 4.71 -3.03 16.55
CA SER D 122 5.97 -3.01 15.80
C SER D 122 7.00 -2.14 16.51
N SER D 123 8.17 -2.71 16.77
CA SER D 123 9.24 -1.98 17.46
C SER D 123 8.73 -1.34 18.74
N TYR D 124 7.79 -2.01 19.40
CA TYR D 124 7.23 -1.50 20.65
C TYR D 124 6.14 -2.43 21.17
N SER E 64 -20.97 -6.46 -26.27
CA SER E 64 -19.86 -7.31 -25.74
C SER E 64 -19.21 -6.60 -24.55
N TYR E 65 -18.52 -7.38 -23.72
CA TYR E 65 -17.85 -6.83 -22.55
C TYR E 65 -16.34 -6.82 -22.74
N SER E 66 -15.76 -5.62 -22.81
CA SER E 66 -14.32 -5.49 -22.99
C SER E 66 -13.77 -4.33 -22.18
N GLY E 67 -13.18 -4.64 -21.02
CA GLY E 67 -12.62 -3.60 -20.16
C GLY E 67 -11.43 -4.15 -19.37
N TYR E 68 -10.67 -3.23 -18.77
CA TYR E 68 -9.50 -3.62 -18.00
C TYR E 68 -9.22 -2.61 -16.88
N SER E 69 -8.44 -3.03 -15.89
CA SER E 69 -8.12 -2.15 -14.77
C SER E 69 -6.61 -2.03 -14.62
N GLN E 70 -6.16 -0.89 -14.11
CA GLN E 70 -4.73 -0.66 -13.91
C GLN E 70 -4.26 -1.27 -12.60
N SER E 71 -3.03 -0.95 -12.21
CA SER E 71 -2.47 -1.49 -10.98
C SER E 71 -2.99 -0.72 -9.77
N THR E 72 -2.88 -1.33 -8.59
CA THR E 72 -3.35 -0.69 -7.36
C THR E 72 -2.44 -1.04 -6.19
N ASP E 73 -2.14 -0.06 -5.35
CA ASP E 73 -1.28 -0.28 -4.19
C ASP E 73 -1.65 0.67 -3.05
N THR E 74 -1.84 0.12 -1.86
CA THR E 74 -2.23 0.98 -0.73
C THR E 74 -1.01 1.62 -0.08
N SER E 75 -0.01 0.82 0.24
CA SER E 75 1.22 1.33 0.85
C SER E 75 2.45 0.82 0.12
N GLY E 76 3.60 0.85 0.79
CA GLY E 76 4.79 0.29 0.16
C GLY E 76 5.26 1.15 -1.01
N TYR E 77 5.36 2.45 -0.79
CA TYR E 77 5.79 3.34 -1.87
C TYR E 77 4.89 3.14 -3.08
N GLY E 78 5.22 3.82 -4.17
CA GLY E 78 4.40 3.69 -5.36
C GLY E 78 5.04 2.78 -6.38
N GLN E 79 6.26 3.10 -6.80
CA GLN E 79 6.97 2.30 -7.78
C GLN E 79 8.47 2.43 -7.59
N SER E 80 9.01 3.58 -7.97
CA SER E 80 10.45 3.80 -7.89
C SER E 80 10.76 4.79 -6.78
N SER E 81 11.91 4.63 -6.13
CA SER E 81 12.31 5.52 -5.06
C SER E 81 13.80 5.84 -5.15
N TYR E 82 14.13 7.12 -5.00
CA TYR E 82 15.53 7.56 -5.06
C TYR E 82 15.90 8.32 -3.80
N SER E 83 17.19 8.28 -3.46
CA SER E 83 17.66 8.99 -2.27
C SER E 83 18.49 10.21 -2.65
N SER E 84 19.19 10.77 -1.68
CA SER E 84 20.02 11.95 -1.94
C SER E 84 21.34 11.56 -2.57
N TYR E 85 21.93 12.49 -3.32
CA TYR E 85 23.21 12.24 -3.97
C TYR E 85 24.34 12.27 -2.95
N GLY E 86 24.19 13.12 -1.95
CA GLY E 86 25.22 13.24 -0.91
C GLY E 86 24.92 12.29 0.25
N GLN E 87 25.65 12.46 1.35
CA GLN E 87 25.45 11.61 2.52
C GLN E 87 24.09 11.88 3.15
N SER E 88 23.37 10.81 3.50
CA SER E 88 22.06 10.96 4.10
C SER E 88 21.64 9.69 4.81
N GLN E 89 20.36 9.62 5.20
CA GLN E 89 19.84 8.45 5.89
C GLN E 89 18.60 7.92 5.18
N ASN E 90 18.69 6.71 4.63
CA ASN E 90 17.57 6.12 3.93
C ASN E 90 16.76 5.22 4.86
N THR E 91 15.63 5.73 5.33
CA THR E 91 14.78 4.97 6.24
C THR E 91 13.38 4.80 5.64
N GLY E 92 12.89 3.57 5.65
CA GLY E 92 11.56 3.25 5.15
C GLY E 92 10.49 4.02 5.91
N TYR E 93 9.24 3.54 5.83
CA TYR E 93 8.13 4.20 6.50
C TYR E 93 8.10 3.85 8.00
N GLY E 94 9.27 3.90 8.66
CA GLY E 94 9.36 3.61 10.10
C GLY E 94 8.52 2.40 10.48
N THR E 95 7.46 2.66 11.23
CA THR E 95 6.56 1.60 11.68
C THR E 95 5.12 2.00 11.41
N GLN E 96 4.41 1.17 10.65
CA GLN E 96 3.02 1.49 10.31
C GLN E 96 2.19 0.22 10.19
N SER E 97 0.87 0.40 10.12
CA SER E 97 -0.04 -0.72 9.98
C SER E 97 -1.07 -0.40 8.90
N THR E 98 -1.06 -1.20 7.83
CA THR E 98 -1.99 -0.99 6.73
C THR E 98 -3.31 -1.70 7.02
N PRO E 99 -4.37 -1.35 6.31
CA PRO E 99 -5.74 -1.91 6.55
C PRO E 99 -5.77 -3.33 7.03
N GLN E 100 -6.11 -3.49 8.30
CA GLN E 100 -6.19 -4.81 8.88
C GLN E 100 -7.25 -5.62 8.16
N GLY E 101 -6.80 -6.67 7.47
CA GLY E 101 -7.71 -7.52 6.72
C GLY E 101 -8.08 -6.90 5.38
N TYR E 102 -7.50 -7.44 4.31
CA TYR E 102 -7.79 -6.94 2.96
C TYR E 102 -7.18 -5.57 2.72
N GLY E 103 -5.95 -5.56 2.21
CA GLY E 103 -5.26 -4.29 1.96
C GLY E 103 -5.73 -3.63 0.66
N SER E 104 -5.04 -3.91 -0.44
CA SER E 104 -5.41 -3.33 -1.73
C SER E 104 -6.37 -4.24 -2.49
N THR E 105 -7.16 -3.65 -3.38
CA THR E 105 -8.11 -4.41 -4.18
C THR E 105 -7.81 -4.27 -5.67
N GLY E 106 -7.29 -5.33 -6.26
CA GLY E 106 -6.95 -5.31 -7.68
C GLY E 106 -7.71 -6.41 -8.43
N GLY E 107 -8.62 -6.00 -9.30
CA GLY E 107 -9.40 -6.97 -10.07
C GLY E 107 -10.88 -6.58 -10.11
N TYR E 108 -11.25 -5.84 -11.14
CA TYR E 108 -12.64 -5.40 -11.28
C TYR E 108 -13.58 -6.60 -11.35
N GLY E 109 -14.82 -6.37 -11.76
CA GLY E 109 -15.81 -7.43 -11.85
C GLY E 109 -16.61 -7.57 -10.56
N SER E 110 -15.91 -7.53 -9.43
CA SER E 110 -16.55 -7.63 -8.12
C SER E 110 -15.51 -7.82 -7.02
N SER E 111 -15.61 -6.96 -6.00
CA SER E 111 -14.67 -7.02 -4.88
C SER E 111 -15.36 -6.56 -3.60
N GLN E 112 -15.83 -7.52 -2.80
CA GLN E 112 -16.53 -7.20 -1.56
C GLN E 112 -15.87 -7.89 -0.37
N SER E 113 -15.40 -7.10 0.58
CA SER E 113 -14.73 -7.66 1.75
C SER E 113 -15.16 -6.92 3.02
N SER E 114 -15.08 -7.62 4.15
CA SER E 114 -15.46 -7.03 5.43
C SER E 114 -14.46 -7.43 6.50
N GLN E 115 -14.21 -6.53 7.46
CA GLN E 115 -13.27 -6.83 8.52
C GLN E 115 -13.26 -5.71 9.57
N SER E 116 -12.33 -5.80 10.52
CA SER E 116 -12.24 -4.79 11.57
C SER E 116 -10.96 -4.99 12.39
N SER E 117 -10.55 -3.95 13.11
CA SER E 117 -9.37 -4.06 13.96
C SER E 117 -9.32 -2.93 14.99
N TYR E 118 -8.84 -3.24 16.19
CA TYR E 118 -8.74 -2.22 17.24
C TYR E 118 -7.51 -2.47 18.12
N GLY E 119 -6.35 -2.04 17.64
CA GLY E 119 -5.11 -2.20 18.41
C GLY E 119 -3.89 -2.03 17.52
N GLN E 120 -3.81 -0.88 16.84
CA GLN E 120 -2.68 -0.58 15.97
C GLN E 120 -1.63 0.26 16.69
N GLN E 121 -0.44 -0.29 16.87
CA GLN E 121 0.64 0.45 17.53
C GLN E 121 1.93 0.34 16.74
N SER E 122 2.60 1.48 16.53
CA SER E 122 3.87 1.50 15.78
C SER E 122 4.89 2.37 16.49
N SER E 123 6.06 1.79 16.77
CA SER E 123 7.12 2.52 17.45
C SER E 123 6.61 3.17 18.73
N TYR E 124 5.67 2.50 19.40
CA TYR E 124 5.11 3.03 20.63
C TYR E 124 4.02 2.09 21.16
N SER F 64 -23.03 -2.09 -26.30
CA SER F 64 -21.91 -2.94 -25.77
C SER F 64 -21.27 -2.24 -24.58
N TYR F 65 -20.57 -3.01 -23.75
CA TYR F 65 -19.91 -2.45 -22.58
C TYR F 65 -18.40 -2.45 -22.78
N SER F 66 -17.83 -1.25 -22.84
CA SER F 66 -16.38 -1.12 -23.01
C SER F 66 -15.84 0.05 -22.21
N GLY F 67 -15.24 -0.26 -21.05
CA GLY F 67 -14.68 0.77 -20.19
C GLY F 67 -13.49 0.24 -19.40
N TYR F 68 -12.73 1.15 -18.80
CA TYR F 68 -11.56 0.76 -18.03
C TYR F 68 -11.29 1.78 -16.92
N SER F 69 -10.52 1.36 -15.92
CA SER F 69 -10.19 2.24 -14.81
C SER F 69 -8.68 2.37 -14.64
N GLN F 70 -8.22 3.51 -14.14
CA GLN F 70 -6.80 3.74 -13.94
C GLN F 70 -6.34 3.13 -12.62
N SER F 71 -5.10 3.45 -12.24
CA SER F 71 -4.54 2.92 -11.00
C SER F 71 -5.06 3.69 -9.79
N THR F 72 -4.96 3.09 -8.61
CA THR F 72 -5.42 3.73 -7.39
C THR F 72 -4.51 3.38 -6.22
N ASP F 73 -4.23 4.38 -5.38
CA ASP F 73 -3.37 4.16 -4.22
C ASP F 73 -3.74 5.11 -3.09
N THR F 74 -3.95 4.57 -1.89
CA THR F 74 -4.32 5.42 -0.75
C THR F 74 -3.10 6.07 -0.12
N SER F 75 -2.09 5.27 0.20
CA SER F 75 -0.87 5.79 0.81
C SER F 75 0.35 5.23 0.10
N GLY F 76 1.50 5.27 0.76
CA GLY F 76 2.71 4.75 0.17
C GLY F 76 3.16 5.59 -1.02
N TYR F 77 3.30 6.89 -0.81
CA TYR F 77 3.71 7.77 -1.90
C TYR F 77 2.82 7.57 -3.11
N GLY F 78 3.13 8.25 -4.21
CA GLY F 78 2.32 8.13 -5.41
C GLY F 78 2.97 7.19 -6.40
N GLN F 79 4.18 7.53 -6.85
CA GLN F 79 4.89 6.70 -7.81
C GLN F 79 6.39 6.83 -7.65
N SER F 80 6.93 7.99 -8.01
CA SER F 80 8.37 8.22 -7.91
C SER F 80 8.68 9.22 -6.80
N SER F 81 9.83 9.05 -6.16
CA SER F 81 10.23 9.95 -5.08
C SER F 81 11.72 10.26 -5.17
N TYR F 82 12.06 11.54 -5.03
CA TYR F 82 13.45 11.97 -5.10
C TYR F 82 13.82 12.74 -3.84
N SER F 83 15.10 12.71 -3.49
CA SER F 83 15.58 13.41 -2.30
C SER F 83 16.41 14.63 -2.70
N SER F 84 17.12 15.20 -1.73
CA SER F 84 17.93 16.38 -1.97
C SER F 84 19.26 15.99 -2.61
N TYR F 85 19.84 16.91 -3.37
CA TYR F 85 21.13 16.66 -4.01
C TYR F 85 22.26 16.69 -2.99
N GLY F 86 22.11 17.54 -1.99
CA GLY F 86 23.13 17.67 -0.95
C GLY F 86 22.84 16.72 0.21
N GLN F 87 23.57 16.90 1.31
CA GLN F 87 23.36 16.05 2.48
C GLN F 87 22.00 16.33 3.11
N SER F 88 21.28 15.26 3.46
CA SER F 88 19.97 15.41 4.06
C SER F 88 19.54 14.13 4.78
N GLN F 89 18.27 14.07 5.16
CA GLN F 89 17.76 12.91 5.86
C GLN F 89 16.50 12.38 5.15
N ASN F 90 16.60 11.16 4.61
CA ASN F 90 15.48 10.57 3.90
C ASN F 90 14.67 9.67 4.84
N THR F 91 13.53 10.19 5.31
CA THR F 91 12.68 9.43 6.21
C THR F 91 11.28 9.26 5.63
N GLY F 92 10.80 8.02 5.64
CA GLY F 92 9.46 7.73 5.12
C GLY F 92 8.38 8.49 5.87
N TYR F 93 7.14 8.01 5.80
CA TYR F 93 6.03 8.67 6.48
C TYR F 93 6.00 8.33 7.97
N GLY F 94 7.17 8.37 8.63
CA GLY F 94 7.26 8.09 10.07
C GLY F 94 6.41 6.88 10.45
N THR F 95 5.36 7.15 11.21
CA THR F 95 4.47 6.09 11.64
C THR F 95 3.02 6.48 11.37
N GLN F 96 2.30 5.66 10.63
CA GLN F 96 0.92 5.98 10.29
C GLN F 96 0.08 4.71 10.16
N SER F 97 -1.24 4.89 10.10
CA SER F 97 -2.14 3.77 9.96
C SER F 97 -3.18 4.07 8.88
N THR F 98 -3.16 3.29 7.81
CA THR F 98 -4.09 3.48 6.71
C THR F 98 -5.42 2.76 7.00
N PRO F 99 -6.47 3.13 6.29
CA PRO F 99 -7.84 2.57 6.47
C PRO F 99 -7.89 1.15 6.99
N GLN F 100 -8.20 1.00 8.28
CA GLN F 100 -8.30 -0.31 8.88
C GLN F 100 -9.36 -1.14 8.15
N GLY F 101 -8.92 -2.18 7.46
CA GLY F 101 -9.81 -3.04 6.71
C GLY F 101 -10.19 -2.43 5.37
N TYR F 102 -9.62 -2.98 4.29
CA TYR F 102 -9.89 -2.49 2.94
C TYR F 102 -9.28 -1.10 2.72
N GLY F 103 -8.06 -1.09 2.19
CA GLY F 103 -7.36 0.16 1.93
C GLY F 103 -7.83 0.81 0.63
N SER F 104 -7.13 0.54 -0.46
CA SER F 104 -7.51 1.12 -1.74
C SER F 104 -8.46 0.20 -2.51
N THR F 105 -9.25 0.79 -3.41
CA THR F 105 -10.19 0.02 -4.20
C THR F 105 -9.88 0.16 -5.68
N GLY F 106 -9.37 -0.90 -6.28
CA GLY F 106 -9.04 -0.89 -7.71
C GLY F 106 -9.79 -1.99 -8.44
N GLY F 107 -10.70 -1.59 -9.32
CA GLY F 107 -11.48 -2.55 -10.08
C GLY F 107 -12.95 -2.16 -10.12
N TYR F 108 -13.34 -1.42 -11.17
CA TYR F 108 -14.72 -0.99 -11.32
C TYR F 108 -15.65 -2.19 -11.38
N GLY F 109 -16.90 -1.94 -11.78
CA GLY F 109 -17.89 -3.02 -11.87
C GLY F 109 -18.69 -3.13 -10.58
N SER F 110 -18.00 -3.12 -9.45
CA SER F 110 -18.65 -3.22 -8.14
C SER F 110 -17.60 -3.38 -7.03
N SER F 111 -17.70 -2.52 -6.03
CA SER F 111 -16.78 -2.57 -4.90
C SER F 111 -17.47 -2.12 -3.63
N GLN F 112 -17.94 -3.07 -2.83
CA GLN F 112 -18.63 -2.74 -1.58
C GLN F 112 -17.96 -3.43 -0.40
N SER F 113 -17.49 -2.64 0.55
CA SER F 113 -16.83 -3.19 1.74
C SER F 113 -17.26 -2.46 3.00
N SER F 114 -17.19 -3.15 4.13
CA SER F 114 -17.56 -2.55 5.41
C SER F 114 -16.57 -2.95 6.49
N GLN F 115 -16.32 -2.05 7.44
CA GLN F 115 -15.38 -2.34 8.51
C GLN F 115 -15.37 -1.21 9.55
N SER F 116 -14.44 -1.30 10.50
CA SER F 116 -14.35 -0.28 11.54
C SER F 116 -13.09 -0.50 12.39
N SER F 117 -12.68 0.54 13.10
CA SER F 117 -11.49 0.44 13.95
C SER F 117 -11.44 1.58 14.96
N TYR F 118 -10.96 1.28 16.16
CA TYR F 118 -10.86 2.31 17.20
C TYR F 118 -9.64 2.05 18.08
N GLY F 119 -8.47 2.48 17.62
CA GLY F 119 -7.24 2.31 18.38
C GLY F 119 -6.01 2.49 17.49
N GLN F 120 -5.92 3.63 16.82
CA GLN F 120 -4.79 3.92 15.94
C GLN F 120 -3.76 4.78 16.66
N GLN F 121 -2.56 4.23 16.84
CA GLN F 121 -1.48 4.96 17.50
C GLN F 121 -0.18 4.86 16.71
N SER F 122 0.48 5.99 16.51
CA SER F 122 1.73 6.01 15.77
C SER F 122 2.77 6.88 16.48
N SER F 123 3.94 6.30 16.75
CA SER F 123 5.01 7.04 17.43
C SER F 123 4.49 7.70 18.70
N TYR F 124 3.55 7.03 19.37
CA TYR F 124 2.98 7.55 20.60
C TYR F 124 1.89 6.62 21.12
N SER G 64 -25.08 2.26 -26.36
CA SER G 64 -23.97 1.42 -25.82
C SER G 64 -23.32 2.13 -24.64
N TYR G 65 -22.63 1.35 -23.80
CA TYR G 65 -21.97 1.92 -22.63
C TYR G 65 -20.46 1.93 -22.82
N SER G 66 -19.87 3.12 -22.89
CA SER G 66 -18.44 3.25 -23.07
C SER G 66 -17.89 4.42 -22.25
N GLY G 67 -17.30 4.11 -21.10
CA GLY G 67 -16.74 5.15 -20.24
C GLY G 67 -15.56 4.62 -19.45
N TYR G 68 -14.79 5.54 -18.86
CA TYR G 68 -13.62 5.14 -18.08
C TYR G 68 -13.35 6.16 -16.98
N SER G 69 -12.58 5.75 -15.98
CA SER G 69 -12.25 6.64 -14.85
C SER G 69 -10.74 6.76 -14.70
N GLN G 70 -10.29 7.91 -14.20
CA GLN G 70 -8.86 8.14 -14.00
C GLN G 70 -8.40 7.53 -12.68
N SER G 71 -7.17 7.85 -12.29
CA SER G 71 -6.61 7.33 -11.04
C SER G 71 -7.14 8.11 -9.84
N THR G 72 -7.04 7.51 -8.66
CA THR G 72 -7.50 8.15 -7.44
C THR G 72 -6.59 7.81 -6.27
N ASP G 73 -6.31 8.81 -5.43
CA ASP G 73 -5.45 8.58 -4.27
C ASP G 73 -5.83 9.55 -3.14
N THR G 74 -6.03 9.01 -1.95
CA THR G 74 -6.40 9.86 -0.81
C THR G 74 -5.18 10.52 -0.18
N SER G 75 -4.19 9.72 0.15
CA SER G 75 -2.97 10.24 0.76
C SER G 75 -1.74 9.68 0.04
N GLY G 76 -0.60 9.71 0.72
CA GLY G 76 0.63 9.19 0.12
C GLY G 76 1.07 10.03 -1.07
N TYR G 77 1.21 11.33 -0.86
CA TYR G 77 1.63 12.20 -1.95
C TYR G 77 0.73 12.01 -3.16
N GLY G 78 1.05 12.68 -4.26
CA GLY G 78 0.24 12.55 -5.46
C GLY G 78 0.89 11.61 -6.46
N GLN G 79 2.11 11.94 -6.89
CA GLN G 79 2.81 11.11 -7.86
C GLN G 79 4.32 11.24 -7.69
N SER G 80 4.86 12.40 -8.07
CA SER G 80 6.29 12.63 -7.97
C SER G 80 6.60 13.64 -6.86
N SER G 81 7.75 13.46 -6.21
CA SER G 81 8.16 14.37 -5.14
C SER G 81 9.64 14.68 -5.23
N TYR G 82 9.98 15.96 -5.08
CA TYR G 82 11.37 16.39 -5.15
C TYR G 82 11.75 17.16 -3.89
N SER G 83 13.03 17.14 -3.55
CA SER G 83 13.50 17.84 -2.36
C SER G 83 14.33 19.06 -2.76
N SER G 84 15.04 19.63 -1.79
CA SER G 84 15.85 20.81 -2.05
C SER G 84 17.19 20.42 -2.67
N TYR G 85 17.78 21.34 -3.43
CA TYR G 85 19.05 21.08 -4.07
C TYR G 85 20.19 21.12 -3.06
N GLY G 86 20.04 21.98 -2.05
CA GLY G 86 21.06 22.10 -1.01
C GLY G 86 20.76 21.16 0.15
N GLN G 87 21.48 21.34 1.25
CA GLN G 87 21.28 20.50 2.42
C GLN G 87 19.92 20.77 3.05
N SER G 88 19.21 19.71 3.41
CA SER G 88 17.88 19.86 4.00
C SER G 88 17.46 18.59 4.72
N GLN G 89 16.19 18.53 5.12
CA GLN G 89 15.66 17.36 5.81
C GLN G 89 14.42 16.83 5.10
N ASN G 90 14.52 15.62 4.56
CA ASN G 90 13.39 15.03 3.86
C ASN G 90 12.58 14.13 4.79
N THR G 91 11.45 14.65 5.26
CA THR G 91 10.59 13.90 6.18
C THR G 91 9.18 13.72 5.58
N GLY G 92 8.69 12.49 5.60
CA GLY G 92 7.37 12.18 5.07
C GLY G 92 6.29 12.96 5.83
N TYR G 93 5.05 12.48 5.75
CA TYR G 93 3.94 13.13 6.43
C TYR G 93 3.90 12.81 7.93
N GLY G 94 5.07 12.85 8.57
CA GLY G 94 5.16 12.57 10.01
C GLY G 94 4.31 11.37 10.41
N THR G 95 3.26 11.63 11.16
CA THR G 95 2.35 10.57 11.60
C THR G 95 0.91 10.98 11.32
N GLN G 96 0.20 10.15 10.57
CA GLN G 96 -1.19 10.47 10.24
C GLN G 96 -2.02 9.19 10.11
N SER G 97 -3.34 9.38 10.03
CA SER G 97 -4.26 8.26 9.91
C SER G 97 -5.29 8.55 8.83
N THR G 98 -5.26 7.77 7.76
CA THR G 98 -6.19 7.96 6.66
C THR G 98 -7.52 7.24 6.95
N PRO G 99 -8.57 7.60 6.24
CA PRO G 99 -9.94 7.05 6.41
C PRO G 99 -9.99 5.63 6.95
N GLN G 100 -10.30 5.49 8.23
CA GLN G 100 -10.41 4.17 8.84
C GLN G 100 -11.46 3.35 8.11
N GLY G 101 -11.01 2.30 7.42
CA GLY G 101 -11.92 1.43 6.68
C GLY G 101 -12.28 2.05 5.33
N TYR G 102 -11.72 1.50 4.27
CA TYR G 102 -11.99 1.98 2.90
C TYR G 102 -11.36 3.36 2.68
N GLY G 103 -10.14 3.37 2.16
CA GLY G 103 -9.45 4.62 1.88
C GLY G 103 -9.93 5.27 0.60
N SER G 104 -9.22 4.98 -0.50
CA SER G 104 -9.59 5.56 -1.79
C SER G 104 -10.55 4.64 -2.55
N THR G 105 -11.33 5.23 -3.45
CA THR G 105 -12.27 4.46 -4.24
C THR G 105 -11.96 4.59 -5.73
N GLY G 106 -11.45 3.52 -6.32
CA GLY G 106 -11.12 3.53 -7.74
C GLY G 106 -11.87 2.44 -8.49
N GLY G 107 -12.78 2.83 -9.36
CA GLY G 107 -13.56 1.86 -10.13
C GLY G 107 -15.03 2.25 -10.17
N TYR G 108 -15.41 2.99 -11.21
CA TYR G 108 -16.79 3.42 -11.37
C TYR G 108 -17.74 2.22 -11.42
N GLY G 109 -18.97 2.47 -11.83
CA GLY G 109 -19.96 1.39 -11.91
C GLY G 109 -20.77 1.28 -10.63
N SER G 110 -20.07 1.30 -9.49
CA SER G 110 -20.73 1.20 -8.19
C SER G 110 -19.69 1.05 -7.08
N SER G 111 -19.78 1.91 -6.08
CA SER G 111 -18.86 1.87 -4.94
C SER G 111 -19.56 2.33 -3.67
N GLN G 112 -20.02 1.37 -2.87
CA GLN G 112 -20.71 1.71 -1.63
C GLN G 112 -20.05 1.03 -0.44
N SER G 113 -19.58 1.82 0.51
CA SER G 113 -18.92 1.28 1.69
C SER G 113 -19.36 2.01 2.95
N SER G 114 -19.29 1.33 4.09
CA SER G 114 -19.66 1.93 5.36
C SER G 114 -18.66 1.53 6.44
N GLN G 115 -18.42 2.44 7.39
CA GLN G 115 -17.48 2.15 8.46
C GLN G 115 -17.48 3.27 9.50
N SER G 116 -16.55 3.20 10.45
CA SER G 116 -16.46 4.21 11.49
C SER G 116 -15.21 4.00 12.34
N SER G 117 -14.78 5.05 13.05
CA SER G 117 -13.61 4.95 13.90
C SER G 117 -13.55 6.09 14.91
N TYR G 118 -13.07 5.80 16.11
CA TYR G 118 -12.97 6.82 17.15
C TYR G 118 -11.75 6.58 18.04
N GLY G 119 -10.58 7.01 17.56
CA GLY G 119 -9.35 6.83 18.33
C GLY G 119 -8.12 7.01 17.44
N GLN G 120 -8.04 8.15 16.77
CA GLN G 120 -6.91 8.43 15.89
C GLN G 120 -5.87 9.30 16.60
N GLN G 121 -4.68 8.75 16.79
CA GLN G 121 -3.59 9.48 17.45
C GLN G 121 -2.30 9.37 16.66
N SER G 122 -1.62 10.50 16.46
CA SER G 122 -0.37 10.51 15.72
C SER G 122 0.66 11.38 16.42
N SER G 123 1.83 10.81 16.71
CA SER G 123 2.89 11.55 17.37
C SER G 123 2.37 12.21 18.65
N TYR G 124 1.44 11.54 19.32
CA TYR G 124 0.86 12.07 20.55
C TYR G 124 -0.23 11.15 21.07
N SER H 64 -27.13 6.63 -26.43
CA SER H 64 -26.02 5.78 -25.89
C SER H 64 -25.38 6.49 -24.71
N TYR H 65 -24.69 5.73 -23.87
CA TYR H 65 -24.02 6.29 -22.70
C TYR H 65 -22.51 6.30 -22.89
N SER H 66 -21.93 7.49 -22.96
CA SER H 66 -20.49 7.62 -23.14
C SER H 66 -19.95 8.79 -22.33
N GLY H 67 -19.36 8.49 -21.18
CA GLY H 67 -18.80 9.53 -20.32
C GLY H 67 -17.62 9.00 -19.52
N TYR H 68 -16.85 9.91 -18.93
CA TYR H 68 -15.69 9.53 -18.15
C TYR H 68 -15.42 10.56 -17.05
N SER H 69 -14.64 10.15 -16.04
CA SER H 69 -14.33 11.04 -14.93
C SER H 69 -12.81 11.16 -14.77
N GLN H 70 -12.36 12.30 -14.28
CA GLN H 70 -10.93 12.54 -14.07
C GLN H 70 -10.48 11.95 -12.75
N SER H 71 -9.24 12.25 -12.36
CA SER H 71 -8.68 11.74 -11.12
C SER H 71 -9.22 12.52 -9.91
N THR H 72 -9.11 11.92 -8.73
CA THR H 72 -9.57 12.58 -7.52
C THR H 72 -8.67 12.23 -6.34
N ASP H 73 -8.38 13.23 -5.51
CA ASP H 73 -7.54 13.02 -4.34
C ASP H 73 -7.90 13.98 -3.23
N THR H 74 -8.12 13.46 -2.03
CA THR H 74 -8.49 14.30 -0.88
C THR H 74 -7.26 14.97 -0.26
N SER H 75 -6.27 14.17 0.07
CA SER H 75 -5.06 14.70 0.68
C SER H 75 -3.83 14.13 -0.02
N GLY H 76 -2.68 14.16 0.65
CA GLY H 76 -1.46 13.64 0.06
C GLY H 76 -1.01 14.48 -1.13
N TYR H 77 -0.88 15.78 -0.93
CA TYR H 77 -0.46 16.65 -2.02
C TYR H 77 -1.35 16.44 -3.24
N GLY H 78 -1.02 17.10 -4.34
CA GLY H 78 -1.83 16.99 -5.55
C GLY H 78 -1.19 16.03 -6.54
N GLN H 79 0.03 16.36 -6.96
CA GLN H 79 0.74 15.52 -7.93
C GLN H 79 2.25 15.65 -7.76
N SER H 80 2.79 16.81 -8.14
CA SER H 80 4.22 17.05 -8.03
C SER H 80 4.53 18.05 -6.93
N SER H 81 5.68 17.88 -6.29
CA SER H 81 6.08 18.79 -5.22
C SER H 81 7.57 19.10 -5.30
N TYR H 82 7.91 20.38 -5.16
CA TYR H 82 9.30 20.81 -5.23
C TYR H 82 9.67 21.60 -3.97
N SER H 83 10.95 21.56 -3.62
CA SER H 83 11.43 22.27 -2.44
C SER H 83 12.25 23.49 -2.84
N SER H 84 12.96 24.06 -1.87
CA SER H 84 13.78 25.25 -2.13
C SER H 84 15.11 24.84 -2.76
N TYR H 85 15.70 25.77 -3.52
CA TYR H 85 16.98 25.50 -4.16
C TYR H 85 18.11 25.54 -3.13
N GLY H 86 17.97 26.40 -2.14
CA GLY H 86 18.98 26.53 -1.10
C GLY H 86 18.68 25.59 0.08
N GLN H 87 19.41 25.78 1.17
CA GLN H 87 19.20 24.94 2.35
C GLN H 87 17.84 25.22 2.97
N SER H 88 17.12 24.15 3.33
CA SER H 88 15.80 24.32 3.92
C SER H 88 15.37 23.04 4.65
N GLN H 89 14.10 22.99 5.03
CA GLN H 89 13.57 21.82 5.73
C GLN H 89 12.33 21.29 5.03
N ASN H 90 12.43 20.08 4.49
CA ASN H 90 11.30 19.47 3.78
C ASN H 90 10.48 18.59 4.73
N THR H 91 9.35 19.10 5.19
CA THR H 91 8.50 18.35 6.10
C THR H 91 7.10 18.18 5.51
N GLY H 92 6.61 16.95 5.53
CA GLY H 92 5.28 16.65 5.00
C GLY H 92 4.20 17.42 5.75
N TYR H 93 2.96 16.94 5.68
CA TYR H 93 1.84 17.60 6.34
C TYR H 93 1.81 17.28 7.85
N GLY H 94 2.97 17.33 8.51
CA GLY H 94 3.06 17.06 9.94
C GLY H 94 2.21 15.85 10.34
N THR H 95 1.16 16.12 11.10
CA THR H 95 0.25 15.06 11.54
C THR H 95 -1.19 15.47 11.25
N GLN H 96 -1.91 14.64 10.50
CA GLN H 96 -3.29 14.95 10.16
C GLN H 96 -4.13 13.68 10.05
N SER H 97 -5.43 13.87 9.97
CA SER H 97 -6.35 12.74 9.84
C SER H 97 -7.38 13.03 8.76
N THR H 98 -7.36 12.24 7.69
CA THR H 98 -8.29 12.44 6.59
C THR H 98 -9.62 11.73 6.88
N PRO H 99 -10.67 12.08 6.17
CA PRO H 99 -12.03 11.52 6.34
C PRO H 99 -12.09 10.10 6.88
N GLN H 100 -12.40 9.98 8.17
CA GLN H 100 -12.51 8.66 8.78
C GLN H 100 -13.56 7.83 8.05
N GLY H 101 -13.11 6.79 7.37
CA GLY H 101 -14.02 5.92 6.62
C GLY H 101 -14.38 6.53 5.27
N TYR H 102 -13.81 5.97 4.20
CA TYR H 102 -14.08 6.44 2.84
C TYR H 102 -13.46 7.81 2.62
N GLY H 103 -12.23 7.83 2.10
CA GLY H 103 -11.54 9.08 1.82
C GLY H 103 -12.01 9.72 0.52
N SER H 104 -11.31 9.44 -0.57
CA SER H 104 -11.68 10.01 -1.86
C SER H 104 -12.63 9.10 -2.62
N THR H 105 -13.42 9.67 -3.52
CA THR H 105 -14.36 8.90 -4.31
C THR H 105 -14.05 9.02 -5.79
N GLY H 106 -13.53 7.95 -6.38
CA GLY H 106 -13.20 7.96 -7.80
C GLY H 106 -13.95 6.85 -8.54
N GLY H 107 -14.86 7.25 -9.42
CA GLY H 107 -15.64 6.28 -10.18
C GLY H 107 -17.11 6.67 -10.23
N TYR H 108 -17.48 7.40 -11.27
CA TYR H 108 -18.86 7.84 -11.44
C TYR H 108 -19.80 6.63 -11.49
N GLY H 109 -21.05 6.87 -11.89
CA GLY H 109 -22.03 5.80 -11.99
C GLY H 109 -22.85 5.70 -10.70
N SER H 110 -22.15 5.72 -9.57
CA SER H 110 -22.80 5.63 -8.26
C SER H 110 -21.77 5.48 -7.14
N SER H 111 -21.86 6.34 -6.14
CA SER H 111 -20.94 6.31 -5.02
C SER H 111 -21.64 6.77 -3.74
N GLN H 112 -22.10 5.82 -2.94
CA GLN H 112 -22.80 6.17 -1.70
C GLN H 112 -22.14 5.48 -0.51
N SER H 113 -21.67 6.28 0.44
CA SER H 113 -21.02 5.74 1.63
C SER H 113 -21.46 6.49 2.89
N SER H 114 -21.37 5.80 4.02
CA SER H 114 -21.76 6.40 5.30
C SER H 114 -20.76 6.02 6.38
N GLN H 115 -20.52 6.93 7.32
CA GLN H 115 -19.58 6.65 8.40
C GLN H 115 -19.58 7.77 9.43
N SER H 116 -18.65 7.69 10.38
CA SER H 116 -18.56 8.72 11.42
C SER H 116 -17.31 8.51 12.27
N SER H 117 -16.89 9.56 12.97
CA SER H 117 -15.71 9.46 13.83
C SER H 117 -15.66 10.61 14.84
N TYR H 118 -15.18 10.32 16.04
CA TYR H 118 -15.08 11.33 17.07
C TYR H 118 -13.87 11.10 17.96
N GLY H 119 -12.70 11.52 17.49
CA GLY H 119 -11.47 11.35 18.26
C GLY H 119 -10.23 11.52 17.38
N GLN H 120 -10.15 12.67 16.69
CA GLN H 120 -9.02 12.94 15.81
C GLN H 120 -7.98 13.81 16.52
N GLN H 121 -6.78 13.26 16.72
CA GLN H 121 -5.71 14.00 17.38
C GLN H 121 -4.40 13.87 16.60
N SER H 122 -3.74 15.01 16.39
CA SER H 122 -2.48 15.02 15.64
C SER H 122 -1.45 15.90 16.35
N SER H 123 -0.28 15.32 16.63
CA SER H 123 0.79 16.05 17.31
C SER H 123 0.26 16.72 18.57
N TYR H 124 -0.68 16.06 19.24
CA TYR H 124 -1.25 16.59 20.47
C TYR H 124 -2.34 15.68 21.00
N SER I 64 -29.18 10.98 -26.52
CA SER I 64 -28.07 10.14 -25.98
C SER I 64 -27.42 10.86 -24.80
N TYR I 65 -26.74 10.10 -23.96
CA TYR I 65 -26.08 10.66 -22.79
C TYR I 65 -24.57 10.67 -22.98
N SER I 66 -23.98 11.87 -23.05
CA SER I 66 -22.55 11.99 -23.23
C SER I 66 -22.01 13.17 -22.43
N GLY I 67 -21.41 12.87 -21.27
CA GLY I 67 -20.85 13.92 -20.41
C GLY I 67 -19.67 13.38 -19.62
N TYR I 68 -18.91 14.31 -19.03
CA TYR I 68 -17.74 13.92 -18.24
C TYR I 68 -17.48 14.94 -17.14
N SER I 69 -16.71 14.54 -16.13
CA SER I 69 -16.39 15.43 -15.03
C SER I 69 -14.87 15.56 -14.87
N GLN I 70 -14.43 16.71 -14.37
CA GLN I 70 -13.00 16.94 -14.17
C GLN I 70 -12.54 16.35 -12.85
N SER I 71 -11.31 16.67 -12.45
CA SER I 71 -10.76 16.15 -11.20
C SER I 71 -11.29 16.94 -10.01
N THR I 72 -11.18 16.34 -8.83
CA THR I 72 -11.65 17.00 -7.61
C THR I 72 -10.75 16.65 -6.43
N ASP I 73 -10.46 17.66 -5.60
CA ASP I 73 -9.61 17.46 -4.44
C ASP I 73 -10.00 18.43 -3.32
N THR I 74 -10.19 17.91 -2.12
CA THR I 74 -10.56 18.75 -0.99
C THR I 74 -9.34 19.41 -0.36
N SER I 75 -8.35 18.61 -0.02
CA SER I 75 -7.14 19.15 0.59
C SER I 75 -5.91 18.58 -0.11
N GLY I 76 -4.77 18.62 0.56
CA GLY I 76 -3.54 18.09 -0.02
C GLY I 76 -3.10 18.92 -1.21
N TYR I 77 -2.96 20.22 -1.02
CA TYR I 77 -2.53 21.08 -2.12
C TYR I 77 -3.44 20.88 -3.32
N GLY I 78 -3.10 21.53 -4.43
CA GLY I 78 -3.91 21.41 -5.63
C GLY I 78 -3.26 20.45 -6.63
N GLN I 79 -2.04 20.78 -7.06
CA GLN I 79 -1.33 19.95 -8.02
C GLN I 79 0.18 20.07 -7.85
N SER I 80 0.71 21.23 -8.23
CA SER I 80 2.15 21.47 -8.13
C SER I 80 2.46 22.48 -7.03
N SER I 81 3.60 22.31 -6.37
CA SER I 81 4.00 23.22 -5.30
C SER I 81 5.49 23.52 -5.39
N TYR I 82 5.83 24.81 -5.26
CA TYR I 82 7.23 25.23 -5.32
C TYR I 82 7.59 26.01 -4.07
N SER I 83 8.87 26.00 -3.72
CA SER I 83 9.35 26.71 -2.54
C SER I 83 10.17 27.92 -2.94
N SER I 84 10.88 28.50 -1.97
CA SER I 84 11.71 29.68 -2.24
C SER I 84 13.04 29.28 -2.86
N TYR I 85 13.63 30.19 -3.62
CA TYR I 85 14.91 29.92 -4.27
C TYR I 85 16.04 29.96 -3.24
N GLY I 86 15.89 30.83 -2.24
CA GLY I 86 16.91 30.96 -1.20
C GLY I 86 16.60 30.03 -0.03
N GLN I 87 17.32 30.22 1.07
CA GLN I 87 17.11 29.39 2.25
C GLN I 87 15.75 29.68 2.87
N SER I 88 15.03 28.61 3.23
CA SER I 88 13.70 28.77 3.83
C SER I 88 13.28 27.51 4.55
N GLN I 89 12.00 27.44 4.94
CA GLN I 89 11.48 26.29 5.64
C GLN I 89 10.23 25.75 4.93
N ASN I 90 10.33 24.54 4.40
CA ASN I 90 9.21 23.93 3.70
C ASN I 90 8.40 23.05 4.65
N THR I 91 7.26 23.56 5.10
CA THR I 91 6.41 22.81 6.02
C THR I 91 5.01 22.63 5.42
N GLY I 92 4.52 21.40 5.44
CA GLY I 92 3.19 21.10 4.91
C GLY I 92 2.11 21.89 5.67
N TYR I 93 0.88 21.41 5.58
CA TYR I 93 -0.25 22.06 6.25
C TYR I 93 -0.27 21.74 7.76
N GLY I 94 0.89 21.80 8.42
CA GLY I 94 0.97 21.53 9.86
C GLY I 94 0.12 20.33 10.26
N THR I 95 -0.94 20.61 11.00
CA THR I 95 -1.84 19.55 11.44
C THR I 95 -3.28 19.95 11.15
N GLN I 96 -3.99 19.11 10.42
CA GLN I 96 -5.38 19.43 10.08
C GLN I 96 -6.23 18.16 9.96
N SER I 97 -7.53 18.35 9.88
CA SER I 97 -8.45 17.23 9.75
C SER I 97 -9.48 17.53 8.67
N THR I 98 -9.46 16.74 7.60
CA THR I 98 -10.39 16.93 6.50
C THR I 98 -11.72 16.22 6.79
N PRO I 99 -12.78 16.58 6.08
CA PRO I 99 -14.14 16.03 6.26
C PRO I 99 -14.19 14.61 6.80
N GLN I 100 -14.51 14.47 8.08
CA GLN I 100 -14.61 13.15 8.69
C GLN I 100 -15.66 12.32 7.97
N GLY I 101 -15.21 11.27 7.29
CA GLY I 101 -16.11 10.40 6.55
C GLY I 101 -16.47 11.00 5.19
N TYR I 102 -15.90 10.44 4.13
CA TYR I 102 -16.17 10.90 2.77
C TYR I 102 -15.55 12.27 2.54
N GLY I 103 -14.32 12.29 2.02
CA GLY I 103 -13.63 13.54 1.75
C GLY I 103 -14.10 14.18 0.45
N SER I 104 -13.40 13.89 -0.65
CA SER I 104 -13.76 14.46 -1.95
C SER I 104 -14.71 13.53 -2.69
N THR I 105 -15.49 14.11 -3.61
CA THR I 105 -16.43 13.33 -4.39
C THR I 105 -16.12 13.44 -5.88
N GLY I 106 -15.60 12.37 -6.46
CA GLY I 106 -15.27 12.38 -7.88
C GLY I 106 -16.02 11.28 -8.62
N GLY I 107 -16.93 11.67 -9.50
CA GLY I 107 -17.70 10.69 -10.26
C GLY I 107 -19.17 11.09 -10.31
N TYR I 108 -19.55 11.81 -11.36
CA TYR I 108 -20.93 12.25 -11.53
C TYR I 108 -21.88 11.04 -11.57
N GLY I 109 -23.11 11.29 -11.98
CA GLY I 109 -24.10 10.22 -12.07
C GLY I 109 -24.92 10.12 -10.78
N SER I 110 -24.22 10.15 -9.65
CA SER I 110 -24.88 10.06 -8.35
C SER I 110 -23.84 9.92 -7.22
N SER I 111 -23.95 10.78 -6.22
CA SER I 111 -23.02 10.75 -5.09
C SER I 111 -23.73 11.22 -3.83
N GLN I 112 -24.20 10.28 -3.02
CA GLN I 112 -24.89 10.63 -1.79
C GLN I 112 -24.23 9.94 -0.59
N SER I 113 -23.76 10.75 0.36
CA SER I 113 -23.11 10.21 1.54
C SER I 113 -23.55 10.96 2.79
N SER I 114 -23.48 10.28 3.94
CA SER I 114 -23.86 10.89 5.21
C SER I 114 -22.87 10.50 6.29
N GLN I 115 -22.63 11.41 7.23
CA GLN I 115 -21.69 11.14 8.31
C GLN I 115 -21.68 12.28 9.33
N SER I 116 -20.76 12.20 10.29
CA SER I 116 -20.67 13.22 11.33
C SER I 116 -19.42 13.02 12.18
N SER I 117 -19.00 14.07 12.88
CA SER I 117 -17.82 13.97 13.74
C SER I 117 -17.77 15.12 14.73
N TYR I 118 -17.29 14.83 15.94
CA TYR I 118 -17.19 15.85 16.98
C TYR I 118 -15.96 15.60 17.87
N GLY I 119 -14.80 16.03 17.40
CA GLY I 119 -13.58 15.87 18.16
C GLY I 119 -12.34 16.04 17.28
N GLN I 120 -12.26 17.18 16.60
CA GLN I 120 -11.13 17.45 15.72
C GLN I 120 -10.09 18.32 16.43
N GLN I 121 -8.89 17.78 16.63
CA GLN I 121 -7.82 18.51 17.29
C GLN I 121 -6.51 18.39 16.50
N SER I 122 -5.85 19.52 16.30
CA SER I 122 -4.59 19.52 15.55
C SER I 122 -3.56 20.41 16.25
N SER I 123 -2.39 19.83 16.54
CA SER I 123 -1.32 20.58 17.21
C SER I 123 -1.86 21.25 18.48
N TYR I 124 -2.79 20.59 19.15
CA TYR I 124 -3.36 21.13 20.38
C TYR I 124 -4.45 20.21 20.91
N SER A 64 -9.16 -21.45 -15.21
CA SER A 64 -9.20 -22.93 -15.36
C SER A 64 -8.94 -23.30 -16.82
N TYR A 65 -9.39 -22.44 -17.73
CA TYR A 65 -9.21 -22.68 -19.16
C TYR A 65 -8.28 -21.64 -19.77
N SER A 66 -7.32 -22.10 -20.57
CA SER A 66 -6.37 -21.20 -21.22
C SER A 66 -5.71 -20.27 -20.19
N GLY A 67 -4.55 -20.67 -19.69
CA GLY A 67 -3.83 -19.87 -18.71
C GLY A 67 -2.33 -19.87 -19.00
N TYR A 68 -1.70 -18.72 -18.77
CA TYR A 68 -0.26 -18.60 -18.99
C TYR A 68 0.46 -18.25 -17.70
N SER A 69 0.01 -18.84 -16.60
CA SER A 69 0.62 -18.60 -15.31
C SER A 69 2.11 -18.91 -15.34
N GLN A 70 2.90 -18.07 -14.68
CA GLN A 70 4.34 -18.26 -14.64
C GLN A 70 4.78 -18.78 -13.29
N SER A 71 6.08 -18.77 -13.04
CA SER A 71 6.62 -19.26 -11.77
C SER A 71 6.02 -18.50 -10.59
N THR A 72 5.56 -19.24 -9.59
CA THR A 72 4.97 -18.63 -8.40
C THR A 72 5.79 -18.97 -7.16
N ASP A 73 6.12 -17.97 -6.37
CA ASP A 73 6.92 -18.19 -5.15
C ASP A 73 6.45 -17.28 -4.04
N THR A 74 6.03 -17.86 -2.92
CA THR A 74 5.56 -17.05 -1.79
C THR A 74 6.70 -16.60 -0.89
N SER A 75 7.67 -17.49 -0.66
CA SER A 75 8.81 -17.16 0.20
C SER A 75 10.12 -17.58 -0.46
N GLY A 76 11.23 -17.22 0.19
CA GLY A 76 12.55 -17.57 -0.33
C GLY A 76 12.87 -16.81 -1.61
N TYR A 77 13.09 -15.50 -1.46
CA TYR A 77 13.44 -14.62 -2.59
C TYR A 77 12.80 -15.09 -3.90
N GLY A 78 11.49 -14.93 -4.02
CA GLY A 78 10.80 -15.34 -5.24
C GLY A 78 11.29 -14.53 -6.43
N GLN A 79 12.26 -15.09 -7.14
CA GLN A 79 12.82 -14.41 -8.30
C GLN A 79 13.60 -13.18 -7.86
N SER A 80 14.90 -13.35 -7.63
CA SER A 80 15.73 -12.23 -7.19
C SER A 80 17.16 -12.41 -7.69
N SER A 81 17.82 -11.29 -8.00
CA SER A 81 19.20 -11.34 -8.48
C SER A 81 20.08 -10.41 -7.66
N TYR A 82 21.11 -10.97 -7.04
CA TYR A 82 22.03 -10.18 -6.23
C TYR A 82 22.91 -9.29 -7.11
N SER A 83 23.16 -9.76 -8.34
CA SER A 83 23.99 -9.00 -9.27
C SER A 83 25.31 -8.60 -8.61
N SER A 84 25.98 -7.62 -9.19
CA SER A 84 27.24 -7.14 -8.64
C SER A 84 27.06 -6.68 -7.20
N TYR A 85 28.02 -7.02 -6.34
CA TYR A 85 27.95 -6.64 -4.94
C TYR A 85 29.35 -6.60 -4.33
N GLY A 86 29.50 -5.77 -3.30
CA GLY A 86 30.79 -5.64 -2.62
C GLY A 86 30.99 -6.76 -1.61
N GLN A 87 32.12 -6.74 -0.92
CA GLN A 87 32.42 -7.76 0.08
C GLN A 87 31.99 -7.31 1.48
N SER A 88 30.78 -7.71 1.88
CA SER A 88 30.27 -7.32 3.19
C SER A 88 29.30 -8.38 3.71
N GLN A 89 29.16 -8.45 5.03
CA GLN A 89 28.26 -9.42 5.64
C GLN A 89 26.88 -9.36 5.00
N ASN A 90 26.40 -10.52 4.54
CA ASN A 90 25.10 -10.60 3.89
C ASN A 90 24.32 -11.81 4.41
N THR A 91 23.36 -11.55 5.30
CA THR A 91 22.55 -12.62 5.87
C THR A 91 21.19 -12.68 5.18
N GLY A 92 20.67 -13.90 5.05
CA GLY A 92 19.38 -14.12 4.41
C GLY A 92 18.27 -13.47 5.22
N TYR A 93 17.03 -13.91 4.99
CA TYR A 93 15.88 -13.38 5.69
C TYR A 93 16.15 -13.27 7.19
N GLY A 94 16.72 -14.33 7.76
CA GLY A 94 17.05 -14.35 9.18
C GLY A 94 16.02 -15.14 9.98
N THR A 95 15.13 -14.43 10.66
CA THR A 95 14.10 -15.07 11.47
C THR A 95 12.72 -14.81 10.87
N GLN A 96 12.07 -15.89 10.45
CA GLN A 96 10.74 -15.77 9.85
C GLN A 96 10.09 -17.13 9.69
N SER A 97 8.77 -17.18 9.89
CA SER A 97 8.04 -18.42 9.75
C SER A 97 7.14 -18.38 8.52
N THR A 98 7.27 -19.39 7.67
CA THR A 98 6.48 -19.45 6.45
C THR A 98 5.12 -20.11 6.74
N PRO A 99 4.20 -20.05 5.81
CA PRO A 99 2.84 -20.63 6.01
C PRO A 99 2.88 -22.05 6.53
N GLN A 100 2.57 -22.20 7.81
CA GLN A 100 2.54 -23.51 8.43
C GLN A 100 1.40 -24.34 7.85
N GLY A 101 1.77 -25.38 7.12
CA GLY A 101 0.76 -26.25 6.51
C GLY A 101 0.21 -25.62 5.24
N TYR A 102 0.46 -26.27 4.10
CA TYR A 102 -0.03 -25.76 2.82
C TYR A 102 0.52 -24.36 2.55
N GLY A 103 1.71 -24.31 1.94
CA GLY A 103 2.33 -23.04 1.61
C GLY A 103 2.13 -22.69 0.14
N SER A 104 1.02 -22.01 -0.13
CA SER A 104 0.70 -21.58 -1.50
C SER A 104 0.50 -22.78 -2.44
N THR A 105 -0.66 -22.81 -3.09
CA THR A 105 -0.95 -23.88 -4.04
C THR A 105 -0.28 -23.59 -5.38
N GLY A 106 0.67 -24.45 -5.74
CA GLY A 106 1.41 -24.28 -6.99
C GLY A 106 0.56 -24.68 -8.19
N GLY A 107 0.59 -25.96 -8.54
CA GLY A 107 -0.17 -26.46 -9.69
C GLY A 107 -1.61 -25.94 -9.67
N TYR A 108 -2.06 -25.47 -10.83
CA TYR A 108 -3.42 -24.94 -10.95
C TYR A 108 -4.44 -26.05 -11.10
N GLY A 109 -5.67 -25.70 -11.47
CA GLY A 109 -6.71 -26.70 -11.65
C GLY A 109 -7.68 -26.68 -10.47
N SER A 110 -7.13 -26.64 -9.26
CA SER A 110 -7.94 -26.62 -8.05
C SER A 110 -7.07 -26.80 -6.81
N SER A 111 -7.26 -25.93 -5.82
CA SER A 111 -6.50 -26.01 -4.58
C SER A 111 -7.31 -26.73 -3.51
N GLN A 112 -8.34 -26.06 -3.01
CA GLN A 112 -9.20 -26.64 -1.99
C GLN A 112 -8.38 -27.23 -0.85
N SER A 113 -7.76 -26.36 -0.05
CA SER A 113 -6.95 -26.82 1.06
C SER A 113 -7.23 -25.98 2.31
N SER A 114 -7.42 -26.66 3.44
CA SER A 114 -7.70 -25.98 4.70
C SER A 114 -6.64 -26.34 5.74
N GLN A 115 -6.39 -25.43 6.68
CA GLN A 115 -5.39 -25.67 7.71
C GLN A 115 -5.36 -24.53 8.73
N SER A 116 -4.40 -24.57 9.64
CA SER A 116 -4.27 -23.53 10.65
C SER A 116 -2.93 -23.63 11.37
N SER A 117 -2.52 -22.55 12.02
CA SER A 117 -1.25 -22.54 12.76
C SER A 117 -1.19 -21.36 13.72
N TYR A 118 -0.82 -21.62 14.97
CA TYR A 118 -0.72 -20.56 15.97
C TYR A 118 0.42 -20.80 16.94
N GLY A 119 1.59 -20.26 16.65
CA GLY A 119 2.75 -20.46 17.51
C GLY A 119 4.06 -20.24 16.75
N GLN A 120 4.09 -19.21 15.90
CA GLN A 120 5.28 -18.91 15.13
C GLN A 120 6.08 -17.79 15.81
N GLN A 121 7.40 -18.00 15.92
CA GLN A 121 8.26 -17.00 16.55
C GLN A 121 9.57 -16.85 15.78
N SER A 122 10.00 -15.60 15.61
CA SER A 122 11.24 -15.32 14.89
C SER A 122 12.04 -14.25 15.64
N SER A 123 13.32 -14.52 15.88
CA SER A 123 14.17 -13.57 16.58
C SER A 123 13.61 -13.26 17.96
N TYR A 124 13.30 -14.31 18.72
CA TYR A 124 12.76 -14.13 20.06
C TYR A 124 13.75 -13.41 20.96
N SER B 64 -11.08 -16.91 -15.12
CA SER B 64 -11.12 -18.38 -15.27
C SER B 64 -10.86 -18.76 -16.72
N TYR B 65 -11.30 -17.91 -17.63
CA TYR B 65 -11.10 -18.16 -19.06
C TYR B 65 -10.17 -17.11 -19.66
N SER B 66 -9.21 -17.58 -20.46
CA SER B 66 -8.25 -16.69 -21.10
C SER B 66 -7.60 -15.76 -20.08
N GLY B 67 -6.44 -16.17 -19.57
CA GLY B 67 -5.72 -15.37 -18.59
C GLY B 67 -4.22 -15.37 -18.87
N TYR B 68 -3.58 -14.22 -18.64
CA TYR B 68 -2.14 -14.11 -18.86
C TYR B 68 -1.43 -13.76 -17.56
N SER B 69 -1.89 -14.35 -16.47
CA SER B 69 -1.29 -14.11 -15.16
C SER B 69 0.20 -14.41 -15.20
N GLN B 70 1.00 -13.58 -14.53
CA GLN B 70 2.44 -13.78 -14.49
C GLN B 70 2.87 -14.30 -13.12
N SER B 71 4.17 -14.29 -12.86
CA SER B 71 4.70 -14.77 -11.59
C SER B 71 4.09 -14.01 -10.42
N THR B 72 3.63 -14.74 -9.42
CA THR B 72 3.02 -14.13 -8.24
C THR B 72 3.84 -14.47 -7.00
N ASP B 73 4.17 -13.46 -6.20
CA ASP B 73 4.95 -13.69 -5.00
C ASP B 73 4.49 -12.76 -3.87
N THR B 74 4.07 -13.34 -2.75
CA THR B 74 3.59 -12.53 -1.62
C THR B 74 4.74 -12.10 -0.71
N SER B 75 5.70 -12.98 -0.49
CA SER B 75 6.83 -12.65 0.38
C SER B 75 8.15 -13.07 -0.27
N GLY B 76 9.25 -12.73 0.39
CA GLY B 76 10.57 -13.07 -0.12
C GLY B 76 10.89 -12.31 -1.39
N TYR B 77 11.14 -11.01 -1.26
CA TYR B 77 11.48 -10.14 -2.39
C TYR B 77 10.86 -10.61 -3.70
N GLY B 78 9.55 -10.45 -3.84
CA GLY B 78 8.85 -10.86 -5.05
C GLY B 78 9.35 -10.06 -6.24
N GLN B 79 10.34 -10.62 -6.96
CA GLN B 79 10.90 -9.94 -8.12
C GLN B 79 11.69 -8.71 -7.67
N SER B 80 12.97 -8.89 -7.43
CA SER B 80 13.81 -7.78 -6.99
C SER B 80 15.25 -7.95 -7.47
N SER B 81 15.91 -6.84 -7.79
CA SER B 81 17.28 -6.89 -8.27
C SER B 81 18.17 -5.96 -7.44
N TYR B 82 19.20 -6.53 -6.82
CA TYR B 82 20.12 -5.75 -6.01
C TYR B 82 21.00 -4.87 -6.89
N SER B 83 21.27 -5.34 -8.10
CA SER B 83 22.10 -4.59 -9.03
C SER B 83 23.41 -4.20 -8.37
N SER B 84 24.10 -3.20 -8.95
CA SER B 84 25.37 -2.75 -8.39
C SER B 84 25.17 -2.28 -6.95
N TYR B 85 26.12 -2.61 -6.10
CA TYR B 85 26.05 -2.23 -4.69
C TYR B 85 27.44 -2.19 -4.07
N GLY B 86 27.60 -1.35 -3.04
CA GLY B 86 28.88 -1.23 -2.36
C GLY B 86 29.06 -2.36 -1.34
N GLN B 87 30.20 -2.33 -0.64
CA GLN B 87 30.48 -3.35 0.36
C GLN B 87 30.04 -2.89 1.75
N SER B 88 28.83 -3.28 2.14
CA SER B 88 28.30 -2.89 3.45
C SER B 88 27.34 -3.94 3.97
N GLN B 89 27.19 -4.01 5.29
CA GLN B 89 26.29 -4.97 5.90
C GLN B 89 24.91 -4.92 5.24
N ASN B 90 24.43 -6.07 4.78
CA ASN B 90 23.13 -6.15 4.14
C ASN B 90 22.34 -7.34 4.65
N THR B 91 21.38 -7.08 5.54
CA THR B 91 20.57 -8.15 6.10
C THR B 91 19.22 -8.23 5.40
N GLY B 92 18.69 -9.44 5.28
CA GLY B 92 17.40 -9.64 4.63
C GLY B 92 16.28 -8.99 5.43
N TYR B 93 15.05 -9.43 5.20
CA TYR B 93 13.89 -8.89 5.89
C TYR B 93 14.16 -8.79 7.40
N GLY B 94 14.72 -9.85 7.96
CA GLY B 94 15.04 -9.86 9.39
C GLY B 94 14.00 -10.64 10.19
N THR B 95 13.12 -9.92 10.86
CA THR B 95 12.08 -10.56 11.67
C THR B 95 10.71 -10.30 11.06
N GLN B 96 10.04 -11.37 10.63
CA GLN B 96 8.72 -11.23 10.04
C GLN B 96 8.06 -12.59 9.87
N SER B 97 6.75 -12.63 10.06
CA SER B 97 6.00 -13.87 9.93
C SER B 97 5.11 -13.82 8.69
N THR B 98 5.24 -14.84 7.84
CA THR B 98 4.45 -14.90 6.62
C THR B 98 3.10 -15.55 6.90
N PRO B 99 2.17 -15.49 5.97
CA PRO B 99 0.80 -16.06 6.17
C PRO B 99 0.82 -17.48 6.69
N GLN B 100 0.53 -17.62 7.98
CA GLN B 100 0.49 -18.93 8.60
C GLN B 100 -0.64 -19.76 8.01
N GLY B 101 -0.29 -20.82 7.30
CA GLY B 101 -1.29 -21.68 6.68
C GLY B 101 -1.83 -21.05 5.40
N TYR B 102 -1.59 -21.70 4.27
CA TYR B 102 -2.06 -21.21 2.98
C TYR B 102 -1.49 -19.81 2.70
N GLY B 103 -0.31 -19.78 2.10
CA GLY B 103 0.32 -18.51 1.77
C GLY B 103 0.13 -18.15 0.30
N SER B 104 -0.98 -17.46 0.01
CA SER B 104 -1.28 -17.04 -1.35
C SER B 104 -1.49 -18.22 -2.29
N THR B 105 -2.65 -18.26 -2.94
CA THR B 105 -2.94 -19.35 -3.89
C THR B 105 -2.26 -19.07 -5.22
N GLY B 106 -1.30 -19.93 -5.57
CA GLY B 106 -0.55 -19.77 -6.82
C GLY B 106 -1.41 -20.16 -8.03
N GLY B 107 -1.37 -21.45 -8.39
CA GLY B 107 -2.13 -21.94 -9.53
C GLY B 107 -3.56 -21.41 -9.52
N TYR B 108 -4.02 -20.95 -10.69
CA TYR B 108 -5.37 -20.41 -10.81
C TYR B 108 -6.39 -21.54 -10.97
N GLY B 109 -7.61 -21.18 -11.34
CA GLY B 109 -8.67 -22.16 -11.53
C GLY B 109 -9.65 -22.13 -10.36
N SER B 110 -9.10 -22.09 -9.14
CA SER B 110 -9.91 -22.06 -7.93
C SER B 110 -9.05 -22.24 -6.69
N SER B 111 -9.24 -21.37 -5.70
CA SER B 111 -8.49 -21.45 -4.46
C SER B 111 -9.31 -22.16 -3.39
N GLN B 112 -10.35 -21.48 -2.90
CA GLN B 112 -11.22 -22.05 -1.88
C GLN B 112 -10.40 -22.64 -0.73
N SER B 113 -9.78 -21.78 0.06
CA SER B 113 -8.98 -22.23 1.19
C SER B 113 -9.26 -21.40 2.43
N SER B 114 -9.46 -22.07 3.56
CA SER B 114 -9.74 -21.38 4.82
C SER B 114 -8.69 -21.74 5.87
N GLN B 115 -8.43 -20.82 6.80
CA GLN B 115 -7.44 -21.06 7.84
C GLN B 115 -7.42 -19.92 8.84
N SER B 116 -6.46 -19.96 9.77
CA SER B 116 -6.34 -18.92 10.78
C SER B 116 -5.01 -19.03 11.51
N SER B 117 -4.59 -17.94 12.15
CA SER B 117 -3.33 -17.94 12.89
C SER B 117 -3.26 -16.76 13.85
N TYR B 118 -2.90 -17.03 15.10
CA TYR B 118 -2.80 -15.97 16.10
C TYR B 118 -1.65 -16.24 17.08
N GLY B 119 -0.48 -15.68 16.79
CA GLY B 119 0.68 -15.88 17.67
C GLY B 119 1.99 -15.66 16.92
N GLN B 120 2.02 -14.63 16.06
CA GLN B 120 3.23 -14.33 15.29
C GLN B 120 4.02 -13.22 15.97
N GLN B 121 5.33 -13.43 16.09
CA GLN B 121 6.19 -12.43 16.72
C GLN B 121 7.51 -12.29 15.96
N SER B 122 7.94 -11.04 15.79
CA SER B 122 9.20 -10.77 15.08
C SER B 122 9.99 -9.70 15.83
N SER B 123 11.27 -9.98 16.06
CA SER B 123 12.13 -9.04 16.78
C SER B 123 11.55 -8.71 18.15
N TYR B 124 11.24 -9.75 18.91
CA TYR B 124 10.68 -9.58 20.25
C TYR B 124 11.68 -8.87 21.15
N SER C 64 -12.98 -12.35 -15.05
CA SER C 64 -13.03 -13.84 -15.19
C SER C 64 -12.76 -14.22 -16.64
N TYR C 65 -13.19 -13.37 -17.56
CA TYR C 65 -12.99 -13.62 -18.98
C TYR C 65 -12.04 -12.59 -19.59
N SER C 66 -11.09 -13.06 -20.37
CA SER C 66 -10.12 -12.18 -21.02
C SER C 66 -9.47 -11.25 -19.99
N GLY C 67 -8.31 -11.65 -19.48
CA GLY C 67 -7.59 -10.85 -18.50
C GLY C 67 -6.09 -10.87 -18.76
N TYR C 68 -5.45 -9.73 -18.54
CA TYR C 68 -4.01 -9.62 -18.76
C TYR C 68 -3.30 -9.27 -17.44
N SER C 69 -3.77 -9.85 -16.36
CA SER C 69 -3.18 -9.60 -15.05
C SER C 69 -1.68 -9.91 -15.07
N GLN C 70 -0.89 -9.08 -14.41
CA GLN C 70 0.56 -9.28 -14.36
C GLN C 70 0.97 -9.80 -12.99
N SER C 71 2.27 -9.79 -12.72
CA SER C 71 2.79 -10.28 -11.45
C SER C 71 2.18 -9.51 -10.28
N THR C 72 1.70 -10.24 -9.28
CA THR C 72 1.11 -9.62 -8.10
C THR C 72 1.91 -9.97 -6.85
N ASP C 73 2.24 -8.95 -6.06
CA ASP C 73 3.01 -9.18 -4.85
C ASP C 73 2.54 -8.24 -3.73
N THR C 74 2.12 -8.82 -2.61
CA THR C 74 1.65 -8.01 -1.49
C THR C 74 2.79 -7.58 -0.57
N SER C 75 3.75 -8.47 -0.34
CA SER C 75 4.87 -8.14 0.53
C SER C 75 6.19 -8.55 -0.11
N GLY C 76 7.29 -8.22 0.56
CA GLY C 76 8.61 -8.57 0.05
C GLY C 76 8.94 -7.82 -1.22
N TYR C 77 9.20 -6.52 -1.08
CA TYR C 77 9.56 -5.65 -2.23
C TYR C 77 8.93 -6.13 -3.54
N GLY C 78 7.62 -5.95 -3.67
CA GLY C 78 6.94 -6.37 -4.89
C GLY C 78 7.45 -5.57 -6.09
N GLN C 79 8.42 -6.14 -6.80
CA GLN C 79 9.00 -5.47 -7.95
C GLN C 79 9.78 -4.24 -7.51
N SER C 80 11.07 -4.42 -7.25
CA SER C 80 11.92 -3.31 -6.82
C SER C 80 13.35 -3.50 -7.30
N SER C 81 14.01 -2.39 -7.60
CA SER C 81 15.39 -2.46 -8.07
C SER C 81 16.28 -1.52 -7.24
N TYR C 82 17.30 -2.10 -6.62
CA TYR C 82 18.22 -1.31 -5.81
C TYR C 82 19.11 -0.44 -6.68
N SER C 83 19.38 -0.92 -7.90
CA SER C 83 20.22 -0.17 -8.82
C SER C 83 21.53 0.22 -8.16
N SER C 84 22.23 1.20 -8.74
CA SER C 84 23.49 1.66 -8.17
C SER C 84 23.29 2.14 -6.74
N TYR C 85 24.25 1.80 -5.87
CA TYR C 85 24.16 2.18 -4.47
C TYR C 85 25.54 2.22 -3.84
N GLY C 86 25.70 3.06 -2.82
CA GLY C 86 26.98 3.18 -2.13
C GLY C 86 27.16 2.06 -1.11
N GLN C 87 28.29 2.08 -0.40
CA GLN C 87 28.56 1.06 0.61
C GLN C 87 28.12 1.53 1.99
N SER C 88 26.91 1.15 2.38
CA SER C 88 26.38 1.54 3.68
C SER C 88 25.40 0.49 4.20
N GLN C 89 25.24 0.43 5.51
CA GLN C 89 24.33 -0.52 6.13
C GLN C 89 22.96 -0.47 5.47
N ASN C 90 22.48 -1.62 5.01
CA ASN C 90 21.18 -1.69 4.35
C ASN C 90 20.39 -2.89 4.87
N THR C 91 19.43 -2.62 5.75
CA THR C 91 18.60 -3.68 6.31
C THR C 91 17.25 -3.75 5.60
N GLY C 92 16.72 -4.96 5.48
CA GLY C 92 15.42 -5.16 4.83
C GLY C 92 14.31 -4.50 5.63
N TYR C 93 13.08 -4.93 5.38
CA TYR C 93 11.91 -4.38 6.07
C TYR C 93 12.19 -4.28 7.58
N GLY C 94 12.73 -5.34 8.15
CA GLY C 94 13.05 -5.34 9.58
C GLY C 94 12.00 -6.13 10.37
N THR C 95 11.12 -5.40 11.04
CA THR C 95 10.08 -6.03 11.84
C THR C 95 8.71 -5.77 11.22
N GLN C 96 8.03 -6.83 10.80
CA GLN C 96 6.72 -6.69 10.19
C GLN C 96 6.05 -8.05 10.04
N SER C 97 4.74 -8.08 10.22
CA SER C 97 3.98 -9.32 10.09
C SER C 97 3.11 -9.27 8.84
N THR C 98 3.23 -10.29 8.00
CA THR C 98 2.44 -10.35 6.77
C THR C 98 1.09 -10.99 7.05
N PRO C 99 0.17 -10.93 6.12
CA PRO C 99 -1.20 -11.49 6.30
C PRO C 99 -1.20 -12.91 6.82
N GLN C 100 -1.49 -13.05 8.11
CA GLN C 100 -1.54 -14.36 8.74
C GLN C 100 -2.68 -15.18 8.15
N GLY C 101 -2.32 -16.24 7.44
CA GLY C 101 -3.32 -17.11 6.81
C GLY C 101 -3.85 -16.47 5.54
N TYR C 102 -3.61 -17.14 4.41
CA TYR C 102 -4.07 -16.64 3.12
C TYR C 102 -3.50 -15.25 2.83
N GLY C 103 -2.31 -15.22 2.24
CA GLY C 103 -1.67 -13.95 1.91
C GLY C 103 -1.86 -13.60 0.43
N SER C 104 -2.96 -12.92 0.15
CA SER C 104 -3.26 -12.49 -1.22
C SER C 104 -3.47 -13.67 -2.16
N THR C 105 -4.62 -13.72 -2.82
CA THR C 105 -4.90 -14.79 -3.76
C THR C 105 -4.21 -14.53 -5.10
N GLY C 106 -3.26 -15.39 -5.43
CA GLY C 106 -2.51 -15.25 -6.69
C GLY C 106 -3.36 -15.63 -7.90
N GLY C 107 -3.33 -16.92 -8.24
CA GLY C 107 -4.08 -17.41 -9.39
C GLY C 107 -5.51 -16.88 -9.40
N TYR C 108 -5.96 -16.42 -10.56
CA TYR C 108 -7.31 -15.88 -10.70
C TYR C 108 -8.32 -17.00 -10.86
N GLY C 109 -9.55 -16.63 -11.24
CA GLY C 109 -10.61 -17.61 -11.43
C GLY C 109 -11.59 -17.58 -10.26
N SER C 110 -11.06 -17.53 -9.04
CA SER C 110 -11.88 -17.49 -7.83
C SER C 110 -11.02 -17.67 -6.59
N SER C 111 -11.21 -16.80 -5.60
CA SER C 111 -10.46 -16.88 -4.36
C SER C 111 -11.29 -17.58 -3.29
N GLN C 112 -12.33 -16.90 -2.81
CA GLN C 112 -13.21 -17.46 -1.78
C GLN C 112 -12.40 -18.05 -0.64
N SER C 113 -11.78 -17.18 0.15
CA SER C 113 -10.98 -17.64 1.29
C SER C 113 -11.27 -16.80 2.53
N SER C 114 -11.48 -17.47 3.67
CA SER C 114 -11.76 -16.77 4.91
C SER C 114 -10.72 -17.13 5.97
N GLN C 115 -10.46 -16.21 6.90
CA GLN C 115 -9.48 -16.46 7.95
C GLN C 115 -9.45 -15.31 8.95
N SER C 116 -8.50 -15.35 9.88
CA SER C 116 -8.37 -14.30 10.88
C SER C 116 -7.05 -14.42 11.63
N SER C 117 -6.63 -13.34 12.27
CA SER C 117 -5.38 -13.34 13.01
C SER C 117 -5.30 -12.15 13.96
N TYR C 118 -4.95 -12.42 15.21
CA TYR C 118 -4.84 -11.36 16.21
C TYR C 118 -3.71 -11.64 17.20
N GLY C 119 -2.53 -11.08 16.92
CA GLY C 119 -1.38 -11.28 17.79
C GLY C 119 -0.07 -11.07 17.05
N GLN C 120 -0.03 -10.05 16.19
CA GLN C 120 1.18 -9.75 15.43
C GLN C 120 1.99 -8.64 16.11
N GLN C 121 3.29 -8.85 16.24
CA GLN C 121 4.14 -7.86 16.87
C GLN C 121 5.47 -7.73 16.12
N SER C 122 5.91 -6.48 15.94
CA SER C 122 7.17 -6.22 15.24
C SER C 122 7.97 -5.15 15.99
N SER C 123 9.23 -5.43 16.23
CA SER C 123 10.10 -4.48 16.94
C SER C 123 9.52 -4.16 18.31
N TYR C 124 9.20 -5.20 19.08
CA TYR C 124 8.64 -5.01 20.41
C TYR C 124 9.64 -4.30 21.31
N SER D 64 -14.86 -7.80 -15.00
CA SER D 64 -14.91 -9.28 -15.13
C SER D 64 -14.64 -9.67 -16.58
N TYR D 65 -15.06 -8.81 -17.51
CA TYR D 65 -14.86 -9.07 -18.92
C TYR D 65 -13.90 -8.05 -19.53
N SER D 66 -12.95 -8.53 -20.32
CA SER D 66 -11.97 -7.66 -20.96
C SER D 66 -11.32 -6.73 -19.93
N GLY D 67 -10.16 -7.13 -19.41
CA GLY D 67 -9.45 -6.33 -18.43
C GLY D 67 -7.95 -6.35 -18.68
N TYR D 68 -7.29 -5.22 -18.45
CA TYR D 68 -5.86 -5.12 -18.67
C TYR D 68 -5.15 -4.77 -17.36
N SER D 69 -5.63 -5.34 -16.27
CA SER D 69 -5.04 -5.08 -14.96
C SER D 69 -3.55 -5.41 -14.97
N GLN D 70 -2.76 -4.58 -14.30
CA GLN D 70 -1.32 -4.79 -14.25
C GLN D 70 -0.91 -5.31 -12.87
N SER D 71 0.39 -5.30 -12.60
CA SER D 71 0.90 -5.78 -11.32
C SER D 71 0.29 -5.01 -10.16
N THR D 72 -0.19 -5.73 -9.16
CA THR D 72 -0.80 -5.11 -7.98
C THR D 72 -0.01 -5.45 -6.74
N ASP D 73 0.33 -4.43 -5.95
CA ASP D 73 1.10 -4.66 -4.72
C ASP D 73 0.63 -3.72 -3.61
N THR D 74 0.20 -4.29 -2.50
CA THR D 74 -0.28 -3.48 -1.38
C THR D 74 0.85 -3.04 -0.46
N SER D 75 1.81 -3.94 -0.22
CA SER D 75 2.93 -3.61 0.65
C SER D 75 4.25 -4.03 0.03
N GLY D 76 5.35 -3.71 0.70
CA GLY D 76 6.67 -4.06 0.20
C GLY D 76 7.02 -3.31 -1.08
N TYR D 77 7.28 -2.01 -0.94
CA TYR D 77 7.64 -1.16 -2.08
C TYR D 77 7.02 -1.64 -3.40
N GLY D 78 5.71 -1.45 -3.55
CA GLY D 78 5.03 -1.87 -4.76
C GLY D 78 5.55 -1.08 -5.95
N GLN D 79 6.53 -1.65 -6.65
CA GLN D 79 7.11 -0.98 -7.81
C GLN D 79 7.90 0.24 -7.37
N SER D 80 9.19 0.05 -7.11
CA SER D 80 10.03 1.15 -6.67
C SER D 80 11.47 0.96 -7.14
N SER D 81 12.15 2.06 -7.45
CA SER D 81 13.53 2.00 -7.91
C SER D 81 14.41 2.92 -7.09
N TYR D 82 15.42 2.35 -6.44
CA TYR D 82 16.34 3.14 -5.63
C TYR D 82 17.25 3.99 -6.51
N SER D 83 17.52 3.52 -7.72
CA SER D 83 18.37 4.25 -8.65
C SER D 83 19.68 4.64 -7.97
N SER D 84 20.37 5.61 -8.55
CA SER D 84 21.64 6.08 -7.98
C SER D 84 21.44 6.55 -6.55
N TYR D 85 22.39 6.21 -5.68
CA TYR D 85 22.29 6.60 -4.28
C TYR D 85 23.68 6.64 -3.64
N GLY D 86 23.83 7.48 -2.62
CA GLY D 86 25.11 7.59 -1.93
C GLY D 86 25.27 6.48 -0.90
N GLN D 87 26.41 6.50 -0.19
CA GLN D 87 26.66 5.47 0.83
C GLN D 87 26.22 5.95 2.20
N SER D 88 25.01 5.58 2.59
CA SER D 88 24.46 5.97 3.89
C SER D 88 23.47 4.94 4.40
N GLN D 89 23.32 4.88 5.72
CA GLN D 89 22.40 3.93 6.33
C GLN D 89 21.03 4.00 5.66
N ASN D 90 20.55 2.84 5.20
CA ASN D 90 19.25 2.77 4.55
C ASN D 90 18.45 1.59 5.06
N THR D 91 17.48 1.86 5.93
CA THR D 91 16.66 0.80 6.49
C THR D 91 15.30 0.74 5.78
N GLY D 92 14.77 -0.47 5.66
CA GLY D 92 13.48 -0.67 5.01
C GLY D 92 12.36 0.01 5.80
N TYR D 93 11.12 -0.43 5.53
CA TYR D 93 9.96 0.13 6.22
C TYR D 93 10.22 0.24 7.73
N GLY D 94 10.77 -0.82 8.31
CA GLY D 94 11.07 -0.82 9.74
C GLY D 94 10.03 -1.59 10.52
N THR D 95 9.13 -0.85 11.18
CA THR D 95 8.09 -1.47 11.99
C THR D 95 6.72 -1.21 11.36
N GLN D 96 6.05 -2.28 10.94
CA GLN D 96 4.74 -2.14 10.33
C GLN D 96 4.06 -3.50 10.16
N SER D 97 2.74 -3.52 10.34
CA SER D 97 1.99 -4.75 10.21
C SER D 97 1.12 -4.71 8.96
N THR D 98 1.24 -5.72 8.13
CA THR D 98 0.47 -5.79 6.89
C THR D 98 -0.90 -6.42 7.17
N PRO D 99 -1.81 -6.36 6.22
CA PRO D 99 -3.18 -6.91 6.40
C PRO D 99 -3.20 -8.32 6.94
N GLN D 100 -3.49 -8.47 8.23
CA GLN D 100 -3.56 -9.77 8.86
C GLN D 100 -4.69 -10.59 8.26
N GLY D 101 -4.33 -11.66 7.56
CA GLY D 101 -5.33 -12.52 6.94
C GLY D 101 -5.86 -11.88 5.64
N TYR D 102 -5.61 -12.55 4.52
CA TYR D 102 -6.06 -12.06 3.22
C TYR D 102 -5.48 -10.68 2.94
N GLY D 103 -4.29 -10.65 2.35
CA GLY D 103 -3.65 -9.39 2.03
C GLY D 103 -3.82 -9.04 0.54
N SER D 104 -4.92 -8.35 0.25
CA SER D 104 -5.21 -7.93 -1.13
C SER D 104 -5.42 -9.12 -2.06
N THR D 105 -6.56 -9.15 -2.73
CA THR D 105 -6.85 -10.23 -3.67
C THR D 105 -6.15 -9.97 -4.99
N GLY D 106 -5.20 -10.84 -5.32
CA GLY D 106 -4.45 -10.71 -6.57
C GLY D 106 -5.28 -11.10 -7.79
N GLY D 107 -5.27 -12.38 -8.13
CA GLY D 107 -6.01 -12.88 -9.29
C GLY D 107 -7.45 -12.34 -9.29
N TYR D 108 -7.88 -11.87 -10.46
CA TYR D 108 -9.22 -11.33 -10.60
C TYR D 108 -10.25 -12.45 -10.76
N GLY D 109 -11.47 -12.08 -11.16
CA GLY D 109 -12.53 -13.05 -11.34
C GLY D 109 -13.52 -13.00 -10.19
N SER D 110 -12.99 -12.97 -8.96
CA SER D 110 -13.82 -12.91 -7.76
C SER D 110 -12.96 -13.09 -6.50
N SER D 111 -13.16 -12.22 -5.53
CA SER D 111 -12.42 -12.30 -4.27
C SER D 111 -13.26 -12.98 -3.21
N GLN D 112 -14.29 -12.30 -2.74
CA GLN D 112 -15.18 -12.86 -1.72
C GLN D 112 -14.38 -13.45 -0.56
N SER D 113 -13.75 -12.58 0.23
CA SER D 113 -12.97 -13.03 1.37
C SER D 113 -13.26 -12.18 2.60
N SER D 114 -13.48 -12.86 3.74
CA SER D 114 -13.76 -12.15 4.98
C SER D 114 -12.73 -12.51 6.05
N GLN D 115 -12.48 -11.59 6.97
CA GLN D 115 -11.50 -11.83 8.03
C GLN D 115 -11.47 -10.68 9.03
N SER D 116 -10.52 -10.74 9.96
CA SER D 116 -10.40 -9.68 10.96
C SER D 116 -9.07 -9.80 11.71
N SER D 117 -8.66 -8.71 12.35
CA SER D 117 -7.41 -8.71 13.10
C SER D 117 -7.33 -7.53 14.05
N TYR D 118 -6.99 -7.80 15.30
CA TYR D 118 -6.88 -6.73 16.30
C TYR D 118 -5.76 -7.01 17.29
N GLY D 119 -4.57 -6.46 17.02
CA GLY D 119 -3.44 -6.66 17.90
C GLY D 119 -2.11 -6.46 17.15
N GLN D 120 -2.06 -5.45 16.30
CA GLN D 120 -0.85 -5.15 15.54
C GLN D 120 -0.05 -4.05 16.23
N GLN D 121 1.26 -4.26 16.36
CA GLN D 121 2.13 -3.27 16.99
C GLN D 121 3.45 -3.14 16.24
N SER D 122 3.90 -1.90 16.07
CA SER D 122 5.16 -1.65 15.38
C SER D 122 5.96 -0.58 16.11
N SER D 123 7.23 -0.87 16.37
CA SER D 123 8.09 0.08 17.08
C SER D 123 7.51 0.41 18.45
N TYR D 124 7.18 -0.63 19.22
CA TYR D 124 6.61 -0.44 20.55
C TYR D 124 7.60 0.28 21.45
N SER E 64 -16.71 -3.23 -14.98
CA SER E 64 -16.77 -4.72 -15.11
C SER E 64 -16.50 -5.11 -16.55
N TYR E 65 -16.91 -4.25 -17.49
CA TYR E 65 -16.70 -4.53 -18.90
C TYR E 65 -15.74 -3.51 -19.51
N SER E 66 -14.79 -4.00 -20.29
CA SER E 66 -13.80 -3.13 -20.93
C SER E 66 -13.15 -2.19 -19.89
N GLY E 67 -11.98 -2.60 -19.37
CA GLY E 67 -11.28 -1.79 -18.38
C GLY E 67 -9.78 -1.83 -18.63
N TYR E 68 -9.12 -0.70 -18.40
CA TYR E 68 -7.68 -0.60 -18.61
C TYR E 68 -6.99 -0.26 -17.30
N SER E 69 -7.47 -0.83 -16.21
CA SER E 69 -6.88 -0.56 -14.90
C SER E 69 -5.40 -0.89 -14.90
N GLN E 70 -4.60 -0.06 -14.23
CA GLN E 70 -3.17 -0.28 -14.17
C GLN E 70 -2.77 -0.79 -12.79
N SER E 71 -1.47 -0.80 -12.52
CA SER E 71 -0.97 -1.28 -11.23
C SER E 71 -1.58 -0.50 -10.08
N THR E 72 -2.06 -1.21 -9.08
CA THR E 72 -2.67 -0.58 -7.91
C THR E 72 -1.89 -0.93 -6.65
N ASP E 73 -1.56 0.09 -5.87
CA ASP E 73 -0.80 -0.13 -4.64
C ASP E 73 -1.25 0.80 -3.54
N THR E 74 -1.69 0.24 -2.41
CA THR E 74 -2.18 1.08 -1.32
C THR E 74 -1.05 1.50 -0.38
N SER E 75 -0.11 0.60 -0.12
CA SER E 75 1.01 0.92 0.76
C SER E 75 2.34 0.51 0.12
N GLY E 76 3.44 0.85 0.79
CA GLY E 76 4.75 0.46 0.30
C GLY E 76 5.11 1.20 -0.98
N TYR E 77 5.38 2.50 -0.84
CA TYR E 77 5.73 3.37 -1.97
C TYR E 77 5.13 2.85 -3.28
N GLY E 78 3.84 3.07 -3.46
CA GLY E 78 3.14 2.66 -4.66
C GLY E 78 3.67 3.42 -5.87
N GLN E 79 4.66 2.85 -6.55
CA GLN E 79 5.25 3.51 -7.71
C GLN E 79 6.04 4.73 -7.26
N SER E 80 7.33 4.54 -7.00
CA SER E 80 8.18 5.64 -6.56
C SER E 80 9.61 5.43 -7.02
N SER E 81 10.30 6.53 -7.34
CA SER E 81 11.68 6.46 -7.78
C SER E 81 12.56 7.38 -6.95
N TYR E 82 13.57 6.80 -6.31
CA TYR E 82 14.49 7.59 -5.50
C TYR E 82 15.40 8.44 -6.37
N SER E 83 15.68 7.96 -7.58
CA SER E 83 16.53 8.68 -8.51
C SER E 83 17.84 9.08 -7.82
N SER E 84 18.54 10.05 -8.40
CA SER E 84 19.81 10.50 -7.83
C SER E 84 19.61 10.99 -6.41
N TYR E 85 20.54 10.64 -5.53
CA TYR E 85 20.45 11.05 -4.14
C TYR E 85 21.83 11.07 -3.48
N GLY E 86 21.99 11.91 -2.47
CA GLY E 86 23.27 12.03 -1.77
C GLY E 86 23.41 10.91 -0.73
N GLN E 87 24.54 10.93 -0.02
CA GLN E 87 24.79 9.91 1.00
C GLN E 87 24.34 10.39 2.37
N SER E 88 23.12 10.02 2.76
CA SER E 88 22.58 10.43 4.05
C SER E 88 21.58 9.40 4.56
N GLN E 89 21.42 9.34 5.89
CA GLN E 89 20.48 8.41 6.49
C GLN E 89 19.13 8.47 5.82
N ASN E 90 18.64 7.32 5.36
CA ASN E 90 17.35 7.25 4.69
C ASN E 90 16.54 6.07 5.20
N THR E 91 15.57 6.36 6.08
CA THR E 91 14.73 5.30 6.64
C THR E 91 13.39 5.25 5.91
N GLY E 92 12.85 4.04 5.78
CA GLY E 92 11.56 3.84 5.14
C GLY E 92 10.44 4.51 5.92
N TYR E 93 9.20 4.10 5.65
CA TYR E 93 8.03 4.66 6.33
C TYR E 93 8.30 4.78 7.83
N GLY E 94 8.82 3.71 8.44
CA GLY E 94 9.11 3.71 9.87
C GLY E 94 8.06 2.96 10.65
N THR E 95 7.18 3.70 11.30
CA THR E 95 6.13 3.08 12.10
C THR E 95 4.76 3.34 11.46
N GLN E 96 4.10 2.29 11.03
CA GLN E 96 2.77 2.43 10.42
C GLN E 96 2.10 1.08 10.27
N SER E 97 0.78 1.06 10.43
CA SER E 97 0.03 -0.18 10.30
C SER E 97 -0.83 -0.12 9.05
N THR E 98 -0.72 -1.15 8.22
CA THR E 98 -1.49 -1.21 6.98
C THR E 98 -2.86 -1.85 7.24
N PRO E 99 -3.77 -1.78 6.29
CA PRO E 99 -5.15 -2.31 6.51
C PRO E 99 -5.14 -3.73 7.03
N GLN E 100 -5.48 -3.86 8.30
CA GLN E 100 -5.54 -5.17 8.93
C GLN E 100 -6.67 -5.98 8.33
N GLY E 101 -6.32 -7.06 7.63
CA GLY E 101 -7.32 -7.91 7.03
C GLY E 101 -7.84 -7.29 5.73
N TYR E 102 -7.57 -7.96 4.60
CA TYR E 102 -8.03 -7.46 3.31
C TYR E 102 -7.43 -6.10 3.01
N GLY E 103 -6.24 -6.08 2.44
CA GLY E 103 -5.61 -4.81 2.11
C GLY E 103 -5.78 -4.48 0.62
N SER E 104 -6.84 -3.76 0.31
CA SER E 104 -7.14 -3.35 -1.05
C SER E 104 -7.35 -4.55 -1.98
N THR E 105 -8.49 -4.58 -2.66
CA THR E 105 -8.78 -5.66 -3.60
C THR E 105 -8.07 -5.41 -4.92
N GLY E 106 -7.12 -6.27 -5.23
CA GLY E 106 -6.37 -6.16 -6.48
C GLY E 106 -7.21 -6.55 -7.71
N GLY E 107 -7.18 -7.84 -8.07
CA GLY E 107 -7.93 -8.34 -9.20
C GLY E 107 -9.35 -7.79 -9.22
N TYR E 108 -9.78 -7.33 -10.39
CA TYR E 108 -11.12 -6.77 -10.54
C TYR E 108 -12.15 -7.88 -10.71
N GLY E 109 -13.36 -7.52 -11.10
CA GLY E 109 -14.43 -8.49 -11.30
C GLY E 109 -15.42 -8.45 -10.14
N SER E 110 -14.89 -8.37 -8.91
CA SER E 110 -15.73 -8.31 -7.71
C SER E 110 -14.88 -8.51 -6.47
N SER E 111 -15.08 -7.63 -5.49
CA SER E 111 -14.34 -7.70 -4.24
C SER E 111 -15.19 -8.39 -3.17
N GLN E 112 -16.23 -7.69 -2.70
CA GLN E 112 -17.13 -8.24 -1.68
C GLN E 112 -16.34 -8.83 -0.52
N SER E 113 -15.71 -7.96 0.27
CA SER E 113 -14.92 -8.41 1.40
C SER E 113 -15.22 -7.56 2.64
N SER E 114 -15.45 -8.22 3.77
CA SER E 114 -15.74 -7.52 5.03
C SER E 114 -14.72 -7.88 6.09
N GLN E 115 -14.46 -6.95 7.01
CA GLN E 115 -13.49 -7.20 8.07
C GLN E 115 -13.46 -6.04 9.07
N SER E 116 -12.52 -6.10 10.02
CA SER E 116 -12.39 -5.04 11.01
C SER E 116 -11.06 -5.16 11.76
N SER E 117 -10.64 -4.06 12.39
CA SER E 117 -9.40 -4.07 13.15
C SER E 117 -9.32 -2.89 14.11
N TYR E 118 -9.00 -3.16 15.37
CA TYR E 118 -8.89 -2.09 16.36
C TYR E 118 -7.76 -2.37 17.35
N GLY E 119 -6.58 -1.83 17.08
CA GLY E 119 -5.44 -2.02 17.98
C GLY E 119 -4.12 -1.83 17.24
N GLN E 120 -4.07 -0.82 16.37
CA GLN E 120 -2.85 -0.53 15.62
C GLN E 120 -2.03 0.56 16.31
N GLN E 121 -0.73 0.34 16.45
CA GLN E 121 0.14 1.34 17.08
C GLN E 121 1.46 1.46 16.33
N SER E 122 1.92 2.69 16.15
CA SER E 122 3.19 2.93 15.46
C SER E 122 3.99 4.01 16.21
N SER E 123 5.26 3.71 16.48
CA SER E 123 6.11 4.65 17.19
C SER E 123 5.52 4.99 18.55
N TYR E 124 5.18 3.96 19.32
CA TYR E 124 4.61 4.17 20.64
C TYR E 124 5.61 4.88 21.55
N SER F 64 -18.54 1.35 -14.98
CA SER F 64 -18.61 -0.15 -15.11
C SER F 64 -18.34 -0.54 -16.55
N TYR F 65 -18.73 0.31 -17.48
CA TYR F 65 -18.52 0.04 -18.90
C TYR F 65 -17.55 1.05 -19.49
N SER F 66 -16.59 0.55 -20.27
CA SER F 66 -15.60 1.42 -20.91
C SER F 66 -14.95 2.35 -19.88
N GLY F 67 -13.81 1.93 -19.35
CA GLY F 67 -13.10 2.74 -18.36
C GLY F 67 -11.59 2.70 -18.61
N TYR F 68 -10.93 3.84 -18.38
CA TYR F 68 -9.49 3.92 -18.58
C TYR F 68 -8.79 4.27 -17.27
N SER F 69 -9.29 3.71 -16.17
CA SER F 69 -8.71 3.97 -14.86
C SER F 69 -7.22 3.62 -14.86
N GLN F 70 -6.43 4.47 -14.19
CA GLN F 70 -4.99 4.24 -14.11
C GLN F 70 -4.61 3.72 -12.74
N SER F 71 -3.30 3.72 -12.44
CA SER F 71 -2.81 3.24 -11.17
C SER F 71 -3.43 4.03 -10.01
N THR F 72 -3.93 3.32 -9.01
CA THR F 72 -4.53 3.96 -7.85
C THR F 72 -3.75 3.62 -6.59
N ASP F 73 -3.42 4.64 -5.80
CA ASP F 73 -2.68 4.41 -4.57
C ASP F 73 -3.14 5.37 -3.48
N THR F 74 -3.59 4.80 -2.36
CA THR F 74 -4.07 5.64 -1.25
C THR F 74 -2.94 6.06 -0.32
N SER F 75 -2.00 5.16 -0.07
CA SER F 75 -0.88 5.49 0.81
C SER F 75 0.44 5.04 0.21
N GLY F 76 1.53 5.37 0.88
CA GLY F 76 2.86 4.99 0.41
C GLY F 76 3.22 5.73 -0.88
N TYR F 77 3.50 7.03 -0.75
CA TYR F 77 3.88 7.88 -1.89
C TYR F 77 3.27 7.39 -3.21
N GLY F 78 1.97 7.58 -3.37
CA GLY F 78 1.29 7.17 -4.59
C GLY F 78 1.83 7.95 -5.78
N GLN F 79 2.80 7.36 -6.47
CA GLN F 79 3.41 8.01 -7.63
C GLN F 79 4.21 9.23 -7.18
N SER F 80 5.49 9.03 -6.91
CA SER F 80 6.33 10.13 -6.47
C SER F 80 7.78 9.92 -6.93
N SER F 81 8.46 11.01 -7.24
CA SER F 81 9.85 10.93 -7.68
C SER F 81 10.74 11.86 -6.85
N TYR F 82 11.74 11.28 -6.21
CA TYR F 82 12.65 12.06 -5.38
C TYR F 82 13.58 12.91 -6.26
N SER F 83 13.85 12.41 -7.47
CA SER F 83 14.72 13.13 -8.39
C SER F 83 16.03 13.52 -7.71
N SER F 84 16.73 14.48 -8.28
CA SER F 84 18.00 14.93 -7.70
C SER F 84 17.79 15.43 -6.28
N TYR F 85 18.72 15.07 -5.39
CA TYR F 85 18.62 15.49 -4.00
C TYR F 85 20.00 15.51 -3.34
N GLY F 86 20.16 16.35 -2.34
CA GLY F 86 21.43 16.46 -1.63
C GLY F 86 21.57 15.35 -0.59
N GLN F 87 22.69 15.37 0.13
CA GLN F 87 22.94 14.35 1.15
C GLN F 87 22.47 14.84 2.53
N SER F 88 21.26 14.49 2.90
CA SER F 88 20.71 14.89 4.20
C SER F 88 19.70 13.87 4.70
N GLN F 89 19.54 13.82 6.03
CA GLN F 89 18.60 12.88 6.63
C GLN F 89 17.24 12.96 5.94
N ASN F 90 16.75 11.81 5.50
CA ASN F 90 15.46 11.75 4.83
C ASN F 90 14.64 10.57 5.34
N THR F 91 13.67 10.85 6.20
CA THR F 91 12.82 9.81 6.76
C THR F 91 11.49 9.75 6.04
N GLY F 92 10.94 8.55 5.92
CA GLY F 92 9.66 8.36 5.24
C GLY F 92 8.53 9.05 6.01
N TYR F 93 7.30 8.62 5.76
CA TYR F 93 6.14 9.20 6.42
C TYR F 93 6.39 9.32 7.93
N GLY F 94 6.91 8.25 8.53
CA GLY F 94 7.20 8.26 9.95
C GLY F 94 6.13 7.51 10.74
N THR F 95 5.24 8.25 11.39
CA THR F 95 4.19 7.65 12.18
C THR F 95 2.83 7.92 11.53
N GLN F 96 2.15 6.86 11.12
CA GLN F 96 0.85 7.01 10.49
C GLN F 96 0.16 5.65 10.34
N SER F 97 -1.15 5.65 10.50
CA SER F 97 -1.92 4.41 10.37
C SER F 97 -2.78 4.46 9.11
N THR F 98 -2.66 3.44 8.28
CA THR F 98 -3.43 3.37 7.04
C THR F 98 -4.80 2.75 7.31
N PRO F 99 -5.70 2.81 6.36
CA PRO F 99 -7.08 2.28 6.53
C PRO F 99 -7.11 0.87 7.08
N GLN F 100 -7.42 0.75 8.36
CA GLN F 100 -7.50 -0.55 9.00
C GLN F 100 -8.64 -1.37 8.40
N GLY F 101 -8.29 -2.45 7.70
CA GLY F 101 -9.29 -3.30 7.07
C GLY F 101 -9.79 -2.68 5.78
N TYR F 102 -9.54 -3.37 4.67
CA TYR F 102 -9.97 -2.87 3.36
C TYR F 102 -9.37 -1.49 3.07
N GLY F 103 -8.18 -1.48 2.49
CA GLY F 103 -7.52 -0.23 2.16
C GLY F 103 -7.69 0.11 0.69
N SER F 104 -8.77 0.81 0.37
CA SER F 104 -9.04 1.22 -1.01
C SER F 104 -9.25 0.04 -1.94
N THR F 105 -10.40 0.00 -2.62
CA THR F 105 -10.68 -1.09 -3.55
C THR F 105 -9.96 -0.84 -4.88
N GLY F 106 -9.02 -1.72 -5.20
CA GLY F 106 -8.25 -1.59 -6.43
C GLY F 106 -9.09 -1.99 -7.65
N GLY F 107 -9.07 -3.28 -7.99
CA GLY F 107 -9.81 -3.78 -9.15
C GLY F 107 -11.24 -3.22 -9.17
N TYR F 108 -11.66 -2.77 -10.34
CA TYR F 108 -12.99 -2.21 -10.51
C TYR F 108 -14.03 -3.32 -10.68
N GLY F 109 -15.24 -2.93 -11.07
CA GLY F 109 -16.31 -3.90 -11.27
C GLY F 109 -17.31 -3.84 -10.11
N SER F 110 -16.79 -3.80 -8.89
CA SER F 110 -17.63 -3.73 -7.70
C SER F 110 -16.79 -3.91 -6.44
N SER F 111 -16.99 -3.02 -5.47
CA SER F 111 -16.26 -3.10 -4.21
C SER F 111 -17.11 -3.78 -3.14
N GLN F 112 -18.14 -3.07 -2.69
CA GLN F 112 -19.05 -3.62 -1.68
C GLN F 112 -18.27 -4.21 -0.50
N SER F 113 -17.65 -3.34 0.29
CA SER F 113 -16.87 -3.79 1.44
C SER F 113 -17.17 -2.93 2.66
N SER F 114 -17.40 -3.59 3.80
CA SER F 114 -17.69 -2.87 5.05
C SER F 114 -16.67 -3.24 6.12
N GLN F 115 -16.43 -2.31 7.04
CA GLN F 115 -15.46 -2.56 8.10
C GLN F 115 -15.43 -1.40 9.10
N SER F 116 -14.49 -1.45 10.04
CA SER F 116 -14.36 -0.40 11.03
C SER F 116 -13.05 -0.52 11.80
N SER F 117 -12.63 0.58 12.44
CA SER F 117 -11.39 0.56 13.20
C SER F 117 -11.30 1.76 14.14
N TYR F 118 -10.98 1.50 15.40
CA TYR F 118 -10.87 2.57 16.39
C TYR F 118 -9.75 2.28 17.39
N GLY F 119 -8.56 2.82 17.12
CA GLY F 119 -7.43 2.62 18.02
C GLY F 119 -6.10 2.81 17.29
N GLN F 120 -6.04 3.81 16.43
CA GLN F 120 -4.81 4.09 15.68
C GLN F 120 -4.01 5.18 16.36
N GLN F 121 -2.71 4.96 16.50
CA GLN F 121 -1.84 5.95 17.14
C GLN F 121 -0.51 6.06 16.41
N SER F 122 -0.04 7.29 16.22
CA SER F 122 1.23 7.53 15.54
C SER F 122 2.03 8.60 16.29
N SER F 123 3.30 8.30 16.56
CA SER F 123 4.15 9.24 17.27
C SER F 123 3.56 9.59 18.63
N TYR F 124 3.21 8.57 19.39
CA TYR F 124 2.64 8.77 20.72
C TYR F 124 3.62 9.49 21.63
N SER G 64 -20.36 5.92 -15.01
CA SER G 64 -20.44 4.44 -15.13
C SER G 64 -20.15 4.03 -16.57
N TYR G 65 -20.55 4.89 -17.50
CA TYR G 65 -20.33 4.61 -18.93
C TYR G 65 -19.35 5.61 -19.52
N SER G 66 -18.38 5.11 -20.29
CA SER G 66 -17.39 5.97 -20.92
C SER G 66 -16.74 6.90 -19.90
N GLY G 67 -15.60 6.48 -19.35
CA GLY G 67 -14.89 7.29 -18.37
C GLY G 67 -13.39 7.24 -18.61
N TYR G 68 -12.72 8.37 -18.38
CA TYR G 68 -11.27 8.45 -18.57
C TYR G 68 -10.59 8.80 -17.26
N SER G 69 -11.10 8.24 -16.16
CA SER G 69 -10.51 8.51 -14.84
C SER G 69 -9.03 8.16 -14.84
N GLN G 70 -8.24 8.99 -14.17
CA GLN G 70 -6.80 8.77 -14.09
C GLN G 70 -6.41 8.26 -12.70
N SER G 71 -5.12 8.24 -12.41
CA SER G 71 -4.64 7.76 -11.11
C SER G 71 -5.26 8.56 -9.97
N THR G 72 -5.77 7.85 -8.97
CA THR G 72 -6.38 8.51 -7.82
C THR G 72 -5.61 8.16 -6.55
N ASP G 73 -5.27 9.18 -5.77
CA ASP G 73 -4.53 8.96 -4.53
C ASP G 73 -5.00 9.91 -3.44
N THR G 74 -5.46 9.36 -2.32
CA THR G 74 -5.93 10.19 -1.23
C THR G 74 -4.80 10.63 -0.29
N SER G 75 -3.87 9.71 -0.02
CA SER G 75 -2.76 10.04 0.86
C SER G 75 -1.43 9.59 0.26
N GLY G 76 -0.35 9.91 0.94
CA GLY G 76 0.98 9.52 0.48
C GLY G 76 1.35 10.26 -0.81
N TYR G 77 1.63 11.56 -0.69
CA TYR G 77 2.01 12.40 -1.83
C TYR G 77 1.42 11.92 -3.15
N GLY G 78 0.12 12.11 -3.32
CA GLY G 78 -0.55 11.69 -4.54
C GLY G 78 0.00 12.47 -5.73
N GLN G 79 0.97 11.88 -6.41
CA GLN G 79 1.59 12.52 -7.56
C GLN G 79 2.39 13.74 -7.13
N SER G 80 3.66 13.54 -6.85
CA SER G 80 4.52 14.64 -6.40
C SER G 80 5.96 14.41 -6.85
N SER G 81 6.65 15.51 -7.16
CA SER G 81 8.04 15.41 -7.60
C SER G 81 8.92 16.34 -6.77
N TYR G 82 9.92 15.76 -6.11
CA TYR G 82 10.84 16.54 -5.29
C TYR G 82 11.76 17.38 -6.16
N SER G 83 12.05 16.88 -7.37
CA SER G 83 12.92 17.59 -8.29
C SER G 83 14.22 17.97 -7.60
N SER G 84 14.95 18.94 -8.17
CA SER G 84 16.21 19.38 -7.60
C SER G 84 15.99 19.87 -6.17
N TYR G 85 16.92 19.53 -5.29
CA TYR G 85 16.81 19.94 -3.89
C TYR G 85 18.20 19.96 -3.23
N GLY G 86 18.34 20.81 -2.21
CA GLY G 86 19.61 20.92 -1.51
C GLY G 86 19.75 19.81 -0.46
N GLN G 87 20.86 19.82 0.26
CA GLN G 87 21.09 18.80 1.29
C GLN G 87 20.63 19.31 2.66
N SER G 88 19.40 18.96 3.04
CA SER G 88 18.86 19.37 4.32
C SER G 88 17.85 18.35 4.83
N GLN G 89 17.67 18.30 6.14
CA GLN G 89 16.72 17.37 6.76
C GLN G 89 15.37 17.45 6.06
N ASN G 90 14.87 16.30 5.61
CA ASN G 90 13.59 16.24 4.93
C ASN G 90 12.76 15.08 5.44
N THR G 91 11.79 15.37 6.30
CA THR G 91 10.94 14.33 6.87
C THR G 91 9.60 14.27 6.13
N GLY G 92 9.05 13.07 6.01
CA GLY G 92 7.77 12.89 5.34
C GLY G 92 6.65 13.58 6.10
N TYR G 93 5.41 13.15 5.83
CA TYR G 93 4.25 13.74 6.50
C TYR G 93 4.48 13.86 8.00
N GLY G 94 5.00 12.79 8.61
CA GLY G 94 5.28 12.81 10.04
C GLY G 94 4.21 12.06 10.83
N THR G 95 3.33 12.82 11.45
CA THR G 95 2.26 12.22 12.25
C THR G 95 0.91 12.49 11.59
N GLN G 96 0.23 11.43 11.18
CA GLN G 96 -1.08 11.59 10.55
C GLN G 96 -1.77 10.24 10.40
N SER G 97 -3.08 10.24 10.55
CA SER G 97 -3.85 9.01 10.42
C SER G 97 -4.71 9.06 9.15
N THR G 98 -4.59 8.02 8.32
CA THR G 98 -5.35 7.96 7.08
C THR G 98 -6.72 7.34 7.34
N PRO G 99 -7.62 7.41 6.39
CA PRO G 99 -9.00 6.88 6.55
C PRO G 99 -9.04 5.47 7.10
N GLN G 100 -9.35 5.35 8.39
CA GLN G 100 -9.44 4.05 9.03
C GLN G 100 -10.58 3.24 8.43
N GLY G 101 -10.23 2.16 7.74
CA GLY G 101 -11.23 1.32 7.11
C GLY G 101 -11.73 1.93 5.80
N TYR G 102 -11.48 1.24 4.70
CA TYR G 102 -11.90 1.74 3.38
C TYR G 102 -11.29 3.11 3.10
N GLY G 103 -10.09 3.11 2.52
CA GLY G 103 -9.43 4.36 2.19
C GLY G 103 -9.58 4.70 0.72
N SER G 104 -10.67 5.40 0.38
CA SER G 104 -10.93 5.81 -0.99
C SER G 104 -11.14 4.62 -1.92
N THR G 105 -12.28 4.58 -2.60
CA THR G 105 -12.56 3.50 -3.54
C THR G 105 -11.84 3.73 -4.86
N GLY G 106 -10.90 2.85 -5.16
CA GLY G 106 -10.12 2.97 -6.40
C GLY G 106 -10.95 2.58 -7.62
N GLY G 107 -10.94 1.28 -7.96
CA GLY G 107 -11.68 0.79 -9.11
C GLY G 107 -13.10 1.35 -9.15
N TYR G 108 -13.51 1.79 -10.33
CA TYR G 108 -14.84 2.37 -10.50
C TYR G 108 -15.88 1.26 -10.67
N GLY G 109 -17.10 1.65 -11.07
CA GLY G 109 -18.17 0.68 -11.26
C GLY G 109 -19.18 0.75 -10.12
N SER G 110 -18.66 0.80 -8.89
CA SER G 110 -19.51 0.87 -7.70
C SER G 110 -18.67 0.69 -6.44
N SER G 111 -18.88 1.59 -5.47
CA SER G 111 -18.15 1.51 -4.21
C SER G 111 -19.02 0.84 -3.15
N GLN G 112 -20.05 1.55 -2.69
CA GLN G 112 -20.95 1.01 -1.68
C GLN G 112 -20.18 0.42 -0.51
N SER G 113 -19.56 1.29 0.28
CA SER G 113 -18.79 0.83 1.43
C SER G 113 -19.09 1.70 2.66
N SER G 114 -19.33 1.05 3.80
CA SER G 114 -19.63 1.77 5.04
C SER G 114 -18.62 1.40 6.11
N GLN G 115 -18.36 2.34 7.03
CA GLN G 115 -17.40 2.09 8.11
C GLN G 115 -17.37 3.25 9.09
N SER G 116 -16.44 3.20 10.04
CA SER G 116 -16.32 4.26 11.04
C SER G 116 -15.01 4.13 11.80
N SER G 117 -14.59 5.22 12.43
CA SER G 117 -13.34 5.20 13.20
C SER G 117 -13.27 6.40 14.14
N TYR G 118 -12.95 6.14 15.41
CA TYR G 118 -12.84 7.21 16.39
C TYR G 118 -11.73 6.92 17.40
N GLY G 119 -10.54 7.46 17.14
CA GLY G 119 -9.41 7.25 18.04
C GLY G 119 -8.08 7.43 17.32
N GLN G 120 -8.01 8.44 16.46
CA GLN G 120 -6.78 8.70 15.71
C GLN G 120 -5.97 9.81 16.40
N GLN G 121 -4.67 9.58 16.54
CA GLN G 121 -3.80 10.56 17.18
C GLN G 121 -2.46 10.66 16.46
N SER G 122 -1.99 11.89 16.27
CA SER G 122 -0.72 12.12 15.59
C SER G 122 0.08 13.19 16.33
N SER G 123 1.35 12.89 16.61
CA SER G 123 2.21 13.82 17.33
C SER G 123 1.61 14.18 18.69
N TYR G 124 1.25 13.16 19.46
CA TYR G 124 0.67 13.37 20.77
C TYR G 124 1.65 14.09 21.69
N SER H 64 -22.16 10.51 -15.06
CA SER H 64 -22.24 9.03 -15.18
C SER H 64 -21.94 8.62 -16.62
N TYR H 65 -22.33 9.47 -17.56
CA TYR H 65 -22.11 9.19 -18.97
C TYR H 65 -21.13 10.19 -19.57
N SER H 66 -20.16 9.68 -20.34
CA SER H 66 -19.16 10.53 -20.96
C SER H 66 -18.51 11.46 -19.94
N GLY H 67 -17.38 11.04 -19.39
CA GLY H 67 -16.66 11.85 -18.40
C GLY H 67 -15.16 11.79 -18.63
N TYR H 68 -14.48 12.92 -18.40
CA TYR H 68 -13.05 12.99 -18.59
C TYR H 68 -12.36 13.34 -17.27
N SER H 69 -12.87 12.80 -16.17
CA SER H 69 -12.30 13.06 -14.85
C SER H 69 -10.81 12.70 -14.85
N GLN H 70 -10.03 13.53 -14.17
CA GLN H 70 -8.58 13.30 -14.08
C GLN H 70 -8.22 12.79 -12.69
N SER H 71 -6.92 12.78 -12.40
CA SER H 71 -6.45 12.30 -11.10
C SER H 71 -7.07 13.11 -9.96
N THR H 72 -7.59 12.40 -8.96
CA THR H 72 -8.19 13.06 -7.81
C THR H 72 -7.43 12.71 -6.54
N ASP H 73 -7.10 13.73 -5.75
CA ASP H 73 -6.36 13.51 -4.51
C ASP H 73 -6.83 14.47 -3.43
N THR H 74 -7.30 13.93 -2.31
CA THR H 74 -7.78 14.77 -1.21
C THR H 74 -6.65 15.19 -0.28
N SER H 75 -5.73 14.28 0.00
CA SER H 75 -4.62 14.60 0.88
C SER H 75 -3.29 14.15 0.30
N GLY H 76 -2.20 14.46 0.97
CA GLY H 76 -0.88 14.07 0.52
C GLY H 76 -0.50 14.80 -0.77
N TYR H 77 -0.21 16.11 -0.64
CA TYR H 77 0.19 16.94 -1.79
C TYR H 77 -0.41 16.44 -3.11
N GLY H 78 -1.71 16.65 -3.28
CA GLY H 78 -2.37 16.23 -4.51
C GLY H 78 -1.82 17.00 -5.70
N GLN H 79 -0.84 16.40 -6.37
CA GLN H 79 -0.22 17.03 -7.54
C GLN H 79 0.58 18.26 -7.08
N SER H 80 1.86 18.04 -6.80
CA SER H 80 2.71 19.14 -6.35
C SER H 80 4.16 18.92 -6.79
N SER H 81 4.85 20.01 -7.11
CA SER H 81 6.24 19.90 -7.54
C SER H 81 7.13 20.83 -6.71
N TYR H 82 8.13 20.25 -6.04
CA TYR H 82 9.04 21.02 -5.21
C TYR H 82 9.97 21.86 -6.09
N SER H 83 10.26 21.36 -7.29
CA SER H 83 11.14 22.06 -8.21
C SER H 83 12.45 22.44 -7.51
N SER H 84 13.17 23.39 -8.09
CA SER H 84 14.43 23.83 -7.51
C SER H 84 14.21 24.34 -6.09
N TYR H 85 15.13 23.99 -5.18
CA TYR H 85 15.01 24.41 -3.79
C TYR H 85 16.39 24.42 -3.13
N GLY H 86 16.55 25.27 -2.11
CA GLY H 86 17.81 25.37 -1.40
C GLY H 86 17.93 24.27 -0.36
N GLN H 87 19.04 24.28 0.37
CA GLN H 87 19.27 23.27 1.41
C GLN H 87 18.81 23.77 2.77
N SER H 88 17.57 23.43 3.14
CA SER H 88 17.02 23.85 4.42
C SER H 88 15.99 22.84 4.93
N GLN H 89 15.81 22.80 6.25
CA GLN H 89 14.87 21.87 6.85
C GLN H 89 13.51 21.95 6.15
N ASN H 90 13.02 20.80 5.71
CA ASN H 90 11.73 20.75 5.01
C ASN H 90 10.90 19.58 5.53
N THR H 91 9.93 19.89 6.38
CA THR H 91 9.07 18.85 6.94
C THR H 91 7.74 18.80 6.20
N GLY H 92 7.18 17.60 6.08
CA GLY H 92 5.90 17.41 5.40
C GLY H 92 4.78 18.11 6.16
N TYR H 93 3.54 17.70 5.88
CA TYR H 93 2.38 18.29 6.54
C TYR H 93 2.61 18.42 8.04
N GLY H 94 3.11 17.35 8.66
CA GLY H 94 3.39 17.37 10.09
C GLY H 94 2.31 16.62 10.87
N THR H 95 1.43 17.39 11.51
CA THR H 95 0.35 16.79 12.29
C THR H 95 -0.99 17.07 11.63
N GLN H 96 -1.67 16.01 11.21
CA GLN H 96 -2.98 16.17 10.57
C GLN H 96 -3.67 14.83 10.42
N SER H 97 -4.99 14.83 10.57
CA SER H 97 -5.77 13.60 10.44
C SER H 97 -6.61 13.65 9.17
N THR H 98 -6.49 12.62 8.35
CA THR H 98 -7.24 12.56 7.10
C THR H 98 -8.63 11.94 7.36
N PRO H 99 -9.51 12.01 6.40
CA PRO H 99 -10.90 11.49 6.56
C PRO H 99 -10.95 10.08 7.11
N GLN H 100 -11.27 9.97 8.40
CA GLN H 100 -11.37 8.67 9.04
C GLN H 100 -12.51 7.87 8.43
N GLY H 101 -12.16 6.78 7.74
CA GLY H 101 -13.16 5.94 7.12
C GLY H 101 -13.65 6.54 5.81
N TYR H 102 -13.39 5.86 4.70
CA TYR H 102 -13.81 6.34 3.39
C TYR H 102 -13.19 7.71 3.10
N GLY H 103 -11.99 7.71 2.53
CA GLY H 103 -11.33 8.96 2.20
C GLY H 103 -11.47 9.29 0.72
N SER H 104 -12.54 9.99 0.38
CA SER H 104 -12.79 10.40 -1.00
C SER H 104 -13.00 9.21 -1.92
N THR H 105 -14.14 9.18 -2.61
CA THR H 105 -14.43 8.09 -3.55
C THR H 105 -13.70 8.31 -4.86
N GLY H 106 -12.76 7.43 -5.16
CA GLY H 106 -11.98 7.54 -6.40
C GLY H 106 -12.80 7.14 -7.62
N GLY H 107 -12.79 5.86 -7.95
CA GLY H 107 -13.53 5.35 -9.10
C GLY H 107 -14.94 5.93 -9.15
N TYR H 108 -15.35 6.37 -10.34
CA TYR H 108 -16.68 6.94 -10.52
C TYR H 108 -17.72 5.84 -10.68
N GLY H 109 -18.92 6.23 -11.10
CA GLY H 109 -20.01 5.27 -11.29
C GLY H 109 -21.01 5.35 -10.16
N SER H 110 -20.50 5.40 -8.92
CA SER H 110 -21.36 5.49 -7.73
C SER H 110 -20.53 5.30 -6.47
N SER H 111 -20.74 6.20 -5.50
CA SER H 111 -20.01 6.12 -4.24
C SER H 111 -20.88 5.46 -3.18
N GLN H 112 -21.92 6.18 -2.74
CA GLN H 112 -22.83 5.64 -1.73
C GLN H 112 -22.07 5.05 -0.54
N SER H 113 -21.45 5.92 0.25
CA SER H 113 -20.69 5.47 1.40
C SER H 113 -20.99 6.34 2.62
N SER H 114 -21.24 5.70 3.76
CA SER H 114 -21.54 6.42 4.99
C SER H 114 -20.54 6.05 6.08
N GLN H 115 -20.29 6.99 7.00
CA GLN H 115 -19.33 6.74 8.08
C GLN H 115 -19.30 7.90 9.06
N SER H 116 -18.37 7.84 10.01
CA SER H 116 -18.25 8.90 11.01
C SER H 116 -16.95 8.78 11.79
N SER H 117 -16.52 9.86 12.41
CA SER H 117 -15.29 9.85 13.18
C SER H 117 -15.21 11.05 14.12
N TYR H 118 -14.89 10.79 15.39
CA TYR H 118 -14.78 11.86 16.37
C TYR H 118 -13.68 11.56 17.38
N GLY H 119 -12.49 12.10 17.14
CA GLY H 119 -11.36 11.89 18.04
C GLY H 119 -10.03 12.07 17.33
N GLN H 120 -9.95 13.07 16.45
CA GLN H 120 -8.72 13.33 15.72
C GLN H 120 -7.91 14.42 16.40
N GLN H 121 -6.60 14.19 16.56
CA GLN H 121 -5.74 15.18 17.20
C GLN H 121 -4.39 15.27 16.47
N SER H 122 -3.92 16.50 16.29
CA SER H 122 -2.64 16.72 15.62
C SER H 122 -1.85 17.79 16.37
N SER H 123 -0.57 17.48 16.65
CA SER H 123 0.29 18.41 17.36
C SER H 123 -0.33 18.78 18.72
N TYR H 124 -0.68 17.76 19.49
CA TYR H 124 -1.28 17.98 20.80
C TYR H 124 -0.29 18.69 21.73
N SER I 64 -23.93 15.11 -15.13
CA SER I 64 -24.02 13.63 -15.24
C SER I 64 -23.72 13.21 -16.69
N TYR I 65 -24.10 14.06 -17.63
CA TYR I 65 -23.87 13.77 -19.04
C TYR I 65 -22.87 14.78 -19.64
N SER I 66 -21.91 14.25 -20.39
CA SER I 66 -20.91 15.10 -21.02
C SER I 66 -20.25 16.03 -20.00
N GLY I 67 -19.12 15.61 -19.44
CA GLY I 67 -18.41 16.41 -18.45
C GLY I 67 -16.90 16.35 -18.67
N TYR I 68 -16.24 17.47 -18.45
CA TYR I 68 -14.79 17.54 -18.63
C TYR I 68 -14.10 17.89 -17.31
N SER I 69 -14.63 17.35 -16.21
CA SER I 69 -14.06 17.61 -14.89
C SER I 69 -12.58 17.25 -14.86
N GLN I 70 -11.79 18.08 -14.19
CA GLN I 70 -10.36 17.85 -14.10
C GLN I 70 -9.99 17.34 -12.70
N SER I 71 -8.70 17.32 -12.40
CA SER I 71 -8.24 16.85 -11.10
C SER I 71 -8.86 17.66 -9.97
N THR I 72 -9.38 16.96 -8.97
CA THR I 72 -9.99 17.61 -7.82
C THR I 72 -9.24 17.26 -6.55
N ASP I 73 -8.91 18.29 -5.77
CA ASP I 73 -8.19 18.08 -4.51
C ASP I 73 -8.67 19.05 -3.44
N THR I 74 -9.11 18.50 -2.32
CA THR I 74 -9.60 19.34 -1.23
C THR I 74 -8.48 19.76 -0.29
N SER I 75 -7.56 18.84 -0.01
CA SER I 75 -6.45 19.17 0.88
C SER I 75 -5.13 18.70 0.30
N GLY I 76 -4.03 19.03 0.99
CA GLY I 76 -2.72 18.63 0.54
C GLY I 76 -2.32 19.35 -0.74
N TYR I 77 -2.04 20.65 -0.62
CA TYR I 77 -1.63 21.49 -1.76
C TYR I 77 -2.22 20.98 -3.08
N GLY I 78 -3.52 21.21 -3.27
CA GLY I 78 -4.18 20.79 -4.50
C GLY I 78 -3.62 21.55 -5.69
N GLN I 79 -2.63 20.94 -6.36
CA GLN I 79 -2.00 21.58 -7.52
C GLN I 79 -1.21 22.79 -7.07
N SER I 80 0.07 22.58 -6.78
CA SER I 80 0.93 23.68 -6.34
C SER I 80 2.38 23.44 -6.76
N SER I 81 3.08 24.51 -7.07
CA SER I 81 4.47 24.41 -7.50
C SER I 81 5.35 25.33 -6.66
N TYR I 82 6.34 24.74 -6.00
CA TYR I 82 7.26 25.53 -5.16
C TYR I 82 8.19 26.35 -6.04
N SER I 83 8.49 25.84 -7.23
CA SER I 83 9.38 26.54 -8.15
C SER I 83 10.68 26.92 -7.45
N SER I 84 11.41 27.87 -8.02
CA SER I 84 12.68 28.30 -7.44
C SER I 84 12.45 28.81 -6.02
N TYR I 85 13.36 28.46 -5.11
CA TYR I 85 13.25 28.89 -3.72
C TYR I 85 14.62 28.90 -3.05
N GLY I 86 14.77 29.75 -2.04
CA GLY I 86 16.03 29.84 -1.32
C GLY I 86 16.14 28.75 -0.27
N GLN I 87 17.25 28.75 0.47
CA GLN I 87 17.46 27.74 1.51
C GLN I 87 17.00 28.26 2.87
N SER I 88 15.76 27.91 3.22
CA SER I 88 15.20 28.34 4.50
C SER I 88 14.17 27.34 5.01
N GLN I 89 13.99 27.30 6.33
CA GLN I 89 13.03 26.39 6.93
C GLN I 89 11.68 26.47 6.22
N ASN I 90 11.19 25.31 5.78
CA ASN I 90 9.90 25.27 5.08
C ASN I 90 9.05 24.11 5.60
N THR I 91 8.08 24.41 6.44
CA THR I 91 7.23 23.37 7.00
C THR I 91 5.89 23.32 6.25
N GLY I 92 5.33 22.13 6.14
CA GLY I 92 4.05 21.96 5.44
C GLY I 92 2.92 22.66 6.20
N TYR I 93 1.69 22.25 5.93
CA TYR I 93 0.53 22.84 6.57
C TYR I 93 0.76 22.96 8.07
N GLY I 94 1.26 21.90 8.69
CA GLY I 94 1.52 21.92 10.12
C GLY I 94 0.44 21.19 10.90
N THR I 95 -0.45 21.95 11.53
CA THR I 95 -1.53 21.37 12.32
C THR I 95 -2.87 21.64 11.65
N GLN I 96 -3.55 20.59 11.23
CA GLN I 96 -4.85 20.76 10.58
C GLN I 96 -5.55 19.42 10.42
N SER I 97 -6.88 19.43 10.57
CA SER I 97 -7.65 18.21 10.43
C SER I 97 -8.50 18.27 9.16
N THR I 98 -8.38 17.23 8.34
CA THR I 98 -9.13 17.17 7.09
C THR I 98 -10.51 16.57 7.34
N PRO I 99 -11.40 16.64 6.39
CA PRO I 99 -12.80 16.13 6.54
C PRO I 99 -12.85 14.72 7.10
N GLN I 100 -13.17 14.60 8.38
CA GLN I 100 -13.28 13.30 9.02
C GLN I 100 -14.41 12.49 8.41
N GLY I 101 -14.07 11.41 7.74
CA GLY I 101 -15.07 10.56 7.10
C GLY I 101 -15.54 11.17 5.78
N TYR I 102 -15.28 10.47 4.68
CA TYR I 102 -15.68 10.95 3.37
C TYR I 102 -15.07 12.31 3.08
N GLY I 103 -13.87 12.31 2.51
CA GLY I 103 -13.18 13.56 2.19
C GLY I 103 -13.33 13.89 0.70
N SER I 104 -14.40 14.61 0.36
CA SER I 104 -14.64 15.02 -1.03
C SER I 104 -14.85 13.82 -1.95
N THR I 105 -15.99 13.78 -2.64
CA THR I 105 -16.27 12.68 -3.56
C THR I 105 -15.52 12.89 -4.88
N GLY I 106 -14.58 12.00 -5.18
CA GLY I 106 -13.80 12.11 -6.40
C GLY I 106 -14.62 11.73 -7.63
N GLY I 107 -14.62 10.43 -7.96
CA GLY I 107 -15.35 9.93 -9.12
C GLY I 107 -16.76 10.51 -9.18
N TYR I 108 -17.16 10.95 -10.36
CA TYR I 108 -18.49 11.52 -10.55
C TYR I 108 -19.53 10.41 -10.72
N GLY I 109 -20.73 10.82 -11.14
CA GLY I 109 -21.82 9.86 -11.34
C GLY I 109 -22.84 9.95 -10.21
N SER I 110 -22.33 10.01 -8.98
CA SER I 110 -23.19 10.10 -7.79
C SER I 110 -22.37 9.92 -6.52
N SER I 111 -22.57 10.82 -5.56
CA SER I 111 -21.86 10.75 -4.29
C SER I 111 -22.75 10.09 -3.23
N GLN I 112 -23.78 10.81 -2.80
CA GLN I 112 -24.70 10.29 -1.79
C GLN I 112 -23.94 9.70 -0.61
N SER I 113 -23.32 10.57 0.18
CA SER I 113 -22.57 10.11 1.35
C SER I 113 -22.87 10.99 2.56
N SER I 114 -23.14 10.35 3.70
CA SER I 114 -23.44 11.08 4.93
C SER I 114 -22.44 10.71 6.02
N GLN I 115 -22.19 11.65 6.94
CA GLN I 115 -21.25 11.40 8.02
C GLN I 115 -21.21 12.57 9.00
N SER I 116 -20.30 12.51 9.96
CA SER I 116 -20.17 13.57 10.95
C SER I 116 -18.87 13.44 11.74
N SER I 117 -18.44 14.53 12.36
CA SER I 117 -17.21 14.50 13.15
C SER I 117 -17.14 15.71 14.08
N TYR I 118 -16.81 15.44 15.35
CA TYR I 118 -16.70 16.51 16.33
C TYR I 118 -15.60 16.19 17.35
N GLY I 119 -14.42 16.73 17.10
CA GLY I 119 -13.29 16.53 18.02
C GLY I 119 -11.96 16.70 17.31
N GLN I 120 -11.87 17.70 16.43
CA GLN I 120 -10.63 17.96 15.71
C GLN I 120 -9.82 19.06 16.38
N GLN I 121 -8.52 18.82 16.55
CA GLN I 121 -7.66 19.80 17.19
C GLN I 121 -6.31 19.89 16.48
N SER I 122 -5.83 21.11 16.29
CA SER I 122 -4.55 21.33 15.63
C SER I 122 -3.75 22.40 16.37
N SER I 123 -2.48 22.08 16.66
CA SER I 123 -1.62 23.02 17.38
C SER I 123 -2.24 23.39 18.73
N TYR I 124 -2.60 22.37 19.50
CA TYR I 124 -3.20 22.60 20.81
C TYR I 124 -2.22 23.31 21.73
#